data_7AJF
#
_entry.id   7AJF
#
_cell.length_a   1.00
_cell.length_b   1.00
_cell.length_c   1.00
_cell.angle_alpha   90.00
_cell.angle_beta   90.00
_cell.angle_gamma   90.00
#
_symmetry.space_group_name_H-M   'P 1'
#
loop_
_entity.id
_entity.type
_entity.pdbx_description
1 polymer 'ATP synthase subunit alpha, mitochondrial'
2 polymer 'ATP synthase subunit beta, mitochondrial'
3 polymer 'ATP synthase subunit gamma, mitochondrial'
4 polymer 'ATP synthase subunit delta, mitochondrial'
5 polymer 'ATP synthase subunit epsilon, mitochondrial'
6 polymer 'ATPase inhibitor, mitochondrial'
7 polymer 'ATP synthase F(0) complex subunit C2, mitochondrial'
8 polymer 'ATP synthase subunit O, mitochondrial'
9 polymer 'ATP synthase subunit a'
10 polymer 'ATP synthase F(0) complex subunit B1, mitochondrial'
11 polymer 'ATP synthase subunit d, mitochondrial'
12 polymer 'ATP synthase subunit e, mitochondrial'
13 polymer 'ATP synthase subunit f, mitochondrial'
14 polymer 'ATP synthase subunit g, mitochondrial'
15 polymer 'ATP synthase-coupling factor 6, mitochondrial'
16 polymer 'ATP synthase subunit ATP5MPL, mitochondrial'
17 polymer 'ATP synthase membrane subunit DAPIT, mitochondrial'
18 polymer 'ATP synthase protein 8'
19 non-polymer CARDIOLIPIN
20 non-polymer 1,2-DIPALMITOYL-PHOSPHATIDYL-GLYCEROLE
#
loop_
_entity_poly.entity_id
_entity_poly.type
_entity_poly.pdbx_seq_one_letter_code
_entity_poly.pdbx_strand_id
1 'polypeptide(L)'
;EKTGTAEVSSILEERILGADTSVDLEETGRVLSIGDGIARVHGLRNVQAEEMVEFSSGLKGMSLNLEPDNVGVVVFGNDK
LIKEGDIVKRTGAIVDVPVGEELLGRVVDALGNAIDGKGPIGSKARRRVGLKAPGIIPRISVREPMQTGIKAVDSLVPIG
RGQRELIIGDRQTGKTSIAIDTIINQKRFNDGTDEKKKLYCIYVAIGQKRSTVAQLVKRLTDADAMKYTIVVSATASDAA
PLQYLAPYSGCSMGEYFRDNGKHALIIYDDLSKQAVAYRQMSLLLRRPPGREAYPGDVFYLHSRLLERAAKMNDAFGGGS
LTALPVIETQAGDVSAYIPTNVISITDGQIFLETELFYKGIRPAINVGLSVSRVGSAAQTRAMKQVAGTMKLELAQYREV
AAFAQFGSDLDAATQQLLSRGVRLTELLKQGQYSPMAIEEQVAVIYAGVRGYLDKLEPSKITKFENAFLSHVISQHQALL
GKIRTDGKISEESDAKLKEIVTNFLAGFEA
;
A,B,C,AA,AB,AC
2 'polypeptide(L)'
;AAQASPSPKAGATTGRIVAVIGAVVDVQFDEGLPPILNALEVQGRETRLVLEVAQHLGESTVRTIAMDGTEGLVRGQKVL
DSGAPIRIPVGPETLGRIMNVIGEPIDERGPIKTKQFAAIHAEAPEFVEMSVEQEILVTGIKVVDLLAPYAKGGKIGLFG
GAGVGKTVLIMELINNVAKAHGGYSVFAGVGERTREGNDLYHEMIESGVINLKDATSKVALVYGQMNEPPGARARVALTG
LTVAEYFRDQEGQDVLLFIDNIFRFTQAGSEVSALLGRIPSAVGYQPTLATDMGTMQERITTTKKGSITSVQAIYVPADD
LTDPAPATTFAHLDATTVLSRAIAELGIYPAVDPLDSTSRIMDPNIVGSEHYDVARGVQKILQDYKSLQDIIAILGMDEL
SEEDKLTVSRARKIQRFLSQPFQVAEVFTGHLGKLVPLKETIKGFQQILAGEYDHLPEQAFYMVGPIEEAVAKADKLAEE
HS
;
D,E,F,AD,AE,AF
3 'polypeptide(L)'
;ATLKDITRRLKSIKNIQKITKSMKMVAAAKYARAERELKPARVYGVGSLALYEKADIKTPEDKKKHLIIGVSSDRGLCGA
IHSSVAKQMKSEAANLAAAGKEVKIIGVGDKIRSILHRTHSDQFLVTFKEVGRRPPTFGDASVIALELLNSGYEFDEGSI
IFNRFRSVISYKTEEKPIFSLDTISSAESMSIYDDIDADVLRNYQEYSLANIIYYSLKESTTSEQSARMTAMDNASKNAS
EMIDKLTLTFNRTRQAVITKELIEIISGAAALD
;
G,AG
4 'polypeptide(L)'
;AEAAAAQAPAAGPGQMSFTFASPTQVFFNSANVRQVDVPTQTGAFGILAAHVPTLQVLRPGLVVVHAEDGTTSKYFVSSG
SVTVNADSSVQLLAEEAVTLDMLDLGAAKANLEKAQSELLGAADEATRAEIQIRIEANEALVKALE
;
H,AH
5 'polypeptide(L)' VAYWRQAGLSYIRYSQICAKAVRDALKTEFKANAMKTSGSTIKIVKVKKE I,AI
6 'polypeptide(L)'
;GSESGDNVRSSAGAVRDAGGAFGKREQAEEERYFRARAKEQLAALKKHHENEISHHAKEIERLQKEIERHKQSIKKLKQS
EDDD
;
J,AJ
7 'polypeptide(L)' DIDTAAKFIGAGAATVGVAGSGAGIGTVFGSLIIGYARNPSL(M3L)QQLFSYAILGFALSEAMGLFCLMVAFLILFAM K,L,M,N,O,P,Q,R,AK,AL,AM,AN,AO,AP,AQ,AR
8 'polypeptide(L)'
;FAKLVRPPVQIYGIEGRYATALYSAASKQNKLEQVEKELLRVGQILKEPKMAASLLNPYVKRSVKVKSLSDMTAKEKFSP
LTSNLINLLAENGRLTNTPAVISAFSTMMSVHRGEVPCTVTTASALDEATLTELKTVLKSFLSKGQVLKLEVKIDPSIMG
GMIVRIGEKYVDMSAKTKIQKLSRAMREIL
;
S,AS
9 'polypeptide(L)'
;MNENLFTSFITPVILGLPLVTLIVLFPSLLFPTSNRLVSNRFVTLQQWMLQLVSKQMMSIHNSKGQTWTLMLMSLILFIG
STNLLGLLPHSFTPTTQLSMNLGMAIPLWAGAVITGFRNKTKASLAHFLPQGTPTPLIPMLVIIETISLFIQPMALAVRL
TANITAGHLLIHLIGGATLALMSISTTTALITFTILILLTILEFAVAMIQAYVFTLLVSLYLHDNT
;
a,Aa
10 'polypeptide(L)'
;PVPPLPEHGGKVRFGLIPEEFFQFLYPKTGVTGPYVLGTGLILYLLSKEIYVITPETFSAISTIGFLVYIVKKYGASVGE
FADKLNEQKIAQLEEVKQASIKQIQDAIDMEKSQQALVQKRHYLFDVQRNNIAMALEVTYRERLHRVYREVKNRLDYHIS
VQNMMRQKEQEHMINWVEKRVVQSISAQQEKETIAKCIADLKLLSKKAQAQPVM
;
b,Ab
11 'polypeptide(L)'
;AGRKLALKTIDWVAFGEIIPRNQKAVANSLKSWNETLTSRLATLPEKPPAIDWAYYKANVAKAGLVDDFEKKFNALKVPI
PEDKYTAQVDAEEKEDVKSCAEFLTQSKTRIQEYEKELEKMRNIIPFDQMTIEDLNEVFPETKLDKKKYPYWPHRPIETL
;
d,Ad
12 'polypeptide(L)' VPPVQVSPLIKLGRYSALFLGMAYGAKRYNYLKPRAEEERRLAAEEKKKRDEQKRIERELAEAQEDTILK e,Ae
13 'polypeptide(L)'
;ASVVPLKEKKLLEVKLGELPSWILMRDFTPSGIAGAFQRGYYRYYNKYVNVKKGSIAGLSMVLAAYVFLNYCRSYKELKH
ERLRKYH
;
f,Af
14 'polypeptide(L)'
;AEFVRNLAEKAPALVNAAVTYSKPRLATFWYYAKVELVPPTPAEIPTAIQSLKKIINSAKTGSFKQLTVKEALLNGLVAT
EVWMWFYVGEIIGKRGIIGYDV
;
g,Ag
15 'polypeptide(L)' NKELDPVQKLFVDKIREYRTKRQTSGGPVDAGPEYQQDLDRELFKLKQMYGKADMNTFPNFTFEDPKFEVVEKPQS h,Ah
16 'polypeptide(L)' MLQSLIKKVWIPMKPYYTQAYQEIWVGTGLMAYIVYKIRSADKRSKALKASSAAPAHGHH j,Aj
17 'polypeptide(L)' AGPEADAQFHFTGIKKYFNSYTLTGRMNCVLATYGSIALIVLYFKLRSKKTPAVKAT k,Ak
18 'polypeptide(L)' MPQLDTSTWLTMILSMFLTLFIIFQLKVSKHNFYHNPELTPTKMLKQNTPWETKWTKIYLPLLLPL A8,8
#
loop_
_chem_comp.id
_chem_comp.type
_chem_comp.name
_chem_comp.formula
CDL non-polymer CARDIOLIPIN 'C81 H156 O17 P2 -2'
LHG non-polymer 1,2-DIPALMITOYL-PHOSPHATIDYL-GLYCEROLE 'C38 H75 O10 P'
#
# COMPACT_ATOMS: atom_id res chain seq x y z
N VAL A 23 98.46 52.10 119.41
CA VAL A 23 97.15 51.58 119.01
C VAL A 23 97.31 50.53 117.93
N ASP A 24 96.30 49.70 117.78
CA ASP A 24 96.30 48.64 116.78
C ASP A 24 95.32 48.96 115.67
N LEU A 25 95.75 48.76 114.43
CA LEU A 25 94.92 49.00 113.25
C LEU A 25 95.14 47.93 112.18
N GLU A 26 95.83 46.85 112.53
CA GLU A 26 96.10 45.79 111.58
C GLU A 26 95.41 44.49 111.94
N GLU A 27 95.67 43.94 113.12
CA GLU A 27 94.99 42.75 113.59
C GLU A 27 94.45 42.90 114.99
N THR A 28 94.04 44.09 115.39
CA THR A 28 93.32 44.30 116.63
C THR A 28 92.56 45.61 116.53
N GLY A 29 91.28 45.56 116.92
CA GLY A 29 90.43 46.72 116.84
C GLY A 29 90.07 47.15 118.24
N ARG A 30 89.49 48.34 118.35
CA ARG A 30 89.02 48.85 119.62
C ARG A 30 87.59 49.30 119.47
N VAL A 31 86.72 48.81 120.36
CA VAL A 31 85.28 48.99 120.19
C VAL A 31 84.97 50.46 120.01
N LEU A 32 84.50 50.82 118.81
CA LEU A 32 84.18 52.22 118.56
C LEU A 32 82.79 52.56 119.08
N SER A 33 81.75 51.96 118.52
CA SER A 33 80.38 52.23 118.95
C SER A 33 79.55 50.98 118.71
N ILE A 34 78.81 50.59 119.74
CA ILE A 34 78.14 49.30 119.75
C ILE A 34 76.72 49.49 120.27
N GLY A 35 76.06 48.37 120.51
CA GLY A 35 74.71 48.33 121.01
C GLY A 35 74.08 47.09 120.44
N ASP A 36 73.45 46.28 121.27
CA ASP A 36 72.94 44.98 120.85
C ASP A 36 74.01 44.15 120.16
N GLY A 37 75.23 44.14 120.69
CA GLY A 37 76.32 43.39 120.09
C GLY A 37 76.76 43.88 118.74
N ILE A 38 76.39 45.09 118.35
CA ILE A 38 76.74 45.64 117.05
C ILE A 38 78.19 46.05 117.17
N ALA A 39 79.09 45.13 116.87
CA ALA A 39 80.49 45.38 117.11
C ALA A 39 81.18 45.93 115.87
N ARG A 40 81.51 47.21 115.92
CA ARG A 40 82.34 47.88 114.91
C ARG A 40 83.46 48.58 115.66
N VAL A 41 84.66 48.01 115.61
CA VAL A 41 85.76 48.45 116.45
C VAL A 41 86.74 49.27 115.63
N HIS A 42 87.55 50.07 116.32
CA HIS A 42 88.58 50.88 115.69
C HIS A 42 89.88 50.10 115.73
N GLY A 43 90.38 49.75 114.55
CA GLY A 43 91.60 48.98 114.44
C GLY A 43 91.42 47.70 113.66
N LEU A 44 92.47 46.91 113.56
CA LEU A 44 92.46 45.65 112.81
C LEU A 44 91.99 45.87 111.38
N ARG A 45 92.36 47.01 110.80
CA ARG A 45 92.00 47.27 109.41
C ARG A 45 92.63 46.24 108.50
N ASN A 46 93.88 45.89 108.75
CA ASN A 46 94.59 44.89 107.95
C ASN A 46 94.21 43.47 108.33
N VAL A 47 93.30 43.28 109.29
CA VAL A 47 92.86 41.94 109.63
C VAL A 47 92.08 41.35 108.47
N GLN A 48 92.21 40.04 108.29
CA GLN A 48 91.58 39.34 107.18
C GLN A 48 90.08 39.28 107.36
N ALA A 49 89.38 38.94 106.28
CA ALA A 49 87.92 38.94 106.30
C ALA A 49 87.36 37.60 106.75
N GLU A 50 86.23 37.65 107.46
CA GLU A 50 85.47 36.47 107.87
C GLU A 50 86.28 35.57 108.80
N GLU A 51 86.68 36.13 109.94
CA GLU A 51 87.45 35.38 110.93
C GLU A 51 86.84 35.56 112.32
N MET A 52 86.79 34.46 113.07
CA MET A 52 86.27 34.47 114.43
C MET A 52 87.41 34.80 115.37
N VAL A 53 87.45 36.04 115.85
CA VAL A 53 88.57 36.54 116.61
C VAL A 53 88.10 36.96 118.00
N GLU A 54 89.03 36.98 118.95
CA GLU A 54 88.71 37.25 120.34
C GLU A 54 88.63 38.75 120.55
N PHE A 55 87.61 39.18 121.30
CA PHE A 55 87.47 40.58 121.64
C PHE A 55 88.43 40.95 122.74
N SER A 56 88.35 42.21 123.19
CA SER A 56 89.05 42.60 124.41
C SER A 56 88.56 41.81 125.61
N SER A 57 87.29 41.43 125.62
CA SER A 57 86.77 40.47 126.58
C SER A 57 87.08 39.04 126.17
N GLY A 58 88.04 38.85 125.27
CA GLY A 58 88.40 37.53 124.79
C GLY A 58 87.33 36.87 123.95
N LEU A 59 86.28 37.60 123.61
CA LEU A 59 85.14 37.01 122.92
C LEU A 59 85.54 36.64 121.52
N LYS A 60 85.87 35.37 121.31
CA LYS A 60 86.13 34.88 119.98
C LYS A 60 84.90 35.04 119.12
N GLY A 61 84.96 36.00 118.21
CA GLY A 61 83.81 36.32 117.39
C GLY A 61 84.25 36.74 116.01
N MET A 62 83.31 36.71 115.08
CA MET A 62 83.59 36.94 113.66
C MET A 62 82.98 38.24 113.21
N SER A 63 83.71 38.94 112.33
CA SER A 63 83.23 40.17 111.71
C SER A 63 83.10 39.93 110.21
N LEU A 64 82.08 40.53 109.61
CA LEU A 64 81.94 40.53 108.16
C LEU A 64 81.87 41.94 107.59
N ASN A 65 81.16 42.84 108.26
CA ASN A 65 80.91 44.18 107.74
C ASN A 65 82.14 45.05 107.94
N LEU A 66 83.18 44.79 107.16
CA LEU A 66 84.40 45.57 107.22
C LEU A 66 84.08 46.93 106.62
N GLU A 67 83.81 47.90 107.47
CA GLU A 67 83.59 49.27 107.06
C GLU A 67 84.89 49.85 106.56
N PRO A 68 84.82 50.96 105.81
CA PRO A 68 86.07 51.66 105.53
C PRO A 68 86.82 52.01 106.78
N ASP A 69 86.10 52.40 107.84
CA ASP A 69 86.72 52.79 109.08
C ASP A 69 86.80 51.68 110.12
N ASN A 70 86.13 50.55 109.89
CA ASN A 70 85.99 49.56 110.94
C ASN A 70 85.52 48.25 110.32
N VAL A 71 85.10 47.33 111.17
CA VAL A 71 84.50 46.07 110.73
C VAL A 71 83.32 45.75 111.62
N GLY A 72 82.18 45.46 111.00
CA GLY A 72 81.02 45.04 111.75
C GLY A 72 81.24 43.64 112.27
N VAL A 73 81.37 43.49 113.58
CA VAL A 73 81.64 42.19 114.18
C VAL A 73 80.37 41.70 114.85
N VAL A 74 80.07 40.43 114.61
CA VAL A 74 78.92 39.79 115.23
C VAL A 74 79.35 39.25 116.59
N VAL A 75 78.61 39.60 117.62
CA VAL A 75 78.83 39.03 118.93
C VAL A 75 78.51 37.55 118.86
N PHE A 76 79.54 36.71 118.96
CA PHE A 76 79.36 35.27 118.86
C PHE A 76 78.68 34.79 120.14
N GLY A 77 77.42 35.15 120.25
CA GLY A 77 76.69 34.95 121.48
C GLY A 77 76.45 36.29 122.14
N ASN A 78 76.26 36.25 123.45
CA ASN A 78 76.02 37.45 124.23
C ASN A 78 77.34 37.95 124.81
N ASP A 79 77.66 39.21 124.53
CA ASP A 79 78.91 39.81 124.98
C ASP A 79 78.73 40.78 126.14
N LYS A 80 77.84 40.47 127.09
CA LYS A 80 77.60 41.36 128.21
C LYS A 80 78.88 41.61 129.01
N LEU A 81 79.84 40.72 128.89
CA LEU A 81 81.16 40.90 129.48
C LEU A 81 82.05 41.83 128.67
N ILE A 82 81.48 42.58 127.73
CA ILE A 82 82.26 43.50 126.91
C ILE A 82 81.65 44.89 126.98
N LYS A 83 82.30 45.80 127.70
CA LYS A 83 81.88 47.19 127.74
C LYS A 83 82.42 47.93 126.52
N GLU A 84 81.87 49.12 126.28
CA GLU A 84 82.24 49.88 125.10
C GLU A 84 83.71 50.28 125.17
N GLY A 85 84.27 50.56 123.99
CA GLY A 85 85.66 50.94 123.88
C GLY A 85 86.64 49.79 123.91
N ASP A 86 86.14 48.56 124.07
CA ASP A 86 86.99 47.38 124.21
C ASP A 86 87.90 47.20 123.01
N ILE A 87 89.17 46.93 123.25
CA ILE A 87 90.17 46.75 122.20
C ILE A 87 90.18 45.28 121.79
N VAL A 88 89.42 44.97 120.75
CA VAL A 88 89.26 43.59 120.28
C VAL A 88 90.47 43.23 119.45
N LYS A 89 91.14 42.14 119.83
CA LYS A 89 92.33 41.68 119.14
C LYS A 89 91.92 40.75 118.02
N ARG A 90 92.09 41.21 116.78
CA ARG A 90 91.75 40.36 115.65
C ARG A 90 92.72 39.21 115.58
N THR A 91 92.33 38.09 116.18
CA THR A 91 93.14 36.88 116.20
C THR A 91 93.39 36.34 114.80
N GLY A 92 92.79 36.92 113.77
CA GLY A 92 92.91 36.38 112.45
C GLY A 92 92.50 34.93 112.33
N ALA A 93 91.51 34.49 113.10
CA ALA A 93 91.14 33.09 113.17
C ALA A 93 89.77 32.88 112.53
N ILE A 94 89.75 32.15 111.42
CA ILE A 94 88.49 31.88 110.72
C ILE A 94 87.74 30.73 111.39
N VAL A 95 86.49 30.56 110.97
CA VAL A 95 85.67 29.48 111.54
C VAL A 95 86.30 28.14 111.23
N ASP A 96 86.69 27.42 112.28
CA ASP A 96 87.25 26.09 112.13
C ASP A 96 86.58 25.15 113.11
N VAL A 97 86.08 24.04 112.60
CA VAL A 97 85.28 23.13 113.42
C VAL A 97 85.81 21.72 113.24
N PRO A 98 85.62 20.82 114.22
CA PRO A 98 86.30 19.53 114.18
C PRO A 98 85.83 18.65 113.02
N VAL A 99 86.62 17.60 112.78
CA VAL A 99 86.34 16.62 111.74
C VAL A 99 86.66 15.24 112.29
N GLY A 100 86.05 14.21 111.72
CA GLY A 100 86.26 12.84 112.15
C GLY A 100 85.10 12.33 113.00
N GLU A 101 84.89 11.02 112.88
CA GLU A 101 83.72 10.37 113.46
C GLU A 101 83.79 10.24 114.98
N GLU A 102 84.72 10.93 115.64
CA GLU A 102 84.82 10.84 117.09
C GLU A 102 83.53 11.26 117.79
N LEU A 103 82.71 12.08 117.15
CA LEU A 103 81.47 12.52 117.78
C LEU A 103 80.31 11.60 117.45
N LEU A 104 80.52 10.59 116.63
CA LEU A 104 79.44 9.66 116.30
C LEU A 104 78.98 8.98 117.58
N GLY A 105 77.78 9.34 118.01
CA GLY A 105 77.28 8.92 119.30
C GLY A 105 77.49 9.91 120.41
N ARG A 106 78.35 10.91 120.23
CA ARG A 106 78.67 11.88 121.27
C ARG A 106 77.91 13.18 121.05
N VAL A 107 77.46 13.76 122.16
CA VAL A 107 76.67 14.98 122.14
C VAL A 107 77.61 16.15 122.34
N VAL A 108 77.83 16.92 121.29
CA VAL A 108 78.73 18.06 121.33
C VAL A 108 78.04 19.26 120.70
N ASP A 109 78.50 20.44 121.08
CA ASP A 109 78.05 21.70 120.51
C ASP A 109 79.10 22.23 119.53
N ALA A 110 78.68 23.10 118.62
CA ALA A 110 79.53 23.53 117.51
C ALA A 110 80.70 24.37 117.98
N LEU A 111 80.64 24.90 119.20
CA LEU A 111 81.70 25.75 119.71
C LEU A 111 82.83 24.95 120.33
N GLY A 112 82.99 23.68 119.93
CA GLY A 112 83.86 22.78 120.65
C GLY A 112 83.28 22.31 121.97
N ASN A 113 82.08 22.76 122.31
CA ASN A 113 81.46 22.36 123.57
C ASN A 113 80.63 21.09 123.39
N ALA A 114 80.19 20.51 124.51
CA ALA A 114 79.30 19.38 124.47
C ALA A 114 77.87 19.81 124.18
N ILE A 115 77.00 18.85 123.92
CA ILE A 115 75.60 19.18 123.64
C ILE A 115 74.79 18.85 124.88
N ASP A 116 74.65 17.57 125.18
CA ASP A 116 73.99 17.14 126.40
C ASP A 116 74.91 17.24 127.60
N GLY A 117 76.00 17.99 127.48
CA GLY A 117 77.09 17.85 128.42
C GLY A 117 77.70 16.48 128.28
N LYS A 118 77.88 16.02 127.04
CA LYS A 118 78.47 14.71 126.76
C LYS A 118 79.99 14.76 126.61
N GLY A 119 80.61 15.91 126.86
CA GLY A 119 82.05 16.00 127.00
C GLY A 119 82.82 15.88 125.71
N PRO A 120 84.14 15.78 125.83
CA PRO A 120 84.99 15.66 124.64
C PRO A 120 84.71 14.38 123.89
N ILE A 121 84.24 14.56 122.65
CA ILE A 121 83.91 13.42 121.80
C ILE A 121 85.16 12.66 121.42
N GLY A 122 86.32 13.11 121.88
CA GLY A 122 87.57 12.56 121.41
C GLY A 122 87.87 13.11 120.04
N SER A 123 87.21 14.21 119.71
CA SER A 123 87.46 14.93 118.47
C SER A 123 88.45 16.06 118.76
N LYS A 124 89.57 16.06 118.04
CA LYS A 124 90.65 16.98 118.35
C LYS A 124 90.73 18.14 117.36
N ALA A 125 90.64 17.85 116.07
CA ALA A 125 90.96 18.82 115.04
C ALA A 125 89.91 19.93 114.97
N ARG A 126 90.11 20.84 114.01
CA ARG A 126 89.13 21.85 113.67
C ARG A 126 89.33 22.22 112.21
N ARG A 127 88.25 22.14 111.44
CA ARG A 127 88.33 22.33 110.01
C ARG A 127 87.85 23.73 109.67
N ARG A 128 88.76 24.50 109.08
CA ARG A 128 88.52 25.90 108.75
C ARG A 128 87.26 26.02 107.89
N VAL A 129 86.69 27.22 107.89
CA VAL A 129 85.47 27.45 107.12
C VAL A 129 85.71 27.26 105.63
N GLY A 130 86.95 27.03 105.23
CA GLY A 130 87.29 26.98 103.82
C GLY A 130 86.90 25.72 103.10
N LEU A 131 85.75 25.15 103.44
CA LEU A 131 85.27 23.98 102.73
C LEU A 131 84.27 24.37 101.64
N LYS A 132 84.61 24.02 100.41
CA LYS A 132 83.71 24.27 99.28
C LYS A 132 82.93 23.02 98.93
N ALA A 133 81.84 23.22 98.20
CA ALA A 133 81.03 22.11 97.75
C ALA A 133 81.75 21.35 96.64
N PRO A 134 81.45 20.06 96.47
CA PRO A 134 82.07 19.28 95.40
C PRO A 134 81.57 19.71 94.03
N GLY A 135 82.47 19.62 93.06
CA GLY A 135 82.10 19.90 91.68
C GLY A 135 81.43 18.69 91.05
N ILE A 136 81.09 18.81 89.76
CA ILE A 136 80.47 17.69 89.08
C ILE A 136 81.36 16.46 89.09
N ILE A 137 82.64 16.61 88.76
CA ILE A 137 83.59 15.51 88.85
C ILE A 137 83.68 15.05 90.30
N PRO A 138 83.81 15.98 91.26
CA PRO A 138 83.88 15.56 92.66
C PRO A 138 82.60 14.93 93.16
N ARG A 139 81.50 15.08 92.43
CA ARG A 139 80.28 14.40 92.78
C ARG A 139 80.38 12.92 92.43
N ILE A 140 79.53 12.12 93.07
CA ILE A 140 79.45 10.69 92.80
C ILE A 140 78.00 10.32 92.55
N SER A 141 77.79 9.40 91.61
CA SER A 141 76.44 8.90 91.35
C SER A 141 75.87 8.26 92.61
N VAL A 142 74.63 8.61 92.92
CA VAL A 142 74.01 8.16 94.17
C VAL A 142 73.24 6.87 93.89
N ARG A 143 73.50 5.85 94.70
CA ARG A 143 72.80 4.58 94.57
C ARG A 143 72.37 3.96 95.88
N GLU A 144 72.52 4.64 97.00
CA GLU A 144 72.21 4.02 98.27
C GLU A 144 70.72 4.12 98.58
N PRO A 145 70.04 2.98 98.73
CA PRO A 145 68.65 3.02 99.21
C PRO A 145 68.60 3.37 100.68
N MET A 146 67.99 4.50 101.02
CA MET A 146 68.11 5.11 102.34
C MET A 146 67.34 4.28 103.36
N GLN A 147 67.89 4.18 104.56
CA GLN A 147 67.21 3.55 105.68
C GLN A 147 66.18 4.53 106.24
N THR A 148 64.93 4.38 105.82
CA THR A 148 63.90 5.39 106.05
C THR A 148 62.96 5.05 107.18
N GLY A 149 62.82 3.78 107.54
CA GLY A 149 61.99 3.37 108.66
C GLY A 149 60.56 3.86 108.63
N ILE A 150 60.16 4.54 107.57
CA ILE A 150 58.78 4.94 107.33
C ILE A 150 58.36 4.28 106.03
N LYS A 151 57.20 3.64 106.05
CA LYS A 151 56.82 2.77 104.94
C LYS A 151 56.86 3.51 103.62
N ALA A 152 55.99 4.51 103.46
CA ALA A 152 55.91 5.21 102.18
C ALA A 152 57.21 5.95 101.89
N VAL A 153 57.98 6.26 102.92
CA VAL A 153 59.23 6.97 102.72
C VAL A 153 60.12 6.20 101.77
N ASP A 154 60.50 4.99 102.16
CA ASP A 154 61.23 4.14 101.24
C ASP A 154 60.37 3.73 100.06
N SER A 155 59.06 3.64 100.24
CA SER A 155 58.20 3.08 99.20
C SER A 155 58.14 3.98 97.97
N LEU A 156 57.54 5.14 98.10
CA LEU A 156 57.45 6.06 96.98
C LEU A 156 58.80 6.52 96.49
N VAL A 157 59.67 6.98 97.39
CA VAL A 157 60.96 7.52 96.97
C VAL A 157 61.91 7.58 98.15
N PRO A 158 62.79 6.60 98.32
CA PRO A 158 63.87 6.75 99.31
C PRO A 158 64.87 7.81 98.87
N ILE A 159 65.93 7.94 99.65
CA ILE A 159 66.95 8.98 99.43
C ILE A 159 68.20 8.32 98.88
N GLY A 160 68.79 8.93 97.86
CA GLY A 160 70.01 8.42 97.27
C GLY A 160 71.21 8.61 98.16
N ARG A 161 72.35 8.14 97.67
CA ARG A 161 73.61 8.30 98.37
C ARG A 161 74.00 9.77 98.31
N GLY A 162 73.63 10.53 99.32
CA GLY A 162 73.87 11.96 99.35
C GLY A 162 72.72 12.82 98.84
N GLN A 163 71.48 12.38 98.99
CA GLN A 163 70.34 12.99 98.34
C GLN A 163 70.04 14.39 98.88
N ARG A 164 68.99 15.00 98.31
CA ARG A 164 68.57 16.36 98.65
C ARG A 164 67.05 16.46 98.52
N GLU A 165 66.34 16.26 99.63
CA GLU A 165 64.88 16.28 99.62
C GLU A 165 64.39 17.20 100.73
N LEU A 166 63.49 18.11 100.37
CA LEU A 166 62.93 19.01 101.36
C LEU A 166 61.99 18.25 102.29
N ILE A 167 61.72 18.85 103.44
CA ILE A 167 60.82 18.26 104.43
C ILE A 167 59.87 19.36 104.88
N ILE A 168 58.72 19.46 104.21
CA ILE A 168 57.73 20.48 104.49
C ILE A 168 56.89 20.04 105.68
N GLY A 169 56.74 20.92 106.66
CA GLY A 169 56.00 20.57 107.86
C GLY A 169 55.61 21.78 108.66
N ASP A 170 54.88 21.53 109.75
CA ASP A 170 54.34 22.59 110.60
C ASP A 170 54.62 22.28 112.07
N ARG A 171 53.93 22.98 112.96
CA ARG A 171 54.12 22.81 114.39
C ARG A 171 53.86 21.37 114.80
N GLN A 172 54.84 20.78 115.47
CA GLN A 172 54.76 19.43 116.01
C GLN A 172 54.25 18.45 114.95
N THR A 173 54.76 18.61 113.74
CA THR A 173 54.18 17.93 112.60
C THR A 173 54.64 16.50 112.42
N GLY A 174 55.47 15.98 113.31
CA GLY A 174 55.94 14.62 113.11
C GLY A 174 57.16 14.60 112.22
N LYS A 175 57.61 15.79 111.83
CA LYS A 175 58.81 15.88 111.01
C LYS A 175 59.97 15.20 111.70
N THR A 176 60.25 15.60 112.94
CA THR A 176 61.25 14.88 113.71
C THR A 176 60.86 13.43 113.90
N SER A 177 59.56 13.13 113.86
CA SER A 177 59.14 11.74 114.02
C SER A 177 59.46 10.91 112.79
N ILE A 178 59.23 11.47 111.60
CA ILE A 178 59.67 10.82 110.38
C ILE A 178 61.18 10.63 110.42
N ALA A 179 61.87 11.65 110.93
CA ALA A 179 63.31 11.54 111.10
C ALA A 179 63.68 10.39 112.02
N ILE A 180 62.91 10.20 113.09
CA ILE A 180 63.18 9.13 114.02
C ILE A 180 62.98 7.78 113.36
N ASP A 181 61.94 7.66 112.54
CA ASP A 181 61.75 6.42 111.78
C ASP A 181 62.97 6.16 110.90
N THR A 182 63.44 7.18 110.19
CA THR A 182 64.61 7.03 109.36
C THR A 182 65.82 6.61 110.18
N ILE A 183 66.08 7.32 111.27
CA ILE A 183 67.26 7.06 112.08
C ILE A 183 67.20 5.65 112.66
N ILE A 184 66.02 5.24 113.13
CA ILE A 184 65.86 3.90 113.67
C ILE A 184 66.11 2.87 112.58
N ASN A 185 65.70 3.16 111.34
CA ASN A 185 66.14 2.32 110.23
C ASN A 185 67.63 2.49 109.99
N GLN A 186 68.14 3.72 110.14
CA GLN A 186 69.55 3.99 109.93
C GLN A 186 70.44 3.48 111.06
N LYS A 187 70.05 3.70 112.33
CA LYS A 187 70.96 3.43 113.43
C LYS A 187 71.34 1.95 113.52
N ARG A 188 70.46 1.06 113.07
CA ARG A 188 70.78 -0.36 113.09
C ARG A 188 72.07 -0.63 112.33
N PHE A 189 72.17 -0.11 111.10
CA PHE A 189 73.41 -0.25 110.36
C PHE A 189 74.47 0.71 110.88
N ASN A 190 74.05 1.85 111.45
CA ASN A 190 74.98 2.67 112.19
C ASN A 190 75.55 1.93 113.38
N ASP A 191 74.69 1.20 114.10
CA ASP A 191 75.16 0.17 115.00
C ASP A 191 75.65 -1.06 114.24
N GLY A 192 75.25 -1.22 112.99
CA GLY A 192 75.63 -2.36 112.19
C GLY A 192 76.87 -2.09 111.35
N THR A 193 77.05 -2.94 110.34
CA THR A 193 78.27 -2.93 109.56
C THR A 193 78.08 -3.16 108.07
N ASP A 194 76.83 -3.27 107.59
CA ASP A 194 76.59 -3.61 106.19
C ASP A 194 77.46 -2.78 105.26
N GLU A 195 78.33 -3.45 104.50
CA GLU A 195 79.43 -2.82 103.78
C GLU A 195 79.00 -1.68 102.89
N LYS A 196 77.84 -1.78 102.25
CA LYS A 196 77.28 -0.67 101.50
C LYS A 196 76.49 0.27 102.38
N LYS A 197 76.11 -0.16 103.58
CA LYS A 197 75.34 0.69 104.49
C LYS A 197 76.22 1.42 105.48
N LYS A 198 77.53 1.15 105.51
CA LYS A 198 78.42 1.90 106.37
C LYS A 198 78.37 3.37 106.01
N LEU A 199 77.94 4.20 106.96
CA LEU A 199 77.65 5.59 106.71
C LEU A 199 77.80 6.41 107.97
N TYR A 200 77.87 7.73 107.81
CA TYR A 200 77.95 8.66 108.92
C TYR A 200 76.63 9.40 109.06
N CYS A 201 76.25 9.69 110.30
CA CYS A 201 74.97 10.33 110.59
C CYS A 201 75.17 11.58 111.46
N ILE A 202 74.55 12.68 111.03
CA ILE A 202 74.47 13.91 111.81
C ILE A 202 73.21 14.65 111.39
N TYR A 203 72.38 15.05 112.37
CA TYR A 203 71.09 15.68 112.10
C TYR A 203 70.89 16.83 113.10
N VAL A 204 70.48 17.99 112.60
CA VAL A 204 70.37 19.18 113.43
C VAL A 204 69.01 19.20 114.10
N ALA A 205 68.99 19.53 115.38
CA ALA A 205 67.79 20.03 116.04
C ALA A 205 67.99 21.52 116.23
N ILE A 206 67.74 22.30 115.19
CA ILE A 206 67.98 23.73 115.22
C ILE A 206 66.75 24.42 115.78
N GLY A 207 66.95 25.48 116.55
CA GLY A 207 65.86 26.19 117.18
C GLY A 207 65.08 25.29 118.12
N GLN A 208 65.81 24.55 118.95
CA GLN A 208 65.23 23.48 119.76
C GLN A 208 65.11 23.94 121.22
N LYS A 209 63.96 23.65 121.83
CA LYS A 209 63.76 23.90 123.25
C LYS A 209 64.62 22.95 124.07
N ARG A 210 65.03 23.42 125.25
CA ARG A 210 65.86 22.60 126.12
C ARG A 210 65.23 21.24 126.36
N SER A 211 63.93 21.22 126.65
CA SER A 211 63.24 19.94 126.85
C SER A 211 63.31 19.08 125.60
N THR A 212 63.12 19.70 124.44
CA THR A 212 63.17 18.94 123.19
C THR A 212 64.55 18.32 122.99
N VAL A 213 65.61 19.11 123.18
CA VAL A 213 66.95 18.59 122.95
C VAL A 213 67.27 17.50 123.96
N ALA A 214 66.82 17.66 125.20
CA ALA A 214 67.04 16.63 126.20
C ALA A 214 66.36 15.34 125.81
N GLN A 215 65.11 15.42 125.36
CA GLN A 215 64.44 14.23 124.84
C GLN A 215 65.21 13.65 123.68
N LEU A 216 65.76 14.50 122.82
CA LEU A 216 66.52 14.03 121.67
C LEU A 216 67.71 13.19 122.11
N VAL A 217 68.52 13.73 123.03
CA VAL A 217 69.69 13.00 123.50
C VAL A 217 69.27 11.73 124.21
N LYS A 218 68.24 11.84 125.06
CA LYS A 218 67.81 10.69 125.84
C LYS A 218 67.34 9.56 124.94
N ARG A 219 66.61 9.89 123.87
CA ARG A 219 66.14 8.86 122.96
C ARG A 219 67.27 8.32 122.10
N LEU A 220 68.15 9.21 121.63
CA LEU A 220 69.33 8.76 120.89
C LEU A 220 70.05 7.69 121.67
N THR A 221 70.19 7.90 122.97
CA THR A 221 70.62 6.81 123.84
C THR A 221 69.63 5.64 123.76
N ASP A 222 68.35 5.93 124.00
CA ASP A 222 67.35 4.87 124.12
C ASP A 222 67.19 4.13 122.80
N ALA A 223 66.99 4.87 121.72
CA ALA A 223 66.93 4.26 120.40
C ALA A 223 68.29 3.78 119.94
N ASP A 224 69.30 3.86 120.80
CA ASP A 224 70.68 3.53 120.47
C ASP A 224 71.20 4.38 119.33
N ALA A 225 70.49 5.45 118.99
CA ALA A 225 70.94 6.40 117.99
C ALA A 225 72.17 7.17 118.46
N MET A 226 72.42 7.16 119.76
CA MET A 226 73.62 7.75 120.33
C MET A 226 74.80 6.80 120.20
N LYS A 227 74.74 5.86 119.27
CA LYS A 227 75.85 4.95 119.01
C LYS A 227 76.74 5.41 117.89
N TYR A 228 76.19 5.96 116.81
CA TYR A 228 77.01 6.31 115.66
C TYR A 228 76.61 7.65 115.06
N THR A 229 76.05 8.54 115.88
CA THR A 229 75.54 9.82 115.39
C THR A 229 76.33 10.97 115.98
N ILE A 230 76.72 11.91 115.13
CA ILE A 230 77.42 13.12 115.55
C ILE A 230 76.35 14.18 115.80
N VAL A 231 76.39 14.78 116.99
CA VAL A 231 75.31 15.61 117.50
C VAL A 231 75.27 16.90 116.70
N VAL A 232 74.08 17.24 116.20
CA VAL A 232 73.83 18.53 115.58
C VAL A 232 72.51 19.09 116.10
N SER A 233 72.52 20.38 116.48
CA SER A 233 71.33 21.05 116.99
C SER A 233 71.64 22.52 117.21
N ALA A 234 70.64 23.38 117.03
CA ALA A 234 70.70 24.78 117.45
C ALA A 234 69.58 24.97 118.46
N THR A 235 69.94 25.39 119.67
CA THR A 235 68.97 25.59 120.72
C THR A 235 68.12 26.82 120.43
N ALA A 236 67.06 27.00 121.23
CA ALA A 236 66.34 28.25 121.21
C ALA A 236 67.22 29.39 121.70
N SER A 237 68.14 29.09 122.62
CA SER A 237 69.07 30.11 123.09
C SER A 237 70.35 30.13 122.26
N ASP A 238 70.44 29.26 121.25
CA ASP A 238 71.64 29.23 120.41
C ASP A 238 71.86 30.57 119.74
N ALA A 239 73.12 31.01 119.70
CA ALA A 239 73.45 32.30 119.11
C ALA A 239 73.03 32.34 117.65
N ALA A 240 72.48 33.49 117.24
CA ALA A 240 72.15 33.65 115.83
C ALA A 240 73.37 33.45 114.94
N PRO A 241 74.54 34.01 115.25
CA PRO A 241 75.74 33.63 114.51
C PRO A 241 76.02 32.15 114.58
N LEU A 242 75.77 31.54 115.73
CA LEU A 242 75.89 30.09 115.83
C LEU A 242 74.90 29.41 114.92
N GLN A 243 73.66 29.91 114.89
CA GLN A 243 72.69 29.36 113.95
C GLN A 243 73.19 29.47 112.52
N TYR A 244 73.82 30.58 112.17
CA TYR A 244 74.31 30.76 110.81
C TYR A 244 75.44 29.80 110.50
N LEU A 245 76.43 29.72 111.38
CA LEU A 245 77.56 28.81 111.17
C LEU A 245 77.13 27.36 111.18
N ALA A 246 76.01 27.04 111.84
CA ALA A 246 75.53 25.67 111.89
C ALA A 246 75.38 25.08 110.50
N PRO A 247 74.90 25.80 109.49
CA PRO A 247 74.98 25.26 108.14
C PRO A 247 76.40 24.92 107.75
N TYR A 248 77.31 25.87 107.90
CA TYR A 248 78.71 25.59 107.63
C TYR A 248 79.23 24.51 108.57
N SER A 249 78.77 24.52 109.83
CA SER A 249 79.23 23.52 110.78
C SER A 249 78.89 22.12 110.28
N GLY A 250 77.64 21.91 109.90
CA GLY A 250 77.24 20.61 109.39
C GLY A 250 77.91 20.28 108.07
N CYS A 251 78.13 21.28 107.24
CA CYS A 251 78.82 21.04 105.97
C CYS A 251 80.21 20.47 106.20
N SER A 252 80.99 21.11 107.07
CA SER A 252 82.32 20.60 107.38
C SER A 252 82.25 19.23 108.06
N MET A 253 81.32 19.07 109.00
CA MET A 253 81.20 17.80 109.69
C MET A 253 80.92 16.67 108.72
N GLY A 254 79.99 16.86 107.79
CA GLY A 254 79.70 15.86 106.79
C GLY A 254 80.91 15.62 105.91
N GLU A 255 81.53 16.71 105.43
CA GLU A 255 82.69 16.57 104.56
C GLU A 255 83.78 15.73 105.21
N TYR A 256 83.89 15.79 106.54
CA TYR A 256 84.87 14.96 107.24
C TYR A 256 84.78 13.50 106.79
N PHE A 257 83.65 12.85 107.05
CA PHE A 257 83.52 11.46 106.66
C PHE A 257 83.29 11.31 105.17
N ARG A 258 82.80 12.35 104.49
CA ARG A 258 82.52 12.24 103.07
C ARG A 258 83.80 12.13 102.27
N ASP A 259 84.75 13.02 102.52
CA ASP A 259 86.10 12.87 102.04
C ASP A 259 86.82 11.75 102.76
N ASN A 260 86.29 11.28 103.89
CA ASN A 260 86.77 10.06 104.52
C ASN A 260 86.05 8.85 103.96
N GLY A 261 85.47 9.00 102.77
CA GLY A 261 84.82 7.90 102.09
C GLY A 261 83.56 7.39 102.73
N LYS A 262 83.26 7.83 103.95
CA LYS A 262 82.06 7.37 104.64
C LYS A 262 80.86 8.16 104.17
N HIS A 263 79.80 7.43 103.83
CA HIS A 263 78.53 8.04 103.47
C HIS A 263 78.06 8.87 104.65
N ALA A 264 77.65 10.09 104.40
CA ALA A 264 77.29 11.00 105.48
C ALA A 264 75.90 11.57 105.22
N LEU A 265 75.34 12.14 106.27
CA LEU A 265 73.97 12.64 106.20
C LEU A 265 73.94 13.98 106.92
N ILE A 266 73.24 14.95 106.33
CA ILE A 266 72.96 16.22 106.98
C ILE A 266 71.45 16.34 107.15
N ILE A 267 71.03 17.14 108.12
CA ILE A 267 69.62 17.43 108.30
C ILE A 267 69.50 18.89 108.74
N TYR A 268 69.23 19.78 107.81
CA TYR A 268 69.07 21.19 108.13
C TYR A 268 67.73 21.35 108.83
N ASP A 269 67.72 21.07 110.13
CA ASP A 269 66.47 20.99 110.89
C ASP A 269 66.63 21.83 112.15
N ASP A 270 66.03 23.02 112.13
CA ASP A 270 65.27 23.50 110.97
C ASP A 270 66.17 24.26 110.03
N LEU A 271 65.54 25.01 109.11
CA LEU A 271 66.28 25.86 108.20
C LEU A 271 65.85 27.32 108.29
N SER A 272 64.55 27.57 108.43
CA SER A 272 64.06 28.94 108.42
C SER A 272 64.59 29.75 109.59
N LYS A 273 64.84 29.09 110.72
CA LYS A 273 65.30 29.83 111.89
C LYS A 273 66.61 30.55 111.62
N GLN A 274 67.59 29.86 111.03
CA GLN A 274 68.86 30.52 110.72
C GLN A 274 68.65 31.61 109.69
N ALA A 275 67.64 31.45 108.84
CA ALA A 275 67.31 32.52 107.91
C ALA A 275 66.91 33.77 108.66
N VAL A 276 65.97 33.66 109.59
CA VAL A 276 65.58 34.81 110.39
C VAL A 276 66.78 35.32 111.17
N ALA A 277 67.68 34.41 111.53
CA ALA A 277 68.86 34.80 112.31
C ALA A 277 69.75 35.74 111.51
N TYR A 278 70.25 35.27 110.38
CA TYR A 278 71.07 36.11 109.52
C TYR A 278 70.28 37.35 109.11
N ARG A 279 68.96 37.23 109.03
CA ARG A 279 68.14 38.39 108.74
C ARG A 279 68.32 39.46 109.80
N GLN A 280 68.13 39.09 111.06
CA GLN A 280 68.35 40.02 112.15
C GLN A 280 69.78 40.52 112.13
N MET A 281 70.71 39.64 111.77
CA MET A 281 72.11 40.02 111.72
C MET A 281 72.32 41.19 110.78
N SER A 282 72.03 40.98 109.50
CA SER A 282 72.23 42.04 108.51
C SER A 282 71.36 43.25 108.84
N LEU A 283 70.22 43.01 109.48
CA LEU A 283 69.35 44.11 109.87
C LEU A 283 70.04 45.05 110.83
N LEU A 284 70.60 44.51 111.91
CA LEU A 284 71.50 45.29 112.72
C LEU A 284 72.60 45.91 111.88
N LEU A 285 73.22 45.13 111.02
CA LEU A 285 74.21 45.63 110.08
C LEU A 285 73.64 46.67 109.14
N ARG A 286 72.33 46.90 109.18
CA ARG A 286 71.67 47.82 108.26
C ARG A 286 71.92 47.38 106.82
N ARG A 287 72.12 46.11 106.66
CA ARG A 287 72.16 45.70 105.27
C ARG A 287 70.75 45.67 104.70
N PRO A 288 70.61 45.73 103.39
CA PRO A 288 69.27 45.78 102.79
C PRO A 288 68.45 44.56 103.17
N PRO A 289 67.20 44.75 103.56
CA PRO A 289 66.39 43.62 104.04
C PRO A 289 66.09 42.58 102.98
N GLY A 290 65.49 43.02 101.89
CA GLY A 290 64.96 42.09 100.93
C GLY A 290 63.56 41.64 101.31
N ARG A 291 63.00 40.79 100.46
CA ARG A 291 61.65 40.31 100.67
C ARG A 291 61.54 39.65 102.02
N GLU A 292 60.47 39.96 102.74
CA GLU A 292 60.28 39.48 104.11
C GLU A 292 61.50 39.73 104.95
N ALA A 293 62.22 40.81 104.65
CA ALA A 293 63.52 41.12 105.23
C ALA A 293 64.54 40.02 104.94
N TYR A 294 64.16 39.01 104.18
CA TYR A 294 65.11 37.97 103.84
C TYR A 294 66.02 38.48 102.74
N PRO A 295 67.34 38.44 102.93
CA PRO A 295 68.25 38.87 101.86
C PRO A 295 68.67 37.71 100.96
N GLY A 296 69.46 38.01 99.94
CA GLY A 296 69.82 37.04 98.92
C GLY A 296 70.56 35.82 99.41
N ASP A 297 71.17 35.90 100.60
CA ASP A 297 71.90 34.77 101.16
C ASP A 297 71.02 33.55 101.32
N VAL A 298 69.71 33.75 101.45
CA VAL A 298 68.76 32.65 101.30
C VAL A 298 69.04 31.86 100.05
N PHE A 299 69.41 32.52 98.96
CA PHE A 299 70.10 31.81 97.90
C PHE A 299 71.56 31.64 98.26
N TYR A 300 72.29 32.75 98.44
CA TYR A 300 73.74 32.68 98.50
C TYR A 300 74.23 31.81 99.66
N LEU A 301 73.99 32.25 100.90
CA LEU A 301 74.49 31.51 102.04
C LEU A 301 73.81 30.15 102.16
N HIS A 302 72.49 30.11 102.01
CA HIS A 302 71.78 28.84 102.18
C HIS A 302 72.14 27.84 101.10
N SER A 303 72.04 28.23 99.81
CA SER A 303 72.41 27.28 98.77
C SER A 303 73.90 26.96 98.80
N ARG A 304 74.70 27.87 99.37
CA ARG A 304 76.13 27.63 99.53
C ARG A 304 76.39 26.32 100.24
N LEU A 305 75.56 25.95 101.20
CA LEU A 305 75.62 24.61 101.78
C LEU A 305 74.68 23.65 101.06
N LEU A 306 73.54 24.14 100.60
CA LEU A 306 72.52 23.28 100.02
C LEU A 306 72.98 22.52 98.79
N GLU A 307 73.68 23.17 97.87
CA GLU A 307 74.05 22.55 96.62
C GLU A 307 75.00 21.38 96.80
N ARG A 308 75.63 21.26 97.96
CA ARG A 308 76.57 20.19 98.24
C ARG A 308 75.89 18.87 98.55
N ALA A 309 74.57 18.83 98.54
CA ALA A 309 73.83 17.63 98.90
C ALA A 309 73.99 16.62 97.78
N ALA A 310 75.06 15.84 97.85
CA ALA A 310 75.46 14.92 96.80
C ALA A 310 76.31 13.82 97.41
N LYS A 311 77.01 13.09 96.55
CA LYS A 311 77.94 12.05 96.99
C LYS A 311 79.34 12.49 96.56
N MET A 312 80.24 12.60 97.53
CA MET A 312 81.64 12.83 97.21
C MET A 312 82.14 11.70 96.31
N ASN A 313 82.76 12.09 95.20
CA ASN A 313 83.22 11.13 94.21
C ASN A 313 84.11 10.07 94.88
N ASP A 314 84.24 8.93 94.20
CA ASP A 314 85.30 8.01 94.57
C ASP A 314 86.62 8.74 94.64
N ALA A 315 86.86 9.67 93.71
CA ALA A 315 87.95 10.61 93.85
C ALA A 315 87.80 11.49 95.08
N PHE A 316 86.60 11.98 95.36
CA PHE A 316 86.37 12.80 96.55
C PHE A 316 86.15 11.94 97.79
N GLY A 317 86.62 10.68 97.75
CA GLY A 317 86.51 9.75 98.86
C GLY A 317 85.51 8.65 98.61
N GLY A 318 84.52 8.88 97.77
CA GLY A 318 83.44 7.95 97.62
C GLY A 318 82.38 8.06 98.68
N GLY A 319 82.55 8.97 99.65
CA GLY A 319 81.53 9.19 100.66
C GLY A 319 80.32 9.89 100.06
N SER A 320 79.19 9.80 100.76
CA SER A 320 77.96 10.42 100.29
C SER A 320 77.57 11.50 101.29
N LEU A 321 77.14 12.64 100.77
CA LEU A 321 76.78 13.76 101.63
C LEU A 321 75.27 13.93 101.54
N THR A 322 74.55 13.17 102.35
CA THR A 322 73.12 13.34 102.40
C THR A 322 72.76 14.58 103.20
N ALA A 323 71.62 15.17 102.86
CA ALA A 323 71.13 16.36 103.54
C ALA A 323 69.62 16.24 103.72
N LEU A 324 69.14 16.59 104.90
CA LEU A 324 67.72 16.46 105.25
C LEU A 324 67.21 17.78 105.80
N PRO A 325 67.09 18.79 104.96
CA PRO A 325 66.59 20.08 105.44
C PRO A 325 65.15 19.99 105.90
N VAL A 326 64.80 20.81 106.88
CA VAL A 326 63.46 20.84 107.46
C VAL A 326 62.78 22.12 107.01
N ILE A 327 61.55 21.98 106.52
CA ILE A 327 60.77 23.09 105.99
C ILE A 327 59.52 23.29 106.83
N GLU A 328 59.42 24.46 107.45
CA GLU A 328 58.27 24.83 108.24
C GLU A 328 57.21 25.42 107.33
N THR A 329 56.05 24.78 107.26
CA THR A 329 54.93 25.27 106.47
C THR A 329 54.16 26.26 107.31
N GLN A 330 54.58 27.52 107.28
CA GLN A 330 53.94 28.56 108.06
C GLN A 330 52.56 28.82 107.49
N ALA A 331 51.56 28.15 108.05
CA ALA A 331 50.24 28.10 107.45
C ALA A 331 50.34 27.64 106.00
N GLY A 332 51.22 26.68 105.75
CA GLY A 332 51.50 26.31 104.38
C GLY A 332 52.00 27.44 103.53
N ASP A 333 52.96 28.21 104.02
CA ASP A 333 53.46 29.38 103.28
C ASP A 333 54.18 28.89 102.04
N VAL A 334 53.41 28.37 101.09
CA VAL A 334 53.97 27.74 99.90
C VAL A 334 54.81 28.71 99.09
N SER A 335 54.54 30.01 99.21
CA SER A 335 55.25 31.01 98.45
C SER A 335 56.39 31.63 99.24
N ALA A 336 56.81 30.99 100.33
CA ALA A 336 57.92 31.55 101.10
C ALA A 336 59.10 31.71 100.18
N TYR A 337 59.72 32.88 100.20
CA TYR A 337 60.98 33.04 99.50
C TYR A 337 61.95 31.97 99.95
N ILE A 338 61.87 31.61 101.22
CA ILE A 338 62.53 30.42 101.73
C ILE A 338 62.05 29.26 100.89
N PRO A 339 60.75 28.94 100.95
CA PRO A 339 60.24 27.87 100.09
C PRO A 339 60.51 28.13 98.63
N THR A 340 60.47 29.39 98.21
CA THR A 340 60.75 29.68 96.81
C THR A 340 62.12 29.15 96.42
N ASN A 341 63.15 29.53 97.16
CA ASN A 341 64.49 29.03 96.88
C ASN A 341 64.52 27.52 97.01
N VAL A 342 63.85 26.99 98.03
CA VAL A 342 63.84 25.55 98.26
C VAL A 342 63.36 24.79 97.05
N ILE A 343 62.22 25.18 96.48
CA ILE A 343 61.68 24.47 95.34
C ILE A 343 62.65 24.50 94.17
N SER A 344 63.13 25.68 93.82
CA SER A 344 64.12 25.79 92.76
C SER A 344 65.39 25.02 93.09
N ILE A 345 65.61 24.73 94.36
CA ILE A 345 66.75 23.92 94.77
C ILE A 345 66.37 22.48 95.08
N THR A 346 65.11 22.21 95.38
CA THR A 346 64.71 20.90 95.87
C THR A 346 64.91 19.83 94.81
N ASP A 347 65.79 18.88 95.13
CA ASP A 347 65.81 17.59 94.46
C ASP A 347 64.86 16.62 95.15
N GLY A 348 63.87 17.16 95.85
CA GLY A 348 62.94 16.37 96.63
C GLY A 348 62.31 17.24 97.69
N GLN A 349 61.10 16.84 98.09
CA GLN A 349 60.37 17.59 99.10
C GLN A 349 59.42 16.67 99.85
N ILE A 350 59.05 17.03 101.07
CA ILE A 350 58.20 16.18 101.90
C ILE A 350 56.91 16.94 102.15
N PHE A 351 55.93 16.72 101.29
CA PHE A 351 54.59 17.24 101.53
C PHE A 351 53.85 16.31 102.48
N LEU A 352 53.19 16.90 103.48
CA LEU A 352 52.54 16.15 104.56
C LEU A 352 51.07 16.56 104.62
N GLU A 353 50.17 15.59 104.52
CA GLU A 353 48.74 15.85 104.57
C GLU A 353 48.27 15.92 106.01
N THR A 354 48.85 16.86 106.76
CA THR A 354 48.69 16.91 108.22
C THR A 354 47.25 16.72 108.65
N GLU A 355 46.29 17.19 107.86
CA GLU A 355 44.90 16.93 108.16
C GLU A 355 44.63 15.43 108.25
N LEU A 356 45.35 14.63 107.46
CA LEU A 356 45.18 13.19 107.56
C LEU A 356 45.52 12.69 108.95
N PHE A 357 46.64 13.14 109.52
CA PHE A 357 46.93 12.83 110.90
C PHE A 357 45.83 13.37 111.80
N TYR A 358 45.40 14.60 111.56
CA TYR A 358 44.22 15.13 112.21
C TYR A 358 42.97 14.34 111.85
N LYS A 359 42.92 13.76 110.65
CA LYS A 359 41.88 12.81 110.29
C LYS A 359 42.24 11.40 110.72
N GLY A 360 43.10 11.27 111.73
CA GLY A 360 43.55 10.01 112.22
C GLY A 360 44.67 9.39 111.41
N ILE A 361 44.81 9.75 110.14
CA ILE A 361 45.78 9.09 109.29
C ILE A 361 47.13 9.71 109.59
N ARG A 362 47.82 9.18 110.60
CA ARG A 362 49.18 9.57 110.92
C ARG A 362 50.02 8.31 110.76
N PRO A 363 50.84 8.22 109.70
CA PRO A 363 51.32 9.16 108.68
C PRO A 363 50.23 9.90 107.91
N ALA A 364 50.38 11.22 107.86
CA ALA A 364 49.51 12.12 107.10
C ALA A 364 50.11 12.48 105.75
N ILE A 365 50.15 11.53 104.82
CA ILE A 365 50.97 11.67 103.62
C ILE A 365 50.25 12.58 102.63
N ASN A 366 50.87 13.71 102.30
CA ASN A 366 50.44 14.48 101.15
C ASN A 366 51.13 13.94 99.93
N VAL A 367 50.65 12.81 99.41
CA VAL A 367 51.41 12.03 98.45
C VAL A 367 51.41 12.63 97.06
N GLY A 368 50.24 12.82 96.45
CA GLY A 368 50.18 13.49 95.17
C GLY A 368 50.86 14.83 95.30
N LEU A 369 50.77 15.40 96.50
CA LEU A 369 51.55 16.58 96.81
C LEU A 369 53.02 16.27 97.00
N SER A 370 53.36 15.13 97.60
CA SER A 370 54.77 14.82 97.82
C SER A 370 55.47 14.55 96.49
N VAL A 371 56.78 14.80 96.46
CA VAL A 371 57.59 14.62 95.27
C VAL A 371 59.06 14.55 95.65
N SER A 372 59.87 13.98 94.77
CA SER A 372 61.30 13.83 95.02
C SER A 372 62.00 13.82 93.68
N ARG A 373 62.96 14.74 93.51
CA ARG A 373 63.69 14.83 92.24
C ARG A 373 65.07 14.22 92.32
N VAL A 374 65.42 13.55 93.42
CA VAL A 374 66.74 12.95 93.55
C VAL A 374 66.94 11.87 92.51
N GLY A 375 65.93 11.04 92.28
CA GLY A 375 66.02 9.99 91.29
C GLY A 375 66.03 8.60 91.90
N SER A 376 65.83 7.61 91.02
CA SER A 376 65.68 6.20 91.41
C SER A 376 66.95 5.38 91.24
N ALA A 377 68.10 6.02 91.04
CA ALA A 377 69.36 5.28 90.98
C ALA A 377 69.70 4.62 92.31
N ALA A 378 69.00 4.99 93.38
CA ALA A 378 69.19 4.39 94.68
C ALA A 378 67.96 3.60 95.11
N GLN A 379 67.29 2.97 94.15
CA GLN A 379 66.00 2.33 94.40
C GLN A 379 66.11 0.82 94.20
N THR A 380 65.73 0.07 95.23
CA THR A 380 65.74 -1.38 95.14
C THR A 380 64.79 -1.84 94.05
N ARG A 381 65.35 -2.46 93.01
CA ARG A 381 64.52 -2.89 91.88
C ARG A 381 63.40 -3.80 92.34
N ALA A 382 63.59 -4.50 93.46
CA ALA A 382 62.48 -5.18 94.09
C ALA A 382 61.48 -4.19 94.66
N MET A 383 61.95 -3.32 95.55
CA MET A 383 61.09 -2.26 96.05
C MET A 383 60.63 -1.34 94.92
N LYS A 384 61.49 -1.14 93.91
CA LYS A 384 61.06 -0.37 92.75
C LYS A 384 59.90 -1.06 92.04
N GLN A 385 59.98 -2.38 91.87
CA GLN A 385 58.90 -3.12 91.23
C GLN A 385 57.63 -2.98 92.03
N VAL A 386 57.74 -3.06 93.35
CA VAL A 386 56.57 -2.90 94.21
C VAL A 386 55.96 -1.51 94.05
N ALA A 387 56.79 -0.48 94.15
CA ALA A 387 56.30 0.89 94.07
C ALA A 387 55.71 1.22 92.72
N GLY A 388 56.21 0.59 91.65
CA GLY A 388 55.68 0.90 90.33
C GLY A 388 54.19 0.69 90.23
N THR A 389 53.69 -0.39 90.81
CA THR A 389 52.26 -0.61 90.86
C THR A 389 51.61 0.10 92.05
N MET A 390 52.29 0.17 93.20
CA MET A 390 51.69 0.78 94.37
C MET A 390 51.34 2.24 94.10
N LYS A 391 52.26 2.98 93.48
CA LYS A 391 52.04 4.39 93.22
C LYS A 391 50.97 4.61 92.16
N LEU A 392 50.98 3.79 91.12
CA LEU A 392 49.95 3.90 90.10
C LEU A 392 48.57 3.67 90.69
N GLU A 393 48.46 2.63 91.53
CA GLU A 393 47.21 2.37 92.21
C GLU A 393 46.84 3.52 93.14
N LEU A 394 47.82 4.07 93.83
CA LEU A 394 47.54 5.19 94.72
C LEU A 394 47.01 6.38 93.96
N ALA A 395 47.64 6.71 92.83
CA ALA A 395 47.14 7.82 92.02
C ALA A 395 45.75 7.53 91.51
N GLN A 396 45.53 6.32 90.99
CA GLN A 396 44.22 5.97 90.44
C GLN A 396 43.15 6.07 91.52
N TYR A 397 43.45 5.58 92.72
CA TYR A 397 42.57 5.81 93.84
C TYR A 397 42.35 7.29 94.06
N ARG A 398 43.45 8.04 94.19
CA ARG A 398 43.38 9.48 94.27
C ARG A 398 42.71 10.09 93.05
N GLU A 399 42.79 9.44 91.91
CA GLU A 399 42.19 9.96 90.69
C GLU A 399 40.69 10.15 90.83
N VAL A 400 40.01 9.30 91.58
CA VAL A 400 38.57 9.40 91.72
C VAL A 400 38.20 9.30 93.20
N ALA A 401 39.18 9.50 94.07
CA ALA A 401 38.93 9.38 95.50
C ALA A 401 37.82 10.30 95.95
N ALA A 402 37.61 11.40 95.23
CA ALA A 402 36.46 12.24 95.49
C ALA A 402 35.18 11.42 95.42
N PHE A 403 35.08 10.55 94.43
CA PHE A 403 33.88 9.73 94.28
C PHE A 403 33.63 8.89 95.52
N ALA A 404 34.68 8.53 96.26
CA ALA A 404 34.54 7.70 97.44
C ALA A 404 33.57 8.32 98.42
N GLN A 405 33.49 9.65 98.41
CA GLN A 405 32.58 10.35 99.32
C GLN A 405 31.18 9.76 99.26
N PHE A 406 30.55 9.81 98.10
CA PHE A 406 29.26 9.14 97.95
C PHE A 406 29.41 7.66 98.18
N GLY A 407 30.46 7.06 97.64
CA GLY A 407 30.72 5.66 97.86
C GLY A 407 29.76 4.74 97.13
N SER A 408 28.47 5.04 97.20
CA SER A 408 27.44 4.16 96.68
C SER A 408 27.57 4.02 95.17
N ASP A 409 27.03 2.92 94.63
CA ASP A 409 27.04 2.59 93.21
C ASP A 409 28.43 2.63 92.61
N LEU A 410 29.47 2.38 93.40
CA LEU A 410 30.84 2.42 92.93
C LEU A 410 30.99 1.47 91.76
N ASP A 411 31.56 1.99 90.68
CA ASP A 411 31.85 1.14 89.53
C ASP A 411 32.76 0.02 90.00
N ALA A 412 32.54 -1.19 89.51
CA ALA A 412 33.32 -2.33 89.96
C ALA A 412 34.81 -2.10 89.79
N ALA A 413 35.23 -1.58 88.64
CA ALA A 413 36.61 -1.16 88.49
C ALA A 413 36.94 -0.06 89.49
N THR A 414 36.06 0.94 89.60
CA THR A 414 36.26 1.99 90.57
C THR A 414 36.24 1.45 91.98
N GLN A 415 35.30 0.56 92.28
CA GLN A 415 35.22 -0.01 93.62
C GLN A 415 36.50 -0.78 93.95
N GLN A 416 36.99 -1.57 93.01
CA GLN A 416 38.21 -2.33 93.23
C GLN A 416 39.41 -1.43 93.38
N LEU A 417 39.50 -0.40 92.54
CA LEU A 417 40.57 0.58 92.66
C LEU A 417 40.53 1.23 94.03
N LEU A 418 39.33 1.58 94.50
CA LEU A 418 39.14 2.14 95.82
C LEU A 418 39.58 1.19 96.91
N SER A 419 39.17 -0.07 96.85
CA SER A 419 39.56 -1.06 97.84
C SER A 419 41.06 -1.20 97.92
N ARG A 420 41.73 -1.34 96.77
CA ARG A 420 43.17 -1.27 96.76
C ARG A 420 43.65 -0.01 97.44
N GLY A 421 43.07 1.14 97.06
CA GLY A 421 43.35 2.36 97.78
C GLY A 421 42.85 2.30 99.22
N VAL A 422 41.72 1.64 99.44
CA VAL A 422 41.23 1.49 100.82
C VAL A 422 42.19 0.63 101.61
N ARG A 423 42.66 -0.46 101.00
CA ARG A 423 43.66 -1.29 101.66
C ARG A 423 44.91 -0.48 101.98
N LEU A 424 45.35 0.33 101.02
CA LEU A 424 46.53 1.16 101.23
C LEU A 424 46.30 2.17 102.35
N THR A 425 45.12 2.77 102.39
CA THR A 425 44.80 3.71 103.45
C THR A 425 44.87 3.03 104.80
N GLU A 426 44.33 1.81 104.88
CA GLU A 426 44.61 1.00 106.05
C GLU A 426 46.10 0.87 106.30
N LEU A 427 46.89 0.66 105.24
CA LEU A 427 48.33 0.55 105.41
C LEU A 427 49.00 1.91 105.44
N LEU A 428 48.25 2.97 105.19
CA LEU A 428 48.84 4.29 105.06
C LEU A 428 49.49 4.80 106.34
N LYS A 429 49.01 4.37 107.49
CA LYS A 429 49.51 4.93 108.74
C LYS A 429 50.97 4.53 108.98
N GLN A 430 51.54 5.11 110.02
CA GLN A 430 52.92 4.82 110.40
C GLN A 430 53.06 4.97 111.90
N GLY A 431 54.09 4.32 112.45
CA GLY A 431 54.31 4.27 113.88
C GLY A 431 55.53 5.09 114.29
N GLN A 432 55.32 5.99 115.25
CA GLN A 432 56.39 6.84 115.75
C GLN A 432 57.52 6.00 116.33
N TYR A 433 58.75 6.35 115.93
CA TYR A 433 59.95 5.64 116.38
C TYR A 433 59.81 4.15 116.12
N SER A 434 59.27 3.83 114.96
CA SER A 434 59.02 2.43 114.65
C SER A 434 59.53 2.09 113.26
N PRO A 435 60.83 2.17 113.02
CA PRO A 435 61.36 1.69 111.74
C PRO A 435 61.21 0.19 111.61
N MET A 436 61.12 -0.26 110.36
CA MET A 436 60.95 -1.67 110.05
C MET A 436 61.87 -2.07 108.92
N ALA A 437 61.84 -3.36 108.57
CA ALA A 437 62.57 -3.83 107.42
C ALA A 437 61.92 -3.31 106.14
N ILE A 438 62.74 -2.76 105.25
CA ILE A 438 62.25 -2.29 103.96
C ILE A 438 61.69 -3.46 103.16
N GLU A 439 62.40 -4.59 103.16
CA GLU A 439 61.89 -5.77 102.48
C GLU A 439 60.56 -6.21 103.06
N GLU A 440 60.32 -5.95 104.34
CA GLU A 440 59.02 -6.28 104.92
C GLU A 440 57.91 -5.48 104.24
N GLN A 441 58.13 -4.19 104.06
CA GLN A 441 57.15 -3.38 103.34
C GLN A 441 57.04 -3.84 101.90
N VAL A 442 58.17 -4.18 101.28
CA VAL A 442 58.14 -4.70 99.92
C VAL A 442 57.25 -5.93 99.86
N ALA A 443 57.37 -6.80 100.85
CA ALA A 443 56.57 -8.01 100.91
C ALA A 443 55.09 -7.69 101.09
N VAL A 444 54.78 -6.73 101.96
CA VAL A 444 53.39 -6.38 102.20
C VAL A 444 52.76 -5.84 100.92
N ILE A 445 53.47 -4.95 100.24
CA ILE A 445 52.97 -4.41 98.98
C ILE A 445 52.86 -5.51 97.94
N TYR A 446 53.78 -6.47 97.97
CA TYR A 446 53.70 -7.60 97.04
C TYR A 446 52.45 -8.42 97.29
N ALA A 447 52.13 -8.66 98.56
CA ALA A 447 50.92 -9.40 98.89
C ALA A 447 49.70 -8.66 98.38
N GLY A 448 49.69 -7.34 98.56
CA GLY A 448 48.64 -6.55 97.96
C GLY A 448 48.58 -6.74 96.46
N VAL A 449 49.73 -6.69 95.80
CA VAL A 449 49.80 -6.89 94.36
C VAL A 449 49.25 -8.26 93.99
N ARG A 450 49.44 -9.25 94.85
CA ARG A 450 48.79 -10.53 94.65
C ARG A 450 47.28 -10.42 94.80
N GLY A 451 46.80 -9.30 95.33
CA GLY A 451 45.38 -9.18 95.62
C GLY A 451 45.09 -9.93 96.89
N TYR A 452 46.15 -10.42 97.53
CA TYR A 452 46.02 -11.28 98.69
C TYR A 452 45.47 -10.54 99.88
N LEU A 453 45.32 -9.23 99.79
CA LEU A 453 44.68 -8.46 100.86
C LEU A 453 43.27 -8.02 100.51
N ASP A 454 42.72 -8.42 99.37
CA ASP A 454 41.44 -7.93 98.91
C ASP A 454 40.29 -8.26 99.86
N LYS A 455 40.43 -9.28 100.72
CA LYS A 455 39.34 -9.71 101.56
C LYS A 455 39.55 -9.34 103.03
N LEU A 456 40.55 -8.53 103.32
CA LEU A 456 40.83 -8.12 104.68
C LEU A 456 40.10 -6.81 104.94
N GLU A 457 39.30 -6.80 106.00
CA GLU A 457 38.59 -5.58 106.35
C GLU A 457 39.60 -4.49 106.69
N PRO A 458 39.52 -3.32 106.04
CA PRO A 458 40.60 -2.34 106.20
C PRO A 458 40.86 -1.92 107.64
N SER A 459 39.81 -1.76 108.45
CA SER A 459 40.02 -1.44 109.85
C SER A 459 40.87 -2.49 110.54
N LYS A 460 40.70 -3.75 110.15
CA LYS A 460 41.51 -4.83 110.70
C LYS A 460 42.64 -5.24 109.77
N ILE A 461 42.61 -4.82 108.51
CA ILE A 461 43.64 -5.25 107.56
C ILE A 461 45.01 -4.79 108.02
N THR A 462 45.06 -3.69 108.77
CA THR A 462 46.33 -3.21 109.28
C THR A 462 46.93 -4.20 110.28
N LYS A 463 46.15 -4.57 111.29
CA LYS A 463 46.61 -5.58 112.23
C LYS A 463 46.89 -6.88 111.51
N PHE A 464 46.15 -7.14 110.44
CA PHE A 464 46.39 -8.32 109.62
C PHE A 464 47.81 -8.30 109.06
N GLU A 465 48.12 -7.28 108.27
CA GLU A 465 49.45 -7.12 107.70
C GLU A 465 50.52 -7.19 108.78
N ASN A 466 50.24 -6.56 109.93
CA ASN A 466 51.18 -6.63 111.04
C ASN A 466 51.39 -8.07 111.50
N ALA A 467 50.32 -8.86 111.62
CA ALA A 467 50.43 -10.22 112.11
C ALA A 467 51.12 -11.11 111.08
N PHE A 468 50.78 -10.93 109.81
CA PHE A 468 51.47 -11.66 108.75
C PHE A 468 52.95 -11.32 108.76
N LEU A 469 53.26 -10.06 109.05
CA LEU A 469 54.64 -9.63 109.19
C LEU A 469 55.33 -10.37 110.32
N SER A 470 54.64 -10.51 111.45
CA SER A 470 55.20 -11.26 112.57
C SER A 470 55.43 -12.71 112.17
N HIS A 471 54.47 -13.29 111.45
CA HIS A 471 54.57 -14.68 111.03
C HIS A 471 55.79 -14.89 110.14
N VAL A 472 56.02 -13.96 109.22
CA VAL A 472 57.21 -14.07 108.37
C VAL A 472 58.47 -13.88 109.19
N ILE A 473 58.52 -12.81 110.01
CA ILE A 473 59.74 -12.48 110.75
C ILE A 473 60.11 -13.59 111.70
N SER A 474 59.15 -14.44 112.06
CA SER A 474 59.51 -15.67 112.75
C SER A 474 59.93 -16.74 111.74
N GLN A 475 59.01 -17.14 110.86
CA GLN A 475 59.24 -18.24 109.94
C GLN A 475 59.92 -17.80 108.65
N HIS A 476 59.21 -17.02 107.83
CA HIS A 476 59.74 -16.58 106.55
C HIS A 476 60.86 -15.58 106.74
N GLN A 477 61.25 -15.34 107.99
CA GLN A 477 62.48 -14.60 108.25
C GLN A 477 63.64 -15.22 107.50
N ALA A 478 63.64 -16.54 107.36
CA ALA A 478 64.58 -17.18 106.46
C ALA A 478 64.39 -16.70 105.03
N LEU A 479 63.17 -16.77 104.52
CA LEU A 479 62.90 -16.24 103.18
C LEU A 479 63.09 -14.73 103.15
N LEU A 480 62.88 -14.07 104.29
CA LEU A 480 63.11 -12.63 104.35
C LEU A 480 64.56 -12.29 104.09
N GLY A 481 65.48 -12.93 104.81
CA GLY A 481 66.88 -12.75 104.51
C GLY A 481 67.23 -13.24 103.13
N LYS A 482 66.55 -14.28 102.66
CA LYS A 482 66.77 -14.78 101.30
C LYS A 482 66.55 -13.68 100.28
N ILE A 483 65.39 -13.02 100.35
CA ILE A 483 65.13 -11.90 99.45
C ILE A 483 66.10 -10.77 99.72
N ARG A 484 66.35 -10.47 101.00
CA ARG A 484 67.16 -9.31 101.35
C ARG A 484 68.57 -9.42 100.77
N THR A 485 69.32 -10.42 101.20
CA THR A 485 70.64 -10.64 100.64
C THR A 485 70.55 -10.89 99.14
N ASP A 486 69.49 -11.56 98.71
CA ASP A 486 69.29 -11.77 97.28
C ASP A 486 69.14 -10.46 96.54
N GLY A 487 68.33 -9.55 97.07
CA GLY A 487 67.98 -8.37 96.32
C GLY A 487 67.36 -8.67 94.97
N LYS A 488 67.13 -9.95 94.69
CA LYS A 488 66.55 -10.38 93.43
C LYS A 488 65.35 -11.23 93.74
N ILE A 489 64.24 -10.90 93.09
CA ILE A 489 62.94 -11.49 93.40
C ILE A 489 62.83 -12.79 92.60
N SER A 490 63.38 -13.86 93.17
CA SER A 490 63.18 -15.16 92.57
C SER A 490 61.69 -15.50 92.56
N GLU A 491 61.19 -15.88 91.39
CA GLU A 491 59.79 -16.26 91.28
C GLU A 491 59.45 -17.35 92.29
N GLU A 492 60.39 -18.26 92.54
CA GLU A 492 60.21 -19.26 93.57
C GLU A 492 60.26 -18.63 94.96
N SER A 493 61.25 -17.78 95.21
CA SER A 493 61.29 -17.08 96.49
C SER A 493 60.07 -16.18 96.65
N ASP A 494 59.66 -15.54 95.56
CA ASP A 494 58.44 -14.75 95.59
C ASP A 494 57.25 -15.60 95.99
N ALA A 495 57.12 -16.78 95.39
CA ALA A 495 56.01 -17.66 95.73
C ALA A 495 56.12 -18.16 97.16
N LYS A 496 57.34 -18.41 97.63
CA LYS A 496 57.54 -18.88 99.00
C LYS A 496 57.06 -17.83 99.99
N LEU A 497 57.46 -16.58 99.77
CA LEU A 497 56.94 -15.51 100.59
C LEU A 497 55.43 -15.40 100.45
N LYS A 498 54.93 -15.58 99.23
CA LYS A 498 53.49 -15.48 98.99
C LYS A 498 52.75 -16.52 99.81
N GLU A 499 53.27 -17.74 99.86
CA GLU A 499 52.60 -18.80 100.60
C GLU A 499 52.74 -18.59 102.10
N ILE A 500 53.92 -18.13 102.54
CA ILE A 500 54.08 -17.83 103.96
C ILE A 500 53.08 -16.77 104.38
N VAL A 501 52.91 -15.75 103.55
CA VAL A 501 51.95 -14.70 103.81
C VAL A 501 50.53 -15.24 103.74
N THR A 502 50.26 -16.11 102.78
CA THR A 502 48.92 -16.66 102.62
C THR A 502 48.53 -17.46 103.86
N ASN A 503 49.47 -18.23 104.38
CA ASN A 503 49.24 -18.92 105.65
C ASN A 503 49.02 -17.92 106.76
N PHE A 504 49.88 -16.91 106.85
CA PHE A 504 49.78 -15.94 107.92
C PHE A 504 48.44 -15.20 107.90
N LEU A 505 47.90 -14.99 106.70
CA LEU A 505 46.74 -14.13 106.54
C LEU A 505 45.45 -14.91 106.53
N ALA A 506 45.33 -15.88 105.63
CA ALA A 506 44.24 -16.85 105.75
C ALA A 506 44.20 -17.39 107.16
N GLY A 507 45.38 -17.65 107.73
CA GLY A 507 45.48 -17.92 109.15
C GLY A 507 45.70 -16.65 109.95
N PHE A 508 44.83 -15.67 109.76
CA PHE A 508 44.83 -14.49 110.61
C PHE A 508 43.41 -14.17 111.04
N SER B 9 87.09 55.87 47.45
CA SER B 9 88.33 56.51 47.00
C SER B 9 88.21 58.02 47.10
N SER B 10 88.21 58.68 45.95
CA SER B 10 88.04 60.13 45.92
C SER B 10 86.70 60.56 46.51
N ILE B 11 85.68 59.70 46.45
CA ILE B 11 84.39 60.03 47.05
C ILE B 11 84.49 60.04 48.57
N LEU B 12 85.24 59.09 49.14
CA LEU B 12 85.49 59.13 50.57
C LEU B 12 86.25 60.39 50.95
N GLU B 13 87.19 60.81 50.10
CA GLU B 13 87.85 62.09 50.32
C GLU B 13 86.84 63.23 50.30
N GLU B 14 85.94 63.22 49.31
CA GLU B 14 84.94 64.28 49.19
C GLU B 14 84.08 64.36 50.44
N ARG B 15 83.69 63.20 50.97
CA ARG B 15 83.02 63.18 52.26
C ARG B 15 83.90 63.81 53.34
N ILE B 16 85.14 63.35 53.43
CA ILE B 16 86.10 63.99 54.34
C ILE B 16 86.28 65.44 53.95
N LEU B 17 86.26 65.73 52.66
CA LEU B 17 86.30 67.10 52.20
C LEU B 17 85.05 67.83 52.66
N GLY B 18 85.19 69.14 52.81
CA GLY B 18 84.09 69.94 53.28
C GLY B 18 83.63 69.60 54.68
N ALA B 19 84.37 68.76 55.40
CA ALA B 19 84.05 68.49 56.79
C ALA B 19 84.13 69.79 57.57
N ASP B 20 83.05 70.14 58.26
CA ASP B 20 82.99 71.38 59.01
C ASP B 20 83.32 71.13 60.47
N THR B 21 84.15 72.00 61.06
CA THR B 21 84.56 71.87 62.45
C THR B 21 84.67 73.19 63.20
N SER B 22 83.86 74.20 62.84
CA SER B 22 83.96 75.51 63.45
C SER B 22 83.79 75.43 64.96
N VAL B 23 84.61 76.17 65.70
CA VAL B 23 84.61 76.13 67.15
C VAL B 23 83.74 77.25 67.70
N ASP B 24 83.41 77.15 68.99
CA ASP B 24 82.61 78.16 69.65
C ASP B 24 82.97 78.23 71.13
N LEU B 25 82.72 79.39 71.73
CA LEU B 25 83.01 79.61 73.14
C LEU B 25 82.05 78.80 73.99
N GLU B 26 82.58 77.87 74.78
CA GLU B 26 81.75 77.06 75.65
C GLU B 26 82.57 76.48 76.80
N GLU B 27 81.95 76.41 77.97
CA GLU B 27 82.49 75.62 79.06
C GLU B 27 81.70 74.32 79.22
N THR B 28 82.10 73.51 80.19
CA THR B 28 81.46 72.21 80.39
C THR B 28 81.35 71.91 81.88
N GLY B 29 80.65 70.83 82.20
CA GLY B 29 80.50 70.41 83.57
C GLY B 29 81.19 69.08 83.81
N ARG B 30 82.29 69.14 84.54
CA ARG B 30 83.05 67.96 84.92
C ARG B 30 82.21 67.13 85.87
N VAL B 31 82.03 65.86 85.55
CA VAL B 31 81.17 65.02 86.38
C VAL B 31 81.73 64.95 87.79
N LEU B 32 80.84 64.85 88.76
CA LEU B 32 81.27 64.72 90.14
C LEU B 32 80.86 63.39 90.75
N SER B 33 79.57 63.06 90.69
CA SER B 33 79.09 61.82 91.27
C SER B 33 78.50 60.99 90.15
N ILE B 34 78.97 59.76 90.01
CA ILE B 34 78.59 58.89 88.90
C ILE B 34 78.07 57.59 89.45
N GLY B 35 77.01 57.07 88.83
CA GLY B 35 76.41 55.83 89.25
C GLY B 35 74.96 55.77 88.81
N ASP B 36 74.49 54.59 88.44
CA ASP B 36 73.10 54.33 88.08
C ASP B 36 72.56 55.26 87.02
N GLY B 37 73.42 55.77 86.15
CA GLY B 37 72.98 56.53 84.99
C GLY B 37 72.56 57.96 85.26
N ILE B 38 72.73 58.46 86.48
CA ILE B 38 72.45 59.85 86.81
C ILE B 38 73.66 60.41 87.53
N ALA B 39 74.17 61.53 87.05
CA ALA B 39 75.35 62.11 87.65
C ALA B 39 74.98 63.34 88.47
N ARG B 40 75.25 63.26 89.77
CA ARG B 40 75.16 64.42 90.65
C ARG B 40 76.47 65.16 90.50
N VAL B 41 76.55 66.00 89.50
CA VAL B 41 77.80 66.62 89.11
C VAL B 41 77.79 68.07 89.55
N HIS B 42 78.89 68.77 89.30
CA HIS B 42 79.04 70.17 89.68
C HIS B 42 79.58 70.96 88.49
N GLY B 43 79.17 72.22 88.40
CA GLY B 43 79.65 73.09 87.34
C GLY B 43 78.66 73.25 86.20
N LEU B 44 78.99 74.12 85.25
CA LEU B 44 78.21 74.31 84.03
C LEU B 44 76.78 74.77 84.36
N ARG B 45 76.66 75.47 85.50
CA ARG B 45 75.35 75.94 85.95
C ARG B 45 74.74 76.90 84.94
N ASN B 46 75.52 77.31 83.94
CA ASN B 46 75.04 78.15 82.85
C ASN B 46 74.16 77.37 81.88
N VAL B 47 73.82 76.15 82.23
CA VAL B 47 72.83 75.39 81.49
C VAL B 47 71.47 75.70 82.09
N GLN B 48 70.43 75.55 81.28
CA GLN B 48 69.06 75.84 81.70
C GLN B 48 68.30 74.54 81.99
N ALA B 49 67.10 74.67 82.53
CA ALA B 49 66.26 73.51 82.78
C ALA B 49 65.53 73.10 81.51
N GLU B 50 65.08 71.85 81.47
CA GLU B 50 64.53 71.23 80.27
C GLU B 50 65.52 71.22 79.11
N GLU B 51 66.75 71.63 79.38
CA GLU B 51 67.72 71.78 78.32
C GLU B 51 68.19 70.41 77.84
N MET B 52 68.85 70.42 76.69
CA MET B 52 69.54 69.25 76.18
C MET B 52 71.03 69.55 76.20
N VAL B 53 71.67 69.31 77.32
CA VAL B 53 73.11 69.46 77.43
C VAL B 53 73.77 68.11 77.17
N GLU B 54 75.05 68.14 76.84
CA GLU B 54 75.78 66.95 76.43
C GLU B 54 77.05 66.80 77.23
N PHE B 55 77.47 65.55 77.42
CA PHE B 55 78.62 65.25 78.25
C PHE B 55 79.86 64.96 77.40
N SER B 56 80.98 64.79 78.09
CA SER B 56 82.19 64.30 77.43
C SER B 56 81.96 62.98 76.75
N SER B 57 81.02 62.18 77.23
CA SER B 57 80.65 60.93 76.59
C SER B 57 79.88 61.16 75.30
N GLY B 58 79.79 62.41 74.84
CA GLY B 58 79.00 62.73 73.68
C GLY B 58 77.52 62.55 73.87
N LEU B 59 77.09 61.86 74.93
CA LEU B 59 75.68 61.74 75.20
C LEU B 59 75.11 63.09 75.60
N LYS B 60 73.94 63.40 75.05
CA LYS B 60 73.24 64.63 75.37
C LYS B 60 72.10 64.31 76.32
N GLY B 61 72.03 65.09 77.40
CA GLY B 61 71.10 64.79 78.46
C GLY B 61 70.14 65.93 78.71
N MET B 62 68.96 65.58 79.21
CA MET B 62 67.95 66.54 79.60
C MET B 62 68.15 66.91 81.06
N SER B 63 67.62 68.05 81.46
CA SER B 63 67.80 68.57 82.81
C SER B 63 67.16 67.61 83.79
N LEU B 64 67.97 67.02 84.68
CA LEU B 64 67.41 66.14 85.70
C LEU B 64 66.90 66.91 86.91
N ASN B 65 67.82 67.45 87.69
CA ASN B 65 67.49 68.15 88.93
C ASN B 65 68.72 68.92 89.39
N LEU B 66 68.63 70.25 89.39
CA LEU B 66 69.74 71.07 89.84
C LEU B 66 69.73 71.03 91.36
N GLU B 67 70.83 70.56 91.92
CA GLU B 67 70.98 70.55 93.37
C GLU B 67 71.54 71.89 93.83
N PRO B 68 71.30 72.24 95.10
CA PRO B 68 71.88 73.49 95.61
C PRO B 68 73.40 73.50 95.54
N ASP B 69 74.03 72.33 95.61
CA ASP B 69 75.47 72.22 95.55
C ASP B 69 75.96 71.28 94.46
N ASN B 70 75.08 70.50 93.85
CA ASN B 70 75.48 69.59 92.79
C ASN B 70 74.51 69.76 91.63
N VAL B 71 74.61 68.86 90.67
CA VAL B 71 73.73 68.86 89.51
C VAL B 71 73.49 67.42 89.10
N GLY B 72 72.24 66.97 89.20
CA GLY B 72 71.87 65.63 88.76
C GLY B 72 71.75 65.59 87.25
N VAL B 73 72.02 64.42 86.66
CA VAL B 73 72.11 64.27 85.22
C VAL B 73 71.02 63.30 84.75
N VAL B 74 70.22 63.73 83.80
CA VAL B 74 69.24 62.85 83.16
C VAL B 74 69.62 62.64 81.71
N VAL B 75 70.00 61.42 81.38
CA VAL B 75 70.25 61.03 80.00
C VAL B 75 69.64 59.65 79.78
N PHE B 76 69.43 59.30 78.51
CA PHE B 76 68.88 57.99 78.15
C PHE B 76 69.91 57.10 77.46
N GLY B 77 71.15 57.11 77.91
CA GLY B 77 72.23 56.39 77.24
C GLY B 77 72.85 55.34 78.13
N ASN B 78 74.07 54.93 77.79
CA ASN B 78 74.79 53.89 78.53
C ASN B 78 76.09 54.46 79.09
N ASP B 79 76.15 54.64 80.40
CA ASP B 79 77.32 55.22 81.02
C ASP B 79 78.37 54.20 81.40
N LYS B 80 78.09 52.90 81.26
CA LYS B 80 79.19 51.94 81.32
C LYS B 80 80.26 52.31 80.31
N LEU B 81 79.86 53.00 79.25
CA LEU B 81 80.76 53.70 78.36
C LEU B 81 80.99 55.15 78.79
N ILE B 82 80.99 55.44 80.09
CA ILE B 82 81.27 56.78 80.57
C ILE B 82 81.89 56.68 81.95
N LYS B 83 83.10 57.21 82.11
CA LYS B 83 83.76 57.21 83.40
C LYS B 83 83.44 58.50 84.14
N GLU B 84 83.65 58.51 85.45
CA GLU B 84 83.27 59.64 86.30
C GLU B 84 84.19 60.81 86.03
N GLY B 85 83.75 62.01 86.41
CA GLY B 85 84.54 63.21 86.26
C GLY B 85 84.40 63.90 84.93
N ASP B 86 83.74 63.28 83.96
CA ASP B 86 83.73 63.77 82.60
C ASP B 86 83.04 65.14 82.53
N ILE B 87 83.55 65.97 81.62
CA ILE B 87 83.07 67.33 81.44
C ILE B 87 81.83 67.29 80.57
N VAL B 88 80.73 67.83 81.09
CA VAL B 88 79.47 67.87 80.38
C VAL B 88 79.26 69.28 79.89
N LYS B 89 79.27 69.46 78.56
CA LYS B 89 79.07 70.76 77.94
C LYS B 89 77.69 71.28 78.31
N ARG B 90 77.65 72.39 79.04
CA ARG B 90 76.38 72.99 79.40
C ARG B 90 75.76 73.61 78.17
N THR B 91 75.01 72.81 77.42
CA THR B 91 74.35 73.33 76.23
C THR B 91 73.20 74.24 76.57
N GLY B 92 72.64 74.11 77.77
CA GLY B 92 71.56 74.98 78.22
C GLY B 92 70.45 75.19 77.21
N ALA B 93 70.27 74.24 76.29
CA ALA B 93 69.33 74.40 75.19
C ALA B 93 68.19 73.43 75.41
N ILE B 94 66.99 73.97 75.62
CA ILE B 94 65.80 73.20 75.95
C ILE B 94 65.75 71.99 75.04
N VAL B 95 65.50 70.82 75.62
CA VAL B 95 65.50 69.59 74.85
C VAL B 95 64.48 69.73 73.72
N ASP B 96 64.97 69.81 72.49
CA ASP B 96 64.14 70.13 71.34
C ASP B 96 64.33 69.09 70.25
N VAL B 97 63.21 68.70 69.64
CA VAL B 97 63.26 67.76 68.52
C VAL B 97 63.46 68.56 67.25
N PRO B 98 63.61 67.84 66.14
CA PRO B 98 63.51 68.52 64.84
C PRO B 98 62.07 68.91 64.55
N VAL B 99 61.91 69.96 63.74
CA VAL B 99 60.59 70.46 63.37
C VAL B 99 60.37 70.23 61.88
N GLY B 100 59.18 69.75 61.56
CA GLY B 100 58.83 69.45 60.17
C GLY B 100 58.54 67.98 59.94
N GLU B 101 57.95 67.65 58.80
CA GLU B 101 57.60 66.26 58.52
C GLU B 101 58.70 65.51 57.78
N GLU B 102 59.97 65.88 57.96
CA GLU B 102 61.04 65.18 57.26
C GLU B 102 61.01 63.69 57.50
N LEU B 103 60.58 63.26 58.67
CA LEU B 103 60.43 61.84 58.94
C LEU B 103 59.35 61.19 58.10
N LEU B 104 58.48 61.96 57.47
CA LEU B 104 57.48 61.36 56.60
C LEU B 104 58.20 60.56 55.52
N GLY B 105 57.76 59.31 55.32
CA GLY B 105 58.49 58.41 54.48
C GLY B 105 59.81 57.96 55.05
N ARG B 106 60.07 58.24 56.33
CA ARG B 106 61.33 57.89 56.98
C ARG B 106 61.04 57.21 58.31
N VAL B 107 61.92 56.29 58.69
CA VAL B 107 61.73 55.47 59.89
C VAL B 107 62.91 55.77 60.80
N VAL B 108 62.71 56.64 61.77
CA VAL B 108 63.77 57.09 62.64
C VAL B 108 63.52 56.57 64.05
N ASP B 109 64.48 56.81 64.94
CA ASP B 109 64.32 56.46 66.33
C ASP B 109 63.42 57.50 67.00
N ALA B 110 63.31 57.41 68.33
CA ALA B 110 62.67 58.48 69.06
C ALA B 110 63.48 59.78 69.01
N LEU B 111 64.80 59.69 68.85
CA LEU B 111 65.64 60.88 68.74
C LEU B 111 66.01 61.17 67.30
N GLY B 112 65.39 60.49 66.34
CA GLY B 112 65.71 60.69 64.94
C GLY B 112 66.77 59.77 64.39
N ASN B 113 67.12 58.71 65.09
CA ASN B 113 68.16 57.79 64.64
C ASN B 113 67.50 56.69 63.81
N ALA B 114 67.62 56.79 62.49
CA ALA B 114 67.02 55.80 61.62
C ALA B 114 67.84 54.52 61.63
N ILE B 115 67.60 53.66 62.62
CA ILE B 115 68.33 52.41 62.76
C ILE B 115 67.90 51.47 61.66
N ASP B 116 66.89 51.88 60.91
CA ASP B 116 66.54 51.24 59.66
C ASP B 116 67.40 51.74 58.50
N GLY B 117 68.48 52.43 58.79
CA GLY B 117 69.27 53.02 57.73
C GLY B 117 68.47 54.09 57.03
N LYS B 118 68.37 53.96 55.70
CA LYS B 118 67.57 54.88 54.91
C LYS B 118 68.00 56.32 55.10
N GLY B 119 69.27 56.53 55.46
CA GLY B 119 69.83 57.84 55.63
C GLY B 119 69.11 58.68 56.67
N PRO B 120 69.58 59.91 56.87
CA PRO B 120 68.92 60.81 57.80
C PRO B 120 67.89 61.68 57.09
N ILE B 121 66.76 61.86 57.75
CA ILE B 121 65.81 62.88 57.34
C ILE B 121 66.18 64.18 58.04
N GLY B 122 67.13 64.90 57.47
CA GLY B 122 67.71 66.04 58.15
C GLY B 122 66.76 67.21 58.23
N SER B 123 65.73 67.09 59.06
CA SER B 123 64.73 68.14 59.18
C SER B 123 65.38 69.49 59.48
N LYS B 124 65.15 70.43 58.57
CA LYS B 124 65.82 71.72 58.60
C LYS B 124 65.34 72.61 59.72
N ALA B 125 64.27 72.24 60.42
CA ALA B 125 63.79 73.01 61.54
C ALA B 125 63.79 72.11 62.77
N ARG B 126 63.97 72.73 63.93
CA ARG B 126 64.06 71.99 65.18
C ARG B 126 62.84 72.30 66.04
N ARG B 127 62.09 71.25 66.36
CA ARG B 127 60.91 71.40 67.19
C ARG B 127 61.35 71.59 68.63
N ARG B 128 60.97 72.73 69.19
CA ARG B 128 61.22 72.99 70.59
C ARG B 128 60.36 72.02 71.37
N VAL B 129 60.90 70.82 71.58
CA VAL B 129 60.11 69.70 72.05
C VAL B 129 59.49 69.96 73.42
N GLY B 130 59.85 71.07 74.05
CA GLY B 130 59.18 71.46 75.28
C GLY B 130 57.80 72.01 74.97
N LEU B 131 57.09 71.36 74.05
CA LEU B 131 55.76 71.78 73.67
C LEU B 131 54.80 71.55 74.84
N LYS B 132 53.66 72.23 74.79
CA LYS B 132 52.66 72.18 75.85
C LYS B 132 51.31 71.84 75.24
N ALA B 133 50.32 71.64 76.12
CA ALA B 133 49.01 71.21 75.69
C ALA B 133 48.33 72.27 74.84
N PRO B 134 47.52 71.86 73.87
CA PRO B 134 46.63 72.81 73.21
C PRO B 134 45.60 73.35 74.20
N GLY B 135 45.14 74.57 73.95
CA GLY B 135 44.25 75.26 74.87
C GLY B 135 42.77 75.15 74.56
N ILE B 136 42.07 76.28 74.52
CA ILE B 136 40.63 76.30 74.36
C ILE B 136 40.24 76.84 72.99
N ILE B 137 41.12 77.64 72.39
CA ILE B 137 40.82 78.34 71.14
C ILE B 137 40.53 77.32 70.06
N PRO B 138 41.52 76.55 69.61
CA PRO B 138 41.21 75.48 68.65
C PRO B 138 40.33 74.40 69.23
N ARG B 139 40.19 74.36 70.56
CA ARG B 139 39.37 73.35 71.17
C ARG B 139 37.91 73.55 70.79
N ILE B 140 37.48 72.79 69.79
CA ILE B 140 36.12 72.84 69.28
C ILE B 140 35.80 71.46 68.74
N SER B 141 34.53 71.28 68.37
CA SER B 141 34.07 69.98 67.88
C SER B 141 34.84 69.55 66.64
N VAL B 142 35.26 68.29 66.63
CA VAL B 142 35.92 67.73 65.47
C VAL B 142 34.86 67.23 64.49
N ARG B 143 35.25 67.09 63.24
CA ARG B 143 34.31 66.69 62.19
C ARG B 143 34.89 65.67 61.23
N GLU B 144 36.16 65.36 61.34
CA GLU B 144 36.67 64.51 60.27
C GLU B 144 36.52 63.03 60.62
N PRO B 145 35.75 62.29 59.83
CA PRO B 145 35.70 60.84 60.00
C PRO B 145 37.08 60.21 59.81
N MET B 146 37.38 59.24 60.65
CA MET B 146 38.69 58.61 60.67
C MET B 146 38.71 57.47 59.67
N GLN B 147 39.65 57.51 58.73
CA GLN B 147 39.80 56.45 57.74
C GLN B 147 40.40 55.24 58.44
N THR B 148 39.54 54.39 59.00
CA THR B 148 39.99 53.30 59.84
C THR B 148 40.27 52.03 59.06
N GLY B 149 39.56 51.77 57.98
CA GLY B 149 39.73 50.53 57.26
C GLY B 149 39.36 49.28 58.03
N ILE B 150 38.96 49.42 59.29
CA ILE B 150 38.51 48.31 60.11
C ILE B 150 37.00 48.28 60.05
N LYS B 151 36.46 47.23 59.45
CA LYS B 151 35.04 47.25 59.07
C LYS B 151 34.16 47.47 60.27
N ALA B 152 34.08 46.47 61.15
CA ALA B 152 33.18 46.57 62.29
C ALA B 152 33.62 47.69 63.23
N VAL B 153 34.92 47.80 63.45
CA VAL B 153 35.43 48.76 64.43
C VAL B 153 34.99 50.17 64.07
N ASP B 154 35.41 50.66 62.91
CA ASP B 154 34.91 51.94 62.43
C ASP B 154 33.41 51.97 62.46
N SER B 155 32.76 50.90 61.99
CA SER B 155 31.32 50.78 62.10
C SER B 155 30.89 50.93 63.55
N LEU B 156 31.49 50.16 64.45
CA LEU B 156 31.09 50.22 65.85
C LEU B 156 31.30 51.61 66.42
N VAL B 157 32.51 52.14 66.30
CA VAL B 157 32.83 53.43 66.88
C VAL B 157 33.56 54.27 65.85
N PRO B 158 32.84 55.00 65.00
CA PRO B 158 33.51 55.99 64.15
C PRO B 158 34.19 57.05 65.01
N ILE B 159 35.32 57.55 64.52
CA ILE B 159 36.17 58.44 65.29
C ILE B 159 36.47 59.70 64.49
N GLY B 160 36.87 60.75 65.21
CA GLY B 160 37.16 62.04 64.63
C GLY B 160 38.63 62.39 64.69
N ARG B 161 38.95 63.52 64.07
CA ARG B 161 40.32 64.02 63.99
C ARG B 161 40.57 64.94 65.18
N GLY B 162 41.54 64.58 66.00
CA GLY B 162 41.86 65.31 67.21
C GLY B 162 41.53 64.56 68.49
N GLN B 163 41.10 63.30 68.37
CA GLN B 163 40.50 62.59 69.48
C GLN B 163 41.53 62.20 70.54
N ARG B 164 41.05 62.08 71.77
CA ARG B 164 41.83 61.62 72.93
C ARG B 164 41.32 60.23 73.29
N GLU B 165 41.89 59.21 72.66
CA GLU B 165 41.34 57.87 72.77
C GLU B 165 42.30 56.94 73.51
N LEU B 166 41.94 55.66 73.52
CA LEU B 166 42.73 54.64 74.20
C LEU B 166 42.45 53.28 73.58
N ILE B 167 43.32 52.32 73.88
CA ILE B 167 43.20 50.94 73.41
C ILE B 167 43.97 50.05 74.38
N ILE B 168 43.37 48.91 74.74
CA ILE B 168 43.97 47.99 75.70
C ILE B 168 43.84 46.56 75.18
N GLY B 169 44.87 45.76 75.41
CA GLY B 169 44.86 44.38 74.95
C GLY B 169 45.85 43.54 75.73
N ASP B 170 45.77 42.24 75.50
CA ASP B 170 46.65 41.27 76.15
C ASP B 170 47.83 40.95 75.23
N ARG B 171 48.53 39.87 75.55
CA ARG B 171 49.67 39.45 74.76
C ARG B 171 49.25 39.13 73.34
N GLN B 172 49.97 39.72 72.37
CA GLN B 172 49.75 39.46 70.95
C GLN B 172 48.27 39.56 70.60
N THR B 173 47.64 40.54 71.23
CA THR B 173 46.18 40.63 71.21
C THR B 173 45.65 41.37 70.00
N GLY B 174 46.37 41.37 68.89
CA GLY B 174 45.83 42.02 67.72
C GLY B 174 45.97 43.52 67.79
N LYS B 175 46.41 44.02 68.95
CA LYS B 175 46.58 45.45 69.07
C LYS B 175 47.61 45.93 68.08
N THR B 176 48.72 45.22 67.96
CA THR B 176 49.61 45.47 66.84
C THR B 176 48.91 45.19 65.52
N SER B 177 48.12 44.13 65.45
CA SER B 177 47.35 43.88 64.24
C SER B 177 46.40 45.03 63.98
N ILE B 178 45.82 45.59 65.03
CA ILE B 178 44.95 46.75 64.88
C ILE B 178 45.72 47.91 64.27
N ALA B 179 46.91 48.19 64.78
CA ALA B 179 47.70 49.30 64.27
C ALA B 179 48.09 49.08 62.81
N ILE B 180 48.45 47.85 62.47
CA ILE B 180 48.84 47.54 61.10
C ILE B 180 47.68 47.75 60.15
N ASP B 181 46.49 47.31 60.55
CA ASP B 181 45.31 47.55 59.74
C ASP B 181 45.06 49.05 59.60
N THR B 182 45.25 49.80 60.68
CA THR B 182 45.08 51.24 60.61
C THR B 182 46.04 51.86 59.61
N ILE B 183 47.30 51.43 59.65
CA ILE B 183 48.29 51.94 58.71
C ILE B 183 47.88 51.60 57.28
N ILE B 184 47.41 50.37 57.09
CA ILE B 184 46.92 49.96 55.77
C ILE B 184 45.81 50.89 55.31
N ASN B 185 44.91 51.25 56.22
CA ASN B 185 43.82 52.16 55.88
C ASN B 185 44.33 53.52 55.46
N GLN B 186 45.53 53.91 55.92
CA GLN B 186 46.07 55.22 55.63
C GLN B 186 46.56 55.37 54.19
N LYS B 187 46.95 54.29 53.51
CA LYS B 187 47.52 54.41 52.18
C LYS B 187 46.52 55.05 51.21
N ARG B 188 45.38 54.41 51.01
CA ARG B 188 44.34 54.99 50.16
C ARG B 188 43.88 56.33 50.73
N PHE B 189 43.87 56.46 52.06
CA PHE B 189 43.61 57.77 52.65
C PHE B 189 44.69 58.76 52.26
N ASN B 190 45.96 58.43 52.53
CA ASN B 190 47.04 59.26 52.04
C ASN B 190 47.01 59.39 50.53
N ASP B 191 46.46 58.39 49.85
CA ASP B 191 46.13 58.55 48.45
C ASP B 191 44.94 59.47 48.22
N GLY B 192 44.13 59.73 49.24
CA GLY B 192 43.12 60.76 49.13
C GLY B 192 43.80 62.10 48.94
N THR B 193 43.49 62.79 47.84
CA THR B 193 44.18 64.01 47.49
C THR B 193 43.98 65.10 48.55
N ASP B 194 42.80 65.17 49.16
CA ASP B 194 42.50 66.15 50.18
C ASP B 194 43.26 65.79 51.46
N GLU B 195 43.86 66.81 52.10
CA GLU B 195 44.61 66.62 53.33
C GLU B 195 43.77 66.02 54.45
N LYS B 196 42.47 66.27 54.45
CA LYS B 196 41.58 65.53 55.35
C LYS B 196 41.56 64.04 55.02
N LYS B 197 41.42 63.69 53.74
CA LYS B 197 41.58 62.31 53.31
C LYS B 197 43.03 61.87 53.34
N LYS B 198 43.95 62.71 52.85
CA LYS B 198 45.37 62.37 52.88
C LYS B 198 45.80 62.09 54.30
N LEU B 199 46.33 60.90 54.52
CA LEU B 199 46.65 60.41 55.84
C LEU B 199 48.13 60.58 56.08
N TYR B 200 48.52 61.76 56.54
CA TYR B 200 49.89 62.00 57.00
C TYR B 200 49.89 61.71 58.49
N CYS B 201 49.34 60.55 58.86
CA CYS B 201 49.26 60.17 60.25
C CYS B 201 50.60 59.67 60.75
N ILE B 202 50.72 59.51 62.07
CA ILE B 202 51.96 59.13 62.71
C ILE B 202 51.78 57.79 63.43
N TYR B 203 52.90 57.10 63.65
CA TYR B 203 52.89 55.80 64.30
C TYR B 203 54.26 55.55 64.93
N VAL B 204 54.26 55.16 66.20
CA VAL B 204 55.49 54.81 66.91
C VAL B 204 55.27 53.52 67.65
N ALA B 205 56.33 52.75 67.85
CA ALA B 205 56.27 51.52 68.62
C ALA B 205 57.08 51.71 69.90
N ILE B 206 56.61 51.12 70.99
CA ILE B 206 57.24 51.26 72.30
C ILE B 206 57.73 49.89 72.73
N GLY B 207 58.97 49.84 73.22
CA GLY B 207 59.50 48.64 73.85
C GLY B 207 59.45 47.42 72.98
N GLN B 208 59.07 47.58 71.72
CA GLN B 208 58.93 46.46 70.81
C GLN B 208 60.31 45.91 70.51
N LYS B 209 60.34 44.70 69.97
CA LYS B 209 61.61 44.16 69.49
C LYS B 209 62.07 44.96 68.29
N ARG B 210 63.37 45.25 68.24
CA ARG B 210 63.91 45.89 67.06
C ARG B 210 63.65 45.06 65.81
N SER B 211 63.74 43.73 65.93
CA SER B 211 63.50 42.87 64.77
C SER B 211 62.02 42.76 64.46
N THR B 212 61.17 42.73 65.49
CA THR B 212 59.74 42.74 65.23
C THR B 212 59.32 44.03 64.55
N VAL B 213 59.84 45.15 65.03
CA VAL B 213 59.60 46.42 64.37
C VAL B 213 60.17 46.39 62.95
N ALA B 214 61.27 45.67 62.76
CA ALA B 214 61.82 45.54 61.42
C ALA B 214 60.85 44.80 60.52
N GLN B 215 60.23 43.75 61.04
CA GLN B 215 59.20 43.05 60.28
C GLN B 215 58.03 43.99 60.00
N LEU B 216 57.69 44.82 60.96
CA LEU B 216 56.66 45.82 60.75
C LEU B 216 57.02 46.75 59.61
N VAL B 217 58.27 47.22 59.61
CA VAL B 217 58.74 48.09 58.55
C VAL B 217 58.75 47.36 57.22
N LYS B 218 59.03 46.06 57.24
CA LYS B 218 58.95 45.26 56.03
C LYS B 218 57.54 45.26 55.49
N ARG B 219 56.56 45.08 56.37
CA ARG B 219 55.16 45.15 55.96
C ARG B 219 54.85 46.52 55.38
N LEU B 220 55.34 47.58 56.05
CA LEU B 220 55.12 48.93 55.57
C LEU B 220 55.71 49.13 54.19
N THR B 221 56.92 48.63 53.97
CA THR B 221 57.50 48.60 52.64
C THR B 221 56.59 47.90 51.66
N ASP B 222 56.08 46.73 52.05
CA ASP B 222 55.03 46.10 51.26
C ASP B 222 53.81 47.01 51.19
N ALA B 223 53.46 47.63 52.30
CA ALA B 223 52.32 48.54 52.33
C ALA B 223 52.55 49.80 51.52
N ASP B 224 53.80 50.22 51.33
CA ASP B 224 54.12 51.48 50.68
C ASP B 224 53.47 52.65 51.41
N ALA B 225 53.12 52.44 52.67
CA ALA B 225 52.40 53.42 53.46
C ALA B 225 53.30 54.48 54.05
N MET B 226 54.61 54.39 53.82
CA MET B 226 55.52 55.44 54.23
C MET B 226 55.12 56.79 53.68
N LYS B 227 54.49 56.82 52.51
CA LYS B 227 53.81 58.03 52.09
C LYS B 227 52.83 58.53 53.13
N TYR B 228 52.07 57.61 53.73
CA TYR B 228 51.22 57.95 54.84
C TYR B 228 51.94 57.95 56.18
N THR B 229 53.20 57.55 56.24
CA THR B 229 53.80 57.15 57.50
C THR B 229 55.14 57.83 57.78
N ILE B 230 55.39 58.05 59.06
CA ILE B 230 56.71 58.43 59.60
C ILE B 230 56.91 57.64 60.88
N VAL B 231 58.07 57.04 61.06
CA VAL B 231 58.30 56.08 62.14
C VAL B 231 59.31 56.65 63.11
N VAL B 232 58.90 56.75 64.37
CA VAL B 232 59.80 57.07 65.48
C VAL B 232 59.91 55.83 66.33
N SER B 233 61.13 55.41 66.61
CA SER B 233 61.38 54.10 67.20
C SER B 233 61.54 54.23 68.70
N ALA B 234 60.86 53.35 69.44
CA ALA B 234 61.14 53.06 70.85
C ALA B 234 61.10 51.54 70.99
N THR B 235 62.23 50.89 70.77
CA THR B 235 62.30 49.44 70.82
C THR B 235 62.41 49.00 72.27
N ALA B 236 62.57 47.69 72.48
CA ALA B 236 62.85 47.20 73.83
C ALA B 236 64.15 47.77 74.36
N SER B 237 65.09 48.10 73.47
CA SER B 237 66.39 48.59 73.90
C SER B 237 66.32 49.99 74.45
N ASP B 238 65.17 50.65 74.33
CA ASP B 238 65.03 52.03 74.76
C ASP B 238 65.36 52.18 76.23
N ALA B 239 66.07 53.25 76.54
CA ALA B 239 66.31 53.61 77.93
C ALA B 239 65.03 54.16 78.56
N ALA B 240 65.02 54.21 79.88
CA ALA B 240 63.84 54.71 80.58
C ALA B 240 63.46 56.13 80.15
N PRO B 241 64.37 57.09 80.16
CA PRO B 241 64.02 58.41 79.63
C PRO B 241 63.59 58.31 78.18
N LEU B 242 64.28 57.44 77.44
CA LEU B 242 63.98 57.24 76.04
C LEU B 242 62.53 56.85 75.82
N GLN B 243 62.05 55.83 76.53
CA GLN B 243 60.63 55.55 76.48
C GLN B 243 59.82 56.74 76.97
N TYR B 244 60.27 57.36 78.07
CA TYR B 244 59.56 58.53 78.58
C TYR B 244 59.49 59.63 77.55
N LEU B 245 60.61 59.94 76.93
CA LEU B 245 60.62 60.94 75.87
C LEU B 245 59.79 60.52 74.68
N ALA B 246 59.67 59.23 74.45
CA ALA B 246 58.95 58.76 73.26
C ALA B 246 57.54 59.33 73.19
N PRO B 247 56.76 59.34 74.28
CA PRO B 247 55.47 60.04 74.19
C PRO B 247 55.65 61.49 73.85
N TYR B 248 56.63 62.15 74.47
CA TYR B 248 56.94 63.53 74.12
C TYR B 248 57.42 63.62 72.69
N SER B 249 58.22 62.65 72.26
CA SER B 249 58.69 62.63 70.88
C SER B 249 57.51 62.67 69.91
N GLY B 250 56.56 61.75 70.10
CA GLY B 250 55.41 61.71 69.22
C GLY B 250 54.55 62.95 69.34
N CYS B 251 54.44 63.50 70.55
CA CYS B 251 53.64 64.70 70.73
C CYS B 251 54.18 65.86 69.92
N SER B 252 55.47 66.15 70.05
CA SER B 252 56.05 67.22 69.25
C SER B 252 56.03 66.88 67.76
N MET B 253 56.23 65.60 67.44
CA MET B 253 56.16 65.17 66.05
C MET B 253 54.81 65.50 65.45
N GLY B 254 53.73 65.26 66.17
CA GLY B 254 52.43 65.70 65.75
C GLY B 254 52.40 67.21 65.67
N GLU B 255 52.90 67.88 66.71
CA GLU B 255 52.80 69.34 66.79
C GLU B 255 53.31 70.01 65.53
N TYR B 256 54.41 69.50 64.97
CA TYR B 256 54.98 70.11 63.76
C TYR B 256 53.95 70.21 62.65
N PHE B 257 53.21 69.13 62.39
CA PHE B 257 52.31 69.12 61.24
C PHE B 257 50.91 69.59 61.61
N ARG B 258 50.50 69.37 62.86
CA ARG B 258 49.24 69.94 63.32
C ARG B 258 49.31 71.45 63.28
N ASP B 259 50.45 72.02 63.62
CA ASP B 259 50.77 73.41 63.34
C ASP B 259 51.07 73.66 61.88
N ASN B 260 51.40 72.61 61.12
CA ASN B 260 51.45 72.72 59.66
C ASN B 260 50.08 72.40 59.06
N GLY B 261 49.02 72.51 59.86
CA GLY B 261 47.67 72.36 59.39
C GLY B 261 47.24 70.96 59.08
N LYS B 262 48.02 69.96 59.44
CA LYS B 262 47.74 68.59 59.02
C LYS B 262 46.59 68.02 59.83
N HIS B 263 45.66 67.39 59.12
CA HIS B 263 44.61 66.60 59.72
C HIS B 263 45.09 65.16 59.77
N ALA B 264 45.57 64.73 60.94
CA ALA B 264 46.20 63.43 61.08
C ALA B 264 46.21 62.99 62.53
N LEU B 265 46.81 61.82 62.77
CA LEU B 265 46.83 61.19 64.08
C LEU B 265 48.18 60.53 64.31
N ILE B 266 48.43 60.09 65.54
CA ILE B 266 49.69 59.47 65.93
C ILE B 266 49.39 58.13 66.59
N ILE B 267 50.22 57.13 66.32
CA ILE B 267 50.00 55.77 66.80
C ILE B 267 51.22 55.34 67.60
N TYR B 268 51.20 55.56 68.90
CA TYR B 268 52.25 55.06 69.78
C TYR B 268 51.78 53.81 70.50
N ASP B 269 52.63 52.77 70.51
CA ASP B 269 52.24 51.47 71.10
C ASP B 269 53.49 50.79 71.65
N ASP B 270 53.47 50.51 72.96
CA ASP B 270 52.34 50.81 73.82
C ASP B 270 52.75 51.66 75.02
N LEU B 271 51.90 52.63 75.35
CA LEU B 271 52.18 53.55 76.44
C LEU B 271 52.46 52.84 77.75
N SER B 272 51.88 51.67 77.95
CA SER B 272 52.15 50.89 79.14
C SER B 272 53.63 50.60 79.32
N LYS B 273 54.40 50.58 78.24
CA LYS B 273 55.82 50.32 78.33
C LYS B 273 56.56 51.37 79.15
N GLN B 274 56.52 52.63 78.71
CA GLN B 274 57.25 53.67 79.40
C GLN B 274 56.80 53.80 80.85
N ALA B 275 55.60 53.32 81.15
CA ALA B 275 55.21 53.18 82.54
C ALA B 275 56.26 52.40 83.30
N VAL B 276 56.68 51.25 82.76
CA VAL B 276 57.80 50.55 83.37
C VAL B 276 59.02 51.45 83.38
N ALA B 277 59.22 52.20 82.30
CA ALA B 277 60.37 53.09 82.24
C ALA B 277 60.31 54.15 83.32
N TYR B 278 59.17 54.82 83.45
CA TYR B 278 59.06 55.86 84.46
C TYR B 278 59.17 55.29 85.86
N ARG B 279 58.61 54.11 86.07
CA ARG B 279 58.72 53.47 87.37
C ARG B 279 60.17 53.21 87.71
N GLN B 280 60.90 52.56 86.79
CA GLN B 280 62.31 52.32 87.02
C GLN B 280 63.05 53.63 87.18
N MET B 281 62.58 54.66 86.49
CA MET B 281 63.22 55.96 86.59
C MET B 281 63.11 56.50 88.00
N SER B 282 61.90 56.53 88.53
CA SER B 282 61.71 56.99 89.90
C SER B 282 62.47 56.09 90.86
N LEU B 283 62.51 54.81 90.57
CA LEU B 283 63.24 53.88 91.43
C LEU B 283 64.72 54.23 91.48
N LEU B 284 65.33 54.41 90.31
CA LEU B 284 66.67 54.94 90.26
C LEU B 284 66.77 56.27 90.97
N LEU B 285 65.71 57.06 90.96
CA LEU B 285 65.66 58.30 91.70
C LEU B 285 65.49 58.07 93.19
N ARG B 286 65.18 56.84 93.60
CA ARG B 286 64.98 56.45 94.98
C ARG B 286 63.86 57.23 95.64
N ARG B 287 63.14 58.06 94.88
CA ARG B 287 61.96 58.70 95.42
C ARG B 287 60.85 57.66 95.58
N PRO B 288 60.13 57.69 96.70
CA PRO B 288 59.17 56.62 96.96
C PRO B 288 57.93 56.79 96.11
N PRO B 289 57.78 56.00 95.05
CA PRO B 289 56.53 55.99 94.29
C PRO B 289 55.53 55.05 94.96
N GLY B 290 54.38 54.91 94.31
CA GLY B 290 53.32 54.14 94.94
C GLY B 290 53.14 52.77 94.33
N ARG B 291 51.93 52.24 94.43
CA ARG B 291 51.59 50.94 93.86
C ARG B 291 51.92 50.99 92.38
N GLU B 292 52.02 49.82 91.76
CA GLU B 292 52.53 49.71 90.41
C GLU B 292 53.88 50.38 90.26
N ALA B 293 54.61 50.50 91.36
CA ALA B 293 55.81 51.31 91.47
C ALA B 293 55.49 52.72 91.01
N TYR B 294 54.23 53.14 91.05
CA TYR B 294 53.85 54.33 90.31
C TYR B 294 53.96 55.56 91.19
N PRO B 295 54.73 56.56 90.78
CA PRO B 295 54.63 57.87 91.40
C PRO B 295 53.32 58.55 91.01
N GLY B 296 52.92 59.51 91.84
CA GLY B 296 51.63 60.16 91.64
C GLY B 296 51.51 60.87 90.31
N ASP B 297 52.58 61.50 89.84
CA ASP B 297 52.51 62.27 88.61
C ASP B 297 52.22 61.44 87.39
N VAL B 298 52.33 60.11 87.48
CA VAL B 298 52.16 59.22 86.35
C VAL B 298 51.00 59.65 85.47
N PHE B 299 49.86 59.95 86.07
CA PHE B 299 48.78 60.59 85.33
C PHE B 299 49.27 61.88 84.69
N TYR B 300 49.65 62.86 85.51
CA TYR B 300 50.13 64.13 84.98
C TYR B 300 51.33 63.93 84.09
N LEU B 301 52.20 62.98 84.44
CA LEU B 301 53.20 62.53 83.50
C LEU B 301 52.54 62.10 82.20
N HIS B 302 51.69 61.08 82.29
CA HIS B 302 50.92 60.68 81.12
C HIS B 302 50.12 61.83 80.55
N SER B 303 49.45 62.61 81.41
CA SER B 303 48.60 63.69 80.93
C SER B 303 49.39 64.67 80.08
N ARG B 304 50.68 64.82 80.38
CA ARG B 304 51.51 65.73 79.60
C ARG B 304 51.42 65.40 78.12
N LEU B 305 51.63 64.15 77.75
CA LEU B 305 51.43 63.78 76.35
C LEU B 305 49.95 63.69 76.01
N LEU B 306 49.13 63.29 76.98
CA LEU B 306 47.73 62.98 76.76
C LEU B 306 46.92 64.17 76.28
N GLU B 307 47.13 65.34 76.84
CA GLU B 307 46.37 66.51 76.46
C GLU B 307 46.63 66.96 75.03
N ARG B 308 47.67 66.42 74.40
CA ARG B 308 48.04 66.81 73.04
C ARG B 308 47.02 66.37 71.99
N ALA B 309 46.02 65.58 72.37
CA ALA B 309 45.02 65.11 71.41
C ALA B 309 44.18 66.29 70.95
N ALA B 310 44.66 67.03 69.96
CA ALA B 310 44.08 68.30 69.62
C ALA B 310 43.28 68.19 68.33
N LYS B 311 41.99 68.57 68.41
CA LYS B 311 41.21 68.83 67.20
C LYS B 311 41.48 70.30 66.88
N MET B 312 42.68 70.56 66.33
CA MET B 312 43.12 71.93 66.15
C MET B 312 42.23 72.66 65.17
N ASN B 313 41.35 73.50 65.70
CA ASN B 313 40.40 74.22 64.87
C ASN B 313 41.13 75.25 64.02
N ASP B 314 40.33 76.05 63.32
CA ASP B 314 40.91 77.17 62.59
C ASP B 314 41.71 78.07 63.51
N ALA B 315 41.33 78.13 64.79
CA ALA B 315 42.16 78.78 65.79
C ALA B 315 43.56 78.20 65.85
N PHE B 316 43.77 77.01 65.28
CA PHE B 316 45.10 76.45 65.07
C PHE B 316 45.26 75.97 63.64
N GLY B 317 44.58 76.62 62.69
CA GLY B 317 44.81 76.38 61.29
C GLY B 317 44.06 75.19 60.69
N GLY B 318 43.22 74.55 61.49
CA GLY B 318 42.49 73.40 61.00
C GLY B 318 43.27 72.10 61.00
N GLY B 319 44.48 72.09 61.54
CA GLY B 319 45.21 70.86 61.68
C GLY B 319 44.49 69.91 62.63
N SER B 320 44.97 68.68 62.66
CA SER B 320 44.34 67.76 63.59
C SER B 320 45.43 66.99 64.32
N LEU B 321 45.19 66.74 65.60
CA LEU B 321 46.09 65.96 66.44
C LEU B 321 45.24 64.94 67.19
N THR B 322 45.00 63.79 66.58
CA THR B 322 44.24 62.75 67.23
C THR B 322 45.18 61.80 67.97
N ALA B 323 44.78 61.41 69.17
CA ALA B 323 45.61 60.55 70.01
C ALA B 323 44.78 59.42 70.59
N LEU B 324 45.25 58.19 70.39
CA LEU B 324 44.63 56.99 70.94
C LEU B 324 45.68 56.24 71.73
N PRO B 325 45.45 56.07 73.02
CA PRO B 325 46.46 55.43 73.87
C PRO B 325 46.58 53.94 73.60
N VAL B 326 47.76 53.40 73.87
CA VAL B 326 48.02 51.98 73.83
C VAL B 326 48.64 51.58 75.16
N ILE B 327 47.81 51.08 76.07
CA ILE B 327 48.29 50.45 77.29
C ILE B 327 47.61 49.11 77.39
N GLU B 328 48.42 48.06 77.53
CA GLU B 328 47.96 46.70 77.38
C GLU B 328 46.94 46.38 78.45
N THR B 329 45.90 45.66 78.07
CA THR B 329 45.00 45.04 79.02
C THR B 329 45.72 43.83 79.60
N GLN B 330 46.67 44.09 80.49
CA GLN B 330 47.48 43.01 81.04
C GLN B 330 46.58 42.05 81.79
N ALA B 331 46.40 40.87 81.20
CA ALA B 331 45.43 39.90 81.71
C ALA B 331 44.04 40.51 81.79
N GLY B 332 43.80 41.54 80.98
CA GLY B 332 42.54 42.25 81.04
C GLY B 332 42.23 42.81 82.42
N ASP B 333 43.26 43.17 83.18
CA ASP B 333 43.09 43.63 84.54
C ASP B 333 42.72 45.11 84.50
N VAL B 334 41.42 45.40 84.29
CA VAL B 334 40.95 46.78 84.26
C VAL B 334 41.34 47.54 85.51
N SER B 335 41.50 46.84 86.63
CA SER B 335 41.73 47.49 87.92
C SER B 335 43.14 48.05 88.06
N ALA B 336 43.90 48.07 86.98
CA ALA B 336 45.22 48.65 87.06
C ALA B 336 45.09 50.14 87.27
N TYR B 337 45.76 50.64 88.31
CA TYR B 337 45.87 52.09 88.47
C TYR B 337 46.40 52.70 87.19
N ILE B 338 47.38 52.04 86.57
CA ILE B 338 47.74 52.37 85.20
C ILE B 338 46.49 52.37 84.33
N PRO B 339 45.77 51.27 84.18
CA PRO B 339 44.53 51.33 83.39
C PRO B 339 43.53 52.31 83.94
N THR B 340 43.48 52.44 85.26
CA THR B 340 42.57 53.39 85.87
C THR B 340 42.76 54.77 85.29
N ASN B 341 44.00 55.26 85.27
CA ASN B 341 44.28 56.51 84.59
C ASN B 341 44.01 56.40 83.10
N VAL B 342 44.34 55.25 82.51
CA VAL B 342 44.30 55.10 81.08
C VAL B 342 42.92 55.41 80.51
N ILE B 343 41.88 54.81 81.07
CA ILE B 343 40.55 55.24 80.68
C ILE B 343 40.31 56.66 81.15
N SER B 344 40.81 57.01 82.33
CA SER B 344 40.49 58.27 82.98
C SER B 344 41.10 59.47 82.28
N ILE B 345 42.12 59.26 81.44
CA ILE B 345 42.78 60.37 80.78
C ILE B 345 42.29 60.57 79.36
N THR B 346 41.73 59.55 78.72
CA THR B 346 41.28 59.66 77.35
C THR B 346 39.77 59.88 77.31
N ASP B 347 39.33 60.55 76.25
CA ASP B 347 37.91 60.71 75.97
C ASP B 347 37.31 59.44 75.40
N GLY B 348 38.03 58.33 75.47
CA GLY B 348 37.55 57.06 74.97
C GLY B 348 38.58 55.99 75.18
N GLN B 349 38.25 54.77 74.73
CA GLN B 349 39.14 53.64 74.88
C GLN B 349 38.72 52.48 73.99
N ILE B 350 39.67 51.69 73.53
CA ILE B 350 39.39 50.54 72.68
C ILE B 350 39.66 49.30 73.51
N PHE B 351 38.62 48.79 74.17
CA PHE B 351 38.71 47.54 74.90
C PHE B 351 38.60 46.40 73.90
N LEU B 352 39.51 45.45 74.00
CA LEU B 352 39.56 44.32 73.08
C LEU B 352 39.24 43.06 73.87
N GLU B 353 38.24 42.31 73.39
CA GLU B 353 37.93 41.03 74.01
C GLU B 353 39.03 40.03 73.70
N THR B 354 39.21 39.09 74.62
CA THR B 354 40.19 38.04 74.41
C THR B 354 39.54 36.72 74.03
N GLU B 355 38.43 36.37 74.66
CA GLU B 355 37.75 35.11 74.43
C GLU B 355 37.47 34.86 72.96
N LEU B 356 36.92 35.84 72.25
CA LEU B 356 36.76 35.69 70.81
C LEU B 356 38.08 35.33 70.17
N PHE B 357 39.11 36.13 70.42
CA PHE B 357 40.44 35.78 69.95
C PHE B 357 40.91 34.48 70.58
N TYR B 358 40.64 34.30 71.88
CA TYR B 358 40.90 33.01 72.48
C TYR B 358 40.10 31.91 71.79
N LYS B 359 38.84 32.18 71.47
CA LYS B 359 38.09 31.33 70.57
C LYS B 359 38.52 31.53 69.13
N GLY B 360 39.59 32.26 68.90
CA GLY B 360 40.07 32.50 67.56
C GLY B 360 39.29 33.52 66.78
N ILE B 361 38.20 34.05 67.34
CA ILE B 361 37.39 35.01 66.61
C ILE B 361 38.17 36.31 66.56
N ARG B 362 38.86 36.53 65.45
CA ARG B 362 39.64 37.71 65.18
C ARG B 362 39.01 38.44 64.01
N PRO B 363 38.57 39.69 64.20
CA PRO B 363 38.81 40.53 65.39
C PRO B 363 38.03 40.12 66.63
N ALA B 364 38.49 40.63 67.77
CA ALA B 364 37.90 40.35 69.08
C ALA B 364 37.78 41.60 69.94
N ILE B 365 37.23 42.69 69.42
CA ILE B 365 37.06 43.89 70.24
C ILE B 365 36.10 43.59 71.38
N ASN B 366 36.33 44.21 72.53
CA ASN B 366 35.50 43.97 73.70
C ASN B 366 34.19 44.70 73.49
N VAL B 367 33.35 44.15 72.61
CA VAL B 367 32.10 44.80 72.24
C VAL B 367 31.30 45.16 73.47
N GLY B 368 31.23 44.26 74.44
CA GLY B 368 30.69 44.64 75.72
C GLY B 368 31.49 45.75 76.37
N LEU B 369 32.81 45.61 76.39
CA LEU B 369 33.63 46.52 77.17
C LEU B 369 34.11 47.73 76.38
N SER B 370 34.36 47.61 75.09
CA SER B 370 34.84 48.74 74.32
C SER B 370 33.78 49.84 74.24
N VAL B 371 34.24 51.08 74.17
CA VAL B 371 33.35 52.23 74.06
C VAL B 371 34.15 53.43 73.58
N SER B 372 33.56 54.21 72.67
CA SER B 372 34.17 55.43 72.15
C SER B 372 33.06 56.42 71.85
N ARG B 373 33.13 57.60 72.45
CA ARG B 373 32.05 58.58 72.38
C ARG B 373 32.12 59.45 71.14
N VAL B 374 32.82 59.02 70.09
CA VAL B 374 32.97 59.83 68.90
C VAL B 374 31.79 59.58 67.96
N GLY B 375 31.69 58.35 67.47
CA GLY B 375 30.54 57.92 66.68
C GLY B 375 30.19 58.75 65.48
N SER B 376 28.89 59.01 65.29
CA SER B 376 28.40 59.68 64.09
C SER B 376 29.03 61.05 63.93
N ALA B 377 29.30 61.73 65.04
CA ALA B 377 30.14 62.91 64.99
C ALA B 377 31.46 62.56 64.33
N ALA B 378 31.74 63.20 63.19
CA ALA B 378 32.86 62.84 62.34
C ALA B 378 32.75 61.39 61.87
N GLN B 379 31.70 61.12 61.09
CA GLN B 379 31.44 59.78 60.59
C GLN B 379 30.62 59.83 59.31
N THR B 380 30.80 58.82 58.48
CA THR B 380 29.92 58.65 57.33
C THR B 380 28.52 58.34 57.83
N ARG B 381 27.58 59.22 57.53
CA ARG B 381 26.22 59.05 58.00
C ARG B 381 25.50 57.95 57.23
N ALA B 382 25.97 57.63 56.03
CA ALA B 382 25.31 56.59 55.22
C ALA B 382 25.36 55.24 55.93
N MET B 383 26.57 54.82 56.31
CA MET B 383 26.67 53.61 57.11
C MET B 383 25.96 53.77 58.44
N LYS B 384 25.91 55.00 58.98
CA LYS B 384 25.21 55.22 60.24
C LYS B 384 23.74 54.83 60.11
N GLN B 385 23.09 55.27 59.03
CA GLN B 385 21.71 54.84 58.79
C GLN B 385 21.66 53.35 58.52
N VAL B 386 22.62 52.84 57.74
CA VAL B 386 22.56 51.45 57.33
C VAL B 386 22.72 50.52 58.52
N ALA B 387 23.31 51.00 59.61
CA ALA B 387 23.71 50.08 60.65
C ALA B 387 23.51 50.55 62.08
N GLY B 388 22.86 51.68 62.33
CA GLY B 388 22.56 52.02 63.71
C GLY B 388 21.66 50.98 64.35
N THR B 389 20.59 50.63 63.64
CA THR B 389 19.76 49.52 64.07
C THR B 389 20.55 48.21 64.06
N MET B 390 21.55 48.10 63.18
CA MET B 390 22.36 46.89 63.18
C MET B 390 23.12 46.75 64.48
N LYS B 391 23.73 47.83 64.95
CA LYS B 391 24.42 47.80 66.23
C LYS B 391 23.44 47.54 67.36
N LEU B 392 22.28 48.17 67.30
CA LEU B 392 21.27 47.94 68.33
C LEU B 392 20.85 46.48 68.36
N GLU B 393 20.66 45.88 67.18
CA GLU B 393 20.25 44.49 67.11
C GLU B 393 21.38 43.57 67.54
N LEU B 394 22.62 43.97 67.30
CA LEU B 394 23.74 43.24 67.86
C LEU B 394 23.67 43.25 69.38
N ALA B 395 23.34 44.41 69.95
CA ALA B 395 23.17 44.50 71.39
C ALA B 395 22.03 43.59 71.86
N GLN B 396 20.92 43.60 71.13
CA GLN B 396 19.79 42.75 71.50
C GLN B 396 20.16 41.27 71.40
N TYR B 397 20.87 40.90 70.33
CA TYR B 397 21.30 39.52 70.16
C TYR B 397 22.23 39.11 71.27
N ARG B 398 23.06 40.03 71.74
CA ARG B 398 23.82 39.78 72.96
C ARG B 398 22.89 39.56 74.14
N GLU B 399 21.90 40.44 74.29
CA GLU B 399 20.83 40.21 75.25
C GLU B 399 20.13 38.90 74.96
N VAL B 400 19.97 38.55 73.68
CA VAL B 400 19.59 37.22 73.28
C VAL B 400 20.70 36.21 73.56
N ALA B 401 21.96 36.57 73.31
CA ALA B 401 23.08 35.71 73.67
C ALA B 401 23.22 35.55 75.15
N ALA B 402 22.50 36.35 75.92
CA ALA B 402 22.46 36.20 77.36
C ALA B 402 21.58 35.04 77.80
N PHE B 403 21.24 34.12 76.90
CA PHE B 403 20.40 32.99 77.25
C PHE B 403 20.88 31.71 76.58
N ALA B 404 20.49 30.57 77.12
CA ALA B 404 20.86 29.28 76.55
C ALA B 404 19.83 28.21 76.88
N LEU B 410 12.10 28.98 73.78
CA LEU B 410 12.55 28.87 72.40
C LEU B 410 11.82 29.85 71.50
N ASP B 411 11.83 31.13 71.89
CA ASP B 411 11.07 32.14 71.17
C ASP B 411 11.61 32.28 69.75
N ALA B 412 10.75 32.05 68.76
CA ALA B 412 11.15 32.26 67.39
C ALA B 412 11.48 33.73 67.15
N ALA B 413 10.92 34.61 67.98
CA ALA B 413 11.43 35.97 68.02
C ALA B 413 12.85 35.98 68.53
N THR B 414 13.09 35.33 69.66
CA THR B 414 14.44 35.17 70.15
C THR B 414 15.27 34.36 69.18
N GLN B 415 14.67 33.35 68.55
CA GLN B 415 15.40 32.56 67.57
C GLN B 415 15.83 33.43 66.39
N GLN B 416 14.95 34.31 65.95
CA GLN B 416 15.28 35.23 64.87
C GLN B 416 16.39 36.16 65.29
N LEU B 417 16.29 36.73 66.49
CA LEU B 417 17.36 37.55 67.03
C LEU B 417 18.66 36.76 67.07
N LEU B 418 18.55 35.45 67.34
CA LEU B 418 19.73 34.61 67.41
C LEU B 418 20.38 34.47 66.05
N SER B 419 19.59 34.15 65.04
CA SER B 419 20.15 34.05 63.69
C SER B 419 20.72 35.39 63.25
N ARG B 420 20.07 36.48 63.66
CA ARG B 420 20.57 37.81 63.33
C ARG B 420 21.93 38.05 63.95
N GLY B 421 22.07 37.76 65.24
CA GLY B 421 23.37 37.88 65.87
C GLY B 421 24.38 36.93 65.27
N VAL B 422 23.91 35.76 64.81
CA VAL B 422 24.79 34.81 64.17
C VAL B 422 25.42 35.42 62.94
N ARG B 423 24.59 35.99 62.08
CA ARG B 423 25.11 36.67 60.90
C ARG B 423 25.97 37.86 61.30
N LEU B 424 25.56 38.61 62.32
CA LEU B 424 26.29 39.78 62.74
C LEU B 424 27.70 39.43 63.15
N THR B 425 27.85 38.38 63.95
CA THR B 425 29.17 37.93 64.35
C THR B 425 29.93 37.36 63.16
N GLU B 426 29.27 36.56 62.33
CA GLU B 426 29.93 35.97 61.18
C GLU B 426 30.45 37.04 60.24
N LEU B 427 29.89 38.24 60.33
CA LEU B 427 30.30 39.31 59.42
C LEU B 427 31.32 40.25 60.06
N LEU B 428 31.03 40.78 61.25
CA LEU B 428 31.73 41.93 61.79
C LEU B 428 33.24 41.78 61.77
N LYS B 429 33.76 40.62 62.17
CA LYS B 429 35.21 40.46 62.25
C LYS B 429 35.82 40.55 60.85
N GLN B 430 37.16 40.54 60.84
CA GLN B 430 37.90 40.60 59.59
C GLN B 430 39.30 40.08 59.85
N GLY B 431 40.02 39.81 58.76
CA GLY B 431 41.38 39.34 58.85
C GLY B 431 42.38 40.48 58.88
N GLN B 432 43.67 40.14 58.94
CA GLN B 432 44.72 41.16 59.02
C GLN B 432 45.04 41.73 57.64
N TYR B 433 45.37 43.03 57.63
CA TYR B 433 45.82 43.74 56.43
C TYR B 433 44.77 43.68 55.32
N SER B 434 43.62 44.29 55.56
CA SER B 434 42.54 44.39 54.58
C SER B 434 42.02 45.82 54.53
N PRO B 435 42.84 46.77 54.09
CA PRO B 435 42.39 48.16 54.04
C PRO B 435 41.22 48.34 53.11
N MET B 436 40.32 49.24 53.49
CA MET B 436 39.14 49.55 52.71
C MET B 436 38.50 50.81 53.28
N ALA B 437 37.57 51.40 52.51
CA ALA B 437 36.80 52.54 52.97
C ALA B 437 35.49 52.08 53.59
N ILE B 438 34.67 53.04 54.04
CA ILE B 438 33.38 52.71 54.63
C ILE B 438 32.42 52.19 53.56
N GLU B 439 32.91 52.02 52.34
CA GLU B 439 32.02 51.65 51.25
C GLU B 439 31.36 50.30 51.48
N GLU B 440 32.16 49.23 51.43
CA GLU B 440 31.62 47.91 51.71
C GLU B 440 31.05 47.86 53.12
N GLN B 441 31.51 48.75 53.98
CA GLN B 441 30.94 48.87 55.31
C GLN B 441 29.45 49.19 55.25
N VAL B 442 29.08 50.34 54.67
CA VAL B 442 27.68 50.69 54.55
C VAL B 442 26.93 49.65 53.74
N ALA B 443 27.61 49.08 52.74
CA ALA B 443 26.99 48.06 51.90
C ALA B 443 26.49 46.88 52.73
N VAL B 444 27.40 46.17 53.37
CA VAL B 444 27.01 45.01 54.17
C VAL B 444 26.18 45.46 55.36
N ILE B 445 26.31 46.73 55.76
CA ILE B 445 25.51 47.24 56.87
C ILE B 445 24.05 47.24 56.52
N TYR B 446 23.71 47.74 55.34
CA TYR B 446 22.34 47.59 54.85
C TYR B 446 22.00 46.12 54.61
N ALA B 447 22.95 45.36 54.05
CA ALA B 447 22.69 43.98 53.70
C ALA B 447 22.26 43.14 54.89
N GLY B 448 23.01 43.18 55.97
CA GLY B 448 22.60 42.55 57.21
C GLY B 448 21.40 43.26 57.79
N VAL B 449 21.41 44.59 57.73
CA VAL B 449 20.23 45.35 58.11
C VAL B 449 19.03 44.91 57.31
N ARG B 450 19.25 44.56 56.04
CA ARG B 450 18.23 43.84 55.29
C ARG B 450 17.97 42.47 55.87
N GLY B 451 19.00 41.77 56.30
CA GLY B 451 18.86 40.44 56.84
C GLY B 451 18.29 39.44 55.88
N TYR B 452 18.24 39.75 54.58
CA TYR B 452 17.72 38.83 53.59
C TYR B 452 18.62 37.61 53.45
N LEU B 453 19.77 37.62 54.11
CA LEU B 453 20.62 36.45 54.19
C LEU B 453 20.55 35.76 55.53
N ASP B 454 19.66 36.19 56.43
CA ASP B 454 19.53 35.53 57.71
C ASP B 454 19.23 34.04 57.54
N LYS B 455 18.52 33.68 56.47
CA LYS B 455 18.35 32.28 56.12
C LYS B 455 19.68 31.62 55.77
N LEU B 456 20.57 32.34 55.09
CA LEU B 456 21.85 31.76 54.73
C LEU B 456 22.63 31.38 55.98
N GLU B 457 23.38 30.29 55.88
CA GLU B 457 24.13 29.81 57.02
C GLU B 457 25.12 30.87 57.46
N PRO B 458 25.13 31.22 58.76
CA PRO B 458 26.19 32.14 59.23
C PRO B 458 27.57 31.59 58.95
N SER B 459 27.72 30.26 58.93
CA SER B 459 28.95 29.67 58.42
C SER B 459 29.15 30.01 56.95
N LYS B 460 28.14 29.78 56.13
CA LYS B 460 28.19 30.19 54.74
C LYS B 460 28.15 31.71 54.61
N ILE B 461 27.86 32.43 55.69
CA ILE B 461 27.73 33.88 55.60
C ILE B 461 29.05 34.50 55.21
N THR B 462 30.15 34.09 55.83
CA THR B 462 31.44 34.68 55.52
C THR B 462 31.82 34.43 54.06
N LYS B 463 31.59 33.20 53.59
CA LYS B 463 31.93 32.86 52.21
C LYS B 463 31.10 33.67 51.23
N PHE B 464 29.78 33.64 51.40
CA PHE B 464 28.91 34.40 50.52
C PHE B 464 29.17 35.88 50.66
N GLU B 465 29.74 36.27 51.80
CA GLU B 465 30.09 37.67 52.02
C GLU B 465 31.26 38.07 51.16
N ASN B 466 32.27 37.21 51.13
CA ASN B 466 33.37 37.39 50.19
C ASN B 466 32.81 37.47 48.77
N ALA B 467 31.84 36.60 48.49
CA ALA B 467 31.21 36.58 47.17
C ALA B 467 30.56 37.91 46.84
N PHE B 468 29.72 38.41 47.74
CA PHE B 468 28.99 39.65 47.49
C PHE B 468 29.94 40.82 47.41
N LEU B 469 31.01 40.80 48.23
CA LEU B 469 32.00 41.85 48.16
C LEU B 469 32.66 41.89 46.80
N SER B 470 33.01 40.71 46.28
CA SER B 470 33.59 40.65 44.95
C SER B 470 32.61 41.15 43.90
N HIS B 471 31.34 40.74 44.04
CA HIS B 471 30.32 41.16 43.08
C HIS B 471 30.19 42.68 43.06
N VAL B 472 30.18 43.30 44.25
CA VAL B 472 30.05 44.75 44.33
C VAL B 472 31.28 45.42 43.75
N ILE B 473 32.47 44.94 44.13
CA ILE B 473 33.70 45.49 43.60
C ILE B 473 33.75 45.41 42.09
N SER B 474 33.13 44.39 41.51
CA SER B 474 33.12 44.29 40.07
C SER B 474 32.05 45.17 39.43
N GLN B 475 30.79 44.85 39.64
CA GLN B 475 29.72 45.48 38.86
C GLN B 475 29.32 46.83 39.43
N HIS B 476 28.77 46.83 40.63
CA HIS B 476 28.28 48.05 41.26
C HIS B 476 29.43 48.94 41.70
N GLN B 477 30.64 48.63 41.28
CA GLN B 477 31.76 49.53 41.53
C GLN B 477 31.44 50.95 41.10
N ALA B 478 30.88 51.11 39.90
CA ALA B 478 30.35 52.42 39.53
C ALA B 478 29.19 52.81 40.43
N LEU B 479 28.30 51.87 40.72
CA LEU B 479 27.22 52.16 41.66
C LEU B 479 27.79 52.43 43.04
N LEU B 480 28.93 51.81 43.35
CA LEU B 480 29.61 52.14 44.60
C LEU B 480 30.06 53.58 44.59
N GLY B 481 30.64 54.04 43.49
CA GLY B 481 30.96 55.45 43.38
C GLY B 481 29.71 56.30 43.51
N LYS B 482 28.60 55.83 42.96
CA LYS B 482 27.35 56.55 43.08
C LYS B 482 26.93 56.67 44.54
N ILE B 483 27.02 55.58 45.29
CA ILE B 483 26.67 55.60 46.70
C ILE B 483 27.61 56.51 47.46
N ARG B 484 28.88 56.54 47.05
CA ARG B 484 29.82 57.50 47.61
C ARG B 484 29.32 58.92 47.38
N THR B 485 28.88 59.20 46.16
CA THR B 485 28.24 60.46 45.86
C THR B 485 26.96 60.60 46.68
N ASP B 486 26.29 59.49 46.94
CA ASP B 486 25.10 59.51 47.79
C ASP B 486 25.57 59.83 49.19
N GLY B 487 25.81 61.11 49.46
CA GLY B 487 26.17 61.56 50.79
C GLY B 487 24.89 61.65 51.61
N LYS B 488 24.01 60.70 51.35
CA LYS B 488 22.69 60.54 51.94
C LYS B 488 22.16 59.22 51.42
N ILE B 489 21.15 58.69 52.10
CA ILE B 489 20.59 57.40 51.72
C ILE B 489 19.73 57.65 50.49
N SER B 490 20.31 57.46 49.32
CA SER B 490 19.55 57.63 48.10
C SER B 490 18.60 56.45 47.92
N GLU B 491 17.31 56.76 47.90
CA GLU B 491 16.32 55.73 47.63
C GLU B 491 16.62 55.04 46.31
N GLU B 492 17.22 55.77 45.37
CA GLU B 492 17.72 55.16 44.16
C GLU B 492 18.90 54.23 44.46
N SER B 493 19.88 54.73 45.21
CA SER B 493 20.97 53.86 45.61
C SER B 493 20.45 52.71 46.47
N ASP B 494 19.48 52.99 47.33
CA ASP B 494 18.89 51.93 48.13
C ASP B 494 18.22 50.88 47.26
N ALA B 495 17.56 51.31 46.20
CA ALA B 495 16.91 50.37 45.31
C ALA B 495 17.92 49.54 44.56
N LYS B 496 18.96 50.19 44.04
CA LYS B 496 20.07 49.46 43.47
C LYS B 496 20.62 48.46 44.48
N LEU B 497 20.63 48.86 45.74
CA LEU B 497 21.12 47.98 46.79
C LEU B 497 20.26 46.74 46.90
N LYS B 498 18.96 46.92 47.05
CA LYS B 498 18.07 45.78 47.19
C LYS B 498 18.15 44.90 45.95
N GLU B 499 18.25 45.53 44.78
CA GLU B 499 18.31 44.79 43.53
C GLU B 499 19.57 43.93 43.47
N ILE B 500 20.74 44.54 43.62
CA ILE B 500 21.99 43.79 43.59
C ILE B 500 22.03 42.81 44.75
N VAL B 501 21.26 43.10 45.80
CA VAL B 501 21.17 42.20 46.93
C VAL B 501 20.50 40.91 46.50
N THR B 502 19.37 41.02 45.82
CA THR B 502 18.73 39.85 45.25
C THR B 502 19.65 39.17 44.25
N ASN B 503 20.38 39.98 43.46
CA ASN B 503 21.27 39.43 42.45
C ASN B 503 22.34 38.55 43.07
N PHE B 504 23.04 39.06 44.07
CA PHE B 504 24.07 38.28 44.75
C PHE B 504 23.43 37.16 45.56
N LEU B 505 22.19 37.34 46.00
CA LEU B 505 21.49 36.27 46.69
C LEU B 505 21.29 35.07 45.78
N ALA B 506 20.92 35.32 44.52
CA ALA B 506 20.96 34.26 43.54
C ALA B 506 22.35 33.66 43.47
N GLY B 507 23.38 34.50 43.49
CA GLY B 507 24.73 34.02 43.61
C GLY B 507 25.02 33.56 45.03
N PHE B 508 24.18 32.66 45.52
CA PHE B 508 24.29 32.15 46.88
C PHE B 508 23.30 31.01 47.05
N LYS C 2 73.72 63.55 112.26
CA LYS C 2 72.57 64.42 112.13
C LYS C 2 72.98 65.76 111.51
N THR C 3 72.01 66.44 110.92
CA THR C 3 72.24 67.75 110.32
C THR C 3 72.52 68.75 111.43
N GLY C 4 73.74 69.29 111.45
CA GLY C 4 74.04 70.36 112.39
C GLY C 4 73.13 71.54 112.18
N THR C 5 72.14 71.66 113.06
CA THR C 5 71.11 72.69 112.89
C THR C 5 71.72 74.09 112.92
N ALA C 6 72.54 74.36 113.92
CA ALA C 6 73.19 75.66 114.06
C ALA C 6 74.60 75.67 113.53
N GLU C 7 74.96 74.66 112.73
CA GLU C 7 76.25 74.64 112.06
C GLU C 7 76.40 75.79 111.09
N VAL C 8 75.31 76.49 110.80
CA VAL C 8 75.37 77.73 110.04
C VAL C 8 75.70 78.85 111.00
N SER C 9 76.16 79.98 110.47
CA SER C 9 76.53 81.10 111.32
C SER C 9 75.34 81.69 112.06
N SER C 10 74.14 81.18 111.80
CA SER C 10 72.96 81.64 112.52
C SER C 10 73.18 81.65 114.02
N ILE C 11 73.80 80.60 114.55
CA ILE C 11 74.33 80.62 115.91
C ILE C 11 75.84 80.55 115.91
N LEU C 12 76.41 79.90 114.90
CA LEU C 12 77.85 79.70 114.88
C LEU C 12 78.62 81.01 114.75
N GLU C 13 78.01 82.03 114.15
CA GLU C 13 78.68 83.32 114.07
C GLU C 13 78.85 83.91 115.46
N GLU C 14 77.78 83.97 116.23
CA GLU C 14 77.85 84.42 117.60
C GLU C 14 78.70 83.46 118.43
N ARG C 15 78.85 82.23 117.96
CA ARG C 15 79.70 81.26 118.66
C ARG C 15 81.17 81.61 118.49
N ILE C 16 81.64 81.70 117.25
CA ILE C 16 83.03 82.06 116.99
C ILE C 16 83.30 83.48 117.44
N LEU C 17 82.31 84.36 117.30
CA LEU C 17 82.41 85.72 117.81
C LEU C 17 82.06 85.82 119.28
N GLY C 18 81.69 84.71 119.91
CA GLY C 18 81.36 84.73 121.33
C GLY C 18 80.16 85.60 121.66
N ALA C 19 79.32 85.87 120.67
CA ALA C 19 78.20 86.80 120.84
C ALA C 19 76.90 86.11 121.23
N ASP C 20 76.91 84.79 121.43
CA ASP C 20 75.65 84.08 121.63
C ASP C 20 75.27 83.97 123.10
N THR C 21 76.16 84.38 124.01
CA THR C 21 76.02 84.05 125.42
C THR C 21 74.71 84.55 126.04
N SER C 22 74.08 85.56 125.46
CA SER C 22 72.97 86.22 126.15
C SER C 22 71.64 85.47 125.97
N VAL C 23 71.62 84.40 125.21
CA VAL C 23 70.38 83.73 124.85
C VAL C 23 69.72 83.15 126.08
N ASP C 24 68.43 83.41 126.22
CA ASP C 24 67.61 82.77 127.24
C ASP C 24 67.59 81.28 126.94
N LEU C 25 68.27 80.49 127.77
CA LEU C 25 68.54 79.10 127.46
C LEU C 25 67.87 78.16 128.47
N GLU C 26 66.78 78.61 129.06
CA GLU C 26 66.03 77.78 129.99
C GLU C 26 64.63 77.48 129.49
N GLU C 27 63.84 78.50 129.19
CA GLU C 27 62.47 78.35 128.76
C GLU C 27 62.11 79.39 127.70
N THR C 28 63.08 79.76 126.88
CA THR C 28 62.87 80.73 125.81
C THR C 28 64.03 80.62 124.83
N GLY C 29 64.08 81.55 123.90
CA GLY C 29 65.20 81.62 122.97
C GLY C 29 64.70 81.91 121.57
N ARG C 30 65.57 81.61 120.60
CA ARG C 30 65.20 81.68 119.20
C ARG C 30 64.72 80.31 118.77
N VAL C 31 64.12 80.24 117.59
CA VAL C 31 63.71 78.94 117.04
C VAL C 31 64.95 78.27 116.45
N LEU C 32 65.41 77.19 117.08
CA LEU C 32 66.48 76.42 116.48
C LEU C 32 66.05 75.84 115.14
N SER C 33 64.74 75.64 114.96
CA SER C 33 64.21 75.27 113.66
C SER C 33 62.78 75.76 113.56
N ILE C 34 62.54 76.73 112.70
CA ILE C 34 61.20 77.10 112.28
C ILE C 34 60.88 76.31 111.03
N GLY C 35 59.94 75.37 111.14
CA GLY C 35 59.55 74.59 109.99
C GLY C 35 58.44 73.60 110.28
N ASP C 36 57.43 73.59 109.42
CA ASP C 36 56.34 72.61 109.44
C ASP C 36 55.70 72.46 110.82
N GLY C 37 55.76 73.49 111.65
CA GLY C 37 55.32 73.36 113.02
C GLY C 37 56.16 72.42 113.85
N ILE C 38 57.11 71.71 113.26
CA ILE C 38 58.08 70.91 113.98
C ILE C 38 59.11 71.88 114.53
N ALA C 39 58.97 72.20 115.81
CA ALA C 39 59.68 73.33 116.38
C ALA C 39 60.91 72.88 117.14
N ARG C 40 62.06 73.36 116.71
CA ARG C 40 63.30 73.28 117.47
C ARG C 40 63.64 74.69 117.94
N VAL C 41 64.01 74.80 119.22
CA VAL C 41 64.19 76.09 119.87
C VAL C 41 65.67 76.28 120.16
N HIS C 42 66.16 77.47 119.85
CA HIS C 42 67.53 77.83 120.19
C HIS C 42 67.58 77.94 121.71
N GLY C 43 68.17 76.94 122.35
CA GLY C 43 68.31 76.91 123.79
C GLY C 43 67.09 76.33 124.46
N LEU C 44 66.77 76.88 125.64
CA LEU C 44 65.70 76.38 126.48
C LEU C 44 65.89 74.90 126.79
N ARG C 45 67.16 74.48 126.86
CA ARG C 45 67.46 73.11 127.23
C ARG C 45 67.04 72.82 128.67
N ASN C 46 66.98 73.85 129.52
CA ASN C 46 66.58 73.69 130.90
C ASN C 46 65.06 73.63 131.03
N VAL C 47 64.35 73.59 129.91
CA VAL C 47 62.90 73.46 129.92
C VAL C 47 62.56 72.02 130.30
N GLN C 48 61.44 71.87 130.99
CA GLN C 48 60.93 70.55 131.33
C GLN C 48 60.60 69.77 130.07
N ALA C 49 60.56 68.45 130.21
CA ALA C 49 60.17 67.61 129.10
C ALA C 49 58.65 67.54 129.00
N GLU C 50 58.14 67.42 127.78
CA GLU C 50 56.72 67.52 127.49
C GLU C 50 56.11 68.77 128.07
N GLU C 51 56.94 69.79 128.27
CA GLU C 51 56.52 71.01 128.92
C GLU C 51 55.78 71.91 127.94
N MET C 52 55.24 73.00 128.45
CA MET C 52 54.55 73.97 127.61
C MET C 52 55.52 75.00 127.07
N VAL C 53 55.35 75.33 125.78
CA VAL C 53 56.14 76.36 125.13
C VAL C 53 55.18 77.41 124.60
N GLU C 54 55.48 78.66 124.88
CA GLU C 54 54.66 79.77 124.41
C GLU C 54 55.50 80.60 123.46
N PHE C 55 55.13 80.59 122.19
CA PHE C 55 55.82 81.44 121.23
C PHE C 55 55.63 82.90 121.61
N SER C 56 56.53 83.73 121.10
CA SER C 56 56.35 85.17 121.25
C SER C 56 55.12 85.66 120.50
N SER C 57 54.59 84.84 119.60
CA SER C 57 53.34 85.14 118.90
C SER C 57 52.15 84.49 119.60
N GLY C 58 52.30 84.15 120.87
CA GLY C 58 51.24 83.53 121.64
C GLY C 58 51.00 82.07 121.34
N LEU C 59 51.46 81.58 120.20
CA LEU C 59 51.23 80.18 119.83
C LEU C 59 51.84 79.25 120.87
N LYS C 60 51.11 78.19 121.19
CA LYS C 60 51.52 77.23 122.20
C LYS C 60 52.38 76.15 121.57
N GLY C 61 53.40 75.73 122.32
CA GLY C 61 54.31 74.70 121.85
C GLY C 61 54.37 73.54 122.81
N MET C 62 54.33 72.34 122.25
CA MET C 62 54.40 71.11 123.04
C MET C 62 55.69 70.40 122.67
N SER C 63 56.76 70.72 123.39
CA SER C 63 58.08 70.17 123.10
C SER C 63 58.11 68.72 123.57
N LEU C 64 58.06 67.79 122.62
CA LEU C 64 58.18 66.38 122.95
C LEU C 64 59.58 65.86 122.60
N ASN C 65 59.98 65.99 121.34
CA ASN C 65 61.32 65.64 120.92
C ASN C 65 62.27 66.74 121.36
N LEU C 66 63.52 66.38 121.61
CA LEU C 66 64.50 67.33 122.11
C LEU C 66 65.90 66.98 121.60
N GLU C 67 66.40 67.80 120.71
CA GLU C 67 67.85 67.88 120.61
C GLU C 67 68.40 68.48 121.90
N PRO C 68 69.73 68.61 122.02
CA PRO C 68 70.27 69.15 123.26
C PRO C 68 69.67 70.49 123.67
N ASP C 69 69.51 71.41 122.71
CA ASP C 69 68.74 72.63 122.92
C ASP C 69 67.62 72.78 121.90
N ASN C 70 67.84 72.36 120.66
CA ASN C 70 66.77 72.25 119.69
C ASN C 70 65.83 71.17 120.19
N VAL C 71 64.62 71.12 119.64
CA VAL C 71 63.58 70.29 120.19
C VAL C 71 62.63 69.87 119.07
N GLY C 72 61.70 68.98 119.40
CA GLY C 72 60.51 68.83 118.62
C GLY C 72 59.33 69.36 119.41
N VAL C 73 58.82 70.51 119.02
CA VAL C 73 57.67 71.11 119.70
C VAL C 73 56.53 71.21 118.71
N VAL C 74 55.33 71.44 119.23
CA VAL C 74 54.10 71.32 118.47
C VAL C 74 53.50 72.70 118.26
N VAL C 75 53.27 73.06 117.00
CA VAL C 75 52.63 74.33 116.66
C VAL C 75 51.15 74.22 116.95
N PHE C 76 50.74 74.69 118.12
CA PHE C 76 49.33 74.66 118.50
C PHE C 76 48.57 75.76 117.75
N GLY C 77 48.50 75.60 116.42
CA GLY C 77 47.71 76.50 115.62
C GLY C 77 48.15 76.45 114.17
N ASN C 78 47.34 77.12 113.33
CA ASN C 78 47.65 77.27 111.92
C ASN C 78 48.65 78.41 111.75
N ASP C 79 49.92 78.06 111.60
CA ASP C 79 51.05 78.97 111.77
C ASP C 79 51.52 79.62 110.47
N LYS C 80 50.60 79.96 109.54
CA LYS C 80 51.01 80.52 108.26
C LYS C 80 51.87 81.78 108.40
N LEU C 81 51.96 82.36 109.60
CA LEU C 81 52.74 83.57 109.81
C LEU C 81 54.05 83.33 110.55
N ILE C 82 54.45 82.08 110.75
CA ILE C 82 55.63 81.76 111.55
C ILE C 82 56.87 82.37 110.90
N LYS C 83 57.89 82.63 111.72
CA LYS C 83 59.10 83.29 111.27
C LYS C 83 60.31 82.51 111.75
N GLU C 84 61.41 82.64 110.99
CA GLU C 84 62.65 81.99 111.35
C GLU C 84 63.19 82.54 112.65
N GLY C 85 63.83 81.67 113.43
CA GLY C 85 64.41 82.08 114.69
C GLY C 85 63.42 82.61 115.69
N ASP C 86 62.13 82.34 115.50
CA ASP C 86 61.09 82.92 116.34
C ASP C 86 61.33 82.59 117.81
N ILE C 87 60.71 83.37 118.68
CA ILE C 87 60.91 83.24 120.12
C ILE C 87 59.74 82.50 120.72
N VAL C 88 60.02 81.35 121.33
CA VAL C 88 59.02 80.62 122.08
C VAL C 88 59.42 80.65 123.54
N LYS C 89 58.71 81.47 124.31
CA LYS C 89 58.90 81.50 125.74
C LYS C 89 58.27 80.24 126.31
N ARG C 90 59.09 79.21 126.48
CA ARG C 90 58.57 77.95 126.98
C ARG C 90 57.94 78.15 128.35
N THR C 91 56.63 77.88 128.41
CA THR C 91 55.94 77.93 129.69
C THR C 91 56.40 76.84 130.64
N GLY C 92 57.07 75.81 130.13
CA GLY C 92 57.71 74.82 130.96
C GLY C 92 56.76 73.93 131.73
N ALA C 93 55.50 73.83 131.32
CA ALA C 93 54.48 73.17 132.11
C ALA C 93 53.83 72.02 131.35
N ILE C 94 53.46 70.97 132.08
CA ILE C 94 52.57 69.96 131.53
C ILE C 94 51.25 70.61 131.19
N VAL C 95 50.67 70.20 130.06
CA VAL C 95 49.49 70.88 129.55
C VAL C 95 48.34 70.73 130.53
N ASP C 96 47.69 71.85 130.83
CA ASP C 96 46.53 71.88 131.71
C ASP C 96 45.53 72.87 131.15
N VAL C 97 44.27 72.74 131.59
CA VAL C 97 43.24 73.67 131.17
C VAL C 97 42.09 73.66 132.16
N PRO C 98 41.31 74.74 132.24
CA PRO C 98 40.30 74.86 133.30
C PRO C 98 39.28 73.72 133.24
N VAL C 99 38.91 73.24 134.42
CA VAL C 99 38.00 72.11 134.57
C VAL C 99 36.94 72.47 135.62
N GLY C 100 35.80 71.81 135.53
CA GLY C 100 34.68 72.06 136.41
C GLY C 100 33.39 72.03 135.62
N GLU C 101 32.34 71.53 136.27
CA GLU C 101 31.05 71.33 135.62
C GLU C 101 30.43 72.63 135.13
N GLU C 102 31.05 73.77 135.39
CA GLU C 102 30.69 74.98 134.65
C GLU C 102 30.92 74.77 133.16
N LEU C 103 31.84 73.87 132.82
CA LEU C 103 31.91 73.37 131.46
C LEU C 103 30.75 72.44 131.14
N LEU C 104 30.29 71.67 132.13
CA LEU C 104 29.14 70.81 131.89
C LEU C 104 27.93 71.69 131.60
N GLY C 105 27.56 71.74 130.33
CA GLY C 105 26.66 72.77 129.86
C GLY C 105 27.36 73.96 129.22
N ARG C 106 28.66 73.86 128.99
CA ARG C 106 29.43 74.87 128.25
C ARG C 106 30.27 74.18 127.20
N VAL C 107 30.23 74.71 125.98
CA VAL C 107 30.90 74.05 124.83
C VAL C 107 32.21 74.80 124.61
N VAL C 108 33.27 74.29 125.25
CA VAL C 108 34.61 74.85 125.04
C VAL C 108 35.52 73.76 124.50
N ASP C 109 36.74 74.16 124.13
CA ASP C 109 37.73 73.22 123.66
C ASP C 109 38.50 72.60 124.81
N ALA C 110 39.46 71.75 124.47
CA ALA C 110 40.29 71.11 125.49
C ALA C 110 41.06 72.12 126.31
N LEU C 111 41.60 73.16 125.66
CA LEU C 111 42.20 74.27 126.37
C LEU C 111 41.18 75.22 126.95
N GLY C 112 39.91 74.83 126.96
CA GLY C 112 38.85 75.72 127.40
C GLY C 112 38.42 76.75 126.38
N ASN C 113 38.48 76.43 125.09
CA ASN C 113 38.21 77.40 124.04
C ASN C 113 36.84 77.11 123.41
N ALA C 114 35.88 78.00 123.67
CA ALA C 114 34.57 77.85 123.06
C ALA C 114 34.60 78.24 121.59
N ILE C 115 33.78 77.58 120.78
CA ILE C 115 33.64 77.92 119.38
C ILE C 115 32.24 78.40 119.05
N ASP C 116 31.28 78.19 119.95
CA ASP C 116 29.88 78.53 119.70
C ASP C 116 29.49 79.90 120.24
N GLY C 117 30.41 80.64 120.85
CA GLY C 117 30.05 81.93 121.40
C GLY C 117 29.29 81.88 122.70
N LYS C 118 29.55 80.87 123.54
CA LYS C 118 28.91 80.76 124.83
C LYS C 118 29.75 81.36 125.96
N GLY C 119 30.90 81.95 125.64
CA GLY C 119 31.69 82.64 126.63
C GLY C 119 32.99 81.94 126.99
N PRO C 120 33.84 82.63 127.76
CA PRO C 120 35.12 82.03 128.16
C PRO C 120 34.92 80.84 129.09
N ILE C 121 35.94 80.01 129.19
CA ILE C 121 35.85 78.76 129.95
C ILE C 121 35.46 79.08 131.39
N GLY C 122 34.24 78.67 131.76
CA GLY C 122 33.77 78.90 133.12
C GLY C 122 34.14 77.76 134.03
N SER C 123 34.61 76.66 133.44
CA SER C 123 35.11 75.55 134.22
C SER C 123 36.22 76.03 135.17
N LYS C 124 36.18 75.54 136.40
CA LYS C 124 36.90 76.17 137.50
C LYS C 124 38.42 76.11 137.38
N ALA C 125 39.03 74.93 137.51
CA ALA C 125 40.47 74.84 137.72
C ALA C 125 41.17 74.09 136.58
N ARG C 126 42.42 74.49 136.34
CA ARG C 126 43.23 73.93 135.27
C ARG C 126 43.88 72.64 135.73
N ARG C 127 43.69 71.56 134.97
CA ARG C 127 44.17 70.25 135.33
C ARG C 127 45.16 69.72 134.30
N ARG C 128 46.36 69.38 134.77
CA ARG C 128 47.34 68.71 133.91
C ARG C 128 46.91 67.28 133.65
N VAL C 129 46.80 66.93 132.37
CA VAL C 129 46.21 65.65 131.99
C VAL C 129 47.14 64.49 132.33
N GLY C 130 48.28 64.79 132.94
CA GLY C 130 49.24 63.74 133.23
C GLY C 130 48.74 62.82 134.31
N LEU C 131 47.70 62.06 133.98
CA LEU C 131 47.02 61.17 134.92
C LEU C 131 47.38 59.73 134.65
N LYS C 132 47.83 59.03 135.70
CA LYS C 132 48.21 57.63 135.58
C LYS C 132 47.04 56.70 135.94
N ALA C 133 47.37 55.42 136.12
CA ALA C 133 46.35 54.40 136.37
C ALA C 133 45.86 54.44 137.82
N PRO C 134 44.64 53.95 138.08
CA PRO C 134 44.15 53.89 139.46
C PRO C 134 44.85 52.83 140.28
N GLY C 135 44.83 52.95 141.60
CA GLY C 135 45.53 52.03 142.48
C GLY C 135 44.69 50.85 142.88
N ILE C 136 45.38 49.77 143.25
CA ILE C 136 44.69 48.56 143.68
C ILE C 136 43.83 48.84 144.90
N ILE C 137 44.36 49.58 145.86
CA ILE C 137 43.54 50.09 146.95
C ILE C 137 42.52 51.05 146.36
N PRO C 138 42.95 51.98 145.50
CA PRO C 138 41.99 52.94 144.93
C PRO C 138 40.90 52.29 144.10
N ARG C 139 41.21 51.19 143.41
CA ARG C 139 40.23 50.58 142.53
C ARG C 139 39.66 49.31 143.15
N ILE C 140 38.40 49.04 142.83
CA ILE C 140 37.72 47.83 143.22
C ILE C 140 36.66 47.51 142.17
N SER C 141 36.01 46.37 142.34
CA SER C 141 34.96 45.99 141.41
C SER C 141 33.81 46.98 141.47
N VAL C 142 33.26 47.32 140.30
CA VAL C 142 32.10 48.19 140.23
C VAL C 142 31.07 47.53 139.32
N ARG C 143 29.81 47.52 139.77
CA ARG C 143 28.74 46.86 139.03
C ARG C 143 27.44 47.65 138.99
N GLU C 144 27.50 48.97 139.18
CA GLU C 144 26.28 49.76 139.18
C GLU C 144 25.78 49.98 137.76
N PRO C 145 24.47 50.07 137.56
CA PRO C 145 23.92 50.29 136.22
C PRO C 145 24.30 51.66 135.65
N MET C 146 24.33 51.71 134.32
CA MET C 146 24.54 52.95 133.59
C MET C 146 23.39 53.13 132.60
N GLN C 147 23.25 54.33 132.06
CA GLN C 147 22.12 54.68 131.20
C GLN C 147 22.27 54.03 129.84
N THR C 148 21.48 52.99 129.57
CA THR C 148 21.51 52.34 128.25
C THR C 148 20.32 52.76 127.39
N GLY C 149 19.10 52.50 127.84
CA GLY C 149 17.92 53.08 127.24
C GLY C 149 17.50 52.51 125.90
N ILE C 150 18.21 51.54 125.36
CA ILE C 150 17.80 50.84 124.14
C ILE C 150 17.59 49.39 124.51
N LYS C 151 16.55 48.79 123.93
CA LYS C 151 16.08 47.50 124.42
C LYS C 151 17.21 46.49 124.57
N ALA C 152 17.81 46.08 123.45
CA ALA C 152 18.85 45.09 123.51
C ALA C 152 20.08 45.62 124.22
N VAL C 153 20.29 46.93 124.15
CA VAL C 153 21.48 47.54 124.74
C VAL C 153 21.55 47.20 126.22
N ASP C 154 20.57 47.69 127.00
CA ASP C 154 20.51 47.30 128.38
C ASP C 154 20.26 45.81 128.55
N SER C 155 19.65 45.16 127.56
CA SER C 155 19.26 43.76 127.72
C SER C 155 20.46 42.83 127.84
N LEU C 156 21.30 42.77 126.82
CA LEU C 156 22.41 41.83 126.82
C LEU C 156 23.73 42.46 127.20
N VAL C 157 23.94 43.73 126.87
CA VAL C 157 25.17 44.40 127.24
C VAL C 157 24.78 45.40 128.32
N PRO C 158 24.49 44.92 129.53
CA PRO C 158 24.04 45.84 130.58
C PRO C 158 25.05 46.95 130.80
N ILE C 159 24.54 48.15 131.01
CA ILE C 159 25.36 49.35 131.07
C ILE C 159 25.81 49.54 132.50
N GLY C 160 27.11 49.43 132.74
CA GLY C 160 27.67 49.57 134.06
C GLY C 160 28.14 50.97 134.34
N ARG C 161 27.84 51.44 135.55
CA ARG C 161 28.25 52.77 135.97
C ARG C 161 29.77 52.78 136.12
N GLY C 162 30.46 53.23 135.08
CA GLY C 162 31.89 53.17 135.00
C GLY C 162 32.46 52.13 134.07
N GLN C 163 31.63 51.46 133.27
CA GLN C 163 32.07 50.50 132.29
C GLN C 163 32.54 51.21 131.04
N ARG C 164 33.61 50.72 130.44
CA ARG C 164 34.23 51.35 129.26
C ARG C 164 33.80 50.58 128.02
N GLU C 165 32.89 51.16 127.25
CA GLU C 165 32.32 50.48 126.09
C GLU C 165 33.31 50.48 124.95
N LEU C 166 33.00 49.71 123.90
CA LEU C 166 33.74 49.78 122.65
C LEU C 166 32.81 49.24 121.57
N ILE C 167 32.13 50.14 120.86
CA ILE C 167 30.98 49.77 120.05
C ILE C 167 31.39 49.70 118.59
N ILE C 168 31.57 48.50 118.07
CA ILE C 168 32.03 48.30 116.70
C ILE C 168 30.92 48.72 115.74
N GLY C 169 31.17 49.77 114.97
CA GLY C 169 30.27 50.18 113.90
C GLY C 169 30.95 51.21 113.03
N ASP C 170 30.94 50.92 111.74
CA ASP C 170 31.82 51.59 110.77
C ASP C 170 31.22 52.91 110.29
N ARG C 171 31.80 53.39 109.18
CA ARG C 171 31.34 54.62 108.55
C ARG C 171 29.84 54.58 108.31
N GLN C 172 29.16 55.63 108.76
CA GLN C 172 27.73 55.81 108.57
C GLN C 172 26.94 54.60 109.09
N THR C 173 27.40 54.08 110.22
CA THR C 173 26.72 52.97 110.88
C THR C 173 25.88 53.40 112.05
N GLY C 174 25.45 54.66 112.11
CA GLY C 174 24.66 55.11 113.24
C GLY C 174 25.49 55.22 114.49
N LYS C 175 26.82 55.17 114.34
CA LYS C 175 27.70 55.37 115.48
C LYS C 175 27.38 56.69 116.16
N THR C 176 27.31 57.77 115.39
CA THR C 176 26.78 59.01 115.93
C THR C 176 25.36 58.82 116.41
N SER C 177 24.54 58.09 115.65
CA SER C 177 23.19 57.79 116.11
C SER C 177 23.23 56.99 117.40
N ILE C 178 24.19 56.07 117.52
CA ILE C 178 24.32 55.31 118.76
C ILE C 178 24.62 56.24 119.93
N ALA C 179 25.53 57.18 119.72
CA ALA C 179 25.87 58.12 120.78
C ALA C 179 24.65 58.96 121.16
N ILE C 180 23.90 59.41 120.16
CA ILE C 180 22.71 60.21 120.43
C ILE C 180 21.68 59.38 121.21
N ASP C 181 21.51 58.11 120.85
CA ASP C 181 20.59 57.25 121.58
C ASP C 181 21.03 57.10 123.02
N THR C 182 22.33 56.90 123.25
CA THR C 182 22.84 56.81 124.61
C THR C 182 22.57 58.10 125.38
N ILE C 183 22.76 59.24 124.72
CA ILE C 183 22.54 60.52 125.38
C ILE C 183 21.09 60.68 125.78
N ILE C 184 20.17 60.37 124.86
CA ILE C 184 18.75 60.42 125.20
C ILE C 184 18.46 59.48 126.34
N ASN C 185 19.09 58.31 126.35
CA ASN C 185 19.04 57.46 127.54
C ASN C 185 19.76 58.11 128.71
N GLN C 186 20.95 58.68 128.46
CA GLN C 186 21.70 59.33 129.51
C GLN C 186 21.01 60.61 129.95
N LYS C 187 20.04 61.06 129.16
CA LYS C 187 19.30 62.25 129.55
C LYS C 187 18.44 61.99 130.79
N ARG C 188 17.49 61.06 130.70
CA ARG C 188 16.57 60.82 131.81
C ARG C 188 17.31 60.39 133.06
N PHE C 189 18.42 59.67 132.90
CA PHE C 189 19.27 59.37 134.05
C PHE C 189 19.90 60.66 134.59
N ASN C 190 20.56 61.42 133.74
CA ASN C 190 21.10 62.71 134.15
C ASN C 190 19.98 63.66 134.53
N ASP C 191 18.81 63.52 133.90
CA ASP C 191 17.60 64.24 134.31
C ASP C 191 16.95 63.45 135.45
N GLY C 192 17.70 63.36 136.55
CA GLY C 192 17.22 62.70 137.75
C GLY C 192 17.91 63.29 138.96
N THR C 193 17.23 63.20 140.09
CA THR C 193 17.72 63.80 141.33
C THR C 193 18.87 63.03 141.96
N ASP C 194 19.02 61.75 141.64
CA ASP C 194 20.16 60.98 142.12
C ASP C 194 21.38 61.59 141.45
N GLU C 195 22.18 62.29 142.26
CA GLU C 195 23.41 62.87 141.73
C GLU C 195 24.28 61.83 141.07
N LYS C 196 24.23 60.59 141.53
CA LYS C 196 24.80 59.49 140.78
C LYS C 196 24.12 59.32 139.43
N LYS C 197 22.79 59.39 139.38
CA LYS C 197 22.08 59.39 138.12
C LYS C 197 22.19 60.72 137.40
N LYS C 198 22.09 61.83 138.12
CA LYS C 198 22.31 63.12 137.49
C LYS C 198 23.76 63.21 137.05
N LEU C 199 23.98 63.00 135.76
CA LEU C 199 25.32 62.83 135.25
C LEU C 199 25.75 64.11 134.55
N TYR C 200 26.69 64.82 135.15
CA TYR C 200 27.45 65.85 134.46
C TYR C 200 28.59 65.14 133.74
N CYS C 201 28.34 64.74 132.50
CA CYS C 201 29.17 63.76 131.81
C CYS C 201 29.76 64.33 130.52
N ILE C 202 30.52 63.48 129.81
CA ILE C 202 31.31 63.90 128.66
C ILE C 202 30.96 63.03 127.47
N TYR C 203 30.81 63.66 126.31
CA TYR C 203 30.56 62.97 125.05
C TYR C 203 31.09 63.83 123.92
N VAL C 204 31.80 63.22 122.98
CA VAL C 204 32.43 63.94 121.88
C VAL C 204 32.51 63.01 120.67
N ALA C 205 32.48 63.61 119.48
CA ALA C 205 32.72 62.91 118.23
C ALA C 205 33.90 63.57 117.53
N ILE C 206 35.02 62.86 117.44
CA ILE C 206 36.25 63.41 116.85
C ILE C 206 36.01 63.60 115.37
N GLY C 207 36.62 64.64 114.81
CA GLY C 207 36.39 64.98 113.42
C GLY C 207 34.97 65.46 113.17
N GLN C 208 34.39 66.16 114.13
CA GLN C 208 33.06 66.72 113.97
C GLN C 208 33.18 68.10 113.37
N LYS C 209 33.10 68.15 112.05
CA LYS C 209 33.26 69.39 111.32
C LYS C 209 32.24 70.41 111.79
N ARG C 210 32.47 71.67 111.41
CA ARG C 210 31.62 72.76 111.87
C ARG C 210 30.14 72.46 111.65
N SER C 211 29.77 71.91 110.50
CA SER C 211 28.39 71.53 110.29
C SER C 211 27.98 70.41 111.23
N THR C 212 28.83 69.39 111.35
CA THR C 212 28.57 68.31 112.28
C THR C 212 28.45 68.84 113.69
N VAL C 213 29.33 69.76 114.06
CA VAL C 213 29.31 70.34 115.40
C VAL C 213 28.00 71.07 115.65
N ALA C 214 27.58 71.91 114.70
CA ALA C 214 26.37 72.70 114.91
C ALA C 214 25.14 71.80 114.97
N GLN C 215 25.08 70.78 114.12
CA GLN C 215 23.95 69.86 114.18
C GLN C 215 23.92 69.11 115.50
N LEU C 216 25.07 68.60 115.94
CA LEU C 216 25.14 67.89 117.21
C LEU C 216 24.75 68.82 118.35
N VAL C 217 25.12 70.10 118.25
CA VAL C 217 24.76 71.06 119.28
C VAL C 217 23.26 71.27 119.31
N LYS C 218 22.65 71.45 118.14
CA LYS C 218 21.21 71.55 118.07
C LYS C 218 20.55 70.36 118.75
N ARG C 219 21.07 69.16 118.47
CA ARG C 219 20.51 67.96 119.09
C ARG C 219 20.68 67.98 120.59
N LEU C 220 21.91 68.20 121.07
CA LEU C 220 22.21 68.07 122.49
C LEU C 220 21.46 69.12 123.31
N THR C 221 21.43 70.36 122.83
CA THR C 221 20.63 71.38 123.50
C THR C 221 19.15 71.02 123.44
N ASP C 222 18.70 70.50 122.31
CA ASP C 222 17.34 70.00 122.23
C ASP C 222 17.09 68.92 123.27
N ALA C 223 18.11 68.09 123.52
CA ALA C 223 18.04 67.09 124.57
C ALA C 223 18.06 67.71 125.96
N ASP C 224 18.68 68.89 126.09
CA ASP C 224 18.80 69.62 127.35
C ASP C 224 19.58 68.83 128.38
N ALA C 225 19.99 67.62 128.03
CA ALA C 225 21.00 66.89 128.79
C ALA C 225 22.37 67.45 128.55
N MET C 226 22.55 68.16 127.44
CA MET C 226 23.76 68.93 127.19
C MET C 226 24.06 69.91 128.30
N LYS C 227 23.03 70.41 128.98
CA LYS C 227 23.23 71.17 130.20
C LYS C 227 24.06 70.41 131.22
N TYR C 228 23.74 69.14 131.44
CA TYR C 228 24.55 68.32 132.34
C TYR C 228 25.54 67.50 131.54
N THR C 229 26.09 68.06 130.47
CA THR C 229 26.98 67.32 129.60
C THR C 229 28.14 68.19 129.16
N ILE C 230 29.22 67.52 128.76
CA ILE C 230 30.39 68.17 128.16
C ILE C 230 30.55 67.65 126.75
N VAL C 231 30.53 68.58 125.80
CA VAL C 231 30.56 68.21 124.39
C VAL C 231 31.50 69.14 123.63
N VAL C 232 32.62 68.60 123.18
CA VAL C 232 33.56 69.33 122.34
C VAL C 232 33.61 68.62 120.99
N SER C 233 33.60 69.39 119.90
CA SER C 233 33.59 68.84 118.54
C SER C 233 34.85 69.28 117.80
N ALA C 234 35.81 68.37 117.68
CA ALA C 234 37.06 68.62 116.98
C ALA C 234 36.71 68.73 115.50
N THR C 235 36.60 69.97 115.02
CA THR C 235 36.13 70.19 113.67
C THR C 235 37.22 69.83 112.67
N ALA C 236 36.97 70.17 111.41
CA ALA C 236 37.81 69.66 110.33
C ALA C 236 39.25 70.19 110.42
N SER C 237 39.48 71.21 111.22
CA SER C 237 40.83 71.74 111.35
C SER C 237 41.50 71.37 112.67
N ASP C 238 40.90 70.49 113.47
CA ASP C 238 41.45 70.15 114.78
C ASP C 238 42.89 69.69 114.65
N ALA C 239 43.77 70.33 115.42
CA ALA C 239 45.20 70.07 115.27
C ALA C 239 45.54 68.65 115.71
N ALA C 240 46.58 68.10 115.08
CA ALA C 240 47.07 66.79 115.50
C ALA C 240 47.40 66.78 116.98
N PRO C 241 48.13 67.73 117.53
CA PRO C 241 48.18 67.84 119.00
C PRO C 241 46.82 68.04 119.60
N LEU C 242 45.96 68.83 118.95
CA LEU C 242 44.66 69.13 119.52
C LEU C 242 43.79 67.90 119.61
N GLN C 243 43.47 67.30 118.47
CA GLN C 243 42.72 66.06 118.51
C GLN C 243 43.45 64.99 119.32
N TYR C 244 44.78 65.01 119.30
CA TYR C 244 45.58 64.01 119.98
C TYR C 244 45.38 64.04 121.49
N LEU C 245 45.35 65.22 122.08
CA LEU C 245 45.17 65.32 123.51
C LEU C 245 43.72 65.53 123.91
N ALA C 246 42.81 65.69 122.95
CA ALA C 246 41.40 65.75 123.30
C ALA C 246 40.99 64.56 124.14
N PRO C 247 41.38 63.33 123.81
CA PRO C 247 41.17 62.23 124.76
C PRO C 247 41.86 62.45 126.09
N TYR C 248 43.06 63.04 126.07
CA TYR C 248 43.71 63.36 127.34
C TYR C 248 42.94 64.45 128.07
N SER C 249 42.33 65.38 127.32
CA SER C 249 41.48 66.37 127.94
C SER C 249 40.31 65.70 128.66
N GLY C 250 39.70 64.72 127.99
CA GLY C 250 38.66 63.95 128.64
C GLY C 250 39.18 63.21 129.86
N CYS C 251 40.41 62.71 129.79
CA CYS C 251 41.00 62.00 130.92
C CYS C 251 41.13 62.91 132.13
N SER C 252 41.67 64.11 131.94
CA SER C 252 41.78 65.06 133.04
C SER C 252 40.40 65.46 133.56
N MET C 253 39.45 65.69 132.65
CA MET C 253 38.10 66.08 133.07
C MET C 253 37.45 64.98 133.90
N GLY C 254 37.61 63.72 133.48
CA GLY C 254 37.06 62.61 134.24
C GLY C 254 37.70 62.45 135.60
N GLU C 255 39.03 62.60 135.68
CA GLU C 255 39.65 62.67 137.00
C GLU C 255 38.97 63.74 137.84
N TYR C 256 38.78 64.93 137.28
CA TYR C 256 38.17 66.03 138.02
C TYR C 256 36.82 65.65 138.62
N PHE C 257 35.84 65.36 137.76
CA PHE C 257 34.51 65.08 138.27
C PHE C 257 34.42 63.71 138.93
N ARG C 258 34.69 62.64 138.17
CA ARG C 258 34.49 61.29 138.70
C ARG C 258 35.40 61.01 139.88
N ASP C 259 36.67 61.37 139.79
CA ASP C 259 37.55 61.21 140.93
C ASP C 259 37.06 62.00 142.13
N ASN C 260 36.26 63.03 141.91
CA ASN C 260 35.50 63.68 142.95
C ASN C 260 34.14 63.02 143.12
N GLY C 261 34.03 61.76 142.71
CA GLY C 261 32.81 61.02 142.95
C GLY C 261 31.69 61.21 141.96
N LYS C 262 31.96 61.76 140.78
CA LYS C 262 30.91 61.89 139.78
C LYS C 262 30.73 60.56 139.05
N HIS C 263 29.54 60.00 139.17
CA HIS C 263 29.14 58.88 138.35
C HIS C 263 28.89 59.42 136.95
N ALA C 264 29.96 59.56 136.19
CA ALA C 264 29.93 60.29 134.93
C ALA C 264 30.61 59.49 133.83
N LEU C 265 30.28 59.82 132.59
CA LEU C 265 30.72 59.05 131.43
C LEU C 265 31.40 59.95 130.42
N ILE C 266 32.43 59.41 129.76
CA ILE C 266 33.14 60.11 128.70
C ILE C 266 32.90 59.33 127.42
N ILE C 267 32.57 60.04 126.34
CA ILE C 267 32.32 59.42 125.05
C ILE C 267 33.21 60.13 124.04
N TYR C 268 34.36 59.55 123.73
CA TYR C 268 35.28 60.11 122.74
C TYR C 268 35.55 59.08 121.65
N ASP C 269 35.55 59.53 120.39
CA ASP C 269 35.76 58.66 119.24
C ASP C 269 35.96 59.56 118.02
N ASP C 270 36.91 59.19 117.16
CA ASP C 270 37.57 57.89 117.21
C ASP C 270 39.07 58.00 117.38
N LEU C 271 39.60 57.13 118.25
CA LEU C 271 41.03 57.06 118.47
C LEU C 271 41.79 56.64 117.22
N SER C 272 41.09 56.08 116.23
CA SER C 272 41.73 55.90 114.94
C SER C 272 42.15 57.21 114.32
N LYS C 273 41.28 58.20 114.32
CA LYS C 273 41.68 59.55 113.94
C LYS C 273 42.81 60.07 114.81
N GLN C 274 42.82 59.69 116.09
CA GLN C 274 43.94 60.05 116.95
C GLN C 274 45.23 59.44 116.44
N ALA C 275 45.16 58.21 115.95
CA ALA C 275 46.32 57.59 115.33
C ALA C 275 46.75 58.39 114.12
N VAL C 276 45.80 58.84 113.30
CA VAL C 276 46.14 59.65 112.14
C VAL C 276 46.85 60.92 112.57
N ALA C 277 46.37 61.55 113.63
CA ALA C 277 46.97 62.81 114.07
C ALA C 277 48.37 62.60 114.63
N TYR C 278 48.53 61.63 115.52
CA TYR C 278 49.84 61.36 116.09
C TYR C 278 50.82 60.92 115.02
N ARG C 279 50.33 60.16 114.03
CA ARG C 279 51.18 59.77 112.92
C ARG C 279 51.53 60.98 112.05
N GLN C 280 50.59 61.91 111.88
CA GLN C 280 50.91 63.13 111.18
C GLN C 280 52.03 63.85 111.88
N MET C 281 51.96 63.90 113.21
CA MET C 281 53.02 64.50 114.00
C MET C 281 54.34 63.77 113.77
N SER C 282 54.34 62.45 113.94
CA SER C 282 55.56 61.68 113.82
C SER C 282 56.15 61.80 112.44
N LEU C 283 55.30 61.88 111.42
CA LEU C 283 55.77 62.17 110.08
C LEU C 283 56.44 63.52 110.01
N LEU C 284 55.76 64.55 110.49
CA LEU C 284 56.41 65.82 110.74
C LEU C 284 57.59 65.65 111.69
N LEU C 285 57.51 64.71 112.62
CA LEU C 285 58.64 64.40 113.47
C LEU C 285 59.64 63.49 112.79
N ARG C 286 59.33 63.01 111.59
CA ARG C 286 60.14 62.03 110.90
C ARG C 286 60.43 60.81 111.77
N ARG C 287 59.61 60.60 112.78
CA ARG C 287 59.81 59.53 113.74
C ARG C 287 59.63 58.18 113.04
N PRO C 288 60.18 57.11 113.59
CA PRO C 288 60.08 55.80 112.94
C PRO C 288 58.63 55.35 112.82
N PRO C 289 58.16 55.05 111.61
CA PRO C 289 56.76 54.66 111.44
C PRO C 289 56.56 53.18 111.64
N GLY C 290 55.33 52.70 111.48
CA GLY C 290 55.06 51.29 111.64
C GLY C 290 53.98 50.75 110.73
N ARG C 291 53.13 49.89 111.26
CA ARG C 291 51.98 49.41 110.49
C ARG C 291 51.13 50.61 110.12
N GLU C 292 50.75 50.69 108.84
CA GLU C 292 50.09 51.87 108.30
C GLU C 292 50.87 53.14 108.60
N ALA C 293 52.20 53.00 108.73
CA ALA C 293 53.13 54.00 109.21
C ALA C 293 52.82 54.36 110.66
N TYR C 294 51.81 53.75 111.27
CA TYR C 294 51.40 54.17 112.60
C TYR C 294 52.37 53.60 113.63
N PRO C 295 52.63 54.31 114.72
CA PRO C 295 53.52 53.79 115.75
C PRO C 295 52.92 52.59 116.47
N GLY C 296 53.79 51.63 116.79
CA GLY C 296 53.35 50.47 117.54
C GLY C 296 53.19 50.75 119.02
N ASP C 297 53.62 51.94 119.46
CA ASP C 297 53.55 52.32 120.86
C ASP C 297 52.24 53.04 121.18
N VAL C 298 51.37 53.15 120.17
CA VAL C 298 50.00 53.61 120.43
C VAL C 298 49.33 52.76 121.48
N PHE C 299 49.82 51.54 121.68
CA PHE C 299 49.34 50.70 122.77
C PHE C 299 49.38 51.44 124.09
N TYR C 300 50.57 51.74 124.61
CA TYR C 300 50.66 52.41 125.91
C TYR C 300 50.12 53.82 125.85
N LEU C 301 50.30 54.51 124.72
CA LEU C 301 49.80 55.87 124.61
C LEU C 301 48.29 55.90 124.76
N HIS C 302 47.59 55.09 123.98
CA HIS C 302 46.14 54.99 124.13
C HIS C 302 45.76 54.29 125.42
N SER C 303 46.69 53.52 126.01
CA SER C 303 46.42 52.86 127.27
C SER C 303 46.30 53.88 128.38
N ARG C 304 47.14 54.91 128.33
CA ARG C 304 47.03 56.06 129.22
C ARG C 304 45.59 56.51 129.40
N LEU C 305 44.75 56.37 128.38
CA LEU C 305 43.32 56.65 128.53
C LEU C 305 42.53 55.38 128.85
N LEU C 306 42.54 54.42 127.94
CA LEU C 306 41.66 53.27 128.07
C LEU C 306 42.03 52.36 129.22
N GLU C 307 43.29 51.95 129.33
CA GLU C 307 43.72 50.95 130.29
C GLU C 307 43.61 51.44 131.73
N ARG C 308 43.45 52.74 131.93
CA ARG C 308 43.20 53.27 133.26
C ARG C 308 41.73 53.22 133.64
N ALA C 309 40.94 52.35 133.02
CA ALA C 309 39.49 52.34 133.19
C ALA C 309 39.15 52.04 134.64
N ALA C 310 38.69 53.06 135.36
CA ALA C 310 38.29 52.95 136.76
C ALA C 310 36.98 53.69 136.97
N LYS C 311 36.00 52.97 137.49
CA LYS C 311 34.74 53.54 137.94
C LYS C 311 35.01 54.00 139.37
N MET C 312 34.86 55.30 139.62
CA MET C 312 35.29 55.86 140.89
C MET C 312 34.75 55.01 142.04
N ASN C 313 35.68 54.36 142.74
CA ASN C 313 35.33 53.56 143.90
C ASN C 313 35.21 54.46 145.12
N ASP C 314 34.99 53.83 146.27
CA ASP C 314 34.95 54.57 147.52
C ASP C 314 36.19 55.42 147.72
N ALA C 315 37.36 54.93 147.31
CA ALA C 315 38.58 55.71 147.39
C ALA C 315 38.65 56.82 146.35
N PHE C 316 37.90 56.69 145.24
CA PHE C 316 37.96 57.66 144.16
C PHE C 316 36.73 58.57 144.15
N GLY C 317 36.05 58.72 145.28
CA GLY C 317 34.88 59.53 145.38
C GLY C 317 33.58 58.77 145.24
N GLY C 318 33.61 57.55 144.70
CA GLY C 318 32.43 56.72 144.62
C GLY C 318 31.58 56.90 143.38
N GLY C 319 31.94 57.83 142.50
CA GLY C 319 31.18 58.00 141.28
C GLY C 319 31.58 57.01 140.21
N SER C 320 31.86 57.51 139.02
CA SER C 320 32.31 56.64 137.94
C SER C 320 33.02 57.47 136.88
N LEU C 321 34.20 57.03 136.46
CA LEU C 321 34.91 57.64 135.34
C LEU C 321 34.66 56.73 134.16
N THR C 322 33.51 56.89 133.51
CA THR C 322 33.05 55.92 132.53
C THR C 322 33.45 56.33 131.12
N ALA C 323 33.63 55.33 130.27
CA ALA C 323 34.00 55.51 128.88
C ALA C 323 33.02 54.74 128.00
N LEU C 324 32.81 55.25 126.78
CA LEU C 324 31.91 54.61 125.83
C LEU C 324 32.53 54.67 124.44
N PRO C 325 33.59 53.91 124.20
CA PRO C 325 34.15 53.87 122.86
C PRO C 325 33.18 53.22 121.88
N VAL C 326 33.27 53.67 120.63
CA VAL C 326 32.53 53.08 119.53
C VAL C 326 33.53 52.78 118.43
N ILE C 327 33.71 51.50 118.12
CA ILE C 327 34.65 51.08 117.10
C ILE C 327 33.99 51.21 115.73
N GLU C 328 34.82 51.44 114.72
CA GLU C 328 34.37 51.57 113.34
C GLU C 328 35.25 50.71 112.46
N THR C 329 34.70 49.61 111.97
CA THR C 329 35.49 48.71 111.15
C THR C 329 35.89 49.38 109.84
N GLN C 330 37.06 48.99 109.34
CA GLN C 330 37.44 49.40 108.00
C GLN C 330 36.63 48.64 106.96
N ALA C 331 36.80 47.33 106.91
CA ALA C 331 36.00 46.44 106.08
C ALA C 331 35.64 45.21 106.88
N GLY C 332 35.24 45.41 108.13
CA GLY C 332 35.34 44.31 109.06
C GLY C 332 36.77 43.98 109.38
N ASP C 333 37.69 44.92 109.13
CA ASP C 333 39.10 44.68 109.33
C ASP C 333 39.42 44.60 110.81
N VAL C 334 39.06 43.49 111.44
CA VAL C 334 39.33 43.31 112.86
C VAL C 334 40.80 43.49 113.18
N SER C 335 41.68 43.11 112.28
CA SER C 335 43.12 43.24 112.50
C SER C 335 43.64 44.61 112.11
N ALA C 336 42.76 45.57 111.85
CA ALA C 336 43.21 46.92 111.57
C ALA C 336 43.92 47.44 112.79
N TYR C 337 44.89 48.33 112.59
CA TYR C 337 45.74 48.76 113.69
C TYR C 337 44.91 49.24 114.85
N ILE C 338 43.99 50.17 114.59
CA ILE C 338 43.04 50.58 115.60
C ILE C 338 42.20 49.37 115.97
N PRO C 339 41.68 48.64 114.98
CA PRO C 339 40.80 47.51 115.32
C PRO C 339 41.52 46.42 116.07
N THR C 340 42.62 45.90 115.55
CA THR C 340 43.35 44.88 116.28
C THR C 340 43.76 45.39 117.65
N ASN C 341 44.23 46.64 117.72
CA ASN C 341 44.68 47.20 118.98
C ASN C 341 43.56 47.19 120.00
N VAL C 342 42.40 47.75 119.66
CA VAL C 342 41.26 47.69 120.54
C VAL C 342 40.91 46.27 120.90
N ILE C 343 40.90 45.36 119.92
CA ILE C 343 40.75 43.95 120.22
C ILE C 343 41.83 43.51 121.19
N SER C 344 43.08 43.81 120.87
CA SER C 344 44.17 43.55 121.79
C SER C 344 44.04 44.36 123.07
N ILE C 345 43.26 45.43 123.06
CA ILE C 345 43.14 46.26 124.25
C ILE C 345 41.85 45.99 125.01
N THR C 346 40.71 46.09 124.35
CA THR C 346 39.43 46.12 125.04
C THR C 346 39.22 44.82 125.81
N ASP C 347 38.66 44.96 127.01
CA ASP C 347 38.17 43.83 127.79
C ASP C 347 36.68 44.09 127.87
N GLY C 348 35.97 43.68 126.82
CA GLY C 348 34.57 44.05 126.65
C GLY C 348 34.42 45.08 125.56
N GLN C 349 33.49 44.85 124.64
CA GLN C 349 33.31 45.73 123.49
C GLN C 349 31.98 45.45 122.80
N ILE C 350 31.40 46.47 122.16
CA ILE C 350 30.12 46.33 121.50
C ILE C 350 30.37 46.26 119.99
N PHE C 351 29.46 45.62 119.27
CA PHE C 351 29.55 45.52 117.82
C PHE C 351 28.17 45.73 117.21
N LEU C 352 28.11 46.54 116.16
CA LEU C 352 26.87 46.82 115.44
C LEU C 352 26.96 46.20 114.05
N GLU C 353 25.85 45.63 113.58
CA GLU C 353 25.80 44.97 112.29
C GLU C 353 25.22 45.91 111.24
N THR C 354 26.08 46.77 110.69
CA THR C 354 25.66 47.63 109.60
C THR C 354 25.19 46.84 108.39
N GLU C 355 25.59 45.58 108.28
CA GLU C 355 24.98 44.66 107.34
C GLU C 355 23.52 44.41 107.64
N LEU C 356 23.15 44.26 108.91
CA LEU C 356 21.73 44.28 109.25
C LEU C 356 21.14 45.66 108.98
N PHE C 357 21.93 46.71 109.20
CA PHE C 357 21.54 48.01 108.70
C PHE C 357 21.54 48.04 107.19
N TYR C 358 22.50 47.37 106.57
CA TYR C 358 22.41 47.09 105.15
C TYR C 358 21.21 46.20 104.87
N LYS C 359 20.96 45.21 105.72
CA LYS C 359 19.72 44.45 105.63
C LYS C 359 18.55 45.39 105.92
N GLY C 360 18.84 46.52 106.55
CA GLY C 360 17.82 47.54 106.74
C GLY C 360 17.53 47.83 108.20
N ILE C 361 17.96 46.93 109.08
CA ILE C 361 17.67 47.06 110.50
C ILE C 361 18.28 48.36 111.00
N ARG C 362 17.47 49.21 111.60
CA ARG C 362 17.96 50.46 112.16
C ARG C 362 17.20 50.72 113.46
N PRO C 363 17.78 50.40 114.62
CA PRO C 363 19.12 49.89 114.89
C PRO C 363 19.38 48.46 114.40
N ALA C 364 20.65 48.07 114.38
CA ALA C 364 21.09 46.77 113.87
C ALA C 364 22.28 46.20 114.62
N ILE C 365 22.39 46.28 115.94
CA ILE C 365 23.55 45.80 116.67
C ILE C 365 23.99 44.43 116.21
N ASN C 366 25.30 44.22 116.08
CA ASN C 366 25.84 42.95 115.66
C ASN C 366 25.65 41.97 116.80
N VAL C 367 24.55 41.23 116.72
CA VAL C 367 24.17 40.32 117.78
C VAL C 367 25.29 39.33 118.03
N GLY C 368 25.57 39.10 119.30
CA GLY C 368 26.64 38.20 119.67
C GLY C 368 27.99 38.87 119.51
N LEU C 369 28.16 39.63 118.43
CA LEU C 369 29.43 40.26 118.13
C LEU C 369 29.83 41.32 119.15
N SER C 370 28.88 41.92 119.84
CA SER C 370 29.20 42.74 121.00
C SER C 370 29.61 41.84 122.14
N VAL C 371 30.50 42.33 123.02
CA VAL C 371 30.95 41.55 124.16
C VAL C 371 30.62 42.31 125.43
N SER C 372 29.93 41.63 126.34
CA SER C 372 29.57 42.20 127.65
C SER C 372 30.12 41.26 128.71
N ARG C 373 31.44 41.30 128.91
CA ARG C 373 32.04 40.57 130.01
C ARG C 373 31.67 41.20 131.34
N VAL C 374 31.21 42.45 131.31
CA VAL C 374 30.61 43.04 132.50
C VAL C 374 29.37 42.26 132.92
N GLY C 375 28.58 41.81 131.93
CA GLY C 375 27.44 40.98 132.26
C GLY C 375 26.27 41.78 132.80
N SER C 376 25.30 41.04 133.35
CA SER C 376 24.06 41.65 133.81
C SER C 376 24.16 42.22 135.22
N ALA C 377 25.35 42.21 135.82
CA ALA C 377 25.49 42.69 137.19
C ALA C 377 25.13 44.17 137.34
N ALA C 378 25.09 44.91 136.24
CA ALA C 378 24.71 46.32 136.24
C ALA C 378 23.43 46.54 135.45
N GLN C 379 22.58 45.52 135.42
CA GLN C 379 21.25 45.64 134.87
C GLN C 379 20.26 45.26 135.96
N THR C 380 18.99 45.57 135.72
CA THR C 380 17.96 45.18 136.67
C THR C 380 17.99 43.66 136.85
N ARG C 381 17.99 43.24 138.11
CA ARG C 381 17.88 41.82 138.39
C ARG C 381 16.60 41.27 137.78
N ALA C 382 15.58 42.13 137.65
CA ALA C 382 14.42 41.80 136.83
C ALA C 382 14.80 41.72 135.36
N MET C 383 15.50 42.75 134.87
CA MET C 383 16.03 42.66 133.51
C MET C 383 17.01 41.50 133.40
N LYS C 384 17.77 41.23 134.46
CA LYS C 384 18.68 40.10 134.45
C LYS C 384 17.93 38.78 134.29
N GLN C 385 16.84 38.63 135.03
CA GLN C 385 16.03 37.41 134.95
C GLN C 385 15.41 37.26 133.58
N VAL C 386 14.85 38.35 133.04
CA VAL C 386 14.28 38.30 131.70
C VAL C 386 15.36 37.92 130.69
N ALA C 387 16.55 38.50 130.84
CA ALA C 387 17.64 38.26 129.89
C ALA C 387 18.15 36.83 129.98
N GLY C 388 18.08 36.22 131.16
CA GLY C 388 18.47 34.82 131.26
C GLY C 388 17.77 33.96 130.23
N THR C 389 16.46 34.15 130.09
CA THR C 389 15.72 33.47 129.03
C THR C 389 15.99 34.09 127.66
N MET C 390 16.03 35.42 127.60
CA MET C 390 16.09 36.12 126.32
C MET C 390 17.34 35.74 125.54
N LYS C 391 18.44 35.48 126.25
CA LYS C 391 19.67 35.08 125.57
C LYS C 391 19.44 33.83 124.74
N LEU C 392 18.91 32.77 125.36
CA LEU C 392 18.64 31.54 124.63
C LEU C 392 17.56 31.75 123.57
N GLU C 393 16.56 32.56 123.88
CA GLU C 393 15.48 32.79 122.92
C GLU C 393 16.03 33.41 121.64
N LEU C 394 16.78 34.51 121.77
CA LEU C 394 17.35 35.15 120.59
C LEU C 394 18.40 34.26 119.93
N ALA C 395 19.13 33.48 120.72
CA ALA C 395 20.10 32.57 120.15
C ALA C 395 19.43 31.57 119.23
N GLN C 396 18.41 30.88 119.73
CA GLN C 396 17.66 29.94 118.91
C GLN C 396 17.03 30.64 117.71
N TYR C 397 16.45 31.82 117.94
CA TYR C 397 15.96 32.62 116.82
C TYR C 397 17.02 32.80 115.76
N ARG C 398 18.26 33.05 116.17
CA ARG C 398 19.39 33.09 115.27
C ARG C 398 19.93 31.72 114.95
N GLU C 399 19.91 30.79 115.90
CA GLU C 399 20.55 29.49 115.72
C GLU C 399 20.00 28.73 114.53
N VAL C 400 18.71 28.83 114.25
CA VAL C 400 18.12 28.14 113.12
C VAL C 400 17.24 29.11 112.34
N ALA C 401 17.61 30.38 112.34
CA ALA C 401 16.81 31.40 111.67
C ALA C 401 16.47 31.02 110.24
N ALA C 402 17.43 30.48 109.50
CA ALA C 402 17.20 30.06 108.13
C ALA C 402 16.43 28.74 108.12
N PHE C 403 15.12 28.86 107.99
CA PHE C 403 14.27 27.69 107.87
C PHE C 403 14.66 26.88 106.65
N ASP C 411 11.69 21.04 113.26
CA ASP C 411 10.36 20.59 113.65
C ASP C 411 9.37 21.74 113.58
N ALA C 412 8.08 21.39 113.50
CA ALA C 412 7.04 22.39 113.60
C ALA C 412 7.03 23.04 114.98
N ALA C 413 7.20 22.25 116.03
CA ALA C 413 7.45 22.83 117.35
C ALA C 413 8.70 23.68 117.32
N THR C 414 9.74 23.18 116.66
CA THR C 414 10.88 24.04 116.38
C THR C 414 10.47 25.18 115.47
N GLN C 415 9.57 24.94 114.51
CA GLN C 415 9.08 26.03 113.69
C GLN C 415 8.31 27.03 114.54
N GLN C 416 7.53 26.55 115.50
CA GLN C 416 6.88 27.45 116.43
C GLN C 416 7.90 28.26 117.20
N LEU C 417 8.96 27.61 117.66
CA LEU C 417 10.01 28.29 118.40
C LEU C 417 10.67 29.36 117.54
N LEU C 418 10.94 29.02 116.29
CA LEU C 418 11.59 29.97 115.38
C LEU C 418 10.68 31.15 115.10
N SER C 419 9.39 30.89 114.90
CA SER C 419 8.44 31.97 114.68
C SER C 419 8.41 32.91 115.88
N ARG C 420 8.36 32.33 117.09
CA ARG C 420 8.34 33.15 118.29
C ARG C 420 9.62 33.96 118.42
N GLY C 421 10.78 33.34 118.16
CA GLY C 421 12.04 34.05 118.31
C GLY C 421 12.20 35.15 117.28
N VAL C 422 11.78 34.89 116.04
CA VAL C 422 11.84 35.92 115.01
C VAL C 422 10.92 37.07 115.36
N ARG C 423 9.70 36.77 115.81
CA ARG C 423 8.78 37.83 116.22
C ARG C 423 9.36 38.62 117.39
N LEU C 424 10.03 37.93 118.32
CA LEU C 424 10.65 38.61 119.44
C LEU C 424 11.76 39.54 118.98
N THR C 425 12.60 39.08 118.06
CA THR C 425 13.64 39.94 117.53
C THR C 425 13.04 41.17 116.86
N GLU C 426 11.98 40.97 116.08
CA GLU C 426 11.27 42.09 115.50
C GLU C 426 10.77 43.05 116.56
N LEU C 427 10.17 42.53 117.62
CA LEU C 427 9.68 43.36 118.71
C LEU C 427 10.79 44.16 119.37
N LEU C 428 11.96 43.55 119.56
CA LEU C 428 13.05 44.22 120.24
C LEU C 428 13.54 45.45 119.50
N LYS C 429 13.14 45.61 118.24
CA LYS C 429 13.61 46.71 117.43
C LYS C 429 13.16 48.05 118.02
N GLN C 430 13.84 49.11 117.60
CA GLN C 430 13.53 50.45 118.06
C GLN C 430 13.67 51.39 116.87
N GLY C 431 13.08 52.57 116.99
CA GLY C 431 13.02 53.49 115.88
C GLY C 431 14.29 54.28 115.64
N GLN C 432 14.13 55.55 115.23
CA GLN C 432 15.25 56.45 115.03
C GLN C 432 15.18 57.55 116.08
N TYR C 433 16.25 57.69 116.86
CA TYR C 433 16.31 58.67 117.94
C TYR C 433 15.16 58.51 118.91
N SER C 434 15.00 57.33 119.48
CA SER C 434 13.90 57.03 120.40
C SER C 434 14.42 56.24 121.58
N PRO C 435 15.29 56.84 122.39
CA PRO C 435 15.68 56.18 123.65
C PRO C 435 14.79 56.64 124.79
N MET C 436 14.55 55.72 125.71
CA MET C 436 13.66 55.97 126.83
C MET C 436 14.07 55.13 128.04
N ALA C 437 13.24 55.17 129.08
CA ALA C 437 13.51 54.38 130.27
C ALA C 437 13.30 52.89 129.99
N ILE C 438 13.99 52.06 130.79
CA ILE C 438 13.99 50.63 130.57
C ILE C 438 12.72 49.98 131.10
N GLU C 439 11.79 50.80 131.62
CA GLU C 439 10.57 50.23 132.19
C GLU C 439 9.73 49.56 131.11
N GLU C 440 9.42 50.29 130.03
CA GLU C 440 8.65 49.68 128.95
C GLU C 440 9.45 48.57 128.29
N GLN C 441 10.78 48.69 128.33
CA GLN C 441 11.63 47.61 127.84
C GLN C 441 11.38 46.32 128.62
N VAL C 442 11.41 46.41 129.94
CA VAL C 442 11.12 45.24 130.77
C VAL C 442 9.68 44.80 130.57
N ALA C 443 8.78 45.74 130.27
CA ALA C 443 7.40 45.38 129.99
C ALA C 443 7.31 44.47 128.77
N VAL C 444 7.92 44.90 127.68
CA VAL C 444 7.94 44.06 126.48
C VAL C 444 8.71 42.77 126.74
N ILE C 445 9.70 42.83 127.64
CA ILE C 445 10.45 41.63 128.00
C ILE C 445 9.53 40.61 128.65
N TYR C 446 8.67 41.08 129.56
CA TYR C 446 7.67 40.19 130.16
C TYR C 446 6.71 39.69 129.11
N ALA C 447 6.34 40.56 128.17
CA ALA C 447 5.46 40.14 127.09
C ALA C 447 6.07 38.97 126.31
N GLY C 448 7.33 39.11 125.92
CA GLY C 448 8.00 38.04 125.20
C GLY C 448 8.23 36.79 126.00
N VAL C 449 8.67 36.94 127.25
CA VAL C 449 8.82 35.80 128.14
C VAL C 449 7.48 35.10 128.34
N ARG C 450 6.37 35.84 128.28
CA ARG C 450 5.05 35.23 128.18
C ARG C 450 4.65 34.98 126.75
N GLY C 451 5.41 35.49 125.77
CA GLY C 451 5.03 35.36 124.38
C GLY C 451 3.70 36.04 124.15
N TYR C 452 3.52 37.21 124.78
CA TYR C 452 2.21 37.82 124.91
C TYR C 452 1.59 38.16 123.56
N LEU C 453 2.41 38.18 122.51
CA LEU C 453 1.86 38.37 121.17
C LEU C 453 2.54 37.47 120.14
N ASP C 454 3.22 36.40 120.57
CA ASP C 454 3.87 35.50 119.64
C ASP C 454 2.90 34.91 118.63
N LYS C 455 1.61 34.85 118.97
CA LYS C 455 0.56 34.54 118.02
C LYS C 455 0.22 35.70 117.11
N LEU C 456 0.29 36.93 117.61
CA LEU C 456 0.15 38.08 116.72
C LEU C 456 1.31 38.10 115.74
N GLU C 457 0.98 38.24 114.46
CA GLU C 457 2.00 38.23 113.43
C GLU C 457 2.99 39.36 113.68
N PRO C 458 4.27 39.16 113.36
CA PRO C 458 5.23 40.25 113.59
C PRO C 458 4.79 41.55 112.94
N SER C 459 4.21 41.47 111.74
CA SER C 459 3.57 42.63 111.16
C SER C 459 2.36 43.10 111.96
N LYS C 460 1.51 42.18 112.41
CA LYS C 460 0.53 42.53 113.43
C LYS C 460 1.20 42.97 114.71
N ILE C 461 2.23 42.25 115.14
CA ILE C 461 3.00 42.65 116.31
C ILE C 461 3.67 44.00 116.07
N THR C 462 3.95 44.33 114.80
CA THR C 462 4.61 45.60 114.52
C THR C 462 3.87 46.77 115.16
N LYS C 463 2.55 46.77 115.07
CA LYS C 463 1.77 47.79 115.76
C LYS C 463 1.31 47.30 117.14
N PHE C 464 1.21 45.99 117.32
CA PHE C 464 0.72 45.44 118.58
C PHE C 464 1.68 45.78 119.72
N GLU C 465 2.97 45.86 119.43
CA GLU C 465 3.95 46.21 120.45
C GLU C 465 3.74 47.63 120.94
N ASN C 466 3.53 48.56 120.01
CA ASN C 466 3.24 49.94 120.38
C ASN C 466 1.95 50.03 121.16
N ALA C 467 0.92 49.32 120.69
CA ALA C 467 -0.36 49.32 121.39
C ALA C 467 -0.21 48.71 122.78
N PHE C 468 0.68 47.73 122.92
CA PHE C 468 0.92 47.09 124.21
C PHE C 468 1.58 48.05 125.17
N LEU C 469 2.64 48.72 124.72
CA LEU C 469 3.28 49.73 125.56
C LEU C 469 2.29 50.79 125.98
N SER C 470 1.44 51.22 125.04
CA SER C 470 0.47 52.27 125.32
C SER C 470 -0.56 51.81 126.36
N HIS C 471 -1.14 50.64 126.16
CA HIS C 471 -2.21 50.19 127.06
C HIS C 471 -1.65 49.80 128.43
N VAL C 472 -0.40 49.38 128.47
CA VAL C 472 0.25 49.11 129.76
C VAL C 472 0.47 50.41 130.51
N ILE C 473 1.03 51.41 129.84
CA ILE C 473 1.23 52.71 130.46
C ILE C 473 -0.08 53.30 130.94
N SER C 474 -1.12 53.26 130.11
CA SER C 474 -2.44 53.69 130.53
C SER C 474 -3.06 52.74 131.54
N GLN C 475 -2.47 51.59 131.76
CA GLN C 475 -3.00 50.63 132.71
C GLN C 475 -2.12 50.46 133.94
N HIS C 476 -0.81 50.54 133.80
CA HIS C 476 0.08 50.20 134.90
C HIS C 476 1.28 51.14 134.98
N GLN C 477 1.12 52.39 134.52
CA GLN C 477 2.19 53.36 134.72
C GLN C 477 2.53 53.48 136.19
N ALA C 478 1.52 53.43 137.05
CA ALA C 478 1.76 53.31 138.48
C ALA C 478 2.51 52.02 138.80
N LEU C 479 2.00 50.88 138.31
CA LEU C 479 2.70 49.62 138.53
C LEU C 479 4.05 49.64 137.83
N LEU C 480 4.17 50.44 136.77
CA LEU C 480 5.46 50.62 136.13
C LEU C 480 6.46 51.25 137.09
N GLY C 481 6.09 52.39 137.68
CA GLY C 481 6.95 52.99 138.68
C GLY C 481 7.16 52.07 139.87
N LYS C 482 6.18 51.23 140.14
CA LYS C 482 6.29 50.27 141.25
C LYS C 482 7.40 49.28 140.99
N ILE C 483 7.31 48.56 139.87
CA ILE C 483 8.36 47.61 139.51
C ILE C 483 9.68 48.34 139.36
N ARG C 484 9.64 49.59 138.93
CA ARG C 484 10.85 50.38 138.79
C ARG C 484 11.55 50.57 140.13
N THR C 485 10.89 51.28 141.05
CA THR C 485 11.51 51.57 142.34
C THR C 485 11.85 50.27 143.07
N ASP C 486 10.92 49.32 143.06
CA ASP C 486 11.19 48.02 143.68
C ASP C 486 12.34 47.29 142.99
N GLY C 487 12.40 47.33 141.67
CA GLY C 487 13.50 46.67 140.98
C GLY C 487 13.45 45.17 141.00
N LYS C 488 13.27 44.57 142.18
CA LYS C 488 13.28 43.14 142.37
C LYS C 488 12.10 42.49 141.65
N ILE C 489 12.04 41.17 141.72
CA ILE C 489 11.07 40.37 140.98
C ILE C 489 9.70 40.62 141.57
N SER C 490 8.88 41.42 140.88
CA SER C 490 7.58 41.81 141.41
C SER C 490 6.49 40.89 140.89
N GLU C 491 6.23 39.83 141.66
CA GLU C 491 5.17 38.90 141.29
C GLU C 491 3.82 39.58 141.25
N GLU C 492 3.60 40.54 142.15
CA GLU C 492 2.35 41.31 142.11
C GLU C 492 2.29 42.16 140.86
N SER C 493 3.35 42.93 140.59
CA SER C 493 3.40 43.63 139.32
C SER C 493 3.43 42.66 138.16
N ASP C 494 3.92 41.44 138.39
CA ASP C 494 3.90 40.43 137.34
C ASP C 494 2.48 40.03 136.97
N ALA C 495 1.62 39.83 137.97
CA ALA C 495 0.24 39.48 137.69
C ALA C 495 -0.53 40.66 137.12
N LYS C 496 -0.25 41.86 137.64
CA LYS C 496 -0.81 43.07 137.03
C LYS C 496 -0.40 43.17 135.58
N LEU C 497 0.83 42.78 135.28
CA LEU C 497 1.31 42.77 133.90
C LEU C 497 0.58 41.72 133.07
N LYS C 498 0.34 40.54 133.65
CA LYS C 498 -0.40 39.52 132.93
C LYS C 498 -1.78 40.03 132.57
N GLU C 499 -2.44 40.69 133.52
CA GLU C 499 -3.77 41.23 133.27
C GLU C 499 -3.72 42.33 132.20
N ILE C 500 -2.84 43.32 132.39
CA ILE C 500 -2.77 44.43 131.44
C ILE C 500 -2.27 43.93 130.09
N VAL C 501 -1.61 42.77 130.08
CA VAL C 501 -1.16 42.18 128.83
C VAL C 501 -2.33 41.57 128.10
N THR C 502 -3.15 40.81 128.81
CA THR C 502 -4.42 40.39 128.25
C THR C 502 -5.16 41.60 127.71
N ASN C 503 -5.13 42.70 128.45
CA ASN C 503 -5.79 43.93 128.01
C ASN C 503 -5.21 44.43 126.71
N PHE C 504 -3.92 44.77 126.71
CA PHE C 504 -3.30 45.41 125.56
C PHE C 504 -3.30 44.50 124.34
N LEU C 505 -2.81 43.27 124.49
CA LEU C 505 -2.70 42.37 123.34
C LEU C 505 -4.04 41.75 122.99
N ALA C 506 -4.67 41.08 123.95
CA ALA C 506 -5.94 40.42 123.68
C ALA C 506 -6.98 41.42 123.19
N GLY C 507 -6.92 42.64 123.70
CA GLY C 507 -7.86 43.66 123.26
C GLY C 507 -7.43 44.36 121.99
N PHE C 508 -6.33 43.89 121.40
CA PHE C 508 -5.81 44.50 120.18
C PHE C 508 -6.21 43.75 118.92
N GLU C 509 -6.23 42.42 118.96
CA GLU C 509 -6.55 41.61 117.79
C GLU C 509 -5.67 41.95 116.59
N THR D 13 79.96 56.82 137.36
CA THR D 13 79.72 58.19 136.95
C THR D 13 78.31 58.61 137.32
N THR D 14 77.75 59.53 136.53
CA THR D 14 76.37 59.99 136.72
C THR D 14 75.90 60.64 135.43
N GLY D 15 74.94 60.01 134.76
CA GLY D 15 74.43 60.52 133.52
C GLY D 15 73.70 61.85 133.72
N ARG D 16 73.67 62.63 132.64
CA ARG D 16 73.00 63.91 132.65
C ARG D 16 72.17 64.03 131.40
N ILE D 17 70.92 64.46 131.55
CA ILE D 17 69.99 64.55 130.43
C ILE D 17 70.62 65.39 129.32
N VAL D 18 70.65 64.83 128.11
CA VAL D 18 71.38 65.49 127.04
C VAL D 18 70.43 65.88 125.91
N ALA D 19 69.91 64.89 125.19
CA ALA D 19 69.07 65.13 124.05
C ALA D 19 68.32 63.84 123.76
N VAL D 20 66.99 63.91 123.79
CA VAL D 20 66.17 62.72 123.59
C VAL D 20 64.72 63.15 123.37
N ILE D 21 64.04 62.45 122.49
CA ILE D 21 62.58 62.48 122.45
C ILE D 21 62.14 61.42 123.44
N GLY D 22 62.13 61.76 124.72
CA GLY D 22 61.68 60.82 125.72
C GLY D 22 62.75 59.80 126.10
N ALA D 23 62.30 58.59 126.39
CA ALA D 23 63.08 57.57 127.09
C ALA D 23 64.29 57.10 126.29
N VAL D 24 64.31 57.35 124.99
CA VAL D 24 65.43 56.96 124.15
C VAL D 24 66.52 57.99 124.40
N VAL D 25 67.24 57.83 125.51
CA VAL D 25 68.05 58.90 126.07
C VAL D 25 69.45 58.40 126.33
N ASP D 26 70.43 59.11 125.79
CA ASP D 26 71.81 58.98 126.19
C ASP D 26 72.13 60.11 127.16
N VAL D 27 72.27 59.78 128.44
CA VAL D 27 72.44 60.76 129.49
C VAL D 27 73.92 60.97 129.71
N GLN D 28 74.34 62.23 129.71
CA GLN D 28 75.74 62.58 129.78
C GLN D 28 76.33 62.18 131.12
N PHE D 29 77.12 61.10 131.11
CA PHE D 29 77.85 60.64 132.29
C PHE D 29 79.32 60.96 132.11
N ASP D 30 79.94 61.47 133.16
CA ASP D 30 81.34 61.91 133.08
C ASP D 30 82.29 60.84 132.61
N GLU D 31 82.19 59.63 133.14
CA GLU D 31 82.98 58.52 132.64
C GLU D 31 82.25 57.87 131.47
N GLY D 32 82.68 56.69 131.08
CA GLY D 32 82.04 55.97 130.00
C GLY D 32 80.69 55.37 130.37
N LEU D 33 80.26 54.39 129.58
CA LEU D 33 79.05 53.59 129.65
C LEU D 33 79.27 52.36 130.52
N PRO D 34 78.35 52.10 131.45
CA PRO D 34 78.50 50.94 132.33
C PRO D 34 78.41 49.64 131.56
N PRO D 35 78.59 48.52 132.24
CA PRO D 35 78.47 47.22 131.56
C PRO D 35 77.04 46.96 131.11
N ILE D 36 76.87 45.84 130.41
CA ILE D 36 75.57 45.50 129.86
C ILE D 36 74.56 45.30 130.98
N LEU D 37 73.28 45.35 130.61
CA LEU D 37 72.13 45.23 131.51
C LEU D 37 72.14 46.33 132.56
N ASN D 38 72.92 47.39 132.38
CA ASN D 38 72.96 48.45 133.37
C ASN D 38 71.64 49.20 133.42
N ALA D 39 71.07 49.28 134.61
CA ALA D 39 69.84 50.01 134.87
C ALA D 39 70.08 51.03 135.97
N LEU D 40 70.04 52.31 135.61
CA LEU D 40 70.43 53.39 136.52
C LEU D 40 69.24 54.30 136.76
N GLU D 41 69.17 54.87 137.95
CA GLU D 41 68.04 55.69 138.38
C GLU D 41 68.26 57.14 138.00
N VAL D 42 67.19 57.80 137.58
CA VAL D 42 67.27 59.22 137.25
C VAL D 42 67.27 60.03 138.53
N GLN D 43 68.42 60.63 138.84
CA GLN D 43 68.49 61.60 139.92
C GLN D 43 67.92 62.91 139.42
N GLY D 44 66.94 63.44 140.15
CA GLY D 44 66.31 64.68 139.78
C GLY D 44 64.95 64.55 139.11
N ARG D 45 64.34 63.39 139.14
CA ARG D 45 63.03 63.16 138.53
C ARG D 45 61.96 63.25 139.60
N GLU D 46 60.70 63.07 139.19
CA GLU D 46 59.61 63.07 140.15
C GLU D 46 59.68 61.86 141.08
N THR D 47 59.87 60.67 140.51
CA THR D 47 59.93 59.43 141.27
C THR D 47 61.25 58.71 141.01
N ARG D 48 61.43 57.57 141.65
CA ARG D 48 62.65 56.78 141.42
C ARG D 48 62.62 56.24 140.00
N LEU D 49 63.34 56.88 139.10
CA LEU D 49 63.26 56.61 137.68
C LEU D 49 64.50 55.87 137.23
N VAL D 50 64.46 54.55 137.28
CA VAL D 50 65.58 53.71 136.89
C VAL D 50 65.52 53.53 135.38
N LEU D 51 66.61 53.86 134.71
CA LEU D 51 66.72 53.73 133.26
C LEU D 51 67.80 52.71 132.95
N GLU D 52 67.54 51.87 131.95
CA GLU D 52 68.42 50.77 131.62
C GLU D 52 69.35 51.17 130.48
N VAL D 53 70.65 51.19 130.77
CA VAL D 53 71.62 51.44 129.71
C VAL D 53 71.57 50.32 128.70
N ALA D 54 71.31 50.66 127.44
CA ALA D 54 71.07 49.65 126.43
C ALA D 54 71.78 49.87 125.11
N GLN D 55 72.35 51.04 124.85
CA GLN D 55 72.99 51.27 123.57
C GLN D 55 74.44 51.66 123.82
N HIS D 56 75.34 50.73 123.47
CA HIS D 56 76.77 50.92 123.70
C HIS D 56 77.27 51.90 122.66
N LEU D 57 76.58 53.03 122.55
CA LEU D 57 76.95 54.08 121.62
C LEU D 57 78.18 54.83 122.08
N GLY D 58 78.65 54.57 123.29
CA GLY D 58 79.72 55.36 123.85
C GLY D 58 79.27 56.78 124.13
N GLU D 59 80.19 57.72 123.85
CA GLU D 59 79.94 59.15 123.96
C GLU D 59 79.67 59.58 125.40
N SER D 60 80.07 58.74 126.36
CA SER D 60 79.87 59.01 127.78
C SER D 60 78.39 59.17 128.12
N THR D 61 77.55 58.92 127.13
CA THR D 61 76.10 58.93 127.24
C THR D 61 75.54 57.83 126.35
N VAL D 62 75.00 56.79 126.98
CA VAL D 62 74.49 55.63 126.26
C VAL D 62 72.99 55.78 126.16
N ARG D 63 72.46 55.70 124.94
CA ARG D 63 71.02 55.70 124.75
C ARG D 63 70.43 54.58 125.61
N THR D 64 69.74 54.98 126.66
CA THR D 64 69.39 54.07 127.73
C THR D 64 67.89 53.86 127.77
N ILE D 65 67.51 52.64 128.15
CA ILE D 65 66.12 52.22 128.21
C ILE D 65 65.51 52.77 129.49
N ALA D 66 64.81 53.90 129.37
CA ALA D 66 64.11 54.47 130.50
C ALA D 66 62.69 53.93 130.53
N MET D 67 62.32 53.32 131.65
CA MET D 67 60.99 52.75 131.78
C MET D 67 59.94 53.75 132.25
N ASP D 68 60.32 55.00 132.53
CA ASP D 68 59.43 55.93 133.19
C ASP D 68 59.08 57.07 132.24
N GLY D 69 58.02 57.79 132.61
CA GLY D 69 57.62 58.98 131.87
C GLY D 69 58.68 60.06 131.92
N THR D 70 59.12 60.51 130.76
CA THR D 70 60.24 61.44 130.65
C THR D 70 59.81 62.89 130.82
N GLU D 71 58.51 63.16 130.79
CA GLU D 71 58.02 64.53 130.84
C GLU D 71 58.60 65.28 132.03
N GLY D 72 58.67 66.59 131.90
CA GLY D 72 59.20 67.40 132.98
C GLY D 72 60.69 67.46 133.07
N LEU D 73 61.41 66.52 132.46
CA LEU D 73 62.85 66.55 132.53
C LEU D 73 63.40 67.77 131.80
N VAL D 74 64.45 68.36 132.36
CA VAL D 74 65.17 69.44 131.73
C VAL D 74 66.51 68.88 131.29
N ARG D 75 66.95 69.25 130.08
CA ARG D 75 68.25 68.81 129.59
C ARG D 75 69.32 69.22 130.59
N GLY D 76 70.26 68.31 130.83
CA GLY D 76 71.25 68.48 131.87
C GLY D 76 70.89 67.80 133.16
N GLN D 77 69.74 67.14 133.24
CA GLN D 77 69.34 66.47 134.47
C GLN D 77 70.33 65.35 134.80
N LYS D 78 71.12 65.55 135.84
CA LYS D 78 72.17 64.61 136.23
C LYS D 78 71.55 63.46 137.01
N VAL D 79 71.77 62.25 136.53
CA VAL D 79 71.04 61.08 137.00
C VAL D 79 72.01 60.14 137.72
N LEU D 80 71.48 59.30 138.59
CA LEU D 80 72.27 58.39 139.40
C LEU D 80 72.62 57.15 138.61
N ASP D 81 73.92 56.95 138.35
CA ASP D 81 74.38 55.79 137.62
C ASP D 81 74.50 54.60 138.58
N SER D 82 73.73 53.54 138.30
CA SER D 82 73.86 52.32 139.10
C SER D 82 74.82 51.32 138.47
N GLY D 83 74.55 50.87 137.24
CA GLY D 83 75.47 50.06 136.49
C GLY D 83 75.02 48.64 136.17
N ALA D 84 73.86 48.21 136.64
CA ALA D 84 73.41 46.84 136.43
C ALA D 84 71.89 46.81 136.49
N PRO D 85 71.29 45.63 136.32
CA PRO D 85 69.82 45.54 136.37
C PRO D 85 69.30 45.70 137.79
N ILE D 86 67.98 45.83 137.88
CA ILE D 86 67.29 46.08 139.14
C ILE D 86 67.50 44.92 140.11
N ARG D 87 67.78 45.24 141.36
CA ARG D 87 67.96 44.25 142.41
C ARG D 87 66.88 44.40 143.47
N ILE D 88 66.12 43.34 143.69
CA ILE D 88 65.09 43.32 144.72
C ILE D 88 65.06 41.93 145.33
N PRO D 89 64.58 41.78 146.55
CA PRO D 89 64.57 40.45 147.18
C PRO D 89 63.54 39.52 146.55
N VAL D 90 63.77 38.22 146.71
CA VAL D 90 62.91 37.18 146.16
C VAL D 90 62.87 36.01 147.13
N GLY D 91 62.22 34.93 146.70
CA GLY D 91 61.97 33.81 147.55
C GLY D 91 60.53 33.82 148.02
N PRO D 92 60.08 32.74 148.64
CA PRO D 92 58.69 32.67 149.11
C PRO D 92 58.35 33.67 150.21
N GLU D 93 59.35 34.37 150.74
CA GLU D 93 59.11 35.39 151.75
C GLU D 93 58.37 36.60 151.19
N THR D 94 58.77 37.08 150.01
CA THR D 94 58.08 38.22 149.42
C THR D 94 56.64 37.90 149.09
N LEU D 95 56.27 36.63 149.05
CA LEU D 95 54.88 36.26 148.81
C LEU D 95 53.99 36.85 149.90
N GLY D 96 52.78 37.23 149.52
CA GLY D 96 51.84 37.86 150.42
C GLY D 96 51.47 39.29 150.09
N ARG D 97 52.37 40.04 149.47
CA ARG D 97 52.04 41.35 148.96
C ARG D 97 52.17 41.33 147.44
N ILE D 98 51.92 42.47 146.81
CA ILE D 98 52.09 42.63 145.37
C ILE D 98 53.16 43.67 145.14
N MET D 99 54.27 43.25 144.53
CA MET D 99 55.44 44.10 144.39
C MET D 99 55.81 44.24 142.92
N ASN D 100 56.48 45.34 142.61
CA ASN D 100 56.94 45.59 141.25
C ASN D 100 58.24 44.82 140.99
N VAL D 101 58.66 44.80 139.73
CA VAL D 101 59.94 44.17 139.39
C VAL D 101 61.08 44.96 140.01
N ILE D 102 60.93 46.27 140.14
CA ILE D 102 61.89 47.10 140.85
C ILE D 102 61.80 46.80 142.34
N GLY D 103 60.87 45.92 142.70
CA GLY D 103 60.59 45.60 144.07
C GLY D 103 59.46 46.43 144.68
N GLU D 104 58.95 47.40 143.93
CA GLU D 104 57.97 48.32 144.50
C GLU D 104 56.69 47.59 144.87
N PRO D 105 56.46 47.33 146.15
CA PRO D 105 55.23 46.66 146.55
C PRO D 105 54.03 47.56 146.35
N ILE D 106 53.24 47.23 145.32
CA ILE D 106 52.12 48.07 144.92
C ILE D 106 50.85 47.52 145.57
N ASP D 107 51.02 46.72 146.62
CA ASP D 107 49.90 46.24 147.41
C ASP D 107 49.49 47.22 148.49
N GLU D 108 49.91 48.48 148.37
CA GLU D 108 49.64 49.52 149.36
C GLU D 108 50.10 49.06 150.75
N ARG D 109 51.25 48.39 150.77
CA ARG D 109 51.73 47.79 152.00
C ARG D 109 53.22 48.01 152.20
N GLY D 110 53.82 48.89 151.42
CA GLY D 110 55.24 49.15 151.53
C GLY D 110 56.07 47.93 151.23
N PRO D 111 57.40 48.07 151.30
CA PRO D 111 58.28 47.02 150.81
C PRO D 111 58.05 45.69 151.51
N ILE D 112 57.51 44.74 150.76
CA ILE D 112 57.40 43.36 151.23
C ILE D 112 58.78 42.74 151.05
N LYS D 113 59.67 42.99 152.00
CA LYS D 113 61.09 42.68 151.84
C LYS D 113 61.30 41.19 152.10
N THR D 114 61.99 40.54 151.17
CA THR D 114 62.38 39.15 151.26
C THR D 114 63.90 39.05 151.41
N LYS D 115 64.43 37.84 151.29
CA LYS D 115 65.86 37.64 151.48
C LYS D 115 66.64 37.63 150.17
N GLN D 116 66.31 36.69 149.26
CA GLN D 116 67.11 36.46 148.07
C GLN D 116 66.97 37.64 147.11
N PHE D 117 67.96 38.52 147.11
CA PHE D 117 67.97 39.69 146.25
C PHE D 117 69.16 39.63 145.29
N ALA D 118 68.91 39.93 144.02
CA ALA D 118 69.94 39.88 143.00
C ALA D 118 69.48 40.60 141.74
N ALA D 119 70.39 40.74 140.79
CA ALA D 119 70.09 41.30 139.47
C ALA D 119 69.39 40.26 138.61
N ILE D 120 68.80 40.69 137.50
CA ILE D 120 67.93 39.81 136.72
C ILE D 120 68.59 39.19 135.49
N HIS D 121 69.58 39.85 134.90
CA HIS D 121 70.19 39.37 133.67
C HIS D 121 71.05 38.15 134.00
N ALA D 122 70.72 37.01 133.38
CA ALA D 122 71.37 35.77 133.74
C ALA D 122 71.30 34.82 132.56
N GLU D 123 71.83 33.61 132.76
CA GLU D 123 71.85 32.60 131.72
C GLU D 123 70.64 31.69 131.79
N ALA D 124 70.59 30.73 130.88
CA ALA D 124 69.52 29.75 130.77
C ALA D 124 69.93 28.45 131.43
N PRO D 125 69.04 27.46 131.43
CA PRO D 125 69.40 26.15 131.99
C PRO D 125 70.60 25.55 131.26
N GLU D 126 71.40 24.79 132.01
CA GLU D 126 72.65 24.26 131.49
C GLU D 126 72.41 23.14 130.48
N PHE D 127 73.41 22.92 129.63
CA PHE D 127 73.29 21.91 128.59
C PHE D 127 73.31 20.49 129.14
N VAL D 128 73.60 20.34 130.44
CA VAL D 128 73.61 19.01 131.04
C VAL D 128 72.93 18.95 132.39
N GLU D 129 72.43 20.06 132.92
CA GLU D 129 72.06 20.13 134.33
C GLU D 129 70.58 20.36 134.59
N MET D 130 69.72 20.30 133.58
CA MET D 130 68.30 20.50 133.80
C MET D 130 67.60 19.16 134.03
N SER D 131 66.27 19.21 134.12
CA SER D 131 65.44 18.03 134.23
C SER D 131 65.16 17.45 132.85
N VAL D 132 65.10 16.12 132.78
CA VAL D 132 65.09 15.44 131.50
C VAL D 132 63.89 14.50 131.38
N GLU D 133 62.85 14.74 132.17
CA GLU D 133 61.66 13.91 132.15
C GLU D 133 60.40 14.76 132.09
N GLN D 134 59.29 14.11 131.74
CA GLN D 134 57.99 14.77 131.61
C GLN D 134 56.96 14.00 132.40
N GLU D 135 56.34 14.65 133.37
CA GLU D 135 55.33 14.01 134.20
C GLU D 135 54.01 14.72 133.99
N ILE D 136 52.99 13.97 133.59
CA ILE D 136 51.68 14.54 133.29
C ILE D 136 51.15 15.26 134.52
N LEU D 137 51.09 16.59 134.46
CA LEU D 137 50.62 17.42 135.56
C LEU D 137 49.10 17.49 135.46
N VAL D 138 48.45 16.35 135.71
CA VAL D 138 47.02 16.23 135.49
C VAL D 138 46.28 17.22 136.40
N THR D 139 45.16 17.73 135.90
CA THR D 139 44.26 18.57 136.68
C THR D 139 42.81 18.16 136.57
N GLY D 140 42.49 17.15 135.76
CA GLY D 140 41.13 16.69 135.60
C GLY D 140 40.26 17.55 134.71
N ILE D 141 40.84 18.21 133.72
CA ILE D 141 40.13 19.16 132.86
C ILE D 141 39.46 18.38 131.74
N LYS D 142 38.21 18.70 131.47
CA LYS D 142 37.41 17.92 130.52
C LYS D 142 38.13 17.78 129.19
N VAL D 143 38.29 18.89 128.48
CA VAL D 143 38.92 18.83 127.17
C VAL D 143 40.39 18.48 127.30
N VAL D 144 41.10 19.14 128.23
CA VAL D 144 42.55 18.99 128.29
C VAL D 144 42.91 17.54 128.56
N ASP D 145 42.34 16.96 129.61
CA ASP D 145 42.55 15.55 129.83
C ASP D 145 42.04 14.73 128.65
N LEU D 146 40.86 15.08 128.14
CA LEU D 146 40.21 14.32 127.08
C LEU D 146 41.15 14.08 125.92
N LEU D 147 41.88 15.12 125.50
CA LEU D 147 42.86 14.95 124.45
C LEU D 147 44.28 15.26 124.90
N ALA D 148 44.53 16.50 125.32
CA ALA D 148 45.88 17.02 125.42
C ALA D 148 46.27 17.21 126.89
N PRO D 149 46.42 16.10 127.61
CA PRO D 149 46.90 16.21 128.99
C PRO D 149 48.25 16.91 129.03
N TYR D 150 48.43 17.75 130.02
CA TYR D 150 49.66 18.52 130.16
C TYR D 150 50.74 17.66 130.81
N ALA D 151 51.82 18.32 131.24
CA ALA D 151 52.92 17.64 131.90
C ALA D 151 53.57 18.59 132.90
N LYS D 152 54.55 18.07 133.64
CA LYS D 152 55.14 18.84 134.73
C LYS D 152 56.15 19.86 134.22
N GLY D 153 55.91 21.13 134.56
CA GLY D 153 56.90 22.16 134.41
C GLY D 153 57.35 22.47 133.00
N GLY D 154 56.49 22.27 132.00
CA GLY D 154 56.89 22.47 130.62
C GLY D 154 56.45 23.80 130.04
N LYS D 155 56.84 24.03 128.78
CA LYS D 155 56.46 25.23 128.07
C LYS D 155 55.11 25.05 127.42
N ILE D 156 54.06 25.33 128.18
CA ILE D 156 52.69 25.14 127.72
C ILE D 156 52.15 26.49 127.28
N GLY D 157 51.85 26.59 125.99
CA GLY D 157 51.36 27.84 125.44
C GLY D 157 49.86 27.83 125.33
N LEU D 158 49.25 28.87 125.89
CA LEU D 158 47.80 28.98 125.98
C LEU D 158 47.32 29.80 124.79
N PHE D 159 47.11 29.12 123.66
CA PHE D 159 46.70 29.79 122.44
C PHE D 159 45.25 30.23 122.57
N GLY D 160 45.06 31.48 122.97
CA GLY D 160 43.74 32.06 123.05
C GLY D 160 43.82 33.54 122.73
N GLY D 161 42.66 34.12 122.43
CA GLY D 161 42.63 35.51 122.04
C GLY D 161 42.22 36.46 123.16
N ALA D 162 41.96 37.71 122.80
CA ALA D 162 41.58 38.74 123.75
C ALA D 162 40.07 38.73 123.95
N GLY D 163 39.66 38.68 125.20
CA GLY D 163 38.25 38.42 125.50
C GLY D 163 37.82 37.07 124.99
N VAL D 164 38.78 36.20 124.68
CA VAL D 164 38.47 34.92 124.05
C VAL D 164 38.48 33.77 125.04
N GLY D 165 38.25 34.01 126.33
CA GLY D 165 38.16 32.94 127.28
C GLY D 165 39.47 32.71 127.98
N LYS D 166 40.53 33.32 127.44
CA LYS D 166 41.84 33.15 128.05
C LYS D 166 41.80 33.55 129.52
N THR D 167 41.22 34.70 129.83
CA THR D 167 41.02 35.05 131.23
C THR D 167 39.87 34.26 131.84
N VAL D 168 38.87 33.90 131.03
CA VAL D 168 37.76 33.13 131.56
C VAL D 168 38.21 31.72 131.92
N LEU D 169 38.77 31.01 130.95
CA LEU D 169 39.36 29.71 131.24
C LEU D 169 40.47 29.83 132.26
N ILE D 170 41.12 31.00 132.32
CA ILE D 170 42.14 31.23 133.33
C ILE D 170 41.52 31.24 134.72
N MET D 171 40.38 31.90 134.87
CA MET D 171 39.68 31.89 136.17
C MET D 171 39.26 30.48 136.53
N GLU D 172 38.72 29.73 135.56
CA GLU D 172 38.31 28.36 135.83
C GLU D 172 39.50 27.52 136.27
N LEU D 173 40.62 27.62 135.55
CA LEU D 173 41.80 26.81 135.87
C LEU D 173 42.46 27.26 137.16
N ILE D 174 42.41 28.56 137.45
CA ILE D 174 42.94 29.05 138.72
C ILE D 174 42.13 28.47 139.87
N ASN D 175 40.80 28.60 139.79
CA ASN D 175 39.94 27.98 140.77
C ASN D 175 40.25 26.50 140.90
N ASN D 176 40.47 25.83 139.77
CA ASN D 176 40.75 24.41 139.79
C ASN D 176 42.06 24.11 140.52
N VAL D 177 43.17 24.61 140.00
CA VAL D 177 44.48 24.13 140.43
C VAL D 177 45.10 25.05 141.47
N ALA D 178 45.00 26.36 141.27
CA ALA D 178 45.79 27.32 142.04
C ALA D 178 45.58 27.16 143.54
N LYS D 179 44.38 26.79 143.97
CA LYS D 179 44.13 26.62 145.41
C LYS D 179 45.05 25.56 146.00
N ALA D 180 45.56 24.64 145.18
CA ALA D 180 46.37 23.53 145.64
C ALA D 180 47.69 23.41 144.89
N HIS D 181 48.43 24.51 144.77
CA HIS D 181 49.72 24.52 144.09
C HIS D 181 50.67 23.56 144.78
N GLY D 182 51.58 22.95 144.00
CA GLY D 182 52.52 22.02 144.58
C GLY D 182 53.34 22.64 145.70
N GLY D 183 53.85 23.84 145.47
CA GLY D 183 54.43 24.65 146.52
C GLY D 183 53.78 26.00 146.58
N TYR D 184 54.61 27.03 146.63
CA TYR D 184 54.14 28.39 146.40
C TYR D 184 53.88 28.54 144.90
N SER D 185 53.49 29.74 144.47
CA SER D 185 53.20 29.98 143.06
C SER D 185 53.35 31.45 142.76
N VAL D 186 53.21 31.79 141.48
CA VAL D 186 53.32 33.18 141.04
C VAL D 186 52.31 33.42 139.94
N PHE D 187 51.81 34.65 139.87
CA PHE D 187 50.87 35.06 138.84
C PHE D 187 51.22 36.49 138.42
N ALA D 188 51.28 36.72 137.11
CA ALA D 188 51.65 38.03 136.58
C ALA D 188 50.53 38.58 135.70
N GLY D 189 50.05 39.77 136.04
CA GLY D 189 49.13 40.49 135.19
C GLY D 189 49.87 41.37 134.21
N VAL D 190 50.61 40.76 133.29
CA VAL D 190 51.51 41.46 132.40
C VAL D 190 50.64 42.16 131.36
N GLY D 191 50.37 43.45 131.60
CA GLY D 191 49.44 44.14 130.73
C GLY D 191 48.01 43.69 130.95
N GLU D 192 47.68 43.27 132.17
CA GLU D 192 46.30 42.97 132.53
C GLU D 192 45.62 44.28 132.87
N ARG D 193 44.29 44.26 132.92
CA ARG D 193 43.54 45.48 133.18
C ARG D 193 43.71 45.92 134.63
N THR D 194 43.85 47.24 134.82
CA THR D 194 43.87 47.78 136.17
C THR D 194 42.58 47.46 136.91
N ARG D 195 41.45 47.57 136.23
CA ARG D 195 40.21 47.03 136.75
C ARG D 195 40.37 45.55 137.05
N GLU D 196 40.97 44.80 136.12
CA GLU D 196 41.27 43.40 136.39
C GLU D 196 42.26 43.27 137.54
N GLY D 197 43.14 44.25 137.70
CA GLY D 197 44.05 44.21 138.85
C GLY D 197 43.30 44.26 140.17
N ASN D 198 42.38 45.22 140.32
CA ASN D 198 41.61 45.33 141.56
C ASN D 198 40.70 44.13 141.75
N ASP D 199 40.08 43.67 140.66
CA ASP D 199 39.22 42.50 140.74
C ASP D 199 40.01 41.27 141.14
N LEU D 200 41.21 41.10 140.58
CA LEU D 200 42.05 39.97 140.92
C LEU D 200 42.55 40.09 142.35
N TYR D 201 42.72 41.32 142.83
CA TYR D 201 43.06 41.52 144.24
C TYR D 201 41.94 41.04 145.14
N HIS D 202 40.71 41.47 144.83
CA HIS D 202 39.55 40.97 145.59
C HIS D 202 39.44 39.46 145.45
N GLU D 203 39.78 38.92 144.29
CA GLU D 203 39.68 37.49 144.04
C GLU D 203 40.71 36.71 144.84
N MET D 204 41.94 37.22 144.91
CA MET D 204 42.95 36.60 145.74
C MET D 204 42.55 36.66 147.21
N ILE D 205 42.00 37.80 147.63
CA ILE D 205 41.46 37.91 148.98
C ILE D 205 40.42 36.83 149.22
N GLU D 206 39.58 36.59 148.22
CA GLU D 206 38.57 35.54 148.33
C GLU D 206 39.04 34.19 147.81
N SER D 207 40.35 33.98 147.63
CA SER D 207 40.86 32.79 146.98
C SER D 207 41.69 31.92 147.91
N GLY D 208 42.41 32.50 148.86
CA GLY D 208 43.10 31.75 149.87
C GLY D 208 44.39 31.10 149.44
N VAL D 209 44.55 30.75 148.16
CA VAL D 209 45.84 30.25 147.70
C VAL D 209 46.91 31.31 147.90
N ILE D 210 46.54 32.56 147.71
CA ILE D 210 47.26 33.70 148.26
C ILE D 210 46.26 34.50 149.10
N ASN D 211 46.66 34.84 150.31
CA ASN D 211 45.78 35.57 151.23
C ASN D 211 46.40 36.92 151.52
N LEU D 212 45.59 37.97 151.40
CA LEU D 212 46.11 39.33 151.59
C LEU D 212 46.66 39.53 153.00
N LYS D 213 45.82 39.43 154.03
CA LYS D 213 46.30 39.60 155.39
C LYS D 213 46.96 38.33 155.89
N ASP D 214 46.35 37.17 155.59
CA ASP D 214 46.82 35.90 156.08
C ASP D 214 48.05 35.44 155.29
N ALA D 215 48.88 34.62 155.93
CA ALA D 215 50.06 34.05 155.30
C ALA D 215 49.69 32.69 154.71
N THR D 216 48.66 32.71 153.86
CA THR D 216 48.25 31.53 153.13
C THR D 216 48.77 31.60 151.69
N SER D 217 49.72 32.49 151.45
CA SER D 217 50.13 32.82 150.10
C SER D 217 50.97 31.70 149.52
N LYS D 218 50.29 30.67 149.02
CA LYS D 218 50.92 29.71 148.14
C LYS D 218 51.04 30.28 146.73
N VAL D 219 50.88 31.59 146.58
CA VAL D 219 50.93 32.26 145.29
C VAL D 219 51.67 33.58 145.45
N ALA D 220 52.07 34.17 144.33
CA ALA D 220 52.78 35.45 144.30
C ALA D 220 52.11 36.37 143.29
N LEU D 221 51.75 37.57 143.75
CA LEU D 221 51.13 38.56 142.88
C LEU D 221 52.17 39.33 142.08
N VAL D 222 51.82 39.67 140.85
CA VAL D 222 52.68 40.46 139.96
C VAL D 222 51.81 41.15 138.93
N TYR D 223 52.16 42.39 138.60
CA TYR D 223 51.36 43.22 137.69
C TYR D 223 52.27 43.94 136.71
N GLY D 224 51.92 43.85 135.43
CA GLY D 224 52.64 44.52 134.36
C GLY D 224 51.69 45.30 133.49
N GLN D 225 50.70 45.92 134.12
CA GLN D 225 49.44 46.32 133.50
C GLN D 225 49.57 47.14 132.22
N MET D 226 48.49 47.18 131.45
CA MET D 226 48.46 47.91 130.19
C MET D 226 48.65 49.40 130.37
N ASN D 227 48.04 50.01 131.38
CA ASN D 227 48.31 51.39 131.70
C ASN D 227 49.75 51.62 132.15
N GLU D 228 50.44 50.56 132.58
CA GLU D 228 51.87 50.65 132.75
C GLU D 228 52.55 50.56 131.38
N PRO D 229 53.32 51.57 130.99
CA PRO D 229 53.89 51.59 129.65
C PRO D 229 54.85 50.44 129.45
N PRO D 230 55.22 50.17 128.20
CA PRO D 230 56.10 49.02 127.93
C PRO D 230 57.40 49.06 128.71
N GLY D 231 58.00 50.25 128.87
CA GLY D 231 59.27 50.34 129.59
C GLY D 231 59.30 49.47 130.83
N ALA D 232 58.17 49.40 131.53
CA ALA D 232 57.94 48.35 132.51
C ALA D 232 57.20 47.17 131.91
N ARG D 233 56.12 47.44 131.18
CA ARG D 233 55.30 46.36 130.64
C ARG D 233 56.10 45.44 129.71
N ALA D 234 57.13 45.95 129.05
CA ALA D 234 57.99 45.10 128.25
C ALA D 234 59.14 44.50 129.04
N ARG D 235 59.36 44.96 130.27
CA ARG D 235 60.57 44.59 131.00
C ARG D 235 60.40 43.44 131.97
N VAL D 236 59.17 43.06 132.33
CA VAL D 236 58.98 42.12 133.43
C VAL D 236 59.34 40.69 133.03
N ALA D 237 59.81 40.49 131.79
CA ALA D 237 60.19 39.15 131.37
C ALA D 237 61.33 38.60 132.22
N LEU D 238 62.36 39.41 132.43
CA LEU D 238 63.46 38.98 133.29
C LEU D 238 63.01 38.85 134.73
N THR D 239 62.09 39.70 135.18
CA THR D 239 61.56 39.58 136.53
C THR D 239 60.87 38.24 136.72
N GLY D 240 60.07 37.83 135.73
CA GLY D 240 59.44 36.53 135.80
C GLY D 240 60.43 35.39 135.74
N LEU D 241 61.45 35.51 134.89
CA LEU D 241 62.48 34.48 134.83
C LEU D 241 63.17 34.32 136.17
N THR D 242 63.51 35.44 136.81
CA THR D 242 64.15 35.38 138.12
C THR D 242 63.22 34.82 139.18
N VAL D 243 61.94 35.20 139.15
CA VAL D 243 60.98 34.67 140.11
C VAL D 243 60.85 33.17 139.94
N ALA D 244 60.86 32.70 138.70
CA ALA D 244 60.82 31.27 138.44
C ALA D 244 62.07 30.58 138.96
N GLU D 245 63.23 31.22 138.78
CA GLU D 245 64.45 30.66 139.33
C GLU D 245 64.38 30.58 140.85
N TYR D 246 63.74 31.57 141.48
CA TYR D 246 63.59 31.55 142.93
C TYR D 246 62.68 30.41 143.37
N PHE D 247 61.52 30.29 142.74
CA PHE D 247 60.64 29.16 143.04
C PHE D 247 61.35 27.84 142.78
N ARG D 248 62.27 27.82 141.82
CA ARG D 248 63.11 26.66 141.63
C ARG D 248 64.01 26.42 142.84
N ASP D 249 64.67 27.48 143.31
CA ASP D 249 65.60 27.38 144.43
C ASP D 249 65.22 28.28 145.60
N GLN D 250 65.11 29.59 145.37
CA GLN D 250 65.00 30.53 146.49
C GLN D 250 63.64 30.41 147.17
N GLU D 251 62.57 30.70 146.42
CA GLU D 251 61.27 30.29 146.92
C GLU D 251 61.17 28.77 147.00
N GLY D 252 61.89 28.06 146.13
CA GLY D 252 62.15 26.64 146.29
C GLY D 252 60.93 25.77 146.49
N GLN D 253 59.84 26.09 145.81
CA GLN D 253 58.59 25.37 146.01
C GLN D 253 58.00 25.01 144.65
N ASP D 254 57.28 23.89 144.62
CA ASP D 254 56.68 23.43 143.37
C ASP D 254 55.66 24.44 142.89
N VAL D 255 56.04 25.22 141.89
CA VAL D 255 55.32 26.43 141.55
C VAL D 255 54.88 26.40 140.09
N LEU D 256 53.59 26.65 139.89
CA LEU D 256 53.06 27.04 138.61
C LEU D 256 53.07 28.54 138.52
N LEU D 257 53.30 29.07 137.32
CA LEU D 257 53.49 30.50 137.17
C LEU D 257 52.46 31.01 136.16
N PHE D 258 51.78 32.09 136.53
CA PHE D 258 50.84 32.75 135.63
C PHE D 258 51.44 34.08 135.16
N ILE D 259 51.35 34.33 133.87
CA ILE D 259 51.86 35.56 133.27
C ILE D 259 51.03 35.90 132.03
N ASP D 260 50.34 37.02 132.08
CA ASP D 260 49.48 37.42 130.97
C ASP D 260 49.38 38.94 130.97
N ASN D 261 49.62 39.55 129.81
CA ASN D 261 49.84 38.80 128.58
C ASN D 261 51.11 39.20 127.85
N ILE D 262 51.66 38.27 127.07
CA ILE D 262 52.95 38.45 126.43
C ILE D 262 52.83 39.02 125.03
N PHE D 263 51.66 38.92 124.40
CA PHE D 263 51.53 39.48 123.06
C PHE D 263 51.81 40.97 123.07
N ARG D 264 51.11 41.72 123.91
CA ARG D 264 51.46 43.12 124.08
C ARG D 264 52.85 43.26 124.66
N PHE D 265 53.41 42.20 125.25
CA PHE D 265 54.75 42.30 125.79
C PHE D 265 55.81 42.19 124.70
N THR D 266 55.77 41.13 123.91
CA THR D 266 56.70 41.07 122.79
C THR D 266 56.44 42.24 121.83
N GLN D 267 55.17 42.57 121.63
CA GLN D 267 54.84 43.76 120.85
C GLN D 267 55.40 45.01 121.52
N ALA D 268 55.59 44.97 122.83
CA ALA D 268 56.09 46.15 123.53
C ALA D 268 57.57 46.35 123.25
N GLY D 269 58.34 45.27 123.29
CA GLY D 269 59.71 45.35 122.80
C GLY D 269 59.75 45.77 121.35
N SER D 270 58.78 45.31 120.56
CA SER D 270 58.69 45.78 119.18
C SER D 270 58.56 47.29 119.12
N GLU D 271 57.60 47.84 119.86
CA GLU D 271 57.41 49.28 119.88
C GLU D 271 58.66 49.98 120.38
N VAL D 272 59.38 49.35 121.31
CA VAL D 272 60.64 49.89 121.79
C VAL D 272 61.69 49.92 120.69
N SER D 273 61.68 48.94 119.79
CA SER D 273 62.70 48.84 118.76
C SER D 273 62.74 50.11 117.90
N ALA D 274 61.57 50.73 117.69
CA ALA D 274 61.51 51.94 116.89
C ALA D 274 62.34 53.04 117.53
N LEU D 275 62.15 53.26 118.83
CA LEU D 275 63.03 54.16 119.54
C LEU D 275 64.48 53.70 119.46
N LEU D 276 64.70 52.40 119.55
CA LEU D 276 66.01 51.85 119.26
C LEU D 276 66.38 52.02 117.79
N GLY D 277 65.41 52.36 116.95
CA GLY D 277 65.66 52.38 115.51
C GLY D 277 65.97 50.98 115.05
N ARG D 278 65.63 50.00 115.88
CA ARG D 278 65.91 48.60 115.62
C ARG D 278 65.03 48.13 114.47
N ILE D 279 65.53 47.15 113.72
CA ILE D 279 64.89 46.79 112.45
C ILE D 279 63.50 46.24 112.70
N PRO D 280 62.48 46.72 111.99
CA PRO D 280 61.16 46.12 112.13
C PRO D 280 61.14 44.71 111.59
N SER D 281 60.61 43.80 112.39
CA SER D 281 60.44 42.43 111.94
C SER D 281 59.27 42.39 110.95
N ALA D 282 58.82 41.19 110.58
CA ALA D 282 57.70 41.05 109.65
C ALA D 282 56.49 41.77 110.21
N VAL D 283 56.29 41.69 111.52
CA VAL D 283 55.21 42.43 112.16
C VAL D 283 55.80 43.72 112.71
N GLY D 284 56.96 44.09 112.19
CA GLY D 284 57.64 45.27 112.67
C GLY D 284 58.39 45.07 113.96
N TYR D 285 58.43 43.86 114.49
CA TYR D 285 59.08 43.65 115.77
C TYR D 285 60.59 43.88 115.65
N GLN D 286 61.24 43.93 116.79
CA GLN D 286 62.69 43.98 116.75
C GLN D 286 63.21 42.71 116.08
N PRO D 287 64.22 42.83 115.24
CA PRO D 287 64.78 41.62 114.62
C PRO D 287 65.20 40.58 115.64
N THR D 288 65.76 41.01 116.77
CA THR D 288 66.12 40.10 117.85
C THR D 288 65.05 40.03 118.92
N LEU D 289 63.90 40.68 118.71
CA LEU D 289 62.78 40.47 119.61
C LEU D 289 62.50 38.98 119.74
N ALA D 290 62.57 38.27 118.62
CA ALA D 290 62.50 36.82 118.67
C ALA D 290 63.66 36.23 119.46
N THR D 291 64.86 36.77 119.27
CA THR D 291 66.01 36.24 119.99
C THR D 291 65.79 36.29 121.50
N ASP D 292 65.40 37.46 122.00
CA ASP D 292 65.08 37.58 123.41
C ASP D 292 63.93 36.67 123.83
N MET D 293 62.80 36.73 123.11
CA MET D 293 61.63 35.96 123.51
C MET D 293 61.92 34.47 123.59
N GLY D 294 62.64 33.92 122.61
CA GLY D 294 63.07 32.54 122.71
C GLY D 294 64.01 32.33 123.89
N THR D 295 64.99 33.23 124.04
CA THR D 295 65.84 33.17 125.22
C THR D 295 65.04 33.37 126.49
N MET D 296 64.06 34.28 126.47
CA MET D 296 63.16 34.47 127.61
C MET D 296 62.46 33.17 127.97
N GLN D 297 62.14 32.37 126.95
CA GLN D 297 61.53 31.07 127.17
C GLN D 297 62.53 30.04 127.69
N GLU D 298 63.82 30.34 127.68
CA GLU D 298 64.82 29.34 128.03
C GLU D 298 65.34 29.47 129.47
N ARG D 299 64.82 30.40 130.25
CA ARG D 299 65.50 30.76 131.49
C ARG D 299 65.31 29.75 132.61
N ILE D 300 64.11 29.62 133.17
CA ILE D 300 63.92 28.84 134.40
C ILE D 300 62.77 27.86 134.25
N THR D 301 63.05 26.57 134.46
CA THR D 301 62.02 25.54 134.40
C THR D 301 62.42 24.37 135.31
N THR D 302 61.79 23.24 135.07
CA THR D 302 62.18 22.01 135.75
C THR D 302 63.65 21.70 135.49
N THR D 303 64.41 21.55 136.57
CA THR D 303 65.82 21.26 136.50
C THR D 303 66.19 20.41 137.71
N LYS D 304 67.48 20.11 137.85
CA LYS D 304 67.95 19.38 139.02
C LYS D 304 67.58 20.09 140.32
N LYS D 305 67.92 21.37 140.45
CA LYS D 305 67.43 22.22 141.52
C LYS D 305 66.50 23.28 140.97
N GLY D 306 65.87 22.98 139.85
CA GLY D 306 65.01 23.95 139.20
C GLY D 306 63.67 23.30 138.89
N SER D 307 62.63 24.12 139.00
CA SER D 307 61.28 23.65 138.73
C SER D 307 60.35 24.83 138.54
N ILE D 308 59.70 24.91 137.39
CA ILE D 308 58.75 25.97 137.09
C ILE D 308 57.59 25.36 136.32
N THR D 309 56.47 25.15 136.98
CA THR D 309 55.27 24.68 136.30
C THR D 309 54.54 25.88 135.71
N SER D 310 55.33 26.70 135.03
CA SER D 310 54.84 27.99 134.55
C SER D 310 53.78 27.78 133.48
N VAL D 311 52.69 28.53 133.59
CA VAL D 311 51.65 28.53 132.58
C VAL D 311 51.91 29.72 131.66
N GLN D 312 52.06 29.44 130.37
CA GLN D 312 52.38 30.48 129.41
C GLN D 312 51.16 30.75 128.54
N ALA D 313 50.70 31.99 128.55
CA ALA D 313 49.58 32.39 127.72
C ALA D 313 50.09 32.73 126.32
N ILE D 314 49.45 32.13 125.31
CA ILE D 314 49.79 32.41 123.93
C ILE D 314 48.67 33.26 123.36
N TYR D 315 48.79 34.57 123.48
CA TYR D 315 47.76 35.44 122.95
C TYR D 315 47.91 35.55 121.44
N VAL D 316 46.81 35.26 120.74
CA VAL D 316 46.75 35.42 119.30
C VAL D 316 45.85 36.61 119.02
N PRO D 317 46.29 37.82 119.32
CA PRO D 317 45.46 39.00 119.06
C PRO D 317 45.13 39.11 117.59
N ALA D 318 43.95 39.67 117.28
CA ALA D 318 43.41 39.71 115.93
C ALA D 318 43.19 38.33 115.34
N ASP D 319 43.17 37.30 116.21
CA ASP D 319 42.89 35.93 115.82
C ASP D 319 43.80 35.45 114.69
N ASP D 320 44.93 36.11 114.51
CA ASP D 320 45.87 35.79 113.43
C ASP D 320 46.57 34.50 113.84
N LEU D 321 46.03 33.38 113.36
CA LEU D 321 46.57 32.08 113.72
C LEU D 321 48.04 31.92 113.35
N THR D 322 48.44 32.35 112.15
CA THR D 322 49.82 32.22 111.70
C THR D 322 50.67 33.44 112.03
N ASP D 323 50.33 34.18 113.07
CA ASP D 323 51.05 35.40 113.37
C ASP D 323 52.53 35.10 113.52
N PRO D 324 53.40 35.98 113.01
CA PRO D 324 54.81 35.84 113.35
C PRO D 324 54.99 35.80 114.86
N ALA D 325 54.21 36.60 115.58
CA ALA D 325 54.14 36.41 117.03
C ALA D 325 53.68 35.01 117.36
N PRO D 326 52.58 34.52 116.81
CA PRO D 326 52.26 33.11 117.01
C PRO D 326 53.33 32.18 116.49
N ALA D 327 54.09 32.60 115.48
CA ALA D 327 55.17 31.77 115.00
C ALA D 327 56.21 31.55 116.08
N THR D 328 56.71 32.63 116.68
CA THR D 328 57.63 32.49 117.79
C THR D 328 56.98 31.76 118.96
N THR D 329 55.68 31.94 119.14
CA THR D 329 55.00 31.24 120.22
C THR D 329 55.08 29.73 120.04
N PHE D 330 54.68 29.25 118.87
CA PHE D 330 54.78 27.83 118.60
C PHE D 330 56.23 27.37 118.62
N ALA D 331 57.16 28.29 118.43
CA ALA D 331 58.57 27.95 118.29
C ALA D 331 59.14 27.25 119.51
N HIS D 332 58.65 27.56 120.71
CA HIS D 332 59.20 26.98 121.93
C HIS D 332 58.12 26.40 122.84
N LEU D 333 56.85 26.50 122.45
CA LEU D 333 55.77 26.05 123.29
C LEU D 333 55.80 24.53 123.40
N ASP D 334 56.44 24.04 124.45
CA ASP D 334 56.53 22.61 124.66
C ASP D 334 55.16 21.96 124.78
N ALA D 335 54.13 22.73 125.14
CA ALA D 335 52.77 22.21 125.11
C ALA D 335 51.85 23.24 124.45
N THR D 336 50.89 22.76 123.67
CA THR D 336 50.04 23.62 122.87
C THR D 336 48.61 23.58 123.39
N THR D 337 48.00 24.76 123.50
CA THR D 337 46.61 24.90 123.95
C THR D 337 45.85 25.70 122.88
N VAL D 338 45.42 25.02 121.83
CA VAL D 338 44.86 25.66 120.64
C VAL D 338 43.38 25.91 120.90
N LEU D 339 42.99 27.16 121.09
CA LEU D 339 41.58 27.51 121.18
C LEU D 339 40.96 27.51 119.79
N SER D 340 39.67 27.18 119.74
CA SER D 340 38.87 27.35 118.53
C SER D 340 37.82 28.40 118.81
N ARG D 341 38.19 29.66 118.60
CA ARG D 341 37.25 30.75 118.82
C ARG D 341 36.00 30.57 117.97
N ALA D 342 36.12 29.87 116.84
CA ALA D 342 34.93 29.49 116.09
C ALA D 342 34.04 28.60 116.92
N ILE D 343 34.63 27.63 117.61
CA ILE D 343 33.83 26.77 118.47
C ILE D 343 33.07 27.59 119.49
N ALA D 344 33.77 28.51 120.17
CA ALA D 344 33.09 29.38 121.12
C ALA D 344 32.00 30.19 120.44
N GLU D 345 32.26 30.68 119.24
CA GLU D 345 31.21 31.32 118.46
C GLU D 345 30.04 30.36 118.26
N LEU D 346 30.34 29.08 118.00
CA LEU D 346 29.29 28.08 117.98
C LEU D 346 28.72 27.82 119.36
N GLY D 347 29.13 28.57 120.37
CA GLY D 347 28.65 28.38 121.71
C GLY D 347 29.48 27.42 122.55
N ILE D 348 30.70 27.12 122.15
CA ILE D 348 31.50 26.14 122.88
C ILE D 348 32.15 26.81 124.08
N TYR D 349 32.17 26.09 125.19
CA TYR D 349 32.53 26.65 126.47
C TYR D 349 32.86 25.51 127.42
N PRO D 350 34.03 24.86 127.29
CA PRO D 350 35.27 24.93 126.52
C PRO D 350 35.09 25.02 125.01
N ALA D 351 36.08 25.58 124.32
CA ALA D 351 36.00 25.84 122.88
C ALA D 351 37.34 25.68 122.14
N VAL D 352 38.21 24.76 122.56
CA VAL D 352 39.57 24.71 122.03
C VAL D 352 39.58 24.21 120.59
N ASP D 353 40.70 24.44 119.90
CA ASP D 353 40.90 23.89 118.57
C ASP D 353 41.35 22.45 118.72
N PRO D 354 40.45 21.47 118.56
CA PRO D 354 40.77 20.12 119.04
C PRO D 354 41.90 19.43 118.29
N LEU D 355 41.75 19.24 116.99
CA LEU D 355 42.76 18.53 116.21
C LEU D 355 44.01 19.37 116.01
N ASP D 356 44.11 20.48 116.73
CA ASP D 356 45.22 21.41 116.55
C ASP D 356 46.24 21.41 117.68
N SER D 357 45.83 21.46 118.94
CA SER D 357 46.77 21.55 120.04
C SER D 357 47.55 20.25 120.18
N THR D 358 48.81 20.36 120.57
CA THR D 358 49.68 19.21 120.75
C THR D 358 50.09 19.12 122.22
N SER D 359 50.12 17.90 122.74
CA SER D 359 50.58 17.64 124.10
C SER D 359 51.14 16.23 124.17
N ARG D 360 52.29 16.12 124.81
CA ARG D 360 53.04 14.86 124.86
C ARG D 360 52.34 13.78 125.65
N ILE D 361 51.61 14.15 126.70
CA ILE D 361 50.87 13.18 127.50
C ILE D 361 49.74 12.55 126.72
N MET D 362 49.55 12.93 125.45
CA MET D 362 48.62 12.26 124.56
C MET D 362 49.35 11.31 123.64
N ASP D 363 49.92 10.24 124.18
CA ASP D 363 50.67 9.30 123.37
C ASP D 363 50.51 7.89 123.92
N PRO D 364 50.53 6.88 123.05
CA PRO D 364 50.36 5.49 123.53
C PRO D 364 51.41 5.09 124.53
N ASN D 365 52.65 5.53 124.36
CA ASN D 365 53.65 5.32 125.38
C ASN D 365 53.44 6.23 126.58
N ILE D 366 52.61 7.26 126.44
CA ILE D 366 52.40 8.23 127.51
C ILE D 366 50.96 8.22 128.01
N VAL D 367 50.01 8.61 127.18
CA VAL D 367 48.59 8.50 127.51
C VAL D 367 48.16 7.07 127.68
N GLY D 368 49.01 6.11 127.35
CA GLY D 368 48.57 4.75 127.17
C GLY D 368 48.00 4.55 125.79
N SER D 369 48.12 3.32 125.30
CA SER D 369 47.63 3.01 123.97
C SER D 369 46.14 3.29 123.87
N GLU D 370 45.39 2.92 124.89
CA GLU D 370 43.94 3.13 124.86
C GLU D 370 43.59 4.60 124.76
N HIS D 371 44.14 5.42 125.66
CA HIS D 371 43.74 6.82 125.70
C HIS D 371 44.22 7.57 124.47
N TYR D 372 45.48 7.39 124.09
CA TYR D 372 46.00 8.07 122.92
C TYR D 372 45.27 7.63 121.67
N ASP D 373 45.03 6.32 121.56
CA ASP D 373 44.29 5.81 120.42
C ASP D 373 42.88 6.40 120.38
N VAL D 374 42.23 6.48 121.54
CA VAL D 374 40.88 7.03 121.60
C VAL D 374 40.89 8.48 121.17
N ALA D 375 41.87 9.26 121.65
CA ALA D 375 41.95 10.66 121.29
C ALA D 375 42.18 10.82 119.79
N ARG D 376 43.06 10.00 119.22
CA ARG D 376 43.30 10.07 117.79
C ARG D 376 42.07 9.72 116.99
N GLY D 377 41.35 8.68 117.41
CA GLY D 377 40.10 8.34 116.75
C GLY D 377 39.09 9.45 116.86
N VAL D 378 39.08 10.14 118.00
CA VAL D 378 38.21 11.29 118.16
C VAL D 378 38.59 12.38 117.17
N GLN D 379 39.89 12.60 117.01
CA GLN D 379 40.34 13.58 116.04
C GLN D 379 39.89 13.20 114.63
N LYS D 380 40.04 11.93 114.29
CA LYS D 380 39.60 11.46 112.98
C LYS D 380 38.10 11.63 112.81
N ILE D 381 37.34 11.32 113.85
CA ILE D 381 35.89 11.42 113.79
C ILE D 381 35.47 12.87 113.60
N LEU D 382 36.11 13.79 114.32
CA LEU D 382 35.78 15.20 114.17
C LEU D 382 36.20 15.70 112.79
N GLN D 383 37.32 15.20 112.27
CA GLN D 383 37.73 15.56 110.92
C GLN D 383 36.67 15.14 109.91
N ASP D 384 36.16 13.93 110.08
CA ASP D 384 35.05 13.50 109.25
C ASP D 384 33.83 14.38 109.46
N TYR D 385 33.58 14.77 110.71
CA TYR D 385 32.46 15.66 110.98
C TYR D 385 32.57 16.92 110.15
N LYS D 386 33.72 17.57 110.19
CA LYS D 386 33.94 18.75 109.38
C LYS D 386 33.78 18.42 107.91
N SER D 387 34.47 17.39 107.43
CA SER D 387 34.41 17.02 106.03
C SER D 387 32.98 16.88 105.56
N LEU D 388 32.26 15.94 106.17
CA LEU D 388 30.89 15.69 105.77
C LEU D 388 29.98 16.86 106.07
N GLN D 389 30.40 17.78 106.94
CA GLN D 389 29.54 18.92 107.20
C GLN D 389 29.29 19.72 105.92
N ASP D 390 30.35 20.06 105.20
CA ASP D 390 30.17 20.70 103.92
C ASP D 390 29.49 19.78 102.93
N ILE D 391 29.81 18.49 102.99
CA ILE D 391 29.17 17.54 102.10
C ILE D 391 27.66 17.64 102.23
N ILE D 392 27.18 17.71 103.46
CA ILE D 392 25.77 17.90 103.75
C ILE D 392 25.36 19.24 103.21
N ALA D 393 26.20 20.26 103.46
CA ALA D 393 25.89 21.60 103.00
C ALA D 393 25.53 21.57 101.53
N ILE D 394 26.21 20.72 100.77
CA ILE D 394 25.78 20.40 99.43
C ILE D 394 24.48 19.63 99.44
N LEU D 395 24.51 18.41 99.97
CA LEU D 395 23.33 17.56 99.93
C LEU D 395 22.48 17.71 101.18
N GLY D 396 23.03 17.36 102.33
CA GLY D 396 22.26 17.28 103.55
C GLY D 396 22.04 15.85 104.03
N MET D 397 21.54 15.73 105.26
CA MET D 397 21.30 14.45 105.89
C MET D 397 20.21 13.63 105.20
N ASP D 398 19.62 14.15 104.13
CA ASP D 398 18.75 13.32 103.31
C ASP D 398 19.52 12.15 102.74
N GLU D 399 20.74 12.38 102.27
CA GLU D 399 21.59 11.29 101.82
C GLU D 399 22.43 10.70 102.94
N LEU D 400 22.15 11.06 104.19
CA LEU D 400 22.97 10.62 105.31
C LEU D 400 23.09 9.10 105.33
N SER D 401 24.31 8.62 105.08
CA SER D 401 24.56 7.19 105.01
C SER D 401 24.46 6.59 106.41
N GLU D 402 24.25 5.29 106.48
CA GLU D 402 24.23 4.61 107.76
C GLU D 402 25.48 4.89 108.57
N GLU D 403 26.65 4.65 108.00
CA GLU D 403 27.88 5.05 108.67
C GLU D 403 27.93 6.55 108.90
N ASP D 404 27.28 7.33 108.04
CA ASP D 404 27.40 8.77 108.07
C ASP D 404 26.51 9.43 109.10
N LYS D 405 25.19 9.26 108.98
CA LYS D 405 24.30 9.82 109.99
C LYS D 405 24.73 9.39 111.37
N LEU D 406 25.14 8.14 111.50
CA LEU D 406 25.75 7.68 112.74
C LEU D 406 26.95 8.54 113.10
N THR D 407 27.85 8.73 112.14
CA THR D 407 29.02 9.56 112.39
C THR D 407 28.60 10.97 112.74
N VAL D 408 27.57 11.49 112.07
CA VAL D 408 27.12 12.84 112.34
C VAL D 408 26.67 12.98 113.78
N SER D 409 25.79 12.08 114.21
CA SER D 409 25.28 12.13 115.57
C SER D 409 26.41 11.96 116.56
N ARG D 410 27.31 11.01 116.29
CA ARG D 410 28.40 10.75 117.22
C ARG D 410 29.31 11.96 117.35
N ALA D 411 29.61 12.61 116.24
CA ALA D 411 30.48 13.78 116.29
C ALA D 411 29.82 14.92 117.01
N ARG D 412 28.53 15.15 116.75
CA ARG D 412 27.79 16.16 117.50
C ARG D 412 27.86 15.86 118.98
N LYS D 413 27.71 14.60 119.35
CA LYS D 413 27.78 14.21 120.75
C LYS D 413 29.16 14.44 121.33
N ILE D 414 30.20 14.16 120.56
CA ILE D 414 31.55 14.37 121.05
C ILE D 414 31.78 15.84 121.33
N GLN D 415 31.37 16.69 120.38
CA GLN D 415 31.45 18.12 120.59
C GLN D 415 30.70 18.53 121.84
N ARG D 416 29.49 17.99 122.02
CA ARG D 416 28.71 18.33 123.20
C ARG D 416 29.45 17.93 124.47
N PHE D 417 29.86 16.67 124.56
CA PHE D 417 30.54 16.17 125.74
C PHE D 417 31.84 16.91 125.99
N LEU D 418 32.37 17.58 124.97
CA LEU D 418 33.63 18.29 125.13
C LEU D 418 33.57 19.39 126.18
N SER D 419 32.50 20.17 126.22
CA SER D 419 32.48 21.38 127.05
C SER D 419 31.84 21.11 128.41
N GLN D 420 32.01 22.08 129.31
CA GLN D 420 31.45 22.02 130.66
C GLN D 420 31.38 23.43 131.23
N PRO D 421 30.30 23.79 131.92
CA PRO D 421 30.25 25.11 132.57
C PRO D 421 30.80 25.06 133.98
N PHE D 422 31.71 25.96 134.33
CA PHE D 422 32.40 25.91 135.60
C PHE D 422 31.65 26.72 136.66
N GLN D 423 32.05 26.53 137.93
CA GLN D 423 31.43 27.25 139.03
C GLN D 423 31.82 28.71 139.07
N VAL D 424 33.10 29.03 138.90
CA VAL D 424 33.49 30.40 138.60
C VAL D 424 32.84 30.89 137.33
N ALA D 425 32.72 30.03 136.32
CA ALA D 425 31.91 30.30 135.15
C ALA D 425 30.42 30.32 135.49
N GLU D 426 29.99 29.57 136.49
CA GLU D 426 28.58 29.58 136.89
C GLU D 426 28.13 30.99 137.21
N VAL D 427 29.07 31.91 137.45
CA VAL D 427 28.72 33.32 137.50
C VAL D 427 28.03 33.74 136.21
N PHE D 428 28.60 33.36 135.07
CA PHE D 428 27.92 33.57 133.79
C PHE D 428 27.34 32.25 133.29
N THR D 429 28.13 31.18 133.34
CA THR D 429 27.72 29.89 132.77
C THR D 429 26.65 29.22 133.60
N GLY D 430 26.31 29.77 134.76
CA GLY D 430 25.22 29.24 135.55
C GLY D 430 25.53 27.89 136.17
N HIS D 431 25.82 26.90 135.33
CA HIS D 431 26.16 25.59 135.85
C HIS D 431 27.50 25.65 136.56
N LEU D 432 27.57 25.09 137.75
CA LEU D 432 28.80 25.07 138.54
C LEU D 432 29.72 24.01 137.96
N GLY D 433 30.96 23.99 138.45
CA GLY D 433 31.98 23.17 137.82
C GLY D 433 31.76 21.69 138.08
N LYS D 434 32.22 20.87 137.14
CA LYS D 434 32.23 19.43 137.29
C LYS D 434 33.66 18.94 137.27
N LEU D 435 34.12 18.44 138.40
CA LEU D 435 35.49 17.95 138.55
C LEU D 435 35.63 16.67 137.76
N VAL D 436 36.08 16.78 136.52
CA VAL D 436 36.06 15.66 135.59
C VAL D 436 37.12 14.64 136.01
N PRO D 437 36.73 13.41 136.30
CA PRO D 437 37.73 12.38 136.57
C PRO D 437 38.34 11.83 135.30
N LEU D 438 39.65 11.57 135.34
CA LEU D 438 40.34 11.05 134.16
C LEU D 438 39.74 9.73 133.71
N LYS D 439 39.58 8.79 134.63
CA LYS D 439 38.96 7.53 134.29
C LYS D 439 37.54 7.76 133.79
N GLU D 440 36.81 8.68 134.41
CA GLU D 440 35.47 9.00 133.93
C GLU D 440 35.53 9.54 132.52
N THR D 441 36.51 10.39 132.24
CA THR D 441 36.64 10.93 130.89
C THR D 441 36.89 9.82 129.88
N ILE D 442 37.85 8.95 130.17
CA ILE D 442 38.17 7.87 129.25
C ILE D 442 36.99 6.93 129.10
N LYS D 443 36.25 6.72 130.18
CA LYS D 443 35.08 5.84 130.14
C LYS D 443 33.99 6.44 129.28
N GLY D 444 33.73 7.74 129.45
CA GLY D 444 32.77 8.39 128.57
C GLY D 444 33.21 8.34 127.14
N PHE D 445 34.51 8.46 126.90
CA PHE D 445 35.05 8.33 125.54
C PHE D 445 34.75 6.95 124.97
N GLN D 446 35.03 5.90 125.72
CA GLN D 446 34.78 4.55 125.25
C GLN D 446 33.29 4.32 125.02
N GLN D 447 32.46 4.83 125.93
CA GLN D 447 31.03 4.66 125.82
C GLN D 447 30.48 5.38 124.60
N ILE D 448 30.98 6.59 124.33
CA ILE D 448 30.59 7.32 123.13
C ILE D 448 31.05 6.56 121.89
N LEU D 449 32.26 6.01 121.95
CA LEU D 449 32.70 5.12 120.87
C LEU D 449 31.70 4.00 120.66
N ALA D 450 31.19 3.45 121.75
CA ALA D 450 30.03 2.55 121.66
C ALA D 450 28.76 3.30 121.28
N GLY D 451 28.61 4.54 121.73
CA GLY D 451 27.39 5.29 121.47
C GLY D 451 26.43 5.38 122.64
N GLU D 452 26.92 5.69 123.84
CA GLU D 452 26.21 5.60 125.11
C GLU D 452 24.88 6.32 125.14
N TYR D 453 24.51 7.12 124.14
CA TYR D 453 23.23 7.82 124.19
C TYR D 453 22.54 7.78 122.84
N ASP D 454 22.70 6.68 122.11
CA ASP D 454 22.14 6.57 120.78
C ASP D 454 20.66 6.93 120.73
N HIS D 455 19.87 6.48 121.70
CA HIS D 455 18.48 6.89 121.79
C HIS D 455 18.31 8.23 122.48
N LEU D 456 19.40 8.84 122.93
CA LEU D 456 19.19 10.02 123.73
C LEU D 456 19.71 11.26 123.02
N PRO D 457 19.40 12.44 123.57
CA PRO D 457 19.90 13.67 122.96
C PRO D 457 21.29 14.03 123.44
N GLU D 458 22.12 14.46 122.49
CA GLU D 458 23.50 14.81 122.81
C GLU D 458 23.58 16.10 123.59
N GLN D 459 22.54 16.93 123.52
CA GLN D 459 22.54 18.20 124.21
C GLN D 459 22.82 18.05 125.69
N ALA D 460 22.46 16.91 126.29
CA ALA D 460 22.84 16.63 127.66
C ALA D 460 24.35 16.57 127.83
N PHE D 461 25.05 15.94 126.90
CA PHE D 461 26.50 15.92 126.94
C PHE D 461 27.10 17.32 126.83
N TYR D 462 26.36 18.27 126.26
CA TYR D 462 26.87 19.63 126.12
C TYR D 462 27.00 20.28 127.49
N MET D 463 28.12 20.99 127.68
CA MET D 463 28.39 21.76 128.91
C MET D 463 28.23 20.88 130.15
N VAL D 464 28.80 19.67 130.06
CA VAL D 464 28.56 18.63 131.06
C VAL D 464 29.88 18.09 131.56
N GLY D 465 29.81 17.41 132.70
CA GLY D 465 30.94 16.72 133.26
C GLY D 465 30.95 15.26 132.85
N PRO D 466 30.72 14.36 133.81
CA PRO D 466 30.74 12.93 133.50
C PRO D 466 29.65 12.56 132.51
N ILE D 467 29.95 11.52 131.71
CA ILE D 467 28.99 11.04 130.73
C ILE D 467 27.75 10.50 131.42
N GLU D 468 27.93 9.86 132.58
CA GLU D 468 26.77 9.44 133.36
C GLU D 468 25.94 10.63 133.82
N GLU D 469 26.61 11.70 134.26
CA GLU D 469 25.89 12.93 134.57
C GLU D 469 25.10 13.42 133.36
N ALA D 470 25.65 13.23 132.16
CA ALA D 470 24.91 13.61 130.95
C ALA D 470 23.69 12.70 130.75
N VAL D 471 23.84 11.41 131.04
CA VAL D 471 22.69 10.52 130.95
C VAL D 471 21.60 10.99 131.89
N ALA D 472 22.00 11.39 133.09
CA ALA D 472 21.07 11.96 134.04
C ALA D 472 20.43 13.23 133.49
N LYS D 473 21.22 14.08 132.86
CA LYS D 473 20.68 15.32 132.31
C LYS D 473 19.67 15.02 131.21
N ALA D 474 19.95 14.01 130.39
CA ALA D 474 19.00 13.63 129.36
C ALA D 474 17.72 13.11 129.96
N ASP D 475 17.82 12.36 131.05
CA ASP D 475 16.62 11.93 131.75
C ASP D 475 15.85 13.14 132.28
N LYS D 476 16.58 14.12 132.82
CA LYS D 476 15.96 15.35 133.25
C LYS D 476 15.24 16.03 132.11
N LEU D 477 15.83 15.97 130.92
CA LEU D 477 15.17 16.49 129.73
C LEU D 477 13.89 15.72 129.45
N ALA D 478 13.96 14.39 129.56
CA ALA D 478 12.77 13.55 129.38
C ALA D 478 11.68 13.99 130.33
N GLU D 479 12.06 14.39 131.54
CA GLU D 479 11.11 14.96 132.47
C GLU D 479 10.57 16.29 131.95
N GLU D 480 11.47 17.18 131.52
CA GLU D 480 11.09 18.53 131.12
C GLU D 480 10.43 18.56 129.74
N HIS D 481 10.45 17.47 128.99
CA HIS D 481 9.83 17.44 127.68
C HIS D 481 8.32 17.39 127.80
N THR E 13 94.66 50.12 86.75
CA THR E 13 94.45 50.89 87.97
C THR E 13 94.69 50.02 89.20
N THR E 14 95.48 50.55 90.13
CA THR E 14 95.80 49.86 91.36
C THR E 14 94.62 49.95 92.30
N GLY E 15 94.08 48.80 92.67
CA GLY E 15 93.01 48.74 93.64
C GLY E 15 93.51 49.12 95.01
N ARG E 16 92.56 49.56 95.84
CA ARG E 16 92.79 49.72 97.26
C ARG E 16 91.48 49.41 97.94
N ILE E 17 91.36 48.19 98.47
CA ILE E 17 90.09 47.69 98.98
C ILE E 17 89.60 48.63 100.07
N VAL E 18 88.44 49.25 99.83
CA VAL E 18 87.91 50.27 100.71
C VAL E 18 87.14 49.67 101.88
N ALA E 19 86.16 48.82 101.60
CA ALA E 19 85.32 48.27 102.65
C ALA E 19 84.62 47.02 102.16
N VAL E 20 84.20 46.18 103.11
CA VAL E 20 83.48 44.96 102.78
C VAL E 20 82.45 44.68 103.86
N ILE E 21 81.18 44.85 103.52
CA ILE E 21 80.07 44.53 104.42
C ILE E 21 79.17 43.59 103.65
N GLY E 22 78.82 42.47 104.26
CA GLY E 22 78.14 41.43 103.50
C GLY E 22 79.06 41.02 102.38
N ALA E 23 78.75 41.47 101.17
CA ALA E 23 79.63 41.27 100.03
C ALA E 23 80.06 42.58 99.38
N VAL E 24 80.26 43.64 100.15
CA VAL E 24 80.53 44.97 99.61
C VAL E 24 81.87 44.93 98.88
N VAL E 25 81.80 45.02 97.56
CA VAL E 25 82.99 45.12 96.72
C VAL E 25 83.33 46.60 96.59
N ASP E 26 83.96 47.13 97.63
CA ASP E 26 84.35 48.53 97.68
C ASP E 26 85.86 48.62 97.70
N VAL E 27 86.44 49.10 96.60
CA VAL E 27 87.88 49.25 96.48
C VAL E 27 88.18 50.56 95.81
N GLN E 28 89.45 50.96 95.87
CA GLN E 28 89.92 52.22 95.31
C GLN E 28 90.85 51.93 94.15
N PHE E 29 90.31 51.95 92.93
CA PHE E 29 91.18 51.94 91.77
C PHE E 29 91.90 53.28 91.72
N ASP E 30 93.05 53.30 92.39
CA ASP E 30 93.55 54.51 93.04
C ASP E 30 93.66 55.68 92.07
N GLU E 31 94.40 55.51 90.98
CA GLU E 31 94.60 56.60 90.03
C GLU E 31 93.28 56.96 89.35
N GLY E 32 92.69 56.02 88.63
CA GLY E 32 91.42 56.27 88.00
C GLY E 32 90.67 54.97 87.82
N LEU E 33 89.41 54.96 88.23
CA LEU E 33 88.59 53.80 88.01
C LEU E 33 87.97 53.85 86.61
N PRO E 34 88.17 52.82 85.82
CA PRO E 34 87.52 52.75 84.52
C PRO E 34 86.01 52.65 84.70
N PRO E 35 85.25 53.10 83.71
CA PRO E 35 83.78 53.12 83.85
C PRO E 35 83.17 51.76 84.07
N ILE E 36 81.85 51.72 84.29
CA ILE E 36 81.17 50.47 84.53
C ILE E 36 81.41 49.52 83.37
N LEU E 37 81.31 48.22 83.65
CA LEU E 37 81.66 47.10 82.78
C LEU E 37 83.17 46.93 82.72
N ASN E 38 83.95 47.70 83.49
CA ASN E 38 85.37 47.45 83.57
C ASN E 38 85.64 46.24 84.47
N ALA E 39 86.87 45.76 84.42
CA ALA E 39 87.28 44.57 85.17
C ALA E 39 88.61 44.83 85.86
N LEU E 40 88.91 44.01 86.86
CA LEU E 40 90.15 44.12 87.63
C LEU E 40 90.60 42.75 88.09
N GLU E 41 91.88 42.44 87.87
CA GLU E 41 92.48 41.22 88.35
C GLU E 41 92.80 41.42 89.83
N VAL E 42 92.08 40.70 90.68
CA VAL E 42 92.19 40.93 92.11
C VAL E 42 93.62 40.67 92.54
N GLN E 43 94.32 41.75 92.87
CA GLN E 43 95.74 41.70 93.15
C GLN E 43 95.95 41.27 94.60
N GLY E 44 96.44 40.05 94.78
CA GLY E 44 96.72 39.53 96.10
C GLY E 44 95.64 38.60 96.60
N ARG E 45 94.46 38.65 95.99
CA ARG E 45 93.38 37.77 96.36
C ARG E 45 93.77 36.34 95.99
N GLU E 46 93.15 35.37 96.67
CA GLU E 46 93.49 33.98 96.44
C GLU E 46 93.46 33.64 94.96
N THR E 47 92.40 34.05 94.27
CA THR E 47 92.41 34.09 92.82
C THR E 47 92.47 35.55 92.36
N ARG E 48 92.36 35.75 91.07
CA ARG E 48 92.00 37.05 90.52
C ARG E 48 90.49 37.14 90.64
N LEU E 49 90.02 37.32 91.88
CA LEU E 49 88.60 37.34 92.20
C LEU E 49 87.86 38.28 91.27
N VAL E 50 86.59 37.99 91.00
CA VAL E 50 85.85 38.59 89.90
C VAL E 50 84.90 39.65 90.42
N LEU E 51 85.18 40.90 90.09
CA LEU E 51 84.26 42.01 90.33
C LEU E 51 84.20 42.88 89.08
N GLU E 52 83.00 43.37 88.77
CA GLU E 52 82.81 44.25 87.63
C GLU E 52 82.63 45.69 88.12
N VAL E 53 83.10 46.64 87.31
CA VAL E 53 82.97 48.05 87.67
C VAL E 53 81.50 48.41 87.79
N ALA E 54 81.07 48.75 88.99
CA ALA E 54 79.65 48.97 89.23
C ALA E 54 79.30 50.38 89.69
N GLN E 55 79.85 50.88 90.79
CA GLN E 55 79.37 52.14 91.32
C GLN E 55 80.51 53.13 91.43
N HIS E 56 80.47 54.14 90.57
CA HIS E 56 81.51 55.17 90.54
C HIS E 56 81.29 56.05 91.77
N LEU E 57 81.46 55.44 92.94
CA LEU E 57 81.22 56.13 94.19
C LEU E 57 82.24 57.23 94.45
N GLY E 58 83.20 57.40 93.55
CA GLY E 58 84.17 58.46 93.71
C GLY E 58 85.31 58.08 94.63
N GLU E 59 86.32 58.95 94.67
CA GLU E 59 87.54 58.75 95.47
C GLU E 59 88.23 57.44 95.12
N SER E 60 88.09 57.00 93.87
CA SER E 60 88.52 55.69 93.39
C SER E 60 87.76 54.57 94.06
N THR E 61 86.97 54.91 95.08
CA THR E 61 86.19 53.96 95.82
C THR E 61 84.93 53.64 95.03
N VAL E 62 84.78 52.36 94.72
CA VAL E 62 83.69 51.92 93.87
C VAL E 62 83.03 50.71 94.51
N ARG E 63 81.75 50.81 94.77
CA ARG E 63 80.94 49.62 95.00
C ARG E 63 80.91 48.85 93.70
N THR E 64 81.58 47.71 93.67
CA THR E 64 81.85 46.99 92.44
C THR E 64 81.00 45.73 92.39
N ILE E 65 80.93 45.13 91.21
CA ILE E 65 80.08 43.98 90.96
C ILE E 65 80.91 42.72 91.13
N ALA E 66 81.07 42.28 92.37
CA ALA E 66 81.80 41.06 92.67
C ALA E 66 81.04 39.85 92.14
N MET E 67 81.70 38.70 92.19
CA MET E 67 81.07 37.46 91.75
C MET E 67 80.51 36.64 92.90
N ASP E 68 81.35 36.15 93.81
CA ASP E 68 80.91 35.33 94.91
C ASP E 68 81.90 35.50 96.06
N GLY E 69 81.81 34.59 97.04
CA GLY E 69 82.57 34.71 98.27
C GLY E 69 84.08 34.78 98.12
N THR E 70 84.70 35.78 98.75
CA THR E 70 86.15 35.96 98.74
C THR E 70 86.68 36.33 100.12
N GLU E 71 86.26 35.60 101.15
CA GLU E 71 86.64 35.91 102.53
C GLU E 71 88.15 35.99 102.67
N GLY E 72 88.59 36.64 103.74
CA GLY E 72 89.98 36.96 103.89
C GLY E 72 90.41 38.22 103.15
N LEU E 73 89.48 38.88 102.47
CA LEU E 73 89.77 40.15 101.82
C LEU E 73 90.25 41.15 102.86
N VAL E 74 91.26 41.94 102.50
CA VAL E 74 91.84 42.86 103.47
C VAL E 74 91.62 44.30 103.02
N ARG E 75 91.85 45.23 103.94
CA ARG E 75 91.60 46.66 103.71
C ARG E 75 92.76 47.24 102.92
N GLY E 76 92.44 47.88 101.80
CA GLY E 76 93.45 48.50 100.97
C GLY E 76 93.96 47.56 99.91
N GLN E 77 93.42 46.34 99.92
CA GLN E 77 93.85 45.32 98.97
C GLN E 77 93.66 45.80 97.55
N LYS E 78 94.61 45.46 96.69
CA LYS E 78 94.63 45.96 95.33
C LYS E 78 94.00 44.97 94.37
N VAL E 79 93.58 45.47 93.21
CA VAL E 79 93.13 44.63 92.11
C VAL E 79 93.75 45.19 90.84
N LEU E 80 94.38 44.31 90.05
CA LEU E 80 94.96 44.71 88.78
C LEU E 80 93.83 44.99 87.80
N ASP E 81 93.54 46.27 87.59
CA ASP E 81 92.37 46.66 86.82
C ASP E 81 92.52 46.22 85.37
N SER E 82 91.79 45.16 85.01
CA SER E 82 91.68 44.80 83.61
C SER E 82 90.97 45.89 82.82
N GLY E 83 89.91 46.47 83.40
CA GLY E 83 89.26 47.63 82.85
C GLY E 83 88.27 47.35 81.75
N ALA E 84 88.08 46.10 81.35
CA ALA E 84 87.17 45.77 80.27
C ALA E 84 86.68 44.35 80.48
N PRO E 85 85.55 43.98 79.87
CA PRO E 85 84.99 42.64 80.11
C PRO E 85 85.91 41.54 79.65
N ILE E 86 85.79 40.35 80.27
CA ILE E 86 86.75 39.29 80.03
C ILE E 86 86.60 38.80 78.61
N ARG E 87 87.55 39.15 77.76
CA ARG E 87 87.60 38.69 76.38
C ARG E 87 87.90 37.21 76.40
N ILE E 88 86.89 36.40 76.11
CA ILE E 88 87.02 34.94 76.23
C ILE E 88 86.95 34.34 74.83
N PRO E 89 87.54 33.16 74.65
CA PRO E 89 87.73 32.60 73.30
C PRO E 89 86.48 32.72 72.43
N VAL E 90 86.59 33.49 71.35
CA VAL E 90 85.45 33.84 70.51
C VAL E 90 85.51 33.11 69.18
N GLY E 91 86.39 32.11 69.09
CA GLY E 91 86.24 31.10 68.09
C GLY E 91 85.39 29.97 68.61
N PRO E 92 85.21 28.93 67.79
CA PRO E 92 84.43 27.77 68.24
C PRO E 92 85.26 26.68 68.89
N GLU E 93 86.53 26.93 69.21
CA GLU E 93 87.41 25.91 69.77
C GLU E 93 87.11 25.57 71.22
N THR E 94 86.57 26.52 72.00
CA THR E 94 86.25 26.23 73.39
C THR E 94 85.06 25.29 73.50
N LEU E 95 84.37 25.04 72.39
CA LEU E 95 83.18 24.19 72.40
C LEU E 95 83.54 22.79 72.89
N GLY E 96 82.58 22.15 73.55
CA GLY E 96 82.80 20.82 74.10
C GLY E 96 83.52 20.79 75.42
N ARG E 97 84.41 21.75 75.67
CA ARG E 97 85.02 21.91 76.98
C ARG E 97 84.13 22.81 77.80
N ILE E 98 83.28 22.19 78.63
CA ILE E 98 82.37 22.93 79.49
C ILE E 98 83.14 24.06 80.16
N MET E 99 82.57 25.26 80.15
CA MET E 99 83.30 26.45 80.52
C MET E 99 82.79 26.96 81.86
N ASN E 100 83.73 27.22 82.77
CA ASN E 100 83.42 27.71 84.09
C ASN E 100 82.99 29.17 83.96
N VAL E 101 82.28 29.65 84.98
CA VAL E 101 81.79 31.02 84.95
C VAL E 101 82.94 32.01 84.89
N ILE E 102 84.05 31.68 85.59
CA ILE E 102 85.22 32.56 85.61
C ILE E 102 85.86 32.73 84.25
N GLY E 103 85.31 32.10 83.21
CA GLY E 103 85.98 31.96 81.95
C GLY E 103 86.84 30.73 81.88
N GLU E 104 87.02 30.05 83.01
CA GLU E 104 87.72 28.79 83.03
C GLU E 104 86.85 27.70 82.43
N PRO E 105 87.37 26.48 82.29
CA PRO E 105 86.53 25.37 81.85
C PRO E 105 85.73 24.79 83.01
N ILE E 106 84.45 24.56 82.77
CA ILE E 106 83.63 23.77 83.66
C ILE E 106 83.72 22.29 83.33
N ASP E 107 84.57 21.93 82.36
CA ASP E 107 84.81 20.55 82.00
C ASP E 107 85.93 19.92 82.82
N GLU E 108 86.66 20.71 83.59
CA GLU E 108 87.79 20.25 84.39
C GLU E 108 88.78 19.47 83.52
N ARG E 109 88.96 19.97 82.30
CA ARG E 109 89.72 19.26 81.28
C ARG E 109 90.74 20.14 80.57
N GLY E 110 91.15 21.26 81.16
CA GLY E 110 92.16 22.09 80.57
C GLY E 110 91.57 23.10 79.60
N PRO E 111 92.40 24.07 79.20
CA PRO E 111 91.88 25.16 78.36
C PRO E 111 91.72 24.73 76.91
N ILE E 112 90.54 25.05 76.36
CA ILE E 112 90.30 24.90 74.93
C ILE E 112 90.28 26.31 74.33
N LYS E 113 91.45 26.83 74.00
CA LYS E 113 91.59 28.21 73.55
C LYS E 113 91.02 28.33 72.14
N THR E 114 90.24 29.39 71.92
CA THR E 114 89.77 29.74 70.59
C THR E 114 90.29 31.12 70.26
N LYS E 115 90.71 31.29 69.00
CA LYS E 115 91.55 32.40 68.59
C LYS E 115 90.93 33.76 68.84
N GLN E 116 89.73 34.01 68.35
CA GLN E 116 89.02 35.23 68.67
C GLN E 116 88.71 35.20 70.15
N PHE E 117 88.65 36.37 70.78
CA PHE E 117 88.35 36.46 72.20
C PHE E 117 87.15 37.37 72.39
N ALA E 118 86.19 36.92 73.19
CA ALA E 118 84.92 37.60 73.36
C ALA E 118 84.76 38.13 74.77
N ALA E 119 84.53 39.43 74.87
CA ALA E 119 84.15 40.06 76.13
C ALA E 119 82.64 40.19 76.18
N ILE E 120 82.04 39.77 77.30
CA ILE E 120 80.60 39.50 77.35
C ILE E 120 79.71 40.72 77.20
N HIS E 121 80.20 41.91 77.54
CA HIS E 121 79.38 43.11 77.56
C HIS E 121 78.94 43.37 76.12
N ALA E 122 77.73 42.94 75.80
CA ALA E 122 77.22 42.92 74.45
C ALA E 122 76.73 44.32 74.04
N GLU E 123 76.65 44.53 72.73
CA GLU E 123 76.02 45.72 72.17
C GLU E 123 75.07 45.28 71.06
N ALA E 124 73.92 45.93 70.99
CA ALA E 124 72.81 45.39 70.21
C ALA E 124 73.02 45.62 68.71
N PRO E 125 72.48 44.74 67.88
CA PRO E 125 72.55 44.97 66.43
C PRO E 125 71.58 46.05 65.99
N GLU E 126 71.86 46.66 64.85
CA GLU E 126 70.94 47.62 64.28
C GLU E 126 69.66 46.93 63.82
N PHE E 127 68.63 47.75 63.65
CA PHE E 127 67.38 47.24 63.08
C PHE E 127 67.63 46.58 61.74
N VAL E 128 68.39 47.27 60.88
CA VAL E 128 68.80 46.65 59.63
C VAL E 128 69.63 45.42 59.89
N GLU E 129 70.56 45.51 60.86
CA GLU E 129 71.34 44.34 61.24
C GLU E 129 70.47 43.18 61.65
N MET E 130 69.35 43.43 62.32
CA MET E 130 68.36 42.39 62.50
C MET E 130 67.76 42.02 61.16
N SER E 131 67.72 40.72 60.88
CA SER E 131 67.06 40.23 59.69
C SER E 131 65.56 40.19 59.94
N VAL E 132 64.79 40.81 59.05
CA VAL E 132 63.36 40.95 59.23
C VAL E 132 62.56 39.89 58.47
N GLU E 133 63.20 39.07 57.65
CA GLU E 133 62.53 37.99 56.95
C GLU E 133 61.97 37.00 57.97
N GLN E 134 60.79 36.47 57.66
CA GLN E 134 60.11 35.54 58.55
C GLN E 134 60.92 34.25 58.59
N GLU E 135 62.08 34.30 59.22
CA GLU E 135 62.96 33.15 59.27
C GLU E 135 62.31 32.07 60.13
N ILE E 136 61.60 31.15 59.47
CA ILE E 136 60.79 30.18 60.17
C ILE E 136 61.51 28.84 60.15
N LEU E 137 62.09 28.47 61.29
CA LEU E 137 62.90 27.25 61.35
C LEU E 137 62.02 26.01 61.27
N VAL E 138 62.62 24.90 60.86
CA VAL E 138 61.97 23.59 60.84
C VAL E 138 62.57 22.79 61.99
N THR E 139 61.75 22.49 62.99
CA THR E 139 62.23 21.90 64.24
C THR E 139 62.46 20.41 64.16
N GLY E 140 61.96 19.74 63.14
CA GLY E 140 61.97 18.30 63.13
C GLY E 140 60.98 17.67 64.07
N ILE E 141 60.11 18.47 64.69
CA ILE E 141 59.07 18.01 65.59
C ILE E 141 57.77 17.90 64.79
N LYS E 142 57.25 16.68 64.68
CA LYS E 142 56.15 16.43 63.75
C LYS E 142 54.99 17.37 64.01
N VAL E 143 54.31 17.21 65.13
CA VAL E 143 53.14 18.02 65.42
C VAL E 143 53.54 19.48 65.60
N VAL E 144 54.55 19.72 66.44
CA VAL E 144 54.87 21.09 66.84
C VAL E 144 55.17 21.95 65.62
N ASP E 145 56.20 21.60 64.88
CA ASP E 145 56.49 22.30 63.66
C ASP E 145 55.32 22.25 62.69
N LEU E 146 54.70 21.09 62.51
CA LEU E 146 53.49 20.97 61.72
C LEU E 146 52.43 21.95 62.23
N LEU E 147 52.32 22.08 63.54
CA LEU E 147 51.44 23.10 64.07
C LEU E 147 52.08 24.47 64.05
N ALA E 148 53.14 24.66 64.82
CA ALA E 148 53.81 25.95 64.94
C ALA E 148 55.31 25.74 64.82
N PRO E 149 55.81 25.68 63.60
CA PRO E 149 57.27 25.70 63.41
C PRO E 149 57.85 26.95 64.04
N TYR E 150 58.71 26.76 65.03
CA TYR E 150 59.40 27.88 65.64
C TYR E 150 60.27 28.56 64.60
N ALA E 151 60.48 29.86 64.79
CA ALA E 151 61.16 30.69 63.82
C ALA E 151 62.67 30.56 63.98
N LYS E 152 63.37 30.61 62.86
CA LYS E 152 64.82 30.61 62.92
C LYS E 152 65.29 31.80 63.75
N GLY E 153 66.17 31.53 64.70
CA GLY E 153 66.64 32.58 65.58
C GLY E 153 65.56 33.18 66.46
N GLY E 154 64.74 32.34 67.10
CA GLY E 154 63.64 32.82 67.90
C GLY E 154 63.68 32.31 69.33
N LYS E 155 63.01 33.03 70.21
CA LYS E 155 62.97 32.72 71.63
C LYS E 155 61.84 31.75 71.93
N ILE E 156 62.20 30.57 72.43
CA ILE E 156 61.27 29.47 72.60
C ILE E 156 61.12 29.19 74.08
N GLY E 157 60.00 29.61 74.66
CA GLY E 157 59.74 29.31 76.05
C GLY E 157 59.44 27.84 76.26
N LEU E 158 59.47 27.43 77.53
CA LEU E 158 59.32 26.02 77.89
C LEU E 158 58.42 25.88 79.10
N PHE E 159 57.23 25.34 78.89
CA PHE E 159 56.49 24.71 79.97
C PHE E 159 56.55 23.20 79.79
N GLY E 160 56.42 22.49 80.91
CA GLY E 160 56.57 21.04 80.91
C GLY E 160 57.97 20.64 81.34
N GLY E 161 58.11 20.19 82.59
CA GLY E 161 59.42 20.10 83.19
C GLY E 161 59.97 18.74 83.59
N ALA E 162 60.03 18.50 84.90
CA ALA E 162 60.68 17.33 85.48
C ALA E 162 60.07 16.07 84.90
N GLY E 163 60.94 15.17 84.47
CA GLY E 163 60.48 13.95 83.83
C GLY E 163 59.60 14.16 82.62
N VAL E 164 59.48 15.38 82.12
CA VAL E 164 58.62 15.67 80.99
C VAL E 164 59.35 15.56 79.66
N GLY E 165 60.47 14.86 79.62
CA GLY E 165 61.22 14.73 78.38
C GLY E 165 62.01 15.99 78.16
N LYS E 166 62.03 16.84 79.19
CA LYS E 166 62.65 18.15 79.04
C LYS E 166 64.12 18.02 78.65
N THR E 167 64.89 17.26 79.42
CA THR E 167 66.25 16.95 78.97
C THR E 167 66.19 16.16 77.67
N VAL E 168 65.25 15.23 77.57
CA VAL E 168 65.12 14.42 76.37
C VAL E 168 64.81 15.30 75.17
N LEU E 169 63.85 16.21 75.31
CA LEU E 169 63.51 17.09 74.20
C LEU E 169 64.65 18.02 73.88
N ILE E 170 65.41 18.44 74.90
CA ILE E 170 66.55 19.32 74.67
C ILE E 170 67.58 18.62 73.82
N MET E 171 67.87 17.36 74.18
CA MET E 171 68.81 16.58 73.37
C MET E 171 68.26 16.35 71.98
N GLU E 172 66.94 16.14 71.87
CA GLU E 172 66.32 16.00 70.57
C GLU E 172 66.54 17.26 69.73
N LEU E 173 66.39 18.42 70.35
CA LEU E 173 66.63 19.67 69.66
C LEU E 173 68.09 19.79 69.24
N ILE E 174 69.01 19.39 70.11
CA ILE E 174 70.42 19.48 69.78
C ILE E 174 70.73 18.61 68.57
N ASN E 175 70.21 17.38 68.57
CA ASN E 175 70.44 16.48 67.44
C ASN E 175 69.79 17.02 66.17
N ASN E 176 68.59 17.57 66.29
CA ASN E 176 67.90 18.07 65.10
C ASN E 176 68.58 19.32 64.56
N VAL E 177 69.25 20.07 65.43
CA VAL E 177 69.99 21.22 64.95
C VAL E 177 71.27 20.77 64.26
N ALA E 178 72.00 19.84 64.89
CA ALA E 178 73.25 19.37 64.30
C ALA E 178 73.04 18.60 63.01
N LYS E 179 71.91 17.91 62.87
CA LYS E 179 71.67 17.14 61.66
C LYS E 179 70.72 17.87 60.72
N ALA E 180 69.50 18.15 61.18
CA ALA E 180 68.50 18.84 60.40
C ALA E 180 68.88 20.28 60.09
N HIS E 181 69.83 20.84 60.82
CA HIS E 181 70.30 22.20 60.51
C HIS E 181 71.81 22.33 60.47
N GLY E 182 72.55 21.32 60.89
CA GLY E 182 73.99 21.45 60.94
C GLY E 182 74.48 22.36 62.05
N GLY E 183 73.58 22.89 62.86
CA GLY E 183 73.94 23.81 63.93
C GLY E 183 74.21 23.05 65.22
N TYR E 184 75.32 23.39 65.86
CA TYR E 184 75.67 22.78 67.13
C TYR E 184 74.81 23.39 68.24
N SER E 185 75.18 23.13 69.49
CA SER E 185 74.40 23.63 70.61
C SER E 185 75.31 24.32 71.61
N VAL E 186 74.70 25.15 72.46
CA VAL E 186 75.42 25.87 73.50
C VAL E 186 74.76 25.56 74.85
N PHE E 187 75.53 25.00 75.76
CA PHE E 187 75.05 24.68 77.11
C PHE E 187 75.65 25.71 78.06
N ALA E 188 74.79 26.41 78.78
CA ALA E 188 75.22 27.31 79.85
C ALA E 188 74.21 27.17 80.98
N GLY E 189 74.47 26.21 81.87
CA GLY E 189 73.55 25.95 82.97
C GLY E 189 73.86 26.73 84.23
N VAL E 190 73.67 28.04 84.21
CA VAL E 190 73.96 28.87 85.38
C VAL E 190 73.15 28.36 86.57
N GLY E 191 73.82 28.22 87.71
CA GLY E 191 73.18 27.69 88.90
C GLY E 191 72.74 26.25 88.76
N GLU E 192 73.50 25.45 88.02
CA GLU E 192 73.19 24.04 87.83
C GLU E 192 73.69 23.26 89.05
N ARG E 193 72.92 22.24 89.45
CA ARG E 193 73.38 21.36 90.51
C ARG E 193 74.60 20.57 90.05
N THR E 194 75.61 20.51 90.91
CA THR E 194 76.81 19.73 90.59
C THR E 194 76.44 18.27 90.34
N ARG E 195 75.49 17.75 91.12
CA ARG E 195 74.93 16.43 90.81
C ARG E 195 74.30 16.44 89.44
N GLU E 196 73.40 17.40 89.19
CA GLU E 196 72.84 17.54 87.86
C GLU E 196 73.92 17.85 86.84
N GLY E 197 74.98 18.56 87.24
CA GLY E 197 76.05 18.86 86.31
C GLY E 197 76.75 17.60 85.81
N ASN E 198 77.19 16.75 86.74
CA ASN E 198 77.84 15.51 86.34
C ASN E 198 76.87 14.61 85.59
N ASP E 199 75.60 14.60 86.02
CA ASP E 199 74.61 13.81 85.33
C ASP E 199 74.46 14.26 83.89
N LEU E 200 74.38 15.56 83.67
CA LEU E 200 74.28 16.09 82.32
C LEU E 200 75.54 15.78 81.53
N TYR E 201 76.71 15.88 82.17
CA TYR E 201 77.93 15.54 81.48
C TYR E 201 77.87 14.11 80.96
N HIS E 202 77.54 13.18 81.85
CA HIS E 202 77.46 11.79 81.46
C HIS E 202 76.39 11.57 80.40
N GLU E 203 75.21 12.17 80.58
CA GLU E 203 74.10 11.92 79.69
C GLU E 203 74.35 12.49 78.30
N MET E 204 74.80 13.75 78.25
CA MET E 204 75.11 14.36 76.97
C MET E 204 76.25 13.63 76.27
N ILE E 205 77.26 13.22 77.04
CA ILE E 205 78.30 12.38 76.46
C ILE E 205 77.69 11.12 75.87
N GLU E 206 76.72 10.54 76.59
CA GLU E 206 76.06 9.34 76.11
C GLU E 206 75.30 9.60 74.81
N SER E 207 74.65 10.76 74.71
CA SER E 207 73.94 11.13 73.51
C SER E 207 74.86 11.26 72.31
N GLY E 208 76.16 11.48 72.53
CA GLY E 208 77.12 11.59 71.47
C GLY E 208 77.33 12.99 70.94
N VAL E 209 76.38 13.90 71.16
CA VAL E 209 76.59 15.29 70.77
C VAL E 209 77.58 15.96 71.70
N ILE E 210 77.97 15.27 72.77
CA ILE E 210 78.92 15.80 73.74
C ILE E 210 80.09 14.83 73.90
N ASN E 211 81.30 15.35 73.80
CA ASN E 211 82.52 14.61 74.08
C ASN E 211 83.66 15.59 74.24
N LEU E 212 84.24 15.64 75.45
CA LEU E 212 85.29 16.60 75.77
C LEU E 212 86.60 16.30 75.07
N LYS E 213 86.70 15.17 74.38
CA LYS E 213 87.92 14.80 73.68
C LYS E 213 87.68 14.54 72.19
N ASP E 214 86.57 13.89 71.84
CA ASP E 214 86.38 13.35 70.50
C ASP E 214 86.36 14.41 69.41
N ALA E 215 86.16 15.69 69.79
CA ALA E 215 86.17 16.79 68.83
C ALA E 215 85.16 16.56 67.70
N THR E 216 84.07 15.88 68.05
CA THR E 216 82.95 15.64 67.16
C THR E 216 81.64 15.88 67.90
N SER E 217 81.76 16.34 69.14
CA SER E 217 80.61 16.76 69.91
C SER E 217 79.86 17.85 69.15
N LYS E 218 78.53 17.74 69.14
CA LYS E 218 77.71 18.68 68.42
C LYS E 218 77.22 19.82 69.31
N VAL E 219 77.99 20.22 70.31
CA VAL E 219 77.55 21.23 71.27
C VAL E 219 78.72 21.93 71.92
N ALA E 220 78.42 22.99 72.67
CA ALA E 220 79.36 23.66 73.57
C ALA E 220 78.70 23.77 74.94
N LEU E 221 79.46 23.50 76.00
CA LEU E 221 78.89 23.25 77.30
C LEU E 221 79.29 24.30 78.32
N VAL E 222 78.40 24.58 79.26
CA VAL E 222 78.69 25.34 80.48
C VAL E 222 77.58 25.07 81.48
N TYR E 223 77.90 25.15 82.76
CA TYR E 223 76.93 25.05 83.84
C TYR E 223 77.36 25.98 84.97
N GLY E 224 76.42 26.38 85.82
CA GLY E 224 76.71 27.35 86.86
C GLY E 224 76.51 26.85 88.27
N GLN E 225 77.21 27.47 89.22
CA GLN E 225 77.09 27.08 90.61
C GLN E 225 75.93 27.84 91.27
N MET E 226 74.89 27.09 91.60
CA MET E 226 73.80 27.65 92.38
C MET E 226 74.23 28.07 93.77
N ASN E 227 75.09 27.28 94.43
CA ASN E 227 75.61 27.62 95.74
C ASN E 227 76.37 28.94 95.71
N GLU E 228 76.88 29.31 94.58
CA GLU E 228 77.63 30.54 94.41
C GLU E 228 76.69 31.74 94.45
N PRO E 229 77.21 32.90 94.82
CA PRO E 229 76.41 34.10 94.77
C PRO E 229 75.94 34.37 93.36
N PRO E 230 74.67 34.77 93.19
CA PRO E 230 74.21 35.12 91.84
C PRO E 230 75.01 36.23 91.22
N GLY E 231 75.57 37.12 92.05
CA GLY E 231 76.53 38.09 91.56
C GLY E 231 77.64 37.45 90.75
N ALA E 232 77.92 36.18 91.02
CA ALA E 232 78.61 35.37 90.03
C ALA E 232 77.63 34.78 89.03
N ARG E 233 76.57 34.11 89.51
CA ARG E 233 75.74 33.29 88.65
C ARG E 233 75.04 34.08 87.55
N ALA E 234 74.78 35.37 87.77
CA ALA E 234 73.99 36.13 86.82
C ALA E 234 74.74 36.47 85.54
N ARG E 235 76.02 36.80 85.62
CA ARG E 235 76.76 37.32 84.49
C ARG E 235 76.94 36.30 83.37
N VAL E 236 76.69 35.02 83.62
CA VAL E 236 76.89 34.01 82.58
C VAL E 236 76.02 34.30 81.38
N ALA E 237 75.02 35.16 81.53
CA ALA E 237 74.12 35.47 80.42
C ALA E 237 74.86 36.09 79.25
N LEU E 238 75.46 37.27 79.46
CA LEU E 238 76.19 37.90 78.37
C LEU E 238 77.36 37.04 77.92
N THR E 239 77.86 36.17 78.80
CA THR E 239 78.88 35.22 78.38
C THR E 239 78.35 34.29 77.30
N GLY E 240 77.21 33.65 77.56
CA GLY E 240 76.61 32.81 76.54
C GLY E 240 76.25 33.62 75.31
N LEU E 241 75.91 34.89 75.51
CA LEU E 241 75.66 35.76 74.37
C LEU E 241 76.88 35.90 73.49
N THR E 242 78.01 36.23 74.08
CA THR E 242 79.26 36.32 73.33
C THR E 242 79.58 34.98 72.69
N VAL E 243 79.25 33.90 73.38
CA VAL E 243 79.48 32.56 72.82
C VAL E 243 78.66 32.38 71.56
N ALA E 244 77.40 32.76 71.62
CA ALA E 244 76.54 32.66 70.46
C ALA E 244 77.06 33.51 69.32
N GLU E 245 77.57 34.70 69.64
CA GLU E 245 78.20 35.51 68.60
C GLU E 245 79.39 34.77 68.00
N TYR E 246 80.18 34.12 68.84
CA TYR E 246 81.35 33.39 68.37
C TYR E 246 80.93 32.32 67.39
N PHE E 247 79.86 31.60 67.71
CA PHE E 247 79.46 30.48 66.87
C PHE E 247 78.63 30.93 65.68
N ARG E 248 78.04 32.13 65.74
CA ARG E 248 77.10 32.50 64.69
C ARG E 248 77.57 33.72 63.92
N ASP E 249 77.73 34.86 64.60
CA ASP E 249 78.27 36.03 63.94
C ASP E 249 79.75 35.79 63.62
N GLN E 250 80.48 35.29 64.61
CA GLN E 250 81.88 34.97 64.39
C GLN E 250 82.08 33.59 63.77
N GLU E 251 81.05 32.75 63.71
CA GLU E 251 81.18 31.49 63.00
C GLU E 251 79.97 31.18 62.12
N GLY E 252 79.40 32.17 61.46
CA GLY E 252 78.48 31.97 60.34
C GLY E 252 77.50 30.83 60.49
N GLN E 253 76.62 30.91 61.48
CA GLN E 253 75.71 29.81 61.74
C GLN E 253 74.45 30.34 62.40
N ASP E 254 73.39 29.55 62.32
CA ASP E 254 72.24 29.74 63.19
C ASP E 254 72.40 28.87 64.44
N VAL E 255 71.87 29.36 65.56
CA VAL E 255 72.07 28.67 66.83
C VAL E 255 70.93 28.99 67.80
N LEU E 256 70.71 28.06 68.72
CA LEU E 256 69.80 28.22 69.85
C LEU E 256 70.59 28.18 71.15
N LEU E 257 69.90 28.36 72.27
CA LEU E 257 70.56 28.39 73.57
C LEU E 257 69.62 27.82 74.61
N PHE E 258 69.87 26.58 75.02
CA PHE E 258 69.16 25.99 76.15
C PHE E 258 69.59 26.69 77.42
N ILE E 259 68.65 27.36 78.08
CA ILE E 259 68.95 28.21 79.22
C ILE E 259 67.86 28.01 80.26
N ASP E 260 68.24 27.47 81.42
CA ASP E 260 67.34 27.32 82.56
C ASP E 260 68.01 27.90 83.79
N ASN E 261 67.29 28.75 84.51
CA ASN E 261 65.94 29.11 84.13
C ASN E 261 65.82 30.62 84.11
N ILE E 262 64.87 31.10 83.33
CA ILE E 262 64.63 32.54 83.30
C ILE E 262 64.22 33.08 84.67
N PHE E 263 63.24 32.44 85.32
CA PHE E 263 62.89 32.88 86.66
C PHE E 263 64.06 32.73 87.60
N ARG E 264 64.91 31.74 87.34
CA ARG E 264 66.19 31.72 88.02
C ARG E 264 67.01 32.95 87.66
N PHE E 265 67.09 33.29 86.38
CA PHE E 265 67.75 34.53 86.00
C PHE E 265 67.06 35.72 86.64
N THR E 266 65.75 35.63 86.80
CA THR E 266 65.02 36.68 87.49
C THR E 266 65.52 36.83 88.92
N GLN E 267 65.60 35.73 89.65
CA GLN E 267 66.10 35.79 91.02
C GLN E 267 67.51 36.32 91.04
N ALA E 268 68.30 35.96 90.02
CA ALA E 268 69.66 36.45 89.94
C ALA E 268 69.68 37.97 89.83
N GLY E 269 68.90 38.52 88.91
CA GLY E 269 68.83 39.95 88.78
C GLY E 269 68.29 40.60 90.04
N SER E 270 67.37 39.92 90.72
CA SER E 270 66.84 40.44 91.97
C SER E 270 67.96 40.58 93.00
N GLU E 271 68.74 39.52 93.17
CA GLU E 271 69.87 39.59 94.09
C GLU E 271 70.84 40.65 93.65
N VAL E 272 70.97 40.84 92.34
CA VAL E 272 71.87 41.87 91.84
C VAL E 272 71.40 43.25 92.30
N SER E 273 70.12 43.52 92.15
CA SER E 273 69.58 44.80 92.62
C SER E 273 69.75 44.93 94.12
N ALA E 274 69.53 43.83 94.84
CA ALA E 274 69.83 43.84 96.27
C ALA E 274 71.24 44.32 96.50
N LEU E 275 72.19 43.77 95.74
CA LEU E 275 73.56 44.25 95.81
C LEU E 275 73.62 45.74 95.51
N LEU E 276 72.79 46.21 94.59
CA LEU E 276 72.73 47.65 94.34
C LEU E 276 72.15 48.39 95.52
N GLY E 277 71.62 47.67 96.51
CA GLY E 277 70.85 48.31 97.55
C GLY E 277 69.65 48.93 96.88
N ARG E 278 69.28 48.38 95.74
CA ARG E 278 68.29 48.96 94.86
C ARG E 278 66.90 48.82 95.47
N ILE E 279 66.10 49.87 95.32
CA ILE E 279 64.68 49.77 95.60
C ILE E 279 64.16 48.66 94.69
N PRO E 280 63.81 47.50 95.22
CA PRO E 280 63.51 46.37 94.35
C PRO E 280 62.29 46.64 93.51
N SER E 281 62.12 45.83 92.46
CA SER E 281 60.91 45.93 91.67
C SER E 281 59.72 45.55 92.53
N ALA E 282 58.51 45.74 92.00
CA ALA E 282 57.31 45.30 92.70
C ALA E 282 57.35 43.79 92.86
N VAL E 283 58.04 43.12 91.95
CA VAL E 283 58.29 41.69 92.06
C VAL E 283 59.68 41.54 92.65
N GLY E 284 60.13 42.58 93.36
CA GLY E 284 61.40 42.53 94.02
C GLY E 284 62.59 42.60 93.10
N TYR E 285 62.38 42.55 91.80
CA TYR E 285 63.48 42.52 90.87
C TYR E 285 64.22 43.85 90.86
N GLN E 286 65.24 43.93 90.01
CA GLN E 286 65.91 45.19 89.82
C GLN E 286 64.91 46.22 89.33
N PRO E 287 65.09 47.48 89.72
CA PRO E 287 64.12 48.51 89.32
C PRO E 287 63.87 48.54 87.83
N THR E 288 64.90 48.32 87.03
CA THR E 288 64.73 48.07 85.60
C THR E 288 65.22 46.69 85.22
N LEU E 289 65.02 45.70 86.08
CA LEU E 289 65.37 44.34 85.71
C LEU E 289 64.75 43.98 84.38
N ALA E 290 63.56 44.51 84.11
CA ALA E 290 62.92 44.30 82.83
C ALA E 290 63.82 44.73 81.69
N THR E 291 64.63 45.77 81.92
CA THR E 291 65.51 46.21 80.85
C THR E 291 66.44 45.09 80.41
N ASP E 292 67.17 44.48 81.34
CA ASP E 292 68.03 43.36 80.98
C ASP E 292 67.21 42.18 80.49
N MET E 293 66.06 41.93 81.12
CA MET E 293 65.24 40.79 80.73
C MET E 293 64.87 40.85 79.27
N GLY E 294 64.38 42.00 78.80
CA GLY E 294 64.22 42.19 77.38
C GLY E 294 65.55 42.08 76.65
N THR E 295 66.58 42.74 77.18
CA THR E 295 67.91 42.61 76.60
C THR E 295 68.33 41.15 76.56
N MET E 296 68.03 40.41 77.64
CA MET E 296 68.25 38.98 77.61
C MET E 296 67.56 38.37 76.39
N GLN E 297 66.27 38.67 76.24
CA GLN E 297 65.59 38.32 75.01
C GLN E 297 66.21 39.03 73.81
N GLU E 298 66.50 40.31 73.93
CA GLU E 298 66.96 41.11 72.80
C GLU E 298 68.37 40.78 72.37
N ARG E 299 69.24 40.39 73.30
CA ARG E 299 70.62 40.11 72.94
C ARG E 299 70.74 39.03 71.88
N ILE E 300 69.76 38.15 71.80
CA ILE E 300 69.74 37.09 70.79
C ILE E 300 68.60 37.43 69.85
N THR E 301 68.87 37.39 68.55
CA THR E 301 67.85 37.57 67.55
C THR E 301 68.33 36.96 66.24
N THR E 302 67.38 36.69 65.36
CA THR E 302 67.68 36.26 64.00
C THR E 302 68.13 37.49 63.22
N THR E 303 69.31 38.00 63.57
CA THR E 303 69.87 39.16 62.89
C THR E 303 70.53 38.71 61.60
N LYS E 304 71.02 39.67 60.81
CA LYS E 304 71.83 39.31 59.67
C LYS E 304 73.08 38.54 60.08
N LYS E 305 73.61 38.80 61.29
CA LYS E 305 74.74 38.07 61.83
C LYS E 305 74.44 36.59 62.01
N GLY E 306 73.19 36.25 62.27
CA GLY E 306 72.79 34.87 62.34
C GLY E 306 71.42 34.75 62.96
N SER E 307 70.95 33.51 63.05
CA SER E 307 69.64 33.26 63.61
C SER E 307 69.81 32.81 65.05
N ILE E 308 69.90 33.79 65.94
CA ILE E 308 70.12 33.55 67.36
C ILE E 308 68.79 33.16 67.95
N THR E 309 68.63 31.87 68.23
CA THR E 309 67.41 31.34 68.81
C THR E 309 67.59 31.13 70.30
N SER E 310 66.50 31.21 71.05
CA SER E 310 66.55 31.12 72.50
C SER E 310 65.66 29.98 73.00
N VAL E 311 66.29 28.91 73.44
CA VAL E 311 65.60 27.82 74.12
C VAL E 311 65.39 28.29 75.56
N GLN E 312 64.18 28.71 75.86
CA GLN E 312 63.89 29.46 77.08
C GLN E 312 63.13 28.57 78.06
N ALA E 313 63.73 28.34 79.23
CA ALA E 313 63.04 27.62 80.29
C ALA E 313 62.24 28.60 81.14
N ILE E 314 60.93 28.61 80.94
CA ILE E 314 60.03 29.52 81.64
C ILE E 314 59.74 28.92 83.00
N TYR E 315 60.63 29.13 83.95
CA TYR E 315 60.45 28.63 85.31
C TYR E 315 59.22 29.27 85.90
N VAL E 316 58.20 28.47 86.15
CA VAL E 316 56.89 28.98 86.51
C VAL E 316 56.94 29.39 87.98
N PRO E 317 57.11 30.66 88.29
CA PRO E 317 57.05 31.08 89.69
C PRO E 317 55.63 30.93 90.19
N ALA E 318 55.41 29.88 90.98
CA ALA E 318 54.08 29.50 91.43
C ALA E 318 53.08 29.44 90.29
N ASP E 319 53.57 29.23 89.06
CA ASP E 319 52.74 29.29 87.87
C ASP E 319 51.94 30.58 87.80
N ASP E 320 52.52 31.65 88.34
CA ASP E 320 51.86 32.95 88.41
C ASP E 320 52.35 33.79 87.25
N LEU E 321 51.63 33.70 86.13
CA LEU E 321 51.98 34.49 84.95
C LEU E 321 52.00 35.98 85.24
N THR E 322 51.19 36.44 86.19
CA THR E 322 51.16 37.84 86.56
C THR E 322 52.46 38.31 87.17
N ASP E 323 53.36 37.38 87.51
CA ASP E 323 54.64 37.79 88.04
C ASP E 323 55.31 38.73 87.04
N PRO E 324 55.80 39.87 87.50
CA PRO E 324 56.52 40.75 86.59
C PRO E 324 57.66 40.03 85.92
N ALA E 325 58.30 39.13 86.64
CA ALA E 325 59.15 38.13 85.97
C ALA E 325 58.34 37.38 84.93
N PRO E 326 57.30 36.63 85.30
CA PRO E 326 56.51 35.94 84.26
C PRO E 326 55.89 36.88 83.26
N ALA E 327 55.52 38.08 83.69
CA ALA E 327 55.03 39.06 82.74
C ALA E 327 56.05 39.32 81.66
N THR E 328 57.27 39.65 82.06
CA THR E 328 58.34 39.85 81.09
C THR E 328 58.54 38.61 80.24
N THR E 329 58.47 37.44 80.87
CA THR E 329 58.56 36.21 80.12
C THR E 329 57.59 36.22 78.94
N PHE E 330 56.30 36.30 79.24
CA PHE E 330 55.34 36.52 78.18
C PHE E 330 55.67 37.73 77.35
N ALA E 331 56.04 38.84 77.99
CA ALA E 331 56.45 40.01 77.23
C ALA E 331 57.63 39.70 76.33
N HIS E 332 58.68 39.08 76.84
CA HIS E 332 59.80 38.70 76.01
C HIS E 332 59.52 37.44 75.19
N LEU E 333 58.39 36.79 75.42
CA LEU E 333 58.10 35.53 74.76
C LEU E 333 58.12 35.71 73.25
N ASP E 334 58.79 34.79 72.56
CA ASP E 334 58.69 34.68 71.12
C ASP E 334 58.09 33.34 70.70
N ALA E 335 58.52 32.25 71.31
CA ALA E 335 57.90 30.95 71.12
C ALA E 335 57.82 30.32 72.51
N THR E 336 56.91 29.36 72.65
CA THR E 336 56.64 28.79 73.97
C THR E 336 56.31 27.33 73.85
N THR E 337 56.74 26.56 74.86
CA THR E 337 56.51 25.13 74.92
C THR E 337 55.65 24.84 76.14
N VAL E 338 54.84 23.79 76.04
CA VAL E 338 54.13 23.26 77.19
C VAL E 338 54.02 21.75 77.04
N LEU E 339 54.88 21.03 77.75
CA LEU E 339 54.87 19.56 77.69
C LEU E 339 54.01 19.00 78.81
N SER E 340 53.47 17.79 78.60
CA SER E 340 52.51 17.19 79.52
C SER E 340 52.96 15.81 79.94
N ARG E 341 53.28 15.66 81.22
CA ARG E 341 53.54 14.34 81.77
C ARG E 341 52.36 13.41 81.56
N ALA E 342 51.16 13.99 81.49
CA ALA E 342 49.97 13.22 81.15
C ALA E 342 50.11 12.52 79.82
N ILE E 343 50.73 13.15 78.82
CA ILE E 343 50.98 12.52 77.53
C ILE E 343 51.87 11.31 77.64
N ALA E 344 52.99 11.39 78.38
CA ALA E 344 53.75 10.20 78.69
C ALA E 344 52.99 9.30 79.65
N GLU E 345 52.21 9.89 80.56
CA GLU E 345 51.26 9.08 81.31
C GLU E 345 50.30 8.40 80.36
N LEU E 346 49.83 9.13 79.35
CA LEU E 346 49.15 8.49 78.24
C LEU E 346 50.09 7.67 77.38
N GLY E 347 51.40 7.78 77.60
CA GLY E 347 52.38 7.11 76.79
C GLY E 347 52.74 7.82 75.52
N ILE E 348 51.95 8.80 75.10
CA ILE E 348 52.27 9.55 73.90
C ILE E 348 53.49 10.42 74.18
N TYR E 349 54.64 10.00 73.67
CA TYR E 349 55.86 10.77 73.78
C TYR E 349 56.24 11.26 72.39
N PRO E 350 56.47 12.57 72.22
CA PRO E 350 56.67 13.74 73.09
C PRO E 350 55.51 14.12 74.00
N ALA E 351 55.85 14.83 75.07
CA ALA E 351 54.90 15.26 76.09
C ALA E 351 54.28 16.62 75.80
N VAL E 352 54.76 17.33 74.78
CA VAL E 352 54.22 18.66 74.50
C VAL E 352 52.73 18.57 74.31
N ASP E 353 51.99 19.22 75.19
CA ASP E 353 50.54 19.09 75.17
C ASP E 353 49.96 19.82 73.96
N PRO E 354 49.01 19.20 73.26
CA PRO E 354 48.70 19.65 71.89
C PRO E 354 48.34 21.10 71.77
N LEU E 355 47.30 21.57 72.45
CA LEU E 355 46.96 22.97 72.40
C LEU E 355 47.86 23.81 73.29
N ASP E 356 48.71 23.16 74.09
CA ASP E 356 49.37 23.86 75.17
C ASP E 356 50.59 24.63 74.69
N SER E 357 51.62 23.94 74.23
CA SER E 357 52.77 24.64 73.66
C SER E 357 52.28 25.55 72.54
N THR E 358 52.74 26.79 72.53
CA THR E 358 52.13 27.77 71.64
C THR E 358 53.12 28.86 71.26
N SER E 359 52.75 29.61 70.21
CA SER E 359 53.49 30.76 69.70
C SER E 359 52.63 31.40 68.61
N ARG E 360 52.76 32.72 68.46
CA ARG E 360 51.87 33.47 67.59
C ARG E 360 52.19 33.28 66.11
N ILE E 361 53.27 32.56 65.80
CA ILE E 361 53.76 32.47 64.43
C ILE E 361 52.87 31.58 63.57
N MET E 362 51.91 30.89 64.16
CA MET E 362 51.05 29.97 63.41
C MET E 362 50.10 30.77 62.52
N ASP E 363 50.62 31.19 61.37
CA ASP E 363 49.88 32.05 60.44
C ASP E 363 49.92 31.49 59.04
N PRO E 364 48.77 31.38 58.36
CA PRO E 364 48.80 30.93 56.95
C PRO E 364 49.69 31.79 56.08
N ASN E 365 49.73 33.10 56.34
CA ASN E 365 50.72 33.94 55.68
C ASN E 365 52.13 33.48 56.02
N ILE E 366 52.36 33.09 57.27
CA ILE E 366 53.70 32.69 57.70
C ILE E 366 53.83 31.18 57.66
N VAL E 367 53.05 30.48 58.49
CA VAL E 367 53.13 29.02 58.56
C VAL E 367 52.63 28.35 57.30
N GLY E 368 52.30 29.09 56.26
CA GLY E 368 51.84 28.49 55.03
C GLY E 368 50.35 28.28 55.03
N SER E 369 49.71 28.79 53.98
CA SER E 369 48.26 28.82 53.94
C SER E 369 47.65 27.43 54.04
N GLU E 370 48.08 26.51 53.17
CA GLU E 370 47.55 25.16 53.22
C GLU E 370 48.04 24.42 54.45
N HIS E 371 49.30 24.65 54.83
CA HIS E 371 49.80 24.07 56.07
C HIS E 371 49.01 24.57 57.26
N TYR E 372 48.72 25.87 57.28
CA TYR E 372 47.91 26.42 58.36
C TYR E 372 46.49 25.87 58.30
N ASP E 373 45.97 25.63 57.10
CA ASP E 373 44.63 25.05 56.98
C ASP E 373 44.59 23.66 57.58
N VAL E 374 45.56 22.82 57.23
CA VAL E 374 45.64 21.49 57.80
C VAL E 374 45.82 21.57 59.31
N ALA E 375 46.63 22.52 59.77
CA ALA E 375 46.87 22.66 61.21
C ALA E 375 45.60 23.10 61.93
N ARG E 376 44.83 24.01 61.34
CA ARG E 376 43.59 24.47 61.96
C ARG E 376 42.58 23.33 62.02
N GLY E 377 42.51 22.54 60.95
CA GLY E 377 41.72 21.32 61.02
C GLY E 377 42.17 20.42 62.15
N VAL E 378 43.49 20.28 62.32
CA VAL E 378 44.02 19.44 63.39
C VAL E 378 43.64 20.01 64.74
N GLN E 379 43.65 21.33 64.87
CA GLN E 379 43.31 21.95 66.13
C GLN E 379 41.84 21.73 66.47
N LYS E 380 40.97 21.95 65.48
CA LYS E 380 39.56 21.62 65.66
C LYS E 380 39.40 20.15 66.01
N ILE E 381 40.24 19.31 65.40
CA ILE E 381 40.20 17.88 65.68
C ILE E 381 40.55 17.63 67.14
N LEU E 382 41.60 18.28 67.62
CA LEU E 382 41.99 18.08 69.01
C LEU E 382 40.91 18.56 69.96
N GLN E 383 40.32 19.72 69.67
CA GLN E 383 39.29 20.26 70.54
C GLN E 383 38.08 19.33 70.57
N ASP E 384 37.57 18.98 69.39
CA ASP E 384 36.43 18.08 69.33
C ASP E 384 36.81 16.70 69.86
N TYR E 385 38.09 16.36 69.83
CA TYR E 385 38.51 15.08 70.35
C TYR E 385 38.40 15.08 71.86
N LYS E 386 38.87 16.13 72.50
CA LYS E 386 38.65 16.27 73.93
C LYS E 386 37.17 16.30 74.23
N SER E 387 36.40 17.03 73.44
CA SER E 387 34.97 17.12 73.67
C SER E 387 34.29 15.76 73.55
N LEU E 388 34.53 15.08 72.44
CA LEU E 388 34.01 13.75 72.21
C LEU E 388 34.52 12.77 73.25
N GLN E 389 35.73 12.99 73.77
CA GLN E 389 36.17 12.21 74.90
C GLN E 389 35.20 12.37 76.05
N ASP E 390 34.80 13.61 76.34
CA ASP E 390 33.81 13.83 77.39
C ASP E 390 32.47 13.19 77.05
N ILE E 391 32.03 13.35 75.80
CA ILE E 391 30.71 12.84 75.42
C ILE E 391 30.66 11.33 75.58
N ILE E 392 31.62 10.63 75.01
CA ILE E 392 31.66 9.18 75.14
C ILE E 392 31.88 8.79 76.58
N ALA E 393 32.63 9.60 77.33
CA ALA E 393 32.71 9.38 78.76
C ALA E 393 31.36 9.52 79.43
N ILE E 394 30.43 10.22 78.79
CA ILE E 394 29.11 10.43 79.36
C ILE E 394 28.10 9.63 78.54
N LEU E 395 27.91 10.02 77.28
CA LEU E 395 26.94 9.37 76.43
C LEU E 395 27.44 8.04 75.89
N GLY E 396 28.73 7.75 76.04
CA GLY E 396 29.26 6.56 75.42
C GLY E 396 29.48 6.75 73.94
N MET E 397 30.58 6.18 73.46
CA MET E 397 30.76 6.10 72.03
C MET E 397 29.66 5.28 71.38
N ASP E 398 28.94 4.49 72.19
CA ASP E 398 27.76 3.79 71.71
C ASP E 398 26.74 4.74 71.11
N GLU E 399 26.66 5.97 71.59
CA GLU E 399 25.78 6.97 71.00
C GLU E 399 26.52 7.86 70.01
N LEU E 400 27.80 7.59 69.78
CA LEU E 400 28.63 8.41 68.91
C LEU E 400 28.33 8.10 67.45
N SER E 401 28.17 9.16 66.67
CA SER E 401 27.97 8.98 65.25
C SER E 401 29.18 8.30 64.63
N GLU E 402 28.92 7.52 63.59
CA GLU E 402 30.03 6.96 62.83
C GLU E 402 30.90 8.08 62.27
N GLU E 403 30.31 9.24 61.99
CA GLU E 403 31.13 10.41 61.70
C GLU E 403 31.98 10.78 62.90
N ASP E 404 31.35 10.84 64.07
CA ASP E 404 32.11 11.06 65.31
C ASP E 404 33.06 9.90 65.55
N LYS E 405 32.67 8.69 65.12
CA LYS E 405 33.57 7.57 65.24
C LYS E 405 34.83 7.79 64.44
N LEU E 406 34.68 8.26 63.20
CA LEU E 406 35.84 8.60 62.38
C LEU E 406 36.63 9.71 63.05
N THR E 407 35.94 10.69 63.60
CA THR E 407 36.61 11.76 64.31
C THR E 407 37.51 11.20 65.40
N VAL E 408 36.96 10.35 66.27
CA VAL E 408 37.71 9.87 67.43
C VAL E 408 38.80 8.92 66.98
N SER E 409 38.52 8.09 65.99
CA SER E 409 39.53 7.17 65.49
C SER E 409 40.71 7.95 64.92
N ARG E 410 40.42 8.90 64.03
CA ARG E 410 41.46 9.75 63.48
C ARG E 410 42.16 10.51 64.58
N ALA E 411 41.44 10.85 65.64
CA ALA E 411 42.05 11.53 66.77
C ALA E 411 43.11 10.66 67.41
N ARG E 412 42.76 9.43 67.77
CA ARG E 412 43.73 8.53 68.37
C ARG E 412 44.90 8.29 67.43
N LYS E 413 44.60 8.16 66.13
CA LYS E 413 45.65 7.90 65.16
C LYS E 413 46.63 9.05 65.07
N ILE E 414 46.13 10.27 64.92
CA ILE E 414 47.00 11.43 64.84
C ILE E 414 47.72 11.63 66.16
N GLN E 415 47.08 11.23 67.26
CA GLN E 415 47.73 11.30 68.55
C GLN E 415 48.97 10.44 68.55
N ARG E 416 48.84 9.21 68.06
CA ARG E 416 50.01 8.38 67.85
C ARG E 416 50.98 9.03 66.88
N PHE E 417 50.46 9.62 65.81
CA PHE E 417 51.29 10.16 64.74
C PHE E 417 52.19 11.28 65.21
N LEU E 418 51.67 12.18 66.05
CA LEU E 418 52.49 13.25 66.59
C LEU E 418 53.75 12.72 67.23
N SER E 419 53.64 11.59 67.93
CA SER E 419 54.83 10.87 68.36
C SER E 419 55.63 10.44 67.14
N GLN E 420 56.81 11.02 67.01
CA GLN E 420 57.79 10.63 66.02
C GLN E 420 59.09 10.34 66.76
N PRO E 421 59.80 9.29 66.37
CA PRO E 421 60.96 8.87 67.17
C PRO E 421 62.20 9.70 66.87
N PHE E 422 63.06 9.86 67.87
CA PHE E 422 64.26 10.68 67.77
C PHE E 422 65.50 9.81 67.86
N GLN E 423 66.53 10.19 67.10
CA GLN E 423 67.77 9.40 67.04
C GLN E 423 68.36 9.16 68.42
N VAL E 424 68.54 10.20 69.22
CA VAL E 424 68.95 10.00 70.61
C VAL E 424 67.88 9.27 71.41
N ALA E 425 66.60 9.57 71.18
CA ALA E 425 65.52 8.86 71.83
C ALA E 425 65.33 7.47 71.23
N GLU E 426 65.91 7.25 70.05
CA GLU E 426 65.94 5.89 69.51
C GLU E 426 66.76 4.98 70.40
N VAL E 427 67.69 5.57 71.17
CA VAL E 427 68.42 4.77 72.15
C VAL E 427 67.46 4.23 73.21
N PHE E 428 66.64 5.10 73.79
CA PHE E 428 65.64 4.62 74.74
C PHE E 428 64.58 3.78 74.04
N THR E 429 64.11 4.25 72.89
CA THR E 429 63.10 3.51 72.14
C THR E 429 63.67 2.21 71.57
N GLY E 430 65.00 2.12 71.44
CA GLY E 430 65.63 0.94 70.89
C GLY E 430 65.63 0.87 69.38
N HIS E 431 64.50 1.12 68.72
CA HIS E 431 64.40 0.92 67.29
C HIS E 431 64.89 2.16 66.53
N LEU E 432 64.58 2.18 65.24
CA LEU E 432 64.93 3.32 64.41
C LEU E 432 64.08 4.54 64.75
N GLY E 433 64.69 5.71 64.60
CA GLY E 433 63.97 6.95 64.87
C GLY E 433 63.00 7.30 63.76
N LYS E 434 62.33 8.43 63.93
CA LYS E 434 61.44 8.99 62.91
C LYS E 434 61.63 10.49 62.87
N LEU E 435 62.51 10.93 61.96
CA LEU E 435 62.80 12.35 61.76
C LEU E 435 62.82 12.60 60.25
N VAL E 436 61.65 12.90 59.69
CA VAL E 436 61.50 13.12 58.26
C VAL E 436 61.49 14.63 58.00
N PRO E 437 61.39 15.07 56.76
CA PRO E 437 61.42 16.50 56.48
C PRO E 437 60.15 17.19 56.97
N LEU E 438 60.23 18.53 56.99
CA LEU E 438 59.07 19.32 57.38
C LEU E 438 57.93 19.11 56.39
N LYS E 439 58.21 19.25 55.11
CA LYS E 439 57.19 18.96 54.10
C LYS E 439 56.78 17.50 54.18
N GLU E 440 57.70 16.63 54.62
CA GLU E 440 57.33 15.22 54.82
C GLU E 440 56.27 15.09 55.91
N THR E 441 56.43 15.83 57.00
CA THR E 441 55.41 15.83 58.03
C THR E 441 54.11 16.42 57.50
N ILE E 442 54.22 17.45 56.67
CA ILE E 442 53.02 18.03 56.06
C ILE E 442 52.29 16.97 55.24
N LYS E 443 53.04 16.20 54.45
CA LYS E 443 52.45 15.15 53.64
C LYS E 443 51.83 14.07 54.52
N GLY E 444 52.54 13.67 55.58
CA GLY E 444 52.00 12.66 56.46
C GLY E 444 50.70 13.10 57.11
N PHE E 445 50.65 14.36 57.55
CA PHE E 445 49.45 14.90 58.17
C PHE E 445 48.30 14.99 57.18
N GLN E 446 48.57 15.42 55.95
CA GLN E 446 47.52 15.47 54.95
C GLN E 446 46.98 14.07 54.67
N GLN E 447 47.89 13.09 54.57
CA GLN E 447 47.47 11.71 54.36
C GLN E 447 46.64 11.20 55.53
N ILE E 448 47.04 11.55 56.74
CA ILE E 448 46.28 11.16 57.93
C ILE E 448 44.89 11.79 57.87
N LEU E 449 44.82 13.06 57.49
CA LEU E 449 43.53 13.74 57.37
C LEU E 449 42.66 13.07 56.31
N ALA E 450 43.29 12.59 55.24
CA ALA E 450 42.54 11.94 54.16
C ALA E 450 42.08 10.54 54.53
N GLY E 451 42.65 9.95 55.56
CA GLY E 451 42.37 8.56 55.88
C GLY E 451 43.26 7.57 55.19
N GLU E 452 44.54 7.89 54.98
CA GLU E 452 45.43 6.97 54.28
C GLU E 452 45.57 5.64 55.01
N TYR E 453 45.76 5.68 56.32
CA TYR E 453 45.82 4.48 57.14
C TYR E 453 44.53 4.30 57.93
N ASP E 454 43.43 4.78 57.36
CA ASP E 454 42.15 4.76 58.06
C ASP E 454 41.71 3.35 58.45
N HIS E 455 42.14 2.34 57.74
CA HIS E 455 41.85 0.95 58.09
C HIS E 455 42.99 0.35 58.91
N LEU E 456 43.95 1.18 59.28
CA LEU E 456 45.11 0.72 60.01
C LEU E 456 45.00 1.14 61.46
N PRO E 457 45.72 0.47 62.36
CA PRO E 457 45.63 0.82 63.78
C PRO E 457 46.05 2.25 64.05
N GLU E 458 45.37 2.85 65.02
CA GLU E 458 45.70 4.22 65.41
C GLU E 458 47.11 4.30 65.96
N GLN E 459 47.43 3.42 66.90
CA GLN E 459 48.76 3.39 67.49
C GLN E 459 49.82 3.01 66.48
N ALA E 460 49.44 2.49 65.31
CA ALA E 460 50.41 2.26 64.25
C ALA E 460 51.16 3.54 63.88
N PHE E 461 50.65 4.69 64.31
CA PHE E 461 51.32 5.95 64.11
C PHE E 461 52.20 6.36 65.29
N TYR E 462 52.21 5.58 66.37
CA TYR E 462 52.96 5.94 67.55
C TYR E 462 54.45 5.95 67.26
N MET E 463 55.14 7.00 67.72
CA MET E 463 56.58 7.16 67.55
C MET E 463 56.97 7.11 66.06
N VAL E 464 56.18 7.81 65.24
CA VAL E 464 56.29 7.69 63.80
C VAL E 464 56.29 9.06 63.14
N GLY E 465 56.90 9.11 61.96
CA GLY E 465 56.97 10.31 61.14
C GLY E 465 56.00 10.26 59.97
N PRO E 466 56.52 9.91 58.78
CA PRO E 466 55.67 9.93 57.57
C PRO E 466 54.53 8.93 57.60
N ILE E 467 53.46 9.19 56.84
CA ILE E 467 52.21 8.44 56.98
C ILE E 467 52.29 7.11 56.24
N GLU E 468 52.86 7.10 55.04
CA GLU E 468 53.03 5.84 54.33
C GLU E 468 53.90 4.89 55.14
N GLU E 469 54.87 5.43 55.88
CA GLU E 469 55.64 4.62 56.81
C GLU E 469 54.75 4.00 57.86
N ALA E 470 53.76 4.76 58.35
CA ALA E 470 52.81 4.20 59.32
C ALA E 470 51.99 3.10 58.68
N VAL E 471 51.58 3.28 57.42
CA VAL E 471 50.88 2.22 56.70
C VAL E 471 51.74 0.97 56.64
N ALA E 472 53.02 1.15 56.34
CA ALA E 472 53.95 0.02 56.28
C ALA E 472 54.07 -0.65 57.64
N LYS E 473 54.16 0.14 58.71
CA LYS E 473 54.28 -0.42 60.05
C LYS E 473 53.02 -1.22 60.40
N ALA E 474 51.86 -0.71 60.01
CA ALA E 474 50.61 -1.44 60.25
C ALA E 474 50.60 -2.76 59.49
N ASP E 475 51.05 -2.74 58.23
CA ASP E 475 51.12 -3.97 57.44
C ASP E 475 52.04 -4.98 58.11
N LYS E 476 53.17 -4.53 58.63
CA LYS E 476 54.04 -5.41 59.39
C LYS E 476 53.34 -5.94 60.64
N LEU E 477 52.66 -5.08 61.38
CA LEU E 477 51.82 -5.49 62.48
C LEU E 477 50.63 -6.30 62.01
N ALA E 478 50.28 -6.21 60.72
CA ALA E 478 49.30 -7.11 60.12
C ALA E 478 49.94 -8.45 59.80
N GLU E 479 51.11 -8.70 60.39
CA GLU E 479 51.82 -9.95 60.25
C GLU E 479 52.48 -10.30 61.58
N THR F 13 59.87 89.61 99.56
CA THR F 13 61.30 89.94 99.52
C THR F 13 61.84 89.86 98.09
N THR F 14 63.16 89.84 97.97
CA THR F 14 63.80 89.79 96.66
C THR F 14 64.65 88.53 96.60
N GLY F 15 64.06 87.45 96.12
CA GLY F 15 64.72 86.16 96.07
C GLY F 15 65.70 86.07 94.92
N ARG F 16 66.38 84.93 94.86
CA ARG F 16 67.29 84.60 93.78
C ARG F 16 67.40 83.09 93.71
N ILE F 17 67.17 82.54 92.51
CA ILE F 17 67.15 81.09 92.35
C ILE F 17 68.48 80.51 92.76
N VAL F 18 68.45 79.29 93.30
CA VAL F 18 69.65 78.63 93.75
C VAL F 18 69.83 77.24 93.16
N ALA F 19 68.75 76.56 92.78
CA ALA F 19 68.83 75.22 92.25
C ALA F 19 67.45 74.82 91.74
N VAL F 20 67.44 73.94 90.74
CA VAL F 20 66.19 73.39 90.26
C VAL F 20 66.26 71.88 90.31
N ILE F 21 65.94 71.31 91.47
CA ILE F 21 65.66 69.89 91.60
C ILE F 21 64.16 69.80 91.79
N GLY F 22 63.42 69.84 90.70
CA GLY F 22 61.97 69.87 90.81
C GLY F 22 61.49 71.22 91.33
N ALA F 23 60.30 71.21 91.93
CA ALA F 23 59.57 72.42 92.27
C ALA F 23 59.88 72.94 93.67
N VAL F 24 60.75 72.27 94.41
CA VAL F 24 61.13 72.73 95.73
C VAL F 24 61.90 74.01 95.52
N VAL F 25 61.20 75.13 95.63
CA VAL F 25 61.71 76.40 95.18
C VAL F 25 62.02 77.24 96.40
N ASP F 26 63.25 77.15 96.88
CA ASP F 26 63.73 78.00 97.95
C ASP F 26 64.80 78.92 97.42
N VAL F 27 64.51 80.21 97.36
CA VAL F 27 65.42 81.18 96.80
C VAL F 27 65.91 82.07 97.92
N GLN F 28 67.23 82.14 98.08
CA GLN F 28 67.84 82.93 99.14
C GLN F 28 67.59 84.39 98.84
N PHE F 29 66.56 84.94 99.46
CA PHE F 29 66.21 86.34 99.28
C PHE F 29 67.02 87.19 100.24
N ASP F 30 67.90 88.03 99.69
CA ASP F 30 68.69 88.92 100.51
C ASP F 30 67.85 89.82 101.40
N GLU F 31 66.64 90.15 100.97
CA GLU F 31 65.68 90.84 101.80
C GLU F 31 65.00 89.83 102.71
N GLY F 32 64.60 90.25 103.90
CA GLY F 32 63.94 89.32 104.81
C GLY F 32 62.70 88.73 104.17
N LEU F 33 62.63 87.40 104.17
CA LEU F 33 61.53 86.72 103.54
C LEU F 33 60.26 86.83 104.39
N PRO F 34 59.13 87.10 103.77
CA PRO F 34 57.88 87.11 104.50
C PRO F 34 57.57 85.72 105.03
N PRO F 35 56.75 85.62 106.05
CA PRO F 35 56.32 84.29 106.52
C PRO F 35 55.66 83.51 105.41
N ILE F 36 55.32 82.26 105.72
CA ILE F 36 54.75 81.33 104.75
C ILE F 36 53.47 81.92 104.16
N LEU F 37 53.06 81.40 103.01
CA LEU F 37 51.94 81.83 102.19
C LEU F 37 52.28 83.11 101.44
N ASN F 38 53.53 83.53 101.43
CA ASN F 38 53.94 84.64 100.58
C ASN F 38 53.86 84.23 99.12
N ALA F 39 53.36 85.13 98.28
CA ALA F 39 53.41 84.92 96.84
C ALA F 39 54.73 85.43 96.34
N LEU F 40 55.01 85.23 95.05
CA LEU F 40 56.32 85.56 94.51
C LEU F 40 56.25 85.89 93.02
N GLU F 41 57.22 86.68 92.57
CA GLU F 41 57.48 86.91 91.17
C GLU F 41 58.95 86.64 90.91
N VAL F 42 59.27 85.41 90.49
CA VAL F 42 60.66 85.01 90.35
C VAL F 42 61.24 85.83 89.20
N GLN F 43 62.03 86.84 89.56
CA GLN F 43 62.65 87.67 88.55
C GLN F 43 63.68 86.85 87.78
N GLY F 44 63.40 86.59 86.50
CA GLY F 44 64.25 85.73 85.73
C GLY F 44 63.51 84.53 85.18
N ARG F 45 62.21 84.70 84.99
CA ARG F 45 61.38 83.70 84.34
C ARG F 45 60.88 84.27 83.03
N GLU F 46 60.54 83.38 82.11
CA GLU F 46 60.04 83.83 80.82
C GLU F 46 58.71 84.54 80.92
N THR F 47 57.96 84.37 82.01
CA THR F 47 56.61 84.92 82.12
C THR F 47 56.34 85.27 83.57
N ARG F 48 55.05 85.42 83.90
CA ARG F 48 54.62 85.83 85.23
C ARG F 48 54.95 84.71 86.20
N LEU F 49 56.06 84.86 86.90
CA LEU F 49 56.61 83.81 87.75
C LEU F 49 55.92 83.85 89.11
N VAL F 50 54.65 83.51 89.12
CA VAL F 50 53.86 83.47 90.35
C VAL F 50 54.18 82.17 91.07
N LEU F 51 54.67 82.29 92.29
CA LEU F 51 54.95 81.13 93.14
C LEU F 51 54.56 81.49 94.56
N GLU F 52 54.23 80.48 95.36
CA GLU F 52 53.76 80.69 96.72
C GLU F 52 54.82 80.27 97.72
N VAL F 53 55.46 81.24 98.35
CA VAL F 53 56.42 80.93 99.41
C VAL F 53 55.68 80.31 100.59
N ALA F 54 55.92 79.03 100.80
CA ALA F 54 55.21 78.32 101.85
C ALA F 54 56.10 77.58 102.83
N GLN F 55 57.31 77.15 102.46
CA GLN F 55 58.14 76.39 103.37
C GLN F 55 58.82 77.35 104.32
N HIS F 56 59.53 76.78 105.29
CA HIS F 56 60.47 77.54 106.12
C HIS F 56 61.80 76.84 105.93
N LEU F 57 62.43 77.08 104.78
CA LEU F 57 63.71 76.45 104.52
C LEU F 57 64.85 77.24 105.14
N GLY F 58 64.63 78.50 105.47
CA GLY F 58 65.69 79.29 106.04
C GLY F 58 66.72 79.65 104.99
N GLU F 59 67.82 80.25 105.46
CA GLU F 59 68.87 80.73 104.56
C GLU F 59 68.28 81.65 103.50
N SER F 60 67.41 82.57 103.93
CA SER F 60 66.80 83.56 103.05
C SER F 60 65.91 82.88 102.01
N THR F 61 65.75 81.57 102.15
CA THR F 61 65.09 80.74 101.17
C THR F 61 64.00 79.90 101.84
N VAL F 62 62.97 79.58 101.09
CA VAL F 62 61.89 78.72 101.56
C VAL F 62 61.24 78.06 100.35
N ARG F 63 61.21 76.73 100.36
CA ARG F 63 60.66 75.93 99.26
C ARG F 63 59.24 76.40 99.00
N THR F 64 59.00 76.92 97.79
CA THR F 64 57.78 77.65 97.51
C THR F 64 56.86 76.81 96.64
N ILE F 65 55.58 77.20 96.64
CA ILE F 65 54.55 76.57 95.82
C ILE F 65 54.46 77.35 94.52
N ALA F 66 55.11 76.84 93.49
CA ALA F 66 55.12 77.50 92.20
C ALA F 66 53.77 77.32 91.53
N MET F 67 53.66 77.86 90.31
CA MET F 67 52.44 77.77 89.52
C MET F 67 52.66 77.10 88.17
N ASP F 68 53.90 77.06 87.68
CA ASP F 68 54.14 76.56 86.33
C ASP F 68 55.57 76.07 86.25
N GLY F 69 55.91 75.48 85.11
CA GLY F 69 57.20 74.84 84.91
C GLY F 69 58.39 75.75 85.04
N THR F 70 59.49 75.21 85.60
CA THR F 70 60.75 75.92 85.74
C THR F 70 61.75 75.55 84.65
N GLU F 71 61.24 75.07 83.51
CA GLU F 71 62.07 74.72 82.38
C GLU F 71 62.88 75.95 81.96
N GLY F 72 64.12 75.72 81.55
CA GLY F 72 65.01 76.83 81.27
C GLY F 72 65.71 77.39 82.48
N LEU F 73 65.51 76.82 83.64
CA LEU F 73 66.12 77.33 84.86
C LEU F 73 67.63 77.12 84.81
N VAL F 74 68.37 78.22 84.79
CA VAL F 74 69.76 78.22 85.24
C VAL F 74 69.74 78.83 86.63
N ARG F 75 70.13 78.04 87.62
CA ARG F 75 69.98 78.41 89.01
C ARG F 75 70.55 79.79 89.27
N GLY F 76 69.70 80.73 89.67
CA GLY F 76 70.12 82.09 89.89
C GLY F 76 69.12 83.18 89.56
N GLN F 77 68.01 82.84 88.91
CA GLN F 77 67.00 83.85 88.61
C GLN F 77 66.49 84.49 89.89
N LYS F 78 66.42 85.82 89.93
CA LYS F 78 65.98 86.55 91.10
C LYS F 78 64.51 86.25 91.34
N VAL F 79 63.95 86.78 92.43
CA VAL F 79 62.56 86.54 92.77
C VAL F 79 62.00 87.76 93.46
N LEU F 80 61.06 88.42 92.81
CA LEU F 80 60.29 89.49 93.43
C LEU F 80 59.20 88.85 94.25
N ASP F 81 59.55 88.40 95.46
CA ASP F 81 58.59 87.72 96.30
C ASP F 81 57.47 88.68 96.69
N SER F 82 56.23 88.26 96.46
CA SER F 82 55.07 89.10 96.72
C SER F 82 54.69 89.13 98.20
N GLY F 83 55.34 88.32 99.02
CA GLY F 83 55.26 88.44 100.46
C GLY F 83 53.95 88.03 101.08
N ALA F 84 52.88 87.97 100.30
CA ALA F 84 51.55 87.71 100.83
C ALA F 84 50.87 86.68 99.96
N PRO F 85 49.69 86.21 100.35
CA PRO F 85 48.93 85.30 99.50
C PRO F 85 48.52 85.96 98.20
N ILE F 86 48.42 85.17 97.13
CA ILE F 86 48.00 85.72 95.85
C ILE F 86 46.52 86.08 95.91
N ARG F 87 46.23 87.36 95.71
CA ARG F 87 44.87 87.85 95.69
C ARG F 87 44.30 87.64 94.30
N ILE F 88 43.17 86.94 94.22
CA ILE F 88 42.53 86.70 92.93
C ILE F 88 41.22 87.46 92.90
N PRO F 89 40.84 88.04 91.76
CA PRO F 89 39.58 88.81 91.70
C PRO F 89 38.38 87.94 92.06
N VAL F 90 37.36 88.55 92.65
CA VAL F 90 36.29 87.80 93.28
C VAL F 90 34.93 88.35 92.88
N GLY F 91 33.90 87.53 93.13
CA GLY F 91 32.53 87.97 93.05
C GLY F 91 31.89 87.62 91.73
N PRO F 92 30.62 88.01 91.56
CA PRO F 92 30.04 88.02 90.22
C PRO F 92 30.81 88.92 89.27
N GLU F 93 31.45 89.97 89.80
CA GLU F 93 32.46 90.68 89.04
C GLU F 93 33.51 89.74 88.49
N THR F 94 33.91 88.74 89.26
CA THR F 94 34.73 87.66 88.72
C THR F 94 33.93 86.71 87.85
N LEU F 95 32.62 86.63 88.04
CA LEU F 95 31.80 85.77 87.20
C LEU F 95 31.61 86.43 85.84
N GLY F 96 31.22 85.63 84.85
CA GLY F 96 30.98 86.11 83.50
C GLY F 96 32.01 85.65 82.48
N ARG F 97 33.29 85.64 82.84
CA ARG F 97 34.33 85.07 81.99
C ARG F 97 34.86 83.79 82.64
N ILE F 98 35.81 83.15 81.97
CA ILE F 98 36.51 82.01 82.54
C ILE F 98 37.96 82.40 82.77
N MET F 99 38.43 82.21 84.00
CA MET F 99 39.73 82.68 84.42
C MET F 99 40.48 81.56 85.13
N ASN F 100 41.78 81.72 85.26
CA ASN F 100 42.59 80.78 86.00
C ASN F 100 42.32 80.94 87.49
N VAL F 101 42.97 80.11 88.31
CA VAL F 101 42.86 80.27 89.76
C VAL F 101 43.45 81.60 90.18
N ILE F 102 44.49 82.05 89.48
CA ILE F 102 45.08 83.36 89.73
C ILE F 102 44.18 84.42 89.10
N GLY F 103 43.05 83.99 88.55
CA GLY F 103 42.19 84.89 87.83
C GLY F 103 42.62 85.16 86.40
N GLU F 104 43.66 84.49 85.93
CA GLU F 104 44.09 84.69 84.56
C GLU F 104 43.04 84.14 83.59
N PRO F 105 42.52 84.98 82.70
CA PRO F 105 41.36 84.59 81.91
C PRO F 105 41.62 83.33 81.10
N ILE F 106 40.89 82.27 81.47
CA ILE F 106 41.04 80.99 80.80
C ILE F 106 40.09 81.00 79.62
N ASP F 107 39.27 82.05 79.52
CA ASP F 107 38.45 82.30 78.36
C ASP F 107 38.89 83.53 77.59
N GLU F 108 39.64 84.43 78.23
CA GLU F 108 39.97 85.73 77.64
C GLU F 108 38.69 86.43 77.16
N ARG F 109 37.67 86.35 78.02
CA ARG F 109 36.36 86.91 77.69
C ARG F 109 36.25 88.33 78.23
N GLY F 110 37.35 89.08 78.23
CA GLY F 110 37.41 90.35 78.89
C GLY F 110 38.49 90.32 79.95
N PRO F 111 39.01 91.50 80.29
CA PRO F 111 40.06 91.55 81.33
C PRO F 111 39.51 91.12 82.67
N ILE F 112 40.36 91.23 83.68
CA ILE F 112 39.96 90.78 85.01
C ILE F 112 39.00 91.85 85.52
N LYS F 113 37.71 91.64 85.24
CA LYS F 113 36.70 92.65 85.50
C LYS F 113 36.20 92.49 86.94
N THR F 114 37.16 92.47 87.85
CA THR F 114 36.90 92.65 89.27
C THR F 114 38.05 93.42 89.91
N LYS F 115 37.74 94.63 90.35
CA LYS F 115 38.76 95.51 90.89
C LYS F 115 39.42 94.96 92.13
N GLN F 116 38.73 94.11 92.88
CA GLN F 116 39.29 93.62 94.13
C GLN F 116 39.73 92.18 93.93
N PHE F 117 41.03 91.96 94.01
CA PHE F 117 41.59 90.63 93.99
C PHE F 117 41.65 90.10 95.42
N ALA F 118 41.24 88.86 95.61
CA ALA F 118 41.10 88.28 96.93
C ALA F 118 42.03 87.10 97.09
N ALA F 119 42.69 87.03 98.24
CA ALA F 119 43.59 85.94 98.54
C ALA F 119 42.82 84.63 98.66
N ILE F 120 43.31 83.60 97.97
CA ILE F 120 42.60 82.34 97.88
C ILE F 120 42.72 81.48 99.13
N HIS F 121 43.33 81.99 100.20
CA HIS F 121 43.65 81.17 101.35
C HIS F 121 42.52 81.25 102.36
N ALA F 122 41.28 81.29 101.88
CA ALA F 122 40.10 81.44 102.72
C ALA F 122 40.05 80.35 103.78
N GLU F 123 39.21 80.58 104.79
CA GLU F 123 39.08 79.69 105.94
C GLU F 123 37.63 79.31 106.18
N ALA F 124 37.42 78.48 107.21
CA ALA F 124 36.10 77.98 107.53
C ALA F 124 35.26 79.05 108.23
N PRO F 125 33.94 78.89 108.23
CA PRO F 125 33.09 79.85 108.95
C PRO F 125 33.06 79.57 110.44
N GLU F 126 32.52 80.53 111.19
CA GLU F 126 32.40 80.39 112.63
C GLU F 126 31.39 79.31 112.98
N PHE F 127 31.64 78.65 114.12
CA PHE F 127 30.71 77.64 114.60
C PHE F 127 29.35 78.25 114.93
N VAL F 128 29.32 79.50 115.37
CA VAL F 128 28.06 80.18 115.60
C VAL F 128 27.54 80.69 114.26
N GLU F 129 28.41 80.71 113.26
CA GLU F 129 28.00 80.99 111.89
C GLU F 129 27.67 79.73 111.12
N MET F 130 28.12 78.57 111.58
CA MET F 130 27.68 77.31 111.00
C MET F 130 26.40 76.84 111.69
N SER F 131 25.41 76.48 110.89
CA SER F 131 24.10 76.16 111.43
C SER F 131 23.87 74.65 111.44
N VAL F 132 22.66 74.28 111.84
CA VAL F 132 22.23 72.89 111.84
C VAL F 132 21.17 72.72 110.77
N GLU F 133 21.27 73.56 109.73
CA GLU F 133 20.20 73.68 108.73
C GLU F 133 19.87 72.34 108.11
N GLN F 134 18.58 72.07 107.95
CA GLN F 134 18.08 70.79 107.48
C GLN F 134 16.80 71.00 106.68
N GLU F 135 16.89 70.83 105.36
CA GLU F 135 15.73 70.91 104.50
C GLU F 135 16.09 70.26 103.17
N ILE F 136 15.30 69.25 102.79
CA ILE F 136 15.66 68.41 101.66
C ILE F 136 15.63 69.21 100.37
N LEU F 137 16.20 68.63 99.32
CA LEU F 137 16.25 69.24 97.99
C LEU F 137 16.01 68.16 96.95
N VAL F 138 15.57 68.56 95.76
CA VAL F 138 15.28 67.64 94.67
C VAL F 138 16.38 67.74 93.63
N THR F 139 16.63 66.64 92.92
CA THR F 139 17.77 66.54 92.01
C THR F 139 17.39 66.19 90.58
N GLY F 140 16.51 65.20 90.37
CA GLY F 140 16.21 64.73 89.04
C GLY F 140 16.69 63.33 88.72
N ILE F 141 17.16 62.58 89.71
CA ILE F 141 17.53 61.18 89.53
C ILE F 141 16.66 60.33 90.44
N LYS F 142 16.28 59.15 89.96
CA LYS F 142 15.34 58.31 90.71
C LYS F 142 15.87 58.02 92.10
N VAL F 143 16.99 57.29 92.19
CA VAL F 143 17.50 56.90 93.49
C VAL F 143 17.95 58.12 94.29
N VAL F 144 18.19 59.24 93.62
CA VAL F 144 18.63 60.44 94.32
C VAL F 144 17.66 60.77 95.44
N ASP F 145 16.42 61.08 95.08
CA ASP F 145 15.41 61.26 96.11
C ASP F 145 15.04 59.93 96.74
N LEU F 146 15.15 58.84 95.98
CA LEU F 146 14.61 57.57 96.44
C LEU F 146 15.30 57.08 97.71
N LEU F 147 16.62 57.23 97.78
CA LEU F 147 17.36 56.77 98.94
C LEU F 147 17.72 57.88 99.92
N ALA F 148 18.49 58.86 99.48
CA ALA F 148 18.87 59.99 100.33
C ALA F 148 18.60 61.27 99.58
N PRO F 149 17.34 61.69 99.51
CA PRO F 149 17.01 62.96 98.86
C PRO F 149 17.88 64.08 99.40
N TYR F 150 18.57 64.76 98.49
CA TYR F 150 19.51 65.80 98.86
C TYR F 150 18.82 66.89 99.68
N ALA F 151 19.62 67.65 100.41
CA ALA F 151 19.16 68.80 101.17
C ALA F 151 19.99 70.02 100.80
N LYS F 152 19.34 71.09 100.40
CA LYS F 152 20.05 72.28 99.94
C LYS F 152 20.80 72.90 101.11
N GLY F 153 22.00 73.41 100.83
CA GLY F 153 22.79 74.10 101.84
C GLY F 153 24.06 73.40 102.29
N GLY F 154 24.69 72.59 101.42
CA GLY F 154 25.86 71.84 101.81
C GLY F 154 26.61 71.26 100.63
N LYS F 155 27.58 70.41 100.95
CA LYS F 155 28.41 69.77 99.94
C LYS F 155 28.02 68.30 99.74
N ILE F 156 28.17 67.83 98.51
CA ILE F 156 27.94 66.44 98.16
C ILE F 156 29.12 65.95 97.34
N GLY F 157 29.55 64.73 97.61
CA GLY F 157 30.74 64.18 96.97
C GLY F 157 30.43 62.94 96.17
N LEU F 158 30.91 62.92 94.93
CA LEU F 158 30.69 61.81 94.02
C LEU F 158 31.83 60.81 94.21
N PHE F 159 31.73 60.02 95.28
CA PHE F 159 32.71 58.98 95.53
C PHE F 159 32.49 57.87 94.51
N GLY F 160 32.81 58.15 93.26
CA GLY F 160 32.45 57.26 92.18
C GLY F 160 33.65 56.92 91.34
N GLY F 161 33.50 55.87 90.54
CA GLY F 161 34.61 55.40 89.73
C GLY F 161 34.95 56.34 88.60
N ALA F 162 36.09 56.10 87.98
CA ALA F 162 36.45 56.78 86.74
C ALA F 162 35.71 56.08 85.61
N GLY F 163 35.44 56.81 84.53
CA GLY F 163 34.62 56.27 83.46
C GLY F 163 33.25 55.86 83.95
N VAL F 164 32.90 56.23 85.18
CA VAL F 164 31.63 55.82 85.76
C VAL F 164 30.46 56.62 85.21
N GLY F 165 30.66 57.43 84.18
CA GLY F 165 29.64 58.37 83.82
C GLY F 165 29.84 59.55 84.74
N LYS F 166 30.87 59.48 85.58
CA LYS F 166 31.07 60.51 86.57
C LYS F 166 31.03 61.87 85.91
N THR F 167 31.79 62.05 84.83
CA THR F 167 31.58 63.24 84.02
C THR F 167 30.20 63.21 83.37
N VAL F 168 29.83 62.08 82.79
CA VAL F 168 28.55 62.02 82.08
C VAL F 168 27.39 62.25 83.03
N LEU F 169 27.36 61.51 84.13
CA LEU F 169 26.27 61.64 85.09
C LEU F 169 26.29 63.01 85.75
N ILE F 170 27.48 63.49 86.13
CA ILE F 170 27.55 64.79 86.76
C ILE F 170 27.04 65.87 85.82
N MET F 171 27.34 65.74 84.52
CA MET F 171 26.89 66.75 83.57
C MET F 171 25.39 66.69 83.36
N GLU F 172 24.84 65.48 83.25
CA GLU F 172 23.39 65.37 83.11
C GLU F 172 22.70 65.92 84.34
N LEU F 173 23.24 65.62 85.52
CA LEU F 173 22.70 66.15 86.77
C LEU F 173 22.81 67.66 86.80
N ILE F 174 23.92 68.19 86.30
CA ILE F 174 24.09 69.63 86.22
C ILE F 174 22.99 70.23 85.37
N ASN F 175 22.79 69.67 84.17
CA ASN F 175 21.72 70.10 83.30
C ASN F 175 20.42 70.15 84.10
N ASN F 176 20.01 69.00 84.62
CA ASN F 176 18.73 68.87 85.30
C ASN F 176 18.58 69.88 86.42
N VAL F 177 19.40 69.76 87.46
CA VAL F 177 19.19 70.55 88.68
C VAL F 177 19.53 72.01 88.43
N ALA F 178 20.72 72.27 87.87
CA ALA F 178 21.19 73.64 87.72
C ALA F 178 20.41 74.38 86.64
N LYS F 179 19.48 73.69 85.95
CA LYS F 179 18.62 74.40 85.01
C LYS F 179 17.93 75.60 85.67
N ALA F 180 17.75 75.56 86.99
CA ALA F 180 17.21 76.69 87.74
C ALA F 180 18.20 77.21 88.77
N HIS F 181 19.50 77.12 88.51
CA HIS F 181 20.51 77.60 89.43
C HIS F 181 20.60 79.13 89.30
N GLY F 182 20.24 79.81 90.38
CA GLY F 182 20.02 81.24 90.30
C GLY F 182 21.15 82.11 90.79
N GLY F 183 21.69 81.83 91.98
CA GLY F 183 22.80 82.59 92.49
C GLY F 183 24.03 82.39 91.64
N TYR F 184 25.05 83.20 91.91
CA TYR F 184 26.31 83.03 91.22
C TYR F 184 26.82 81.63 91.48
N SER F 185 27.16 80.89 90.42
CA SER F 185 27.37 79.45 90.54
C SER F 185 28.63 79.07 89.80
N VAL F 186 29.16 77.90 90.13
CA VAL F 186 30.47 77.46 89.65
C VAL F 186 30.40 76.01 89.21
N PHE F 187 31.15 75.69 88.15
CA PHE F 187 31.45 74.31 87.76
C PHE F 187 32.95 74.26 87.50
N ALA F 188 33.62 73.25 88.05
CA ALA F 188 35.09 73.23 88.06
C ALA F 188 35.61 71.91 87.48
N GLY F 189 36.23 72.00 86.31
CA GLY F 189 36.95 70.88 85.74
C GLY F 189 38.45 70.95 86.02
N VAL F 190 38.89 70.27 87.07
CA VAL F 190 40.28 70.33 87.52
C VAL F 190 40.93 69.00 87.22
N GLY F 191 42.12 69.04 86.63
CA GLY F 191 42.77 67.84 86.17
C GLY F 191 41.87 67.16 85.16
N GLU F 192 41.21 67.98 84.35
CA GLU F 192 40.17 67.51 83.46
C GLU F 192 40.66 67.63 82.02
N ARG F 193 39.75 67.33 81.10
CA ARG F 193 40.08 67.45 79.68
C ARG F 193 39.92 68.89 79.21
N THR F 194 40.86 69.34 78.39
CA THR F 194 40.66 70.59 77.69
C THR F 194 39.43 70.53 76.80
N ARG F 195 39.22 69.38 76.15
CA ARG F 195 37.99 69.15 75.42
C ARG F 195 36.78 69.26 76.34
N GLU F 196 36.90 68.78 77.57
CA GLU F 196 35.81 68.92 78.52
C GLU F 196 35.46 70.38 78.74
N GLY F 197 36.47 71.22 78.95
CA GLY F 197 36.21 72.64 79.12
C GLY F 197 35.63 73.27 77.87
N ASN F 198 36.15 72.90 76.69
CA ASN F 198 35.64 73.48 75.45
C ASN F 198 34.17 73.17 75.27
N ASP F 199 33.80 71.91 75.50
CA ASP F 199 32.39 71.52 75.41
C ASP F 199 31.57 72.21 76.48
N LEU F 200 32.10 72.34 77.69
CA LEU F 200 31.36 72.98 78.76
C LEU F 200 31.05 74.41 78.41
N TYR F 201 32.01 75.12 77.84
CA TYR F 201 31.76 76.50 77.40
C TYR F 201 30.77 76.51 76.25
N HIS F 202 31.01 75.68 75.23
CA HIS F 202 30.14 75.60 74.07
C HIS F 202 28.70 75.33 74.45
N GLU F 203 28.49 74.59 75.54
CA GLU F 203 27.16 74.37 76.06
C GLU F 203 26.66 75.55 76.89
N MET F 204 27.36 75.88 77.97
CA MET F 204 26.89 76.87 78.93
C MET F 204 26.59 78.22 78.29
N ILE F 205 27.50 78.71 77.44
CA ILE F 205 27.28 80.00 76.81
C ILE F 205 25.96 79.98 76.03
N GLU F 206 25.78 78.98 75.19
CA GLU F 206 24.50 78.82 74.52
C GLU F 206 23.38 78.46 75.47
N SER F 207 23.69 77.81 76.59
CA SER F 207 22.69 77.39 77.54
C SER F 207 22.03 78.56 78.26
N GLY F 208 22.57 79.76 78.11
CA GLY F 208 22.05 80.89 78.84
C GLY F 208 22.32 80.86 80.32
N VAL F 209 22.69 79.71 80.89
CA VAL F 209 23.24 79.70 82.24
C VAL F 209 24.53 80.50 82.26
N ILE F 210 25.38 80.29 81.27
CA ILE F 210 26.38 81.25 80.86
C ILE F 210 25.82 81.98 79.66
N ASN F 211 26.00 83.30 79.61
CA ASN F 211 25.44 84.13 78.56
C ASN F 211 26.37 84.13 77.37
N LEU F 212 25.92 83.55 76.26
CA LEU F 212 26.70 83.49 75.03
C LEU F 212 27.02 84.87 74.47
N LYS F 213 26.29 85.91 74.89
CA LYS F 213 26.60 87.25 74.43
C LYS F 213 26.40 88.30 75.52
N ASP F 214 26.14 87.89 76.76
CA ASP F 214 25.86 88.86 77.81
C ASP F 214 26.70 88.51 79.02
N ALA F 215 26.42 89.19 80.13
CA ALA F 215 27.12 88.98 81.39
C ALA F 215 26.38 88.00 82.30
N THR F 216 25.36 87.33 81.77
CA THR F 216 24.49 86.48 82.57
C THR F 216 25.14 85.16 82.94
N SER F 217 26.44 85.02 82.69
CA SER F 217 27.11 83.81 83.15
C SER F 217 27.27 83.85 84.67
N LYS F 218 26.14 83.89 85.36
CA LYS F 218 26.12 83.65 86.79
C LYS F 218 26.26 82.18 87.12
N VAL F 219 26.08 81.32 86.13
CA VAL F 219 26.46 79.91 86.20
C VAL F 219 27.66 79.73 85.27
N ALA F 220 28.80 79.37 85.84
CA ALA F 220 30.07 79.37 85.11
C ALA F 220 30.82 78.06 85.28
N LEU F 221 31.62 77.74 84.26
CA LEU F 221 32.48 76.57 84.27
C LEU F 221 33.91 77.03 84.53
N VAL F 222 34.68 76.22 85.27
CA VAL F 222 36.05 76.54 85.62
C VAL F 222 36.97 75.45 85.08
N TYR F 223 38.13 75.86 84.58
CA TYR F 223 39.04 74.95 83.91
C TYR F 223 40.31 74.78 84.74
N GLY F 224 40.46 73.60 85.34
CA GLY F 224 41.71 73.19 85.91
C GLY F 224 42.17 71.95 85.18
N GLN F 225 41.94 71.96 83.87
CA GLN F 225 42.12 70.77 83.05
C GLN F 225 43.49 70.17 83.25
N MET F 226 43.59 68.87 82.96
CA MET F 226 44.78 68.10 83.27
C MET F 226 46.05 68.65 82.63
N ASN F 227 45.94 69.64 81.75
CA ASN F 227 47.11 70.19 81.08
C ASN F 227 48.14 70.73 82.05
N GLU F 228 47.73 71.16 83.22
CA GLU F 228 48.63 71.76 84.17
C GLU F 228 49.48 70.69 84.86
N PRO F 229 50.60 71.10 85.46
CA PRO F 229 51.25 70.25 86.42
C PRO F 229 50.32 69.97 87.58
N PRO F 230 50.42 68.80 88.21
CA PRO F 230 49.62 68.57 89.42
C PRO F 230 49.85 69.62 90.47
N GLY F 231 51.10 70.01 90.69
CA GLY F 231 51.36 71.14 91.58
C GLY F 231 50.70 72.40 91.07
N ALA F 232 50.79 72.64 89.77
CA ALA F 232 49.93 73.65 89.18
C ALA F 232 48.47 73.32 89.45
N ARG F 233 48.09 72.06 89.29
CA ARG F 233 46.72 71.68 89.57
C ARG F 233 46.41 71.74 91.06
N ALA F 234 47.44 71.86 91.89
CA ALA F 234 47.27 71.68 93.32
C ALA F 234 46.70 72.90 94.03
N ARG F 235 46.01 73.80 93.34
CA ARG F 235 45.59 75.04 93.97
C ARG F 235 44.16 75.48 93.69
N VAL F 236 43.40 74.78 92.84
CA VAL F 236 42.10 75.31 92.42
C VAL F 236 41.08 75.33 93.56
N ALA F 237 41.24 74.44 94.54
CA ALA F 237 40.16 74.19 95.49
C ALA F 237 39.87 75.40 96.36
N LEU F 238 40.89 75.94 97.03
CA LEU F 238 40.65 77.09 97.90
C LEU F 238 40.26 78.31 97.09
N THR F 239 40.72 78.39 95.84
CA THR F 239 40.22 79.42 94.93
C THR F 239 38.71 79.31 94.79
N GLY F 240 38.22 78.10 94.50
CA GLY F 240 36.78 77.92 94.40
C GLY F 240 36.08 78.24 95.70
N LEU F 241 36.67 77.83 96.82
CA LEU F 241 36.04 78.06 98.11
C LEU F 241 35.89 79.56 98.41
N THR F 242 36.98 80.31 98.24
CA THR F 242 36.93 81.75 98.46
C THR F 242 36.00 82.42 97.47
N VAL F 243 35.99 81.95 96.22
CA VAL F 243 35.09 82.53 95.22
C VAL F 243 33.64 82.32 95.62
N ALA F 244 33.30 81.11 96.04
CA ALA F 244 31.97 80.81 96.52
C ALA F 244 31.62 81.65 97.73
N GLU F 245 32.60 81.94 98.58
CA GLU F 245 32.37 82.91 99.65
C GLU F 245 31.98 84.26 99.07
N TYR F 246 32.71 84.71 98.05
CA TYR F 246 32.41 85.99 97.41
C TYR F 246 31.02 85.98 96.79
N PHE F 247 30.64 84.88 96.14
CA PHE F 247 29.33 84.82 95.52
C PHE F 247 28.22 84.73 96.56
N ARG F 248 28.19 83.66 97.34
CA ARG F 248 27.11 83.46 98.30
C ARG F 248 27.33 84.27 99.57
N ASP F 249 28.41 83.96 100.30
CA ASP F 249 28.67 84.59 101.58
C ASP F 249 28.62 86.11 101.47
N GLN F 250 29.10 86.64 100.39
CA GLN F 250 28.91 88.07 100.24
C GLN F 250 27.57 88.42 99.63
N GLU F 251 26.68 87.51 99.25
CA GLU F 251 25.37 87.89 98.74
C GLU F 251 24.21 87.07 99.27
N GLY F 252 24.44 85.90 99.85
CA GLY F 252 23.36 85.09 100.38
C GLY F 252 22.34 84.64 99.34
N GLN F 253 22.81 84.16 98.19
CA GLN F 253 21.95 83.68 97.13
C GLN F 253 22.28 82.23 96.83
N ASP F 254 21.40 81.58 96.07
CA ASP F 254 21.56 80.15 95.82
C ASP F 254 22.78 79.90 94.96
N VAL F 255 23.94 79.77 95.61
CA VAL F 255 25.21 79.58 94.92
C VAL F 255 25.48 78.08 94.82
N LEU F 256 26.05 77.68 93.69
CA LEU F 256 26.27 76.28 93.36
C LEU F 256 27.71 76.05 92.93
N LEU F 257 28.20 74.84 93.13
CA LEU F 257 29.58 74.49 92.82
C LEU F 257 29.64 73.04 92.32
N PHE F 258 30.16 72.84 91.12
CA PHE F 258 30.45 71.53 90.59
C PHE F 258 31.96 71.37 90.46
N ILE F 259 32.51 70.28 90.97
CA ILE F 259 33.95 70.13 91.13
C ILE F 259 34.39 68.75 90.67
N ASP F 260 35.55 68.69 90.01
CA ASP F 260 36.18 67.43 89.60
C ASP F 260 37.58 67.77 89.11
N ASN F 261 38.55 66.90 89.39
CA ASN F 261 38.32 65.65 90.10
C ASN F 261 38.88 65.71 91.51
N ILE F 262 38.04 65.36 92.49
CA ILE F 262 38.47 65.37 93.88
C ILE F 262 39.63 64.42 94.10
N PHE F 263 39.59 63.22 93.50
CA PHE F 263 40.73 62.32 93.60
C PHE F 263 42.00 63.02 93.20
N ARG F 264 41.97 63.78 92.10
CA ARG F 264 43.14 64.51 91.66
C ARG F 264 43.64 65.48 92.73
N PHE F 265 42.74 66.00 93.57
CA PHE F 265 43.17 66.94 94.59
C PHE F 265 44.18 66.29 95.52
N THR F 266 43.76 65.25 96.24
CA THR F 266 44.70 64.55 97.10
C THR F 266 45.81 63.91 96.28
N GLN F 267 45.57 63.65 95.00
CA GLN F 267 46.62 63.10 94.15
C GLN F 267 47.78 64.08 94.07
N ALA F 268 47.48 65.34 93.81
CA ALA F 268 48.50 66.36 93.86
C ALA F 268 49.06 66.49 95.26
N GLY F 269 48.19 66.47 96.27
CA GLY F 269 48.64 66.65 97.63
C GLY F 269 49.70 65.65 98.03
N SER F 270 49.50 64.39 97.69
CA SER F 270 50.52 63.37 97.85
C SER F 270 51.70 63.60 96.92
N GLU F 271 51.43 63.92 95.65
CA GLU F 271 52.48 64.03 94.66
C GLU F 271 53.52 65.06 95.07
N VAL F 272 53.12 66.03 95.88
CA VAL F 272 54.07 67.00 96.37
C VAL F 272 54.48 66.62 97.78
N SER F 273 53.62 65.87 98.47
CA SER F 273 53.96 65.38 99.79
C SER F 273 55.21 64.53 99.78
N ALA F 274 55.32 63.57 98.88
CA ALA F 274 56.61 62.93 98.67
C ALA F 274 57.61 63.95 98.14
N LEU F 275 57.19 64.78 97.19
CA LEU F 275 58.08 65.81 96.70
C LEU F 275 58.49 66.77 97.80
N LEU F 276 57.72 66.81 98.89
CA LEU F 276 58.10 67.62 100.03
C LEU F 276 59.37 67.13 100.72
N GLY F 277 59.98 66.07 100.22
CA GLY F 277 61.21 65.60 100.81
C GLY F 277 61.04 65.08 102.21
N ARG F 278 59.81 64.81 102.62
CA ARG F 278 59.52 64.22 103.91
C ARG F 278 58.81 62.89 103.71
N ILE F 279 58.72 62.12 104.79
CA ILE F 279 58.09 60.81 104.72
C ILE F 279 56.61 60.98 104.46
N PRO F 280 56.09 60.48 103.33
CA PRO F 280 54.68 60.70 103.01
C PRO F 280 53.80 59.58 103.56
N SER F 281 52.51 59.66 103.25
CA SER F 281 51.57 58.66 103.75
C SER F 281 51.76 57.32 103.06
N ALA F 282 50.97 56.33 103.48
CA ALA F 282 50.96 55.05 102.78
C ALA F 282 50.50 55.28 101.35
N VAL F 283 49.49 56.11 101.19
CA VAL F 283 49.05 56.51 99.87
C VAL F 283 49.82 57.77 99.51
N GLY F 284 50.81 58.11 100.32
CA GLY F 284 51.74 59.17 100.01
C GLY F 284 51.27 60.58 100.31
N TYR F 285 50.06 60.75 100.82
CA TYR F 285 49.57 62.09 101.11
C TYR F 285 50.42 62.74 102.19
N GLN F 286 50.30 64.06 102.29
CA GLN F 286 50.96 64.77 103.37
C GLN F 286 50.34 64.35 104.69
N PRO F 287 51.11 64.42 105.78
CA PRO F 287 50.59 63.96 107.08
C PRO F 287 49.31 64.63 107.47
N THR F 288 49.12 65.89 107.10
CA THR F 288 47.85 66.59 107.27
C THR F 288 47.18 66.89 105.94
N LEU F 289 47.63 66.25 104.85
CA LEU F 289 46.90 66.36 103.60
C LEU F 289 45.45 65.98 103.82
N ALA F 290 45.23 64.94 104.61
CA ALA F 290 43.89 64.65 105.09
C ALA F 290 43.28 65.87 105.75
N THR F 291 44.01 66.49 106.67
CA THR F 291 43.50 67.69 107.33
C THR F 291 43.32 68.82 106.34
N ASP F 292 44.23 68.93 105.37
CA ASP F 292 44.10 69.98 104.36
C ASP F 292 42.77 69.88 103.64
N MET F 293 42.43 68.67 103.19
CA MET F 293 41.14 68.49 102.51
C MET F 293 39.98 68.70 103.47
N GLY F 294 40.07 68.14 104.68
CA GLY F 294 38.95 68.20 105.59
C GLY F 294 38.59 69.63 105.97
N THR F 295 39.59 70.40 106.39
CA THR F 295 39.35 71.80 106.67
C THR F 295 38.92 72.56 105.43
N MET F 296 39.46 72.20 104.26
CA MET F 296 38.96 72.76 103.01
C MET F 296 37.46 72.55 102.90
N GLN F 297 36.98 71.39 103.34
CA GLN F 297 35.55 71.17 103.46
C GLN F 297 34.93 72.00 104.58
N GLU F 298 35.63 72.19 105.70
CA GLU F 298 35.14 73.09 106.73
C GLU F 298 34.91 74.49 106.20
N ARG F 299 35.75 74.96 105.28
CA ARG F 299 35.50 76.20 104.58
C ARG F 299 34.52 76.04 103.43
N ILE F 300 34.22 74.82 103.02
CA ILE F 300 33.33 74.56 101.89
C ILE F 300 31.98 74.16 102.49
N THR F 301 31.13 75.16 102.71
CA THR F 301 29.76 74.94 103.16
C THR F 301 28.97 76.22 102.99
N THR F 302 27.65 76.08 102.91
CA THR F 302 26.77 77.24 102.94
C THR F 302 26.80 77.82 104.35
N THR F 303 26.97 79.14 104.46
CA THR F 303 27.25 79.74 105.75
C THR F 303 26.20 80.75 106.18
N LYS F 304 26.40 81.35 107.36
CA LYS F 304 25.53 82.42 107.79
C LYS F 304 25.54 83.60 106.84
N LYS F 305 26.63 83.78 106.08
CA LYS F 305 26.75 84.90 105.16
C LYS F 305 26.19 84.59 103.78
N GLY F 306 26.15 83.32 103.37
CA GLY F 306 25.61 83.02 102.06
C GLY F 306 25.10 81.60 101.88
N SER F 307 24.72 81.27 100.66
CA SER F 307 24.11 79.96 100.38
C SER F 307 24.84 79.35 99.19
N ILE F 308 25.95 78.67 99.47
CA ILE F 308 26.76 78.05 98.44
C ILE F 308 26.53 76.55 98.49
N THR F 309 26.30 75.94 97.33
CA THR F 309 26.08 74.51 97.21
C THR F 309 27.26 73.90 96.47
N SER F 310 27.86 72.87 97.06
CA SER F 310 29.07 72.26 96.53
C SER F 310 28.82 70.83 96.06
N VAL F 311 29.31 70.50 94.88
CA VAL F 311 29.25 69.15 94.34
C VAL F 311 30.68 68.71 94.08
N GLN F 312 31.06 67.57 94.65
CA GLN F 312 32.41 67.03 94.53
C GLN F 312 32.38 65.72 93.76
N ALA F 313 33.33 65.54 92.86
CA ALA F 313 33.46 64.31 92.10
C ALA F 313 34.73 63.59 92.54
N ILE F 314 34.58 62.56 93.36
CA ILE F 314 35.70 61.81 93.90
C ILE F 314 35.96 60.63 92.97
N TYR F 315 36.90 60.80 92.04
CA TYR F 315 37.28 59.69 91.19
C TYR F 315 37.79 58.54 92.05
N VAL F 316 37.03 57.45 92.06
CA VAL F 316 37.34 56.31 92.90
C VAL F 316 38.71 55.78 92.49
N PRO F 317 39.73 56.00 93.30
CA PRO F 317 41.08 55.57 92.91
C PRO F 317 41.18 54.06 92.88
N ALA F 318 41.28 53.52 91.67
CA ALA F 318 41.26 52.07 91.44
C ALA F 318 40.08 51.43 92.16
N ASP F 319 39.05 52.23 92.44
CA ASP F 319 37.91 51.80 93.24
C ASP F 319 38.38 51.19 94.56
N ASP F 320 39.42 51.77 95.13
CA ASP F 320 39.94 51.32 96.42
C ASP F 320 38.88 51.68 97.45
N LEU F 321 37.88 50.82 97.60
CA LEU F 321 36.74 51.10 98.47
C LEU F 321 37.14 51.56 99.85
N THR F 322 38.36 51.27 100.29
CA THR F 322 38.90 51.81 101.52
C THR F 322 40.08 52.76 101.27
N ASP F 323 40.08 53.46 100.15
CA ASP F 323 41.18 54.37 99.87
C ASP F 323 41.27 55.43 100.97
N PRO F 324 42.43 55.54 101.62
CA PRO F 324 42.55 56.45 102.76
C PRO F 324 42.12 57.86 102.43
N ALA F 325 42.45 58.33 101.23
CA ALA F 325 41.94 59.63 100.80
C ALA F 325 40.43 59.67 100.90
N PRO F 326 39.68 58.92 100.10
CA PRO F 326 38.22 58.94 100.25
C PRO F 326 37.77 58.46 101.61
N ALA F 327 38.53 57.57 102.24
CA ALA F 327 38.16 57.13 103.58
C ALA F 327 38.00 58.32 104.50
N THR F 328 39.01 59.18 104.55
CA THR F 328 38.90 60.42 105.29
C THR F 328 37.81 61.30 104.70
N THR F 329 37.74 61.38 103.38
CA THR F 329 36.80 62.27 102.73
C THR F 329 35.37 61.94 103.09
N PHE F 330 35.12 60.73 103.58
CA PHE F 330 33.76 60.28 103.84
C PHE F 330 33.06 61.12 104.92
N ALA F 331 33.81 61.91 105.69
CA ALA F 331 33.23 62.64 106.80
C ALA F 331 33.09 64.13 106.56
N HIS F 332 33.11 64.58 105.30
CA HIS F 332 33.17 66.00 105.01
C HIS F 332 31.91 66.58 104.38
N LEU F 333 31.31 65.89 103.42
CA LEU F 333 30.20 66.43 102.66
C LEU F 333 28.92 65.67 102.98
N ASP F 334 27.78 66.29 102.66
CA ASP F 334 26.50 65.73 103.07
C ASP F 334 26.23 64.40 102.40
N ALA F 335 26.32 64.35 101.08
CA ALA F 335 25.90 63.19 100.31
C ALA F 335 27.12 62.49 99.72
N THR F 336 27.25 61.20 100.00
CA THR F 336 28.27 60.37 99.41
C THR F 336 27.70 59.63 98.21
N THR F 337 28.28 59.88 97.04
CA THR F 337 27.75 59.33 95.81
C THR F 337 28.70 58.24 95.33
N VAL F 338 28.42 57.02 95.74
CA VAL F 338 29.18 55.85 95.33
C VAL F 338 28.64 55.40 93.98
N LEU F 339 29.52 55.30 93.00
CA LEU F 339 29.16 54.74 91.70
C LEU F 339 29.69 53.32 91.60
N SER F 340 28.83 52.39 91.16
CA SER F 340 29.16 50.98 91.11
C SER F 340 29.29 50.50 89.68
N ARG F 341 30.53 50.25 89.26
CA ARG F 341 30.75 49.65 87.94
C ARG F 341 30.09 48.29 87.84
N ALA F 342 29.87 47.63 88.97
CA ALA F 342 29.07 46.42 88.96
C ALA F 342 27.69 46.68 88.39
N ILE F 343 27.06 47.77 88.82
CA ILE F 343 25.77 48.15 88.26
C ILE F 343 25.90 48.37 86.76
N ALA F 344 26.95 49.05 86.35
CA ALA F 344 27.20 49.23 84.93
C ALA F 344 27.23 47.90 84.22
N GLU F 345 27.87 46.91 84.82
CA GLU F 345 27.79 45.56 84.28
C GLU F 345 26.36 45.11 84.11
N LEU F 346 25.51 45.41 85.08
CA LEU F 346 24.09 45.15 84.89
C LEU F 346 23.47 46.06 83.85
N GLY F 347 24.26 46.88 83.17
CA GLY F 347 23.72 47.83 82.23
C GLY F 347 22.98 48.98 82.87
N ILE F 348 23.27 49.29 84.14
CA ILE F 348 22.51 50.29 84.86
C ILE F 348 22.78 51.67 84.31
N TYR F 349 21.72 52.41 84.00
CA TYR F 349 21.82 53.74 83.48
C TYR F 349 20.94 54.66 84.33
N PRO F 350 21.53 55.40 85.27
CA PRO F 350 22.95 55.36 85.62
C PRO F 350 23.29 54.15 86.47
N ALA F 351 24.57 53.97 86.75
CA ALA F 351 25.04 52.82 87.50
C ALA F 351 25.44 53.15 88.94
N VAL F 352 24.69 54.00 89.62
CA VAL F 352 25.02 54.39 90.99
C VAL F 352 24.98 53.18 91.91
N ASP F 353 25.84 53.18 92.93
CA ASP F 353 25.93 52.06 93.86
C ASP F 353 24.61 51.91 94.59
N PRO F 354 23.97 50.75 94.57
CA PRO F 354 22.66 50.62 95.21
C PRO F 354 22.69 50.87 96.71
N LEU F 355 23.47 50.10 97.46
CA LEU F 355 23.43 50.18 98.92
C LEU F 355 24.58 50.99 99.50
N ASP F 356 25.46 51.53 98.66
CA ASP F 356 26.66 52.19 99.15
C ASP F 356 26.55 53.69 99.20
N SER F 357 26.26 54.34 98.07
CA SER F 357 26.03 55.78 98.08
C SER F 357 24.99 56.10 99.15
N THR F 358 25.33 57.04 100.01
CA THR F 358 24.51 57.27 101.19
C THR F 358 24.75 58.67 101.73
N SER F 359 23.86 59.07 102.63
CA SER F 359 23.98 60.32 103.36
C SER F 359 23.11 60.22 104.60
N ARG F 360 23.32 61.14 105.53
CA ARG F 360 22.39 61.28 106.62
C ARG F 360 21.07 61.91 106.18
N ILE F 361 20.87 62.07 104.87
CA ILE F 361 19.75 62.80 104.31
C ILE F 361 18.53 61.89 104.13
N MET F 362 18.49 60.77 104.82
CA MET F 362 17.36 59.84 104.73
C MET F 362 16.76 59.62 106.12
N ASP F 363 15.52 60.13 106.29
CA ASP F 363 14.79 59.93 107.52
C ASP F 363 13.30 60.20 107.32
N PRO F 364 12.42 59.31 107.79
CA PRO F 364 10.98 59.61 107.74
C PRO F 364 10.62 60.82 108.56
N ASN F 365 11.46 61.20 109.51
CA ASN F 365 11.36 62.52 110.12
C ASN F 365 11.41 63.63 109.08
N ILE F 366 12.12 63.41 107.97
CA ILE F 366 12.13 64.32 106.85
C ILE F 366 11.50 63.69 105.61
N VAL F 367 11.95 62.49 105.25
CA VAL F 367 11.45 61.79 104.07
C VAL F 367 10.02 61.31 104.27
N GLY F 368 9.45 61.52 105.44
CA GLY F 368 8.13 61.02 105.71
C GLY F 368 8.12 59.51 105.70
N SER F 369 7.00 58.97 106.16
CA SER F 369 6.78 57.54 106.08
C SER F 369 6.95 57.01 104.67
N GLU F 370 6.39 57.71 103.68
CA GLU F 370 6.42 57.21 102.32
C GLU F 370 7.84 57.00 101.82
N HIS F 371 8.61 58.07 101.71
CA HIS F 371 9.92 57.97 101.06
C HIS F 371 10.86 57.10 101.87
N TYR F 372 10.99 57.40 103.17
CA TYR F 372 11.94 56.66 103.99
C TYR F 372 11.55 55.19 104.10
N ASP F 373 10.25 54.92 104.25
CA ASP F 373 9.79 53.54 104.31
C ASP F 373 10.09 52.80 103.03
N VAL F 374 9.82 53.43 101.87
CA VAL F 374 10.10 52.80 100.60
C VAL F 374 11.59 52.52 100.47
N ALA F 375 12.41 53.47 100.93
CA ALA F 375 13.85 53.30 100.86
C ALA F 375 14.31 52.11 101.70
N ARG F 376 13.85 52.04 102.95
CA ARG F 376 14.25 50.95 103.83
C ARG F 376 13.79 49.61 103.28
N GLY F 377 12.56 49.56 102.76
CA GLY F 377 12.06 48.31 102.20
C GLY F 377 12.85 47.88 100.97
N VAL F 378 13.15 48.82 100.08
CA VAL F 378 13.96 48.49 98.91
C VAL F 378 15.33 48.03 99.36
N GLN F 379 15.85 48.63 100.42
CA GLN F 379 17.13 48.21 100.97
C GLN F 379 17.07 46.76 101.43
N LYS F 380 16.00 46.40 102.14
CA LYS F 380 15.84 45.01 102.57
C LYS F 380 15.71 44.09 101.38
N ILE F 381 14.94 44.53 100.38
CA ILE F 381 14.73 43.72 99.18
C ILE F 381 16.05 43.46 98.49
N LEU F 382 16.85 44.50 98.29
CA LEU F 382 18.13 44.33 97.63
C LEU F 382 19.09 43.54 98.50
N GLN F 383 18.99 43.68 99.82
CA GLN F 383 19.80 42.85 100.70
C GLN F 383 19.53 41.39 100.43
N ASP F 384 18.26 41.01 100.46
CA ASP F 384 17.89 39.65 100.11
C ASP F 384 18.39 39.30 98.72
N TYR F 385 18.26 40.23 97.77
CA TYR F 385 18.58 39.92 96.39
C TYR F 385 20.05 39.62 96.22
N LYS F 386 20.90 40.57 96.58
CA LYS F 386 22.33 40.36 96.46
C LYS F 386 22.76 39.17 97.28
N SER F 387 22.14 38.97 98.45
CA SER F 387 22.51 37.84 99.29
C SER F 387 22.25 36.53 98.56
N LEU F 388 21.03 36.35 98.07
CA LEU F 388 20.69 35.13 97.37
C LEU F 388 21.48 34.99 96.09
N GLN F 389 21.95 36.10 95.54
CA GLN F 389 22.79 36.04 94.35
C GLN F 389 24.01 35.17 94.61
N ASP F 390 24.57 35.25 95.81
CA ASP F 390 25.74 34.44 96.13
C ASP F 390 25.42 32.96 95.97
N ILE F 391 24.29 32.52 96.50
CA ILE F 391 23.91 31.13 96.32
C ILE F 391 23.63 30.85 94.85
N ILE F 392 22.86 31.72 94.22
CA ILE F 392 22.42 31.47 92.86
C ILE F 392 23.61 31.37 91.93
N ALA F 393 24.76 31.90 92.36
CA ALA F 393 25.98 31.91 91.58
C ALA F 393 26.20 30.63 90.79
N ILE F 394 25.91 29.48 91.39
CA ILE F 394 25.78 28.27 90.59
C ILE F 394 24.41 27.71 90.88
N LEU F 395 23.90 28.00 92.08
CA LEU F 395 22.60 27.52 92.50
C LEU F 395 21.48 28.01 91.61
N GLY F 396 21.69 29.14 90.91
CA GLY F 396 20.64 29.75 90.12
C GLY F 396 19.35 29.88 90.91
N MET F 397 18.22 29.80 90.22
CA MET F 397 16.94 29.70 90.90
C MET F 397 16.59 28.26 91.26
N ASP F 398 17.49 27.33 91.00
CA ASP F 398 17.19 25.90 91.02
C ASP F 398 16.61 25.43 92.33
N GLU F 399 16.84 26.14 93.43
CA GLU F 399 16.20 25.83 94.69
C GLU F 399 15.68 27.10 95.35
N LEU F 400 15.46 28.15 94.57
CA LEU F 400 14.98 29.41 95.09
C LEU F 400 13.57 29.22 95.63
N SER F 401 13.37 29.65 96.88
CA SER F 401 12.07 29.48 97.50
C SER F 401 11.04 30.33 96.76
N GLU F 402 9.79 29.88 96.85
CA GLU F 402 8.73 30.51 96.06
C GLU F 402 8.62 31.99 96.35
N GLU F 403 8.50 32.36 97.62
CA GLU F 403 8.57 33.77 97.98
C GLU F 403 9.95 34.33 97.68
N ASP F 404 10.99 33.53 97.93
CA ASP F 404 12.33 33.98 97.63
C ASP F 404 12.49 34.28 96.15
N LYS F 405 12.12 33.32 95.29
CA LYS F 405 12.23 33.55 93.87
C LYS F 405 11.35 34.71 93.44
N LEU F 406 10.15 34.79 94.00
CA LEU F 406 9.24 35.88 93.67
C LEU F 406 9.90 37.22 93.97
N THR F 407 10.30 37.43 95.22
CA THR F 407 10.94 38.68 95.59
C THR F 407 12.21 38.89 94.81
N VAL F 408 12.86 37.82 94.38
CA VAL F 408 14.13 37.95 93.68
C VAL F 408 13.89 38.54 92.30
N SER F 409 12.97 37.95 91.55
CA SER F 409 12.59 38.52 90.27
C SER F 409 12.05 39.93 90.47
N ARG F 410 11.33 40.13 91.57
CA ARG F 410 10.81 41.44 91.87
C ARG F 410 11.92 42.45 92.00
N ALA F 411 12.97 42.12 92.75
CA ALA F 411 14.06 43.06 92.95
C ALA F 411 14.87 43.22 91.68
N ARG F 412 14.95 42.17 90.88
CA ARG F 412 15.54 42.31 89.56
C ARG F 412 14.80 43.37 88.77
N LYS F 413 13.48 43.23 88.69
CA LYS F 413 12.66 44.22 88.02
C LYS F 413 12.78 45.57 88.71
N ILE F 414 13.07 45.57 90.00
CA ILE F 414 13.17 46.82 90.75
C ILE F 414 14.40 47.58 90.32
N GLN F 415 15.54 46.90 90.34
CA GLN F 415 16.77 47.45 89.78
C GLN F 415 16.51 47.94 88.37
N ARG F 416 15.79 47.15 87.59
CA ARG F 416 15.45 47.56 86.23
C ARG F 416 14.61 48.83 86.24
N PHE F 417 13.64 48.90 87.15
CA PHE F 417 12.60 49.90 87.06
C PHE F 417 13.08 51.26 87.53
N LEU F 418 13.76 51.32 88.67
CA LEU F 418 14.25 52.60 89.14
C LEU F 418 15.15 53.26 88.10
N SER F 419 15.78 52.46 87.27
CA SER F 419 16.56 53.00 86.15
C SER F 419 15.66 53.75 85.21
N GLN F 420 16.11 54.94 84.82
CA GLN F 420 15.45 55.77 83.83
C GLN F 420 16.51 56.35 82.92
N PRO F 421 16.14 56.74 81.70
CA PRO F 421 17.14 57.23 80.74
C PRO F 421 17.59 58.65 81.04
N PHE F 422 18.69 59.08 80.43
CA PHE F 422 19.15 60.46 80.54
C PHE F 422 19.11 61.15 79.18
N GLN F 423 18.45 62.30 79.16
CA GLN F 423 18.35 63.07 77.92
C GLN F 423 19.74 63.50 77.46
N VAL F 424 20.58 63.93 78.40
CA VAL F 424 21.98 64.18 78.06
C VAL F 424 22.62 62.95 77.44
N ALA F 425 22.41 61.78 78.04
CA ALA F 425 22.81 60.52 77.44
C ALA F 425 22.03 60.22 76.17
N GLU F 426 20.77 60.64 76.12
CA GLU F 426 19.96 60.38 74.93
C GLU F 426 20.61 61.01 73.71
N VAL F 427 21.46 62.02 73.91
CA VAL F 427 22.22 62.57 72.80
C VAL F 427 22.98 61.45 72.10
N PHE F 428 23.65 60.61 72.87
CA PHE F 428 24.24 59.41 72.31
C PHE F 428 23.21 58.28 72.26
N THR F 429 22.43 58.14 73.32
CA THR F 429 21.53 57.00 73.43
C THR F 429 20.40 57.07 72.42
N GLY F 430 19.73 58.20 72.31
CA GLY F 430 18.56 58.33 71.48
C GLY F 430 17.25 58.06 72.20
N HIS F 431 17.26 57.30 73.27
CA HIS F 431 16.06 57.13 74.07
C HIS F 431 15.93 58.28 75.07
N LEU F 432 14.80 58.96 75.01
CA LEU F 432 14.62 60.21 75.74
C LEU F 432 14.78 59.99 77.24
N GLY F 433 15.55 60.87 77.87
CA GLY F 433 15.68 60.81 79.31
C GLY F 433 14.96 61.96 79.99
N LYS F 434 14.47 61.70 81.20
CA LYS F 434 13.75 62.67 82.00
C LYS F 434 13.68 62.22 83.45
N LEU F 435 13.14 63.08 84.32
CA LEU F 435 13.01 62.79 85.74
C LEU F 435 11.53 62.82 86.13
N VAL F 436 11.10 61.81 86.88
CA VAL F 436 9.71 61.70 87.33
C VAL F 436 9.58 62.48 88.63
N PRO F 437 8.40 62.94 89.01
CA PRO F 437 8.23 63.51 90.33
C PRO F 437 8.56 62.49 91.41
N LEU F 438 9.15 63.00 92.50
CA LEU F 438 9.51 62.12 93.60
C LEU F 438 8.28 61.43 94.18
N LYS F 439 7.17 62.16 94.28
CA LYS F 439 5.91 61.52 94.66
C LYS F 439 5.50 60.49 93.64
N GLU F 440 5.64 60.82 92.34
CA GLU F 440 5.39 59.83 91.30
C GLU F 440 6.31 58.64 91.48
N THR F 441 7.55 58.89 91.88
CA THR F 441 8.47 57.81 92.17
C THR F 441 7.92 56.93 93.28
N ILE F 442 7.44 57.55 94.35
CA ILE F 442 6.92 56.78 95.49
C ILE F 442 5.74 55.93 95.03
N LYS F 443 4.86 56.51 94.20
CA LYS F 443 3.67 55.79 93.77
C LYS F 443 4.02 54.60 92.89
N GLY F 444 4.87 54.82 91.88
CA GLY F 444 5.26 53.71 91.02
C GLY F 444 6.02 52.65 91.77
N PHE F 445 6.89 53.08 92.69
CA PHE F 445 7.62 52.13 93.50
C PHE F 445 6.68 51.29 94.33
N GLN F 446 5.64 51.91 94.91
CA GLN F 446 4.66 51.14 95.65
C GLN F 446 3.93 50.16 94.73
N GLN F 447 3.55 50.62 93.55
CA GLN F 447 2.93 49.74 92.56
C GLN F 447 3.78 48.50 92.35
N ILE F 448 5.09 48.70 92.24
CA ILE F 448 6.00 47.57 92.18
C ILE F 448 5.97 46.80 93.50
N LEU F 449 5.96 47.51 94.62
CA LEU F 449 6.12 46.89 95.92
C LEU F 449 5.05 45.84 96.14
N ALA F 450 3.81 46.19 95.85
CA ALA F 450 2.78 45.18 95.71
C ALA F 450 3.05 44.31 94.50
N GLY F 451 3.48 44.92 93.40
CA GLY F 451 3.56 44.21 92.14
C GLY F 451 2.35 44.52 91.31
N GLU F 452 1.95 45.79 91.27
CA GLU F 452 0.86 46.19 90.41
C GLU F 452 1.09 45.75 88.98
N TYR F 453 2.31 45.88 88.47
CA TYR F 453 2.69 45.30 87.20
C TYR F 453 3.62 44.12 87.44
N ASP F 454 3.28 43.27 88.40
CA ASP F 454 4.13 42.15 88.77
C ASP F 454 4.49 41.27 87.58
N HIS F 455 3.58 41.11 86.62
CA HIS F 455 3.89 40.31 85.44
C HIS F 455 4.78 41.03 84.46
N LEU F 456 4.93 42.35 84.58
CA LEU F 456 5.75 43.10 83.65
C LEU F 456 7.21 42.70 83.79
N PRO F 457 8.00 42.84 82.73
CA PRO F 457 9.38 42.38 82.76
C PRO F 457 10.35 43.44 83.28
N GLU F 458 11.44 42.95 83.86
CA GLU F 458 12.55 43.82 84.20
C GLU F 458 13.03 44.55 82.97
N GLN F 459 13.11 43.83 81.84
CA GLN F 459 13.39 44.49 80.57
C GLN F 459 12.44 45.65 80.34
N ALA F 460 11.14 45.42 80.49
CA ALA F 460 10.21 46.54 80.52
C ALA F 460 10.52 47.49 81.67
N PHE F 461 10.75 46.95 82.87
CA PHE F 461 11.17 47.78 83.99
C PHE F 461 12.48 48.49 83.69
N TYR F 462 13.37 47.87 82.94
CA TYR F 462 14.64 48.52 82.60
C TYR F 462 14.37 49.85 81.94
N MET F 463 15.13 50.87 82.36
CA MET F 463 14.99 52.22 81.84
C MET F 463 13.55 52.71 81.99
N VAL F 464 13.11 52.79 83.23
CA VAL F 464 11.73 53.17 83.52
C VAL F 464 11.71 54.51 84.24
N GLY F 465 10.93 55.42 83.67
CA GLY F 465 10.56 56.64 84.34
C GLY F 465 9.16 56.48 84.92
N PRO F 466 8.16 57.01 84.22
CA PRO F 466 6.78 56.83 84.68
C PRO F 466 6.40 55.37 84.74
N ILE F 467 5.80 55.00 85.89
CA ILE F 467 5.33 53.64 86.06
C ILE F 467 4.26 53.30 85.05
N GLU F 468 3.40 54.25 84.72
CA GLU F 468 2.47 54.03 83.62
C GLU F 468 3.20 53.87 82.31
N GLU F 469 4.27 54.65 82.11
CA GLU F 469 5.11 54.40 80.95
C GLU F 469 5.68 53.00 80.99
N ALA F 470 5.94 52.48 82.19
CA ALA F 470 6.39 51.11 82.30
C ALA F 470 5.30 50.13 81.91
N VAL F 471 4.05 50.42 82.29
CA VAL F 471 2.95 49.58 81.87
C VAL F 471 2.82 49.59 80.36
N ALA F 472 2.98 50.77 79.77
CA ALA F 472 2.97 50.88 78.32
C ALA F 472 4.12 50.10 77.71
N LYS F 473 5.27 50.11 78.36
CA LYS F 473 6.39 49.31 77.92
C LYS F 473 6.04 47.84 77.96
N ALA F 474 5.35 47.42 79.01
CA ALA F 474 4.92 46.03 79.10
C ALA F 474 3.96 45.69 77.97
N ASP F 475 3.07 46.63 77.62
CA ASP F 475 2.16 46.40 76.51
C ASP F 475 2.92 46.28 75.20
N LYS F 476 3.88 47.18 74.97
CA LYS F 476 4.70 47.10 73.78
C LYS F 476 5.49 45.79 73.77
N LEU F 477 5.87 45.31 74.95
CA LEU F 477 6.48 44.00 75.05
C LEU F 477 5.52 42.92 74.59
N ALA F 478 4.28 42.98 75.06
CA ALA F 478 3.23 42.17 74.47
C ALA F 478 3.06 42.47 72.99
N GLU F 479 3.32 43.71 72.57
CA GLU F 479 3.27 44.05 71.16
C GLU F 479 4.54 43.58 70.46
N ALA G 1 40.65 42.19 100.46
CA ALA G 1 40.06 41.04 101.14
C ALA G 1 41.13 40.26 101.85
N THR G 2 40.76 39.67 102.98
CA THR G 2 41.67 38.74 103.61
C THR G 2 41.95 37.63 102.63
N LEU G 3 43.19 37.59 102.14
CA LEU G 3 43.63 36.39 101.43
C LEU G 3 43.33 35.17 102.28
N LYS G 4 43.28 35.34 103.59
CA LYS G 4 42.70 34.31 104.44
C LYS G 4 41.27 34.02 104.05
N ASP G 5 40.38 35.00 104.20
CA ASP G 5 38.97 34.76 103.88
C ASP G 5 38.80 34.51 102.39
N ILE G 6 39.53 35.24 101.57
CA ILE G 6 39.46 35.01 100.14
C ILE G 6 39.80 33.57 99.83
N THR G 7 40.90 33.07 100.38
CA THR G 7 41.33 31.71 100.14
C THR G 7 40.32 30.73 100.72
N ARG G 8 39.72 31.10 101.84
CA ARG G 8 38.65 30.27 102.39
C ARG G 8 37.58 30.07 101.35
N ARG G 9 37.09 31.17 100.78
CA ARG G 9 36.09 31.08 99.72
C ARG G 9 36.62 30.26 98.56
N LEU G 10 37.88 30.43 98.23
CA LEU G 10 38.44 29.77 97.06
C LEU G 10 38.46 28.27 97.23
N LYS G 11 39.02 27.81 98.35
CA LYS G 11 39.05 26.38 98.62
C LYS G 11 37.65 25.84 98.75
N SER G 12 36.76 26.63 99.35
CA SER G 12 35.36 26.27 99.35
C SER G 12 34.90 26.00 97.92
N ILE G 13 35.24 26.88 97.02
CA ILE G 13 34.83 26.74 95.63
C ILE G 13 35.45 25.50 95.03
N LYS G 14 36.72 25.27 95.31
CA LYS G 14 37.40 24.11 94.74
C LYS G 14 36.73 22.83 95.19
N ASN G 15 36.48 22.73 96.49
CA ASN G 15 35.76 21.59 97.02
C ASN G 15 34.39 21.48 96.38
N ILE G 16 33.73 22.61 96.18
CA ILE G 16 32.40 22.61 95.60
C ILE G 16 32.43 22.04 94.20
N GLN G 17 33.41 22.47 93.40
CA GLN G 17 33.50 22.00 92.03
C GLN G 17 33.79 20.52 92.00
N LYS G 18 34.69 20.06 92.86
CA LYS G 18 34.96 18.63 92.92
C LYS G 18 33.71 17.86 93.30
N ILE G 19 32.98 18.36 94.30
CA ILE G 19 31.79 17.68 94.78
C ILE G 19 30.75 17.62 93.68
N THR G 20 30.58 18.73 92.97
CA THR G 20 29.64 18.76 91.87
C THR G 20 30.04 17.78 90.80
N LYS G 21 31.33 17.68 90.51
CA LYS G 21 31.78 16.72 89.50
C LYS G 21 31.43 15.30 89.91
N SER G 22 31.73 14.95 91.16
CA SER G 22 31.45 13.59 91.63
C SER G 22 29.94 13.33 91.60
N MET G 23 29.17 14.30 92.06
CA MET G 23 27.72 14.14 92.08
C MET G 23 27.17 13.97 90.68
N LYS G 24 27.68 14.77 89.74
CA LYS G 24 27.23 14.65 88.37
C LYS G 24 27.60 13.29 87.81
N MET G 25 28.77 12.78 88.17
CA MET G 25 29.14 11.45 87.74
C MET G 25 28.16 10.42 88.28
N VAL G 26 27.80 10.55 89.55
CA VAL G 26 26.87 9.62 90.16
C VAL G 26 25.53 9.68 89.44
N ALA G 27 25.06 10.90 89.17
CA ALA G 27 23.81 11.08 88.47
C ALA G 27 23.91 10.51 87.06
N ALA G 28 25.09 10.62 86.44
CA ALA G 28 25.27 10.01 85.13
C ALA G 28 25.08 8.52 85.21
N ALA G 29 25.67 7.88 86.23
CA ALA G 29 25.46 6.47 86.44
C ALA G 29 23.98 6.16 86.60
N LYS G 30 23.30 6.94 87.44
CA LYS G 30 21.91 6.66 87.75
C LYS G 30 21.05 6.79 86.50
N TYR G 31 21.14 7.92 85.80
CA TYR G 31 20.31 8.15 84.63
C TYR G 31 20.68 7.21 83.50
N ALA G 32 21.94 6.80 83.43
CA ALA G 32 22.34 5.84 82.43
C ALA G 32 21.66 4.51 82.67
N ARG G 33 21.69 4.03 83.91
CA ARG G 33 20.95 2.83 84.25
C ARG G 33 19.47 3.03 83.96
N ALA G 34 18.97 4.22 84.25
CA ALA G 34 17.57 4.54 84.00
C ALA G 34 17.22 4.35 82.55
N GLU G 35 18.00 4.95 81.66
CA GLU G 35 17.78 4.77 80.23
C GLU G 35 17.91 3.32 79.82
N ARG G 36 18.94 2.63 80.32
CA ARG G 36 19.11 1.22 79.98
C ARG G 36 17.85 0.44 80.28
N GLU G 37 17.30 0.60 81.47
CA GLU G 37 16.06 -0.06 81.83
C GLU G 37 14.89 0.43 81.00
N LEU G 38 14.84 1.71 80.69
CA LEU G 38 13.68 2.33 80.10
C LEU G 38 13.25 1.68 78.81
N LYS G 39 14.18 1.06 78.08
CA LYS G 39 13.81 0.45 76.80
C LYS G 39 12.67 -0.54 76.97
N PRO G 40 12.85 -1.68 77.64
CA PRO G 40 11.70 -2.55 77.87
C PRO G 40 10.62 -1.83 78.65
N ALA G 41 11.03 -0.94 79.55
CA ALA G 41 10.07 -0.13 80.26
C ALA G 41 9.26 0.72 79.30
N ARG G 42 9.90 1.27 78.27
CA ARG G 42 9.14 2.08 77.31
C ARG G 42 8.05 1.25 76.66
N VAL G 43 8.40 0.03 76.24
CA VAL G 43 7.42 -0.82 75.61
C VAL G 43 6.30 -1.14 76.59
N TYR G 44 6.65 -1.50 77.82
CA TYR G 44 5.64 -1.87 78.79
C TYR G 44 4.70 -0.71 79.04
N GLY G 45 5.24 0.49 79.18
CA GLY G 45 4.41 1.65 79.44
C GLY G 45 3.53 1.99 78.25
N VAL G 46 4.09 1.89 77.05
CA VAL G 46 3.28 2.10 75.86
C VAL G 46 2.08 1.15 75.89
N GLY G 47 2.35 -0.12 76.16
CA GLY G 47 1.27 -1.09 76.23
C GLY G 47 0.26 -0.72 77.30
N SER G 48 0.75 -0.34 78.48
CA SER G 48 -0.15 0.02 79.57
C SER G 48 -1.10 1.12 79.14
N LEU G 49 -0.56 2.13 78.45
CA LEU G 49 -1.41 3.16 77.90
C LEU G 49 -2.42 2.60 76.92
N ALA G 50 -1.98 1.67 76.08
CA ALA G 50 -2.80 1.19 74.97
C ALA G 50 -4.13 0.65 75.43
N LEU G 51 -4.20 0.20 76.68
CA LEU G 51 -5.43 -0.41 77.19
C LEU G 51 -6.60 0.55 77.07
N TYR G 52 -6.58 1.62 77.86
CA TYR G 52 -7.63 2.61 77.73
C TYR G 52 -7.51 3.40 76.45
N GLU G 53 -6.31 3.41 75.84
CA GLU G 53 -6.16 4.07 74.55
C GLU G 53 -7.01 3.38 73.50
N LYS G 54 -7.35 2.11 73.73
CA LYS G 54 -8.07 1.31 72.75
C LYS G 54 -9.52 1.74 72.58
N ALA G 55 -10.01 2.69 73.40
CA ALA G 55 -11.42 3.10 73.33
C ALA G 55 -11.52 4.58 73.67
N ASP G 56 -12.46 5.25 73.00
CA ASP G 56 -12.78 6.62 73.38
C ASP G 56 -13.17 6.67 74.84
N ILE G 57 -12.28 7.21 75.65
CA ILE G 57 -12.42 7.14 77.10
C ILE G 57 -13.17 8.39 77.52
N LYS G 58 -14.49 8.30 77.51
CA LYS G 58 -15.32 9.41 77.95
C LYS G 58 -15.98 9.07 79.27
N THR G 59 -15.30 9.41 80.35
CA THR G 59 -15.77 9.06 81.69
C THR G 59 -16.99 9.88 82.06
N PRO G 60 -17.56 9.65 83.24
CA PRO G 60 -18.78 10.35 83.64
C PRO G 60 -18.53 11.82 83.87
N GLU G 61 -19.16 12.65 83.05
CA GLU G 61 -19.09 14.10 83.20
C GLU G 61 -19.64 14.57 84.51
N ASP G 62 -20.47 13.74 85.13
CA ASP G 62 -21.07 14.06 86.42
C ASP G 62 -20.18 13.56 87.56
N LYS G 63 -18.89 13.46 87.30
CA LYS G 63 -17.94 13.04 88.31
C LYS G 63 -17.94 14.05 89.45
N LYS G 64 -18.59 13.67 90.55
CA LYS G 64 -18.62 14.53 91.72
C LYS G 64 -17.30 14.38 92.45
N LYS G 65 -16.55 13.36 92.07
CA LYS G 65 -15.20 13.15 92.56
C LYS G 65 -14.23 13.17 91.38
N HIS G 66 -13.07 13.77 91.62
CA HIS G 66 -11.95 13.65 90.71
C HIS G 66 -10.83 12.97 91.48
N LEU G 67 -9.66 12.95 90.89
CA LEU G 67 -8.49 12.42 91.60
C LEU G 67 -7.29 13.27 91.25
N ILE G 68 -6.63 13.80 92.27
CA ILE G 68 -5.38 14.51 92.09
C ILE G 68 -4.30 13.46 92.25
N ILE G 69 -4.02 12.75 91.18
CA ILE G 69 -3.02 11.69 91.18
C ILE G 69 -1.66 12.38 91.07
N GLY G 70 -1.01 12.56 92.21
CA GLY G 70 0.29 13.22 92.24
C GLY G 70 1.38 12.25 92.66
N VAL G 71 2.51 12.33 91.97
CA VAL G 71 3.69 11.53 92.28
C VAL G 71 4.88 12.47 92.37
N SER G 72 5.61 12.39 93.47
CA SER G 72 6.84 13.16 93.65
C SER G 72 7.92 12.18 94.10
N SER G 73 9.11 12.69 94.31
CA SER G 73 10.20 11.87 94.82
C SER G 73 10.53 12.33 96.22
N ASP G 74 10.94 11.37 97.05
CA ASP G 74 11.62 11.73 98.28
C ASP G 74 12.93 12.45 97.97
N ARG G 75 13.59 12.08 96.88
CA ARG G 75 14.80 12.77 96.46
C ARG G 75 14.46 14.02 95.68
N GLY G 76 15.43 14.91 95.58
CA GLY G 76 15.28 16.17 94.87
C GLY G 76 16.47 16.48 93.97
N LEU G 77 16.83 17.76 93.91
CA LEU G 77 17.96 18.25 93.12
C LEU G 77 17.78 17.94 91.64
N CYS G 78 16.54 17.97 91.17
CA CYS G 78 16.24 17.76 89.76
C CYS G 78 15.50 18.96 89.19
N GLY G 79 15.86 20.14 89.69
CA GLY G 79 15.33 21.37 89.14
C GLY G 79 13.83 21.44 89.24
N ALA G 80 13.21 21.87 88.13
CA ALA G 80 11.80 22.18 88.09
C ALA G 80 10.93 20.95 88.20
N ILE G 81 11.53 19.80 88.48
CA ILE G 81 10.79 18.55 88.57
C ILE G 81 9.65 18.74 89.56
N HIS G 82 9.98 18.95 90.82
CA HIS G 82 8.95 19.29 91.79
C HIS G 82 8.27 20.60 91.41
N SER G 83 9.04 21.54 90.85
CA SER G 83 8.49 22.85 90.55
C SER G 83 7.47 22.77 89.42
N SER G 84 7.89 22.34 88.24
CA SER G 84 6.95 22.24 87.13
C SER G 84 5.86 21.24 87.46
N VAL G 85 6.18 20.24 88.28
CA VAL G 85 5.16 19.31 88.73
C VAL G 85 4.07 20.07 89.47
N ALA G 86 4.45 20.89 90.44
CA ALA G 86 3.47 21.66 91.19
C ALA G 86 2.80 22.69 90.30
N LYS G 87 3.47 23.10 89.24
CA LYS G 87 2.88 24.08 88.32
C LYS G 87 1.70 23.47 87.58
N GLN G 88 1.97 22.40 86.84
CA GLN G 88 0.88 21.67 86.21
C GLN G 88 -0.14 21.22 87.25
N MET G 89 0.33 20.94 88.47
CA MET G 89 -0.55 20.52 89.53
C MET G 89 -1.53 21.62 89.89
N LYS G 90 -1.03 22.84 90.08
CA LYS G 90 -1.89 23.95 90.40
C LYS G 90 -2.86 24.23 89.25
N SER G 91 -2.36 24.10 88.02
CA SER G 91 -3.24 24.29 86.87
C SER G 91 -4.41 23.31 86.91
N GLU G 92 -4.10 22.02 87.05
CA GLU G 92 -5.14 21.01 87.09
C GLU G 92 -6.02 21.18 88.32
N ALA G 93 -5.44 21.68 89.42
CA ALA G 93 -6.22 21.88 90.64
C ALA G 93 -7.29 22.94 90.42
N ALA G 94 -6.90 24.04 89.79
CA ALA G 94 -7.90 25.05 89.45
C ALA G 94 -8.94 24.47 88.50
N ASN G 95 -8.50 23.70 87.51
CA ASN G 95 -9.44 23.13 86.56
C ASN G 95 -10.44 22.22 87.25
N LEU G 96 -9.97 21.38 88.16
CA LEU G 96 -10.85 20.39 88.80
C LEU G 96 -11.71 21.05 89.87
N ALA G 97 -11.16 22.03 90.58
CA ALA G 97 -11.97 22.84 91.48
C ALA G 97 -13.10 23.51 90.73
N ALA G 98 -12.84 23.95 89.50
CA ALA G 98 -13.93 24.43 88.65
C ALA G 98 -14.99 23.35 88.48
N ALA G 99 -14.56 22.10 88.33
CA ALA G 99 -15.47 20.98 88.21
C ALA G 99 -16.11 20.60 89.53
N GLY G 100 -15.58 21.09 90.65
CA GLY G 100 -16.06 20.68 91.95
C GLY G 100 -15.97 19.20 92.21
N LYS G 101 -15.43 18.41 91.28
CA LYS G 101 -15.26 17.00 91.50
C LYS G 101 -14.36 16.77 92.70
N GLU G 102 -14.83 15.97 93.64
CA GLU G 102 -14.17 15.77 94.92
C GLU G 102 -12.88 15.02 94.65
N VAL G 103 -11.86 15.77 94.23
CA VAL G 103 -10.53 15.20 94.04
C VAL G 103 -9.78 15.19 95.36
N LYS G 104 -8.80 14.31 95.45
CA LYS G 104 -7.92 14.25 96.61
C LYS G 104 -6.49 14.09 96.12
N ILE G 105 -5.60 14.87 96.71
CA ILE G 105 -4.20 14.89 96.29
C ILE G 105 -3.60 13.56 96.69
N ILE G 106 -3.55 12.63 95.74
CA ILE G 106 -2.88 11.36 95.93
C ILE G 106 -1.39 11.68 95.96
N GLY G 107 -0.69 11.17 96.97
CA GLY G 107 0.69 11.55 97.24
C GLY G 107 1.64 10.37 97.29
N VAL G 108 2.80 10.55 96.68
CA VAL G 108 4.00 9.77 96.96
C VAL G 108 5.18 10.67 96.63
N GLY G 109 6.09 10.86 97.57
CA GLY G 109 7.20 11.77 97.37
C GLY G 109 7.06 13.09 98.10
N ASP G 110 7.98 13.35 99.03
CA ASP G 110 7.84 14.51 99.90
C ASP G 110 7.94 15.82 99.15
N LYS G 111 8.50 15.80 97.93
CA LYS G 111 8.53 17.01 97.14
C LYS G 111 7.13 17.58 96.97
N ILE G 112 6.17 16.70 96.66
CA ILE G 112 4.79 17.14 96.54
C ILE G 112 4.25 17.56 97.88
N ARG G 113 4.54 16.78 98.92
CA ARG G 113 4.10 17.13 100.26
C ARG G 113 4.48 18.57 100.57
N SER G 114 5.69 18.96 100.16
CA SER G 114 6.09 20.35 100.21
C SER G 114 5.21 21.20 99.32
N ILE G 115 5.04 20.79 98.05
CA ILE G 115 4.09 21.48 97.20
C ILE G 115 2.72 21.46 97.83
N LEU G 116 2.40 20.37 98.53
CA LEU G 116 1.15 20.26 99.27
C LEU G 116 1.20 20.98 100.60
N HIS G 117 2.38 21.35 101.08
CA HIS G 117 2.51 21.96 102.40
C HIS G 117 1.72 23.25 102.53
N ARG G 118 1.40 23.91 101.42
CA ARG G 118 0.49 25.03 101.47
C ARG G 118 -0.74 24.78 100.61
N THR G 119 -0.52 24.40 99.35
CA THR G 119 -1.58 24.31 98.35
C THR G 119 -2.62 23.31 98.80
N HIS G 120 -3.77 23.82 99.26
CA HIS G 120 -4.87 23.02 99.77
C HIS G 120 -4.37 21.85 100.59
N SER G 121 -3.64 22.12 101.68
CA SER G 121 -2.87 21.08 102.34
C SER G 121 -3.76 19.89 102.72
N ASP G 122 -5.02 20.14 103.04
CA ASP G 122 -5.91 19.05 103.40
C ASP G 122 -6.24 18.16 102.21
N GLN G 123 -6.09 18.68 100.98
CA GLN G 123 -6.50 17.93 99.81
C GLN G 123 -5.68 16.67 99.61
N PHE G 124 -4.56 16.52 100.30
CA PHE G 124 -3.77 15.31 100.18
C PHE G 124 -4.61 14.10 100.51
N LEU G 125 -4.88 13.29 99.50
CA LEU G 125 -5.50 11.99 99.73
C LEU G 125 -4.66 11.13 100.67
N VAL G 126 -3.49 10.73 100.25
CA VAL G 126 -2.50 10.10 101.15
C VAL G 126 -1.15 10.11 100.47
N THR G 127 -0.10 10.34 101.26
CA THR G 127 1.25 10.50 100.73
C THR G 127 2.08 9.26 101.02
N PHE G 128 2.24 8.41 100.02
CA PHE G 128 3.22 7.33 100.12
C PHE G 128 4.59 7.98 100.19
N LYS G 129 5.55 7.29 100.79
CA LYS G 129 6.81 7.93 101.11
C LYS G 129 7.95 7.28 100.34
N GLU G 130 9.17 7.65 100.73
CA GLU G 130 10.39 6.93 100.34
C GLU G 130 10.60 6.97 98.83
N VAL G 131 9.89 7.89 98.19
CA VAL G 131 9.77 7.92 96.73
C VAL G 131 11.15 8.18 96.14
N GLY G 132 11.73 7.14 95.56
CA GLY G 132 13.04 7.21 94.99
C GLY G 132 14.16 6.74 95.91
N ARG G 133 13.82 6.15 97.05
CA ARG G 133 14.85 5.66 97.96
C ARG G 133 15.83 4.77 97.21
N ARG G 134 15.33 3.93 96.34
CA ARG G 134 16.14 3.10 95.47
C ARG G 134 15.60 3.19 94.06
N PRO G 135 16.16 2.44 93.13
CA PRO G 135 15.63 2.42 91.76
C PRO G 135 14.15 2.07 91.75
N PRO G 136 13.47 2.35 90.65
CA PRO G 136 12.04 2.06 90.58
C PRO G 136 11.77 0.57 90.72
N THR G 137 10.63 0.25 91.34
CA THR G 137 10.16 -1.11 91.47
C THR G 137 8.67 -1.14 91.17
N PHE G 138 8.31 -1.73 90.04
CA PHE G 138 6.90 -1.89 89.72
C PHE G 138 6.20 -2.71 90.78
N GLY G 139 6.95 -3.49 91.54
CA GLY G 139 6.39 -4.09 92.74
C GLY G 139 6.06 -3.05 93.80
N ASP G 140 6.98 -2.12 94.03
CA ASP G 140 6.68 -1.03 94.95
C ASP G 140 5.56 -0.17 94.40
N ALA G 141 5.56 0.05 93.09
CA ALA G 141 4.44 0.74 92.46
C ALA G 141 3.15 0.01 92.73
N SER G 142 3.18 -1.31 92.59
CA SER G 142 2.02 -2.12 92.91
C SER G 142 1.63 -1.93 94.37
N VAL G 143 2.61 -1.79 95.24
CA VAL G 143 2.32 -1.62 96.66
C VAL G 143 1.56 -0.32 96.87
N ILE G 144 2.05 0.76 96.27
CA ILE G 144 1.39 2.04 96.40
C ILE G 144 -0.02 1.94 95.83
N ALA G 145 -0.15 1.33 94.66
CA ALA G 145 -1.45 1.18 94.06
C ALA G 145 -2.36 0.34 94.94
N LEU G 146 -1.79 -0.62 95.66
CA LEU G 146 -2.58 -1.45 96.56
C LEU G 146 -3.09 -0.64 97.71
N GLU G 147 -2.25 0.23 98.25
CA GLU G 147 -2.72 1.18 99.23
C GLU G 147 -3.87 2.00 98.69
N LEU G 148 -3.75 2.44 97.44
CA LEU G 148 -4.84 3.18 96.81
C LEU G 148 -6.09 2.33 96.74
N LEU G 149 -5.94 1.06 96.37
CA LEU G 149 -7.08 0.17 96.30
C LEU G 149 -7.74 0.03 97.65
N ASN G 150 -6.93 -0.06 98.70
CA ASN G 150 -7.46 -0.02 100.06
C ASN G 150 -8.26 1.23 100.27
N SER G 151 -7.78 2.36 99.75
CA SER G 151 -8.54 3.59 99.83
C SER G 151 -9.84 3.45 99.05
N GLY G 152 -10.95 3.68 99.74
CA GLY G 152 -12.25 3.62 99.09
C GLY G 152 -12.60 4.93 98.40
N TYR G 153 -11.58 5.64 97.94
CA TYR G 153 -11.78 6.90 97.23
C TYR G 153 -12.20 6.55 95.82
N GLU G 154 -13.50 6.35 95.63
CA GLU G 154 -14.02 5.92 94.33
C GLU G 154 -13.89 7.09 93.37
N PHE G 155 -12.64 7.44 93.09
CA PHE G 155 -12.37 8.56 92.21
C PHE G 155 -12.87 8.26 90.80
N ASP G 156 -13.96 8.93 90.43
CA ASP G 156 -14.53 8.75 89.10
C ASP G 156 -13.53 9.08 87.99
N GLU G 157 -12.61 9.99 88.23
CA GLU G 157 -11.60 10.34 87.24
C GLU G 157 -10.40 10.94 87.96
N GLY G 158 -9.28 10.98 87.26
CA GLY G 158 -8.07 11.55 87.83
C GLY G 158 -6.96 11.62 86.82
N SER G 159 -5.98 12.45 87.13
CA SER G 159 -4.85 12.68 86.22
C SER G 159 -3.55 12.65 87.01
N ILE G 160 -2.51 12.12 86.38
CA ILE G 160 -1.21 11.96 87.00
C ILE G 160 -0.17 12.69 86.17
N ILE G 161 0.41 13.74 86.74
CA ILE G 161 1.41 14.55 86.06
C ILE G 161 2.67 13.72 85.91
N PHE G 162 3.24 13.74 84.70
CA PHE G 162 4.47 13.01 84.44
C PHE G 162 5.36 13.85 83.54
N ASN G 163 6.64 13.89 83.87
CA ASN G 163 7.64 14.60 83.08
C ASN G 163 8.13 13.59 82.04
N ARG G 164 7.33 13.40 81.00
CA ARG G 164 7.68 12.44 79.97
C ARG G 164 9.04 12.78 79.41
N PHE G 165 10.02 11.91 79.66
CA PHE G 165 11.41 12.19 79.31
C PHE G 165 11.46 12.18 77.79
N ARG G 166 10.85 13.21 77.21
CA ARG G 166 10.73 13.29 75.76
C ARG G 166 12.10 13.17 75.11
N SER G 167 13.12 13.69 75.77
CA SER G 167 14.48 13.39 75.41
C SER G 167 15.26 13.21 76.69
N VAL G 168 16.57 13.00 76.54
CA VAL G 168 17.44 13.23 77.66
C VAL G 168 17.31 14.63 78.18
N ILE G 169 17.27 15.61 77.29
CA ILE G 169 17.12 17.00 77.69
C ILE G 169 15.63 17.30 77.84
N SER G 170 14.81 16.65 77.05
CA SER G 170 13.39 16.97 77.03
C SER G 170 12.64 16.04 77.96
N TYR G 171 12.07 16.63 79.01
CA TYR G 171 11.17 15.92 79.88
C TYR G 171 9.79 16.55 79.75
N LYS G 172 8.96 15.94 78.92
CA LYS G 172 7.63 16.46 78.62
C LYS G 172 6.78 16.34 79.88
N THR G 173 6.72 17.41 80.65
CA THR G 173 6.00 17.41 81.91
C THR G 173 4.51 17.37 81.63
N GLU G 174 4.00 16.19 81.33
CA GLU G 174 2.60 16.00 81.01
C GLU G 174 1.85 15.44 82.22
N GLU G 175 0.55 15.21 82.03
CA GLU G 175 -0.29 14.59 83.04
C GLU G 175 -0.99 13.39 82.43
N LYS G 176 -1.06 12.30 83.18
CA LYS G 176 -1.64 11.07 82.69
C LYS G 176 -3.05 10.90 83.24
N PRO G 177 -4.07 10.90 82.40
CA PRO G 177 -5.45 10.82 82.90
C PRO G 177 -5.80 9.41 83.34
N ILE G 178 -6.90 9.32 84.09
CA ILE G 178 -7.42 8.06 84.57
C ILE G 178 -8.88 8.24 84.90
N PHE G 179 -9.72 7.29 84.48
CA PHE G 179 -11.14 7.30 84.74
C PHE G 179 -11.48 6.32 85.86
N SER G 180 -12.77 6.06 86.02
CA SER G 180 -13.25 5.00 86.90
C SER G 180 -14.00 3.96 86.09
N LEU G 181 -13.75 2.69 86.42
CA LEU G 181 -14.51 1.61 85.78
C LEU G 181 -16.01 1.84 85.95
N ASP G 182 -16.42 2.39 87.10
CA ASP G 182 -17.81 2.79 87.27
C ASP G 182 -18.24 3.73 86.15
N THR G 183 -17.41 4.75 85.87
CA THR G 183 -17.68 5.58 84.70
C THR G 183 -17.58 4.76 83.42
N ILE G 184 -16.71 3.75 83.41
CA ILE G 184 -16.50 2.95 82.21
C ILE G 184 -17.68 2.03 81.97
N SER G 185 -18.66 2.07 82.86
CA SER G 185 -19.78 1.13 82.78
C SER G 185 -20.50 1.22 81.43
N SER G 186 -20.79 2.43 80.98
CA SER G 186 -21.79 2.65 79.93
C SER G 186 -21.20 2.73 78.53
N ALA G 187 -20.13 1.99 78.24
CA ALA G 187 -19.42 2.14 76.98
C ALA G 187 -19.86 1.09 75.96
N GLU G 188 -20.27 1.56 74.79
CA GLU G 188 -20.46 0.65 73.67
C GLU G 188 -19.13 0.04 73.23
N SER G 189 -18.05 0.81 73.35
CA SER G 189 -16.73 0.22 73.22
C SER G 189 -16.53 -0.87 74.25
N MET G 190 -16.97 -0.67 75.48
CA MET G 190 -17.05 -1.78 76.42
C MET G 190 -18.01 -2.84 75.92
N SER G 191 -19.15 -2.46 75.37
CA SER G 191 -19.96 -3.44 74.67
C SER G 191 -19.19 -4.04 73.50
N ILE G 192 -18.18 -3.33 73.00
CA ILE G 192 -17.37 -3.83 71.90
C ILE G 192 -16.20 -4.64 72.47
N TYR G 193 -16.18 -4.84 73.78
CA TYR G 193 -15.16 -5.65 74.43
C TYR G 193 -15.69 -7.06 74.57
N ASP G 194 -14.78 -8.03 74.70
CA ASP G 194 -15.17 -9.43 74.73
C ASP G 194 -15.43 -9.91 76.15
N ASP G 195 -16.72 -9.94 76.51
CA ASP G 195 -17.22 -10.74 77.64
C ASP G 195 -16.42 -10.52 78.92
N ILE G 196 -16.49 -9.32 79.47
CA ILE G 196 -15.67 -8.93 80.62
C ILE G 196 -16.61 -8.75 81.83
N ASP G 197 -16.27 -9.41 82.93
CA ASP G 197 -16.94 -9.15 84.20
C ASP G 197 -16.47 -7.80 84.73
N ALA G 198 -17.40 -7.06 85.32
CA ALA G 198 -17.16 -5.67 85.66
C ALA G 198 -16.14 -5.48 86.77
N ASP G 199 -16.27 -6.19 87.89
CA ASP G 199 -15.22 -6.15 88.89
C ASP G 199 -13.93 -6.72 88.31
N VAL G 200 -14.03 -7.79 87.54
CA VAL G 200 -12.90 -8.23 86.73
C VAL G 200 -12.47 -7.11 85.81
N LEU G 201 -13.43 -6.42 85.19
CA LEU G 201 -13.08 -5.22 84.45
C LEU G 201 -12.49 -4.17 85.37
N ARG G 202 -13.10 -3.98 86.54
CA ARG G 202 -12.56 -3.06 87.52
C ARG G 202 -11.19 -3.47 88.01
N ASN G 203 -11.01 -4.74 88.37
CA ASN G 203 -9.71 -5.20 88.85
C ASN G 203 -8.66 -5.05 87.78
N TYR G 204 -9.00 -5.41 86.54
CA TYR G 204 -8.06 -5.25 85.44
C TYR G 204 -7.74 -3.79 85.21
N GLN G 205 -8.75 -2.93 85.31
CA GLN G 205 -8.50 -1.50 85.24
C GLN G 205 -7.50 -1.10 86.29
N GLU G 206 -7.65 -1.62 87.50
CA GLU G 206 -6.69 -1.31 88.56
C GLU G 206 -5.30 -1.81 88.19
N TYR G 207 -5.23 -3.01 87.64
CA TYR G 207 -3.93 -3.57 87.29
C TYR G 207 -3.25 -2.71 86.24
N SER G 208 -3.99 -2.31 85.21
CA SER G 208 -3.43 -1.45 84.19
C SER G 208 -3.03 -0.11 84.78
N LEU G 209 -3.82 0.40 85.73
CA LEU G 209 -3.49 1.67 86.35
C LEU G 209 -2.17 1.57 87.10
N ALA G 210 -1.97 0.46 87.80
CA ALA G 210 -0.71 0.25 88.49
C ALA G 210 0.43 0.16 87.50
N ASN G 211 0.21 -0.53 86.38
CA ASN G 211 1.22 -0.56 85.34
C ASN G 211 1.54 0.84 84.87
N ILE G 212 0.51 1.66 84.69
CA ILE G 212 0.68 3.05 84.27
C ILE G 212 1.48 3.80 85.31
N ILE G 213 1.19 3.56 86.58
CA ILE G 213 1.94 4.19 87.65
C ILE G 213 3.40 3.84 87.52
N TYR G 214 3.71 2.56 87.34
CA TYR G 214 5.10 2.13 87.24
C TYR G 214 5.78 2.78 86.05
N TYR G 215 5.06 2.86 84.93
CA TYR G 215 5.65 3.43 83.72
C TYR G 215 5.92 4.91 83.89
N SER G 216 4.92 5.67 84.34
CA SER G 216 5.13 7.07 84.62
C SER G 216 6.23 7.25 85.64
N LEU G 217 6.31 6.33 86.59
CA LEU G 217 7.35 6.39 87.60
C LEU G 217 8.71 6.28 86.96
N LYS G 218 8.92 5.25 86.15
CA LYS G 218 10.22 5.07 85.52
C LYS G 218 10.56 6.24 84.62
N GLU G 219 9.58 6.75 83.86
CA GLU G 219 9.85 7.84 82.95
C GLU G 219 10.24 9.10 83.69
N SER G 220 9.42 9.51 84.66
CA SER G 220 9.72 10.71 85.41
C SER G 220 10.99 10.53 86.23
N THR G 221 11.28 9.31 86.65
CA THR G 221 12.49 9.07 87.42
C THR G 221 13.73 9.22 86.56
N THR G 222 13.68 8.67 85.35
CA THR G 222 14.79 8.87 84.41
C THR G 222 14.94 10.36 84.11
N SER G 223 13.81 11.04 83.91
CA SER G 223 13.85 12.49 83.75
C SER G 223 14.52 13.14 84.95
N GLU G 224 14.22 12.65 86.15
CA GLU G 224 14.77 13.23 87.36
C GLU G 224 16.28 13.03 87.43
N GLN G 225 16.72 11.80 87.18
CA GLN G 225 18.15 11.53 87.25
C GLN G 225 18.90 12.33 86.19
N SER G 226 18.39 12.35 84.97
CA SER G 226 19.02 13.13 83.92
C SER G 226 19.01 14.62 84.26
N ALA G 227 17.91 15.09 84.82
CA ALA G 227 17.82 16.49 85.19
C ALA G 227 18.83 16.83 86.25
N ARG G 228 18.98 15.98 87.26
CA ARG G 228 19.98 16.23 88.28
C ARG G 228 21.37 16.25 87.66
N MET G 229 21.65 15.33 86.75
CA MET G 229 22.96 15.31 86.12
C MET G 229 23.21 16.59 85.36
N THR G 230 22.29 16.98 84.50
CA THR G 230 22.47 18.19 83.71
C THR G 230 22.52 19.41 84.61
N ALA G 231 21.75 19.38 85.68
CA ALA G 231 21.77 20.49 86.63
C ALA G 231 23.13 20.61 87.26
N MET G 232 23.68 19.50 87.75
CA MET G 232 25.03 19.50 88.26
C MET G 232 26.00 19.96 87.20
N ASP G 233 25.73 19.62 85.94
CA ASP G 233 26.60 20.05 84.86
C ASP G 233 26.60 21.57 84.75
N ASN G 234 25.42 22.16 84.67
CA ASN G 234 25.32 23.61 84.60
C ASN G 234 25.93 24.25 85.83
N ALA G 235 25.73 23.61 86.98
CA ALA G 235 26.32 24.11 88.20
C ALA G 235 27.83 24.10 88.11
N SER G 236 28.41 23.03 87.58
CA SER G 236 29.86 22.95 87.46
C SER G 236 30.37 23.99 86.48
N LYS G 237 29.61 24.24 85.43
CA LYS G 237 29.95 25.32 84.52
C LYS G 237 30.01 26.64 85.26
N ASN G 238 28.95 26.97 85.97
CA ASN G 238 28.91 28.21 86.74
C ASN G 238 30.04 28.25 87.76
N ALA G 239 30.37 27.10 88.32
CA ALA G 239 31.41 27.02 89.34
C ALA G 239 32.76 27.35 88.76
N SER G 240 33.11 26.70 87.65
CA SER G 240 34.35 27.02 86.97
C SER G 240 34.38 28.49 86.60
N GLU G 241 33.24 29.02 86.14
CA GLU G 241 33.20 30.44 85.79
C GLU G 241 33.52 31.32 86.98
N MET G 242 32.83 31.11 88.09
CA MET G 242 33.11 31.90 89.29
C MET G 242 34.56 31.75 89.69
N ILE G 243 35.05 30.52 89.71
CA ILE G 243 36.41 30.24 90.12
C ILE G 243 37.40 30.94 89.21
N ASP G 244 37.01 31.16 87.96
CA ASP G 244 37.91 31.85 87.05
C ASP G 244 38.26 33.23 87.57
N LYS G 245 37.27 34.11 87.65
CA LYS G 245 37.52 35.45 88.17
C LYS G 245 37.99 35.38 89.60
N LEU G 246 37.52 34.39 90.35
CA LEU G 246 37.99 34.22 91.71
C LEU G 246 39.49 34.09 91.74
N THR G 247 40.04 33.17 90.97
CA THR G 247 41.47 32.97 90.92
C THR G 247 42.17 34.18 90.33
N LEU G 248 41.53 34.83 89.37
CA LEU G 248 42.10 36.04 88.79
C LEU G 248 42.38 37.05 89.89
N THR G 249 41.31 37.49 90.55
CA THR G 249 41.46 38.42 91.66
C THR G 249 42.31 37.80 92.77
N PHE G 250 42.36 36.48 92.84
CA PHE G 250 43.10 35.84 93.90
C PHE G 250 44.59 36.07 93.73
N ASN G 251 45.11 35.78 92.55
CA ASN G 251 46.49 36.12 92.25
C ASN G 251 46.69 37.62 92.32
N ARG G 252 45.69 38.38 91.87
CA ARG G 252 45.78 39.83 91.96
C ARG G 252 46.05 40.26 93.38
N THR G 253 45.21 39.82 94.31
CA THR G 253 45.36 40.18 95.70
C THR G 253 46.59 39.55 96.32
N ARG G 254 46.95 38.36 95.85
CA ARG G 254 48.15 37.70 96.35
C ARG G 254 49.36 38.57 96.11
N GLN G 255 49.64 38.85 94.83
CA GLN G 255 50.72 39.75 94.49
C GLN G 255 50.50 41.11 95.13
N ALA G 256 49.24 41.52 95.27
CA ALA G 256 48.95 42.84 95.81
C ALA G 256 49.44 42.95 97.23
N VAL G 257 49.06 42.01 98.08
CA VAL G 257 49.50 42.04 99.47
C VAL G 257 50.99 41.80 99.55
N ILE G 258 51.52 40.93 98.68
CA ILE G 258 52.95 40.67 98.68
C ILE G 258 53.71 41.96 98.49
N THR G 259 53.46 42.64 97.38
CA THR G 259 54.12 43.91 97.12
C THR G 259 53.69 44.98 98.11
N LYS G 260 52.53 44.81 98.74
CA LYS G 260 52.10 45.79 99.72
C LYS G 260 52.98 45.76 100.94
N GLU G 261 53.17 44.57 101.50
CA GLU G 261 54.14 44.40 102.56
C GLU G 261 55.52 44.81 102.08
N LEU G 262 55.83 44.51 100.82
CA LEU G 262 57.12 44.90 100.27
C LEU G 262 57.31 46.41 100.37
N ILE G 263 56.33 47.17 99.87
CA ILE G 263 56.44 48.62 99.87
C ILE G 263 56.47 49.14 101.30
N GLU G 264 55.70 48.50 102.18
CA GLU G 264 55.76 48.86 103.58
C GLU G 264 57.18 48.76 104.10
N ILE G 265 57.82 47.63 103.85
CA ILE G 265 59.19 47.42 104.30
C ILE G 265 60.11 48.43 103.65
N ILE G 266 59.86 48.72 102.37
CA ILE G 266 60.71 49.65 101.66
C ILE G 266 60.65 51.01 102.31
N SER G 267 59.44 51.49 102.60
CA SER G 267 59.31 52.76 103.28
C SER G 267 59.93 52.71 104.66
N GLY G 268 59.73 51.62 105.39
CA GLY G 268 60.33 51.50 106.70
C GLY G 268 61.84 51.62 106.63
N ALA G 269 62.43 51.01 105.60
CA ALA G 269 63.85 51.21 105.34
C ALA G 269 64.13 52.68 105.06
N ALA G 270 63.28 53.31 104.24
CA ALA G 270 63.43 54.73 103.99
C ALA G 270 63.37 55.51 105.29
N ALA G 271 62.47 55.12 106.20
CA ALA G 271 62.45 55.75 107.50
C ALA G 271 63.76 55.57 108.25
N LEU G 272 64.52 54.53 107.94
CA LEU G 272 65.82 54.35 108.55
C LEU G 272 66.88 55.00 107.68
N GLN H 15 -3.45 -9.52 60.55
CA GLN H 15 -2.33 -10.04 61.30
C GLN H 15 -2.39 -9.60 62.76
N MET H 16 -1.68 -10.32 63.63
CA MET H 16 -1.69 -10.04 65.06
C MET H 16 -0.78 -8.87 65.36
N SER H 17 -1.01 -8.24 66.51
CA SER H 17 -0.03 -7.33 67.10
C SER H 17 0.37 -7.95 68.43
N PHE H 18 1.26 -8.92 68.37
CA PHE H 18 1.61 -9.74 69.50
C PHE H 18 2.59 -9.00 70.40
N THR H 19 2.06 -8.24 71.32
CA THR H 19 2.87 -7.52 72.30
C THR H 19 2.94 -8.45 73.50
N PHE H 20 3.76 -9.48 73.40
CA PHE H 20 3.96 -10.40 74.51
C PHE H 20 5.27 -10.02 75.17
N ALA H 21 5.22 -9.72 76.47
CA ALA H 21 6.36 -9.15 77.13
C ALA H 21 6.16 -9.19 78.63
N SER H 22 7.22 -9.50 79.34
CA SER H 22 7.24 -9.34 80.77
C SER H 22 7.30 -7.86 81.11
N PRO H 23 6.96 -7.48 82.33
CA PRO H 23 7.29 -6.12 82.75
C PRO H 23 8.78 -5.87 82.62
N THR H 24 9.58 -6.92 82.82
CA THR H 24 11.01 -6.81 82.59
C THR H 24 11.35 -7.09 81.14
N GLN H 25 10.98 -8.26 80.63
CA GLN H 25 11.45 -8.73 79.35
C GLN H 25 10.33 -8.70 78.32
N VAL H 26 10.65 -9.13 77.11
CA VAL H 26 9.69 -9.15 76.02
C VAL H 26 9.60 -10.57 75.49
N PHE H 27 8.37 -11.06 75.35
CA PHE H 27 8.14 -12.32 74.69
C PHE H 27 7.87 -12.14 73.20
N PHE H 28 6.84 -11.40 72.85
CA PHE H 28 6.59 -11.02 71.46
C PHE H 28 6.43 -9.52 71.38
N ASN H 29 7.03 -8.93 70.35
CA ASN H 29 7.07 -7.47 70.22
C ASN H 29 6.10 -7.09 69.11
N SER H 30 4.83 -6.97 69.45
CA SER H 30 3.80 -6.56 68.50
C SER H 30 3.81 -7.47 67.28
N ALA H 31 4.17 -8.73 67.49
CA ALA H 31 4.39 -9.65 66.39
C ALA H 31 3.05 -9.97 65.71
N ASN H 32 3.13 -10.60 64.53
CA ASN H 32 1.94 -10.92 63.74
C ASN H 32 1.86 -12.44 63.61
N VAL H 33 1.20 -13.06 64.59
CA VAL H 33 1.07 -14.50 64.63
C VAL H 33 -0.39 -14.89 64.43
N ARG H 34 -0.63 -16.19 64.33
CA ARG H 34 -1.98 -16.68 64.07
C ARG H 34 -2.79 -16.82 65.35
N GLN H 35 -2.36 -17.71 66.24
CA GLN H 35 -3.11 -17.99 67.45
C GLN H 35 -2.15 -18.19 68.60
N VAL H 36 -2.68 -18.07 69.82
CA VAL H 36 -1.88 -18.11 71.03
C VAL H 36 -2.81 -18.31 72.22
N ASP H 37 -2.29 -18.91 73.28
CA ASP H 37 -3.01 -19.07 74.53
C ASP H 37 -2.06 -19.47 75.64
N VAL H 38 -2.39 -19.08 76.87
CA VAL H 38 -1.74 -19.55 78.08
C VAL H 38 -2.79 -19.45 79.18
N PRO H 39 -2.60 -20.11 80.33
CA PRO H 39 -3.67 -20.08 81.34
C PRO H 39 -4.00 -18.68 81.78
N THR H 40 -5.27 -18.43 82.07
CA THR H 40 -5.71 -17.06 82.30
C THR H 40 -6.68 -17.07 83.47
N GLN H 41 -6.47 -16.11 84.38
CA GLN H 41 -7.44 -15.90 85.44
C GLN H 41 -8.80 -15.53 84.84
N THR H 42 -8.79 -14.67 83.82
CA THR H 42 -10.01 -14.41 83.06
C THR H 42 -10.49 -15.63 82.30
N GLY H 43 -9.67 -16.68 82.19
CA GLY H 43 -10.07 -17.85 81.45
C GLY H 43 -9.38 -17.90 80.11
N ALA H 44 -8.51 -18.89 79.93
CA ALA H 44 -7.70 -18.99 78.72
C ALA H 44 -8.53 -19.31 77.49
N PHE H 45 -8.11 -18.79 76.35
CA PHE H 45 -8.67 -19.20 75.06
C PHE H 45 -7.65 -18.87 73.99
N GLY H 46 -7.84 -19.45 72.82
CA GLY H 46 -6.92 -19.28 71.70
C GLY H 46 -7.05 -17.89 71.12
N ILE H 47 -5.99 -17.43 70.47
CA ILE H 47 -5.96 -16.13 69.83
C ILE H 47 -6.66 -16.24 68.49
N LEU H 48 -7.82 -15.63 68.39
CA LEU H 48 -8.60 -15.59 67.16
C LEU H 48 -8.79 -14.15 66.73
N ALA H 49 -8.70 -13.90 65.43
CA ALA H 49 -8.92 -12.55 64.92
C ALA H 49 -10.27 -12.02 65.35
N ALA H 50 -11.26 -12.88 65.49
CA ALA H 50 -12.59 -12.46 65.91
C ALA H 50 -12.70 -12.45 67.43
N HIS H 51 -11.62 -12.77 68.13
CA HIS H 51 -11.61 -12.44 69.55
C HIS H 51 -11.74 -10.93 69.63
N VAL H 52 -12.77 -10.46 70.32
CA VAL H 52 -13.08 -9.04 70.30
C VAL H 52 -11.96 -8.28 70.99
N PRO H 53 -11.82 -6.98 70.73
CA PRO H 53 -10.87 -6.20 71.51
C PRO H 53 -11.11 -6.44 73.00
N THR H 54 -10.12 -7.04 73.65
CA THR H 54 -10.30 -7.42 75.03
C THR H 54 -8.94 -7.71 75.66
N LEU H 55 -8.94 -7.75 76.97
CA LEU H 55 -7.79 -8.17 77.75
C LEU H 55 -8.21 -9.31 78.66
N GLN H 56 -7.24 -9.89 79.36
CA GLN H 56 -7.58 -10.96 80.28
C GLN H 56 -6.71 -10.85 81.52
N VAL H 57 -7.28 -11.28 82.64
CA VAL H 57 -6.56 -11.45 83.89
C VAL H 57 -5.77 -12.74 83.79
N LEU H 58 -4.49 -12.67 84.11
CA LEU H 58 -3.61 -13.79 83.84
C LEU H 58 -3.62 -14.81 84.97
N ARG H 59 -3.56 -16.08 84.58
CA ARG H 59 -3.24 -17.20 85.45
C ARG H 59 -1.94 -17.84 84.98
N PRO H 60 -1.32 -18.65 85.81
CA PRO H 60 -0.03 -19.22 85.41
C PRO H 60 -0.16 -20.14 84.22
N GLY H 61 0.36 -19.71 83.08
CA GLY H 61 0.26 -20.49 81.87
C GLY H 61 1.58 -20.66 81.19
N LEU H 62 1.58 -21.33 80.04
CA LEU H 62 2.74 -21.38 79.16
C LEU H 62 2.32 -20.71 77.86
N VAL H 63 3.08 -19.70 77.44
CA VAL H 63 2.70 -18.99 76.24
C VAL H 63 2.71 -19.95 75.08
N VAL H 64 1.52 -20.38 74.68
CA VAL H 64 1.36 -21.36 73.62
C VAL H 64 0.76 -20.64 72.44
N VAL H 65 1.58 -20.40 71.43
CA VAL H 65 1.20 -19.60 70.28
C VAL H 65 1.22 -20.48 69.05
N HIS H 66 0.05 -20.74 68.49
CA HIS H 66 -0.06 -21.28 67.14
C HIS H 66 0.25 -20.13 66.21
N ALA H 67 1.53 -19.83 66.07
CA ALA H 67 1.94 -18.61 65.39
C ALA H 67 1.49 -18.63 63.94
N GLU H 68 1.55 -17.46 63.31
CA GLU H 68 1.29 -17.39 61.89
C GLU H 68 2.28 -18.28 61.14
N ASP H 69 3.55 -18.17 61.49
CA ASP H 69 4.55 -19.08 60.94
C ASP H 69 4.54 -20.39 61.73
N GLY H 70 5.39 -21.31 61.28
CA GLY H 70 5.50 -22.60 61.94
C GLY H 70 6.20 -22.47 63.26
N THR H 71 5.56 -21.82 64.22
CA THR H 71 6.15 -21.56 65.52
C THR H 71 5.15 -21.83 66.62
N THR H 72 5.51 -22.74 67.51
CA THR H 72 4.81 -22.91 68.78
C THR H 72 5.82 -22.86 69.90
N SER H 73 6.17 -21.64 70.32
CA SER H 73 7.19 -21.43 71.33
C SER H 73 6.50 -21.25 72.67
N LYS H 74 6.65 -22.24 73.54
CA LYS H 74 5.97 -22.24 74.82
C LYS H 74 6.81 -21.43 75.80
N TYR H 75 6.24 -20.32 76.27
CA TYR H 75 6.87 -19.52 77.30
C TYR H 75 6.00 -19.59 78.54
N PHE H 76 6.50 -20.27 79.57
CA PHE H 76 5.75 -20.40 80.82
C PHE H 76 5.48 -19.02 81.36
N VAL H 77 4.22 -18.76 81.72
CA VAL H 77 3.81 -17.47 82.25
C VAL H 77 3.25 -17.67 83.64
N SER H 78 3.36 -16.63 84.47
CA SER H 78 2.81 -16.70 85.80
C SER H 78 1.57 -15.82 85.98
N SER H 79 1.69 -14.52 85.76
CA SER H 79 0.57 -13.63 86.02
C SER H 79 0.76 -12.34 85.24
N GLY H 80 -0.15 -11.40 85.45
CA GLY H 80 -0.15 -10.15 84.75
C GLY H 80 -1.48 -9.97 84.04
N SER H 81 -1.42 -9.43 82.83
CA SER H 81 -2.61 -9.30 82.02
C SER H 81 -2.19 -9.26 80.56
N VAL H 82 -2.99 -9.92 79.74
CA VAL H 82 -2.76 -9.95 78.30
C VAL H 82 -3.94 -9.26 77.64
N THR H 83 -3.65 -8.33 76.73
CA THR H 83 -4.68 -7.55 76.08
C THR H 83 -4.59 -7.79 74.58
N VAL H 84 -5.73 -7.72 73.91
CA VAL H 84 -5.79 -7.79 72.46
C VAL H 84 -6.91 -6.86 72.00
N ASN H 85 -6.57 -5.92 71.13
CA ASN H 85 -7.54 -4.94 70.67
C ASN H 85 -8.23 -5.45 69.40
N ALA H 86 -9.08 -4.59 68.85
CA ALA H 86 -9.65 -4.89 67.53
C ALA H 86 -8.54 -4.95 66.49
N ASP H 87 -7.40 -4.32 66.76
CA ASP H 87 -6.23 -4.39 65.91
C ASP H 87 -5.35 -5.57 66.25
N SER H 88 -5.89 -6.59 66.93
CA SER H 88 -5.12 -7.75 67.31
C SER H 88 -3.91 -7.35 68.15
N SER H 89 -4.09 -6.27 68.91
CA SER H 89 -3.01 -5.70 69.71
C SER H 89 -2.75 -6.66 70.84
N VAL H 90 -2.17 -7.81 70.51
CA VAL H 90 -2.05 -8.89 71.47
C VAL H 90 -1.02 -8.45 72.49
N GLN H 91 -1.48 -7.83 73.55
CA GLN H 91 -0.64 -7.19 74.54
C GLN H 91 -0.52 -8.12 75.73
N LEU H 92 0.29 -9.15 75.58
CA LEU H 92 0.55 -10.09 76.65
C LEU H 92 1.56 -9.43 77.58
N LEU H 93 1.06 -8.60 78.48
CA LEU H 93 1.89 -7.94 79.48
C LEU H 93 2.09 -8.90 80.63
N ALA H 94 3.29 -9.45 80.74
CA ALA H 94 3.56 -10.54 81.66
C ALA H 94 4.15 -10.01 82.96
N GLU H 95 3.51 -10.34 84.07
CA GLU H 95 4.18 -10.15 85.34
C GLU H 95 5.37 -11.09 85.47
N GLU H 96 5.17 -12.36 85.13
CA GLU H 96 6.28 -13.31 85.11
C GLU H 96 6.03 -14.32 84.00
N ALA H 97 6.62 -14.07 82.84
CA ALA H 97 6.72 -15.08 81.81
C ALA H 97 7.99 -15.87 82.08
N VAL H 98 7.80 -17.09 82.60
CA VAL H 98 8.91 -17.84 83.15
C VAL H 98 9.67 -18.47 82.00
N THR H 99 11.00 -18.49 82.13
CA THR H 99 11.84 -19.12 81.13
C THR H 99 11.53 -20.61 81.07
N LEU H 100 11.96 -21.23 79.97
CA LEU H 100 11.86 -22.68 79.89
C LEU H 100 12.58 -23.33 81.05
N ASP H 101 13.78 -22.85 81.38
CA ASP H 101 14.50 -23.35 82.53
C ASP H 101 14.24 -22.54 83.79
N MET H 102 13.03 -22.00 83.96
CA MET H 102 12.79 -21.05 85.04
C MET H 102 12.88 -21.67 86.42
N LEU H 103 12.69 -22.98 86.55
CA LEU H 103 12.68 -23.60 87.87
C LEU H 103 13.06 -25.07 87.77
N ASP H 104 13.15 -25.72 88.92
CA ASP H 104 13.47 -27.14 89.02
C ASP H 104 12.23 -27.89 89.49
N LEU H 105 11.99 -29.05 88.90
CA LEU H 105 10.80 -29.83 89.21
C LEU H 105 10.76 -30.20 90.68
N GLY H 106 11.90 -30.58 91.24
CA GLY H 106 11.99 -30.85 92.65
C GLY H 106 11.66 -29.63 93.47
N ALA H 107 12.14 -28.47 93.02
CA ALA H 107 11.84 -27.23 93.73
C ALA H 107 10.34 -26.96 93.74
N ALA H 108 9.68 -27.14 92.60
CA ALA H 108 8.25 -26.91 92.54
C ALA H 108 7.50 -27.91 93.40
N LYS H 109 7.94 -29.17 93.40
CA LYS H 109 7.28 -30.18 94.22
C LYS H 109 7.42 -29.87 95.70
N ALA H 110 8.61 -29.46 96.13
CA ALA H 110 8.80 -29.11 97.53
C ALA H 110 8.01 -27.87 97.90
N ASN H 111 7.97 -26.89 96.99
CA ASN H 111 7.14 -25.72 97.22
C ASN H 111 5.69 -26.11 97.34
N LEU H 112 5.25 -27.05 96.50
CA LEU H 112 3.89 -27.56 96.60
C LEU H 112 3.66 -28.24 97.94
N GLU H 113 4.66 -29.00 98.39
CA GLU H 113 4.55 -29.65 99.68
C GLU H 113 4.37 -28.64 100.79
N LYS H 114 5.17 -27.58 100.77
CA LYS H 114 5.03 -26.53 101.77
C LYS H 114 3.67 -25.85 101.65
N ALA H 115 3.25 -25.55 100.43
CA ALA H 115 2.00 -24.86 100.21
C ALA H 115 0.82 -25.73 100.62
N GLN H 116 1.00 -27.05 100.63
CA GLN H 116 -0.06 -27.94 101.07
C GLN H 116 -0.06 -28.09 102.58
N SER H 117 1.13 -28.21 103.17
CA SER H 117 1.21 -28.31 104.63
C SER H 117 0.66 -27.05 105.28
N GLU H 118 1.04 -25.89 104.78
CA GLU H 118 0.43 -24.65 105.24
C GLU H 118 -0.93 -24.43 104.60
N LEU H 119 -1.26 -25.19 103.55
CA LEU H 119 -2.65 -25.28 103.14
C LEU H 119 -3.40 -26.20 104.06
N LEU H 120 -2.75 -27.28 104.50
CA LEU H 120 -3.21 -27.97 105.69
C LEU H 120 -3.15 -27.02 106.88
N GLY H 121 -2.06 -26.26 106.98
CA GLY H 121 -1.98 -25.24 108.01
C GLY H 121 -2.62 -23.94 107.57
N ALA H 122 -3.80 -24.05 106.95
CA ALA H 122 -4.52 -22.86 106.49
C ALA H 122 -5.08 -22.09 107.67
N ALA H 123 -4.48 -20.94 107.98
CA ALA H 123 -4.86 -20.21 109.18
C ALA H 123 -6.30 -19.71 109.11
N ASP H 124 -6.64 -19.00 108.04
CA ASP H 124 -7.97 -18.39 107.94
C ASP H 124 -8.18 -17.94 106.50
N GLU H 125 -9.46 -17.76 106.15
CA GLU H 125 -9.87 -17.53 104.76
C GLU H 125 -8.96 -16.54 104.06
N ALA H 126 -8.39 -15.59 104.79
CA ALA H 126 -7.36 -14.73 104.20
C ALA H 126 -6.06 -15.50 104.02
N THR H 127 -5.50 -16.00 105.13
CA THR H 127 -4.30 -16.81 105.02
C THR H 127 -4.59 -18.11 104.30
N ARG H 128 -5.78 -18.67 104.51
CA ARG H 128 -6.19 -19.84 103.74
C ARG H 128 -6.26 -19.52 102.27
N ALA H 129 -6.73 -18.32 101.92
CA ALA H 129 -6.77 -17.92 100.52
C ALA H 129 -5.36 -17.74 99.99
N GLU H 130 -4.46 -17.23 100.82
CA GLU H 130 -3.07 -17.14 100.44
C GLU H 130 -2.51 -18.51 100.13
N ILE H 131 -2.72 -19.45 101.06
CA ILE H 131 -2.26 -20.82 100.84
C ILE H 131 -2.98 -21.43 99.67
N GLN H 132 -4.20 -20.97 99.38
CA GLN H 132 -4.96 -21.52 98.27
C GLN H 132 -4.37 -21.05 96.96
N ILE H 133 -4.05 -19.78 96.88
CA ILE H 133 -3.29 -19.27 95.76
C ILE H 133 -1.99 -20.03 95.63
N ARG H 134 -1.35 -20.32 96.76
CA ARG H 134 -0.12 -21.08 96.74
C ARG H 134 -0.35 -22.48 96.17
N ILE H 135 -1.44 -23.10 96.57
CA ILE H 135 -1.76 -24.44 96.09
C ILE H 135 -1.99 -24.40 94.59
N GLU H 136 -2.82 -23.47 94.14
CA GLU H 136 -3.06 -23.32 92.72
C GLU H 136 -1.76 -23.03 91.98
N ALA H 137 -0.88 -22.26 92.61
CA ALA H 137 0.33 -21.83 91.93
C ALA H 137 1.31 -22.99 91.77
N ASN H 138 1.67 -23.64 92.87
CA ASN H 138 2.53 -24.80 92.76
C ASN H 138 1.84 -25.90 91.97
N GLU H 139 0.51 -25.88 91.92
CA GLU H 139 -0.21 -26.81 91.06
C GLU H 139 0.10 -26.52 89.60
N ALA H 140 0.06 -25.25 89.23
CA ALA H 140 0.49 -24.86 87.91
C ALA H 140 1.95 -25.18 87.71
N LEU H 141 2.74 -25.10 88.78
CA LEU H 141 4.15 -25.43 88.70
C LEU H 141 4.31 -26.89 88.28
N VAL H 142 3.62 -27.79 88.98
CA VAL H 142 3.66 -29.20 88.65
C VAL H 142 3.09 -29.43 87.26
N LYS H 143 2.00 -28.74 86.93
CA LYS H 143 1.34 -28.91 85.65
C LYS H 143 2.22 -28.51 84.49
N ALA H 144 2.93 -27.40 84.58
CA ALA H 144 3.96 -27.08 83.61
C ALA H 144 5.07 -28.10 83.63
N LEU H 145 5.49 -28.52 84.83
CA LEU H 145 6.36 -29.68 84.94
C LEU H 145 5.66 -30.91 84.39
N GLU H 146 4.35 -31.00 84.58
CA GLU H 146 3.57 -32.07 83.96
C GLU H 146 3.41 -31.76 82.48
N VAL I 1 -15.95 -13.77 90.81
CA VAL I 1 -14.92 -13.42 91.77
C VAL I 1 -13.87 -14.51 91.83
N ALA I 2 -12.95 -14.39 92.78
CA ALA I 2 -11.87 -15.35 92.93
C ALA I 2 -11.94 -15.90 94.34
N TYR I 3 -11.44 -17.12 94.52
CA TYR I 3 -11.19 -17.58 95.89
C TYR I 3 -10.58 -16.46 96.71
N TRP I 4 -9.70 -15.68 96.11
CA TRP I 4 -9.38 -14.37 96.65
C TRP I 4 -10.59 -13.45 96.62
N ARG I 5 -11.08 -13.11 95.43
CA ARG I 5 -12.10 -12.07 95.31
C ARG I 5 -13.46 -12.49 95.83
N GLN I 6 -13.79 -13.78 95.77
CA GLN I 6 -14.98 -14.24 96.47
C GLN I 6 -14.86 -13.95 97.95
N ALA I 7 -13.69 -14.24 98.52
CA ALA I 7 -13.39 -13.75 99.86
C ALA I 7 -13.27 -12.24 99.88
N GLY I 8 -13.21 -11.61 98.71
CA GLY I 8 -12.95 -10.19 98.61
C GLY I 8 -11.52 -9.84 98.31
N LEU I 9 -10.60 -10.81 98.33
CA LEU I 9 -9.20 -10.49 98.21
C LEU I 9 -8.85 -10.04 96.79
N SER I 10 -7.92 -9.10 96.70
CA SER I 10 -7.64 -8.34 95.49
C SER I 10 -6.97 -9.22 94.46
N TYR I 11 -7.62 -9.31 93.29
CA TYR I 11 -6.92 -9.79 92.11
C TYR I 11 -5.60 -9.07 91.95
N ILE I 12 -5.52 -7.82 92.36
CA ILE I 12 -4.23 -7.15 92.47
C ILE I 12 -3.34 -7.86 93.46
N ARG I 13 -3.82 -8.00 94.70
CA ARG I 13 -3.06 -8.75 95.67
C ARG I 13 -2.87 -10.18 95.21
N TYR I 14 -3.82 -10.70 94.44
CA TYR I 14 -3.63 -12.01 93.86
C TYR I 14 -2.42 -12.03 92.96
N SER I 15 -2.26 -10.99 92.14
CA SER I 15 -1.08 -10.90 91.29
C SER I 15 0.17 -10.74 92.15
N GLN I 16 0.04 -10.05 93.28
CA GLN I 16 1.17 -9.91 94.18
C GLN I 16 1.65 -11.27 94.66
N ILE I 17 0.70 -12.08 95.11
CA ILE I 17 1.01 -13.44 95.51
C ILE I 17 1.58 -14.22 94.33
N CYS I 18 1.04 -13.98 93.14
CA CYS I 18 1.53 -14.67 91.95
C CYS I 18 3.00 -14.36 91.72
N ALA I 19 3.37 -13.10 91.89
CA ALA I 19 4.77 -12.72 91.78
C ALA I 19 5.60 -13.40 92.84
N LYS I 20 5.08 -13.47 94.06
CA LYS I 20 5.79 -14.21 95.11
C LYS I 20 6.04 -15.65 94.67
N ALA I 21 5.02 -16.28 94.11
CA ALA I 21 5.17 -17.64 93.62
C ALA I 21 6.20 -17.71 92.50
N VAL I 22 6.15 -16.74 91.59
CA VAL I 22 7.08 -16.73 90.48
C VAL I 22 8.51 -16.67 90.99
N ARG I 23 8.73 -15.81 91.98
CA ARG I 23 10.03 -15.79 92.65
C ARG I 23 10.33 -17.15 93.26
N ASP I 24 9.33 -17.77 93.88
CA ASP I 24 9.52 -19.10 94.43
C ASP I 24 9.96 -20.07 93.34
N ALA I 25 9.61 -19.80 92.09
CA ALA I 25 10.01 -20.59 90.95
C ALA I 25 11.16 -19.97 90.17
N LEU I 26 11.88 -19.05 90.79
CA LEU I 26 13.06 -18.47 90.17
C LEU I 26 14.16 -19.51 90.07
N LYS I 27 14.81 -19.52 88.90
CA LYS I 27 15.92 -20.44 88.68
C LYS I 27 17.13 -20.02 89.49
N THR I 28 18.05 -20.97 89.69
CA THR I 28 19.35 -20.60 90.20
C THR I 28 19.96 -19.49 89.36
N GLU I 29 19.81 -19.60 88.05
CA GLU I 29 20.15 -18.48 87.18
C GLU I 29 19.25 -17.28 87.47
N PHE I 30 17.98 -17.53 87.77
CA PHE I 30 17.00 -16.46 87.83
C PHE I 30 16.69 -15.97 89.23
N LYS I 31 17.20 -16.65 90.26
CA LYS I 31 16.87 -16.25 91.63
C LYS I 31 17.23 -14.78 91.87
N ALA I 32 18.44 -14.38 91.48
CA ALA I 32 18.85 -13.00 91.67
C ALA I 32 18.00 -12.03 90.87
N ASN I 33 17.76 -12.31 89.59
CA ASN I 33 16.89 -11.49 88.78
C ASN I 33 15.51 -11.35 89.39
N ALA I 34 15.05 -12.35 90.15
CA ALA I 34 13.83 -12.22 90.92
C ALA I 34 13.98 -11.29 92.11
N MET I 35 15.05 -11.43 92.89
CA MET I 35 15.34 -10.43 93.90
C MET I 35 15.57 -9.08 93.24
N LYS I 36 16.18 -9.08 92.07
CA LYS I 36 16.11 -7.90 91.24
C LYS I 36 14.64 -7.57 90.99
N THR I 37 14.31 -6.29 91.16
CA THR I 37 12.93 -5.84 91.19
C THR I 37 12.13 -6.60 92.24
N SER I 38 12.66 -6.68 93.44
CA SER I 38 11.90 -7.21 94.57
C SER I 38 11.54 -6.15 95.60
N GLY I 39 12.28 -5.04 95.65
CA GLY I 39 12.12 -4.10 96.75
C GLY I 39 10.84 -3.30 96.72
N SER I 40 10.64 -2.56 97.81
CA SER I 40 9.55 -1.61 97.98
C SER I 40 9.78 -0.82 99.26
N THR I 41 9.36 0.44 99.25
CA THR I 41 9.61 1.33 100.38
C THR I 41 8.54 2.36 100.63
N ILE I 42 7.63 2.59 99.69
CA ILE I 42 6.64 3.65 99.86
C ILE I 42 5.91 3.45 101.17
N LYS I 43 5.61 4.55 101.85
CA LYS I 43 4.79 4.53 103.06
C LYS I 43 3.87 5.74 103.04
N ILE I 44 2.58 5.46 103.18
CA ILE I 44 1.52 6.45 102.98
C ILE I 44 1.58 7.48 104.10
N VAL I 45 0.80 8.54 103.92
CA VAL I 45 0.72 9.63 104.87
C VAL I 45 -0.08 9.13 106.06
N LYS I 46 0.54 9.18 107.24
CA LYS I 46 -0.21 8.98 108.48
C LYS I 46 -0.13 10.23 109.35
N VAL I 47 -1.01 10.32 110.33
CA VAL I 47 -0.98 11.45 111.26
C VAL I 47 -0.74 10.94 112.68
N VAL J 8 48.71 24.18 96.87
CA VAL J 8 47.70 24.45 97.87
C VAL J 8 47.04 23.15 98.32
N ARG J 9 45.99 23.27 99.11
CA ARG J 9 45.22 22.12 99.58
C ARG J 9 43.79 22.58 99.84
N SER J 10 42.85 21.65 99.81
CA SER J 10 41.46 21.92 100.14
C SER J 10 41.10 21.23 101.45
N SER J 11 40.48 21.98 102.34
CA SER J 11 40.19 21.47 103.66
C SER J 11 39.01 20.50 103.60
N ALA J 12 38.82 19.74 104.67
CA ALA J 12 37.67 18.88 104.83
C ALA J 12 36.57 19.69 105.51
N GLY J 13 35.46 19.88 104.80
CA GLY J 13 34.56 20.93 105.21
C GLY J 13 35.12 22.30 104.89
N ALA J 14 36.00 22.38 103.89
CA ALA J 14 36.63 23.63 103.51
C ALA J 14 35.63 24.75 103.31
N VAL J 15 34.50 24.49 102.66
CA VAL J 15 33.46 25.49 102.58
C VAL J 15 32.87 25.75 103.96
N ARG J 16 32.52 24.68 104.67
CA ARG J 16 32.02 24.84 106.02
C ARG J 16 33.05 25.53 106.89
N ASP J 17 34.32 25.20 106.69
CA ASP J 17 35.38 25.94 107.34
C ASP J 17 35.24 27.43 107.04
N ALA J 18 35.12 27.77 105.76
CA ALA J 18 34.77 29.12 105.38
C ALA J 18 33.38 29.47 105.92
N GLY J 19 32.44 28.54 105.81
CA GLY J 19 31.12 28.74 106.39
C GLY J 19 30.33 29.89 105.83
N GLY J 20 30.36 30.12 104.52
CA GLY J 20 29.62 31.22 103.97
C GLY J 20 28.12 30.97 103.98
N ALA J 21 27.41 31.59 103.03
CA ALA J 21 26.01 31.26 102.86
C ALA J 21 25.84 29.76 102.67
N PHE J 22 26.78 29.14 101.97
CA PHE J 22 26.81 27.68 101.94
C PHE J 22 27.02 27.12 103.34
N GLY J 23 27.97 27.68 104.08
CA GLY J 23 28.16 27.23 105.45
C GLY J 23 26.98 27.57 106.33
N LYS J 24 26.35 28.71 106.07
CA LYS J 24 25.12 29.04 106.79
C LYS J 24 24.07 27.98 106.55
N ARG J 25 23.93 27.55 105.29
CA ARG J 25 23.02 26.46 104.97
C ARG J 25 23.45 25.18 105.67
N GLU J 26 24.75 24.94 105.76
CA GLU J 26 25.24 23.77 106.48
C GLU J 26 24.74 23.79 107.92
N GLN J 27 24.91 24.94 108.56
CA GLN J 27 24.45 25.07 109.94
C GLN J 27 22.95 24.88 110.04
N ALA J 28 22.20 25.49 109.13
CA ALA J 28 20.74 25.45 109.21
C ALA J 28 20.21 24.05 108.95
N GLU J 29 20.81 23.34 107.99
CA GLU J 29 20.38 21.98 107.70
C GLU J 29 20.81 21.04 108.82
N GLU J 30 21.97 21.30 109.43
CA GLU J 30 22.31 20.59 110.64
C GLU J 30 21.22 20.79 111.68
N GLU J 31 20.76 22.03 111.83
CA GLU J 31 19.66 22.31 112.73
C GLU J 31 18.44 21.47 112.38
N ARG J 32 18.02 21.50 111.11
CA ARG J 32 16.80 20.82 110.73
C ARG J 32 16.92 19.31 110.95
N TYR J 33 17.96 18.70 110.41
CA TYR J 33 18.08 17.24 110.47
C TYR J 33 18.37 16.75 111.87
N PHE J 34 19.34 17.39 112.54
CA PHE J 34 19.64 17.05 113.92
C PHE J 34 18.46 17.30 114.84
N ARG J 35 17.60 18.28 114.52
CA ARG J 35 16.41 18.49 115.33
C ARG J 35 15.38 17.41 115.08
N ALA J 36 15.27 16.95 113.83
CA ALA J 36 14.43 15.81 113.55
C ALA J 36 14.88 14.60 114.35
N ARG J 37 16.17 14.31 114.29
CA ARG J 37 16.72 13.19 115.05
C ARG J 37 16.60 13.43 116.55
N ALA J 38 16.63 14.69 116.98
CA ALA J 38 16.52 15.00 118.39
C ALA J 38 15.11 14.75 118.90
N LYS J 39 14.11 15.19 118.13
CA LYS J 39 12.74 14.84 118.44
C LYS J 39 12.56 13.33 118.45
N GLU J 40 13.24 12.65 117.54
CA GLU J 40 13.19 11.19 117.53
C GLU J 40 13.74 10.61 118.83
N GLN J 41 14.95 11.03 119.21
CA GLN J 41 15.57 10.51 120.42
C GLN J 41 14.76 10.87 121.65
N LEU J 42 14.21 12.08 121.69
CA LEU J 42 13.41 12.52 122.82
C LEU J 42 12.12 11.73 122.93
N ALA J 43 11.45 11.48 121.80
CA ALA J 43 10.25 10.68 121.82
C ALA J 43 10.56 9.25 122.26
N ALA J 44 11.67 8.71 121.77
CA ALA J 44 12.08 7.36 122.17
C ALA J 44 12.33 7.33 123.67
N LEU J 45 12.97 8.35 124.21
CA LEU J 45 13.22 8.41 125.64
C LEU J 45 11.92 8.54 126.42
N LYS J 46 10.96 9.31 125.91
CA LYS J 46 9.66 9.39 126.57
C LYS J 46 9.00 8.03 126.59
N LYS J 47 9.11 7.30 125.48
CA LYS J 47 8.58 5.95 125.43
C LYS J 47 9.29 5.04 126.42
N HIS J 48 10.60 5.18 126.53
CA HIS J 48 11.35 4.34 127.46
C HIS J 48 10.98 4.68 128.90
N HIS J 49 10.78 5.95 129.19
CA HIS J 49 10.31 6.35 130.51
C HIS J 49 8.93 5.78 130.79
N GLU J 50 8.06 5.81 129.78
CA GLU J 50 6.74 5.21 129.90
C GLU J 50 6.86 3.72 130.20
N ASN J 51 7.77 3.05 129.51
CA ASN J 51 8.03 1.63 129.75
C ASN J 51 8.54 1.36 131.15
N GLU J 52 9.50 2.15 131.64
CA GLU J 52 10.03 1.99 132.98
C GLU J 52 9.05 2.40 134.07
N ILE J 53 7.99 3.14 133.72
CA ILE J 53 7.00 3.53 134.70
C ILE J 53 6.33 2.31 135.31
N SER J 54 5.96 1.34 134.48
CA SER J 54 5.34 0.13 134.99
C SER J 54 6.39 -0.79 135.62
N ASP K 1 -62.41 -47.86 54.29
CA ASP K 1 -61.38 -48.50 53.49
C ASP K 1 -60.06 -48.61 54.25
N ILE K 2 -59.60 -49.84 54.49
CA ILE K 2 -58.50 -50.05 55.44
C ILE K 2 -57.22 -49.40 54.97
N ASP K 3 -56.77 -49.72 53.75
CA ASP K 3 -55.50 -49.19 53.27
C ASP K 3 -55.52 -47.68 53.23
N THR K 4 -56.54 -47.10 52.62
CA THR K 4 -56.66 -45.66 52.54
C THR K 4 -56.80 -45.00 53.89
N ALA K 5 -57.61 -45.55 54.80
CA ALA K 5 -57.81 -44.94 56.11
C ALA K 5 -56.56 -44.97 56.96
N ALA K 6 -55.83 -46.09 56.98
CA ALA K 6 -54.58 -46.11 57.73
C ALA K 6 -53.51 -45.31 57.01
N LYS K 7 -53.65 -45.14 55.69
CA LYS K 7 -52.77 -44.22 54.99
C LYS K 7 -52.90 -42.83 55.58
N PHE K 8 -54.13 -42.34 55.68
CA PHE K 8 -54.38 -41.03 56.27
C PHE K 8 -53.99 -41.00 57.74
N ILE K 9 -54.29 -42.07 58.48
CA ILE K 9 -54.00 -42.09 59.91
C ILE K 9 -52.49 -42.02 60.16
N GLY K 10 -51.72 -42.90 59.51
CA GLY K 10 -50.28 -42.89 59.70
C GLY K 10 -49.62 -41.66 59.13
N ALA K 11 -50.21 -41.08 58.09
CA ALA K 11 -49.73 -39.80 57.60
C ALA K 11 -49.89 -38.73 58.67
N GLY K 12 -51.02 -38.76 59.38
CA GLY K 12 -51.19 -37.86 60.51
C GLY K 12 -50.21 -38.16 61.62
N ALA K 13 -49.54 -39.31 61.55
CA ALA K 13 -48.59 -39.75 62.57
C ALA K 13 -47.14 -39.51 62.17
N ALA K 14 -46.90 -38.81 61.06
CA ALA K 14 -45.55 -38.49 60.65
C ALA K 14 -45.37 -37.04 60.26
N THR K 15 -46.45 -36.29 60.10
CA THR K 15 -46.40 -34.90 59.65
C THR K 15 -45.89 -33.94 60.71
N VAL K 16 -45.96 -34.32 61.99
CA VAL K 16 -45.51 -33.42 63.05
C VAL K 16 -43.99 -33.30 63.04
N GLY K 17 -43.31 -34.15 62.28
CA GLY K 17 -41.85 -34.18 62.29
C GLY K 17 -41.21 -32.87 61.88
N VAL K 18 -41.94 -32.00 61.19
CA VAL K 18 -41.39 -30.69 60.87
C VAL K 18 -41.10 -29.90 62.13
N ALA K 19 -41.77 -30.22 63.24
CA ALA K 19 -41.60 -29.47 64.48
C ALA K 19 -40.18 -29.58 65.01
N GLY K 20 -39.60 -30.78 64.96
CA GLY K 20 -38.25 -30.96 65.45
C GLY K 20 -37.25 -30.18 64.62
N SER K 21 -37.41 -30.26 63.30
CA SER K 21 -36.54 -29.48 62.42
C SER K 21 -36.67 -28.00 62.70
N GLY K 22 -37.89 -27.52 62.91
CA GLY K 22 -38.12 -26.12 63.21
C GLY K 22 -37.52 -25.70 64.53
N ALA K 23 -37.57 -26.59 65.52
CA ALA K 23 -36.93 -26.30 66.80
C ALA K 23 -35.43 -26.17 66.64
N GLY K 24 -34.83 -27.09 65.88
CA GLY K 24 -33.41 -26.96 65.59
C GLY K 24 -33.11 -25.67 64.87
N ILE K 25 -34.02 -25.24 63.99
CA ILE K 25 -33.87 -23.98 63.30
C ILE K 25 -33.88 -22.82 64.29
N GLY K 26 -34.79 -22.88 65.26
CA GLY K 26 -34.86 -21.87 66.28
C GLY K 26 -33.54 -21.80 67.00
N THR K 27 -32.96 -22.97 67.24
CA THR K 27 -31.65 -23.04 67.87
C THR K 27 -30.58 -22.37 67.02
N VAL K 28 -30.56 -22.69 65.72
CA VAL K 28 -29.57 -22.11 64.83
C VAL K 28 -29.69 -20.60 64.85
N PHE K 29 -30.90 -20.09 64.68
CA PHE K 29 -31.16 -18.67 64.66
C PHE K 29 -30.80 -17.99 65.97
N GLY K 30 -31.16 -18.59 67.10
CA GLY K 30 -30.85 -17.99 68.38
C GLY K 30 -29.36 -17.89 68.59
N SER K 31 -28.63 -18.95 68.24
CA SER K 31 -27.19 -18.95 68.50
C SER K 31 -26.47 -18.00 67.56
N LEU K 32 -26.96 -17.86 66.33
CA LEU K 32 -26.39 -16.85 65.44
C LEU K 32 -26.54 -15.47 66.04
N ILE K 33 -27.75 -15.14 66.49
CA ILE K 33 -27.99 -13.83 67.10
C ILE K 33 -27.13 -13.68 68.35
N ILE K 34 -26.95 -14.79 69.07
CA ILE K 34 -26.12 -14.73 70.28
C ILE K 34 -24.70 -14.37 69.90
N GLY K 35 -24.17 -15.02 68.86
CA GLY K 35 -22.85 -14.68 68.39
C GLY K 35 -22.76 -13.23 67.95
N TYR K 36 -23.82 -12.71 67.36
CA TYR K 36 -23.86 -11.29 67.05
C TYR K 36 -23.81 -10.42 68.30
N ALA K 37 -24.57 -10.77 69.33
CA ALA K 37 -24.45 -10.07 70.59
C ALA K 37 -23.03 -10.17 71.11
N ARG K 38 -22.32 -11.22 70.71
CA ARG K 38 -20.88 -11.21 70.88
C ARG K 38 -20.22 -10.42 69.76
N ASN K 39 -20.34 -10.88 68.53
CA ASN K 39 -19.61 -10.31 67.40
C ASN K 39 -20.57 -9.98 66.27
N PRO K 40 -21.32 -8.88 66.40
CA PRO K 40 -22.26 -8.51 65.33
C PRO K 40 -21.57 -8.13 64.05
N SER K 41 -20.25 -7.95 64.07
CA SER K 41 -19.54 -7.56 62.85
C SER K 41 -19.66 -8.61 61.78
N LEU K 42 -19.50 -9.87 62.13
CA LEU K 42 -19.43 -10.94 61.13
C LEU K 42 -20.78 -11.24 60.47
N M3L K 43 -21.71 -10.29 60.57
CA M3L K 43 -23.08 -10.47 60.14
CB M3L K 43 -23.77 -9.09 60.06
C M3L K 43 -23.33 -11.15 58.80
O M3L K 43 -24.22 -11.98 58.62
N GLN K 44 -22.51 -10.79 57.82
CA GLN K 44 -22.66 -11.31 56.47
C GLN K 44 -22.49 -12.81 56.42
N GLN K 45 -21.24 -13.26 56.62
CA GLN K 45 -20.98 -14.69 56.69
C GLN K 45 -21.84 -15.34 57.75
N LEU K 46 -22.16 -14.60 58.81
CA LEU K 46 -23.18 -15.08 59.73
C LEU K 46 -24.49 -15.31 59.02
N PHE K 47 -24.96 -14.32 58.27
CA PHE K 47 -26.21 -14.49 57.53
C PHE K 47 -26.05 -15.57 56.48
N SER K 48 -24.85 -15.68 55.91
CA SER K 48 -24.57 -16.78 55.00
C SER K 48 -24.84 -18.11 55.65
N TYR K 49 -24.26 -18.34 56.81
CA TYR K 49 -24.52 -19.53 57.60
C TYR K 49 -26.01 -19.66 57.93
N ALA K 50 -26.66 -18.52 58.18
CA ALA K 50 -28.07 -18.51 58.55
C ALA K 50 -28.91 -19.12 57.45
N ILE K 51 -28.63 -18.72 56.21
CA ILE K 51 -29.39 -19.23 55.08
C ILE K 51 -29.21 -20.75 54.99
N LEU K 52 -27.97 -21.20 55.13
CA LEU K 52 -27.66 -22.61 55.02
C LEU K 52 -28.41 -23.39 56.07
N GLY K 53 -28.42 -22.85 57.28
CA GLY K 53 -29.13 -23.49 58.37
C GLY K 53 -30.61 -23.55 58.09
N PHE K 54 -31.14 -22.47 57.52
CA PHE K 54 -32.55 -22.43 57.18
C PHE K 54 -32.85 -23.58 56.24
N ALA K 55 -31.99 -23.74 55.24
CA ALA K 55 -32.17 -24.83 54.28
C ALA K 55 -32.10 -26.18 54.97
N LEU K 56 -31.10 -26.37 55.82
CA LEU K 56 -30.91 -27.66 56.46
C LEU K 56 -32.11 -28.04 57.31
N SER K 57 -32.58 -27.10 58.13
CA SER K 57 -33.74 -27.38 58.97
C SER K 57 -34.99 -27.56 58.12
N GLU K 58 -35.04 -26.88 56.98
CA GLU K 58 -36.17 -27.02 56.07
C GLU K 58 -36.25 -28.44 55.54
N ALA K 59 -35.08 -29.05 55.30
CA ALA K 59 -35.02 -30.35 54.66
C ALA K 59 -35.86 -31.42 55.36
N MET K 60 -35.80 -31.49 56.69
CA MET K 60 -36.48 -32.57 57.41
C MET K 60 -38.00 -32.44 57.30
N GLY K 61 -38.51 -31.24 57.55
CA GLY K 61 -39.92 -30.99 57.40
C GLY K 61 -40.35 -31.22 55.97
N LEU K 62 -39.46 -30.92 55.02
CA LEU K 62 -39.77 -31.17 53.63
C LEU K 62 -39.95 -32.66 53.37
N PHE K 63 -39.09 -33.49 53.93
CA PHE K 63 -39.22 -34.93 53.77
C PHE K 63 -40.53 -35.41 54.37
N CYS K 64 -40.85 -34.90 55.56
CA CYS K 64 -42.11 -35.26 56.20
C CYS K 64 -43.30 -34.89 55.33
N LEU K 65 -43.29 -33.67 54.77
CA LEU K 65 -44.39 -33.22 53.94
C LEU K 65 -44.47 -34.00 52.64
N MET K 66 -43.32 -34.43 52.12
CA MET K 66 -43.29 -35.24 50.92
C MET K 66 -43.99 -36.57 51.18
N VAL K 67 -43.70 -37.17 52.33
CA VAL K 67 -44.38 -38.40 52.73
C VAL K 67 -45.87 -38.13 52.83
N ALA K 68 -46.25 -37.01 53.44
CA ALA K 68 -47.65 -36.65 53.57
C ALA K 68 -48.33 -36.58 52.21
N PHE K 69 -47.70 -35.88 51.28
CA PHE K 69 -48.27 -35.73 49.95
C PHE K 69 -48.43 -37.07 49.26
N LEU K 70 -47.39 -37.91 49.35
CA LEU K 70 -47.48 -39.25 48.77
C LEU K 70 -48.65 -40.01 49.36
N ILE K 71 -48.85 -39.89 50.67
CA ILE K 71 -49.99 -40.53 51.32
C ILE K 71 -51.29 -40.00 50.76
N LEU K 72 -51.40 -38.69 50.60
CA LEU K 72 -52.57 -38.09 49.99
C LEU K 72 -52.72 -38.50 48.53
N PHE K 73 -51.66 -39.02 47.92
CA PHE K 73 -51.70 -39.48 46.55
C PHE K 73 -51.65 -41.00 46.50
N ALA K 74 -51.59 -41.62 47.66
CA ALA K 74 -51.51 -43.07 47.75
C ALA K 74 -51.84 -43.54 49.16
N ASP L 1 -66.82 -44.46 61.19
CA ASP L 1 -66.24 -45.41 60.26
C ASP L 1 -64.74 -45.29 60.19
N ILE L 2 -64.12 -46.07 59.31
CA ILE L 2 -62.66 -46.08 59.22
C ILE L 2 -62.15 -44.76 58.69
N ASP L 3 -62.51 -44.43 57.45
CA ASP L 3 -61.86 -43.38 56.68
C ASP L 3 -62.00 -42.00 57.30
N THR L 4 -62.96 -41.80 58.22
CA THR L 4 -63.16 -40.49 58.81
C THR L 4 -62.69 -40.38 60.25
N ALA L 5 -63.11 -41.29 61.12
CA ALA L 5 -62.62 -41.27 62.50
C ALA L 5 -61.12 -41.49 62.56
N ALA L 6 -60.59 -42.44 61.77
CA ALA L 6 -59.15 -42.59 61.69
C ALA L 6 -58.50 -41.32 61.16
N LYS L 7 -59.13 -40.70 60.15
CA LYS L 7 -58.66 -39.39 59.71
C LYS L 7 -58.79 -38.36 60.81
N PHE L 8 -59.85 -38.43 61.62
CA PHE L 8 -60.00 -37.51 62.74
C PHE L 8 -58.86 -37.69 63.74
N ILE L 9 -58.53 -38.95 64.04
CA ILE L 9 -57.45 -39.22 64.98
C ILE L 9 -56.12 -38.72 64.42
N GLY L 10 -55.86 -38.97 63.13
CA GLY L 10 -54.65 -38.45 62.52
C GLY L 10 -54.61 -36.94 62.55
N ALA L 11 -55.77 -36.30 62.36
CA ALA L 11 -55.85 -34.85 62.44
C ALA L 11 -55.42 -34.35 63.81
N GLY L 12 -55.96 -34.94 64.87
CA GLY L 12 -55.59 -34.52 66.21
C GLY L 12 -54.11 -34.74 66.49
N ALA L 13 -53.59 -35.91 66.08
CA ALA L 13 -52.18 -36.20 66.29
C ALA L 13 -51.27 -35.21 65.60
N ALA L 14 -51.57 -34.85 64.34
CA ALA L 14 -50.78 -33.85 63.64
C ALA L 14 -50.93 -32.46 64.26
N THR L 15 -52.13 -32.10 64.69
CA THR L 15 -52.36 -30.78 65.28
C THR L 15 -51.61 -30.60 66.58
N VAL L 16 -51.40 -31.67 67.34
CA VAL L 16 -50.64 -31.54 68.58
C VAL L 16 -49.16 -31.28 68.35
N GLY L 17 -48.70 -31.23 67.09
CA GLY L 17 -47.28 -31.25 66.82
C GLY L 17 -46.56 -29.92 66.96
N VAL L 18 -47.31 -28.84 67.25
CA VAL L 18 -46.70 -27.50 67.27
C VAL L 18 -45.71 -27.29 68.41
N ALA L 19 -45.56 -28.26 69.31
CA ALA L 19 -44.73 -28.04 70.49
C ALA L 19 -43.27 -27.84 70.12
N GLY L 20 -42.78 -28.57 69.12
CA GLY L 20 -41.40 -28.39 68.69
C GLY L 20 -41.12 -26.99 68.17
N SER L 21 -42.01 -26.49 67.30
CA SER L 21 -41.85 -25.13 66.80
C SER L 21 -41.93 -24.12 67.93
N GLY L 22 -42.86 -24.33 68.87
CA GLY L 22 -42.97 -23.41 69.99
C GLY L 22 -41.72 -23.40 70.84
N ALA L 23 -41.16 -24.58 71.10
CA ALA L 23 -39.93 -24.67 71.88
C ALA L 23 -38.78 -23.99 71.15
N GLY L 24 -38.67 -24.21 69.84
CA GLY L 24 -37.60 -23.55 69.09
C GLY L 24 -37.73 -22.05 69.11
N ILE L 25 -38.96 -21.54 68.99
CA ILE L 25 -39.18 -20.10 69.02
C ILE L 25 -38.81 -19.54 70.39
N GLY L 26 -39.24 -20.21 71.46
CA GLY L 26 -38.88 -19.77 72.79
C GLY L 26 -37.38 -19.79 73.00
N THR L 27 -36.71 -20.79 72.42
CA THR L 27 -35.26 -20.85 72.49
C THR L 27 -34.62 -19.65 71.79
N VAL L 28 -35.12 -19.32 70.61
CA VAL L 28 -34.62 -18.15 69.91
C VAL L 28 -34.83 -16.91 70.75
N PHE L 29 -36.01 -16.79 71.36
CA PHE L 29 -36.32 -15.63 72.18
C PHE L 29 -35.40 -15.53 73.39
N GLY L 30 -35.14 -16.65 74.06
CA GLY L 30 -34.25 -16.61 75.21
C GLY L 30 -32.82 -16.29 74.80
N SER L 31 -32.40 -16.81 73.65
CA SER L 31 -31.10 -16.42 73.12
C SER L 31 -31.05 -14.92 72.86
N LEU L 32 -32.14 -14.36 72.34
CA LEU L 32 -32.20 -12.93 72.15
C LEU L 32 -32.08 -12.20 73.47
N ILE L 33 -32.77 -12.69 74.50
CA ILE L 33 -32.71 -12.05 75.81
C ILE L 33 -31.29 -12.06 76.35
N ILE L 34 -30.64 -13.22 76.26
CA ILE L 34 -29.26 -13.33 76.74
C ILE L 34 -28.35 -12.42 75.93
N GLY L 35 -28.57 -12.35 74.62
CA GLY L 35 -27.76 -11.48 73.81
C GLY L 35 -27.92 -10.02 74.18
N TYR L 36 -29.15 -9.59 74.45
CA TYR L 36 -29.37 -8.24 74.94
C TYR L 36 -28.63 -8.04 76.25
N ALA L 37 -28.65 -9.03 77.13
CA ALA L 37 -27.80 -8.98 78.31
C ALA L 37 -26.35 -8.76 77.92
N ARG L 38 -25.93 -9.34 76.81
CA ARG L 38 -24.62 -9.03 76.26
C ARG L 38 -24.63 -7.75 75.42
N ASN L 39 -25.78 -7.35 74.88
CA ASN L 39 -25.80 -6.23 73.95
C ASN L 39 -27.22 -5.70 73.80
N PRO L 40 -27.72 -4.95 74.77
CA PRO L 40 -29.07 -4.38 74.64
C PRO L 40 -29.09 -3.25 73.63
N SER L 41 -27.90 -2.91 73.15
CA SER L 41 -27.77 -1.86 72.17
C SER L 41 -28.30 -2.25 70.79
N LEU L 42 -28.62 -3.51 70.58
CA LEU L 42 -29.02 -3.94 69.24
C LEU L 42 -30.53 -4.14 69.11
N M3L L 43 -31.33 -3.41 69.87
CA M3L L 43 -32.78 -3.57 69.83
CB M3L L 43 -33.47 -2.76 70.95
C M3L L 43 -33.42 -3.14 68.51
O M3L L 43 -34.52 -2.60 68.44
N GLN L 44 -32.70 -3.43 67.44
CA GLN L 44 -33.04 -2.91 66.12
C GLN L 44 -32.56 -3.98 65.16
N GLN L 45 -31.83 -4.93 65.74
CA GLN L 45 -31.45 -6.18 65.11
C GLN L 45 -31.98 -7.37 65.88
N LEU L 46 -32.09 -7.20 67.20
CA LEU L 46 -32.79 -8.19 68.02
C LEU L 46 -34.25 -8.30 67.57
N PHE L 47 -34.89 -7.17 67.32
CA PHE L 47 -36.26 -7.21 66.82
C PHE L 47 -36.31 -7.93 65.46
N SER L 48 -35.32 -7.66 64.61
CA SER L 48 -35.34 -8.23 63.26
C SER L 48 -35.18 -9.74 63.30
N TYR L 49 -34.07 -10.23 63.86
CA TYR L 49 -33.87 -11.67 63.96
C TYR L 49 -34.98 -12.32 64.78
N ALA L 50 -35.56 -11.55 65.71
CA ALA L 50 -36.67 -12.05 66.52
C ALA L 50 -37.88 -12.36 65.64
N ILE L 51 -38.26 -11.42 64.80
CA ILE L 51 -39.38 -11.62 63.89
C ILE L 51 -39.06 -12.78 62.97
N LEU L 52 -37.80 -12.86 62.54
CA LEU L 52 -37.38 -13.93 61.63
C LEU L 52 -37.61 -15.30 62.27
N GLY L 53 -37.09 -15.49 63.48
CA GLY L 53 -37.26 -16.78 64.14
C GLY L 53 -38.71 -17.07 64.48
N PHE L 54 -39.46 -16.04 64.88
CA PHE L 54 -40.88 -16.22 65.17
C PHE L 54 -41.60 -16.73 63.93
N ALA L 55 -41.30 -16.13 62.79
CA ALA L 55 -41.91 -16.55 61.53
C ALA L 55 -41.46 -17.96 61.16
N LEU L 56 -40.20 -18.29 61.44
CA LEU L 56 -39.72 -19.63 61.13
C LEU L 56 -40.53 -20.67 61.90
N SER L 57 -40.65 -20.48 63.22
CA SER L 57 -41.47 -21.38 64.02
C SER L 57 -42.92 -21.34 63.55
N GLU L 58 -43.37 -20.19 63.07
CA GLU L 58 -44.71 -20.09 62.53
C GLU L 58 -44.91 -21.03 61.36
N ALA L 59 -43.99 -21.01 60.40
CA ALA L 59 -44.11 -21.91 59.24
C ALA L 59 -44.03 -23.35 59.68
N MET L 60 -43.10 -23.65 60.60
CA MET L 60 -42.98 -25.01 61.09
C MET L 60 -44.28 -25.51 61.68
N GLY L 61 -44.90 -24.75 62.59
CA GLY L 61 -46.17 -25.17 63.16
C GLY L 61 -47.29 -25.17 62.14
N LEU L 62 -47.26 -24.21 61.21
CA LEU L 62 -48.31 -24.08 60.22
C LEU L 62 -48.36 -25.28 59.29
N PHE L 63 -47.23 -25.94 59.05
CA PHE L 63 -47.28 -27.16 58.23
C PHE L 63 -48.22 -28.20 58.84
N CYS L 64 -48.02 -28.52 60.12
CA CYS L 64 -48.89 -29.48 60.79
C CYS L 64 -50.30 -28.93 60.94
N LEU L 65 -50.41 -27.61 61.16
CA LEU L 65 -51.73 -27.00 61.25
C LEU L 65 -52.52 -27.21 59.96
N MET L 66 -51.86 -27.05 58.82
CA MET L 66 -52.52 -27.27 57.53
C MET L 66 -52.89 -28.73 57.34
N VAL L 67 -51.99 -29.64 57.67
CA VAL L 67 -52.32 -31.06 57.58
C VAL L 67 -53.57 -31.34 58.40
N ALA L 68 -53.61 -30.83 59.63
CA ALA L 68 -54.73 -31.08 60.51
C ALA L 68 -56.02 -30.50 59.97
N PHE L 69 -55.99 -29.22 59.59
CA PHE L 69 -57.20 -28.56 59.09
C PHE L 69 -57.72 -29.22 57.83
N LEU L 70 -56.84 -29.62 56.92
CA LEU L 70 -57.28 -30.41 55.79
C LEU L 70 -57.94 -31.69 56.24
N ILE L 71 -57.34 -32.39 57.19
CA ILE L 71 -57.95 -33.61 57.71
C ILE L 71 -59.33 -33.29 58.30
N LEU L 72 -59.48 -32.08 58.84
CA LEU L 72 -60.74 -31.71 59.46
C LEU L 72 -61.88 -31.73 58.46
N PHE L 73 -61.70 -31.07 57.32
CA PHE L 73 -62.72 -31.02 56.30
C PHE L 73 -62.34 -31.86 55.08
N ALA L 74 -61.20 -31.55 54.47
CA ALA L 74 -60.82 -32.20 53.23
C ALA L 74 -60.05 -33.49 53.46
N MET L 75 -59.99 -33.96 54.70
CA MET L 75 -59.31 -35.21 55.04
C MET L 75 -57.85 -35.15 54.62
N ASP M 1 -68.64 -46.15 71.64
CA ASP M 1 -68.92 -46.03 70.20
C ASP M 1 -67.63 -45.78 69.44
N ILE M 2 -67.43 -46.54 68.36
CA ILE M 2 -66.21 -46.42 67.59
C ILE M 2 -65.99 -44.98 67.16
N ASP M 3 -67.04 -44.33 66.65
CA ASP M 3 -66.93 -42.92 66.33
C ASP M 3 -66.63 -42.09 67.57
N THR M 4 -67.39 -42.30 68.63
CA THR M 4 -67.19 -41.53 69.85
C THR M 4 -65.88 -41.89 70.53
N ALA M 5 -65.53 -43.17 70.57
CA ALA M 5 -64.26 -43.57 71.18
C ALA M 5 -63.09 -42.98 70.41
N ALA M 6 -63.20 -42.94 69.08
CA ALA M 6 -62.17 -42.32 68.26
C ALA M 6 -62.08 -40.82 68.53
N LYS M 7 -63.22 -40.16 68.67
CA LYS M 7 -63.20 -38.74 69.02
C LYS M 7 -62.46 -38.54 70.35
N PHE M 8 -62.81 -39.35 71.35
CA PHE M 8 -62.14 -39.24 72.65
C PHE M 8 -60.65 -39.52 72.53
N ILE M 9 -60.29 -40.57 71.78
CA ILE M 9 -58.89 -40.97 71.67
C ILE M 9 -58.09 -39.90 70.94
N GLY M 10 -58.63 -39.38 69.85
CA GLY M 10 -57.92 -38.33 69.12
C GLY M 10 -57.80 -37.05 69.93
N ALA M 11 -58.87 -36.66 70.60
CA ALA M 11 -58.81 -35.49 71.48
C ALA M 11 -57.72 -35.66 72.53
N GLY M 12 -57.64 -36.84 73.14
CA GLY M 12 -56.58 -37.08 74.10
C GLY M 12 -55.20 -37.01 73.49
N ALA M 13 -55.02 -37.62 72.32
CA ALA M 13 -53.73 -37.57 71.63
C ALA M 13 -53.29 -36.14 71.34
N ALA M 14 -54.22 -35.24 71.06
CA ALA M 14 -53.87 -33.86 70.74
C ALA M 14 -53.55 -33.02 71.97
N THR M 15 -53.76 -33.53 73.17
CA THR M 15 -53.66 -32.75 74.39
C THR M 15 -52.25 -32.71 74.97
N VAL M 16 -51.31 -33.48 74.40
CA VAL M 16 -50.01 -33.63 75.04
C VAL M 16 -48.99 -32.61 74.56
N GLY M 17 -49.43 -31.48 74.00
CA GLY M 17 -48.52 -30.53 73.38
C GLY M 17 -47.81 -29.57 74.32
N VAL M 18 -48.12 -29.57 75.62
CA VAL M 18 -47.52 -28.64 76.56
C VAL M 18 -46.05 -28.94 76.83
N ALA M 19 -45.56 -30.11 76.44
CA ALA M 19 -44.18 -30.48 76.71
C ALA M 19 -43.21 -29.46 76.12
N GLY M 20 -43.36 -29.14 74.84
CA GLY M 20 -42.55 -28.10 74.24
C GLY M 20 -42.77 -26.75 74.90
N SER M 21 -44.01 -26.49 75.34
CA SER M 21 -44.30 -25.24 76.03
C SER M 21 -43.54 -25.14 77.35
N GLY M 22 -43.63 -26.18 78.19
CA GLY M 22 -42.91 -26.16 79.45
C GLY M 22 -41.41 -26.11 79.25
N ALA M 23 -40.93 -26.83 78.22
CA ALA M 23 -39.50 -26.81 77.90
C ALA M 23 -39.05 -25.40 77.52
N GLY M 24 -39.84 -24.73 76.68
CA GLY M 24 -39.49 -23.38 76.29
C GLY M 24 -39.51 -22.42 77.46
N ILE M 25 -40.48 -22.58 78.36
CA ILE M 25 -40.54 -21.72 79.53
C ILE M 25 -39.31 -21.93 80.41
N GLY M 26 -38.93 -23.20 80.62
CA GLY M 26 -37.74 -23.46 81.42
C GLY M 26 -36.48 -22.90 80.80
N THR M 27 -36.33 -23.10 79.49
CA THR M 27 -35.18 -22.52 78.80
C THR M 27 -35.20 -21.01 78.88
N VAL M 28 -36.40 -20.41 78.90
CA VAL M 28 -36.50 -18.96 79.01
C VAL M 28 -36.01 -18.50 80.37
N PHE M 29 -36.46 -19.15 81.44
CA PHE M 29 -35.99 -18.80 82.76
C PHE M 29 -34.48 -18.97 82.86
N GLY M 30 -33.95 -20.05 82.29
CA GLY M 30 -32.51 -20.24 82.30
C GLY M 30 -31.76 -19.18 81.52
N SER M 31 -32.32 -18.76 80.37
CA SER M 31 -31.71 -17.69 79.60
C SER M 31 -31.68 -16.40 80.39
N LEU M 32 -32.76 -16.12 81.10
CA LEU M 32 -32.80 -14.97 82.00
C LEU M 32 -31.72 -15.09 83.08
N ILE M 33 -31.55 -16.31 83.60
CA ILE M 33 -30.54 -16.54 84.63
C ILE M 33 -29.16 -16.21 84.07
N ILE M 34 -28.88 -16.71 82.86
CA ILE M 34 -27.60 -16.46 82.22
C ILE M 34 -27.43 -14.96 81.97
N GLY M 35 -28.52 -14.30 81.58
CA GLY M 35 -28.48 -12.88 81.32
C GLY M 35 -28.10 -12.06 82.54
N TYR M 36 -28.73 -12.38 83.68
CA TYR M 36 -28.32 -11.73 84.92
C TYR M 36 -26.89 -12.09 85.29
N ALA M 37 -26.46 -13.31 84.98
CA ALA M 37 -25.06 -13.66 85.17
C ALA M 37 -24.16 -12.75 84.36
N ARG M 38 -24.63 -12.30 83.19
CA ARG M 38 -23.92 -11.28 82.45
C ARG M 38 -24.32 -9.87 82.89
N ASN M 39 -25.61 -9.59 82.97
CA ASN M 39 -26.13 -8.28 83.32
C ASN M 39 -27.17 -8.43 84.41
N PRO M 40 -26.74 -8.53 85.66
CA PRO M 40 -27.71 -8.66 86.76
C PRO M 40 -28.61 -7.45 86.90
N SER M 41 -28.23 -6.31 86.32
CA SER M 41 -29.04 -5.10 86.42
C SER M 41 -30.42 -5.31 85.81
N LEU M 42 -30.48 -5.99 84.67
CA LEU M 42 -31.73 -6.16 83.94
C LEU M 42 -32.78 -6.94 84.72
N M3L M 43 -34.02 -6.47 84.65
CA M3L M 43 -35.14 -7.12 85.31
CB M3L M 43 -35.04 -7.07 86.84
C M3L M 43 -36.45 -6.48 84.93
O M3L M 43 -37.49 -6.63 85.58
N GLN M 44 -36.42 -5.75 83.83
CA GLN M 44 -37.57 -4.99 83.39
C GLN M 44 -37.79 -5.19 81.90
N GLN M 45 -37.04 -4.47 81.06
CA GLN M 45 -37.01 -4.81 79.65
C GLN M 45 -36.63 -6.26 79.48
N LEU M 46 -35.73 -6.74 80.33
CA LEU M 46 -35.52 -8.17 80.47
C LEU M 46 -36.81 -8.86 80.87
N PHE M 47 -37.47 -8.36 81.90
CA PHE M 47 -38.76 -8.93 82.29
C PHE M 47 -39.77 -8.85 81.15
N SER M 48 -39.73 -7.75 80.40
CA SER M 48 -40.58 -7.62 79.22
C SER M 48 -40.34 -8.75 78.23
N TYR M 49 -39.09 -8.96 77.83
CA TYR M 49 -38.76 -10.02 76.88
C TYR M 49 -39.14 -11.40 77.42
N ALA M 50 -38.95 -11.60 78.72
CA ALA M 50 -39.34 -12.85 79.34
C ALA M 50 -40.84 -13.08 79.22
N ILE M 51 -41.62 -12.02 79.43
CA ILE M 51 -43.06 -12.13 79.27
C ILE M 51 -43.38 -12.62 77.86
N LEU M 52 -42.73 -12.05 76.85
CA LEU M 52 -43.03 -12.41 75.47
C LEU M 52 -42.66 -13.86 75.19
N GLY M 53 -41.46 -14.28 75.56
CA GLY M 53 -41.04 -15.65 75.28
C GLY M 53 -41.92 -16.67 75.99
N PHE M 54 -42.23 -16.40 77.26
CA PHE M 54 -43.09 -17.30 78.02
C PHE M 54 -44.47 -17.38 77.38
N ALA M 55 -45.00 -16.23 76.97
CA ALA M 55 -46.30 -16.23 76.30
C ALA M 55 -46.25 -17.05 75.02
N LEU M 56 -45.15 -16.98 74.28
CA LEU M 56 -45.03 -17.77 73.06
C LEU M 56 -45.08 -19.26 73.35
N SER M 57 -44.27 -19.72 74.31
CA SER M 57 -44.27 -21.14 74.63
C SER M 57 -45.64 -21.59 75.11
N GLU M 58 -46.24 -20.80 76.00
CA GLU M 58 -47.58 -21.12 76.50
C GLU M 58 -48.58 -21.16 75.37
N ALA M 59 -48.43 -20.26 74.40
CA ALA M 59 -49.33 -20.26 73.26
C ALA M 59 -49.20 -21.55 72.46
N MET M 60 -47.97 -22.03 72.30
CA MET M 60 -47.79 -23.30 71.61
C MET M 60 -48.52 -24.43 72.34
N GLY M 61 -48.27 -24.54 73.64
CA GLY M 61 -48.96 -25.57 74.42
C GLY M 61 -50.46 -25.43 74.33
N LEU M 62 -50.94 -24.19 74.40
CA LEU M 62 -52.37 -23.92 74.32
C LEU M 62 -52.94 -24.32 72.97
N PHE M 63 -52.21 -24.09 71.89
CA PHE M 63 -52.70 -24.47 70.58
C PHE M 63 -52.87 -25.98 70.47
N CYS M 64 -51.87 -26.74 70.92
CA CYS M 64 -52.01 -28.19 70.86
C CYS M 64 -53.18 -28.67 71.70
N LEU M 65 -53.23 -28.23 72.97
CA LEU M 65 -54.33 -28.67 73.84
C LEU M 65 -55.68 -28.14 73.36
N MET M 66 -55.68 -27.04 72.59
CA MET M 66 -56.94 -26.49 72.12
C MET M 66 -57.47 -27.30 70.94
N VAL M 67 -56.58 -27.76 70.08
CA VAL M 67 -56.99 -28.75 69.08
C VAL M 67 -57.57 -29.96 69.80
N ALA M 68 -56.93 -30.37 70.88
CA ALA M 68 -57.47 -31.45 71.70
C ALA M 68 -58.90 -31.14 72.14
N PHE M 69 -59.13 -29.97 72.71
CA PHE M 69 -60.46 -29.63 73.24
C PHE M 69 -61.48 -29.55 72.13
N LEU M 70 -61.08 -29.04 70.96
CA LEU M 70 -61.98 -29.00 69.82
C LEU M 70 -62.42 -30.40 69.43
N ILE M 71 -61.49 -31.34 69.41
CA ILE M 71 -61.87 -32.74 69.18
C ILE M 71 -62.73 -33.24 70.33
N LEU M 72 -62.46 -32.75 71.55
CA LEU M 72 -63.15 -33.20 72.75
C LEU M 72 -64.62 -32.86 72.72
N PHE M 73 -64.98 -31.67 72.24
CA PHE M 73 -66.38 -31.33 72.05
C PHE M 73 -66.89 -31.84 70.70
N ALA M 74 -66.20 -32.83 70.13
CA ALA M 74 -66.59 -33.40 68.85
C ALA M 74 -66.71 -34.91 68.94
N ASP N 1 -65.08 -52.24 76.65
CA ASP N 1 -64.75 -53.04 75.47
C ASP N 1 -63.98 -52.20 74.47
N ILE N 2 -64.55 -52.09 73.27
CA ILE N 2 -63.94 -51.28 72.23
C ILE N 2 -63.77 -49.85 72.70
N ASP N 3 -64.82 -49.27 73.28
CA ASP N 3 -64.71 -47.90 73.78
C ASP N 3 -63.70 -47.80 74.93
N THR N 4 -63.75 -48.74 75.86
CA THR N 4 -62.75 -48.78 76.93
C THR N 4 -61.36 -48.98 76.34
N ALA N 5 -61.26 -49.82 75.32
CA ALA N 5 -59.98 -50.04 74.65
C ALA N 5 -59.41 -48.74 74.09
N ALA N 6 -60.24 -47.98 73.38
CA ALA N 6 -59.77 -46.74 72.77
C ALA N 6 -59.39 -45.73 73.83
N LYS N 7 -60.23 -45.57 74.86
CA LYS N 7 -59.89 -44.66 75.95
C LYS N 7 -58.55 -45.03 76.55
N PHE N 8 -58.33 -46.33 76.81
CA PHE N 8 -57.10 -46.77 77.46
C PHE N 8 -55.88 -46.53 76.58
N ILE N 9 -55.94 -47.00 75.33
CA ILE N 9 -54.79 -46.88 74.45
C ILE N 9 -54.47 -45.41 74.20
N GLY N 10 -55.51 -44.61 73.92
CA GLY N 10 -55.28 -43.19 73.66
C GLY N 10 -54.76 -42.44 74.88
N ALA N 11 -55.26 -42.79 76.06
CA ALA N 11 -54.77 -42.17 77.27
C ALA N 11 -53.30 -42.50 77.49
N GLY N 12 -52.93 -43.77 77.30
CA GLY N 12 -51.53 -44.12 77.35
C GLY N 12 -50.69 -43.36 76.36
N ALA N 13 -51.17 -43.18 75.15
CA ALA N 13 -50.48 -42.34 74.18
C ALA N 13 -50.27 -40.93 74.71
N ALA N 14 -51.35 -40.29 75.16
CA ALA N 14 -51.24 -38.90 75.60
C ALA N 14 -50.40 -38.78 76.85
N THR N 15 -50.20 -39.88 77.56
CA THR N 15 -49.48 -39.85 78.82
C THR N 15 -48.03 -39.40 78.70
N VAL N 16 -47.46 -39.05 77.55
CA VAL N 16 -46.04 -38.72 77.51
C VAL N 16 -45.79 -37.21 77.55
N GLY N 17 -46.83 -36.39 77.69
CA GLY N 17 -46.64 -34.95 77.63
C GLY N 17 -45.83 -34.37 78.76
N VAL N 18 -45.53 -35.15 79.79
CA VAL N 18 -44.82 -34.65 80.96
C VAL N 18 -43.33 -34.58 80.68
N ALA N 19 -42.89 -35.19 79.58
CA ALA N 19 -41.46 -35.23 79.29
C ALA N 19 -40.88 -33.84 79.12
N GLY N 20 -41.56 -32.99 78.36
CA GLY N 20 -41.09 -31.63 78.17
C GLY N 20 -41.02 -30.86 79.48
N SER N 21 -41.94 -31.15 80.41
CA SER N 21 -41.88 -30.52 81.72
C SER N 21 -40.53 -30.74 82.39
N GLY N 22 -40.17 -32.00 82.65
CA GLY N 22 -38.93 -32.28 83.33
C GLY N 22 -37.72 -31.85 82.53
N ALA N 23 -37.77 -31.99 81.21
CA ALA N 23 -36.64 -31.57 80.41
C ALA N 23 -36.39 -30.07 80.55
N GLY N 24 -37.42 -29.26 80.35
CA GLY N 24 -37.25 -27.83 80.49
C GLY N 24 -36.89 -27.43 81.90
N ILE N 25 -37.39 -28.17 82.88
CA ILE N 25 -36.97 -27.91 84.26
C ILE N 25 -35.49 -28.13 84.41
N GLY N 26 -34.98 -29.25 83.88
CA GLY N 26 -33.55 -29.51 83.95
C GLY N 26 -32.77 -28.43 83.25
N THR N 27 -33.28 -27.94 82.12
CA THR N 27 -32.62 -26.86 81.41
C THR N 27 -32.55 -25.60 82.28
N VAL N 28 -33.68 -25.18 82.82
CA VAL N 28 -33.72 -23.97 83.65
C VAL N 28 -32.75 -24.11 84.81
N PHE N 29 -32.80 -25.24 85.49
CA PHE N 29 -31.93 -25.45 86.65
C PHE N 29 -30.47 -25.45 86.26
N GLY N 30 -30.10 -26.15 85.19
CA GLY N 30 -28.70 -26.20 84.82
C GLY N 30 -28.18 -24.85 84.39
N SER N 31 -29.01 -24.09 83.69
CA SER N 31 -28.61 -22.74 83.31
C SER N 31 -28.42 -21.86 84.54
N LEU N 32 -29.32 -22.00 85.51
CA LEU N 32 -29.14 -21.28 86.77
C LEU N 32 -27.84 -21.69 87.44
N ILE N 33 -27.53 -22.98 87.41
CA ILE N 33 -26.29 -23.47 88.02
C ILE N 33 -25.09 -22.83 87.34
N ILE N 34 -25.09 -22.81 86.02
CA ILE N 34 -23.99 -22.21 85.28
C ILE N 34 -23.86 -20.73 85.65
N GLY N 35 -24.99 -20.03 85.72
CA GLY N 35 -24.98 -18.65 86.16
C GLY N 35 -24.38 -18.47 87.53
N TYR N 36 -24.69 -19.33 88.48
CA TYR N 36 -24.04 -19.30 89.79
C TYR N 36 -22.54 -19.51 89.68
N ALA N 37 -22.12 -20.47 88.86
CA ALA N 37 -20.70 -20.61 88.58
C ALA N 37 -20.14 -19.37 87.90
N ARG N 38 -21.00 -18.56 87.29
CA ARG N 38 -20.64 -17.24 86.81
C ARG N 38 -21.07 -16.16 87.79
N ASN N 39 -21.91 -16.50 88.76
CA ASN N 39 -22.43 -15.52 89.70
C ASN N 39 -23.11 -16.20 90.87
N PRO N 40 -22.36 -16.70 91.84
CA PRO N 40 -22.98 -17.48 92.93
C PRO N 40 -23.91 -16.67 93.80
N SER N 41 -23.86 -15.34 93.76
CA SER N 41 -24.52 -14.53 94.75
C SER N 41 -25.91 -14.05 94.35
N LEU N 42 -26.35 -14.29 93.12
CA LEU N 42 -27.65 -13.76 92.71
C LEU N 42 -28.78 -14.71 93.09
N M3L N 43 -28.42 -15.80 93.75
CA M3L N 43 -29.39 -16.81 94.12
CB M3L N 43 -28.70 -18.07 94.65
C M3L N 43 -30.39 -16.39 95.18
O M3L N 43 -30.65 -17.06 96.18
N GLN N 44 -31.00 -15.23 94.95
CA GLN N 44 -32.01 -14.73 95.86
C GLN N 44 -33.10 -14.10 95.02
N GLN N 45 -32.78 -13.93 93.77
CA GLN N 45 -33.72 -13.67 92.69
C GLN N 45 -33.52 -14.71 91.61
N LEU N 46 -32.27 -15.13 91.38
CA LEU N 46 -32.04 -16.38 90.68
C LEU N 46 -32.76 -17.52 91.38
N PHE N 47 -32.84 -17.48 92.70
CA PHE N 47 -33.64 -18.46 93.42
C PHE N 47 -35.12 -18.28 93.14
N SER N 48 -35.63 -17.05 93.20
CA SER N 48 -37.05 -16.81 92.96
C SER N 48 -37.42 -17.14 91.52
N TYR N 49 -36.66 -16.60 90.57
CA TYR N 49 -36.90 -16.92 89.18
C TYR N 49 -36.70 -18.41 88.91
N ALA N 50 -35.81 -19.05 89.67
CA ALA N 50 -35.59 -20.48 89.51
C ALA N 50 -36.81 -21.28 89.91
N ILE N 51 -37.40 -20.93 91.06
CA ILE N 51 -38.62 -21.60 91.47
C ILE N 51 -39.74 -21.34 90.47
N LEU N 52 -39.85 -20.09 90.01
CA LEU N 52 -40.87 -19.77 89.02
C LEU N 52 -40.69 -20.61 87.76
N GLY N 53 -39.45 -20.71 87.28
CA GLY N 53 -39.19 -21.50 86.09
C GLY N 53 -39.44 -22.98 86.31
N PHE N 54 -39.17 -23.46 87.52
CA PHE N 54 -39.48 -24.85 87.83
C PHE N 54 -40.98 -25.11 87.67
N ALA N 55 -41.80 -24.22 88.25
CA ALA N 55 -43.24 -24.37 88.12
C ALA N 55 -43.66 -24.29 86.66
N LEU N 56 -43.11 -23.32 85.93
CA LEU N 56 -43.47 -23.14 84.53
C LEU N 56 -43.12 -24.34 83.67
N SER N 57 -41.95 -24.93 83.86
CA SER N 57 -41.61 -26.17 83.19
C SER N 57 -42.57 -27.29 83.58
N GLU N 58 -42.81 -27.50 84.88
CA GLU N 58 -43.69 -28.57 85.32
C GLU N 58 -45.10 -28.41 84.79
N ALA N 59 -45.46 -27.21 84.33
CA ALA N 59 -46.79 -27.00 83.76
C ALA N 59 -47.08 -27.96 82.61
N MET N 60 -46.05 -28.39 81.88
CA MET N 60 -46.27 -29.34 80.80
C MET N 60 -46.82 -30.65 81.32
N GLY N 61 -46.15 -31.24 82.32
CA GLY N 61 -46.66 -32.45 82.93
C GLY N 61 -47.99 -32.23 83.61
N LEU N 62 -48.19 -31.03 84.15
CA LEU N 62 -49.48 -30.69 84.73
C LEU N 62 -50.60 -30.80 83.71
N PHE N 63 -50.42 -30.19 82.54
CA PHE N 63 -51.43 -30.29 81.49
C PHE N 63 -51.61 -31.74 81.05
N CYS N 64 -50.51 -32.48 80.89
CA CYS N 64 -50.61 -33.87 80.46
C CYS N 64 -51.45 -34.69 81.43
N LEU N 65 -51.13 -34.60 82.72
CA LEU N 65 -51.85 -35.38 83.72
C LEU N 65 -53.29 -34.91 83.87
N MET N 66 -53.55 -33.60 83.78
CA MET N 66 -54.91 -33.11 83.87
C MET N 66 -55.75 -33.66 82.74
N VAL N 67 -55.20 -33.67 81.53
CA VAL N 67 -55.90 -34.24 80.39
C VAL N 67 -56.15 -35.72 80.61
N ALA N 68 -55.14 -36.42 81.13
CA ALA N 68 -55.30 -37.85 81.38
C ALA N 68 -56.44 -38.10 82.37
N PHE N 69 -56.48 -37.33 83.45
CA PHE N 69 -57.54 -37.47 84.44
C PHE N 69 -58.89 -37.13 83.83
N LEU N 70 -58.96 -36.09 83.01
CA LEU N 70 -60.21 -35.73 82.35
C LEU N 70 -60.70 -36.86 81.47
N ILE N 71 -59.80 -37.51 80.76
CA ILE N 71 -60.18 -38.66 79.93
C ILE N 71 -60.69 -39.80 80.80
N LEU N 72 -60.01 -40.06 81.92
CA LEU N 72 -60.34 -41.24 82.71
C LEU N 72 -61.64 -41.06 83.48
N PHE N 73 -61.71 -40.07 84.36
CA PHE N 73 -62.84 -39.90 85.25
C PHE N 73 -63.92 -39.00 84.66
N ALA N 74 -63.74 -38.55 83.43
CA ALA N 74 -64.74 -37.71 82.78
C ALA N 74 -64.72 -37.97 81.28
N ASP O 1 -56.86 -60.82 71.63
CA ASP O 1 -57.22 -60.37 72.97
C ASP O 1 -57.39 -58.87 72.98
N ILE O 2 -58.40 -58.39 72.26
CA ILE O 2 -58.55 -56.96 72.00
C ILE O 2 -58.63 -56.17 73.29
N ASP O 3 -59.16 -56.78 74.35
CA ASP O 3 -59.21 -56.08 75.64
C ASP O 3 -57.87 -56.16 76.36
N THR O 4 -57.27 -57.35 76.40
CA THR O 4 -55.89 -57.45 76.85
C THR O 4 -55.00 -56.63 75.93
N ALA O 5 -55.29 -56.67 74.62
CA ALA O 5 -54.59 -55.80 73.69
C ALA O 5 -54.78 -54.34 74.07
N ALA O 6 -55.94 -53.99 74.63
CA ALA O 6 -56.20 -52.60 75.02
C ALA O 6 -55.35 -52.20 76.21
N LYS O 7 -55.31 -53.03 77.23
CA LYS O 7 -54.48 -52.75 78.40
C LYS O 7 -53.02 -52.63 77.99
N PHE O 8 -52.51 -53.62 77.27
CA PHE O 8 -51.11 -53.57 76.83
C PHE O 8 -50.89 -52.46 75.83
N ILE O 9 -51.95 -52.03 75.13
CA ILE O 9 -51.82 -50.97 74.14
C ILE O 9 -51.64 -49.64 74.82
N GLY O 10 -52.46 -49.36 75.83
CA GLY O 10 -52.21 -48.20 76.66
C GLY O 10 -50.83 -48.27 77.30
N ALA O 11 -50.43 -49.47 77.72
CA ALA O 11 -49.12 -49.63 78.35
C ALA O 11 -47.99 -49.22 77.40
N GLY O 12 -47.99 -49.80 76.20
CA GLY O 12 -46.97 -49.43 75.23
C GLY O 12 -47.08 -47.99 74.80
N ALA O 13 -48.30 -47.45 74.76
CA ALA O 13 -48.50 -46.08 74.33
C ALA O 13 -47.97 -45.10 75.36
N ALA O 14 -47.88 -45.53 76.61
CA ALA O 14 -47.36 -44.64 77.65
C ALA O 14 -45.86 -44.81 77.87
N THR O 15 -45.34 -46.03 77.69
CA THR O 15 -44.03 -46.35 78.25
C THR O 15 -42.84 -45.79 77.45
N VAL O 16 -43.02 -44.73 76.67
CA VAL O 16 -41.85 -44.05 76.09
C VAL O 16 -41.61 -42.68 76.70
N GLY O 17 -42.49 -42.23 77.60
CA GLY O 17 -42.40 -40.86 78.09
C GLY O 17 -41.11 -40.57 78.81
N VAL O 18 -40.55 -41.56 79.50
CA VAL O 18 -39.30 -41.38 80.21
C VAL O 18 -38.14 -41.04 79.28
N ALA O 19 -38.35 -41.08 77.97
CA ALA O 19 -37.32 -40.65 77.04
C ALA O 19 -36.98 -39.19 77.26
N GLY O 20 -37.99 -38.33 77.30
CA GLY O 20 -37.74 -36.93 77.59
C GLY O 20 -37.18 -36.72 78.98
N SER O 21 -37.55 -37.62 79.91
CA SER O 21 -36.96 -37.56 81.25
C SER O 21 -35.46 -37.75 81.19
N GLY O 22 -35.01 -38.82 80.54
CA GLY O 22 -33.59 -39.04 80.36
C GLY O 22 -32.94 -37.90 79.60
N ALA O 23 -33.64 -37.35 78.62
CA ALA O 23 -33.09 -36.25 77.84
C ALA O 23 -32.85 -35.01 78.69
N GLY O 24 -33.87 -34.58 79.43
CA GLY O 24 -33.70 -33.42 80.30
C GLY O 24 -32.69 -33.66 81.39
N ILE O 25 -32.62 -34.92 81.85
CA ILE O 25 -31.59 -35.29 82.81
C ILE O 25 -30.21 -35.07 82.23
N GLY O 26 -29.99 -35.55 81.00
CA GLY O 26 -28.71 -35.33 80.36
C GLY O 26 -28.43 -33.85 80.15
N THR O 27 -29.48 -33.09 79.87
CA THR O 27 -29.32 -31.65 79.71
C THR O 27 -28.80 -31.00 80.98
N VAL O 28 -29.49 -31.26 82.10
CA VAL O 28 -29.06 -30.68 83.37
C VAL O 28 -27.66 -31.18 83.72
N PHE O 29 -27.38 -32.45 83.42
CA PHE O 29 -26.08 -33.05 83.67
C PHE O 29 -24.97 -32.36 82.91
N GLY O 30 -25.17 -32.05 81.64
CA GLY O 30 -24.21 -31.31 80.87
C GLY O 30 -24.05 -29.91 81.43
N SER O 31 -25.17 -29.31 81.85
CA SER O 31 -25.10 -27.98 82.43
C SER O 31 -24.26 -27.97 83.71
N LEU O 32 -24.25 -29.10 84.41
CA LEU O 32 -23.36 -29.23 85.56
C LEU O 32 -21.90 -29.14 85.14
N ILE O 33 -21.53 -29.87 84.08
CA ILE O 33 -20.16 -29.80 83.59
C ILE O 33 -19.84 -28.39 83.11
N ILE O 34 -20.86 -27.71 82.60
CA ILE O 34 -20.69 -26.32 82.19
C ILE O 34 -20.36 -25.45 83.39
N GLY O 35 -21.13 -25.63 84.48
CA GLY O 35 -20.82 -24.91 85.70
C GLY O 35 -19.42 -25.23 86.20
N TYR O 36 -19.00 -26.48 86.01
CA TYR O 36 -17.63 -26.86 86.36
C TYR O 36 -16.64 -26.06 85.52
N ALA O 37 -16.88 -25.97 84.21
CA ALA O 37 -16.00 -25.19 83.35
C ALA O 37 -15.95 -23.74 83.82
N ARG O 38 -17.07 -23.23 84.32
CA ARG O 38 -17.08 -21.85 84.79
C ARG O 38 -16.40 -21.70 86.14
N ASN O 39 -16.44 -22.73 86.98
CA ASN O 39 -15.92 -22.62 88.34
C ASN O 39 -15.76 -24.00 88.97
N PRO O 40 -14.86 -24.83 88.44
CA PRO O 40 -14.76 -26.21 88.94
C PRO O 40 -14.37 -26.31 90.38
N SER O 41 -13.72 -25.28 90.94
CA SER O 41 -13.34 -25.32 92.34
C SER O 41 -14.54 -25.57 93.25
N LEU O 42 -15.73 -25.14 92.85
CA LEU O 42 -16.89 -25.26 93.70
C LEU O 42 -17.65 -26.53 93.40
N M3L O 43 -17.00 -27.50 92.77
CA M3L O 43 -17.66 -28.70 92.32
CB M3L O 43 -16.66 -29.66 91.65
C M3L O 43 -18.39 -29.55 93.37
O M3L O 43 -18.28 -30.77 93.43
N GLN O 44 -19.18 -28.88 94.21
CA GLN O 44 -19.81 -29.61 95.30
C GLN O 44 -20.99 -28.84 95.86
N GLN O 45 -21.11 -27.57 95.49
CA GLN O 45 -22.38 -26.87 95.59
C GLN O 45 -23.29 -27.29 94.47
N LEU O 46 -22.70 -27.70 93.35
CA LEU O 46 -23.46 -28.34 92.28
C LEU O 46 -23.72 -29.81 92.61
N PHE O 47 -23.07 -30.36 93.63
CA PHE O 47 -23.24 -31.77 93.91
C PHE O 47 -24.67 -32.06 94.37
N SER O 48 -25.08 -31.46 95.49
CA SER O 48 -26.42 -31.70 96.02
C SER O 48 -27.49 -31.20 95.06
N TYR O 49 -27.23 -30.05 94.43
CA TYR O 49 -28.18 -29.53 93.46
C TYR O 49 -28.31 -30.45 92.25
N ALA O 50 -27.21 -31.11 91.87
CA ALA O 50 -27.26 -32.07 90.78
C ALA O 50 -28.10 -33.27 91.17
N ILE O 51 -27.95 -33.71 92.42
CA ILE O 51 -28.83 -34.74 92.94
C ILE O 51 -30.29 -34.30 92.83
N LEU O 52 -30.56 -33.04 93.20
CA LEU O 52 -31.92 -32.52 93.16
C LEU O 52 -32.46 -32.53 91.73
N GLY O 53 -31.66 -32.09 90.78
CA GLY O 53 -32.08 -32.12 89.40
C GLY O 53 -32.30 -33.53 88.91
N PHE O 54 -31.44 -34.47 89.31
CA PHE O 54 -31.61 -35.85 88.90
C PHE O 54 -32.93 -36.42 89.41
N ALA O 55 -33.26 -36.09 90.66
CA ALA O 55 -34.54 -36.53 91.20
C ALA O 55 -35.70 -35.88 90.46
N LEU O 56 -35.60 -34.57 90.23
CA LEU O 56 -36.60 -33.86 89.45
C LEU O 56 -36.79 -34.49 88.08
N SER O 57 -35.72 -35.00 87.48
CA SER O 57 -35.79 -35.67 86.19
C SER O 57 -36.37 -37.07 86.31
N GLU O 58 -36.11 -37.77 87.41
CA GLU O 58 -36.72 -39.07 87.60
C GLU O 58 -38.23 -38.96 87.82
N ALA O 59 -38.69 -37.78 88.28
CA ALA O 59 -40.08 -37.65 88.71
C ALA O 59 -41.08 -37.94 87.60
N MET O 60 -40.93 -37.29 86.45
CA MET O 60 -41.93 -37.44 85.40
C MET O 60 -41.91 -38.85 84.81
N GLY O 61 -40.71 -39.39 84.58
CA GLY O 61 -40.61 -40.76 84.15
C GLY O 61 -41.24 -41.73 85.14
N LEU O 62 -41.13 -41.41 86.42
CA LEU O 62 -41.81 -42.20 87.44
C LEU O 62 -43.32 -42.11 87.28
N PHE O 63 -43.84 -40.91 87.00
CA PHE O 63 -45.27 -40.78 86.76
C PHE O 63 -45.69 -41.65 85.58
N CYS O 64 -44.88 -41.66 84.52
CA CYS O 64 -45.17 -42.48 83.37
C CYS O 64 -45.18 -43.96 83.74
N LEU O 65 -44.18 -44.40 84.49
CA LEU O 65 -44.13 -45.81 84.89
C LEU O 65 -45.30 -46.17 85.79
N MET O 66 -45.75 -45.24 86.62
CA MET O 66 -46.92 -45.48 87.45
C MET O 66 -48.15 -45.67 86.59
N VAL O 67 -48.28 -44.86 85.55
CA VAL O 67 -49.36 -45.05 84.59
C VAL O 67 -49.25 -46.45 83.96
N ALA O 68 -48.03 -46.86 83.65
CA ALA O 68 -47.82 -48.19 83.06
C ALA O 68 -48.30 -49.28 84.01
N PHE O 69 -47.96 -49.15 85.30
CA PHE O 69 -48.39 -50.12 86.29
C PHE O 69 -49.91 -50.14 86.39
N LEU O 70 -50.53 -48.96 86.39
CA LEU O 70 -51.98 -48.90 86.48
C LEU O 70 -52.64 -49.57 85.29
N ILE O 71 -52.11 -49.37 84.09
CA ILE O 71 -52.71 -49.97 82.91
C ILE O 71 -52.49 -51.48 82.90
N LEU O 72 -51.28 -51.92 83.24
CA LEU O 72 -50.94 -53.33 83.09
C LEU O 72 -51.22 -54.12 84.37
N PHE O 73 -50.55 -53.76 85.46
CA PHE O 73 -50.70 -54.48 86.73
C PHE O 73 -52.15 -54.39 87.18
N ALA O 74 -52.70 -53.19 87.18
CA ALA O 74 -54.11 -52.99 87.47
C ALA O 74 -54.91 -52.95 86.18
N ASP P 1 -49.26 -64.38 67.95
CA ASP P 1 -50.70 -64.14 67.88
C ASP P 1 -50.98 -62.71 67.46
N ILE P 2 -52.19 -62.48 66.93
CA ILE P 2 -52.63 -61.12 66.65
C ILE P 2 -52.64 -60.31 67.93
N ASP P 3 -53.10 -60.90 69.04
CA ASP P 3 -52.94 -60.25 70.34
C ASP P 3 -51.47 -60.10 70.69
N THR P 4 -50.67 -61.15 70.45
CA THR P 4 -49.23 -61.06 70.71
C THR P 4 -48.59 -60.04 69.79
N ALA P 5 -49.03 -59.96 68.54
CA ALA P 5 -48.52 -58.94 67.64
C ALA P 5 -48.88 -57.53 68.11
N ALA P 6 -50.10 -57.36 68.62
CA ALA P 6 -50.52 -56.07 69.14
C ALA P 6 -49.68 -55.68 70.35
N LYS P 7 -49.42 -56.64 71.23
CA LYS P 7 -48.53 -56.40 72.36
C LYS P 7 -47.13 -56.06 71.87
N PHE P 8 -46.69 -56.71 70.78
CA PHE P 8 -45.39 -56.39 70.20
C PHE P 8 -45.37 -54.97 69.67
N ILE P 9 -46.46 -54.53 69.06
CA ILE P 9 -46.58 -53.15 68.59
C ILE P 9 -46.49 -52.18 69.76
N GLY P 10 -47.23 -52.48 70.83
CA GLY P 10 -47.15 -51.63 72.01
C GLY P 10 -45.74 -51.57 72.58
N ALA P 11 -45.07 -52.71 72.65
CA ALA P 11 -43.71 -52.75 73.19
C ALA P 11 -42.74 -51.97 72.33
N GLY P 12 -42.85 -52.12 71.00
CA GLY P 12 -41.98 -51.36 70.12
C GLY P 12 -42.17 -49.88 70.28
N ALA P 13 -43.41 -49.41 70.32
CA ALA P 13 -43.65 -48.00 70.55
C ALA P 13 -43.15 -47.56 71.91
N ALA P 14 -43.34 -48.36 72.95
CA ALA P 14 -42.89 -48.03 74.29
C ALA P 14 -41.38 -47.92 74.41
N THR P 15 -40.65 -48.94 73.98
CA THR P 15 -39.21 -48.90 73.99
C THR P 15 -38.63 -47.93 72.99
N VAL P 16 -39.45 -47.42 72.06
CA VAL P 16 -38.97 -46.42 71.11
C VAL P 16 -38.46 -45.17 71.80
N GLY P 17 -38.74 -45.02 73.09
CA GLY P 17 -38.29 -43.86 73.83
C GLY P 17 -36.86 -43.96 74.35
N VAL P 18 -35.91 -44.24 73.47
CA VAL P 18 -34.49 -44.24 73.84
C VAL P 18 -33.71 -43.09 73.20
N ALA P 19 -34.19 -42.56 72.07
CA ALA P 19 -33.41 -41.58 71.34
C ALA P 19 -33.34 -40.25 72.07
N GLY P 20 -34.36 -39.92 72.86
CA GLY P 20 -34.29 -38.71 73.67
C GLY P 20 -33.16 -38.76 74.67
N SER P 21 -33.04 -39.90 75.35
CA SER P 21 -31.88 -40.11 76.21
C SER P 21 -30.60 -40.08 75.40
N GLY P 22 -30.61 -40.67 74.20
CA GLY P 22 -29.43 -40.64 73.37
C GLY P 22 -28.98 -39.22 73.07
N ALA P 23 -29.93 -38.37 72.71
CA ALA P 23 -29.62 -36.97 72.38
C ALA P 23 -29.13 -36.21 73.60
N GLY P 24 -29.81 -36.37 74.73
CA GLY P 24 -29.35 -35.72 75.95
C GLY P 24 -27.93 -36.14 76.31
N ILE P 25 -27.64 -37.44 76.17
CA ILE P 25 -26.31 -37.92 76.48
C ILE P 25 -25.28 -37.32 75.54
N GLY P 26 -25.58 -37.30 74.24
CA GLY P 26 -24.61 -36.77 73.30
C GLY P 26 -24.31 -35.32 73.56
N THR P 27 -25.36 -34.52 73.76
CA THR P 27 -25.17 -33.12 74.10
C THR P 27 -24.38 -32.99 75.40
N VAL P 28 -24.72 -33.80 76.40
CA VAL P 28 -24.11 -33.67 77.72
C VAL P 28 -22.63 -34.02 77.65
N PHE P 29 -22.30 -35.14 77.01
CA PHE P 29 -20.90 -35.53 76.87
C PHE P 29 -20.12 -34.50 76.07
N GLY P 30 -20.69 -34.01 74.97
CA GLY P 30 -20.01 -33.00 74.19
C GLY P 30 -19.72 -31.75 75.01
N SER P 31 -20.71 -31.30 75.78
CA SER P 31 -20.51 -30.11 76.59
C SER P 31 -19.49 -30.34 77.68
N LEU P 32 -19.48 -31.55 78.26
CA LEU P 32 -18.45 -31.85 79.24
C LEU P 32 -17.08 -31.74 78.62
N ILE P 33 -16.92 -32.30 77.42
CA ILE P 33 -15.64 -32.19 76.72
C ILE P 33 -15.33 -30.74 76.42
N ILE P 34 -16.35 -29.97 76.06
CA ILE P 34 -16.16 -28.56 75.74
C ILE P 34 -15.66 -27.82 76.97
N GLY P 35 -16.25 -28.12 78.12
CA GLY P 35 -15.72 -27.63 79.36
C GLY P 35 -14.30 -28.04 79.59
N TYR P 36 -13.97 -29.30 79.33
CA TYR P 36 -12.59 -29.72 79.21
C TYR P 36 -11.87 -28.99 78.09
N ALA P 37 -12.52 -28.82 76.94
CA ALA P 37 -11.96 -27.98 75.90
C ALA P 37 -11.93 -26.51 76.32
N ARG P 38 -12.64 -26.14 77.37
CA ARG P 38 -12.56 -24.81 77.94
C ARG P 38 -11.83 -24.80 79.27
N ASN P 39 -11.42 -25.96 79.77
CA ASN P 39 -10.65 -26.06 80.99
C ASN P 39 -9.93 -27.41 80.99
N PRO P 40 -8.83 -27.53 80.25
CA PRO P 40 -8.21 -28.85 80.08
C PRO P 40 -7.76 -29.48 81.39
N SER P 41 -7.51 -28.69 82.43
CA SER P 41 -7.09 -29.26 83.69
C SER P 41 -8.20 -30.07 84.34
N LEU P 42 -9.39 -29.50 84.45
CA LEU P 42 -10.49 -30.12 85.18
C LEU P 42 -11.02 -31.38 84.52
N M3L P 43 -10.41 -32.51 84.80
CA M3L P 43 -10.88 -33.78 84.30
CB M3L P 43 -9.81 -34.53 83.50
C M3L P 43 -11.40 -34.68 85.40
O M3L P 43 -11.92 -35.79 85.22
N GLN P 44 -11.24 -34.17 86.62
CA GLN P 44 -11.34 -35.02 87.80
C GLN P 44 -12.72 -34.88 88.41
N GLN P 45 -13.42 -33.84 87.97
CA GLN P 45 -14.87 -33.80 88.02
C GLN P 45 -15.44 -34.11 86.65
N LEU P 46 -14.67 -33.86 85.60
CA LEU P 46 -15.07 -34.27 84.27
C LEU P 46 -15.19 -35.77 84.19
N PHE P 47 -14.30 -36.50 84.88
CA PHE P 47 -14.55 -37.92 85.06
C PHE P 47 -15.89 -38.14 85.76
N SER P 48 -16.11 -37.42 86.86
CA SER P 48 -17.38 -37.51 87.58
C SER P 48 -18.54 -37.07 86.69
N TYR P 49 -18.33 -36.00 85.93
CA TYR P 49 -19.37 -35.50 85.05
C TYR P 49 -19.75 -36.55 84.00
N ALA P 50 -18.74 -37.21 83.44
CA ALA P 50 -18.97 -38.23 82.43
C ALA P 50 -19.74 -39.40 83.03
N ILE P 51 -19.35 -39.80 84.25
CA ILE P 51 -20.07 -40.88 84.91
C ILE P 51 -21.54 -40.51 85.11
N LEU P 52 -21.79 -39.30 85.60
CA LEU P 52 -23.15 -38.87 85.86
C LEU P 52 -23.97 -38.84 84.58
N GLY P 53 -23.38 -38.31 83.50
CA GLY P 53 -24.07 -38.29 82.24
C GLY P 53 -24.40 -39.67 81.72
N PHE P 54 -23.42 -40.58 81.74
CA PHE P 54 -23.66 -41.93 81.25
C PHE P 54 -24.77 -42.60 82.04
N ALA P 55 -24.75 -42.45 83.36
CA ALA P 55 -25.76 -43.09 84.19
C ALA P 55 -27.14 -42.50 83.93
N LEU P 56 -27.28 -41.19 84.14
CA LEU P 56 -28.56 -40.52 84.00
C LEU P 56 -29.10 -40.57 82.62
N SER P 57 -28.24 -40.89 81.65
CA SER P 57 -28.65 -41.05 80.27
C SER P 57 -29.08 -42.46 79.93
N GLU P 58 -28.30 -43.46 80.31
CA GLU P 58 -28.70 -44.84 80.07
C GLU P 58 -29.92 -45.21 80.91
N ALA P 59 -30.28 -44.37 81.88
CA ALA P 59 -31.49 -44.62 82.66
C ALA P 59 -32.70 -44.81 81.77
N MET P 60 -32.94 -43.86 80.85
CA MET P 60 -34.10 -43.95 79.99
C MET P 60 -34.02 -45.15 79.05
N GLY P 61 -32.82 -45.45 78.55
CA GLY P 61 -32.68 -46.59 77.67
C GLY P 61 -32.97 -47.91 78.35
N LEU P 62 -32.44 -48.08 79.56
CA LEU P 62 -32.74 -49.26 80.35
C LEU P 62 -34.23 -49.33 80.66
N PHE P 63 -34.85 -48.17 80.89
CA PHE P 63 -36.29 -48.14 81.12
C PHE P 63 -37.04 -48.61 79.89
N CYS P 64 -36.62 -48.18 78.71
CA CYS P 64 -37.27 -48.61 77.48
C CYS P 64 -37.13 -50.11 77.29
N LEU P 65 -35.94 -50.64 77.57
CA LEU P 65 -35.75 -52.08 77.49
C LEU P 65 -36.65 -52.81 78.47
N MET P 66 -36.77 -52.27 79.69
CA MET P 66 -37.66 -52.85 80.68
C MET P 66 -39.11 -52.81 80.20
N VAL P 67 -39.48 -51.76 79.49
CA VAL P 67 -40.81 -51.68 78.90
C VAL P 67 -41.01 -52.80 77.90
N ALA P 68 -40.01 -53.02 77.03
CA ALA P 68 -40.09 -54.11 76.08
C ALA P 68 -40.31 -55.44 76.79
N PHE P 69 -39.53 -55.68 77.86
CA PHE P 69 -39.65 -56.94 78.58
C PHE P 69 -41.02 -57.08 79.25
N LEU P 70 -41.47 -56.03 79.92
CA LEU P 70 -42.73 -56.10 80.64
C LEU P 70 -43.90 -56.33 79.68
N ILE P 71 -43.85 -55.67 78.53
CA ILE P 71 -44.89 -55.88 77.53
C ILE P 71 -44.78 -57.29 76.98
N LEU P 72 -43.55 -57.80 76.86
CA LEU P 72 -43.34 -59.20 76.54
C LEU P 72 -43.94 -60.12 77.59
N PHE P 73 -44.15 -59.61 78.81
CA PHE P 73 -44.95 -60.29 79.81
C PHE P 73 -46.42 -59.92 79.73
N ALA P 74 -46.81 -59.10 78.74
CA ALA P 74 -48.19 -58.69 78.60
C ALA P 74 -48.71 -59.02 77.21
N ASP Q 1 -52.26 -60.44 56.97
CA ASP Q 1 -53.13 -60.80 58.09
C ASP Q 1 -53.26 -59.65 59.05
N ILE Q 2 -54.38 -59.60 59.79
CA ILE Q 2 -54.49 -58.64 60.87
C ILE Q 2 -53.33 -58.82 61.84
N ASP Q 3 -52.99 -60.06 62.16
CA ASP Q 3 -51.78 -60.33 62.92
C ASP Q 3 -50.54 -59.86 62.16
N THR Q 4 -50.46 -60.21 60.87
CA THR Q 4 -49.33 -59.75 60.06
C THR Q 4 -49.35 -58.24 59.87
N ALA Q 5 -50.54 -57.66 59.72
CA ALA Q 5 -50.66 -56.21 59.66
C ALA Q 5 -50.07 -55.57 60.91
N ALA Q 6 -50.43 -56.10 62.08
CA ALA Q 6 -49.88 -55.58 63.33
C ALA Q 6 -48.38 -55.81 63.41
N LYS Q 7 -47.89 -56.90 62.83
CA LYS Q 7 -46.45 -57.16 62.83
C LYS Q 7 -45.72 -56.06 62.05
N PHE Q 8 -46.20 -55.78 60.85
CA PHE Q 8 -45.61 -54.70 60.07
C PHE Q 8 -45.74 -53.37 60.80
N ILE Q 9 -46.89 -53.15 61.45
CA ILE Q 9 -47.12 -51.88 62.14
C ILE Q 9 -46.14 -51.72 63.31
N GLY Q 10 -45.93 -52.80 64.07
CA GLY Q 10 -45.00 -52.73 65.18
C GLY Q 10 -43.57 -52.54 64.72
N ALA Q 11 -43.20 -53.20 63.62
CA ALA Q 11 -41.89 -52.93 63.03
C ALA Q 11 -41.77 -51.45 62.67
N GLY Q 12 -42.81 -50.88 62.05
CA GLY Q 12 -42.76 -49.47 61.72
C GLY Q 12 -42.62 -48.58 62.94
N ALA Q 13 -43.36 -48.91 64.00
CA ALA Q 13 -43.28 -48.17 65.25
C ALA Q 13 -41.90 -48.21 65.86
N ALA Q 14 -41.22 -49.35 65.82
CA ALA Q 14 -39.85 -49.44 66.32
C ALA Q 14 -38.84 -48.77 65.40
N THR Q 15 -39.15 -48.64 64.11
CA THR Q 15 -38.17 -48.10 63.16
C THR Q 15 -37.98 -46.60 63.27
N VAL Q 16 -38.97 -45.85 63.77
CA VAL Q 16 -38.95 -44.40 63.70
C VAL Q 16 -37.87 -43.80 64.59
N GLY Q 17 -37.05 -44.66 65.20
CA GLY Q 17 -36.18 -44.32 66.32
C GLY Q 17 -34.79 -43.78 66.01
N VAL Q 18 -34.52 -43.28 64.80
CA VAL Q 18 -33.20 -42.73 64.50
C VAL Q 18 -33.13 -41.21 64.57
N ALA Q 19 -34.28 -40.53 64.65
CA ALA Q 19 -34.29 -39.07 64.67
C ALA Q 19 -33.48 -38.53 65.85
N GLY Q 20 -33.74 -39.06 67.06
CA GLY Q 20 -33.01 -38.57 68.21
C GLY Q 20 -31.53 -38.86 68.14
N SER Q 21 -31.15 -39.96 67.48
CA SER Q 21 -29.72 -40.19 67.24
C SER Q 21 -29.16 -39.09 66.37
N GLY Q 22 -29.87 -38.73 65.30
CA GLY Q 22 -29.43 -37.62 64.48
C GLY Q 22 -29.35 -36.33 65.28
N ALA Q 23 -30.31 -36.11 66.17
CA ALA Q 23 -30.34 -34.89 66.98
C ALA Q 23 -29.15 -34.80 67.90
N GLY Q 24 -28.87 -35.87 68.64
CA GLY Q 24 -27.72 -35.89 69.51
C GLY Q 24 -26.42 -35.75 68.75
N ILE Q 25 -26.31 -36.42 67.60
CA ILE Q 25 -25.12 -36.29 66.78
C ILE Q 25 -24.91 -34.85 66.37
N GLY Q 26 -25.95 -34.19 65.88
CA GLY Q 26 -25.81 -32.80 65.45
C GLY Q 26 -25.44 -31.88 66.59
N THR Q 27 -26.14 -32.02 67.72
CA THR Q 27 -25.82 -31.18 68.87
C THR Q 27 -24.39 -31.39 69.32
N VAL Q 28 -23.96 -32.64 69.43
CA VAL Q 28 -22.62 -32.94 69.92
C VAL Q 28 -21.56 -32.42 68.95
N PHE Q 29 -21.78 -32.59 67.65
CA PHE Q 29 -20.79 -32.12 66.69
C PHE Q 29 -20.69 -30.60 66.68
N GLY Q 30 -21.84 -29.91 66.74
CA GLY Q 30 -21.79 -28.46 66.87
C GLY Q 30 -21.07 -28.04 68.13
N SER Q 31 -21.27 -28.78 69.22
CA SER Q 31 -20.55 -28.51 70.45
C SER Q 31 -19.05 -28.72 70.27
N LEU Q 32 -18.66 -29.75 69.53
CA LEU Q 32 -17.24 -29.97 69.28
C LEU Q 32 -16.66 -28.80 68.50
N ILE Q 33 -17.41 -28.30 67.52
CA ILE Q 33 -17.01 -27.09 66.81
C ILE Q 33 -16.83 -25.95 67.79
N ILE Q 34 -17.80 -25.78 68.69
CA ILE Q 34 -17.75 -24.68 69.65
C ILE Q 34 -16.52 -24.82 70.53
N GLY Q 35 -16.19 -26.03 70.93
CA GLY Q 35 -14.98 -26.27 71.69
C GLY Q 35 -13.73 -25.92 70.95
N TYR Q 36 -13.63 -26.28 69.68
CA TYR Q 36 -12.54 -25.78 68.85
C TYR Q 36 -12.50 -24.27 68.81
N ALA Q 37 -13.65 -23.61 68.95
CA ALA Q 37 -13.67 -22.16 69.05
C ALA Q 37 -13.06 -21.67 70.35
N ARG Q 38 -12.95 -22.54 71.35
CA ARG Q 38 -12.21 -22.20 72.55
C ARG Q 38 -10.91 -22.99 72.65
N ASN Q 39 -10.73 -24.04 71.86
CA ASN Q 39 -9.50 -24.81 71.86
C ASN Q 39 -9.40 -25.66 70.60
N PRO Q 40 -9.31 -25.07 69.42
CA PRO Q 40 -9.02 -25.89 68.23
C PRO Q 40 -7.66 -26.52 68.31
N SER Q 41 -6.77 -26.00 69.16
CA SER Q 41 -5.45 -26.58 69.34
C SER Q 41 -5.51 -27.99 69.92
N LEU Q 42 -6.70 -28.50 70.20
CA LEU Q 42 -6.85 -29.87 70.67
C LEU Q 42 -7.18 -30.81 69.52
N M3L Q 43 -8.17 -30.43 68.72
CA M3L Q 43 -8.62 -31.22 67.61
CB M3L Q 43 -7.68 -31.14 66.40
C M3L Q 43 -8.79 -32.70 67.94
O M3L Q 43 -9.81 -33.20 68.40
N GLN Q 44 -7.69 -33.40 67.74
CA GLN Q 44 -7.63 -34.84 67.83
C GLN Q 44 -8.12 -35.42 69.16
N GLN Q 45 -8.40 -34.56 70.14
CA GLN Q 45 -8.79 -35.03 71.45
C GLN Q 45 -10.29 -34.92 71.71
N LEU Q 46 -10.86 -33.72 71.61
CA LEU Q 46 -12.32 -33.63 71.62
C LEU Q 46 -12.90 -34.29 70.39
N PHE Q 47 -12.07 -34.56 69.39
CA PHE Q 47 -12.49 -35.42 68.30
C PHE Q 47 -12.67 -36.85 68.78
N SER Q 48 -11.76 -37.34 69.61
CA SER Q 48 -11.94 -38.65 70.21
C SER Q 48 -13.19 -38.66 71.08
N TYR Q 49 -13.36 -37.61 71.88
CA TYR Q 49 -14.60 -37.43 72.60
C TYR Q 49 -15.80 -37.47 71.66
N ALA Q 50 -15.67 -36.84 70.49
CA ALA Q 50 -16.78 -36.77 69.55
C ALA Q 50 -17.14 -38.14 69.02
N ILE Q 51 -16.13 -38.92 68.64
CA ILE Q 51 -16.39 -40.28 68.14
C ILE Q 51 -17.05 -41.12 69.22
N LEU Q 52 -16.54 -41.04 70.45
CA LEU Q 52 -17.13 -41.83 71.53
C LEU Q 52 -18.58 -41.47 71.76
N GLY Q 53 -18.87 -40.17 71.91
CA GLY Q 53 -20.24 -39.75 72.14
C GLY Q 53 -21.15 -40.10 70.97
N PHE Q 54 -20.62 -40.04 69.76
CA PHE Q 54 -21.40 -40.41 68.59
C PHE Q 54 -21.80 -41.88 68.65
N ALA Q 55 -20.84 -42.74 69.01
CA ALA Q 55 -21.18 -44.14 69.23
C ALA Q 55 -22.27 -44.24 70.29
N LEU Q 56 -22.09 -43.53 71.40
CA LEU Q 56 -23.02 -43.62 72.51
C LEU Q 56 -24.44 -43.27 72.07
N SER Q 57 -24.59 -42.13 71.42
CA SER Q 57 -25.90 -41.68 70.99
C SER Q 57 -26.49 -42.56 69.91
N GLU Q 58 -25.70 -42.93 68.90
CA GLU Q 58 -26.22 -43.76 67.83
C GLU Q 58 -26.65 -45.12 68.36
N ALA Q 59 -26.16 -45.49 69.54
CA ALA Q 59 -26.56 -46.76 70.11
C ALA Q 59 -28.08 -46.89 70.26
N MET Q 60 -28.75 -45.83 70.78
CA MET Q 60 -30.19 -45.89 70.98
C MET Q 60 -30.96 -46.07 69.67
N GLY Q 61 -30.60 -45.29 68.64
CA GLY Q 61 -31.24 -45.46 67.35
C GLY Q 61 -30.97 -46.82 66.75
N LEU Q 62 -29.76 -47.35 66.95
CA LEU Q 62 -29.45 -48.69 66.48
C LEU Q 62 -30.34 -49.71 67.16
N PHE Q 63 -30.56 -49.56 68.46
CA PHE Q 63 -31.44 -50.48 69.18
C PHE Q 63 -32.85 -50.41 68.60
N CYS Q 64 -33.35 -49.21 68.33
CA CYS Q 64 -34.68 -49.08 67.75
C CYS Q 64 -34.76 -49.73 66.37
N LEU Q 65 -33.75 -49.47 65.53
CA LEU Q 65 -33.75 -50.04 64.19
C LEU Q 65 -33.69 -51.56 64.23
N MET Q 66 -32.85 -52.11 65.12
CA MET Q 66 -32.75 -53.56 65.24
C MET Q 66 -34.04 -54.16 65.76
N VAL Q 67 -34.71 -53.45 66.68
CA VAL Q 67 -36.02 -53.90 67.14
C VAL Q 67 -36.98 -53.98 65.96
N ALA Q 68 -37.00 -52.95 65.14
CA ALA Q 68 -37.86 -52.97 63.95
C ALA Q 68 -37.51 -54.14 63.05
N PHE Q 69 -36.21 -54.35 62.81
CA PHE Q 69 -35.77 -55.40 61.90
C PHE Q 69 -36.20 -56.77 62.40
N LEU Q 70 -36.01 -57.04 63.69
CA LEU Q 70 -36.45 -58.31 64.26
C LEU Q 70 -37.97 -58.44 64.15
N ILE Q 71 -38.69 -57.35 64.40
CA ILE Q 71 -40.13 -57.39 64.20
C ILE Q 71 -40.44 -57.81 62.77
N LEU Q 72 -39.58 -57.43 61.84
CA LEU Q 72 -39.66 -57.95 60.49
C LEU Q 72 -38.84 -59.21 60.27
N PHE Q 73 -38.00 -59.60 61.24
CA PHE Q 73 -37.13 -60.75 61.05
C PHE Q 73 -37.04 -61.63 62.28
N ALA Q 74 -38.07 -61.62 63.12
CA ALA Q 74 -38.12 -62.48 64.30
C ALA Q 74 -39.53 -62.47 64.88
N ASP R 1 -56.51 -52.61 51.90
CA ASP R 1 -56.59 -53.78 52.78
C ASP R 1 -56.00 -53.46 54.14
N ILE R 2 -56.46 -54.20 55.16
CA ILE R 2 -55.85 -54.09 56.47
C ILE R 2 -54.36 -54.33 56.40
N ASP R 3 -53.94 -55.34 55.64
CA ASP R 3 -52.51 -55.54 55.42
C ASP R 3 -51.93 -54.43 54.53
N THR R 4 -52.71 -53.93 53.57
CA THR R 4 -52.23 -52.81 52.75
C THR R 4 -52.18 -51.54 53.58
N ALA R 5 -53.21 -51.33 54.42
CA ALA R 5 -53.14 -50.33 55.47
C ALA R 5 -51.85 -50.45 56.24
N ALA R 6 -51.51 -51.66 56.66
CA ALA R 6 -50.31 -51.88 57.46
C ALA R 6 -49.06 -51.48 56.68
N LYS R 7 -48.94 -51.95 55.44
CA LYS R 7 -47.72 -51.69 54.68
C LYS R 7 -47.52 -50.20 54.49
N PHE R 8 -48.54 -49.51 53.97
CA PHE R 8 -48.42 -48.10 53.69
C PHE R 8 -48.23 -47.30 54.99
N ILE R 9 -49.11 -47.51 55.98
CA ILE R 9 -49.07 -46.74 57.21
C ILE R 9 -47.78 -47.00 57.98
N GLY R 10 -47.33 -48.26 58.01
CA GLY R 10 -46.08 -48.57 58.68
C GLY R 10 -44.90 -47.92 58.02
N ALA R 11 -44.83 -47.98 56.69
CA ALA R 11 -43.77 -47.27 56.00
C ALA R 11 -43.79 -45.78 56.37
N GLY R 12 -44.97 -45.16 56.28
CA GLY R 12 -45.07 -43.73 56.51
C GLY R 12 -44.74 -43.32 57.93
N ALA R 13 -45.16 -44.13 58.90
CA ALA R 13 -44.90 -43.79 60.30
C ALA R 13 -43.45 -44.05 60.67
N ALA R 14 -42.87 -45.13 60.14
CA ALA R 14 -41.46 -45.43 60.41
C ALA R 14 -40.55 -44.39 59.79
N THR R 15 -40.97 -43.77 58.69
CA THR R 15 -40.15 -42.74 58.07
C THR R 15 -40.02 -41.51 58.95
N VAL R 16 -40.84 -41.41 60.00
CA VAL R 16 -40.90 -40.21 60.83
C VAL R 16 -39.61 -39.93 61.59
N GLY R 17 -38.57 -40.76 61.40
CA GLY R 17 -37.34 -40.59 62.16
C GLY R 17 -36.38 -39.53 61.62
N VAL R 18 -36.91 -38.37 61.21
CA VAL R 18 -36.04 -37.29 60.74
C VAL R 18 -36.19 -36.00 61.52
N ALA R 19 -37.18 -35.92 62.41
CA ALA R 19 -37.39 -34.68 63.17
C ALA R 19 -36.20 -34.37 64.05
N GLY R 20 -35.69 -35.37 64.77
CA GLY R 20 -34.48 -35.17 65.54
C GLY R 20 -33.29 -34.87 64.67
N SER R 21 -33.19 -35.54 63.52
CA SER R 21 -32.17 -35.16 62.54
C SER R 21 -32.16 -33.66 62.33
N GLY R 22 -33.33 -33.09 62.00
CA GLY R 22 -33.40 -31.66 61.74
C GLY R 22 -33.10 -30.83 62.97
N ALA R 23 -33.58 -31.27 64.14
CA ALA R 23 -33.35 -30.52 65.36
C ALA R 23 -31.88 -30.43 65.70
N GLY R 24 -31.20 -31.58 65.75
CA GLY R 24 -29.78 -31.57 66.01
C GLY R 24 -28.99 -30.84 64.93
N ILE R 25 -29.48 -30.92 63.69
CA ILE R 25 -28.83 -30.18 62.61
C ILE R 25 -28.90 -28.68 62.89
N GLY R 26 -30.08 -28.17 63.23
CA GLY R 26 -30.18 -26.76 63.54
C GLY R 26 -29.39 -26.38 64.78
N THR R 27 -29.31 -27.29 65.73
CA THR R 27 -28.43 -27.08 66.87
C THR R 27 -27.00 -26.86 66.40
N VAL R 28 -26.48 -27.78 65.59
CA VAL R 28 -25.10 -27.68 65.11
C VAL R 28 -24.93 -26.41 64.29
N PHE R 29 -25.98 -26.02 63.57
CA PHE R 29 -25.96 -24.79 62.79
C PHE R 29 -25.82 -23.55 63.66
N GLY R 30 -26.58 -23.46 64.74
CA GLY R 30 -26.38 -22.36 65.65
C GLY R 30 -25.01 -22.39 66.25
N SER R 31 -24.51 -23.61 66.51
CA SER R 31 -23.19 -23.75 67.10
C SER R 31 -22.11 -23.19 66.19
N LEU R 32 -22.15 -23.57 64.91
CA LEU R 32 -21.19 -23.06 63.96
C LEU R 32 -21.33 -21.55 63.83
N ILE R 33 -22.57 -21.05 63.87
CA ILE R 33 -22.79 -19.61 63.81
C ILE R 33 -22.09 -18.92 64.97
N ILE R 34 -22.29 -19.45 66.18
CA ILE R 34 -21.68 -18.86 67.36
C ILE R 34 -20.17 -18.89 67.24
N GLY R 35 -19.62 -20.01 66.78
CA GLY R 35 -18.18 -20.10 66.60
C GLY R 35 -17.62 -19.10 65.62
N TYR R 36 -18.24 -18.97 64.45
CA TYR R 36 -17.76 -17.99 63.47
C TYR R 36 -17.86 -16.57 64.00
N ALA R 37 -18.94 -16.22 64.70
CA ALA R 37 -18.96 -14.92 65.34
C ALA R 37 -17.79 -14.77 66.30
N ARG R 38 -17.62 -15.76 67.17
CA ARG R 38 -16.46 -15.77 68.05
C ARG R 38 -15.16 -15.85 67.26
N ASN R 39 -15.16 -16.66 66.21
CA ASN R 39 -13.98 -16.87 65.38
C ASN R 39 -14.41 -17.43 64.03
N PRO R 40 -14.63 -16.56 63.05
CA PRO R 40 -14.82 -17.07 61.68
C PRO R 40 -13.50 -17.32 60.98
N SER R 41 -12.41 -17.26 61.74
CA SER R 41 -11.05 -17.22 61.20
C SER R 41 -10.56 -18.55 60.66
N LEU R 42 -11.43 -19.57 60.53
CA LEU R 42 -11.01 -20.84 59.95
C LEU R 42 -12.21 -21.67 59.52
N M3L R 43 -13.19 -21.03 58.90
CA M3L R 43 -14.43 -21.65 58.51
CB M3L R 43 -15.20 -20.76 57.53
C M3L R 43 -14.34 -23.02 57.85
O M3L R 43 -15.27 -23.82 57.80
N GLN R 44 -13.15 -23.29 57.35
CA GLN R 44 -12.90 -24.46 56.54
C GLN R 44 -13.06 -25.71 57.38
N GLN R 45 -13.08 -25.53 58.69
CA GLN R 45 -13.36 -26.65 59.58
C GLN R 45 -14.83 -26.59 59.91
N LEU R 46 -15.30 -25.38 60.23
CA LEU R 46 -16.72 -25.16 60.36
C LEU R 46 -17.44 -25.63 59.11
N PHE R 47 -16.86 -25.38 57.93
CA PHE R 47 -17.40 -25.98 56.72
C PHE R 47 -17.20 -27.49 56.73
N SER R 48 -16.00 -27.94 57.10
CA SER R 48 -15.74 -29.39 57.09
C SER R 48 -16.59 -30.10 58.12
N TYR R 49 -16.56 -29.63 59.35
CA TYR R 49 -17.42 -30.19 60.37
C TYR R 49 -18.88 -30.03 59.96
N ALA R 50 -19.20 -28.96 59.25
CA ALA R 50 -20.56 -28.75 58.79
C ALA R 50 -20.98 -29.88 57.86
N ILE R 51 -20.12 -30.24 56.91
CA ILE R 51 -20.44 -31.32 56.00
C ILE R 51 -20.56 -32.64 56.75
N LEU R 52 -19.60 -32.92 57.62
CA LEU R 52 -19.62 -34.18 58.36
C LEU R 52 -20.91 -34.29 59.17
N GLY R 53 -21.24 -33.24 59.91
CA GLY R 53 -22.45 -33.27 60.72
C GLY R 53 -23.71 -33.31 59.88
N PHE R 54 -23.70 -32.68 58.71
CA PHE R 54 -24.85 -32.76 57.83
C PHE R 54 -25.13 -34.21 57.48
N ALA R 55 -24.07 -34.93 57.13
CA ALA R 55 -24.23 -36.36 56.86
C ALA R 55 -24.76 -37.08 58.09
N LEU R 56 -24.13 -36.88 59.23
CA LEU R 56 -24.48 -37.59 60.45
C LEU R 56 -25.90 -37.32 60.91
N SER R 57 -26.43 -36.13 60.62
CA SER R 57 -27.80 -35.79 61.00
C SER R 57 -28.82 -36.27 60.00
N GLU R 58 -28.64 -35.97 58.72
CA GLU R 58 -29.60 -36.42 57.72
C GLU R 58 -29.64 -37.95 57.65
N ALA R 59 -28.63 -38.61 58.22
CA ALA R 59 -28.60 -40.07 58.25
C ALA R 59 -29.83 -40.66 58.93
N MET R 60 -30.36 -39.97 59.94
CA MET R 60 -31.55 -40.47 60.62
C MET R 60 -32.73 -40.57 59.66
N GLY R 61 -33.03 -39.48 58.97
CA GLY R 61 -34.09 -39.53 57.97
C GLY R 61 -33.77 -40.50 56.86
N LEU R 62 -32.49 -40.63 56.52
CA LEU R 62 -32.12 -41.56 55.46
C LEU R 62 -32.45 -42.99 55.83
N PHE R 63 -32.10 -43.39 57.04
CA PHE R 63 -32.44 -44.74 57.50
C PHE R 63 -33.95 -44.90 57.56
N CYS R 64 -34.65 -43.89 58.06
CA CYS R 64 -36.11 -43.97 58.14
C CYS R 64 -36.72 -44.16 56.76
N LEU R 65 -36.19 -43.43 55.78
CA LEU R 65 -36.69 -43.55 54.41
C LEU R 65 -36.36 -44.89 53.79
N MET R 66 -35.15 -45.41 54.05
CA MET R 66 -34.82 -46.73 53.54
C MET R 66 -35.78 -47.77 54.09
N VAL R 67 -36.10 -47.66 55.38
CA VAL R 67 -37.06 -48.60 55.97
C VAL R 67 -38.44 -48.42 55.35
N ALA R 68 -38.89 -47.18 55.15
CA ALA R 68 -40.21 -46.96 54.57
C ALA R 68 -40.29 -47.53 53.16
N PHE R 69 -39.25 -47.30 52.35
CA PHE R 69 -39.21 -47.85 51.01
C PHE R 69 -39.16 -49.38 51.04
N LEU R 70 -38.49 -49.95 52.05
CA LEU R 70 -38.49 -51.40 52.20
C LEU R 70 -39.90 -51.91 52.47
N ILE R 71 -40.61 -51.26 53.40
CA ILE R 71 -41.99 -51.64 53.68
C ILE R 71 -42.84 -51.49 52.42
N LEU R 72 -42.48 -50.53 51.57
CA LEU R 72 -43.19 -50.35 50.32
C LEU R 72 -42.92 -51.49 49.33
N PHE R 73 -41.65 -51.84 49.10
CA PHE R 73 -41.30 -52.70 47.99
C PHE R 73 -40.27 -53.76 48.35
N ALA R 74 -40.42 -54.43 49.48
CA ALA R 74 -39.51 -55.52 49.83
C ALA R 74 -40.16 -56.51 50.79
N PHE S 1 69.97 83.19 113.53
CA PHE S 1 69.62 83.52 112.15
C PHE S 1 70.50 84.65 111.64
N ALA S 2 71.81 84.52 111.84
CA ALA S 2 72.74 85.57 111.47
C ALA S 2 72.76 85.76 109.95
N LYS S 3 72.74 87.03 109.54
CA LYS S 3 72.91 87.40 108.14
C LYS S 3 74.41 87.35 107.86
N LEU S 4 74.97 86.15 107.98
CA LEU S 4 76.40 85.96 107.97
C LEU S 4 77.02 86.53 106.70
N VAL S 5 78.20 87.13 106.86
CA VAL S 5 78.86 87.73 105.72
C VAL S 5 79.26 86.63 104.75
N ARG S 6 78.49 86.48 103.69
CA ARG S 6 78.87 85.55 102.66
C ARG S 6 80.11 86.10 101.97
N PRO S 7 81.23 85.38 101.98
CA PRO S 7 82.41 85.84 101.25
C PRO S 7 82.07 85.97 99.77
N PRO S 8 82.95 86.61 99.00
CA PRO S 8 82.69 86.66 97.54
C PRO S 8 82.50 85.27 96.96
N VAL S 9 83.12 84.27 97.58
CA VAL S 9 82.91 82.87 97.25
C VAL S 9 81.92 82.27 98.23
N GLN S 10 81.02 81.44 97.72
CA GLN S 10 80.09 80.68 98.55
C GLN S 10 80.44 79.20 98.44
N ILE S 11 80.46 78.53 99.58
CA ILE S 11 80.82 77.12 99.65
C ILE S 11 79.60 76.32 100.07
N TYR S 12 79.78 75.01 100.16
CA TYR S 12 78.72 74.10 100.57
C TYR S 12 79.29 73.04 101.50
N GLY S 13 78.39 72.26 102.09
CA GLY S 13 78.78 71.25 103.06
C GLY S 13 78.86 71.82 104.46
N ILE S 14 79.20 70.94 105.40
CA ILE S 14 79.56 71.41 106.74
C ILE S 14 80.74 72.35 106.65
N GLU S 15 81.69 72.03 105.77
CA GLU S 15 82.76 72.94 105.45
C GLU S 15 82.21 74.26 104.91
N GLY S 16 81.17 74.20 104.08
CA GLY S 16 80.57 75.42 103.58
C GLY S 16 79.93 76.28 104.65
N ARG S 17 79.17 75.67 105.55
CA ARG S 17 78.58 76.42 106.66
C ARG S 17 79.66 77.03 107.53
N TYR S 18 80.71 76.25 107.82
CA TYR S 18 81.83 76.78 108.59
C TYR S 18 82.50 77.93 107.87
N ALA S 19 82.63 77.82 106.54
CA ALA S 19 83.30 78.86 105.77
C ALA S 19 82.49 80.15 105.78
N THR S 20 81.17 80.04 105.65
CA THR S 20 80.33 81.23 105.73
C THR S 20 80.42 81.85 107.12
N ALA S 21 80.42 81.01 108.16
CA ALA S 21 80.53 81.53 109.51
C ALA S 21 81.86 82.24 109.70
N LEU S 22 82.93 81.66 109.20
CA LEU S 22 84.24 82.28 109.34
C LEU S 22 84.34 83.55 108.50
N TYR S 23 83.68 83.57 107.33
CA TYR S 23 83.64 84.78 106.53
C TYR S 23 82.95 85.89 107.28
N SER S 24 81.83 85.57 107.94
CA SER S 24 81.18 86.53 108.82
C SER S 24 82.09 86.95 109.96
N ALA S 25 82.80 86.00 110.56
CA ALA S 25 83.61 86.29 111.74
C ALA S 25 84.78 87.19 111.38
N ALA S 26 85.52 86.84 110.33
CA ALA S 26 86.65 87.66 109.91
C ALA S 26 86.18 89.00 109.36
N SER S 27 85.22 88.98 108.43
CA SER S 27 84.71 90.20 107.84
C SER S 27 84.26 91.17 108.92
N LYS S 28 83.67 90.65 109.99
CA LYS S 28 83.63 91.42 111.23
C LYS S 28 85.06 91.60 111.71
N GLN S 29 85.61 92.79 111.43
CA GLN S 29 87.01 93.19 111.56
C GLN S 29 87.84 92.83 110.32
N ASN S 30 87.27 92.18 109.31
CA ASN S 30 87.94 91.97 108.01
C ASN S 30 89.34 91.36 108.19
N LYS S 31 89.45 90.40 109.10
CA LYS S 31 90.73 89.79 109.42
C LYS S 31 91.06 88.69 108.42
N LEU S 32 90.47 88.80 107.22
CA LEU S 32 90.58 87.74 106.22
C LEU S 32 92.02 87.35 105.99
N GLU S 33 92.89 88.33 105.72
CA GLU S 33 94.30 88.03 105.55
C GLU S 33 94.93 87.59 106.86
N GLN S 34 94.60 88.27 107.95
CA GLN S 34 95.22 87.98 109.24
C GLN S 34 94.87 86.59 109.71
N VAL S 35 93.59 86.32 109.92
CA VAL S 35 93.17 84.99 110.33
C VAL S 35 93.49 83.99 109.23
N GLU S 36 93.61 84.45 107.99
CA GLU S 36 93.99 83.55 106.91
C GLU S 36 95.39 83.00 107.13
N LYS S 37 96.33 83.90 107.46
CA LYS S 37 97.66 83.46 107.82
C LYS S 37 97.61 82.61 109.08
N GLU S 38 96.78 83.01 110.03
CA GLU S 38 96.59 82.20 111.24
C GLU S 38 96.19 80.78 110.87
N LEU S 39 95.31 80.63 109.90
CA LEU S 39 94.80 79.31 109.53
C LEU S 39 95.85 78.54 108.74
N LEU S 40 96.53 79.23 107.82
CA LEU S 40 97.65 78.61 107.14
C LEU S 40 98.66 78.04 108.13
N ARG S 41 98.93 78.77 109.20
CA ARG S 41 99.84 78.29 110.23
C ARG S 41 99.23 77.13 111.02
N VAL S 42 97.96 77.26 111.39
CA VAL S 42 97.31 76.23 112.18
C VAL S 42 97.26 74.92 111.41
N GLY S 43 97.23 75.00 110.08
CA GLY S 43 97.19 73.79 109.28
C GLY S 43 98.32 72.84 109.61
N GLN S 44 99.47 73.39 110.00
CA GLN S 44 100.55 72.54 110.49
C GLN S 44 100.55 72.48 112.01
N ILE S 45 100.16 73.57 112.67
CA ILE S 45 100.20 73.63 114.12
C ILE S 45 99.41 72.46 114.71
N LEU S 46 98.20 72.26 114.21
CA LEU S 46 97.43 71.08 114.59
C LEU S 46 97.97 69.84 113.91
N LYS S 47 98.57 69.97 112.73
CA LYS S 47 99.15 68.81 112.06
C LYS S 47 100.28 68.20 112.86
N GLU S 48 100.58 68.74 114.03
CA GLU S 48 101.38 68.03 115.01
C GLU S 48 100.90 66.60 115.10
N PRO S 49 101.72 65.61 114.78
CA PRO S 49 101.22 64.24 114.67
C PRO S 49 100.54 63.74 115.93
N LYS S 50 101.09 64.07 117.10
CA LYS S 50 100.44 63.67 118.34
C LYS S 50 99.10 64.37 118.50
N MET S 51 99.01 65.63 118.05
CA MET S 51 97.75 66.34 118.09
C MET S 51 96.69 65.64 117.25
N ALA S 52 97.05 65.27 116.01
CA ALA S 52 96.12 64.54 115.16
C ALA S 52 95.75 63.20 115.78
N ALA S 53 96.73 62.51 116.35
CA ALA S 53 96.46 61.22 116.97
C ALA S 53 95.46 61.34 118.10
N SER S 54 95.67 62.29 119.01
CA SER S 54 94.73 62.48 120.11
C SER S 54 93.35 62.85 119.57
N LEU S 55 93.29 63.75 118.60
CA LEU S 55 92.02 64.05 117.96
C LEU S 55 91.41 62.84 117.29
N LEU S 56 92.20 62.04 116.59
CA LEU S 56 91.71 60.80 116.00
C LEU S 56 91.52 59.71 117.03
N ASN S 57 92.07 59.87 118.23
CA ASN S 57 91.91 58.86 119.26
C ASN S 57 90.45 58.79 119.67
N PRO S 58 89.72 57.75 119.26
CA PRO S 58 88.35 57.57 119.75
C PRO S 58 88.28 57.44 121.26
N TYR S 59 89.30 56.87 121.89
CA TYR S 59 89.38 56.78 123.33
C TYR S 59 89.78 58.11 123.97
N VAL S 60 89.71 59.20 123.20
CA VAL S 60 90.04 60.53 123.69
C VAL S 60 88.76 61.32 123.87
N LYS S 61 88.60 61.92 125.05
CA LYS S 61 87.39 62.66 125.36
C LYS S 61 87.28 63.91 124.51
N ARG S 62 86.10 64.10 123.92
CA ARG S 62 85.85 65.31 123.16
C ARG S 62 85.99 66.55 124.02
N SER S 63 85.55 66.47 125.27
CA SER S 63 85.81 67.56 126.21
C SER S 63 87.31 67.76 126.40
N VAL S 64 88.05 66.68 126.63
CA VAL S 64 89.49 66.78 126.73
C VAL S 64 90.07 67.26 125.42
N LYS S 65 89.47 66.85 124.31
CA LYS S 65 89.92 67.31 123.01
C LYS S 65 89.83 68.83 122.93
N VAL S 66 88.68 69.38 123.33
CA VAL S 66 88.50 70.83 123.28
C VAL S 66 89.45 71.50 124.26
N LYS S 67 89.72 70.87 125.39
CA LYS S 67 90.63 71.44 126.37
C LYS S 67 92.05 71.55 125.81
N SER S 68 92.57 70.45 125.28
CA SER S 68 93.90 70.48 124.69
C SER S 68 93.95 71.42 123.49
N LEU S 69 92.84 71.50 122.76
CA LEU S 69 92.75 72.45 121.65
C LEU S 69 92.85 73.88 122.14
N SER S 70 92.18 74.20 123.23
CA SER S 70 92.28 75.55 123.80
C SER S 70 93.71 75.84 124.24
N ASP S 71 94.36 74.85 124.85
CA ASP S 71 95.75 75.04 125.24
C ASP S 71 96.62 75.34 124.03
N MET S 72 96.46 74.56 122.96
CA MET S 72 97.28 74.77 121.77
C MET S 72 96.94 76.06 121.05
N THR S 73 95.69 76.52 121.12
CA THR S 73 95.28 77.77 120.48
C THR S 73 95.78 78.99 121.22
N ALA S 74 95.70 78.99 122.55
CA ALA S 74 96.41 79.99 123.32
C ALA S 74 97.90 79.94 123.04
N LYS S 75 98.45 78.74 122.83
CA LYS S 75 99.84 78.63 122.41
C LYS S 75 100.06 79.35 121.09
N GLU S 76 99.08 79.32 120.20
CA GLU S 76 99.11 80.13 119.00
C GLU S 76 98.60 81.54 119.25
N LYS S 77 98.18 81.84 120.48
CA LYS S 77 97.56 83.12 120.81
C LYS S 77 96.44 83.44 119.82
N PHE S 78 95.50 82.50 119.72
CA PHE S 78 94.53 82.50 118.64
C PHE S 78 93.71 83.78 118.64
N SER S 79 93.38 84.23 117.43
CA SER S 79 92.52 85.40 117.26
C SER S 79 91.16 85.09 117.86
N PRO S 80 90.43 86.10 118.35
CA PRO S 80 89.20 85.83 119.08
C PRO S 80 88.19 85.02 118.30
N LEU S 81 87.75 85.53 117.15
CA LEU S 81 86.88 84.75 116.29
C LEU S 81 87.53 83.41 115.97
N THR S 82 88.83 83.43 115.69
CA THR S 82 89.54 82.20 115.37
C THR S 82 89.54 81.23 116.55
N SER S 83 89.82 81.74 117.76
CA SER S 83 89.89 80.85 118.92
C SER S 83 88.53 80.23 119.21
N ASN S 84 87.48 81.05 119.25
CA ASN S 84 86.16 80.51 119.56
C ASN S 84 85.65 79.64 118.43
N LEU S 85 86.08 79.92 117.20
CA LEU S 85 85.75 79.03 116.09
C LEU S 85 86.45 77.69 116.25
N ILE S 86 87.71 77.71 116.68
CA ILE S 86 88.42 76.46 116.93
C ILE S 86 87.69 75.66 118.01
N ASN S 87 87.26 76.35 119.07
CA ASN S 87 86.51 75.68 120.12
C ASN S 87 85.21 75.10 119.59
N LEU S 88 84.48 75.87 118.77
CA LEU S 88 83.20 75.41 118.25
C LEU S 88 83.38 74.20 117.33
N LEU S 89 84.40 74.25 116.46
CA LEU S 89 84.65 73.13 115.55
C LEU S 89 85.06 71.88 116.32
N ALA S 90 85.87 72.04 117.36
CA ALA S 90 86.19 70.90 118.21
C ALA S 90 84.92 70.34 118.84
N GLU S 91 84.04 71.22 119.31
CA GLU S 91 82.78 70.76 119.89
C GLU S 91 81.98 69.95 118.87
N ASN S 92 81.96 70.42 117.63
CA ASN S 92 81.33 69.64 116.57
C ASN S 92 82.13 68.40 116.21
N GLY S 93 83.34 68.26 116.74
CA GLY S 93 84.23 67.22 116.28
C GLY S 93 84.82 67.52 114.92
N ARG S 94 84.62 68.72 114.40
CA ARG S 94 85.10 69.12 113.09
C ARG S 94 86.61 69.04 112.97
N LEU S 95 87.30 68.84 114.10
CA LEU S 95 88.73 68.59 114.04
C LEU S 95 89.06 67.47 113.08
N THR S 96 88.19 66.47 113.00
CA THR S 96 88.38 65.43 111.99
C THR S 96 88.43 66.02 110.59
N ASN S 97 87.59 67.00 110.30
CA ASN S 97 87.45 67.54 108.96
C ASN S 97 87.84 69.02 108.91
N THR S 98 88.62 69.46 109.90
CA THR S 98 88.98 70.88 109.97
C THR S 98 89.78 71.35 108.76
N PRO S 99 90.76 70.60 108.26
CA PRO S 99 91.55 71.11 107.14
C PRO S 99 90.73 71.43 105.90
N ALA S 100 89.68 70.67 105.64
CA ALA S 100 88.81 70.97 104.50
C ALA S 100 88.16 72.34 104.67
N VAL S 101 87.67 72.62 105.88
CA VAL S 101 87.07 73.93 106.14
C VAL S 101 88.12 75.02 105.98
N ILE S 102 89.35 74.74 106.41
CA ILE S 102 90.42 75.71 106.23
C ILE S 102 90.61 76.01 104.75
N SER S 103 90.62 74.97 103.92
CA SER S 103 90.80 75.15 102.49
C SER S 103 89.63 75.93 101.90
N ALA S 104 88.42 75.64 102.35
CA ALA S 104 87.25 76.32 101.85
C ALA S 104 87.31 77.81 102.18
N PHE S 105 87.65 78.13 103.43
CA PHE S 105 87.79 79.52 103.82
C PHE S 105 88.91 80.18 103.04
N SER S 106 89.95 79.42 102.72
CA SER S 106 91.03 79.94 101.89
C SER S 106 90.50 80.31 100.52
N THR S 107 89.68 79.43 99.94
CA THR S 107 89.08 79.74 98.64
C THR S 107 88.22 80.98 98.73
N MET S 108 87.46 81.09 99.83
CA MET S 108 86.61 82.26 100.04
C MET S 108 87.40 83.55 100.13
N MET S 109 88.48 83.55 100.90
CA MET S 109 89.33 84.72 101.05
C MET S 109 90.08 85.04 99.77
N SER S 110 90.42 84.02 98.99
CA SER S 110 91.09 84.25 97.72
C SER S 110 90.15 84.88 96.72
N VAL S 111 88.92 84.37 96.64
CA VAL S 111 87.92 84.99 95.79
C VAL S 111 87.57 86.37 96.31
N HIS S 112 87.54 86.54 97.63
CA HIS S 112 87.47 87.87 98.19
C HIS S 112 88.59 88.73 97.61
N ARG S 113 89.76 88.15 97.47
CA ARG S 113 90.87 88.76 96.76
C ARG S 113 90.75 88.60 95.25
N GLY S 114 89.56 88.28 94.75
CA GLY S 114 89.37 88.10 93.33
C GLY S 114 90.09 86.93 92.70
N GLU S 115 89.97 85.73 93.29
CA GLU S 115 90.67 84.55 92.78
C GLU S 115 90.05 84.07 91.47
N VAL S 116 90.49 84.68 90.37
CA VAL S 116 90.05 84.26 89.05
C VAL S 116 90.70 82.92 88.73
N PRO S 117 89.93 81.84 88.68
CA PRO S 117 90.51 80.55 88.33
C PRO S 117 90.97 80.52 86.88
N CYS S 118 92.00 79.73 86.63
CA CYS S 118 92.48 79.49 85.28
C CYS S 118 93.29 78.20 85.28
N THR S 119 93.19 77.46 84.19
CA THR S 119 93.95 76.23 84.05
C THR S 119 94.33 76.08 82.59
N VAL S 120 95.63 76.05 82.34
CA VAL S 120 96.17 76.00 80.99
C VAL S 120 96.66 74.59 80.73
N THR S 121 96.08 73.93 79.74
CA THR S 121 96.52 72.61 79.31
C THR S 121 96.46 72.57 77.80
N THR S 122 97.23 71.65 77.21
CA THR S 122 97.26 71.47 75.77
C THR S 122 97.67 70.03 75.47
N ALA S 123 98.12 69.82 74.23
CA ALA S 123 98.82 68.58 73.93
C ALA S 123 100.09 68.43 74.75
N SER S 124 100.58 69.51 75.37
CA SER S 124 101.69 69.46 76.30
C SER S 124 101.79 70.81 76.99
N ALA S 125 102.92 71.03 77.67
CA ALA S 125 103.29 72.35 78.14
C ALA S 125 104.07 73.06 77.04
N LEU S 126 104.31 74.36 77.19
CA LEU S 126 104.88 75.16 76.10
C LEU S 126 105.79 76.24 76.66
N ASP S 127 106.12 77.20 75.80
CA ASP S 127 107.05 78.26 76.15
C ASP S 127 106.48 79.18 77.23
N GLU S 128 107.35 79.60 78.15
CA GLU S 128 106.95 80.56 79.17
C GLU S 128 106.58 81.91 78.57
N ALA S 129 107.30 82.32 77.52
CA ALA S 129 106.92 83.55 76.82
C ALA S 129 105.57 83.37 76.15
N THR S 130 105.38 82.26 75.43
CA THR S 130 104.07 81.93 74.90
C THR S 130 103.06 81.80 76.02
N LEU S 131 103.51 81.36 77.21
CA LEU S 131 102.62 81.27 78.35
C LEU S 131 102.11 82.66 78.76
N THR S 132 103.01 83.63 78.88
CA THR S 132 102.59 84.98 79.20
C THR S 132 101.69 85.55 78.10
N GLU S 133 102.01 85.23 76.85
CA GLU S 133 101.18 85.68 75.74
C GLU S 133 99.76 85.14 75.84
N LEU S 134 99.62 83.85 76.14
CA LEU S 134 98.30 83.26 76.27
C LEU S 134 97.60 83.80 77.50
N LYS S 135 98.36 84.08 78.56
CA LYS S 135 97.78 84.72 79.73
C LYS S 135 97.18 86.06 79.35
N THR S 136 97.92 86.85 78.56
CA THR S 136 97.37 88.10 78.06
C THR S 136 96.15 87.85 77.18
N VAL S 137 96.21 86.80 76.35
CA VAL S 137 95.09 86.45 75.49
C VAL S 137 93.85 86.21 76.34
N LEU S 138 94.00 85.48 77.44
CA LEU S 138 92.87 85.23 78.33
C LEU S 138 92.46 86.50 79.05
N LYS S 139 93.41 87.41 79.29
CA LYS S 139 93.11 88.62 80.05
C LYS S 139 92.01 89.43 79.38
N SER S 140 92.06 89.58 78.05
CA SER S 140 90.97 90.23 77.35
C SER S 140 89.65 89.52 77.58
N PHE S 141 89.66 88.19 77.59
CA PHE S 141 88.49 87.47 78.05
C PHE S 141 88.28 87.69 79.55
N LEU S 142 89.36 87.77 80.32
CA LEU S 142 89.26 88.00 81.75
C LEU S 142 88.61 89.36 81.99
N SER S 143 88.14 89.58 83.21
CA SER S 143 87.34 90.76 83.52
C SER S 143 87.97 91.50 84.70
N LYS S 144 87.22 92.47 85.21
CA LYS S 144 87.68 93.23 86.37
C LYS S 144 87.84 92.31 87.57
N GLY S 145 88.93 92.52 88.31
CA GLY S 145 89.20 91.67 89.46
C GLY S 145 89.79 90.35 89.06
N GLN S 146 89.53 89.93 87.83
CA GLN S 146 90.09 88.69 87.33
C GLN S 146 91.61 88.78 87.28
N VAL S 147 92.24 88.07 88.21
CA VAL S 147 93.70 88.01 88.31
C VAL S 147 94.14 86.64 87.84
N LEU S 148 95.14 86.61 86.96
CA LEU S 148 95.54 85.35 86.34
C LEU S 148 96.14 84.40 87.36
N LYS S 149 95.36 83.40 87.75
CA LYS S 149 95.83 82.28 88.55
C LYS S 149 95.65 81.05 87.66
N LEU S 150 96.65 80.79 86.83
CA LEU S 150 96.52 79.73 85.84
C LEU S 150 97.03 78.40 86.40
N GLU S 151 96.48 77.32 85.87
CA GLU S 151 97.00 75.99 86.16
C GLU S 151 97.58 75.45 84.87
N VAL S 152 98.88 75.72 84.67
CA VAL S 152 99.57 75.21 83.51
C VAL S 152 99.60 73.69 83.57
N LYS S 153 99.60 73.05 82.40
CA LYS S 153 99.61 71.60 82.35
C LYS S 153 100.20 71.13 81.03
N ILE S 154 100.76 69.94 81.08
CA ILE S 154 101.27 69.25 79.90
C ILE S 154 100.45 67.98 79.76
N ASP S 155 99.91 67.75 78.56
CA ASP S 155 99.04 66.60 78.38
C ASP S 155 99.20 66.02 76.99
N PRO S 156 100.17 65.13 76.80
CA PRO S 156 100.27 64.40 75.53
C PRO S 156 99.02 63.58 75.23
N SER S 157 98.30 63.15 76.27
CA SER S 157 97.02 62.47 76.05
C SER S 157 96.10 63.33 75.21
N ILE S 158 96.09 64.63 75.44
CA ILE S 158 95.47 65.55 74.51
C ILE S 158 96.19 65.44 73.18
N MET S 159 95.53 64.80 72.21
CA MET S 159 96.17 64.60 70.92
C MET S 159 96.71 65.90 70.37
N GLY S 160 95.96 66.98 70.51
CA GLY S 160 96.44 68.31 70.21
C GLY S 160 95.67 69.37 70.96
N GLY S 161 95.62 70.54 70.33
CA GLY S 161 94.86 71.65 70.84
C GLY S 161 95.29 72.06 72.23
N MET S 162 94.52 72.95 72.83
CA MET S 162 94.88 73.51 74.12
C MET S 162 93.64 73.51 74.98
N ILE S 163 93.76 72.94 76.17
CA ILE S 163 92.69 72.91 77.15
C ILE S 163 92.92 74.04 78.14
N VAL S 164 92.21 75.14 77.96
CA VAL S 164 92.37 76.32 78.79
C VAL S 164 91.14 76.46 79.65
N ARG S 165 91.24 76.05 80.91
CA ARG S 165 90.20 76.35 81.87
C ARG S 165 90.53 77.70 82.46
N ILE S 166 89.52 78.55 82.58
CA ILE S 166 89.70 79.91 83.09
C ILE S 166 88.42 80.26 83.84
N GLY S 167 88.52 80.36 85.16
CA GLY S 167 87.35 80.61 85.96
C GLY S 167 86.33 79.53 85.72
N GLU S 168 85.27 79.88 85.00
CA GLU S 168 84.33 78.88 84.52
C GLU S 168 84.61 78.49 83.08
N LYS S 169 85.22 79.39 82.31
CA LYS S 169 85.50 79.12 80.92
C LYS S 169 86.48 77.96 80.79
N TYR S 170 86.13 77.00 79.95
CA TYR S 170 87.02 75.88 79.67
C TYR S 170 87.26 75.86 78.19
N VAL S 171 88.42 76.35 77.77
CA VAL S 171 88.77 76.46 76.36
C VAL S 171 89.66 75.30 76.00
N ASP S 172 89.06 74.21 75.58
CA ASP S 172 89.76 72.98 75.23
C ASP S 172 89.89 72.93 73.72
N MET S 173 90.91 73.59 73.19
CA MET S 173 91.17 73.57 71.76
C MET S 173 91.62 72.19 71.30
N SER S 174 91.57 71.19 72.18
CA SER S 174 92.11 69.86 71.97
C SER S 174 91.86 69.32 70.58
N ALA S 175 92.95 69.03 69.86
CA ALA S 175 92.82 68.40 68.56
C ALA S 175 92.52 66.92 68.72
N LYS S 176 92.60 66.38 69.93
CA LYS S 176 91.93 65.11 70.19
C LYS S 176 90.43 65.28 69.99
N THR S 177 89.88 66.37 70.50
CA THR S 177 88.48 66.68 70.26
C THR S 177 88.23 66.95 68.78
N LYS S 178 89.15 67.68 68.15
CA LYS S 178 89.03 67.88 66.71
C LYS S 178 89.01 66.55 65.99
N ILE S 179 89.83 65.61 66.44
CA ILE S 179 89.87 64.27 65.86
C ILE S 179 88.53 63.58 66.07
N GLN S 180 87.96 63.72 67.26
CA GLN S 180 86.66 63.11 67.52
C GLN S 180 85.60 63.66 66.58
N LYS S 181 85.55 64.98 66.44
CA LYS S 181 84.60 65.59 65.52
C LYS S 181 84.84 65.12 64.10
N LEU S 182 86.11 65.02 63.72
CA LEU S 182 86.46 64.58 62.38
C LEU S 182 85.98 63.15 62.13
N SER S 183 86.14 62.28 63.13
CA SER S 183 85.65 60.91 62.99
C SER S 183 84.14 60.89 62.86
N ARG S 184 83.46 61.69 63.69
CA ARG S 184 82.01 61.82 63.57
C ARG S 184 81.63 62.19 62.15
N ALA S 185 82.36 63.12 61.56
CA ALA S 185 82.13 63.47 60.16
C ALA S 185 82.43 62.30 59.24
N MET S 186 83.55 61.61 59.49
CA MET S 186 84.00 60.55 58.60
C MET S 186 82.98 59.43 58.52
N ARG S 187 82.21 59.24 59.58
CA ARG S 187 81.07 58.34 59.50
C ARG S 187 80.07 58.82 58.46
N GLU S 188 79.76 60.12 58.47
CA GLU S 188 78.76 60.67 57.57
C GLU S 188 79.38 61.14 56.27
N MET T 1 -63.79 -30.20 48.10
CA MET T 1 -62.87 -29.78 49.14
C MET T 1 -61.43 -29.87 48.67
N ASN T 2 -60.81 -31.00 48.94
CA ASN T 2 -59.41 -31.26 48.57
C ASN T 2 -59.17 -31.12 47.08
N GLU T 3 -60.20 -31.31 46.26
CA GLU T 3 -60.10 -31.16 44.82
C GLU T 3 -59.64 -29.77 44.42
N ASN T 4 -59.85 -28.77 45.25
CA ASN T 4 -59.33 -27.44 45.01
C ASN T 4 -57.83 -27.34 45.23
N LEU T 5 -57.15 -28.47 45.47
CA LEU T 5 -55.73 -28.42 45.76
C LEU T 5 -54.89 -29.07 44.66
N PHE T 6 -55.14 -30.34 44.38
CA PHE T 6 -54.44 -30.99 43.29
C PHE T 6 -54.78 -30.35 41.96
N THR T 7 -55.94 -29.69 41.85
CA THR T 7 -56.23 -28.88 40.68
C THR T 7 -55.25 -27.72 40.57
N SER T 8 -54.97 -27.06 41.69
CA SER T 8 -53.87 -26.12 41.71
C SER T 8 -52.56 -26.81 41.39
N PHE T 9 -52.35 -28.02 41.91
CA PHE T 9 -51.22 -28.82 41.49
C PHE T 9 -51.23 -29.09 40.00
N ILE T 10 -52.39 -28.99 39.35
CA ILE T 10 -52.43 -29.03 37.90
C ILE T 10 -52.10 -27.66 37.35
N THR T 11 -51.14 -27.60 36.44
CA THR T 11 -50.85 -26.35 35.74
C THR T 11 -51.86 -26.15 34.61
N PRO T 12 -51.95 -24.95 34.06
CA PRO T 12 -52.99 -24.69 33.05
C PRO T 12 -52.56 -24.91 31.62
N VAL T 13 -53.44 -25.53 30.84
CA VAL T 13 -53.37 -25.52 29.38
C VAL T 13 -54.81 -25.60 28.88
N ILE T 14 -55.24 -24.59 28.13
CA ILE T 14 -56.66 -24.47 27.79
C ILE T 14 -57.12 -25.64 26.93
N LEU T 15 -56.31 -26.03 25.96
CA LEU T 15 -56.66 -27.07 24.99
C LEU T 15 -55.36 -27.73 24.56
N GLY T 16 -55.36 -28.31 23.37
CA GLY T 16 -54.11 -28.82 22.82
C GLY T 16 -53.20 -27.65 22.51
N LEU T 17 -52.95 -26.86 23.54
CA LEU T 17 -52.17 -25.63 23.50
C LEU T 17 -51.70 -25.38 24.92
N PRO T 18 -50.39 -25.33 25.15
CA PRO T 18 -49.82 -25.30 26.51
C PRO T 18 -49.83 -23.92 27.16
N LEU T 19 -50.93 -23.59 27.82
CA LEU T 19 -50.98 -22.34 28.59
C LEU T 19 -49.87 -22.30 29.63
N VAL T 20 -49.48 -23.45 30.18
CA VAL T 20 -48.40 -23.49 31.16
C VAL T 20 -47.08 -23.05 30.54
N THR T 21 -46.88 -23.37 29.26
CA THR T 21 -45.58 -23.09 28.63
C THR T 21 -45.29 -21.61 28.56
N LEU T 22 -46.34 -20.77 28.44
CA LEU T 22 -46.12 -19.33 28.39
C LEU T 22 -45.43 -18.85 29.66
N ILE T 23 -45.99 -19.18 30.82
CA ILE T 23 -45.34 -18.85 32.07
C ILE T 23 -43.99 -19.54 32.16
N VAL T 24 -43.90 -20.78 31.67
CA VAL T 24 -42.66 -21.52 31.71
C VAL T 24 -41.56 -20.81 30.95
N LEU T 25 -41.91 -20.00 29.96
CA LEU T 25 -40.94 -19.21 29.22
C LEU T 25 -40.80 -17.79 29.73
N PHE T 26 -41.76 -17.29 30.49
CA PHE T 26 -41.80 -15.87 30.86
C PHE T 26 -40.55 -15.32 31.52
N PRO T 27 -39.87 -16.04 32.43
CA PRO T 27 -38.84 -15.40 33.26
C PRO T 27 -37.68 -14.80 32.49
N SER T 28 -37.50 -15.23 31.24
CA SER T 28 -36.48 -14.65 30.38
C SER T 28 -36.68 -13.15 30.23
N LEU T 29 -37.91 -12.74 29.94
CA LEU T 29 -38.23 -11.34 29.70
C LEU T 29 -38.06 -10.48 30.92
N LEU T 30 -37.89 -11.08 32.10
CA LEU T 30 -37.69 -10.31 33.32
C LEU T 30 -36.40 -9.50 33.28
N PHE T 31 -35.69 -9.47 32.15
CA PHE T 31 -34.34 -8.92 32.06
C PHE T 31 -34.35 -7.57 31.36
N PRO T 32 -34.77 -6.52 32.06
CA PRO T 32 -34.52 -5.16 31.55
C PRO T 32 -33.03 -4.84 31.55
N THR T 33 -32.54 -4.20 30.50
CA THR T 33 -31.12 -3.88 30.38
C THR T 33 -30.95 -2.56 29.64
N SER T 34 -29.71 -2.26 29.26
CA SER T 34 -29.42 -1.02 28.55
C SER T 34 -28.23 -1.19 27.61
N ASN T 35 -27.84 -0.12 26.92
CA ASN T 35 -26.74 -0.16 25.97
C ASN T 35 -25.83 1.06 26.06
N ARG T 36 -26.18 2.01 26.92
CA ARG T 36 -25.48 3.27 26.98
C ARG T 36 -24.92 3.49 28.38
N LEU T 37 -24.47 4.72 28.65
CA LEU T 37 -23.89 5.02 29.95
C LEU T 37 -24.95 5.11 31.04
N VAL T 38 -26.21 5.33 30.68
CA VAL T 38 -27.25 5.52 31.68
C VAL T 38 -28.38 4.52 31.46
N SER T 39 -28.50 3.54 32.36
CA SER T 39 -29.58 2.57 32.29
C SER T 39 -30.86 3.18 32.86
N ASN T 40 -32.01 2.71 32.36
CA ASN T 40 -33.30 3.22 32.82
C ASN T 40 -33.52 2.83 34.28
N ARG T 41 -34.37 3.61 34.97
CA ARG T 41 -34.72 3.33 36.36
C ARG T 41 -34.88 1.84 36.58
N PHE T 42 -35.69 1.20 35.74
CA PHE T 42 -35.82 -0.25 35.75
C PHE T 42 -34.49 -0.94 35.50
N VAL T 43 -33.89 -0.70 34.33
CA VAL T 43 -32.64 -1.34 33.96
C VAL T 43 -31.53 -0.98 34.93
N THR T 44 -31.46 0.29 35.34
CA THR T 44 -30.42 0.70 36.27
C THR T 44 -30.55 -0.06 37.58
N LEU T 45 -31.77 -0.15 38.12
CA LEU T 45 -32.00 -0.91 39.34
C LEU T 45 -31.61 -2.36 39.12
N GLN T 46 -31.97 -2.89 37.96
CA GLN T 46 -31.63 -4.27 37.65
C GLN T 46 -30.13 -4.49 37.74
N GLN T 47 -29.35 -3.69 37.02
CA GLN T 47 -27.91 -3.87 36.98
C GLN T 47 -27.30 -3.63 38.35
N TRP T 48 -27.82 -2.65 39.08
CA TRP T 48 -27.25 -2.31 40.37
C TRP T 48 -27.44 -3.44 41.36
N MET T 49 -28.67 -3.92 41.49
CA MET T 49 -28.93 -5.05 42.36
C MET T 49 -28.20 -6.29 41.87
N LEU T 50 -28.02 -6.41 40.56
CA LEU T 50 -27.31 -7.53 40.00
C LEU T 50 -25.86 -7.53 40.47
N GLN T 51 -25.15 -6.45 40.19
CA GLN T 51 -23.78 -6.31 40.67
C GLN T 51 -23.72 -6.50 42.17
N LEU T 52 -24.71 -5.93 42.87
CA LEU T 52 -24.76 -6.03 44.32
C LEU T 52 -24.77 -7.49 44.77
N VAL T 53 -25.82 -8.22 44.43
CA VAL T 53 -25.98 -9.58 44.88
C VAL T 53 -24.83 -10.45 44.39
N SER T 54 -24.33 -10.16 43.19
CA SER T 54 -23.26 -10.98 42.64
C SER T 54 -22.00 -10.86 43.46
N LYS T 55 -21.43 -9.65 43.55
CA LYS T 55 -20.25 -9.46 44.37
C LYS T 55 -20.51 -9.87 45.81
N GLN T 56 -21.78 -9.81 46.23
CA GLN T 56 -22.12 -10.28 47.56
C GLN T 56 -21.86 -11.76 47.71
N MET T 57 -22.61 -12.58 46.97
CA MET T 57 -22.60 -14.02 47.21
C MET T 57 -21.55 -14.71 46.36
N MET T 58 -21.67 -14.59 45.05
CA MET T 58 -20.90 -15.44 44.16
C MET T 58 -19.43 -15.09 44.16
N SER T 59 -19.07 -13.90 44.66
CA SER T 59 -17.67 -13.50 44.65
C SER T 59 -16.80 -14.53 45.36
N ILE T 60 -17.35 -15.20 46.38
CA ILE T 60 -16.58 -16.18 47.12
C ILE T 60 -16.22 -17.39 46.26
N HIS T 61 -17.02 -17.70 45.24
CA HIS T 61 -16.77 -18.88 44.44
C HIS T 61 -15.44 -18.77 43.72
N ASN T 62 -14.93 -19.93 43.31
CA ASN T 62 -13.68 -20.00 42.57
C ASN T 62 -13.93 -19.61 41.11
N SER T 63 -12.89 -19.74 40.29
CA SER T 63 -12.89 -19.15 38.95
C SER T 63 -14.00 -19.67 38.06
N LYS T 64 -13.93 -20.94 37.67
CA LYS T 64 -14.95 -21.48 36.78
C LYS T 64 -16.30 -21.55 37.47
N GLY T 65 -16.29 -21.80 38.78
CA GLY T 65 -17.52 -21.66 39.54
C GLY T 65 -18.09 -20.27 39.40
N GLN T 66 -17.24 -19.25 39.48
CA GLN T 66 -17.71 -17.90 39.26
C GLN T 66 -18.27 -17.74 37.86
N THR T 67 -17.62 -18.35 36.88
CA THR T 67 -18.14 -18.31 35.51
C THR T 67 -19.57 -18.83 35.48
N TRP T 68 -19.79 -20.01 36.05
CA TRP T 68 -21.12 -20.58 36.13
C TRP T 68 -22.06 -19.75 36.99
N THR T 69 -21.52 -18.96 37.90
CA THR T 69 -22.34 -18.22 38.86
C THR T 69 -23.24 -17.25 38.14
N LEU T 70 -22.83 -16.79 36.96
CA LEU T 70 -23.71 -15.92 36.19
C LEU T 70 -25.03 -16.62 35.92
N MET T 71 -24.97 -17.81 35.32
CA MET T 71 -26.19 -18.56 35.09
C MET T 71 -26.85 -18.95 36.39
N LEU T 72 -26.06 -19.15 37.44
CA LEU T 72 -26.65 -19.45 38.74
C LEU T 72 -27.59 -18.34 39.15
N MET T 73 -27.08 -17.11 39.15
CA MET T 73 -27.91 -15.97 39.49
C MET T 73 -29.06 -15.84 38.52
N SER T 74 -28.81 -16.17 37.26
CA SER T 74 -29.85 -16.03 36.25
C SER T 74 -31.04 -16.93 36.56
N LEU T 75 -30.78 -18.21 36.76
CA LEU T 75 -31.85 -19.14 37.10
C LEU T 75 -32.46 -18.78 38.45
N ILE T 76 -31.66 -18.22 39.34
CA ILE T 76 -32.19 -17.75 40.62
C ILE T 76 -33.25 -16.70 40.38
N LEU T 77 -32.94 -15.73 39.52
CA LEU T 77 -33.90 -14.68 39.20
C LEU T 77 -35.12 -15.28 38.53
N PHE T 78 -34.92 -16.27 37.67
CA PHE T 78 -36.04 -16.95 37.04
C PHE T 78 -36.98 -17.52 38.10
N ILE T 79 -36.42 -18.24 39.07
CA ILE T 79 -37.22 -18.87 40.10
C ILE T 79 -37.94 -17.82 40.94
N GLY T 80 -37.22 -16.75 41.29
CA GLY T 80 -37.83 -15.70 42.08
C GLY T 80 -38.97 -15.04 41.34
N SER T 81 -38.77 -14.80 40.05
CA SER T 81 -39.82 -14.25 39.22
C SER T 81 -41.02 -15.20 39.19
N THR T 82 -40.74 -16.49 39.10
CA THR T 82 -41.80 -17.48 39.13
C THR T 82 -42.59 -17.38 40.44
N ASN T 83 -41.87 -17.22 41.53
CA ASN T 83 -42.49 -17.04 42.83
C ASN T 83 -43.38 -15.82 42.89
N LEU T 84 -42.90 -14.69 42.37
CA LEU T 84 -43.71 -13.49 42.31
C LEU T 84 -44.96 -13.72 41.48
N LEU T 85 -44.79 -14.35 40.31
CA LEU T 85 -45.91 -14.56 39.41
C LEU T 85 -46.98 -15.43 40.04
N GLY T 86 -46.57 -16.51 40.71
CA GLY T 86 -47.56 -17.43 41.29
C GLY T 86 -48.49 -16.74 42.26
N LEU T 87 -48.06 -15.60 42.81
CA LEU T 87 -48.92 -14.82 43.68
C LEU T 87 -50.18 -14.36 43.00
N LEU T 88 -50.22 -14.34 41.67
CA LEU T 88 -51.46 -13.99 41.00
C LEU T 88 -52.53 -15.03 41.34
N PRO T 89 -53.79 -14.59 41.49
CA PRO T 89 -54.82 -15.46 42.06
C PRO T 89 -54.97 -16.77 41.32
N HIS T 90 -54.79 -16.74 40.01
CA HIS T 90 -54.89 -17.95 39.21
C HIS T 90 -53.54 -18.42 38.68
N SER T 91 -52.44 -17.76 39.03
CA SER T 91 -51.16 -18.15 38.46
C SER T 91 -50.59 -19.37 39.17
N PHE T 92 -50.53 -20.48 38.45
CA PHE T 92 -49.96 -21.73 38.96
C PHE T 92 -48.66 -21.99 38.24
N THR T 93 -47.55 -21.78 38.94
CA THR T 93 -46.22 -21.94 38.35
C THR T 93 -45.76 -23.39 38.46
N PRO T 94 -45.43 -24.04 37.34
CA PRO T 94 -44.98 -25.43 37.41
C PRO T 94 -43.68 -25.59 38.17
N THR T 95 -43.08 -24.51 38.66
CA THR T 95 -41.97 -24.67 39.57
C THR T 95 -42.32 -25.54 40.75
N THR T 96 -43.39 -25.22 41.47
CA THR T 96 -43.84 -26.08 42.56
C THR T 96 -44.18 -27.46 42.05
N GLN T 97 -44.66 -27.56 40.81
CA GLN T 97 -44.78 -28.85 40.19
C GLN T 97 -43.41 -29.51 40.14
N LEU T 98 -43.31 -30.69 40.76
CA LEU T 98 -42.03 -31.34 40.93
C LEU T 98 -41.31 -31.58 39.60
N SER T 99 -42.06 -31.69 38.52
CA SER T 99 -41.46 -31.93 37.22
C SER T 99 -40.45 -30.84 36.87
N MET T 100 -40.92 -29.61 36.73
CA MET T 100 -40.04 -28.50 36.36
C MET T 100 -38.96 -28.28 37.40
N ASN T 101 -39.34 -28.37 38.67
CA ASN T 101 -38.37 -28.21 39.74
C ASN T 101 -37.20 -29.16 39.55
N LEU T 102 -37.46 -30.47 39.65
CA LEU T 102 -36.39 -31.44 39.57
C LEU T 102 -35.65 -31.34 38.24
N GLY T 103 -36.37 -30.99 37.18
CA GLY T 103 -35.73 -30.89 35.88
C GLY T 103 -34.68 -29.80 35.83
N MET T 104 -35.05 -28.59 36.21
CA MET T 104 -34.04 -27.55 36.37
C MET T 104 -32.97 -27.94 37.38
N ALA T 105 -33.33 -28.74 38.38
CA ALA T 105 -32.45 -29.03 39.49
C ALA T 105 -31.29 -29.93 39.12
N ILE T 106 -31.59 -31.10 38.58
CA ILE T 106 -30.65 -32.21 38.50
C ILE T 106 -29.32 -31.75 37.90
N PRO T 107 -29.35 -30.90 36.89
CA PRO T 107 -28.10 -30.49 36.24
C PRO T 107 -27.13 -29.86 37.21
N LEU T 108 -27.64 -29.32 38.32
CA LEU T 108 -26.75 -28.73 39.30
C LEU T 108 -25.78 -29.75 39.84
N TRP T 109 -26.29 -30.73 40.59
CA TRP T 109 -25.43 -31.77 41.13
C TRP T 109 -24.74 -32.51 40.00
N ALA T 110 -25.38 -32.53 38.83
CA ALA T 110 -24.73 -33.11 37.67
C ALA T 110 -23.39 -32.44 37.42
N GLY T 111 -23.42 -31.16 37.05
CA GLY T 111 -22.18 -30.45 36.80
C GLY T 111 -21.26 -30.47 38.00
N ALA T 112 -21.83 -30.54 39.19
CA ALA T 112 -21.02 -30.64 40.40
C ALA T 112 -20.13 -31.87 40.34
N VAL T 113 -20.73 -33.05 40.28
CA VAL T 113 -19.95 -34.29 40.28
C VAL T 113 -19.06 -34.35 39.05
N ILE T 114 -19.56 -33.85 37.92
CA ILE T 114 -18.78 -33.90 36.69
C ILE T 114 -17.50 -33.10 36.86
N THR T 115 -17.60 -31.89 37.38
CA THR T 115 -16.41 -31.09 37.63
C THR T 115 -15.51 -31.76 38.66
N GLY T 116 -16.10 -32.31 39.71
CA GLY T 116 -15.30 -32.95 40.74
C GLY T 116 -14.46 -34.07 40.18
N PHE T 117 -15.05 -34.93 39.36
CA PHE T 117 -14.28 -35.96 38.67
C PHE T 117 -13.27 -35.33 37.72
N ARG T 118 -13.71 -34.33 36.94
CA ARG T 118 -12.88 -33.74 35.91
C ARG T 118 -11.61 -33.12 36.47
N ASN T 119 -11.65 -32.66 37.71
CA ASN T 119 -10.44 -32.15 38.35
C ASN T 119 -9.67 -33.27 39.02
N LYS T 120 -10.29 -33.91 40.01
CA LYS T 120 -9.70 -35.07 40.70
C LYS T 120 -10.85 -35.80 41.37
N THR T 121 -11.26 -36.92 40.79
CA THR T 121 -12.21 -37.77 41.49
C THR T 121 -11.63 -38.25 42.82
N LYS T 122 -10.30 -38.27 42.94
CA LYS T 122 -9.67 -38.53 44.22
C LYS T 122 -10.03 -37.41 45.18
N ALA T 123 -10.00 -36.17 44.68
CA ALA T 123 -10.45 -35.05 45.50
C ALA T 123 -11.90 -35.24 45.90
N SER T 124 -12.71 -35.81 45.01
CA SER T 124 -14.09 -36.13 45.38
C SER T 124 -14.12 -37.16 46.50
N LEU T 125 -13.29 -38.19 46.38
CA LEU T 125 -13.22 -39.20 47.43
C LEU T 125 -12.90 -38.57 48.77
N ALA T 126 -11.92 -37.67 48.78
CA ALA T 126 -11.64 -36.91 49.99
C ALA T 126 -12.83 -36.10 50.43
N HIS T 127 -13.54 -35.47 49.50
CA HIS T 127 -14.78 -34.79 49.82
C HIS T 127 -15.74 -35.75 50.51
N PHE T 128 -15.70 -37.00 50.16
CA PHE T 128 -16.46 -37.96 50.92
C PHE T 128 -15.70 -38.56 52.07
N LEU T 129 -14.40 -38.30 52.24
CA LEU T 129 -13.66 -39.06 53.25
C LEU T 129 -12.78 -38.16 54.12
N PRO T 130 -12.91 -38.24 55.44
CA PRO T 130 -12.05 -37.44 56.31
C PRO T 130 -10.66 -38.06 56.43
N GLN T 131 -9.66 -37.18 56.43
CA GLN T 131 -8.28 -37.64 56.52
C GLN T 131 -7.92 -37.97 57.96
N GLY T 132 -7.61 -39.23 58.20
CA GLY T 132 -7.17 -39.65 59.52
C GLY T 132 -8.21 -39.46 60.60
N THR T 133 -9.45 -39.84 60.35
CA THR T 133 -10.49 -39.76 61.38
C THR T 133 -10.46 -41.01 62.24
N PRO T 134 -11.41 -41.18 63.16
CA PRO T 134 -11.46 -42.42 63.95
C PRO T 134 -11.56 -43.64 63.05
N THR T 135 -10.49 -44.44 63.06
CA THR T 135 -10.27 -45.42 61.99
C THR T 135 -11.31 -46.53 61.95
N PRO T 136 -11.88 -46.98 63.08
CA PRO T 136 -12.54 -48.29 63.08
C PRO T 136 -13.71 -48.45 62.11
N LEU T 137 -14.52 -47.41 61.90
CA LEU T 137 -15.78 -47.57 61.19
C LEU T 137 -16.01 -46.52 60.10
N ILE T 138 -15.00 -46.23 59.29
CA ILE T 138 -15.09 -45.21 58.25
C ILE T 138 -16.23 -45.53 57.29
N PRO T 139 -16.40 -46.79 56.89
CA PRO T 139 -17.40 -47.11 55.86
C PRO T 139 -18.82 -46.70 56.20
N MET T 140 -19.23 -46.90 57.46
CA MET T 140 -20.58 -46.51 57.86
C MET T 140 -20.86 -45.04 57.60
N LEU T 141 -19.84 -44.19 57.73
CA LEU T 141 -19.96 -42.79 57.39
C LEU T 141 -20.03 -42.54 55.90
N VAL T 142 -19.14 -43.16 55.14
CA VAL T 142 -19.12 -42.95 53.69
C VAL T 142 -20.44 -43.37 53.07
N ILE T 143 -21.12 -44.33 53.69
CA ILE T 143 -22.44 -44.73 53.19
C ILE T 143 -23.39 -43.54 53.21
N ILE T 144 -23.61 -42.97 54.39
CA ILE T 144 -24.47 -41.81 54.50
C ILE T 144 -23.94 -40.67 53.65
N GLU T 145 -22.62 -40.61 53.49
CA GLU T 145 -22.01 -39.55 52.71
C GLU T 145 -22.47 -39.63 51.26
N THR T 146 -22.32 -40.79 50.64
CA THR T 146 -22.76 -40.95 49.26
C THR T 146 -24.26 -40.75 49.16
N ILE T 147 -25.01 -41.25 50.14
CA ILE T 147 -26.46 -41.08 50.11
C ILE T 147 -26.82 -39.61 50.06
N SER T 148 -26.24 -38.81 50.95
CA SER T 148 -26.54 -37.39 50.98
C SER T 148 -26.04 -36.71 49.72
N LEU T 149 -24.88 -37.13 49.21
CA LEU T 149 -24.39 -36.58 47.97
C LEU T 149 -25.44 -36.71 46.89
N PHE T 150 -26.01 -37.91 46.77
CA PHE T 150 -27.13 -38.09 45.85
C PHE T 150 -28.29 -37.17 46.21
N ILE T 151 -28.70 -37.14 47.46
CA ILE T 151 -29.89 -36.40 47.85
C ILE T 151 -29.78 -34.90 47.61
N GLN T 152 -28.56 -34.37 47.55
CA GLN T 152 -28.32 -32.94 47.63
C GLN T 152 -29.25 -32.12 46.75
N PRO T 153 -29.08 -32.21 45.43
CA PRO T 153 -30.00 -31.46 44.57
C PRO T 153 -31.44 -31.88 44.75
N MET T 154 -31.66 -33.17 44.99
CA MET T 154 -33.01 -33.64 45.25
C MET T 154 -33.58 -32.98 46.48
N ALA T 155 -32.77 -32.87 47.53
CA ALA T 155 -33.20 -32.21 48.75
C ALA T 155 -33.58 -30.78 48.45
N LEU T 156 -32.76 -30.10 47.67
CA LEU T 156 -33.03 -28.71 47.33
C LEU T 156 -34.38 -28.57 46.65
N ALA T 157 -34.57 -29.36 45.60
CA ALA T 157 -35.81 -29.28 44.83
C ALA T 157 -37.00 -29.58 45.71
N VAL T 158 -36.89 -30.62 46.53
CA VAL T 158 -37.98 -30.99 47.40
C VAL T 158 -38.34 -29.83 48.30
N ARG T 159 -37.35 -29.25 48.97
CA ARG T 159 -37.63 -28.18 49.90
C ARG T 159 -38.32 -27.01 49.20
N LEU T 160 -37.73 -26.58 48.07
CA LEU T 160 -38.24 -25.37 47.43
C LEU T 160 -39.64 -25.59 46.89
N THR T 161 -39.84 -26.66 46.14
CA THR T 161 -41.14 -26.93 45.56
C THR T 161 -42.18 -27.15 46.65
N ALA T 162 -41.77 -27.84 47.71
CA ALA T 162 -42.65 -28.03 48.85
C ALA T 162 -43.10 -26.69 49.39
N ASN T 163 -42.16 -25.76 49.54
CA ASN T 163 -42.50 -24.45 50.07
C ASN T 163 -43.52 -23.76 49.17
N ILE T 164 -43.27 -23.79 47.86
CA ILE T 164 -44.14 -23.06 46.94
C ILE T 164 -45.54 -23.65 46.98
N THR T 165 -45.63 -24.97 46.83
CA THR T 165 -46.91 -25.63 46.86
C THR T 165 -47.61 -25.39 48.19
N ALA T 166 -46.84 -25.38 49.27
CA ALA T 166 -47.43 -25.15 50.58
C ALA T 166 -48.05 -23.77 50.65
N GLY T 167 -47.34 -22.77 50.15
CA GLY T 167 -47.90 -21.43 50.14
C GLY T 167 -49.19 -21.39 49.36
N HIS T 168 -49.19 -22.02 48.19
CA HIS T 168 -50.40 -22.05 47.37
C HIS T 168 -51.55 -22.71 48.12
N LEU T 169 -51.29 -23.88 48.68
CA LEU T 169 -52.33 -24.64 49.35
C LEU T 169 -52.88 -23.89 50.55
N LEU T 170 -51.99 -23.28 51.34
CA LEU T 170 -52.44 -22.52 52.49
C LEU T 170 -53.31 -21.37 52.06
N ILE T 171 -52.93 -20.67 51.00
CA ILE T 171 -53.75 -19.57 50.52
C ILE T 171 -55.13 -20.08 50.14
N HIS T 172 -55.19 -21.15 49.35
CA HIS T 172 -56.48 -21.64 48.90
C HIS T 172 -57.34 -22.09 50.06
N LEU T 173 -56.73 -22.82 51.00
CA LEU T 173 -57.47 -23.33 52.14
C LEU T 173 -58.01 -22.20 52.99
N ILE T 174 -57.16 -21.23 53.33
CA ILE T 174 -57.60 -20.13 54.18
C ILE T 174 -58.70 -19.34 53.50
N GLY T 175 -58.57 -19.13 52.19
CA GLY T 175 -59.58 -18.37 51.49
C GLY T 175 -60.92 -19.09 51.44
N GLY T 176 -60.89 -20.40 51.15
CA GLY T 176 -62.13 -21.16 51.18
C GLY T 176 -62.74 -21.19 52.57
N ALA T 177 -61.89 -21.26 53.59
CA ALA T 177 -62.39 -21.25 54.96
C ALA T 177 -63.06 -19.93 55.30
N THR T 178 -62.44 -18.82 54.90
CA THR T 178 -63.07 -17.52 55.10
C THR T 178 -64.37 -17.43 54.31
N LEU T 179 -64.41 -18.02 53.11
CA LEU T 179 -65.63 -18.04 52.33
C LEU T 179 -66.74 -18.76 53.08
N ALA T 180 -66.42 -19.91 53.67
CA ALA T 180 -67.41 -20.62 54.48
C ALA T 180 -67.83 -19.78 55.67
N LEU T 181 -66.87 -19.14 56.33
CA LEU T 181 -67.17 -18.34 57.52
C LEU T 181 -67.95 -17.08 57.18
N MET T 182 -67.99 -16.70 55.90
CA MET T 182 -68.69 -15.48 55.51
C MET T 182 -70.14 -15.47 55.98
N SER T 183 -70.77 -16.64 56.05
CA SER T 183 -72.12 -16.72 56.60
C SER T 183 -72.12 -16.97 58.10
N ILE T 184 -70.95 -16.98 58.73
CA ILE T 184 -70.84 -17.28 60.15
C ILE T 184 -70.71 -15.96 60.90
N SER T 185 -70.66 -16.03 62.23
CA SER T 185 -70.61 -14.86 63.09
C SER T 185 -69.69 -13.79 62.53
N THR T 186 -70.13 -12.54 62.61
CA THR T 186 -69.32 -11.44 62.11
C THR T 186 -67.91 -11.49 62.68
N THR T 187 -67.80 -11.83 63.97
CA THR T 187 -66.50 -12.12 64.54
C THR T 187 -65.81 -13.24 63.80
N THR T 188 -66.54 -14.32 63.49
CA THR T 188 -65.93 -15.48 62.85
C THR T 188 -65.41 -15.14 61.45
N ALA T 189 -66.25 -14.55 60.60
CA ALA T 189 -65.80 -14.20 59.25
C ALA T 189 -64.68 -13.17 59.31
N LEU T 190 -64.80 -12.18 60.18
CA LEU T 190 -63.78 -11.15 60.29
C LEU T 190 -62.44 -11.74 60.68
N ILE T 191 -62.44 -12.65 61.67
CA ILE T 191 -61.20 -13.28 62.10
C ILE T 191 -60.63 -14.14 61.00
N THR T 192 -61.48 -14.91 60.32
CA THR T 192 -60.99 -15.69 59.20
C THR T 192 -60.27 -14.82 58.19
N PHE T 193 -60.88 -13.69 57.83
CA PHE T 193 -60.26 -12.80 56.85
C PHE T 193 -58.96 -12.20 57.36
N THR T 194 -58.94 -11.73 58.61
CA THR T 194 -57.75 -11.09 59.13
C THR T 194 -56.59 -12.07 59.22
N ILE T 195 -56.86 -13.27 59.72
CA ILE T 195 -55.83 -14.30 59.79
C ILE T 195 -55.39 -14.67 58.38
N LEU T 196 -56.32 -14.65 57.43
CA LEU T 196 -55.93 -14.92 56.05
C LEU T 196 -54.98 -13.87 55.53
N ILE T 197 -55.23 -12.61 55.86
CA ILE T 197 -54.32 -11.54 55.46
C ILE T 197 -52.94 -11.78 56.06
N LEU T 198 -52.91 -12.13 57.35
CA LEU T 198 -51.65 -12.46 57.99
C LEU T 198 -50.95 -13.60 57.25
N LEU T 199 -51.72 -14.64 56.91
CA LEU T 199 -51.16 -15.78 56.23
C LEU T 199 -50.58 -15.39 54.88
N THR T 200 -51.28 -14.54 54.15
CA THR T 200 -50.81 -14.12 52.83
C THR T 200 -49.52 -13.34 52.94
N ILE T 201 -49.43 -12.42 53.90
CA ILE T 201 -48.21 -11.65 54.08
C ILE T 201 -47.05 -12.59 54.40
N LEU T 202 -47.28 -13.52 55.33
CA LEU T 202 -46.26 -14.49 55.67
C LEU T 202 -45.86 -15.29 54.45
N GLU T 203 -46.83 -15.66 53.62
CA GLU T 203 -46.53 -16.47 52.44
C GLU T 203 -45.65 -15.71 51.46
N PHE T 204 -45.95 -14.43 51.24
CA PHE T 204 -45.12 -13.66 50.32
C PHE T 204 -43.70 -13.54 50.84
N ALA T 205 -43.56 -13.24 52.14
CA ALA T 205 -42.22 -13.14 52.72
C ALA T 205 -41.49 -14.47 52.59
N VAL T 206 -42.21 -15.56 52.85
CA VAL T 206 -41.63 -16.88 52.73
C VAL T 206 -41.23 -17.15 51.29
N ALA T 207 -41.99 -16.64 50.33
CA ALA T 207 -41.63 -16.82 48.95
C ALA T 207 -40.27 -16.20 48.68
N MET T 208 -40.11 -14.93 49.07
CA MET T 208 -38.82 -14.29 48.94
C MET T 208 -37.74 -15.11 49.60
N ILE T 209 -38.02 -15.58 50.81
CA ILE T 209 -37.03 -16.30 51.60
C ILE T 209 -36.60 -17.57 50.90
N GLN T 210 -37.57 -18.37 50.47
CA GLN T 210 -37.25 -19.67 49.88
C GLN T 210 -36.52 -19.48 48.57
N ALA T 211 -36.86 -18.44 47.81
CA ALA T 211 -36.13 -18.18 46.59
C ALA T 211 -34.67 -17.89 46.88
N TYR T 212 -34.42 -16.95 47.79
CA TYR T 212 -33.04 -16.63 48.14
C TYR T 212 -32.35 -17.87 48.68
N VAL T 213 -33.10 -18.69 49.40
CA VAL T 213 -32.55 -19.90 49.98
C VAL T 213 -32.13 -20.86 48.90
N PHE T 214 -32.98 -21.04 47.89
CA PHE T 214 -32.65 -21.94 46.80
C PHE T 214 -31.40 -21.46 46.08
N THR T 215 -31.34 -20.16 45.82
CA THR T 215 -30.16 -19.61 45.17
C THR T 215 -28.92 -19.88 46.00
N LEU T 216 -28.98 -19.58 47.29
CA LEU T 216 -27.84 -19.77 48.16
C LEU T 216 -27.44 -21.24 48.22
N LEU T 217 -28.43 -22.13 48.27
CA LEU T 217 -28.14 -23.55 48.37
C LEU T 217 -27.44 -24.04 47.12
N VAL T 218 -27.91 -23.59 45.96
CA VAL T 218 -27.22 -23.94 44.73
C VAL T 218 -25.78 -23.47 44.79
N SER T 219 -25.58 -22.21 45.17
CA SER T 219 -24.23 -21.69 45.29
C SER T 219 -23.43 -22.52 46.28
N LEU T 220 -24.10 -23.03 47.31
CA LEU T 220 -23.44 -23.79 48.34
C LEU T 220 -22.94 -25.10 47.77
N TYR T 221 -23.79 -25.80 47.03
CA TYR T 221 -23.34 -27.00 46.36
C TYR T 221 -22.14 -26.69 45.47
N LEU T 222 -22.22 -25.58 44.74
CA LEU T 222 -21.11 -25.20 43.86
C LEU T 222 -19.83 -25.02 44.65
N HIS T 223 -19.88 -24.25 45.72
CA HIS T 223 -18.70 -24.00 46.52
C HIS T 223 -18.19 -25.29 47.13
N ASP T 224 -19.11 -26.19 47.52
CA ASP T 224 -18.72 -27.51 47.95
C ASP T 224 -17.95 -28.23 46.87
N ASN T 225 -18.31 -27.97 45.61
CA ASN T 225 -17.59 -28.51 44.47
C ASN T 225 -16.56 -27.50 44.01
N THR T 226 -16.52 -26.36 44.69
CA THR T 226 -15.51 -25.35 44.42
C THR T 226 -14.55 -25.31 45.59
N PRO U 1 -25.09 6.18 22.80
CA PRO U 1 -25.70 7.16 21.91
C PRO U 1 -27.21 7.20 22.06
N VAL U 2 -27.69 6.69 23.19
CA VAL U 2 -29.12 6.64 23.48
C VAL U 2 -29.65 8.07 23.52
N PRO U 3 -30.87 8.31 23.07
CA PRO U 3 -31.44 9.66 23.14
C PRO U 3 -31.76 10.02 24.58
N PRO U 4 -32.39 11.16 24.80
CA PRO U 4 -32.67 11.58 26.18
C PRO U 4 -33.52 10.55 26.92
N LEU U 5 -32.89 9.95 27.92
CA LEU U 5 -33.59 9.02 28.79
C LEU U 5 -34.63 9.79 29.57
N PRO U 6 -35.89 9.37 29.57
CA PRO U 6 -36.92 10.22 30.20
C PRO U 6 -36.79 10.31 31.71
N GLU U 7 -37.16 11.47 32.25
CA GLU U 7 -37.38 11.62 33.68
C GLU U 7 -38.85 11.63 34.04
N HIS U 8 -39.72 11.86 33.05
CA HIS U 8 -41.15 11.61 33.16
C HIS U 8 -41.57 10.83 31.93
N GLY U 9 -42.29 9.74 32.15
CA GLY U 9 -42.65 8.82 31.09
C GLY U 9 -44.16 8.72 30.91
N GLY U 10 -44.61 7.55 30.47
CA GLY U 10 -46.01 7.31 30.20
C GLY U 10 -46.92 7.53 31.39
N LYS U 11 -47.67 8.62 31.36
CA LYS U 11 -48.52 8.98 32.50
C LYS U 11 -49.70 8.03 32.61
N VAL U 12 -50.10 7.79 33.85
CA VAL U 12 -51.30 7.03 34.17
C VAL U 12 -52.06 7.77 35.26
N ARG U 13 -53.31 8.10 34.98
CA ARG U 13 -54.16 8.80 35.94
C ARG U 13 -54.39 7.88 37.14
N PHE U 14 -54.49 8.48 38.32
CA PHE U 14 -54.51 7.76 39.59
C PHE U 14 -53.39 6.74 39.68
N GLY U 15 -52.25 7.03 39.05
CA GLY U 15 -51.17 6.08 38.94
C GLY U 15 -51.48 4.86 38.10
N LEU U 16 -52.70 4.76 37.59
CA LEU U 16 -53.05 3.55 36.84
C LEU U 16 -53.68 3.85 35.49
N ILE U 17 -54.54 4.87 35.40
CA ILE U 17 -55.31 5.09 34.18
C ILE U 17 -54.42 5.83 33.20
N PRO U 18 -53.83 5.14 32.22
CA PRO U 18 -52.88 5.80 31.32
C PRO U 18 -53.53 6.96 30.58
N GLU U 19 -52.68 7.80 30.00
CA GLU U 19 -53.03 9.20 29.77
C GLU U 19 -54.18 9.38 28.77
N GLU U 20 -53.96 9.02 27.49
CA GLU U 20 -54.86 9.55 26.47
C GLU U 20 -56.23 8.90 26.54
N PHE U 21 -56.36 7.75 27.20
CA PHE U 21 -57.69 7.22 27.48
C PHE U 21 -58.45 8.15 28.42
N PHE U 22 -57.78 8.61 29.48
CA PHE U 22 -58.41 9.57 30.39
C PHE U 22 -58.69 10.89 29.67
N GLN U 23 -57.78 11.29 28.78
CA GLN U 23 -58.00 12.51 28.01
C GLN U 23 -59.27 12.38 27.17
N PHE U 24 -59.42 11.26 26.47
CA PHE U 24 -60.59 11.03 25.66
C PHE U 24 -61.85 10.93 26.49
N LEU U 25 -61.81 10.25 27.64
CA LEU U 25 -62.94 10.22 28.55
C LEU U 25 -63.35 11.61 29.01
N TYR U 26 -62.37 12.48 29.29
CA TYR U 26 -62.68 13.90 29.39
C TYR U 26 -63.30 14.41 28.11
N PRO U 27 -62.73 14.16 26.94
CA PRO U 27 -63.38 14.60 25.70
C PRO U 27 -64.68 13.88 25.41
N LYS U 28 -64.83 12.66 25.91
CA LYS U 28 -66.06 11.91 25.70
C LYS U 28 -67.10 12.16 26.77
N THR U 29 -66.73 12.10 28.05
CA THR U 29 -67.69 12.27 29.12
C THR U 29 -67.19 13.17 30.24
N GLY U 30 -65.98 13.72 30.13
CA GLY U 30 -65.52 14.62 31.16
C GLY U 30 -65.11 13.86 32.40
N VAL U 31 -65.92 14.01 33.46
CA VAL U 31 -65.48 13.66 34.80
C VAL U 31 -65.44 12.16 35.08
N THR U 32 -66.57 11.47 34.98
CA THR U 32 -66.63 10.10 35.50
C THR U 32 -66.52 9.04 34.41
N GLY U 33 -66.33 9.44 33.15
CA GLY U 33 -66.58 8.57 32.02
C GLY U 33 -65.95 7.19 32.08
N PRO U 34 -64.63 7.12 31.89
CA PRO U 34 -63.99 5.80 31.89
C PRO U 34 -64.18 5.03 33.19
N TYR U 35 -64.12 5.74 34.32
CA TYR U 35 -64.38 5.09 35.60
C TYR U 35 -65.77 4.50 35.64
N VAL U 36 -66.75 5.25 35.12
CA VAL U 36 -68.13 4.76 35.10
C VAL U 36 -68.25 3.52 34.22
N LEU U 37 -67.61 3.54 33.05
CA LEU U 37 -67.68 2.39 32.16
C LEU U 37 -67.09 1.14 32.82
N GLY U 38 -65.93 1.30 33.45
CA GLY U 38 -65.35 0.17 34.16
C GLY U 38 -66.25 -0.34 35.27
N THR U 39 -66.84 0.58 36.03
CA THR U 39 -67.71 0.18 37.13
C THR U 39 -68.90 -0.63 36.62
N GLY U 40 -69.52 -0.15 35.55
CA GLY U 40 -70.66 -0.87 34.98
C GLY U 40 -70.28 -2.25 34.50
N LEU U 41 -69.14 -2.34 33.81
CA LEU U 41 -68.69 -3.64 33.30
C LEU U 41 -68.43 -4.61 34.44
N ILE U 42 -67.76 -4.15 35.49
CA ILE U 42 -67.44 -5.02 36.61
C ILE U 42 -68.71 -5.46 37.32
N LEU U 43 -69.65 -4.53 37.50
CA LEU U 43 -70.91 -4.88 38.14
C LEU U 43 -71.65 -5.93 37.35
N TYR U 44 -71.66 -5.79 36.01
CA TYR U 44 -72.29 -6.82 35.19
C TYR U 44 -71.60 -8.17 35.36
N LEU U 45 -70.27 -8.18 35.34
CA LEU U 45 -69.55 -9.45 35.47
C LEU U 45 -69.86 -10.11 36.80
N LEU U 46 -69.90 -9.32 37.87
CA LEU U 46 -70.13 -9.87 39.20
C LEU U 46 -71.55 -10.37 39.35
N SER U 47 -72.53 -9.55 38.97
CA SER U 47 -73.94 -9.91 39.11
C SER U 47 -74.22 -11.17 38.31
N LYS U 48 -73.71 -11.21 37.08
CA LYS U 48 -73.79 -12.42 36.30
C LYS U 48 -72.90 -13.52 36.85
N GLU U 49 -72.03 -13.20 37.81
CA GLU U 49 -70.98 -14.11 38.25
C GLU U 49 -70.14 -14.56 37.07
N ILE U 50 -69.81 -13.63 36.18
CA ILE U 50 -69.02 -13.95 35.01
C ILE U 50 -67.65 -14.47 35.42
N TYR U 51 -67.11 -13.95 36.51
CA TYR U 51 -65.78 -14.32 37.01
C TYR U 51 -65.98 -15.26 38.19
N VAL U 52 -65.11 -16.27 38.29
CA VAL U 52 -65.20 -17.27 39.35
C VAL U 52 -64.37 -16.83 40.53
N ILE U 53 -64.94 -15.98 41.38
CA ILE U 53 -64.24 -15.57 42.60
C ILE U 53 -64.19 -16.75 43.56
N THR U 54 -63.04 -16.93 44.17
CA THR U 54 -62.80 -18.04 45.08
C THR U 54 -61.88 -17.56 46.18
N PRO U 55 -61.43 -18.44 47.06
CA PRO U 55 -60.31 -18.09 47.94
C PRO U 55 -59.26 -17.22 47.26
N GLU U 56 -58.95 -17.56 46.00
CA GLU U 56 -57.91 -16.86 45.26
C GLU U 56 -58.16 -15.36 45.19
N THR U 57 -59.42 -14.94 45.13
CA THR U 57 -59.72 -13.52 45.07
C THR U 57 -59.21 -12.80 46.30
N PHE U 58 -59.58 -13.28 47.50
CA PHE U 58 -59.12 -12.65 48.73
C PHE U 58 -57.61 -12.72 48.85
N SER U 59 -57.02 -13.86 48.46
CA SER U 59 -55.58 -13.98 48.57
C SER U 59 -54.86 -12.94 47.73
N ALA U 60 -55.26 -12.80 46.47
CA ALA U 60 -54.60 -11.82 45.61
C ALA U 60 -54.86 -10.41 46.10
N ILE U 61 -56.06 -10.15 46.63
CA ILE U 61 -56.32 -8.84 47.20
C ILE U 61 -55.33 -8.56 48.32
N SER U 62 -55.09 -9.56 49.16
CA SER U 62 -54.13 -9.40 50.25
C SER U 62 -52.73 -9.12 49.71
N THR U 63 -52.34 -9.85 48.67
CA THR U 63 -51.03 -9.65 48.08
C THR U 63 -50.88 -8.21 47.59
N ILE U 64 -51.90 -7.72 46.89
CA ILE U 64 -51.87 -6.37 46.37
C ILE U 64 -51.78 -5.35 47.50
N GLY U 65 -52.53 -5.56 48.58
CA GLY U 65 -52.52 -4.60 49.67
C GLY U 65 -51.17 -4.52 50.36
N PHE U 66 -50.57 -5.68 50.65
CA PHE U 66 -49.23 -5.68 51.25
C PHE U 66 -48.24 -4.99 50.34
N LEU U 67 -48.33 -5.26 49.05
CA LEU U 67 -47.45 -4.59 48.10
C LEU U 67 -47.65 -3.08 48.16
N VAL U 68 -48.90 -2.62 48.24
CA VAL U 68 -49.17 -1.19 48.25
C VAL U 68 -48.54 -0.56 49.48
N TYR U 69 -48.68 -1.22 50.63
CA TYR U 69 -48.02 -0.74 51.83
C TYR U 69 -46.52 -0.62 51.61
N ILE U 70 -45.93 -1.63 50.98
CA ILE U 70 -44.50 -1.61 50.72
C ILE U 70 -44.12 -0.46 49.81
N VAL U 71 -44.92 -0.23 48.77
CA VAL U 71 -44.63 0.81 47.79
C VAL U 71 -44.64 2.17 48.47
N LYS U 72 -45.72 2.45 49.20
CA LYS U 72 -45.75 3.66 49.99
C LYS U 72 -44.56 3.75 50.92
N LYS U 73 -44.10 2.61 51.45
CA LYS U 73 -42.98 2.61 52.37
C LYS U 73 -41.68 3.03 51.69
N TYR U 74 -41.45 2.58 50.46
CA TYR U 74 -40.08 2.54 49.98
C TYR U 74 -39.84 3.11 48.57
N GLY U 75 -40.88 3.31 47.76
CA GLY U 75 -40.64 3.52 46.33
C GLY U 75 -39.84 4.76 46.02
N ALA U 76 -40.20 5.88 46.67
CA ALA U 76 -39.51 7.12 46.39
C ALA U 76 -38.03 7.03 46.72
N SER U 77 -37.69 6.49 47.90
CA SER U 77 -36.30 6.36 48.28
C SER U 77 -35.58 5.41 47.33
N VAL U 78 -36.30 4.43 46.79
CA VAL U 78 -35.68 3.54 45.81
C VAL U 78 -35.30 4.33 44.56
N GLY U 79 -36.22 5.15 44.06
CA GLY U 79 -35.89 5.98 42.92
C GLY U 79 -34.73 6.91 43.21
N GLU U 80 -34.71 7.45 44.43
CA GLU U 80 -33.59 8.30 44.83
C GLU U 80 -32.28 7.54 44.78
N PHE U 81 -32.28 6.32 45.31
CA PHE U 81 -31.06 5.52 45.31
C PHE U 81 -30.59 5.22 43.89
N ALA U 82 -31.54 4.91 43.01
CA ALA U 82 -31.18 4.62 41.62
C ALA U 82 -30.56 5.84 40.96
N ASP U 83 -31.23 6.98 41.08
CA ASP U 83 -30.69 8.22 40.54
C ASP U 83 -29.32 8.49 41.12
N LYS U 84 -29.15 8.23 42.41
CA LYS U 84 -27.89 8.47 43.09
C LYS U 84 -26.79 7.60 42.54
N LEU U 85 -27.10 6.33 42.28
CA LEU U 85 -26.09 5.43 41.74
C LEU U 85 -25.68 5.88 40.34
N ASN U 86 -26.66 6.22 39.51
CA ASN U 86 -26.34 6.74 38.19
C ASN U 86 -25.47 7.98 38.30
N GLU U 87 -25.79 8.82 39.29
CA GLU U 87 -25.01 10.02 39.54
C GLU U 87 -23.59 9.67 39.96
N GLN U 88 -23.44 8.63 40.76
CA GLN U 88 -22.11 8.18 41.12
C GLN U 88 -21.32 7.82 39.88
N LYS U 89 -21.95 7.08 38.97
CA LYS U 89 -21.32 6.76 37.71
C LYS U 89 -20.89 8.03 36.97
N ILE U 90 -21.82 8.98 36.85
CA ILE U 90 -21.55 10.19 36.10
C ILE U 90 -20.43 11.00 36.74
N ALA U 91 -20.44 11.11 38.06
CA ALA U 91 -19.44 11.88 38.77
C ALA U 91 -18.07 11.25 38.61
N GLN U 92 -18.00 9.92 38.70
CA GLN U 92 -16.73 9.24 38.48
C GLN U 92 -16.21 9.50 37.07
N LEU U 93 -17.12 9.46 36.09
CA LEU U 93 -16.72 9.76 34.72
C LEU U 93 -16.15 11.17 34.62
N GLU U 94 -16.83 12.13 35.24
CA GLU U 94 -16.37 13.51 35.22
C GLU U 94 -15.00 13.63 35.86
N GLU U 95 -14.78 12.95 36.98
CA GLU U 95 -13.49 13.00 37.63
C GLU U 95 -12.40 12.45 36.72
N VAL U 96 -12.64 11.29 36.12
CA VAL U 96 -11.63 10.70 35.26
C VAL U 96 -11.30 11.63 34.10
N LYS U 97 -12.33 12.19 33.47
CA LYS U 97 -12.11 13.05 32.33
C LYS U 97 -11.37 14.32 32.72
N GLN U 98 -11.75 14.91 33.86
CA GLN U 98 -11.09 16.14 34.31
C GLN U 98 -9.63 15.88 34.61
N ALA U 99 -9.34 14.75 35.25
CA ALA U 99 -7.96 14.37 35.48
C ALA U 99 -7.23 14.20 34.17
N SER U 100 -7.89 13.59 33.17
CA SER U 100 -7.28 13.45 31.87
C SER U 100 -6.93 14.80 31.27
N ILE U 101 -7.85 15.74 31.34
CA ILE U 101 -7.62 17.06 30.78
C ILE U 101 -6.47 17.75 31.48
N LYS U 102 -6.46 17.68 32.80
CA LYS U 102 -5.37 18.30 33.55
C LYS U 102 -4.04 17.69 33.17
N GLN U 103 -3.99 16.36 33.09
CA GLN U 103 -2.73 15.69 32.76
C GLN U 103 -2.29 16.05 31.35
N ILE U 104 -3.22 16.16 30.42
CA ILE U 104 -2.86 16.49 29.04
C ILE U 104 -2.30 17.90 28.95
N GLN U 105 -3.00 18.86 29.57
CA GLN U 105 -2.51 20.24 29.56
C GLN U 105 -1.14 20.31 30.22
N ASP U 106 -0.96 19.55 31.30
CA ASP U 106 0.32 19.53 32.00
C ASP U 106 1.43 19.01 31.11
N ALA U 107 1.17 17.89 30.41
CA ALA U 107 2.20 17.33 29.54
C ALA U 107 2.55 18.29 28.42
N ILE U 108 1.55 19.01 27.90
CA ILE U 108 1.83 19.98 26.84
C ILE U 108 2.74 21.09 27.36
N ASP U 109 2.36 21.66 28.51
CA ASP U 109 3.22 22.67 29.11
C ASP U 109 4.60 22.13 29.39
N MET U 110 4.68 20.85 29.78
CA MET U 110 5.95 20.22 30.10
C MET U 110 6.83 20.14 28.87
N GLU U 111 6.25 19.72 27.74
CA GLU U 111 7.01 19.66 26.51
C GLU U 111 7.53 21.04 26.13
N LYS U 112 6.67 22.05 26.26
CA LYS U 112 7.09 23.41 25.94
C LYS U 112 8.26 23.84 26.81
N SER U 113 8.16 23.59 28.12
CA SER U 113 9.19 24.04 29.05
C SER U 113 10.50 23.29 28.83
N GLN U 114 10.40 21.97 28.60
CA GLN U 114 11.60 21.19 28.34
C GLN U 114 12.30 21.68 27.07
N GLN U 115 11.52 21.97 26.03
CA GLN U 115 12.10 22.55 24.82
C GLN U 115 12.80 23.86 25.15
N ALA U 116 12.14 24.74 25.92
CA ALA U 116 12.72 26.05 26.21
C ALA U 116 14.05 25.91 26.95
N LEU U 117 14.10 25.06 27.96
CA LEU U 117 15.31 24.92 28.76
C LEU U 117 16.44 24.29 27.96
N VAL U 118 16.15 23.18 27.29
CA VAL U 118 17.19 22.52 26.49
C VAL U 118 17.71 23.46 25.43
N GLN U 119 16.83 24.33 24.90
CA GLN U 119 17.27 25.32 23.92
C GLN U 119 18.20 26.34 24.55
N LYS U 120 17.79 26.93 25.67
CA LYS U 120 18.57 27.98 26.30
C LYS U 120 19.92 27.48 26.82
N ARG U 121 20.07 26.17 26.98
CA ARG U 121 21.29 25.57 27.53
C ARG U 121 22.60 26.14 27.00
N HIS U 122 22.61 26.63 25.75
CA HIS U 122 23.87 26.99 25.09
C HIS U 122 24.65 28.06 25.85
N TYR U 123 23.99 28.85 26.70
CA TYR U 123 24.73 29.78 27.54
C TYR U 123 25.77 29.03 28.35
N LEU U 124 25.47 27.79 28.73
CA LEU U 124 26.42 26.98 29.48
C LEU U 124 27.69 26.74 28.67
N PHE U 125 27.54 26.36 27.40
CA PHE U 125 28.71 26.18 26.56
C PHE U 125 29.46 27.49 26.42
N ASP U 126 28.72 28.60 26.37
CA ASP U 126 29.38 29.90 26.40
C ASP U 126 30.25 30.03 27.64
N VAL U 127 29.72 29.62 28.79
CA VAL U 127 30.50 29.71 30.03
C VAL U 127 31.73 28.81 29.96
N GLN U 128 31.61 27.65 29.31
CA GLN U 128 32.76 26.78 29.17
C GLN U 128 33.86 27.46 28.35
N ARG U 129 33.44 28.12 27.27
CA ARG U 129 34.37 28.94 26.51
C ARG U 129 34.98 30.01 27.39
N ASN U 130 34.17 30.59 28.27
CA ASN U 130 34.68 31.58 29.22
C ASN U 130 35.81 31.00 30.04
N ASN U 131 35.60 29.80 30.57
CA ASN U 131 36.59 29.17 31.43
C ASN U 131 37.89 28.96 30.67
N ILE U 132 37.79 28.41 29.45
CA ILE U 132 38.99 28.15 28.66
C ILE U 132 39.73 29.45 28.36
N ALA U 133 38.98 30.47 27.95
CA ALA U 133 39.58 31.74 27.54
C ALA U 133 40.27 32.40 28.72
N MET U 134 39.63 32.40 29.88
CA MET U 134 40.25 32.92 31.08
C MET U 134 41.52 32.16 31.43
N ALA U 135 41.51 30.83 31.29
CA ALA U 135 42.71 30.05 31.55
C ALA U 135 43.86 30.51 30.67
N LEU U 136 43.61 30.63 29.37
CA LEU U 136 44.67 31.04 28.46
C LEU U 136 45.16 32.45 28.78
N GLU U 137 44.22 33.37 29.02
CA GLU U 137 44.61 34.76 29.29
C GLU U 137 45.44 34.86 30.56
N VAL U 138 45.04 34.13 31.61
CA VAL U 138 45.81 34.10 32.83
C VAL U 138 47.19 33.53 32.60
N THR U 139 47.31 32.47 31.79
CA THR U 139 48.64 31.94 31.48
C THR U 139 49.51 33.02 30.84
N TYR U 140 48.97 33.76 29.88
CA TYR U 140 49.76 34.79 29.21
C TYR U 140 50.16 35.90 30.18
N ARG U 141 49.22 36.37 30.98
CA ARG U 141 49.50 37.43 31.92
C ARG U 141 50.55 37.01 32.93
N GLU U 142 50.44 35.77 33.43
CA GLU U 142 51.40 35.24 34.38
C GLU U 142 52.78 35.11 33.75
N ARG U 143 52.84 34.69 32.49
CA ARG U 143 54.14 34.64 31.82
C ARG U 143 54.74 36.03 31.76
N LEU U 144 53.92 37.03 31.44
CA LEU U 144 54.41 38.40 31.43
C LEU U 144 54.99 38.79 32.79
N HIS U 145 54.21 38.59 33.84
CA HIS U 145 54.64 39.01 35.17
C HIS U 145 55.88 38.24 35.60
N ARG U 146 55.96 36.95 35.26
CA ARG U 146 57.12 36.14 35.60
C ARG U 146 58.37 36.67 34.93
N VAL U 147 58.25 37.05 33.66
CA VAL U 147 59.38 37.65 32.97
C VAL U 147 59.79 38.94 33.66
N TYR U 148 58.80 39.73 34.06
CA TYR U 148 59.08 40.96 34.81
C TYR U 148 59.92 40.65 36.04
N ARG U 149 59.50 39.66 36.82
CA ARG U 149 60.18 39.35 38.06
C ARG U 149 61.59 38.84 37.79
N GLU U 150 61.76 38.01 36.77
CA GLU U 150 63.08 37.53 36.43
C GLU U 150 64.00 38.68 36.07
N VAL U 151 63.49 39.62 35.27
CA VAL U 151 64.30 40.76 34.86
C VAL U 151 64.69 41.58 36.07
N LYS U 152 63.75 41.80 36.98
CA LYS U 152 64.06 42.57 38.18
C LYS U 152 65.12 41.86 39.03
N ASN U 153 65.00 40.54 39.15
CA ASN U 153 65.99 39.78 39.92
C ASN U 153 67.36 39.91 39.30
N ARG U 154 67.44 39.82 37.98
CA ARG U 154 68.71 40.00 37.29
C ARG U 154 69.28 41.39 37.55
N LEU U 155 68.42 42.41 37.44
CA LEU U 155 68.89 43.78 37.66
C LEU U 155 69.42 43.97 39.06
N ASP U 156 68.74 43.39 40.06
CA ASP U 156 69.23 43.46 41.42
C ASP U 156 70.57 42.76 41.58
N TYR U 157 70.72 41.60 40.95
CA TYR U 157 71.93 40.77 41.12
C TYR U 157 73.22 41.54 40.89
N HIS U 158 73.17 42.70 40.24
CA HIS U 158 74.35 43.52 39.99
C HIS U 158 74.35 44.81 40.80
N ILE U 159 73.21 45.49 40.88
CA ILE U 159 73.15 46.74 41.65
C ILE U 159 73.48 46.47 43.11
N SER U 160 72.90 45.41 43.67
CA SER U 160 73.16 45.07 45.07
C SER U 160 74.61 44.72 45.29
N VAL U 161 75.18 43.91 44.41
CA VAL U 161 76.60 43.56 44.55
C VAL U 161 77.46 44.81 44.46
N GLN U 162 77.08 45.72 43.57
CA GLN U 162 77.82 46.97 43.44
C GLN U 162 77.77 47.79 44.72
N ASN U 163 76.57 47.90 45.29
CA ASN U 163 76.44 48.63 46.54
C ASN U 163 77.26 47.98 47.64
N MET U 164 77.24 46.65 47.70
CA MET U 164 77.98 45.93 48.73
C MET U 164 79.48 46.15 48.58
N MET U 165 79.96 46.11 47.33
CA MET U 165 81.36 46.38 47.08
C MET U 165 81.71 47.80 47.50
N ARG U 166 80.82 48.75 47.22
CA ARG U 166 81.04 50.12 47.65
C ARG U 166 81.15 50.20 49.17
N GLN U 167 80.29 49.48 49.87
CA GLN U 167 80.31 49.48 51.33
C GLN U 167 81.62 48.91 51.87
N LYS U 168 82.04 47.76 51.34
CA LYS U 168 83.28 47.15 51.80
C LYS U 168 84.46 48.06 51.50
N GLU U 169 84.46 48.68 50.32
CA GLU U 169 85.53 49.60 49.97
C GLU U 169 85.56 50.79 50.91
N GLN U 170 84.39 51.30 51.27
CA GLN U 170 84.32 52.40 52.22
C GLN U 170 84.90 51.97 53.56
N GLU U 171 84.61 50.74 53.98
CA GLU U 171 85.15 50.26 55.26
C GLU U 171 86.66 50.16 55.22
N HIS U 172 87.21 49.54 54.18
CA HIS U 172 88.66 49.42 54.08
C HIS U 172 89.30 50.79 53.97
N MET U 173 88.65 51.70 53.24
CA MET U 173 89.14 53.07 53.15
C MET U 173 89.14 53.74 54.51
N ILE U 174 88.12 53.47 55.32
CA ILE U 174 88.09 54.02 56.67
C ILE U 174 89.27 53.50 57.47
N ASN U 175 89.57 52.21 57.33
CA ASN U 175 90.73 51.65 58.02
C ASN U 175 92.02 52.36 57.59
N TRP U 176 92.22 52.47 56.29
CA TRP U 176 93.45 53.10 55.77
C TRP U 176 93.54 54.55 56.21
N VAL U 177 92.41 55.27 56.15
CA VAL U 177 92.40 56.67 56.53
C VAL U 177 92.64 56.83 58.01
N GLU U 178 92.12 55.91 58.81
CA GLU U 178 92.41 55.96 60.24
C GLU U 178 93.90 55.76 60.48
N LYS U 179 94.51 54.85 59.73
CA LYS U 179 95.95 54.67 59.82
C LYS U 179 96.68 55.95 59.44
N ARG U 180 96.28 56.55 58.33
CA ARG U 180 96.93 57.77 57.86
C ARG U 180 96.76 58.91 58.85
N VAL U 181 95.56 59.03 59.43
CA VAL U 181 95.30 60.08 60.40
C VAL U 181 96.08 59.84 61.67
N VAL U 182 96.21 58.59 62.09
CA VAL U 182 97.01 58.27 63.26
C VAL U 182 98.46 58.65 63.03
N GLN U 183 98.98 58.39 61.83
CA GLN U 183 100.33 58.82 61.50
C GLN U 183 100.45 60.34 61.55
N SER U 184 99.54 61.04 60.88
CA SER U 184 99.55 62.50 60.88
C SER U 184 99.39 63.07 62.28
N ILE U 185 98.83 62.31 63.21
CA ILE U 185 98.79 62.73 64.60
C ILE U 185 100.22 62.88 65.12
N SER U 186 101.10 61.97 64.73
CA SER U 186 102.50 62.09 65.11
C SER U 186 103.18 63.30 64.48
N ALA U 187 102.60 63.88 63.44
CA ALA U 187 103.24 65.00 62.76
C ALA U 187 103.35 66.21 63.69
N GLN U 188 104.48 66.91 63.60
CA GLN U 188 104.78 68.03 64.50
C GLN U 188 104.30 69.32 63.86
N GLN U 189 103.01 69.60 64.02
CA GLN U 189 102.45 70.91 63.72
C GLN U 189 102.23 71.71 65.00
N GLU U 190 102.93 71.33 66.07
CA GLU U 190 102.65 71.89 67.39
C GLU U 190 102.81 73.40 67.40
N LYS U 191 103.88 73.91 66.77
CA LYS U 191 104.03 75.34 66.65
C LYS U 191 102.85 75.96 65.89
N GLU U 192 102.50 75.35 64.75
CA GLU U 192 101.42 75.91 63.92
C GLU U 192 100.08 75.82 64.63
N THR U 193 99.77 74.67 65.21
CA THR U 193 98.51 74.53 65.93
C THR U 193 98.45 75.47 67.11
N ILE U 194 99.57 75.61 67.83
CA ILE U 194 99.61 76.47 69.01
C ILE U 194 99.44 77.91 68.60
N ALA U 195 99.99 78.29 67.45
CA ALA U 195 99.82 79.66 66.96
C ALA U 195 98.38 79.92 66.57
N LYS U 196 97.78 78.98 65.83
CA LYS U 196 96.35 79.07 65.56
C LYS U 196 95.58 79.22 66.86
N CYS U 197 96.02 78.49 67.90
CA CYS U 197 95.36 78.54 69.19
C CYS U 197 95.52 79.90 69.86
N ILE U 198 96.70 80.49 69.78
CA ILE U 198 96.91 81.80 70.40
C ILE U 198 96.09 82.85 69.69
N ALA U 199 96.08 82.80 68.36
CA ALA U 199 95.25 83.71 67.60
C ALA U 199 93.78 83.53 67.94
N ASP U 200 93.35 82.28 68.07
CA ASP U 200 91.98 82.01 68.47
C ASP U 200 91.72 82.50 69.88
N LEU U 201 92.73 82.41 70.75
CA LEU U 201 92.58 82.89 72.12
C LEU U 201 92.31 84.39 72.11
N LYS U 202 93.10 85.13 71.33
CA LYS U 202 92.85 86.56 71.19
C LYS U 202 91.46 86.81 70.61
N LEU U 203 91.10 86.08 69.56
CA LEU U 203 89.83 86.33 68.89
C LEU U 203 88.64 86.05 69.79
N LEU U 204 88.73 84.99 70.59
CA LEU U 204 87.62 84.64 71.47
C LEU U 204 87.58 85.54 72.68
N SER U 205 88.74 85.92 73.20
CA SER U 205 88.76 86.93 74.25
C SER U 205 88.13 88.21 73.75
N LYS U 206 88.34 88.52 72.47
CA LYS U 206 87.58 89.59 71.83
C LYS U 206 86.11 89.22 71.78
N LYS U 207 85.81 87.96 71.48
CA LYS U 207 84.43 87.50 71.41
C LYS U 207 83.74 87.61 72.76
N ALA U 208 84.51 87.80 73.84
CA ALA U 208 83.91 88.07 75.14
C ALA U 208 83.02 89.30 75.10
N GLN U 209 83.28 90.20 74.15
CA GLN U 209 82.43 91.37 73.94
C GLN U 209 81.02 90.95 73.53
N LEU V 5 41.10 39.02 27.29
CA LEU V 5 39.90 39.43 27.99
C LEU V 5 38.66 38.81 27.35
N ALA V 6 38.47 37.52 27.56
CA ALA V 6 37.36 36.79 26.96
C ALA V 6 36.69 35.88 27.98
N LEU V 7 35.35 35.90 28.00
CA LEU V 7 34.55 35.02 28.83
C LEU V 7 33.09 35.03 28.36
N LYS V 8 32.64 33.93 27.78
CA LYS V 8 31.28 33.85 27.29
C LYS V 8 30.33 33.37 28.39
N THR V 9 29.05 33.67 28.22
CA THR V 9 28.15 33.84 29.35
C THR V 9 27.13 32.71 29.51
N ILE V 10 26.93 32.31 30.76
CA ILE V 10 25.79 31.52 31.20
C ILE V 10 25.21 32.18 32.45
N ASP V 11 23.89 32.24 32.52
CA ASP V 11 23.20 32.74 33.70
C ASP V 11 23.32 31.65 34.76
N TRP V 12 24.46 31.65 35.47
CA TRP V 12 24.86 30.50 36.28
C TRP V 12 23.74 30.02 37.20
N VAL V 13 23.03 30.96 37.83
CA VAL V 13 21.90 30.58 38.67
C VAL V 13 20.90 29.78 37.86
N ALA V 14 20.52 30.30 36.70
CA ALA V 14 19.68 29.53 35.80
C ALA V 14 20.49 28.44 35.11
N PHE V 15 21.76 28.72 34.78
CA PHE V 15 22.54 27.81 33.97
C PHE V 15 22.72 26.46 34.64
N GLY V 16 22.63 26.41 35.97
CA GLY V 16 22.63 25.13 36.64
C GLY V 16 21.49 24.24 36.18
N GLU V 17 20.42 24.86 35.66
CA GLU V 17 19.23 24.16 35.20
C GLU V 17 19.29 23.77 33.73
N ILE V 18 20.46 23.53 33.16
CA ILE V 18 20.56 23.12 31.77
C ILE V 18 21.11 21.71 31.59
N ILE V 19 21.93 21.23 32.52
CA ILE V 19 22.63 19.95 32.37
C ILE V 19 21.68 18.79 32.60
N PRO V 20 21.82 17.69 31.87
CA PRO V 20 21.19 16.44 32.30
C PRO V 20 21.76 16.03 33.65
N ARG V 21 21.02 15.19 34.35
CA ARG V 21 21.36 14.87 35.73
C ARG V 21 22.63 14.03 35.84
N ASN V 22 23.33 13.81 34.72
CA ASN V 22 24.49 12.92 34.73
C ASN V 22 25.53 13.37 35.76
N GLN V 23 26.12 14.54 35.56
CA GLN V 23 27.15 15.06 36.46
C GLN V 23 26.97 16.55 36.73
N LYS V 24 25.73 17.00 36.91
CA LYS V 24 25.46 18.41 37.18
C LYS V 24 26.20 18.90 38.42
N ALA V 25 26.51 17.97 39.34
CA ALA V 25 27.40 18.32 40.44
C ALA V 25 28.80 18.63 39.92
N VAL V 26 29.29 17.81 38.99
CA VAL V 26 30.57 18.12 38.36
C VAL V 26 30.45 19.42 37.58
N ALA V 27 29.29 19.67 37.00
CA ALA V 27 29.06 20.95 36.34
C ALA V 27 29.19 22.10 37.33
N ASN V 28 28.63 21.92 38.52
CA ASN V 28 28.76 22.94 39.56
C ASN V 28 30.21 23.12 39.95
N SER V 29 30.96 22.01 40.01
CA SER V 29 32.38 22.11 40.29
C SER V 29 33.09 22.92 39.21
N LEU V 30 32.72 22.70 37.95
CA LEU V 30 33.30 23.47 36.87
C LEU V 30 32.98 24.95 37.02
N LYS V 31 31.73 25.26 37.35
CA LYS V 31 31.33 26.66 37.52
C LYS V 31 32.08 27.31 38.67
N SER V 32 32.26 26.56 39.76
CA SER V 32 33.00 27.07 40.90
C SER V 32 34.45 27.33 40.53
N TRP V 33 35.07 26.39 39.83
CA TRP V 33 36.44 26.58 39.37
C TRP V 33 36.51 27.78 38.43
N ASN V 34 35.42 28.03 37.71
CA ASN V 34 35.37 29.18 36.81
C ASN V 34 35.38 30.48 37.59
N GLU V 35 34.53 30.56 38.62
CA GLU V 35 34.56 31.74 39.48
C GLU V 35 35.92 31.91 40.12
N THR V 36 36.53 30.79 40.51
CA THR V 36 37.87 30.81 41.10
C THR V 36 38.87 31.40 40.12
N LEU V 37 38.84 30.92 38.87
CA LEU V 37 39.72 31.44 37.85
C LEU V 37 39.43 32.91 37.55
N THR V 38 38.16 33.32 37.67
CA THR V 38 37.84 34.73 37.51
C THR V 38 38.55 35.56 38.57
N SER V 39 38.44 35.12 39.82
CA SER V 39 39.15 35.82 40.89
C SER V 39 40.65 35.82 40.65
N ARG V 40 41.20 34.67 40.24
CA ARG V 40 42.62 34.56 39.99
C ARG V 40 43.08 35.50 38.89
N LEU V 41 42.34 35.56 37.78
CA LEU V 41 42.65 36.50 36.71
C LEU V 41 42.57 37.92 37.22
N ALA V 42 41.59 38.18 38.09
CA ALA V 42 41.51 39.49 38.73
C ALA V 42 42.80 39.79 39.50
N THR V 43 43.38 38.77 40.12
CA THR V 43 44.53 39.00 40.99
C THR V 43 45.72 39.58 40.25
N LEU V 44 46.28 38.82 39.32
CA LEU V 44 47.51 39.27 38.67
C LEU V 44 47.20 40.30 37.60
N PRO V 45 48.18 41.10 37.20
CA PRO V 45 47.99 42.00 36.05
C PRO V 45 48.26 41.28 34.74
N GLU V 46 47.71 41.85 33.67
CA GLU V 46 47.86 41.24 32.35
C GLU V 46 49.30 41.36 31.85
N LYS V 47 49.95 42.49 32.14
CA LYS V 47 51.26 42.76 31.61
C LYS V 47 52.31 42.51 32.68
N PRO V 48 53.59 42.51 32.32
CA PRO V 48 54.64 42.34 33.31
C PRO V 48 54.81 43.57 34.17
N PRO V 49 55.41 43.43 35.34
CA PRO V 49 55.99 44.62 35.99
C PRO V 49 57.07 45.20 35.11
N ALA V 50 57.25 46.51 35.16
CA ALA V 50 58.12 47.18 34.21
C ALA V 50 59.58 46.87 34.54
N ILE V 51 60.51 47.47 33.79
CA ILE V 51 61.94 47.34 34.03
C ILE V 51 62.62 48.67 33.71
N ASP V 52 63.57 49.04 34.56
CA ASP V 52 64.22 50.34 34.45
C ASP V 52 65.57 50.26 33.73
N TRP V 53 65.60 50.62 32.46
CA TRP V 53 66.88 50.76 31.76
C TRP V 53 67.69 51.90 32.37
N ALA V 54 67.21 53.13 32.20
CA ALA V 54 68.00 54.29 32.57
C ALA V 54 67.83 54.64 34.04
N TYR V 55 66.66 54.38 34.61
CA TYR V 55 66.45 54.67 36.02
C TYR V 55 67.34 53.78 36.89
N TYR V 56 67.16 52.47 36.78
CA TYR V 56 68.07 51.55 37.47
C TYR V 56 69.49 51.72 36.96
N LYS V 57 69.64 52.20 35.72
CA LYS V 57 70.97 52.46 35.21
C LYS V 57 71.70 53.49 36.06
N ALA V 58 71.17 54.70 36.13
CA ALA V 58 71.74 55.73 36.99
C ALA V 58 71.78 55.25 38.44
N ASN V 59 70.80 54.43 38.84
CA ASN V 59 70.76 53.89 40.18
C ASN V 59 71.83 52.84 40.44
N VAL V 60 72.13 51.99 39.46
CA VAL V 60 73.09 50.91 39.63
C VAL V 60 74.43 51.34 39.07
N ALA V 61 75.48 50.63 39.47
CA ALA V 61 76.70 50.67 38.69
C ALA V 61 76.48 49.97 37.36
N LYS V 62 75.63 48.95 37.35
CA LYS V 62 75.19 48.29 36.12
C LYS V 62 74.23 49.19 35.35
N ALA V 63 74.78 50.30 34.86
CA ALA V 63 73.93 51.31 34.23
C ALA V 63 73.64 50.96 32.77
N GLY V 64 74.68 50.99 31.93
CA GLY V 64 74.51 50.50 30.58
C GLY V 64 74.10 49.04 30.58
N LEU V 65 74.50 48.31 31.62
CA LEU V 65 73.96 46.98 31.82
C LEU V 65 72.45 47.03 32.02
N VAL V 66 71.95 48.01 32.77
CA VAL V 66 70.51 48.11 32.98
C VAL V 66 69.81 48.38 31.65
N ASP V 67 70.36 49.30 30.86
CA ASP V 67 69.76 49.59 29.56
C ASP V 67 69.82 48.37 28.64
N ASP V 68 70.96 47.68 28.63
CA ASP V 68 71.13 46.52 27.76
C ASP V 68 70.22 45.38 28.18
N PHE V 69 70.01 45.24 29.49
CA PHE V 69 69.09 44.22 29.97
C PHE V 69 67.66 44.59 29.63
N GLU V 70 67.34 45.88 29.63
CA GLU V 70 66.04 46.29 29.13
C GLU V 70 65.89 45.89 27.67
N LYS V 71 66.94 46.12 26.88
CA LYS V 71 66.93 45.69 25.49
C LYS V 71 66.77 44.18 25.38
N LYS V 72 67.49 43.44 26.21
CA LYS V 72 67.45 41.99 26.17
C LYS V 72 66.07 41.48 26.54
N PHE V 73 65.44 42.09 27.54
CA PHE V 73 64.09 41.74 27.92
C PHE V 73 63.12 42.01 26.77
N ASN V 74 63.28 43.16 26.10
CA ASN V 74 62.54 43.40 24.88
C ASN V 74 62.77 42.28 23.88
N ALA V 75 63.98 41.71 23.87
CA ALA V 75 64.24 40.54 23.05
C ALA V 75 63.74 39.27 23.74
N LEU V 76 63.95 39.16 25.05
CA LEU V 76 63.57 37.96 25.78
C LEU V 76 62.07 37.71 25.65
N LYS V 77 61.69 36.45 25.48
CA LYS V 77 60.31 36.07 25.27
C LYS V 77 59.91 34.95 26.23
N VAL V 78 58.79 35.14 26.92
CA VAL V 78 58.16 34.10 27.72
C VAL V 78 57.22 33.33 26.81
N PRO V 79 57.00 32.03 27.03
CA PRO V 79 56.10 31.27 26.17
C PRO V 79 54.65 31.62 26.40
N ILE V 80 53.94 31.93 25.31
CA ILE V 80 52.51 32.15 25.35
C ILE V 80 51.81 30.80 25.43
N PRO V 81 50.63 30.72 26.05
CA PRO V 81 49.94 29.43 26.16
C PRO V 81 49.36 28.99 24.83
N GLU V 82 48.56 27.92 24.91
CA GLU V 82 47.86 27.34 23.77
C GLU V 82 46.37 27.21 24.08
N ASP V 83 45.57 27.19 23.02
CA ASP V 83 44.11 27.17 23.16
C ASP V 83 43.49 25.97 22.45
N LYS V 84 42.37 25.50 23.00
CA LYS V 84 41.62 24.42 22.39
C LYS V 84 40.13 24.71 22.36
N TYR V 85 39.72 25.97 22.27
CA TYR V 85 38.32 26.35 22.26
C TYR V 85 37.65 25.85 21.00
N THR V 86 38.46 25.51 19.99
CA THR V 86 37.93 24.89 18.80
C THR V 86 37.26 23.55 19.09
N ALA V 87 37.89 22.69 19.90
CA ALA V 87 37.22 21.47 20.31
C ALA V 87 35.96 21.77 21.08
N GLN V 88 36.03 22.74 22.00
CA GLN V 88 34.84 23.16 22.73
C GLN V 88 33.79 23.72 21.79
N VAL V 89 34.20 24.49 20.78
CA VAL V 89 33.22 25.03 19.84
C VAL V 89 32.53 23.92 19.08
N ASP V 90 33.29 22.93 18.61
CA ASP V 90 32.68 21.81 17.90
C ASP V 90 31.73 21.05 18.80
N ALA V 91 32.13 20.80 20.04
CA ALA V 91 31.24 20.12 20.98
C ALA V 91 29.98 20.92 21.19
N GLU V 92 30.10 22.23 21.37
CA GLU V 92 28.96 23.10 21.59
C GLU V 92 28.00 23.08 20.40
N GLU V 93 28.56 23.19 19.20
CA GLU V 93 27.72 23.22 18.00
C GLU V 93 27.01 21.88 17.79
N LYS V 94 27.73 20.77 17.96
CA LYS V 94 27.11 19.46 17.77
C LYS V 94 26.04 19.21 18.82
N GLU V 95 26.29 19.64 20.05
CA GLU V 95 25.28 19.51 21.09
C GLU V 95 24.05 20.34 20.79
N ASP V 96 24.26 21.59 20.35
CA ASP V 96 23.13 22.40 19.92
C ASP V 96 22.33 21.66 18.86
N VAL V 97 23.03 21.11 17.88
CA VAL V 97 22.38 20.35 16.81
C VAL V 97 21.54 19.22 17.40
N LYS V 98 22.17 18.32 18.15
CA LYS V 98 21.51 17.12 18.64
C LYS V 98 20.31 17.48 19.51
N SER V 99 20.54 18.36 20.49
CA SER V 99 19.49 18.72 21.43
C SER V 99 18.33 19.42 20.74
N CYS V 100 18.63 20.36 19.83
CA CYS V 100 17.58 21.08 19.14
C CYS V 100 16.76 20.15 18.28
N ALA V 101 17.43 19.23 17.59
CA ALA V 101 16.72 18.27 16.75
C ALA V 101 15.79 17.43 17.60
N GLU V 102 16.33 16.85 18.66
CA GLU V 102 15.54 15.99 19.52
C GLU V 102 14.35 16.74 20.10
N PHE V 103 14.58 17.96 20.58
CA PHE V 103 13.50 18.75 21.14
C PHE V 103 12.46 19.07 20.09
N LEU V 104 12.83 19.88 19.10
CA LEU V 104 11.88 20.29 18.08
C LEU V 104 11.23 19.10 17.38
N THR V 105 11.76 17.90 17.54
CA THR V 105 11.12 16.72 16.98
C THR V 105 10.18 16.04 17.95
N GLN V 106 10.69 15.50 19.05
CA GLN V 106 9.85 14.74 19.96
C GLN V 106 8.89 15.63 20.72
N SER V 107 9.35 16.80 21.18
CA SER V 107 8.47 17.72 21.87
C SER V 107 7.33 18.17 20.96
N LYS V 108 7.64 18.45 19.69
CA LYS V 108 6.59 18.85 18.77
C LYS V 108 5.65 17.69 18.47
N THR V 109 6.19 16.47 18.37
CA THR V 109 5.35 15.31 18.14
C THR V 109 4.38 15.10 19.30
N ARG V 110 4.90 15.16 20.53
CA ARG V 110 4.04 15.07 21.70
C ARG V 110 3.10 16.25 21.77
N ILE V 111 3.52 17.41 21.24
CA ILE V 111 2.65 18.58 21.21
C ILE V 111 1.45 18.29 20.33
N GLN V 112 1.69 17.71 19.16
CA GLN V 112 0.59 17.33 18.29
C GLN V 112 -0.29 16.28 18.95
N GLU V 113 0.33 15.31 19.60
CA GLU V 113 -0.40 14.23 20.24
C GLU V 113 -1.31 14.79 21.33
N TYR V 114 -0.74 15.58 22.24
CA TYR V 114 -1.50 16.17 23.31
C TYR V 114 -2.47 17.22 22.78
N GLU V 115 -2.20 17.78 21.61
CA GLU V 115 -3.15 18.68 20.98
C GLU V 115 -4.39 17.92 20.57
N LYS V 116 -4.19 16.77 19.93
CA LYS V 116 -5.31 15.87 19.66
C LYS V 116 -5.99 15.45 20.95
N GLU V 117 -5.19 15.24 22.00
CA GLU V 117 -5.75 14.88 23.30
C GLU V 117 -6.65 15.98 23.83
N LEU V 118 -6.21 17.23 23.73
CA LEU V 118 -7.03 18.35 24.19
C LEU V 118 -8.28 18.49 23.35
N GLU V 119 -8.15 18.29 22.03
CA GLU V 119 -9.32 18.31 21.18
C GLU V 119 -10.34 17.28 21.62
N LYS V 120 -9.89 16.05 21.81
CA LYS V 120 -10.79 14.99 22.27
C LYS V 120 -11.34 15.32 23.65
N MET V 121 -10.53 15.98 24.48
CA MET V 121 -11.00 16.42 25.79
C MET V 121 -12.14 17.40 25.66
N ARG V 122 -12.06 18.32 24.71
CA ARG V 122 -13.21 19.16 24.39
C ARG V 122 -14.31 18.37 23.71
N ASN V 123 -14.02 17.13 23.31
CA ASN V 123 -14.94 16.30 22.54
C ASN V 123 -15.53 15.18 23.39
N ILE V 124 -16.00 15.51 24.59
CA ILE V 124 -16.56 14.52 25.50
C ILE V 124 -17.97 14.18 25.08
N ILE V 125 -18.23 12.88 24.90
CA ILE V 125 -19.57 12.48 24.49
C ILE V 125 -20.55 12.70 25.64
N PRO V 126 -21.75 13.20 25.40
CA PRO V 126 -22.75 13.28 26.47
C PRO V 126 -23.07 11.90 27.02
N PHE V 127 -23.30 11.83 28.34
CA PHE V 127 -23.42 10.54 29.01
C PHE V 127 -24.57 9.72 28.44
N ASP V 128 -25.77 10.30 28.38
CA ASP V 128 -26.90 9.59 27.80
C ASP V 128 -26.65 9.26 26.33
N GLN V 129 -26.02 10.17 25.60
CA GLN V 129 -25.61 9.92 24.22
C GLN V 129 -24.26 9.23 24.17
N MET V 130 -23.81 8.67 25.29
CA MET V 130 -22.61 7.84 25.30
C MET V 130 -23.01 6.40 25.52
N THR V 131 -22.86 5.60 24.49
CA THR V 131 -23.10 4.18 24.57
C THR V 131 -22.16 3.57 25.59
N ILE V 132 -22.53 2.39 26.05
CA ILE V 132 -21.56 1.60 26.78
C ILE V 132 -20.31 1.41 25.92
N GLU V 133 -20.51 1.11 24.64
CA GLU V 133 -19.38 1.01 23.72
C GLU V 133 -18.67 2.35 23.58
N ASP V 134 -19.43 3.45 23.63
CA ASP V 134 -18.80 4.76 23.54
C ASP V 134 -17.74 4.93 24.60
N LEU V 135 -18.08 4.64 25.85
CA LEU V 135 -17.10 4.70 26.91
C LEU V 135 -16.03 3.63 26.74
N ASN V 136 -16.43 2.42 26.39
CA ASN V 136 -15.49 1.30 26.30
C ASN V 136 -14.36 1.62 25.35
N GLU V 137 -14.67 2.18 24.20
CA GLU V 137 -13.61 2.72 23.35
C GLU V 137 -12.93 3.91 24.02
N VAL V 138 -13.71 4.89 24.47
CA VAL V 138 -13.12 6.09 25.06
C VAL V 138 -12.27 5.75 26.27
N PHE V 139 -12.83 4.97 27.17
CA PHE V 139 -12.05 4.44 28.27
C PHE V 139 -11.75 2.99 27.93
N PRO V 140 -10.63 2.72 27.27
CA PRO V 140 -10.30 1.34 26.94
C PRO V 140 -10.15 0.48 28.18
N GLU V 141 -9.88 1.11 29.32
CA GLU V 141 -9.69 0.41 30.58
C GLU V 141 -10.91 -0.41 31.00
N THR V 142 -12.09 -0.08 30.50
CA THR V 142 -13.28 -0.87 30.75
C THR V 142 -13.36 -2.09 29.85
N LYS V 143 -12.24 -2.49 29.26
CA LYS V 143 -12.25 -3.59 28.29
C LYS V 143 -12.80 -4.86 28.91
N LEU V 144 -13.54 -5.62 28.11
CA LEU V 144 -14.28 -6.77 28.61
C LEU V 144 -13.38 -7.84 29.21
N ASP V 145 -12.09 -7.84 28.89
CA ASP V 145 -11.19 -8.91 29.28
C ASP V 145 -11.78 -10.26 28.93
N LYS V 146 -12.68 -10.23 27.95
CA LYS V 146 -13.61 -11.30 27.67
C LYS V 146 -12.94 -12.58 27.30
N LYS V 147 -11.61 -12.57 27.29
CA LYS V 147 -10.82 -13.79 27.39
C LYS V 147 -10.15 -13.93 28.73
N LYS V 148 -9.41 -12.91 29.17
CA LYS V 148 -8.82 -12.93 30.51
C LYS V 148 -9.90 -12.97 31.59
N TYR V 149 -10.95 -12.17 31.42
CA TYR V 149 -12.15 -12.27 32.24
C TYR V 149 -13.31 -12.47 31.28
N PRO V 150 -13.52 -13.69 30.82
CA PRO V 150 -14.63 -13.95 29.90
C PRO V 150 -15.98 -13.95 30.57
N TYR V 151 -16.08 -14.60 31.72
CA TYR V 151 -17.35 -15.01 32.28
C TYR V 151 -18.28 -13.84 32.46
N TRP V 152 -19.30 -13.80 31.62
CA TRP V 152 -20.32 -12.76 31.70
C TRP V 152 -20.69 -12.53 33.17
N PRO V 153 -20.63 -11.28 33.63
CA PRO V 153 -20.34 -10.16 32.75
C PRO V 153 -18.85 -9.87 32.57
N HIS V 154 -18.01 -10.90 32.49
CA HIS V 154 -16.66 -10.82 31.97
C HIS V 154 -15.74 -9.93 32.81
N ARG V 155 -16.03 -9.72 34.10
CA ARG V 155 -15.25 -8.78 34.90
C ARG V 155 -14.97 -9.36 36.28
N PRO V 156 -14.02 -8.79 37.03
CA PRO V 156 -13.74 -9.29 38.37
C PRO V 156 -14.91 -9.05 39.32
N ILE V 157 -14.95 -9.84 40.40
CA ILE V 157 -16.07 -9.82 41.33
C ILE V 157 -16.32 -8.43 41.90
N GLU V 158 -15.30 -7.59 41.92
CA GLU V 158 -15.45 -6.21 42.35
C GLU V 158 -16.47 -5.49 41.47
N PRO W 2 -65.97 18.08 32.23
CA PRO W 2 -67.15 18.31 31.40
C PRO W 2 -68.30 17.37 31.74
N PRO W 3 -69.44 17.93 32.16
CA PRO W 3 -70.60 17.08 32.47
C PRO W 3 -71.01 16.26 31.27
N VAL W 4 -71.45 15.03 31.53
CA VAL W 4 -71.85 14.13 30.47
C VAL W 4 -73.36 13.98 30.51
N GLN W 5 -74.03 14.84 29.74
CA GLN W 5 -75.45 14.68 29.46
C GLN W 5 -75.59 14.30 28.01
N VAL W 6 -75.63 13.00 27.73
CA VAL W 6 -75.76 12.53 26.37
C VAL W 6 -77.10 12.96 25.80
N SER W 7 -77.27 12.75 24.50
CA SER W 7 -78.60 12.83 23.93
C SER W 7 -79.57 12.16 24.88
N PRO W 8 -80.46 12.90 25.53
CA PRO W 8 -81.12 12.38 26.74
C PRO W 8 -81.92 11.11 26.50
N LEU W 9 -82.28 10.84 25.25
CA LEU W 9 -82.88 9.54 24.92
C LEU W 9 -81.96 8.40 25.30
N ILE W 10 -80.64 8.65 25.27
CA ILE W 10 -79.70 7.66 25.78
C ILE W 10 -79.91 7.43 27.26
N LYS W 11 -80.11 8.51 28.03
CA LYS W 11 -80.39 8.36 29.46
C LYS W 11 -81.69 7.60 29.67
N LEU W 12 -82.71 7.89 28.86
CA LEU W 12 -83.95 7.15 28.94
C LEU W 12 -83.75 5.67 28.65
N GLY W 13 -82.97 5.36 27.60
CA GLY W 13 -82.72 3.97 27.28
C GLY W 13 -81.96 3.25 28.39
N ARG W 14 -81.01 3.95 29.02
CA ARG W 14 -80.28 3.36 30.13
C ARG W 14 -81.21 3.06 31.30
N TYR W 15 -82.08 4.01 31.64
CA TYR W 15 -83.03 3.79 32.72
C TYR W 15 -83.99 2.65 32.39
N SER W 16 -84.44 2.58 31.13
CA SER W 16 -85.33 1.52 30.71
C SER W 16 -84.65 0.17 30.82
N ALA W 17 -83.39 0.08 30.40
CA ALA W 17 -82.64 -1.16 30.55
C ALA W 17 -82.47 -1.52 32.01
N LEU W 18 -82.27 -0.52 32.87
CA LEU W 18 -82.14 -0.80 34.30
C LEU W 18 -83.40 -1.40 34.87
N PHE W 19 -84.52 -0.70 34.68
CA PHE W 19 -85.79 -1.25 35.12
C PHE W 19 -86.06 -2.59 34.44
N LEU W 20 -85.52 -2.77 33.24
CA LEU W 20 -85.63 -4.04 32.54
C LEU W 20 -84.87 -5.13 33.28
N GLY W 21 -83.69 -4.80 33.80
CA GLY W 21 -82.99 -5.75 34.63
C GLY W 21 -83.81 -6.12 35.85
N MET W 22 -84.38 -5.12 36.50
CA MET W 22 -85.23 -5.37 37.68
C MET W 22 -86.40 -6.28 37.30
N ALA W 23 -87.01 -6.01 36.16
CA ALA W 23 -88.23 -6.71 35.77
C ALA W 23 -87.94 -8.11 35.25
N TYR W 24 -86.83 -8.29 34.55
CA TYR W 24 -86.40 -9.62 34.15
C TYR W 24 -86.10 -10.45 35.39
N GLY W 25 -85.46 -9.83 36.39
CA GLY W 25 -85.31 -10.50 37.67
C GLY W 25 -86.63 -10.92 38.25
N ALA W 26 -87.62 -10.03 38.21
CA ALA W 26 -88.94 -10.34 38.76
C ALA W 26 -89.58 -11.52 38.02
N LYS W 27 -89.66 -11.43 36.69
CA LYS W 27 -90.33 -12.46 35.91
C LYS W 27 -89.62 -13.79 36.02
N ARG W 28 -88.28 -13.77 35.93
CA ARG W 28 -87.53 -15.02 36.02
C ARG W 28 -87.55 -15.58 37.43
N TYR W 29 -87.63 -14.73 38.45
CA TYR W 29 -87.80 -15.22 39.81
C TYR W 29 -89.15 -15.89 39.97
N ASN W 30 -90.20 -15.28 39.41
CA ASN W 30 -91.50 -15.93 39.37
C ASN W 30 -91.39 -17.29 38.69
N TYR W 31 -90.67 -17.35 37.57
CA TYR W 31 -90.52 -18.60 36.85
C TYR W 31 -89.76 -19.64 37.65
N LEU W 32 -88.68 -19.25 38.30
CA LEU W 32 -87.72 -20.19 38.85
C LEU W 32 -87.91 -20.42 40.35
N LYS W 33 -87.90 -19.35 41.15
CA LYS W 33 -87.96 -19.47 42.60
C LYS W 33 -89.09 -20.38 43.08
N PRO W 34 -90.30 -20.28 42.55
CA PRO W 34 -91.30 -21.30 42.86
C PRO W 34 -90.85 -22.68 42.41
N ARG W 35 -90.46 -22.77 41.13
CA ARG W 35 -89.99 -24.03 40.58
C ARG W 35 -88.73 -24.50 41.30
N ALA W 36 -87.84 -23.58 41.64
CA ALA W 36 -86.61 -23.96 42.35
C ALA W 36 -86.91 -24.49 43.74
N GLU W 37 -87.83 -23.86 44.46
CA GLU W 37 -88.21 -24.35 45.77
C GLU W 37 -88.88 -25.71 45.68
N GLU W 38 -89.73 -25.90 44.68
CA GLU W 38 -90.33 -27.21 44.46
C GLU W 38 -89.25 -28.23 44.16
N GLU W 39 -88.24 -27.85 43.37
CA GLU W 39 -87.13 -28.75 43.08
C GLU W 39 -86.37 -29.10 44.34
N ARG W 40 -86.15 -28.12 45.20
CA ARG W 40 -85.53 -28.38 46.50
C ARG W 40 -86.31 -29.43 47.26
N ARG W 41 -87.63 -29.25 47.36
CA ARG W 41 -88.45 -30.21 48.11
C ARG W 41 -88.38 -31.61 47.50
N LEU W 42 -88.50 -31.70 46.18
CA LEU W 42 -88.58 -33.02 45.53
C LEU W 42 -87.25 -33.76 45.60
N ALA W 43 -86.17 -33.07 45.26
CA ALA W 43 -84.85 -33.69 45.41
C ALA W 43 -84.59 -34.03 46.86
N ALA W 44 -85.14 -33.25 47.79
CA ALA W 44 -85.00 -33.58 49.20
C ALA W 44 -85.69 -34.89 49.51
N GLU W 45 -86.88 -35.10 48.95
CA GLU W 45 -87.56 -36.38 49.15
C GLU W 45 -86.75 -37.52 48.55
N GLU W 46 -86.20 -37.32 47.36
CA GLU W 46 -85.39 -38.37 46.74
C GLU W 46 -84.15 -38.68 47.57
N LYS W 47 -83.47 -37.65 48.04
CA LYS W 47 -82.31 -37.84 48.90
C LYS W 47 -82.71 -38.50 50.21
N LYS W 48 -83.92 -38.19 50.70
CA LYS W 48 -84.41 -38.83 51.91
C LYS W 48 -84.60 -40.32 51.70
N LYS W 49 -85.14 -40.71 50.54
CA LYS W 49 -85.26 -42.13 50.24
C LYS W 49 -83.90 -42.79 50.16
N ARG W 50 -82.96 -42.16 49.45
CA ARG W 50 -81.62 -42.71 49.34
C ARG W 50 -80.96 -42.84 50.70
N ASP W 51 -81.10 -41.84 51.56
CA ASP W 51 -80.45 -41.86 52.86
C ASP W 51 -81.12 -42.87 53.79
N GLU W 52 -82.43 -43.03 53.68
CA GLU W 52 -83.12 -44.05 54.47
C GLU W 52 -82.63 -45.43 54.10
N GLN W 53 -82.52 -45.70 52.80
CA GLN W 53 -81.96 -46.98 52.38
C GLN W 53 -80.52 -47.13 52.85
N LYS W 54 -79.75 -46.05 52.83
CA LYS W 54 -78.37 -46.10 53.29
C LYS W 54 -78.29 -46.45 54.78
N ARG W 55 -79.09 -45.77 55.60
CA ARG W 55 -79.12 -46.07 57.03
C ARG W 55 -79.66 -47.46 57.28
N ILE W 56 -80.46 -48.00 56.36
CA ILE W 56 -80.91 -49.37 56.47
C ILE W 56 -79.71 -50.33 56.41
N GLU W 57 -78.79 -50.07 55.49
CA GLU W 57 -77.61 -50.92 55.35
C GLU W 57 -76.38 -50.22 55.92
N PRO X 5 -49.11 6.96 1.06
CA PRO X 5 -49.41 5.73 0.32
C PRO X 5 -49.08 4.49 1.13
N LEU X 6 -49.30 4.56 2.44
CA LEU X 6 -48.97 3.42 3.30
C LEU X 6 -49.88 2.25 2.96
N LYS X 7 -49.33 1.27 2.24
CA LYS X 7 -50.11 0.11 1.87
C LYS X 7 -50.54 -0.69 3.08
N GLU X 8 -49.61 -1.05 3.96
CA GLU X 8 -49.94 -1.71 5.21
C GLU X 8 -50.04 -0.66 6.33
N LYS X 9 -50.82 0.37 6.05
CA LYS X 9 -51.02 1.49 6.97
C LYS X 9 -51.63 1.00 8.27
N LYS X 10 -51.36 1.73 9.34
CA LYS X 10 -52.00 1.45 10.60
C LYS X 10 -53.52 1.50 10.44
N LEU X 11 -54.21 0.60 11.14
CA LEU X 11 -55.65 0.48 11.00
C LEU X 11 -56.37 1.79 11.26
N LEU X 12 -55.84 2.64 12.14
CA LEU X 12 -56.40 3.97 12.30
C LEU X 12 -56.17 4.84 11.07
N GLU X 13 -55.25 4.45 10.19
CA GLU X 13 -54.99 5.20 8.96
C GLU X 13 -55.25 4.41 7.69
N VAL X 14 -55.13 3.07 7.72
CA VAL X 14 -55.54 2.25 6.60
C VAL X 14 -57.07 2.30 6.52
N LYS X 15 -57.60 2.37 5.30
CA LYS X 15 -59.04 2.43 5.10
C LYS X 15 -59.67 1.11 5.54
N LEU X 16 -60.97 1.13 5.78
CA LEU X 16 -61.68 -0.09 6.15
C LEU X 16 -61.40 -1.19 5.14
N GLY X 17 -61.62 -0.90 3.86
CA GLY X 17 -61.24 -1.85 2.82
C GLY X 17 -59.75 -2.05 2.77
N GLU X 18 -58.98 -0.96 2.88
CA GLU X 18 -57.54 -1.08 2.91
C GLU X 18 -57.07 -1.85 4.13
N LEU X 19 -57.86 -1.88 5.21
CA LEU X 19 -57.54 -2.79 6.31
C LEU X 19 -57.44 -4.23 5.83
N PRO X 20 -58.39 -4.75 5.07
CA PRO X 20 -58.15 -6.06 4.42
C PRO X 20 -56.95 -6.03 3.51
N SER X 21 -56.76 -4.92 2.78
CA SER X 21 -55.56 -4.79 1.96
C SER X 21 -54.32 -4.74 2.82
N TRP X 22 -54.38 -4.03 3.95
CA TRP X 22 -53.24 -3.98 4.86
C TRP X 22 -52.90 -5.37 5.38
N ILE X 23 -53.94 -6.19 5.60
CA ILE X 23 -53.71 -7.59 5.96
C ILE X 23 -53.03 -8.32 4.81
N LEU X 24 -53.51 -8.06 3.58
CA LEU X 24 -52.99 -8.77 2.42
C LEU X 24 -51.50 -8.50 2.23
N MET X 25 -51.07 -7.25 2.40
CA MET X 25 -49.65 -6.94 2.26
C MET X 25 -48.87 -7.44 3.47
N ARG X 26 -49.52 -7.57 4.62
CA ARG X 26 -48.84 -7.97 5.85
C ARG X 26 -48.24 -9.37 5.70
N ASP X 27 -47.07 -9.57 6.26
CA ASP X 27 -46.38 -10.84 6.12
C ASP X 27 -47.12 -11.93 6.87
N PHE X 28 -47.42 -13.01 6.16
CA PHE X 28 -47.94 -14.23 6.78
C PHE X 28 -46.79 -15.12 7.26
N THR X 29 -45.56 -14.75 6.92
CA THR X 29 -44.40 -15.41 7.50
C THR X 29 -44.30 -15.03 8.97
N PRO X 30 -43.87 -15.96 9.82
CA PRO X 30 -43.82 -15.66 11.27
C PRO X 30 -42.87 -14.53 11.65
N SER X 31 -41.80 -14.34 10.88
CA SER X 31 -40.84 -13.28 11.21
C SER X 31 -41.49 -11.90 11.11
N GLY X 32 -42.47 -11.74 10.21
CA GLY X 32 -43.21 -10.49 10.17
C GLY X 32 -43.92 -10.21 11.48
N ILE X 33 -44.60 -11.23 12.00
CA ILE X 33 -45.26 -11.11 13.30
C ILE X 33 -44.23 -10.85 14.39
N ALA X 34 -43.08 -11.52 14.32
CA ALA X 34 -42.05 -11.31 15.32
C ALA X 34 -41.55 -9.88 15.30
N GLY X 35 -41.31 -9.33 14.13
CA GLY X 35 -40.85 -7.96 14.03
C GLY X 35 -41.92 -6.97 14.49
N ALA X 36 -43.17 -7.23 14.12
CA ALA X 36 -44.24 -6.35 14.59
C ALA X 36 -44.33 -6.40 16.11
N PHE X 37 -44.20 -7.58 16.69
CA PHE X 37 -44.16 -7.71 18.14
C PHE X 37 -43.02 -6.90 18.73
N GLN X 38 -41.83 -7.03 18.15
CA GLN X 38 -40.67 -6.31 18.67
C GLN X 38 -40.87 -4.80 18.60
N ARG X 39 -41.37 -4.31 17.46
CA ARG X 39 -41.68 -2.89 17.34
C ARG X 39 -42.66 -2.44 18.42
N GLY X 40 -43.74 -3.18 18.60
CA GLY X 40 -44.72 -2.81 19.62
C GLY X 40 -44.16 -2.79 21.02
N TYR X 41 -43.36 -3.80 21.37
CA TYR X 41 -42.84 -3.85 22.73
C TYR X 41 -41.70 -2.84 22.92
N TYR X 42 -40.93 -2.59 21.87
CA TYR X 42 -39.99 -1.49 21.89
C TYR X 42 -40.70 -0.16 22.15
N ARG X 43 -41.84 0.05 21.51
CA ARG X 43 -42.66 1.22 21.81
C ARG X 43 -43.16 1.18 23.25
N TYR X 44 -43.53 -0.02 23.72
CA TYR X 44 -44.01 -0.16 25.08
C TYR X 44 -42.97 0.33 26.07
N TYR X 45 -41.73 -0.12 25.86
CA TYR X 45 -40.59 0.38 26.62
C TYR X 45 -40.46 1.89 26.49
N ASN X 46 -40.29 2.36 25.25
CA ASN X 46 -40.00 3.76 24.98
C ASN X 46 -41.00 4.68 25.63
N LYS X 47 -42.26 4.54 25.29
CA LYS X 47 -43.25 5.46 25.84
C LYS X 47 -43.65 5.09 27.24
N TYR X 48 -44.10 3.86 27.46
CA TYR X 48 -44.72 3.55 28.72
C TYR X 48 -43.73 3.15 29.79
N VAL X 49 -42.52 2.75 29.43
CA VAL X 49 -41.58 2.19 30.38
C VAL X 49 -40.30 3.01 30.49
N ASN X 50 -39.80 3.54 29.36
CA ASN X 50 -38.57 4.31 29.37
C ASN X 50 -38.79 5.63 30.12
N VAL X 51 -38.46 5.58 31.41
CA VAL X 51 -38.81 6.64 32.35
C VAL X 51 -38.00 6.50 33.63
N LYS X 52 -37.89 7.58 34.40
CA LYS X 52 -37.09 7.59 35.62
C LYS X 52 -37.87 7.09 36.84
N LYS X 53 -39.20 7.08 36.81
CA LYS X 53 -40.00 6.66 37.96
C LYS X 53 -41.17 5.76 37.55
N GLY X 54 -40.91 4.79 36.67
CA GLY X 54 -41.97 4.00 36.05
C GLY X 54 -42.95 3.30 36.97
N SER X 55 -44.21 3.24 36.54
CA SER X 55 -45.23 2.53 37.30
C SER X 55 -45.26 1.07 36.88
N ILE X 56 -45.79 0.20 37.75
CA ILE X 56 -45.83 -1.22 37.48
C ILE X 56 -47.14 -1.65 36.81
N ALA X 57 -47.93 -0.71 36.31
CA ALA X 57 -49.22 -1.06 35.72
C ALA X 57 -49.04 -2.08 34.60
N GLY X 58 -47.91 -2.02 33.89
CA GLY X 58 -47.65 -3.02 32.88
C GLY X 58 -47.62 -4.42 33.44
N LEU X 59 -46.91 -4.61 34.54
CA LEU X 59 -46.91 -5.88 35.25
C LEU X 59 -48.29 -6.25 35.78
N SER X 60 -49.02 -5.28 36.35
CA SER X 60 -50.39 -5.55 36.80
C SER X 60 -51.24 -6.09 35.67
N MET X 61 -51.06 -5.54 34.48
CA MET X 61 -51.74 -5.98 33.27
C MET X 61 -51.39 -7.42 32.95
N VAL X 62 -50.11 -7.80 33.06
CA VAL X 62 -49.69 -9.14 32.67
C VAL X 62 -50.23 -10.18 33.64
N LEU X 63 -50.19 -9.84 34.93
CA LEU X 63 -50.81 -10.69 35.94
C LEU X 63 -52.30 -10.82 35.70
N ALA X 64 -52.97 -9.69 35.44
CA ALA X 64 -54.37 -9.69 35.05
C ALA X 64 -54.66 -10.66 33.92
N ALA X 65 -53.92 -10.54 32.84
CA ALA X 65 -54.19 -11.37 31.68
C ALA X 65 -53.95 -12.83 32.00
N TYR X 66 -52.86 -13.12 32.71
CA TYR X 66 -52.54 -14.50 33.04
C TYR X 66 -53.66 -15.13 33.86
N VAL X 67 -54.04 -14.46 34.95
CA VAL X 67 -55.04 -14.99 35.87
C VAL X 67 -56.39 -15.10 35.19
N PHE X 68 -56.76 -14.07 34.44
CA PHE X 68 -58.03 -14.07 33.73
C PHE X 68 -58.10 -15.21 32.74
N LEU X 69 -57.03 -15.39 31.96
CA LEU X 69 -56.99 -16.46 30.98
C LEU X 69 -56.99 -17.82 31.67
N ASN X 70 -56.30 -17.92 32.80
CA ASN X 70 -56.28 -19.16 33.54
C ASN X 70 -57.68 -19.54 33.99
N TYR X 71 -58.40 -18.61 34.60
CA TYR X 71 -59.76 -18.90 35.03
C TYR X 71 -60.68 -19.05 33.82
N CYS X 72 -60.33 -18.42 32.70
CA CYS X 72 -61.11 -18.58 31.48
C CYS X 72 -61.04 -20.01 30.97
N ARG X 73 -59.83 -20.58 30.94
CA ARG X 73 -59.70 -22.00 30.65
C ARG X 73 -60.42 -22.82 31.71
N SER X 74 -60.34 -22.39 32.96
CA SER X 74 -61.01 -23.06 34.06
C SER X 74 -62.52 -22.97 33.99
N TYR X 75 -63.06 -22.14 33.09
CA TYR X 75 -64.50 -21.86 33.05
C TYR X 75 -65.33 -23.09 33.39
N LYS X 76 -64.89 -24.26 32.94
CA LYS X 76 -65.58 -25.50 33.29
C LYS X 76 -65.79 -25.63 34.79
N GLU X 77 -64.69 -25.73 35.55
CA GLU X 77 -64.83 -25.95 36.99
C GLU X 77 -65.02 -24.63 37.73
N LEU X 78 -64.28 -23.60 37.34
CA LEU X 78 -64.39 -22.28 37.92
C LEU X 78 -65.81 -21.74 37.87
N LYS X 79 -66.46 -21.79 36.71
CA LYS X 79 -67.81 -21.29 36.58
C LYS X 79 -68.76 -21.99 37.55
N HIS X 80 -68.47 -23.26 37.85
CA HIS X 80 -69.26 -23.97 38.85
C HIS X 80 -69.31 -23.17 40.14
N GLU X 81 -68.23 -22.51 40.50
CA GLU X 81 -68.34 -21.44 41.48
C GLU X 81 -69.16 -20.32 40.88
N ARG X 82 -70.40 -20.19 41.33
CA ARG X 82 -71.35 -19.24 40.77
C ARG X 82 -72.35 -18.87 41.87
N LEU X 83 -73.47 -18.28 41.47
CA LEU X 83 -74.45 -17.76 42.43
C LEU X 83 -75.84 -18.36 42.35
N ARG X 84 -76.22 -18.99 41.24
CA ARG X 84 -77.53 -19.60 41.07
C ARG X 84 -77.56 -20.34 39.74
N LYS X 85 -78.54 -21.22 39.56
CA LYS X 85 -78.76 -21.75 38.21
C LYS X 85 -78.85 -20.59 37.22
N TYR X 86 -79.51 -19.51 37.63
CA TYR X 86 -79.31 -18.19 37.04
C TYR X 86 -78.43 -17.34 37.95
N HIS X 87 -77.13 -17.61 37.94
CA HIS X 87 -76.19 -16.90 38.79
C HIS X 87 -76.23 -15.39 38.58
N THR Y 20 -63.54 12.14 60.37
CA THR Y 20 -63.28 11.42 59.12
C THR Y 20 -63.08 12.38 57.95
N TYR Y 21 -61.90 12.31 57.34
CA TYR Y 21 -61.59 13.13 56.17
C TYR Y 21 -62.42 12.76 54.95
N SER Y 22 -63.16 11.64 55.02
CA SER Y 22 -64.03 11.24 53.92
C SER Y 22 -65.07 12.30 53.62
N LYS Y 23 -65.36 13.18 54.58
CA LYS Y 23 -66.22 14.33 54.31
C LYS Y 23 -65.73 15.11 53.12
N PRO Y 24 -64.44 15.43 52.99
CA PRO Y 24 -64.00 16.17 51.80
C PRO Y 24 -64.21 15.42 50.50
N ARG Y 25 -63.93 14.12 50.48
CA ARG Y 25 -64.13 13.35 49.26
C ARG Y 25 -65.60 13.30 48.88
N LEU Y 26 -66.48 13.08 49.87
CA LEU Y 26 -67.91 13.06 49.60
C LEU Y 26 -68.40 14.42 49.13
N ALA Y 27 -67.82 15.49 49.67
CA ALA Y 27 -68.18 16.82 49.21
C ALA Y 27 -67.76 17.02 47.76
N THR Y 28 -66.55 16.57 47.42
CA THR Y 28 -66.11 16.63 46.04
C THR Y 28 -67.08 15.87 45.15
N PHE Y 29 -67.55 14.72 45.61
CA PHE Y 29 -68.54 13.97 44.85
C PHE Y 29 -69.81 14.78 44.64
N TRP Y 30 -70.38 15.27 45.74
CA TRP Y 30 -71.65 15.97 45.66
C TRP Y 30 -71.55 17.21 44.78
N TYR Y 31 -70.38 17.85 44.75
CA TYR Y 31 -70.23 19.07 43.97
C TYR Y 31 -69.90 18.77 42.52
N TYR Y 32 -68.71 18.21 42.27
CA TYR Y 32 -68.23 18.05 40.90
C TYR Y 32 -68.96 16.92 40.19
N ALA Y 33 -69.26 15.84 40.92
CA ALA Y 33 -70.06 14.77 40.35
C ALA Y 33 -71.40 15.29 39.89
N LYS Y 34 -72.11 16.03 40.75
CA LYS Y 34 -73.33 16.69 40.31
C LYS Y 34 -73.04 17.77 39.27
N VAL Y 35 -71.86 18.37 39.31
CA VAL Y 35 -71.45 19.30 38.26
C VAL Y 35 -71.36 18.51 36.97
N GLU Y 36 -70.98 17.24 37.09
CA GLU Y 36 -71.02 16.33 35.95
C GLU Y 36 -72.40 15.71 35.78
N LEU Y 37 -73.17 15.61 36.87
CA LEU Y 37 -74.45 14.91 36.88
C LEU Y 37 -75.66 15.83 36.95
N VAL Y 38 -76.12 16.39 35.83
CA VAL Y 38 -77.38 17.11 35.78
C VAL Y 38 -78.54 16.14 35.93
N PRO Y 39 -79.55 16.44 36.73
CA PRO Y 39 -80.68 15.52 36.89
C PRO Y 39 -81.46 15.39 35.58
N PRO Y 40 -81.94 14.18 35.26
CA PRO Y 40 -82.73 14.01 34.03
C PRO Y 40 -84.11 14.65 34.12
N THR Y 41 -84.57 15.23 33.03
CA THR Y 41 -85.87 15.89 32.98
C THR Y 41 -86.54 15.67 31.64
N PRO Y 42 -87.88 15.67 31.61
CA PRO Y 42 -88.56 15.46 30.33
C PRO Y 42 -88.53 16.66 29.41
N ALA Y 43 -87.86 17.74 29.83
CA ALA Y 43 -87.80 18.92 28.98
C ALA Y 43 -87.17 18.61 27.63
N GLU Y 44 -86.04 17.89 27.63
CA GLU Y 44 -85.35 17.64 26.38
C GLU Y 44 -86.08 16.59 25.53
N ILE Y 45 -87.13 15.98 26.08
CA ILE Y 45 -87.82 14.86 25.42
C ILE Y 45 -88.12 15.24 23.98
N PRO Y 46 -88.60 16.44 23.70
CA PRO Y 46 -88.68 16.88 22.31
C PRO Y 46 -87.33 16.88 21.62
N THR Y 47 -86.37 17.61 22.17
CA THR Y 47 -85.02 17.62 21.61
C THR Y 47 -84.44 16.21 21.60
N ALA Y 48 -84.81 15.40 22.59
CA ALA Y 48 -84.32 14.02 22.63
C ALA Y 48 -84.79 13.25 21.42
N ILE Y 49 -86.10 13.25 21.15
CA ILE Y 49 -86.63 12.53 20.00
C ILE Y 49 -86.04 13.11 18.71
N GLN Y 50 -85.86 14.43 18.68
CA GLN Y 50 -85.29 15.06 17.49
C GLN Y 50 -83.88 14.56 17.23
N SER Y 51 -83.00 14.62 18.24
CA SER Y 51 -81.64 14.15 18.05
C SER Y 51 -81.61 12.66 17.76
N LEU Y 52 -82.52 11.90 18.37
CA LEU Y 52 -82.57 10.48 18.12
C LEU Y 52 -82.88 10.20 16.66
N LYS Y 53 -83.93 10.83 16.13
CA LYS Y 53 -84.28 10.62 14.73
C LYS Y 53 -83.17 11.12 13.82
N LYS Y 54 -82.55 12.23 14.18
CA LYS Y 54 -81.46 12.77 13.38
C LYS Y 54 -80.31 11.78 13.31
N ILE Y 55 -79.92 11.21 14.44
CA ILE Y 55 -78.85 10.23 14.46
C ILE Y 55 -79.25 8.99 13.68
N ILE Y 56 -80.52 8.60 13.78
CA ILE Y 56 -81.00 7.45 13.02
C ILE Y 56 -80.79 7.67 11.54
N ASN Y 57 -81.25 8.82 11.04
CA ASN Y 57 -81.09 9.12 9.62
C ASN Y 57 -79.62 9.20 9.24
N SER Y 58 -78.80 9.81 10.10
CA SER Y 58 -77.39 10.00 9.76
C SER Y 58 -76.66 8.67 9.65
N ALA Y 59 -76.68 7.88 10.72
CA ALA Y 59 -76.01 6.58 10.71
C ALA Y 59 -76.65 5.65 9.69
N LYS Y 60 -77.88 5.95 9.26
CA LYS Y 60 -78.55 5.11 8.28
C LYS Y 60 -77.84 5.13 6.94
N THR Y 61 -76.90 6.08 6.74
CA THR Y 61 -76.32 6.29 5.43
C THR Y 61 -75.58 5.06 4.90
N GLY Y 62 -75.22 4.11 5.77
CA GLY Y 62 -74.68 2.85 5.33
C GLY Y 62 -73.38 2.92 4.57
N SER Y 63 -72.71 4.07 4.55
CA SER Y 63 -71.40 4.18 3.90
C SER Y 63 -70.28 4.42 4.89
N PHE Y 64 -70.53 4.19 6.18
CA PHE Y 64 -69.66 4.67 7.26
C PHE Y 64 -68.26 4.05 7.25
N LYS Y 65 -67.92 3.27 6.23
CA LYS Y 65 -66.67 2.52 6.20
C LYS Y 65 -65.45 3.35 6.57
N GLN Y 66 -65.56 4.67 6.47
CA GLN Y 66 -64.44 5.52 6.83
C GLN Y 66 -64.70 6.20 8.15
N LEU Y 67 -65.35 5.49 9.07
CA LEU Y 67 -65.60 5.99 10.42
C LEU Y 67 -64.28 6.05 11.17
N THR Y 68 -64.15 7.06 12.03
CA THR Y 68 -62.89 7.31 12.71
C THR Y 68 -62.63 6.28 13.80
N VAL Y 69 -61.38 6.24 14.27
CA VAL Y 69 -61.00 5.25 15.27
C VAL Y 69 -61.51 5.66 16.65
N LYS Y 70 -61.02 6.78 17.16
CA LYS Y 70 -61.32 7.16 18.55
C LYS Y 70 -62.78 7.50 18.73
N GLU Y 71 -63.39 8.13 17.72
CA GLU Y 71 -64.81 8.47 17.82
C GLU Y 71 -65.66 7.21 17.92
N ALA Y 72 -65.40 6.24 17.05
CA ALA Y 72 -66.12 4.98 17.13
C ALA Y 72 -65.82 4.28 18.46
N LEU Y 73 -64.59 4.41 18.95
CA LEU Y 73 -64.25 3.83 20.24
C LEU Y 73 -65.11 4.44 21.36
N LEU Y 74 -65.18 5.76 21.41
CA LEU Y 74 -65.98 6.43 22.43
C LEU Y 74 -67.45 6.06 22.30
N ASN Y 75 -67.95 5.98 21.07
CA ASN Y 75 -69.34 5.62 20.86
C ASN Y 75 -69.64 4.21 21.34
N GLY Y 76 -68.77 3.26 21.01
CA GLY Y 76 -68.98 1.88 21.45
C GLY Y 76 -68.90 1.74 22.95
N LEU Y 77 -67.98 2.48 23.58
CA LEU Y 77 -67.88 2.46 25.04
C LEU Y 77 -69.14 3.01 25.68
N VAL Y 78 -69.67 4.12 25.15
CA VAL Y 78 -70.90 4.66 25.68
C VAL Y 78 -72.05 3.67 25.49
N ALA Y 79 -72.06 2.96 24.36
CA ALA Y 79 -73.05 1.93 24.13
C ALA Y 79 -72.95 0.84 25.18
N THR Y 80 -71.73 0.43 25.49
CA THR Y 80 -71.51 -0.56 26.55
C THR Y 80 -72.02 -0.03 27.88
N GLU Y 81 -71.77 1.25 28.16
CA GLU Y 81 -72.19 1.85 29.43
C GLU Y 81 -73.72 1.83 29.55
N VAL Y 82 -74.41 2.17 28.47
CA VAL Y 82 -75.87 2.11 28.46
C VAL Y 82 -76.33 0.68 28.67
N TRP Y 83 -75.68 -0.27 28.00
CA TRP Y 83 -76.08 -1.67 28.12
C TRP Y 83 -75.93 -2.16 29.55
N MET Y 84 -74.82 -1.81 30.20
CA MET Y 84 -74.58 -2.21 31.58
C MET Y 84 -75.56 -1.61 32.55
N TRP Y 85 -76.19 -0.48 32.20
CA TRP Y 85 -77.25 0.04 33.04
C TRP Y 85 -78.37 -0.98 33.25
N PHE Y 86 -78.52 -1.92 32.31
CA PHE Y 86 -79.49 -2.99 32.49
C PHE Y 86 -79.16 -3.83 33.72
N TYR Y 87 -77.92 -4.31 33.81
CA TYR Y 87 -77.52 -5.06 35.00
C TYR Y 87 -77.53 -4.16 36.23
N VAL Y 88 -77.31 -2.87 36.04
CA VAL Y 88 -77.38 -1.93 37.17
C VAL Y 88 -78.77 -1.97 37.79
N GLY Y 89 -79.80 -1.83 36.95
CA GLY Y 89 -81.15 -1.90 37.45
C GLY Y 89 -81.54 -3.28 37.93
N GLU Y 90 -80.93 -4.31 37.33
CA GLU Y 90 -81.12 -5.66 37.85
C GLU Y 90 -80.63 -5.76 39.28
N ILE Y 91 -79.45 -5.23 39.55
CA ILE Y 91 -78.92 -5.19 40.92
C ILE Y 91 -79.83 -4.36 41.80
N ILE Y 92 -80.40 -3.30 41.25
CA ILE Y 92 -81.33 -2.49 42.01
C ILE Y 92 -82.55 -3.28 42.45
N GLY Y 93 -83.16 -4.04 41.54
CA GLY Y 93 -84.30 -4.85 41.88
C GLY Y 93 -83.94 -5.88 42.92
N LYS Y 94 -83.09 -6.83 42.55
CA LYS Y 94 -82.52 -7.76 43.51
C LYS Y 94 -81.18 -7.23 44.01
N ARG Y 95 -81.16 -6.68 45.23
CA ARG Y 95 -79.96 -6.05 45.78
C ARG Y 95 -78.78 -7.00 45.88
N GLY Y 96 -79.04 -8.30 45.95
CA GLY Y 96 -77.99 -9.29 46.09
C GLY Y 96 -77.55 -9.88 44.76
N ILE Y 97 -76.74 -10.93 44.86
CA ILE Y 97 -76.22 -11.63 43.68
C ILE Y 97 -76.51 -13.12 43.71
N ILE Y 98 -76.80 -13.69 44.87
CA ILE Y 98 -77.06 -15.12 44.98
C ILE Y 98 -78.43 -15.45 44.38
N ASP Z 5 88.74 74.80 55.56
CA ASP Z 5 89.54 73.66 56.01
C ASP Z 5 91.01 74.03 56.07
N PRO Z 6 91.41 74.99 55.23
CA PRO Z 6 92.81 75.44 55.24
C PRO Z 6 93.27 75.99 56.58
N VAL Z 7 92.38 76.62 57.34
CA VAL Z 7 92.75 77.13 58.66
C VAL Z 7 93.15 75.99 59.57
N GLN Z 8 92.44 74.87 59.48
CA GLN Z 8 92.75 73.72 60.32
C GLN Z 8 93.86 72.89 59.72
N LYS Z 9 95.04 72.93 60.36
CA LYS Z 9 96.11 72.02 59.97
C LYS Z 9 95.67 70.57 60.14
N LEU Z 10 94.76 70.32 61.08
CA LEU Z 10 94.16 69.00 61.18
C LEU Z 10 93.37 68.68 59.92
N PHE Z 11 92.57 69.63 59.44
CA PHE Z 11 91.88 69.44 58.18
C PHE Z 11 92.87 69.37 57.03
N VAL Z 12 93.99 70.08 57.16
CA VAL Z 12 95.04 69.97 56.15
C VAL Z 12 95.54 68.54 56.06
N ASP Z 13 95.89 67.95 57.18
CA ASP Z 13 96.35 66.56 57.20
C ASP Z 13 95.26 65.61 56.75
N LYS Z 14 94.00 65.95 57.06
CA LYS Z 14 92.89 65.11 56.65
C LYS Z 14 92.77 65.07 55.13
N ILE Z 15 92.76 66.25 54.49
CA ILE Z 15 92.70 66.32 53.04
C ILE Z 15 93.93 65.65 52.45
N ARG Z 16 95.07 65.81 53.11
CA ARG Z 16 96.30 65.19 52.65
C ARG Z 16 96.15 63.68 52.62
N GLU Z 17 95.72 63.08 53.72
CA GLU Z 17 95.56 61.63 53.77
C GLU Z 17 94.48 61.19 52.78
N TYR Z 18 93.45 62.00 52.61
CA TYR Z 18 92.39 61.67 51.67
C TYR Z 18 92.94 61.58 50.26
N ARG Z 19 93.63 62.61 49.80
CA ARG Z 19 94.25 62.57 48.48
C ARG Z 19 95.27 61.45 48.41
N THR Z 20 95.98 61.22 49.51
CA THR Z 20 97.03 60.20 49.53
C THR Z 20 96.45 58.84 49.25
N LYS Z 21 95.42 58.45 49.99
CA LYS Z 21 94.79 57.16 49.76
C LYS Z 21 94.09 57.14 48.41
N ARG Z 22 93.50 58.26 48.01
CA ARG Z 22 92.78 58.31 46.73
C ARG Z 22 93.71 58.01 45.58
N GLN Z 23 94.88 58.64 45.56
CA GLN Z 23 95.86 58.34 44.53
C GLN Z 23 96.48 56.96 44.77
N THR Z 24 96.66 56.57 46.03
CA THR Z 24 97.26 55.29 46.35
C THR Z 24 96.42 54.14 45.89
N SER Z 25 95.13 54.35 45.70
CA SER Z 25 94.16 53.34 45.28
C SER Z 25 94.56 52.64 44.01
N GLY Z 26 95.57 53.11 43.27
CA GLY Z 26 96.08 52.35 42.16
C GLY Z 26 96.50 50.99 42.66
N GLY Z 27 97.23 50.98 43.77
CA GLY Z 27 97.41 49.76 44.53
C GLY Z 27 96.31 49.70 45.57
N PRO Z 28 95.90 48.48 45.93
CA PRO Z 28 94.85 48.38 46.96
C PRO Z 28 95.30 49.05 48.25
N VAL Z 29 94.78 50.25 48.48
CA VAL Z 29 95.23 51.10 49.58
C VAL Z 29 94.76 50.46 50.88
N ASP Z 30 95.69 49.82 51.58
CA ASP Z 30 95.40 49.03 52.78
C ASP Z 30 94.29 48.02 52.50
N ALA Z 31 94.58 47.12 51.57
CA ALA Z 31 93.66 46.05 51.23
C ALA Z 31 93.37 45.20 52.46
N GLY Z 32 94.40 44.55 53.00
CA GLY Z 32 94.24 43.69 54.13
C GLY Z 32 93.71 42.34 53.70
N PRO Z 33 94.37 41.27 54.14
CA PRO Z 33 93.92 39.93 53.72
C PRO Z 33 92.66 39.49 54.44
N GLU Z 34 92.51 39.85 55.71
CA GLU Z 34 91.28 39.55 56.42
C GLU Z 34 90.13 40.29 55.75
N TYR Z 35 90.40 41.49 55.22
CA TYR Z 35 89.38 42.19 54.43
C TYR Z 35 89.04 41.40 53.18
N GLN Z 36 90.03 40.71 52.60
CA GLN Z 36 89.75 39.85 51.46
C GLN Z 36 88.85 38.68 51.85
N GLN Z 37 89.12 38.06 53.00
CA GLN Z 37 88.24 37.02 53.49
C GLN Z 37 86.84 37.55 53.72
N ASP Z 38 86.75 38.79 54.23
CA ASP Z 38 85.45 39.43 54.41
C ASP Z 38 84.76 39.61 53.07
N LEU Z 39 85.52 40.03 52.06
CA LEU Z 39 84.96 40.19 50.72
C LEU Z 39 84.45 38.86 50.19
N ASP Z 40 85.16 37.78 50.50
CA ASP Z 40 84.74 36.46 50.05
C ASP Z 40 83.43 36.04 50.73
N ARG Z 41 83.36 36.20 52.05
CA ARG Z 41 82.13 35.87 52.75
C ARG Z 41 80.97 36.74 52.25
N GLU Z 42 81.26 38.01 52.00
CA GLU Z 42 80.25 38.91 51.44
C GLU Z 42 79.84 38.45 50.05
N LEU Z 43 80.78 37.92 49.28
CA LEU Z 43 80.43 37.35 47.98
C LEU Z 43 79.48 36.19 48.15
N PHE Z 44 79.73 35.35 49.15
CA PHE Z 44 78.82 34.24 49.43
C PHE Z 44 77.42 34.77 49.77
N LYS Z 45 77.38 35.80 50.62
CA LYS Z 45 76.11 36.38 51.01
C LYS Z 45 75.38 36.99 49.82
N LEU Z 46 76.10 37.75 49.00
CA LEU Z 46 75.49 38.39 47.84
C LEU Z 46 75.06 37.34 46.82
N LYS Z 47 75.72 36.19 46.82
CA LYS Z 47 75.29 35.09 45.96
C LYS Z 47 73.97 34.53 46.46
N GLN Z 48 73.88 34.26 47.76
CA GLN Z 48 72.62 33.80 48.32
C GLN Z 48 71.51 34.82 48.06
N MET Z 49 71.84 36.11 48.13
CA MET Z 49 70.82 37.14 48.04
C MET Z 49 70.41 37.38 46.59
N TYR Z 50 71.35 37.83 45.76
CA TYR Z 50 71.11 38.04 44.34
C TYR Z 50 70.61 36.76 43.68
N GLY Z 51 70.93 35.63 44.28
CA GLY Z 51 70.44 34.36 43.79
C GLY Z 51 71.59 33.58 43.18
N LYS Z 52 71.38 32.28 43.07
CA LYS Z 52 72.33 31.42 42.39
C LYS Z 52 72.38 31.70 40.90
N ALA Z 53 71.45 32.49 40.39
CA ALA Z 53 71.37 32.76 38.96
C ALA Z 53 72.54 33.62 38.49
N ASP Z 54 72.99 33.35 37.27
CA ASP Z 54 73.98 34.19 36.63
C ASP Z 54 73.41 35.60 36.45
N MET Z 55 74.24 36.59 36.74
CA MET Z 55 73.75 37.96 36.95
C MET Z 55 73.08 38.51 35.69
N ASN Z 56 73.73 38.38 34.53
CA ASN Z 56 73.19 38.98 33.32
C ASN Z 56 72.60 37.92 32.39
N THR Z 57 72.48 36.69 32.86
CA THR Z 57 71.88 35.62 32.07
C THR Z 57 70.39 35.91 31.91
N PHE Z 58 69.99 36.26 30.70
CA PHE Z 58 68.60 36.57 30.40
C PHE Z 58 67.79 35.28 30.27
N PRO Z 59 66.78 35.07 31.11
CA PRO Z 59 66.12 33.76 31.15
C PRO Z 59 64.88 33.64 30.28
N ASN Z 60 64.32 32.44 30.21
CA ASN Z 60 63.06 32.18 29.55
C ASN Z 60 62.31 31.10 30.33
N PHE Z 61 60.99 31.20 30.33
CA PHE Z 61 60.17 30.39 31.21
C PHE Z 61 59.65 29.12 30.57
N THR Z 62 59.25 29.18 29.30
CA THR Z 62 58.64 28.05 28.61
C THR Z 62 57.40 27.56 29.36
N PHE Z 63 56.40 28.45 29.39
CA PHE Z 63 55.18 28.21 30.13
C PHE Z 63 54.37 27.07 29.52
N GLU Z 64 53.37 26.62 30.29
CA GLU Z 64 52.45 25.56 29.87
C GLU Z 64 51.10 25.78 30.54
N ASP Z 65 50.09 25.07 30.05
CA ASP Z 65 48.71 25.17 30.52
C ASP Z 65 48.06 23.80 30.58
N PRO Z 66 46.78 23.73 31.00
CA PRO Z 66 45.99 22.50 31.13
C PRO Z 66 44.90 22.36 30.07
N LEU AA 2 -33.92 -18.33 10.06
CA LEU AA 2 -33.68 -17.34 11.09
C LEU AA 2 -32.36 -17.61 11.80
N GLN AA 3 -31.32 -17.91 11.02
CA GLN AA 3 -30.00 -18.12 11.62
C GLN AA 3 -29.40 -16.80 12.08
N SER AA 4 -30.04 -15.68 11.77
CA SER AA 4 -29.64 -14.43 12.38
C SER AA 4 -29.81 -14.48 13.88
N LEU AA 5 -30.87 -15.15 14.36
CA LEU AA 5 -30.99 -15.44 15.78
C LEU AA 5 -29.84 -16.31 16.26
N ILE AA 6 -29.44 -17.27 15.43
CA ILE AA 6 -28.27 -18.06 15.75
C ILE AA 6 -27.06 -17.17 15.95
N LYS AA 7 -26.92 -16.14 15.12
CA LYS AA 7 -25.86 -15.16 15.32
C LYS AA 7 -26.03 -14.41 16.64
N LYS AA 8 -27.24 -13.95 16.92
CA LYS AA 8 -27.47 -13.16 18.13
C LYS AA 8 -27.21 -13.97 19.39
N VAL AA 9 -27.25 -15.29 19.29
CA VAL AA 9 -27.10 -16.11 20.50
C VAL AA 9 -25.75 -16.82 20.57
N TRP AA 10 -25.51 -17.73 19.62
CA TRP AA 10 -24.58 -18.83 19.84
C TRP AA 10 -23.15 -18.39 20.17
N ILE AA 11 -22.63 -17.39 19.47
CA ILE AA 11 -21.27 -16.94 19.68
C ILE AA 11 -21.09 -16.65 21.17
N PRO AA 12 -22.04 -15.97 21.80
CA PRO AA 12 -21.91 -15.71 23.23
C PRO AA 12 -21.82 -16.97 24.07
N MET AA 13 -22.86 -17.78 24.09
CA MET AA 13 -22.89 -18.95 24.94
C MET AA 13 -21.98 -20.05 24.42
N LYS AA 14 -21.28 -19.79 23.32
CA LYS AA 14 -20.40 -20.78 22.72
C LYS AA 14 -19.46 -21.31 23.79
N PRO AA 15 -18.55 -20.49 24.30
CA PRO AA 15 -17.79 -20.94 25.47
C PRO AA 15 -18.67 -21.27 26.65
N TYR AA 16 -19.70 -20.46 26.90
CA TYR AA 16 -20.54 -20.68 28.05
C TYR AA 16 -21.29 -22.00 27.94
N TYR AA 17 -22.19 -22.10 26.97
CA TYR AA 17 -23.04 -23.28 26.87
C TYR AA 17 -22.30 -24.51 26.37
N THR AA 18 -21.16 -24.35 25.70
CA THR AA 18 -20.42 -25.49 25.21
C THR AA 18 -19.06 -25.63 25.88
N GLN AA 19 -18.16 -24.68 25.68
CA GLN AA 19 -16.84 -24.83 26.25
C GLN AA 19 -16.87 -24.93 27.76
N ALA AA 20 -17.64 -24.08 28.41
CA ALA AA 20 -17.94 -24.32 29.81
C ALA AA 20 -18.90 -25.49 29.96
N TYR AA 21 -19.98 -25.49 29.18
CA TYR AA 21 -21.11 -26.35 29.54
C TYR AA 21 -21.35 -27.51 28.58
N GLN AA 22 -20.35 -27.92 27.82
CA GLN AA 22 -20.49 -29.21 27.16
C GLN AA 22 -20.64 -30.33 28.18
N GLU AA 23 -19.77 -30.34 29.19
CA GLU AA 23 -19.92 -31.32 30.27
C GLU AA 23 -21.21 -31.07 31.05
N ILE AA 24 -21.57 -29.80 31.26
CA ILE AA 24 -22.83 -29.50 31.92
C ILE AA 24 -23.98 -29.99 31.06
N TRP AA 25 -23.89 -29.80 29.75
CA TRP AA 25 -24.89 -30.38 28.87
C TRP AA 25 -24.97 -31.88 29.06
N VAL AA 26 -23.81 -32.53 29.22
CA VAL AA 26 -23.80 -33.98 29.39
C VAL AA 26 -24.51 -34.36 30.68
N GLY AA 27 -24.24 -33.63 31.75
CA GLY AA 27 -24.91 -33.92 33.01
C GLY AA 27 -26.42 -33.75 32.89
N THR AA 28 -26.83 -32.66 32.24
CA THR AA 28 -28.26 -32.46 32.00
C THR AA 28 -28.85 -33.60 31.20
N GLY AA 29 -28.11 -34.10 30.22
CA GLY AA 29 -28.62 -35.21 29.41
C GLY AA 29 -28.79 -36.47 30.22
N LEU AA 30 -27.82 -36.79 31.08
CA LEU AA 30 -27.96 -37.97 31.93
C LEU AA 30 -29.18 -37.82 32.84
N MET AA 31 -29.38 -36.62 33.36
CA MET AA 31 -30.57 -36.35 34.17
C MET AA 31 -31.83 -36.64 33.37
N ALA AA 32 -31.92 -36.10 32.15
CA ALA AA 32 -33.10 -36.29 31.33
C ALA AA 32 -33.30 -37.77 31.00
N TYR AA 33 -32.20 -38.50 30.86
CA TYR AA 33 -32.29 -39.94 30.57
C TYR AA 33 -32.91 -40.68 31.75
N ILE AA 34 -32.44 -40.39 32.96
CA ILE AA 34 -33.06 -40.98 34.14
C ILE AA 34 -34.54 -40.60 34.20
N VAL AA 35 -34.84 -39.35 33.84
CA VAL AA 35 -36.22 -38.89 33.84
C VAL AA 35 -37.08 -39.69 32.88
N TYR AA 36 -36.59 -39.91 31.67
CA TYR AA 36 -37.35 -40.67 30.69
C TYR AA 36 -37.53 -42.11 31.13
N LYS AA 37 -36.49 -42.70 31.72
CA LYS AA 37 -36.63 -44.06 32.22
C LYS AA 37 -37.68 -44.13 33.33
N ILE AA 38 -37.65 -43.17 34.24
CA ILE AA 38 -38.66 -43.12 35.29
C ILE AA 38 -40.04 -42.90 34.69
N ARG AA 39 -40.13 -42.07 33.65
CA ARG AA 39 -41.39 -41.83 32.97
C ARG AA 39 -41.90 -43.12 32.36
N SER AA 40 -40.99 -43.93 31.83
CA SER AA 40 -41.40 -45.20 31.23
C SER AA 40 -41.92 -46.16 32.28
N ALA AA 41 -41.21 -46.28 33.41
CA ALA AA 41 -41.69 -47.15 34.47
C ALA AA 41 -43.04 -46.67 34.99
N ASP AA 42 -43.19 -45.35 35.12
CA ASP AA 42 -44.45 -44.78 35.55
C ASP AA 42 -45.55 -45.07 34.55
N LYS AA 43 -45.25 -45.00 33.26
CA LYS AA 43 -46.23 -45.33 32.25
C LYS AA 43 -46.65 -46.78 32.38
N ARG AA 44 -45.69 -47.67 32.59
CA ARG AA 44 -46.00 -49.08 32.82
C ARG AA 44 -46.98 -49.22 33.98
N SER AA 45 -46.64 -48.62 35.12
CA SER AA 45 -47.49 -48.75 36.29
C SER AA 45 -48.88 -48.17 36.06
N LYS AA 46 -48.96 -46.96 35.52
CA LYS AA 46 -50.24 -46.29 35.35
C LYS AA 46 -51.12 -47.04 34.36
N ALA AA 47 -50.54 -47.50 33.26
CA ALA AA 47 -51.29 -48.31 32.31
C ALA AA 47 -51.80 -49.58 32.96
N LEU AA 48 -50.98 -50.22 33.78
CA LEU AA 48 -51.42 -51.41 34.50
C LEU AA 48 -52.59 -51.13 35.43
N LYS AA 49 -52.82 -49.88 35.79
CA LYS AA 49 -53.92 -49.53 36.68
C LYS AA 49 -55.25 -49.63 35.95
N THR BA 12 1.33 -47.71 58.24
CA THR BA 12 1.94 -49.01 57.98
C THR BA 12 1.70 -49.45 56.55
N GLY BA 13 0.74 -50.36 56.37
CA GLY BA 13 0.33 -50.76 55.04
C GLY BA 13 -0.80 -49.87 54.61
N ILE BA 14 -2.03 -50.39 54.62
CA ILE BA 14 -3.21 -49.54 54.43
C ILE BA 14 -3.29 -48.49 55.53
N LYS BA 15 -2.68 -48.74 56.69
CA LYS BA 15 -2.53 -47.69 57.69
C LYS BA 15 -1.67 -46.55 57.16
N LYS BA 16 -0.93 -46.80 56.08
CA LYS BA 16 -0.27 -45.73 55.35
C LYS BA 16 -0.75 -45.67 53.91
N TYR BA 17 -0.66 -46.80 53.18
CA TYR BA 17 -0.98 -46.80 51.76
C TYR BA 17 -2.44 -46.46 51.50
N PHE BA 18 -3.34 -47.00 52.31
CA PHE BA 18 -4.75 -46.63 52.27
C PHE BA 18 -5.12 -45.75 53.45
N ASN BA 19 -4.13 -45.13 54.10
CA ASN BA 19 -4.39 -44.28 55.25
C ASN BA 19 -5.33 -43.15 54.88
N SER BA 20 -6.40 -43.00 55.66
CA SER BA 20 -7.32 -41.89 55.42
C SER BA 20 -6.61 -40.55 55.55
N TYR BA 21 -5.67 -40.45 56.49
CA TYR BA 21 -4.81 -39.28 56.56
C TYR BA 21 -4.05 -39.06 55.26
N THR BA 22 -3.63 -40.16 54.63
CA THR BA 22 -3.05 -40.06 53.29
C THR BA 22 -4.15 -39.72 52.30
N LEU BA 23 -3.99 -38.59 51.61
CA LEU BA 23 -5.02 -38.18 50.66
C LEU BA 23 -5.23 -39.24 49.60
N THR BA 24 -4.14 -39.70 48.99
CA THR BA 24 -4.25 -40.84 48.09
C THR BA 24 -4.60 -42.11 48.87
N GLY BA 25 -4.11 -42.22 50.10
CA GLY BA 25 -4.56 -43.30 50.96
C GLY BA 25 -6.04 -43.19 51.26
N ARG BA 26 -6.53 -41.96 51.43
CA ARG BA 26 -7.96 -41.76 51.59
C ARG BA 26 -8.71 -42.18 50.33
N MET BA 27 -8.13 -41.89 49.16
CA MET BA 27 -8.74 -42.35 47.91
C MET BA 27 -8.78 -43.88 47.86
N ASN BA 28 -7.71 -44.52 48.31
CA ASN BA 28 -7.68 -45.97 48.38
C ASN BA 28 -8.76 -46.49 49.32
N CYS BA 29 -8.94 -45.81 50.46
CA CYS BA 29 -9.98 -46.22 51.41
C CYS BA 29 -11.38 -46.07 50.81
N VAL BA 30 -11.62 -44.96 50.12
CA VAL BA 30 -12.91 -44.75 49.48
C VAL BA 30 -13.15 -45.82 48.42
N LEU BA 31 -12.10 -46.16 47.66
CA LEU BA 31 -12.21 -47.23 46.67
C LEU BA 31 -12.53 -48.56 47.33
N ALA BA 32 -11.89 -48.84 48.47
CA ALA BA 32 -12.18 -50.07 49.19
C ALA BA 32 -13.61 -50.11 49.67
N THR BA 33 -14.13 -48.97 50.14
CA THR BA 33 -15.53 -48.90 50.53
C THR BA 33 -16.45 -49.18 49.34
N TYR BA 34 -16.14 -48.59 48.19
CA TYR BA 34 -16.91 -48.88 46.99
C TYR BA 34 -16.85 -50.36 46.65
N GLY BA 35 -15.68 -50.98 46.83
CA GLY BA 35 -15.55 -52.39 46.56
C GLY BA 35 -16.36 -53.26 47.49
N SER BA 36 -16.39 -52.89 48.78
CA SER BA 36 -17.23 -53.61 49.73
C SER BA 36 -18.70 -53.49 49.35
N ILE BA 37 -19.12 -52.29 48.96
CA ILE BA 37 -20.50 -52.09 48.52
C ILE BA 37 -20.80 -52.95 47.30
N ALA BA 38 -19.85 -53.02 46.36
CA ALA BA 38 -20.02 -53.82 45.15
C ALA BA 38 -20.13 -55.31 45.48
N LEU BA 39 -19.31 -55.78 46.43
CA LEU BA 39 -19.39 -57.18 46.84
C LEU BA 39 -20.75 -57.49 47.45
N ILE BA 40 -21.26 -56.56 48.28
CA ILE BA 40 -22.57 -56.75 48.88
C ILE BA 40 -23.65 -56.83 47.81
N VAL BA 41 -23.60 -55.93 46.82
CA VAL BA 41 -24.60 -55.94 45.77
C VAL BA 41 -24.50 -57.22 44.93
N LEU BA 42 -23.27 -57.70 44.72
CA LEU BA 42 -23.09 -58.95 43.97
C LEU BA 42 -23.68 -60.14 44.71
N TYR BA 43 -23.48 -60.19 46.03
CA TYR BA 43 -24.13 -61.22 46.83
C TYR BA 43 -25.65 -61.09 46.74
N PHE BA 44 -26.16 -59.86 46.76
CA PHE BA 44 -27.58 -59.61 46.58
C PHE BA 44 -28.06 -60.00 45.19
N LYS BA 45 -27.16 -60.07 44.21
CA LYS BA 45 -27.50 -60.68 42.93
C LYS BA 45 -27.65 -62.19 43.09
N LEU BA 46 -26.78 -62.79 43.88
CA LEU BA 46 -26.99 -64.16 44.34
C LEU BA 46 -28.08 -64.24 45.40
N ARG BA 47 -28.56 -63.10 45.90
CA ARG BA 47 -29.61 -63.07 46.91
C ARG BA 47 -30.83 -62.31 46.41
N VAL CA 23 -27.64 18.51 -159.30
CA VAL CA 23 -28.58 18.27 -158.22
C VAL CA 23 -28.34 19.28 -157.10
N ASP CA 24 -28.92 19.01 -155.93
CA ASP CA 24 -28.79 19.88 -154.77
C ASP CA 24 -28.07 19.14 -153.64
N LEU CA 25 -27.02 19.76 -153.12
CA LEU CA 25 -26.28 19.22 -151.98
C LEU CA 25 -26.71 19.90 -150.69
N GLU CA 26 -27.95 20.38 -150.67
CA GLU CA 26 -28.51 21.03 -149.50
C GLU CA 26 -29.66 20.24 -148.88
N GLU CA 27 -30.69 19.91 -149.66
CA GLU CA 27 -31.81 19.15 -149.15
C GLU CA 27 -32.28 18.05 -150.10
N THR CA 28 -31.91 18.12 -151.37
CA THR CA 28 -32.18 17.02 -152.29
C THR CA 28 -31.08 15.99 -152.08
N GLY CA 29 -31.37 14.74 -152.41
CA GLY CA 29 -30.45 13.69 -152.05
C GLY CA 29 -29.95 12.92 -153.26
N ARG CA 30 -29.00 12.04 -152.98
CA ARG CA 30 -28.59 10.96 -153.88
C ARG CA 30 -27.96 9.88 -153.02
N VAL CA 31 -28.69 8.79 -152.81
CA VAL CA 31 -28.25 7.77 -151.86
C VAL CA 31 -27.12 6.97 -152.49
N LEU CA 32 -25.88 7.39 -152.21
CA LEU CA 32 -24.74 6.69 -152.78
C LEU CA 32 -24.74 5.22 -152.40
N SER CA 33 -25.12 4.93 -151.16
CA SER CA 33 -25.32 3.56 -150.73
C SER CA 33 -26.57 3.52 -149.86
N ILE CA 34 -27.13 2.32 -149.72
CA ILE CA 34 -28.35 2.13 -148.94
C ILE CA 34 -28.33 0.72 -148.36
N GLY CA 35 -29.26 0.46 -147.46
CA GLY CA 35 -29.35 -0.85 -146.85
C GLY CA 35 -29.46 -0.78 -145.34
N ASP CA 36 -30.25 -1.68 -144.76
CA ASP CA 36 -30.42 -1.79 -143.32
C ASP CA 36 -30.95 -0.51 -142.69
N GLY CA 37 -31.66 0.32 -143.45
CA GLY CA 37 -32.19 1.56 -142.95
C GLY CA 37 -31.16 2.65 -142.77
N ILE CA 38 -29.89 2.37 -143.05
CA ILE CA 38 -28.81 3.35 -142.93
C ILE CA 38 -28.23 3.53 -144.33
N ALA CA 39 -28.76 4.49 -145.08
CA ALA CA 39 -28.26 4.74 -146.41
C ALA CA 39 -27.00 5.59 -146.34
N ARG CA 40 -26.23 5.56 -147.40
CA ARG CA 40 -25.15 6.52 -147.59
C ARG CA 40 -25.64 7.49 -148.66
N VAL CA 41 -26.00 8.68 -148.24
CA VAL CA 41 -26.45 9.70 -149.17
C VAL CA 41 -25.52 10.89 -149.04
N HIS CA 42 -24.78 11.18 -150.10
CA HIS CA 42 -23.81 12.26 -150.13
C HIS CA 42 -24.48 13.51 -150.69
N GLY CA 43 -24.10 14.67 -150.16
CA GLY CA 43 -24.79 15.89 -150.50
C GLY CA 43 -25.85 16.20 -149.48
N LEU CA 44 -26.89 16.94 -149.87
CA LEU CA 44 -27.97 17.33 -148.98
C LEU CA 44 -27.42 17.93 -147.68
N ARG CA 45 -26.28 18.61 -147.80
CA ARG CA 45 -25.56 19.04 -146.62
C ARG CA 45 -26.37 20.05 -145.80
N ASN CA 46 -27.08 20.94 -146.46
CA ASN CA 46 -27.85 21.98 -145.77
C ASN CA 46 -29.22 21.51 -145.34
N VAL CA 47 -29.46 20.20 -145.29
CA VAL CA 47 -30.71 19.68 -144.77
C VAL CA 47 -30.82 19.98 -143.28
N GLN CA 48 -32.02 19.90 -142.75
CA GLN CA 48 -32.28 20.21 -141.35
C GLN CA 48 -32.32 18.94 -140.49
N ALA CA 49 -32.38 19.16 -139.17
CA ALA CA 49 -32.29 18.06 -138.22
C ALA CA 49 -33.63 17.32 -138.11
N GLU CA 50 -33.55 15.99 -138.03
CA GLU CA 50 -34.72 15.12 -137.91
C GLU CA 50 -35.73 15.42 -139.03
N GLU CA 51 -35.22 15.99 -140.11
CA GLU CA 51 -36.05 16.46 -141.19
C GLU CA 51 -36.61 15.28 -141.96
N MET CA 52 -37.90 15.37 -142.28
CA MET CA 52 -38.51 14.48 -143.25
C MET CA 52 -37.90 14.81 -144.60
N VAL CA 53 -38.10 13.93 -145.58
CA VAL CA 53 -37.52 14.13 -146.89
C VAL CA 53 -38.52 13.71 -147.96
N GLU CA 54 -38.16 13.96 -149.21
CA GLU CA 54 -38.88 13.43 -150.35
C GLU CA 54 -37.93 12.51 -151.10
N PHE CA 55 -37.97 11.23 -150.75
CA PHE CA 55 -36.98 10.29 -151.23
C PHE CA 55 -37.53 9.47 -152.40
N SER CA 56 -36.64 8.68 -153.00
CA SER CA 56 -37.07 7.73 -154.03
C SER CA 56 -38.06 6.72 -153.47
N SER CA 57 -37.86 6.25 -152.24
CA SER CA 57 -38.84 5.45 -151.55
C SER CA 57 -39.83 6.30 -150.75
N GLY CA 58 -39.54 7.58 -150.59
CA GLY CA 58 -40.47 8.54 -150.02
C GLY CA 58 -41.06 8.21 -148.68
N LEU CA 59 -40.58 7.18 -148.00
CA LEU CA 59 -41.16 6.72 -146.75
C LEU CA 59 -40.98 7.78 -145.67
N LYS CA 60 -41.65 7.56 -144.53
CA LYS CA 60 -41.57 8.48 -143.41
C LYS CA 60 -40.23 8.34 -142.68
N GLY CA 61 -39.84 9.41 -142.00
CA GLY CA 61 -38.61 9.39 -141.24
C GLY CA 61 -38.12 10.77 -140.87
N MET CA 62 -36.90 10.79 -140.34
CA MET CA 62 -36.27 12.01 -139.85
C MET CA 62 -34.81 12.05 -140.31
N SER CA 63 -34.34 13.23 -140.70
CA SER CA 63 -32.96 13.40 -141.13
C SER CA 63 -32.05 13.17 -139.92
N LEU CA 64 -31.42 12.01 -139.87
CA LEU CA 64 -30.65 11.62 -138.69
C LEU CA 64 -29.15 11.89 -138.84
N ASN CA 65 -28.50 11.25 -139.79
CA ASN CA 65 -27.04 11.19 -139.81
C ASN CA 65 -26.47 12.41 -140.54
N LEU CA 66 -26.06 13.41 -139.78
CA LEU CA 66 -25.33 14.55 -140.31
C LEU CA 66 -23.86 14.17 -140.35
N GLU CA 67 -23.56 13.08 -141.01
CA GLU CA 67 -22.20 12.68 -141.34
C GLU CA 67 -21.79 13.37 -142.63
N PRO CA 68 -20.67 14.10 -142.61
CA PRO CA 68 -20.38 15.00 -143.74
C PRO CA 68 -20.30 14.31 -145.08
N ASP CA 69 -19.75 13.10 -145.15
CA ASP CA 69 -19.55 12.43 -146.43
C ASP CA 69 -20.81 11.80 -147.00
N ASN CA 70 -21.66 11.24 -146.16
CA ASN CA 70 -22.91 10.64 -146.59
C ASN CA 70 -23.86 10.58 -145.40
N VAL CA 71 -25.12 10.32 -145.65
CA VAL CA 71 -26.14 10.43 -144.61
C VAL CA 71 -27.02 9.19 -144.64
N GLY CA 72 -27.25 8.60 -143.47
CA GLY CA 72 -28.34 7.68 -143.27
C GLY CA 72 -29.36 8.25 -142.32
N VAL CA 73 -30.50 8.69 -142.84
CA VAL CA 73 -31.51 9.37 -142.05
C VAL CA 73 -32.39 8.34 -141.38
N VAL CA 74 -32.95 8.69 -140.24
CA VAL CA 74 -33.94 7.86 -139.57
C VAL CA 74 -35.12 7.71 -140.52
N VAL CA 75 -35.51 6.47 -140.77
CA VAL CA 75 -36.58 6.17 -141.70
C VAL CA 75 -37.69 5.42 -140.98
N PHE CA 76 -38.90 5.97 -140.99
CA PHE CA 76 -40.06 5.31 -140.39
C PHE CA 76 -40.87 4.66 -141.51
N GLY CA 77 -40.47 3.45 -141.85
CA GLY CA 77 -41.15 2.70 -142.89
C GLY CA 77 -40.15 1.88 -143.68
N ASN CA 78 -40.63 1.31 -144.78
CA ASN CA 78 -39.81 0.48 -145.65
C ASN CA 78 -39.30 1.32 -146.81
N ASP CA 79 -38.02 1.14 -147.17
CA ASP CA 79 -37.39 1.96 -148.18
C ASP CA 79 -36.69 1.15 -149.28
N LYS CA 80 -37.23 0.01 -149.68
CA LYS CA 80 -36.60 -0.79 -150.74
C LYS CA 80 -36.63 -0.07 -152.07
N LEU CA 81 -37.42 1.00 -152.19
CA LEU CA 81 -37.46 1.84 -153.38
C LEU CA 81 -36.43 2.96 -153.33
N ILE CA 82 -35.41 2.84 -152.50
CA ILE CA 82 -34.30 3.79 -152.47
C ILE CA 82 -32.99 3.05 -152.76
N LYS CA 83 -32.60 3.01 -154.03
CA LYS CA 83 -31.39 2.31 -154.44
C LYS CA 83 -30.18 3.24 -154.39
N GLU CA 84 -29.07 2.77 -154.96
CA GLU CA 84 -27.88 3.62 -155.06
C GLU CA 84 -28.20 4.86 -155.89
N GLY CA 85 -27.91 6.02 -155.30
CA GLY CA 85 -28.20 7.29 -155.92
C GLY CA 85 -29.58 7.85 -155.65
N ASP CA 86 -30.39 7.19 -154.82
CA ASP CA 86 -31.76 7.61 -154.57
C ASP CA 86 -31.83 9.03 -154.03
N ILE CA 87 -32.71 9.85 -154.62
CA ILE CA 87 -32.77 11.27 -154.33
C ILE CA 87 -33.79 11.50 -153.23
N VAL CA 88 -33.35 12.11 -152.13
CA VAL CA 88 -34.20 12.45 -151.01
C VAL CA 88 -34.25 13.95 -150.89
N LYS CA 89 -35.40 14.55 -151.15
CA LYS CA 89 -35.59 15.98 -151.02
C LYS CA 89 -36.08 16.28 -149.63
N ARG CA 90 -35.18 16.74 -148.77
CA ARG CA 90 -35.47 16.92 -147.35
C ARG CA 90 -36.64 17.86 -147.17
N THR CA 91 -37.46 17.60 -146.15
CA THR CA 91 -38.54 18.51 -145.79
C THR CA 91 -38.05 19.72 -145.01
N GLY CA 92 -36.80 19.75 -144.59
CA GLY CA 92 -36.21 20.93 -144.01
C GLY CA 92 -36.59 21.24 -142.58
N ALA CA 93 -37.23 20.30 -141.87
CA ALA CA 93 -37.53 20.46 -140.45
C ALA CA 93 -37.95 19.11 -139.87
N ILE CA 94 -37.80 18.99 -138.55
CA ILE CA 94 -38.22 17.77 -137.87
C ILE CA 94 -39.72 17.55 -138.04
N VAL CA 95 -40.09 16.32 -138.39
CA VAL CA 95 -41.49 15.99 -138.61
C VAL CA 95 -42.28 16.26 -137.34
N ASP CA 96 -43.54 16.69 -137.51
CA ASP CA 96 -44.32 17.19 -136.40
C ASP CA 96 -45.36 16.16 -135.99
N VAL CA 97 -45.87 16.31 -134.77
CA VAL CA 97 -46.85 15.39 -134.23
C VAL CA 97 -48.04 16.19 -133.67
N PRO CA 98 -49.26 15.67 -133.78
CA PRO CA 98 -50.43 16.46 -133.36
C PRO CA 98 -50.46 16.70 -131.86
N VAL CA 99 -51.37 17.59 -131.45
CA VAL CA 99 -51.54 17.95 -130.05
C VAL CA 99 -53.02 18.01 -129.72
N GLY CA 100 -53.33 18.09 -128.43
CA GLY CA 100 -54.70 18.22 -127.97
C GLY CA 100 -55.39 16.88 -127.82
N GLU CA 101 -56.61 16.95 -127.29
CA GLU CA 101 -57.41 15.76 -127.04
C GLU CA 101 -58.17 15.31 -128.27
N GLU CA 102 -57.75 15.73 -129.46
CA GLU CA 102 -58.47 15.37 -130.69
C GLU CA 102 -58.55 13.87 -130.92
N LEU CA 103 -57.63 13.09 -130.34
CA LEU CA 103 -57.69 11.64 -130.49
C LEU CA 103 -58.89 11.06 -129.76
N LEU CA 104 -59.36 11.73 -128.71
CA LEU CA 104 -60.48 11.21 -127.94
C LEU CA 104 -61.67 10.97 -128.85
N GLY CA 105 -61.99 9.69 -129.02
CA GLY CA 105 -63.04 9.30 -129.94
C GLY CA 105 -62.56 8.80 -131.27
N ARG CA 106 -61.38 9.19 -131.72
CA ARG CA 106 -60.81 8.67 -132.95
C ARG CA 106 -59.50 7.94 -132.65
N VAL CA 107 -58.87 7.45 -133.71
CA VAL CA 107 -57.61 6.73 -133.62
C VAL CA 107 -56.52 7.60 -134.21
N VAL CA 108 -55.69 8.19 -133.35
CA VAL CA 108 -54.69 9.15 -133.78
C VAL CA 108 -53.30 8.54 -133.69
N ASP CA 109 -52.56 8.65 -134.79
CA ASP CA 109 -51.14 8.38 -134.83
C ASP CA 109 -50.39 9.70 -134.66
N ALA CA 110 -49.08 9.67 -134.94
CA ALA CA 110 -48.25 10.86 -134.81
C ALA CA 110 -48.75 11.95 -135.76
N LEU CA 111 -49.43 11.56 -136.82
CA LEU CA 111 -50.13 12.50 -137.68
C LEU CA 111 -51.63 12.43 -137.45
N GLY CA 112 -52.07 11.84 -136.33
CA GLY CA 112 -53.46 11.59 -136.09
C GLY CA 112 -54.02 10.40 -136.84
N ASN CA 113 -53.18 9.57 -137.43
CA ASN CA 113 -53.65 8.50 -138.30
C ASN CA 113 -54.21 7.33 -137.51
N ALA CA 114 -55.14 6.60 -138.13
CA ALA CA 114 -55.65 5.37 -137.55
C ALA CA 114 -54.85 4.17 -138.04
N ILE CA 115 -55.01 3.03 -137.36
CA ILE CA 115 -54.40 1.80 -137.82
C ILE CA 115 -55.51 0.80 -138.09
N ASP CA 116 -56.67 1.02 -137.48
CA ASP CA 116 -57.85 0.21 -137.73
C ASP CA 116 -58.92 0.97 -138.52
N GLY CA 117 -58.64 2.20 -138.93
CA GLY CA 117 -59.58 2.98 -139.72
C GLY CA 117 -60.80 3.48 -138.97
N LYS CA 118 -60.59 4.12 -137.82
CA LYS CA 118 -61.67 4.63 -137.00
C LYS CA 118 -61.97 6.10 -137.27
N GLY CA 119 -61.53 6.64 -138.40
CA GLY CA 119 -61.75 8.03 -138.74
C GLY CA 119 -60.72 8.94 -138.10
N PRO CA 120 -60.51 10.10 -138.70
CA PRO CA 120 -59.45 10.99 -138.22
C PRO CA 120 -59.75 11.56 -136.85
N ILE CA 121 -58.67 11.88 -136.13
CA ILE CA 121 -58.82 12.57 -134.85
C ILE CA 121 -59.18 14.03 -135.08
N GLY CA 122 -59.08 14.49 -136.32
CA GLY CA 122 -59.38 15.87 -136.65
C GLY CA 122 -58.44 16.83 -135.96
N SER CA 123 -57.22 16.40 -135.71
CA SER CA 123 -56.19 17.24 -135.12
C SER CA 123 -55.45 17.95 -136.24
N LYS CA 124 -55.93 19.15 -136.60
CA LYS CA 124 -55.30 19.90 -137.67
C LYS CA 124 -53.88 20.30 -137.29
N ALA CA 125 -53.67 20.73 -136.05
CA ALA CA 125 -52.37 21.21 -135.63
C ALA CA 125 -51.43 20.04 -135.31
N ARG CA 126 -50.13 20.33 -135.38
CA ARG CA 126 -49.11 19.35 -135.03
C ARG CA 126 -47.96 20.06 -134.35
N ARG CA 127 -47.20 19.31 -133.57
CA ARG CA 127 -46.10 19.86 -132.81
C ARG CA 127 -44.92 18.91 -132.89
N ARG CA 128 -43.72 19.48 -132.81
CA ARG CA 128 -42.51 18.69 -132.69
C ARG CA 128 -42.56 17.93 -131.38
N VAL CA 129 -42.24 16.64 -131.43
CA VAL CA 129 -42.36 15.79 -130.25
C VAL CA 129 -41.41 16.25 -129.15
N GLY CA 130 -40.49 17.16 -129.47
CA GLY CA 130 -39.46 17.55 -128.53
C GLY CA 130 -39.95 18.53 -127.47
N LEU CA 131 -41.19 18.35 -127.03
CA LEU CA 131 -41.72 19.15 -125.94
C LEU CA 131 -41.03 18.78 -124.63
N LYS CA 132 -40.81 19.79 -123.79
CA LYS CA 132 -40.13 19.62 -122.52
C LYS CA 132 -41.13 19.61 -121.36
N ALA CA 133 -40.59 19.41 -120.16
CA ALA CA 133 -41.40 19.46 -118.96
C ALA CA 133 -41.76 20.89 -118.63
N PRO CA 134 -42.79 21.08 -117.80
CA PRO CA 134 -43.01 22.40 -117.21
C PRO CA 134 -41.81 22.80 -116.35
N GLY CA 135 -41.56 24.11 -116.29
CA GLY CA 135 -40.39 24.63 -115.62
C GLY CA 135 -40.31 24.31 -114.14
N ILE CA 136 -39.23 24.75 -113.49
CA ILE CA 136 -38.97 24.35 -112.11
C ILE CA 136 -40.02 24.87 -111.14
N ILE CA 137 -40.13 26.18 -110.96
CA ILE CA 137 -41.19 26.77 -110.16
C ILE CA 137 -42.50 26.52 -110.91
N PRO CA 138 -42.47 26.53 -112.24
CA PRO CA 138 -43.68 26.15 -112.99
C PRO CA 138 -44.18 24.77 -112.66
N ARG CA 139 -43.28 23.79 -112.49
CA ARG CA 139 -43.71 22.55 -111.88
C ARG CA 139 -43.84 22.75 -110.38
N ILE CA 140 -44.60 21.87 -109.74
CA ILE CA 140 -44.81 21.97 -108.31
C ILE CA 140 -44.89 20.57 -107.75
N SER CA 141 -44.63 20.46 -106.44
CA SER CA 141 -44.97 19.24 -105.74
C SER CA 141 -46.46 18.97 -105.88
N VAL CA 142 -46.80 17.72 -106.21
CA VAL CA 142 -48.18 17.40 -106.56
C VAL CA 142 -48.82 16.57 -105.46
N ARG CA 143 -49.88 17.12 -104.84
CA ARG CA 143 -50.57 16.44 -103.76
C ARG CA 143 -51.94 15.91 -104.15
N GLU CA 144 -52.41 16.14 -105.37
CA GLU CA 144 -53.75 15.73 -105.73
C GLU CA 144 -53.86 14.21 -105.82
N PRO CA 145 -54.79 13.61 -105.07
CA PRO CA 145 -54.84 12.15 -105.02
C PRO CA 145 -55.40 11.54 -106.29
N MET CA 146 -54.54 11.01 -107.14
CA MET CA 146 -54.96 10.37 -108.37
C MET CA 146 -55.31 8.93 -108.03
N GLN CA 147 -56.60 8.68 -107.80
CA GLN CA 147 -57.07 7.33 -107.53
C GLN CA 147 -57.09 6.54 -108.83
N THR CA 148 -56.21 5.54 -108.93
CA THR CA 148 -56.17 4.69 -110.11
C THR CA 148 -57.24 3.61 -110.11
N GLY CA 149 -58.27 3.75 -109.27
CA GLY CA 149 -59.30 2.74 -109.17
C GLY CA 149 -58.81 1.36 -108.81
N ILE CA 150 -57.52 1.19 -108.53
CA ILE CA 150 -56.90 -0.11 -108.35
C ILE CA 150 -56.57 -0.31 -106.88
N LYS CA 151 -56.99 -1.45 -106.35
CA LYS CA 151 -56.92 -1.70 -104.91
C LYS CA 151 -55.51 -1.48 -104.38
N ALA CA 152 -54.56 -2.30 -104.82
CA ALA CA 152 -53.20 -2.17 -104.33
C ALA CA 152 -52.62 -0.80 -104.67
N VAL CA 153 -53.05 -0.23 -105.80
CA VAL CA 153 -52.48 1.04 -106.24
C VAL CA 153 -52.67 2.10 -105.17
N ASP CA 154 -53.90 2.23 -104.68
CA ASP CA 154 -54.14 3.22 -103.64
C ASP CA 154 -53.94 2.66 -102.24
N SER CA 155 -53.53 1.39 -102.13
CA SER CA 155 -53.47 0.70 -100.84
C SER CA 155 -52.69 1.49 -99.79
N LEU CA 156 -51.43 1.78 -100.05
CA LEU CA 156 -50.66 2.66 -99.18
C LEU CA 156 -50.31 3.98 -99.85
N VAL CA 157 -50.09 3.97 -101.15
CA VAL CA 157 -49.52 5.13 -101.84
C VAL CA 157 -50.51 5.68 -102.85
N PRO CA 158 -51.34 6.66 -102.48
CA PRO CA 158 -52.14 7.35 -103.50
C PRO CA 158 -51.24 8.19 -104.39
N ILE CA 159 -51.78 8.54 -105.56
CA ILE CA 159 -51.00 9.13 -106.64
C ILE CA 159 -51.26 10.62 -106.68
N GLY CA 160 -50.20 11.41 -106.88
CA GLY CA 160 -50.31 12.85 -107.00
C GLY CA 160 -50.83 13.29 -108.36
N ARG CA 161 -50.32 14.44 -108.81
CA ARG CA 161 -50.68 14.97 -110.13
C ARG CA 161 -49.44 15.40 -110.90
N GLY CA 162 -48.82 14.47 -111.63
CA GLY CA 162 -47.69 14.79 -112.47
C GLY CA 162 -46.40 14.05 -112.21
N GLN CA 163 -46.42 12.95 -111.47
CA GLN CA 163 -45.21 12.27 -111.04
C GLN CA 163 -44.70 11.30 -112.11
N ARG CA 164 -43.69 10.52 -111.73
CA ARG CA 164 -43.07 9.55 -112.65
C ARG CA 164 -42.63 8.34 -111.84
N GLU CA 165 -43.54 7.39 -111.65
CA GLU CA 165 -43.30 6.24 -110.78
C GLU CA 165 -43.13 4.99 -111.63
N LEU CA 166 -42.25 4.09 -111.19
CA LEU CA 166 -41.94 2.90 -111.97
C LEU CA 166 -42.90 1.76 -111.68
N ILE CA 167 -42.90 0.77 -112.57
CA ILE CA 167 -43.67 -0.45 -112.40
C ILE CA 167 -42.90 -1.56 -113.08
N ILE CA 168 -42.66 -2.65 -112.36
CA ILE CA 168 -41.92 -3.80 -112.87
C ILE CA 168 -42.87 -4.99 -112.96
N GLY CA 169 -42.82 -5.71 -114.07
CA GLY CA 169 -43.70 -6.84 -114.27
C GLY CA 169 -42.98 -8.02 -114.89
N ASP CA 170 -43.76 -8.93 -115.46
CA ASP CA 170 -43.20 -10.08 -116.15
C ASP CA 170 -44.11 -10.46 -117.32
N ARG CA 171 -43.90 -11.66 -117.87
CA ARG CA 171 -44.67 -12.10 -119.02
C ARG CA 171 -46.04 -12.63 -118.59
N GLN CA 172 -47.07 -12.21 -119.32
CA GLN CA 172 -48.46 -12.59 -119.06
C GLN CA 172 -48.81 -12.30 -117.59
N THR CA 173 -48.09 -11.33 -117.04
CA THR CA 173 -48.08 -11.10 -115.60
C THR CA 173 -48.91 -9.91 -115.16
N GLY CA 174 -49.95 -9.54 -115.89
CA GLY CA 174 -50.76 -8.43 -115.45
C GLY CA 174 -50.09 -7.13 -115.81
N LYS CA 175 -48.92 -7.21 -116.45
CA LYS CA 175 -48.18 -6.02 -116.80
C LYS CA 175 -49.04 -5.04 -117.58
N THR CA 176 -49.69 -5.53 -118.64
CA THR CA 176 -50.72 -4.73 -119.27
C THR CA 176 -51.92 -4.57 -118.36
N SER CA 177 -52.36 -5.66 -117.72
CA SER CA 177 -53.55 -5.59 -116.88
C SER CA 177 -53.32 -4.70 -115.67
N ILE CA 178 -52.06 -4.34 -115.41
CA ILE CA 178 -51.77 -3.40 -114.34
C ILE CA 178 -52.46 -2.06 -114.62
N ALA CA 179 -52.77 -1.80 -115.88
CA ALA CA 179 -53.26 -0.48 -116.26
C ALA CA 179 -54.77 -0.37 -116.15
N ILE CA 180 -55.46 -1.47 -115.84
CA ILE CA 180 -56.89 -1.55 -116.10
C ILE CA 180 -57.71 -0.55 -115.30
N ASP CA 181 -57.52 -0.50 -113.97
CA ASP CA 181 -58.52 0.14 -113.12
C ASP CA 181 -58.55 1.66 -113.29
N THR CA 182 -57.38 2.28 -113.43
CA THR CA 182 -57.36 3.73 -113.66
C THR CA 182 -58.09 4.06 -114.95
N ILE CA 183 -57.86 3.28 -116.00
CA ILE CA 183 -58.60 3.46 -117.25
C ILE CA 183 -60.04 2.98 -117.07
N ILE CA 184 -60.26 1.97 -116.22
CA ILE CA 184 -61.61 1.49 -115.98
C ILE CA 184 -62.45 2.56 -115.29
N ASN CA 185 -61.87 3.26 -114.32
CA ASN CA 185 -62.60 4.31 -113.62
C ASN CA 185 -62.93 5.48 -114.56
N GLN CA 186 -62.26 5.54 -115.71
CA GLN CA 186 -62.43 6.66 -116.63
C GLN CA 186 -63.86 6.83 -117.10
N LYS CA 187 -64.54 5.75 -117.47
CA LYS CA 187 -65.97 5.86 -117.75
C LYS CA 187 -66.70 6.55 -116.62
N ARG CA 188 -66.34 6.22 -115.38
CA ARG CA 188 -66.81 7.00 -114.25
C ARG CA 188 -66.06 8.32 -114.15
N PHE CA 189 -64.74 8.29 -114.35
CA PHE CA 189 -63.95 9.49 -114.07
C PHE CA 189 -63.75 10.34 -115.32
N ASN CA 190 -63.06 9.79 -116.33
CA ASN CA 190 -62.79 10.58 -117.54
C ASN CA 190 -64.06 10.84 -118.33
N ASP CA 191 -64.87 9.82 -118.56
CA ASP CA 191 -66.21 10.04 -119.08
C ASP CA 191 -67.10 10.71 -118.05
N GLY CA 192 -66.62 10.83 -116.81
CA GLY CA 192 -67.23 11.70 -115.84
C GLY CA 192 -66.88 13.16 -116.12
N THR CA 193 -67.21 14.02 -115.15
CA THR CA 193 -67.17 15.45 -115.37
C THR CA 193 -66.02 16.17 -114.68
N ASP CA 194 -65.71 15.84 -113.43
CA ASP CA 194 -64.66 16.54 -112.70
C ASP CA 194 -63.33 16.39 -113.42
N GLU CA 195 -62.78 17.50 -113.90
CA GLU CA 195 -61.54 17.46 -114.68
C GLU CA 195 -60.41 16.76 -113.97
N LYS CA 196 -60.38 16.81 -112.64
CA LYS CA 196 -59.48 15.95 -111.88
C LYS CA 196 -59.77 14.48 -112.13
N LYS CA 197 -61.03 14.13 -112.39
CA LYS CA 197 -61.40 12.79 -112.84
C LYS CA 197 -61.66 12.75 -114.34
N LYS CA 198 -62.34 13.75 -114.89
CA LYS CA 198 -62.51 13.84 -116.34
C LYS CA 198 -61.19 14.21 -116.99
N LEU CA 199 -60.50 13.22 -117.52
CA LEU CA 199 -59.16 13.40 -118.07
C LEU CA 199 -59.00 12.60 -119.34
N TYR CA 200 -58.70 13.29 -120.44
CA TYR CA 200 -58.30 12.62 -121.67
C TYR CA 200 -57.01 11.88 -121.40
N CYS CA 201 -57.10 10.56 -121.32
CA CYS CA 201 -55.99 9.73 -120.87
C CYS CA 201 -54.98 9.54 -121.97
N ILE CA 202 -54.05 8.63 -121.74
CA ILE CA 202 -52.99 8.32 -122.70
C ILE CA 202 -52.49 6.91 -122.43
N TYR CA 203 -52.13 6.19 -123.51
CA TYR CA 203 -51.56 4.85 -123.40
C TYR CA 203 -50.77 4.56 -124.68
N VAL CA 204 -49.45 4.66 -124.60
CA VAL CA 204 -48.58 4.35 -125.73
C VAL CA 204 -48.32 2.84 -125.73
N ALA CA 205 -49.18 2.11 -126.41
CA ALA CA 205 -49.14 0.64 -126.44
C ALA CA 205 -48.21 0.21 -127.56
N ILE CA 206 -46.93 0.05 -127.23
CA ILE CA 206 -45.88 -0.20 -128.23
C ILE CA 206 -45.80 -1.70 -128.51
N GLY CA 207 -45.56 -2.04 -129.76
CA GLY CA 207 -45.39 -3.43 -130.16
C GLY CA 207 -46.60 -4.27 -129.84
N GLN CA 208 -47.79 -3.70 -130.03
CA GLN CA 208 -49.04 -4.33 -129.61
C GLN CA 208 -49.58 -5.19 -130.72
N LYS CA 209 -49.72 -6.49 -130.45
CA LYS CA 209 -50.37 -7.38 -131.40
C LYS CA 209 -51.74 -6.83 -131.76
N ARG CA 210 -51.91 -6.51 -133.05
CA ARG CA 210 -53.11 -5.82 -133.49
C ARG CA 210 -54.37 -6.54 -133.05
N SER CA 211 -54.36 -7.88 -133.10
CA SER CA 211 -55.47 -8.64 -132.56
C SER CA 211 -55.63 -8.40 -131.06
N THR CA 212 -54.54 -8.48 -130.30
CA THR CA 212 -54.58 -8.15 -128.89
C THR CA 212 -54.79 -6.65 -128.69
N VAL CA 213 -54.16 -5.84 -129.55
CA VAL CA 213 -54.34 -4.40 -129.47
C VAL CA 213 -55.79 -4.03 -129.73
N ALA CA 214 -56.46 -4.72 -130.66
CA ALA CA 214 -57.86 -4.43 -130.94
C ALA CA 214 -58.73 -4.66 -129.72
N GLN CA 215 -58.46 -5.74 -128.97
CA GLN CA 215 -59.20 -6.00 -127.75
C GLN CA 215 -59.03 -4.88 -126.73
N LEU CA 216 -57.80 -4.37 -126.58
CA LEU CA 216 -57.57 -3.29 -125.62
C LEU CA 216 -58.47 -2.11 -125.91
N VAL CA 217 -58.48 -1.64 -127.15
CA VAL CA 217 -59.44 -0.61 -127.55
C VAL CA 217 -60.86 -1.12 -127.39
N LYS CA 218 -61.11 -2.36 -127.80
CA LYS CA 218 -62.42 -2.96 -127.58
C LYS CA 218 -62.75 -2.99 -126.10
N ARG CA 219 -61.80 -3.40 -125.27
CA ARG CA 219 -61.99 -3.26 -123.83
C ARG CA 219 -62.14 -1.79 -123.46
N LEU CA 220 -61.33 -0.92 -124.05
CA LEU CA 220 -61.48 0.51 -123.81
C LEU CA 220 -62.82 1.01 -124.31
N THR CA 221 -63.25 0.55 -125.48
CA THR CA 221 -64.60 0.83 -125.93
C THR CA 221 -65.61 0.19 -124.98
N ASP CA 222 -65.35 -1.05 -124.56
CA ASP CA 222 -66.15 -1.65 -123.50
C ASP CA 222 -66.05 -0.82 -122.23
N ALA CA 223 -64.86 -0.33 -121.92
CA ALA CA 223 -64.67 0.62 -120.83
C ALA CA 223 -65.22 1.99 -121.16
N ASP CA 224 -65.62 2.22 -122.42
CA ASP CA 224 -66.18 3.50 -122.86
C ASP CA 224 -65.19 4.64 -122.72
N ALA CA 225 -63.94 4.33 -122.36
CA ALA CA 225 -62.90 5.34 -122.26
C ALA CA 225 -62.07 5.43 -123.54
N MET CA 226 -62.37 4.58 -124.53
CA MET CA 226 -61.67 4.62 -125.80
C MET CA 226 -61.90 5.92 -126.53
N LYS CA 227 -62.93 6.67 -126.14
CA LYS CA 227 -63.26 7.92 -126.78
C LYS CA 227 -62.78 9.13 -125.98
N TYR CA 228 -61.99 8.93 -124.93
CA TYR CA 228 -61.58 10.03 -124.07
C TYR CA 228 -60.09 9.95 -123.73
N THR CA 229 -59.23 9.75 -124.73
CA THR CA 229 -57.81 9.61 -124.51
C THR CA 229 -57.04 9.77 -125.82
N ILE CA 230 -55.71 9.70 -125.72
CA ILE CA 230 -54.81 9.67 -126.88
C ILE CA 230 -53.91 8.46 -126.71
N VAL CA 231 -53.97 7.52 -127.66
CA VAL CA 231 -53.30 6.24 -127.54
C VAL CA 231 -52.40 6.03 -128.74
N VAL CA 232 -51.15 5.66 -128.49
CA VAL CA 232 -50.24 5.21 -129.52
C VAL CA 232 -50.15 3.69 -129.45
N SER CA 233 -50.75 3.02 -130.42
CA SER CA 233 -50.76 1.56 -130.49
C SER CA 233 -50.00 1.12 -131.73
N ALA CA 234 -49.13 0.12 -131.59
CA ALA CA 234 -48.17 -0.26 -132.62
C ALA CA 234 -48.40 -1.72 -133.02
N THR CA 235 -48.63 -1.93 -134.32
CA THR CA 235 -48.83 -3.26 -134.86
C THR CA 235 -47.55 -4.08 -134.71
N ALA CA 236 -47.64 -5.37 -135.04
CA ALA CA 236 -46.49 -6.24 -134.90
C ALA CA 236 -45.34 -5.80 -135.81
N SER CA 237 -45.68 -5.30 -137.00
CA SER CA 237 -44.65 -4.89 -137.94
C SER CA 237 -44.30 -3.42 -137.77
N ASP CA 238 -44.77 -2.79 -136.70
CA ASP CA 238 -44.59 -1.34 -136.53
C ASP CA 238 -43.12 -0.96 -136.56
N ALA CA 239 -42.82 0.15 -137.23
CA ALA CA 239 -41.45 0.62 -137.42
C ALA CA 239 -40.80 0.99 -136.11
N ALA CA 240 -39.53 0.61 -135.94
CA ALA CA 240 -38.81 0.95 -134.73
C ALA CA 240 -38.71 2.45 -134.53
N PRO CA 241 -38.35 3.25 -135.53
CA PRO CA 241 -38.32 4.70 -135.32
C PRO CA 241 -39.64 5.22 -134.79
N LEU CA 242 -40.75 4.71 -135.30
CA LEU CA 242 -42.04 5.02 -134.71
C LEU CA 242 -42.04 4.67 -133.23
N GLN CA 243 -41.68 3.44 -132.90
CA GLN CA 243 -41.49 3.10 -131.50
C GLN CA 243 -40.45 4.01 -130.87
N TYR CA 244 -39.34 4.26 -131.57
CA TYR CA 244 -38.34 5.17 -131.05
C TYR CA 244 -38.92 6.55 -130.80
N LEU CA 245 -40.01 6.88 -131.48
CA LEU CA 245 -40.67 8.16 -131.25
C LEU CA 245 -41.99 8.02 -130.53
N ALA CA 246 -42.56 6.81 -130.48
CA ALA CA 246 -43.91 6.65 -129.94
C ALA CA 246 -44.04 7.20 -128.53
N PRO CA 247 -43.43 6.60 -127.51
CA PRO CA 247 -43.39 7.28 -126.21
C PRO CA 247 -42.69 8.62 -126.29
N TYR CA 248 -41.70 8.74 -127.17
CA TYR CA 248 -40.99 10.01 -127.33
C TYR CA 248 -41.92 11.09 -127.85
N SER CA 249 -43.02 10.70 -128.49
CA SER CA 249 -43.96 11.69 -129.03
C SER CA 249 -44.84 12.29 -127.94
N GLY CA 250 -44.87 11.65 -126.76
CA GLY CA 250 -45.89 11.98 -125.78
C GLY CA 250 -45.85 13.42 -125.30
N CYS CA 251 -44.65 13.94 -125.06
CA CYS CA 251 -44.53 15.26 -124.44
C CYS CA 251 -45.24 16.34 -125.26
N SER CA 252 -45.11 16.29 -126.58
CA SER CA 252 -45.85 17.24 -127.42
C SER CA 252 -47.34 17.04 -127.29
N MET CA 253 -47.79 15.77 -127.25
CA MET CA 253 -49.22 15.49 -127.21
C MET CA 253 -49.88 16.02 -125.95
N GLY CA 254 -49.34 15.71 -124.78
CA GLY CA 254 -49.95 16.11 -123.53
C GLY CA 254 -49.78 17.59 -123.24
N GLU CA 255 -48.88 18.24 -123.99
CA GLU CA 255 -48.60 19.65 -123.75
C GLU CA 255 -49.85 20.50 -123.87
N TYR CA 256 -50.67 20.26 -124.89
CA TYR CA 256 -51.93 20.97 -124.99
C TYR CA 256 -52.80 20.71 -123.78
N PHE CA 257 -52.87 19.46 -123.32
CA PHE CA 257 -53.54 19.17 -122.07
C PHE CA 257 -52.80 19.79 -120.88
N ARG CA 258 -51.48 19.77 -120.90
CA ARG CA 258 -50.71 20.48 -119.88
C ARG CA 258 -50.99 21.98 -119.97
N ASP CA 259 -51.18 22.48 -121.19
CA ASP CA 259 -51.67 23.83 -121.40
C ASP CA 259 -53.18 23.94 -121.25
N ASN CA 260 -53.86 22.80 -121.10
CA ASN CA 260 -55.29 22.81 -120.78
C ASN CA 260 -55.51 22.62 -119.29
N GLY CA 261 -54.42 22.56 -118.52
CA GLY CA 261 -54.47 22.56 -117.07
C GLY CA 261 -55.34 21.50 -116.43
N LYS CA 262 -55.87 20.57 -117.21
CA LYS CA 262 -56.69 19.50 -116.66
C LYS CA 262 -55.79 18.41 -116.10
N HIS CA 263 -56.40 17.46 -115.41
CA HIS CA 263 -55.70 16.29 -114.90
C HIS CA 263 -55.27 15.44 -116.09
N ALA CA 264 -54.04 14.94 -116.03
CA ALA CA 264 -53.49 14.10 -117.09
C ALA CA 264 -52.43 13.17 -116.51
N LEU CA 265 -51.86 12.36 -117.39
CA LEU CA 265 -50.82 11.42 -117.00
C LEU CA 265 -50.18 10.86 -118.27
N ILE CA 266 -48.98 10.33 -118.15
CA ILE CA 266 -48.26 9.72 -119.28
C ILE CA 266 -48.02 8.26 -118.97
N ILE CA 267 -48.48 7.38 -119.85
CA ILE CA 267 -48.34 5.93 -119.68
C ILE CA 267 -47.90 5.34 -121.01
N TYR CA 268 -46.60 5.16 -121.19
CA TYR CA 268 -46.09 4.46 -122.35
C TYR CA 268 -45.97 2.98 -122.00
N ASP CA 269 -46.39 2.11 -122.93
CA ASP CA 269 -46.41 0.67 -122.65
C ASP CA 269 -45.94 -0.06 -123.90
N ASP CA 270 -44.69 -0.51 -123.89
CA ASP CA 270 -43.78 -0.30 -122.77
C ASP CA 270 -42.40 0.09 -123.28
N LEU CA 271 -41.73 0.99 -122.57
CA LEU CA 271 -40.40 1.45 -122.96
C LEU CA 271 -39.34 0.38 -122.79
N SER CA 272 -39.73 -0.86 -122.52
CA SER CA 272 -38.78 -1.95 -122.37
C SER CA 272 -37.84 -2.06 -123.56
N LYS CA 273 -38.38 -2.02 -124.78
CA LYS CA 273 -37.54 -2.20 -125.96
C LYS CA 273 -36.91 -0.89 -126.42
N GLN CA 274 -37.02 0.17 -125.62
CA GLN CA 274 -36.56 1.49 -126.07
C GLN CA 274 -35.09 1.46 -126.46
N ALA CA 275 -34.25 0.85 -125.64
CA ALA CA 275 -32.82 0.78 -125.97
C ALA CA 275 -32.60 -0.04 -127.23
N VAL CA 276 -33.37 -1.12 -127.39
CA VAL CA 276 -33.16 -2.04 -128.50
C VAL CA 276 -33.12 -1.28 -129.81
N ALA CA 277 -34.12 -0.45 -130.07
CA ALA CA 277 -34.11 0.35 -131.29
C ALA CA 277 -32.87 1.24 -131.35
N TYR CA 278 -32.63 2.03 -130.30
CA TYR CA 278 -31.43 2.85 -130.27
C TYR CA 278 -30.18 1.99 -130.35
N ARG CA 279 -30.17 0.87 -129.62
CA ARG CA 279 -29.08 -0.09 -129.77
C ARG CA 279 -29.02 -0.60 -131.20
N GLN CA 280 -30.16 -1.03 -131.74
CA GLN CA 280 -30.20 -1.39 -133.16
C GLN CA 280 -29.82 -0.20 -134.01
N MET CA 281 -30.34 0.99 -133.69
CA MET CA 281 -29.92 2.19 -134.39
C MET CA 281 -28.42 2.37 -134.32
N SER CA 282 -27.85 2.28 -133.12
CA SER CA 282 -26.41 2.28 -132.99
C SER CA 282 -25.81 1.09 -133.72
N LEU CA 283 -26.40 -0.08 -133.56
CA LEU CA 283 -25.95 -1.24 -134.31
C LEU CA 283 -26.12 -1.02 -135.80
N LEU CA 284 -27.26 -0.46 -136.22
CA LEU CA 284 -27.39 -0.04 -137.61
C LEU CA 284 -26.38 1.03 -137.95
N LEU CA 285 -26.16 1.98 -137.03
CA LEU CA 285 -25.05 2.91 -137.18
C LEU CA 285 -23.70 2.21 -137.07
N ARG CA 286 -23.69 0.91 -136.79
CA ARG CA 286 -22.47 0.18 -136.47
C ARG CA 286 -21.74 0.91 -135.34
N ARG CA 287 -22.52 1.48 -134.46
CA ARG CA 287 -21.98 2.28 -133.38
C ARG CA 287 -21.72 1.39 -132.17
N PRO CA 288 -21.13 1.96 -131.12
CA PRO CA 288 -20.70 1.16 -129.97
C PRO CA 288 -21.87 0.42 -129.33
N PRO CA 289 -21.68 -0.85 -128.97
CA PRO CA 289 -22.77 -1.59 -128.32
C PRO CA 289 -23.22 -0.95 -127.02
N GLY CA 290 -22.29 -0.79 -126.09
CA GLY CA 290 -22.65 -0.34 -124.77
C GLY CA 290 -23.12 -1.49 -123.91
N ARG CA 291 -23.49 -1.15 -122.68
CA ARG CA 291 -23.90 -2.16 -121.70
C ARG CA 291 -25.02 -3.01 -122.28
N GLU CA 292 -24.79 -4.32 -122.31
CA GLU CA 292 -25.72 -5.25 -122.93
C GLU CA 292 -26.05 -4.84 -124.36
N ALA CA 293 -25.04 -4.39 -125.10
CA ALA CA 293 -25.20 -3.88 -126.46
C ALA CA 293 -26.16 -2.72 -126.55
N TYR CA 294 -26.52 -2.12 -125.42
CA TYR CA 294 -27.42 -0.98 -125.45
C TYR CA 294 -26.62 0.30 -125.31
N PRO CA 295 -26.92 1.35 -126.10
CA PRO CA 295 -26.12 2.58 -126.05
C PRO CA 295 -26.38 3.44 -124.83
N GLY CA 296 -25.42 4.29 -124.48
CA GLY CA 296 -25.53 5.16 -123.34
C GLY CA 296 -26.41 6.37 -123.52
N ASP CA 297 -26.94 6.56 -124.74
CA ASP CA 297 -27.79 7.69 -125.05
C ASP CA 297 -29.05 7.72 -124.19
N VAL CA 298 -29.70 6.56 -124.00
CA VAL CA 298 -30.94 6.49 -123.26
C VAL CA 298 -30.84 7.12 -121.88
N PHE CA 299 -29.65 7.17 -121.30
CA PHE CA 299 -29.47 7.88 -120.04
C PHE CA 299 -29.95 9.31 -120.15
N TYR CA 300 -29.26 10.11 -120.96
CA TYR CA 300 -29.72 11.48 -121.20
C TYR CA 300 -30.99 11.49 -122.04
N LEU CA 301 -31.13 10.52 -122.93
CA LEU CA 301 -32.29 10.50 -123.83
C LEU CA 301 -33.58 10.27 -123.05
N HIS CA 302 -33.61 9.24 -122.21
CA HIS CA 302 -34.75 9.11 -121.31
C HIS CA 302 -34.82 10.27 -120.34
N SER CA 303 -33.66 10.78 -119.91
CA SER CA 303 -33.66 12.05 -119.20
C SER CA 303 -34.27 13.13 -120.07
N ARG CA 304 -33.88 13.18 -121.34
CA ARG CA 304 -34.57 14.03 -122.30
C ARG CA 304 -35.99 13.57 -122.57
N LEU CA 305 -36.36 12.35 -122.18
CA LEU CA 305 -37.70 11.83 -122.43
C LEU CA 305 -38.53 11.71 -121.16
N LEU CA 306 -38.00 11.01 -120.16
CA LEU CA 306 -38.81 10.67 -118.99
C LEU CA 306 -38.88 11.79 -117.97
N GLU CA 307 -38.25 12.92 -118.22
CA GLU CA 307 -38.29 14.03 -117.26
C GLU CA 307 -39.48 14.96 -117.47
N ARG CA 308 -40.39 14.65 -118.39
CA ARG CA 308 -41.41 15.59 -118.82
C ARG CA 308 -42.63 15.66 -117.89
N ALA CA 309 -42.80 14.69 -116.99
CA ALA CA 309 -44.00 14.64 -116.14
C ALA CA 309 -43.87 15.68 -115.03
N ALA CA 310 -44.62 16.77 -115.14
CA ALA CA 310 -44.54 17.85 -114.17
C ALA CA 310 -45.95 18.26 -113.75
N LYS CA 311 -46.06 18.68 -112.50
CA LYS CA 311 -47.29 19.30 -111.98
C LYS CA 311 -47.15 20.78 -112.32
N MET CA 312 -47.38 21.11 -113.59
CA MET CA 312 -47.28 22.49 -114.01
C MET CA 312 -48.20 23.36 -113.16
N ASN CA 313 -47.58 24.21 -112.35
CA ASN CA 313 -48.28 24.89 -111.28
C ASN CA 313 -49.22 25.96 -111.83
N ASP CA 314 -49.81 26.72 -110.91
CA ASP CA 314 -50.64 27.85 -111.30
C ASP CA 314 -49.89 28.79 -112.21
N ALA CA 315 -48.62 29.08 -111.89
CA ALA CA 315 -47.80 29.86 -112.78
C ALA CA 315 -47.60 29.17 -114.12
N PHE CA 316 -47.84 27.86 -114.20
CA PHE CA 316 -47.61 27.09 -115.42
C PHE CA 316 -48.90 26.57 -116.04
N GLY CA 317 -49.99 27.32 -115.96
CA GLY CA 317 -51.24 26.96 -116.60
C GLY CA 317 -51.96 25.80 -115.93
N GLY CA 318 -51.54 25.44 -114.72
CA GLY CA 318 -52.20 24.39 -113.99
C GLY CA 318 -52.04 23.01 -114.59
N GLY CA 319 -51.05 22.80 -115.45
CA GLY CA 319 -50.87 21.50 -116.05
C GLY CA 319 -50.38 20.46 -115.07
N SER CA 320 -50.68 19.19 -115.36
CA SER CA 320 -50.16 18.08 -114.58
C SER CA 320 -50.43 16.80 -115.34
N LEU CA 321 -49.37 16.02 -115.55
CA LEU CA 321 -49.47 14.77 -116.28
C LEU CA 321 -48.44 13.81 -115.68
N THR CA 322 -48.91 12.87 -114.89
CA THR CA 322 -48.04 11.87 -114.30
C THR CA 322 -47.32 11.09 -115.39
N ALA CA 323 -46.28 10.38 -114.98
CA ALA CA 323 -45.63 9.42 -115.87
C ALA CA 323 -45.81 8.04 -115.28
N LEU CA 324 -46.24 7.11 -116.12
CA LEU CA 324 -46.55 5.74 -115.71
C LEU CA 324 -45.60 4.79 -116.40
N PRO CA 325 -44.50 4.44 -115.74
CA PRO CA 325 -43.53 3.53 -116.34
C PRO CA 325 -44.07 2.12 -116.43
N VAL CA 326 -44.04 1.56 -117.64
CA VAL CA 326 -44.46 0.18 -117.88
C VAL CA 326 -43.23 -0.65 -118.18
N ILE CA 327 -42.90 -1.54 -117.26
CA ILE CA 327 -41.78 -2.46 -117.44
C ILE CA 327 -42.23 -3.84 -116.99
N GLU CA 328 -42.07 -4.82 -117.86
CA GLU CA 328 -42.26 -6.21 -117.49
C GLU CA 328 -40.90 -6.87 -117.40
N THR CA 329 -40.34 -6.87 -116.19
CA THR CA 329 -38.98 -7.34 -115.97
C THR CA 329 -38.98 -8.86 -116.10
N GLN CA 330 -38.55 -9.36 -117.25
CA GLN CA 330 -38.40 -10.79 -117.44
C GLN CA 330 -37.24 -11.24 -116.57
N ALA CA 331 -37.46 -12.27 -115.78
CA ALA CA 331 -36.51 -12.74 -114.78
C ALA CA 331 -36.20 -11.65 -113.74
N GLY CA 332 -37.14 -10.72 -113.58
CA GLY CA 332 -37.01 -9.70 -112.55
C GLY CA 332 -35.76 -8.87 -112.64
N ASP CA 333 -35.33 -8.51 -113.84
CA ASP CA 333 -34.05 -7.83 -114.03
C ASP CA 333 -34.20 -6.38 -113.61
N VAL CA 334 -34.15 -6.14 -112.30
CA VAL CA 334 -34.24 -4.78 -111.77
C VAL CA 334 -32.91 -4.05 -111.87
N SER CA 335 -31.82 -4.76 -112.13
CA SER CA 335 -30.49 -4.18 -112.11
C SER CA 335 -29.91 -4.02 -113.50
N ALA CA 336 -30.72 -4.11 -114.54
CA ALA CA 336 -30.23 -3.77 -115.87
C ALA CA 336 -29.75 -2.33 -115.83
N TYR CA 337 -28.66 -2.03 -116.54
CA TYR CA 337 -28.26 -0.64 -116.71
C TYR CA 337 -29.46 0.21 -117.07
N ILE CA 338 -30.34 -0.34 -117.90
CA ILE CA 338 -31.66 0.23 -118.18
C ILE CA 338 -32.47 0.23 -116.90
N PRO CA 339 -32.79 -0.95 -116.35
CA PRO CA 339 -33.60 -0.96 -115.13
C PRO CA 339 -33.00 -0.14 -114.01
N THR CA 340 -31.67 -0.19 -113.86
CA THR CA 340 -31.02 0.71 -112.92
C THR CA 340 -31.31 2.17 -113.27
N ASN CA 341 -31.09 2.55 -114.52
CA ASN CA 341 -31.49 3.87 -114.95
C ASN CA 341 -33.00 4.04 -114.79
N VAL CA 342 -33.76 3.02 -115.19
CA VAL CA 342 -35.20 3.03 -114.93
C VAL CA 342 -35.50 3.21 -113.46
N ILE CA 343 -34.61 2.78 -112.58
CA ILE CA 343 -34.79 3.06 -111.16
C ILE CA 343 -34.14 4.37 -110.77
N SER CA 344 -33.14 4.81 -111.55
CA SER CA 344 -32.28 5.91 -111.13
C SER CA 344 -33.04 7.22 -110.92
N ILE CA 345 -34.21 7.40 -111.51
CA ILE CA 345 -34.91 8.66 -111.41
C ILE CA 345 -36.40 8.53 -111.12
N THR CA 346 -36.91 7.30 -110.99
CA THR CA 346 -38.34 7.08 -110.88
C THR CA 346 -38.90 7.65 -109.58
N ASP CA 347 -40.14 8.15 -109.65
CA ASP CA 347 -40.88 8.61 -108.48
C ASP CA 347 -41.74 7.50 -107.90
N GLY CA 348 -41.31 6.26 -108.03
CA GLY CA 348 -42.01 5.11 -107.49
C GLY CA 348 -41.51 3.84 -108.17
N GLN CA 349 -42.07 2.71 -107.75
CA GLN CA 349 -41.73 1.42 -108.35
C GLN CA 349 -42.76 0.39 -107.94
N ILE CA 350 -43.22 -0.41 -108.89
CA ILE CA 350 -44.23 -1.43 -108.61
C ILE CA 350 -43.54 -2.78 -108.78
N PHE CA 351 -43.06 -3.34 -107.68
CA PHE CA 351 -42.49 -4.68 -107.70
C PHE CA 351 -43.58 -5.71 -107.53
N LEU CA 352 -43.43 -6.84 -108.21
CA LEU CA 352 -44.46 -7.88 -108.27
C LEU CA 352 -43.79 -9.24 -108.41
N GLU CA 353 -44.31 -10.24 -107.70
CA GLU CA 353 -43.80 -11.59 -107.81
C GLU CA 353 -44.90 -12.55 -108.25
N THR CA 354 -44.88 -12.91 -109.53
CA THR CA 354 -45.97 -13.68 -110.12
C THR CA 354 -46.15 -15.04 -109.47
N GLU CA 355 -45.13 -15.50 -108.73
CA GLU CA 355 -45.32 -16.68 -107.89
C GLU CA 355 -46.49 -16.45 -106.94
N LEU CA 356 -46.60 -15.25 -106.37
CA LEU CA 356 -47.77 -14.94 -105.57
C LEU CA 356 -49.03 -15.00 -106.41
N PHE CA 357 -48.97 -14.51 -107.64
CA PHE CA 357 -50.06 -14.77 -108.58
C PHE CA 357 -50.15 -16.25 -108.87
N TYR CA 358 -49.02 -16.90 -109.11
CA TYR CA 358 -49.00 -18.35 -109.21
C TYR CA 358 -49.38 -19.01 -107.89
N LYS CA 359 -49.37 -18.26 -106.78
CA LYS CA 359 -49.87 -18.72 -105.50
C LYS CA 359 -51.15 -18.00 -105.09
N GLY CA 360 -52.03 -17.72 -106.04
CA GLY CA 360 -53.34 -17.16 -105.77
C GLY CA 360 -53.33 -15.70 -105.38
N ILE CA 361 -52.20 -15.17 -104.93
CA ILE CA 361 -52.15 -13.75 -104.61
C ILE CA 361 -52.09 -13.02 -105.93
N ARG CA 362 -53.26 -12.65 -106.46
CA ARG CA 362 -53.40 -12.02 -107.77
C ARG CA 362 -54.28 -10.79 -107.60
N PRO CA 363 -53.74 -9.57 -107.66
CA PRO CA 363 -52.37 -9.18 -108.04
C PRO CA 363 -51.29 -9.66 -107.09
N ALA CA 364 -50.12 -9.96 -107.66
CA ALA CA 364 -48.98 -10.46 -106.91
C ALA CA 364 -47.96 -9.37 -106.61
N ILE CA 365 -48.34 -8.36 -105.83
CA ILE CA 365 -47.46 -7.21 -105.60
C ILE CA 365 -46.34 -7.66 -104.66
N ASN CA 366 -45.10 -7.56 -105.15
CA ASN CA 366 -43.96 -7.77 -104.25
C ASN CA 366 -43.95 -6.60 -103.29
N VAL CA 367 -44.57 -6.79 -102.13
CA VAL CA 367 -45.10 -5.67 -101.35
C VAL CA 367 -44.02 -4.76 -100.80
N GLY CA 368 -43.18 -5.27 -99.89
CA GLY CA 368 -42.09 -4.46 -99.39
C GLY CA 368 -41.17 -4.10 -100.52
N LEU CA 369 -41.01 -5.04 -101.45
CA LEU CA 369 -40.22 -4.78 -102.65
C LEU CA 369 -40.80 -3.64 -103.46
N SER CA 370 -42.11 -3.58 -103.59
CA SER CA 370 -42.72 -2.41 -104.19
C SER CA 370 -42.44 -1.18 -103.33
N VAL CA 371 -41.95 -0.13 -103.97
CA VAL CA 371 -41.60 1.11 -103.29
C VAL CA 371 -42.08 2.27 -104.16
N SER CA 372 -42.71 3.25 -103.51
CA SER CA 372 -43.30 4.37 -104.24
C SER CA 372 -42.86 5.66 -103.55
N ARG CA 373 -42.23 6.55 -104.31
CA ARG CA 373 -41.84 7.84 -103.77
C ARG CA 373 -43.05 8.71 -103.45
N VAL CA 374 -44.22 8.40 -104.02
CA VAL CA 374 -45.40 9.23 -103.78
C VAL CA 374 -45.94 8.98 -102.38
N GLY CA 375 -46.36 7.75 -102.09
CA GLY CA 375 -46.81 7.42 -100.75
C GLY CA 375 -48.15 8.03 -100.39
N SER CA 376 -48.30 8.35 -99.11
CA SER CA 376 -49.55 8.86 -98.56
C SER CA 376 -49.59 10.38 -98.49
N ALA CA 377 -48.57 11.07 -98.98
CA ALA CA 377 -48.62 12.53 -99.02
C ALA CA 377 -49.74 13.04 -99.91
N ALA CA 378 -49.96 12.41 -101.06
CA ALA CA 378 -51.09 12.76 -101.90
C ALA CA 378 -52.25 11.82 -101.57
N GLN CA 379 -52.36 11.43 -100.29
CA GLN CA 379 -53.42 10.57 -99.82
C GLN CA 379 -54.19 11.25 -98.70
N THR CA 380 -55.51 11.20 -98.81
CA THR CA 380 -56.38 11.78 -97.79
C THR CA 380 -56.25 10.99 -96.49
N ARG CA 381 -56.50 11.69 -95.39
CA ARG CA 381 -56.55 11.02 -94.09
C ARG CA 381 -57.59 9.92 -94.08
N ALA CA 382 -58.68 10.08 -94.85
CA ALA CA 382 -59.71 9.06 -94.91
C ALA CA 382 -59.12 7.73 -95.36
N MET CA 383 -58.41 7.72 -96.48
CA MET CA 383 -57.66 6.54 -96.87
C MET CA 383 -56.61 6.22 -95.81
N LYS CA 384 -55.94 7.24 -95.29
CA LYS CA 384 -55.00 7.02 -94.20
C LYS CA 384 -55.71 6.44 -92.99
N GLN CA 385 -56.89 6.97 -92.67
CA GLN CA 385 -57.69 6.38 -91.59
C GLN CA 385 -57.98 4.93 -91.89
N VAL CA 386 -58.26 4.62 -93.15
CA VAL CA 386 -58.36 3.24 -93.59
C VAL CA 386 -57.00 2.55 -93.52
N ALA CA 387 -55.93 3.27 -93.87
CA ALA CA 387 -54.63 2.63 -94.09
C ALA CA 387 -53.49 3.28 -93.29
N GLY CA 388 -53.65 3.48 -91.98
CA GLY CA 388 -52.63 4.19 -91.22
C GLY CA 388 -51.30 3.47 -91.17
N THR CA 389 -51.21 2.40 -90.38
CA THR CA 389 -49.93 1.72 -90.15
C THR CA 389 -50.07 0.21 -90.08
N MET CA 390 -51.21 -0.34 -90.48
CA MET CA 390 -51.32 -1.79 -90.61
C MET CA 390 -50.24 -2.33 -91.54
N LYS CA 391 -49.79 -1.50 -92.49
CA LYS CA 391 -48.61 -1.83 -93.26
C LYS CA 391 -47.41 -2.02 -92.35
N LEU CA 392 -47.21 -1.11 -91.40
CA LEU CA 392 -46.17 -1.34 -90.39
C LEU CA 392 -46.44 -2.61 -89.63
N GLU CA 393 -47.70 -2.86 -89.27
CA GLU CA 393 -48.07 -4.17 -88.75
C GLU CA 393 -47.78 -5.25 -89.78
N LEU CA 394 -48.16 -5.01 -91.04
CA LEU CA 394 -47.81 -5.96 -92.09
C LEU CA 394 -46.30 -6.08 -92.23
N ALA CA 395 -45.58 -4.96 -92.12
CA ALA CA 395 -44.13 -5.04 -92.04
C ALA CA 395 -43.71 -5.90 -90.88
N GLN CA 396 -44.26 -5.64 -89.69
CA GLN CA 396 -44.05 -6.55 -88.57
C GLN CA 396 -44.56 -7.93 -88.93
N TYR CA 397 -45.72 -8.02 -89.57
CA TYR CA 397 -46.18 -9.31 -90.05
C TYR CA 397 -45.20 -9.90 -91.05
N ARG CA 398 -44.74 -9.09 -92.00
CA ARG CA 398 -43.62 -9.51 -92.82
C ARG CA 398 -42.43 -9.86 -91.96
N GLU CA 399 -42.14 -9.04 -90.95
CA GLU CA 399 -41.12 -9.36 -89.98
C GLU CA 399 -41.49 -10.57 -89.13
N VAL CA 400 -42.71 -11.08 -89.28
CA VAL CA 400 -43.16 -12.21 -88.49
C VAL CA 400 -43.37 -13.40 -89.42
N ALA CA 401 -42.94 -13.25 -90.67
CA ALA CA 401 -43.15 -14.32 -91.64
C ALA CA 401 -42.57 -15.63 -91.17
N ALA CA 402 -41.45 -15.60 -90.43
CA ALA CA 402 -40.81 -16.84 -90.01
C ALA CA 402 -41.67 -17.62 -89.03
N PHE CA 403 -42.17 -16.97 -87.98
CA PHE CA 403 -43.12 -17.64 -87.10
C PHE CA 403 -44.40 -17.95 -87.84
N ALA CA 404 -44.78 -17.09 -88.79
CA ALA CA 404 -45.88 -17.38 -89.69
C ALA CA 404 -45.53 -18.60 -90.53
N GLN CA 405 -44.29 -18.65 -91.02
CA GLN CA 405 -43.83 -19.85 -91.72
C GLN CA 405 -43.89 -21.05 -90.79
N PHE CA 406 -43.44 -20.88 -89.55
CA PHE CA 406 -43.65 -21.92 -88.54
C PHE CA 406 -45.14 -22.14 -88.32
N GLY CA 407 -45.90 -21.06 -88.26
CA GLY CA 407 -47.35 -21.15 -88.19
C GLY CA 407 -47.85 -21.65 -86.85
N SER CA 408 -47.58 -22.92 -86.57
CA SER CA 408 -48.10 -23.56 -85.37
C SER CA 408 -47.33 -23.09 -84.14
N ASP CA 409 -47.96 -23.19 -82.97
CA ASP CA 409 -47.39 -22.81 -81.68
C ASP CA 409 -46.89 -21.37 -81.64
N LEU CA 410 -47.56 -20.46 -82.36
CA LEU CA 410 -47.13 -19.07 -82.43
C LEU CA 410 -47.65 -18.32 -81.22
N ASP CA 411 -46.90 -17.30 -80.82
CA ASP CA 411 -47.28 -16.48 -79.68
C ASP CA 411 -48.65 -15.85 -79.96
N ALA CA 412 -49.40 -15.55 -78.90
CA ALA CA 412 -50.68 -14.90 -79.09
C ALA CA 412 -50.54 -13.63 -79.91
N ALA CA 413 -49.64 -12.73 -79.52
CA ALA CA 413 -49.35 -11.57 -80.35
C ALA CA 413 -48.91 -12.01 -81.73
N THR CA 414 -48.02 -12.99 -81.80
CA THR CA 414 -47.63 -13.54 -83.09
C THR CA 414 -48.83 -14.09 -83.84
N GLN CA 415 -49.59 -14.97 -83.20
CA GLN CA 415 -50.81 -15.46 -83.83
C GLN CA 415 -51.74 -14.31 -84.18
N GLN CA 416 -51.86 -13.34 -83.27
CA GLN CA 416 -52.62 -12.14 -83.59
C GLN CA 416 -52.01 -11.42 -84.78
N LEU CA 417 -50.70 -11.21 -84.76
CA LEU CA 417 -50.04 -10.66 -85.94
C LEU CA 417 -50.24 -11.59 -87.13
N LEU CA 418 -50.13 -12.90 -86.89
CA LEU CA 418 -50.39 -13.88 -87.92
C LEU CA 418 -51.82 -13.82 -88.44
N SER CA 419 -52.78 -13.41 -87.60
CA SER CA 419 -54.15 -13.32 -88.05
C SER CA 419 -54.40 -12.11 -88.93
N ARG CA 420 -54.09 -10.91 -88.42
CA ARG CA 420 -54.39 -9.69 -89.15
C ARG CA 420 -53.68 -9.65 -90.50
N GLY CA 421 -52.40 -10.01 -90.54
CA GLY CA 421 -51.71 -10.06 -91.82
C GLY CA 421 -52.34 -11.04 -92.77
N VAL CA 422 -52.62 -12.25 -92.29
CA VAL CA 422 -53.40 -13.20 -93.09
C VAL CA 422 -54.77 -12.62 -93.39
N ARG CA 423 -55.38 -11.98 -92.40
CA ARG CA 423 -56.61 -11.24 -92.66
C ARG CA 423 -56.35 -10.14 -93.68
N LEU CA 424 -55.27 -9.38 -93.49
CA LEU CA 424 -54.90 -8.39 -94.49
C LEU CA 424 -54.61 -9.07 -95.82
N THR CA 425 -54.11 -10.30 -95.78
CA THR CA 425 -53.90 -11.05 -97.01
C THR CA 425 -55.22 -11.30 -97.72
N GLU CA 426 -56.32 -11.33 -96.98
CA GLU CA 426 -57.63 -11.48 -97.59
C GLU CA 426 -58.18 -10.16 -98.11
N LEU CA 427 -57.47 -9.05 -97.92
CA LEU CA 427 -58.10 -7.75 -98.11
C LEU CA 427 -57.92 -7.20 -99.52
N LEU CA 428 -56.69 -6.95 -99.94
CA LEU CA 428 -56.44 -6.01 -101.03
C LEU CA 428 -56.49 -6.63 -102.41
N LYS CA 429 -57.26 -7.70 -102.61
CA LYS CA 429 -57.35 -8.31 -103.94
C LYS CA 429 -57.85 -7.28 -104.96
N GLN CA 430 -57.57 -7.58 -106.23
CA GLN CA 430 -57.95 -6.67 -107.31
C GLN CA 430 -58.99 -7.37 -108.18
N GLY CA 431 -59.98 -6.59 -108.62
CA GLY CA 431 -61.11 -7.10 -109.36
C GLY CA 431 -60.86 -7.03 -110.86
N GLN CA 432 -61.35 -8.05 -111.58
CA GLN CA 432 -61.08 -8.18 -113.00
C GLN CA 432 -61.64 -6.99 -113.77
N TYR CA 433 -60.74 -6.20 -114.36
CA TYR CA 433 -61.08 -4.99 -115.09
C TYR CA 433 -62.02 -4.11 -114.26
N SER CA 434 -61.76 -4.10 -112.97
CA SER CA 434 -62.71 -3.55 -112.04
C SER CA 434 -62.09 -2.40 -111.26
N PRO CA 435 -62.26 -1.17 -111.72
CA PRO CA 435 -61.84 -0.04 -110.89
C PRO CA 435 -62.73 0.05 -109.67
N MET CA 436 -62.23 -0.47 -108.58
CA MET CA 436 -62.96 -0.46 -107.32
C MET CA 436 -63.06 0.99 -106.87
N ALA CA 437 -64.23 1.38 -106.37
CA ALA CA 437 -64.37 2.72 -105.85
C ALA CA 437 -63.40 2.91 -104.69
N ILE CA 438 -62.82 4.12 -104.62
CA ILE CA 438 -61.82 4.39 -103.59
C ILE CA 438 -62.38 4.08 -102.22
N GLU CA 439 -63.58 4.57 -101.92
CA GLU CA 439 -64.25 4.18 -100.69
C GLU CA 439 -64.55 2.69 -100.67
N GLU CA 440 -65.05 2.13 -101.77
CA GLU CA 440 -65.36 0.71 -101.80
C GLU CA 440 -64.14 -0.12 -101.43
N GLN CA 441 -62.95 0.40 -101.70
CA GLN CA 441 -61.75 -0.18 -101.12
C GLN CA 441 -61.44 0.42 -99.76
N VAL CA 442 -61.41 1.76 -99.68
CA VAL CA 442 -60.99 2.41 -98.43
C VAL CA 442 -61.90 2.00 -97.29
N ALA CA 443 -63.21 1.99 -97.52
CA ALA CA 443 -64.11 1.52 -96.48
C ALA CA 443 -63.84 0.07 -96.14
N VAL CA 444 -63.65 -0.76 -97.17
CA VAL CA 444 -63.19 -2.12 -96.93
C VAL CA 444 -61.85 -2.09 -96.22
N ILE CA 445 -60.97 -1.18 -96.66
CA ILE CA 445 -59.75 -0.95 -95.91
C ILE CA 445 -60.08 -0.40 -94.53
N TYR CA 446 -61.02 0.53 -94.45
CA TYR CA 446 -61.50 0.98 -93.15
C TYR CA 446 -62.18 -0.16 -92.42
N ALA CA 447 -62.81 -1.07 -93.16
CA ALA CA 447 -63.33 -2.28 -92.53
C ALA CA 447 -62.20 -3.08 -91.90
N GLY CA 448 -60.98 -2.91 -92.41
CA GLY CA 448 -59.83 -3.51 -91.77
C GLY CA 448 -59.24 -2.64 -90.67
N VAL CA 449 -59.57 -1.35 -90.67
CA VAL CA 449 -59.08 -0.45 -89.63
C VAL CA 449 -59.52 -0.92 -88.25
N ARG CA 450 -60.76 -1.42 -88.13
CA ARG CA 450 -61.15 -2.15 -86.94
C ARG CA 450 -60.66 -3.60 -86.99
N GLY CA 451 -60.83 -4.28 -88.13
CA GLY CA 451 -60.30 -5.61 -88.30
C GLY CA 451 -61.13 -6.71 -87.69
N TYR CA 452 -62.29 -6.35 -87.16
CA TYR CA 452 -63.15 -7.33 -86.50
C TYR CA 452 -63.64 -8.40 -87.45
N LEU CA 453 -63.60 -8.15 -88.75
CA LEU CA 453 -63.98 -9.18 -89.72
C LEU CA 453 -63.01 -10.34 -89.74
N ASP CA 454 -61.83 -10.22 -89.14
CA ASP CA 454 -60.85 -11.29 -89.11
C ASP CA 454 -61.32 -12.49 -88.31
N LYS CA 455 -62.34 -12.33 -87.46
CA LYS CA 455 -62.85 -13.43 -86.65
C LYS CA 455 -63.41 -14.56 -87.50
N LEU CA 456 -63.72 -14.27 -88.76
CA LEU CA 456 -64.11 -15.28 -89.72
C LEU CA 456 -62.86 -15.71 -90.47
N GLU CA 457 -62.98 -16.78 -91.23
CA GLU CA 457 -61.89 -17.17 -92.10
C GLU CA 457 -61.57 -16.02 -93.05
N PRO CA 458 -60.30 -15.82 -93.42
CA PRO CA 458 -60.00 -14.74 -94.37
C PRO CA 458 -60.78 -14.88 -95.67
N SER CA 459 -60.99 -16.10 -96.14
CA SER CA 459 -61.86 -16.33 -97.30
C SER CA 459 -63.29 -15.92 -97.00
N LYS CA 460 -63.80 -16.26 -95.81
CA LYS CA 460 -65.13 -15.83 -95.40
C LYS CA 460 -65.24 -14.31 -95.31
N ILE CA 461 -64.19 -13.63 -94.85
CA ILE CA 461 -64.18 -12.17 -94.91
C ILE CA 461 -64.27 -11.72 -96.35
N THR CA 462 -63.51 -12.35 -97.24
CA THR CA 462 -63.56 -12.02 -98.66
C THR CA 462 -64.94 -12.31 -99.24
N LYS CA 463 -65.52 -13.45 -98.87
CA LYS CA 463 -66.85 -13.80 -99.36
C LYS CA 463 -67.89 -12.83 -98.81
N PHE CA 464 -67.88 -12.61 -97.50
CA PHE CA 464 -68.88 -11.75 -96.87
C PHE CA 464 -68.75 -10.31 -97.34
N GLU CA 465 -67.51 -9.85 -97.51
CA GLU CA 465 -67.28 -8.45 -97.88
C GLU CA 465 -67.90 -8.13 -99.24
N ASN CA 466 -67.74 -9.04 -100.20
CA ASN CA 466 -68.34 -8.82 -101.51
C ASN CA 466 -69.83 -8.53 -101.40
N ALA CA 467 -70.54 -9.29 -100.59
CA ALA CA 467 -71.92 -8.94 -100.27
C ALA CA 467 -71.98 -7.71 -99.38
N PHE CA 468 -71.09 -7.64 -98.38
CA PHE CA 468 -71.05 -6.47 -97.51
C PHE CA 468 -70.71 -5.22 -98.31
N LEU CA 469 -70.00 -5.39 -99.43
CA LEU CA 469 -69.74 -4.28 -100.33
C LEU CA 469 -71.04 -3.74 -100.92
N SER CA 470 -72.03 -4.62 -101.11
CA SER CA 470 -73.28 -4.21 -101.73
C SER CA 470 -74.15 -3.42 -100.76
N HIS CA 471 -74.25 -3.88 -99.51
CA HIS CA 471 -75.26 -3.35 -98.60
C HIS CA 471 -74.98 -1.90 -98.23
N VAL CA 472 -73.82 -1.63 -97.65
CA VAL CA 472 -73.51 -0.28 -97.20
C VAL CA 472 -73.43 0.68 -98.38
N ILE CA 473 -72.91 0.21 -99.52
CA ILE CA 473 -72.84 1.05 -100.72
C ILE CA 473 -74.21 1.59 -101.08
N SER CA 474 -75.27 0.99 -100.53
CA SER CA 474 -76.56 1.65 -100.49
C SER CA 474 -76.84 2.17 -99.08
N GLN CA 475 -76.63 1.32 -98.08
CA GLN CA 475 -76.87 1.69 -96.69
C GLN CA 475 -75.98 2.85 -96.26
N HIS CA 476 -74.67 2.61 -96.18
CA HIS CA 476 -73.70 3.65 -95.86
C HIS CA 476 -73.32 4.44 -97.10
N GLN CA 477 -74.12 4.33 -98.17
CA GLN CA 477 -73.92 5.18 -99.33
C GLN CA 477 -73.90 6.64 -98.93
N ALA CA 478 -74.86 7.07 -98.11
CA ALA CA 478 -74.80 8.39 -97.53
C ALA CA 478 -73.54 8.55 -96.69
N LEU CA 479 -73.23 7.55 -95.87
CA LEU CA 479 -71.97 7.57 -95.14
C LEU CA 479 -70.80 7.58 -96.10
N LEU CA 480 -70.88 6.78 -97.16
CA LEU CA 480 -69.91 6.90 -98.25
C LEU CA 480 -69.97 8.29 -98.86
N GLY CA 481 -71.17 8.78 -99.14
CA GLY CA 481 -71.30 10.13 -99.64
C GLY CA 481 -70.80 11.17 -98.66
N LYS CA 482 -71.14 11.00 -97.37
CA LYS CA 482 -70.63 11.91 -96.36
C LYS CA 482 -69.12 11.86 -96.27
N ILE CA 483 -68.55 10.65 -96.33
CA ILE CA 483 -67.10 10.53 -96.38
C ILE CA 483 -66.57 11.11 -97.68
N ARG CA 484 -67.23 10.79 -98.80
CA ARG CA 484 -66.72 11.21 -100.11
C ARG CA 484 -66.82 12.72 -100.28
N THR CA 485 -67.98 13.31 -99.96
CA THR CA 485 -68.23 14.70 -100.29
C THR CA 485 -67.22 15.62 -99.63
N ASP CA 486 -66.90 15.36 -98.36
CA ASP CA 486 -65.93 16.19 -97.67
C ASP CA 486 -64.51 15.94 -98.19
N GLY CA 487 -64.33 14.89 -98.99
CA GLY CA 487 -62.98 14.43 -99.26
C GLY CA 487 -62.28 13.95 -98.01
N LYS CA 488 -63.05 13.73 -96.94
CA LYS CA 488 -62.51 13.30 -95.66
C LYS CA 488 -63.57 12.44 -94.98
N ILE CA 489 -63.11 11.56 -94.10
CA ILE CA 489 -63.95 10.52 -93.50
C ILE CA 489 -64.84 11.20 -92.46
N SER CA 490 -66.12 11.31 -92.76
CA SER CA 490 -67.06 11.79 -91.76
C SER CA 490 -67.22 10.74 -90.67
N GLU CA 491 -66.84 11.13 -89.44
CA GLU CA 491 -66.86 10.20 -88.33
C GLU CA 491 -68.27 9.73 -88.03
N GLU CA 492 -69.24 10.63 -88.06
CA GLU CA 492 -70.64 10.21 -87.95
C GLU CA 492 -70.98 9.23 -89.06
N SER CA 493 -70.54 9.53 -90.28
CA SER CA 493 -70.61 8.54 -91.35
C SER CA 493 -69.77 7.33 -91.00
N ASP CA 494 -68.60 7.54 -90.40
CA ASP CA 494 -67.70 6.42 -90.13
C ASP CA 494 -68.29 5.45 -89.14
N ALA CA 495 -68.60 5.92 -87.92
CA ALA CA 495 -69.14 5.02 -86.91
C ALA CA 495 -70.44 4.39 -87.37
N LYS CA 496 -71.30 5.18 -88.03
CA LYS CA 496 -72.52 4.61 -88.60
C LYS CA 496 -72.19 3.58 -89.67
N LEU CA 497 -71.29 3.93 -90.59
CA LEU CA 497 -70.83 2.92 -91.54
C LEU CA 497 -70.14 1.78 -90.82
N LYS CA 498 -69.37 2.10 -89.79
CA LYS CA 498 -68.84 1.05 -88.92
C LYS CA 498 -69.98 0.26 -88.31
N GLU CA 499 -71.00 0.95 -87.81
CA GLU CA 499 -72.21 0.25 -87.39
C GLU CA 499 -72.86 -0.45 -88.58
N ILE CA 500 -72.90 0.22 -89.73
CA ILE CA 500 -73.34 -0.44 -90.95
C ILE CA 500 -72.40 -1.59 -91.28
N VAL CA 501 -71.10 -1.37 -91.08
CA VAL CA 501 -70.15 -2.48 -91.15
C VAL CA 501 -70.46 -3.47 -90.03
N THR CA 502 -70.72 -2.97 -88.83
CA THR CA 502 -71.19 -3.86 -87.77
C THR CA 502 -72.48 -4.54 -88.18
N ASN CA 503 -73.36 -3.78 -88.83
CA ASN CA 503 -74.49 -4.42 -89.51
C ASN CA 503 -74.00 -5.35 -90.60
N PHE CA 504 -73.05 -4.88 -91.43
CA PHE CA 504 -72.46 -5.76 -92.43
C PHE CA 504 -71.73 -6.91 -91.76
N LEU CA 505 -71.25 -6.69 -90.53
CA LEU CA 505 -70.71 -7.80 -89.76
C LEU CA 505 -71.81 -8.77 -89.37
N ALA CA 506 -72.93 -8.25 -88.87
CA ALA CA 506 -74.10 -9.10 -88.68
C ALA CA 506 -74.56 -9.68 -90.00
N GLY CA 507 -74.62 -8.84 -91.04
CA GLY CA 507 -74.99 -9.30 -92.37
C GLY CA 507 -73.79 -9.68 -93.20
N PHE CA 508 -72.87 -10.44 -92.60
CA PHE CA 508 -71.70 -10.91 -93.32
C PHE CA 508 -71.96 -12.30 -93.87
N SER DA 9 16.93 41.11 -101.38
CA SER DA 9 15.80 41.77 -102.02
C SER DA 9 15.96 41.76 -103.53
N SER DA 10 16.99 42.47 -104.01
CA SER DA 10 17.28 42.49 -105.44
C SER DA 10 17.79 41.14 -105.94
N ILE DA 11 17.78 40.11 -105.10
CA ILE DA 11 18.27 38.79 -105.48
C ILE DA 11 17.58 38.30 -106.75
N LEU DA 12 16.42 38.88 -107.07
CA LEU DA 12 15.80 38.59 -108.37
C LEU DA 12 16.75 38.94 -109.51
N GLU DA 13 17.50 40.03 -109.37
CA GLU DA 13 18.58 40.31 -110.33
C GLU DA 13 19.69 39.28 -110.19
N GLU DA 14 20.04 38.91 -108.95
CA GLU DA 14 20.93 37.78 -108.76
C GLU DA 14 20.30 36.51 -109.31
N ARG DA 15 18.97 36.43 -109.25
CA ARG DA 15 18.27 35.35 -109.91
C ARG DA 15 18.26 35.53 -111.42
N ILE DA 16 18.27 36.79 -111.88
CA ILE DA 16 18.48 37.03 -113.31
C ILE DA 16 19.84 36.50 -113.72
N LEU DA 17 20.75 36.38 -112.76
CA LEU DA 17 21.98 35.64 -112.97
C LEU DA 17 21.77 34.16 -112.65
N GLY DA 18 22.57 33.31 -113.28
CA GLY DA 18 22.53 31.89 -113.03
C GLY DA 18 21.79 31.06 -114.05
N ALA DA 19 21.01 31.67 -114.94
CA ALA DA 19 20.22 30.93 -115.92
C ALA DA 19 20.95 30.88 -117.26
N ASP DA 20 21.03 29.68 -117.84
CA ASP DA 20 21.79 29.49 -119.07
C ASP DA 20 20.91 29.75 -120.29
N THR DA 21 21.53 30.25 -121.37
CA THR DA 21 20.86 30.47 -122.62
C THR DA 21 21.57 29.82 -123.81
N SER DA 22 22.46 28.87 -123.58
CA SER DA 22 23.16 28.20 -124.68
C SER DA 22 22.17 27.40 -125.51
N VAL DA 23 22.16 27.63 -126.82
CA VAL DA 23 21.07 27.17 -127.67
C VAL DA 23 21.60 26.54 -128.95
N ASP DA 24 20.73 25.75 -129.58
CA ASP DA 24 20.94 25.18 -130.90
C ASP DA 24 19.61 24.60 -131.39
N LEU DA 25 19.59 24.21 -132.67
CA LEU DA 25 18.39 23.60 -133.24
C LEU DA 25 18.14 22.24 -132.60
N GLU DA 26 16.88 21.85 -132.48
CA GLU DA 26 16.51 20.63 -131.77
C GLU DA 26 15.61 19.79 -132.66
N GLU DA 27 15.55 18.49 -132.36
CA GLU DA 27 14.62 17.60 -133.04
C GLU DA 27 13.27 17.63 -132.35
N THR DA 28 12.24 17.96 -133.11
CA THR DA 28 10.92 18.19 -132.52
C THR DA 28 9.85 17.57 -133.40
N GLY DA 29 8.93 16.86 -132.73
CA GLY DA 29 7.85 16.23 -133.44
C GLY DA 29 6.68 17.17 -133.55
N ARG DA 30 6.56 17.79 -134.72
CA ARG DA 30 5.52 18.77 -134.98
C ARG DA 30 4.19 18.05 -134.95
N VAL DA 31 3.41 18.30 -133.90
CA VAL DA 31 2.21 17.50 -133.67
C VAL DA 31 1.29 17.56 -134.88
N LEU DA 32 0.83 16.41 -135.31
CA LEU DA 32 -0.17 16.31 -136.36
C LEU DA 32 -1.58 16.29 -135.82
N SER DA 33 -1.86 15.45 -134.82
CA SER DA 33 -3.19 15.32 -134.25
C SER DA 33 -3.08 14.64 -132.90
N ILE DA 34 -3.76 15.16 -131.90
CA ILE DA 34 -3.60 14.71 -130.52
C ILE DA 34 -4.76 13.82 -130.14
N GLY DA 35 -4.44 12.70 -129.51
CA GLY DA 35 -5.43 11.80 -128.96
C GLY DA 35 -4.85 10.87 -127.92
N ASP DA 36 -5.52 10.74 -126.78
CA ASP DA 36 -5.17 9.82 -125.72
C ASP DA 36 -3.79 10.07 -125.12
N GLY DA 37 -3.44 11.33 -124.87
CA GLY DA 37 -2.21 11.65 -124.17
C GLY DA 37 -0.97 11.66 -125.03
N ILE DA 38 -1.09 11.52 -126.34
CA ILE DA 38 0.03 11.60 -127.26
C ILE DA 38 -0.54 12.00 -128.62
N ALA DA 39 0.09 12.97 -129.26
CA ALA DA 39 -0.36 13.42 -130.56
C ALA DA 39 0.32 12.64 -131.68
N ARG DA 40 -0.33 12.61 -132.84
CA ARG DA 40 0.36 12.34 -134.09
C ARG DA 40 1.25 13.57 -134.29
N VAL DA 41 2.47 13.36 -134.76
CA VAL DA 41 3.45 14.44 -134.83
C VAL DA 41 4.37 14.24 -136.01
N HIS DA 42 5.21 15.25 -136.27
CA HIS DA 42 6.18 15.22 -137.35
C HIS DA 42 7.52 15.71 -136.83
N GLY DA 43 8.47 14.79 -136.69
CA GLY DA 43 9.82 15.16 -136.31
C GLY DA 43 10.32 14.51 -135.03
N LEU DA 44 11.37 15.07 -134.45
CA LEU DA 44 12.00 14.58 -133.23
C LEU DA 44 12.65 13.21 -133.45
N ARG DA 45 12.80 12.85 -134.74
CA ARG DA 45 13.22 11.51 -135.10
C ARG DA 45 14.65 11.23 -134.65
N ASN DA 46 15.40 12.28 -134.32
CA ASN DA 46 16.77 12.13 -133.85
C ASN DA 46 16.83 11.57 -132.43
N VAL DA 47 15.69 11.12 -131.92
CA VAL DA 47 15.60 10.56 -130.59
C VAL DA 47 15.57 9.04 -130.71
N GLN DA 48 16.29 8.37 -129.82
CA GLN DA 48 16.25 6.92 -129.73
C GLN DA 48 14.94 6.47 -129.09
N ALA DA 49 14.70 5.16 -129.13
CA ALA DA 49 13.48 4.64 -128.53
C ALA DA 49 13.53 4.80 -127.02
N GLU DA 50 12.36 4.95 -126.41
CA GLU DA 50 12.22 5.09 -124.96
C GLU DA 50 12.93 6.32 -124.42
N GLU DA 51 13.35 7.22 -125.30
CA GLU DA 51 14.07 8.40 -124.84
C GLU DA 51 13.11 9.35 -124.12
N MET DA 52 13.70 10.31 -123.42
CA MET DA 52 12.95 11.39 -122.78
C MET DA 52 12.98 12.58 -123.73
N VAL DA 53 11.79 13.12 -124.03
CA VAL DA 53 11.67 14.24 -124.96
C VAL DA 53 10.93 15.38 -124.26
N GLU DA 54 10.66 16.44 -125.02
CA GLU DA 54 9.89 17.57 -124.51
C GLU DA 54 8.85 17.97 -125.54
N PHE DA 55 7.59 18.00 -125.12
CA PHE DA 55 6.54 18.49 -126.00
C PHE DA 55 6.71 19.98 -126.22
N SER DA 56 6.11 20.49 -127.31
CA SER DA 56 6.11 21.93 -127.51
C SER DA 56 5.32 22.64 -126.42
N SER DA 57 4.54 21.91 -125.63
CA SER DA 57 3.90 22.44 -124.44
C SER DA 57 4.82 22.42 -123.22
N GLY DA 58 6.06 21.96 -123.40
CA GLY DA 58 7.01 21.89 -122.30
C GLY DA 58 6.96 20.61 -121.50
N LEU DA 59 5.89 19.84 -121.62
CA LEU DA 59 5.82 18.55 -120.95
C LEU DA 59 6.65 17.52 -121.71
N LYS DA 60 6.62 16.29 -121.23
CA LYS DA 60 7.37 15.21 -121.85
C LYS DA 60 6.40 14.20 -122.45
N GLY DA 61 6.59 13.92 -123.73
CA GLY DA 61 5.85 12.86 -124.38
C GLY DA 61 6.69 11.61 -124.39
N MET DA 62 6.24 10.62 -123.64
CA MET DA 62 7.01 9.42 -123.39
C MET DA 62 7.30 8.73 -124.71
N SER DA 63 8.51 8.93 -125.23
CA SER DA 63 8.85 8.50 -126.58
C SER DA 63 8.88 6.98 -126.61
N LEU DA 64 7.70 6.36 -126.53
CA LEU DA 64 7.60 4.91 -126.50
C LEU DA 64 7.58 4.31 -127.89
N ASN DA 65 6.56 4.62 -128.67
CA ASN DA 65 6.33 3.96 -129.96
C ASN DA 65 6.72 4.91 -131.08
N LEU DA 66 7.00 4.35 -132.25
CA LEU DA 66 7.23 5.12 -133.46
C LEU DA 66 6.22 4.67 -134.50
N GLU DA 67 5.18 5.46 -134.69
CA GLU DA 67 4.16 5.12 -135.66
C GLU DA 67 4.71 5.21 -137.08
N PRO DA 68 4.02 4.59 -138.04
CA PRO DA 68 4.48 4.71 -139.44
C PRO DA 68 4.62 6.15 -139.90
N ASP DA 69 3.74 7.03 -139.45
CA ASP DA 69 3.84 8.45 -139.74
C ASP DA 69 3.97 9.31 -138.50
N ASN DA 70 3.97 8.70 -137.32
CA ASN DA 70 4.04 9.43 -136.07
C ASN DA 70 4.94 8.65 -135.13
N VAL DA 71 4.83 8.96 -133.83
CA VAL DA 71 5.59 8.25 -132.81
C VAL DA 71 4.76 8.26 -131.53
N GLY DA 72 4.89 7.20 -130.73
CA GLY DA 72 4.23 7.16 -129.44
C GLY DA 72 5.03 7.91 -128.40
N VAL DA 73 4.59 9.13 -128.10
CA VAL DA 73 5.22 9.97 -127.09
C VAL DA 73 4.13 10.39 -126.11
N VAL DA 74 3.92 9.57 -125.09
CA VAL DA 74 2.81 9.78 -124.17
C VAL DA 74 3.14 10.95 -123.25
N VAL DA 75 2.26 11.93 -123.22
CA VAL DA 75 2.45 13.12 -122.38
C VAL DA 75 2.02 12.80 -120.96
N PHE DA 76 2.77 13.33 -119.99
CA PHE DA 76 2.45 13.18 -118.57
C PHE DA 76 1.64 14.34 -118.03
N GLY DA 77 0.89 15.02 -118.89
CA GLY DA 77 0.14 16.20 -118.51
C GLY DA 77 -1.21 16.22 -119.21
N ASN DA 78 -1.75 17.43 -119.39
CA ASN DA 78 -3.12 17.61 -119.86
C ASN DA 78 -3.13 18.23 -121.26
N ASP DA 79 -3.97 17.67 -122.13
CA ASP DA 79 -4.19 18.27 -123.44
C ASP DA 79 -4.98 19.57 -123.36
N LYS DA 80 -5.72 19.80 -122.27
CA LYS DA 80 -6.32 21.10 -122.05
C LYS DA 80 -5.28 22.19 -121.97
N LEU DA 81 -4.03 21.82 -121.68
CA LEU DA 81 -2.89 22.72 -121.78
C LEU DA 81 -2.03 22.42 -122.99
N ILE DA 82 -2.54 21.69 -123.99
CA ILE DA 82 -1.77 21.35 -125.17
C ILE DA 82 -2.59 21.73 -126.40
N LYS DA 83 -1.97 22.48 -127.31
CA LYS DA 83 -2.60 22.81 -128.58
C LYS DA 83 -1.97 21.97 -129.69
N GLU DA 84 -2.65 21.90 -130.84
CA GLU DA 84 -2.23 21.04 -131.93
C GLU DA 84 -1.07 21.68 -132.66
N GLY DA 85 -0.33 20.88 -133.43
CA GLY DA 85 0.84 21.33 -134.13
C GLY DA 85 2.10 21.36 -133.29
N ASP DA 86 1.98 21.05 -131.99
CA ASP DA 86 3.09 21.16 -131.06
C ASP DA 86 4.30 20.38 -131.58
N ILE DA 87 5.39 21.11 -131.78
CA ILE DA 87 6.67 20.54 -132.20
C ILE DA 87 7.30 19.93 -130.96
N VAL DA 88 7.25 18.61 -130.88
CA VAL DA 88 7.62 17.89 -129.66
C VAL DA 88 9.13 17.72 -129.67
N LYS DA 89 9.83 18.68 -129.07
CA LYS DA 89 11.28 18.71 -129.04
C LYS DA 89 11.82 17.44 -128.42
N ARG DA 90 12.52 16.65 -129.22
CA ARG DA 90 13.11 15.42 -128.71
C ARG DA 90 14.28 15.77 -127.81
N THR DA 91 14.01 15.85 -126.50
CA THR DA 91 15.08 15.95 -125.52
C THR DA 91 15.96 14.71 -125.54
N GLY DA 92 15.46 13.60 -126.05
CA GLY DA 92 16.29 12.44 -126.37
C GLY DA 92 17.11 11.90 -125.22
N ALA DA 93 16.46 11.29 -124.22
CA ALA DA 93 17.20 10.77 -123.08
C ALA DA 93 16.63 9.42 -122.68
N ILE DA 94 17.42 8.36 -122.89
CA ILE DA 94 17.14 7.09 -122.24
C ILE DA 94 17.08 7.40 -120.76
N VAL DA 95 15.94 7.12 -120.14
CA VAL DA 95 15.56 7.80 -118.92
C VAL DA 95 16.51 7.44 -117.79
N ASP DA 96 17.36 8.40 -117.44
CA ASP DA 96 18.15 8.36 -116.22
C ASP DA 96 17.96 9.69 -115.51
N VAL DA 97 17.55 9.63 -114.24
CA VAL DA 97 17.07 10.83 -113.58
C VAL DA 97 17.85 11.05 -112.29
N PRO DA 98 17.97 12.30 -111.88
CA PRO DA 98 18.72 12.63 -110.66
C PRO DA 98 18.24 11.82 -109.47
N VAL DA 99 19.08 10.87 -109.06
CA VAL DA 99 18.72 9.87 -108.06
C VAL DA 99 19.89 9.68 -107.11
N GLY DA 100 19.66 8.87 -106.09
CA GLY DA 100 20.72 8.49 -105.17
C GLY DA 100 20.43 8.86 -103.72
N GLU DA 101 21.41 8.64 -102.84
CA GLU DA 101 21.28 9.05 -101.46
C GLU DA 101 21.14 10.57 -101.32
N GLU DA 102 21.64 11.34 -102.27
CA GLU DA 102 21.37 12.77 -102.28
C GLU DA 102 19.89 13.06 -102.36
N LEU DA 103 19.13 12.17 -103.01
CA LEU DA 103 17.68 12.19 -102.90
C LEU DA 103 17.19 11.64 -101.58
N LEU DA 104 17.96 10.77 -100.93
CA LEU DA 104 17.49 10.10 -99.72
C LEU DA 104 17.16 11.12 -98.64
N GLY DA 105 16.04 10.90 -97.97
CA GLY DA 105 15.57 11.83 -96.97
C GLY DA 105 14.79 13.01 -97.48
N ARG DA 106 14.58 13.10 -98.79
CA ARG DA 106 13.93 14.25 -99.40
C ARG DA 106 12.68 13.83 -100.14
N VAL DA 107 11.74 14.75 -100.28
CA VAL DA 107 10.44 14.46 -100.88
C VAL DA 107 10.48 15.00 -102.29
N VAL DA 108 10.66 14.12 -103.24
CA VAL DA 108 10.68 14.48 -104.65
C VAL DA 108 9.60 13.67 -105.37
N ASP DA 109 9.55 13.84 -106.69
CA ASP DA 109 8.81 12.91 -107.52
C ASP DA 109 9.74 11.76 -107.90
N ALA DA 110 9.19 10.72 -108.52
CA ALA DA 110 10.02 9.65 -109.06
C ALA DA 110 10.95 10.14 -110.16
N LEU DA 111 10.61 11.24 -110.83
CA LEU DA 111 11.51 11.89 -111.78
C LEU DA 111 12.15 13.13 -111.18
N GLY DA 112 11.94 13.40 -109.90
CA GLY DA 112 12.59 14.51 -109.24
C GLY DA 112 11.75 15.75 -109.03
N ASN DA 113 10.51 15.76 -109.49
CA ASN DA 113 9.63 16.91 -109.28
C ASN DA 113 9.25 16.94 -107.80
N ALA DA 114 10.07 17.61 -107.00
CA ALA DA 114 9.86 17.62 -105.56
C ALA DA 114 8.59 18.35 -105.19
N ILE DA 115 7.84 17.78 -104.26
CA ILE DA 115 6.71 18.48 -103.68
C ILE DA 115 7.15 19.02 -102.32
N ASP DA 116 8.41 18.77 -101.98
CA ASP DA 116 8.97 19.22 -100.70
C ASP DA 116 9.27 20.70 -100.65
N GLY DA 117 9.34 21.36 -101.80
CA GLY DA 117 9.68 22.78 -101.82
C GLY DA 117 11.15 23.00 -101.54
N LYS DA 118 11.50 24.23 -101.20
CA LYS DA 118 12.86 24.61 -100.85
C LYS DA 118 13.86 24.32 -101.96
N GLY DA 119 13.47 24.60 -103.20
CA GLY DA 119 14.38 24.49 -104.32
C GLY DA 119 14.84 23.08 -104.59
N PRO DA 120 15.91 22.94 -105.36
CA PRO DA 120 16.40 21.62 -105.74
C PRO DA 120 17.05 20.88 -104.58
N ILE DA 121 17.06 19.57 -104.68
CA ILE DA 121 17.79 18.72 -103.75
C ILE DA 121 19.09 18.29 -104.40
N GLY DA 122 19.99 17.73 -103.61
CA GLY DA 122 21.30 17.38 -104.14
C GLY DA 122 21.26 16.19 -105.06
N SER DA 123 20.10 15.57 -105.20
CA SER DA 123 19.94 14.47 -106.13
C SER DA 123 20.26 14.92 -107.55
N LYS DA 124 21.34 14.38 -108.09
CA LYS DA 124 21.75 14.66 -109.45
C LYS DA 124 22.22 13.44 -110.22
N ALA DA 125 22.29 12.27 -109.58
CA ALA DA 125 22.82 11.08 -110.23
C ALA DA 125 21.74 10.45 -111.07
N ARG DA 126 21.88 10.59 -112.38
CA ARG DA 126 20.89 10.12 -113.33
C ARG DA 126 20.93 8.61 -113.38
N ARG DA 127 20.04 7.98 -112.60
CA ARG DA 127 19.98 6.52 -112.54
C ARG DA 127 19.13 6.01 -113.71
N ARG DA 128 19.75 5.21 -114.56
CA ARG DA 128 19.10 4.68 -115.74
C ARG DA 128 18.07 3.65 -115.33
N VAL DA 129 16.81 4.07 -115.28
CA VAL DA 129 15.72 3.17 -114.90
C VAL DA 129 15.59 2.04 -115.90
N GLY DA 130 16.18 2.17 -117.08
CA GLY DA 130 16.20 1.09 -118.04
C GLY DA 130 17.05 -0.07 -117.57
N LEU DA 131 17.44 -0.03 -116.30
CA LEU DA 131 18.21 -1.10 -115.69
C LEU DA 131 17.32 -2.35 -115.57
N LYS DA 132 17.93 -3.47 -115.19
CA LYS DA 132 17.27 -4.77 -115.16
C LYS DA 132 17.45 -5.41 -113.78
N ALA DA 133 17.06 -6.68 -113.68
CA ALA DA 133 17.13 -7.39 -112.42
C ALA DA 133 18.57 -7.79 -112.09
N PRO DA 134 18.87 -7.99 -110.80
CA PRO DA 134 20.22 -8.45 -110.43
C PRO DA 134 20.49 -9.86 -110.94
N GLY DA 135 21.76 -10.15 -111.16
CA GLY DA 135 22.17 -11.41 -111.74
C GLY DA 135 22.14 -12.58 -110.79
N ILE DA 136 23.08 -13.52 -110.95
CA ILE DA 136 23.11 -14.72 -110.14
C ILE DA 136 24.42 -14.79 -109.38
N ILE DA 137 25.53 -14.92 -110.11
CA ILE DA 137 26.86 -14.90 -109.52
C ILE DA 137 27.02 -13.56 -108.81
N PRO DA 138 26.60 -12.46 -109.43
CA PRO DA 138 26.68 -11.16 -108.75
C PRO DA 138 25.92 -11.12 -107.45
N ARG DA 139 24.78 -11.80 -107.38
CA ARG DA 139 24.09 -11.93 -106.11
C ARG DA 139 24.59 -13.16 -105.38
N ILE DA 140 24.09 -13.36 -104.17
CA ILE DA 140 24.42 -14.52 -103.37
C ILE DA 140 23.26 -14.79 -102.43
N SER DA 141 23.29 -15.97 -101.80
CA SER DA 141 22.39 -16.22 -100.69
C SER DA 141 22.67 -15.22 -99.58
N VAL DA 142 21.60 -14.66 -99.01
CA VAL DA 142 21.74 -13.53 -98.09
C VAL DA 142 21.41 -13.96 -96.67
N ARG DA 143 22.04 -13.30 -95.71
CA ARG DA 143 21.81 -13.55 -94.29
C ARG DA 143 21.68 -12.27 -93.49
N GLU DA 144 21.78 -11.12 -94.12
CA GLU DA 144 21.61 -9.93 -93.31
C GLU DA 144 20.16 -9.79 -92.86
N PRO DA 145 19.94 -9.66 -91.55
CA PRO DA 145 18.57 -9.56 -91.04
C PRO DA 145 17.87 -8.29 -91.52
N MET DA 146 16.55 -8.33 -91.48
CA MET DA 146 15.73 -7.17 -91.85
C MET DA 146 15.22 -6.54 -90.56
N GLN DA 147 15.47 -5.24 -90.41
CA GLN DA 147 14.98 -4.50 -89.26
C GLN DA 147 13.59 -3.96 -89.59
N THR DA 148 12.58 -4.41 -88.86
CA THR DA 148 11.21 -4.00 -89.13
C THR DA 148 10.61 -3.13 -88.03
N GLY DA 149 10.86 -3.46 -86.76
CA GLY DA 149 10.34 -2.64 -85.69
C GLY DA 149 8.91 -2.95 -85.29
N ILE DA 150 8.34 -4.06 -85.73
CA ILE DA 150 6.97 -4.42 -85.43
C ILE DA 150 6.97 -5.74 -84.67
N LYS DA 151 5.88 -6.01 -83.94
CA LYS DA 151 5.86 -7.09 -82.97
C LYS DA 151 6.19 -8.43 -83.61
N ALA DA 152 5.33 -8.92 -84.49
CA ALA DA 152 5.53 -10.25 -85.04
C ALA DA 152 6.35 -10.20 -86.32
N VAL DA 153 6.72 -8.99 -86.76
CA VAL DA 153 7.20 -8.80 -88.13
C VAL DA 153 8.34 -9.73 -88.46
N ASP DA 154 9.48 -9.54 -87.81
CA ASP DA 154 10.55 -10.53 -87.94
C ASP DA 154 10.40 -11.63 -86.91
N SER DA 155 9.31 -11.60 -86.14
CA SER DA 155 9.08 -12.64 -85.14
C SER DA 155 8.22 -13.76 -85.73
N LEU DA 156 6.99 -13.44 -86.12
CA LEU DA 156 6.13 -14.45 -86.74
C LEU DA 156 6.68 -14.83 -88.12
N VAL DA 157 7.13 -13.84 -88.88
CA VAL DA 157 7.63 -14.09 -90.22
C VAL DA 157 9.04 -13.51 -90.30
N PRO DA 158 10.01 -14.15 -89.66
CA PRO DA 158 11.37 -13.61 -89.67
C PRO DA 158 11.88 -13.44 -91.09
N ILE DA 159 12.43 -12.26 -91.34
CA ILE DA 159 12.89 -11.89 -92.67
C ILE DA 159 14.20 -11.14 -92.54
N GLY DA 160 15.03 -11.26 -93.57
CA GLY DA 160 16.30 -10.58 -93.64
C GLY DA 160 16.38 -9.65 -94.84
N ARG DA 161 17.62 -9.28 -95.16
CA ARG DA 161 17.90 -8.38 -96.26
C ARG DA 161 17.80 -9.17 -97.56
N GLY DA 162 16.61 -9.18 -98.18
CA GLY DA 162 16.40 -9.78 -99.48
C GLY DA 162 15.05 -10.43 -99.69
N GLN DA 163 14.27 -10.65 -98.63
CA GLN DA 163 13.01 -11.35 -98.76
C GLN DA 163 12.03 -10.57 -99.63
N ARG DA 164 11.30 -11.29 -100.48
CA ARG DA 164 10.33 -10.68 -101.38
C ARG DA 164 9.01 -11.44 -101.27
N GLU DA 165 8.23 -11.12 -100.23
CA GLU DA 165 6.89 -11.68 -100.08
C GLU DA 165 5.84 -10.68 -100.55
N LEU DA 166 4.58 -11.00 -100.26
CA LEU DA 166 3.47 -10.11 -100.57
C LEU DA 166 3.02 -9.41 -99.30
N ILE DA 167 2.17 -8.41 -99.46
CA ILE DA 167 1.54 -7.71 -98.36
C ILE DA 167 0.04 -7.68 -98.61
N ILE DA 168 -0.75 -7.93 -97.56
CA ILE DA 168 -2.20 -7.85 -97.61
C ILE DA 168 -2.65 -6.81 -96.60
N GLY DA 169 -3.56 -5.94 -97.00
CA GLY DA 169 -3.92 -4.82 -96.15
C GLY DA 169 -5.34 -4.38 -96.36
N ASP DA 170 -5.72 -3.37 -95.60
CA ASP DA 170 -7.09 -2.86 -95.59
C ASP DA 170 -7.15 -1.47 -96.20
N ARG DA 171 -8.32 -0.84 -96.15
CA ARG DA 171 -8.47 0.53 -96.60
C ARG DA 171 -8.86 1.42 -95.42
N GLN DA 172 -8.19 2.57 -95.31
CA GLN DA 172 -8.37 3.50 -94.20
C GLN DA 172 -8.16 2.79 -92.85
N THR DA 173 -7.53 1.63 -92.95
CA THR DA 173 -7.49 0.68 -91.84
C THR DA 173 -6.16 -0.06 -91.71
N GLY DA 174 -5.04 0.65 -91.75
CA GLY DA 174 -3.79 0.04 -91.33
C GLY DA 174 -2.88 -0.50 -92.40
N LYS DA 175 -3.40 -0.76 -93.60
CA LYS DA 175 -2.51 -1.20 -94.67
C LYS DA 175 -1.41 -0.17 -94.89
N THR DA 176 -1.74 1.10 -94.72
CA THR DA 176 -0.68 2.10 -94.71
C THR DA 176 0.08 2.07 -93.39
N SER DA 177 -0.62 1.99 -92.25
CA SER DA 177 0.07 1.95 -90.97
C SER DA 177 0.85 0.67 -90.81
N ILE DA 178 0.58 -0.32 -91.67
CA ILE DA 178 1.37 -1.55 -91.66
C ILE DA 178 2.84 -1.24 -91.92
N ALA DA 179 3.10 -0.39 -92.91
CA ALA DA 179 4.48 -0.14 -93.33
C ALA DA 179 5.19 0.83 -92.37
N ILE DA 180 4.48 1.30 -91.34
CA ILE DA 180 4.95 2.44 -90.57
C ILE DA 180 6.29 2.16 -89.90
N ASP DA 181 6.43 1.00 -89.25
CA ASP DA 181 7.54 0.80 -88.34
C ASP DA 181 8.90 0.78 -89.05
N THR DA 182 9.02 0.01 -90.14
CA THR DA 182 10.33 -0.21 -90.73
C THR DA 182 10.94 1.09 -91.24
N ILE DA 183 10.16 1.88 -91.98
CA ILE DA 183 10.67 3.16 -92.48
C ILE DA 183 10.99 4.08 -91.32
N ILE DA 184 10.21 3.99 -90.25
CA ILE DA 184 10.47 4.79 -89.06
C ILE DA 184 11.82 4.42 -88.46
N ASN DA 185 12.18 3.14 -88.54
CA ASN DA 185 13.44 2.69 -87.96
C ASN DA 185 14.64 3.34 -88.61
N GLN DA 186 14.46 3.95 -89.79
CA GLN DA 186 15.55 4.66 -90.44
C GLN DA 186 16.12 5.75 -89.56
N LYS DA 187 15.35 6.28 -88.61
CA LYS DA 187 15.95 7.08 -87.55
C LYS DA 187 16.80 6.22 -86.62
N ARG DA 188 16.26 5.08 -86.18
CA ARG DA 188 16.94 4.30 -85.14
C ARG DA 188 17.89 3.26 -85.74
N PHE DA 189 17.38 2.40 -86.62
CA PHE DA 189 18.23 1.38 -87.21
C PHE DA 189 19.39 2.02 -87.97
N ASN DA 190 19.16 3.19 -88.54
CA ASN DA 190 20.22 3.97 -89.14
C ASN DA 190 20.73 5.06 -88.23
N ASP DA 191 20.42 5.02 -86.93
CA ASP DA 191 21.07 5.92 -85.97
C ASP DA 191 22.57 5.70 -85.89
N GLY DA 192 23.07 4.56 -86.36
CA GLY DA 192 24.49 4.39 -86.61
C GLY DA 192 24.83 4.86 -88.01
N THR DA 193 25.87 4.29 -88.61
CA THR DA 193 26.31 4.78 -89.91
C THR DA 193 26.39 3.68 -90.97
N ASP DA 194 26.65 2.45 -90.57
CA ASP DA 194 26.96 1.38 -91.51
C ASP DA 194 25.78 1.15 -92.44
N GLU DA 195 25.91 1.64 -93.68
CA GLU DA 195 24.81 1.62 -94.64
C GLU DA 195 24.26 0.23 -94.87
N LYS DA 196 25.07 -0.81 -94.72
CA LYS DA 196 24.55 -2.17 -94.70
C LYS DA 196 23.57 -2.38 -93.55
N LYS DA 197 23.75 -1.66 -92.45
CA LYS DA 197 22.80 -1.66 -91.35
C LYS DA 197 22.12 -0.31 -91.17
N LYS DA 198 22.72 0.77 -91.70
CA LYS DA 198 22.08 2.07 -91.63
C LYS DA 198 21.46 2.41 -92.97
N LEU DA 199 20.15 2.15 -93.09
CA LEU DA 199 19.44 2.26 -94.35
C LEU DA 199 18.56 3.50 -94.34
N TYR DA 200 18.52 4.20 -95.46
CA TYR DA 200 17.65 5.34 -95.65
C TYR DA 200 16.30 4.79 -96.10
N CYS DA 201 15.25 5.16 -95.38
CA CYS DA 201 13.92 4.67 -95.73
C CYS DA 201 13.46 5.27 -97.05
N ILE DA 202 12.55 4.56 -97.71
CA ILE DA 202 11.88 5.04 -98.90
C ILE DA 202 10.47 4.48 -98.91
N TYR DA 203 9.51 5.31 -99.31
CA TYR DA 203 8.11 4.92 -99.31
C TYR DA 203 7.37 5.75 -100.35
N VAL DA 204 6.78 5.09 -101.34
CA VAL DA 204 6.04 5.75 -102.40
C VAL DA 204 4.56 5.66 -102.07
N ALA DA 205 3.88 6.81 -102.16
CA ALA DA 205 2.43 6.86 -101.97
C ALA DA 205 1.77 6.98 -103.34
N ILE DA 206 1.67 5.85 -104.04
CA ILE DA 206 1.18 5.82 -105.41
C ILE DA 206 -0.33 6.01 -105.35
N GLY DA 207 -0.80 7.12 -105.89
CA GLY DA 207 -2.22 7.41 -105.87
C GLY DA 207 -2.78 7.54 -104.47
N GLN DA 208 -2.03 8.17 -103.57
CA GLN DA 208 -2.52 8.43 -102.23
C GLN DA 208 -3.01 9.87 -102.16
N LYS DA 209 -3.73 10.18 -101.09
CA LYS DA 209 -4.25 11.52 -100.92
C LYS DA 209 -3.11 12.52 -100.79
N ARG DA 210 -3.24 13.65 -101.47
CA ARG DA 210 -2.27 14.73 -101.30
C ARG DA 210 -2.20 15.14 -99.83
N SER DA 211 -3.34 15.16 -99.15
CA SER DA 211 -3.33 15.34 -97.71
C SER DA 211 -2.56 14.21 -97.03
N THR DA 212 -2.77 12.97 -97.48
CA THR DA 212 -2.10 11.83 -96.85
C THR DA 212 -0.59 11.97 -96.95
N VAL DA 213 -0.09 12.25 -98.16
CA VAL DA 213 1.34 12.46 -98.32
C VAL DA 213 1.80 13.63 -97.46
N ALA DA 214 1.04 14.72 -97.49
CA ALA DA 214 1.35 15.84 -96.61
C ALA DA 214 1.24 15.42 -95.15
N GLN DA 215 0.17 14.69 -94.81
CA GLN DA 215 0.11 14.11 -93.47
C GLN DA 215 1.26 13.16 -93.25
N LEU DA 216 1.56 12.32 -94.24
CA LEU DA 216 2.79 11.55 -94.19
C LEU DA 216 3.98 12.48 -94.04
N VAL DA 217 4.02 13.54 -94.84
CA VAL DA 217 5.06 14.56 -94.64
C VAL DA 217 4.96 15.14 -93.23
N LYS DA 218 3.74 15.47 -92.80
CA LYS DA 218 3.55 15.92 -91.43
C LYS DA 218 4.00 14.85 -90.46
N ARG DA 219 3.61 13.60 -90.69
CA ARG DA 219 4.04 12.51 -89.83
C ARG DA 219 5.53 12.28 -89.95
N LEU DA 220 6.03 12.20 -91.19
CA LEU DA 220 7.47 12.00 -91.37
C LEU DA 220 8.26 13.14 -90.78
N THR DA 221 7.69 14.35 -90.75
CA THR DA 221 8.35 15.48 -90.12
C THR DA 221 8.70 15.19 -88.66
N ASP DA 222 7.76 14.61 -87.92
CA ASP DA 222 8.04 14.27 -86.54
C ASP DA 222 8.88 13.00 -86.44
N ALA DA 223 8.85 12.18 -87.49
CA ALA DA 223 9.37 10.82 -87.42
C ALA DA 223 10.86 10.72 -87.15
N ASP DA 224 11.62 11.80 -87.41
CA ASP DA 224 13.08 11.76 -87.33
C ASP DA 224 13.68 10.74 -88.29
N ALA DA 225 12.84 10.12 -89.10
CA ALA DA 225 13.25 9.18 -90.12
C ALA DA 225 13.09 9.74 -91.51
N MET DA 226 12.26 10.78 -91.68
CA MET DA 226 12.18 11.48 -92.94
C MET DA 226 13.51 12.06 -93.36
N LYS DA 227 14.42 12.27 -92.41
CA LYS DA 227 15.80 12.55 -92.76
C LYS DA 227 16.42 11.42 -93.54
N TYR DA 228 16.12 10.17 -93.18
CA TYR DA 228 16.48 9.03 -93.99
C TYR DA 228 15.36 8.55 -94.91
N THR DA 229 14.14 9.04 -94.73
CA THR DA 229 13.03 8.64 -95.59
C THR DA 229 12.87 9.63 -96.73
N ILE DA 230 13.03 9.13 -97.96
CA ILE DA 230 12.90 9.92 -99.17
C ILE DA 230 11.57 9.57 -99.82
N VAL DA 231 10.79 10.59 -100.16
CA VAL DA 231 9.47 10.40 -100.74
C VAL DA 231 9.59 10.63 -102.24
N VAL DA 232 9.33 9.59 -103.02
CA VAL DA 232 9.01 9.73 -104.43
C VAL DA 232 7.63 9.12 -104.61
N SER DA 233 6.59 9.92 -104.45
CA SER DA 233 5.22 9.42 -104.40
C SER DA 233 4.42 9.98 -105.57
N ALA DA 234 3.69 9.11 -106.26
CA ALA DA 234 2.80 9.50 -107.35
C ALA DA 234 1.38 9.49 -106.81
N THR DA 235 0.96 10.62 -106.26
CA THR DA 235 -0.28 10.69 -105.52
C THR DA 235 -1.46 10.65 -106.50
N ALA DA 236 -2.65 10.92 -105.98
CA ALA DA 236 -3.85 10.86 -106.81
C ALA DA 236 -3.72 11.73 -108.06
N SER DA 237 -3.33 12.98 -107.89
CA SER DA 237 -3.25 13.89 -109.03
C SER DA 237 -2.18 13.47 -110.02
N ASP DA 238 -1.21 12.65 -109.58
CA ASP DA 238 -0.14 12.24 -110.46
C ASP DA 238 -0.70 11.56 -111.70
N ALA DA 239 -0.10 11.87 -112.85
CA ALA DA 239 -0.55 11.30 -114.11
C ALA DA 239 -0.46 9.78 -114.07
N ALA DA 240 -1.37 9.14 -114.79
CA ALA DA 240 -1.34 7.68 -114.87
C ALA DA 240 0.00 7.16 -115.36
N PRO DA 241 0.59 7.68 -116.43
CA PRO DA 241 1.94 7.24 -116.81
C PRO DA 241 2.94 7.48 -115.71
N LEU DA 242 2.77 8.58 -115.00
CA LEU DA 242 3.68 8.93 -113.90
C LEU DA 242 3.76 7.86 -112.84
N GLN DA 243 2.60 7.46 -112.28
CA GLN DA 243 2.61 6.34 -111.37
C GLN DA 243 3.02 5.06 -112.07
N TYR DA 244 2.68 4.94 -113.36
CA TYR DA 244 2.99 3.72 -114.10
C TYR DA 244 4.47 3.41 -114.08
N LEU DA 245 5.31 4.44 -114.07
CA LEU DA 245 6.74 4.21 -113.94
C LEU DA 245 7.31 4.74 -112.63
N ALA DA 246 6.47 5.31 -111.77
CA ALA DA 246 6.99 5.92 -110.54
C ALA DA 246 7.86 4.97 -109.74
N PRO DA 247 7.42 3.75 -109.42
CA PRO DA 247 8.35 2.82 -108.76
C PRO DA 247 9.30 2.17 -109.74
N TYR DA 248 8.91 2.06 -111.01
CA TYR DA 248 9.89 1.72 -112.03
C TYR DA 248 10.99 2.76 -112.05
N SER DA 249 10.62 4.04 -111.98
CA SER DA 249 11.58 5.08 -111.67
C SER DA 249 12.15 4.88 -110.27
N GLY DA 250 11.28 4.56 -109.31
CA GLY DA 250 11.75 4.28 -107.98
C GLY DA 250 12.72 3.10 -107.95
N CYS DA 251 12.63 2.23 -108.95
CA CYS DA 251 13.53 1.10 -109.03
C CYS DA 251 14.94 1.51 -109.44
N SER DA 252 15.08 2.67 -110.10
CA SER DA 252 16.36 3.03 -110.71
C SER DA 252 17.47 3.20 -109.68
N MET DA 253 17.21 3.98 -108.62
CA MET DA 253 18.24 4.25 -107.62
C MET DA 253 18.57 3.03 -106.77
N GLY DA 254 17.73 2.00 -106.82
CA GLY DA 254 17.97 0.80 -106.04
C GLY DA 254 19.28 0.13 -106.38
N GLU DA 255 19.58 0.03 -107.66
CA GLU DA 255 20.87 -0.51 -108.07
C GLU DA 255 22.01 0.34 -107.53
N TYR DA 256 21.81 1.67 -107.49
CA TYR DA 256 22.86 2.57 -107.03
C TYR DA 256 23.23 2.29 -105.57
N PHE DA 257 22.28 2.48 -104.66
CA PHE DA 257 22.55 2.25 -103.24
C PHE DA 257 23.03 0.82 -103.01
N ARG DA 258 22.44 -0.14 -103.72
CA ARG DA 258 22.98 -1.49 -103.72
C ARG DA 258 24.42 -1.49 -104.20
N ASP DA 259 24.67 -0.89 -105.36
CA ASP DA 259 26.04 -0.76 -105.85
C ASP DA 259 26.89 0.13 -104.95
N ASN DA 260 26.32 1.20 -104.41
CA ASN DA 260 27.01 2.05 -103.45
C ASN DA 260 27.06 1.39 -102.08
N GLY DA 261 26.73 0.10 -102.01
CA GLY DA 261 26.75 -0.62 -100.76
C GLY DA 261 25.67 -0.20 -99.79
N LYS DA 262 25.01 0.92 -100.03
CA LYS DA 262 23.99 1.40 -99.13
C LYS DA 262 22.80 0.45 -99.15
N HIS DA 263 22.68 -0.37 -98.11
CA HIS DA 263 21.48 -1.14 -97.88
C HIS DA 263 20.38 -0.13 -97.63
N ALA DA 264 19.19 -0.39 -98.15
CA ALA DA 264 18.14 0.60 -98.19
C ALA DA 264 16.80 -0.03 -97.88
N LEU DA 265 15.80 0.83 -97.69
CA LEU DA 265 14.44 0.39 -97.40
C LEU DA 265 13.47 1.20 -98.26
N ILE DA 266 12.78 0.50 -99.16
CA ILE DA 266 11.81 1.12 -100.06
C ILE DA 266 10.53 0.27 -100.03
N ILE DA 267 9.40 0.91 -100.29
CA ILE DA 267 8.08 0.26 -100.24
C ILE DA 267 7.31 0.69 -101.48
N TYR DA 268 6.75 -0.30 -102.20
CA TYR DA 268 5.95 -0.03 -103.39
C TYR DA 268 4.46 -0.21 -103.09
N ASP DA 269 3.69 0.87 -103.25
CA ASP DA 269 2.24 0.82 -103.02
C ASP DA 269 1.63 2.09 -103.62
N ASP DA 270 0.64 1.91 -104.49
CA ASP DA 270 0.19 0.59 -104.91
C ASP DA 270 0.03 0.54 -106.42
N LEU DA 271 0.59 -0.50 -107.03
CA LEU DA 271 0.58 -0.64 -108.48
C LEU DA 271 -0.76 -1.14 -109.01
N SER DA 272 -1.64 -1.65 -108.15
CA SER DA 272 -2.92 -2.14 -108.62
C SER DA 272 -3.69 -1.11 -109.42
N LYS DA 273 -3.84 0.09 -108.88
CA LYS DA 273 -4.32 1.22 -109.65
C LYS DA 273 -3.40 1.54 -110.81
N GLN DA 274 -2.09 1.52 -110.57
CA GLN DA 274 -1.13 1.75 -111.64
C GLN DA 274 -1.26 0.70 -112.72
N ALA DA 275 -1.46 -0.56 -112.33
CA ALA DA 275 -1.80 -1.57 -113.32
C ALA DA 275 -3.07 -1.19 -114.05
N VAL DA 276 -4.11 -0.78 -113.31
CA VAL DA 276 -5.29 -0.24 -113.96
C VAL DA 276 -4.91 0.97 -114.79
N ALA DA 277 -4.05 1.83 -114.25
CA ALA DA 277 -3.52 2.93 -115.06
C ALA DA 277 -2.70 2.38 -116.23
N TYR DA 278 -1.87 1.38 -115.97
CA TYR DA 278 -1.22 0.70 -117.08
C TYR DA 278 -2.27 0.10 -118.00
N ARG DA 279 -3.31 -0.50 -117.42
CA ARG DA 279 -4.46 -0.88 -118.21
C ARG DA 279 -5.06 0.35 -118.87
N GLN DA 280 -5.21 1.44 -118.12
CA GLN DA 280 -5.64 2.69 -118.73
C GLN DA 280 -4.64 3.10 -119.81
N MET DA 281 -3.36 2.95 -119.52
CA MET DA 281 -2.35 3.17 -120.55
C MET DA 281 -2.58 2.24 -121.73
N SER DA 282 -2.82 0.96 -121.45
CA SER DA 282 -3.19 0.03 -122.52
C SER DA 282 -4.50 0.45 -123.15
N LEU DA 283 -5.46 0.86 -122.32
CA LEU DA 283 -6.68 1.45 -122.86
C LEU DA 283 -6.34 2.70 -123.66
N LEU DA 284 -5.45 3.54 -123.13
CA LEU DA 284 -4.92 4.62 -123.93
C LEU DA 284 -4.19 4.08 -125.15
N LEU DA 285 -3.42 3.02 -124.98
CA LEU DA 285 -2.88 2.31 -126.14
C LEU DA 285 -3.97 1.70 -126.98
N ARG DA 286 -5.19 1.60 -126.47
CA ARG DA 286 -6.31 0.93 -127.10
C ARG DA 286 -5.96 -0.53 -127.37
N ARG DA 287 -4.80 -0.98 -126.90
CA ARG DA 287 -4.45 -2.38 -127.02
C ARG DA 287 -5.33 -3.19 -126.08
N PRO DA 288 -5.99 -4.22 -126.59
CA PRO DA 288 -6.92 -4.97 -125.77
C PRO DA 288 -6.18 -5.80 -124.74
N PRO DA 289 -6.17 -5.38 -123.49
CA PRO DA 289 -5.61 -6.23 -122.44
C PRO DA 289 -6.46 -7.48 -122.27
N GLY DA 290 -5.83 -8.53 -121.76
CA GLY DA 290 -6.46 -9.83 -121.78
C GLY DA 290 -7.61 -9.98 -120.82
N ARG DA 291 -7.87 -11.23 -120.42
CA ARG DA 291 -8.96 -11.54 -119.51
C ARG DA 291 -8.76 -10.75 -118.22
N GLU DA 292 -9.84 -10.58 -117.47
CA GLU DA 292 -9.84 -9.72 -116.29
C GLU DA 292 -9.40 -8.31 -116.60
N ALA DA 293 -9.47 -7.91 -117.87
CA ALA DA 293 -9.08 -6.62 -118.39
C ALA DA 293 -7.61 -6.35 -118.16
N TYR DA 294 -6.87 -7.28 -117.59
CA TYR DA 294 -5.48 -7.02 -117.29
C TYR DA 294 -4.62 -7.22 -118.54
N PRO DA 295 -3.59 -6.41 -118.72
CA PRO DA 295 -2.55 -6.75 -119.70
C PRO DA 295 -1.47 -7.61 -119.06
N GLY DA 296 -1.26 -8.79 -119.65
CA GLY DA 296 -0.27 -9.71 -119.10
C GLY DA 296 1.13 -9.16 -119.12
N ASP DA 297 1.43 -8.26 -120.04
CA ASP DA 297 2.70 -7.57 -120.02
C ASP DA 297 2.89 -6.77 -118.73
N VAL DA 298 1.81 -6.29 -118.12
CA VAL DA 298 1.93 -5.69 -116.81
C VAL DA 298 2.47 -6.67 -115.80
N PHE DA 299 2.00 -7.91 -115.82
CA PHE DA 299 2.64 -8.98 -115.06
C PHE DA 299 4.08 -9.13 -115.49
N TYR DA 300 4.31 -9.16 -116.80
CA TYR DA 300 5.67 -9.11 -117.30
C TYR DA 300 6.37 -7.83 -116.86
N LEU DA 301 5.67 -6.70 -116.91
CA LEU DA 301 6.20 -5.49 -116.31
C LEU DA 301 6.39 -5.68 -114.81
N HIS DA 302 5.37 -6.22 -114.14
CA HIS DA 302 5.56 -6.64 -112.77
C HIS DA 302 6.73 -7.60 -112.66
N SER DA 303 6.83 -8.55 -113.58
CA SER DA 303 8.04 -9.36 -113.68
C SER DA 303 9.23 -8.49 -114.01
N ARG DA 304 9.06 -7.53 -114.92
CA ARG DA 304 10.15 -6.62 -115.23
C ARG DA 304 10.45 -5.68 -114.08
N LEU DA 305 9.43 -5.04 -113.51
CA LEU DA 305 9.67 -3.99 -112.54
C LEU DA 305 10.13 -4.54 -111.19
N LEU DA 306 9.48 -5.58 -110.70
CA LEU DA 306 9.70 -6.03 -109.33
C LEU DA 306 10.88 -6.99 -109.19
N GLU DA 307 11.49 -7.43 -110.30
CA GLU DA 307 12.59 -8.36 -110.20
C GLU DA 307 13.93 -7.69 -109.92
N ARG DA 308 14.01 -6.36 -110.05
CA ARG DA 308 15.30 -5.67 -109.99
C ARG DA 308 15.78 -5.35 -108.58
N ALA DA 309 14.86 -5.17 -107.62
CA ALA DA 309 15.25 -4.75 -106.28
C ALA DA 309 15.64 -5.93 -105.41
N ALA DA 310 16.70 -6.64 -105.81
CA ALA DA 310 17.21 -7.75 -105.03
C ALA DA 310 18.16 -7.23 -103.97
N LYS DA 311 18.60 -8.12 -103.08
CA LYS DA 311 19.68 -7.79 -102.16
C LYS DA 311 20.97 -8.11 -102.93
N MET DA 312 21.25 -7.28 -103.93
CA MET DA 312 22.34 -7.55 -104.84
C MET DA 312 23.64 -7.65 -104.06
N ASN DA 313 24.18 -8.86 -104.02
CA ASN DA 313 25.21 -9.22 -103.06
C ASN DA 313 26.51 -8.48 -103.35
N ASP DA 314 27.54 -8.81 -102.56
CA ASP DA 314 28.81 -8.11 -102.66
C ASP DA 314 29.36 -8.14 -104.08
N ALA DA 315 29.05 -9.20 -104.83
CA ALA DA 315 29.41 -9.25 -106.24
C ALA DA 315 28.44 -8.46 -107.11
N PHE DA 316 27.36 -7.93 -106.53
CA PHE DA 316 26.44 -7.05 -107.25
C PHE DA 316 26.24 -5.75 -106.48
N GLY DA 317 27.31 -5.22 -105.91
CA GLY DA 317 27.24 -3.96 -105.18
C GLY DA 317 27.19 -4.15 -103.68
N GLY DA 318 26.66 -5.27 -103.23
CA GLY DA 318 26.63 -5.57 -101.81
C GLY DA 318 25.57 -4.87 -101.02
N GLY DA 319 25.11 -3.70 -101.45
CA GLY DA 319 24.06 -3.03 -100.73
C GLY DA 319 22.77 -3.82 -100.83
N SER DA 320 21.86 -3.50 -99.92
CA SER DA 320 20.55 -4.14 -99.95
C SER DA 320 19.56 -3.15 -100.54
N LEU DA 321 18.86 -3.59 -101.58
CA LEU DA 321 17.88 -2.76 -102.26
C LEU DA 321 16.52 -3.41 -102.02
N THR DA 322 15.95 -3.13 -100.86
CA THR DA 322 14.70 -3.76 -100.47
C THR DA 322 13.51 -2.96 -101.02
N ALA DA 323 12.63 -3.67 -101.71
CA ALA DA 323 11.36 -3.13 -102.12
C ALA DA 323 10.27 -3.84 -101.33
N LEU DA 324 9.26 -3.10 -100.91
CA LEU DA 324 8.21 -3.62 -100.05
C LEU DA 324 6.86 -3.44 -100.73
N PRO DA 325 6.48 -4.36 -101.62
CA PRO DA 325 5.18 -4.26 -102.27
C PRO DA 325 4.05 -4.39 -101.26
N VAL DA 326 3.38 -3.28 -100.99
CA VAL DA 326 2.32 -3.21 -100.00
C VAL DA 326 0.99 -3.19 -100.74
N ILE DA 327 0.40 -4.36 -100.91
CA ILE DA 327 -0.94 -4.47 -101.48
C ILE DA 327 -1.94 -4.55 -100.35
N GLU DA 328 -3.12 -3.97 -100.57
CA GLU DA 328 -4.21 -4.01 -99.61
C GLU DA 328 -5.30 -4.92 -100.17
N THR DA 329 -5.91 -5.72 -99.30
CA THR DA 329 -6.86 -6.73 -99.73
C THR DA 329 -8.17 -6.07 -100.15
N GLN DA 330 -8.26 -5.71 -101.43
CA GLN DA 330 -9.50 -5.17 -101.95
C GLN DA 330 -10.54 -6.27 -102.04
N ALA DA 331 -11.39 -6.36 -101.01
CA ALA DA 331 -12.34 -7.45 -100.86
C ALA DA 331 -11.65 -8.80 -100.69
N GLY DA 332 -10.34 -8.78 -100.51
CA GLY DA 332 -9.60 -9.99 -100.16
C GLY DA 332 -9.66 -11.11 -101.17
N ASP DA 333 -10.05 -10.80 -102.40
CA ASP DA 333 -10.18 -11.81 -103.45
C ASP DA 333 -8.78 -12.19 -103.90
N VAL DA 334 -8.13 -13.05 -103.12
CA VAL DA 334 -6.77 -13.46 -103.41
C VAL DA 334 -6.60 -13.98 -104.82
N SER DA 335 -7.65 -14.52 -105.42
CA SER DA 335 -7.55 -15.22 -106.69
C SER DA 335 -7.47 -14.26 -107.87
N ALA DA 336 -7.27 -12.97 -107.62
CA ALA DA 336 -7.07 -12.05 -108.71
C ALA DA 336 -5.83 -12.51 -109.48
N TYR DA 337 -5.94 -12.54 -110.81
CA TYR DA 337 -4.82 -13.01 -111.62
C TYR DA 337 -3.60 -12.15 -111.36
N ILE DA 338 -3.80 -10.84 -111.28
CA ILE DA 338 -2.73 -9.97 -110.78
C ILE DA 338 -2.33 -10.38 -109.39
N PRO DA 339 -3.24 -10.54 -108.43
CA PRO DA 339 -2.82 -11.15 -107.16
C PRO DA 339 -2.24 -12.53 -107.35
N THR DA 340 -2.81 -13.31 -108.25
CA THR DA 340 -2.20 -14.59 -108.58
C THR DA 340 -0.81 -14.38 -109.14
N ASN DA 341 -0.63 -13.39 -110.01
CA ASN DA 341 0.71 -13.02 -110.42
C ASN DA 341 1.53 -12.58 -109.21
N VAL DA 342 0.94 -11.78 -108.34
CA VAL DA 342 1.63 -11.36 -107.13
C VAL DA 342 2.09 -12.56 -106.32
N ILE DA 343 1.20 -13.53 -106.10
CA ILE DA 343 1.61 -14.77 -105.45
C ILE DA 343 2.70 -15.46 -106.25
N SER DA 344 2.52 -15.58 -107.56
CA SER DA 344 3.55 -16.12 -108.42
C SER DA 344 4.85 -15.34 -108.31
N ILE DA 345 4.76 -14.05 -107.97
CA ILE DA 345 5.93 -13.23 -107.78
C ILE DA 345 6.39 -13.19 -106.33
N THR DA 346 5.49 -12.97 -105.39
CA THR DA 346 5.85 -12.90 -103.99
C THR DA 346 6.37 -14.25 -103.52
N ASP DA 347 7.40 -14.19 -102.67
CA ASP DA 347 7.87 -15.36 -101.96
C ASP DA 347 7.09 -15.62 -100.69
N GLY DA 348 5.85 -15.13 -100.64
CA GLY DA 348 5.05 -15.24 -99.44
C GLY DA 348 4.01 -14.14 -99.43
N GLN DA 349 3.53 -13.82 -98.23
CA GLN DA 349 2.59 -12.71 -98.11
C GLN DA 349 2.56 -12.19 -96.69
N ILE DA 350 2.35 -10.88 -96.54
CA ILE DA 350 2.00 -10.29 -95.26
C ILE DA 350 0.48 -10.36 -95.20
N PHE DA 351 -0.05 -11.52 -94.81
CA PHE DA 351 -1.48 -11.74 -94.76
C PHE DA 351 -2.01 -11.21 -93.44
N LEU DA 352 -3.01 -10.34 -93.51
CA LEU DA 352 -3.56 -9.66 -92.35
C LEU DA 352 -5.02 -10.06 -92.18
N GLU DA 353 -5.32 -10.76 -91.08
CA GLU DA 353 -6.71 -11.06 -90.77
C GLU DA 353 -7.40 -9.78 -90.32
N THR DA 354 -7.98 -9.07 -91.28
CA THR DA 354 -8.68 -7.84 -90.97
C THR DA 354 -9.78 -8.05 -89.95
N GLU DA 355 -10.28 -9.27 -89.84
CA GLU DA 355 -11.11 -9.65 -88.71
C GLU DA 355 -10.41 -9.40 -87.39
N LEU DA 356 -9.12 -9.70 -87.29
CA LEU DA 356 -8.39 -9.29 -86.09
C LEU DA 356 -8.39 -7.78 -85.96
N PHE DA 357 -8.18 -7.07 -87.07
CA PHE DA 357 -8.40 -5.64 -87.05
C PHE DA 357 -9.86 -5.34 -86.74
N TYR DA 358 -10.78 -6.09 -87.34
CA TYR DA 358 -12.17 -6.02 -86.94
C TYR DA 358 -12.37 -6.49 -85.51
N LYS DA 359 -11.51 -7.39 -85.03
CA LYS DA 359 -11.43 -7.69 -83.60
C LYS DA 359 -10.59 -6.67 -82.86
N GLY DA 360 -10.37 -5.51 -83.47
CA GLY DA 360 -9.56 -4.48 -82.86
C GLY DA 360 -8.09 -4.80 -82.78
N ILE DA 361 -7.69 -6.02 -83.11
CA ILE DA 361 -6.28 -6.40 -83.01
C ILE DA 361 -5.56 -5.72 -84.16
N ARG DA 362 -4.91 -4.61 -83.86
CA ARG DA 362 -4.01 -3.95 -84.80
C ARG DA 362 -2.62 -3.93 -84.20
N PRO DA 363 -1.68 -4.71 -84.74
CA PRO DA 363 -1.62 -5.54 -85.95
C PRO DA 363 -2.62 -6.68 -86.01
N ALA DA 364 -2.97 -7.10 -87.23
CA ALA DA 364 -4.03 -8.07 -87.50
C ALA DA 364 -3.60 -9.18 -88.45
N ILE DA 365 -2.35 -9.63 -88.38
CA ILE DA 365 -1.82 -10.53 -89.39
C ILE DA 365 -2.57 -11.84 -89.39
N ASN DA 366 -2.91 -12.32 -90.58
CA ASN DA 366 -3.40 -13.70 -90.76
C ASN DA 366 -2.19 -14.54 -91.08
N VAL DA 367 -1.40 -14.87 -90.06
CA VAL DA 367 -0.13 -15.55 -90.26
C VAL DA 367 -0.31 -16.96 -90.81
N GLY DA 368 -1.53 -17.51 -90.74
CA GLY DA 368 -1.77 -18.79 -91.36
C GLY DA 368 -1.46 -18.76 -92.85
N LEU DA 369 -1.83 -17.67 -93.51
CA LEU DA 369 -1.33 -17.38 -94.84
C LEU DA 369 -0.06 -16.55 -94.82
N SER DA 370 0.10 -15.67 -93.83
CA SER DA 370 1.32 -14.89 -93.74
C SER DA 370 2.45 -15.76 -93.20
N VAL DA 371 3.16 -16.39 -94.14
CA VAL DA 371 4.27 -17.28 -93.81
C VAL DA 371 5.48 -16.83 -94.60
N SER DA 372 6.64 -16.77 -93.95
CA SER DA 372 7.83 -16.22 -94.56
C SER DA 372 8.67 -17.35 -95.12
N ARG DA 373 8.87 -17.35 -96.43
CA ARG DA 373 9.90 -18.18 -97.03
C ARG DA 373 11.28 -17.64 -96.76
N VAL DA 374 11.37 -16.60 -95.93
CA VAL DA 374 12.63 -16.09 -95.43
C VAL DA 374 12.89 -16.72 -94.08
N GLY DA 375 11.89 -16.67 -93.21
CA GLY DA 375 11.90 -17.38 -91.95
C GLY DA 375 13.15 -17.23 -91.10
N SER DA 376 13.64 -18.37 -90.58
CA SER DA 376 14.58 -18.37 -89.47
C SER DA 376 15.86 -17.59 -89.79
N ALA DA 377 16.31 -17.66 -91.04
CA ALA DA 377 17.53 -16.96 -91.41
C ALA DA 377 17.34 -15.45 -91.35
N ALA DA 378 18.39 -14.76 -90.88
CA ALA DA 378 18.48 -13.30 -90.94
C ALA DA 378 17.34 -12.62 -90.17
N GLN DA 379 17.30 -12.84 -88.86
CA GLN DA 379 16.38 -12.17 -87.96
C GLN DA 379 16.88 -12.28 -86.54
N THR DA 380 16.02 -11.93 -85.58
CA THR DA 380 16.38 -12.05 -84.17
C THR DA 380 16.42 -13.52 -83.76
N ARG DA 381 17.60 -13.97 -83.34
CA ARG DA 381 17.77 -15.38 -82.98
C ARG DA 381 17.30 -15.67 -81.56
N ALA DA 382 17.53 -14.75 -80.63
CA ALA DA 382 17.15 -14.99 -79.24
C ALA DA 382 15.65 -15.18 -79.12
N MET DA 383 14.88 -14.34 -79.81
CA MET DA 383 13.45 -14.60 -79.94
C MET DA 383 13.20 -15.90 -80.69
N LYS DA 384 13.97 -16.16 -81.74
CA LYS DA 384 13.85 -17.44 -82.44
C LYS DA 384 14.17 -18.60 -81.50
N GLN DA 385 15.21 -18.44 -80.67
CA GLN DA 385 15.55 -19.47 -79.72
C GLN DA 385 14.47 -19.63 -78.66
N VAL DA 386 14.06 -18.52 -78.04
CA VAL DA 386 13.16 -18.60 -76.89
C VAL DA 386 11.70 -18.50 -77.33
N ALA DA 387 11.30 -17.34 -77.85
CA ALA DA 387 9.91 -17.11 -78.21
C ALA DA 387 9.43 -17.96 -79.36
N GLY DA 388 10.34 -18.62 -80.07
CA GLY DA 388 9.93 -19.53 -81.14
C GLY DA 388 9.00 -20.62 -80.63
N THR DA 389 9.07 -20.90 -79.33
CA THR DA 389 8.08 -21.78 -78.72
C THR DA 389 6.68 -21.21 -78.88
N MET DA 390 6.52 -19.90 -78.69
CA MET DA 390 5.20 -19.29 -78.74
C MET DA 390 4.54 -19.51 -80.11
N LYS DA 391 5.27 -19.24 -81.18
CA LYS DA 391 4.71 -19.43 -82.52
C LYS DA 391 4.33 -20.88 -82.74
N LEU DA 392 5.20 -21.80 -82.32
CA LEU DA 392 4.82 -23.21 -82.34
C LEU DA 392 3.63 -23.46 -81.45
N GLU DA 393 3.64 -22.91 -80.24
CA GLU DA 393 2.46 -22.99 -79.38
C GLU DA 393 1.28 -22.31 -80.04
N LEU DA 394 1.53 -21.20 -80.75
CA LEU DA 394 0.48 -20.55 -81.50
C LEU DA 394 -0.19 -21.53 -82.45
N ALA DA 395 0.60 -22.39 -83.10
CA ALA DA 395 0.04 -23.43 -83.94
C ALA DA 395 -0.89 -24.32 -83.13
N GLN DA 396 -0.45 -24.73 -81.94
CA GLN DA 396 -1.34 -25.46 -81.04
C GLN DA 396 -2.54 -24.61 -80.67
N TYR DA 397 -2.31 -23.33 -80.39
CA TYR DA 397 -3.42 -22.41 -80.22
C TYR DA 397 -4.22 -22.29 -81.50
N ARG DA 398 -3.54 -22.18 -82.64
CA ARG DA 398 -4.24 -22.05 -83.91
C ARG DA 398 -4.72 -23.38 -84.42
N GLU DA 399 -4.36 -24.47 -83.72
CA GLU DA 399 -4.75 -25.80 -84.21
C GLU DA 399 -6.25 -25.99 -84.27
N VAL DA 400 -6.98 -25.78 -83.18
CA VAL DA 400 -8.43 -25.97 -83.14
C VAL DA 400 -9.16 -24.86 -82.41
N ALA DA 401 -8.56 -23.68 -82.22
CA ALA DA 401 -9.17 -22.62 -81.44
C ALA DA 401 -10.60 -22.32 -81.87
N ALA DA 402 -11.01 -22.75 -83.05
CA ALA DA 402 -12.39 -22.67 -83.47
C ALA DA 402 -13.23 -23.82 -82.93
N PHE DA 403 -12.73 -24.53 -81.93
CA PHE DA 403 -13.54 -25.58 -81.31
C PHE DA 403 -14.16 -25.04 -80.03
N ALA DA 404 -15.49 -25.00 -79.99
CA ALA DA 404 -16.20 -24.42 -78.86
C ALA DA 404 -17.31 -25.35 -78.40
N LEU DA 410 -11.04 -25.58 -71.73
CA LEU DA 410 -11.65 -26.84 -71.31
C LEU DA 410 -10.62 -27.94 -71.27
N ASP DA 411 -10.45 -28.63 -72.40
CA ASP DA 411 -9.42 -29.64 -72.52
C ASP DA 411 -8.07 -28.99 -72.24
N ALA DA 412 -7.28 -29.62 -71.37
CA ALA DA 412 -6.13 -28.93 -70.79
C ALA DA 412 -5.14 -28.48 -71.85
N ALA DA 413 -4.72 -29.39 -72.72
CA ALA DA 413 -3.84 -29.00 -73.81
C ALA DA 413 -4.51 -27.95 -74.69
N THR DA 414 -5.78 -28.16 -75.00
CA THR DA 414 -6.57 -27.12 -75.66
C THR DA 414 -6.61 -25.88 -74.78
N GLN DA 415 -6.92 -26.06 -73.50
CA GLN DA 415 -6.87 -24.93 -72.58
C GLN DA 415 -5.46 -24.36 -72.50
N GLN DA 416 -4.44 -25.23 -72.48
CA GLN DA 416 -3.08 -24.76 -72.62
C GLN DA 416 -2.91 -24.06 -73.97
N LEU DA 417 -3.48 -24.63 -75.03
CA LEU DA 417 -3.48 -23.94 -76.32
C LEU DA 417 -4.38 -22.70 -76.27
N LEU DA 418 -5.27 -22.63 -75.27
CA LEU DA 418 -6.17 -21.49 -75.19
C LEU DA 418 -5.64 -20.44 -74.22
N SER DA 419 -5.54 -20.78 -72.94
CA SER DA 419 -5.32 -19.77 -71.91
C SER DA 419 -3.98 -19.07 -72.10
N ARG DA 420 -2.90 -19.84 -72.19
CA ARG DA 420 -1.61 -19.25 -72.53
C ARG DA 420 -1.68 -18.63 -73.91
N GLY DA 421 -2.34 -19.31 -74.85
CA GLY DA 421 -2.53 -18.74 -76.17
C GLY DA 421 -3.34 -17.46 -76.12
N VAL DA 422 -4.34 -17.41 -75.23
CA VAL DA 422 -5.13 -16.21 -75.08
C VAL DA 422 -4.25 -15.04 -74.70
N ARG DA 423 -3.37 -15.23 -73.72
CA ARG DA 423 -2.40 -14.19 -73.38
C ARG DA 423 -1.50 -13.90 -74.57
N LEU DA 424 -1.04 -14.94 -75.26
CA LEU DA 424 -0.31 -14.73 -76.50
C LEU DA 424 -1.18 -14.03 -77.53
N THR DA 425 -2.44 -14.44 -77.64
CA THR DA 425 -3.39 -13.70 -78.45
C THR DA 425 -3.59 -12.30 -77.89
N GLU DA 426 -3.55 -12.16 -76.56
CA GLU DA 426 -3.66 -10.84 -75.96
C GLU DA 426 -2.46 -9.98 -76.31
N LEU DA 427 -1.41 -10.57 -76.84
CA LEU DA 427 -0.27 -9.79 -77.32
C LEU DA 427 -0.46 -9.32 -78.75
N LEU DA 428 -1.56 -9.70 -79.40
CA LEU DA 428 -1.72 -9.44 -80.83
C LEU DA 428 -1.89 -7.96 -81.15
N LYS DA 429 -2.11 -7.11 -80.16
CA LYS DA 429 -2.20 -5.69 -80.44
C LYS DA 429 -0.83 -5.12 -80.79
N GLN DA 430 -0.85 -4.01 -81.50
CA GLN DA 430 0.37 -3.27 -81.81
C GLN DA 430 0.02 -1.79 -81.82
N GLY DA 431 1.01 -0.96 -82.13
CA GLY DA 431 0.82 0.48 -82.02
C GLY DA 431 0.61 1.18 -83.35
N GLN DA 432 -0.13 2.29 -83.31
CA GLN DA 432 -0.36 3.06 -84.52
C GLN DA 432 0.90 3.84 -84.89
N TYR DA 433 1.68 3.27 -85.81
CA TYR DA 433 2.92 3.88 -86.28
C TYR DA 433 3.89 4.14 -85.13
N SER DA 434 4.29 3.06 -84.45
CA SER DA 434 5.22 3.14 -83.32
C SER DA 434 6.29 2.06 -83.44
N PRO DA 435 7.39 2.34 -84.14
CA PRO DA 435 8.46 1.35 -84.25
C PRO DA 435 9.04 0.99 -82.88
N MET DA 436 9.33 -0.29 -82.70
CA MET DA 436 9.81 -0.82 -81.44
C MET DA 436 10.90 -1.87 -81.68
N ALA DA 437 11.82 -1.99 -80.74
CA ALA DA 437 12.92 -2.93 -80.86
C ALA DA 437 12.45 -4.38 -80.76
N ILE DA 438 13.12 -5.28 -81.48
CA ILE DA 438 12.84 -6.70 -81.31
C ILE DA 438 13.19 -7.15 -79.91
N GLU DA 439 14.28 -6.60 -79.36
CA GLU DA 439 14.58 -6.83 -77.95
C GLU DA 439 13.45 -6.30 -77.08
N GLU DA 440 12.94 -5.11 -77.41
CA GLU DA 440 11.73 -4.63 -76.76
C GLU DA 440 10.58 -5.59 -77.02
N GLN DA 441 10.50 -6.13 -78.24
CA GLN DA 441 9.49 -7.14 -78.53
C GLN DA 441 9.71 -8.38 -77.67
N VAL DA 442 10.95 -8.82 -77.54
CA VAL DA 442 11.23 -10.01 -76.74
C VAL DA 442 11.10 -9.70 -75.25
N ALA DA 443 11.12 -8.41 -74.91
CA ALA DA 443 11.20 -8.02 -73.50
C ALA DA 443 10.06 -8.59 -72.68
N VAL DA 444 8.83 -8.13 -72.94
CA VAL DA 444 7.67 -8.73 -72.28
C VAL DA 444 7.53 -10.18 -72.72
N ILE DA 445 8.01 -10.49 -73.94
CA ILE DA 445 7.92 -11.84 -74.47
C ILE DA 445 8.72 -12.82 -73.63
N TYR DA 446 9.55 -12.31 -72.71
CA TYR DA 446 10.26 -13.19 -71.80
C TYR DA 446 9.27 -14.02 -70.98
N ALA DA 447 8.19 -13.39 -70.51
CA ALA DA 447 7.19 -14.12 -69.74
C ALA DA 447 6.40 -15.11 -70.58
N GLY DA 448 6.51 -15.03 -71.90
CA GLY DA 448 5.74 -15.90 -72.77
C GLY DA 448 6.48 -17.14 -73.22
N VAL DA 449 7.73 -16.98 -73.63
CA VAL DA 449 8.52 -18.12 -74.07
C VAL DA 449 8.68 -19.15 -72.96
N ARG DA 450 8.87 -18.70 -71.72
CA ARG DA 450 8.88 -19.61 -70.59
C ARG DA 450 7.47 -20.02 -70.17
N GLY DA 451 6.49 -19.15 -70.33
CA GLY DA 451 5.14 -19.39 -69.90
C GLY DA 451 4.73 -18.71 -68.62
N TYR DA 452 5.28 -17.53 -68.32
CA TYR DA 452 5.06 -16.86 -67.05
C TYR DA 452 3.84 -15.97 -67.05
N LEU DA 453 2.88 -16.21 -67.95
CA LEU DA 453 1.68 -15.40 -67.96
C LEU DA 453 0.39 -16.18 -68.22
N ASP DA 454 0.47 -17.50 -68.36
CA ASP DA 454 -0.75 -18.27 -68.61
C ASP DA 454 -1.73 -18.17 -67.45
N LYS DA 455 -1.25 -18.27 -66.21
CA LYS DA 455 -2.09 -18.02 -65.06
C LYS DA 455 -2.62 -16.61 -65.03
N LEU DA 456 -1.83 -15.64 -65.47
CA LEU DA 456 -2.31 -14.28 -65.61
C LEU DA 456 -3.40 -14.22 -66.66
N GLU DA 457 -4.38 -13.36 -66.44
CA GLU DA 457 -5.44 -13.18 -67.42
C GLU DA 457 -4.84 -12.64 -68.72
N PRO DA 458 -5.29 -13.14 -69.87
CA PRO DA 458 -4.79 -12.56 -71.13
C PRO DA 458 -5.00 -11.06 -71.20
N SER DA 459 -6.18 -10.59 -70.79
CA SER DA 459 -6.41 -9.14 -70.72
C SER DA 459 -5.45 -8.50 -69.73
N LYS DA 460 -5.26 -9.10 -68.56
CA LYS DA 460 -4.24 -8.66 -67.64
C LYS DA 460 -2.83 -8.88 -68.18
N ILE DA 461 -2.66 -9.87 -69.04
CA ILE DA 461 -1.35 -10.09 -69.66
C ILE DA 461 -0.96 -8.87 -70.49
N THR DA 462 -1.89 -8.34 -71.28
CA THR DA 462 -1.63 -7.12 -72.03
C THR DA 462 -1.29 -5.96 -71.10
N LYS DA 463 -2.05 -5.84 -70.00
CA LYS DA 463 -1.76 -4.80 -69.02
C LYS DA 463 -0.38 -5.01 -68.39
N PHE DA 464 -0.06 -6.26 -68.08
CA PHE DA 464 1.22 -6.58 -67.44
C PHE DA 464 2.38 -6.47 -68.42
N GLU DA 465 2.16 -6.86 -69.67
CA GLU DA 465 3.26 -6.93 -70.64
C GLU DA 465 3.91 -5.57 -70.84
N ASN DA 466 3.09 -4.53 -71.03
CA ASN DA 466 3.61 -3.17 -71.08
C ASN DA 466 4.29 -2.82 -69.76
N ALA DA 467 3.67 -3.25 -68.65
CA ALA DA 467 4.27 -3.05 -67.34
C ALA DA 467 5.52 -3.90 -67.18
N PHE DA 468 5.56 -5.06 -67.85
CA PHE DA 468 6.67 -6.00 -67.65
C PHE DA 468 8.00 -5.37 -68.00
N LEU DA 469 8.06 -4.64 -69.11
CA LEU DA 469 9.32 -4.06 -69.55
C LEU DA 469 9.51 -2.63 -69.03
N SER DA 470 8.49 -2.11 -68.32
CA SER DA 470 8.51 -0.70 -67.93
C SER DA 470 9.72 -0.37 -67.07
N HIS DA 471 9.95 -1.14 -66.01
CA HIS DA 471 11.07 -0.87 -65.12
C HIS DA 471 12.36 -1.42 -65.70
N VAL DA 472 12.26 -2.22 -66.76
CA VAL DA 472 13.45 -2.83 -67.35
C VAL DA 472 14.40 -1.76 -67.85
N ILE DA 473 13.84 -0.67 -68.38
CA ILE DA 473 14.67 0.48 -68.71
C ILE DA 473 15.38 1.00 -67.47
N SER DA 474 14.67 1.13 -66.37
CA SER DA 474 15.30 1.44 -65.10
C SER DA 474 16.18 0.28 -64.63
N GLN DA 475 15.84 -0.95 -65.01
CA GLN DA 475 16.54 -2.09 -64.44
C GLN DA 475 17.30 -2.93 -65.47
N HIS DA 476 16.61 -3.50 -66.45
CA HIS DA 476 17.14 -4.65 -67.22
C HIS DA 476 17.85 -4.22 -68.49
N GLN DA 477 18.17 -2.94 -68.67
CA GLN DA 477 18.98 -2.54 -69.80
C GLN DA 477 20.33 -3.24 -69.80
N ALA DA 478 20.93 -3.40 -68.62
CA ALA DA 478 22.09 -4.29 -68.51
C ALA DA 478 21.71 -5.72 -68.83
N LEU DA 479 20.65 -6.22 -68.21
CA LEU DA 479 20.14 -7.54 -68.58
C LEU DA 479 19.85 -7.60 -70.07
N LEU DA 480 19.35 -6.49 -70.63
CA LEU DA 480 19.24 -6.40 -72.08
C LEU DA 480 20.60 -6.56 -72.73
N GLY DA 481 21.61 -5.85 -72.22
CA GLY DA 481 22.93 -5.92 -72.83
C GLY DA 481 23.44 -7.35 -72.92
N LYS DA 482 23.14 -8.17 -71.92
CA LYS DA 482 23.51 -9.58 -71.97
C LYS DA 482 22.98 -10.23 -73.23
N ILE DA 483 21.85 -9.74 -73.74
CA ILE DA 483 21.36 -10.18 -75.04
C ILE DA 483 21.55 -9.09 -76.09
N ARG DA 484 21.37 -7.82 -75.70
CA ARG DA 484 21.49 -6.73 -76.66
C ARG DA 484 22.88 -6.72 -77.28
N THR DA 485 23.91 -6.80 -76.45
CA THR DA 485 25.27 -6.88 -76.97
C THR DA 485 25.55 -8.28 -77.51
N ASP DA 486 25.46 -9.28 -76.65
CA ASP DA 486 25.86 -10.64 -76.99
C ASP DA 486 24.87 -11.22 -77.99
N GLY DA 487 25.38 -11.84 -79.05
CA GLY DA 487 24.49 -12.46 -80.00
C GLY DA 487 24.01 -13.80 -79.48
N LYS DA 488 24.06 -13.94 -78.17
CA LYS DA 488 23.40 -14.97 -77.38
C LYS DA 488 23.59 -14.62 -75.92
N ILE DA 489 22.47 -14.47 -75.21
CA ILE DA 489 22.48 -14.33 -73.76
C ILE DA 489 22.40 -15.74 -73.20
N SER DA 490 23.35 -16.09 -72.34
CA SER DA 490 23.42 -17.43 -71.80
C SER DA 490 22.11 -17.82 -71.12
N GLU DA 491 21.91 -19.13 -70.95
CA GLU DA 491 20.77 -19.61 -70.20
C GLU DA 491 20.72 -18.95 -68.82
N GLU DA 492 21.88 -18.69 -68.24
CA GLU DA 492 21.94 -17.90 -67.02
C GLU DA 492 21.53 -16.46 -67.28
N SER DA 493 22.07 -15.84 -68.34
CA SER DA 493 21.56 -14.54 -68.76
C SER DA 493 20.08 -14.65 -69.12
N ASP DA 494 19.68 -15.77 -69.74
CA ASP DA 494 18.27 -16.07 -69.88
C ASP DA 494 17.62 -16.25 -68.52
N ALA DA 495 18.30 -16.92 -67.59
CA ALA DA 495 17.78 -17.03 -66.24
C ALA DA 495 17.72 -15.66 -65.56
N LYS DA 496 18.77 -14.86 -65.72
CA LYS DA 496 18.70 -13.46 -65.30
C LYS DA 496 17.48 -12.79 -65.90
N LEU DA 497 17.26 -13.02 -67.20
CA LEU DA 497 16.02 -12.61 -67.81
C LEU DA 497 14.83 -13.35 -67.21
N LYS DA 498 14.95 -14.65 -67.00
CA LYS DA 498 13.87 -15.39 -66.34
C LYS DA 498 13.63 -14.83 -64.95
N GLU DA 499 14.71 -14.51 -64.24
CA GLU DA 499 14.59 -13.74 -63.02
C GLU DA 499 13.99 -12.36 -63.30
N ILE DA 500 14.46 -11.71 -64.36
CA ILE DA 500 13.82 -10.46 -64.78
C ILE DA 500 12.38 -10.74 -65.20
N VAL DA 501 12.17 -11.87 -65.89
CA VAL DA 501 10.81 -12.33 -66.13
C VAL DA 501 10.11 -12.59 -64.81
N THR DA 502 10.81 -13.27 -63.89
CA THR DA 502 10.31 -13.37 -62.53
C THR DA 502 10.11 -11.98 -61.94
N ASN DA 503 11.04 -11.07 -62.22
CA ASN DA 503 10.85 -9.68 -61.80
C ASN DA 503 9.71 -9.03 -62.57
N PHE DA 504 9.49 -9.46 -63.81
CA PHE DA 504 8.48 -8.80 -64.66
C PHE DA 504 7.10 -8.91 -64.04
N LEU DA 505 6.69 -10.14 -63.68
CA LEU DA 505 5.39 -10.31 -63.05
C LEU DA 505 5.47 -10.09 -61.55
N ALA DA 506 6.69 -9.89 -61.01
CA ALA DA 506 6.84 -9.72 -59.57
C ALA DA 506 6.04 -8.53 -59.07
N GLY DA 507 5.94 -7.47 -59.87
CA GLY DA 507 5.11 -6.35 -59.51
C GLY DA 507 3.65 -6.66 -59.71
N PHE DA 508 3.19 -7.78 -59.16
CA PHE DA 508 1.82 -8.22 -59.33
C PHE DA 508 0.92 -7.55 -58.29
N LYS EA 2 -4.08 3.12 -148.34
CA LYS EA 2 -4.74 1.99 -147.70
C LYS EA 2 -5.25 1.00 -148.74
N THR EA 3 -4.32 0.42 -149.50
CA THR EA 3 -4.65 -0.53 -150.57
C THR EA 3 -5.14 -1.83 -149.95
N GLY EA 4 -5.74 -2.68 -150.78
CA GLY EA 4 -6.17 -3.98 -150.30
C GLY EA 4 -5.01 -4.89 -149.96
N THR EA 5 -5.31 -6.18 -149.84
CA THR EA 5 -4.32 -7.16 -149.39
C THR EA 5 -3.17 -7.32 -150.39
N ALA EA 6 -3.47 -7.27 -151.69
CA ALA EA 6 -2.46 -7.54 -152.71
C ALA EA 6 -2.39 -6.48 -153.82
N GLU EA 7 -2.50 -5.19 -153.50
CA GLU EA 7 -2.52 -4.12 -154.49
C GLU EA 7 -1.22 -3.32 -154.55
N VAL EA 8 -0.19 -3.75 -153.82
CA VAL EA 8 1.04 -2.97 -153.68
C VAL EA 8 1.78 -2.93 -155.01
N SER EA 9 2.84 -2.12 -155.06
CA SER EA 9 3.71 -2.05 -156.23
C SER EA 9 4.01 -3.42 -156.81
N SER EA 10 4.12 -4.46 -155.97
CA SER EA 10 4.28 -5.82 -156.46
C SER EA 10 3.15 -6.20 -157.41
N ILE EA 11 1.98 -5.61 -157.24
CA ILE EA 11 0.94 -5.64 -158.26
C ILE EA 11 0.79 -4.27 -158.91
N LEU EA 12 0.80 -3.20 -158.11
CA LEU EA 12 0.60 -1.86 -158.65
C LEU EA 12 1.67 -1.49 -159.67
N GLU EA 13 2.94 -1.45 -159.25
CA GLU EA 13 4.01 -1.15 -160.18
C GLU EA 13 4.12 -2.23 -161.25
N GLU EA 14 3.74 -3.46 -160.89
CA GLU EA 14 3.61 -4.50 -161.90
C GLU EA 14 2.55 -4.12 -162.92
N ARG EA 15 1.41 -3.61 -162.44
CA ARG EA 15 0.39 -3.10 -163.36
C ARG EA 15 0.88 -1.82 -164.04
N ILE EA 16 1.60 -0.97 -163.30
CA ILE EA 16 2.17 0.23 -163.90
C ILE EA 16 3.13 -0.13 -165.01
N LEU EA 17 3.91 -1.19 -164.81
CA LEU EA 17 4.75 -1.74 -165.86
C LEU EA 17 3.96 -2.59 -166.86
N GLY EA 18 2.89 -3.23 -166.41
CA GLY EA 18 2.11 -4.08 -167.30
C GLY EA 18 2.92 -5.20 -167.93
N ALA EA 19 3.80 -5.83 -167.15
CA ALA EA 19 4.75 -6.80 -167.67
C ALA EA 19 4.37 -8.24 -167.36
N ASP EA 20 3.53 -8.46 -166.34
CA ASP EA 20 3.10 -9.82 -166.04
C ASP EA 20 1.84 -10.20 -166.79
N THR EA 21 1.64 -9.63 -167.98
CA THR EA 21 0.39 -9.81 -168.72
C THR EA 21 0.04 -11.28 -168.95
N SER EA 22 1.02 -12.13 -169.21
CA SER EA 22 0.71 -13.53 -169.48
C SER EA 22 0.71 -14.35 -168.19
N VAL EA 23 0.92 -13.73 -167.04
CA VAL EA 23 0.98 -14.44 -165.78
C VAL EA 23 -0.40 -15.01 -165.45
N ASP EA 24 -0.42 -15.97 -164.53
CA ASP EA 24 -1.64 -16.68 -164.18
C ASP EA 24 -2.33 -15.97 -163.02
N LEU EA 25 -3.55 -15.50 -163.28
CA LEU EA 25 -4.35 -14.78 -162.30
C LEU EA 25 -5.78 -15.28 -162.28
N GLU EA 26 -6.05 -16.31 -163.08
CA GLU EA 26 -7.39 -16.87 -163.19
C GLU EA 26 -7.55 -18.13 -162.36
N GLU EA 27 -6.68 -19.11 -162.56
CA GLU EA 27 -6.68 -20.33 -161.76
C GLU EA 27 -5.37 -20.48 -161.01
N THR EA 28 -4.66 -19.36 -160.87
CA THR EA 28 -3.38 -19.36 -160.18
C THR EA 28 -3.06 -17.92 -159.78
N GLY EA 29 -2.20 -17.78 -158.79
CA GLY EA 29 -1.80 -16.46 -158.32
C GLY EA 29 -0.34 -16.46 -157.96
N ARG EA 30 -0.01 -15.67 -156.96
CA ARG EA 30 1.33 -15.64 -156.40
C ARG EA 30 1.25 -15.26 -154.93
N VAL EA 31 2.18 -15.78 -154.14
CA VAL EA 31 2.13 -15.57 -152.70
C VAL EA 31 2.50 -14.11 -152.44
N LEU EA 32 1.48 -13.25 -152.27
CA LEU EA 32 1.72 -11.82 -152.23
C LEU EA 32 2.54 -11.42 -151.00
N SER EA 33 2.01 -11.69 -149.81
CA SER EA 33 2.71 -11.31 -148.59
C SER EA 33 2.55 -12.45 -147.60
N ILE EA 34 3.67 -13.05 -147.22
CA ILE EA 34 3.64 -14.25 -146.39
C ILE EA 34 3.26 -13.86 -144.98
N GLY EA 35 2.30 -14.58 -144.42
CA GLY EA 35 1.98 -14.43 -143.02
C GLY EA 35 1.08 -15.55 -142.55
N ASP EA 36 1.50 -16.22 -141.47
CA ASP EA 36 0.73 -17.26 -140.80
C ASP EA 36 0.22 -18.35 -141.75
N GLY EA 37 0.83 -18.49 -142.93
CA GLY EA 37 0.31 -19.38 -143.94
C GLY EA 37 -1.04 -18.96 -144.49
N ILE EA 38 -1.67 -17.94 -143.92
CA ILE EA 38 -2.91 -17.39 -144.41
C ILE EA 38 -2.59 -16.06 -145.06
N ALA EA 39 -2.59 -16.04 -146.38
CA ALA EA 39 -2.24 -14.85 -147.15
C ALA EA 39 -3.25 -14.69 -148.26
N ARG EA 40 -3.35 -13.48 -148.79
CA ARG EA 40 -4.16 -13.21 -149.98
C ARG EA 40 -3.22 -13.08 -151.18
N VAL EA 41 -3.49 -13.86 -152.22
CA VAL EA 41 -2.58 -14.04 -153.33
C VAL EA 41 -3.14 -13.31 -154.55
N HIS EA 42 -2.29 -12.54 -155.22
CA HIS EA 42 -2.68 -11.80 -156.40
C HIS EA 42 -2.83 -12.78 -157.56
N GLY EA 43 -4.08 -13.11 -157.90
CA GLY EA 43 -4.36 -14.01 -158.99
C GLY EA 43 -5.40 -15.06 -158.62
N LEU EA 44 -5.50 -16.09 -159.46
CA LEU EA 44 -6.45 -17.17 -159.29
C LEU EA 44 -7.88 -16.64 -159.23
N ARG EA 45 -8.14 -15.55 -159.96
CA ARG EA 45 -9.47 -14.97 -159.93
C ARG EA 45 -10.51 -15.88 -160.54
N ASN EA 46 -10.30 -16.35 -161.76
CA ASN EA 46 -11.30 -17.15 -162.47
C ASN EA 46 -11.24 -18.62 -162.07
N VAL EA 47 -10.61 -18.93 -160.96
CA VAL EA 47 -10.66 -20.27 -160.39
C VAL EA 47 -11.91 -20.38 -159.55
N GLN EA 48 -12.33 -21.61 -159.27
CA GLN EA 48 -13.48 -21.84 -158.41
C GLN EA 48 -13.06 -21.87 -156.94
N ALA EA 49 -13.89 -21.29 -156.09
CA ALA EA 49 -13.58 -21.23 -154.66
C ALA EA 49 -13.70 -22.60 -154.02
N GLU EA 50 -13.01 -22.77 -152.90
CA GLU EA 50 -12.97 -24.01 -152.13
C GLU EA 50 -12.33 -25.15 -152.90
N GLU EA 51 -11.93 -24.91 -154.14
CA GLU EA 51 -11.30 -25.94 -154.94
C GLU EA 51 -9.88 -26.19 -154.43
N MET EA 52 -9.44 -27.43 -154.58
CA MET EA 52 -8.08 -27.80 -154.21
C MET EA 52 -7.07 -26.94 -154.96
N VAL EA 53 -5.93 -26.69 -154.33
CA VAL EA 53 -4.90 -25.83 -154.89
C VAL EA 53 -3.59 -26.59 -154.94
N GLU EA 54 -2.59 -25.96 -155.55
CA GLU EA 54 -1.24 -26.50 -155.63
C GLU EA 54 -0.28 -25.33 -155.80
N PHE EA 55 0.25 -24.82 -154.69
CA PHE EA 55 1.12 -23.67 -154.75
C PHE EA 55 2.46 -24.03 -155.38
N SER EA 56 3.23 -23.01 -155.74
CA SER EA 56 4.51 -23.19 -156.40
C SER EA 56 5.55 -23.85 -155.51
N SER EA 57 5.20 -24.18 -154.27
CA SER EA 57 6.11 -24.85 -153.36
C SER EA 57 5.53 -26.18 -152.88
N GLY EA 58 4.63 -26.78 -153.67
CA GLY EA 58 3.97 -28.00 -153.26
C GLY EA 58 2.84 -27.80 -152.29
N LEU EA 59 2.64 -26.56 -151.82
CA LEU EA 59 1.54 -26.30 -150.90
C LEU EA 59 0.22 -26.45 -151.61
N LYS EA 60 -0.73 -27.12 -150.94
CA LYS EA 60 -2.04 -27.38 -151.49
C LYS EA 60 -3.11 -27.01 -150.47
N GLY EA 61 -4.26 -26.59 -150.97
CA GLY EA 61 -5.39 -26.28 -150.12
C GLY EA 61 -6.64 -26.09 -150.94
N MET EA 62 -7.76 -25.90 -150.25
CA MET EA 62 -9.04 -25.64 -150.88
C MET EA 62 -9.12 -24.14 -151.12
N SER EA 63 -9.67 -23.74 -152.26
CA SER EA 63 -9.67 -22.33 -152.64
C SER EA 63 -10.60 -21.57 -151.70
N LEU EA 64 -10.17 -21.41 -150.46
CA LEU EA 64 -11.06 -20.98 -149.37
C LEU EA 64 -11.68 -19.63 -149.62
N ASN EA 65 -10.89 -18.57 -149.59
CA ASN EA 65 -11.41 -17.22 -149.60
C ASN EA 65 -11.21 -16.58 -150.96
N LEU EA 66 -12.20 -15.81 -151.40
CA LEU EA 66 -12.11 -15.06 -152.64
C LEU EA 66 -12.65 -13.64 -152.42
N GLU EA 67 -11.78 -12.73 -152.02
CA GLU EA 67 -12.19 -11.35 -152.14
C GLU EA 67 -12.08 -10.92 -153.60
N PRO EA 68 -12.31 -9.64 -153.91
CA PRO EA 68 -12.17 -9.21 -155.30
C PRO EA 68 -10.92 -9.72 -155.96
N ASP EA 69 -9.80 -9.70 -155.22
CA ASP EA 69 -8.65 -10.53 -155.53
C ASP EA 69 -8.02 -11.16 -154.30
N ASN EA 70 -8.36 -10.70 -153.10
CA ASN EA 70 -7.74 -11.21 -151.89
C ASN EA 70 -8.28 -12.61 -151.63
N VAL EA 71 -7.37 -13.55 -151.43
CA VAL EA 71 -7.73 -14.96 -151.31
C VAL EA 71 -6.98 -15.54 -150.14
N GLY EA 72 -7.64 -15.61 -148.98
CA GLY EA 72 -7.05 -16.18 -147.80
C GLY EA 72 -6.50 -17.55 -148.07
N VAL EA 73 -5.18 -17.66 -148.08
CA VAL EA 73 -4.50 -18.89 -148.45
C VAL EA 73 -4.61 -19.86 -147.29
N VAL EA 74 -5.22 -21.01 -147.56
CA VAL EA 74 -5.28 -22.09 -146.60
C VAL EA 74 -4.52 -23.27 -147.20
N VAL EA 75 -3.21 -23.30 -146.98
CA VAL EA 75 -2.39 -24.44 -147.34
C VAL EA 75 -2.27 -25.34 -146.13
N PHE EA 76 -2.36 -26.65 -146.36
CA PHE EA 76 -2.29 -27.62 -145.26
C PHE EA 76 -0.85 -27.77 -144.76
N GLY EA 77 -0.31 -26.66 -144.28
CA GLY EA 77 1.05 -26.65 -143.80
C GLY EA 77 1.56 -25.23 -143.64
N ASN EA 78 2.85 -25.14 -143.34
CA ASN EA 78 3.52 -23.86 -143.14
C ASN EA 78 4.59 -23.65 -144.20
N ASP EA 79 4.83 -22.39 -144.57
CA ASP EA 79 5.76 -22.04 -145.64
C ASP EA 79 6.90 -21.14 -145.17
N LYS EA 80 7.37 -21.31 -143.92
CA LYS EA 80 8.44 -20.45 -143.41
C LYS EA 80 9.66 -20.45 -144.32
N LEU EA 81 10.04 -21.60 -144.85
CA LEU EA 81 11.15 -21.67 -145.78
C LEU EA 81 10.78 -21.22 -147.18
N ILE EA 82 9.50 -21.15 -147.51
CA ILE EA 82 9.09 -20.73 -148.84
C ILE EA 82 9.35 -19.25 -149.01
N LYS EA 83 9.33 -18.78 -150.24
CA LYS EA 83 9.65 -17.39 -150.57
C LYS EA 83 8.37 -16.64 -150.91
N GLU EA 84 8.25 -15.44 -150.33
CA GLU EA 84 7.15 -14.55 -150.69
C GLU EA 84 7.18 -14.29 -152.19
N GLY EA 85 6.02 -14.31 -152.81
CA GLY EA 85 5.92 -14.30 -154.25
C GLY EA 85 5.75 -15.66 -154.87
N ASP EA 86 5.74 -16.72 -154.06
CA ASP EA 86 5.52 -18.07 -154.59
C ASP EA 86 4.21 -18.12 -155.36
N ILE EA 87 4.29 -18.64 -156.57
CA ILE EA 87 3.16 -18.60 -157.50
C ILE EA 87 2.05 -19.47 -156.94
N VAL EA 88 0.99 -18.82 -156.46
CA VAL EA 88 -0.22 -19.52 -156.05
C VAL EA 88 -0.82 -20.15 -157.29
N LYS EA 89 -1.22 -21.40 -157.20
CA LYS EA 89 -1.82 -22.11 -158.32
C LYS EA 89 -2.90 -23.06 -157.83
N ARG EA 90 -4.12 -22.87 -158.33
CA ARG EA 90 -5.16 -23.82 -158.02
C ARG EA 90 -4.82 -25.17 -158.64
N THR EA 91 -5.29 -26.23 -157.98
CA THR EA 91 -5.10 -27.57 -158.49
C THR EA 91 -6.08 -27.96 -159.57
N GLY EA 92 -7.09 -27.12 -159.83
CA GLY EA 92 -7.98 -27.29 -160.95
C GLY EA 92 -9.23 -28.09 -160.67
N ALA EA 93 -9.34 -28.71 -159.49
CA ALA EA 93 -10.50 -29.52 -159.16
C ALA EA 93 -10.96 -29.22 -157.74
N ILE EA 94 -12.26 -29.43 -157.49
CA ILE EA 94 -12.77 -29.35 -156.13
C ILE EA 94 -12.12 -30.45 -155.30
N VAL EA 95 -11.92 -30.17 -154.02
CA VAL EA 95 -11.24 -31.11 -153.14
C VAL EA 95 -12.01 -32.42 -153.11
N ASP EA 96 -11.28 -33.52 -153.25
CA ASP EA 96 -11.87 -34.85 -153.15
C ASP EA 96 -10.93 -35.75 -152.35
N VAL EA 97 -11.51 -36.61 -151.53
CA VAL EA 97 -10.74 -37.50 -150.68
C VAL EA 97 -11.25 -38.92 -150.85
N PRO EA 98 -10.41 -39.93 -150.62
CA PRO EA 98 -10.82 -41.31 -150.88
C PRO EA 98 -12.02 -41.71 -150.03
N VAL EA 99 -12.82 -42.62 -150.60
CA VAL EA 99 -14.05 -43.10 -149.97
C VAL EA 99 -14.23 -44.59 -150.32
N GLY EA 100 -14.94 -45.31 -149.45
CA GLY EA 100 -15.30 -46.69 -149.69
C GLY EA 100 -14.96 -47.54 -148.48
N GLU EA 101 -14.92 -48.85 -148.71
CA GLU EA 101 -14.50 -49.81 -147.69
C GLU EA 101 -13.06 -50.26 -147.87
N GLU EA 102 -12.37 -49.77 -148.90
CA GLU EA 102 -11.02 -50.26 -149.20
C GLU EA 102 -9.97 -49.68 -148.28
N LEU EA 103 -10.11 -48.41 -147.88
CA LEU EA 103 -9.10 -47.78 -147.04
C LEU EA 103 -9.03 -48.44 -145.67
N LEU EA 104 -10.05 -49.24 -145.33
CA LEU EA 104 -10.02 -50.02 -144.09
C LEU EA 104 -8.79 -50.91 -144.06
N GLY EA 105 -8.12 -50.93 -142.92
CA GLY EA 105 -6.84 -51.59 -142.82
C GLY EA 105 -5.65 -50.68 -143.02
N ARG EA 106 -5.85 -49.52 -143.65
CA ARG EA 106 -4.81 -48.55 -143.86
C ARG EA 106 -5.07 -47.31 -143.01
N VAL EA 107 -4.15 -47.02 -142.10
CA VAL EA 107 -4.29 -45.86 -141.21
C VAL EA 107 -4.05 -44.65 -142.10
N VAL EA 108 -5.15 -44.06 -142.56
CA VAL EA 108 -5.10 -43.15 -143.69
C VAL EA 108 -5.17 -41.70 -143.23
N ASP EA 109 -4.56 -40.82 -144.02
CA ASP EA 109 -4.59 -39.38 -143.81
C ASP EA 109 -5.60 -38.72 -144.74
N ALA EA 110 -5.58 -37.39 -144.77
CA ALA EA 110 -6.63 -36.64 -145.46
C ALA EA 110 -6.46 -36.68 -146.98
N LEU EA 111 -5.23 -36.81 -147.47
CA LEU EA 111 -4.95 -36.79 -148.90
C LEU EA 111 -5.40 -38.06 -149.61
N GLY EA 112 -6.16 -38.93 -148.95
CA GLY EA 112 -6.46 -40.22 -149.49
C GLY EA 112 -5.36 -41.24 -149.31
N ASN EA 113 -4.35 -40.93 -148.50
CA ASN EA 113 -3.19 -41.79 -148.29
C ASN EA 113 -3.06 -42.09 -146.80
N ALA EA 114 -2.11 -42.96 -146.44
CA ALA EA 114 -1.95 -43.39 -145.06
C ALA EA 114 -1.53 -42.22 -144.17
N ILE EA 115 -1.87 -42.29 -142.89
CA ILE EA 115 -1.53 -41.24 -141.92
C ILE EA 115 -0.37 -41.65 -141.03
N ASP EA 116 -0.45 -42.84 -140.43
CA ASP EA 116 0.63 -43.32 -139.58
C ASP EA 116 1.65 -44.15 -140.34
N GLY EA 117 1.40 -44.39 -141.64
CA GLY EA 117 2.32 -45.18 -142.43
C GLY EA 117 1.83 -46.57 -142.77
N LYS EA 118 0.54 -46.74 -143.02
CA LYS EA 118 -0.01 -48.04 -143.39
C LYS EA 118 0.04 -48.29 -144.90
N GLY EA 119 0.95 -47.63 -145.60
CA GLY EA 119 1.11 -47.84 -147.02
C GLY EA 119 0.00 -47.20 -147.80
N PRO EA 120 0.21 -47.03 -149.10
CA PRO EA 120 -0.87 -46.48 -149.94
C PRO EA 120 -2.05 -47.43 -149.95
N ILE EA 121 -3.17 -46.94 -149.42
CA ILE EA 121 -4.43 -47.69 -149.47
C ILE EA 121 -4.88 -47.78 -150.92
N GLY EA 122 -5.91 -48.56 -151.18
CA GLY EA 122 -6.42 -48.68 -152.53
C GLY EA 122 -7.12 -47.42 -152.97
N SER EA 123 -6.45 -46.28 -152.86
CA SER EA 123 -7.06 -45.01 -153.20
C SER EA 123 -7.07 -44.81 -154.71
N LYS EA 124 -8.27 -44.92 -155.29
CA LYS EA 124 -8.49 -44.69 -156.71
C LYS EA 124 -9.63 -43.73 -156.99
N ALA EA 125 -10.71 -43.81 -156.23
CA ALA EA 125 -11.82 -42.88 -156.34
C ALA EA 125 -11.91 -42.04 -155.08
N ARG EA 126 -11.52 -40.77 -155.20
CA ARG EA 126 -11.56 -39.86 -154.08
C ARG EA 126 -12.88 -39.10 -154.13
N ARG EA 127 -13.68 -39.25 -153.09
CA ARG EA 127 -15.03 -38.72 -153.08
C ARG EA 127 -14.99 -37.21 -153.10
N ARG EA 128 -15.76 -36.62 -154.01
CA ARG EA 128 -15.89 -35.18 -154.07
C ARG EA 128 -16.39 -34.64 -152.74
N VAL EA 129 -15.78 -33.54 -152.29
CA VAL EA 129 -16.13 -32.96 -151.00
C VAL EA 129 -17.63 -32.69 -150.93
N GLY EA 130 -18.30 -32.64 -152.08
CA GLY EA 130 -19.72 -32.41 -152.11
C GLY EA 130 -20.56 -33.58 -151.66
N LEU EA 131 -20.52 -33.89 -150.36
CA LEU EA 131 -21.43 -34.85 -149.76
C LEU EA 131 -22.40 -34.12 -148.83
N LYS EA 132 -23.52 -33.70 -149.40
CA LYS EA 132 -24.53 -32.98 -148.61
C LYS EA 132 -25.45 -33.96 -147.91
N ALA EA 133 -26.56 -33.44 -147.39
CA ALA EA 133 -27.49 -34.23 -146.60
C ALA EA 133 -28.13 -35.35 -147.41
N PRO EA 134 -28.33 -36.52 -146.80
CA PRO EA 134 -29.04 -37.61 -147.49
C PRO EA 134 -30.51 -37.30 -147.67
N GLY EA 135 -31.13 -37.88 -148.69
CA GLY EA 135 -32.53 -37.64 -148.99
C GLY EA 135 -33.46 -38.57 -148.22
N ILE EA 136 -34.75 -38.26 -148.30
CA ILE EA 136 -35.75 -39.09 -147.65
C ILE EA 136 -35.75 -40.49 -148.25
N ILE EA 137 -35.73 -40.58 -149.57
CA ILE EA 137 -35.68 -41.87 -150.27
C ILE EA 137 -34.31 -42.49 -150.03
N PRO EA 138 -33.26 -41.70 -149.86
CA PRO EA 138 -31.93 -42.30 -149.64
C PRO EA 138 -31.84 -43.13 -148.39
N ARG EA 139 -32.64 -42.83 -147.37
CA ARG EA 139 -32.51 -43.51 -146.10
C ARG EA 139 -33.56 -44.61 -145.99
N ILE EA 140 -33.16 -45.69 -145.32
CA ILE EA 140 -34.05 -46.79 -144.95
C ILE EA 140 -34.20 -46.76 -143.44
N SER EA 141 -34.94 -47.73 -142.92
CA SER EA 141 -35.18 -47.79 -141.49
C SER EA 141 -33.88 -47.86 -140.73
N VAL EA 142 -33.82 -47.12 -139.63
CA VAL EA 142 -32.71 -47.25 -138.68
C VAL EA 142 -33.05 -48.41 -137.76
N ARG EA 143 -32.78 -49.60 -138.22
CA ARG EA 143 -33.19 -50.78 -137.45
C ARG EA 143 -32.02 -51.69 -137.14
N GLU EA 144 -30.94 -51.58 -137.90
CA GLU EA 144 -29.80 -52.41 -137.60
C GLU EA 144 -29.26 -52.07 -136.21
N PRO EA 145 -29.24 -53.03 -135.30
CA PRO EA 145 -28.74 -52.74 -133.94
C PRO EA 145 -27.22 -52.73 -133.91
N MET EA 146 -26.68 -51.67 -133.32
CA MET EA 146 -25.24 -51.45 -133.26
C MET EA 146 -24.67 -52.37 -132.17
N GLN EA 147 -24.02 -53.45 -132.59
CA GLN EA 147 -23.45 -54.42 -131.66
C GLN EA 147 -22.09 -53.91 -131.18
N THR EA 148 -22.09 -52.88 -130.34
CA THR EA 148 -20.85 -52.42 -129.74
C THR EA 148 -20.41 -53.33 -128.61
N GLY EA 149 -21.31 -54.18 -128.13
CA GLY EA 149 -20.95 -55.12 -127.10
C GLY EA 149 -20.81 -54.54 -125.71
N ILE EA 150 -21.01 -53.24 -125.55
CA ILE EA 150 -20.86 -52.56 -124.27
C ILE EA 150 -22.08 -52.89 -123.43
N LYS EA 151 -21.96 -52.68 -122.11
CA LYS EA 151 -22.98 -53.15 -121.17
C LYS EA 151 -24.39 -52.79 -121.60
N ALA EA 152 -24.71 -51.49 -121.62
CA ALA EA 152 -26.02 -51.08 -122.10
C ALA EA 152 -26.11 -51.16 -123.61
N VAL EA 153 -25.03 -50.80 -124.30
CA VAL EA 153 -25.08 -50.69 -125.75
C VAL EA 153 -25.56 -52.00 -126.35
N ASP EA 154 -24.97 -53.11 -125.94
CA ASP EA 154 -25.51 -54.40 -126.35
C ASP EA 154 -26.88 -54.66 -125.73
N SER EA 155 -27.07 -54.32 -124.45
CA SER EA 155 -28.32 -54.65 -123.78
C SER EA 155 -29.31 -53.49 -123.80
N LEU EA 156 -28.98 -52.41 -123.10
CA LEU EA 156 -29.94 -51.34 -122.86
C LEU EA 156 -29.81 -50.18 -123.82
N VAL EA 157 -28.74 -50.12 -124.61
CA VAL EA 157 -28.51 -48.97 -125.47
C VAL EA 157 -28.20 -49.45 -126.88
N PRO EA 158 -28.93 -50.42 -127.40
CA PRO EA 158 -28.83 -50.71 -128.84
C PRO EA 158 -29.60 -49.67 -129.64
N ILE EA 159 -29.06 -49.33 -130.80
CA ILE EA 159 -29.58 -48.23 -131.62
C ILE EA 159 -29.70 -48.73 -133.05
N GLY EA 160 -30.51 -48.03 -133.86
CA GLY EA 160 -30.74 -48.42 -135.23
C GLY EA 160 -29.61 -48.02 -136.16
N ARG EA 161 -29.86 -48.22 -137.45
CA ARG EA 161 -28.87 -48.00 -138.49
C ARG EA 161 -28.61 -46.50 -138.65
N GLY EA 162 -27.34 -46.10 -138.63
CA GLY EA 162 -26.95 -44.74 -138.95
C GLY EA 162 -27.10 -43.73 -137.83
N GLN EA 163 -26.47 -43.94 -136.68
CA GLN EA 163 -26.70 -43.13 -135.49
C GLN EA 163 -25.86 -41.86 -135.53
N ARG EA 164 -26.49 -40.73 -135.17
CA ARG EA 164 -25.79 -39.48 -134.90
C ARG EA 164 -26.12 -39.05 -133.47
N GLU EA 165 -25.44 -39.65 -132.50
CA GLU EA 165 -25.65 -39.34 -131.09
C GLU EA 165 -24.57 -38.38 -130.60
N LEU EA 166 -24.51 -38.16 -129.29
CA LEU EA 166 -23.43 -37.37 -128.71
C LEU EA 166 -22.74 -38.21 -127.65
N ILE EA 167 -21.47 -38.53 -127.88
CA ILE EA 167 -20.68 -39.34 -126.95
C ILE EA 167 -19.88 -38.38 -126.09
N ILE EA 168 -20.14 -38.38 -124.79
CA ILE EA 168 -19.50 -37.47 -123.84
C ILE EA 168 -18.96 -38.28 -122.66
N GLY EA 169 -17.68 -38.10 -122.37
CA GLY EA 169 -17.06 -38.72 -121.21
C GLY EA 169 -15.85 -37.91 -120.82
N ASP EA 170 -15.56 -37.92 -119.52
CA ASP EA 170 -14.58 -36.99 -119.00
C ASP EA 170 -13.18 -37.30 -119.55
N ARG EA 171 -12.27 -36.35 -119.36
CA ARG EA 171 -10.94 -36.44 -119.92
C ARG EA 171 -10.20 -37.66 -119.40
N GLN EA 172 -9.84 -38.56 -120.32
CA GLN EA 172 -9.22 -39.84 -119.97
C GLN EA 172 -10.10 -40.58 -118.97
N THR EA 173 -11.41 -40.44 -119.15
CA THR EA 173 -12.38 -41.19 -118.37
C THR EA 173 -13.11 -42.25 -119.15
N GLY EA 174 -12.47 -42.89 -120.12
CA GLY EA 174 -13.15 -43.92 -120.87
C GLY EA 174 -13.96 -43.35 -122.01
N LYS EA 175 -13.95 -42.03 -122.16
CA LYS EA 175 -14.70 -41.41 -123.23
C LYS EA 175 -14.27 -41.96 -124.59
N THR EA 176 -12.96 -41.89 -124.87
CA THR EA 176 -12.45 -42.63 -126.01
C THR EA 176 -12.43 -44.12 -125.72
N SER EA 177 -11.99 -44.50 -124.52
CA SER EA 177 -11.72 -45.90 -124.22
C SER EA 177 -12.98 -46.75 -124.37
N ILE EA 178 -14.15 -46.12 -124.28
CA ILE EA 178 -15.40 -46.87 -124.48
C ILE EA 178 -15.43 -47.47 -125.88
N ALA EA 179 -14.83 -46.78 -126.85
CA ALA EA 179 -14.90 -47.24 -128.24
C ALA EA 179 -14.22 -48.59 -128.41
N ILE EA 180 -13.27 -48.92 -127.53
CA ILE EA 180 -12.57 -50.19 -127.65
C ILE EA 180 -13.54 -51.36 -127.56
N ASP EA 181 -14.52 -51.29 -126.66
CA ASP EA 181 -15.52 -52.34 -126.57
C ASP EA 181 -16.29 -52.49 -127.87
N THR EA 182 -16.74 -51.36 -128.43
CA THR EA 182 -17.29 -51.39 -129.78
C THR EA 182 -16.27 -51.94 -130.75
N ILE EA 183 -15.04 -51.43 -130.70
CA ILE EA 183 -13.97 -51.94 -131.55
C ILE EA 183 -13.80 -53.43 -131.31
N ILE EA 184 -13.86 -53.86 -130.04
CA ILE EA 184 -13.81 -55.28 -129.75
C ILE EA 184 -15.00 -56.00 -130.39
N ASN EA 185 -16.20 -55.46 -130.25
CA ASN EA 185 -17.36 -56.12 -130.83
C ASN EA 185 -17.44 -55.89 -132.34
N GLN EA 186 -17.20 -54.65 -132.78
CA GLN EA 186 -17.38 -54.33 -134.20
C GLN EA 186 -16.35 -55.04 -135.06
N LYS EA 187 -15.06 -54.90 -134.73
CA LYS EA 187 -14.01 -55.38 -135.62
C LYS EA 187 -14.11 -56.88 -135.84
N ARG EA 188 -14.31 -57.65 -134.76
CA ARG EA 188 -14.54 -59.07 -134.91
C ARG EA 188 -15.80 -59.33 -135.72
N PHE EA 189 -16.87 -58.58 -135.44
CA PHE EA 189 -18.05 -58.64 -136.30
C PHE EA 189 -17.74 -58.08 -137.68
N ASN EA 190 -16.99 -56.98 -137.73
CA ASN EA 190 -16.45 -56.51 -139.00
C ASN EA 190 -15.60 -57.60 -139.65
N ASP EA 191 -14.87 -58.37 -138.84
CA ASP EA 191 -14.22 -59.59 -139.30
C ASP EA 191 -15.26 -60.69 -139.40
N GLY EA 192 -16.28 -60.41 -140.21
CA GLY EA 192 -17.43 -61.29 -140.31
C GLY EA 192 -18.27 -60.89 -141.51
N THR EA 193 -19.44 -61.52 -141.60
CA THR EA 193 -20.36 -61.26 -142.70
C THR EA 193 -21.75 -60.82 -142.25
N ASP EA 194 -21.95 -60.52 -140.96
CA ASP EA 194 -23.27 -60.14 -140.45
C ASP EA 194 -23.66 -58.80 -141.06
N GLU EA 195 -24.65 -58.85 -141.95
CA GLU EA 195 -25.00 -57.71 -142.78
C GLU EA 195 -25.20 -56.43 -141.98
N LYS EA 196 -25.87 -56.52 -140.83
CA LYS EA 196 -25.99 -55.38 -139.94
C LYS EA 196 -24.82 -55.24 -138.97
N LYS EA 197 -23.93 -56.24 -138.91
CA LYS EA 197 -22.83 -56.21 -137.95
C LYS EA 197 -21.45 -56.33 -138.60
N LYS EA 198 -21.37 -56.66 -139.89
CA LYS EA 198 -20.07 -56.72 -140.56
C LYS EA 198 -19.92 -55.54 -141.52
N LEU EA 199 -18.80 -54.82 -141.38
CA LEU EA 199 -18.54 -53.65 -142.19
C LEU EA 199 -17.09 -53.21 -142.05
N TYR EA 200 -16.59 -52.53 -143.07
CA TYR EA 200 -15.37 -51.76 -142.96
C TYR EA 200 -15.74 -50.36 -142.46
N CYS EA 201 -15.18 -49.97 -141.33
CA CYS EA 201 -15.65 -48.79 -140.61
C CYS EA 201 -14.74 -47.58 -140.87
N ILE EA 202 -15.07 -46.48 -140.20
CA ILE EA 202 -14.33 -45.22 -140.34
C ILE EA 202 -14.32 -44.52 -138.99
N TYR EA 203 -13.22 -43.83 -138.68
CA TYR EA 203 -13.03 -43.14 -137.40
C TYR EA 203 -12.04 -41.99 -137.60
N VAL EA 204 -12.04 -41.05 -136.65
CA VAL EA 204 -11.11 -39.92 -136.65
C VAL EA 204 -10.58 -39.73 -135.24
N ALA EA 205 -9.25 -39.80 -135.08
CA ALA EA 205 -8.59 -39.66 -133.78
C ALA EA 205 -7.87 -38.31 -133.74
N ILE EA 206 -8.52 -37.32 -133.16
CA ILE EA 206 -8.03 -35.93 -133.19
C ILE EA 206 -7.68 -35.52 -131.77
N GLY EA 207 -6.56 -34.82 -131.62
CA GLY EA 207 -6.16 -34.29 -130.34
C GLY EA 207 -6.00 -35.36 -129.29
N GLN EA 208 -5.68 -36.57 -129.72
CA GLN EA 208 -5.49 -37.71 -128.84
C GLN EA 208 -4.02 -38.09 -128.81
N LYS EA 209 -3.57 -38.59 -127.67
CA LYS EA 209 -2.17 -38.99 -127.54
C LYS EA 209 -1.81 -39.98 -128.63
N ARG EA 210 -0.91 -39.55 -129.52
CA ARG EA 210 -0.56 -40.38 -130.67
C ARG EA 210 0.09 -41.69 -130.23
N SER EA 211 0.95 -41.66 -129.21
CA SER EA 211 1.51 -42.89 -128.69
C SER EA 211 0.42 -43.78 -128.12
N THR EA 212 -0.52 -43.20 -127.37
CA THR EA 212 -1.71 -43.94 -127.00
C THR EA 212 -2.49 -44.35 -128.24
N VAL EA 213 -2.60 -43.43 -129.20
CA VAL EA 213 -3.21 -43.79 -130.48
C VAL EA 213 -2.39 -44.88 -131.16
N ALA EA 214 -1.06 -44.81 -131.04
CA ALA EA 214 -0.22 -45.91 -131.49
C ALA EA 214 -0.46 -47.15 -130.62
N GLN EA 215 -0.56 -46.96 -129.30
CA GLN EA 215 -1.03 -48.06 -128.46
C GLN EA 215 -2.44 -48.47 -128.84
N LEU EA 216 -3.28 -47.49 -129.21
CA LEU EA 216 -4.56 -47.80 -129.80
C LEU EA 216 -4.39 -48.44 -131.17
N VAL EA 217 -3.44 -47.93 -131.96
CA VAL EA 217 -3.09 -48.62 -133.21
C VAL EA 217 -2.62 -50.03 -132.88
N LYS EA 218 -1.82 -50.17 -131.83
CA LYS EA 218 -1.53 -51.50 -131.30
C LYS EA 218 -2.81 -52.18 -130.85
N ARG EA 219 -3.68 -51.43 -130.15
CA ARG EA 219 -4.94 -52.00 -129.70
C ARG EA 219 -5.86 -52.31 -130.86
N LEU EA 220 -6.06 -51.35 -131.78
CA LEU EA 220 -6.91 -51.59 -132.93
C LEU EA 220 -6.39 -52.76 -133.76
N THR EA 221 -5.08 -52.85 -133.93
CA THR EA 221 -4.52 -54.05 -134.52
C THR EA 221 -4.76 -55.26 -133.62
N ASP EA 222 -4.56 -55.11 -132.31
CA ASP EA 222 -4.86 -56.20 -131.39
C ASP EA 222 -6.35 -56.52 -131.40
N ALA EA 223 -7.20 -55.49 -131.53
CA ALA EA 223 -8.63 -55.68 -131.62
C ALA EA 223 -9.10 -56.00 -133.02
N ASP EA 224 -8.17 -56.08 -133.98
CA ASP EA 224 -8.49 -56.22 -135.40
C ASP EA 224 -9.33 -55.03 -135.84
N ALA EA 225 -9.30 -53.96 -135.05
CA ALA EA 225 -10.06 -52.75 -135.34
C ALA EA 225 -9.36 -51.88 -136.37
N MET EA 226 -8.18 -52.28 -136.82
CA MET EA 226 -7.54 -51.64 -137.95
C MET EA 226 -8.06 -52.15 -139.28
N LYS EA 227 -8.29 -53.46 -139.40
CA LYS EA 227 -8.59 -54.08 -140.69
C LYS EA 227 -9.88 -53.58 -141.32
N TYR EA 228 -11.00 -53.61 -140.61
CA TYR EA 228 -12.27 -53.20 -141.18
C TYR EA 228 -12.75 -51.91 -140.55
N THR EA 229 -11.83 -50.99 -140.32
CA THR EA 229 -12.15 -49.65 -139.86
C THR EA 229 -11.10 -48.68 -140.38
N ILE EA 230 -11.49 -47.41 -140.54
CA ILE EA 230 -10.58 -46.37 -141.00
C ILE EA 230 -10.38 -45.37 -139.87
N VAL EA 231 -9.18 -44.81 -139.80
CA VAL EA 231 -8.86 -43.86 -138.74
C VAL EA 231 -8.03 -42.71 -139.30
N VAL EA 232 -8.65 -41.54 -139.42
CA VAL EA 232 -7.95 -40.33 -139.84
C VAL EA 232 -7.18 -39.82 -138.64
N SER EA 233 -5.85 -40.01 -138.64
CA SER EA 233 -5.00 -39.71 -137.51
C SER EA 233 -4.77 -38.19 -137.49
N ALA EA 234 -4.99 -37.59 -136.32
CA ALA EA 234 -4.86 -36.14 -136.12
C ALA EA 234 -4.25 -35.86 -134.76
N THR EA 235 -3.01 -35.40 -134.76
CA THR EA 235 -2.29 -35.04 -133.55
C THR EA 235 -2.20 -33.53 -133.40
N ALA EA 236 -1.41 -33.09 -132.41
CA ALA EA 236 -1.17 -31.66 -132.23
C ALA EA 236 -0.48 -31.06 -133.44
N SER EA 237 0.42 -31.82 -134.08
CA SER EA 237 1.15 -31.32 -135.24
C SER EA 237 0.24 -31.11 -136.45
N ASP EA 238 -0.99 -31.60 -136.41
CA ASP EA 238 -1.87 -31.53 -137.57
C ASP EA 238 -2.19 -30.08 -137.91
N ALA EA 239 -2.08 -29.76 -139.20
CA ALA EA 239 -2.61 -28.50 -139.69
C ALA EA 239 -4.11 -28.46 -139.40
N ALA EA 240 -4.55 -27.36 -138.79
CA ALA EA 240 -5.93 -27.30 -138.31
C ALA EA 240 -6.95 -27.51 -139.42
N PRO EA 241 -6.89 -26.81 -140.54
CA PRO EA 241 -7.81 -27.16 -141.65
C PRO EA 241 -7.64 -28.58 -142.11
N LEU EA 242 -6.40 -29.06 -142.19
CA LEU EA 242 -6.17 -30.47 -142.42
C LEU EA 242 -6.72 -31.29 -141.27
N GLN EA 243 -6.48 -30.85 -140.03
CA GLN EA 243 -7.16 -31.46 -138.91
C GLN EA 243 -8.67 -31.32 -139.05
N TYR EA 244 -9.14 -30.15 -139.48
CA TYR EA 244 -10.55 -30.02 -139.82
C TYR EA 244 -10.92 -30.91 -140.99
N LEU EA 245 -10.01 -31.09 -141.94
CA LEU EA 245 -10.28 -31.93 -143.11
C LEU EA 245 -10.50 -33.39 -142.76
N ALA EA 246 -9.72 -33.93 -141.81
CA ALA EA 246 -9.84 -35.35 -141.48
C ALA EA 246 -11.26 -35.73 -141.12
N PRO EA 247 -11.98 -34.97 -140.29
CA PRO EA 247 -13.40 -35.28 -140.09
C PRO EA 247 -14.22 -35.17 -141.36
N TYR EA 248 -13.98 -34.13 -142.16
CA TYR EA 248 -14.61 -34.09 -143.48
C TYR EA 248 -14.12 -35.22 -144.35
N SER EA 249 -12.81 -35.53 -144.30
CA SER EA 249 -12.32 -36.75 -144.91
C SER EA 249 -12.98 -37.96 -144.28
N GLY EA 250 -13.16 -37.92 -142.96
CA GLY EA 250 -13.99 -38.92 -142.31
C GLY EA 250 -15.42 -38.86 -142.80
N CYS EA 251 -15.96 -37.66 -143.00
CA CYS EA 251 -17.29 -37.54 -143.59
C CYS EA 251 -17.33 -38.16 -144.97
N SER EA 252 -16.17 -38.29 -145.61
CA SER EA 252 -16.08 -39.01 -146.88
C SER EA 252 -15.61 -40.45 -146.68
N MET EA 253 -15.01 -40.75 -145.52
CA MET EA 253 -14.28 -42.01 -145.36
C MET EA 253 -15.15 -43.23 -145.55
N GLY EA 254 -16.39 -43.23 -145.02
CA GLY EA 254 -17.21 -44.42 -145.07
C GLY EA 254 -18.50 -44.27 -145.86
N GLU EA 255 -18.86 -43.03 -146.21
CA GLU EA 255 -20.17 -42.77 -146.81
C GLU EA 255 -20.40 -43.56 -148.09
N TYR EA 256 -19.34 -43.74 -148.90
CA TYR EA 256 -19.48 -44.50 -150.14
C TYR EA 256 -19.92 -45.93 -149.84
N PHE EA 257 -19.30 -46.56 -148.84
CA PHE EA 257 -19.81 -47.84 -148.36
C PHE EA 257 -21.26 -47.71 -147.92
N ARG EA 258 -21.56 -46.67 -147.12
CA ARG EA 258 -22.95 -46.39 -146.81
C ARG EA 258 -23.74 -46.03 -148.07
N ASP EA 259 -23.11 -45.33 -149.01
CA ASP EA 259 -23.76 -44.97 -150.27
C ASP EA 259 -23.92 -46.15 -151.22
N ASN EA 260 -23.35 -47.31 -150.89
CA ASN EA 260 -23.44 -48.48 -151.76
C ASN EA 260 -24.16 -49.64 -151.07
N GLY EA 261 -24.74 -49.38 -149.90
CA GLY EA 261 -25.39 -50.43 -149.17
C GLY EA 261 -24.53 -51.17 -148.18
N LYS EA 262 -23.21 -50.97 -148.23
CA LYS EA 262 -22.34 -51.52 -147.21
C LYS EA 262 -22.54 -50.75 -145.91
N HIS EA 263 -22.55 -51.49 -144.81
CA HIS EA 263 -22.72 -50.89 -143.50
C HIS EA 263 -21.53 -49.97 -143.26
N ALA EA 264 -21.79 -48.79 -142.72
CA ALA EA 264 -20.75 -47.83 -142.41
C ALA EA 264 -21.09 -47.12 -141.11
N LEU EA 265 -20.06 -46.58 -140.47
CA LEU EA 265 -20.21 -45.84 -139.23
C LEU EA 265 -19.03 -44.90 -139.05
N ILE EA 266 -19.22 -43.88 -138.21
CA ILE EA 266 -18.20 -42.87 -137.95
C ILE EA 266 -18.02 -42.74 -136.45
N ILE EA 267 -16.78 -42.88 -135.99
CA ILE EA 267 -16.43 -42.71 -134.57
C ILE EA 267 -15.26 -41.74 -134.51
N TYR EA 268 -15.57 -40.46 -134.41
CA TYR EA 268 -14.53 -39.42 -134.42
C TYR EA 268 -14.34 -38.87 -133.00
N ASP EA 269 -13.18 -38.25 -132.78
CA ASP EA 269 -12.91 -37.59 -131.50
C ASP EA 269 -11.79 -36.59 -131.73
N ASP EA 270 -12.12 -35.31 -131.73
CA ASP EA 270 -13.50 -34.85 -131.54
C ASP EA 270 -13.88 -33.77 -132.54
N LEU EA 271 -15.16 -33.78 -132.95
CA LEU EA 271 -15.64 -32.81 -133.91
C LEU EA 271 -15.53 -31.37 -133.42
N SER EA 272 -15.79 -31.14 -132.14
CA SER EA 272 -15.59 -29.82 -131.57
C SER EA 272 -14.18 -29.31 -131.82
N LYS EA 273 -13.15 -30.08 -131.48
CA LYS EA 273 -11.79 -29.72 -131.85
C LYS EA 273 -11.65 -29.58 -133.35
N GLN EA 274 -12.25 -30.48 -134.12
CA GLN EA 274 -12.30 -30.26 -135.56
C GLN EA 274 -13.05 -28.98 -135.89
N ALA EA 275 -14.18 -28.76 -135.21
CA ALA EA 275 -14.86 -27.48 -135.36
C ALA EA 275 -14.01 -26.34 -134.81
N VAL EA 276 -13.13 -26.65 -133.86
CA VAL EA 276 -12.30 -25.61 -133.25
C VAL EA 276 -11.36 -25.01 -134.27
N ALA EA 277 -11.19 -25.68 -135.42
CA ALA EA 277 -10.34 -25.12 -136.46
C ALA EA 277 -10.79 -23.72 -136.83
N TYR EA 278 -12.06 -23.55 -137.15
CA TYR EA 278 -12.58 -22.22 -137.49
C TYR EA 278 -12.30 -21.23 -136.37
N ARG EA 279 -12.46 -21.65 -135.12
CA ARG EA 279 -12.10 -20.79 -134.00
C ARG EA 279 -10.65 -20.35 -134.11
N GLN EA 280 -9.74 -21.32 -134.29
CA GLN EA 280 -8.36 -20.96 -134.59
C GLN EA 280 -8.26 -20.28 -135.95
N MET EA 281 -8.98 -20.81 -136.95
CA MET EA 281 -8.81 -20.35 -138.32
C MET EA 281 -9.30 -18.92 -138.50
N SER EA 282 -10.57 -18.67 -138.21
CA SER EA 282 -11.08 -17.31 -138.31
C SER EA 282 -10.23 -16.37 -137.49
N LEU EA 283 -9.75 -16.83 -136.33
CA LEU EA 283 -8.73 -16.10 -135.60
C LEU EA 283 -7.46 -15.98 -136.41
N LEU EA 284 -6.94 -17.11 -136.91
CA LEU EA 284 -5.78 -17.09 -137.78
C LEU EA 284 -6.04 -16.34 -139.07
N LEU EA 285 -7.29 -16.29 -139.53
CA LEU EA 285 -7.65 -15.54 -140.71
C LEU EA 285 -8.05 -14.11 -140.40
N ARG EA 286 -8.10 -13.75 -139.11
CA ARG EA 286 -8.73 -12.52 -138.66
C ARG EA 286 -10.17 -12.41 -139.18
N ARG EA 287 -10.74 -13.55 -139.57
CA ARG EA 287 -12.09 -13.55 -140.13
C ARG EA 287 -13.09 -13.25 -139.02
N PRO EA 288 -14.25 -12.70 -139.35
CA PRO EA 288 -15.20 -12.29 -138.31
C PRO EA 288 -15.82 -13.50 -137.64
N PRO EA 289 -15.33 -13.90 -136.47
CA PRO EA 289 -15.87 -15.09 -135.80
C PRO EA 289 -17.02 -14.75 -134.87
N GLY EA 290 -17.52 -15.76 -134.16
CA GLY EA 290 -18.61 -15.54 -133.23
C GLY EA 290 -18.22 -15.79 -131.79
N ARG EA 291 -19.12 -16.42 -131.05
CA ARG EA 291 -18.92 -16.59 -129.60
C ARG EA 291 -17.68 -17.44 -129.33
N GLU EA 292 -16.99 -17.11 -128.24
CA GLU EA 292 -15.87 -17.89 -127.72
C GLU EA 292 -14.77 -18.09 -128.75
N ALA EA 293 -14.50 -17.07 -129.55
CA ALA EA 293 -13.49 -17.05 -130.60
C ALA EA 293 -13.83 -18.02 -131.72
N TYR EA 294 -14.93 -18.75 -131.62
CA TYR EA 294 -15.33 -19.64 -132.69
C TYR EA 294 -15.96 -18.84 -133.82
N PRO EA 295 -16.00 -19.38 -135.03
CA PRO EA 295 -16.72 -18.71 -136.11
C PRO EA 295 -18.19 -18.55 -135.74
N GLY EA 296 -18.77 -17.43 -136.20
CA GLY EA 296 -20.15 -17.15 -135.87
C GLY EA 296 -21.11 -18.21 -136.38
N ASP EA 297 -20.68 -19.00 -137.34
CA ASP EA 297 -21.51 -20.04 -137.94
C ASP EA 297 -20.79 -21.39 -137.94
N VAL EA 298 -19.85 -21.58 -137.01
CA VAL EA 298 -19.03 -22.79 -137.02
C VAL EA 298 -19.84 -24.06 -136.89
N PHE EA 299 -21.02 -24.00 -136.28
CA PHE EA 299 -21.83 -25.19 -136.11
C PHE EA 299 -22.33 -25.71 -137.46
N TYR EA 300 -22.80 -24.81 -138.32
CA TYR EA 300 -23.41 -25.24 -139.58
C TYR EA 300 -22.43 -25.98 -140.46
N LEU EA 301 -21.19 -25.49 -140.57
CA LEU EA 301 -20.18 -26.18 -141.37
C LEU EA 301 -20.05 -27.63 -140.92
N HIS EA 302 -20.03 -27.85 -139.61
CA HIS EA 302 -20.17 -29.20 -139.09
C HIS EA 302 -21.57 -29.74 -139.29
N SER EA 303 -22.60 -28.94 -139.01
CA SER EA 303 -23.98 -29.42 -139.14
C SER EA 303 -24.29 -29.78 -140.58
N ARG EA 304 -23.85 -28.95 -141.54
CA ARG EA 304 -23.94 -29.34 -142.93
C ARG EA 304 -23.12 -30.58 -143.23
N LEU EA 305 -21.91 -30.67 -142.68
CA LEU EA 305 -21.15 -31.91 -142.73
C LEU EA 305 -21.83 -33.01 -141.93
N LEU EA 306 -22.69 -32.63 -140.99
CA LEU EA 306 -23.44 -33.61 -140.21
C LEU EA 306 -24.84 -33.87 -140.77
N GLU EA 307 -25.26 -33.11 -141.78
CA GLU EA 307 -26.62 -33.21 -142.26
C GLU EA 307 -26.93 -34.51 -142.98
N ARG EA 308 -25.94 -35.35 -143.27
CA ARG EA 308 -26.13 -36.47 -144.18
C ARG EA 308 -26.34 -37.82 -143.50
N ALA EA 309 -26.03 -37.94 -142.20
CA ALA EA 309 -26.07 -39.24 -141.53
C ALA EA 309 -27.49 -39.80 -141.56
N ALA EA 310 -27.66 -40.94 -142.24
CA ALA EA 310 -28.96 -41.58 -142.36
C ALA EA 310 -28.77 -43.09 -142.54
N LYS EA 311 -29.83 -43.84 -142.25
CA LYS EA 311 -29.85 -45.30 -142.43
C LYS EA 311 -30.20 -45.55 -143.89
N MET EA 312 -29.17 -45.68 -144.72
CA MET EA 312 -29.35 -45.64 -146.16
C MET EA 312 -30.41 -46.63 -146.63
N ASN EA 313 -31.26 -46.16 -147.53
CA ASN EA 313 -32.12 -47.06 -148.28
C ASN EA 313 -31.38 -47.56 -149.51
N ASP EA 314 -32.12 -48.28 -150.36
CA ASP EA 314 -31.56 -48.78 -151.61
C ASP EA 314 -31.04 -47.66 -152.50
N ALA EA 315 -31.56 -46.43 -152.33
CA ALA EA 315 -31.01 -45.28 -153.03
C ALA EA 315 -29.54 -45.06 -152.71
N PHE EA 316 -29.08 -45.55 -151.56
CA PHE EA 316 -27.67 -45.71 -151.27
C PHE EA 316 -27.31 -47.18 -151.01
N GLY EA 317 -28.08 -48.10 -151.59
CA GLY EA 317 -27.82 -49.52 -151.48
C GLY EA 317 -28.45 -50.19 -150.29
N GLY EA 318 -29.04 -49.44 -149.37
CA GLY EA 318 -29.65 -50.01 -148.19
C GLY EA 318 -28.80 -49.97 -146.94
N GLY EA 319 -27.59 -49.44 -147.02
CA GLY EA 319 -26.66 -49.48 -145.91
C GLY EA 319 -26.96 -48.50 -144.80
N SER EA 320 -25.92 -48.07 -144.11
CA SER EA 320 -26.06 -47.14 -142.99
C SER EA 320 -24.75 -46.39 -142.75
N LEU EA 321 -24.83 -45.24 -142.08
CA LEU EA 321 -23.65 -44.43 -141.74
C LEU EA 321 -23.86 -43.86 -140.34
N THR EA 322 -23.36 -44.57 -139.33
CA THR EA 322 -23.51 -44.12 -137.96
C THR EA 322 -22.43 -43.12 -137.60
N ALA EA 323 -22.84 -41.86 -137.42
CA ALA EA 323 -21.92 -40.79 -137.07
C ALA EA 323 -21.92 -40.62 -135.57
N LEU EA 324 -20.90 -41.14 -134.90
CA LEU EA 324 -20.84 -41.18 -133.45
C LEU EA 324 -19.53 -40.57 -132.98
N PRO EA 325 -19.42 -39.24 -133.03
CA PRO EA 325 -18.20 -38.59 -132.52
C PRO EA 325 -18.16 -38.59 -131.00
N VAL EA 326 -16.95 -38.68 -130.45
CA VAL EA 326 -16.73 -38.65 -129.01
C VAL EA 326 -16.17 -37.28 -128.66
N ILE EA 327 -16.95 -36.51 -127.90
CA ILE EA 327 -16.53 -35.21 -127.44
C ILE EA 327 -16.48 -35.24 -125.91
N GLU EA 328 -15.89 -34.18 -125.34
CA GLU EA 328 -15.74 -34.07 -123.89
C GLU EA 328 -15.73 -32.59 -123.50
N THR EA 329 -16.64 -32.22 -122.61
CA THR EA 329 -16.67 -30.86 -122.10
C THR EA 329 -15.52 -30.62 -121.12
N GLN EA 330 -14.99 -29.40 -121.15
CA GLN EA 330 -13.89 -29.03 -120.28
C GLN EA 330 -14.26 -29.23 -118.82
N ALA EA 331 -15.46 -28.81 -118.44
CA ALA EA 331 -15.95 -28.92 -117.07
C ALA EA 331 -17.36 -29.45 -117.06
N GLY EA 332 -17.64 -30.41 -117.94
CA GLY EA 332 -18.99 -30.91 -118.04
C GLY EA 332 -20.00 -29.88 -118.43
N ASP EA 333 -19.58 -28.76 -119.01
CA ASP EA 333 -20.46 -27.64 -119.33
C ASP EA 333 -21.32 -27.93 -120.55
N VAL EA 334 -22.63 -28.10 -120.35
CA VAL EA 334 -23.53 -28.48 -121.42
C VAL EA 334 -24.09 -27.30 -122.19
N SER EA 335 -24.33 -26.16 -121.53
CA SER EA 335 -25.09 -25.08 -122.11
C SER EA 335 -24.21 -24.05 -122.80
N ALA EA 336 -23.08 -24.46 -123.37
CA ALA EA 336 -22.14 -23.52 -123.96
C ALA EA 336 -22.49 -23.27 -125.43
N TYR EA 337 -22.15 -22.08 -125.93
CA TYR EA 337 -22.40 -21.74 -127.32
C TYR EA 337 -21.86 -22.83 -128.24
N ILE EA 338 -20.71 -23.38 -127.90
CA ILE EA 338 -20.26 -24.63 -128.50
C ILE EA 338 -21.15 -25.75 -127.99
N PRO EA 339 -21.13 -26.04 -126.69
CA PRO EA 339 -21.84 -27.24 -126.20
C PRO EA 339 -23.34 -27.16 -126.35
N THR EA 340 -23.97 -26.05 -125.98
CA THR EA 340 -25.43 -25.97 -126.16
C THR EA 340 -25.81 -26.14 -127.61
N ASN EA 341 -25.04 -25.55 -128.52
CA ASN EA 341 -25.22 -25.87 -129.93
C ASN EA 341 -25.09 -27.36 -130.16
N VAL EA 342 -24.01 -27.95 -129.62
CA VAL EA 342 -23.90 -29.41 -129.62
C VAL EA 342 -25.04 -30.04 -128.84
N ILE EA 343 -25.43 -29.45 -127.71
CA ILE EA 343 -26.61 -29.94 -127.01
C ILE EA 343 -27.84 -29.77 -127.88
N SER EA 344 -27.89 -28.69 -128.65
CA SER EA 344 -28.94 -28.51 -129.63
C SER EA 344 -28.65 -29.25 -130.92
N ILE EA 345 -27.80 -30.27 -130.90
CA ILE EA 345 -27.39 -30.92 -132.14
C ILE EA 345 -27.71 -32.41 -132.19
N THR EA 346 -27.04 -33.23 -131.40
CA THR EA 346 -27.03 -34.67 -131.64
C THR EA 346 -28.32 -35.34 -131.20
N ASP EA 347 -28.53 -36.57 -131.65
CA ASP EA 347 -29.71 -37.34 -131.31
C ASP EA 347 -29.53 -37.78 -129.87
N GLY EA 348 -29.71 -36.84 -128.95
CA GLY EA 348 -29.44 -37.12 -127.55
C GLY EA 348 -27.97 -37.06 -127.26
N GLN EA 349 -27.60 -37.30 -126.00
CA GLN EA 349 -26.21 -37.22 -125.59
C GLN EA 349 -25.94 -38.16 -124.43
N ILE EA 350 -24.95 -39.03 -124.58
CA ILE EA 350 -24.55 -39.96 -123.53
C ILE EA 350 -23.73 -39.20 -122.52
N PHE EA 351 -24.27 -39.04 -121.32
CA PHE EA 351 -23.62 -38.31 -120.24
C PHE EA 351 -22.88 -39.32 -119.36
N LEU EA 352 -21.58 -39.11 -119.19
CA LEU EA 352 -20.74 -39.98 -118.37
C LEU EA 352 -20.41 -39.28 -117.07
N GLU EA 353 -21.14 -39.61 -116.01
CA GLU EA 353 -20.91 -39.00 -114.70
C GLU EA 353 -19.59 -39.51 -114.15
N THR EA 354 -18.53 -38.74 -114.43
CA THR EA 354 -17.18 -39.08 -113.99
C THR EA 354 -17.12 -39.44 -112.52
N GLU EA 355 -18.08 -38.99 -111.73
CA GLU EA 355 -18.28 -39.53 -110.40
C GLU EA 355 -18.37 -41.05 -110.39
N LEU EA 356 -19.05 -41.64 -111.38
CA LEU EA 356 -19.04 -43.09 -111.50
C LEU EA 356 -17.65 -43.62 -111.80
N PHE EA 357 -16.99 -43.11 -112.84
CA PHE EA 357 -15.70 -43.64 -113.25
C PHE EA 357 -14.62 -43.42 -112.20
N TYR EA 358 -14.56 -42.23 -111.61
CA TYR EA 358 -13.61 -41.98 -110.53
C TYR EA 358 -13.81 -42.96 -109.39
N LYS EA 359 -15.04 -43.11 -108.93
CA LYS EA 359 -15.38 -44.11 -107.94
C LYS EA 359 -15.05 -45.49 -108.48
N GLY EA 360 -14.98 -45.61 -109.81
CA GLY EA 360 -14.63 -46.87 -110.43
C GLY EA 360 -15.72 -47.34 -111.37
N ILE EA 361 -16.95 -46.89 -111.14
CA ILE EA 361 -18.11 -47.40 -111.87
C ILE EA 361 -17.92 -47.08 -113.35
N ARG EA 362 -17.72 -48.12 -114.15
CA ARG EA 362 -17.40 -47.97 -115.56
C ARG EA 362 -18.53 -48.55 -116.40
N PRO EA 363 -18.98 -47.83 -117.43
CA PRO EA 363 -18.45 -46.49 -117.70
C PRO EA 363 -19.04 -45.44 -116.76
N ALA EA 364 -18.53 -44.21 -116.83
CA ALA EA 364 -19.05 -43.12 -116.02
C ALA EA 364 -20.46 -42.75 -116.38
N ILE EA 365 -21.04 -43.41 -117.38
CA ILE EA 365 -22.31 -43.02 -117.99
C ILE EA 365 -23.36 -42.69 -116.93
N ASN EA 366 -24.16 -41.65 -117.19
CA ASN EA 366 -25.18 -41.21 -116.24
C ASN EA 366 -26.55 -41.55 -116.82
N VAL EA 367 -27.22 -42.50 -116.15
CA VAL EA 367 -28.52 -42.95 -116.60
C VAL EA 367 -29.49 -41.78 -116.64
N GLY EA 368 -30.38 -41.80 -117.63
CA GLY EA 368 -31.27 -40.68 -117.85
C GLY EA 368 -30.52 -39.53 -118.47
N LEU EA 369 -29.46 -39.10 -117.79
CA LEU EA 369 -28.56 -38.10 -118.35
C LEU EA 369 -27.88 -38.58 -119.62
N SER EA 370 -27.55 -39.86 -119.70
CA SER EA 370 -27.20 -40.43 -120.99
C SER EA 370 -28.44 -40.36 -121.87
N VAL EA 371 -28.44 -39.44 -122.83
CA VAL EA 371 -29.63 -39.09 -123.58
C VAL EA 371 -29.47 -39.54 -125.03
N SER EA 372 -30.59 -39.89 -125.64
CA SER EA 372 -30.62 -40.37 -127.01
C SER EA 372 -32.00 -40.05 -127.57
N ARG EA 373 -32.04 -39.39 -128.73
CA ARG EA 373 -33.33 -39.16 -129.37
C ARG EA 373 -33.98 -40.47 -129.82
N VAL EA 374 -33.19 -41.41 -130.36
CA VAL EA 374 -33.77 -42.67 -130.83
C VAL EA 374 -33.94 -43.65 -129.67
N GLY EA 375 -32.86 -43.88 -128.92
CA GLY EA 375 -32.94 -44.75 -127.76
C GLY EA 375 -33.14 -46.22 -128.09
N SER EA 376 -33.77 -46.91 -127.14
CA SER EA 376 -33.97 -48.35 -127.27
C SER EA 376 -35.05 -48.69 -128.28
N ALA EA 377 -35.52 -47.72 -129.07
CA ALA EA 377 -36.51 -48.00 -130.08
C ALA EA 377 -36.02 -49.03 -131.09
N ALA EA 378 -34.71 -49.19 -131.22
CA ALA EA 378 -34.11 -50.23 -132.06
C ALA EA 378 -33.20 -51.13 -131.25
N GLN EA 379 -33.67 -51.56 -130.08
CA GLN EA 379 -32.91 -52.41 -129.19
C GLN EA 379 -33.40 -53.86 -129.33
N THR EA 380 -32.64 -54.78 -128.77
CA THR EA 380 -32.98 -56.19 -128.87
C THR EA 380 -34.13 -56.52 -127.93
N ARG EA 381 -35.19 -57.09 -128.49
CA ARG EA 381 -36.39 -57.38 -127.71
C ARG EA 381 -36.10 -58.36 -126.58
N ALA EA 382 -35.36 -59.42 -126.88
CA ALA EA 382 -35.01 -60.39 -125.85
C ALA EA 382 -34.15 -59.75 -124.76
N MET EA 383 -33.16 -58.96 -125.16
CA MET EA 383 -32.43 -58.16 -124.19
C MET EA 383 -33.35 -57.18 -123.49
N LYS EA 384 -34.25 -56.56 -124.25
CA LYS EA 384 -35.31 -55.76 -123.66
C LYS EA 384 -36.18 -56.63 -122.75
N GLN EA 385 -36.43 -57.87 -123.18
CA GLN EA 385 -37.16 -58.80 -122.33
C GLN EA 385 -36.32 -59.20 -121.12
N VAL EA 386 -35.07 -59.61 -121.37
CA VAL EA 386 -34.22 -60.09 -120.29
C VAL EA 386 -33.96 -59.00 -119.27
N ALA EA 387 -33.69 -57.78 -119.73
CA ALA EA 387 -33.37 -56.70 -118.81
C ALA EA 387 -34.57 -55.82 -118.51
N GLY EA 388 -35.77 -56.26 -118.94
CA GLY EA 388 -36.93 -55.40 -118.81
C GLY EA 388 -37.22 -54.98 -117.39
N THR EA 389 -36.98 -55.88 -116.43
CA THR EA 389 -37.21 -55.56 -115.02
C THR EA 389 -36.36 -54.38 -114.57
N MET EA 390 -35.14 -54.26 -115.11
CA MET EA 390 -34.25 -53.17 -114.70
C MET EA 390 -34.82 -51.82 -115.10
N LYS EA 391 -35.72 -51.80 -116.09
CA LYS EA 391 -36.20 -50.53 -116.63
C LYS EA 391 -36.89 -49.69 -115.56
N LEU EA 392 -37.87 -50.26 -114.86
CA LEU EA 392 -38.61 -49.48 -113.88
C LEU EA 392 -37.97 -49.57 -112.50
N GLU EA 393 -37.27 -50.68 -112.21
CA GLU EA 393 -36.79 -50.92 -110.85
C GLU EA 393 -35.83 -49.84 -110.40
N LEU EA 394 -34.84 -49.51 -111.23
CA LEU EA 394 -33.85 -48.52 -110.81
C LEU EA 394 -34.48 -47.13 -110.68
N ALA EA 395 -35.53 -46.86 -111.47
CA ALA EA 395 -36.18 -45.55 -111.39
C ALA EA 395 -36.63 -45.25 -109.97
N GLN EA 396 -37.37 -46.17 -109.37
CA GLN EA 396 -37.65 -46.05 -107.94
C GLN EA 396 -36.39 -46.21 -107.12
N TYR EA 397 -35.51 -47.13 -107.52
CA TYR EA 397 -34.27 -47.34 -106.77
C TYR EA 397 -33.41 -46.10 -106.79
N ARG EA 398 -33.27 -45.44 -107.94
CA ARG EA 398 -32.69 -44.11 -107.95
C ARG EA 398 -33.50 -43.11 -107.15
N GLU EA 399 -34.81 -43.35 -107.02
CA GLU EA 399 -35.69 -42.45 -106.31
C GLU EA 399 -35.72 -42.69 -104.81
N VAL EA 400 -35.10 -43.75 -104.32
CA VAL EA 400 -35.15 -44.06 -102.90
C VAL EA 400 -33.75 -44.33 -102.36
N ALA EA 401 -32.73 -43.85 -103.08
CA ALA EA 401 -31.36 -44.10 -102.66
C ALA EA 401 -31.01 -43.42 -101.34
N ALA EA 402 -31.74 -42.38 -100.95
CA ALA EA 402 -31.40 -41.60 -99.76
C ALA EA 402 -31.91 -42.30 -98.50
N PHE EA 403 -31.07 -42.26 -97.47
CA PHE EA 403 -31.41 -42.84 -96.17
C PHE EA 403 -30.70 -42.13 -95.03
N ASP EA 411 -40.03 -47.34 -96.20
CA ASP EA 411 -40.55 -48.65 -95.84
C ASP EA 411 -39.41 -49.66 -95.69
N ALA EA 412 -39.64 -50.87 -96.16
CA ALA EA 412 -38.63 -51.92 -96.19
C ALA EA 412 -38.63 -52.68 -97.50
N ALA EA 413 -39.74 -52.63 -98.24
CA ALA EA 413 -39.80 -53.27 -99.55
C ALA EA 413 -38.76 -52.67 -100.50
N THR EA 414 -38.60 -51.34 -100.43
CA THR EA 414 -37.60 -50.69 -101.24
C THR EA 414 -36.20 -51.19 -100.90
N GLN EA 415 -35.94 -51.53 -99.64
CA GLN EA 415 -34.65 -52.10 -99.28
C GLN EA 415 -34.36 -53.34 -100.10
N GLN EA 416 -35.34 -54.25 -100.17
CA GLN EA 416 -35.23 -55.35 -101.12
C GLN EA 416 -35.15 -54.83 -102.54
N LEU EA 417 -36.00 -53.85 -102.86
CA LEU EA 417 -35.92 -53.23 -104.18
C LEU EA 417 -34.56 -52.58 -104.39
N LEU EA 418 -33.99 -52.01 -103.33
CA LEU EA 418 -32.62 -51.54 -103.41
C LEU EA 418 -31.67 -52.69 -103.71
N SER EA 419 -31.85 -53.81 -103.01
CA SER EA 419 -31.10 -55.01 -103.38
C SER EA 419 -31.48 -55.45 -104.79
N ARG EA 420 -32.75 -55.35 -105.13
CA ARG EA 420 -33.14 -55.54 -106.52
C ARG EA 420 -32.51 -54.46 -107.40
N GLY EA 421 -32.48 -53.23 -106.92
CA GLY EA 421 -31.71 -52.21 -107.62
C GLY EA 421 -30.23 -52.56 -107.66
N VAL EA 422 -29.75 -53.28 -106.65
CA VAL EA 422 -28.36 -53.72 -106.64
C VAL EA 422 -28.08 -54.65 -107.81
N ARG EA 423 -29.10 -55.40 -108.25
CA ARG EA 423 -28.94 -56.21 -109.45
C ARG EA 423 -28.46 -55.36 -110.61
N LEU EA 424 -29.16 -54.26 -110.89
CA LEU EA 424 -28.64 -53.27 -111.83
C LEU EA 424 -27.35 -52.66 -111.33
N THR EA 425 -27.30 -52.34 -110.03
CA THR EA 425 -26.16 -51.60 -109.49
C THR EA 425 -24.90 -52.45 -109.46
N GLU EA 426 -25.00 -53.68 -108.97
CA GLU EA 426 -23.83 -54.55 -108.98
C GLU EA 426 -23.33 -54.79 -110.40
N LEU EA 427 -24.25 -55.01 -111.35
CA LEU EA 427 -23.86 -55.25 -112.72
C LEU EA 427 -23.29 -54.02 -113.40
N LEU EA 428 -23.40 -52.84 -112.76
CA LEU EA 428 -23.07 -51.58 -113.40
C LEU EA 428 -21.64 -51.54 -113.92
N LYS EA 429 -20.74 -52.35 -113.38
CA LYS EA 429 -19.41 -52.40 -113.94
C LYS EA 429 -19.46 -52.88 -115.38
N GLN EA 430 -18.83 -52.09 -116.26
CA GLN EA 430 -18.49 -52.55 -117.60
C GLN EA 430 -16.97 -52.50 -117.67
N GLY EA 431 -16.39 -53.56 -118.21
CA GLY EA 431 -14.96 -53.79 -118.02
C GLY EA 431 -14.08 -52.96 -118.92
N GLN EA 432 -13.01 -53.56 -119.41
CA GLN EA 432 -12.10 -52.85 -120.29
C GLN EA 432 -12.27 -53.42 -121.69
N TYR EA 433 -12.70 -52.57 -122.62
CA TYR EA 433 -13.04 -53.01 -123.97
C TYR EA 433 -14.02 -54.19 -123.95
N SER EA 434 -15.14 -54.01 -123.25
CA SER EA 434 -16.05 -55.11 -122.95
C SER EA 434 -17.07 -55.24 -124.08
N PRO EA 435 -16.80 -56.12 -125.04
CA PRO EA 435 -17.81 -56.44 -126.05
C PRO EA 435 -18.53 -57.72 -125.71
N MET EA 436 -19.81 -57.76 -126.03
CA MET EA 436 -20.65 -58.93 -125.84
C MET EA 436 -21.84 -58.89 -126.77
N ALA EA 437 -22.46 -60.04 -126.96
CA ALA EA 437 -23.70 -60.10 -127.73
C ALA EA 437 -24.87 -59.54 -126.91
N ILE EA 438 -25.88 -59.05 -127.61
CA ILE EA 438 -27.09 -58.59 -126.95
C ILE EA 438 -27.71 -59.73 -126.15
N GLU EA 439 -27.69 -60.94 -126.70
CA GLU EA 439 -28.07 -62.11 -125.93
C GLU EA 439 -27.09 -62.37 -124.80
N GLU EA 440 -25.78 -62.31 -125.09
CA GLU EA 440 -24.79 -62.35 -124.02
C GLU EA 440 -25.02 -61.21 -123.05
N GLN EA 441 -25.49 -60.07 -123.56
CA GLN EA 441 -26.00 -59.02 -122.70
C GLN EA 441 -27.31 -59.45 -122.05
N VAL EA 442 -28.21 -60.05 -122.83
CA VAL EA 442 -29.44 -60.56 -122.26
C VAL EA 442 -29.16 -61.70 -121.29
N ALA EA 443 -27.94 -62.25 -121.35
CA ALA EA 443 -27.61 -63.44 -120.56
C ALA EA 443 -27.78 -63.17 -119.06
N VAL EA 444 -26.95 -62.29 -118.50
CA VAL EA 444 -27.10 -61.96 -117.09
C VAL EA 444 -28.39 -61.19 -116.86
N ILE EA 445 -28.94 -60.57 -117.91
CA ILE EA 445 -30.09 -59.70 -117.75
C ILE EA 445 -31.31 -60.48 -117.29
N TYR EA 446 -31.64 -61.56 -117.98
CA TYR EA 446 -32.71 -62.43 -117.52
C TYR EA 446 -32.35 -63.09 -116.21
N ALA EA 447 -31.06 -63.36 -116.00
CA ALA EA 447 -30.60 -63.90 -114.73
C ALA EA 447 -30.79 -62.90 -113.60
N GLY EA 448 -30.38 -61.65 -113.83
CA GLY EA 448 -30.76 -60.60 -112.91
C GLY EA 448 -32.27 -60.47 -112.82
N VAL EA 449 -32.96 -60.56 -113.94
CA VAL EA 449 -34.41 -60.68 -113.95
C VAL EA 449 -34.86 -61.98 -113.29
N ARG EA 450 -34.04 -63.04 -113.35
CA ARG EA 450 -34.34 -64.24 -112.58
C ARG EA 450 -34.05 -64.04 -111.10
N GLY EA 451 -33.55 -62.86 -110.72
CA GLY EA 451 -33.30 -62.58 -109.32
C GLY EA 451 -31.94 -63.05 -108.88
N TYR EA 452 -31.19 -63.64 -109.83
CA TYR EA 452 -29.86 -64.14 -109.54
C TYR EA 452 -28.91 -62.97 -109.29
N LEU EA 453 -29.38 -61.75 -109.54
CA LEU EA 453 -28.62 -60.55 -109.21
C LEU EA 453 -29.38 -59.65 -108.25
N ASP EA 454 -30.70 -59.84 -108.12
CA ASP EA 454 -31.50 -59.01 -107.23
C ASP EA 454 -31.13 -59.17 -105.76
N LYS EA 455 -30.37 -60.20 -105.41
CA LYS EA 455 -30.00 -60.43 -104.02
C LYS EA 455 -28.50 -60.56 -103.79
N LEU EA 456 -27.75 -61.10 -104.75
CA LEU EA 456 -26.34 -61.40 -104.52
C LEU EA 456 -25.57 -60.13 -104.19
N GLU EA 457 -24.74 -60.22 -103.17
CA GLU EA 457 -23.92 -59.08 -102.78
C GLU EA 457 -22.94 -58.75 -103.90
N PRO EA 458 -22.81 -57.47 -104.24
CA PRO EA 458 -21.97 -57.11 -105.40
C PRO EA 458 -20.55 -57.64 -105.31
N SER EA 459 -19.95 -57.63 -104.11
CA SER EA 459 -18.63 -58.22 -103.96
C SER EA 459 -18.61 -59.67 -104.38
N LYS EA 460 -19.75 -60.36 -104.32
CA LYS EA 460 -19.89 -61.69 -104.87
C LYS EA 460 -20.76 -61.72 -106.12
N ILE EA 461 -21.73 -60.81 -106.22
CA ILE EA 461 -22.55 -60.73 -107.43
C ILE EA 461 -21.66 -60.45 -108.64
N THR EA 462 -20.55 -59.75 -108.44
CA THR EA 462 -19.58 -59.57 -109.50
C THR EA 462 -19.17 -60.92 -110.06
N LYS EA 463 -18.80 -61.85 -109.19
CA LYS EA 463 -18.56 -63.22 -109.63
C LYS EA 463 -19.80 -63.85 -110.22
N PHE EA 464 -20.98 -63.59 -109.65
CA PHE EA 464 -22.21 -64.15 -110.17
C PHE EA 464 -22.50 -63.65 -111.58
N GLU EA 465 -22.33 -62.35 -111.80
CA GLU EA 465 -22.42 -61.80 -113.15
C GLU EA 465 -21.30 -62.36 -114.01
N ASN EA 466 -20.11 -62.47 -113.42
CA ASN EA 466 -19.01 -63.15 -114.10
C ASN EA 466 -19.38 -64.60 -114.37
N ALA EA 467 -20.06 -65.23 -113.40
CA ALA EA 467 -20.57 -66.57 -113.62
C ALA EA 467 -21.57 -66.58 -114.76
N PHE EA 468 -22.41 -65.54 -114.83
CA PHE EA 468 -23.29 -65.39 -115.98
C PHE EA 468 -22.47 -65.23 -117.26
N LEU EA 469 -21.19 -64.88 -117.11
CA LEU EA 469 -20.32 -64.75 -118.26
C LEU EA 469 -19.29 -65.89 -118.32
N SER EA 470 -19.20 -66.70 -117.26
CA SER EA 470 -18.03 -67.56 -117.09
C SER EA 470 -18.03 -68.78 -118.00
N HIS EA 471 -18.93 -69.75 -117.75
CA HIS EA 471 -18.71 -71.11 -118.27
C HIS EA 471 -19.82 -71.55 -119.23
N VAL EA 472 -20.83 -70.71 -119.45
CA VAL EA 472 -22.01 -71.14 -120.20
C VAL EA 472 -21.65 -71.42 -121.66
N ILE EA 473 -20.46 -71.00 -122.10
CA ILE EA 473 -20.00 -71.30 -123.44
C ILE EA 473 -20.03 -72.79 -123.72
N SER EA 474 -19.56 -73.60 -122.78
CA SER EA 474 -19.78 -75.03 -122.82
C SER EA 474 -21.02 -75.43 -122.04
N GLN EA 475 -21.75 -74.50 -121.46
CA GLN EA 475 -22.91 -74.86 -120.67
C GLN EA 475 -24.23 -74.34 -121.25
N HIS EA 476 -24.33 -73.05 -121.55
CA HIS EA 476 -25.59 -72.49 -122.01
C HIS EA 476 -25.38 -71.54 -123.18
N GLN EA 477 -24.24 -71.66 -123.86
CA GLN EA 477 -24.03 -70.87 -125.07
C GLN EA 477 -25.09 -71.19 -126.11
N ALA EA 478 -25.43 -72.47 -126.24
CA ALA EA 478 -26.54 -72.86 -127.09
C ALA EA 478 -27.83 -72.22 -126.59
N LEU EA 479 -28.11 -72.33 -125.29
CA LEU EA 479 -29.29 -71.69 -124.73
C LEU EA 479 -29.24 -70.19 -124.95
N LEU EA 480 -28.04 -69.61 -124.79
CA LEU EA 480 -27.85 -68.21 -125.18
C LEU EA 480 -28.15 -68.03 -126.67
N GLY EA 481 -27.61 -68.92 -127.50
CA GLY EA 481 -28.02 -68.91 -128.89
C GLY EA 481 -29.49 -69.24 -129.07
N LYS EA 482 -29.99 -70.20 -128.29
CA LYS EA 482 -31.38 -70.61 -128.40
C LYS EA 482 -32.32 -69.45 -128.07
N ILE EA 483 -31.96 -68.65 -127.07
CA ILE EA 483 -32.73 -67.45 -126.78
C ILE EA 483 -32.75 -66.54 -128.01
N ARG EA 484 -31.58 -66.35 -128.63
CA ARG EA 484 -31.53 -65.57 -129.86
C ARG EA 484 -32.19 -66.32 -131.01
N THR EA 485 -32.16 -67.65 -130.97
CA THR EA 485 -32.62 -68.45 -132.10
C THR EA 485 -34.09 -68.17 -132.41
N ASP EA 486 -34.93 -68.10 -131.37
CA ASP EA 486 -36.32 -67.74 -131.58
C ASP EA 486 -36.49 -66.26 -131.86
N GLY EA 487 -35.43 -65.55 -132.18
CA GLY EA 487 -35.49 -64.11 -132.33
C GLY EA 487 -35.61 -63.46 -130.98
N LYS EA 488 -36.72 -63.69 -130.29
CA LYS EA 488 -36.84 -63.40 -128.87
C LYS EA 488 -36.46 -64.64 -128.08
N ILE EA 489 -36.19 -64.43 -126.79
CA ILE EA 489 -35.69 -65.49 -125.92
C ILE EA 489 -36.79 -66.55 -125.81
N SER EA 490 -36.54 -67.72 -126.38
CA SER EA 490 -37.51 -68.79 -126.33
C SER EA 490 -37.70 -69.29 -124.90
N GLU EA 491 -38.95 -69.61 -124.58
CA GLU EA 491 -39.26 -70.14 -123.25
C GLU EA 491 -38.51 -71.44 -123.00
N GLU EA 492 -38.46 -72.31 -124.01
CA GLU EA 492 -37.61 -73.49 -123.91
C GLU EA 492 -36.15 -73.10 -123.80
N SER EA 493 -35.72 -72.12 -124.59
CA SER EA 493 -34.40 -71.56 -124.37
C SER EA 493 -34.29 -70.98 -122.97
N ASP EA 494 -35.33 -70.28 -122.52
CA ASP EA 494 -35.40 -69.89 -121.12
C ASP EA 494 -35.39 -71.11 -120.21
N ALA EA 495 -36.14 -72.14 -120.58
CA ALA EA 495 -36.02 -73.41 -119.88
C ALA EA 495 -34.62 -73.98 -120.03
N LYS EA 496 -34.05 -73.90 -121.24
CA LYS EA 496 -32.67 -74.30 -121.42
C LYS EA 496 -31.73 -73.40 -120.65
N LEU EA 497 -32.01 -72.09 -120.63
CA LEU EA 497 -31.16 -71.17 -119.88
C LEU EA 497 -31.39 -71.30 -118.39
N LYS EA 498 -32.61 -70.96 -117.92
CA LYS EA 498 -32.84 -70.78 -116.48
C LYS EA 498 -32.44 -72.01 -115.69
N GLU EA 499 -32.47 -73.18 -116.34
CA GLU EA 499 -31.87 -74.36 -115.73
C GLU EA 499 -30.35 -74.26 -115.71
N ILE EA 500 -29.74 -74.12 -116.89
CA ILE EA 500 -28.28 -73.98 -116.95
C ILE EA 500 -27.84 -72.67 -116.29
N VAL EA 501 -28.66 -71.63 -116.43
CA VAL EA 501 -28.32 -70.33 -115.83
C VAL EA 501 -28.28 -70.42 -114.32
N THR EA 502 -29.35 -70.96 -113.72
CA THR EA 502 -29.33 -71.18 -112.28
C THR EA 502 -28.16 -72.09 -111.90
N ASN EA 503 -27.93 -73.12 -112.71
CA ASN EA 503 -26.74 -73.94 -112.54
C ASN EA 503 -25.49 -73.08 -112.64
N PHE EA 504 -25.41 -72.24 -113.67
CA PHE EA 504 -24.32 -71.29 -113.76
C PHE EA 504 -24.32 -70.35 -112.57
N LEU EA 505 -25.49 -69.85 -112.19
CA LEU EA 505 -25.60 -69.03 -110.99
C LEU EA 505 -25.19 -69.83 -109.76
N ALA EA 506 -25.66 -71.07 -109.66
CA ALA EA 506 -25.24 -71.93 -108.57
C ALA EA 506 -23.80 -72.39 -108.75
N GLY EA 507 -23.28 -72.28 -109.97
CA GLY EA 507 -21.94 -72.74 -110.25
C GLY EA 507 -20.87 -71.96 -109.51
N PHE EA 508 -21.26 -70.83 -108.91
CA PHE EA 508 -20.34 -70.03 -108.12
C PHE EA 508 -19.87 -70.77 -106.88
N GLU EA 509 -20.77 -71.48 -106.19
CA GLU EA 509 -20.45 -72.23 -105.00
C GLU EA 509 -19.78 -71.35 -103.94
N THR FA 13 -29.20 -7.18 -161.22
CA THR FA 13 -29.40 -6.92 -162.64
C THR FA 13 -28.83 -8.04 -163.49
N THR FA 14 -27.60 -7.87 -163.95
CA THR FA 14 -26.89 -8.96 -164.62
C THR FA 14 -25.44 -8.90 -164.19
N GLY FA 15 -25.08 -9.67 -163.17
CA GLY FA 15 -23.76 -9.66 -162.61
C GLY FA 15 -22.87 -10.78 -163.13
N ARG FA 16 -21.60 -10.72 -162.70
CA ARG FA 16 -20.65 -11.81 -162.83
C ARG FA 16 -19.69 -11.73 -161.66
N ILE FA 17 -19.29 -12.89 -161.13
CA ILE FA 17 -18.55 -12.91 -159.88
C ILE FA 17 -17.26 -12.12 -160.00
N VAL FA 18 -16.97 -11.32 -158.97
CA VAL FA 18 -15.69 -10.64 -158.91
C VAL FA 18 -15.06 -10.99 -157.57
N ALA FA 19 -15.86 -10.91 -156.51
CA ALA FA 19 -15.46 -11.26 -155.16
C ALA FA 19 -16.47 -12.28 -154.63
N VAL FA 20 -16.06 -13.05 -153.63
CA VAL FA 20 -16.93 -14.05 -153.03
C VAL FA 20 -16.50 -14.29 -151.59
N ILE FA 21 -17.32 -13.85 -150.65
CA ILE FA 21 -17.06 -14.08 -149.23
C ILE FA 21 -18.14 -15.03 -148.73
N GLY FA 22 -17.84 -16.32 -148.71
CA GLY FA 22 -18.87 -17.29 -148.43
C GLY FA 22 -19.98 -17.17 -149.45
N ALA FA 23 -21.22 -17.08 -148.97
CA ALA FA 23 -22.38 -16.89 -149.83
C ALA FA 23 -22.53 -15.45 -150.29
N VAL FA 24 -21.64 -14.56 -149.85
CA VAL FA 24 -21.69 -13.15 -150.18
C VAL FA 24 -20.66 -12.86 -151.25
N VAL FA 25 -21.10 -12.24 -152.34
CA VAL FA 25 -20.23 -11.91 -153.47
C VAL FA 25 -20.27 -10.40 -153.68
N ASP FA 26 -19.11 -9.78 -153.62
CA ASP FA 26 -18.98 -8.36 -153.93
C ASP FA 26 -18.74 -8.20 -155.41
N VAL FA 27 -19.80 -8.29 -156.20
CA VAL FA 27 -19.74 -8.19 -157.65
C VAL FA 27 -20.86 -7.28 -158.12
N GLN FA 28 -20.54 -6.40 -159.05
CA GLN FA 28 -21.51 -5.47 -159.62
C GLN FA 28 -22.41 -6.21 -160.59
N PHE FA 29 -23.72 -6.06 -160.41
CA PHE FA 29 -24.69 -6.44 -161.42
C PHE FA 29 -24.57 -5.48 -162.60
N ASP FA 30 -25.41 -5.69 -163.60
CA ASP FA 30 -25.35 -4.86 -164.79
C ASP FA 30 -25.86 -3.44 -164.57
N GLU FA 31 -27.16 -3.24 -164.39
CA GLU FA 31 -27.72 -1.91 -164.23
C GLU FA 31 -27.67 -1.50 -162.77
N GLY FA 32 -28.37 -0.43 -162.42
CA GLY FA 32 -28.37 0.10 -161.07
C GLY FA 32 -28.89 -0.88 -160.03
N LEU FA 33 -28.93 -0.43 -158.77
CA LEU FA 33 -29.32 -1.40 -157.76
C LEU FA 33 -30.81 -1.70 -157.86
N PRO FA 34 -31.15 -2.97 -158.07
CA PRO FA 34 -32.55 -3.37 -158.05
C PRO FA 34 -33.14 -3.15 -156.68
N PRO FA 35 -34.45 -2.90 -156.58
CA PRO FA 35 -35.06 -2.72 -155.26
C PRO FA 35 -34.85 -3.94 -154.39
N ILE FA 36 -34.70 -3.68 -153.09
CA ILE FA 36 -34.43 -4.76 -152.15
C ILE FA 36 -35.56 -5.77 -152.16
N LEU FA 37 -35.29 -6.95 -151.62
CA LEU FA 37 -36.18 -8.10 -151.61
C LEU FA 37 -36.30 -8.70 -153.01
N ASN FA 38 -35.27 -8.60 -153.83
CA ASN FA 38 -35.28 -9.19 -155.16
C ASN FA 38 -34.99 -10.69 -155.08
N ALA FA 39 -35.35 -11.40 -156.15
CA ALA FA 39 -34.83 -12.74 -156.42
C ALA FA 39 -33.78 -12.61 -157.51
N LEU FA 40 -33.14 -13.72 -157.85
CA LEU FA 40 -32.01 -13.70 -158.76
C LEU FA 40 -31.88 -15.02 -159.51
N GLU FA 41 -31.16 -14.99 -160.64
CA GLU FA 41 -30.81 -16.18 -161.39
C GLU FA 41 -29.29 -16.21 -161.59
N VAL FA 42 -28.63 -17.15 -160.93
CA VAL FA 42 -27.17 -17.22 -160.97
C VAL FA 42 -26.74 -18.05 -162.17
N GLN FA 43 -26.12 -17.40 -163.14
CA GLN FA 43 -25.58 -18.09 -164.30
C GLN FA 43 -24.34 -18.86 -163.89
N GLY FA 44 -24.25 -20.10 -164.34
CA GLY FA 44 -23.20 -21.00 -163.92
C GLY FA 44 -23.50 -21.76 -162.65
N ARG FA 45 -24.69 -21.61 -162.10
CA ARG FA 45 -25.11 -22.38 -160.94
C ARG FA 45 -25.47 -23.79 -161.38
N GLU FA 46 -24.81 -24.78 -160.79
CA GLU FA 46 -25.06 -26.16 -161.19
C GLU FA 46 -26.52 -26.54 -160.99
N THR FA 47 -27.10 -26.13 -159.87
CA THR FA 47 -28.52 -26.31 -159.62
C THR FA 47 -29.16 -24.95 -159.36
N ARG FA 48 -30.42 -24.99 -158.92
CA ARG FA 48 -31.15 -23.75 -158.63
C ARG FA 48 -30.59 -23.06 -157.40
N LEU FA 49 -29.92 -21.93 -157.59
CA LEU FA 49 -29.44 -21.10 -156.50
C LEU FA 49 -29.79 -19.65 -156.79
N VAL FA 50 -30.42 -18.98 -155.81
CA VAL FA 50 -30.89 -17.61 -155.96
C VAL FA 50 -30.46 -16.82 -154.73
N LEU FA 51 -30.43 -15.49 -154.87
CA LEU FA 51 -30.04 -14.59 -153.80
C LEU FA 51 -31.10 -13.50 -153.64
N GLU FA 52 -31.09 -12.82 -152.50
CA GLU FA 52 -32.07 -11.77 -152.21
C GLU FA 52 -31.36 -10.48 -151.85
N VAL FA 53 -31.50 -9.47 -152.72
CA VAL FA 53 -30.83 -8.20 -152.51
C VAL FA 53 -31.45 -7.48 -151.33
N ALA FA 54 -30.61 -7.06 -150.39
CA ALA FA 54 -31.10 -6.33 -149.23
C ALA FA 54 -30.33 -5.07 -148.89
N GLN FA 55 -29.03 -5.00 -149.15
CA GLN FA 55 -28.26 -3.84 -148.71
C GLN FA 55 -27.09 -3.64 -149.67
N HIS FA 56 -27.09 -2.50 -150.34
CA HIS FA 56 -26.13 -2.21 -151.39
C HIS FA 56 -25.27 -1.03 -150.97
N LEU FA 57 -23.96 -1.25 -150.94
CA LEU FA 57 -23.03 -0.14 -150.84
C LEU FA 57 -22.97 0.66 -152.13
N GLY FA 58 -23.85 0.36 -153.08
CA GLY FA 58 -23.78 0.92 -154.41
C GLY FA 58 -23.16 -0.05 -155.39
N GLU FA 59 -23.08 0.41 -156.65
CA GLU FA 59 -22.36 -0.29 -157.72
C GLU FA 59 -22.98 -1.65 -158.05
N SER FA 60 -24.31 -1.73 -158.11
CA SER FA 60 -25.01 -2.92 -158.59
C SER FA 60 -24.62 -4.16 -157.79
N THR FA 61 -24.05 -3.94 -156.60
CA THR FA 61 -23.76 -4.98 -155.65
C THR FA 61 -24.52 -4.71 -154.36
N VAL FA 62 -25.41 -5.62 -154.00
CA VAL FA 62 -26.29 -5.46 -152.85
C VAL FA 62 -26.11 -6.65 -151.94
N ARG FA 63 -26.63 -6.56 -150.73
CA ARG FA 63 -26.60 -7.71 -149.84
C ARG FA 63 -27.57 -8.75 -150.36
N THR FA 64 -27.03 -9.67 -151.15
CA THR FA 64 -27.77 -10.79 -151.70
C THR FA 64 -26.90 -12.03 -151.64
N ILE FA 65 -27.44 -13.09 -151.08
CA ILE FA 65 -26.69 -14.31 -150.79
C ILE FA 65 -27.45 -15.51 -151.33
N ALA FA 66 -26.75 -16.37 -152.06
CA ALA FA 66 -27.29 -17.68 -152.40
C ALA FA 66 -27.51 -18.46 -151.11
N MET FA 67 -28.78 -18.70 -150.77
CA MET FA 67 -29.13 -19.25 -149.46
C MET FA 67 -28.50 -20.60 -149.20
N ASP FA 68 -28.08 -21.32 -150.24
CA ASP FA 68 -27.40 -22.58 -150.07
C ASP FA 68 -26.03 -22.50 -150.76
N GLY FA 69 -25.20 -23.49 -150.49
CA GLY FA 69 -23.83 -23.51 -150.97
C GLY FA 69 -23.68 -23.43 -152.48
N THR FA 70 -22.87 -22.49 -152.95
CA THR FA 70 -22.63 -22.27 -154.38
C THR FA 70 -21.20 -22.58 -154.80
N GLU FA 71 -20.60 -23.62 -154.25
CA GLU FA 71 -19.21 -23.95 -154.56
C GLU FA 71 -19.05 -24.20 -156.05
N GLY FA 72 -17.85 -23.93 -156.55
CA GLY FA 72 -17.56 -24.08 -157.96
C GLY FA 72 -17.69 -22.82 -158.79
N LEU FA 73 -18.28 -21.77 -158.24
CA LEU FA 73 -18.33 -20.51 -158.98
C LEU FA 73 -16.96 -19.84 -158.99
N VAL FA 74 -16.63 -19.23 -160.13
CA VAL FA 74 -15.36 -18.54 -160.33
C VAL FA 74 -15.66 -17.07 -160.52
N ARG FA 75 -14.68 -16.22 -160.23
CA ARG FA 75 -14.84 -14.79 -160.51
C ARG FA 75 -15.22 -14.62 -161.97
N GLY FA 76 -16.34 -13.94 -162.19
CA GLY FA 76 -17.01 -13.93 -163.47
C GLY FA 76 -18.24 -14.80 -163.52
N GLN FA 77 -18.53 -15.57 -162.47
CA GLN FA 77 -19.74 -16.37 -162.45
C GLN FA 77 -20.92 -15.44 -162.60
N LYS FA 78 -21.57 -15.49 -163.75
CA LYS FA 78 -22.60 -14.52 -164.10
C LYS FA 78 -23.84 -14.77 -163.27
N VAL FA 79 -24.71 -13.76 -163.20
CA VAL FA 79 -25.93 -13.84 -162.40
C VAL FA 79 -26.84 -12.69 -162.79
N LEU FA 80 -28.15 -12.92 -162.73
CA LEU FA 80 -29.15 -11.91 -163.04
C LEU FA 80 -30.17 -11.85 -161.92
N ASP FA 81 -30.61 -10.63 -161.57
CA ASP FA 81 -31.53 -10.44 -160.46
C ASP FA 81 -32.96 -10.36 -160.95
N SER FA 82 -33.87 -11.06 -160.28
CA SER FA 82 -35.27 -11.03 -160.68
C SER FA 82 -35.94 -9.69 -160.35
N GLY FA 83 -35.49 -9.03 -159.28
CA GLY FA 83 -36.03 -7.75 -158.90
C GLY FA 83 -37.05 -7.78 -157.78
N ALA FA 84 -37.69 -8.93 -157.55
CA ALA FA 84 -38.65 -9.08 -156.47
C ALA FA 84 -38.42 -10.44 -155.83
N PRO FA 85 -39.14 -10.74 -154.75
CA PRO FA 85 -38.81 -11.93 -153.94
C PRO FA 85 -39.01 -13.23 -154.72
N ILE FA 86 -38.21 -14.23 -154.34
CA ILE FA 86 -38.30 -15.58 -154.91
C ILE FA 86 -39.72 -16.09 -154.69
N ARG FA 87 -40.30 -16.68 -155.73
CA ARG FA 87 -41.74 -16.93 -155.76
C ARG FA 87 -42.06 -18.32 -155.25
N ILE FA 88 -43.35 -18.56 -155.06
CA ILE FA 88 -43.89 -19.89 -154.78
C ILE FA 88 -45.22 -20.02 -155.50
N PRO FA 89 -45.50 -21.13 -156.18
CA PRO FA 89 -46.86 -21.33 -156.70
C PRO FA 89 -47.86 -21.36 -155.56
N VAL FA 90 -49.02 -20.75 -155.80
CA VAL FA 90 -50.06 -20.61 -154.78
C VAL FA 90 -51.26 -21.46 -155.20
N GLY FA 91 -52.00 -21.94 -154.20
CA GLY FA 91 -53.13 -22.79 -154.44
C GLY FA 91 -52.98 -24.17 -153.85
N PRO FA 92 -54.09 -24.85 -153.59
CA PRO FA 92 -54.04 -26.13 -152.89
C PRO FA 92 -53.36 -27.25 -153.66
N GLU FA 93 -53.06 -27.03 -154.94
CA GLU FA 93 -52.41 -28.06 -155.74
C GLU FA 93 -50.99 -28.33 -155.28
N THR FA 94 -50.45 -27.50 -154.40
CA THR FA 94 -49.16 -27.76 -153.77
C THR FA 94 -49.16 -29.02 -152.92
N LEU FA 95 -50.33 -29.54 -152.57
CA LEU FA 95 -50.40 -30.74 -151.75
C LEU FA 95 -50.00 -31.97 -152.55
N GLY FA 96 -49.73 -33.08 -151.84
CA GLY FA 96 -49.46 -34.36 -152.44
C GLY FA 96 -48.04 -34.85 -152.34
N ARG FA 97 -47.07 -33.97 -152.13
CA ARG FA 97 -45.67 -34.37 -152.06
C ARG FA 97 -44.85 -33.35 -151.28
N ILE FA 98 -43.54 -33.42 -151.46
CA ILE FA 98 -42.61 -32.44 -150.90
C ILE FA 98 -41.96 -31.69 -152.06
N MET FA 99 -42.15 -30.38 -152.09
CA MET FA 99 -41.67 -29.53 -153.17
C MET FA 99 -40.80 -28.42 -152.60
N ASN FA 100 -40.07 -27.75 -153.49
CA ASN FA 100 -39.18 -26.66 -153.08
C ASN FA 100 -40.01 -25.44 -152.70
N VAL FA 101 -39.34 -24.42 -152.17
CA VAL FA 101 -40.01 -23.18 -151.81
C VAL FA 101 -40.53 -22.47 -153.04
N ILE FA 102 -40.06 -22.86 -154.22
CA ILE FA 102 -40.59 -22.36 -155.48
C ILE FA 102 -41.64 -23.34 -155.98
N GLY FA 103 -41.86 -24.41 -155.22
CA GLY FA 103 -42.78 -25.46 -155.59
C GLY FA 103 -42.17 -26.60 -156.36
N GLU FA 104 -40.85 -26.57 -156.57
CA GLU FA 104 -40.20 -27.62 -157.33
C GLU FA 104 -40.05 -28.87 -156.47
N PRO FA 105 -40.47 -30.03 -156.97
CA PRO FA 105 -40.37 -31.24 -156.15
C PRO FA 105 -38.92 -31.64 -155.94
N ILE FA 106 -38.44 -31.43 -154.71
CA ILE FA 106 -37.06 -31.69 -154.38
C ILE FA 106 -36.98 -33.06 -153.73
N ASP FA 107 -38.14 -33.65 -153.49
CA ASP FA 107 -38.23 -35.05 -153.10
C ASP FA 107 -38.36 -35.95 -154.31
N GLU FA 108 -38.34 -35.37 -155.52
CA GLU FA 108 -38.54 -36.10 -156.77
C GLU FA 108 -39.84 -36.89 -156.74
N ARG FA 109 -40.89 -36.23 -156.22
CA ARG FA 109 -42.20 -36.84 -156.10
C ARG FA 109 -43.23 -36.13 -156.94
N GLY FA 110 -42.81 -35.57 -158.08
CA GLY FA 110 -43.70 -34.87 -158.97
C GLY FA 110 -43.99 -33.47 -158.47
N PRO FA 111 -44.01 -32.51 -159.38
CA PRO FA 111 -44.29 -31.13 -158.97
C PRO FA 111 -45.76 -30.94 -158.68
N ILE FA 112 -46.04 -30.57 -157.43
CA ILE FA 112 -47.41 -30.30 -157.01
C ILE FA 112 -47.69 -28.84 -157.39
N LYS FA 113 -47.99 -28.62 -158.67
CA LYS FA 113 -48.01 -27.28 -159.24
C LYS FA 113 -49.23 -26.54 -158.72
N THR FA 114 -49.04 -25.78 -157.65
CA THR FA 114 -50.10 -24.97 -157.07
C THR FA 114 -50.59 -23.97 -158.11
N LYS FA 115 -51.91 -23.77 -158.13
CA LYS FA 115 -52.58 -23.12 -159.25
C LYS FA 115 -52.13 -21.69 -159.51
N GLN FA 116 -52.01 -20.87 -158.47
CA GLN FA 116 -51.60 -19.48 -158.60
C GLN FA 116 -50.09 -19.38 -158.39
N PHE FA 117 -49.53 -18.25 -158.75
CA PHE FA 117 -48.11 -17.97 -158.54
C PHE FA 117 -47.95 -16.70 -157.71
N ALA FA 118 -47.11 -16.78 -156.68
CA ALA FA 118 -46.87 -15.64 -155.81
C ALA FA 118 -45.44 -15.67 -155.30
N ALA FA 119 -44.89 -14.49 -155.04
CA ALA FA 119 -43.59 -14.37 -154.41
C ALA FA 119 -43.64 -15.00 -153.03
N ILE FA 120 -42.58 -15.69 -152.63
CA ILE FA 120 -42.59 -16.42 -151.36
C ILE FA 120 -42.69 -15.50 -150.15
N HIS FA 121 -41.93 -14.43 -150.10
CA HIS FA 121 -41.89 -13.52 -148.95
C HIS FA 121 -43.27 -12.88 -148.77
N ALA FA 122 -43.71 -12.76 -147.52
CA ALA FA 122 -45.07 -12.30 -147.27
C ALA FA 122 -45.10 -11.35 -146.09
N GLU FA 123 -45.94 -10.32 -146.21
CA GLU FA 123 -46.21 -9.41 -145.11
C GLU FA 123 -47.42 -9.88 -144.31
N ALA FA 124 -47.98 -8.96 -143.49
CA ALA FA 124 -49.00 -9.27 -142.50
C ALA FA 124 -50.34 -8.64 -142.83
N PRO FA 125 -51.41 -9.07 -142.15
CA PRO FA 125 -52.75 -8.54 -142.45
C PRO FA 125 -53.04 -7.23 -141.72
N GLU FA 126 -54.22 -6.69 -141.97
CA GLU FA 126 -54.60 -5.39 -141.44
C GLU FA 126 -55.00 -5.50 -139.97
N PHE FA 127 -54.84 -4.37 -139.26
CA PHE FA 127 -55.30 -4.28 -137.88
C PHE FA 127 -56.81 -4.38 -137.79
N VAL FA 128 -57.52 -3.66 -138.65
CA VAL FA 128 -58.99 -3.73 -138.67
C VAL FA 128 -59.48 -5.07 -139.17
N GLU FA 129 -58.65 -5.84 -139.86
CA GLU FA 129 -59.03 -7.16 -140.37
C GLU FA 129 -58.69 -8.28 -139.41
N MET FA 130 -58.10 -7.98 -138.27
CA MET FA 130 -57.67 -9.00 -137.32
C MET FA 130 -58.77 -9.29 -136.32
N SER FA 131 -58.43 -10.07 -135.30
CA SER FA 131 -59.35 -10.47 -134.25
C SER FA 131 -59.29 -9.51 -133.07
N VAL FA 132 -60.16 -9.75 -132.10
CA VAL FA 132 -60.14 -9.02 -130.85
C VAL FA 132 -60.27 -9.97 -129.67
N GLU FA 133 -60.13 -11.27 -129.93
CA GLU FA 133 -60.31 -12.27 -128.89
C GLU FA 133 -59.65 -13.60 -129.25
N GLN FA 134 -60.07 -14.65 -128.53
CA GLN FA 134 -59.57 -16.01 -128.72
C GLN FA 134 -60.75 -16.96 -128.59
N GLU FA 135 -60.78 -18.00 -129.42
CA GLU FA 135 -61.93 -18.90 -129.51
C GLU FA 135 -61.57 -20.27 -128.96
N ILE FA 136 -62.12 -20.61 -127.79
CA ILE FA 136 -61.80 -21.83 -127.06
C ILE FA 136 -61.91 -23.06 -127.94
N LEU FA 137 -61.04 -24.04 -127.72
CA LEU FA 137 -61.01 -25.29 -128.48
C LEU FA 137 -60.50 -26.40 -127.57
N VAL FA 138 -61.43 -27.18 -127.03
CA VAL FA 138 -61.06 -28.31 -126.17
C VAL FA 138 -60.82 -29.54 -127.04
N THR FA 139 -59.61 -30.09 -126.97
CA THR FA 139 -59.28 -31.31 -127.68
C THR FA 139 -59.28 -32.55 -126.78
N GLY FA 140 -59.82 -32.45 -125.57
CA GLY FA 140 -59.75 -33.55 -124.64
C GLY FA 140 -58.41 -33.68 -123.93
N ILE FA 141 -57.49 -32.76 -124.16
CA ILE FA 141 -56.20 -32.73 -123.50
C ILE FA 141 -56.34 -31.91 -122.23
N LYS FA 142 -56.57 -32.59 -121.12
CA LYS FA 142 -56.80 -31.89 -119.85
C LYS FA 142 -55.65 -30.95 -119.53
N VAL FA 143 -54.42 -31.45 -119.62
CA VAL FA 143 -53.27 -30.60 -119.33
C VAL FA 143 -53.28 -29.38 -120.22
N VAL FA 144 -53.53 -29.57 -121.52
CA VAL FA 144 -53.50 -28.46 -122.45
C VAL FA 144 -54.73 -27.57 -122.27
N ASP FA 145 -55.91 -28.16 -122.29
CA ASP FA 145 -57.12 -27.36 -122.45
C ASP FA 145 -57.49 -26.60 -121.18
N LEU FA 146 -57.12 -27.12 -120.01
CA LEU FA 146 -57.67 -26.61 -118.77
C LEU FA 146 -57.29 -25.15 -118.52
N LEU FA 147 -56.03 -24.89 -118.26
CA LEU FA 147 -55.57 -23.54 -118.02
C LEU FA 147 -55.77 -22.63 -119.21
N ALA FA 148 -55.55 -23.14 -120.41
CA ALA FA 148 -55.71 -22.37 -121.64
C ALA FA 148 -56.07 -23.29 -122.79
N PRO FA 149 -57.35 -23.43 -123.09
CA PRO FA 149 -57.73 -24.22 -124.27
C PRO FA 149 -57.27 -23.53 -125.54
N TYR FA 150 -57.18 -24.31 -126.61
CA TYR FA 150 -56.71 -23.79 -127.90
C TYR FA 150 -57.65 -22.71 -128.41
N ALA FA 151 -57.12 -21.81 -129.25
CA ALA FA 151 -57.86 -20.65 -129.72
C ALA FA 151 -57.79 -20.57 -131.24
N LYS FA 152 -58.78 -19.88 -131.83
CA LYS FA 152 -58.89 -19.83 -133.28
C LYS FA 152 -58.06 -18.70 -133.88
N GLY FA 153 -57.30 -19.02 -134.93
CA GLY FA 153 -56.60 -18.03 -135.71
C GLY FA 153 -55.44 -17.35 -135.02
N GLY FA 154 -55.09 -17.77 -133.81
CA GLY FA 154 -54.09 -17.07 -133.02
C GLY FA 154 -52.69 -17.60 -133.22
N LYS FA 155 -51.77 -17.04 -132.43
CA LYS FA 155 -50.36 -17.41 -132.48
C LYS FA 155 -50.03 -18.43 -131.40
N ILE FA 156 -48.82 -18.96 -131.44
CA ILE FA 156 -48.40 -20.01 -130.54
C ILE FA 156 -46.88 -20.07 -130.50
N GLY FA 157 -46.35 -20.51 -129.37
CA GLY FA 157 -44.94 -20.81 -129.25
C GLY FA 157 -44.72 -22.07 -128.43
N LEU FA 158 -43.85 -22.93 -128.94
CA LEU FA 158 -43.54 -24.18 -128.26
C LEU FA 158 -42.23 -23.99 -127.51
N PHE FA 159 -42.31 -23.42 -126.31
CA PHE FA 159 -41.12 -23.14 -125.52
C PHE FA 159 -40.55 -24.45 -125.01
N GLY FA 160 -39.93 -25.21 -125.90
CA GLY FA 160 -39.35 -26.49 -125.54
C GLY FA 160 -37.95 -26.60 -126.10
N GLY FA 161 -37.07 -27.22 -125.32
CA GLY FA 161 -35.68 -27.29 -125.71
C GLY FA 161 -35.46 -28.24 -126.87
N ALA FA 162 -34.25 -28.25 -127.40
CA ALA FA 162 -33.90 -29.08 -128.54
C ALA FA 162 -33.91 -30.54 -128.09
N GLY FA 163 -34.63 -31.38 -128.82
CA GLY FA 163 -34.79 -32.75 -128.40
C GLY FA 163 -35.56 -32.89 -127.10
N VAL FA 164 -35.99 -31.76 -126.51
CA VAL FA 164 -36.63 -31.76 -125.21
C VAL FA 164 -38.14 -31.85 -125.30
N GLY FA 165 -38.69 -32.21 -126.45
CA GLY FA 165 -40.13 -32.37 -126.57
C GLY FA 165 -40.79 -31.26 -127.35
N LYS FA 166 -40.00 -30.37 -127.93
CA LYS FA 166 -40.56 -29.27 -128.72
C LYS FA 166 -41.44 -29.82 -129.82
N THR FA 167 -40.93 -30.77 -130.59
CA THR FA 167 -41.78 -31.50 -131.51
C THR FA 167 -42.71 -32.44 -130.77
N VAL FA 168 -42.22 -33.06 -129.69
CA VAL FA 168 -43.06 -33.98 -128.92
C VAL FA 168 -44.24 -33.24 -128.32
N LEU FA 169 -44.16 -31.91 -128.25
CA LEU FA 169 -45.33 -31.12 -127.90
C LEU FA 169 -46.44 -31.29 -128.93
N ILE FA 170 -46.07 -31.36 -130.21
CA ILE FA 170 -47.06 -31.38 -131.28
C ILE FA 170 -47.80 -32.72 -131.35
N MET FA 171 -47.12 -33.82 -130.99
CA MET FA 171 -47.58 -35.15 -131.38
C MET FA 171 -48.99 -35.45 -130.85
N GLU FA 172 -49.31 -35.01 -129.64
CA GLU FA 172 -50.63 -35.28 -129.09
C GLU FA 172 -51.72 -34.65 -129.95
N LEU FA 173 -51.54 -33.39 -130.34
CA LEU FA 173 -52.50 -32.75 -131.23
C LEU FA 173 -52.32 -33.20 -132.66
N ILE FA 174 -51.11 -33.66 -133.02
CA ILE FA 174 -50.85 -34.09 -134.39
C ILE FA 174 -51.77 -35.23 -134.77
N ASN FA 175 -51.85 -36.24 -133.91
CA ASN FA 175 -52.84 -37.29 -134.11
C ASN FA 175 -54.25 -36.74 -133.94
N ASN FA 176 -54.46 -35.92 -132.91
CA ASN FA 176 -55.81 -35.50 -132.53
C ASN FA 176 -56.28 -34.29 -133.33
N VAL FA 177 -55.62 -33.14 -133.15
CA VAL FA 177 -56.14 -31.90 -133.70
C VAL FA 177 -56.00 -31.88 -135.22
N ALA FA 178 -54.86 -32.36 -135.73
CA ALA FA 178 -54.59 -32.27 -137.17
C ALA FA 178 -55.53 -33.15 -137.99
N LYS FA 179 -55.86 -34.34 -137.48
CA LYS FA 179 -56.71 -35.25 -138.25
C LYS FA 179 -58.06 -34.62 -138.58
N ALA FA 180 -58.57 -33.76 -137.69
CA ALA FA 180 -59.85 -33.11 -137.88
C ALA FA 180 -59.73 -31.82 -138.69
N HIS FA 181 -58.70 -31.71 -139.52
CA HIS FA 181 -58.48 -30.54 -140.36
C HIS FA 181 -58.89 -30.86 -141.78
N GLY FA 182 -60.18 -30.69 -142.09
CA GLY FA 182 -60.65 -30.93 -143.43
C GLY FA 182 -59.99 -29.99 -144.44
N GLY FA 183 -59.88 -28.72 -144.10
CA GLY FA 183 -59.13 -27.78 -144.90
C GLY FA 183 -57.67 -28.20 -144.93
N TYR FA 184 -57.03 -27.91 -146.05
CA TYR FA 184 -55.64 -28.32 -146.23
C TYR FA 184 -54.78 -27.54 -145.24
N SER FA 185 -53.56 -28.01 -145.01
CA SER FA 185 -52.69 -27.38 -144.04
C SER FA 185 -51.27 -27.37 -144.57
N VAL FA 186 -50.37 -26.77 -143.81
CA VAL FA 186 -48.96 -26.68 -144.18
C VAL FA 186 -48.10 -27.07 -142.99
N PHE FA 187 -47.02 -27.80 -143.27
CA PHE FA 187 -46.05 -28.19 -142.26
C PHE FA 187 -44.68 -27.70 -142.73
N ALA FA 188 -44.24 -26.59 -142.17
CA ALA FA 188 -42.95 -26.01 -142.52
C ALA FA 188 -41.89 -26.59 -141.59
N GLY FA 189 -41.00 -27.41 -142.14
CA GLY FA 189 -39.93 -27.99 -141.35
C GLY FA 189 -38.72 -27.10 -141.29
N VAL FA 190 -38.57 -26.35 -140.19
CA VAL FA 190 -37.54 -25.32 -140.07
C VAL FA 190 -36.47 -25.86 -139.12
N GLY FA 191 -35.24 -26.00 -139.63
CA GLY FA 191 -34.16 -26.53 -138.81
C GLY FA 191 -34.47 -27.92 -138.29
N GLU FA 192 -34.96 -28.81 -139.15
CA GLU FA 192 -35.48 -30.09 -138.73
C GLU FA 192 -34.48 -31.20 -139.03
N ARG FA 193 -34.67 -32.33 -138.36
CA ARG FA 193 -33.82 -33.48 -138.60
C ARG FA 193 -33.99 -33.97 -140.03
N THR FA 194 -32.87 -34.18 -140.70
CA THR FA 194 -32.92 -34.83 -142.01
C THR FA 194 -33.45 -36.24 -141.89
N ARG FA 195 -33.08 -36.95 -140.81
CA ARG FA 195 -33.60 -38.29 -140.59
C ARG FA 195 -35.10 -38.26 -140.34
N GLU FA 196 -35.64 -37.09 -139.97
CA GLU FA 196 -37.06 -36.98 -139.67
C GLU FA 196 -37.91 -37.21 -140.91
N GLY FA 197 -37.48 -36.68 -142.06
CA GLY FA 197 -38.38 -36.51 -143.20
C GLY FA 197 -39.04 -37.80 -143.65
N ASN FA 198 -38.24 -38.76 -144.12
CA ASN FA 198 -38.80 -39.97 -144.72
C ASN FA 198 -39.78 -40.65 -143.77
N ASP FA 199 -39.38 -40.84 -142.51
CA ASP FA 199 -40.29 -41.40 -141.53
C ASP FA 199 -41.49 -40.49 -141.32
N LEU FA 200 -41.24 -39.17 -141.16
CA LEU FA 200 -42.34 -38.24 -141.01
C LEU FA 200 -43.19 -38.21 -142.27
N TYR FA 201 -42.55 -38.21 -143.44
CA TYR FA 201 -43.27 -38.40 -144.69
C TYR FA 201 -44.06 -39.70 -144.63
N HIS FA 202 -43.40 -40.79 -144.22
CA HIS FA 202 -44.12 -42.04 -143.99
C HIS FA 202 -45.16 -41.86 -142.90
N GLU FA 203 -44.80 -41.19 -141.81
CA GLU FA 203 -45.78 -40.91 -140.76
C GLU FA 203 -46.97 -40.15 -141.32
N MET FA 204 -46.71 -39.04 -142.01
CA MET FA 204 -47.79 -38.29 -142.61
C MET FA 204 -48.54 -39.15 -143.64
N ILE FA 205 -47.80 -39.94 -144.42
CA ILE FA 205 -48.44 -40.82 -145.38
C ILE FA 205 -49.28 -41.87 -144.67
N GLU FA 206 -48.64 -42.66 -143.81
CA GLU FA 206 -49.35 -43.71 -143.09
C GLU FA 206 -50.48 -43.17 -142.23
N SER FA 207 -50.38 -41.91 -141.79
CA SER FA 207 -51.46 -41.28 -141.05
C SER FA 207 -52.40 -40.49 -141.96
N GLY FA 208 -52.20 -40.58 -143.27
CA GLY FA 208 -53.03 -39.85 -144.20
C GLY FA 208 -52.88 -38.35 -144.14
N VAL FA 209 -52.13 -37.82 -143.16
CA VAL FA 209 -51.77 -36.41 -143.20
C VAL FA 209 -51.08 -36.09 -144.51
N ILE FA 210 -50.36 -37.07 -145.03
CA ILE FA 210 -49.98 -37.11 -146.44
C ILE FA 210 -50.79 -38.21 -147.10
N ASN FA 211 -51.33 -37.90 -148.28
CA ASN FA 211 -51.99 -38.90 -149.11
C ASN FA 211 -51.12 -39.13 -150.33
N LEU FA 212 -50.94 -40.39 -150.71
CA LEU FA 212 -49.95 -40.72 -151.73
C LEU FA 212 -50.53 -40.72 -153.14
N LYS FA 213 -51.44 -41.65 -153.43
CA LYS FA 213 -52.02 -41.70 -154.77
C LYS FA 213 -52.81 -40.44 -155.06
N ASP FA 214 -53.58 -39.97 -154.10
CA ASP FA 214 -54.28 -38.70 -154.21
C ASP FA 214 -53.53 -37.65 -153.40
N ALA FA 215 -53.75 -36.39 -153.74
CA ALA FA 215 -53.20 -35.27 -152.96
C ALA FA 215 -54.25 -34.90 -151.92
N THR FA 216 -54.77 -35.93 -151.25
CA THR FA 216 -55.70 -35.73 -150.15
C THR FA 216 -54.95 -35.55 -148.85
N SER FA 217 -53.67 -35.19 -148.95
CA SER FA 217 -52.83 -34.95 -147.79
C SER FA 217 -53.43 -33.87 -146.92
N LYS FA 218 -53.39 -34.09 -145.60
CA LYS FA 218 -53.83 -33.06 -144.66
C LYS FA 218 -52.82 -31.94 -144.56
N VAL FA 219 -51.66 -32.08 -145.19
CA VAL FA 219 -50.62 -31.06 -145.19
C VAL FA 219 -49.72 -31.27 -146.41
N ALA FA 220 -49.16 -30.18 -146.92
CA ALA FA 220 -48.19 -30.19 -148.03
C ALA FA 220 -46.82 -29.90 -147.44
N LEU FA 221 -45.88 -30.81 -147.67
CA LEU FA 221 -44.59 -30.75 -146.98
C LEU FA 221 -43.83 -29.47 -147.30
N VAL FA 222 -43.33 -28.81 -146.25
CA VAL FA 222 -42.51 -27.62 -146.37
C VAL FA 222 -41.31 -27.79 -145.44
N TYR FA 223 -40.12 -27.43 -145.94
CA TYR FA 223 -38.89 -27.71 -145.23
C TYR FA 223 -37.94 -26.53 -145.32
N GLY FA 224 -37.37 -26.14 -144.18
CA GLY FA 224 -36.26 -25.21 -144.09
C GLY FA 224 -35.22 -25.75 -143.13
N GLN FA 225 -34.99 -27.06 -143.20
CA GLN FA 225 -34.29 -27.79 -142.15
C GLN FA 225 -32.83 -27.38 -141.97
N MET FA 226 -32.21 -27.88 -140.91
CA MET FA 226 -30.78 -27.71 -140.72
C MET FA 226 -29.98 -28.34 -141.85
N ASN FA 227 -30.55 -29.29 -142.56
CA ASN FA 227 -29.97 -29.77 -143.81
C ASN FA 227 -29.98 -28.69 -144.88
N GLU FA 228 -30.89 -27.73 -144.79
CA GLU FA 228 -30.77 -26.55 -145.64
C GLU FA 228 -29.70 -25.62 -145.08
N PRO FA 229 -28.91 -24.98 -145.93
CA PRO FA 229 -27.79 -24.18 -145.45
C PRO FA 229 -28.27 -23.03 -144.58
N PRO FA 230 -27.37 -22.42 -143.81
CA PRO FA 230 -27.80 -21.34 -142.90
C PRO FA 230 -28.58 -20.24 -143.59
N GLY FA 231 -28.15 -19.84 -144.77
CA GLY FA 231 -28.98 -18.96 -145.58
C GLY FA 231 -30.25 -19.65 -146.02
N ALA FA 232 -30.14 -20.90 -146.45
CA ALA FA 232 -31.30 -21.66 -146.92
C ALA FA 232 -32.27 -21.98 -145.80
N ARG FA 233 -31.77 -22.59 -144.72
CA ARG FA 233 -32.65 -22.93 -143.61
C ARG FA 233 -33.38 -21.73 -143.06
N ALA FA 234 -32.77 -20.54 -143.09
CA ALA FA 234 -33.41 -19.33 -142.61
C ALA FA 234 -34.19 -18.61 -143.69
N ARG FA 235 -34.13 -19.06 -144.93
CA ARG FA 235 -34.84 -18.39 -146.01
C ARG FA 235 -36.13 -19.09 -146.43
N VAL FA 236 -36.39 -20.31 -145.95
CA VAL FA 236 -37.55 -21.06 -146.41
C VAL FA 236 -38.84 -20.59 -145.75
N ALA FA 237 -38.79 -19.45 -145.04
CA ALA FA 237 -39.83 -19.17 -144.05
C ALA FA 237 -41.19 -18.91 -144.68
N LEU FA 238 -41.34 -17.82 -145.45
CA LEU FA 238 -42.67 -17.42 -145.85
C LEU FA 238 -43.26 -18.36 -146.89
N THR FA 239 -42.41 -19.11 -147.59
CA THR FA 239 -42.89 -20.04 -148.61
C THR FA 239 -43.60 -21.23 -147.97
N GLY FA 240 -43.05 -21.77 -146.88
CA GLY FA 240 -43.78 -22.76 -146.12
C GLY FA 240 -45.10 -22.22 -145.62
N LEU FA 241 -45.12 -20.94 -145.25
CA LEU FA 241 -46.36 -20.28 -144.84
C LEU FA 241 -47.30 -20.06 -146.01
N THR FA 242 -46.80 -20.24 -147.24
CA THR FA 242 -47.66 -20.06 -148.40
C THR FA 242 -48.49 -21.31 -148.68
N VAL FA 243 -47.98 -22.48 -148.29
CA VAL FA 243 -48.74 -23.71 -148.50
C VAL FA 243 -50.05 -23.67 -147.71
N ALA FA 244 -50.00 -23.12 -146.51
CA ALA FA 244 -51.24 -22.87 -145.78
C ALA FA 244 -52.05 -21.78 -146.45
N GLU FA 245 -51.39 -20.75 -146.96
CA GLU FA 245 -52.08 -19.78 -147.81
C GLU FA 245 -52.61 -20.46 -149.06
N TYR FA 246 -51.84 -21.38 -149.60
CA TYR FA 246 -52.35 -22.27 -150.64
C TYR FA 246 -53.49 -23.12 -150.11
N PHE FA 247 -53.57 -23.24 -148.78
CA PHE FA 247 -54.57 -24.12 -148.16
C PHE FA 247 -55.70 -23.33 -147.51
N ARG FA 248 -55.39 -22.15 -146.96
CA ARG FA 248 -56.38 -21.42 -146.17
C ARG FA 248 -57.03 -20.29 -146.96
N ASP FA 249 -56.29 -19.69 -147.88
CA ASP FA 249 -56.82 -18.59 -148.69
C ASP FA 249 -56.89 -18.99 -150.16
N GLN FA 250 -55.78 -19.51 -150.70
CA GLN FA 250 -55.80 -20.01 -152.06
C GLN FA 250 -56.65 -21.27 -152.16
N GLU FA 251 -56.67 -22.08 -151.10
CA GLU FA 251 -57.74 -23.07 -150.97
C GLU FA 251 -58.88 -22.58 -150.09
N GLY FA 252 -58.79 -21.34 -149.60
CA GLY FA 252 -59.93 -20.66 -149.01
C GLY FA 252 -60.60 -21.38 -147.85
N GLN FA 253 -59.82 -21.88 -146.90
CA GLN FA 253 -60.38 -22.68 -145.82
C GLN FA 253 -59.88 -22.17 -144.48
N ASP FA 254 -60.62 -22.50 -143.43
CA ASP FA 254 -60.04 -22.43 -142.10
C ASP FA 254 -59.01 -23.54 -141.96
N VAL FA 255 -57.77 -23.17 -141.65
CA VAL FA 255 -56.65 -24.08 -141.79
C VAL FA 255 -55.65 -23.86 -140.67
N LEU FA 256 -54.52 -24.55 -140.79
CA LEU FA 256 -53.40 -24.45 -139.88
C LEU FA 256 -52.11 -24.25 -140.69
N LEU FA 257 -51.04 -23.88 -140.00
CA LEU FA 257 -49.75 -23.67 -140.64
C LEU FA 257 -48.66 -24.09 -139.66
N PHE FA 258 -48.15 -25.31 -139.83
CA PHE FA 258 -47.22 -25.90 -138.88
C PHE FA 258 -45.78 -25.49 -139.21
N ILE FA 259 -45.03 -25.11 -138.18
CA ILE FA 259 -43.63 -24.75 -138.29
C ILE FA 259 -42.84 -25.54 -137.26
N ASP FA 260 -41.72 -26.13 -137.70
CA ASP FA 260 -40.90 -26.92 -136.78
C ASP FA 260 -39.48 -26.97 -137.36
N ASN FA 261 -38.56 -26.22 -136.75
CA ASN FA 261 -38.84 -25.38 -135.60
C ASN FA 261 -38.43 -23.94 -135.87
N ILE FA 262 -39.24 -22.99 -135.41
CA ILE FA 262 -39.08 -21.58 -135.76
C ILE FA 262 -37.94 -20.92 -135.01
N PHE FA 263 -37.48 -21.50 -133.92
CA PHE FA 263 -36.35 -20.92 -133.21
C PHE FA 263 -35.09 -20.94 -134.07
N ARG FA 264 -34.89 -22.03 -134.82
CA ARG FA 264 -33.67 -22.17 -135.61
C ARG FA 264 -33.57 -21.13 -136.70
N PHE FA 265 -34.68 -20.42 -136.99
CA PHE FA 265 -34.66 -19.37 -138.00
C PHE FA 265 -33.55 -18.38 -137.72
N THR FA 266 -33.44 -17.91 -136.48
CA THR FA 266 -32.28 -17.11 -136.12
C THR FA 266 -31.03 -17.98 -136.02
N GLN FA 267 -31.17 -19.22 -135.52
CA GLN FA 267 -30.01 -20.09 -135.37
C GLN FA 267 -29.36 -20.37 -136.71
N ALA FA 268 -30.17 -20.63 -137.73
CA ALA FA 268 -29.63 -20.76 -139.08
C ALA FA 268 -29.14 -19.41 -139.61
N GLY FA 269 -29.96 -18.37 -139.48
CA GLY FA 269 -29.65 -17.12 -140.15
C GLY FA 269 -28.55 -16.33 -139.47
N SER FA 270 -28.68 -16.07 -138.17
CA SER FA 270 -27.75 -15.16 -137.49
C SER FA 270 -26.36 -15.78 -137.40
N GLU FA 271 -26.23 -17.06 -137.75
CA GLU FA 271 -24.92 -17.72 -137.73
C GLU FA 271 -23.92 -16.96 -138.58
N VAL FA 272 -24.30 -16.58 -139.80
CA VAL FA 272 -23.37 -15.90 -140.69
C VAL FA 272 -23.34 -14.39 -140.46
N SER FA 273 -24.05 -13.90 -139.45
CA SER FA 273 -24.30 -12.47 -139.33
C SER FA 273 -23.00 -11.66 -139.26
N ALA FA 274 -22.04 -12.13 -138.47
CA ALA FA 274 -20.77 -11.42 -138.37
C ALA FA 274 -20.08 -11.31 -139.73
N LEU FA 275 -20.00 -12.44 -140.43
CA LEU FA 275 -19.59 -12.39 -141.83
C LEU FA 275 -20.60 -11.62 -142.65
N LEU FA 276 -21.90 -11.82 -142.40
CA LEU FA 276 -22.94 -11.09 -143.10
C LEU FA 276 -22.92 -9.60 -142.81
N GLY FA 277 -21.98 -9.12 -142.00
CA GLY FA 277 -21.91 -7.72 -141.71
C GLY FA 277 -23.05 -7.27 -140.81
N ARG FA 278 -23.51 -8.16 -139.95
CA ARG FA 278 -24.46 -7.82 -138.91
C ARG FA 278 -23.75 -7.82 -137.56
N ILE FA 279 -23.79 -6.68 -136.87
CA ILE FA 279 -23.14 -6.61 -135.56
C ILE FA 279 -23.84 -7.56 -134.61
N PRO FA 280 -23.13 -8.37 -133.84
CA PRO FA 280 -23.80 -9.39 -133.02
C PRO FA 280 -24.74 -8.76 -132.00
N SER FA 281 -25.87 -9.41 -131.80
CA SER FA 281 -26.82 -9.02 -130.76
C SER FA 281 -26.38 -9.63 -129.45
N ALA FA 282 -27.26 -9.64 -128.45
CA ALA FA 282 -26.94 -10.13 -127.11
C ALA FA 282 -26.34 -11.52 -127.16
N VAL FA 283 -27.00 -12.43 -127.86
CA VAL FA 283 -26.45 -13.75 -128.05
C VAL FA 283 -25.77 -13.78 -129.42
N GLY FA 284 -25.57 -12.60 -129.99
CA GLY FA 284 -24.98 -12.50 -131.31
C GLY FA 284 -25.96 -12.48 -132.45
N TYR FA 285 -27.25 -12.28 -132.18
CA TYR FA 285 -28.27 -12.38 -133.21
C TYR FA 285 -28.28 -11.14 -134.10
N GLN FA 286 -29.30 -11.06 -134.96
CA GLN FA 286 -29.48 -9.89 -135.78
C GLN FA 286 -29.74 -8.68 -134.89
N PRO FA 287 -29.08 -7.54 -135.17
CA PRO FA 287 -29.28 -6.36 -134.33
C PRO FA 287 -30.73 -5.94 -134.25
N THR FA 288 -31.48 -6.06 -135.34
CA THR FA 288 -32.92 -5.87 -135.33
C THR FA 288 -33.66 -7.19 -135.50
N LEU FA 289 -33.16 -8.27 -134.90
CA LEU FA 289 -33.84 -9.57 -135.00
C LEU FA 289 -35.27 -9.48 -134.50
N ALA FA 290 -35.61 -8.38 -133.82
CA ALA FA 290 -37.01 -8.11 -133.47
C ALA FA 290 -37.90 -8.15 -134.69
N THR FA 291 -37.41 -7.66 -135.82
CA THR FA 291 -38.18 -7.71 -137.06
C THR FA 291 -37.99 -9.04 -137.80
N ASP FA 292 -37.07 -9.88 -137.33
CA ASP FA 292 -36.66 -11.04 -138.12
C ASP FA 292 -37.75 -12.11 -138.22
N MET FA 293 -38.10 -12.76 -137.11
CA MET FA 293 -38.93 -13.96 -137.20
C MET FA 293 -40.41 -13.68 -136.95
N GLY FA 294 -40.74 -12.62 -136.21
CA GLY FA 294 -42.13 -12.31 -135.98
C GLY FA 294 -42.86 -11.96 -137.26
N THR FA 295 -42.24 -11.13 -138.09
CA THR FA 295 -42.75 -10.93 -139.43
C THR FA 295 -42.63 -12.20 -140.26
N MET FA 296 -41.57 -12.97 -140.06
CA MET FA 296 -41.53 -14.30 -140.64
C MET FA 296 -42.67 -15.15 -140.12
N GLN FA 297 -42.93 -15.05 -138.81
CA GLN FA 297 -44.15 -15.59 -138.26
C GLN FA 297 -45.39 -14.93 -138.86
N GLU FA 298 -45.25 -13.72 -139.38
CA GLU FA 298 -46.36 -13.00 -139.99
C GLU FA 298 -46.43 -13.18 -141.50
N ARG FA 299 -46.12 -14.37 -142.03
CA ARG FA 299 -46.17 -14.60 -143.46
C ARG FA 299 -47.54 -15.07 -143.95
N ILE FA 300 -48.29 -15.79 -143.11
CA ILE FA 300 -49.66 -16.16 -143.45
C ILE FA 300 -50.54 -15.71 -142.29
N THR FA 301 -51.63 -15.01 -142.59
CA THR FA 301 -52.36 -14.33 -141.53
C THR FA 301 -53.81 -14.78 -141.50
N THR FA 302 -54.29 -15.10 -140.28
CA THR FA 302 -55.69 -15.39 -140.08
C THR FA 302 -56.48 -14.10 -139.90
N THR FA 303 -57.61 -14.00 -140.61
CA THR FA 303 -58.39 -12.78 -140.64
C THR FA 303 -59.82 -13.12 -141.07
N LYS FA 304 -60.57 -12.10 -141.44
CA LYS FA 304 -61.87 -12.34 -142.04
C LYS FA 304 -61.74 -12.94 -143.44
N LYS FA 305 -60.56 -12.87 -144.04
CA LYS FA 305 -60.33 -13.38 -145.39
C LYS FA 305 -59.55 -14.69 -145.38
N GLY FA 306 -59.47 -15.33 -144.22
CA GLY FA 306 -58.81 -16.62 -144.13
C GLY FA 306 -58.53 -16.94 -142.68
N SER FA 307 -58.45 -18.24 -142.39
CA SER FA 307 -58.33 -18.68 -141.01
C SER FA 307 -57.21 -19.70 -140.87
N ILE FA 308 -56.14 -19.33 -140.19
CA ILE FA 308 -54.96 -20.17 -140.05
C ILE FA 308 -54.83 -20.54 -138.58
N THR FA 309 -54.90 -21.82 -138.30
CA THR FA 309 -54.50 -22.35 -136.99
C THR FA 309 -53.01 -22.66 -137.04
N SER FA 310 -52.25 -21.62 -137.39
CA SER FA 310 -50.83 -21.77 -137.65
C SER FA 310 -50.10 -22.34 -136.44
N VAL FA 311 -49.21 -23.31 -136.69
CA VAL FA 311 -48.48 -24.00 -135.64
C VAL FA 311 -46.99 -23.72 -135.79
N GLN FA 312 -46.28 -23.69 -134.68
CA GLN FA 312 -44.87 -23.35 -134.70
C GLN FA 312 -44.14 -24.09 -133.59
N ALA FA 313 -43.12 -24.86 -133.96
CA ALA FA 313 -42.19 -25.40 -132.98
C ALA FA 313 -40.97 -24.51 -132.90
N ILE FA 314 -40.28 -24.54 -131.75
CA ILE FA 314 -39.11 -23.71 -131.52
C ILE FA 314 -38.27 -24.37 -130.43
N TYR FA 315 -37.00 -24.61 -130.73
CA TYR FA 315 -36.09 -25.10 -129.70
C TYR FA 315 -35.91 -24.02 -128.63
N VAL FA 316 -35.85 -24.46 -127.38
CA VAL FA 316 -35.57 -23.57 -126.26
C VAL FA 316 -34.14 -23.83 -125.82
N PRO FA 317 -33.18 -23.18 -126.42
CA PRO FA 317 -31.78 -23.42 -126.04
C PRO FA 317 -31.46 -22.88 -124.66
N ALA FA 318 -30.43 -23.47 -124.03
CA ALA FA 318 -29.79 -22.95 -122.83
C ALA FA 318 -30.70 -22.94 -121.62
N ASP FA 319 -31.89 -23.52 -121.74
CA ASP FA 319 -32.82 -23.66 -120.63
C ASP FA 319 -33.15 -22.32 -119.98
N ASP FA 320 -32.85 -21.23 -120.67
CA ASP FA 320 -33.12 -19.89 -120.18
C ASP FA 320 -34.25 -19.32 -121.01
N LEU FA 321 -35.42 -19.18 -120.38
CA LEU FA 321 -36.56 -18.62 -121.07
C LEU FA 321 -36.29 -17.22 -121.60
N THR FA 322 -35.36 -16.49 -120.98
CA THR FA 322 -34.99 -15.16 -121.43
C THR FA 322 -34.11 -15.17 -122.67
N ASP FA 323 -33.97 -16.32 -123.33
CA ASP FA 323 -33.24 -16.36 -124.57
C ASP FA 323 -33.87 -15.38 -125.55
N PRO FA 324 -33.05 -14.58 -126.23
CA PRO FA 324 -33.63 -13.48 -127.04
C PRO FA 324 -34.81 -13.90 -127.88
N ALA FA 325 -34.65 -14.91 -128.74
CA ALA FA 325 -35.81 -15.42 -129.47
C ALA FA 325 -36.86 -15.92 -128.50
N PRO FA 326 -36.56 -16.76 -127.52
CA PRO FA 326 -37.57 -17.08 -126.50
C PRO FA 326 -38.07 -15.85 -125.79
N ALA FA 327 -37.20 -14.87 -125.56
CA ALA FA 327 -37.63 -13.64 -124.91
C ALA FA 327 -38.58 -12.84 -125.80
N THR FA 328 -38.37 -12.87 -127.10
CA THR FA 328 -39.07 -11.95 -128.00
C THR FA 328 -40.56 -12.26 -128.12
N THR FA 329 -40.98 -13.49 -127.84
CA THR FA 329 -42.32 -13.92 -128.23
C THR FA 329 -43.42 -13.26 -127.40
N PHE FA 330 -43.08 -12.26 -126.59
CA PHE FA 330 -44.04 -11.68 -125.65
C PHE FA 330 -45.32 -11.21 -126.32
N ALA FA 331 -45.19 -10.40 -127.36
CA ALA FA 331 -46.36 -10.02 -128.15
C ALA FA 331 -46.55 -10.91 -129.37
N HIS FA 332 -45.75 -11.97 -129.50
CA HIS FA 332 -45.62 -12.69 -130.77
C HIS FA 332 -46.23 -14.09 -130.75
N LEU FA 333 -46.05 -14.86 -129.69
CA LEU FA 333 -46.56 -16.22 -129.64
C LEU FA 333 -47.71 -16.29 -128.66
N ASP FA 334 -48.93 -16.42 -129.18
CA ASP FA 334 -50.12 -16.33 -128.35
C ASP FA 334 -50.41 -17.61 -127.59
N ALA FA 335 -49.70 -18.69 -127.88
CA ALA FA 335 -49.86 -19.91 -127.11
C ALA FA 335 -48.50 -20.52 -126.79
N THR FA 336 -48.00 -20.28 -125.58
CA THR FA 336 -46.67 -20.72 -125.18
C THR FA 336 -46.75 -22.13 -124.65
N THR FA 337 -45.79 -22.96 -125.06
CA THR FA 337 -45.70 -24.34 -124.61
C THR FA 337 -44.34 -24.52 -123.94
N VAL FA 338 -44.27 -24.14 -122.67
CA VAL FA 338 -43.00 -24.12 -121.93
C VAL FA 338 -42.71 -25.54 -121.48
N LEU FA 339 -42.01 -26.31 -122.31
CA LEU FA 339 -41.61 -27.64 -121.91
C LEU FA 339 -40.62 -27.55 -120.76
N SER FA 340 -40.79 -28.44 -119.77
CA SER FA 340 -39.97 -28.41 -118.57
C SER FA 340 -39.18 -29.70 -118.42
N ARG FA 341 -37.86 -29.59 -118.54
CA ARG FA 341 -36.99 -30.71 -118.16
C ARG FA 341 -37.19 -31.07 -116.69
N ALA FA 342 -37.58 -30.10 -115.87
CA ALA FA 342 -38.01 -30.42 -114.52
C ALA FA 342 -39.25 -31.28 -114.54
N ILE FA 343 -40.23 -30.93 -115.37
CA ILE FA 343 -41.37 -31.83 -115.57
C ILE FA 343 -40.92 -33.09 -116.28
N ALA FA 344 -39.89 -32.98 -117.13
CA ALA FA 344 -39.24 -34.19 -117.62
C ALA FA 344 -38.50 -34.88 -116.50
N GLU FA 345 -37.84 -34.13 -115.63
CA GLU FA 345 -37.38 -34.72 -114.39
C GLU FA 345 -38.56 -35.24 -113.58
N LEU FA 346 -39.66 -34.50 -113.55
CA LEU FA 346 -40.91 -35.05 -113.02
C LEU FA 346 -41.47 -36.13 -113.93
N GLY FA 347 -40.96 -36.27 -115.15
CA GLY FA 347 -41.37 -37.33 -116.04
C GLY FA 347 -42.73 -37.15 -116.68
N ILE FA 348 -43.24 -35.93 -116.75
CA ILE FA 348 -44.61 -35.71 -117.21
C ILE FA 348 -44.71 -36.08 -118.69
N TYR FA 349 -45.90 -36.52 -119.10
CA TYR FA 349 -46.16 -36.95 -120.47
C TYR FA 349 -47.33 -36.15 -121.01
N PRO FA 350 -47.09 -35.08 -121.76
CA PRO FA 350 -45.75 -34.52 -121.97
C PRO FA 350 -45.30 -33.73 -120.76
N ALA FA 351 -44.10 -33.17 -120.80
CA ALA FA 351 -43.45 -32.62 -119.61
C ALA FA 351 -43.26 -31.10 -119.65
N VAL FA 352 -44.31 -30.34 -119.94
CA VAL FA 352 -44.18 -28.89 -119.98
C VAL FA 352 -44.13 -28.32 -118.56
N ASP FA 353 -43.69 -27.07 -118.46
CA ASP FA 353 -43.68 -26.37 -117.19
C ASP FA 353 -45.12 -26.23 -116.70
N PRO FA 354 -45.41 -26.47 -115.43
CA PRO FA 354 -46.81 -26.50 -115.01
C PRO FA 354 -47.56 -25.21 -115.28
N LEU FA 355 -47.15 -24.10 -114.67
CA LEU FA 355 -47.88 -22.85 -114.77
C LEU FA 355 -47.21 -21.85 -115.72
N ASP FA 356 -46.31 -22.32 -116.56
CA ASP FA 356 -45.54 -21.39 -117.40
C ASP FA 356 -46.01 -21.31 -118.83
N SER FA 357 -46.81 -22.24 -119.34
CA SER FA 357 -47.42 -22.09 -120.64
C SER FA 357 -48.30 -20.84 -120.62
N THR FA 358 -48.29 -20.08 -121.71
CA THR FA 358 -48.91 -18.77 -121.71
C THR FA 358 -49.98 -18.69 -122.80
N SER FA 359 -51.11 -18.09 -122.43
CA SER FA 359 -52.21 -17.79 -123.34
C SER FA 359 -53.16 -16.85 -122.61
N ARG FA 360 -53.92 -16.08 -123.39
CA ARG FA 360 -54.81 -15.07 -122.83
C ARG FA 360 -55.95 -15.65 -122.00
N ILE FA 361 -55.99 -16.98 -121.85
CA ILE FA 361 -57.07 -17.63 -121.12
C ILE FA 361 -57.05 -17.30 -119.63
N MET FA 362 -56.12 -16.45 -119.19
CA MET FA 362 -56.10 -16.03 -117.79
C MET FA 362 -57.25 -15.09 -117.51
N ASP FA 363 -58.47 -15.60 -117.54
CA ASP FA 363 -59.67 -14.81 -117.30
C ASP FA 363 -60.82 -15.73 -116.91
N PRO FA 364 -61.68 -15.30 -115.98
CA PRO FA 364 -62.73 -16.21 -115.49
C PRO FA 364 -63.86 -16.44 -116.46
N ASN FA 365 -64.36 -15.39 -117.10
CA ASN FA 365 -65.54 -15.49 -117.93
C ASN FA 365 -65.30 -16.27 -119.21
N ILE FA 366 -64.09 -16.20 -119.76
CA ILE FA 366 -63.85 -16.73 -121.10
C ILE FA 366 -63.92 -18.26 -121.14
N VAL FA 367 -63.00 -18.95 -120.47
CA VAL FA 367 -62.96 -20.41 -120.49
C VAL FA 367 -63.97 -21.01 -119.54
N GLY FA 368 -64.88 -20.23 -119.01
CA GLY FA 368 -65.74 -20.70 -117.95
C GLY FA 368 -65.05 -20.64 -116.61
N SER FA 369 -65.78 -20.13 -115.62
CA SER FA 369 -65.23 -20.02 -114.28
C SER FA 369 -64.82 -21.39 -113.76
N GLU FA 370 -65.61 -22.42 -114.06
CA GLU FA 370 -65.25 -23.78 -113.62
C GLU FA 370 -63.85 -24.14 -114.08
N HIS FA 371 -63.56 -23.98 -115.37
CA HIS FA 371 -62.19 -24.11 -115.84
C HIS FA 371 -61.31 -23.04 -115.23
N TYR FA 372 -61.82 -21.81 -115.13
CA TYR FA 372 -61.04 -20.75 -114.49
C TYR FA 372 -60.83 -21.04 -113.01
N ASP FA 373 -61.86 -21.54 -112.33
CA ASP FA 373 -61.67 -22.06 -110.98
C ASP FA 373 -60.73 -23.25 -111.00
N VAL FA 374 -60.87 -24.11 -112.00
CA VAL FA 374 -59.90 -25.18 -112.19
C VAL FA 374 -58.53 -24.58 -112.51
N ALA FA 375 -58.51 -23.32 -112.98
CA ALA FA 375 -57.23 -22.69 -113.32
C ALA FA 375 -56.58 -22.03 -112.12
N ARG FA 376 -57.29 -21.10 -111.47
CA ARG FA 376 -56.64 -20.20 -110.51
C ARG FA 376 -56.12 -20.93 -109.28
N GLY FA 377 -56.94 -21.74 -108.64
CA GLY FA 377 -56.52 -22.36 -107.38
C GLY FA 377 -55.41 -23.38 -107.56
N VAL FA 378 -55.46 -24.14 -108.65
CA VAL FA 378 -54.53 -25.26 -108.84
C VAL FA 378 -53.10 -24.75 -108.88
N GLN FA 379 -52.89 -23.60 -109.53
CA GLN FA 379 -51.55 -23.02 -109.57
C GLN FA 379 -51.04 -22.75 -108.16
N LYS FA 380 -51.92 -22.29 -107.28
CA LYS FA 380 -51.52 -22.05 -105.89
C LYS FA 380 -51.05 -23.34 -105.25
N ILE FA 381 -51.74 -24.45 -105.51
CA ILE FA 381 -51.39 -25.72 -104.90
C ILE FA 381 -49.96 -26.11 -105.25
N LEU FA 382 -49.61 -26.08 -106.54
CA LEU FA 382 -48.26 -26.40 -106.93
C LEU FA 382 -47.27 -25.39 -106.41
N GLN FA 383 -47.58 -24.10 -106.56
CA GLN FA 383 -46.72 -23.06 -105.99
C GLN FA 383 -46.53 -23.30 -104.51
N ASP FA 384 -47.61 -23.61 -103.80
CA ASP FA 384 -47.46 -24.08 -102.43
C ASP FA 384 -46.69 -25.39 -102.38
N TYR FA 385 -47.01 -26.32 -103.30
CA TYR FA 385 -46.38 -27.63 -103.24
C TYR FA 385 -44.87 -27.51 -103.32
N LYS FA 386 -44.37 -26.69 -104.23
CA LYS FA 386 -42.93 -26.45 -104.27
C LYS FA 386 -42.47 -25.81 -102.97
N SER FA 387 -43.22 -24.82 -102.48
CA SER FA 387 -42.92 -24.28 -101.16
C SER FA 387 -43.09 -25.35 -100.10
N LEU FA 388 -44.15 -26.15 -100.20
CA LEU FA 388 -44.23 -27.34 -99.39
C LEU FA 388 -43.03 -28.23 -99.64
N GLN FA 389 -42.69 -28.46 -100.90
CA GLN FA 389 -41.45 -29.15 -101.20
C GLN FA 389 -40.27 -28.44 -100.57
N ASP FA 390 -40.25 -27.11 -100.63
CA ASP FA 390 -39.25 -26.37 -99.89
C ASP FA 390 -39.32 -26.69 -98.41
N ILE FA 391 -40.53 -26.71 -97.85
CA ILE FA 391 -40.69 -27.15 -96.48
C ILE FA 391 -40.30 -28.62 -96.35
N ILE FA 392 -40.61 -29.42 -97.37
CA ILE FA 392 -40.45 -30.87 -97.30
C ILE FA 392 -38.99 -31.24 -97.09
N ALA FA 393 -38.09 -30.61 -97.84
CA ALA FA 393 -36.69 -31.00 -97.79
C ALA FA 393 -36.10 -30.81 -96.41
N ILE FA 394 -36.77 -30.04 -95.57
CA ILE FA 394 -36.20 -29.54 -94.32
C ILE FA 394 -35.79 -30.67 -93.40
N LEU FA 395 -36.73 -31.53 -93.01
CA LEU FA 395 -36.36 -32.61 -92.09
C LEU FA 395 -37.02 -33.93 -92.47
N GLY FA 396 -38.26 -33.88 -92.95
CA GLY FA 396 -39.02 -35.08 -93.21
C GLY FA 396 -40.49 -34.94 -92.83
N MET FA 397 -41.21 -36.05 -92.92
CA MET FA 397 -42.65 -36.07 -92.75
C MET FA 397 -43.10 -36.09 -91.30
N ASP FA 398 -42.20 -35.84 -90.35
CA ASP FA 398 -42.55 -35.96 -88.94
C ASP FA 398 -43.60 -34.95 -88.50
N GLU FA 399 -43.39 -33.66 -88.77
CA GLU FA 399 -44.25 -32.64 -88.21
C GLU FA 399 -45.17 -31.99 -89.25
N LEU FA 400 -45.21 -32.52 -90.46
CA LEU FA 400 -46.07 -31.94 -91.47
C LEU FA 400 -47.53 -32.03 -91.06
N SER FA 401 -48.16 -30.87 -90.90
CA SER FA 401 -49.57 -30.84 -90.53
C SER FA 401 -50.39 -31.44 -91.65
N GLU FA 402 -51.50 -32.09 -91.30
CA GLU FA 402 -52.41 -32.60 -92.30
C GLU FA 402 -52.84 -31.52 -93.27
N GLU FA 403 -52.99 -30.29 -92.81
CA GLU FA 403 -53.26 -29.16 -93.68
C GLU FA 403 -52.23 -29.04 -94.79
N ASP FA 404 -50.99 -29.41 -94.51
CA ASP FA 404 -49.97 -29.52 -95.54
C ASP FA 404 -49.86 -30.92 -96.10
N LYS FA 405 -49.96 -31.94 -95.24
CA LYS FA 405 -49.89 -33.30 -95.72
C LYS FA 405 -50.92 -33.56 -96.80
N LEU FA 406 -52.17 -33.16 -96.55
CA LEU FA 406 -53.18 -33.21 -97.60
C LEU FA 406 -52.80 -32.29 -98.75
N THR FA 407 -52.36 -31.08 -98.42
CA THR FA 407 -51.84 -30.19 -99.46
C THR FA 407 -50.71 -30.88 -100.20
N VAL FA 408 -49.84 -31.56 -99.45
CA VAL FA 408 -48.86 -32.43 -100.09
C VAL FA 408 -49.57 -33.55 -100.84
N SER FA 409 -50.54 -34.19 -100.18
CA SER FA 409 -51.23 -35.31 -100.80
C SER FA 409 -51.96 -34.87 -102.06
N ARG FA 410 -52.79 -33.82 -101.94
CA ARG FA 410 -53.60 -33.39 -103.07
C ARG FA 410 -52.74 -32.97 -104.25
N ALA FA 411 -51.70 -32.17 -103.99
CA ALA FA 411 -50.80 -31.77 -105.06
C ALA FA 411 -50.09 -32.98 -105.64
N ARG FA 412 -49.61 -33.88 -104.78
CA ARG FA 412 -49.06 -35.13 -105.28
C ARG FA 412 -50.12 -35.93 -106.01
N LYS FA 413 -51.34 -35.95 -105.47
CA LYS FA 413 -52.46 -36.54 -106.20
C LYS FA 413 -52.71 -35.78 -107.51
N ILE FA 414 -52.60 -34.46 -107.46
CA ILE FA 414 -52.79 -33.66 -108.67
C ILE FA 414 -51.61 -33.82 -109.61
N GLN FA 415 -50.47 -34.30 -109.09
CA GLN FA 415 -49.22 -34.22 -109.83
C GLN FA 415 -49.28 -35.00 -111.15
N ARG FA 416 -49.42 -36.33 -111.05
CA ARG FA 416 -49.34 -37.15 -112.26
C ARG FA 416 -50.59 -37.06 -113.11
N PHE FA 417 -51.63 -36.40 -112.60
CA PHE FA 417 -52.93 -36.40 -113.27
C PHE FA 417 -52.87 -35.83 -114.67
N LEU FA 418 -52.16 -34.72 -114.88
CA LEU FA 418 -52.16 -34.09 -116.19
C LEU FA 418 -51.32 -34.85 -117.21
N SER FA 419 -50.40 -35.70 -116.76
CA SER FA 419 -49.56 -36.44 -117.69
C SER FA 419 -50.40 -37.48 -118.45
N GLN FA 420 -50.15 -37.57 -119.75
CA GLN FA 420 -50.88 -38.49 -120.61
C GLN FA 420 -49.98 -38.90 -121.76
N PRO FA 421 -49.63 -40.18 -121.86
CA PRO FA 421 -48.79 -40.62 -122.99
C PRO FA 421 -49.55 -40.58 -124.30
N PHE FA 422 -49.16 -39.66 -125.18
CA PHE FA 422 -49.88 -39.44 -126.43
C PHE FA 422 -49.69 -40.62 -127.38
N GLN FA 423 -50.26 -40.47 -128.57
CA GLN FA 423 -50.19 -41.54 -129.57
C GLN FA 423 -48.77 -41.95 -129.88
N VAL FA 424 -47.84 -40.99 -130.03
CA VAL FA 424 -46.45 -41.32 -130.29
C VAL FA 424 -45.76 -41.84 -129.05
N ALA FA 425 -46.27 -41.54 -127.85
CA ALA FA 425 -45.75 -42.13 -126.63
C ALA FA 425 -46.04 -43.62 -126.55
N GLU FA 426 -47.18 -44.06 -127.06
CA GLU FA 426 -47.48 -45.49 -127.11
C GLU FA 426 -46.38 -46.25 -127.84
N VAL FA 427 -45.70 -45.61 -128.78
CA VAL FA 427 -44.53 -46.23 -129.39
C VAL FA 427 -43.49 -46.55 -128.32
N PHE FA 428 -43.18 -45.56 -127.47
CA PHE FA 428 -42.25 -45.80 -126.37
C PHE FA 428 -42.99 -46.31 -125.14
N THR FA 429 -43.95 -45.52 -124.65
CA THR FA 429 -44.66 -45.87 -123.42
C THR FA 429 -45.49 -47.12 -123.55
N GLY FA 430 -46.08 -47.36 -124.72
CA GLY FA 430 -47.06 -48.41 -124.83
C GLY FA 430 -48.42 -47.86 -124.46
N HIS FA 431 -48.45 -46.95 -123.50
CA HIS FA 431 -49.67 -46.24 -123.16
C HIS FA 431 -50.09 -45.39 -124.35
N LEU FA 432 -51.32 -45.60 -124.82
CA LEU FA 432 -51.78 -45.04 -126.09
C LEU FA 432 -52.24 -43.61 -125.90
N GLY FA 433 -52.32 -42.88 -127.01
CA GLY FA 433 -52.85 -41.53 -126.95
C GLY FA 433 -54.25 -41.51 -126.40
N LYS FA 434 -54.37 -41.08 -125.15
CA LYS FA 434 -55.64 -41.05 -124.46
C LYS FA 434 -55.94 -39.61 -124.06
N LEU FA 435 -57.21 -39.28 -124.01
CA LEU FA 435 -57.65 -37.92 -123.73
C LEU FA 435 -58.80 -37.96 -122.74
N VAL FA 436 -58.81 -37.00 -121.83
CA VAL FA 436 -59.92 -36.82 -120.89
C VAL FA 436 -60.71 -35.60 -121.35
N PRO FA 437 -61.97 -35.76 -121.78
CA PRO FA 437 -62.75 -34.61 -122.22
C PRO FA 437 -62.92 -33.58 -121.12
N LEU FA 438 -63.05 -32.30 -121.50
CA LEU FA 438 -63.00 -31.22 -120.52
C LEU FA 438 -63.98 -31.45 -119.37
N LYS FA 439 -65.18 -31.94 -119.68
CA LYS FA 439 -66.11 -32.31 -118.62
C LYS FA 439 -65.51 -33.39 -117.73
N GLU FA 440 -65.04 -34.49 -118.34
CA GLU FA 440 -64.34 -35.51 -117.57
C GLU FA 440 -63.03 -34.98 -117.03
N THR FA 441 -62.35 -34.12 -117.79
CA THR FA 441 -61.11 -33.53 -117.33
C THR FA 441 -61.34 -32.66 -116.10
N ILE FA 442 -62.31 -31.75 -116.18
CA ILE FA 442 -62.70 -30.99 -115.00
C ILE FA 442 -63.18 -31.95 -113.92
N LYS FA 443 -63.97 -32.95 -114.31
CA LYS FA 443 -64.35 -33.99 -113.36
C LYS FA 443 -63.12 -34.76 -112.86
N GLY FA 444 -62.23 -35.13 -113.78
CA GLY FA 444 -60.96 -35.70 -113.37
C GLY FA 444 -60.20 -34.76 -112.46
N PHE FA 445 -60.25 -33.47 -112.77
CA PHE FA 445 -59.76 -32.47 -111.81
C PHE FA 445 -60.60 -32.48 -110.55
N GLN FA 446 -61.92 -32.49 -110.69
CA GLN FA 446 -62.80 -32.39 -109.53
C GLN FA 446 -62.74 -33.66 -108.68
N GLN FA 447 -62.70 -34.82 -109.31
CA GLN FA 447 -62.70 -36.07 -108.56
C GLN FA 447 -61.51 -36.15 -107.62
N ILE FA 448 -60.31 -35.87 -108.13
CA ILE FA 448 -59.13 -35.86 -107.26
C ILE FA 448 -59.18 -34.66 -106.30
N LEU FA 449 -59.80 -33.57 -106.75
CA LEU FA 449 -59.83 -32.35 -105.93
C LEU FA 449 -60.54 -32.59 -104.60
N ALA FA 450 -61.83 -32.89 -104.65
CA ALA FA 450 -62.56 -33.20 -103.44
C ALA FA 450 -62.04 -34.47 -102.77
N GLY FA 451 -61.56 -35.43 -103.57
CA GLY FA 451 -61.05 -36.68 -103.04
C GLY FA 451 -61.75 -37.93 -103.52
N GLU FA 452 -62.33 -37.94 -104.72
CA GLU FA 452 -62.91 -39.17 -105.24
C GLU FA 452 -61.86 -40.21 -105.52
N TYR FA 453 -60.62 -39.75 -105.45
CA TYR FA 453 -59.45 -40.60 -105.51
C TYR FA 453 -58.71 -40.60 -104.18
N ASP FA 454 -59.45 -40.52 -103.07
CA ASP FA 454 -58.84 -40.43 -101.74
C ASP FA 454 -57.91 -41.59 -101.43
N HIS FA 455 -58.13 -42.75 -102.05
CA HIS FA 455 -57.21 -43.86 -101.93
C HIS FA 455 -56.55 -44.23 -103.25
N LEU FA 456 -56.89 -43.55 -104.34
CA LEU FA 456 -56.28 -43.97 -105.60
C LEU FA 456 -54.79 -43.65 -105.60
N PRO FA 457 -53.96 -44.66 -105.85
CA PRO FA 457 -52.51 -44.46 -105.76
C PRO FA 457 -52.01 -43.48 -106.80
N GLU FA 458 -51.02 -42.69 -106.39
CA GLU FA 458 -50.35 -41.81 -107.34
C GLU FA 458 -49.54 -42.61 -108.35
N GLN FA 459 -48.85 -43.66 -107.89
CA GLN FA 459 -48.20 -44.57 -108.81
C GLN FA 459 -49.18 -45.15 -109.81
N ALA FA 460 -50.39 -45.49 -109.36
CA ALA FA 460 -51.44 -45.86 -110.29
C ALA FA 460 -51.88 -44.69 -111.15
N PHE FA 461 -51.80 -43.47 -110.63
CA PHE FA 461 -52.17 -42.28 -111.39
C PHE FA 461 -51.04 -41.75 -112.25
N TYR FA 462 -49.91 -42.45 -112.29
CA TYR FA 462 -48.74 -41.95 -113.01
C TYR FA 462 -49.01 -41.93 -114.51
N MET FA 463 -49.34 -40.75 -115.04
CA MET FA 463 -49.55 -40.55 -116.47
C MET FA 463 -50.69 -41.44 -116.99
N VAL FA 464 -51.90 -41.14 -116.54
CA VAL FA 464 -53.08 -41.89 -116.96
C VAL FA 464 -54.03 -40.98 -117.74
N GLY FA 465 -55.07 -41.59 -118.28
CA GLY FA 465 -56.05 -40.86 -119.06
C GLY FA 465 -56.98 -40.12 -118.13
N PRO FA 466 -58.29 -40.35 -118.27
CA PRO FA 466 -59.23 -39.72 -117.35
C PRO FA 466 -59.01 -40.19 -115.92
N ILE FA 467 -59.79 -39.59 -115.01
CA ILE FA 467 -59.70 -39.99 -113.61
C ILE FA 467 -59.99 -41.47 -113.45
N GLU FA 468 -60.98 -41.98 -114.17
CA GLU FA 468 -61.25 -43.41 -114.14
C GLU FA 468 -60.07 -44.21 -114.67
N GLU FA 469 -59.44 -43.73 -115.75
CA GLU FA 469 -58.27 -44.42 -116.29
C GLU FA 469 -57.23 -44.66 -115.21
N ALA FA 470 -56.96 -43.65 -114.38
CA ALA FA 470 -56.14 -43.87 -113.20
C ALA FA 470 -56.90 -44.68 -112.16
N VAL FA 471 -58.18 -44.37 -111.95
CA VAL FA 471 -58.95 -45.05 -110.91
C VAL FA 471 -59.04 -46.54 -111.20
N ALA FA 472 -59.29 -46.88 -112.47
CA ALA FA 472 -59.35 -48.29 -112.84
C ALA FA 472 -58.02 -48.98 -112.53
N LYS FA 473 -56.90 -48.35 -112.91
CA LYS FA 473 -55.61 -48.88 -112.51
C LYS FA 473 -55.48 -48.89 -111.00
N ALA FA 474 -55.93 -47.82 -110.33
CA ALA FA 474 -55.97 -47.82 -108.88
C ALA FA 474 -56.89 -48.92 -108.37
N ASP FA 475 -58.05 -49.09 -109.02
CA ASP FA 475 -58.86 -50.27 -108.76
C ASP FA 475 -58.09 -51.53 -109.13
N LYS FA 476 -57.42 -51.51 -110.29
CA LYS FA 476 -56.58 -52.65 -110.65
C LYS FA 476 -55.48 -52.87 -109.63
N LEU FA 477 -54.74 -51.81 -109.29
CA LEU FA 477 -53.61 -51.95 -108.38
C LEU FA 477 -54.04 -52.57 -107.06
N ALA FA 478 -55.28 -52.29 -106.64
CA ALA FA 478 -55.83 -52.99 -105.48
C ALA FA 478 -55.72 -54.50 -105.67
N GLU FA 479 -56.13 -54.99 -106.83
CA GLU FA 479 -55.85 -56.38 -107.17
C GLU FA 479 -54.43 -56.53 -107.69
N GLU FA 480 -53.93 -55.52 -108.42
CA GLU FA 480 -52.69 -55.67 -109.16
C GLU FA 480 -51.44 -55.34 -108.36
N HIS FA 481 -51.58 -55.00 -107.08
CA HIS FA 481 -50.41 -54.75 -106.25
C HIS FA 481 -49.56 -56.02 -106.09
N THR GA 13 -12.48 32.15 -132.63
CA THR GA 13 -12.48 31.20 -133.73
C THR GA 13 -13.87 30.60 -133.91
N THR GA 14 -14.72 31.30 -134.65
CA THR GA 14 -16.11 30.91 -134.78
C THR GA 14 -16.19 29.62 -135.59
N GLY GA 15 -16.12 28.49 -134.87
CA GLY GA 15 -15.96 27.20 -135.48
C GLY GA 15 -17.13 26.82 -136.38
N ARG GA 16 -16.83 26.71 -137.67
CA ARG GA 16 -17.82 26.43 -138.69
C ARG GA 16 -18.07 24.93 -138.70
N ILE GA 17 -19.29 24.53 -138.35
CA ILE GA 17 -19.60 23.13 -138.13
C ILE GA 17 -19.23 22.31 -139.36
N VAL GA 18 -18.28 21.40 -139.20
CA VAL GA 18 -17.89 20.50 -140.27
C VAL GA 18 -18.76 19.25 -140.28
N ALA GA 19 -18.90 18.59 -139.14
CA ALA GA 19 -19.78 17.43 -139.01
C ALA GA 19 -20.33 17.39 -137.60
N VAL GA 20 -21.63 17.17 -137.49
CA VAL GA 20 -22.26 17.10 -136.18
C VAL GA 20 -23.26 15.96 -136.14
N ILE GA 21 -22.83 14.81 -135.63
CA ILE GA 21 -23.69 13.66 -135.45
C ILE GA 21 -23.50 13.24 -133.99
N GLY GA 22 -24.58 13.08 -133.26
CA GLY GA 22 -24.47 12.77 -131.85
C GLY GA 22 -23.90 13.95 -131.10
N ALA GA 23 -23.30 13.68 -129.94
CA ALA GA 23 -22.76 14.73 -129.08
C ALA GA 23 -21.36 15.16 -129.49
N VAL GA 24 -20.73 14.45 -130.42
CA VAL GA 24 -19.41 14.79 -130.92
C VAL GA 24 -19.58 15.84 -132.00
N VAL GA 25 -18.92 16.98 -131.83
CA VAL GA 25 -19.07 18.12 -132.71
C VAL GA 25 -17.78 18.29 -133.51
N ASP GA 26 -17.92 18.39 -134.82
CA ASP GA 26 -16.81 18.76 -135.70
C ASP GA 26 -17.14 20.11 -136.33
N VAL GA 27 -16.48 21.15 -135.84
CA VAL GA 27 -16.59 22.50 -136.40
C VAL GA 27 -15.25 22.87 -136.99
N GLN GA 28 -15.17 24.06 -137.55
CA GLN GA 28 -13.94 24.55 -138.16
C GLN GA 28 -13.51 25.81 -137.42
N PHE GA 29 -12.65 25.64 -136.41
CA PHE GA 29 -12.12 26.78 -135.66
C PHE GA 29 -11.52 27.79 -136.63
N ASP GA 30 -11.98 29.02 -136.53
CA ASP GA 30 -11.88 29.98 -137.63
C ASP GA 30 -10.43 30.16 -138.08
N GLU GA 31 -9.55 30.47 -137.14
CA GLU GA 31 -8.13 30.58 -137.44
C GLU GA 31 -7.36 29.34 -136.97
N GLY GA 32 -7.47 29.03 -135.69
CA GLY GA 32 -6.79 27.87 -135.13
C GLY GA 32 -7.45 27.47 -133.83
N LEU GA 33 -7.74 26.19 -133.68
CA LEU GA 33 -8.42 25.73 -132.49
C LEU GA 33 -7.53 25.94 -131.27
N PRO GA 34 -8.11 26.47 -130.20
CA PRO GA 34 -7.39 26.51 -128.93
C PRO GA 34 -7.28 25.12 -128.34
N PRO GA 35 -6.67 24.98 -127.17
CA PRO GA 35 -6.64 23.66 -126.54
C PRO GA 35 -8.04 23.15 -126.24
N ILE GA 36 -8.21 21.82 -126.25
CA ILE GA 36 -9.53 21.24 -126.06
C ILE GA 36 -10.06 21.59 -124.67
N LEU GA 37 -11.37 21.41 -124.49
CA LEU GA 37 -12.17 21.72 -123.30
C LEU GA 37 -12.41 23.23 -123.17
N ASN GA 38 -12.25 24.00 -124.24
CA ASN GA 38 -12.56 25.42 -124.20
C ASN GA 38 -14.07 25.65 -124.20
N ALA GA 39 -14.46 26.89 -124.47
CA ALA GA 39 -15.86 27.25 -124.68
C ALA GA 39 -16.05 27.80 -126.08
N LEU GA 40 -17.13 27.40 -126.74
CA LEU GA 40 -17.52 27.93 -128.03
C LEU GA 40 -19.04 27.86 -128.16
N GLU GA 41 -19.69 29.02 -127.99
CA GLU GA 41 -21.14 29.12 -128.08
C GLU GA 41 -21.55 28.89 -129.51
N VAL GA 42 -22.59 28.09 -129.71
CA VAL GA 42 -23.01 27.75 -131.05
C VAL GA 42 -23.74 28.95 -131.65
N GLN GA 43 -23.02 29.72 -132.47
CA GLN GA 43 -23.65 30.72 -133.31
C GLN GA 43 -24.36 29.97 -134.43
N GLY GA 44 -25.62 29.63 -134.19
CA GLY GA 44 -26.35 28.70 -135.02
C GLY GA 44 -27.24 27.83 -134.15
N ARG GA 45 -27.16 28.05 -132.84
CA ARG GA 45 -28.07 27.45 -131.88
C ARG GA 45 -28.71 28.54 -131.04
N GLU GA 46 -29.99 28.36 -130.71
CA GLU GA 46 -30.71 29.37 -129.92
C GLU GA 46 -30.04 29.56 -128.56
N THR GA 47 -29.66 28.47 -127.91
CA THR GA 47 -28.81 28.55 -126.74
C THR GA 47 -27.37 28.74 -127.19
N ARG GA 48 -26.54 29.26 -126.30
CA ARG GA 48 -25.12 29.42 -126.56
C ARG GA 48 -24.50 28.04 -126.45
N LEU GA 49 -24.98 27.12 -127.27
CA LEU GA 49 -24.62 25.72 -127.16
C LEU GA 49 -23.12 25.56 -127.37
N VAL GA 50 -22.49 24.75 -126.53
CA VAL GA 50 -21.07 24.48 -126.60
C VAL GA 50 -20.84 22.99 -126.40
N LEU GA 51 -20.00 22.40 -127.25
CA LEU GA 51 -19.63 21.00 -127.13
C LEU GA 51 -18.23 20.91 -126.56
N GLU GA 52 -18.03 19.99 -125.62
CA GLU GA 52 -16.77 19.90 -124.87
C GLU GA 52 -15.65 19.47 -125.81
N VAL GA 53 -14.85 20.44 -126.26
CA VAL GA 53 -13.72 20.16 -127.13
C VAL GA 53 -12.83 19.12 -126.46
N ALA GA 54 -12.50 18.07 -127.22
CA ALA GA 54 -11.83 16.92 -126.66
C ALA GA 54 -10.68 16.39 -127.50
N GLN GA 55 -10.40 16.97 -128.66
CA GLN GA 55 -9.43 16.37 -129.56
C GLN GA 55 -8.57 17.46 -130.19
N HIS GA 56 -7.43 17.04 -130.71
CA HIS GA 56 -6.78 17.76 -131.80
C HIS GA 56 -7.08 16.92 -133.03
N LEU GA 57 -8.36 16.78 -133.34
CA LEU GA 57 -8.74 15.94 -134.47
C LEU GA 57 -8.28 16.52 -135.79
N GLY GA 58 -7.81 17.76 -135.79
CA GLY GA 58 -7.17 18.33 -136.96
C GLY GA 58 -8.18 18.75 -138.02
N GLU GA 59 -7.66 19.34 -139.09
CA GLU GA 59 -8.46 19.93 -140.16
C GLU GA 59 -9.44 20.97 -139.62
N SER GA 60 -8.98 21.79 -138.68
CA SER GA 60 -9.81 22.75 -137.96
C SER GA 60 -10.92 22.07 -137.16
N THR GA 61 -10.92 20.74 -137.16
CA THR GA 61 -11.95 19.94 -136.50
C THR GA 61 -11.35 19.21 -135.31
N VAL GA 62 -12.15 19.10 -134.26
CA VAL GA 62 -11.77 18.44 -133.03
C VAL GA 62 -13.02 17.83 -132.42
N ARG GA 63 -12.88 16.65 -131.83
CA ARG GA 63 -13.99 16.05 -131.11
C ARG GA 63 -14.44 16.99 -130.01
N THR GA 64 -15.74 17.28 -129.98
CA THR GA 64 -16.30 18.21 -129.02
C THR GA 64 -17.61 17.66 -128.49
N ILE GA 65 -17.66 17.51 -127.17
CA ILE GA 65 -18.73 16.76 -126.51
C ILE GA 65 -19.85 17.71 -126.16
N ALA GA 66 -20.96 17.58 -126.89
CA ALA GA 66 -22.10 18.46 -126.71
C ALA GA 66 -22.73 18.29 -125.32
N MET GA 67 -23.22 19.40 -124.79
CA MET GA 67 -24.03 19.39 -123.59
C MET GA 67 -25.46 19.85 -123.85
N ASP GA 68 -25.70 20.57 -124.94
CA ASP GA 68 -27.02 21.07 -125.29
C ASP GA 68 -27.31 20.68 -126.73
N GLY GA 69 -28.54 20.93 -127.16
CA GLY GA 69 -28.98 20.52 -128.49
C GLY GA 69 -28.52 21.44 -129.62
N THR GA 70 -28.55 20.92 -130.85
CA THR GA 70 -28.23 21.68 -132.05
C THR GA 70 -29.15 21.33 -133.20
N GLU GA 71 -30.38 20.93 -132.91
CA GLU GA 71 -31.34 20.60 -133.95
C GLU GA 71 -31.52 21.79 -134.86
N GLY GA 72 -31.20 21.60 -136.13
CA GLY GA 72 -31.27 22.65 -137.11
C GLY GA 72 -30.09 23.60 -137.13
N LEU GA 73 -29.06 23.36 -136.33
CA LEU GA 73 -27.85 24.15 -136.42
C LEU GA 73 -27.17 23.82 -137.75
N VAL GA 74 -26.52 24.82 -138.35
CA VAL GA 74 -26.00 24.65 -139.70
C VAL GA 74 -24.66 23.92 -139.67
N ARG GA 75 -24.40 23.15 -140.72
CA ARG GA 75 -23.11 22.51 -140.91
C ARG GA 75 -22.20 23.55 -141.55
N GLY GA 76 -21.41 24.21 -140.71
CA GLY GA 76 -20.68 25.39 -141.12
C GLY GA 76 -21.07 26.54 -140.23
N GLN GA 77 -22.09 26.31 -139.40
CA GLN GA 77 -22.48 27.31 -138.42
C GLN GA 77 -21.35 27.54 -137.43
N LYS GA 78 -21.26 28.76 -136.92
CA LYS GA 78 -20.10 29.20 -136.17
C LYS GA 78 -20.13 28.71 -134.74
N VAL GA 79 -19.11 27.93 -134.38
CA VAL GA 79 -18.82 27.66 -132.98
C VAL GA 79 -17.94 28.79 -132.53
N LEU GA 80 -18.55 29.90 -132.13
CA LEU GA 80 -17.81 31.10 -131.80
C LEU GA 80 -16.92 30.83 -130.59
N ASP GA 81 -15.63 30.70 -130.83
CA ASP GA 81 -14.71 30.20 -129.81
C ASP GA 81 -14.53 31.23 -128.71
N SER GA 82 -15.22 31.01 -127.59
CA SER GA 82 -14.85 31.74 -126.38
C SER GA 82 -13.41 31.41 -125.99
N GLY GA 83 -13.04 30.14 -126.08
CA GLY GA 83 -11.64 29.75 -126.04
C GLY GA 83 -11.13 29.22 -124.73
N ALA GA 84 -11.96 29.06 -123.71
CA ALA GA 84 -11.50 28.57 -122.42
C ALA GA 84 -12.66 27.80 -121.77
N PRO GA 85 -12.39 27.11 -120.68
CA PRO GA 85 -13.47 26.36 -120.01
C PRO GA 85 -14.57 27.29 -119.51
N ILE GA 86 -15.70 26.72 -119.10
CA ILE GA 86 -16.82 27.51 -118.62
C ILE GA 86 -16.40 28.26 -117.38
N ARG GA 87 -16.73 29.56 -117.33
CA ARG GA 87 -16.43 30.42 -116.19
C ARG GA 87 -17.66 31.25 -115.86
N ILE GA 88 -17.76 31.68 -114.61
CA ILE GA 88 -18.90 32.48 -114.16
C ILE GA 88 -18.46 33.29 -112.95
N PRO GA 89 -19.38 34.10 -112.40
CA PRO GA 89 -19.07 34.85 -111.17
C PRO GA 89 -18.63 33.90 -110.06
N VAL GA 90 -17.56 34.27 -109.37
CA VAL GA 90 -16.93 33.35 -108.42
C VAL GA 90 -16.82 33.99 -107.04
N GLY GA 91 -17.38 35.18 -106.87
CA GLY GA 91 -17.46 35.77 -105.57
C GLY GA 91 -18.40 34.98 -104.68
N PRO GA 92 -18.22 35.10 -103.38
CA PRO GA 92 -19.05 34.35 -102.44
C PRO GA 92 -20.50 34.81 -102.42
N GLU GA 93 -20.89 35.72 -103.31
CA GLU GA 93 -22.22 36.30 -103.33
C GLU GA 93 -23.24 35.45 -104.08
N THR GA 94 -22.82 34.30 -104.63
CA THR GA 94 -23.75 33.50 -105.42
C THR GA 94 -24.91 32.98 -104.59
N LEU GA 95 -24.78 33.00 -103.25
CA LEU GA 95 -25.92 32.73 -102.39
C LEU GA 95 -27.04 33.70 -102.69
N GLY GA 96 -28.26 33.20 -102.72
CA GLY GA 96 -29.42 33.97 -103.12
C GLY GA 96 -29.79 33.84 -104.57
N ARG GA 97 -28.94 33.24 -105.39
CA ARG GA 97 -29.21 32.97 -106.79
C ARG GA 97 -28.92 31.51 -107.08
N ILE GA 98 -29.93 30.79 -107.58
CA ILE GA 98 -29.71 29.44 -108.06
C ILE GA 98 -28.76 29.50 -109.24
N MET GA 99 -27.88 28.51 -109.36
CA MET GA 99 -26.77 28.62 -110.29
C MET GA 99 -26.77 27.44 -111.27
N ASN GA 100 -26.32 27.74 -112.48
CA ASN GA 100 -26.14 26.78 -113.55
C ASN GA 100 -24.66 26.76 -113.96
N VAL GA 101 -24.35 26.08 -115.07
CA VAL GA 101 -22.98 25.92 -115.50
C VAL GA 101 -22.36 27.28 -115.82
N ILE GA 102 -23.08 28.11 -116.57
CA ILE GA 102 -22.60 29.46 -116.87
C ILE GA 102 -22.90 30.44 -115.75
N GLY GA 103 -23.48 29.98 -114.64
CA GLY GA 103 -23.95 30.87 -113.60
C GLY GA 103 -25.32 31.45 -113.85
N GLU GA 104 -26.08 30.85 -114.76
CA GLU GA 104 -27.35 31.42 -115.19
C GLU GA 104 -28.41 31.31 -114.10
N PRO GA 105 -29.36 32.25 -114.07
CA PRO GA 105 -30.55 32.06 -113.21
C PRO GA 105 -31.54 31.13 -113.90
N ILE GA 106 -31.69 29.93 -113.36
CA ILE GA 106 -32.57 28.93 -113.95
C ILE GA 106 -33.86 28.79 -113.14
N ASP GA 107 -34.01 29.57 -112.07
CA ASP GA 107 -35.27 29.72 -111.35
C ASP GA 107 -35.65 31.18 -111.21
N GLU GA 108 -35.01 32.06 -111.97
CA GLU GA 108 -35.14 33.51 -111.84
C GLU GA 108 -34.75 33.96 -110.43
N ARG GA 109 -33.67 33.37 -109.93
CA ARG GA 109 -33.12 33.73 -108.62
C ARG GA 109 -31.95 34.68 -108.74
N GLY GA 110 -31.61 35.14 -109.93
CA GLY GA 110 -30.46 35.97 -110.14
C GLY GA 110 -29.39 35.28 -110.95
N PRO GA 111 -28.87 35.97 -111.95
CA PRO GA 111 -27.80 35.38 -112.78
C PRO GA 111 -26.46 35.43 -112.06
N ILE GA 112 -25.40 35.11 -112.80
CA ILE GA 112 -24.05 35.07 -112.24
C ILE GA 112 -23.64 36.51 -111.94
N LYS GA 113 -23.79 36.91 -110.68
CA LYS GA 113 -23.52 38.28 -110.26
C LYS GA 113 -22.56 38.25 -109.08
N THR GA 114 -21.26 38.21 -109.37
CA THR GA 114 -20.22 38.27 -108.36
C THR GA 114 -18.92 38.67 -109.05
N LYS GA 115 -18.06 39.35 -108.29
CA LYS GA 115 -16.89 40.01 -108.86
C LYS GA 115 -15.80 39.05 -109.31
N GLN GA 116 -15.62 37.93 -108.61
CA GLN GA 116 -14.60 36.96 -108.98
C GLN GA 116 -15.14 36.13 -110.13
N PHE GA 117 -14.25 35.71 -111.03
CA PHE GA 117 -14.63 34.89 -112.16
C PHE GA 117 -13.45 34.04 -112.58
N ALA GA 118 -13.67 32.73 -112.69
CA ALA GA 118 -12.62 31.80 -113.08
C ALA GA 118 -13.26 30.56 -113.69
N ALA GA 119 -12.45 29.79 -114.42
CA ALA GA 119 -12.89 28.53 -115.00
C ALA GA 119 -12.94 27.46 -113.92
N ILE GA 120 -13.93 26.58 -114.00
CA ILE GA 120 -14.18 25.60 -112.94
C ILE GA 120 -13.12 24.54 -112.81
N HIS GA 121 -12.30 24.33 -113.84
CA HIS GA 121 -11.30 23.26 -113.86
C HIS GA 121 -10.18 23.67 -112.90
N ALA GA 122 -10.48 23.63 -111.61
CA ALA GA 122 -9.56 24.03 -110.57
C ALA GA 122 -8.44 23.01 -110.47
N GLU GA 123 -7.56 23.22 -109.50
CA GLU GA 123 -6.41 22.35 -109.31
C GLU GA 123 -6.41 21.80 -107.89
N ALA GA 124 -5.86 20.60 -107.74
CA ALA GA 124 -5.70 20.01 -106.43
C ALA GA 124 -4.56 20.69 -105.69
N PRO GA 125 -4.66 20.82 -104.37
CA PRO GA 125 -3.57 21.45 -103.62
C PRO GA 125 -2.30 20.61 -103.67
N GLU GA 126 -1.20 21.27 -104.01
CA GLU GA 126 0.09 20.60 -103.91
C GLU GA 126 0.37 20.28 -102.44
N PHE GA 127 1.36 19.40 -102.24
CA PHE GA 127 1.73 19.03 -100.88
C PHE GA 127 2.07 20.26 -100.05
N VAL GA 128 2.83 21.18 -100.63
CA VAL GA 128 3.10 22.44 -99.95
C VAL GA 128 1.80 23.21 -99.73
N GLU GA 129 0.95 23.28 -100.76
CA GLU GA 129 -0.31 23.99 -100.63
C GLU GA 129 -1.22 23.38 -99.57
N MET GA 130 -1.28 22.06 -99.47
CA MET GA 130 -2.17 21.44 -98.51
C MET GA 130 -1.66 21.64 -97.09
N SER GA 131 -2.58 21.82 -96.15
CA SER GA 131 -2.25 21.82 -94.74
C SER GA 131 -1.87 20.41 -94.33
N VAL GA 132 -0.57 20.19 -94.14
CA VAL GA 132 -0.04 18.86 -93.92
C VAL GA 132 -0.45 18.27 -92.59
N GLU GA 133 -0.61 19.08 -91.55
CA GLU GA 133 -0.85 18.59 -90.21
C GLU GA 133 -2.31 18.19 -90.03
N GLN GA 134 -2.67 17.86 -88.79
CA GLN GA 134 -3.96 17.28 -88.45
C GLN GA 134 -5.03 18.35 -88.47
N GLU GA 135 -6.03 18.17 -89.32
CA GLU GA 135 -7.22 19.00 -89.33
C GLU GA 135 -8.41 18.16 -88.81
N ILE GA 136 -9.40 18.81 -88.21
CA ILE GA 136 -10.52 18.10 -87.62
C ILE GA 136 -11.83 18.86 -87.80
N LEU GA 137 -12.70 18.36 -88.66
CA LEU GA 137 -14.01 18.96 -88.83
C LEU GA 137 -14.85 18.75 -87.57
N VAL GA 138 -15.68 19.74 -87.25
CA VAL GA 138 -16.50 19.72 -86.04
C VAL GA 138 -17.96 19.78 -86.45
N THR GA 139 -18.74 18.77 -86.05
CA THR GA 139 -20.17 18.78 -86.29
C THR GA 139 -20.97 19.25 -85.06
N GLY GA 140 -20.73 18.66 -83.89
CA GLY GA 140 -21.33 19.13 -82.66
C GLY GA 140 -22.73 18.66 -82.35
N ILE GA 141 -23.17 17.51 -82.87
CA ILE GA 141 -24.52 17.01 -82.66
C ILE GA 141 -24.52 16.00 -81.51
N LYS GA 142 -25.71 15.76 -80.95
CA LYS GA 142 -25.83 14.74 -79.91
C LYS GA 142 -25.47 13.37 -80.45
N VAL GA 143 -25.55 13.19 -81.76
CA VAL GA 143 -25.39 11.87 -82.35
C VAL GA 143 -24.03 11.73 -83.03
N VAL GA 144 -23.77 12.57 -84.04
CA VAL GA 144 -22.79 12.21 -85.05
C VAL GA 144 -21.36 12.39 -84.56
N ASP GA 145 -20.98 13.63 -84.24
CA ASP GA 145 -19.57 13.99 -84.16
C ASP GA 145 -18.80 13.25 -83.07
N LEU GA 146 -19.49 12.75 -82.04
CA LEU GA 146 -18.80 12.18 -80.89
C LEU GA 146 -17.99 10.93 -81.26
N LEU GA 147 -18.68 9.88 -81.70
CA LEU GA 147 -17.98 8.66 -82.09
C LEU GA 147 -17.20 8.84 -83.38
N ALA GA 148 -17.42 9.95 -84.08
CA ALA GA 148 -16.79 10.20 -85.38
C ALA GA 148 -16.05 11.52 -85.33
N PRO GA 149 -14.93 11.56 -84.62
CA PRO GA 149 -14.05 12.73 -84.74
C PRO GA 149 -13.43 12.76 -86.13
N TYR GA 150 -13.73 13.83 -86.86
CA TYR GA 150 -13.45 13.89 -88.29
C TYR GA 150 -12.23 14.74 -88.58
N ALA GA 151 -11.99 14.96 -89.87
CA ALA GA 151 -10.96 15.85 -90.37
C ALA GA 151 -11.59 16.94 -91.21
N LYS GA 152 -11.04 18.15 -91.12
CA LYS GA 152 -11.64 19.28 -91.82
C LYS GA 152 -11.58 19.09 -93.33
N GLY GA 153 -12.69 19.38 -94.00
CA GLY GA 153 -12.72 19.33 -95.44
C GLY GA 153 -12.44 17.98 -96.06
N GLY GA 154 -13.18 16.94 -95.65
CA GLY GA 154 -12.88 15.59 -96.06
C GLY GA 154 -14.07 14.90 -96.69
N LYS GA 155 -13.86 13.62 -97.04
CA LYS GA 155 -14.86 12.80 -97.70
C LYS GA 155 -15.26 11.63 -96.79
N ILE GA 156 -16.57 11.43 -96.65
CA ILE GA 156 -17.12 10.40 -95.78
C ILE GA 156 -18.18 9.66 -96.56
N GLY GA 157 -18.27 8.34 -96.33
CA GLY GA 157 -19.31 7.55 -96.98
C GLY GA 157 -20.69 7.91 -96.45
N LEU GA 158 -21.71 7.61 -97.25
CA LEU GA 158 -23.07 8.05 -96.98
C LEU GA 158 -24.03 6.88 -97.05
N PHE GA 159 -24.58 6.48 -95.90
CA PHE GA 159 -25.67 5.53 -95.87
C PHE GA 159 -26.83 6.11 -95.08
N GLY GA 160 -28.03 5.92 -95.62
CA GLY GA 160 -29.24 6.45 -95.03
C GLY GA 160 -29.81 7.64 -95.78
N GLY GA 161 -30.96 7.46 -96.42
CA GLY GA 161 -31.53 8.48 -97.28
C GLY GA 161 -32.94 8.97 -96.97
N ALA GA 162 -33.89 8.52 -97.78
CA ALA GA 162 -35.23 9.08 -97.86
C ALA GA 162 -35.94 8.96 -96.52
N GLY GA 163 -36.63 10.04 -96.17
CA GLY GA 163 -37.38 10.12 -94.93
C GLY GA 163 -36.60 9.82 -93.68
N VAL GA 164 -35.28 9.66 -93.77
CA VAL GA 164 -34.46 9.29 -92.62
C VAL GA 164 -33.83 10.48 -91.95
N GLY GA 165 -33.85 11.66 -92.57
CA GLY GA 165 -33.21 12.83 -92.01
C GLY GA 165 -32.17 13.38 -92.95
N LYS GA 166 -32.05 12.78 -94.13
CA LYS GA 166 -31.01 13.17 -95.08
C LYS GA 166 -31.11 14.66 -95.41
N THR GA 167 -32.28 15.13 -95.82
CA THR GA 167 -32.46 16.56 -95.99
C THR GA 167 -32.51 17.25 -94.63
N VAL GA 168 -33.16 16.62 -93.65
CA VAL GA 168 -33.38 17.27 -92.36
C VAL GA 168 -32.05 17.51 -91.65
N LEU GA 169 -31.23 16.48 -91.54
CA LEU GA 169 -29.99 16.62 -90.78
C LEU GA 169 -29.01 17.54 -91.47
N ILE GA 170 -28.93 17.46 -92.80
CA ILE GA 170 -27.98 18.30 -93.53
C ILE GA 170 -28.26 19.77 -93.25
N MET GA 171 -29.53 20.16 -93.34
CA MET GA 171 -29.92 21.51 -92.93
C MET GA 171 -29.67 21.70 -91.45
N GLU GA 172 -30.01 20.70 -90.63
CA GLU GA 172 -29.67 20.77 -89.22
C GLU GA 172 -28.17 20.85 -89.03
N LEU GA 173 -27.42 20.04 -89.77
CA LEU GA 173 -25.98 20.22 -89.83
C LEU GA 173 -25.66 21.64 -90.31
N ILE GA 174 -26.31 22.06 -91.39
CA ILE GA 174 -26.15 23.45 -91.84
C ILE GA 174 -26.61 24.40 -90.75
N ASN GA 175 -27.73 24.09 -90.09
CA ASN GA 175 -28.15 24.89 -88.95
C ASN GA 175 -27.09 24.89 -87.87
N ASN GA 176 -26.50 23.72 -87.61
CA ASN GA 176 -25.34 23.67 -86.73
C ASN GA 176 -24.16 24.40 -87.34
N VAL GA 177 -23.89 24.14 -88.63
CA VAL GA 177 -22.66 24.63 -89.24
C VAL GA 177 -22.71 26.15 -89.44
N ALA GA 178 -23.86 26.69 -89.84
CA ALA GA 178 -23.92 28.08 -90.27
C ALA GA 178 -23.36 29.04 -89.23
N LYS GA 179 -23.44 28.68 -87.96
CA LYS GA 179 -22.74 29.42 -86.92
C LYS GA 179 -21.45 28.72 -86.50
N ALA GA 180 -21.49 27.42 -86.28
CA ALA GA 180 -20.32 26.66 -85.85
C ALA GA 180 -19.23 26.63 -86.90
N HIS GA 181 -19.54 27.02 -88.14
CA HIS GA 181 -18.52 27.22 -89.14
C HIS GA 181 -18.56 28.60 -89.77
N GLY GA 182 -19.74 29.20 -89.95
CA GLY GA 182 -19.84 30.54 -90.50
C GLY GA 182 -19.23 30.74 -91.87
N GLY GA 183 -18.65 29.69 -92.45
CA GLY GA 183 -18.05 29.78 -93.77
C GLY GA 183 -19.04 29.34 -94.83
N TYR GA 184 -18.60 29.39 -96.08
CA TYR GA 184 -19.45 29.01 -97.20
C TYR GA 184 -19.70 27.51 -97.15
N SER GA 185 -20.48 27.02 -98.10
CA SER GA 185 -20.81 25.60 -98.15
C SER GA 185 -21.33 25.26 -99.54
N VAL GA 186 -21.50 23.97 -99.79
CA VAL GA 186 -22.10 23.48 -101.02
C VAL GA 186 -23.02 22.31 -100.67
N PHE GA 187 -24.20 22.30 -101.28
CA PHE GA 187 -25.16 21.20 -101.15
C PHE GA 187 -25.67 20.90 -102.56
N ALA GA 188 -25.18 19.82 -103.15
CA ALA GA 188 -25.36 19.55 -104.57
C ALA GA 188 -26.81 19.17 -104.83
N GLY GA 189 -27.58 20.15 -105.32
CA GLY GA 189 -28.85 19.84 -105.95
C GLY GA 189 -28.62 19.54 -107.41
N VAL GA 190 -27.56 18.79 -107.68
CA VAL GA 190 -27.19 18.46 -109.04
C VAL GA 190 -28.14 17.42 -109.59
N GLY GA 191 -28.05 17.16 -110.89
CA GLY GA 191 -29.05 16.32 -111.54
C GLY GA 191 -30.37 16.95 -111.20
N GLU GA 192 -30.51 18.23 -111.53
CA GLU GA 192 -31.34 19.13 -110.77
C GLU GA 192 -32.78 18.69 -110.90
N ARG GA 193 -33.24 17.96 -109.89
CA ARG GA 193 -34.65 17.62 -109.82
C ARG GA 193 -35.42 18.78 -109.22
N THR GA 194 -36.15 19.50 -110.07
CA THR GA 194 -37.03 20.55 -109.57
C THR GA 194 -38.01 19.97 -108.57
N ARG GA 195 -38.49 18.74 -108.83
CA ARG GA 195 -39.27 18.02 -107.83
C ARG GA 195 -38.52 17.98 -106.51
N GLU GA 196 -37.22 17.68 -106.56
CA GLU GA 196 -36.41 17.77 -105.36
C GLU GA 196 -36.07 19.22 -105.03
N GLY GA 197 -35.33 19.89 -105.91
CA GLY GA 197 -34.72 21.16 -105.55
C GLY GA 197 -35.72 22.23 -105.17
N ASN GA 198 -36.75 22.42 -106.00
CA ASN GA 198 -37.73 23.47 -105.72
C ASN GA 198 -38.46 23.19 -104.41
N ASP GA 199 -38.96 21.96 -104.25
CA ASP GA 199 -39.55 21.57 -102.97
C ASP GA 199 -38.50 21.62 -101.87
N LEU GA 200 -37.27 21.21 -102.19
CA LEU GA 200 -36.18 21.46 -101.26
C LEU GA 200 -36.09 22.95 -100.95
N TYR GA 201 -36.03 23.78 -101.98
CA TYR GA 201 -35.99 25.22 -101.77
C TYR GA 201 -37.17 25.67 -100.91
N HIS GA 202 -38.33 25.05 -101.09
CA HIS GA 202 -39.46 25.32 -100.21
C HIS GA 202 -39.11 25.04 -98.76
N GLU GA 203 -38.21 24.09 -98.52
CA GLU GA 203 -37.74 23.85 -97.16
C GLU GA 203 -36.31 24.35 -96.98
N MET GA 204 -35.44 24.10 -97.96
CA MET GA 204 -34.02 24.44 -97.82
C MET GA 204 -33.82 25.94 -97.70
N ILE GA 205 -34.37 26.70 -98.64
CA ILE GA 205 -34.35 28.15 -98.49
C ILE GA 205 -35.09 28.54 -97.22
N GLU GA 206 -36.16 27.80 -96.90
CA GLU GA 206 -36.85 28.02 -95.63
C GLU GA 206 -35.97 27.68 -94.44
N SER GA 207 -34.99 26.79 -94.63
CA SER GA 207 -34.16 26.33 -93.52
C SER GA 207 -33.36 27.43 -92.88
N GLY GA 208 -33.21 28.57 -93.55
CA GLY GA 208 -32.52 29.71 -92.99
C GLY GA 208 -31.02 29.61 -93.02
N VAL GA 209 -30.46 28.44 -92.67
CA VAL GA 209 -29.06 28.19 -92.96
C VAL GA 209 -28.85 28.28 -94.47
N ILE GA 210 -29.78 27.72 -95.22
CA ILE GA 210 -29.99 28.08 -96.62
C ILE GA 210 -31.21 28.97 -96.67
N ASN GA 211 -31.11 30.05 -97.43
CA ASN GA 211 -32.22 30.98 -97.61
C ASN GA 211 -32.04 31.70 -98.93
N LEU GA 212 -32.68 31.17 -99.98
CA LEU GA 212 -32.50 31.70 -101.32
C LEU GA 212 -33.15 33.06 -101.53
N LYS GA 213 -34.12 33.42 -100.69
CA LYS GA 213 -34.72 34.74 -100.74
C LYS GA 213 -34.02 35.71 -99.81
N ASP GA 214 -33.56 35.25 -98.65
CA ASP GA 214 -32.72 36.05 -97.77
C ASP GA 214 -31.31 36.18 -98.30
N ALA GA 215 -30.93 35.33 -99.25
CA ALA GA 215 -29.61 35.38 -99.90
C ALA GA 215 -28.47 35.19 -98.90
N THR GA 216 -28.83 34.78 -97.69
CA THR GA 216 -27.88 34.52 -96.62
C THR GA 216 -27.74 33.03 -96.42
N SER GA 217 -28.13 32.27 -97.43
CA SER GA 217 -27.87 30.84 -97.44
C SER GA 217 -26.39 30.59 -97.21
N LYS GA 218 -26.09 29.81 -96.19
CA LYS GA 218 -24.70 29.45 -95.87
C LYS GA 218 -24.02 28.76 -97.04
N VAL GA 219 -24.78 28.41 -98.08
CA VAL GA 219 -24.26 27.88 -99.33
C VAL GA 219 -24.86 28.67 -100.46
N ALA GA 220 -24.25 28.60 -101.63
CA ALA GA 220 -24.75 29.28 -102.82
C ALA GA 220 -25.61 28.30 -103.61
N LEU GA 221 -26.81 28.74 -104.00
CA LEU GA 221 -27.75 27.87 -104.69
C LEU GA 221 -27.26 27.58 -106.10
N VAL GA 222 -27.20 26.30 -106.45
CA VAL GA 222 -26.72 25.85 -107.75
C VAL GA 222 -27.58 24.67 -108.19
N TYR GA 223 -27.89 24.62 -109.49
CA TYR GA 223 -28.72 23.56 -110.05
C TYR GA 223 -28.10 23.06 -111.33
N GLY GA 224 -27.81 21.76 -111.39
CA GLY GA 224 -27.37 21.13 -112.61
C GLY GA 224 -28.43 20.18 -113.13
N GLN GA 225 -29.08 20.53 -114.24
CA GLN GA 225 -30.23 19.78 -114.72
C GLN GA 225 -29.84 18.33 -115.02
N MET GA 226 -30.69 17.41 -114.56
CA MET GA 226 -30.53 16.00 -114.86
C MET GA 226 -30.94 15.64 -116.28
N ASN GA 227 -32.06 16.18 -116.78
CA ASN GA 227 -32.65 15.77 -118.04
C ASN GA 227 -31.70 15.94 -119.22
N GLU GA 228 -30.79 16.80 -119.08
CA GLU GA 228 -29.76 17.16 -120.05
C GLU GA 228 -28.84 16.00 -120.32
N PRO GA 229 -27.88 16.18 -121.22
CA PRO GA 229 -26.82 15.21 -121.35
C PRO GA 229 -26.11 15.03 -120.03
N PRO GA 230 -25.72 13.80 -119.70
CA PRO GA 230 -25.03 13.58 -118.42
C PRO GA 230 -23.76 14.39 -118.29
N GLY GA 231 -23.03 14.60 -119.38
CA GLY GA 231 -21.83 15.41 -119.32
C GLY GA 231 -22.10 16.80 -118.79
N ALA GA 232 -23.21 17.41 -119.19
CA ALA GA 232 -23.67 18.65 -118.58
C ALA GA 232 -23.79 18.50 -117.08
N ARG GA 233 -24.50 17.47 -116.62
CA ARG GA 233 -24.47 17.16 -115.20
C ARG GA 233 -23.07 16.82 -114.73
N ALA GA 234 -22.32 16.04 -115.51
CA ALA GA 234 -20.94 15.75 -115.16
C ALA GA 234 -20.06 16.99 -115.18
N ARG GA 235 -20.52 18.07 -115.79
CA ARG GA 235 -19.73 19.29 -115.89
C ARG GA 235 -19.88 20.19 -114.67
N VAL GA 236 -21.03 20.18 -114.01
CA VAL GA 236 -21.19 21.03 -112.83
C VAL GA 236 -20.32 20.53 -111.68
N ALA GA 237 -19.67 19.38 -111.87
CA ALA GA 237 -18.85 18.81 -110.80
C ALA GA 237 -17.75 19.77 -110.38
N LEU GA 238 -16.95 20.25 -111.34
CA LEU GA 238 -15.91 21.22 -111.00
C LEU GA 238 -16.51 22.58 -110.67
N THR GA 239 -17.77 22.81 -111.05
CA THR GA 239 -18.37 24.12 -110.87
C THR GA 239 -18.45 24.50 -109.40
N GLY GA 240 -18.89 23.58 -108.54
CA GLY GA 240 -18.95 23.88 -107.12
C GLY GA 240 -17.58 24.14 -106.53
N LEU GA 241 -16.55 23.47 -107.09
CA LEU GA 241 -15.22 23.55 -106.53
C LEU GA 241 -14.69 24.97 -106.54
N THR GA 242 -14.90 25.71 -107.63
CA THR GA 242 -14.40 27.07 -107.72
C THR GA 242 -15.03 27.94 -106.63
N VAL GA 243 -16.33 27.81 -106.42
CA VAL GA 243 -16.97 28.51 -105.31
C VAL GA 243 -16.32 28.10 -104.00
N ALA GA 244 -16.12 26.80 -103.82
CA ALA GA 244 -15.33 26.34 -102.69
C ALA GA 244 -13.91 26.86 -102.77
N GLU GA 245 -13.29 26.78 -103.95
CA GLU GA 245 -11.98 27.39 -104.12
C GLU GA 245 -12.02 28.86 -103.75
N TYR GA 246 -13.08 29.56 -104.17
CA TYR GA 246 -13.32 30.88 -103.63
C TYR GA 246 -13.52 30.80 -102.12
N PHE GA 247 -14.46 29.95 -101.67
CA PHE GA 247 -14.76 29.86 -100.26
C PHE GA 247 -13.50 29.63 -99.44
N ARG GA 248 -12.66 28.70 -99.85
CA ARG GA 248 -11.39 28.50 -99.17
C ARG GA 248 -10.47 29.69 -99.41
N ASP GA 249 -10.29 30.10 -100.67
CA ASP GA 249 -9.32 31.15 -100.95
C ASP GA 249 -9.98 32.49 -101.20
N GLN GA 250 -10.79 32.58 -102.26
CA GLN GA 250 -11.31 33.89 -102.66
C GLN GA 250 -12.46 34.35 -101.78
N GLU GA 251 -12.98 33.49 -100.92
CA GLU GA 251 -13.89 33.90 -99.87
C GLU GA 251 -13.34 33.54 -98.49
N GLY GA 252 -12.17 32.91 -98.44
CA GLY GA 252 -11.45 32.63 -97.21
C GLY GA 252 -12.33 32.19 -96.05
N GLN GA 253 -13.28 31.31 -96.32
CA GLN GA 253 -14.27 30.94 -95.32
C GLN GA 253 -14.34 29.42 -95.26
N ASP GA 254 -14.92 28.93 -94.17
CA ASP GA 254 -15.13 27.50 -94.03
C ASP GA 254 -15.92 26.97 -95.21
N VAL GA 255 -15.57 25.76 -95.66
CA VAL GA 255 -16.11 25.22 -96.89
C VAL GA 255 -16.64 23.82 -96.65
N LEU GA 256 -17.83 23.56 -97.16
CA LEU GA 256 -18.44 22.24 -97.16
C LEU GA 256 -19.04 21.95 -98.53
N LEU GA 257 -19.08 20.68 -98.90
CA LEU GA 257 -19.65 20.30 -100.21
C LEU GA 257 -20.55 19.08 -100.04
N PHE GA 258 -21.81 19.32 -99.71
CA PHE GA 258 -22.78 18.24 -99.62
C PHE GA 258 -23.12 17.76 -101.02
N ILE GA 259 -22.36 16.77 -101.49
CA ILE GA 259 -22.39 16.33 -102.88
C ILE GA 259 -23.52 15.32 -102.99
N ASP GA 260 -24.40 15.49 -103.97
CA ASP GA 260 -25.53 14.62 -104.21
C ASP GA 260 -25.88 14.69 -105.69
N ASN GA 261 -25.70 13.58 -106.41
CA ASN GA 261 -25.11 12.36 -105.86
C ASN GA 261 -24.08 11.81 -106.84
N ILE GA 262 -22.87 11.58 -106.34
CA ILE GA 262 -21.77 11.18 -107.19
C ILE GA 262 -22.05 9.88 -107.93
N PHE GA 263 -23.00 9.07 -107.45
CA PHE GA 263 -23.38 7.88 -108.19
C PHE GA 263 -23.70 8.21 -109.63
N ARG GA 264 -24.54 9.23 -109.83
CA ARG GA 264 -24.75 9.73 -111.18
C ARG GA 264 -23.47 10.29 -111.77
N PHE GA 265 -22.69 11.04 -110.98
CA PHE GA 265 -21.48 11.66 -111.51
C PHE GA 265 -20.55 10.61 -112.06
N THR GA 266 -20.29 9.56 -111.29
CA THR GA 266 -19.54 8.43 -111.83
C THR GA 266 -20.28 7.82 -113.01
N GLN GA 267 -21.60 7.65 -112.88
CA GLN GA 267 -22.39 7.14 -113.99
C GLN GA 267 -22.33 8.10 -115.17
N ALA GA 268 -22.30 9.40 -114.88
CA ALA GA 268 -22.17 10.37 -115.97
C ALA GA 268 -20.90 10.12 -116.76
N GLY GA 269 -19.78 9.90 -116.07
CA GLY GA 269 -18.56 9.54 -116.76
C GLY GA 269 -18.72 8.28 -117.59
N SER GA 270 -19.44 7.29 -117.06
CA SER GA 270 -19.80 6.13 -117.85
C SER GA 270 -20.59 6.54 -119.08
N GLU GA 271 -21.67 7.30 -118.87
CA GLU GA 271 -22.47 7.75 -120.01
C GLU GA 271 -21.62 8.60 -120.95
N VAL GA 272 -20.78 9.46 -120.37
CA VAL GA 272 -19.88 10.25 -121.20
C VAL GA 272 -18.96 9.34 -122.00
N SER GA 273 -18.32 8.39 -121.33
CA SER GA 273 -17.48 7.44 -122.05
C SER GA 273 -18.30 6.68 -123.08
N ALA GA 274 -19.48 6.22 -122.68
CA ALA GA 274 -20.39 5.60 -123.65
C ALA GA 274 -20.71 6.58 -124.77
N LEU GA 275 -21.04 7.82 -124.41
CA LEU GA 275 -21.14 8.85 -125.43
C LEU GA 275 -19.82 9.03 -126.14
N LEU GA 276 -18.72 9.07 -125.37
CA LEU GA 276 -17.41 9.19 -125.99
C LEU GA 276 -17.09 8.00 -126.86
N GLY GA 277 -17.66 6.84 -126.57
CA GLY GA 277 -17.22 5.63 -127.23
C GLY GA 277 -15.76 5.40 -126.94
N ARG GA 278 -15.27 6.02 -125.88
CA ARG GA 278 -13.88 5.90 -125.46
C ARG GA 278 -13.72 4.63 -124.66
N ILE GA 279 -12.48 4.12 -124.60
CA ILE GA 279 -12.19 2.87 -123.90
C ILE GA 279 -12.61 3.01 -122.45
N PRO GA 280 -13.71 2.37 -122.05
CA PRO GA 280 -14.24 2.62 -120.71
C PRO GA 280 -13.60 1.72 -119.69
N SER GA 281 -14.02 1.91 -118.44
CA SER GA 281 -13.66 0.98 -117.38
C SER GA 281 -14.45 -0.31 -117.58
N ALA GA 282 -14.02 -1.39 -116.93
CA ALA GA 282 -14.70 -2.66 -117.01
C ALA GA 282 -16.12 -2.56 -116.47
N VAL GA 283 -16.35 -1.54 -115.63
CA VAL GA 283 -17.66 -1.29 -115.07
C VAL GA 283 -18.36 -0.27 -115.96
N GLY GA 284 -17.90 -0.18 -117.20
CA GLY GA 284 -18.49 0.70 -118.18
C GLY GA 284 -18.19 2.17 -117.97
N TYR GA 285 -17.79 2.57 -116.77
CA TYR GA 285 -17.36 3.94 -116.58
C TYR GA 285 -16.18 4.23 -117.47
N GLN GA 286 -15.87 5.50 -117.64
CA GLN GA 286 -14.66 5.83 -118.37
C GLN GA 286 -13.48 5.20 -117.64
N PRO GA 287 -12.59 4.53 -118.37
CA PRO GA 287 -11.48 3.86 -117.69
C PRO GA 287 -10.66 4.78 -116.81
N THR GA 288 -10.39 6.00 -117.27
CA THR GA 288 -9.64 6.97 -116.47
C THR GA 288 -10.55 7.89 -115.68
N LEU GA 289 -11.85 7.67 -115.73
CA LEU GA 289 -12.76 8.47 -114.90
C LEU GA 289 -12.35 8.40 -113.45
N ALA GA 290 -11.92 7.21 -113.01
CA ALA GA 290 -11.38 7.07 -111.66
C ALA GA 290 -10.32 8.12 -111.40
N THR GA 291 -9.38 8.27 -112.33
CA THR GA 291 -8.42 9.35 -112.21
C THR GA 291 -9.11 10.70 -112.18
N ASP GA 292 -10.04 10.94 -113.09
CA ASP GA 292 -10.80 12.19 -113.06
C ASP GA 292 -11.59 12.30 -111.77
N MET GA 293 -12.31 11.25 -111.39
CA MET GA 293 -12.97 11.24 -110.10
C MET GA 293 -11.95 11.36 -108.98
N GLY GA 294 -10.84 10.63 -109.09
CA GLY GA 294 -9.74 10.85 -108.18
C GLY GA 294 -9.24 12.28 -108.25
N THR GA 295 -9.11 12.81 -109.46
CA THR GA 295 -8.83 14.23 -109.59
C THR GA 295 -9.94 15.04 -108.96
N MET GA 296 -11.19 14.66 -109.21
CA MET GA 296 -12.30 15.28 -108.51
C MET GA 296 -12.13 15.10 -107.00
N GLN GA 297 -11.77 13.89 -106.59
CA GLN GA 297 -11.38 13.68 -105.21
C GLN GA 297 -10.15 14.50 -104.85
N GLU GA 298 -9.15 14.53 -105.72
CA GLU GA 298 -7.98 15.37 -105.50
C GLU GA 298 -8.33 16.85 -105.50
N ARG GA 299 -9.26 17.28 -106.35
CA ARG GA 299 -9.67 18.68 -106.42
C ARG GA 299 -10.12 19.24 -105.08
N ILE GA 300 -10.36 18.38 -104.09
CA ILE GA 300 -10.73 18.81 -102.75
C ILE GA 300 -9.60 18.36 -101.83
N THR GA 301 -9.11 19.28 -101.02
CA THR GA 301 -8.07 18.99 -100.05
C THR GA 301 -8.05 20.10 -99.00
N THR GA 302 -7.30 19.86 -97.92
CA THR GA 302 -7.11 20.84 -96.85
C THR GA 302 -5.95 21.74 -97.26
N THR GA 303 -6.19 22.58 -98.26
CA THR GA 303 -5.15 23.45 -98.79
C THR GA 303 -4.81 24.52 -97.75
N LYS GA 304 -3.78 25.31 -98.03
CA LYS GA 304 -3.47 26.44 -97.18
C LYS GA 304 -4.58 27.48 -97.14
N LYS GA 305 -5.48 27.46 -98.13
CA LYS GA 305 -6.60 28.40 -98.17
C LYS GA 305 -7.77 27.94 -97.31
N GLY GA 306 -8.12 26.67 -97.38
CA GLY GA 306 -9.21 26.18 -96.57
C GLY GA 306 -9.45 24.72 -96.82
N SER GA 307 -10.56 24.23 -96.25
CA SER GA 307 -10.93 22.84 -96.39
C SER GA 307 -12.41 22.76 -96.70
N ILE GA 308 -12.76 21.90 -97.66
CA ILE GA 308 -14.11 21.79 -98.17
C ILE GA 308 -14.72 20.50 -97.65
N THR GA 309 -15.58 20.62 -96.65
CA THR GA 309 -16.19 19.47 -96.02
C THR GA 309 -17.19 18.86 -97.01
N SER GA 310 -16.66 18.04 -97.92
CA SER GA 310 -17.44 17.51 -99.03
C SER GA 310 -18.24 16.30 -98.56
N VAL GA 311 -19.56 16.40 -98.62
CA VAL GA 311 -20.46 15.34 -98.20
C VAL GA 311 -21.09 14.74 -99.44
N GLN GA 312 -20.47 13.70 -99.98
CA GLN GA 312 -20.93 13.07 -101.21
C GLN GA 312 -22.05 12.10 -100.87
N ALA GA 313 -23.21 12.28 -101.51
CA ALA GA 313 -24.28 11.32 -101.33
C ALA GA 313 -23.91 10.01 -102.00
N ILE GA 314 -23.79 8.96 -101.20
CA ILE GA 314 -23.33 7.66 -101.65
C ILE GA 314 -24.53 6.76 -101.88
N TYR GA 315 -24.93 6.64 -103.13
CA TYR GA 315 -25.98 5.71 -103.54
C TYR GA 315 -25.33 4.36 -103.77
N VAL GA 316 -25.89 3.32 -103.14
CA VAL GA 316 -25.29 2.00 -103.13
C VAL GA 316 -25.18 1.53 -104.58
N PRO GA 317 -24.00 1.17 -105.06
CA PRO GA 317 -23.89 0.69 -106.44
C PRO GA 317 -24.51 -0.71 -106.54
N ALA GA 318 -25.71 -0.77 -107.11
CA ALA GA 318 -26.52 -1.98 -107.19
C ALA GA 318 -26.59 -2.72 -105.86
N ASP GA 319 -26.34 -2.00 -104.76
CA ASP GA 319 -26.07 -2.62 -103.48
C ASP GA 319 -24.98 -3.68 -103.61
N ASP GA 320 -24.09 -3.50 -104.58
CA ASP GA 320 -23.08 -4.49 -104.94
C ASP GA 320 -21.70 -3.95 -104.59
N LEU GA 321 -21.09 -4.54 -103.57
CA LEU GA 321 -19.73 -4.18 -103.19
C LEU GA 321 -18.72 -4.49 -104.28
N THR GA 322 -19.07 -5.33 -105.24
CA THR GA 322 -18.18 -5.68 -106.34
C THR GA 322 -17.88 -4.49 -107.23
N ASP GA 323 -18.63 -3.40 -107.12
CA ASP GA 323 -18.40 -2.26 -107.99
C ASP GA 323 -17.08 -1.59 -107.64
N PRO GA 324 -16.13 -1.58 -108.57
CA PRO GA 324 -14.92 -0.79 -108.35
C PRO GA 324 -15.22 0.67 -108.14
N ALA GA 325 -16.24 1.18 -108.81
CA ALA GA 325 -16.73 2.52 -108.51
C ALA GA 325 -17.10 2.62 -107.04
N PRO GA 326 -17.94 1.73 -106.50
CA PRO GA 326 -18.13 1.73 -105.05
C PRO GA 326 -16.83 1.56 -104.30
N ALA GA 327 -15.95 0.69 -104.80
CA ALA GA 327 -14.61 0.61 -104.23
C ALA GA 327 -13.90 1.95 -104.37
N THR GA 328 -13.95 2.54 -105.56
CA THR GA 328 -13.42 3.89 -105.72
C THR GA 328 -14.15 4.86 -104.83
N THR GA 329 -15.48 4.75 -104.75
CA THR GA 329 -16.22 5.55 -103.78
C THR GA 329 -15.74 5.25 -102.37
N PHE GA 330 -15.56 3.96 -102.05
CA PHE GA 330 -14.94 3.61 -100.79
C PHE GA 330 -13.50 4.08 -100.70
N ALA GA 331 -12.80 4.21 -101.83
CA ALA GA 331 -11.42 4.64 -101.80
C ALA GA 331 -11.26 6.10 -101.41
N HIS GA 332 -12.19 6.97 -101.79
CA HIS GA 332 -12.06 8.39 -101.55
C HIS GA 332 -12.76 8.86 -100.29
N LEU GA 333 -13.97 8.39 -100.02
CA LEU GA 333 -14.66 8.79 -98.81
C LEU GA 333 -13.94 8.22 -97.60
N ASP GA 334 -13.21 9.08 -96.90
CA ASP GA 334 -12.33 8.63 -95.82
C ASP GA 334 -13.10 8.20 -94.57
N ALA GA 335 -14.40 8.47 -94.51
CA ALA GA 335 -15.22 8.00 -93.40
C ALA GA 335 -16.50 7.41 -93.97
N THR GA 336 -17.37 6.96 -93.08
CA THR GA 336 -18.65 6.40 -93.49
C THR GA 336 -19.74 6.90 -92.57
N THR GA 337 -20.76 7.52 -93.16
CA THR GA 337 -21.92 7.98 -92.41
C THR GA 337 -23.09 7.07 -92.74
N VAL GA 338 -23.46 6.23 -91.78
CA VAL GA 338 -24.54 5.29 -92.00
C VAL GA 338 -25.72 5.69 -91.12
N LEU GA 339 -26.84 5.97 -91.77
CA LEU GA 339 -28.08 6.18 -91.02
C LEU GA 339 -28.84 4.86 -90.92
N SER GA 340 -29.55 4.68 -89.81
CA SER GA 340 -30.32 3.45 -89.59
C SER GA 340 -31.80 3.74 -89.72
N ARG GA 341 -32.43 3.08 -90.70
CA ARG GA 341 -33.89 3.13 -90.77
C ARG GA 341 -34.51 2.65 -89.48
N ALA GA 342 -33.90 1.64 -88.85
CA ALA GA 342 -34.37 1.17 -87.57
C ALA GA 342 -34.21 2.21 -86.47
N ILE GA 343 -33.35 3.21 -86.66
CA ILE GA 343 -33.03 4.16 -85.59
C ILE GA 343 -34.15 5.15 -85.32
N ALA GA 344 -34.63 5.89 -86.33
CA ALA GA 344 -35.84 6.66 -86.12
C ALA GA 344 -37.02 5.74 -85.82
N GLU GA 345 -37.00 4.53 -86.39
CA GLU GA 345 -37.95 3.51 -85.97
C GLU GA 345 -37.74 3.18 -84.50
N LEU GA 346 -36.49 3.04 -84.07
CA LEU GA 346 -36.20 2.97 -82.65
C LEU GA 346 -36.30 4.32 -81.96
N GLY GA 347 -36.79 5.33 -82.65
CA GLY GA 347 -36.95 6.64 -82.07
C GLY GA 347 -35.69 7.47 -81.99
N ILE GA 348 -34.58 6.98 -82.52
CA ILE GA 348 -33.35 7.76 -82.54
C ILE GA 348 -33.57 8.98 -83.41
N TYR GA 349 -33.19 10.14 -82.89
CA TYR GA 349 -33.40 11.41 -83.55
C TYR GA 349 -32.05 12.09 -83.76
N PRO GA 350 -31.49 11.98 -84.97
CA PRO GA 350 -31.95 11.36 -86.22
C PRO GA 350 -31.81 9.85 -86.28
N ALA GA 351 -32.12 9.29 -87.47
CA ALA GA 351 -32.12 7.86 -87.74
C ALA GA 351 -30.75 7.31 -88.10
N VAL GA 352 -29.72 7.50 -87.27
CA VAL GA 352 -28.37 7.13 -87.68
C VAL GA 352 -28.08 5.68 -87.33
N ASP GA 353 -27.21 5.05 -88.12
CA ASP GA 353 -26.73 3.71 -87.80
C ASP GA 353 -25.47 3.85 -86.97
N PRO GA 354 -25.57 3.67 -85.65
CA PRO GA 354 -24.46 4.09 -84.78
C PRO GA 354 -23.16 3.39 -85.04
N LEU GA 355 -23.08 2.07 -84.87
CA LEU GA 355 -21.84 1.37 -85.13
C LEU GA 355 -21.52 1.32 -86.61
N ASP GA 356 -22.55 1.29 -87.45
CA ASP GA 356 -22.34 1.21 -88.88
C ASP GA 356 -21.66 2.46 -89.41
N SER GA 357 -22.08 3.64 -88.97
CA SER GA 357 -21.35 4.85 -89.33
C SER GA 357 -19.90 4.70 -88.92
N THR GA 358 -19.00 4.95 -89.85
CA THR GA 358 -17.60 4.56 -89.67
C THR GA 358 -16.69 5.72 -90.01
N SER GA 359 -15.48 5.66 -89.46
CA SER GA 359 -14.45 6.66 -89.67
C SER GA 359 -13.12 6.03 -89.30
N ARG GA 360 -12.11 6.31 -90.13
CA ARG GA 360 -10.78 5.74 -89.90
C ARG GA 360 -10.13 6.33 -88.65
N ILE GA 361 -10.85 7.16 -87.90
CA ILE GA 361 -10.27 7.93 -86.80
C ILE GA 361 -10.12 7.08 -85.54
N MET GA 362 -10.23 5.76 -85.66
CA MET GA 362 -10.20 4.88 -84.50
C MET GA 362 -8.77 4.77 -83.95
N ASP GA 363 -8.26 5.89 -83.45
CA ASP GA 363 -6.96 5.94 -82.79
C ASP GA 363 -7.02 6.98 -81.68
N PRO GA 364 -6.71 6.60 -80.43
CA PRO GA 364 -6.75 7.58 -79.34
C PRO GA 364 -5.85 8.77 -79.57
N ASN GA 365 -4.71 8.55 -80.21
CA ASN GA 365 -3.87 9.67 -80.61
C ASN GA 365 -4.57 10.54 -81.65
N ILE GA 366 -5.33 9.91 -82.56
CA ILE GA 366 -5.87 10.65 -83.69
C ILE GA 366 -7.16 11.36 -83.32
N VAL GA 367 -8.20 10.60 -82.99
CA VAL GA 367 -9.50 11.20 -82.72
C VAL GA 367 -9.53 11.96 -81.39
N GLY GA 368 -8.55 11.76 -80.53
CA GLY GA 368 -8.58 12.28 -79.19
C GLY GA 368 -9.22 11.29 -78.24
N SER GA 369 -8.39 10.73 -77.35
CA SER GA 369 -8.85 9.66 -76.47
C SER GA 369 -10.06 10.09 -75.66
N GLU GA 370 -10.05 11.33 -75.16
CA GLU GA 370 -11.24 11.85 -74.51
C GLU GA 370 -12.46 11.74 -75.43
N HIS GA 371 -12.31 12.18 -76.68
CA HIS GA 371 -13.36 11.95 -77.66
C HIS GA 371 -13.45 10.47 -78.02
N TYR GA 372 -12.31 9.83 -78.27
CA TYR GA 372 -12.32 8.49 -78.82
C TYR GA 372 -12.38 7.42 -77.73
N ASP GA 373 -11.37 7.39 -76.85
CA ASP GA 373 -11.24 6.27 -75.93
C ASP GA 373 -12.47 6.13 -75.05
N VAL GA 374 -13.04 7.25 -74.62
CA VAL GA 374 -14.32 7.19 -73.89
C VAL GA 374 -15.37 6.53 -74.77
N ALA GA 375 -15.40 6.90 -76.05
CA ALA GA 375 -16.41 6.36 -76.95
C ALA GA 375 -16.13 4.91 -77.30
N ARG GA 376 -14.90 4.45 -77.09
CA ARG GA 376 -14.49 3.14 -77.59
C ARG GA 376 -15.32 2.02 -76.97
N GLY GA 377 -15.53 2.06 -75.66
CA GLY GA 377 -16.20 0.96 -74.99
C GLY GA 377 -17.64 0.79 -75.44
N VAL GA 378 -18.32 1.90 -75.74
CA VAL GA 378 -19.72 1.83 -76.16
C VAL GA 378 -19.85 0.95 -77.40
N GLN GA 379 -18.94 1.11 -78.35
CA GLN GA 379 -18.91 0.22 -79.50
C GLN GA 379 -18.90 -1.22 -79.04
N LYS GA 380 -18.03 -1.56 -78.09
CA LYS GA 380 -18.12 -2.86 -77.45
C LYS GA 380 -19.39 -2.98 -76.62
N ILE GA 381 -19.70 -1.94 -75.84
CA ILE GA 381 -20.82 -2.03 -74.91
C ILE GA 381 -22.13 -2.18 -75.67
N LEU GA 382 -22.38 -1.29 -76.63
CA LEU GA 382 -23.64 -1.36 -77.36
C LEU GA 382 -23.75 -2.66 -78.14
N GLN GA 383 -22.66 -3.08 -78.77
CA GLN GA 383 -22.66 -4.38 -79.44
C GLN GA 383 -22.94 -5.49 -78.45
N ASP GA 384 -22.24 -5.48 -77.32
CA ASP GA 384 -22.57 -6.41 -76.25
C ASP GA 384 -24.01 -6.21 -75.81
N TYR GA 385 -24.42 -4.94 -75.67
CA TYR GA 385 -25.82 -4.66 -75.39
C TYR GA 385 -26.71 -5.25 -76.47
N LYS GA 386 -26.35 -5.02 -77.74
CA LYS GA 386 -27.02 -5.71 -78.82
C LYS GA 386 -26.87 -7.22 -78.65
N SER GA 387 -25.65 -7.68 -78.36
CA SER GA 387 -25.47 -9.10 -78.07
C SER GA 387 -26.30 -9.50 -76.86
N LEU GA 388 -26.30 -8.67 -75.82
CA LEU GA 388 -27.24 -8.87 -74.74
C LEU GA 388 -28.67 -8.78 -75.23
N GLN GA 389 -28.99 -7.77 -76.04
CA GLN GA 389 -30.29 -7.75 -76.68
C GLN GA 389 -30.48 -8.99 -77.53
N ASP GA 390 -29.43 -9.41 -78.22
CA ASP GA 390 -29.45 -10.70 -78.90
C ASP GA 390 -29.60 -11.82 -77.89
N ILE GA 391 -28.87 -11.74 -76.78
CA ILE GA 391 -29.08 -12.70 -75.71
C ILE GA 391 -30.49 -12.57 -75.16
N ILE GA 392 -30.95 -11.33 -74.97
CA ILE GA 392 -32.31 -11.11 -74.52
C ILE GA 392 -33.31 -11.56 -75.58
N ALA GA 393 -32.89 -11.58 -76.84
CA ALA GA 393 -33.80 -11.91 -77.94
C ALA GA 393 -34.44 -13.27 -77.79
N ILE GA 394 -33.81 -14.20 -77.07
CA ILE GA 394 -34.41 -15.50 -76.82
C ILE GA 394 -34.67 -15.65 -75.33
N LEU GA 395 -33.63 -15.46 -74.53
CA LEU GA 395 -33.74 -15.64 -73.09
C LEU GA 395 -34.66 -14.61 -72.44
N GLY GA 396 -35.00 -13.54 -73.14
CA GLY GA 396 -35.83 -12.51 -72.56
C GLY GA 396 -35.02 -11.55 -71.70
N MET GA 397 -35.23 -10.27 -71.96
CA MET GA 397 -34.48 -9.25 -71.22
C MET GA 397 -34.82 -9.25 -69.74
N ASP GA 398 -35.95 -9.85 -69.36
CA ASP GA 398 -36.34 -9.89 -67.97
C ASP GA 398 -35.34 -10.63 -67.10
N GLU GA 399 -34.69 -11.66 -67.64
CA GLU GA 399 -33.72 -12.44 -66.88
C GLU GA 399 -32.35 -11.77 -66.87
N LEU GA 400 -32.32 -10.47 -67.13
CA LEU GA 400 -31.07 -9.72 -67.23
C LEU GA 400 -30.39 -9.63 -65.87
N SER GA 401 -29.10 -9.95 -65.84
CA SER GA 401 -28.30 -9.58 -64.69
C SER GA 401 -28.40 -8.09 -64.48
N GLU GA 402 -28.48 -7.68 -63.21
CA GLU GA 402 -28.65 -6.27 -62.89
C GLU GA 402 -27.59 -5.43 -63.56
N GLU GA 403 -26.32 -5.83 -63.44
CA GLU GA 403 -25.25 -5.14 -64.14
C GLU GA 403 -25.52 -5.12 -65.64
N ASP GA 404 -25.84 -6.29 -66.21
CA ASP GA 404 -26.25 -6.34 -67.60
C ASP GA 404 -27.46 -5.45 -67.83
N LYS GA 405 -28.50 -5.62 -67.00
CA LYS GA 405 -29.67 -4.76 -67.11
C LYS GA 405 -29.28 -3.31 -66.95
N LEU GA 406 -28.44 -3.00 -65.95
CA LEU GA 406 -27.91 -1.65 -65.83
C LEU GA 406 -27.19 -1.23 -67.10
N THR GA 407 -26.29 -2.08 -67.57
CA THR GA 407 -25.66 -1.81 -68.85
C THR GA 407 -26.70 -1.74 -69.96
N VAL GA 408 -27.66 -2.67 -69.96
CA VAL GA 408 -28.76 -2.57 -70.91
C VAL GA 408 -29.46 -1.24 -70.74
N SER GA 409 -29.78 -0.89 -69.50
CA SER GA 409 -30.28 0.45 -69.23
C SER GA 409 -29.25 1.49 -69.63
N ARG GA 410 -27.97 1.25 -69.30
CA ARG GA 410 -26.93 2.18 -69.70
C ARG GA 410 -26.93 2.36 -71.22
N ALA GA 411 -26.96 1.25 -71.95
CA ALA GA 411 -27.15 1.35 -73.39
C ALA GA 411 -28.49 2.00 -73.71
N ARG GA 412 -29.54 1.61 -73.00
CA ARG GA 412 -30.83 2.25 -73.18
C ARG GA 412 -30.75 3.73 -72.82
N LYS GA 413 -30.08 4.05 -71.71
CA LYS GA 413 -29.78 5.45 -71.44
C LYS GA 413 -28.91 6.03 -72.54
N ILE GA 414 -27.92 5.25 -72.99
CA ILE GA 414 -27.12 5.67 -74.13
C ILE GA 414 -27.98 5.74 -75.39
N GLN GA 415 -29.09 5.01 -75.39
CA GLN GA 415 -29.91 4.93 -76.60
C GLN GA 415 -30.49 6.29 -76.97
N ARG GA 416 -31.14 6.96 -76.02
CA ARG GA 416 -31.85 8.19 -76.38
C ARG GA 416 -30.97 9.42 -76.27
N PHE GA 417 -29.78 9.30 -75.69
CA PHE GA 417 -28.95 10.49 -75.46
C PHE GA 417 -28.57 11.18 -76.76
N LEU GA 418 -28.11 10.42 -77.77
CA LEU GA 418 -27.83 11.01 -79.06
C LEU GA 418 -29.11 11.45 -79.76
N SER GA 419 -30.23 10.81 -79.43
CA SER GA 419 -31.51 11.15 -80.02
C SER GA 419 -31.98 12.50 -79.50
N GLN GA 420 -32.23 13.43 -80.41
CA GLN GA 420 -32.73 14.74 -80.03
C GLN GA 420 -33.33 15.42 -81.25
N PRO GA 421 -34.28 16.33 -81.04
CA PRO GA 421 -34.65 17.22 -82.14
C PRO GA 421 -33.46 18.07 -82.55
N PHE GA 422 -33.04 17.92 -83.81
CA PHE GA 422 -31.75 18.40 -84.28
C PHE GA 422 -31.69 19.92 -84.35
N GLN GA 423 -30.56 20.42 -84.87
CA GLN GA 423 -30.31 21.86 -84.92
C GLN GA 423 -31.33 22.60 -85.78
N VAL GA 424 -32.06 21.90 -86.65
CA VAL GA 424 -33.12 22.53 -87.43
C VAL GA 424 -34.51 22.01 -87.09
N ALA GA 425 -34.62 21.06 -86.16
CA ALA GA 425 -35.88 20.38 -85.89
C ALA GA 425 -36.91 21.32 -85.27
N GLU GA 426 -36.48 22.49 -84.82
CA GLU GA 426 -37.46 23.49 -84.42
C GLU GA 426 -38.45 23.74 -85.54
N VAL GA 427 -37.97 23.72 -86.78
CA VAL GA 427 -38.89 23.70 -87.91
C VAL GA 427 -39.63 22.38 -87.96
N PHE GA 428 -38.91 21.27 -87.89
CA PHE GA 428 -39.56 19.97 -88.05
C PHE GA 428 -40.16 19.48 -86.75
N THR GA 429 -39.32 19.16 -85.77
CA THR GA 429 -39.80 18.61 -84.51
C THR GA 429 -40.33 19.69 -83.58
N GLY GA 430 -40.19 20.95 -83.96
CA GLY GA 430 -40.59 22.04 -83.11
C GLY GA 430 -39.61 22.37 -82.01
N HIS GA 431 -39.02 21.38 -81.37
CA HIS GA 431 -38.02 21.64 -80.34
C HIS GA 431 -36.82 22.35 -80.95
N LEU GA 432 -36.34 23.37 -80.26
CA LEU GA 432 -35.37 24.31 -80.82
C LEU GA 432 -34.07 23.60 -81.19
N GLY GA 433 -33.39 24.14 -82.20
CA GLY GA 433 -32.16 23.55 -82.65
C GLY GA 433 -31.06 23.62 -81.59
N LYS GA 434 -30.58 22.44 -81.21
CA LYS GA 434 -29.53 22.32 -80.20
C LYS GA 434 -28.41 21.45 -80.74
N LEU GA 435 -27.18 21.85 -80.46
CA LEU GA 435 -25.98 21.13 -80.89
C LEU GA 435 -25.09 20.94 -79.67
N VAL GA 436 -24.61 19.72 -79.48
CA VAL GA 436 -23.78 19.39 -78.32
C VAL GA 436 -22.38 19.94 -78.51
N PRO GA 437 -21.84 20.68 -77.53
CA PRO GA 437 -20.44 21.12 -77.65
C PRO GA 437 -19.48 19.96 -77.57
N LEU GA 438 -18.19 20.29 -77.59
CA LEU GA 438 -17.16 19.26 -77.51
C LEU GA 438 -17.31 18.43 -76.24
N LYS GA 439 -17.39 19.10 -75.08
CA LYS GA 439 -17.38 18.38 -73.82
C LYS GA 439 -18.74 17.82 -73.47
N GLU GA 440 -19.81 18.50 -73.89
CA GLU GA 440 -21.12 18.28 -73.29
C GLU GA 440 -21.60 16.85 -73.42
N THR GA 441 -21.87 16.40 -74.66
CA THR GA 441 -22.42 15.06 -74.85
C THR GA 441 -21.44 14.00 -74.35
N ILE GA 442 -20.15 14.19 -74.62
CA ILE GA 442 -19.15 13.27 -74.10
C ILE GA 442 -19.27 13.18 -72.59
N LYS GA 443 -19.37 14.33 -71.93
CA LYS GA 443 -19.66 14.33 -70.50
C LYS GA 443 -21.01 13.68 -70.23
N GLY GA 444 -22.03 14.05 -70.99
CA GLY GA 444 -23.31 13.37 -70.87
C GLY GA 444 -23.17 11.88 -71.10
N PHE GA 445 -22.39 11.50 -72.11
CA PHE GA 445 -22.00 10.11 -72.28
C PHE GA 445 -21.12 9.63 -71.14
N GLN GA 446 -20.15 10.44 -70.73
CA GLN GA 446 -19.36 10.10 -69.55
C GLN GA 446 -20.25 10.00 -68.33
N GLN GA 447 -21.26 10.87 -68.24
CA GLN GA 447 -22.27 10.73 -67.21
C GLN GA 447 -22.92 9.36 -67.30
N ILE GA 448 -23.29 8.95 -68.51
CA ILE GA 448 -23.70 7.56 -68.73
C ILE GA 448 -22.55 6.62 -68.41
N LEU GA 449 -21.34 6.99 -68.84
CA LEU GA 449 -20.19 6.12 -68.63
C LEU GA 449 -19.86 5.99 -67.15
N ALA GA 450 -19.77 7.11 -66.43
CA ALA GA 450 -19.42 7.05 -65.03
C ALA GA 450 -20.44 6.27 -64.21
N GLY GA 451 -21.69 6.23 -64.65
CA GLY GA 451 -22.72 5.54 -63.92
C GLY GA 451 -23.64 6.42 -63.09
N GLU GA 452 -23.39 7.73 -63.04
CA GLU GA 452 -24.32 8.62 -62.35
C GLU GA 452 -25.59 8.84 -63.17
N TYR GA 453 -25.48 8.80 -64.49
CA TYR GA 453 -26.64 8.88 -65.37
C TYR GA 453 -27.45 7.61 -65.29
N ASP GA 454 -26.90 6.59 -64.63
CA ASP GA 454 -27.73 5.47 -64.23
C ASP GA 454 -28.76 5.87 -63.20
N HIS GA 455 -28.56 7.01 -62.53
CA HIS GA 455 -29.60 7.65 -61.73
C HIS GA 455 -30.56 8.41 -62.64
N LEU GA 456 -30.46 8.17 -63.93
CA LEU GA 456 -31.33 8.72 -64.95
C LEU GA 456 -31.78 7.60 -65.88
N PRO GA 457 -32.88 7.80 -66.60
CA PRO GA 457 -33.45 6.71 -67.40
C PRO GA 457 -33.03 6.72 -68.86
N GLU GA 458 -33.62 5.80 -69.62
CA GLU GA 458 -33.31 5.67 -71.04
C GLU GA 458 -34.04 6.72 -71.87
N GLN GA 459 -35.37 6.74 -71.79
CA GLN GA 459 -36.20 7.49 -72.72
C GLN GA 459 -36.15 8.99 -72.51
N ALA GA 460 -35.80 9.46 -71.31
CA ALA GA 460 -35.83 10.89 -71.03
C ALA GA 460 -34.66 11.62 -71.70
N PHE GA 461 -34.03 11.03 -72.71
CA PHE GA 461 -32.93 11.66 -73.41
C PHE GA 461 -33.23 11.98 -74.87
N TYR GA 462 -34.32 11.45 -75.41
CA TYR GA 462 -34.67 11.70 -76.82
C TYR GA 462 -35.36 13.04 -76.95
N MET GA 463 -35.01 13.79 -77.99
CA MET GA 463 -35.61 15.10 -78.29
C MET GA 463 -35.43 16.06 -77.12
N VAL GA 464 -34.17 16.33 -76.78
CA VAL GA 464 -33.83 17.15 -75.63
C VAL GA 464 -32.99 18.34 -76.09
N GLY GA 465 -32.60 19.16 -75.13
CA GLY GA 465 -31.73 20.28 -75.40
C GLY GA 465 -30.29 19.89 -75.26
N PRO GA 466 -29.57 20.53 -74.34
CA PRO GA 466 -28.16 20.20 -74.15
C PRO GA 466 -27.93 18.84 -73.51
N ILE GA 467 -26.67 18.52 -73.22
CA ILE GA 467 -26.34 17.23 -72.64
C ILE GA 467 -27.03 17.06 -71.28
N GLU GA 468 -26.98 18.09 -70.44
CA GLU GA 468 -27.65 18.00 -69.16
C GLU GA 468 -29.17 18.06 -69.32
N GLU GA 469 -29.64 18.55 -70.47
CA GLU GA 469 -31.08 18.64 -70.69
C GLU GA 469 -31.73 17.28 -70.65
N ALA GA 470 -31.07 16.25 -71.19
CA ALA GA 470 -31.59 14.90 -71.08
C ALA GA 470 -31.75 14.50 -69.61
N VAL GA 471 -30.72 14.72 -68.81
CA VAL GA 471 -30.85 14.51 -67.36
C VAL GA 471 -31.85 15.49 -66.79
N ALA GA 472 -31.83 16.73 -67.26
CA ALA GA 472 -32.86 17.69 -66.85
C ALA GA 472 -34.23 17.26 -67.35
N LYS GA 473 -34.29 16.63 -68.52
CA LYS GA 473 -35.56 16.08 -68.99
C LYS GA 473 -36.07 15.03 -68.04
N ALA GA 474 -35.19 14.18 -67.51
CA ALA GA 474 -35.58 13.31 -66.42
C ALA GA 474 -36.05 14.12 -65.22
N ASP GA 475 -35.34 15.21 -64.90
CA ASP GA 475 -35.78 16.08 -63.82
C ASP GA 475 -37.08 16.80 -64.19
N LYS GA 476 -37.11 17.45 -65.36
CA LYS GA 476 -38.26 18.26 -65.75
C LYS GA 476 -39.52 17.43 -65.89
N LEU GA 477 -39.44 16.26 -66.52
CA LEU GA 477 -40.59 15.38 -66.62
C LEU GA 477 -40.97 14.78 -65.28
N ALA GA 478 -40.00 14.56 -64.39
CA ALA GA 478 -40.29 14.18 -63.02
C ALA GA 478 -40.47 15.42 -62.17
N GLU GA 479 -40.36 16.60 -62.79
CA GLU GA 479 -40.76 17.84 -62.16
C GLU GA 479 -42.22 18.09 -62.51
N THR HA 13 16.74 -10.55 -144.77
CA THR HA 13 17.39 -9.55 -145.62
C THR HA 13 18.36 -8.70 -144.82
N THR HA 14 18.30 -7.40 -145.07
CA THR HA 14 19.02 -6.45 -144.23
C THR HA 14 18.05 -5.32 -143.96
N GLY HA 15 17.31 -5.43 -142.86
CA GLY HA 15 16.37 -4.42 -142.46
C GLY HA 15 17.06 -3.19 -141.91
N ARG HA 16 16.29 -2.13 -141.78
CA ARG HA 16 16.70 -0.96 -141.01
C ARG HA 16 15.46 -0.46 -140.29
N ILE HA 17 15.57 -0.29 -138.97
CA ILE HA 17 14.36 -0.07 -138.20
C ILE HA 17 13.82 1.31 -138.52
N VAL HA 18 12.92 1.36 -139.50
CA VAL HA 18 12.31 2.61 -139.89
C VAL HA 18 11.43 3.20 -138.81
N ALA HA 19 11.09 2.42 -137.80
CA ALA HA 19 10.31 2.87 -136.66
C ALA HA 19 10.55 1.88 -135.53
N VAL HA 20 9.96 2.17 -134.37
CA VAL HA 20 10.10 1.31 -133.20
C VAL HA 20 8.76 1.19 -132.50
N ILE HA 21 8.13 0.02 -132.60
CA ILE HA 21 6.91 -0.30 -131.90
C ILE HA 21 7.24 -1.38 -130.89
N GLY HA 22 7.60 -0.98 -129.68
CA GLY HA 22 7.98 -1.94 -128.65
C GLY HA 22 9.12 -2.82 -129.11
N ALA HA 23 9.02 -4.11 -128.83
CA ALA HA 23 10.00 -5.08 -129.28
C ALA HA 23 9.55 -5.81 -130.53
N VAL HA 24 8.68 -5.20 -131.33
CA VAL HA 24 8.12 -5.83 -132.53
C VAL HA 24 9.04 -5.49 -133.69
N VAL HA 25 9.55 -6.53 -134.35
CA VAL HA 25 10.53 -6.36 -135.43
C VAL HA 25 9.77 -6.28 -136.74
N ASP HA 26 9.42 -5.07 -137.14
CA ASP HA 26 8.89 -4.81 -138.47
C ASP HA 26 9.56 -3.57 -139.03
N VAL HA 27 10.45 -3.77 -139.99
CA VAL HA 27 11.23 -2.68 -140.57
C VAL HA 27 11.38 -2.92 -142.06
N GLN HA 28 12.12 -2.03 -142.71
CA GLN HA 28 12.34 -2.10 -144.14
C GLN HA 28 13.57 -2.95 -144.42
N PHE HA 29 13.34 -4.20 -144.85
CA PHE HA 29 14.40 -5.10 -145.23
C PHE HA 29 14.37 -5.31 -146.73
N ASP HA 30 15.23 -4.58 -147.44
CA ASP HA 30 15.24 -4.59 -148.89
C ASP HA 30 16.34 -5.45 -149.48
N GLU HA 31 17.24 -5.98 -148.66
CA GLU HA 31 18.27 -6.88 -149.14
C GLU HA 31 17.63 -8.24 -149.44
N GLY HA 32 18.44 -9.26 -149.71
CA GLY HA 32 17.89 -10.56 -150.02
C GLY HA 32 17.14 -11.14 -148.82
N LEU HA 33 15.81 -11.13 -148.91
CA LEU HA 33 14.99 -11.53 -147.79
C LEU HA 33 15.18 -13.02 -147.49
N PRO HA 34 15.61 -13.34 -146.28
CA PRO HA 34 15.68 -14.75 -145.88
C PRO HA 34 14.30 -15.32 -145.68
N PRO HA 35 14.14 -16.64 -145.86
CA PRO HA 35 12.84 -17.25 -145.59
C PRO HA 35 12.50 -17.17 -144.12
N ILE HA 36 11.20 -17.19 -143.83
CA ILE HA 36 10.73 -17.15 -142.45
C ILE HA 36 11.32 -18.32 -141.70
N LEU HA 37 11.35 -18.22 -140.37
CA LEU HA 37 12.12 -19.02 -139.42
C LEU HA 37 13.56 -18.50 -139.37
N ASN HA 38 13.89 -17.47 -140.15
CA ASN HA 38 15.15 -16.80 -139.98
C ASN HA 38 15.07 -15.81 -138.82
N ALA HA 39 16.24 -15.47 -138.27
CA ALA HA 39 16.37 -14.46 -137.23
C ALA HA 39 17.37 -13.40 -137.68
N LEU HA 40 17.21 -12.17 -137.16
CA LEU HA 40 17.94 -11.03 -137.66
C LEU HA 40 19.03 -10.61 -136.69
N GLU HA 41 20.25 -10.44 -137.22
CA GLU HA 41 21.41 -10.04 -136.42
C GLU HA 41 21.37 -8.54 -136.21
N VAL HA 42 21.72 -8.11 -135.00
CA VAL HA 42 21.55 -6.72 -134.59
C VAL HA 42 22.64 -5.88 -135.25
N GLN HA 43 22.27 -5.14 -136.29
CA GLN HA 43 23.18 -4.19 -136.89
C GLN HA 43 22.96 -2.81 -136.30
N GLY HA 44 24.03 -2.18 -135.84
CA GLY HA 44 23.91 -0.86 -135.29
C GLY HA 44 23.10 -0.86 -134.02
N ARG HA 45 23.42 -1.80 -133.13
CA ARG HA 45 22.75 -1.92 -131.85
C ARG HA 45 23.78 -2.13 -130.75
N GLU HA 46 23.42 -1.73 -129.54
CA GLU HA 46 24.33 -1.89 -128.40
C GLU HA 46 24.45 -3.33 -127.94
N THR HA 47 23.56 -4.21 -128.40
CA THR HA 47 23.65 -5.64 -128.10
C THR HA 47 23.16 -6.41 -129.32
N ARG HA 48 23.58 -7.67 -129.43
CA ARG HA 48 23.28 -8.50 -130.58
C ARG HA 48 22.00 -9.29 -130.30
N LEU HA 49 20.87 -8.77 -130.78
CA LEU HA 49 19.57 -9.39 -130.58
C LEU HA 49 19.17 -10.06 -131.89
N VAL HA 50 18.42 -11.15 -131.78
CA VAL HA 50 17.94 -11.90 -132.94
C VAL HA 50 16.46 -11.62 -133.12
N LEU HA 51 16.08 -11.15 -134.30
CA LEU HA 51 14.70 -10.88 -134.63
C LEU HA 51 14.19 -11.97 -135.56
N GLU HA 52 13.44 -12.92 -135.00
CA GLU HA 52 13.01 -14.10 -135.74
C GLU HA 52 11.86 -13.72 -136.64
N VAL HA 53 12.01 -14.01 -137.94
CA VAL HA 53 11.00 -13.64 -138.92
C VAL HA 53 9.63 -14.16 -138.50
N ALA HA 54 8.62 -13.30 -138.61
CA ALA HA 54 7.26 -13.67 -138.24
C ALA HA 54 6.28 -13.62 -139.40
N GLN HA 55 6.35 -12.62 -140.28
CA GLN HA 55 5.47 -12.55 -141.44
C GLN HA 55 6.10 -11.59 -142.44
N HIS HA 56 5.61 -11.65 -143.68
CA HIS HA 56 6.09 -10.79 -144.76
C HIS HA 56 5.11 -9.63 -144.91
N LEU HA 57 5.49 -8.47 -144.38
CA LEU HA 57 4.66 -7.28 -144.50
C LEU HA 57 4.59 -6.76 -145.92
N GLY HA 58 5.58 -7.06 -146.75
CA GLY HA 58 5.59 -6.53 -148.09
C GLY HA 58 6.24 -5.16 -148.15
N GLU HA 59 6.46 -4.69 -149.38
CA GLU HA 59 7.15 -3.42 -149.64
C GLU HA 59 8.55 -3.41 -149.03
N SER HA 60 9.29 -4.50 -149.24
CA SER HA 60 10.64 -4.65 -148.67
C SER HA 60 10.62 -4.55 -147.16
N THR HA 61 9.46 -4.83 -146.57
CA THR HA 61 9.27 -4.82 -145.12
C THR HA 61 8.58 -6.10 -144.70
N VAL HA 62 9.00 -6.66 -143.57
CA VAL HA 62 8.46 -7.92 -143.08
C VAL HA 62 8.24 -7.81 -141.58
N ARG HA 63 7.60 -8.85 -141.04
CA ARG HA 63 7.36 -8.97 -139.61
C ARG HA 63 8.32 -9.99 -139.03
N THR HA 64 9.03 -9.61 -137.98
CA THR HA 64 9.95 -10.51 -137.30
C THR HA 64 9.76 -10.36 -135.79
N ILE HA 65 10.38 -11.27 -135.05
CA ILE HA 65 10.22 -11.35 -133.61
C ILE HA 65 11.59 -11.33 -132.96
N ALA HA 66 11.87 -10.26 -132.22
CA ALA HA 66 13.07 -10.19 -131.38
C ALA HA 66 12.67 -10.20 -129.91
N MET HA 67 13.47 -10.87 -129.10
CA MET HA 67 13.16 -11.08 -127.68
C MET HA 67 14.09 -10.32 -126.77
N ASP HA 68 14.48 -9.09 -127.11
CA ASP HA 68 15.46 -8.34 -126.32
C ASP HA 68 14.91 -6.94 -126.05
N GLY HA 69 15.51 -6.29 -125.06
CA GLY HA 69 15.11 -4.94 -124.66
C GLY HA 69 15.37 -3.89 -125.71
N THR HA 70 14.32 -3.20 -126.16
CA THR HA 70 14.38 -2.28 -127.28
C THR HA 70 14.62 -0.84 -126.84
N GLU HA 71 15.29 -0.64 -125.71
CA GLU HA 71 15.52 0.69 -125.19
C GLU HA 71 16.55 1.40 -126.06
N GLY HA 72 16.15 2.52 -126.65
CA GLY HA 72 17.06 3.34 -127.42
C GLY HA 72 17.15 3.04 -128.90
N LEU HA 73 16.15 2.41 -129.48
CA LEU HA 73 16.15 2.10 -130.91
C LEU HA 73 15.48 3.23 -131.68
N VAL HA 74 16.27 4.20 -132.11
CA VAL HA 74 15.77 5.29 -132.95
C VAL HA 74 15.32 4.70 -134.27
N ARG HA 75 14.40 5.38 -134.95
CA ARG HA 75 14.01 4.97 -136.28
C ARG HA 75 15.22 5.00 -137.19
N GLY HA 76 15.70 3.82 -137.61
CA GLY HA 76 16.83 3.72 -138.50
C GLY HA 76 17.82 2.62 -138.22
N GLN HA 77 17.73 1.95 -137.07
CA GLN HA 77 18.71 0.92 -136.74
C GLN HA 77 18.63 -0.21 -137.76
N LYS HA 78 19.77 -0.60 -138.33
CA LYS HA 78 19.79 -1.56 -139.41
C LYS HA 78 19.52 -2.95 -138.85
N VAL HA 79 18.62 -3.69 -139.49
CA VAL HA 79 18.37 -5.08 -139.14
C VAL HA 79 19.07 -5.96 -140.15
N LEU HA 80 20.32 -6.30 -139.87
CA LEU HA 80 21.09 -7.19 -140.72
C LEU HA 80 20.61 -8.60 -140.42
N ASP HA 81 19.59 -9.04 -141.14
CA ASP HA 81 19.03 -10.37 -140.89
C ASP HA 81 20.08 -11.43 -141.15
N SER HA 82 20.20 -12.38 -140.22
CA SER HA 82 21.24 -13.41 -140.26
C SER HA 82 20.90 -14.58 -141.17
N GLY HA 83 19.63 -14.71 -141.58
CA GLY HA 83 19.22 -15.74 -142.51
C GLY HA 83 18.65 -16.99 -141.87
N ALA HA 84 18.91 -17.21 -140.60
CA ALA HA 84 18.41 -18.38 -139.91
C ALA HA 84 18.19 -18.04 -138.43
N PRO HA 85 17.56 -18.94 -137.68
CA PRO HA 85 17.34 -18.67 -136.25
C PRO HA 85 18.62 -18.72 -135.44
N ILE HA 86 18.48 -18.58 -134.11
CA ILE HA 86 19.65 -18.62 -133.24
C ILE HA 86 20.15 -20.06 -133.13
N ARG HA 87 21.44 -20.19 -132.81
CA ARG HA 87 22.09 -21.48 -132.74
C ARG HA 87 22.16 -21.93 -131.28
N ILE HA 88 21.54 -23.07 -130.99
CA ILE HA 88 21.50 -23.61 -129.64
C ILE HA 88 22.38 -24.85 -129.57
N PRO HA 89 23.44 -24.86 -128.76
CA PRO HA 89 24.30 -26.04 -128.69
C PRO HA 89 23.51 -27.25 -128.21
N VAL HA 90 23.62 -28.34 -128.97
CA VAL HA 90 22.81 -29.53 -128.74
C VAL HA 90 23.71 -30.70 -128.39
N GLY HA 91 23.17 -31.63 -127.60
CA GLY HA 91 23.89 -32.79 -127.16
C GLY HA 91 24.16 -32.76 -125.66
N PRO HA 92 25.22 -33.42 -125.22
CA PRO HA 92 25.61 -33.34 -123.81
C PRO HA 92 26.66 -32.26 -123.51
N GLU HA 93 26.96 -31.37 -124.46
CA GLU HA 93 28.08 -30.45 -124.33
C GLU HA 93 27.69 -29.07 -123.78
N THR HA 94 26.50 -28.58 -124.06
CA THR HA 94 26.09 -27.28 -123.56
C THR HA 94 25.68 -27.31 -122.09
N LEU HA 95 25.49 -28.49 -121.53
CA LEU HA 95 25.03 -28.62 -120.15
C LEU HA 95 26.16 -28.28 -119.19
N GLY HA 96 25.86 -28.35 -117.89
CA GLY HA 96 26.80 -28.01 -116.86
C GLY HA 96 26.93 -26.53 -116.59
N ARG HA 97 26.89 -25.71 -117.63
CA ARG HA 97 26.88 -24.26 -117.48
C ARG HA 97 25.48 -23.74 -117.78
N ILE HA 98 25.27 -22.47 -117.48
CA ILE HA 98 24.01 -21.78 -117.79
C ILE HA 98 24.27 -20.88 -118.99
N MET HA 99 23.55 -21.13 -120.08
CA MET HA 99 23.81 -20.47 -121.34
C MET HA 99 22.87 -19.28 -121.49
N ASN HA 100 23.38 -18.20 -122.07
CA ASN HA 100 22.59 -17.03 -122.35
C ASN HA 100 21.68 -17.31 -123.53
N VAL HA 101 20.96 -16.28 -123.99
CA VAL HA 101 19.98 -16.47 -125.05
C VAL HA 101 20.64 -16.99 -126.32
N ILE HA 102 21.84 -16.52 -126.62
CA ILE HA 102 22.55 -16.94 -127.82
C ILE HA 102 23.30 -18.23 -127.53
N GLY HA 103 23.11 -18.79 -126.35
CA GLY HA 103 23.79 -19.99 -125.94
C GLY HA 103 25.15 -19.77 -125.32
N GLU HA 104 25.64 -18.54 -125.29
CA GLU HA 104 26.88 -18.25 -124.60
C GLU HA 104 26.68 -18.39 -123.09
N PRO HA 105 27.72 -18.77 -122.35
CA PRO HA 105 27.57 -18.95 -120.90
C PRO HA 105 27.14 -17.66 -120.22
N ILE HA 106 26.10 -17.76 -119.41
CA ILE HA 106 25.62 -16.62 -118.63
C ILE HA 106 25.94 -16.88 -117.16
N ASP HA 107 26.51 -18.06 -116.89
CA ASP HA 107 26.99 -18.41 -115.56
C ASP HA 107 28.48 -18.17 -115.40
N GLU HA 108 29.12 -17.53 -116.38
CA GLU HA 108 30.56 -17.29 -116.40
C GLU HA 108 31.33 -18.62 -116.26
N ARG HA 109 30.83 -19.63 -116.98
CA ARG HA 109 31.46 -20.94 -116.95
C ARG HA 109 31.97 -21.37 -118.32
N GLY HA 110 32.26 -20.42 -119.21
CA GLY HA 110 32.81 -20.73 -120.51
C GLY HA 110 31.75 -21.13 -121.52
N PRO HA 111 31.95 -20.72 -122.77
CA PRO HA 111 30.96 -21.05 -123.80
C PRO HA 111 30.79 -22.54 -123.95
N ILE HA 112 29.60 -22.93 -124.39
CA ILE HA 112 29.21 -24.34 -124.50
C ILE HA 112 30.21 -25.00 -125.45
N LYS HA 113 31.00 -25.94 -124.95
CA LYS HA 113 32.02 -26.61 -125.74
C LYS HA 113 31.34 -27.64 -126.63
N THR HA 114 30.52 -27.14 -127.54
CA THR HA 114 29.85 -27.97 -128.53
C THR HA 114 30.36 -27.62 -129.92
N LYS HA 115 30.66 -28.67 -130.68
CA LYS HA 115 31.15 -28.48 -132.03
C LYS HA 115 30.08 -27.95 -132.97
N GLN HA 116 28.81 -28.10 -132.62
CA GLN HA 116 27.74 -27.63 -133.49
C GLN HA 116 26.53 -27.27 -132.64
N PHE HA 117 26.08 -26.03 -132.76
CA PHE HA 117 24.86 -25.59 -132.11
C PHE HA 117 23.69 -25.83 -133.05
N ALA HA 118 22.57 -26.26 -132.49
CA ALA HA 118 21.42 -26.67 -133.28
C ALA HA 118 20.40 -25.55 -133.33
N ALA HA 119 19.71 -25.45 -134.46
CA ALA HA 119 18.66 -24.46 -134.62
C ALA HA 119 17.58 -24.63 -133.56
N ILE HA 120 17.10 -23.51 -133.04
CA ILE HA 120 16.07 -23.53 -132.00
C ILE HA 120 14.71 -23.95 -132.53
N HIS HA 121 14.60 -24.36 -133.79
CA HIS HA 121 13.31 -24.61 -134.40
C HIS HA 121 13.12 -26.08 -134.75
N ALA HA 122 13.48 -26.97 -133.82
CA ALA HA 122 13.38 -28.40 -134.06
C ALA HA 122 11.92 -28.82 -134.20
N GLU HA 123 11.70 -30.11 -134.46
CA GLU HA 123 10.39 -30.65 -134.71
C GLU HA 123 10.11 -31.88 -133.84
N ALA HA 124 9.04 -32.59 -134.19
CA ALA HA 124 8.53 -33.67 -133.36
C ALA HA 124 9.10 -35.03 -133.78
N PRO HA 125 8.71 -36.10 -133.08
CA PRO HA 125 9.17 -37.44 -133.46
C PRO HA 125 8.29 -38.05 -134.55
N GLU HA 126 8.78 -39.13 -135.15
CA GLU HA 126 8.12 -39.70 -136.32
C GLU HA 126 7.04 -40.69 -135.92
N PHE HA 127 6.05 -40.81 -136.80
CA PHE HA 127 4.92 -41.70 -136.57
C PHE HA 127 5.34 -43.15 -136.42
N VAL HA 128 6.23 -43.62 -137.29
CA VAL HA 128 6.68 -45.00 -137.20
C VAL HA 128 7.82 -45.08 -136.18
N GLU HA 129 8.31 -43.92 -135.74
CA GLU HA 129 9.43 -43.87 -134.80
C GLU HA 129 9.04 -43.46 -133.40
N MET HA 130 7.75 -43.28 -133.12
CA MET HA 130 7.32 -43.07 -131.75
C MET HA 130 7.30 -44.39 -131.00
N SER HA 131 7.36 -44.31 -129.68
CA SER HA 131 7.11 -45.47 -128.83
C SER HA 131 5.63 -45.57 -128.52
N VAL HA 132 5.15 -46.81 -128.35
CA VAL HA 132 3.72 -47.06 -128.19
C VAL HA 132 3.43 -47.85 -126.92
N GLU HA 133 4.43 -48.54 -126.40
CA GLU HA 133 4.27 -49.26 -125.14
C GLU HA 133 4.34 -48.27 -123.98
N GLN HA 134 4.26 -48.80 -122.76
CA GLN HA 134 4.21 -47.99 -121.55
C GLN HA 134 5.51 -48.12 -120.77
N GLU HA 135 6.00 -47.01 -120.24
CA GLU HA 135 7.19 -47.01 -119.40
C GLU HA 135 6.90 -46.17 -118.16
N ILE HA 136 6.87 -46.83 -117.01
CA ILE HA 136 6.44 -46.16 -115.78
C ILE HA 136 7.62 -45.94 -114.85
N LEU HA 137 7.40 -45.17 -113.79
CA LEU HA 137 8.42 -44.87 -112.79
C LEU HA 137 7.77 -44.74 -111.43
N VAL HA 138 8.54 -45.01 -110.38
CA VAL HA 138 8.09 -44.81 -109.01
C VAL HA 138 8.69 -43.52 -108.49
N THR HA 139 7.85 -42.64 -107.94
CA THR HA 139 8.26 -41.30 -107.58
C THR HA 139 8.44 -41.08 -106.08
N GLY HA 140 7.88 -41.94 -105.24
CA GLY HA 140 7.87 -41.67 -103.82
C GLY HA 140 6.89 -40.61 -103.39
N ILE HA 141 6.15 -40.02 -104.33
CA ILE HA 141 5.09 -39.07 -104.03
C ILE HA 141 3.87 -39.86 -103.60
N LYS HA 142 3.39 -39.60 -102.39
CA LYS HA 142 2.45 -40.51 -101.74
C LYS HA 142 1.21 -40.74 -102.59
N VAL HA 143 0.40 -39.70 -102.77
CA VAL HA 143 -0.88 -39.90 -103.46
C VAL HA 143 -0.65 -40.17 -104.94
N VAL HA 144 0.52 -39.82 -105.46
CA VAL HA 144 0.78 -40.02 -106.88
C VAL HA 144 0.61 -41.48 -107.24
N ASP HA 145 1.47 -42.34 -106.71
CA ASP HA 145 1.36 -43.76 -107.00
C ASP HA 145 0.06 -44.34 -106.48
N LEU HA 146 -0.60 -43.62 -105.56
CA LEU HA 146 -1.88 -44.10 -105.05
C LEU HA 146 -2.85 -44.34 -106.19
N LEU HA 147 -2.77 -43.55 -107.25
CA LEU HA 147 -3.50 -43.85 -108.47
C LEU HA 147 -2.64 -43.74 -109.72
N ALA HA 148 -1.71 -42.79 -109.78
CA ALA HA 148 -1.00 -42.44 -111.00
C ALA HA 148 0.51 -42.44 -110.76
N PRO HA 149 1.18 -43.55 -111.00
CA PRO HA 149 2.64 -43.59 -110.85
C PRO HA 149 3.33 -42.75 -111.93
N TYR HA 150 4.56 -42.33 -111.64
CA TYR HA 150 5.37 -41.64 -112.63
C TYR HA 150 5.65 -42.54 -113.82
N ALA HA 151 5.96 -41.92 -114.95
CA ALA HA 151 6.13 -42.64 -116.20
C ALA HA 151 7.43 -42.24 -116.88
N LYS HA 152 8.01 -43.17 -117.63
CA LYS HA 152 9.22 -42.90 -118.40
C LYS HA 152 8.86 -42.69 -119.85
N GLY HA 153 9.48 -41.69 -120.48
CA GLY HA 153 9.30 -41.44 -121.90
C GLY HA 153 8.08 -40.63 -122.28
N GLY HA 154 7.38 -40.02 -121.31
CA GLY HA 154 6.16 -39.31 -121.61
C GLY HA 154 6.10 -37.97 -120.89
N LYS HA 155 5.14 -37.15 -121.32
CA LYS HA 155 4.98 -35.83 -120.74
C LYS HA 155 4.06 -35.86 -119.52
N ILE HA 156 4.50 -35.18 -118.47
CA ILE HA 156 3.70 -34.98 -117.27
C ILE HA 156 3.44 -33.49 -117.14
N GLY HA 157 2.34 -33.13 -116.51
CA GLY HA 157 1.90 -31.74 -116.47
C GLY HA 157 1.10 -31.42 -115.22
N LEU HA 158 1.22 -30.17 -114.77
CA LEU HA 158 0.48 -29.64 -113.62
C LEU HA 158 -0.05 -28.26 -113.98
N PHE HA 159 -1.23 -28.21 -114.60
CA PHE HA 159 -1.87 -26.94 -114.93
C PHE HA 159 -2.40 -26.31 -113.65
N GLY HA 160 -1.50 -25.85 -112.80
CA GLY HA 160 -1.86 -25.41 -111.47
C GLY HA 160 -1.11 -24.15 -111.09
N GLY HA 161 -1.76 -23.33 -110.28
CA GLY HA 161 -1.39 -21.94 -110.12
C GLY HA 161 -0.15 -21.65 -109.30
N ALA HA 162 -0.24 -20.60 -108.48
CA ALA HA 162 0.94 -19.93 -107.94
C ALA HA 162 0.98 -20.07 -106.42
N GLY HA 163 2.18 -19.91 -105.86
CA GLY HA 163 2.35 -19.75 -104.44
C GLY HA 163 1.88 -20.91 -103.59
N VAL HA 164 1.73 -22.08 -104.18
CA VAL HA 164 1.17 -23.21 -103.46
C VAL HA 164 2.15 -24.37 -103.33
N GLY HA 165 3.08 -24.54 -104.26
CA GLY HA 165 3.93 -25.71 -104.24
C GLY HA 165 4.23 -26.18 -105.63
N LYS HA 166 3.47 -25.68 -106.62
CA LYS HA 166 3.64 -26.13 -108.00
C LYS HA 166 5.09 -25.97 -108.44
N THR HA 167 5.78 -24.98 -107.88
CA THR HA 167 7.22 -24.92 -108.05
C THR HA 167 7.92 -25.69 -106.93
N VAL HA 168 7.42 -25.58 -105.70
CA VAL HA 168 8.05 -26.31 -104.59
C VAL HA 168 7.97 -27.81 -104.83
N LEU HA 169 7.02 -28.24 -105.66
CA LEU HA 169 6.90 -29.66 -105.98
C LEU HA 169 8.15 -30.19 -106.67
N ILE HA 170 8.70 -29.44 -107.63
CA ILE HA 170 9.86 -29.91 -108.38
C ILE HA 170 11.08 -29.99 -107.48
N MET HA 171 11.02 -29.38 -106.29
CA MET HA 171 12.19 -29.37 -105.42
C MET HA 171 12.42 -30.72 -104.77
N GLU HA 172 11.48 -31.16 -103.93
CA GLU HA 172 11.62 -32.46 -103.29
C GLU HA 172 11.61 -33.59 -104.31
N LEU HA 173 10.78 -33.45 -105.35
CA LEU HA 173 10.72 -34.47 -106.39
C LEU HA 173 12.06 -34.64 -107.09
N ILE HA 174 12.83 -33.55 -107.18
CA ILE HA 174 14.18 -33.63 -107.73
C ILE HA 174 15.01 -34.59 -106.90
N ASN HA 175 14.93 -34.45 -105.58
CA ASN HA 175 15.54 -35.42 -104.68
C ASN HA 175 14.88 -36.77 -104.88
N ASN HA 176 13.57 -36.78 -105.09
CA ASN HA 176 12.82 -38.02 -105.12
C ASN HA 176 12.77 -38.64 -106.51
N VAL HA 177 12.05 -37.99 -107.43
CA VAL HA 177 11.63 -38.68 -108.66
C VAL HA 177 12.57 -38.34 -109.81
N ALA HA 178 12.79 -37.04 -110.03
CA ALA HA 178 13.68 -36.63 -111.10
C ALA HA 178 15.07 -37.22 -110.92
N LYS HA 179 15.43 -37.51 -109.66
CA LYS HA 179 16.69 -38.22 -109.42
C LYS HA 179 16.69 -39.59 -110.06
N ALA HA 180 15.52 -40.17 -110.32
CA ALA HA 180 15.41 -41.52 -110.85
C ALA HA 180 15.63 -41.56 -112.36
N HIS HA 181 16.20 -40.51 -112.92
CA HIS HA 181 16.57 -40.48 -114.33
C HIS HA 181 18.09 -40.40 -114.44
N GLY HA 182 18.64 -41.39 -115.15
CA GLY HA 182 20.09 -41.47 -115.28
C GLY HA 182 20.61 -40.61 -116.41
N GLY HA 183 19.92 -40.63 -117.55
CA GLY HA 183 20.25 -39.76 -118.65
C GLY HA 183 20.08 -38.30 -118.27
N TYR HA 184 20.28 -37.45 -119.26
CA TYR HA 184 20.18 -36.01 -119.04
C TYR HA 184 18.74 -35.65 -118.68
N SER HA 185 18.53 -34.39 -118.32
CA SER HA 185 17.24 -33.94 -117.80
C SER HA 185 17.03 -32.48 -118.15
N VAL HA 186 15.96 -31.90 -117.62
CA VAL HA 186 15.71 -30.47 -117.70
C VAL HA 186 15.19 -29.99 -116.36
N PHE HA 187 15.92 -29.07 -115.73
CA PHE HA 187 15.52 -28.45 -114.47
C PHE HA 187 16.10 -27.03 -114.44
N ALA HA 188 15.29 -26.05 -114.84
CA ALA HA 188 15.76 -24.69 -115.08
C ALA HA 188 14.77 -23.70 -114.48
N GLY HA 189 15.26 -22.50 -114.17
CA GLY HA 189 14.40 -21.43 -113.73
C GLY HA 189 13.87 -20.62 -114.89
N VAL HA 190 12.70 -21.01 -115.40
CA VAL HA 190 12.09 -20.39 -116.56
C VAL HA 190 10.73 -19.84 -116.13
N GLY HA 191 10.60 -18.52 -116.15
CA GLY HA 191 9.44 -17.90 -115.54
C GLY HA 191 9.43 -18.20 -114.06
N GLU HA 192 10.61 -18.54 -113.54
CA GLU HA 192 10.77 -18.90 -112.14
C GLU HA 192 11.59 -17.82 -111.47
N ARG HA 193 11.58 -17.83 -110.15
CA ARG HA 193 12.32 -16.83 -109.41
C ARG HA 193 13.81 -16.93 -109.75
N THR HA 194 14.40 -15.78 -110.07
CA THR HA 194 15.84 -15.74 -110.26
C THR HA 194 16.56 -16.14 -108.98
N ARG HA 195 16.02 -15.75 -107.83
CA ARG HA 195 16.54 -16.26 -106.56
C ARG HA 195 16.39 -17.77 -106.47
N GLU HA 196 15.26 -18.31 -106.92
CA GLU HA 196 15.11 -19.75 -106.99
C GLU HA 196 16.14 -20.35 -107.94
N GLY HA 197 16.35 -19.71 -109.09
CA GLY HA 197 17.41 -20.15 -109.98
C GLY HA 197 18.77 -20.11 -109.31
N ASN HA 198 19.01 -19.07 -108.51
CA ASN HA 198 20.24 -19.02 -107.72
C ASN HA 198 20.32 -20.24 -106.81
N ASP HA 199 19.22 -20.59 -106.16
CA ASP HA 199 19.15 -21.87 -105.47
C ASP HA 199 19.27 -23.02 -106.46
N LEU HA 200 18.57 -22.92 -107.60
CA LEU HA 200 18.56 -24.03 -108.55
C LEU HA 200 19.93 -24.24 -109.18
N TYR HA 201 20.57 -23.15 -109.64
CA TYR HA 201 21.85 -23.29 -110.33
C TYR HA 201 22.94 -23.75 -109.39
N HIS HA 202 23.07 -23.09 -108.23
CA HIS HA 202 24.11 -23.45 -107.28
C HIS HA 202 23.95 -24.86 -106.72
N GLU HA 203 22.73 -25.26 -106.38
CA GLU HA 203 22.49 -26.62 -105.91
C GLU HA 203 22.73 -27.65 -107.01
N MET HA 204 22.30 -27.36 -108.25
CA MET HA 204 22.58 -28.27 -109.34
C MET HA 204 24.08 -28.45 -109.56
N ILE HA 205 24.83 -27.35 -109.60
CA ILE HA 205 26.26 -27.43 -109.82
C ILE HA 205 26.93 -28.24 -108.71
N GLU HA 206 26.43 -28.13 -107.49
CA GLU HA 206 27.10 -28.68 -106.32
C GLU HA 206 26.98 -30.19 -106.17
N SER HA 207 26.07 -30.84 -106.89
CA SER HA 207 25.86 -32.27 -106.68
C SER HA 207 26.65 -33.13 -107.66
N GLY HA 208 27.30 -32.53 -108.65
CA GLY HA 208 28.08 -33.28 -109.60
C GLY HA 208 27.27 -34.08 -110.59
N VAL HA 209 26.05 -34.48 -110.24
CA VAL HA 209 25.11 -34.97 -111.25
C VAL HA 209 24.85 -33.86 -112.25
N ILE HA 210 24.90 -32.61 -111.80
CA ILE HA 210 25.24 -31.47 -112.62
C ILE HA 210 26.57 -30.96 -112.12
N ASN HA 211 27.64 -31.26 -112.84
CA ASN HA 211 28.98 -30.94 -112.40
C ASN HA 211 29.48 -29.72 -113.17
N LEU HA 212 29.25 -28.53 -112.63
CA LEU HA 212 29.72 -27.31 -113.25
C LEU HA 212 31.24 -27.17 -113.17
N LYS HA 213 31.90 -27.98 -112.34
CA LYS HA 213 33.35 -28.01 -112.32
C LYS HA 213 33.88 -29.11 -113.23
N ASP HA 214 33.04 -29.71 -114.06
CA ASP HA 214 33.42 -30.79 -114.94
C ASP HA 214 32.42 -30.85 -116.08
N ALA HA 215 32.40 -31.98 -116.78
CA ALA HA 215 31.33 -32.30 -117.72
C ALA HA 215 30.54 -33.51 -117.28
N THR HA 216 30.61 -33.86 -115.99
CA THR HA 216 29.88 -34.97 -115.43
C THR HA 216 28.41 -34.64 -115.16
N SER HA 217 27.91 -33.56 -115.76
CA SER HA 217 26.53 -33.17 -115.55
C SER HA 217 25.57 -34.09 -116.28
N LYS HA 218 24.85 -34.90 -115.51
CA LYS HA 218 23.66 -35.57 -116.00
C LYS HA 218 22.41 -34.73 -115.78
N VAL HA 219 22.57 -33.53 -115.21
CA VAL HA 219 21.47 -32.60 -114.96
C VAL HA 219 21.87 -31.24 -115.51
N ALA HA 220 20.91 -30.52 -116.09
CA ALA HA 220 21.15 -29.22 -116.69
C ALA HA 220 20.14 -28.19 -116.20
N LEU HA 221 20.60 -26.94 -116.12
CA LEU HA 221 19.76 -25.81 -115.75
C LEU HA 221 20.00 -24.67 -116.74
N VAL HA 222 18.94 -23.93 -117.04
CA VAL HA 222 18.99 -22.78 -117.93
C VAL HA 222 18.23 -21.63 -117.27
N TYR HA 223 18.16 -20.50 -117.96
CA TYR HA 223 17.59 -19.30 -117.36
C TYR HA 223 16.41 -18.80 -118.18
N GLY HA 224 15.24 -18.78 -117.57
CA GLY HA 224 14.10 -18.05 -118.10
C GLY HA 224 13.43 -17.31 -116.96
N GLN HA 225 14.24 -16.85 -116.01
CA GLN HA 225 13.73 -16.36 -114.74
C GLN HA 225 12.86 -15.12 -114.93
N MET HA 226 12.35 -14.62 -113.79
CA MET HA 226 11.31 -13.59 -113.76
C MET HA 226 11.65 -12.37 -114.60
N ASN HA 227 12.92 -11.98 -114.69
CA ASN HA 227 13.27 -10.80 -115.45
C ASN HA 227 12.99 -10.93 -116.95
N GLU HA 228 12.77 -12.15 -117.44
CA GLU HA 228 12.59 -12.35 -118.86
C GLU HA 228 11.37 -11.59 -119.37
N PRO HA 229 11.54 -10.78 -120.41
CA PRO HA 229 10.41 -10.08 -120.99
C PRO HA 229 9.49 -11.04 -121.70
N PRO HA 230 8.26 -10.62 -122.03
CA PRO HA 230 7.36 -11.53 -122.74
C PRO HA 230 7.96 -12.07 -124.02
N GLY HA 231 8.65 -11.25 -124.79
CA GLY HA 231 9.38 -11.76 -125.94
C GLY HA 231 10.46 -12.74 -125.52
N ALA HA 232 11.23 -12.37 -124.50
CA ALA HA 232 12.14 -13.34 -123.90
C ALA HA 232 11.35 -14.52 -123.37
N ARG HA 233 10.23 -14.27 -122.72
CA ARG HA 233 9.33 -15.35 -122.34
C ARG HA 233 8.77 -16.05 -123.57
N ALA HA 234 8.68 -15.34 -124.70
CA ALA HA 234 8.24 -15.97 -125.93
C ALA HA 234 9.36 -16.74 -126.63
N ARG HA 235 10.54 -16.81 -126.03
CA ARG HA 235 11.68 -17.40 -126.71
C ARG HA 235 12.39 -18.50 -125.93
N VAL HA 236 12.23 -18.57 -124.60
CA VAL HA 236 13.03 -19.51 -123.81
C VAL HA 236 12.75 -20.95 -124.21
N ALA HA 237 11.51 -21.28 -124.57
CA ALA HA 237 11.16 -22.65 -124.87
C ALA HA 237 11.89 -23.17 -126.10
N LEU HA 238 12.38 -22.25 -126.94
CA LEU HA 238 12.94 -22.65 -128.23
C LEU HA 238 14.11 -23.62 -128.10
N THR HA 239 15.00 -23.37 -127.14
CA THR HA 239 16.15 -24.26 -126.99
C THR HA 239 15.78 -25.54 -126.26
N GLY HA 240 14.76 -25.48 -125.39
CA GLY HA 240 14.52 -26.59 -124.48
C GLY HA 240 14.13 -27.87 -125.17
N LEU HA 241 13.20 -27.79 -126.12
CA LEU HA 241 12.69 -28.99 -126.76
C LEU HA 241 13.79 -29.72 -127.53
N THR HA 242 14.65 -28.98 -128.22
CA THR HA 242 15.72 -29.59 -128.98
C THR HA 242 16.68 -30.36 -128.08
N VAL HA 243 17.02 -29.78 -126.92
CA VAL HA 243 17.88 -30.49 -125.98
C VAL HA 243 17.24 -31.81 -125.59
N ALA HA 244 15.95 -31.80 -125.29
CA ALA HA 244 15.21 -33.04 -125.13
C ALA HA 244 15.17 -33.83 -126.42
N GLU HA 245 14.95 -33.15 -127.55
CA GLU HA 245 14.99 -33.84 -128.84
C GLU HA 245 16.36 -34.46 -129.08
N TYR HA 246 17.43 -33.74 -128.68
CA TYR HA 246 18.77 -34.29 -128.79
C TYR HA 246 18.91 -35.55 -127.97
N PHE HA 247 18.39 -35.54 -126.74
CA PHE HA 247 18.50 -36.72 -125.89
C PHE HA 247 17.84 -37.93 -126.51
N ARG HA 248 16.82 -37.71 -127.33
CA ARG HA 248 16.24 -38.80 -128.10
C ARG HA 248 16.95 -38.96 -129.45
N ASP HA 249 17.67 -37.94 -129.88
CA ASP HA 249 18.36 -38.00 -131.16
C ASP HA 249 19.88 -37.93 -131.01
N GLN HA 250 20.38 -36.81 -130.48
CA GLN HA 250 21.82 -36.67 -130.28
C GLN HA 250 22.30 -37.51 -129.14
N GLU HA 251 21.36 -38.09 -128.40
CA GLU HA 251 21.68 -39.09 -127.40
C GLU HA 251 20.80 -40.33 -127.48
N GLY HA 252 19.59 -40.24 -128.03
CA GLY HA 252 18.73 -41.41 -128.16
C GLY HA 252 18.48 -42.08 -126.83
N GLN HA 253 18.59 -41.32 -125.74
CA GLN HA 253 18.74 -41.88 -124.42
C GLN HA 253 17.71 -41.30 -123.45
N ASP HA 254 17.82 -41.72 -122.19
CA ASP HA 254 16.88 -41.31 -121.16
C ASP HA 254 16.92 -39.81 -120.95
N VAL HA 255 15.79 -39.15 -121.20
CA VAL HA 255 15.67 -37.71 -120.99
C VAL HA 255 14.60 -37.47 -119.94
N LEU HA 256 14.94 -36.61 -118.98
CA LEU HA 256 14.00 -36.13 -117.99
C LEU HA 256 13.78 -34.65 -118.24
N LEU HA 257 12.79 -34.07 -117.55
CA LEU HA 257 12.50 -32.64 -117.69
C LEU HA 257 11.57 -32.20 -116.57
N PHE HA 258 12.01 -31.22 -115.81
CA PHE HA 258 11.12 -30.41 -115.00
C PHE HA 258 10.82 -29.13 -115.77
N ILE HA 259 9.54 -28.82 -115.95
CA ILE HA 259 9.10 -27.71 -116.79
C ILE HA 259 8.10 -26.85 -116.04
N ASP HA 260 8.44 -25.57 -115.83
CA ASP HA 260 7.53 -24.61 -115.21
C ASP HA 260 8.17 -23.24 -115.36
N ASN HA 261 7.37 -22.23 -115.69
CA ASN HA 261 5.94 -22.40 -115.91
C ASN HA 261 5.59 -22.13 -117.36
N ILE HA 262 5.00 -23.14 -118.01
CA ILE HA 262 4.57 -22.97 -119.39
C ILE HA 262 3.53 -21.87 -119.50
N PHE HA 263 2.79 -21.59 -118.42
CA PHE HA 263 1.84 -20.49 -118.43
C PHE HA 263 2.54 -19.17 -118.72
N ARG HA 264 3.73 -18.96 -118.17
CA ARG HA 264 4.51 -17.78 -118.53
C ARG HA 264 4.75 -17.74 -120.03
N PHE HA 265 5.12 -18.87 -120.62
CA PHE HA 265 5.19 -18.95 -122.08
C PHE HA 265 3.82 -18.72 -122.68
N THR HA 266 2.78 -19.32 -122.08
CA THR HA 266 1.43 -19.04 -122.52
C THR HA 266 1.09 -17.57 -122.28
N GLN HA 267 1.54 -17.02 -121.17
CA GLN HA 267 1.42 -15.57 -120.96
C GLN HA 267 2.16 -14.82 -122.05
N ALA HA 268 3.37 -15.28 -122.39
CA ALA HA 268 4.00 -14.79 -123.60
C ALA HA 268 3.20 -15.19 -124.82
N GLY HA 269 2.67 -16.42 -124.83
CA GLY HA 269 1.87 -16.87 -125.95
C GLY HA 269 0.56 -16.13 -126.08
N SER HA 270 -0.04 -15.74 -124.96
CA SER HA 270 -1.26 -14.95 -125.01
C SER HA 270 -1.08 -13.66 -125.79
N GLU HA 271 -0.03 -12.91 -125.46
CA GLU HA 271 0.19 -11.62 -126.12
C GLU HA 271 0.74 -11.80 -127.53
N VAL HA 272 1.08 -13.02 -127.91
CA VAL HA 272 1.69 -13.27 -129.21
C VAL HA 272 0.72 -12.80 -130.29
N SER HA 273 -0.55 -13.14 -130.12
CA SER HA 273 -1.59 -12.61 -130.99
C SER HA 273 -1.65 -11.11 -130.93
N ALA HA 274 -1.62 -10.53 -129.72
CA ALA HA 274 -1.46 -9.09 -129.60
C ALA HA 274 -0.13 -8.63 -130.16
N LEU HA 275 0.94 -9.36 -129.88
CA LEU HA 275 2.20 -9.10 -130.56
C LEU HA 275 2.02 -9.21 -132.06
N LEU HA 276 1.33 -10.25 -132.51
CA LEU HA 276 0.93 -10.33 -133.91
C LEU HA 276 -0.09 -9.27 -134.28
N GLY HA 277 -0.74 -8.65 -133.30
CA GLY HA 277 -1.84 -7.76 -133.59
C GLY HA 277 -3.00 -8.49 -134.24
N ARG HA 278 -3.06 -9.81 -134.06
CA ARG HA 278 -4.08 -10.63 -134.66
C ARG HA 278 -5.43 -10.36 -134.01
N ILE HA 279 -6.49 -10.68 -134.74
CA ILE HA 279 -7.80 -10.82 -134.11
C ILE HA 279 -7.61 -11.92 -133.08
N PRO HA 280 -7.39 -11.58 -131.81
CA PRO HA 280 -6.78 -12.54 -130.88
C PRO HA 280 -7.79 -13.52 -130.29
N SER HA 281 -7.33 -14.30 -129.31
CA SER HA 281 -8.11 -15.36 -128.68
C SER HA 281 -9.11 -14.83 -127.65
N ALA HA 282 -10.07 -15.66 -127.27
CA ALA HA 282 -11.15 -15.27 -126.38
C ALA HA 282 -10.65 -14.86 -125.00
N VAL HA 283 -9.68 -15.62 -124.46
CA VAL HA 283 -9.22 -15.37 -123.10
C VAL HA 283 -7.93 -14.56 -123.14
N GLY HA 284 -7.68 -13.89 -124.27
CA GLY HA 284 -6.47 -13.14 -124.45
C GLY HA 284 -5.28 -13.95 -124.95
N TYR HA 285 -5.46 -15.24 -125.18
CA TYR HA 285 -4.37 -16.07 -125.65
C TYR HA 285 -3.96 -15.65 -127.07
N GLN HA 286 -2.97 -16.36 -127.59
CA GLN HA 286 -2.76 -16.27 -129.02
C GLN HA 286 -4.04 -16.72 -129.73
N PRO HA 287 -4.42 -16.04 -130.81
CA PRO HA 287 -5.74 -16.29 -131.42
C PRO HA 287 -5.98 -17.75 -131.79
N THR HA 288 -4.94 -18.44 -132.27
CA THR HA 288 -4.97 -19.88 -132.48
C THR HA 288 -3.92 -20.58 -131.63
N LEU HA 289 -3.82 -20.21 -130.35
CA LEU HA 289 -2.71 -20.63 -129.50
C LEU HA 289 -2.62 -22.16 -129.42
N ALA HA 290 -3.66 -22.86 -129.89
CA ALA HA 290 -3.65 -24.31 -129.87
C ALA HA 290 -2.45 -24.86 -130.65
N THR HA 291 -2.24 -24.37 -131.87
CA THR HA 291 -1.20 -24.93 -132.72
C THR HA 291 0.18 -24.75 -132.10
N ASP HA 292 0.53 -23.51 -131.74
CA ASP HA 292 1.86 -23.24 -131.21
C ASP HA 292 2.11 -24.02 -129.93
N MET HA 293 1.14 -24.03 -129.02
CA MET HA 293 1.23 -24.90 -127.86
C MET HA 293 1.28 -26.36 -128.28
N GLY HA 294 0.46 -26.73 -129.27
CA GLY HA 294 0.48 -28.10 -129.76
C GLY HA 294 1.75 -28.43 -130.52
N THR HA 295 2.40 -27.40 -131.08
CA THR HA 295 3.60 -27.64 -131.87
C THR HA 295 4.70 -28.34 -131.08
N MET HA 296 5.07 -27.81 -129.91
CA MET HA 296 5.97 -28.51 -129.01
C MET HA 296 5.29 -29.73 -128.41
N GLN HA 297 3.98 -29.63 -128.15
CA GLN HA 297 3.21 -30.77 -127.68
C GLN HA 297 3.18 -31.90 -128.69
N GLU HA 298 3.12 -31.58 -129.98
CA GLU HA 298 3.36 -32.58 -131.01
C GLU HA 298 4.69 -33.29 -130.82
N ARG HA 299 5.71 -32.59 -130.33
CA ARG HA 299 6.97 -33.20 -129.99
C ARG HA 299 6.95 -33.91 -128.64
N ILE HA 300 5.94 -33.66 -127.82
CA ILE HA 300 5.85 -34.28 -126.49
C ILE HA 300 5.18 -35.63 -126.69
N THR HA 301 6.00 -36.67 -126.78
CA THR HA 301 5.53 -38.03 -126.97
C THR HA 301 6.64 -39.02 -126.69
N THR HA 302 6.27 -40.28 -126.52
CA THR HA 302 7.26 -41.35 -126.40
C THR HA 302 7.75 -41.74 -127.78
N THR HA 303 9.03 -41.47 -128.04
CA THR HA 303 9.59 -41.81 -129.35
C THR HA 303 10.41 -43.08 -129.24
N LYS HA 304 10.43 -43.88 -130.30
CA LYS HA 304 11.33 -45.01 -130.33
C LYS HA 304 12.78 -44.58 -130.53
N LYS HA 305 13.01 -43.36 -130.97
CA LYS HA 305 14.37 -42.83 -131.17
C LYS HA 305 15.14 -42.67 -129.88
N GLY HA 306 14.49 -42.28 -128.80
CA GLY HA 306 15.16 -42.14 -127.53
C GLY HA 306 14.21 -42.38 -126.36
N SER HA 307 14.46 -41.70 -125.25
CA SER HA 307 13.59 -41.85 -124.07
C SER HA 307 13.51 -40.50 -123.39
N ILE HA 308 12.41 -39.78 -123.60
CA ILE HA 308 12.23 -38.45 -123.04
C ILE HA 308 11.04 -38.47 -122.09
N THR HA 309 11.32 -38.61 -120.80
CA THR HA 309 10.29 -38.55 -119.76
C THR HA 309 10.13 -37.09 -119.38
N SER HA 310 8.95 -36.53 -119.65
CA SER HA 310 8.71 -35.10 -119.47
C SER HA 310 7.74 -34.85 -118.34
N VAL HA 311 8.03 -33.83 -117.53
CA VAL HA 311 7.14 -33.34 -116.50
C VAL HA 311 7.05 -31.84 -116.68
N GLN HA 312 5.83 -31.31 -116.69
CA GLN HA 312 5.59 -29.90 -116.91
C GLN HA 312 4.73 -29.35 -115.77
N ALA HA 313 4.80 -28.04 -115.57
CA ALA HA 313 3.92 -27.33 -114.65
C ALA HA 313 3.59 -25.96 -115.23
N ILE HA 314 2.31 -25.69 -115.39
CA ILE HA 314 1.83 -24.40 -115.89
C ILE HA 314 0.85 -23.83 -114.88
N TYR HA 315 0.92 -22.51 -114.67
CA TYR HA 315 0.04 -21.89 -113.70
C TYR HA 315 -1.42 -22.05 -114.11
N VAL HA 316 -2.25 -22.33 -113.14
CA VAL HA 316 -3.71 -22.24 -113.26
C VAL HA 316 -4.05 -20.76 -113.27
N PRO HA 317 -4.41 -20.20 -114.42
CA PRO HA 317 -4.52 -18.74 -114.52
C PRO HA 317 -5.51 -18.19 -113.52
N ALA HA 318 -5.08 -17.15 -112.80
CA ALA HA 318 -5.81 -16.66 -111.64
C ALA HA 318 -6.15 -17.79 -110.68
N ASP HA 319 -5.16 -18.66 -110.43
CA ASP HA 319 -5.31 -19.82 -109.57
C ASP HA 319 -6.39 -20.75 -110.11
N ASP HA 320 -6.73 -20.57 -111.38
CA ASP HA 320 -7.83 -21.28 -112.00
C ASP HA 320 -7.36 -21.87 -113.31
N LEU HA 321 -7.24 -23.19 -113.36
CA LEU HA 321 -6.99 -23.85 -114.63
C LEU HA 321 -8.20 -23.77 -115.54
N THR HA 322 -9.34 -23.30 -115.02
CA THR HA 322 -10.56 -23.11 -115.78
C THR HA 322 -10.40 -22.09 -116.90
N ASP HA 323 -9.34 -21.29 -116.86
CA ASP HA 323 -9.07 -20.37 -117.96
C ASP HA 323 -8.72 -21.16 -119.22
N PRO HA 324 -8.94 -20.59 -120.41
CA PRO HA 324 -8.70 -21.35 -121.64
C PRO HA 324 -7.28 -21.83 -121.77
N ALA HA 325 -6.32 -21.13 -121.15
CA ALA HA 325 -4.92 -21.57 -121.24
C ALA HA 325 -4.74 -22.98 -120.71
N PRO HA 326 -4.88 -23.24 -119.42
CA PRO HA 326 -4.62 -24.60 -118.92
C PRO HA 326 -5.56 -25.64 -119.52
N ALA HA 327 -6.73 -25.20 -120.00
CA ALA HA 327 -7.72 -26.15 -120.51
C ALA HA 327 -7.18 -26.93 -121.70
N THR HA 328 -6.93 -26.25 -122.81
CA THR HA 328 -6.25 -26.91 -123.90
C THR HA 328 -4.89 -27.40 -123.46
N THR HA 329 -4.25 -26.66 -122.55
CA THR HA 329 -2.97 -27.11 -122.01
C THR HA 329 -3.11 -28.37 -121.18
N PHE HA 330 -4.30 -28.67 -120.69
CA PHE HA 330 -4.47 -29.93 -119.98
C PHE HA 330 -4.32 -31.12 -120.91
N ALA HA 331 -4.31 -30.89 -122.21
CA ALA HA 331 -4.31 -31.95 -123.21
C ALA HA 331 -2.92 -32.43 -123.59
N HIS HA 332 -1.95 -32.38 -122.67
CA HIS HA 332 -0.57 -32.73 -122.99
C HIS HA 332 0.01 -33.86 -122.12
N LEU HA 333 -0.38 -33.96 -120.86
CA LEU HA 333 0.21 -34.93 -119.95
C LEU HA 333 -0.65 -36.19 -119.89
N ASP HA 334 -0.17 -37.25 -120.54
CA ASP HA 334 -0.86 -38.53 -120.43
C ASP HA 334 -1.05 -38.91 -118.97
N ALA HA 335 0.02 -38.79 -118.19
CA ALA HA 335 -0.08 -38.80 -116.74
C ALA HA 335 -0.02 -37.36 -116.27
N THR HA 336 -1.14 -36.84 -115.79
CA THR HA 336 -1.22 -35.50 -115.21
C THR HA 336 -1.58 -35.60 -113.74
N THR HA 337 -1.77 -34.43 -113.12
CA THR HA 337 -2.10 -34.38 -111.69
C THR HA 337 -2.69 -33.01 -111.38
N VAL HA 338 -3.87 -33.01 -110.77
CA VAL HA 338 -4.50 -31.78 -110.28
C VAL HA 338 -4.18 -31.68 -108.79
N LEU HA 339 -3.68 -30.52 -108.38
CA LEU HA 339 -3.48 -30.24 -106.96
C LEU HA 339 -4.74 -29.60 -106.39
N SER HA 340 -4.81 -29.51 -105.06
CA SER HA 340 -5.98 -28.97 -104.39
C SER HA 340 -5.59 -27.79 -103.50
N ARG HA 341 -6.00 -26.59 -103.91
CA ARG HA 341 -5.74 -25.40 -103.10
C ARG HA 341 -6.54 -25.44 -101.80
N ALA HA 342 -7.70 -26.10 -101.80
CA ALA HA 342 -8.42 -26.31 -100.55
C ALA HA 342 -7.63 -27.22 -99.62
N ILE HA 343 -7.07 -28.30 -100.15
CA ILE HA 343 -6.11 -29.08 -99.38
C ILE HA 343 -4.95 -28.20 -98.99
N ALA HA 344 -4.50 -27.36 -99.92
CA ALA HA 344 -3.57 -26.30 -99.54
C ALA HA 344 -4.21 -25.35 -98.54
N GLU HA 345 -5.47 -24.98 -98.76
CA GLU HA 345 -6.18 -24.21 -97.74
C GLU HA 345 -6.29 -24.99 -96.44
N LEU HA 346 -6.21 -26.32 -96.51
CA LEU HA 346 -6.02 -27.12 -95.32
C LEU HA 346 -4.55 -27.30 -94.97
N GLY HA 347 -3.63 -26.92 -95.85
CA GLY HA 347 -2.22 -27.04 -95.59
C GLY HA 347 -1.58 -28.33 -96.05
N ILE HA 348 -2.17 -29.04 -97.01
CA ILE HA 348 -1.73 -30.38 -97.34
C ILE HA 348 -0.40 -30.36 -98.07
N TYR HA 349 0.54 -31.18 -97.60
CA TYR HA 349 1.85 -31.32 -98.18
C TYR HA 349 2.07 -32.78 -98.51
N PRO HA 350 1.81 -33.21 -99.75
CA PRO HA 350 1.32 -32.28 -100.77
C PRO HA 350 -0.18 -32.11 -100.76
N ALA HA 351 -0.70 -31.23 -101.61
CA ALA HA 351 -2.11 -30.90 -101.68
C ALA HA 351 -2.76 -31.28 -103.00
N VAL HA 352 -2.57 -32.49 -103.50
CA VAL HA 352 -3.15 -32.91 -104.78
C VAL HA 352 -4.67 -32.85 -104.72
N ASP HA 353 -5.30 -32.65 -105.88
CA ASP HA 353 -6.75 -32.61 -105.97
C ASP HA 353 -7.28 -34.03 -105.94
N PRO HA 354 -8.12 -34.40 -104.99
CA PRO HA 354 -8.47 -35.82 -104.83
C PRO HA 354 -9.13 -36.44 -106.04
N LEU HA 355 -10.31 -35.95 -106.43
CA LEU HA 355 -11.00 -36.53 -107.56
C LEU HA 355 -10.62 -35.86 -108.87
N ASP HA 356 -9.74 -34.86 -108.83
CA ASP HA 356 -9.46 -34.05 -110.01
C ASP HA 356 -8.15 -34.39 -110.69
N SER HA 357 -7.17 -34.93 -109.97
CA SER HA 357 -5.98 -35.42 -110.62
C SER HA 357 -6.34 -36.59 -111.54
N THR HA 358 -5.68 -36.66 -112.69
CA THR HA 358 -5.99 -37.68 -113.69
C THR HA 358 -4.75 -38.00 -114.51
N SER HA 359 -4.68 -39.23 -115.00
CA SER HA 359 -3.50 -39.71 -115.71
C SER HA 359 -3.90 -40.79 -116.70
N ARG HA 360 -3.03 -41.00 -117.68
CA ARG HA 360 -3.07 -42.22 -118.47
C ARG HA 360 -2.50 -43.41 -117.73
N ILE HA 361 -2.29 -43.28 -116.42
CA ILE HA 361 -1.70 -44.33 -115.61
C ILE HA 361 -2.73 -44.92 -114.64
N MET HA 362 -4.01 -44.63 -114.86
CA MET HA 362 -5.08 -45.20 -114.02
C MET HA 362 -5.75 -46.37 -114.74
N ASP HA 363 -5.00 -47.46 -114.88
CA ASP HA 363 -5.53 -48.64 -115.54
C ASP HA 363 -5.26 -49.89 -114.73
N PRO HA 364 -6.29 -50.69 -114.44
CA PRO HA 364 -6.09 -51.86 -113.58
C PRO HA 364 -5.11 -52.88 -114.13
N ASN HA 365 -5.02 -53.03 -115.44
CA ASN HA 365 -4.10 -54.00 -116.01
C ASN HA 365 -2.68 -53.50 -116.11
N ILE HA 366 -2.44 -52.23 -115.80
CA ILE HA 366 -1.12 -51.61 -115.95
C ILE HA 366 -0.17 -52.06 -114.85
N VAL HA 367 -0.57 -51.90 -113.58
CA VAL HA 367 0.26 -52.28 -112.45
C VAL HA 367 -0.49 -53.19 -111.49
N GLY HA 368 -1.43 -53.98 -111.97
CA GLY HA 368 -2.25 -54.80 -111.11
C GLY HA 368 -3.48 -54.05 -110.66
N SER HA 369 -4.57 -54.81 -110.51
CA SER HA 369 -5.89 -54.24 -110.29
C SER HA 369 -6.27 -54.14 -108.82
N GLU HA 370 -5.73 -55.04 -107.99
CA GLU HA 370 -6.09 -55.01 -106.57
C GLU HA 370 -5.82 -53.64 -105.96
N HIS HA 371 -4.60 -53.13 -106.13
CA HIS HA 371 -4.34 -51.76 -105.72
C HIS HA 371 -5.15 -50.78 -106.56
N TYR HA 372 -5.27 -51.07 -107.86
CA TYR HA 372 -6.04 -50.20 -108.74
C TYR HA 372 -7.51 -50.16 -108.37
N ASP HA 373 -8.08 -51.32 -108.03
CA ASP HA 373 -9.45 -51.34 -107.53
C ASP HA 373 -9.56 -50.52 -106.26
N VAL HA 374 -8.55 -50.58 -105.41
CA VAL HA 374 -8.54 -49.76 -104.20
C VAL HA 374 -8.59 -48.28 -104.55
N ALA HA 375 -7.78 -47.88 -105.53
CA ALA HA 375 -7.70 -46.46 -105.89
C ALA HA 375 -9.06 -45.93 -106.32
N ARG HA 376 -9.70 -46.59 -107.29
CA ARG HA 376 -11.05 -46.20 -107.65
C ARG HA 376 -11.98 -46.28 -106.45
N GLY HA 377 -11.85 -47.34 -105.64
CA GLY HA 377 -12.58 -47.39 -104.40
C GLY HA 377 -12.19 -46.27 -103.45
N VAL HA 378 -10.90 -45.97 -103.36
CA VAL HA 378 -10.48 -44.82 -102.58
C VAL HA 378 -11.11 -43.55 -103.15
N GLN HA 379 -11.11 -43.43 -104.47
CA GLN HA 379 -11.84 -42.35 -105.11
C GLN HA 379 -13.34 -42.48 -104.82
N LYS HA 380 -13.85 -43.70 -104.86
CA LYS HA 380 -15.21 -43.92 -104.36
C LYS HA 380 -15.30 -43.53 -102.89
N ILE HA 381 -14.29 -43.90 -102.11
CA ILE HA 381 -14.23 -43.46 -100.72
C ILE HA 381 -14.15 -41.95 -100.65
N LEU HA 382 -13.43 -41.33 -101.57
CA LEU HA 382 -13.36 -39.87 -101.59
C LEU HA 382 -14.64 -39.24 -102.11
N GLN HA 383 -15.27 -39.89 -103.10
CA GLN HA 383 -16.35 -39.25 -103.85
C GLN HA 383 -17.46 -38.76 -102.93
N ASP HA 384 -18.12 -39.67 -102.22
CA ASP HA 384 -19.14 -39.26 -101.28
C ASP HA 384 -18.53 -38.44 -100.16
N TYR HA 385 -17.33 -38.80 -99.72
CA TYR HA 385 -16.65 -37.99 -98.71
C TYR HA 385 -16.47 -36.57 -99.20
N LYS HA 386 -16.07 -36.42 -100.46
CA LYS HA 386 -16.15 -35.10 -101.08
C LYS HA 386 -17.60 -34.62 -101.08
N SER HA 387 -18.52 -35.47 -101.48
CA SER HA 387 -19.93 -35.09 -101.45
C SER HA 387 -20.41 -34.86 -100.03
N LEU HA 388 -19.70 -35.44 -99.05
CA LEU HA 388 -20.18 -35.39 -97.68
C LEU HA 388 -20.28 -33.97 -97.16
N GLN HA 389 -19.26 -33.14 -97.42
CA GLN HA 389 -19.25 -31.79 -96.86
C GLN HA 389 -20.49 -31.01 -97.29
N ASP HA 390 -21.05 -31.34 -98.45
CA ASP HA 390 -22.22 -30.64 -98.95
C ASP HA 390 -23.29 -30.52 -97.87
N ILE HA 391 -23.79 -31.66 -97.41
CA ILE HA 391 -24.71 -31.62 -96.28
C ILE HA 391 -24.00 -31.15 -95.03
N ILE HA 392 -22.73 -31.53 -94.87
CA ILE HA 392 -22.01 -31.24 -93.63
C ILE HA 392 -21.79 -29.75 -93.47
N ALA HA 393 -22.00 -28.98 -94.54
CA ALA HA 393 -21.58 -27.59 -94.60
C ALA HA 393 -22.02 -26.77 -93.39
N ILE HA 394 -23.27 -26.86 -92.98
CA ILE HA 394 -23.71 -26.21 -91.76
C ILE HA 394 -24.17 -27.32 -90.83
N LEU HA 395 -24.81 -28.32 -91.41
CA LEU HA 395 -25.37 -29.42 -90.65
C LEU HA 395 -24.32 -30.32 -90.03
N GLY HA 396 -23.18 -30.53 -90.67
CA GLY HA 396 -22.20 -31.45 -90.13
C GLY HA 396 -22.70 -32.87 -90.08
N MET HA 397 -22.04 -33.74 -89.30
CA MET HA 397 -22.45 -35.12 -89.16
C MET HA 397 -23.65 -35.31 -88.25
N ASP HA 398 -24.40 -34.25 -87.98
CA ASP HA 398 -25.42 -34.23 -86.93
C ASP HA 398 -26.55 -35.20 -87.17
N GLU HA 399 -26.68 -35.74 -88.37
CA GLU HA 399 -27.68 -36.76 -88.66
C GLU HA 399 -27.08 -37.88 -89.49
N LEU HA 400 -25.76 -38.04 -89.43
CA LEU HA 400 -25.04 -38.93 -90.31
C LEU HA 400 -25.44 -40.36 -90.05
N SER HA 401 -25.93 -41.03 -91.10
CA SER HA 401 -26.03 -42.48 -91.03
C SER HA 401 -24.65 -43.05 -90.76
N GLU HA 402 -24.60 -43.94 -89.76
CA GLU HA 402 -23.31 -44.33 -89.20
C GLU HA 402 -22.40 -44.93 -90.26
N GLU HA 403 -22.97 -45.70 -91.19
CA GLU HA 403 -22.16 -46.31 -92.23
C GLU HA 403 -21.40 -45.25 -93.01
N ASP HA 404 -22.11 -44.25 -93.51
CA ASP HA 404 -21.42 -43.11 -94.10
C ASP HA 404 -20.57 -42.42 -93.05
N LYS HA 405 -21.13 -42.22 -91.85
CA LYS HA 405 -20.37 -41.61 -90.77
C LYS HA 405 -19.09 -42.39 -90.50
N LEU HA 406 -19.14 -43.71 -90.64
CA LEU HA 406 -17.93 -44.52 -90.49
C LEU HA 406 -16.90 -44.15 -91.54
N THR HA 407 -17.34 -43.98 -92.79
CA THR HA 407 -16.40 -43.69 -93.86
C THR HA 407 -15.73 -42.34 -93.65
N VAL HA 408 -16.50 -41.34 -93.23
CA VAL HA 408 -16.05 -39.96 -93.31
C VAL HA 408 -14.81 -39.73 -92.45
N SER HA 409 -14.87 -40.13 -91.18
CA SER HA 409 -13.69 -39.97 -90.33
C SER HA 409 -12.53 -40.78 -90.89
N ARG HA 410 -12.82 -41.99 -91.33
CA ARG HA 410 -11.82 -42.75 -92.07
C ARG HA 410 -11.40 -41.99 -93.33
N ALA HA 411 -12.37 -41.44 -94.06
CA ALA HA 411 -12.01 -40.56 -95.18
C ALA HA 411 -11.29 -39.33 -94.68
N ARG HA 412 -11.78 -38.74 -93.58
CA ARG HA 412 -11.02 -37.68 -92.93
C ARG HA 412 -9.64 -38.17 -92.55
N LYS HA 413 -9.56 -39.40 -92.03
CA LYS HA 413 -8.26 -40.03 -91.88
C LYS HA 413 -7.62 -40.26 -93.23
N ILE HA 414 -8.38 -40.79 -94.19
CA ILE HA 414 -7.82 -41.07 -95.52
C ILE HA 414 -7.27 -39.78 -96.13
N GLN HA 415 -8.01 -38.69 -95.97
CA GLN HA 415 -7.47 -37.38 -96.32
C GLN HA 415 -6.21 -37.10 -95.52
N ARG HA 416 -6.32 -37.23 -94.19
CA ARG HA 416 -5.16 -36.97 -93.34
C ARG HA 416 -4.03 -37.94 -93.66
N PHE HA 417 -4.36 -39.22 -93.85
CA PHE HA 417 -3.34 -40.22 -94.13
C PHE HA 417 -2.68 -39.99 -95.47
N LEU HA 418 -3.40 -39.40 -96.43
CA LEU HA 418 -2.88 -39.29 -97.78
C LEU HA 418 -1.58 -38.50 -97.83
N SER HA 419 -1.36 -37.62 -96.86
CA SER HA 419 -0.18 -36.77 -96.88
C SER HA 419 1.06 -37.53 -96.46
N GLN HA 420 2.19 -37.22 -97.09
CA GLN HA 420 3.49 -37.74 -96.72
C GLN HA 420 4.51 -36.62 -96.77
N PRO HA 421 5.54 -36.68 -95.92
CA PRO HA 421 6.56 -35.62 -95.94
C PRO HA 421 7.42 -35.69 -97.19
N PHE HA 422 7.97 -34.54 -97.59
CA PHE HA 422 8.77 -34.44 -98.80
C PHE HA 422 10.21 -34.07 -98.48
N GLN HA 423 11.09 -34.33 -99.46
CA GLN HA 423 12.53 -34.18 -99.23
C GLN HA 423 12.91 -32.72 -99.03
N VAL HA 424 12.67 -31.87 -100.03
CA VAL HA 424 12.90 -30.44 -99.85
C VAL HA 424 12.01 -29.88 -98.77
N ALA HA 425 10.88 -30.53 -98.48
CA ALA HA 425 10.04 -30.16 -97.35
C ALA HA 425 10.67 -30.57 -96.02
N GLU HA 426 11.51 -31.60 -96.03
CA GLU HA 426 12.34 -31.85 -94.85
C GLU HA 426 13.27 -30.68 -94.62
N VAL HA 427 13.75 -30.08 -95.71
CA VAL HA 427 14.46 -28.81 -95.60
C VAL HA 427 13.49 -27.70 -95.25
N PHE HA 428 12.30 -27.72 -95.84
CA PHE HA 428 11.35 -26.62 -95.63
C PHE HA 428 10.58 -26.79 -94.33
N THR HA 429 9.76 -27.85 -94.23
CA THR HA 429 8.86 -27.99 -93.08
C THR HA 429 9.52 -28.75 -91.93
N GLY HA 430 10.69 -29.34 -92.16
CA GLY HA 430 11.39 -30.07 -91.14
C GLY HA 430 11.05 -31.55 -91.06
N HIS HA 431 9.80 -31.92 -91.26
CA HIS HA 431 9.44 -33.33 -91.25
C HIS HA 431 10.13 -34.05 -92.40
N LEU HA 432 10.89 -35.09 -92.05
CA LEU HA 432 11.73 -35.76 -93.02
C LEU HA 432 10.87 -36.51 -94.04
N GLY HA 433 11.23 -36.36 -95.31
CA GLY HA 433 10.46 -36.97 -96.38
C GLY HA 433 10.34 -38.47 -96.17
N LYS HA 434 9.09 -38.95 -96.19
CA LYS HA 434 8.80 -40.35 -95.94
C LYS HA 434 8.47 -41.03 -97.26
N LEU HA 435 9.16 -42.14 -97.53
CA LEU HA 435 8.94 -42.92 -98.74
C LEU HA 435 8.66 -44.36 -98.35
N VAL HA 436 7.60 -44.92 -98.90
CA VAL HA 436 7.23 -46.31 -98.66
C VAL HA 436 6.95 -46.96 -100.01
N PRO HA 437 7.05 -48.28 -100.14
CA PRO HA 437 6.72 -48.91 -101.42
C PRO HA 437 5.23 -48.83 -101.70
N LEU HA 438 4.88 -48.99 -102.98
CA LEU HA 438 3.48 -48.89 -103.39
C LEU HA 438 2.62 -49.91 -102.67
N LYS HA 439 3.04 -51.18 -102.67
CA LYS HA 439 2.34 -52.18 -101.87
C LYS HA 439 2.44 -51.86 -100.38
N GLU HA 440 3.60 -51.38 -99.94
CA GLU HA 440 3.73 -50.90 -98.56
C GLU HA 440 2.81 -49.72 -98.31
N THR HA 441 2.74 -48.80 -99.26
CA THR HA 441 1.70 -47.79 -99.23
C THR HA 441 0.33 -48.45 -99.34
N ILE HA 442 0.19 -49.43 -100.23
CA ILE HA 442 -1.04 -50.22 -100.27
C ILE HA 442 -1.21 -50.93 -98.93
N LYS HA 443 -0.12 -51.41 -98.34
CA LYS HA 443 -0.17 -51.89 -96.96
C LYS HA 443 -0.49 -50.75 -96.01
N GLY HA 444 0.15 -49.59 -96.21
CA GLY HA 444 -0.28 -48.40 -95.52
C GLY HA 444 -1.75 -48.11 -95.79
N PHE HA 445 -2.17 -48.26 -97.05
CA PHE HA 445 -3.58 -48.23 -97.36
C PHE HA 445 -4.32 -49.39 -96.73
N GLN HA 446 -3.70 -50.58 -96.73
CA GLN HA 446 -4.40 -51.78 -96.25
C GLN HA 446 -4.89 -51.59 -94.82
N GLN HA 447 -4.01 -51.17 -93.92
CA GLN HA 447 -4.45 -50.88 -92.56
C GLN HA 447 -5.54 -49.82 -92.57
N ILE HA 448 -5.36 -48.78 -93.37
CA ILE HA 448 -6.42 -47.80 -93.56
C ILE HA 448 -7.61 -48.44 -94.26
N LEU HA 449 -7.36 -49.21 -95.33
CA LEU HA 449 -8.43 -49.96 -95.95
C LEU HA 449 -9.08 -50.88 -94.94
N ALA HA 450 -8.26 -51.50 -94.09
CA ALA HA 450 -8.80 -52.18 -92.92
C ALA HA 450 -9.42 -51.17 -91.97
N GLY HA 451 -8.94 -49.93 -91.98
CA GLY HA 451 -9.26 -49.04 -90.89
C GLY HA 451 -8.61 -49.66 -89.67
N GLU HA 452 -7.54 -50.42 -89.92
CA GLU HA 452 -6.92 -51.20 -88.86
C GLU HA 452 -6.54 -50.35 -87.67
N TYR HA 453 -6.22 -49.09 -87.90
CA TYR HA 453 -5.98 -48.16 -86.80
C TYR HA 453 -7.20 -47.28 -86.58
N ASP HA 454 -8.40 -47.86 -86.71
CA ASP HA 454 -9.61 -47.10 -86.46
C ASP HA 454 -9.62 -46.45 -85.09
N HIS HA 455 -8.98 -47.08 -84.11
CA HIS HA 455 -8.73 -46.42 -82.85
C HIS HA 455 -7.79 -45.23 -82.99
N LEU HA 456 -6.82 -45.31 -83.89
CA LEU HA 456 -5.92 -44.20 -84.10
C LEU HA 456 -6.63 -43.05 -84.82
N PRO HA 457 -6.09 -41.84 -84.73
CA PRO HA 457 -6.79 -40.67 -85.25
C PRO HA 457 -6.34 -40.27 -86.65
N GLU HA 458 -7.22 -39.52 -87.32
CA GLU HA 458 -6.78 -38.79 -88.50
C GLU HA 458 -5.61 -37.90 -88.17
N GLN HA 459 -5.58 -37.38 -86.93
CA GLN HA 459 -4.38 -36.73 -86.43
C GLN HA 459 -3.16 -37.62 -86.58
N ALA HA 460 -3.24 -38.87 -86.15
CA ALA HA 460 -2.18 -39.82 -86.45
C ALA HA 460 -2.05 -40.03 -87.95
N PHE HA 461 -3.17 -40.07 -88.67
CA PHE HA 461 -3.13 -40.16 -90.12
C PHE HA 461 -2.55 -38.92 -90.76
N TYR HA 462 -2.75 -37.74 -90.16
CA TYR HA 462 -2.26 -36.49 -90.75
C TYR HA 462 -0.78 -36.64 -91.07
N MET HA 463 -0.45 -36.63 -92.36
CA MET HA 463 0.91 -36.84 -92.85
C MET HA 463 1.46 -38.17 -92.36
N VAL HA 464 0.85 -39.26 -92.84
CA VAL HA 464 1.24 -40.60 -92.47
C VAL HA 464 1.52 -41.41 -93.74
N GLY HA 465 2.28 -42.49 -93.56
CA GLY HA 465 2.73 -43.31 -94.67
C GLY HA 465 2.29 -44.76 -94.61
N PRO HA 466 3.25 -45.67 -94.63
CA PRO HA 466 2.91 -47.10 -94.60
C PRO HA 466 2.21 -47.44 -93.29
N ILE HA 467 1.69 -48.68 -93.25
CA ILE HA 467 0.78 -49.05 -92.18
C ILE HA 467 1.40 -48.89 -90.81
N GLU HA 468 2.62 -49.43 -90.62
CA GLU HA 468 3.28 -49.27 -89.33
C GLU HA 468 3.72 -47.83 -89.12
N GLU HA 469 4.20 -47.18 -90.18
CA GLU HA 469 4.66 -45.80 -90.07
C GLU HA 469 3.55 -44.89 -89.57
N ALA HA 470 2.32 -45.12 -90.04
CA ALA HA 470 1.20 -44.30 -89.61
C ALA HA 470 0.96 -44.43 -88.12
N VAL HA 471 1.07 -45.65 -87.59
CA VAL HA 471 0.75 -45.90 -86.19
C VAL HA 471 1.67 -45.12 -85.27
N ALA HA 472 2.86 -44.75 -85.76
CA ALA HA 472 3.83 -44.05 -84.93
C ALA HA 472 3.25 -42.75 -84.38
N LYS HA 473 2.54 -42.01 -85.22
CA LYS HA 473 1.88 -40.80 -84.73
C LYS HA 473 0.82 -41.15 -83.68
N ALA HA 474 0.09 -42.24 -83.90
CA ALA HA 474 -0.85 -42.69 -82.88
C ALA HA 474 -0.15 -43.02 -81.58
N ASP HA 475 1.03 -43.62 -81.66
CA ASP HA 475 1.85 -43.79 -80.47
C ASP HA 475 2.23 -42.44 -79.88
N LYS HA 476 2.64 -41.51 -80.73
CA LYS HA 476 2.81 -40.14 -80.28
C LYS HA 476 1.49 -39.59 -79.76
N LEU HA 477 0.39 -39.90 -80.45
CA LEU HA 477 -0.92 -39.61 -79.90
C LEU HA 477 -1.14 -40.37 -78.60
N ALA HA 478 -0.78 -41.66 -78.57
CA ALA HA 478 -0.75 -42.36 -77.31
C ALA HA 478 0.27 -41.77 -76.35
N GLU HA 479 1.27 -41.06 -76.85
CA GLU HA 479 2.23 -40.37 -76.01
C GLU HA 479 1.67 -39.02 -75.58
N ALA IA 1 -20.78 -23.56 -113.01
CA ALA IA 1 -22.20 -23.28 -112.99
C ALA IA 1 -22.47 -21.91 -113.55
N THR IA 2 -23.66 -21.73 -114.11
CA THR IA 2 -24.14 -20.37 -114.33
C THR IA 2 -24.08 -19.70 -112.97
N LEU IA 3 -23.66 -18.45 -112.93
CA LEU IA 3 -23.76 -17.72 -111.67
C LEU IA 3 -25.13 -17.93 -111.07
N LYS IA 4 -26.16 -17.97 -111.91
CA LYS IA 4 -27.47 -18.44 -111.47
C LYS IA 4 -27.40 -19.87 -110.98
N ASP IA 5 -26.90 -20.77 -111.82
CA ASP IA 5 -26.72 -22.15 -111.37
C ASP IA 5 -25.85 -22.18 -110.13
N ILE IA 6 -24.90 -21.26 -110.05
CA ILE IA 6 -24.26 -21.01 -108.77
C ILE IA 6 -25.26 -20.45 -107.77
N THR IA 7 -25.99 -19.41 -108.17
CA THR IA 7 -26.96 -18.80 -107.26
C THR IA 7 -28.08 -19.76 -106.94
N ARG IA 8 -28.19 -20.82 -107.74
CA ARG IA 8 -29.18 -21.86 -107.44
C ARG IA 8 -29.04 -22.32 -106.01
N ARG IA 9 -27.83 -22.63 -105.57
CA ARG IA 9 -27.61 -22.88 -104.16
C ARG IA 9 -27.95 -21.63 -103.34
N LEU IA 10 -27.50 -20.47 -103.80
CA LEU IA 10 -27.66 -19.25 -103.02
C LEU IA 10 -29.13 -18.94 -102.76
N LYS IA 11 -29.95 -19.06 -103.80
CA LYS IA 11 -31.39 -18.89 -103.60
C LYS IA 11 -31.89 -19.84 -102.52
N SER IA 12 -31.54 -21.12 -102.64
CA SER IA 12 -31.85 -22.06 -101.58
C SER IA 12 -31.16 -21.68 -100.30
N ILE IA 13 -29.90 -21.25 -100.40
CA ILE IA 13 -29.12 -20.94 -99.21
C ILE IA 13 -29.83 -19.90 -98.36
N LYS IA 14 -30.06 -18.73 -98.93
CA LYS IA 14 -30.82 -17.71 -98.22
C LYS IA 14 -32.14 -18.30 -97.72
N ASN IA 15 -32.85 -19.00 -98.59
CA ASN IA 15 -34.05 -19.71 -98.17
C ASN IA 15 -33.73 -20.63 -97.01
N ILE IA 16 -32.71 -21.47 -97.17
CA ILE IA 16 -32.30 -22.34 -96.07
C ILE IA 16 -31.92 -21.51 -94.87
N GLN IA 17 -31.12 -20.47 -95.08
CA GLN IA 17 -30.83 -19.55 -93.99
C GLN IA 17 -32.12 -18.96 -93.44
N LYS IA 18 -33.00 -18.51 -94.35
CA LYS IA 18 -34.33 -18.10 -93.90
C LYS IA 18 -35.06 -19.27 -93.27
N ILE IA 19 -34.94 -20.45 -93.86
CA ILE IA 19 -35.52 -21.63 -93.23
C ILE IA 19 -34.89 -21.84 -91.87
N THR IA 20 -33.56 -21.73 -91.80
CA THR IA 20 -32.88 -21.85 -90.51
C THR IA 20 -33.46 -20.88 -89.50
N LYS IA 21 -33.87 -19.70 -89.96
CA LYS IA 21 -34.50 -18.73 -89.07
C LYS IA 21 -35.77 -19.29 -88.46
N SER IA 22 -36.78 -19.56 -89.30
CA SER IA 22 -38.01 -20.14 -88.80
C SER IA 22 -37.74 -21.44 -88.08
N MET IA 23 -36.75 -22.19 -88.56
CA MET IA 23 -36.36 -23.42 -87.88
C MET IA 23 -35.87 -23.14 -86.48
N LYS IA 24 -34.73 -22.45 -86.35
CA LYS IA 24 -34.08 -22.35 -85.06
C LYS IA 24 -34.93 -21.55 -84.06
N MET IA 25 -35.90 -20.79 -84.56
CA MET IA 25 -36.65 -19.89 -83.69
C MET IA 25 -37.46 -20.64 -82.65
N VAL IA 26 -38.20 -21.66 -83.09
CA VAL IA 26 -39.29 -22.20 -82.27
C VAL IA 26 -38.77 -22.89 -81.02
N ALA IA 27 -37.69 -23.66 -81.16
CA ALA IA 27 -37.31 -24.60 -80.11
C ALA IA 27 -37.06 -23.91 -78.78
N ALA IA 28 -36.62 -22.65 -78.81
CA ALA IA 28 -36.40 -21.92 -77.56
C ALA IA 28 -37.68 -21.85 -76.75
N ALA IA 29 -38.77 -21.37 -77.36
CA ALA IA 29 -40.01 -21.21 -76.63
C ALA IA 29 -40.52 -22.54 -76.11
N LYS IA 30 -40.45 -23.57 -76.94
CA LYS IA 30 -40.75 -24.91 -76.46
C LYS IA 30 -39.90 -25.26 -75.24
N TYR IA 31 -38.58 -25.09 -75.36
CA TYR IA 31 -37.73 -25.26 -74.21
C TYR IA 31 -38.13 -24.31 -73.09
N ALA IA 32 -38.42 -23.04 -73.45
CA ALA IA 32 -38.87 -22.09 -72.45
C ALA IA 32 -40.17 -22.55 -71.82
N ARG IA 33 -41.11 -23.01 -72.63
CA ARG IA 33 -42.32 -23.61 -72.08
C ARG IA 33 -41.95 -24.74 -71.14
N ALA IA 34 -41.09 -25.65 -71.59
CA ALA IA 34 -40.59 -26.69 -70.71
C ALA IA 34 -39.89 -26.08 -69.52
N GLU IA 35 -39.03 -25.10 -69.75
CA GLU IA 35 -38.41 -24.37 -68.68
C GLU IA 35 -39.45 -23.74 -67.76
N ARG IA 36 -40.52 -23.21 -68.33
CA ARG IA 36 -41.60 -22.67 -67.49
C ARG IA 36 -42.11 -23.74 -66.54
N GLU IA 37 -41.94 -25.01 -66.91
CA GLU IA 37 -42.35 -26.11 -66.03
C GLU IA 37 -41.17 -26.85 -65.42
N LEU IA 38 -40.02 -26.86 -66.10
CA LEU IA 38 -38.95 -27.80 -65.78
C LEU IA 38 -38.53 -27.80 -64.32
N LYS IA 39 -38.46 -26.62 -63.69
CA LYS IA 39 -37.90 -26.57 -62.34
C LYS IA 39 -38.69 -27.40 -61.36
N PRO IA 40 -39.95 -27.09 -61.06
CA PRO IA 40 -40.73 -28.01 -60.22
C PRO IA 40 -40.80 -29.39 -60.83
N ALA IA 41 -40.90 -29.47 -62.15
CA ALA IA 41 -40.77 -30.75 -62.81
C ALA IA 41 -39.47 -31.42 -62.42
N ARG IA 42 -38.35 -30.69 -62.47
CA ARG IA 42 -37.13 -31.22 -61.90
C ARG IA 42 -37.31 -31.49 -60.41
N VAL IA 43 -37.91 -30.54 -59.70
CA VAL IA 43 -38.09 -30.71 -58.27
C VAL IA 43 -38.92 -31.94 -57.97
N TYR IA 44 -40.08 -32.06 -58.61
CA TYR IA 44 -40.91 -33.24 -58.39
C TYR IA 44 -40.12 -34.51 -58.72
N GLY IA 45 -39.50 -34.54 -59.90
CA GLY IA 45 -38.65 -35.67 -60.23
C GLY IA 45 -37.53 -35.85 -59.22
N VAL IA 46 -36.87 -34.76 -58.86
CA VAL IA 46 -35.88 -34.85 -57.80
C VAL IA 46 -36.53 -35.39 -56.54
N GLY IA 47 -37.70 -34.85 -56.17
CA GLY IA 47 -38.41 -35.39 -55.05
C GLY IA 47 -38.79 -36.84 -55.26
N SER IA 48 -39.03 -37.23 -56.51
CA SER IA 48 -39.52 -38.56 -56.79
C SER IA 48 -38.52 -39.63 -56.37
N LEU IA 49 -37.23 -39.29 -56.33
CA LEU IA 49 -36.20 -40.30 -56.12
C LEU IA 49 -36.20 -40.87 -54.70
N ALA IA 50 -36.84 -40.18 -53.76
CA ALA IA 50 -36.64 -40.42 -52.34
C ALA IA 50 -36.65 -41.90 -51.98
N LEU IA 51 -37.70 -42.62 -52.36
CA LEU IA 51 -37.81 -44.02 -51.99
C LEU IA 51 -36.55 -44.77 -52.37
N TYR IA 52 -36.15 -44.64 -53.64
CA TYR IA 52 -34.83 -45.09 -54.01
C TYR IA 52 -33.76 -44.29 -53.29
N GLU IA 53 -33.88 -42.96 -53.28
CA GLU IA 53 -32.85 -42.12 -52.70
C GLU IA 53 -32.70 -42.40 -51.21
N LYS IA 54 -33.73 -42.08 -50.44
CA LYS IA 54 -33.68 -42.23 -49.00
C LYS IA 54 -33.44 -43.67 -48.57
N ALA IA 55 -33.81 -44.64 -49.40
CA ALA IA 55 -33.62 -46.05 -49.05
C ALA IA 55 -32.63 -46.64 -50.07
N ASP IA 56 -31.35 -46.53 -49.75
CA ASP IA 56 -30.33 -47.20 -50.55
C ASP IA 56 -30.58 -48.70 -50.54
N ILE IA 57 -30.97 -49.24 -51.68
CA ILE IA 57 -31.38 -50.63 -51.80
C ILE IA 57 -30.45 -51.30 -52.80
N LYS IA 58 -29.42 -51.98 -52.28
CA LYS IA 58 -28.53 -52.75 -53.13
C LYS IA 58 -29.29 -53.87 -53.82
N THR IA 59 -29.06 -54.01 -55.10
CA THR IA 59 -29.78 -55.03 -55.85
C THR IA 59 -29.30 -56.42 -55.45
N PRO IA 60 -30.24 -57.35 -55.23
CA PRO IA 60 -29.84 -58.75 -55.00
C PRO IA 60 -29.16 -59.32 -56.24
N GLU IA 61 -28.24 -60.24 -56.00
CA GLU IA 61 -27.36 -60.76 -57.05
C GLU IA 61 -28.06 -61.67 -58.05
N ASP IA 62 -29.32 -62.06 -57.89
CA ASP IA 62 -29.95 -63.03 -58.79
C ASP IA 62 -30.54 -62.37 -60.03
N LYS IA 63 -29.99 -61.21 -60.41
CA LYS IA 63 -30.48 -60.47 -61.57
C LYS IA 63 -29.97 -61.13 -62.85
N LYS IA 64 -30.87 -61.85 -63.52
CA LYS IA 64 -30.52 -62.47 -64.78
C LYS IA 64 -31.51 -62.04 -65.86
N LYS IA 65 -32.80 -62.05 -65.54
CA LYS IA 65 -33.77 -61.44 -66.42
C LYS IA 65 -33.90 -59.97 -66.08
N HIS IA 66 -33.54 -59.12 -67.04
CA HIS IA 66 -33.35 -57.73 -66.76
C HIS IA 66 -34.18 -56.90 -67.73
N LEU IA 67 -34.12 -55.58 -67.55
CA LEU IA 67 -34.79 -54.65 -68.44
C LEU IA 67 -33.83 -53.53 -68.77
N ILE IA 68 -34.08 -52.88 -69.90
CA ILE IA 68 -33.35 -51.69 -70.30
C ILE IA 68 -34.38 -50.59 -70.43
N ILE IA 69 -34.28 -49.57 -69.59
CA ILE IA 69 -35.16 -48.42 -69.65
C ILE IA 69 -34.43 -47.34 -70.43
N GLY IA 70 -34.54 -47.40 -71.75
CA GLY IA 70 -34.01 -46.36 -72.61
C GLY IA 70 -35.15 -45.61 -73.28
N VAL IA 71 -34.91 -44.32 -73.52
CA VAL IA 71 -35.92 -43.45 -74.11
C VAL IA 71 -35.38 -42.90 -75.42
N SER IA 72 -36.15 -43.02 -76.47
CA SER IA 72 -35.85 -42.37 -77.74
C SER IA 72 -37.04 -41.45 -78.03
N SER IA 73 -36.88 -40.58 -79.01
CA SER IA 73 -37.92 -39.64 -79.33
C SER IA 73 -38.46 -39.95 -80.72
N ASP IA 74 -39.78 -39.81 -80.86
CA ASP IA 74 -40.36 -39.84 -82.19
C ASP IA 74 -39.77 -38.74 -83.06
N ARG IA 75 -39.35 -37.64 -82.44
CA ARG IA 75 -38.65 -36.60 -83.15
C ARG IA 75 -37.14 -36.80 -83.03
N GLY IA 76 -36.41 -36.10 -83.87
CA GLY IA 76 -34.96 -36.06 -83.85
C GLY IA 76 -34.43 -34.65 -83.75
N LEU IA 77 -33.53 -34.31 -84.67
CA LEU IA 77 -32.99 -32.95 -84.80
C LEU IA 77 -32.29 -32.48 -83.53
N CYS IA 78 -31.88 -33.42 -82.68
CA CYS IA 78 -31.16 -33.11 -81.46
C CYS IA 78 -29.85 -33.90 -81.43
N GLY IA 79 -29.53 -34.52 -82.56
CA GLY IA 79 -28.24 -35.14 -82.76
C GLY IA 79 -27.91 -36.14 -81.68
N ALA IA 80 -26.77 -35.90 -81.02
CA ALA IA 80 -26.19 -36.82 -80.06
C ALA IA 80 -27.10 -37.04 -78.86
N ILE IA 81 -28.14 -36.22 -78.72
CA ILE IA 81 -29.14 -36.43 -77.69
C ILE IA 81 -29.58 -37.88 -77.80
N HIS IA 82 -30.07 -38.26 -78.98
CA HIS IA 82 -30.35 -39.66 -79.22
C HIS IA 82 -29.07 -40.48 -79.15
N SER IA 83 -27.98 -39.98 -79.72
CA SER IA 83 -26.77 -40.78 -79.87
C SER IA 83 -26.11 -41.05 -78.52
N SER IA 84 -25.89 -40.00 -77.73
CA SER IA 84 -25.31 -40.21 -76.40
C SER IA 84 -26.11 -41.26 -75.64
N VAL IA 85 -27.44 -41.21 -75.78
CA VAL IA 85 -28.27 -42.31 -75.33
C VAL IA 85 -27.95 -43.57 -76.12
N ALA IA 86 -28.12 -43.50 -77.45
CA ALA IA 86 -27.92 -44.69 -78.28
C ALA IA 86 -26.55 -45.29 -78.03
N LYS IA 87 -25.53 -44.45 -77.87
CA LYS IA 87 -24.26 -44.93 -77.37
C LYS IA 87 -24.45 -45.66 -76.06
N GLN IA 88 -24.98 -44.97 -75.05
CA GLN IA 88 -25.18 -45.60 -73.76
C GLN IA 88 -26.19 -46.73 -73.84
N MET IA 89 -27.24 -46.55 -74.66
CA MET IA 89 -28.33 -47.52 -74.69
C MET IA 89 -27.83 -48.92 -75.02
N LYS IA 90 -27.10 -49.05 -76.11
CA LYS IA 90 -26.44 -50.32 -76.40
C LYS IA 90 -25.36 -50.62 -75.37
N SER IA 91 -24.65 -49.58 -74.92
CA SER IA 91 -23.64 -49.76 -73.89
C SER IA 91 -24.28 -50.22 -72.58
N GLU IA 92 -25.47 -49.71 -72.28
CA GLU IA 92 -26.14 -50.07 -71.03
C GLU IA 92 -26.35 -51.57 -70.92
N ALA IA 93 -26.95 -52.18 -71.94
CA ALA IA 93 -27.17 -53.62 -71.89
C ALA IA 93 -25.85 -54.38 -72.03
N ALA IA 94 -24.83 -53.74 -72.60
CA ALA IA 94 -23.59 -54.45 -72.91
C ALA IA 94 -23.00 -55.10 -71.67
N ASN IA 95 -22.57 -54.29 -70.70
CA ASN IA 95 -22.09 -54.87 -69.45
C ASN IA 95 -23.22 -55.51 -68.68
N LEU IA 96 -24.45 -55.06 -68.93
CA LEU IA 96 -25.61 -55.68 -68.28
C LEU IA 96 -25.77 -57.12 -68.73
N ALA IA 97 -26.04 -57.33 -70.01
CA ALA IA 97 -26.23 -58.68 -70.52
C ALA IA 97 -24.98 -59.52 -70.34
N ALA IA 98 -23.84 -58.89 -70.10
CA ALA IA 98 -22.63 -59.63 -69.74
C ALA IA 98 -22.89 -60.53 -68.55
N ALA IA 99 -23.65 -60.06 -67.57
CA ALA IA 99 -24.08 -60.89 -66.45
C ALA IA 99 -25.20 -61.83 -66.85
N GLY IA 100 -25.43 -62.02 -68.14
CA GLY IA 100 -26.59 -62.74 -68.59
C GLY IA 100 -27.89 -61.97 -68.45
N LYS IA 101 -27.83 -60.64 -68.37
CA LYS IA 101 -29.04 -59.87 -68.17
C LYS IA 101 -29.96 -59.98 -69.37
N GLU IA 102 -31.08 -60.68 -69.18
CA GLU IA 102 -32.08 -60.84 -70.23
C GLU IA 102 -32.80 -59.51 -70.35
N VAL IA 103 -32.06 -58.50 -70.82
CA VAL IA 103 -32.55 -57.13 -70.80
C VAL IA 103 -33.80 -57.02 -71.69
N LYS IA 104 -34.87 -56.54 -71.08
CA LYS IA 104 -36.13 -56.32 -71.77
C LYS IA 104 -36.26 -54.84 -72.08
N ILE IA 105 -36.34 -54.54 -73.37
CA ILE IA 105 -36.28 -53.17 -73.86
C ILE IA 105 -37.60 -52.82 -74.51
N ILE IA 106 -38.18 -51.69 -74.11
CA ILE IA 106 -39.43 -51.21 -74.65
C ILE IA 106 -39.12 -50.01 -75.54
N GLY IA 107 -39.72 -49.98 -76.72
CA GLY IA 107 -39.48 -48.93 -77.70
C GLY IA 107 -40.35 -47.72 -77.41
N VAL IA 108 -39.70 -46.65 -76.94
CA VAL IA 108 -40.35 -45.36 -76.79
C VAL IA 108 -39.59 -44.41 -77.70
N GLY IA 109 -40.23 -43.96 -78.77
CA GLY IA 109 -39.53 -43.16 -79.75
C GLY IA 109 -38.68 -44.04 -80.65
N ASP IA 110 -38.71 -43.79 -81.96
CA ASP IA 110 -37.98 -44.65 -82.88
C ASP IA 110 -36.54 -44.22 -83.06
N LYS IA 111 -36.16 -43.08 -82.49
CA LYS IA 111 -34.87 -42.45 -82.80
C LYS IA 111 -33.72 -43.43 -82.58
N ILE IA 112 -33.64 -44.02 -81.39
CA ILE IA 112 -32.66 -45.08 -81.18
C ILE IA 112 -33.28 -46.43 -81.44
N ARG IA 113 -34.62 -46.51 -81.41
CA ARG IA 113 -35.29 -47.78 -81.61
C ARG IA 113 -34.92 -48.38 -82.95
N SER IA 114 -34.96 -47.56 -84.00
CA SER IA 114 -34.43 -48.00 -85.28
C SER IA 114 -32.94 -48.30 -85.18
N ILE IA 115 -32.19 -47.47 -84.45
CA ILE IA 115 -30.80 -47.78 -84.17
C ILE IA 115 -30.70 -49.09 -83.41
N LEU IA 116 -31.58 -49.28 -82.43
CA LEU IA 116 -31.68 -50.55 -81.72
C LEU IA 116 -32.30 -51.64 -82.58
N HIS IA 117 -33.20 -51.28 -83.49
CA HIS IA 117 -33.61 -52.23 -84.51
C HIS IA 117 -32.41 -52.77 -85.27
N ARG IA 118 -31.41 -51.93 -85.53
CA ARG IA 118 -30.11 -52.43 -85.93
C ARG IA 118 -29.35 -52.98 -84.73
N THR IA 119 -29.14 -52.15 -83.71
CA THR IA 119 -28.41 -52.56 -82.53
C THR IA 119 -29.27 -53.51 -81.70
N HIS IA 120 -29.39 -54.74 -82.17
CA HIS IA 120 -30.12 -55.81 -81.50
C HIS IA 120 -31.59 -55.49 -81.29
N SER IA 121 -32.40 -55.42 -82.35
CA SER IA 121 -33.85 -55.34 -82.21
C SER IA 121 -34.38 -56.47 -81.34
N ASP IA 122 -33.57 -57.50 -81.12
CA ASP IA 122 -34.00 -58.66 -80.34
C ASP IA 122 -34.39 -58.27 -78.91
N GLN IA 123 -33.44 -57.78 -78.12
CA GLN IA 123 -33.74 -57.40 -76.75
C GLN IA 123 -34.82 -56.33 -76.70
N PHE IA 124 -35.03 -55.60 -77.79
CA PHE IA 124 -36.19 -54.73 -77.89
C PHE IA 124 -37.45 -55.57 -77.81
N LEU IA 125 -38.14 -55.48 -76.69
CA LEU IA 125 -39.30 -56.32 -76.44
C LEU IA 125 -40.57 -55.75 -77.04
N VAL IA 126 -40.74 -54.44 -77.02
CA VAL IA 126 -41.97 -53.80 -77.51
C VAL IA 126 -41.63 -52.38 -77.90
N THR IA 127 -42.52 -51.75 -78.67
CA THR IA 127 -42.36 -50.36 -79.04
C THR IA 127 -43.62 -49.59 -78.67
N PHE IA 128 -43.44 -48.33 -78.32
CA PHE IA 128 -44.52 -47.36 -78.21
C PHE IA 128 -44.08 -46.12 -78.95
N LYS IA 129 -44.98 -45.56 -79.75
CA LYS IA 129 -44.64 -44.53 -80.72
C LYS IA 129 -45.04 -43.16 -80.20
N GLU IA 130 -44.86 -42.16 -81.06
CA GLU IA 130 -45.35 -40.80 -80.83
C GLU IA 130 -44.80 -40.22 -79.53
N VAL IA 131 -43.49 -40.01 -79.50
CA VAL IA 131 -42.78 -39.52 -78.33
C VAL IA 131 -42.51 -38.03 -78.49
N GLY IA 132 -43.00 -37.25 -77.52
CA GLY IA 132 -42.63 -35.86 -77.39
C GLY IA 132 -43.33 -34.91 -78.35
N ARG IA 133 -43.84 -35.41 -79.48
CA ARG IA 133 -44.51 -34.52 -80.42
C ARG IA 133 -45.69 -33.82 -79.77
N ARG IA 134 -46.28 -34.44 -78.77
CA ARG IA 134 -47.31 -33.82 -77.96
C ARG IA 134 -46.68 -33.21 -76.72
N PRO IA 135 -47.36 -32.29 -76.07
CA PRO IA 135 -46.83 -31.71 -74.84
C PRO IA 135 -46.68 -32.76 -73.76
N PRO IA 136 -45.79 -32.56 -72.80
CA PRO IA 136 -45.58 -33.58 -71.76
C PRO IA 136 -46.86 -33.84 -70.98
N THR IA 137 -47.09 -35.12 -70.67
CA THR IA 137 -48.30 -35.57 -70.00
C THR IA 137 -48.06 -36.91 -69.34
N PHE IA 138 -48.27 -36.95 -68.01
CA PHE IA 138 -48.07 -38.18 -67.28
C PHE IA 138 -49.06 -39.25 -67.67
N GLY IA 139 -50.15 -38.87 -68.33
CA GLY IA 139 -51.09 -39.87 -68.81
C GLY IA 139 -50.42 -40.86 -69.73
N ASP IA 140 -49.51 -40.36 -70.57
CA ASP IA 140 -48.66 -41.27 -71.34
C ASP IA 140 -47.80 -42.11 -70.40
N ALA IA 141 -47.14 -41.47 -69.44
CA ALA IA 141 -46.43 -42.22 -68.41
C ALA IA 141 -47.35 -43.20 -67.72
N SER IA 142 -48.57 -42.75 -67.41
CA SER IA 142 -49.57 -43.69 -66.90
C SER IA 142 -49.88 -44.76 -67.94
N VAL IA 143 -50.06 -44.36 -69.19
CA VAL IA 143 -50.21 -45.34 -70.25
C VAL IA 143 -48.95 -46.20 -70.33
N ILE IA 144 -47.78 -45.57 -70.25
CA ILE IA 144 -46.55 -46.33 -70.15
C ILE IA 144 -46.56 -47.20 -68.92
N ALA IA 145 -46.99 -46.63 -67.79
CA ALA IA 145 -47.19 -47.45 -66.60
C ALA IA 145 -48.22 -48.53 -66.88
N LEU IA 146 -49.32 -48.17 -67.53
CA LEU IA 146 -50.26 -49.18 -67.98
C LEU IA 146 -49.58 -50.16 -68.92
N GLU IA 147 -48.80 -49.64 -69.86
CA GLU IA 147 -47.97 -50.51 -70.68
C GLU IA 147 -47.00 -51.31 -69.82
N LEU IA 148 -46.35 -50.66 -68.87
CA LEU IA 148 -45.54 -51.39 -67.92
C LEU IA 148 -46.40 -52.37 -67.13
N LEU IA 149 -47.60 -51.94 -66.75
CA LEU IA 149 -48.55 -52.89 -66.16
C LEU IA 149 -48.91 -53.97 -67.16
N ASN IA 150 -49.19 -53.58 -68.40
CA ASN IA 150 -49.33 -54.58 -69.45
C ASN IA 150 -48.05 -55.38 -69.60
N SER IA 151 -46.91 -54.74 -69.32
CA SER IA 151 -45.64 -55.44 -69.41
C SER IA 151 -45.48 -56.40 -68.25
N GLY IA 152 -45.77 -57.68 -68.49
CA GLY IA 152 -45.48 -58.71 -67.51
C GLY IA 152 -44.14 -59.36 -67.76
N TYR IA 153 -43.12 -58.56 -68.04
CA TYR IA 153 -41.77 -59.04 -68.33
C TYR IA 153 -41.07 -59.28 -67.01
N GLU IA 154 -40.56 -60.50 -66.81
CA GLU IA 154 -39.98 -60.87 -65.52
C GLU IA 154 -38.56 -60.32 -65.46
N PHE IA 155 -38.45 -59.04 -65.81
CA PHE IA 155 -37.18 -58.35 -65.68
C PHE IA 155 -36.89 -58.11 -64.22
N ASP IA 156 -35.96 -58.88 -63.67
CA ASP IA 156 -35.53 -58.68 -62.29
C ASP IA 156 -34.82 -57.35 -62.08
N GLU IA 157 -34.26 -56.76 -63.14
CA GLU IA 157 -33.47 -55.54 -62.99
C GLU IA 157 -33.72 -54.65 -64.20
N GLY IA 158 -33.45 -53.35 -64.00
CA GLY IA 158 -33.60 -52.38 -65.06
C GLY IA 158 -32.95 -51.06 -64.69
N SER IA 159 -32.52 -50.34 -65.72
CA SER IA 159 -31.86 -49.05 -65.54
C SER IA 159 -32.36 -48.07 -66.58
N ILE IA 160 -32.53 -46.82 -66.14
CA ILE IA 160 -33.10 -45.77 -66.97
C ILE IA 160 -32.02 -44.79 -67.34
N ILE IA 161 -31.65 -44.76 -68.62
CA ILE IA 161 -30.67 -43.81 -69.14
C ILE IA 161 -31.40 -42.52 -69.42
N PHE IA 162 -30.87 -41.40 -68.90
CA PHE IA 162 -31.53 -40.12 -69.06
C PHE IA 162 -30.48 -39.03 -69.20
N ASN IA 163 -30.75 -38.07 -70.07
CA ASN IA 163 -29.89 -36.91 -70.28
C ASN IA 163 -30.28 -35.89 -69.24
N ARG IA 164 -29.67 -35.99 -68.06
CA ARG IA 164 -29.98 -35.05 -67.01
C ARG IA 164 -29.50 -33.67 -67.42
N PHE IA 165 -30.40 -32.90 -68.02
CA PHE IA 165 -30.08 -31.57 -68.54
C PHE IA 165 -29.88 -30.66 -67.34
N ARG IA 166 -28.69 -30.73 -66.74
CA ARG IA 166 -28.40 -29.90 -65.58
C ARG IA 166 -28.64 -28.44 -65.90
N SER IA 167 -28.32 -28.03 -67.12
CA SER IA 167 -28.63 -26.69 -67.56
C SER IA 167 -28.91 -26.73 -69.05
N VAL IA 168 -29.23 -25.56 -69.60
CA VAL IA 168 -29.32 -25.42 -71.05
C VAL IA 168 -28.01 -25.78 -71.72
N ILE IA 169 -26.89 -25.58 -71.02
CA ILE IA 169 -25.60 -25.96 -71.54
C ILE IA 169 -25.10 -27.17 -70.77
N SER IA 170 -25.72 -27.46 -69.63
CA SER IA 170 -25.29 -28.58 -68.81
C SER IA 170 -26.31 -29.70 -68.90
N TYR IA 171 -25.87 -30.83 -69.44
CA TYR IA 171 -26.73 -31.99 -69.55
C TYR IA 171 -25.92 -33.22 -69.19
N LYS IA 172 -26.59 -34.21 -68.61
CA LYS IA 172 -25.95 -35.43 -68.15
C LYS IA 172 -26.72 -36.64 -68.66
N THR IA 173 -26.22 -37.25 -69.73
CA THR IA 173 -26.86 -38.42 -70.30
C THR IA 173 -26.63 -39.59 -69.35
N GLU IA 174 -27.17 -39.47 -68.15
CA GLU IA 174 -26.95 -40.45 -67.09
C GLU IA 174 -27.84 -41.66 -67.31
N GLU IA 175 -27.58 -42.69 -66.52
CA GLU IA 175 -28.41 -43.89 -66.49
C GLU IA 175 -28.81 -44.15 -65.05
N LYS IA 176 -30.10 -44.43 -64.84
CA LYS IA 176 -30.64 -44.57 -63.49
C LYS IA 176 -31.26 -45.94 -63.31
N PRO IA 177 -30.76 -46.76 -62.41
CA PRO IA 177 -31.34 -48.09 -62.21
C PRO IA 177 -32.67 -48.01 -61.48
N ILE IA 178 -33.38 -49.12 -61.50
CA ILE IA 178 -34.59 -49.30 -60.71
C ILE IA 178 -34.69 -50.77 -60.35
N PHE IA 179 -35.18 -51.06 -59.16
CA PHE IA 179 -35.19 -52.41 -58.64
C PHE IA 179 -36.55 -53.05 -58.83
N SER IA 180 -36.57 -54.38 -58.78
CA SER IA 180 -37.80 -55.14 -58.77
C SER IA 180 -38.27 -55.23 -57.33
N LEU IA 181 -39.59 -55.18 -57.15
CA LEU IA 181 -40.15 -55.21 -55.81
C LEU IA 181 -39.68 -56.43 -55.04
N ASP IA 182 -39.39 -57.53 -55.74
CA ASP IA 182 -38.79 -58.68 -55.08
C ASP IA 182 -37.47 -58.29 -54.45
N THR IA 183 -36.61 -57.61 -55.21
CA THR IA 183 -35.42 -57.04 -54.59
C THR IA 183 -35.80 -56.07 -53.49
N ILE IA 184 -36.83 -55.25 -53.74
CA ILE IA 184 -37.36 -54.40 -52.68
C ILE IA 184 -37.91 -55.26 -51.55
N SER IA 185 -38.51 -56.39 -51.91
CA SER IA 185 -39.00 -57.31 -50.88
C SER IA 185 -37.85 -57.83 -50.02
N SER IA 186 -36.64 -57.81 -50.57
CA SER IA 186 -35.46 -58.28 -49.85
C SER IA 186 -34.91 -57.26 -48.88
N ALA IA 187 -35.72 -56.30 -48.47
CA ALA IA 187 -35.26 -55.15 -47.70
C ALA IA 187 -35.17 -55.52 -46.22
N GLU IA 188 -34.01 -55.24 -45.62
CA GLU IA 188 -33.84 -55.48 -44.19
C GLU IA 188 -34.24 -54.27 -43.37
N SER IA 189 -33.64 -53.11 -43.67
CA SER IA 189 -33.95 -51.91 -42.91
C SER IA 189 -35.34 -51.37 -43.22
N MET IA 190 -36.14 -52.11 -44.00
CA MET IA 190 -37.46 -51.66 -44.43
C MET IA 190 -38.32 -51.14 -43.31
N SER IA 191 -38.02 -51.49 -42.05
CA SER IA 191 -38.73 -50.90 -40.93
C SER IA 191 -38.55 -49.40 -40.88
N ILE IA 192 -37.54 -48.86 -41.58
CA ILE IA 192 -37.44 -47.42 -41.76
C ILE IA 192 -38.77 -46.97 -42.33
N TYR IA 193 -39.08 -47.44 -43.54
CA TYR IA 193 -40.42 -47.31 -44.09
C TYR IA 193 -41.30 -48.23 -43.27
N ASP IA 194 -41.62 -47.80 -42.06
CA ASP IA 194 -42.20 -48.68 -41.05
C ASP IA 194 -43.46 -49.35 -41.57
N ASP IA 195 -43.59 -50.63 -41.25
CA ASP IA 195 -44.75 -51.43 -41.63
C ASP IA 195 -45.00 -51.36 -43.13
N ILE IA 196 -44.03 -51.85 -43.90
CA ILE IA 196 -44.03 -51.72 -45.36
C ILE IA 196 -44.53 -53.04 -45.94
N ASP IA 197 -45.78 -53.05 -46.40
CA ASP IA 197 -46.34 -54.19 -47.08
C ASP IA 197 -46.24 -54.00 -48.59
N ALA IA 198 -45.86 -55.06 -49.30
CA ALA IA 198 -45.66 -54.98 -50.73
C ALA IA 198 -46.95 -54.75 -51.48
N ASP IA 199 -48.10 -55.02 -50.86
CA ASP IA 199 -49.39 -54.78 -51.49
C ASP IA 199 -49.55 -53.30 -51.84
N VAL IA 200 -49.32 -52.41 -50.89
CA VAL IA 200 -49.21 -50.99 -51.25
C VAL IA 200 -48.05 -50.79 -52.19
N LEU IA 201 -46.94 -51.49 -51.97
CA LEU IA 201 -45.77 -51.31 -52.83
C LEU IA 201 -46.03 -51.81 -54.24
N ARG IA 202 -46.90 -52.82 -54.38
CA ARG IA 202 -47.25 -53.34 -55.69
C ARG IA 202 -47.74 -52.26 -56.64
N ASN IA 203 -48.61 -51.36 -56.17
CA ASN IA 203 -48.95 -50.19 -56.96
C ASN IA 203 -47.89 -49.10 -56.79
N TYR IA 204 -47.43 -48.88 -55.55
CA TYR IA 204 -46.54 -47.75 -55.29
C TYR IA 204 -45.23 -47.88 -56.07
N GLN IA 205 -44.63 -49.06 -56.07
CA GLN IA 205 -43.46 -49.25 -56.93
C GLN IA 205 -43.84 -49.07 -58.39
N GLU IA 206 -45.00 -49.60 -58.78
CA GLU IA 206 -45.54 -49.27 -60.09
C GLU IA 206 -45.77 -47.77 -60.21
N TYR IA 207 -46.34 -47.17 -59.16
CA TYR IA 207 -46.52 -45.73 -59.15
C TYR IA 207 -45.17 -45.01 -59.13
N SER IA 208 -44.13 -45.69 -58.67
CA SER IA 208 -42.85 -45.01 -58.44
C SER IA 208 -42.23 -44.52 -59.74
N LEU IA 209 -42.10 -45.40 -60.74
CA LEU IA 209 -41.19 -45.12 -61.85
C LEU IA 209 -41.75 -44.08 -62.81
N ALA IA 210 -43.06 -44.12 -63.06
CA ALA IA 210 -43.61 -43.44 -64.22
C ALA IA 210 -43.42 -41.93 -64.15
N ASN IA 211 -43.80 -41.31 -63.02
CA ASN IA 211 -43.57 -39.88 -62.86
C ASN IA 211 -42.08 -39.58 -62.94
N ILE IA 212 -41.27 -40.40 -62.27
CA ILE IA 212 -39.83 -40.31 -62.43
C ILE IA 212 -39.45 -40.53 -63.88
N ILE IA 213 -40.01 -41.55 -64.50
CA ILE IA 213 -39.83 -41.73 -65.94
C ILE IA 213 -40.26 -40.48 -66.67
N TYR IA 214 -41.45 -39.96 -66.34
CA TYR IA 214 -41.87 -38.69 -66.91
C TYR IA 214 -40.81 -37.62 -66.67
N TYR IA 215 -40.35 -37.51 -65.43
CA TYR IA 215 -39.22 -36.64 -65.17
C TYR IA 215 -38.00 -37.08 -65.95
N SER IA 216 -37.71 -38.39 -65.93
CA SER IA 216 -36.63 -38.90 -66.75
C SER IA 216 -36.90 -38.59 -68.22
N LEU IA 217 -38.13 -38.79 -68.65
CA LEU IA 217 -38.52 -38.28 -69.96
C LEU IA 217 -38.25 -36.80 -70.04
N LYS IA 218 -38.76 -36.05 -69.06
CA LYS IA 218 -38.50 -34.63 -69.02
C LYS IA 218 -36.99 -34.35 -68.97
N GLU IA 219 -36.23 -35.23 -68.31
CA GLU IA 219 -34.81 -34.98 -68.09
C GLU IA 219 -34.11 -34.66 -69.40
N SER IA 220 -34.15 -35.58 -70.35
CA SER IA 220 -33.58 -35.29 -71.66
C SER IA 220 -34.45 -34.28 -72.41
N THR IA 221 -35.77 -34.36 -72.23
CA THR IA 221 -36.69 -33.69 -73.14
C THR IA 221 -36.42 -32.20 -73.24
N THR IA 222 -36.31 -31.53 -72.10
CA THR IA 222 -36.19 -30.07 -72.12
C THR IA 222 -34.97 -29.63 -72.89
N SER IA 223 -33.85 -30.33 -72.71
CA SER IA 223 -32.63 -29.98 -73.42
C SER IA 223 -32.83 -30.06 -74.92
N GLU IA 224 -33.70 -30.97 -75.36
CA GLU IA 224 -33.79 -31.28 -76.79
C GLU IA 224 -34.01 -30.02 -77.62
N GLN IA 225 -35.16 -29.37 -77.45
CA GLN IA 225 -35.42 -28.15 -78.19
C GLN IA 225 -34.29 -27.15 -78.02
N SER IA 226 -33.89 -26.90 -76.77
CA SER IA 226 -32.78 -25.99 -76.54
C SER IA 226 -31.53 -26.44 -77.28
N ALA IA 227 -31.13 -27.70 -77.08
CA ALA IA 227 -29.96 -28.20 -77.80
C ALA IA 227 -30.21 -28.21 -79.30
N ARG IA 228 -31.39 -28.66 -79.71
CA ARG IA 228 -31.74 -28.59 -81.12
C ARG IA 228 -31.59 -27.17 -81.64
N MET IA 229 -32.22 -26.23 -80.95
CA MET IA 229 -32.04 -24.82 -81.31
C MET IA 229 -30.57 -24.47 -81.31
N THR IA 230 -29.86 -24.86 -80.26
CA THR IA 230 -28.42 -24.60 -80.20
C THR IA 230 -27.74 -25.13 -81.45
N ALA IA 231 -27.98 -26.41 -81.76
CA ALA IA 231 -27.51 -26.93 -83.02
C ALA IA 231 -28.08 -26.14 -84.18
N MET IA 232 -29.40 -25.92 -84.17
CA MET IA 232 -30.01 -25.13 -85.22
C MET IA 232 -29.36 -23.76 -85.30
N ASP IA 233 -29.15 -23.12 -84.15
CA ASP IA 233 -28.35 -21.91 -84.14
C ASP IA 233 -26.94 -22.19 -84.58
N ASN IA 234 -26.36 -23.30 -84.12
CA ASN IA 234 -25.00 -23.62 -84.50
C ASN IA 234 -24.87 -23.67 -86.02
N ALA IA 235 -25.72 -24.44 -86.68
CA ALA IA 235 -25.65 -24.51 -88.13
C ALA IA 235 -26.05 -23.19 -88.77
N SER IA 236 -26.98 -22.46 -88.14
CA SER IA 236 -27.52 -21.26 -88.75
C SER IA 236 -26.42 -20.26 -89.07
N LYS IA 237 -25.49 -20.06 -88.14
CA LYS IA 237 -24.34 -19.24 -88.45
C LYS IA 237 -23.53 -19.87 -89.58
N ASN IA 238 -23.24 -21.17 -89.47
CA ASN IA 238 -22.59 -21.86 -90.56
C ASN IA 238 -23.40 -21.77 -91.83
N ALA IA 239 -24.73 -21.81 -91.70
CA ALA IA 239 -25.58 -21.54 -92.85
C ALA IA 239 -25.30 -20.16 -93.40
N SER IA 240 -25.34 -19.14 -92.55
CA SER IA 240 -24.97 -17.81 -92.99
C SER IA 240 -23.55 -17.81 -93.54
N GLU IA 241 -22.67 -18.59 -92.93
CA GLU IA 241 -21.28 -18.61 -93.36
C GLU IA 241 -21.13 -19.05 -94.80
N MET IA 242 -21.76 -20.15 -95.18
CA MET IA 242 -21.50 -20.74 -96.49
C MET IA 242 -21.81 -19.75 -97.61
N ILE IA 243 -23.01 -19.17 -97.61
CA ILE IA 243 -23.39 -18.27 -98.68
C ILE IA 243 -22.52 -17.02 -98.68
N ASP IA 244 -22.00 -16.65 -97.51
CA ASP IA 244 -21.34 -15.35 -97.37
C ASP IA 244 -20.28 -15.14 -98.44
N LYS IA 245 -19.23 -15.95 -98.41
CA LYS IA 245 -18.25 -15.88 -99.48
C LYS IA 245 -18.86 -16.37 -100.78
N LEU IA 246 -19.76 -17.35 -100.70
CA LEU IA 246 -20.41 -17.85 -101.90
C LEU IA 246 -21.12 -16.72 -102.64
N THR IA 247 -21.93 -15.95 -101.93
CA THR IA 247 -22.48 -14.74 -102.52
C THR IA 247 -21.36 -13.87 -103.06
N LEU IA 248 -20.32 -13.65 -102.27
CA LEU IA 248 -19.17 -12.91 -102.76
C LEU IA 248 -18.61 -13.59 -104.01
N THR IA 249 -18.44 -14.90 -103.95
CA THR IA 249 -18.07 -15.63 -105.16
C THR IA 249 -19.14 -15.46 -106.22
N PHE IA 250 -20.41 -15.60 -105.83
CA PHE IA 250 -21.48 -15.28 -106.75
C PHE IA 250 -21.35 -13.84 -107.22
N ASN IA 251 -21.10 -12.93 -106.28
CA ASN IA 251 -20.78 -11.57 -106.68
C ASN IA 251 -19.53 -11.55 -107.54
N ARG IA 252 -18.50 -12.29 -107.14
CA ARG IA 252 -17.34 -12.45 -108.02
C ARG IA 252 -17.79 -12.96 -109.37
N THR IA 253 -18.63 -14.00 -109.37
CA THR IA 253 -19.25 -14.41 -110.62
C THR IA 253 -20.07 -13.28 -111.21
N ARG IA 254 -20.89 -12.63 -110.39
CA ARG IA 254 -21.69 -11.51 -110.88
C ARG IA 254 -20.78 -10.42 -111.42
N GLN IA 255 -19.74 -10.09 -110.67
CA GLN IA 255 -18.75 -9.14 -111.17
C GLN IA 255 -18.10 -9.67 -112.44
N ALA IA 256 -17.79 -10.95 -112.45
CA ALA IA 256 -17.16 -11.55 -113.63
C ALA IA 256 -18.01 -11.33 -114.87
N VAL IA 257 -19.32 -11.58 -114.74
CA VAL IA 257 -20.21 -11.47 -115.89
C VAL IA 257 -20.20 -10.05 -116.43
N ILE IA 258 -20.11 -9.07 -115.53
CA ILE IA 258 -20.29 -7.67 -115.91
C ILE IA 258 -19.34 -7.30 -117.04
N THR IA 259 -18.07 -7.66 -116.91
CA THR IA 259 -17.12 -7.39 -117.97
C THR IA 259 -17.08 -8.52 -118.98
N LYS IA 260 -17.50 -9.72 -118.58
CA LYS IA 260 -17.30 -10.91 -119.40
C LYS IA 260 -17.89 -10.73 -120.78
N GLU IA 261 -19.22 -10.66 -120.87
CA GLU IA 261 -19.85 -10.42 -122.16
C GLU IA 261 -19.48 -9.05 -122.68
N LEU IA 262 -19.27 -8.09 -121.79
CA LEU IA 262 -18.82 -6.77 -122.21
C LEU IA 262 -17.57 -6.88 -123.05
N ILE IA 263 -16.63 -7.73 -122.64
CA ILE IA 263 -15.48 -8.02 -123.49
C ILE IA 263 -15.95 -8.54 -124.83
N GLU IA 264 -16.83 -9.54 -124.82
CA GLU IA 264 -17.40 -10.02 -126.07
C GLU IA 264 -18.14 -8.90 -126.77
N ILE IA 265 -18.91 -8.12 -126.01
CA ILE IA 265 -19.55 -6.94 -126.58
C ILE IA 265 -18.49 -6.01 -127.16
N ILE IA 266 -17.42 -5.78 -126.40
CA ILE IA 266 -16.30 -5.06 -126.95
C ILE IA 266 -15.70 -5.84 -128.11
N SER IA 267 -15.58 -7.15 -127.97
CA SER IA 267 -15.00 -7.96 -129.04
C SER IA 267 -15.76 -7.79 -130.35
N GLY IA 268 -17.08 -7.95 -130.32
CA GLY IA 268 -17.87 -7.64 -131.50
C GLY IA 268 -17.68 -6.20 -131.93
N ALA IA 269 -17.63 -5.28 -130.97
CA ALA IA 269 -17.33 -3.89 -131.29
C ALA IA 269 -15.92 -3.76 -131.85
N ALA IA 270 -14.94 -4.31 -131.15
CA ALA IA 270 -13.56 -4.12 -131.58
C ALA IA 270 -13.26 -4.90 -132.84
N ALA IA 271 -13.35 -6.24 -132.78
CA ALA IA 271 -12.97 -7.06 -133.91
C ALA IA 271 -13.79 -6.75 -135.16
N LEU IA 272 -14.99 -6.20 -134.99
CA LEU IA 272 -15.81 -5.80 -136.13
C LEU IA 272 -16.11 -4.32 -136.08
N GLN JA 15 -38.74 -30.67 -36.89
CA GLN JA 15 -39.33 -29.87 -37.96
C GLN JA 15 -39.80 -30.77 -39.08
N MET JA 16 -39.73 -30.25 -40.31
CA MET JA 16 -40.11 -31.00 -41.50
C MET JA 16 -39.57 -30.31 -42.74
N SER JA 17 -39.50 -31.05 -43.85
CA SER JA 17 -39.34 -30.46 -45.18
C SER JA 17 -40.56 -30.88 -45.98
N PHE JA 18 -41.65 -30.16 -45.79
CA PHE JA 18 -42.96 -30.54 -46.32
C PHE JA 18 -43.18 -29.93 -47.69
N THR JA 19 -42.99 -30.74 -48.73
CA THR JA 19 -43.22 -30.31 -50.10
C THR JA 19 -44.49 -31.00 -50.59
N PHE JA 20 -45.63 -30.40 -50.28
CA PHE JA 20 -46.88 -30.82 -50.88
C PHE JA 20 -46.89 -30.28 -52.29
N ALA JA 21 -46.49 -31.10 -53.24
CA ALA JA 21 -46.33 -30.62 -54.60
C ALA JA 21 -46.58 -31.75 -55.57
N SER JA 22 -47.81 -31.82 -56.06
CA SER JA 22 -48.16 -32.80 -57.06
C SER JA 22 -47.31 -32.56 -58.28
N PRO JA 23 -46.97 -33.61 -59.03
CA PRO JA 23 -46.30 -33.38 -60.31
C PRO JA 23 -47.02 -32.37 -61.16
N THR JA 24 -48.32 -32.21 -60.92
CA THR JA 24 -49.05 -31.09 -61.50
C THR JA 24 -48.88 -29.83 -60.68
N GLN JA 25 -49.33 -29.84 -59.42
CA GLN JA 25 -49.44 -28.61 -58.64
C GLN JA 25 -48.69 -28.75 -57.32
N VAL JA 26 -48.30 -27.61 -56.76
CA VAL JA 26 -47.58 -27.57 -55.50
C VAL JA 26 -48.45 -26.93 -54.44
N PHE JA 27 -48.79 -27.70 -53.41
CA PHE JA 27 -49.47 -27.18 -52.23
C PHE JA 27 -48.50 -26.74 -51.16
N PHE JA 28 -47.29 -27.29 -51.15
CA PHE JA 28 -46.24 -26.87 -50.25
C PHE JA 28 -44.89 -27.20 -50.87
N ASN JA 29 -43.85 -26.53 -50.37
CA ASN JA 29 -42.49 -26.74 -50.86
C ASN JA 29 -41.55 -26.79 -49.66
N SER JA 30 -41.28 -28.00 -49.17
CA SER JA 30 -40.31 -28.24 -48.11
C SER JA 30 -40.64 -27.44 -46.85
N ALA JA 31 -41.93 -27.34 -46.52
CA ALA JA 31 -42.34 -26.65 -45.32
C ALA JA 31 -41.95 -27.47 -44.09
N ASN JA 32 -42.03 -26.85 -42.90
CA ASN JA 32 -41.68 -27.53 -41.64
C ASN JA 32 -42.92 -27.47 -40.75
N VAL JA 33 -43.70 -28.55 -40.76
CA VAL JA 33 -45.01 -28.55 -40.14
C VAL JA 33 -44.96 -29.33 -38.83
N ARG JA 34 -45.92 -29.02 -37.96
CA ARG JA 34 -46.14 -29.85 -36.78
C ARG JA 34 -46.92 -31.10 -37.17
N GLN JA 35 -48.13 -30.91 -37.66
CA GLN JA 35 -49.00 -32.01 -38.04
C GLN JA 35 -49.61 -31.73 -39.39
N VAL JA 36 -50.14 -32.77 -40.02
CA VAL JA 36 -50.79 -32.67 -41.31
C VAL JA 36 -51.64 -33.90 -41.50
N ASP JA 37 -52.77 -33.74 -42.19
CA ASP JA 37 -53.72 -34.82 -42.38
C ASP JA 37 -54.23 -34.84 -43.81
N VAL JA 38 -54.32 -36.04 -44.37
CA VAL JA 38 -55.03 -36.28 -45.61
C VAL JA 38 -55.40 -37.75 -45.66
N PRO JA 39 -56.47 -38.13 -46.32
CA PRO JA 39 -56.77 -39.57 -46.41
C PRO JA 39 -55.87 -40.27 -47.41
N THR JA 40 -55.54 -41.54 -47.14
CA THR JA 40 -54.58 -42.24 -47.99
C THR JA 40 -55.11 -43.65 -48.20
N GLN JA 41 -54.64 -44.26 -49.30
CA GLN JA 41 -55.14 -45.57 -49.67
C GLN JA 41 -54.91 -46.58 -48.55
N THR JA 42 -53.71 -46.59 -47.98
CA THR JA 42 -53.43 -47.45 -46.85
C THR JA 42 -54.25 -47.09 -45.62
N GLY JA 43 -55.13 -46.09 -45.72
CA GLY JA 43 -55.81 -45.56 -44.57
C GLY JA 43 -55.50 -44.09 -44.48
N ALA JA 44 -56.40 -43.30 -43.89
CA ALA JA 44 -56.20 -41.86 -43.77
C ALA JA 44 -54.87 -41.55 -43.09
N PHE JA 45 -54.23 -40.45 -43.46
CA PHE JA 45 -52.89 -40.19 -42.97
C PHE JA 45 -52.84 -38.82 -42.32
N GLY JA 46 -52.73 -38.83 -41.00
CA GLY JA 46 -52.36 -37.66 -40.23
C GLY JA 46 -51.08 -37.96 -39.49
N ILE JA 47 -50.07 -37.13 -39.71
CA ILE JA 47 -48.71 -37.40 -39.23
C ILE JA 47 -48.19 -36.17 -38.51
N LEU JA 48 -47.67 -36.37 -37.31
CA LEU JA 48 -47.01 -35.31 -36.57
C LEU JA 48 -45.58 -35.20 -37.05
N ALA JA 49 -44.85 -34.23 -36.50
CA ALA JA 49 -43.55 -33.87 -37.03
C ALA JA 49 -42.54 -35.00 -36.95
N ALA JA 50 -42.81 -36.05 -36.15
CA ALA JA 50 -41.88 -37.17 -36.09
C ALA JA 50 -42.60 -38.51 -36.06
N HIS JA 51 -43.68 -38.66 -36.83
CA HIS JA 51 -44.35 -39.95 -36.93
C HIS JA 51 -43.36 -41.00 -37.45
N VAL JA 52 -43.71 -42.28 -37.33
CA VAL JA 52 -42.85 -43.35 -37.82
C VAL JA 52 -42.71 -43.21 -39.33
N PRO JA 53 -41.57 -43.56 -39.91
CA PRO JA 53 -41.35 -43.24 -41.33
C PRO JA 53 -41.98 -44.30 -42.24
N THR JA 54 -42.55 -43.81 -43.35
CA THR JA 54 -43.20 -44.63 -44.35
C THR JA 54 -43.70 -43.72 -45.47
N LEU JA 55 -44.22 -44.34 -46.52
CA LEU JA 55 -45.00 -43.67 -47.55
C LEU JA 55 -45.89 -44.71 -48.21
N GLN JA 56 -46.99 -44.25 -48.82
CA GLN JA 56 -47.92 -45.21 -49.40
C GLN JA 56 -48.70 -44.52 -50.51
N VAL JA 57 -49.79 -45.18 -50.90
CA VAL JA 57 -50.69 -44.67 -51.92
C VAL JA 57 -51.75 -43.83 -51.23
N LEU JA 58 -52.16 -42.75 -51.89
CA LEU JA 58 -53.11 -41.82 -51.32
C LEU JA 58 -54.52 -42.16 -51.77
N ARG JA 59 -55.47 -41.91 -50.89
CA ARG JA 59 -56.86 -42.09 -51.18
C ARG JA 59 -57.59 -40.76 -51.11
N PRO JA 60 -58.86 -40.74 -51.46
CA PRO JA 60 -59.62 -39.48 -51.45
C PRO JA 60 -59.78 -38.92 -50.06
N GLY JA 61 -59.52 -37.63 -49.89
CA GLY JA 61 -59.67 -36.98 -48.62
C GLY JA 61 -59.45 -35.50 -48.72
N LEU JA 62 -58.74 -34.94 -47.74
CA LEU JA 62 -58.40 -33.52 -47.75
C LEU JA 62 -57.03 -33.36 -47.13
N VAL JA 63 -56.07 -32.87 -47.92
CA VAL JA 63 -54.80 -32.47 -47.36
C VAL JA 63 -55.03 -31.33 -46.38
N VAL JA 64 -54.78 -31.59 -45.10
CA VAL JA 64 -54.91 -30.60 -44.05
C VAL JA 64 -53.67 -30.68 -43.19
N VAL JA 65 -53.04 -29.54 -42.96
CA VAL JA 65 -51.77 -29.49 -42.26
C VAL JA 65 -51.93 -28.63 -41.02
N HIS JA 66 -51.50 -29.15 -39.88
CA HIS JA 66 -51.33 -28.36 -38.67
C HIS JA 66 -49.85 -28.04 -38.58
N ALA JA 67 -49.44 -26.96 -39.23
CA ALA JA 67 -48.02 -26.67 -39.36
C ALA JA 67 -47.43 -26.30 -38.01
N GLU JA 68 -46.13 -25.95 -38.02
CA GLU JA 68 -45.53 -25.39 -36.83
C GLU JA 68 -46.40 -24.29 -36.25
N ASP JA 69 -46.85 -23.38 -37.12
CA ASP JA 69 -48.09 -22.71 -36.84
C ASP JA 69 -49.23 -23.56 -37.41
N GLY JA 70 -49.97 -24.19 -36.50
CA GLY JA 70 -50.95 -25.17 -36.93
C GLY JA 70 -52.10 -24.53 -37.68
N THR JA 71 -51.79 -23.87 -38.78
CA THR JA 71 -52.79 -23.25 -39.63
C THR JA 71 -53.11 -24.21 -40.75
N THR JA 72 -54.40 -24.31 -41.08
CA THR JA 72 -54.89 -25.31 -42.00
C THR JA 72 -54.35 -25.06 -43.40
N SER JA 73 -53.66 -26.05 -43.94
CA SER JA 73 -53.25 -26.05 -45.34
C SER JA 73 -54.17 -27.00 -46.09
N LYS JA 74 -55.04 -26.44 -46.92
CA LYS JA 74 -56.21 -27.14 -47.41
C LYS JA 74 -56.05 -27.49 -48.88
N TYR JA 75 -56.26 -28.75 -49.21
CA TYR JA 75 -56.34 -29.23 -50.59
C TYR JA 75 -56.99 -30.61 -50.56
N PHE JA 76 -58.17 -30.72 -51.19
CA PHE JA 76 -58.95 -31.95 -51.12
C PHE JA 76 -58.13 -33.10 -51.70
N VAL JA 77 -57.86 -34.10 -50.88
CA VAL JA 77 -56.98 -35.20 -51.24
C VAL JA 77 -57.77 -36.21 -52.05
N SER JA 78 -57.13 -36.74 -53.10
CA SER JA 78 -57.78 -37.72 -53.96
C SER JA 78 -56.99 -39.02 -54.07
N SER JA 79 -55.71 -38.94 -54.44
CA SER JA 79 -54.86 -40.10 -54.57
C SER JA 79 -53.49 -39.61 -55.01
N GLY JA 80 -52.57 -40.53 -55.07
CA GLY JA 80 -51.31 -40.27 -55.73
C GLY JA 80 -50.14 -40.61 -54.80
N SER JA 81 -49.06 -39.87 -54.98
CA SER JA 81 -47.82 -40.17 -54.31
C SER JA 81 -47.54 -39.09 -53.27
N VAL JA 82 -47.14 -39.54 -52.08
CA VAL JA 82 -46.78 -38.65 -50.99
C VAL JA 82 -45.71 -39.32 -50.15
N THR JA 83 -44.70 -38.56 -49.74
CA THR JA 83 -43.56 -39.09 -49.03
C THR JA 83 -43.18 -38.18 -47.89
N VAL JA 84 -42.47 -38.73 -46.91
CA VAL JA 84 -41.85 -37.95 -45.85
C VAL JA 84 -40.60 -38.69 -45.43
N ASN JA 85 -39.54 -37.95 -45.11
CA ASN JA 85 -38.27 -38.55 -44.76
C ASN JA 85 -38.23 -38.88 -43.28
N ALA JA 86 -37.38 -39.85 -42.94
CA ALA JA 86 -37.03 -40.06 -41.54
C ALA JA 86 -36.50 -38.77 -40.94
N ASP JA 87 -35.78 -38.00 -41.74
CA ASP JA 87 -35.38 -36.65 -41.37
C ASP JA 87 -36.47 -35.64 -41.68
N SER JA 88 -37.71 -36.09 -41.81
CA SER JA 88 -38.85 -35.19 -41.99
C SER JA 88 -38.70 -34.32 -43.24
N SER JA 89 -38.70 -34.96 -44.40
CA SER JA 89 -38.80 -34.26 -45.67
C SER JA 89 -40.07 -34.72 -46.35
N VAL JA 90 -41.19 -34.07 -46.02
CA VAL JA 90 -42.50 -34.48 -46.50
C VAL JA 90 -42.65 -34.07 -47.95
N GLN JA 91 -42.97 -35.03 -48.80
CA GLN JA 91 -43.21 -34.79 -50.22
C GLN JA 91 -44.60 -35.29 -50.54
N LEU JA 92 -45.35 -34.54 -51.33
CA LEU JA 92 -46.68 -34.97 -51.78
C LEU JA 92 -46.82 -34.68 -53.28
N LEU JA 93 -46.37 -35.61 -54.12
CA LEU JA 93 -46.54 -35.51 -55.56
C LEU JA 93 -47.64 -36.46 -56.00
N ALA JA 94 -48.88 -36.08 -55.71
CA ALA JA 94 -50.00 -37.00 -55.74
C ALA JA 94 -50.88 -36.69 -56.94
N GLU JA 95 -51.92 -37.52 -57.14
CA GLU JA 95 -52.79 -37.37 -58.31
C GLU JA 95 -53.44 -35.99 -58.38
N GLU JA 96 -54.11 -35.55 -57.31
CA GLU JA 96 -54.66 -34.19 -57.27
C GLU JA 96 -55.08 -33.86 -55.85
N ALA JA 97 -54.55 -32.77 -55.32
CA ALA JA 97 -54.99 -32.22 -54.04
C ALA JA 97 -55.75 -30.94 -54.32
N VAL JA 98 -57.06 -30.96 -54.08
CA VAL JA 98 -57.90 -29.89 -54.58
C VAL JA 98 -58.01 -28.84 -53.50
N THR JA 99 -57.20 -27.79 -53.62
CA THR JA 99 -57.46 -26.57 -52.89
C THR JA 99 -58.94 -26.24 -53.05
N LEU JA 100 -59.63 -26.13 -51.91
CA LEU JA 100 -61.06 -26.40 -51.86
C LEU JA 100 -61.84 -25.72 -52.97
N ASP JA 101 -61.31 -24.63 -53.55
CA ASP JA 101 -61.99 -23.94 -54.62
C ASP JA 101 -61.98 -24.71 -55.94
N MET JA 102 -61.52 -25.96 -55.95
CA MET JA 102 -61.27 -26.68 -57.19
C MET JA 102 -62.26 -27.82 -57.45
N LEU JA 103 -63.53 -27.66 -57.06
CA LEU JA 103 -64.56 -28.65 -57.36
C LEU JA 103 -65.95 -28.06 -57.12
N ASP JA 104 -66.96 -28.93 -57.14
CA ASP JA 104 -68.32 -28.57 -56.78
C ASP JA 104 -68.99 -29.75 -56.08
N LEU JA 105 -69.28 -29.58 -54.79
CA LEU JA 105 -69.84 -30.65 -53.96
C LEU JA 105 -71.12 -31.19 -54.54
N GLY JA 106 -72.04 -30.31 -54.87
CA GLY JA 106 -73.29 -30.72 -55.47
C GLY JA 106 -73.01 -31.48 -56.74
N ALA JA 107 -72.11 -30.94 -57.56
CA ALA JA 107 -71.66 -31.67 -58.74
C ALA JA 107 -71.00 -32.97 -58.31
N ALA JA 108 -70.10 -32.91 -57.32
CA ALA JA 108 -69.50 -34.13 -56.80
C ALA JA 108 -70.58 -35.09 -56.32
N LYS JA 109 -71.56 -34.57 -55.60
CA LYS JA 109 -72.74 -35.37 -55.28
C LYS JA 109 -73.51 -35.74 -56.54
N ALA JA 110 -73.72 -34.77 -57.43
CA ALA JA 110 -74.34 -35.08 -58.71
C ALA JA 110 -73.51 -36.10 -59.46
N ASN JA 111 -72.18 -35.93 -59.46
CA ASN JA 111 -71.32 -36.97 -59.97
C ASN JA 111 -71.51 -38.26 -59.19
N LEU JA 112 -71.56 -38.17 -57.86
CA LEU JA 112 -71.92 -39.33 -57.07
C LEU JA 112 -73.31 -39.81 -57.46
N GLU JA 113 -74.25 -38.88 -57.64
CA GLU JA 113 -75.54 -39.24 -58.20
C GLU JA 113 -75.40 -39.77 -59.62
N LYS JA 114 -74.58 -39.10 -60.44
CA LYS JA 114 -74.30 -39.62 -61.77
C LYS JA 114 -73.58 -40.95 -61.69
N ALA JA 115 -72.61 -41.06 -60.79
CA ALA JA 115 -72.03 -42.37 -60.50
C ALA JA 115 -73.10 -43.31 -59.98
N GLN JA 116 -73.95 -42.83 -59.07
CA GLN JA 116 -75.09 -43.64 -58.64
C GLN JA 116 -75.96 -44.02 -59.83
N SER JA 117 -76.18 -43.07 -60.74
CA SER JA 117 -76.79 -43.42 -62.00
C SER JA 117 -75.93 -44.40 -62.77
N GLU JA 118 -74.62 -44.18 -62.79
CA GLU JA 118 -73.72 -45.02 -63.56
C GLU JA 118 -73.34 -46.31 -62.85
N LEU JA 119 -73.47 -46.37 -61.52
CA LEU JA 119 -72.98 -47.53 -60.78
C LEU JA 119 -73.74 -48.80 -61.13
N LEU JA 120 -74.91 -48.67 -61.76
CA LEU JA 120 -75.64 -49.86 -62.19
C LEU JA 120 -74.74 -50.77 -63.03
N GLY JA 121 -73.94 -50.20 -63.91
CA GLY JA 121 -72.99 -50.98 -64.66
C GLY JA 121 -71.72 -51.24 -63.87
N ALA JA 122 -71.87 -51.64 -62.60
CA ALA JA 122 -70.72 -52.09 -61.84
C ALA JA 122 -70.56 -53.59 -62.02
N ALA JA 123 -70.51 -54.03 -63.28
CA ALA JA 123 -70.44 -55.46 -63.55
C ALA JA 123 -69.01 -55.92 -63.83
N ASP JA 124 -68.10 -54.97 -64.06
CA ASP JA 124 -66.75 -55.33 -64.47
C ASP JA 124 -65.81 -54.96 -63.33
N GLU JA 125 -64.87 -55.87 -63.05
CA GLU JA 125 -64.06 -55.76 -61.84
C GLU JA 125 -63.39 -54.40 -61.74
N ALA JA 126 -62.72 -53.97 -62.81
CA ALA JA 126 -62.18 -52.62 -62.84
C ALA JA 126 -63.31 -51.60 -62.79
N THR JA 127 -64.29 -51.74 -63.70
CA THR JA 127 -65.37 -50.77 -63.79
C THR JA 127 -66.18 -50.73 -62.51
N ARG JA 128 -66.55 -51.90 -61.96
CA ARG JA 128 -67.27 -51.92 -60.71
C ARG JA 128 -66.49 -51.21 -59.61
N ALA JA 129 -65.23 -51.58 -59.43
CA ALA JA 129 -64.38 -50.84 -58.49
C ALA JA 129 -64.27 -49.39 -58.91
N GLU JA 130 -64.13 -49.15 -60.23
CA GLU JA 130 -64.17 -47.78 -60.72
C GLU JA 130 -65.52 -47.14 -60.44
N ILE JA 131 -66.60 -47.80 -60.85
CA ILE JA 131 -67.93 -47.27 -60.53
C ILE JA 131 -68.10 -47.13 -59.04
N GLN JA 132 -67.66 -48.15 -58.28
CA GLN JA 132 -67.60 -47.99 -56.84
C GLN JA 132 -66.79 -46.77 -56.47
N ILE JA 133 -65.57 -46.65 -57.00
CA ILE JA 133 -64.78 -45.45 -56.76
C ILE JA 133 -65.52 -44.24 -57.30
N ARG JA 134 -66.08 -44.36 -58.51
CA ARG JA 134 -66.91 -43.28 -59.04
C ARG JA 134 -68.02 -42.95 -58.06
N ILE JA 135 -68.71 -43.97 -57.57
CA ILE JA 135 -69.61 -43.74 -56.45
C ILE JA 135 -68.82 -43.25 -55.24
N GLU JA 136 -67.74 -43.96 -54.90
CA GLU JA 136 -66.99 -43.61 -53.69
C GLU JA 136 -66.40 -42.21 -53.79
N ALA JA 137 -65.46 -42.01 -54.70
CA ALA JA 137 -64.72 -40.76 -54.74
C ALA JA 137 -65.66 -39.58 -54.82
N ASN JA 138 -66.61 -39.61 -55.75
CA ASN JA 138 -67.54 -38.49 -55.90
C ASN JA 138 -68.35 -38.28 -54.62
N GLU JA 139 -68.86 -39.36 -54.04
CA GLU JA 139 -69.49 -39.25 -52.73
C GLU JA 139 -68.45 -38.90 -51.68
N ALA JA 140 -67.28 -39.54 -51.73
CA ALA JA 140 -66.20 -39.12 -50.87
C ALA JA 140 -65.88 -37.66 -51.11
N LEU JA 141 -65.85 -37.24 -52.38
CA LEU JA 141 -65.77 -35.82 -52.68
C LEU JA 141 -66.96 -35.10 -52.08
N VAL JA 142 -68.17 -35.60 -52.33
CA VAL JA 142 -69.34 -35.05 -51.66
C VAL JA 142 -69.13 -35.07 -50.16
N LYS JA 143 -68.58 -36.18 -49.64
CA LYS JA 143 -68.15 -36.20 -48.25
C LYS JA 143 -67.02 -35.23 -47.97
N ALA JA 144 -65.99 -35.19 -48.82
CA ALA JA 144 -64.86 -34.31 -48.57
C ALA JA 144 -65.19 -32.84 -48.81
N LEU JA 145 -66.05 -32.56 -49.80
CA LEU JA 145 -66.34 -31.17 -50.14
C LEU JA 145 -67.13 -30.47 -49.05
N GLU JA 146 -67.60 -31.23 -48.07
CA GLU JA 146 -68.30 -30.67 -46.92
C GLU JA 146 -67.52 -29.53 -46.27
N VAL KA 1 -53.15 -56.67 -54.45
CA VAL KA 1 -54.33 -57.41 -54.90
C VAL KA 1 -55.45 -57.29 -53.89
N ALA KA 2 -56.22 -56.22 -53.98
CA ALA KA 2 -57.35 -56.00 -53.10
C ALA KA 2 -58.60 -55.72 -53.93
N TYR KA 3 -59.66 -55.30 -53.24
CA TYR KA 3 -60.98 -55.10 -53.86
C TYR KA 3 -60.86 -54.38 -55.20
N TRP KA 4 -59.91 -53.46 -55.33
CA TRP KA 4 -59.62 -52.91 -56.65
C TRP KA 4 -58.47 -53.67 -57.30
N ARG KA 5 -57.33 -53.79 -56.62
CA ARG KA 5 -56.16 -54.40 -57.22
C ARG KA 5 -56.36 -55.87 -57.54
N GLN KA 6 -56.95 -56.63 -56.63
CA GLN KA 6 -57.30 -58.02 -56.96
C GLN KA 6 -58.31 -58.05 -58.09
N ALA KA 7 -59.17 -57.04 -58.15
CA ALA KA 7 -60.05 -56.88 -59.30
C ALA KA 7 -59.27 -56.54 -60.56
N GLY KA 8 -57.95 -56.54 -60.50
CA GLY KA 8 -57.12 -56.27 -61.65
C GLY KA 8 -56.58 -54.87 -61.72
N LEU KA 9 -56.91 -54.00 -60.77
CA LEU KA 9 -56.41 -52.64 -60.81
C LEU KA 9 -54.92 -52.61 -60.46
N SER KA 10 -54.19 -51.78 -61.19
CA SER KA 10 -52.80 -51.48 -60.90
C SER KA 10 -52.70 -50.04 -60.45
N TYR KA 11 -51.51 -49.67 -59.97
CA TYR KA 11 -51.23 -48.27 -59.70
C TYR KA 11 -51.80 -47.37 -60.77
N ILE KA 12 -51.42 -47.59 -62.02
CA ILE KA 12 -52.01 -46.83 -63.12
C ILE KA 12 -53.51 -46.89 -63.05
N ARG KA 13 -54.07 -48.10 -63.09
CA ARG KA 13 -55.52 -48.24 -62.99
C ARG KA 13 -56.03 -47.60 -61.71
N TYR KA 14 -55.43 -47.92 -60.57
CA TYR KA 14 -55.81 -47.27 -59.33
C TYR KA 14 -55.73 -45.77 -59.49
N SER KA 15 -54.62 -45.28 -60.00
CA SER KA 15 -54.53 -43.86 -60.31
C SER KA 15 -55.53 -43.49 -61.39
N GLN KA 16 -55.67 -44.32 -62.42
CA GLN KA 16 -56.52 -43.96 -63.56
C GLN KA 16 -57.87 -43.49 -63.09
N ILE KA 17 -58.60 -44.34 -62.38
CA ILE KA 17 -59.86 -43.91 -61.78
C ILE KA 17 -59.61 -42.75 -60.85
N CYS KA 18 -58.60 -42.86 -59.99
CA CYS KA 18 -58.27 -41.76 -59.09
C CYS KA 18 -57.98 -40.50 -59.88
N ALA KA 19 -57.15 -40.60 -60.90
CA ALA KA 19 -56.95 -39.47 -61.81
C ALA KA 19 -58.24 -39.10 -62.50
N LYS KA 20 -58.98 -40.10 -62.99
CA LYS KA 20 -60.31 -39.81 -63.49
C LYS KA 20 -61.14 -39.13 -62.43
N ALA KA 21 -61.10 -39.67 -61.21
CA ALA KA 21 -61.72 -38.98 -60.08
C ALA KA 21 -61.11 -37.61 -59.90
N VAL KA 22 -59.77 -37.55 -59.95
CA VAL KA 22 -59.09 -36.26 -59.86
C VAL KA 22 -59.60 -35.33 -60.95
N ARG KA 23 -59.67 -35.83 -62.18
CA ARG KA 23 -60.24 -35.03 -63.26
C ARG KA 23 -61.70 -34.70 -62.97
N ASP KA 24 -62.46 -35.71 -62.53
CA ASP KA 24 -63.89 -35.51 -62.35
C ASP KA 24 -64.20 -34.44 -61.31
N ALA KA 25 -63.35 -34.31 -60.29
CA ALA KA 25 -63.63 -33.42 -59.18
C ALA KA 25 -63.17 -32.01 -59.47
N LEU KA 26 -63.19 -31.59 -60.72
CA LEU KA 26 -62.69 -30.28 -61.10
C LEU KA 26 -63.79 -29.22 -60.95
N LYS KA 27 -63.34 -28.00 -60.63
CA LYS KA 27 -64.19 -26.83 -60.74
C LYS KA 27 -63.92 -26.12 -62.06
N THR KA 28 -65.00 -25.78 -62.76
CA THR KA 28 -64.87 -25.25 -64.12
C THR KA 28 -63.96 -24.04 -64.16
N GLU KA 29 -63.89 -23.29 -63.06
CA GLU KA 29 -62.92 -22.19 -63.00
C GLU KA 29 -61.51 -22.71 -63.15
N PHE KA 30 -61.12 -23.69 -62.34
CA PHE KA 30 -59.76 -24.20 -62.39
C PHE KA 30 -59.63 -25.47 -63.21
N LYS KA 31 -60.71 -25.93 -63.85
CA LYS KA 31 -60.73 -27.27 -64.42
C LYS KA 31 -59.73 -27.41 -65.56
N ALA KA 32 -59.52 -26.33 -66.33
CA ALA KA 32 -58.88 -26.43 -67.63
C ALA KA 32 -57.54 -27.17 -67.59
N ASN KA 33 -56.63 -26.75 -66.71
CA ASN KA 33 -55.26 -27.24 -66.72
C ASN KA 33 -55.15 -28.76 -66.57
N ALA KA 34 -56.06 -29.38 -65.83
CA ALA KA 34 -56.01 -30.83 -65.66
C ALA KA 34 -56.47 -31.59 -66.88
N MET KA 35 -57.69 -31.33 -67.35
CA MET KA 35 -58.09 -31.82 -68.65
C MET KA 35 -57.08 -31.42 -69.71
N LYS KA 36 -56.53 -30.22 -69.59
CA LYS KA 36 -55.45 -29.83 -70.47
C LYS KA 36 -54.31 -30.83 -70.38
N THR KA 37 -53.87 -31.27 -71.56
CA THR KA 37 -52.80 -32.25 -71.69
C THR KA 37 -53.04 -33.48 -70.83
N SER KA 38 -54.27 -33.91 -70.71
CA SER KA 38 -54.49 -35.22 -70.14
C SER KA 38 -54.04 -36.33 -71.07
N GLY KA 39 -53.68 -35.99 -72.30
CA GLY KA 39 -53.45 -36.99 -73.33
C GLY KA 39 -52.27 -37.91 -73.07
N SER KA 40 -52.15 -38.88 -73.97
CA SER KA 40 -51.07 -39.86 -73.97
C SER KA 40 -50.75 -40.25 -75.40
N THR KA 41 -49.68 -39.67 -75.93
CA THR KA 41 -49.36 -39.88 -77.33
C THR KA 41 -48.79 -41.27 -77.64
N ILE KA 42 -48.28 -42.00 -76.65
CA ILE KA 42 -47.58 -43.26 -76.87
C ILE KA 42 -48.46 -44.27 -77.58
N LYS KA 43 -47.88 -45.07 -78.49
CA LYS KA 43 -48.64 -46.05 -79.25
C LYS KA 43 -47.75 -47.22 -79.66
N ILE KA 44 -48.23 -48.43 -79.36
CA ILE KA 44 -47.49 -49.66 -79.62
C ILE KA 44 -47.47 -49.97 -81.11
N VAL KA 45 -46.74 -51.04 -81.45
CA VAL KA 45 -46.57 -51.50 -82.83
C VAL KA 45 -47.49 -52.69 -83.07
N LYS KA 46 -48.05 -52.77 -84.28
CA LYS KA 46 -48.99 -53.83 -84.63
C LYS KA 46 -48.26 -55.11 -85.02
N VAL KA 47 -48.63 -56.20 -84.37
CA VAL KA 47 -48.09 -57.51 -84.70
C VAL KA 47 -49.04 -58.60 -84.23
N VAL LA 8 -33.24 -8.77 -102.75
CA VAL LA 8 -33.05 -10.09 -103.34
C VAL LA 8 -34.03 -11.08 -102.71
N ARG LA 9 -34.39 -12.12 -103.47
CA ARG LA 9 -35.34 -13.11 -103.00
C ARG LA 9 -35.30 -14.37 -103.86
N SER LA 10 -36.22 -15.30 -103.60
CA SER LA 10 -36.37 -16.51 -104.39
C SER LA 10 -37.79 -17.05 -104.23
N SER LA 11 -38.19 -17.92 -105.14
CA SER LA 11 -39.54 -18.47 -105.16
C SER LA 11 -39.59 -19.80 -104.41
N ALA LA 12 -40.68 -20.53 -104.60
CA ALA LA 12 -40.94 -21.78 -103.90
C ALA LA 12 -39.97 -22.86 -104.33
N GLY LA 13 -39.55 -23.68 -103.38
CA GLY LA 13 -38.69 -24.81 -103.67
C GLY LA 13 -37.36 -24.42 -104.29
N ALA LA 14 -36.69 -23.43 -103.74
CA ALA LA 14 -35.38 -23.02 -104.25
C ALA LA 14 -34.37 -24.15 -104.22
N VAL LA 15 -34.28 -24.87 -103.10
CA VAL LA 15 -33.47 -26.08 -103.08
C VAL LA 15 -34.08 -27.13 -104.00
N ARG LA 16 -35.41 -27.20 -104.04
CA ARG LA 16 -36.07 -28.05 -105.02
C ARG LA 16 -35.72 -27.59 -106.43
N ASP LA 17 -35.73 -26.28 -106.65
CA ASP LA 17 -35.22 -25.75 -107.89
C ASP LA 17 -33.77 -26.15 -108.09
N ALA LA 18 -32.98 -26.07 -107.02
CA ALA LA 18 -31.65 -26.66 -107.06
C ALA LA 18 -31.72 -28.17 -107.18
N GLY LA 19 -32.72 -28.77 -106.53
CA GLY LA 19 -32.74 -30.22 -106.42
C GLY LA 19 -31.62 -30.78 -105.58
N GLY LA 20 -31.10 -30.00 -104.63
CA GLY LA 20 -29.89 -30.35 -103.94
C GLY LA 20 -30.00 -31.58 -103.07
N ALA LA 21 -28.97 -31.85 -102.27
CA ALA LA 21 -29.01 -32.99 -101.37
C ALA LA 21 -30.28 -32.98 -100.55
N PHE LA 22 -30.67 -31.80 -100.06
CA PHE LA 22 -32.00 -31.67 -99.47
C PHE LA 22 -33.08 -31.77 -100.53
N GLY LA 23 -32.91 -31.07 -101.65
CA GLY LA 23 -33.90 -31.13 -102.70
C GLY LA 23 -34.10 -32.55 -103.22
N LYS LA 24 -32.98 -33.26 -103.43
CA LYS LA 24 -33.08 -34.64 -103.84
C LYS LA 24 -33.75 -35.49 -102.78
N ARG LA 25 -33.25 -35.42 -101.54
CA ARG LA 25 -33.82 -36.22 -100.47
C ARG LA 25 -35.27 -35.85 -100.23
N GLU LA 26 -35.63 -34.59 -100.50
CA GLU LA 26 -37.01 -34.15 -100.30
C GLU LA 26 -37.99 -35.10 -100.96
N GLN LA 27 -37.73 -35.44 -102.23
CA GLN LA 27 -38.55 -36.44 -102.90
C GLN LA 27 -38.22 -37.84 -102.39
N ALA LA 28 -36.94 -38.12 -102.17
CA ALA LA 28 -36.55 -39.44 -101.69
C ALA LA 28 -37.17 -39.72 -100.32
N GLU LA 29 -37.11 -38.74 -99.42
CA GLU LA 29 -37.84 -38.88 -98.16
C GLU LA 29 -39.34 -38.97 -98.44
N GLU LA 30 -39.85 -38.14 -99.34
CA GLU LA 30 -41.23 -38.30 -99.77
C GLU LA 30 -41.45 -39.70 -100.30
N GLU LA 31 -40.52 -40.18 -101.13
CA GLU LA 31 -40.54 -41.59 -101.51
C GLU LA 31 -40.50 -42.46 -100.26
N ARG LA 32 -39.57 -42.17 -99.34
CA ARG LA 32 -39.54 -42.90 -98.08
C ARG LA 32 -40.84 -42.69 -97.31
N TYR LA 33 -41.32 -41.44 -97.23
CA TYR LA 33 -42.57 -41.18 -96.55
C TYR LA 33 -43.73 -41.86 -97.26
N PHE LA 34 -43.86 -41.64 -98.57
CA PHE LA 34 -44.93 -42.29 -99.30
C PHE LA 34 -44.75 -43.80 -99.36
N ARG LA 35 -43.55 -44.31 -99.09
CA ARG LA 35 -43.28 -45.74 -99.28
C ARG LA 35 -44.31 -46.59 -98.57
N ALA LA 36 -44.33 -46.52 -97.24
CA ALA LA 36 -45.42 -47.14 -96.51
C ALA LA 36 -46.73 -46.44 -96.81
N ARG LA 37 -46.69 -45.12 -96.94
CA ARG LA 37 -47.91 -44.35 -97.14
C ARG LA 37 -48.65 -44.79 -98.40
N ALA LA 38 -47.92 -44.96 -99.50
CA ALA LA 38 -48.55 -45.52 -100.69
C ALA LA 38 -49.05 -46.93 -100.41
N LYS LA 39 -48.23 -47.75 -99.77
CA LYS LA 39 -48.66 -49.10 -99.42
C LYS LA 39 -49.90 -49.07 -98.54
N GLU LA 40 -50.00 -48.06 -97.68
CA GLU LA 40 -51.16 -47.95 -96.80
C GLU LA 40 -52.45 -47.88 -97.58
N GLN LA 41 -52.63 -46.83 -98.37
CA GLN LA 41 -53.78 -46.77 -99.27
C GLN LA 41 -53.82 -48.00 -100.16
N LEU LA 42 -52.65 -48.46 -100.61
CA LEU LA 42 -52.60 -49.71 -101.37
C LEU LA 42 -53.15 -50.87 -100.56
N ALA LA 43 -52.63 -51.07 -99.35
CA ALA LA 43 -53.20 -52.08 -98.47
C ALA LA 43 -54.66 -51.77 -98.20
N ALA LA 44 -54.99 -50.49 -98.06
CA ALA LA 44 -56.38 -50.11 -97.90
C ALA LA 44 -57.21 -50.51 -99.11
N LEU LA 45 -56.71 -50.24 -100.31
CA LEU LA 45 -57.48 -50.55 -101.51
C LEU LA 45 -57.44 -52.04 -101.84
N LYS LA 46 -56.27 -52.66 -101.66
CA LYS LA 46 -56.12 -54.06 -102.05
C LYS LA 46 -56.98 -54.97 -101.19
N LYS LA 47 -56.94 -54.77 -99.88
CA LYS LA 47 -57.65 -55.66 -98.97
C LYS LA 47 -59.15 -55.40 -98.99
N HIS LA 48 -59.54 -54.12 -99.07
CA HIS LA 48 -60.95 -53.77 -98.94
C HIS LA 48 -61.79 -54.44 -100.03
N HIS LA 49 -61.27 -54.48 -101.25
CA HIS LA 49 -61.96 -55.23 -102.31
C HIS LA 49 -62.05 -56.70 -101.94
N GLU LA 50 -60.95 -57.28 -101.45
CA GLU LA 50 -61.00 -58.63 -100.93
C GLU LA 50 -61.86 -58.70 -99.67
N ASN LA 51 -61.75 -57.68 -98.80
CA ASN LA 51 -62.63 -57.60 -97.65
C ASN LA 51 -64.09 -57.46 -98.04
N GLU LA 52 -64.41 -56.59 -98.99
CA GLU LA 52 -65.77 -56.50 -99.50
C GLU LA 52 -66.20 -57.77 -100.21
N ILE LA 53 -65.25 -58.55 -100.72
CA ILE LA 53 -65.56 -59.91 -101.15
C ILE LA 53 -65.98 -60.74 -99.95
N SER LA 54 -65.26 -60.61 -98.85
CA SER LA 54 -65.62 -61.29 -97.62
C SER LA 54 -66.87 -60.67 -97.00
N ASP MA 1 -57.89 -74.31 13.48
CA ASP MA 1 -58.75 -73.64 14.46
C ASP MA 1 -59.82 -72.82 13.76
N ILE MA 2 -60.93 -72.56 14.45
CA ILE MA 2 -62.00 -71.76 13.88
C ILE MA 2 -61.51 -70.36 13.56
N ASP MA 3 -60.79 -69.74 14.50
CA ASP MA 3 -60.15 -68.46 14.20
C ASP MA 3 -59.13 -68.61 13.09
N THR MA 4 -58.36 -69.69 13.12
CA THR MA 4 -57.42 -69.97 12.03
C THR MA 4 -58.13 -70.36 10.73
N ALA MA 5 -59.29 -71.02 10.81
CA ALA MA 5 -60.05 -71.38 9.63
C ALA MA 5 -60.43 -70.20 8.78
N ALA MA 6 -60.71 -69.05 9.42
CA ALA MA 6 -60.89 -67.82 8.66
C ALA MA 6 -59.68 -67.52 7.82
N LYS MA 7 -58.50 -67.57 8.43
CA LYS MA 7 -57.26 -67.51 7.68
C LYS MA 7 -57.09 -68.75 6.81
N PHE MA 8 -57.33 -69.93 7.40
CA PHE MA 8 -57.09 -71.17 6.68
C PHE MA 8 -57.99 -71.27 5.45
N ILE MA 9 -59.23 -70.80 5.56
CA ILE MA 9 -60.12 -70.87 4.41
C ILE MA 9 -60.18 -69.53 3.67
N GLY MA 10 -60.78 -68.52 4.29
CA GLY MA 10 -61.24 -67.38 3.52
C GLY MA 10 -60.15 -66.39 3.20
N ALA MA 11 -59.01 -66.48 3.90
CA ALA MA 11 -57.97 -65.48 3.71
C ALA MA 11 -57.30 -65.60 2.34
N GLY MA 12 -57.16 -66.82 1.84
CA GLY MA 12 -56.45 -67.01 0.58
C GLY MA 12 -57.06 -66.21 -0.56
N ALA MA 13 -58.31 -65.78 -0.40
CA ALA MA 13 -59.05 -65.04 -1.41
C ALA MA 13 -58.50 -63.64 -1.65
N ALA MA 14 -57.37 -63.31 -1.02
CA ALA MA 14 -56.72 -62.03 -1.23
C ALA MA 14 -55.61 -62.07 -2.28
N THR MA 15 -54.54 -62.80 -2.03
CA THR MA 15 -53.41 -62.85 -2.94
C THR MA 15 -53.71 -63.65 -4.20
N VAL MA 16 -54.88 -64.29 -4.27
CA VAL MA 16 -55.23 -65.05 -5.47
C VAL MA 16 -55.24 -64.14 -6.69
N GLY MA 17 -55.52 -62.85 -6.50
CA GLY MA 17 -55.55 -61.92 -7.61
C GLY MA 17 -54.21 -61.74 -8.30
N VAL MA 18 -53.13 -62.21 -7.69
CA VAL MA 18 -51.81 -62.03 -8.28
C VAL MA 18 -51.75 -62.67 -9.67
N ALA MA 19 -52.63 -63.64 -9.94
CA ALA MA 19 -52.73 -64.19 -11.29
C ALA MA 19 -53.10 -63.10 -12.28
N GLY MA 20 -53.98 -62.18 -11.88
CA GLY MA 20 -54.51 -61.18 -12.76
C GLY MA 20 -53.54 -60.09 -13.18
N SER MA 21 -53.06 -59.32 -12.19
CA SER MA 21 -52.34 -58.08 -12.50
C SER MA 21 -51.06 -58.33 -13.28
N GLY MA 22 -50.30 -59.35 -12.89
CA GLY MA 22 -48.96 -59.56 -13.43
C GLY MA 22 -48.88 -59.75 -14.93
N ALA MA 23 -49.94 -60.32 -15.52
CA ALA MA 23 -49.96 -60.52 -16.96
C ALA MA 23 -49.90 -59.19 -17.69
N GLY MA 24 -50.58 -58.18 -17.16
CA GLY MA 24 -50.56 -56.87 -17.79
C GLY MA 24 -49.16 -56.36 -18.02
N ILE MA 25 -48.27 -56.67 -17.07
CA ILE MA 25 -46.84 -56.44 -17.31
C ILE MA 25 -46.40 -57.21 -18.55
N GLY MA 26 -46.52 -58.53 -18.50
CA GLY MA 26 -46.14 -59.38 -19.61
C GLY MA 26 -46.88 -59.00 -20.87
N THR MA 27 -48.12 -58.51 -20.69
CA THR MA 27 -48.82 -57.91 -21.82
C THR MA 27 -48.05 -56.72 -22.36
N VAL MA 28 -47.88 -55.68 -21.53
CA VAL MA 28 -47.13 -54.51 -21.97
C VAL MA 28 -45.70 -54.91 -22.31
N PHE MA 29 -45.14 -55.84 -21.55
CA PHE MA 29 -43.83 -56.38 -21.90
C PHE MA 29 -43.83 -57.01 -23.28
N GLY MA 30 -44.91 -57.69 -23.64
CA GLY MA 30 -45.02 -58.15 -25.01
C GLY MA 30 -45.02 -56.95 -25.92
N SER MA 31 -45.82 -55.94 -25.56
CA SER MA 31 -45.85 -54.71 -26.33
C SER MA 31 -44.51 -54.02 -26.32
N LEU MA 32 -43.86 -54.01 -25.16
CA LEU MA 32 -42.56 -53.37 -25.04
C LEU MA 32 -41.56 -54.02 -25.98
N ILE MA 33 -41.45 -55.35 -25.91
CA ILE MA 33 -40.55 -56.05 -26.83
C ILE MA 33 -40.98 -55.81 -28.26
N ILE MA 34 -42.30 -55.90 -28.50
CA ILE MA 34 -42.85 -55.61 -29.82
C ILE MA 34 -42.54 -54.16 -30.20
N GLY MA 35 -42.28 -53.32 -29.20
CA GLY MA 35 -41.82 -51.97 -29.49
C GLY MA 35 -40.66 -51.98 -30.46
N TYR MA 36 -39.72 -52.89 -30.28
CA TYR MA 36 -38.67 -53.09 -31.27
C TYR MA 36 -39.22 -53.54 -32.61
N ALA MA 37 -40.16 -54.50 -32.60
CA ALA MA 37 -40.72 -54.97 -33.85
C ALA MA 37 -41.45 -53.87 -34.58
N ARG MA 38 -42.06 -52.94 -33.84
CA ARG MA 38 -42.66 -51.79 -34.48
C ARG MA 38 -41.65 -50.66 -34.65
N ASN MA 39 -41.11 -50.14 -33.56
CA ASN MA 39 -40.22 -48.98 -33.59
C ASN MA 39 -38.97 -49.29 -32.77
N PRO MA 40 -38.06 -50.09 -33.29
CA PRO MA 40 -36.80 -50.36 -32.56
C PRO MA 40 -35.94 -49.11 -32.39
N SER MA 41 -36.35 -47.97 -32.93
CA SER MA 41 -35.53 -46.77 -32.85
C SER MA 41 -35.31 -46.34 -31.40
N LEU MA 42 -36.37 -45.91 -30.73
CA LEU MA 42 -36.22 -45.37 -29.38
C LEU MA 42 -36.06 -46.47 -28.35
N M3L MA 43 -35.32 -47.51 -28.72
CA M3L MA 43 -35.11 -48.66 -27.87
CB M3L MA 43 -34.01 -49.59 -28.45
C M3L MA 43 -34.71 -48.34 -26.44
O M3L MA 43 -35.17 -48.93 -25.46
N GLN MA 44 -33.83 -47.36 -26.33
CA GLN MA 44 -33.42 -46.86 -25.02
C GLN MA 44 -34.61 -46.18 -24.36
N GLN MA 45 -35.19 -45.20 -25.06
CA GLN MA 45 -36.39 -44.54 -24.55
C GLN MA 45 -37.50 -45.53 -24.33
N LEU MA 46 -37.57 -46.58 -25.17
CA LEU MA 46 -38.61 -47.58 -25.01
C LEU MA 46 -38.52 -48.26 -23.66
N PHE MA 47 -37.46 -49.03 -23.43
CA PHE MA 47 -37.28 -49.72 -22.16
C PHE MA 47 -37.42 -48.75 -21.01
N SER MA 48 -36.83 -47.56 -21.15
CA SER MA 48 -37.09 -46.49 -20.21
C SER MA 48 -38.57 -46.23 -20.03
N TYR MA 49 -39.26 -45.79 -21.08
CA TYR MA 49 -40.69 -45.57 -20.99
C TYR MA 49 -41.43 -46.86 -20.62
N ALA MA 50 -40.96 -47.98 -21.15
CA ALA MA 50 -41.58 -49.27 -20.82
C ALA MA 50 -41.44 -49.58 -19.34
N ILE MA 51 -40.25 -49.31 -18.79
CA ILE MA 51 -39.99 -49.70 -17.40
C ILE MA 51 -41.00 -49.04 -16.47
N LEU MA 52 -41.50 -47.87 -16.86
CA LEU MA 52 -42.47 -47.15 -16.06
C LEU MA 52 -43.62 -48.06 -15.68
N GLY MA 53 -44.13 -48.81 -16.65
CA GLY MA 53 -45.13 -49.80 -16.37
C GLY MA 53 -44.60 -50.98 -15.58
N PHE MA 54 -43.36 -51.37 -15.88
CA PHE MA 54 -42.79 -52.67 -15.48
C PHE MA 54 -43.17 -53.06 -14.07
N ALA MA 55 -43.29 -52.07 -13.18
CA ALA MA 55 -43.79 -52.36 -11.85
C ALA MA 55 -45.10 -51.63 -11.57
N LEU MA 56 -45.47 -50.68 -12.44
CA LEU MA 56 -46.64 -49.85 -12.17
C LEU MA 56 -47.89 -50.69 -11.92
N SER MA 57 -48.10 -51.71 -12.74
CA SER MA 57 -49.16 -52.67 -12.46
C SER MA 57 -48.77 -53.62 -11.34
N GLU MA 58 -47.49 -54.01 -11.30
CA GLU MA 58 -47.00 -54.94 -10.29
C GLU MA 58 -47.16 -54.35 -8.91
N ALA MA 59 -47.32 -53.03 -8.83
CA ALA MA 59 -47.73 -52.39 -7.59
C ALA MA 59 -49.00 -53.07 -7.08
N MET MA 60 -50.00 -53.19 -7.96
CA MET MA 60 -51.15 -54.00 -7.65
C MET MA 60 -50.76 -55.46 -7.46
N GLY MA 61 -49.80 -55.93 -8.26
CA GLY MA 61 -49.31 -57.29 -8.15
C GLY MA 61 -48.72 -57.58 -6.78
N LEU MA 62 -48.28 -56.53 -6.10
CA LEU MA 62 -47.83 -56.68 -4.72
C LEU MA 62 -48.95 -56.34 -3.74
N PHE MA 63 -49.94 -55.58 -4.19
CA PHE MA 63 -50.94 -54.98 -3.29
C PHE MA 63 -51.74 -56.00 -2.49
N CYS MA 64 -52.31 -57.00 -3.18
CA CYS MA 64 -53.23 -57.92 -2.51
C CYS MA 64 -52.53 -58.67 -1.39
N LEU MA 65 -51.29 -59.11 -1.63
CA LEU MA 65 -50.57 -59.84 -0.61
C LEU MA 65 -50.23 -58.94 0.58
N MET MA 66 -50.09 -57.64 0.33
CA MET MA 66 -49.61 -56.72 1.38
C MET MA 66 -50.46 -56.82 2.62
N VAL MA 67 -51.79 -56.77 2.45
CA VAL MA 67 -52.68 -57.02 3.56
C VAL MA 67 -52.67 -58.50 3.93
N ALA MA 68 -52.54 -59.36 2.92
CA ALA MA 68 -52.81 -60.79 3.08
C ALA MA 68 -51.88 -61.43 4.10
N PHE MA 69 -50.66 -60.91 4.22
CA PHE MA 69 -49.69 -61.51 5.14
C PHE MA 69 -50.21 -61.53 6.57
N LEU MA 70 -51.17 -60.66 6.89
CA LEU MA 70 -51.67 -60.58 8.25
C LEU MA 70 -52.24 -61.92 8.72
N ILE MA 71 -53.25 -62.43 8.02
CA ILE MA 71 -53.79 -63.73 8.39
C ILE MA 71 -52.69 -64.78 8.41
N LEU MA 72 -51.62 -64.55 7.66
CA LEU MA 72 -50.44 -65.40 7.75
C LEU MA 72 -49.44 -64.91 8.78
N PHE MA 73 -49.38 -63.62 9.09
CA PHE MA 73 -48.35 -63.09 9.99
C PHE MA 73 -48.86 -61.94 10.85
N ALA MA 74 -50.18 -61.85 11.05
CA ALA MA 74 -50.76 -60.82 11.94
C ALA MA 74 -52.26 -61.06 12.14
N ASP NA 1 -60.63 -82.51 7.89
CA ASP NA 1 -61.40 -82.18 9.08
C ASP NA 1 -61.81 -80.72 9.10
N ILE NA 2 -62.84 -80.42 9.88
CA ILE NA 2 -63.24 -79.02 10.08
C ILE NA 2 -62.10 -78.25 10.74
N ASP NA 3 -61.21 -78.95 11.43
CA ASP NA 3 -60.07 -78.30 12.06
C ASP NA 3 -58.81 -78.34 11.20
N THR NA 4 -58.74 -79.22 10.20
CA THR NA 4 -57.51 -79.39 9.44
C THR NA 4 -57.67 -79.23 7.93
N ALA NA 5 -58.77 -79.73 7.35
CA ALA NA 5 -58.92 -79.66 5.91
C ALA NA 5 -59.45 -78.30 5.45
N ALA NA 6 -59.81 -77.42 6.38
CA ALA NA 6 -60.29 -76.10 5.99
C ALA NA 6 -59.21 -75.31 5.28
N LYS NA 7 -57.98 -75.32 5.81
CA LYS NA 7 -56.86 -74.81 5.05
C LYS NA 7 -56.70 -75.61 3.76
N PHE NA 8 -56.78 -76.94 3.86
CA PHE NA 8 -56.77 -77.78 2.66
C PHE NA 8 -57.95 -77.45 1.77
N ILE NA 9 -59.04 -76.95 2.36
CA ILE NA 9 -60.14 -76.42 1.56
C ILE NA 9 -59.83 -74.98 1.15
N GLY NA 10 -59.18 -74.21 2.03
CA GLY NA 10 -59.06 -72.78 1.80
C GLY NA 10 -57.80 -72.38 1.07
N ALA NA 11 -56.73 -73.16 1.21
CA ALA NA 11 -55.44 -72.74 0.65
C ALA NA 11 -55.32 -73.07 -0.84
N GLY NA 12 -55.92 -74.19 -1.27
CA GLY NA 12 -55.57 -74.77 -2.55
C GLY NA 12 -55.83 -73.85 -3.73
N ALA NA 13 -56.74 -72.89 -3.57
CA ALA NA 13 -57.06 -71.97 -4.65
C ALA NA 13 -55.90 -71.06 -5.01
N ALA NA 14 -54.95 -70.86 -4.10
CA ALA NA 14 -53.81 -69.99 -4.34
C ALA NA 14 -52.95 -70.47 -5.51
N THR NA 15 -53.11 -71.74 -5.91
CA THR NA 15 -52.42 -72.25 -7.09
C THR NA 15 -52.83 -71.50 -8.35
N VAL NA 16 -53.97 -70.80 -8.33
CA VAL NA 16 -54.47 -70.12 -9.51
C VAL NA 16 -53.57 -69.00 -9.98
N GLY NA 17 -52.65 -68.53 -9.13
CA GLY NA 17 -51.73 -67.49 -9.54
C GLY NA 17 -50.90 -67.86 -10.76
N VAL NA 18 -50.43 -69.10 -10.84
CA VAL NA 18 -49.65 -69.54 -11.98
C VAL NA 18 -50.47 -69.61 -13.26
N ALA NA 19 -51.78 -69.85 -13.17
CA ALA NA 19 -52.63 -69.79 -14.35
C ALA NA 19 -52.62 -68.37 -14.93
N GLY NA 20 -52.72 -67.37 -14.07
CA GLY NA 20 -52.47 -66.01 -14.51
C GLY NA 20 -51.05 -65.84 -14.99
N SER NA 21 -50.10 -66.48 -14.32
CA SER NA 21 -48.71 -66.48 -14.79
C SER NA 21 -48.61 -67.14 -16.15
N GLY NA 22 -49.33 -68.25 -16.34
CA GLY NA 22 -49.37 -68.88 -17.66
C GLY NA 22 -50.00 -67.97 -18.70
N ALA NA 23 -51.02 -67.22 -18.30
CA ALA NA 23 -51.69 -66.33 -19.23
C ALA NA 23 -50.75 -65.24 -19.73
N GLY NA 24 -49.97 -64.64 -18.82
CA GLY NA 24 -49.08 -63.57 -19.23
C GLY NA 24 -48.05 -64.01 -20.25
N ILE NA 25 -47.57 -65.26 -20.12
CA ILE NA 25 -46.70 -65.82 -21.13
C ILE NA 25 -47.42 -65.89 -22.47
N GLY NA 26 -48.72 -66.21 -22.44
CA GLY NA 26 -49.50 -66.19 -23.66
C GLY NA 26 -49.50 -64.84 -24.34
N THR NA 27 -49.54 -63.77 -23.53
CA THR NA 27 -49.49 -62.41 -24.07
C THR NA 27 -48.26 -62.24 -24.96
N VAL NA 28 -47.19 -62.96 -24.66
CA VAL NA 28 -46.03 -62.95 -25.54
C VAL NA 28 -46.12 -64.08 -26.55
N PHE NA 29 -46.72 -65.21 -26.13
CA PHE NA 29 -46.60 -66.47 -26.87
C PHE NA 29 -46.97 -66.31 -28.34
N GLY NA 30 -48.11 -65.70 -28.64
CA GLY NA 30 -48.39 -65.37 -30.03
C GLY NA 30 -47.44 -64.34 -30.58
N SER NA 31 -47.13 -63.31 -29.78
CA SER NA 31 -46.30 -62.21 -30.26
C SER NA 31 -44.92 -62.70 -30.67
N LEU NA 32 -44.51 -63.86 -30.18
CA LEU NA 32 -43.31 -64.50 -30.72
C LEU NA 32 -43.43 -64.67 -32.22
N ILE NA 33 -44.59 -65.10 -32.70
CA ILE NA 33 -44.83 -65.17 -34.14
C ILE NA 33 -44.81 -63.77 -34.74
N ILE NA 34 -45.29 -62.79 -33.98
CA ILE NA 34 -45.38 -61.43 -34.50
C ILE NA 34 -44.00 -60.86 -34.80
N GLY NA 35 -43.05 -61.10 -33.89
CA GLY NA 35 -41.76 -60.44 -34.01
C GLY NA 35 -41.03 -60.78 -35.28
N TYR NA 36 -40.86 -62.06 -35.58
CA TYR NA 36 -40.13 -62.45 -36.77
C TYR NA 36 -40.82 -61.95 -38.03
N ALA NA 37 -42.15 -61.94 -38.03
CA ALA NA 37 -42.88 -61.34 -39.13
C ALA NA 37 -42.48 -59.90 -39.35
N ARG NA 38 -42.39 -59.11 -38.29
CA ARG NA 38 -41.82 -57.79 -38.41
C ARG NA 38 -40.31 -57.82 -38.49
N ASN NA 39 -39.65 -58.75 -37.81
CA ASN NA 39 -38.19 -58.73 -37.75
C ASN NA 39 -37.61 -60.05 -37.28
N PRO NA 40 -37.47 -61.05 -38.14
CA PRO NA 40 -36.77 -62.27 -37.73
C PRO NA 40 -35.30 -62.00 -37.41
N SER NA 41 -34.78 -60.90 -37.95
CA SER NA 41 -33.38 -60.53 -37.73
C SER NA 41 -33.10 -60.07 -36.32
N LEU NA 42 -33.99 -59.29 -35.72
CA LEU NA 42 -33.76 -58.80 -34.37
C LEU NA 42 -34.26 -59.83 -33.38
N M3L NA 43 -34.68 -61.00 -33.88
CA M3L NA 43 -35.14 -62.06 -33.03
CB M3L NA 43 -35.62 -63.28 -33.82
C M3L NA 43 -34.06 -62.53 -32.06
O M3L NA 43 -33.63 -63.69 -32.05
N GLN NA 44 -33.64 -61.60 -31.22
CA GLN NA 44 -32.52 -61.82 -30.31
C GLN NA 44 -32.37 -60.58 -29.45
N GLN NA 45 -33.16 -59.56 -29.78
CA GLN NA 45 -33.11 -58.28 -29.08
C GLN NA 45 -34.36 -57.99 -28.27
N LEU NA 46 -35.51 -57.91 -28.93
CA LEU NA 46 -36.76 -58.01 -28.21
C LEU NA 46 -36.96 -59.43 -27.70
N PHE NA 47 -36.29 -60.40 -28.34
CA PHE NA 47 -36.33 -61.77 -27.86
C PHE NA 47 -35.75 -61.87 -26.46
N SER NA 48 -34.67 -61.14 -26.21
CA SER NA 48 -34.20 -60.99 -24.84
C SER NA 48 -35.30 -60.48 -23.95
N TYR NA 49 -36.01 -59.43 -24.39
CA TYR NA 49 -37.18 -58.98 -23.67
C TYR NA 49 -38.28 -60.04 -23.70
N ALA NA 50 -38.36 -60.81 -24.78
CA ALA NA 50 -39.36 -61.88 -24.85
C ALA NA 50 -39.12 -62.92 -23.78
N ILE NA 51 -37.85 -63.15 -23.44
CA ILE NA 51 -37.51 -64.04 -22.35
C ILE NA 51 -38.10 -63.48 -21.07
N LEU NA 52 -38.01 -62.16 -20.90
CA LEU NA 52 -38.41 -61.53 -19.65
C LEU NA 52 -39.90 -61.66 -19.38
N GLY NA 53 -40.72 -61.35 -20.38
CA GLY NA 53 -42.15 -61.20 -20.15
C GLY NA 53 -42.78 -62.45 -19.56
N PHE NA 54 -42.45 -63.62 -20.11
CA PHE NA 54 -42.98 -64.86 -19.56
C PHE NA 54 -42.52 -65.05 -18.13
N ALA NA 55 -41.23 -64.80 -17.88
CA ALA NA 55 -40.75 -64.75 -16.50
C ALA NA 55 -41.42 -63.61 -15.75
N LEU NA 56 -41.52 -62.44 -16.40
CA LEU NA 56 -42.29 -61.34 -15.81
C LEU NA 56 -43.73 -61.76 -15.59
N SER NA 57 -44.23 -62.66 -16.44
CA SER NA 57 -45.55 -63.24 -16.19
C SER NA 57 -45.48 -64.29 -15.08
N GLU NA 58 -44.40 -65.07 -15.03
CA GLU NA 58 -44.36 -66.23 -14.16
C GLU NA 58 -44.30 -65.86 -12.68
N ALA NA 59 -43.98 -64.61 -12.35
CA ALA NA 59 -43.56 -64.29 -10.99
C ALA NA 59 -44.72 -64.08 -10.04
N MET NA 60 -45.51 -63.02 -10.25
CA MET NA 60 -46.41 -62.52 -9.23
C MET NA 60 -47.41 -63.58 -8.75
N GLY NA 61 -47.86 -64.45 -9.65
CA GLY NA 61 -48.80 -65.48 -9.25
C GLY NA 61 -48.21 -66.45 -8.23
N LEU NA 62 -46.90 -66.65 -8.28
CA LEU NA 62 -46.27 -67.58 -7.34
C LEU NA 62 -46.37 -67.09 -5.90
N PHE NA 63 -46.65 -65.79 -5.70
CA PHE NA 63 -46.72 -65.25 -4.34
C PHE NA 63 -47.71 -66.03 -3.49
N CYS NA 64 -48.94 -66.17 -3.99
CA CYS NA 64 -49.93 -66.95 -3.26
C CYS NA 64 -49.58 -68.43 -3.29
N LEU NA 65 -48.98 -68.89 -4.39
CA LEU NA 65 -48.61 -70.30 -4.50
C LEU NA 65 -47.75 -70.73 -3.33
N MET NA 66 -46.83 -69.88 -2.91
CA MET NA 66 -46.09 -70.15 -1.69
C MET NA 66 -47.01 -70.15 -0.48
N VAL NA 67 -47.97 -69.23 -0.44
CA VAL NA 67 -48.80 -69.06 0.74
C VAL NA 67 -49.60 -70.31 1.04
N ALA NA 68 -50.15 -70.95 0.02
CA ALA NA 68 -50.94 -72.15 0.23
C ALA NA 68 -50.10 -73.25 0.87
N PHE NA 69 -48.89 -73.46 0.36
CA PHE NA 69 -47.99 -74.45 0.94
C PHE NA 69 -47.78 -74.25 2.42
N LEU NA 70 -47.72 -73.00 2.88
CA LEU NA 70 -47.74 -72.74 4.31
C LEU NA 70 -49.08 -73.12 4.92
N ILE NA 71 -50.19 -72.63 4.33
CA ILE NA 71 -51.49 -72.84 4.94
C ILE NA 71 -51.89 -74.30 4.87
N LEU NA 72 -51.65 -74.94 3.72
CA LEU NA 72 -52.19 -76.28 3.51
C LEU NA 72 -51.29 -77.35 4.13
N PHE NA 73 -50.05 -77.46 3.64
CA PHE NA 73 -49.16 -78.55 4.05
C PHE NA 73 -48.34 -78.17 5.28
N ALA NA 74 -47.68 -77.01 5.25
CA ALA NA 74 -46.96 -76.51 6.41
C ALA NA 74 -47.89 -76.07 7.53
N MET NA 75 -49.20 -76.23 7.35
CA MET NA 75 -50.20 -75.88 8.35
C MET NA 75 -50.18 -74.38 8.65
N ASP OA 1 -66.53 -87.40 4.10
CA ASP OA 1 -65.11 -87.66 3.90
C ASP OA 1 -64.32 -86.38 3.70
N ILE OA 2 -64.18 -85.61 4.79
CA ILE OA 2 -63.47 -84.33 4.71
C ILE OA 2 -62.01 -84.53 4.35
N ASP OA 3 -61.34 -85.50 4.99
CA ASP OA 3 -59.93 -85.73 4.71
C ASP OA 3 -59.73 -86.21 3.27
N THR OA 4 -60.56 -87.16 2.83
CA THR OA 4 -60.46 -87.64 1.45
C THR OA 4 -60.79 -86.54 0.46
N ALA OA 5 -61.67 -85.60 0.85
CA ALA OA 5 -61.99 -84.48 -0.01
C ALA OA 5 -60.74 -83.67 -0.32
N ALA OA 6 -59.93 -83.39 0.71
CA ALA OA 6 -58.66 -82.70 0.49
C ALA OA 6 -57.74 -83.52 -0.41
N LYS OA 7 -57.92 -84.84 -0.44
CA LYS OA 7 -57.17 -85.66 -1.37
C LYS OA 7 -57.84 -85.71 -2.73
N PHE OA 8 -59.13 -86.08 -2.75
CA PHE OA 8 -59.80 -86.29 -4.03
C PHE OA 8 -60.84 -85.21 -4.32
N ILE OA 9 -61.80 -85.01 -3.41
CA ILE OA 9 -63.01 -84.30 -3.78
C ILE OA 9 -62.89 -82.80 -3.53
N GLY OA 10 -62.72 -82.42 -2.27
CA GLY OA 10 -62.70 -81.00 -1.93
C GLY OA 10 -61.52 -80.27 -2.52
N ALA OA 11 -60.49 -81.01 -2.91
CA ALA OA 11 -59.33 -80.41 -3.57
C ALA OA 11 -59.67 -79.97 -4.99
N GLY OA 12 -60.97 -79.89 -5.32
CA GLY OA 12 -61.38 -79.70 -6.71
C GLY OA 12 -60.84 -78.45 -7.38
N ALA OA 13 -60.07 -77.64 -6.65
CA ALA OA 13 -59.56 -76.40 -7.22
C ALA OA 13 -58.05 -76.40 -7.45
N ALA OA 14 -57.29 -77.23 -6.76
CA ALA OA 14 -55.84 -77.13 -6.73
C ALA OA 14 -55.19 -77.35 -8.08
N THR OA 15 -55.90 -77.92 -9.05
CA THR OA 15 -55.35 -78.21 -10.36
C THR OA 15 -55.68 -77.15 -11.39
N VAL OA 16 -56.10 -75.96 -10.96
CA VAL OA 16 -56.72 -74.98 -11.85
C VAL OA 16 -55.69 -74.15 -12.62
N GLY OA 17 -54.42 -74.52 -12.57
CA GLY OA 17 -53.39 -73.69 -13.19
C GLY OA 17 -53.44 -73.61 -14.71
N VAL OA 18 -54.52 -74.07 -15.33
CA VAL OA 18 -54.60 -74.09 -16.80
C VAL OA 18 -55.49 -72.99 -17.36
N ALA OA 19 -56.07 -72.14 -16.52
CA ALA OA 19 -56.99 -71.12 -17.01
C ALA OA 19 -56.32 -70.23 -18.05
N GLY OA 20 -55.17 -69.65 -17.70
CA GLY OA 20 -54.42 -68.89 -18.68
C GLY OA 20 -53.85 -69.78 -19.77
N SER OA 21 -53.56 -71.03 -19.42
CA SER OA 21 -53.00 -71.96 -20.39
C SER OA 21 -53.93 -72.14 -21.58
N GLY OA 22 -55.20 -72.48 -21.33
CA GLY OA 22 -56.14 -72.60 -22.42
C GLY OA 22 -56.48 -71.25 -23.04
N ALA OA 23 -56.65 -70.23 -22.20
CA ALA OA 23 -57.03 -68.92 -22.71
C ALA OA 23 -55.96 -68.35 -23.63
N GLY OA 24 -54.69 -68.49 -23.25
CA GLY OA 24 -53.62 -67.98 -24.08
C GLY OA 24 -53.53 -68.68 -25.42
N ILE OA 25 -54.01 -69.92 -25.48
CA ILE OA 25 -53.93 -70.68 -26.73
C ILE OA 25 -54.63 -69.93 -27.85
N GLY OA 26 -55.88 -69.53 -27.61
CA GLY OA 26 -56.56 -68.69 -28.58
C GLY OA 26 -55.83 -67.38 -28.77
N THR OA 27 -55.29 -66.83 -27.68
CA THR OA 27 -54.49 -65.62 -27.80
C THR OA 27 -53.23 -65.88 -28.61
N VAL OA 28 -52.42 -66.87 -28.20
CA VAL OA 28 -51.19 -67.16 -28.92
C VAL OA 28 -51.50 -67.54 -30.35
N PHE OA 29 -52.67 -68.11 -30.58
CA PHE OA 29 -53.09 -68.41 -31.95
C PHE OA 29 -53.26 -67.16 -32.79
N GLY OA 30 -53.95 -66.15 -32.26
CA GLY OA 30 -54.33 -65.02 -33.09
C GLY OA 30 -53.14 -64.36 -33.75
N SER OA 31 -52.05 -64.17 -33.01
CA SER OA 31 -50.87 -63.54 -33.58
C SER OA 31 -50.28 -64.38 -34.70
N LEU OA 32 -50.04 -65.66 -34.43
CA LEU OA 32 -49.65 -66.56 -35.52
C LEU OA 32 -50.71 -66.56 -36.61
N ILE OA 33 -51.98 -66.53 -36.22
CA ILE OA 33 -53.06 -66.40 -37.20
C ILE OA 33 -52.94 -65.08 -37.94
N ILE OA 34 -52.70 -64.01 -37.19
CA ILE OA 34 -52.38 -62.73 -37.83
C ILE OA 34 -51.08 -62.85 -38.61
N GLY OA 35 -50.10 -63.56 -38.03
CA GLY OA 35 -48.77 -63.65 -38.61
C GLY OA 35 -48.73 -64.22 -40.01
N TYR OA 36 -49.46 -65.31 -40.25
CA TYR OA 36 -49.52 -65.87 -41.59
C TYR OA 36 -50.10 -64.87 -42.58
N ALA OA 37 -51.15 -64.15 -42.17
CA ALA OA 37 -51.58 -63.02 -42.98
C ALA OA 37 -50.52 -61.94 -42.99
N ARG OA 38 -49.90 -61.66 -41.84
CA ARG OA 38 -48.90 -60.60 -41.76
C ARG OA 38 -47.60 -60.98 -42.46
N ASN OA 39 -47.22 -62.25 -42.42
CA ASN OA 39 -46.01 -62.73 -43.07
C ASN OA 39 -46.08 -64.25 -43.18
N PRO OA 40 -46.85 -64.77 -44.13
CA PRO OA 40 -46.79 -66.22 -44.40
C PRO OA 40 -45.43 -66.66 -44.87
N SER OA 41 -44.55 -65.72 -45.23
CA SER OA 41 -43.22 -66.05 -45.69
C SER OA 41 -42.51 -66.97 -44.71
N LEU OA 42 -42.56 -66.63 -43.43
CA LEU OA 42 -41.85 -67.41 -42.43
C LEU OA 42 -42.73 -68.49 -41.83
N M3L OA 43 -43.77 -68.90 -42.56
CA M3L OA 43 -44.70 -69.90 -42.08
CB M3L OA 43 -45.61 -70.42 -43.20
C M3L OA 43 -44.01 -71.11 -41.46
O M3L OA 43 -44.38 -71.63 -40.41
N GLN OA 44 -42.96 -71.55 -42.14
CA GLN OA 44 -42.17 -72.67 -41.65
C GLN OA 44 -41.26 -72.23 -40.50
N GLN OA 45 -40.61 -71.09 -40.67
CA GLN OA 45 -39.89 -70.51 -39.54
C GLN OA 45 -40.84 -70.28 -38.38
N LEU OA 46 -42.06 -69.83 -38.68
CA LEU OA 46 -43.11 -69.83 -37.69
C LEU OA 46 -43.41 -71.24 -37.23
N PHE OA 47 -43.49 -72.18 -38.18
CA PHE OA 47 -43.75 -73.57 -37.80
C PHE OA 47 -42.68 -74.09 -36.86
N SER OA 48 -41.45 -73.64 -37.03
CA SER OA 48 -40.41 -73.95 -36.05
C SER OA 48 -40.83 -73.53 -34.65
N TYR OA 49 -41.57 -72.44 -34.54
CA TYR OA 49 -42.10 -72.02 -33.25
C TYR OA 49 -43.57 -72.39 -33.09
N ALA OA 50 -44.32 -72.48 -34.19
CA ALA OA 50 -45.74 -72.81 -34.08
C ALA OA 50 -45.93 -74.12 -33.33
N ILE OA 51 -45.02 -75.08 -33.54
CA ILE OA 51 -44.98 -76.25 -32.68
C ILE OA 51 -44.53 -75.84 -31.28
N LEU OA 52 -43.47 -75.04 -31.19
CA LEU OA 52 -42.89 -74.72 -29.89
C LEU OA 52 -43.76 -73.73 -29.13
N GLY OA 53 -44.28 -72.71 -29.83
CA GLY OA 53 -45.00 -71.63 -29.15
C GLY OA 53 -46.32 -72.08 -28.54
N PHE OA 54 -47.06 -72.91 -29.28
CA PHE OA 54 -48.37 -73.35 -28.81
C PHE OA 54 -48.24 -74.14 -27.51
N ALA OA 55 -47.09 -74.77 -27.30
CA ALA OA 55 -46.85 -75.52 -26.08
C ALA OA 55 -46.89 -74.61 -24.85
N LEU OA 56 -46.36 -73.40 -24.97
CA LEU OA 56 -46.39 -72.46 -23.85
C LEU OA 56 -47.81 -72.30 -23.32
N SER OA 57 -48.78 -72.08 -24.22
CA SER OA 57 -50.17 -72.13 -23.81
C SER OA 57 -50.54 -73.52 -23.33
N GLU OA 58 -50.10 -74.55 -24.03
CA GLU OA 58 -50.48 -75.91 -23.67
C GLU OA 58 -49.85 -76.33 -22.35
N ALA OA 59 -48.53 -76.23 -22.23
CA ALA OA 59 -47.85 -76.79 -21.08
C ALA OA 59 -48.10 -75.98 -19.81
N MET OA 60 -48.74 -74.81 -19.96
CA MET OA 60 -48.82 -73.88 -18.85
C MET OA 60 -49.60 -74.44 -17.67
N GLY OA 61 -50.67 -75.19 -17.93
CA GLY OA 61 -51.52 -75.63 -16.84
C GLY OA 61 -51.08 -76.95 -16.23
N LEU OA 62 -49.92 -77.44 -16.66
CA LEU OA 62 -49.53 -78.82 -16.35
C LEU OA 62 -49.33 -79.06 -14.87
N PHE OA 63 -48.52 -78.24 -14.20
CA PHE OA 63 -48.08 -78.55 -12.85
C PHE OA 63 -49.26 -78.64 -11.88
N CYS OA 64 -50.21 -77.71 -11.99
CA CYS OA 64 -51.37 -77.73 -11.11
C CYS OA 64 -52.16 -79.01 -11.28
N LEU OA 65 -52.40 -79.43 -12.52
CA LEU OA 65 -53.08 -80.70 -12.75
C LEU OA 65 -52.21 -81.89 -12.36
N MET OA 66 -50.88 -81.70 -12.32
CA MET OA 66 -49.98 -82.83 -12.14
C MET OA 66 -50.15 -83.48 -10.77
N VAL OA 67 -50.26 -82.67 -9.71
CA VAL OA 67 -50.20 -83.21 -8.34
C VAL OA 67 -51.55 -83.80 -7.93
N ALA OA 68 -52.63 -83.36 -8.59
CA ALA OA 68 -53.97 -83.70 -8.13
C ALA OA 68 -54.18 -85.21 -8.07
N PHE OA 69 -53.74 -85.93 -9.11
CA PHE OA 69 -53.82 -87.38 -9.07
C PHE OA 69 -53.05 -87.93 -7.88
N LEU OA 70 -51.82 -87.47 -7.69
CA LEU OA 70 -51.06 -87.82 -6.49
C LEU OA 70 -51.77 -87.33 -5.25
N ILE OA 71 -52.35 -86.13 -5.30
CA ILE OA 71 -53.10 -85.62 -4.16
C ILE OA 71 -54.19 -86.60 -3.78
N LEU OA 72 -54.81 -87.23 -4.77
CA LEU OA 72 -55.77 -88.29 -4.47
C LEU OA 72 -55.09 -89.65 -4.33
N PHE OA 73 -54.05 -89.93 -5.11
CA PHE OA 73 -53.42 -91.25 -5.10
C PHE OA 73 -52.33 -91.34 -4.04
N ALA OA 74 -52.13 -90.27 -3.27
CA ALA OA 74 -51.14 -90.26 -2.21
C ALA OA 74 -51.42 -89.06 -1.31
N ASP PA 1 -73.43 -83.61 6.44
CA ASP PA 1 -73.87 -82.35 5.86
C ASP PA 1 -72.72 -81.62 5.20
N ILE PA 2 -71.86 -81.02 6.02
CA ILE PA 2 -70.70 -80.31 5.49
C ILE PA 2 -69.83 -81.23 4.67
N ASP PA 3 -69.52 -82.42 5.20
CA ASP PA 3 -68.85 -83.42 4.39
C ASP PA 3 -69.76 -83.91 3.28
N THR PA 4 -71.08 -83.95 3.53
CA THR PA 4 -72.02 -84.47 2.54
C THR PA 4 -72.08 -83.60 1.30
N ALA PA 5 -72.29 -82.29 1.48
CA ALA PA 5 -72.34 -81.39 0.34
C ALA PA 5 -70.97 -81.21 -0.29
N ALA PA 6 -69.93 -81.56 0.46
CA ALA PA 6 -68.57 -81.16 0.10
C ALA PA 6 -68.20 -81.61 -1.31
N LYS PA 7 -68.42 -82.88 -1.64
CA LYS PA 7 -68.05 -83.34 -2.97
C LYS PA 7 -68.81 -82.56 -4.03
N PHE PA 8 -70.10 -82.29 -3.79
CA PHE PA 8 -70.84 -81.40 -4.66
C PHE PA 8 -70.41 -79.96 -4.45
N ILE PA 9 -70.12 -79.59 -3.20
CA ILE PA 9 -69.57 -78.26 -2.96
C ILE PA 9 -68.19 -78.13 -3.60
N GLY PA 10 -67.34 -79.15 -3.40
CA GLY PA 10 -66.05 -79.14 -4.07
C GLY PA 10 -66.18 -79.23 -5.57
N ALA PA 11 -67.30 -79.78 -6.05
CA ALA PA 11 -67.56 -79.81 -7.49
C ALA PA 11 -67.64 -78.40 -8.05
N GLY PA 12 -68.13 -77.45 -7.26
CA GLY PA 12 -68.17 -76.07 -7.71
C GLY PA 12 -66.82 -75.40 -7.83
N ALA PA 13 -65.75 -76.07 -7.39
CA ALA PA 13 -64.42 -75.46 -7.36
C ALA PA 13 -63.80 -75.33 -8.74
N ALA PA 14 -63.62 -76.45 -9.45
CA ALA PA 14 -63.08 -76.37 -10.81
C ALA PA 14 -64.12 -75.81 -11.77
N THR PA 15 -65.37 -75.70 -11.33
CA THR PA 15 -66.51 -75.33 -12.15
C THR PA 15 -66.40 -73.94 -12.79
N VAL PA 16 -65.57 -73.03 -12.27
CA VAL PA 16 -65.47 -71.70 -12.90
C VAL PA 16 -64.06 -71.40 -13.39
N GLY PA 17 -63.07 -72.18 -12.99
CA GLY PA 17 -61.68 -71.85 -13.29
C GLY PA 17 -61.24 -72.13 -14.70
N VAL PA 18 -62.11 -72.68 -15.54
CA VAL PA 18 -61.76 -72.97 -16.92
C VAL PA 18 -62.38 -71.93 -17.84
N ALA PA 19 -63.05 -70.94 -17.25
CA ALA PA 19 -63.78 -69.96 -18.05
C ALA PA 19 -62.85 -69.05 -18.84
N GLY PA 20 -61.55 -69.11 -18.56
CA GLY PA 20 -60.60 -68.33 -19.32
C GLY PA 20 -60.67 -68.63 -20.80
N SER PA 21 -60.91 -69.89 -21.16
CA SER PA 21 -61.15 -70.25 -22.54
C SER PA 21 -62.33 -69.47 -23.11
N GLY PA 22 -63.34 -69.20 -22.30
CA GLY PA 22 -64.45 -68.38 -22.75
C GLY PA 22 -63.99 -67.01 -23.22
N ALA PA 23 -63.05 -66.42 -22.48
CA ALA PA 23 -62.32 -65.28 -23.01
C ALA PA 23 -61.27 -65.74 -24.03
N GLY PA 24 -60.69 -66.92 -23.81
CA GLY PA 24 -59.62 -67.38 -24.69
C GLY PA 24 -60.09 -67.81 -26.06
N ILE PA 25 -61.36 -68.20 -26.16
CA ILE PA 25 -61.89 -68.71 -27.44
C ILE PA 25 -61.87 -67.61 -28.50
N GLY PA 26 -62.37 -66.43 -28.17
CA GLY PA 26 -62.43 -65.36 -29.15
C GLY PA 26 -61.08 -64.71 -29.38
N THR PA 27 -60.10 -65.07 -28.55
CA THR PA 27 -58.76 -64.49 -28.67
C THR PA 27 -58.13 -64.83 -30.01
N VAL PA 28 -58.34 -66.05 -30.50
CA VAL PA 28 -58.00 -66.35 -31.87
C VAL PA 28 -58.94 -65.62 -32.82
N PHE PA 29 -60.23 -65.57 -32.48
CA PHE PA 29 -61.25 -65.02 -33.37
C PHE PA 29 -61.00 -63.56 -33.71
N GLY PA 30 -60.25 -62.84 -32.87
CA GLY PA 30 -59.85 -61.51 -33.25
C GLY PA 30 -59.00 -61.50 -34.51
N SER PA 31 -58.00 -62.39 -34.57
CA SER PA 31 -57.27 -62.54 -35.81
C SER PA 31 -58.18 -63.07 -36.90
N LEU PA 32 -59.17 -63.89 -36.51
CA LEU PA 32 -60.24 -64.21 -37.44
C LEU PA 32 -61.02 -62.96 -37.80
N ILE PA 33 -61.32 -62.12 -36.80
CA ILE PA 33 -61.93 -60.82 -37.08
C ILE PA 33 -60.97 -59.95 -37.86
N ILE PA 34 -59.74 -60.43 -38.06
CA ILE PA 34 -58.78 -59.71 -38.88
C ILE PA 34 -58.45 -60.51 -40.14
N GLY PA 35 -58.09 -61.79 -39.96
CA GLY PA 35 -57.43 -62.57 -41.00
C GLY PA 35 -58.19 -62.71 -42.30
N TYR PA 36 -59.29 -63.47 -42.32
CA TYR PA 36 -60.08 -63.58 -43.53
C TYR PA 36 -60.51 -62.21 -44.03
N ALA PA 37 -60.82 -61.29 -43.12
CA ALA PA 37 -61.11 -59.91 -43.47
C ALA PA 37 -59.93 -59.24 -44.16
N ARG PA 38 -58.70 -59.65 -43.86
CA ARG PA 38 -57.53 -59.07 -44.49
C ARG PA 38 -56.87 -60.07 -45.44
N ASN PA 39 -57.20 -61.34 -45.33
CA ASN PA 39 -56.62 -62.35 -46.20
C ASN PA 39 -57.46 -63.62 -46.18
N PRO PA 40 -58.69 -63.58 -46.68
CA PRO PA 40 -59.46 -64.82 -46.80
C PRO PA 40 -58.79 -65.83 -47.72
N SER PA 41 -58.00 -65.37 -48.69
CA SER PA 41 -57.32 -66.26 -49.62
C SER PA 41 -56.39 -67.23 -48.92
N LEU PA 42 -55.69 -66.77 -47.89
CA LEU PA 42 -54.84 -67.67 -47.13
C LEU PA 42 -55.66 -68.20 -45.98
N M3L PA 43 -56.80 -67.58 -45.73
CA M3L PA 43 -57.74 -68.14 -44.79
CB M3L PA 43 -58.79 -67.13 -44.31
C M3L PA 43 -58.47 -69.32 -45.42
O M3L PA 43 -59.66 -69.58 -45.25
N GLN PA 44 -57.70 -70.05 -46.21
CA GLN PA 44 -58.15 -71.24 -46.88
C GLN PA 44 -57.20 -72.30 -46.38
N GLN PA 45 -56.23 -71.83 -45.63
CA GLN PA 45 -55.32 -72.61 -44.82
C GLN PA 45 -55.22 -72.06 -43.41
N LEU PA 46 -55.26 -70.73 -43.27
CA LEU PA 46 -55.43 -70.16 -41.95
C LEU PA 46 -56.74 -70.62 -41.33
N PHE PA 47 -57.78 -70.77 -42.16
CA PHE PA 47 -59.00 -71.40 -41.69
C PHE PA 47 -58.71 -72.78 -41.12
N SER PA 48 -57.85 -73.55 -41.77
CA SER PA 48 -57.42 -74.82 -41.20
C SER PA 48 -56.70 -74.58 -39.88
N TYR PA 49 -55.83 -73.56 -39.84
CA TYR PA 49 -55.27 -73.14 -38.56
C TYR PA 49 -56.37 -72.63 -37.65
N ALA PA 50 -57.33 -71.89 -38.20
CA ALA PA 50 -58.49 -71.47 -37.42
C ALA PA 50 -59.30 -72.66 -36.96
N ILE PA 51 -59.38 -73.70 -37.80
CA ILE PA 51 -60.06 -74.93 -37.39
C ILE PA 51 -59.38 -75.49 -36.15
N LEU PA 52 -58.05 -75.54 -36.14
CA LEU PA 52 -57.35 -75.93 -34.92
C LEU PA 52 -57.59 -74.92 -33.81
N GLY PA 53 -57.51 -73.63 -34.12
CA GLY PA 53 -57.66 -72.62 -33.08
C GLY PA 53 -59.05 -72.59 -32.48
N PHE PA 54 -60.09 -72.60 -33.33
CA PHE PA 54 -61.46 -72.55 -32.82
C PHE PA 54 -61.77 -73.77 -31.97
N ALA PA 55 -61.34 -74.94 -32.42
CA ALA PA 55 -61.60 -76.17 -31.69
C ALA PA 55 -60.81 -76.23 -30.39
N LEU PA 56 -59.56 -75.76 -30.42
CA LEU PA 56 -58.67 -75.93 -29.27
C LEU PA 56 -59.15 -75.19 -28.03
N SER PA 57 -60.11 -74.27 -28.17
CA SER PA 57 -60.53 -73.42 -27.07
C SER PA 57 -61.03 -74.18 -25.86
N GLU PA 58 -61.90 -75.17 -26.02
CA GLU PA 58 -62.51 -75.85 -24.89
C GLU PA 58 -61.62 -76.92 -24.28
N ALA PA 59 -60.30 -76.86 -24.50
CA ALA PA 59 -59.41 -77.93 -24.09
C ALA PA 59 -59.50 -78.22 -22.59
N MET PA 60 -59.50 -77.18 -21.76
CA MET PA 60 -59.58 -77.40 -20.32
C MET PA 60 -61.03 -77.46 -19.84
N GLY PA 61 -61.93 -76.79 -20.55
CA GLY PA 61 -63.28 -76.59 -20.04
C GLY PA 61 -64.01 -77.90 -19.78
N LEU PA 62 -64.00 -78.80 -20.75
CA LEU PA 62 -64.66 -80.09 -20.56
C LEU PA 62 -64.00 -80.89 -19.45
N PHE PA 63 -62.67 -80.91 -19.40
CA PHE PA 63 -61.97 -81.63 -18.35
C PHE PA 63 -62.34 -81.10 -16.98
N CYS PA 64 -62.40 -79.77 -16.85
CA CYS PA 64 -62.91 -79.18 -15.62
C CYS PA 64 -64.37 -79.54 -15.42
N LEU PA 65 -65.16 -79.49 -16.49
CA LEU PA 65 -66.56 -79.86 -16.40
C LEU PA 65 -66.74 -81.33 -16.07
N MET PA 66 -65.85 -82.18 -16.60
CA MET PA 66 -65.93 -83.61 -16.33
C MET PA 66 -65.79 -83.90 -14.85
N VAL PA 67 -64.85 -83.23 -14.20
CA VAL PA 67 -64.59 -83.48 -12.78
C VAL PA 67 -65.84 -83.21 -11.96
N ALA PA 68 -66.64 -82.24 -12.38
CA ALA PA 68 -67.88 -81.94 -11.66
C ALA PA 68 -68.76 -83.18 -11.59
N PHE PA 69 -68.98 -83.84 -12.72
CA PHE PA 69 -69.62 -85.14 -12.69
C PHE PA 69 -68.79 -86.15 -11.92
N LEU PA 70 -67.47 -86.13 -12.11
CA LEU PA 70 -66.60 -87.04 -11.39
C LEU PA 70 -66.69 -86.81 -9.89
N ILE PA 71 -66.70 -85.55 -9.46
CA ILE PA 71 -66.93 -85.26 -8.05
C ILE PA 71 -68.26 -85.83 -7.61
N LEU PA 72 -69.27 -85.75 -8.48
CA LEU PA 72 -70.56 -86.34 -8.18
C LEU PA 72 -70.55 -87.84 -8.39
N PHE PA 73 -70.26 -88.29 -9.62
CA PHE PA 73 -70.40 -89.69 -9.98
C PHE PA 73 -69.11 -90.48 -9.77
N ALA PA 74 -68.26 -90.04 -8.86
CA ALA PA 74 -67.06 -90.78 -8.47
C ALA PA 74 -66.48 -90.17 -7.21
N ASP QA 1 -79.21 -75.25 4.02
CA ASP QA 1 -78.86 -76.64 4.26
C ASP QA 1 -77.69 -77.07 3.37
N ILE QA 2 -76.86 -77.97 3.90
CA ILE QA 2 -75.67 -78.40 3.17
C ILE QA 2 -76.05 -79.21 1.95
N ASP QA 3 -76.79 -80.31 2.13
CA ASP QA 3 -77.20 -81.11 0.99
C ASP QA 3 -77.98 -80.27 -0.01
N THR QA 4 -78.74 -79.29 0.49
CA THR QA 4 -79.31 -78.28 -0.39
C THR QA 4 -78.21 -77.46 -1.04
N ALA QA 5 -77.22 -77.03 -0.26
CA ALA QA 5 -76.10 -76.27 -0.82
C ALA QA 5 -75.39 -77.09 -1.88
N ALA QA 6 -75.36 -78.42 -1.74
CA ALA QA 6 -74.84 -79.27 -2.80
C ALA QA 6 -75.59 -79.01 -4.10
N LYS QA 7 -76.88 -78.66 -4.01
CA LYS QA 7 -77.62 -78.33 -5.21
C LYS QA 7 -77.88 -76.82 -5.31
N PHE QA 8 -78.27 -76.20 -4.19
CA PHE QA 8 -78.80 -74.85 -4.25
C PHE QA 8 -77.74 -73.79 -3.98
N ILE QA 9 -77.17 -73.76 -2.78
CA ILE QA 9 -76.34 -72.63 -2.39
C ILE QA 9 -75.06 -72.57 -3.20
N GLY QA 10 -74.50 -73.73 -3.54
CA GLY QA 10 -73.26 -73.74 -4.30
C GLY QA 10 -73.40 -73.14 -5.68
N ALA QA 11 -74.63 -73.09 -6.19
CA ALA QA 11 -74.87 -72.55 -7.53
C ALA QA 11 -74.49 -71.09 -7.62
N GLY QA 12 -74.44 -70.39 -6.49
CA GLY QA 12 -73.99 -69.01 -6.51
C GLY QA 12 -72.58 -68.88 -7.05
N ALA QA 13 -71.72 -69.85 -6.73
CA ALA QA 13 -70.39 -69.89 -7.30
C ALA QA 13 -70.46 -70.01 -8.82
N ALA QA 14 -71.49 -70.68 -9.33
CA ALA QA 14 -71.59 -70.89 -10.77
C ALA QA 14 -71.86 -69.59 -11.51
N THR QA 15 -72.22 -68.52 -10.78
CA THR QA 15 -72.52 -67.25 -11.43
C THR QA 15 -71.29 -66.57 -12.02
N VAL QA 16 -70.12 -67.20 -11.94
CA VAL QA 16 -68.89 -66.58 -12.44
C VAL QA 16 -68.50 -67.01 -13.83
N GLY QA 17 -68.74 -68.27 -14.21
CA GLY QA 17 -68.27 -68.77 -15.49
C GLY QA 17 -68.91 -68.06 -16.67
N VAL QA 18 -70.13 -67.55 -16.48
CA VAL QA 18 -70.86 -66.90 -17.56
C VAL QA 18 -70.11 -65.72 -18.15
N ALA QA 19 -69.58 -64.85 -17.31
CA ALA QA 19 -68.83 -63.70 -17.81
C ALA QA 19 -67.49 -64.12 -18.39
N GLY QA 20 -67.11 -65.38 -18.21
CA GLY QA 20 -65.87 -65.86 -18.78
C GLY QA 20 -65.82 -65.65 -20.28
N SER QA 21 -66.89 -66.03 -20.97
CA SER QA 21 -67.07 -65.55 -22.34
C SER QA 21 -67.35 -64.06 -22.36
N GLY QA 22 -68.15 -63.58 -21.40
CA GLY QA 22 -68.50 -62.17 -21.38
C GLY QA 22 -67.28 -61.27 -21.30
N ALA QA 23 -66.23 -61.74 -20.62
CA ALA QA 23 -64.95 -61.04 -20.69
C ALA QA 23 -64.42 -61.03 -22.11
N GLY QA 24 -64.33 -62.21 -22.74
CA GLY QA 24 -63.85 -62.26 -24.11
C GLY QA 24 -64.80 -61.60 -25.09
N ILE QA 25 -66.05 -61.41 -24.67
CA ILE QA 25 -67.05 -60.84 -25.57
C ILE QA 25 -66.62 -59.47 -26.04
N GLY QA 26 -66.25 -58.58 -25.11
CA GLY QA 26 -65.72 -57.29 -25.50
C GLY QA 26 -64.50 -57.45 -26.39
N THR QA 27 -63.66 -58.44 -26.06
CA THR QA 27 -62.53 -58.76 -26.92
C THR QA 27 -62.99 -59.28 -28.27
N VAL QA 28 -63.97 -60.20 -28.26
CA VAL QA 28 -64.42 -60.77 -29.52
C VAL QA 28 -65.12 -59.71 -30.36
N PHE QA 29 -66.05 -58.98 -29.77
CA PHE QA 29 -66.89 -58.06 -30.52
C PHE QA 29 -66.14 -56.87 -31.08
N GLY QA 30 -65.22 -56.29 -30.33
CA GLY QA 30 -64.46 -55.16 -30.81
C GLY QA 30 -63.58 -55.56 -31.98
N SER QA 31 -63.10 -56.80 -31.95
CA SER QA 31 -62.22 -57.29 -33.00
C SER QA 31 -62.90 -57.20 -34.36
N LEU QA 32 -64.20 -57.45 -34.41
CA LEU QA 32 -64.95 -57.21 -35.63
C LEU QA 32 -64.94 -55.72 -35.97
N ILE QA 33 -65.24 -54.89 -34.98
CA ILE QA 33 -65.11 -53.45 -35.16
C ILE QA 33 -63.68 -53.10 -35.52
N ILE QA 34 -62.74 -53.80 -34.88
CA ILE QA 34 -61.35 -53.69 -35.29
C ILE QA 34 -61.19 -54.18 -36.72
N GLY QA 35 -61.82 -55.31 -37.05
CA GLY QA 35 -61.88 -55.71 -38.44
C GLY QA 35 -62.51 -54.65 -39.31
N TYR QA 36 -63.49 -53.94 -38.77
CA TYR QA 36 -64.05 -52.78 -39.47
C TYR QA 36 -63.09 -51.60 -39.40
N ALA QA 37 -62.45 -51.40 -38.25
CA ALA QA 37 -61.58 -50.24 -38.09
C ALA QA 37 -60.42 -50.26 -39.07
N ARG QA 38 -59.76 -51.42 -39.22
CA ARG QA 38 -58.64 -51.51 -40.13
C ARG QA 38 -59.10 -51.88 -41.53
N ASN QA 39 -60.11 -52.71 -41.65
CA ASN QA 39 -60.57 -53.14 -42.95
C ASN QA 39 -62.07 -52.84 -43.07
N PRO QA 40 -62.44 -51.56 -43.13
CA PRO QA 40 -63.86 -51.21 -43.33
C PRO QA 40 -64.42 -51.79 -44.61
N SER QA 41 -63.60 -51.97 -45.64
CA SER QA 41 -64.06 -52.59 -46.86
C SER QA 41 -64.40 -54.07 -46.68
N LEU QA 42 -63.83 -54.72 -45.67
CA LEU QA 42 -64.10 -56.13 -45.46
C LEU QA 42 -65.51 -56.34 -44.95
N M3L QA 43 -66.08 -55.28 -44.36
CA M3L QA 43 -67.38 -55.39 -43.73
CB M3L QA 43 -67.78 -54.05 -43.10
C M3L QA 43 -68.54 -55.79 -44.63
O M3L QA 43 -69.52 -55.07 -44.82
N GLN QA 44 -68.44 -56.99 -45.20
CA GLN QA 44 -69.49 -57.51 -46.06
C GLN QA 44 -69.26 -58.98 -46.35
N GLN QA 45 -68.08 -59.45 -45.97
CA GLN QA 45 -67.74 -60.85 -46.01
C GLN QA 45 -67.28 -61.37 -44.66
N LEU QA 46 -66.61 -60.52 -43.88
CA LEU QA 46 -66.57 -60.75 -42.45
C LEU QA 46 -67.98 -60.69 -41.87
N PHE QA 47 -68.78 -59.74 -42.33
CA PHE QA 47 -70.19 -59.72 -41.96
C PHE QA 47 -70.85 -61.07 -42.28
N SER QA 48 -70.46 -61.67 -43.40
CA SER QA 48 -70.83 -63.05 -43.64
C SER QA 48 -70.23 -63.96 -42.57
N TYR QA 49 -68.91 -63.82 -42.35
CA TYR QA 49 -68.25 -64.64 -41.33
C TYR QA 49 -68.68 -64.23 -39.93
N ALA QA 50 -69.40 -63.10 -39.82
CA ALA QA 50 -69.76 -62.58 -38.51
C ALA QA 50 -70.62 -63.56 -37.72
N ILE QA 51 -71.43 -64.36 -38.42
CA ILE QA 51 -72.26 -65.34 -37.72
C ILE QA 51 -71.40 -66.27 -36.88
N LEU QA 52 -70.24 -66.66 -37.43
CA LEU QA 52 -69.32 -67.51 -36.68
C LEU QA 52 -68.88 -66.83 -35.40
N GLY QA 53 -68.51 -65.55 -35.47
CA GLY QA 53 -68.08 -64.85 -34.29
C GLY QA 53 -69.17 -64.76 -33.23
N PHE QA 54 -70.41 -64.52 -33.66
CA PHE QA 54 -71.51 -64.45 -32.71
C PHE QA 54 -71.67 -65.77 -31.97
N ALA QA 55 -71.31 -66.87 -32.63
CA ALA QA 55 -71.39 -68.18 -31.99
C ALA QA 55 -70.06 -68.56 -31.35
N LEU QA 56 -69.00 -67.81 -31.66
CA LEU QA 56 -67.65 -68.26 -31.36
C LEU QA 56 -67.34 -68.34 -29.87
N SER QA 57 -67.75 -67.37 -29.06
CA SER QA 57 -67.23 -67.24 -27.71
C SER QA 57 -68.22 -67.61 -26.62
N GLU QA 58 -69.54 -67.47 -26.87
CA GLU QA 58 -70.52 -67.59 -25.80
C GLU QA 58 -70.57 -68.98 -25.19
N ALA QA 59 -69.67 -69.87 -25.61
CA ALA QA 59 -69.59 -71.20 -25.00
C ALA QA 59 -69.50 -71.09 -23.48
N MET QA 60 -68.76 -70.10 -22.98
CA MET QA 60 -68.75 -69.85 -21.54
C MET QA 60 -69.86 -68.90 -21.13
N GLY QA 61 -70.52 -68.26 -22.10
CA GLY QA 61 -71.48 -67.21 -21.79
C GLY QA 61 -72.71 -67.70 -21.04
N LEU QA 62 -73.32 -68.80 -21.50
CA LEU QA 62 -74.53 -69.28 -20.85
C LEU QA 62 -74.29 -70.58 -20.08
N PHE QA 63 -73.10 -71.17 -20.24
CA PHE QA 63 -72.87 -72.53 -19.77
C PHE QA 63 -72.95 -72.65 -18.25
N CYS QA 64 -72.35 -71.69 -17.53
CA CYS QA 64 -72.28 -71.79 -16.09
C CYS QA 64 -73.67 -71.78 -15.46
N LEU QA 65 -74.57 -70.96 -16.01
CA LEU QA 65 -75.95 -70.96 -15.53
C LEU QA 65 -76.62 -72.31 -15.74
N MET QA 66 -76.40 -72.92 -16.90
CA MET QA 66 -76.99 -74.24 -17.16
C MET QA 66 -76.27 -75.33 -16.37
N VAL QA 67 -75.06 -75.04 -15.89
CA VAL QA 67 -74.28 -76.05 -15.17
C VAL QA 67 -74.98 -76.45 -13.88
N ALA QA 68 -75.65 -75.50 -13.24
CA ALA QA 68 -76.30 -75.79 -11.96
C ALA QA 68 -77.50 -76.72 -12.13
N PHE QA 69 -78.40 -76.39 -13.07
CA PHE QA 69 -79.69 -77.07 -13.15
C PHE QA 69 -79.52 -78.56 -13.42
N LEU QA 70 -78.56 -78.92 -14.28
CA LEU QA 70 -78.27 -80.33 -14.52
C LEU QA 70 -77.82 -81.03 -13.25
N ILE QA 71 -77.17 -80.30 -12.34
CA ILE QA 71 -76.71 -80.90 -11.09
C ILE QA 71 -77.68 -80.60 -9.96
N LEU QA 72 -78.22 -79.37 -9.94
CA LEU QA 72 -79.16 -79.00 -8.88
C LEU QA 72 -80.42 -79.83 -8.96
N PHE QA 73 -80.93 -80.06 -10.17
CA PHE QA 73 -82.16 -80.83 -10.35
C PHE QA 73 -81.84 -82.29 -10.61
N ALA QA 74 -81.05 -82.56 -11.64
CA ALA QA 74 -80.71 -83.94 -12.00
C ALA QA 74 -79.43 -84.37 -11.32
N ASP RA 1 -79.94 -68.81 9.07
CA ASP RA 1 -80.29 -70.21 9.09
C ASP RA 1 -79.63 -70.96 7.94
N ILE RA 2 -79.69 -72.28 8.01
CA ILE RA 2 -79.06 -73.12 6.99
C ILE RA 2 -79.61 -72.78 5.62
N ASP RA 3 -80.94 -72.77 5.48
CA ASP RA 3 -81.54 -72.29 4.24
C ASP RA 3 -81.31 -70.80 4.07
N THR RA 4 -81.40 -70.04 5.17
CA THR RA 4 -81.23 -68.61 5.08
C THR RA 4 -79.84 -68.24 4.58
N ALA RA 5 -78.81 -68.88 5.11
CA ALA RA 5 -77.46 -68.66 4.59
C ALA RA 5 -77.38 -69.04 3.12
N ALA RA 6 -77.94 -70.21 2.77
CA ALA RA 6 -77.97 -70.62 1.37
C ALA RA 6 -78.59 -69.54 0.50
N LYS RA 7 -79.73 -69.00 0.92
CA LYS RA 7 -80.34 -67.87 0.23
C LYS RA 7 -79.49 -66.61 0.34
N PHE RA 8 -79.12 -66.22 1.56
CA PHE RA 8 -78.42 -64.96 1.75
C PHE RA 8 -77.07 -64.97 1.04
N ILE RA 9 -76.36 -66.10 1.10
CA ILE RA 9 -75.15 -66.23 0.30
C ILE RA 9 -75.50 -66.37 -1.16
N GLY RA 10 -76.40 -67.31 -1.48
CA GLY RA 10 -76.70 -67.59 -2.87
C GLY RA 10 -77.23 -66.38 -3.63
N ALA RA 11 -78.06 -65.56 -2.97
CA ALA RA 11 -78.68 -64.44 -3.66
C ALA RA 11 -77.64 -63.46 -4.17
N GLY RA 12 -76.75 -63.02 -3.28
CA GLY RA 12 -75.66 -62.16 -3.72
C GLY RA 12 -74.71 -62.89 -4.66
N ALA RA 13 -74.45 -64.17 -4.38
CA ALA RA 13 -73.53 -64.97 -5.17
C ALA RA 13 -74.00 -65.18 -6.59
N ALA RA 14 -75.30 -65.12 -6.86
CA ALA RA 14 -75.82 -65.31 -8.20
C ALA RA 14 -75.50 -64.16 -9.15
N THR RA 15 -74.93 -63.07 -8.64
CA THR RA 15 -74.64 -61.91 -9.48
C THR RA 15 -73.19 -61.89 -9.99
N VAL RA 16 -72.46 -63.01 -9.91
CA VAL RA 16 -71.03 -63.00 -10.17
C VAL RA 16 -70.67 -62.75 -11.63
N GLY RA 17 -71.66 -62.68 -12.52
CA GLY RA 17 -71.38 -62.42 -13.91
C GLY RA 17 -71.65 -60.98 -14.31
N VAL RA 18 -72.03 -60.14 -13.35
CA VAL RA 18 -72.45 -58.79 -13.64
C VAL RA 18 -71.33 -57.93 -14.24
N ALA RA 19 -70.08 -58.12 -13.80
CA ALA RA 19 -69.00 -57.23 -14.22
C ALA RA 19 -68.71 -57.36 -15.71
N GLY RA 20 -69.16 -58.44 -16.35
CA GLY RA 20 -68.88 -58.62 -17.76
C GLY RA 20 -69.54 -57.56 -18.62
N SER RA 21 -70.62 -56.96 -18.12
CA SER RA 21 -71.33 -55.94 -18.89
C SER RA 21 -70.46 -54.73 -19.15
N GLY RA 22 -70.08 -54.01 -18.09
CA GLY RA 22 -69.25 -52.83 -18.26
C GLY RA 22 -67.90 -53.17 -18.86
N ALA RA 23 -67.31 -54.27 -18.39
CA ALA RA 23 -65.99 -54.67 -18.90
C ALA RA 23 -66.05 -55.03 -20.38
N GLY RA 24 -66.99 -55.90 -20.75
CA GLY RA 24 -67.13 -56.23 -22.16
C GLY RA 24 -67.44 -55.00 -22.99
N ILE RA 25 -68.28 -54.12 -22.45
CA ILE RA 25 -68.58 -52.87 -23.16
C ILE RA 25 -67.31 -52.06 -23.38
N GLY RA 26 -66.55 -51.81 -22.31
CA GLY RA 26 -65.37 -50.99 -22.43
C GLY RA 26 -64.33 -51.60 -23.36
N THR RA 27 -64.14 -52.92 -23.25
CA THR RA 27 -63.20 -53.59 -24.14
C THR RA 27 -63.56 -53.34 -25.60
N VAL RA 28 -64.80 -53.62 -25.98
CA VAL RA 28 -65.24 -53.36 -27.34
C VAL RA 28 -65.23 -51.85 -27.61
N PHE RA 29 -65.52 -51.06 -26.58
CA PHE RA 29 -65.62 -49.62 -26.77
C PHE RA 29 -64.34 -49.02 -27.32
N GLY RA 30 -63.19 -49.50 -26.86
CA GLY RA 30 -61.93 -48.96 -27.34
C GLY RA 30 -61.76 -49.10 -28.83
N SER RA 31 -62.24 -50.22 -29.38
CA SER RA 31 -62.09 -50.48 -30.81
C SER RA 31 -62.88 -49.46 -31.64
N LEU RA 32 -64.15 -49.26 -31.30
CA LEU RA 32 -64.93 -48.23 -31.97
C LEU RA 32 -64.27 -46.87 -31.82
N ILE RA 33 -63.78 -46.58 -30.62
CA ILE RA 33 -62.97 -45.38 -30.44
C ILE RA 33 -61.73 -45.46 -31.32
N ILE RA 34 -61.04 -46.60 -31.30
CA ILE RA 34 -59.83 -46.75 -32.11
C ILE RA 34 -60.16 -46.59 -33.59
N GLY RA 35 -61.34 -47.04 -33.99
CA GLY RA 35 -61.73 -46.89 -35.38
C GLY RA 35 -62.45 -45.60 -35.72
N TYR RA 36 -62.92 -44.86 -34.72
CA TYR RA 36 -63.75 -43.68 -34.95
C TYR RA 36 -63.09 -42.64 -35.84
N ALA RA 37 -61.78 -42.74 -36.05
CA ALA RA 37 -61.09 -41.93 -37.05
C ALA RA 37 -60.13 -42.75 -37.90
N ARG RA 38 -59.62 -43.87 -37.37
CA ARG RA 38 -58.90 -44.82 -38.20
C ARG RA 38 -59.80 -45.40 -39.27
N ASN RA 39 -61.11 -45.27 -39.11
CA ASN RA 39 -62.10 -45.49 -40.15
C ASN RA 39 -63.31 -44.63 -39.80
N PRO RA 40 -63.13 -43.31 -39.68
CA PRO RA 40 -64.27 -42.45 -39.31
C PRO RA 40 -65.43 -42.55 -40.28
N SER RA 41 -65.18 -43.01 -41.50
CA SER RA 41 -66.26 -43.23 -42.46
C SER RA 41 -67.23 -44.28 -41.95
N LEU RA 42 -66.72 -45.35 -41.38
CA LEU RA 42 -67.55 -46.48 -40.96
C LEU RA 42 -68.43 -46.17 -39.76
N M3L RA 43 -68.53 -44.89 -39.41
CA M3L RA 43 -69.27 -44.41 -38.26
CB M3L RA 43 -69.66 -42.94 -38.43
C M3L RA 43 -70.55 -45.15 -37.89
O M3L RA 43 -70.61 -46.01 -37.01
N GLN RA 44 -71.61 -44.81 -38.62
CA GLN RA 44 -72.91 -45.42 -38.41
C GLN RA 44 -72.82 -46.93 -38.56
N GLN RA 45 -72.03 -47.38 -39.54
CA GLN RA 45 -71.75 -48.81 -39.67
C GLN RA 45 -71.02 -49.36 -38.46
N LEU RA 46 -69.99 -48.67 -37.97
CA LEU RA 46 -69.44 -49.02 -36.67
C LEU RA 46 -70.49 -48.82 -35.60
N PHE RA 47 -71.28 -47.74 -35.70
CA PHE RA 47 -72.37 -47.55 -34.75
C PHE RA 47 -73.45 -48.61 -34.94
N SER RA 48 -73.50 -49.22 -36.13
CA SER RA 48 -74.54 -50.22 -36.41
C SER RA 48 -74.44 -51.39 -35.44
N TYR RA 49 -73.31 -52.10 -35.48
CA TYR RA 49 -73.10 -53.21 -34.55
C TYR RA 49 -72.35 -52.75 -33.31
N ALA RA 50 -72.39 -51.44 -33.04
CA ALA RA 50 -71.71 -50.90 -31.85
C ALA RA 50 -72.26 -51.53 -30.58
N ILE RA 51 -73.59 -51.65 -30.50
CA ILE RA 51 -74.21 -52.20 -29.30
C ILE RA 51 -74.07 -53.71 -29.28
N LEU RA 52 -73.70 -54.32 -30.41
CA LEU RA 52 -73.63 -55.78 -30.51
C LEU RA 52 -72.72 -56.34 -29.43
N GLY RA 53 -71.59 -55.68 -29.19
CA GLY RA 53 -70.83 -55.97 -27.99
C GLY RA 53 -71.50 -55.47 -26.73
N PHE RA 54 -72.03 -54.24 -26.77
CA PHE RA 54 -72.63 -53.63 -25.57
C PHE RA 54 -73.78 -54.48 -25.05
N ALA RA 55 -74.52 -55.11 -25.96
CA ALA RA 55 -75.60 -56.00 -25.56
C ALA RA 55 -75.08 -57.38 -25.19
N LEU RA 56 -74.43 -58.05 -26.15
CA LEU RA 56 -74.03 -59.45 -25.96
C LEU RA 56 -73.09 -59.63 -24.80
N SER RA 57 -72.40 -58.58 -24.36
CA SER RA 57 -71.62 -58.64 -23.13
C SER RA 57 -72.41 -58.20 -21.92
N GLU RA 58 -73.44 -57.37 -22.11
CA GLU RA 58 -74.34 -57.05 -21.00
C GLU RA 58 -75.13 -58.27 -20.55
N ALA RA 59 -75.17 -59.31 -21.37
CA ALA RA 59 -75.90 -60.53 -21.04
C ALA RA 59 -75.40 -61.13 -19.73
N MET RA 60 -74.08 -61.20 -19.57
CA MET RA 60 -73.52 -61.65 -18.30
C MET RA 60 -73.94 -60.70 -17.18
N GLY RA 61 -73.92 -59.40 -17.45
CA GLY RA 61 -74.50 -58.46 -16.50
C GLY RA 61 -76.00 -58.65 -16.37
N LEU RA 62 -76.68 -58.86 -17.49
CA LEU RA 62 -78.13 -59.00 -17.46
C LEU RA 62 -78.55 -60.27 -16.71
N PHE RA 63 -77.90 -61.39 -17.02
CA PHE RA 63 -78.28 -62.66 -16.40
C PHE RA 63 -77.97 -62.65 -14.91
N CYS RA 64 -76.78 -62.18 -14.53
CA CYS RA 64 -76.38 -62.20 -13.13
C CYS RA 64 -77.32 -61.37 -12.26
N LEU RA 65 -77.67 -60.18 -12.75
CA LEU RA 65 -78.61 -59.34 -12.01
C LEU RA 65 -79.97 -60.01 -11.88
N MET RA 66 -80.43 -60.64 -12.95
CA MET RA 66 -81.67 -61.40 -12.89
C MET RA 66 -81.53 -62.57 -11.91
N VAL RA 67 -80.37 -63.21 -11.92
CA VAL RA 67 -80.17 -64.41 -11.10
C VAL RA 67 -80.18 -64.08 -9.62
N ALA RA 68 -79.98 -62.81 -9.27
CA ALA RA 68 -79.73 -62.44 -7.88
C ALA RA 68 -80.91 -62.78 -6.97
N PHE RA 69 -82.14 -62.54 -7.42
CA PHE RA 69 -83.29 -62.72 -6.54
C PHE RA 69 -83.66 -64.21 -6.41
N LEU RA 70 -82.99 -65.07 -7.18
CA LEU RA 70 -83.41 -66.47 -7.27
C LEU RA 70 -83.33 -67.18 -5.92
N ILE RA 71 -82.19 -67.05 -5.24
CA ILE RA 71 -81.99 -67.74 -3.97
C ILE RA 71 -82.98 -67.22 -2.94
N LEU RA 72 -83.40 -65.97 -3.11
CA LEU RA 72 -84.46 -65.41 -2.28
C LEU RA 72 -85.82 -66.04 -2.57
N PHE RA 73 -85.93 -66.78 -3.66
CA PHE RA 73 -87.13 -67.54 -3.98
C PHE RA 73 -86.83 -68.97 -4.42
N ALA RA 74 -85.57 -69.39 -4.38
CA ALA RA 74 -85.19 -70.74 -4.77
C ALA RA 74 -83.88 -71.15 -4.10
N ASP SA 1 -72.90 -65.16 14.55
CA ASP SA 1 -72.40 -66.38 13.90
C ASP SA 1 -72.32 -66.23 12.38
N ILE SA 2 -72.67 -67.31 11.71
CA ILE SA 2 -72.69 -67.34 10.26
C ILE SA 2 -73.77 -66.42 9.70
N ASP SA 3 -74.88 -66.28 10.42
CA ASP SA 3 -75.94 -65.39 9.98
C ASP SA 3 -75.45 -63.95 9.97
N THR SA 4 -74.60 -63.58 10.93
CA THR SA 4 -73.94 -62.28 10.87
C THR SA 4 -73.12 -62.17 9.60
N ALA SA 5 -72.40 -63.23 9.26
CA ALA SA 5 -71.68 -63.29 8.00
C ALA SA 5 -72.64 -63.32 6.82
N ALA SA 6 -73.89 -63.71 7.05
CA ALA SA 6 -74.84 -63.83 5.94
C ALA SA 6 -75.17 -62.47 5.35
N LYS SA 7 -75.34 -61.45 6.18
CA LYS SA 7 -75.41 -60.09 5.67
C LYS SA 7 -74.12 -59.75 4.94
N PHE SA 8 -72.99 -60.17 5.50
CA PHE SA 8 -71.74 -60.09 4.77
C PHE SA 8 -71.76 -61.02 3.55
N ILE SA 9 -72.44 -62.18 3.67
CA ILE SA 9 -72.53 -63.08 2.53
C ILE SA 9 -73.33 -62.44 1.41
N GLY SA 10 -74.44 -61.79 1.76
CA GLY SA 10 -75.10 -60.94 0.79
C GLY SA 10 -74.22 -59.80 0.33
N ALA SA 11 -73.22 -59.46 1.14
CA ALA SA 11 -72.31 -58.38 0.81
C ALA SA 11 -70.97 -58.88 0.27
N GLY SA 12 -70.85 -60.20 0.10
CA GLY SA 12 -69.52 -60.82 0.01
C GLY SA 12 -68.69 -60.38 -1.20
N ALA SA 13 -69.10 -60.77 -2.39
CA ALA SA 13 -68.24 -60.63 -3.57
C ALA SA 13 -68.58 -59.43 -4.43
N ALA SA 14 -69.40 -58.50 -3.94
CA ALA SA 14 -69.83 -57.36 -4.73
C ALA SA 14 -68.67 -56.49 -5.22
N THR SA 15 -67.48 -56.68 -4.66
CA THR SA 15 -66.29 -56.04 -5.20
C THR SA 15 -66.02 -56.44 -6.64
N VAL SA 16 -66.51 -57.61 -7.06
CA VAL SA 16 -66.25 -58.16 -8.38
C VAL SA 16 -66.80 -57.25 -9.47
N GLY SA 17 -67.95 -56.65 -9.23
CA GLY SA 17 -68.53 -55.77 -10.22
C GLY SA 17 -67.64 -54.62 -10.63
N VAL SA 18 -66.81 -54.11 -9.72
CA VAL SA 18 -65.90 -53.02 -10.04
C VAL SA 18 -64.74 -53.45 -10.91
N ALA SA 19 -64.49 -54.77 -11.02
CA ALA SA 19 -63.47 -55.23 -11.95
C ALA SA 19 -63.84 -54.87 -13.38
N GLY SA 20 -65.14 -54.84 -13.68
CA GLY SA 20 -65.58 -54.35 -14.98
C GLY SA 20 -65.07 -52.94 -15.23
N SER SA 21 -65.15 -52.08 -14.22
CA SER SA 21 -64.46 -50.80 -14.29
C SER SA 21 -62.96 -51.00 -14.35
N GLY SA 22 -62.42 -51.89 -13.51
CA GLY SA 22 -60.98 -52.03 -13.42
C GLY SA 22 -60.34 -52.49 -14.71
N ALA SA 23 -60.88 -53.55 -15.30
CA ALA SA 23 -60.34 -54.05 -16.56
C ALA SA 23 -60.66 -53.08 -17.71
N GLY SA 24 -61.85 -52.49 -17.69
CA GLY SA 24 -62.28 -51.69 -18.82
C GLY SA 24 -61.48 -50.40 -19.01
N ILE SA 25 -61.23 -49.68 -17.92
CA ILE SA 25 -60.60 -48.36 -18.04
C ILE SA 25 -59.22 -48.49 -18.64
N GLY SA 26 -58.46 -49.51 -18.25
CA GLY SA 26 -57.17 -49.75 -18.85
C GLY SA 26 -57.27 -50.09 -20.33
N THR SA 27 -58.32 -50.82 -20.70
CA THR SA 27 -58.61 -50.99 -22.12
C THR SA 27 -58.91 -49.65 -22.77
N VAL SA 28 -59.72 -48.84 -22.08
CA VAL SA 28 -59.96 -47.49 -22.58
C VAL SA 28 -58.66 -46.72 -22.66
N PHE SA 29 -57.82 -46.83 -21.63
CA PHE SA 29 -56.51 -46.19 -21.67
C PHE SA 29 -55.58 -46.87 -22.66
N GLY SA 30 -55.90 -48.09 -23.07
CA GLY SA 30 -55.10 -48.74 -24.09
C GLY SA 30 -55.27 -48.11 -25.45
N SER SA 31 -56.51 -48.15 -25.98
CA SER SA 31 -56.78 -47.61 -27.30
C SER SA 31 -56.51 -46.11 -27.35
N LEU SA 32 -56.40 -45.47 -26.20
CA LEU SA 32 -56.00 -44.06 -26.18
C LEU SA 32 -54.70 -43.87 -26.93
N ILE SA 33 -53.73 -44.75 -26.69
CA ILE SA 33 -52.50 -44.71 -27.45
C ILE SA 33 -52.77 -44.96 -28.92
N ILE SA 34 -53.69 -45.90 -29.20
CA ILE SA 34 -54.04 -46.19 -30.58
C ILE SA 34 -54.65 -44.98 -31.25
N GLY SA 35 -55.55 -44.29 -30.55
CA GLY SA 35 -56.17 -43.11 -31.13
C GLY SA 35 -55.19 -42.05 -31.54
N TYR SA 36 -54.26 -41.71 -30.67
CA TYR SA 36 -53.13 -40.89 -31.10
C TYR SA 36 -52.30 -41.56 -32.17
N ALA SA 37 -52.13 -42.88 -32.10
CA ALA SA 37 -51.34 -43.63 -33.05
C ALA SA 37 -51.88 -43.55 -34.46
N ARG SA 38 -53.16 -43.22 -34.62
CA ARG SA 38 -53.72 -43.04 -35.94
C ARG SA 38 -54.24 -41.63 -36.16
N ASN SA 39 -54.66 -40.92 -35.11
CA ASN SA 39 -55.13 -39.57 -35.26
C ASN SA 39 -55.13 -38.88 -33.91
N PRO SA 40 -53.98 -38.55 -33.35
CA PRO SA 40 -53.97 -37.69 -32.16
C PRO SA 40 -54.67 -36.37 -32.42
N SER SA 41 -54.66 -35.91 -33.67
CA SER SA 41 -55.41 -34.71 -34.03
C SER SA 41 -56.88 -34.84 -33.73
N LEU SA 42 -57.40 -36.07 -33.67
CA LEU SA 42 -58.76 -36.27 -33.22
C LEU SA 42 -58.87 -35.90 -31.76
N M3L SA 43 -58.92 -36.91 -30.89
CA M3L SA 43 -59.12 -36.72 -29.48
CB M3L SA 43 -57.94 -35.96 -28.83
C M3L SA 43 -60.40 -35.97 -29.13
O M3L SA 43 -61.35 -36.48 -28.54
N GLN SA 44 -60.45 -34.71 -29.57
CA GLN SA 44 -61.51 -33.78 -29.19
C GLN SA 44 -62.86 -34.31 -29.67
N GLN SA 45 -62.78 -35.34 -30.52
CA GLN SA 45 -63.88 -36.23 -30.78
C GLN SA 45 -63.56 -37.65 -30.34
N LEU SA 46 -62.32 -38.09 -30.53
CA LEU SA 46 -61.93 -39.42 -30.07
C LEU SA 46 -61.91 -39.49 -28.56
N PHE SA 47 -61.05 -38.69 -27.92
CA PHE SA 47 -61.07 -38.61 -26.46
C PHE SA 47 -62.44 -38.17 -25.97
N SER SA 48 -63.14 -37.36 -26.76
CA SER SA 48 -64.55 -37.09 -26.47
C SER SA 48 -65.37 -38.36 -26.54
N TYR SA 49 -65.12 -39.17 -27.57
CA TYR SA 49 -65.76 -40.48 -27.61
C TYR SA 49 -65.10 -41.44 -26.64
N ALA SA 50 -63.80 -41.27 -26.38
CA ALA SA 50 -63.16 -42.02 -25.32
C ALA SA 50 -63.71 -41.60 -23.97
N ILE SA 51 -64.10 -40.32 -23.85
CA ILE SA 51 -64.87 -39.91 -22.69
C ILE SA 51 -66.14 -40.74 -22.60
N LEU SA 52 -66.80 -40.97 -23.73
CA LEU SA 52 -67.96 -41.87 -23.74
C LEU SA 52 -67.55 -43.29 -23.34
N GLY SA 53 -66.26 -43.61 -23.45
CA GLY SA 53 -65.83 -44.96 -23.11
C GLY SA 53 -65.14 -45.05 -21.75
N PHE SA 54 -64.28 -44.08 -21.43
CA PHE SA 54 -63.34 -44.25 -20.33
C PHE SA 54 -64.05 -44.46 -19.00
N ALA SA 55 -65.09 -43.67 -18.73
CA ALA SA 55 -65.74 -43.72 -17.42
C ALA SA 55 -66.94 -44.66 -17.45
N LEU SA 56 -67.12 -45.39 -18.54
CA LEU SA 56 -68.36 -46.14 -18.75
C LEU SA 56 -68.56 -47.23 -17.69
N SER SA 57 -67.54 -48.07 -17.49
CA SER SA 57 -67.71 -49.26 -16.66
C SER SA 57 -67.58 -48.98 -15.17
N GLU SA 58 -67.29 -47.75 -14.75
CA GLU SA 58 -67.19 -47.45 -13.33
C GLU SA 58 -68.57 -47.43 -12.67
N ALA SA 59 -69.59 -47.04 -13.43
CA ALA SA 59 -70.94 -46.93 -12.86
C ALA SA 59 -71.56 -48.29 -12.60
N MET SA 60 -71.45 -49.23 -13.55
CA MET SA 60 -72.17 -50.49 -13.46
C MET SA 60 -71.73 -51.35 -12.28
N GLY SA 61 -70.43 -51.40 -12.00
CA GLY SA 61 -69.96 -52.24 -10.90
C GLY SA 61 -70.56 -51.85 -9.57
N LEU SA 62 -70.79 -50.55 -9.37
CA LEU SA 62 -71.41 -50.08 -8.13
C LEU SA 62 -72.82 -50.66 -7.96
N PHE SA 63 -73.49 -50.97 -9.07
CA PHE SA 63 -74.85 -51.48 -8.98
C PHE SA 63 -74.90 -52.79 -8.21
N CYS SA 64 -74.00 -53.72 -8.52
CA CYS SA 64 -73.89 -54.92 -7.69
C CYS SA 64 -73.30 -54.60 -6.33
N LEU SA 65 -72.45 -53.58 -6.27
CA LEU SA 65 -71.75 -53.24 -5.03
C LEU SA 65 -72.69 -52.67 -3.98
N MET SA 66 -73.63 -51.82 -4.39
CA MET SA 66 -74.50 -51.15 -3.42
C MET SA 66 -75.32 -52.16 -2.63
N VAL SA 67 -75.54 -53.35 -3.20
CA VAL SA 67 -76.18 -54.43 -2.45
C VAL SA 67 -75.36 -54.75 -1.21
N ALA SA 68 -74.03 -54.82 -1.37
CA ALA SA 68 -73.17 -55.06 -0.22
C ALA SA 68 -73.35 -53.98 0.84
N PHE SA 69 -73.37 -52.72 0.41
CA PHE SA 69 -73.69 -51.63 1.33
C PHE SA 69 -75.10 -51.81 1.89
N LEU SA 70 -76.05 -52.21 1.04
CA LEU SA 70 -77.37 -52.56 1.52
C LEU SA 70 -77.29 -53.79 2.42
N ILE SA 71 -76.42 -54.74 2.09
CA ILE SA 71 -76.29 -55.95 2.90
C ILE SA 71 -75.42 -55.69 4.11
N LEU SA 72 -74.92 -54.46 4.27
CA LEU SA 72 -74.04 -54.19 5.40
C LEU SA 72 -74.74 -53.58 6.61
N PHE SA 73 -75.28 -52.35 6.52
CA PHE SA 73 -75.90 -51.74 7.70
C PHE SA 73 -76.90 -50.65 7.34
N ALA SA 74 -77.39 -50.63 6.11
CA ALA SA 74 -78.30 -49.57 5.69
C ALA SA 74 -79.30 -50.09 4.67
N ASP TA 1 -63.21 -65.47 15.01
CA ASP TA 1 -64.61 -65.65 15.44
C ASP TA 1 -65.46 -65.96 14.27
N ILE TA 2 -66.71 -66.36 14.54
CA ILE TA 2 -67.60 -66.72 13.45
C ILE TA 2 -67.99 -65.49 12.65
N ASP TA 3 -68.14 -64.31 13.30
CA ASP TA 3 -68.32 -63.10 12.52
C ASP TA 3 -66.96 -62.56 12.03
N THR TA 4 -65.91 -62.68 12.87
CA THR TA 4 -64.58 -62.20 12.52
C THR TA 4 -64.13 -62.89 11.24
N ALA TA 5 -64.60 -64.13 11.07
CA ALA TA 5 -64.33 -64.87 9.85
C ALA TA 5 -64.87 -64.12 8.65
N ALA TA 6 -66.14 -63.71 8.71
CA ALA TA 6 -66.71 -62.91 7.63
C ALA TA 6 -65.76 -61.80 7.20
N LYS TA 7 -65.00 -61.28 8.15
CA LYS TA 7 -63.86 -60.45 7.79
C LYS TA 7 -62.66 -61.33 7.45
N PHE TA 8 -62.23 -62.14 8.41
CA PHE TA 8 -60.95 -62.83 8.29
C PHE TA 8 -61.03 -63.98 7.30
N ILE TA 9 -62.24 -64.51 7.08
CA ILE TA 9 -62.43 -65.45 5.98
C ILE TA 9 -63.19 -64.80 4.84
N GLY TA 10 -64.42 -64.34 5.11
CA GLY TA 10 -65.30 -63.94 4.03
C GLY TA 10 -64.82 -62.70 3.29
N ALA TA 11 -64.33 -61.70 4.04
CA ALA TA 11 -63.92 -60.46 3.40
C ALA TA 11 -62.59 -60.62 2.65
N GLY TA 12 -62.04 -61.83 2.65
CA GLY TA 12 -60.83 -62.06 1.87
C GLY TA 12 -61.02 -61.82 0.40
N ALA TA 13 -62.21 -62.16 -0.13
CA ALA TA 13 -62.45 -62.10 -1.57
C ALA TA 13 -62.47 -60.66 -2.07
N ALA TA 14 -63.03 -59.74 -1.29
CA ALA TA 14 -63.18 -58.36 -1.75
C ALA TA 14 -61.83 -57.72 -2.02
N THR TA 15 -60.78 -58.16 -1.33
CA THR TA 15 -59.46 -57.59 -1.54
C THR TA 15 -58.94 -57.89 -2.94
N VAL TA 16 -59.22 -59.09 -3.46
CA VAL TA 16 -58.68 -59.53 -4.74
C VAL TA 16 -59.15 -58.67 -5.90
N GLY TA 17 -60.05 -57.71 -5.67
CA GLY TA 17 -60.57 -56.91 -6.75
C GLY TA 17 -59.52 -56.08 -7.45
N VAL TA 18 -58.36 -55.89 -6.81
CA VAL TA 18 -57.28 -55.12 -7.42
C VAL TA 18 -56.69 -55.78 -8.65
N ALA TA 19 -56.95 -57.07 -8.85
CA ALA TA 19 -56.32 -57.80 -9.96
C ALA TA 19 -56.85 -57.34 -11.30
N GLY TA 20 -58.17 -57.25 -11.45
CA GLY TA 20 -58.74 -56.96 -12.76
C GLY TA 20 -58.26 -55.65 -13.33
N SER TA 21 -58.25 -54.60 -12.52
CA SER TA 21 -57.63 -53.35 -12.93
C SER TA 21 -56.14 -53.54 -13.17
N GLY TA 22 -55.46 -54.21 -12.24
CA GLY TA 22 -54.05 -54.50 -12.44
C GLY TA 22 -53.82 -55.34 -13.67
N ALA TA 23 -54.68 -56.35 -13.88
CA ALA TA 23 -54.70 -57.02 -15.17
C ALA TA 23 -55.05 -56.05 -16.28
N GLY TA 24 -56.08 -55.24 -16.07
CA GLY TA 24 -56.46 -54.27 -17.09
C GLY TA 24 -55.42 -53.20 -17.29
N ILE TA 25 -54.47 -53.10 -16.35
CA ILE TA 25 -53.42 -52.10 -16.47
C ILE TA 25 -52.60 -52.33 -17.74
N GLY TA 26 -52.29 -53.59 -18.03
CA GLY TA 26 -51.49 -53.90 -19.20
C GLY TA 26 -52.03 -53.26 -20.47
N THR TA 27 -53.36 -53.28 -20.65
CA THR TA 27 -53.95 -52.58 -21.78
C THR TA 27 -53.60 -51.10 -21.73
N VAL TA 28 -53.90 -50.45 -20.61
CA VAL TA 28 -53.40 -49.10 -20.39
C VAL TA 28 -51.90 -49.07 -20.55
N PHE TA 29 -51.21 -50.04 -19.97
CA PHE TA 29 -49.76 -50.11 -20.00
C PHE TA 29 -49.20 -50.42 -21.38
N GLY TA 30 -49.75 -51.41 -22.07
CA GLY TA 30 -49.28 -51.69 -23.41
C GLY TA 30 -49.44 -50.46 -24.27
N SER TA 31 -50.48 -49.67 -23.96
CA SER TA 31 -50.72 -48.45 -24.71
C SER TA 31 -49.47 -47.60 -24.79
N LEU TA 32 -48.86 -47.33 -23.63
CA LEU TA 32 -47.57 -46.67 -23.62
C LEU TA 32 -46.52 -47.52 -24.31
N ILE TA 33 -46.57 -48.84 -24.11
CA ILE TA 33 -45.57 -49.70 -24.73
C ILE TA 33 -45.77 -49.74 -26.24
N ILE TA 34 -46.84 -49.12 -26.72
CA ILE TA 34 -47.18 -49.25 -28.15
C ILE TA 34 -47.42 -47.89 -28.78
N GLY TA 35 -48.16 -47.02 -28.09
CA GLY TA 35 -48.70 -45.81 -28.70
C GLY TA 35 -47.70 -44.98 -29.47
N TYR TA 36 -46.62 -44.56 -28.82
CA TYR TA 36 -45.59 -43.82 -29.51
C TYR TA 36 -44.84 -44.67 -30.51
N ALA TA 37 -44.81 -46.00 -30.31
CA ALA TA 37 -44.15 -46.86 -31.28
C ALA TA 37 -44.86 -46.84 -32.62
N ARG TA 38 -46.10 -46.37 -32.65
CA ARG TA 38 -46.85 -46.31 -33.90
C ARG TA 38 -46.57 -45.03 -34.67
N ASN TA 39 -46.32 -43.93 -33.96
CA ASN TA 39 -45.79 -42.70 -34.55
C ASN TA 39 -44.75 -42.16 -33.60
N PRO TA 40 -43.48 -42.18 -34.00
CA PRO TA 40 -42.42 -41.79 -33.06
C PRO TA 40 -42.59 -40.38 -32.53
N SER TA 41 -43.36 -39.54 -33.22
CA SER TA 41 -43.63 -38.19 -32.75
C SER TA 41 -44.23 -38.15 -31.35
N LEU TA 42 -45.02 -39.16 -30.98
CA LEU TA 42 -45.71 -39.15 -29.70
C LEU TA 42 -44.77 -39.02 -28.52
N M3L TA 43 -44.10 -40.12 -28.19
CA M3L TA 43 -43.06 -40.15 -27.17
CB M3L TA 43 -41.77 -39.55 -27.73
C M3L TA 43 -43.34 -39.42 -25.86
O M3L TA 43 -44.00 -39.90 -24.93
N GLN TA 44 -42.78 -38.23 -25.77
CA GLN TA 44 -42.90 -37.41 -24.56
C GLN TA 44 -44.31 -36.86 -24.46
N GLN TA 45 -44.83 -36.36 -25.58
CA GLN TA 45 -46.22 -35.96 -25.64
C GLN TA 45 -47.08 -37.18 -25.31
N LEU TA 46 -46.65 -38.33 -25.81
CA LEU TA 46 -47.26 -39.58 -25.35
C LEU TA 46 -46.98 -39.78 -23.86
N PHE TA 47 -45.71 -39.68 -23.46
CA PHE TA 47 -45.41 -39.74 -22.03
C PHE TA 47 -46.20 -38.69 -21.27
N SER TA 48 -46.41 -37.52 -21.88
CA SER TA 48 -47.38 -36.59 -21.34
C SER TA 48 -48.77 -37.19 -21.35
N TYR TA 49 -49.21 -37.70 -22.50
CA TYR TA 49 -50.51 -38.35 -22.56
C TYR TA 49 -50.53 -39.63 -21.73
N ALA TA 50 -49.34 -40.16 -21.41
CA ALA TA 50 -49.27 -41.42 -20.69
C ALA TA 50 -49.92 -41.30 -19.31
N ILE TA 51 -49.69 -40.19 -18.63
CA ILE TA 51 -50.25 -40.02 -17.30
C ILE TA 51 -51.77 -40.07 -17.33
N LEU TA 52 -52.37 -39.62 -18.44
CA LEU TA 52 -53.83 -39.60 -18.54
C LEU TA 52 -54.42 -40.98 -18.32
N GLY TA 53 -53.93 -41.98 -19.06
CA GLY TA 53 -54.42 -43.32 -18.87
C GLY TA 53 -53.82 -44.00 -17.65
N PHE TA 54 -52.80 -43.39 -17.05
CA PHE TA 54 -52.02 -44.06 -16.02
C PHE TA 54 -52.89 -44.48 -14.84
N ALA TA 55 -53.63 -43.52 -14.27
CA ALA TA 55 -54.44 -43.85 -13.10
C ALA TA 55 -55.77 -44.46 -13.50
N LEU TA 56 -56.07 -44.48 -14.80
CA LEU TA 56 -57.40 -44.79 -15.30
C LEU TA 56 -57.96 -46.11 -14.79
N SER TA 57 -57.17 -47.18 -14.79
CA SER TA 57 -57.71 -48.50 -14.46
C SER TA 57 -57.47 -48.92 -13.01
N GLU TA 58 -56.23 -48.81 -12.53
CA GLU TA 58 -55.87 -49.41 -11.24
C GLU TA 58 -56.74 -48.87 -10.12
N ALA TA 59 -57.32 -47.70 -10.31
CA ALA TA 59 -58.19 -47.10 -9.31
C ALA TA 59 -59.38 -48.00 -8.99
N MET TA 60 -60.05 -48.51 -10.03
CA MET TA 60 -61.26 -49.29 -9.82
C MET TA 60 -60.96 -50.60 -9.12
N GLY TA 61 -59.80 -51.20 -9.41
CA GLY TA 61 -59.39 -52.38 -8.67
C GLY TA 61 -59.16 -52.09 -7.21
N LEU TA 62 -58.63 -50.90 -6.90
CA LEU TA 62 -58.37 -50.54 -5.51
C LEU TA 62 -59.67 -50.22 -4.77
N PHE TA 63 -60.68 -49.74 -5.49
CA PHE TA 63 -61.96 -49.44 -4.85
C PHE TA 63 -62.59 -50.72 -4.31
N CYS TA 64 -62.42 -51.83 -5.02
CA CYS TA 64 -63.01 -53.10 -4.61
C CYS TA 64 -62.42 -53.59 -3.29
N LEU TA 65 -61.11 -53.43 -3.12
CA LEU TA 65 -60.41 -54.09 -2.01
C LEU TA 65 -60.63 -53.39 -0.68
N MET TA 66 -60.71 -52.06 -0.67
CA MET TA 66 -60.50 -51.29 0.56
C MET TA 66 -61.59 -51.55 1.60
N VAL TA 67 -62.85 -51.69 1.18
CA VAL TA 67 -63.96 -51.65 2.12
C VAL TA 67 -63.89 -52.80 3.14
N ALA TA 68 -63.32 -53.94 2.74
CA ALA TA 68 -63.28 -55.10 3.63
C ALA TA 68 -62.53 -54.78 4.92
N PHE TA 69 -61.48 -53.95 4.82
CA PHE TA 69 -60.79 -53.51 6.03
C PHE TA 69 -61.73 -52.75 6.94
N LEU TA 70 -62.57 -51.87 6.38
CA LEU TA 70 -63.59 -51.22 7.18
C LEU TA 70 -64.56 -52.25 7.75
N ILE TA 71 -64.94 -53.22 6.93
CA ILE TA 71 -65.69 -54.36 7.46
C ILE TA 71 -64.86 -55.06 8.52
N LEU TA 72 -63.56 -55.21 8.26
CA LEU TA 72 -62.67 -55.71 9.30
C LEU TA 72 -62.48 -54.70 10.42
N PHE TA 73 -62.94 -53.46 10.22
CA PHE TA 73 -62.75 -52.41 11.23
C PHE TA 73 -64.06 -51.84 11.72
N ALA TA 74 -65.18 -52.48 11.43
CA ALA TA 74 -66.47 -52.02 11.92
C ALA TA 74 -67.46 -53.17 11.92
N PHE UA 1 8.50 -10.56 -157.01
CA PHE UA 1 8.17 -9.40 -157.84
C PHE UA 1 9.36 -8.47 -157.97
N ALA UA 2 9.22 -7.42 -158.79
CA ALA UA 2 10.29 -6.47 -158.99
C ALA UA 2 10.34 -5.46 -157.85
N LYS UA 3 11.44 -4.71 -157.80
CA LYS UA 3 11.64 -3.69 -156.77
C LYS UA 3 11.27 -2.34 -157.37
N LEU UA 4 10.35 -1.64 -156.70
CA LEU UA 4 9.94 -0.33 -157.16
C LEU UA 4 11.11 0.64 -157.11
N VAL UA 5 11.13 1.59 -158.05
CA VAL UA 5 12.22 2.56 -158.07
C VAL UA 5 12.08 3.45 -156.85
N ARG UA 6 12.93 3.20 -155.87
CA ARG UA 6 12.73 3.79 -154.55
C ARG UA 6 12.97 5.29 -154.61
N PRO UA 7 11.98 6.11 -154.28
CA PRO UA 7 12.24 7.54 -154.10
C PRO UA 7 13.20 7.75 -152.94
N PRO UA 8 14.09 8.74 -153.05
CA PRO UA 8 15.04 8.97 -151.94
C PRO UA 8 14.35 9.19 -150.62
N VAL UA 9 13.23 9.88 -150.64
CA VAL UA 9 12.34 9.97 -149.49
C VAL UA 9 11.24 8.95 -149.69
N GLN UA 10 10.99 8.13 -148.67
CA GLN UA 10 9.93 7.14 -148.71
C GLN UA 10 8.79 7.59 -147.82
N ILE UA 11 7.57 7.61 -148.36
CA ILE UA 11 6.42 8.15 -147.66
C ILE UA 11 5.47 7.02 -147.31
N TYR UA 12 4.66 7.27 -146.29
CA TYR UA 12 3.62 6.34 -145.88
C TYR UA 12 2.36 6.70 -146.65
N GLY UA 13 1.39 5.78 -146.63
CA GLY UA 13 0.11 6.03 -147.24
C GLY UA 13 -0.03 5.39 -148.60
N ILE UA 14 -1.27 5.41 -149.10
CA ILE UA 14 -1.55 4.87 -150.42
C ILE UA 14 -0.67 5.55 -151.46
N GLU UA 15 -0.60 6.87 -151.41
CA GLU UA 15 0.35 7.59 -152.25
C GLU UA 15 1.78 7.23 -151.91
N GLY UA 16 2.09 7.10 -150.61
CA GLY UA 16 3.44 6.83 -150.19
C GLY UA 16 4.05 5.60 -150.82
N ARG UA 17 3.22 4.63 -151.19
CA ARG UA 17 3.71 3.49 -151.95
C ARG UA 17 3.41 3.63 -153.44
N TYR UA 18 2.22 4.12 -153.77
CA TYR UA 18 1.85 4.24 -155.17
C TYR UA 18 2.77 5.20 -155.91
N ALA UA 19 3.16 6.30 -155.26
CA ALA UA 19 4.14 7.18 -155.86
C ALA UA 19 5.44 6.44 -156.13
N THR UA 20 5.89 5.64 -155.16
CA THR UA 20 7.02 4.76 -155.41
C THR UA 20 6.69 3.75 -156.50
N ALA UA 21 5.47 3.21 -156.48
CA ALA UA 21 5.03 2.33 -157.56
C ALA UA 21 5.01 3.08 -158.88
N LEU UA 22 4.47 4.31 -158.87
CA LEU UA 22 4.60 5.16 -160.04
C LEU UA 22 6.06 5.48 -160.32
N TYR UA 23 6.87 5.63 -159.26
CA TYR UA 23 8.30 5.82 -159.45
C TYR UA 23 8.92 4.61 -160.13
N SER UA 24 8.48 3.41 -159.75
CA SER UA 24 8.86 2.23 -160.52
C SER UA 24 8.43 2.37 -161.98
N ALA UA 25 7.24 2.92 -162.20
CA ALA UA 25 6.81 3.19 -163.56
C ALA UA 25 7.63 4.31 -164.19
N ALA UA 26 7.99 5.32 -163.40
CA ALA UA 26 8.51 6.56 -163.97
C ALA UA 26 10.03 6.64 -163.91
N SER UA 27 10.62 6.41 -162.72
CA SER UA 27 12.07 6.52 -162.61
C SER UA 27 12.75 5.51 -163.52
N LYS UA 28 12.26 4.27 -163.53
CA LYS UA 28 12.52 3.40 -164.66
C LYS UA 28 11.82 3.98 -165.87
N GLN UA 29 12.55 4.08 -166.99
CA GLN UA 29 12.20 4.77 -168.23
C GLN UA 29 12.33 6.27 -168.09
N ASN UA 30 12.67 6.80 -166.91
CA ASN UA 30 13.11 8.18 -166.74
C ASN UA 30 12.05 9.18 -167.19
N LYS UA 31 10.93 9.20 -166.48
CA LYS UA 31 9.90 10.19 -166.69
C LYS UA 31 9.94 11.26 -165.60
N LEU UA 32 11.14 11.62 -165.15
CA LEU UA 32 11.29 12.53 -164.01
C LEU UA 32 10.68 13.89 -164.30
N GLU UA 33 10.58 14.26 -165.57
CA GLU UA 33 10.03 15.58 -165.91
C GLU UA 33 8.76 15.46 -166.73
N GLN UA 34 8.78 14.64 -167.78
CA GLN UA 34 7.64 14.56 -168.68
C GLN UA 34 6.39 14.07 -167.96
N VAL UA 35 6.53 13.05 -167.12
CA VAL UA 35 5.41 12.64 -166.28
C VAL UA 35 5.05 13.75 -165.30
N GLU UA 36 6.06 14.38 -164.70
CA GLU UA 36 5.79 15.57 -163.89
C GLU UA 36 5.13 16.64 -164.75
N LYS UA 37 5.63 16.83 -165.97
CA LYS UA 37 4.91 17.63 -166.94
C LYS UA 37 3.53 17.04 -167.19
N GLU UA 38 3.46 15.72 -167.37
CA GLU UA 38 2.17 15.07 -167.50
C GLU UA 38 1.35 15.22 -166.23
N LEU UA 39 1.98 15.08 -165.07
CA LEU UA 39 1.25 15.18 -163.81
C LEU UA 39 0.71 16.58 -163.59
N LEU UA 40 1.58 17.59 -163.73
CA LEU UA 40 1.15 18.96 -163.49
C LEU UA 40 0.07 19.43 -164.45
N ARG UA 41 0.18 19.07 -165.73
CA ARG UA 41 -0.87 19.43 -166.69
C ARG UA 41 -2.18 18.75 -166.33
N VAL UA 42 -2.12 17.51 -165.87
CA VAL UA 42 -3.30 16.86 -165.31
C VAL UA 42 -3.78 17.63 -164.10
N GLY UA 43 -2.85 18.10 -163.26
CA GLY UA 43 -3.24 18.99 -162.19
C GLY UA 43 -3.93 20.23 -162.70
N GLN UA 44 -3.46 20.77 -163.83
CA GLN UA 44 -4.20 21.83 -164.50
C GLN UA 44 -5.57 21.34 -164.95
N ILE UA 45 -5.64 20.14 -165.52
CA ILE UA 45 -6.92 19.57 -165.90
C ILE UA 45 -7.77 19.30 -164.65
N LEU UA 46 -7.10 19.03 -163.52
CA LEU UA 46 -7.81 18.72 -162.29
C LEU UA 46 -8.68 19.87 -161.82
N LYS UA 47 -8.18 21.10 -161.83
CA LYS UA 47 -8.98 22.24 -161.39
C LYS UA 47 -10.16 22.52 -162.31
N GLU UA 48 -10.17 21.93 -163.49
CA GLU UA 48 -11.25 22.20 -164.43
C GLU UA 48 -12.54 21.57 -163.92
N PRO UA 49 -13.59 22.37 -163.67
CA PRO UA 49 -14.87 21.77 -163.28
C PRO UA 49 -15.43 20.81 -164.30
N LYS UA 50 -15.25 21.10 -165.59
CA LYS UA 50 -15.70 20.19 -166.64
C LYS UA 50 -15.01 18.85 -166.51
N MET UA 51 -13.70 18.86 -166.25
CA MET UA 51 -12.99 17.62 -165.98
C MET UA 51 -13.32 17.10 -164.58
N ALA UA 52 -13.61 18.01 -163.64
CA ALA UA 52 -13.77 17.61 -162.24
C ALA UA 52 -14.98 16.70 -162.05
N ALA UA 53 -16.06 16.95 -162.79
CA ALA UA 53 -17.33 16.29 -162.52
C ALA UA 53 -17.22 14.77 -162.65
N SER UA 54 -16.49 14.27 -163.64
CA SER UA 54 -16.49 12.84 -163.93
C SER UA 54 -15.94 12.03 -162.77
N LEU UA 55 -14.83 12.47 -162.18
CA LEU UA 55 -14.16 11.70 -161.14
C LEU UA 55 -14.96 11.59 -159.85
N LEU UA 56 -15.94 12.48 -159.65
CA LEU UA 56 -16.64 12.54 -158.38
C LEU UA 56 -18.15 12.34 -158.50
N ASN UA 57 -18.70 12.45 -159.71
CA ASN UA 57 -20.16 12.39 -159.87
C ASN UA 57 -20.70 11.06 -159.37
N PRO UA 58 -21.69 11.05 -158.48
CA PRO UA 58 -22.12 9.80 -157.86
C PRO UA 58 -22.87 8.86 -158.79
N TYR UA 59 -23.84 9.36 -159.55
CA TYR UA 59 -24.57 8.55 -160.51
C TYR UA 59 -23.72 8.16 -161.69
N VAL UA 60 -22.47 8.60 -161.74
CA VAL UA 60 -21.58 8.36 -162.87
C VAL UA 60 -20.59 7.28 -162.48
N LYS UA 61 -20.52 6.23 -163.27
CA LYS UA 61 -19.55 5.18 -163.06
C LYS UA 61 -18.14 5.71 -163.29
N ARG UA 62 -17.17 5.15 -162.56
CA ARG UA 62 -15.78 5.52 -162.75
C ARG UA 62 -15.32 5.22 -164.18
N SER UA 63 -15.96 4.25 -164.83
CA SER UA 63 -15.64 3.98 -166.23
C SER UA 63 -15.93 5.18 -167.11
N VAL UA 64 -17.06 5.84 -166.88
CA VAL UA 64 -17.29 7.12 -167.54
C VAL UA 64 -16.20 8.10 -167.17
N LYS UA 65 -15.85 8.16 -165.88
CA LYS UA 65 -14.70 8.94 -165.46
C LYS UA 65 -13.41 8.39 -166.09
N VAL UA 66 -13.29 7.06 -166.16
CA VAL UA 66 -12.15 6.47 -166.84
C VAL UA 66 -12.19 6.82 -168.32
N LYS UA 67 -13.38 6.79 -168.91
CA LYS UA 67 -13.52 7.32 -170.26
C LYS UA 67 -13.08 8.78 -170.30
N SER UA 68 -13.49 9.55 -169.31
CA SER UA 68 -12.94 10.90 -169.15
C SER UA 68 -11.44 10.83 -168.88
N LEU UA 69 -11.01 9.89 -168.03
CA LEU UA 69 -9.58 9.67 -167.87
C LEU UA 69 -8.93 9.32 -169.19
N SER UA 70 -9.63 8.52 -170.01
CA SER UA 70 -9.17 8.30 -171.36
C SER UA 70 -9.19 9.59 -172.16
N ASP UA 71 -10.02 10.56 -171.76
CA ASP UA 71 -10.12 11.81 -172.50
C ASP UA 71 -9.34 12.93 -171.81
N MET UA 72 -9.68 13.20 -170.54
CA MET UA 72 -9.09 14.34 -169.85
C MET UA 72 -7.58 14.22 -169.67
N THR UA 73 -7.09 13.04 -169.29
CA THR UA 73 -5.65 12.83 -169.24
C THR UA 73 -5.01 12.91 -170.62
N ALA UA 74 -5.71 12.46 -171.66
CA ALA UA 74 -5.25 12.70 -173.02
C ALA UA 74 -5.18 14.19 -173.32
N LYS UA 75 -6.18 14.95 -172.88
CA LYS UA 75 -6.07 16.40 -172.93
C LYS UA 75 -4.93 16.87 -172.03
N GLU UA 76 -4.64 16.14 -170.96
CA GLU UA 76 -3.57 16.47 -170.04
C GLU UA 76 -2.21 16.00 -170.54
N LYS UA 77 -2.16 15.26 -171.66
CA LYS UA 77 -0.91 14.81 -172.27
C LYS UA 77 -0.08 13.98 -171.30
N PHE UA 78 -0.63 12.85 -170.88
CA PHE UA 78 0.08 11.98 -169.95
C PHE UA 78 1.28 11.33 -170.61
N SER UA 79 2.32 11.09 -169.81
CA SER UA 79 3.55 10.45 -170.27
C SER UA 79 3.38 8.94 -170.24
N PRO UA 80 4.38 8.17 -170.67
CA PRO UA 80 4.23 6.71 -170.70
C PRO UA 80 3.96 6.09 -169.34
N LEU UA 81 4.64 6.55 -168.29
CA LEU UA 81 4.60 5.86 -167.01
C LEU UA 81 3.26 6.06 -166.29
N THR UA 82 2.77 7.29 -166.26
CA THR UA 82 1.63 7.62 -165.40
C THR UA 82 0.33 7.04 -165.95
N SER UA 83 0.25 6.86 -167.27
CA SER UA 83 -1.02 6.48 -167.88
C SER UA 83 -1.54 5.16 -167.32
N ASN UA 84 -0.67 4.15 -167.23
CA ASN UA 84 -1.08 2.91 -166.59
C ASN UA 84 -1.47 3.16 -165.14
N LEU UA 85 -0.68 3.96 -164.43
CA LEU UA 85 -1.10 4.41 -163.11
C LEU UA 85 -2.38 5.22 -163.20
N ILE UA 86 -2.47 6.11 -164.20
CA ILE UA 86 -3.71 6.85 -164.42
C ILE UA 86 -4.85 5.90 -164.74
N ASN UA 87 -4.59 4.89 -165.57
CA ASN UA 87 -5.57 3.84 -165.78
C ASN UA 87 -5.87 3.13 -164.48
N LEU UA 88 -4.82 2.76 -163.73
CA LEU UA 88 -5.02 2.15 -162.43
C LEU UA 88 -5.73 3.10 -161.48
N LEU UA 89 -5.35 4.38 -161.50
CA LEU UA 89 -6.06 5.37 -160.69
C LEU UA 89 -7.50 5.53 -161.13
N ALA UA 90 -7.73 5.60 -162.45
CA ALA UA 90 -9.10 5.57 -162.94
C ALA UA 90 -9.82 4.33 -162.47
N GLU UA 91 -9.11 3.20 -162.44
CA GLU UA 91 -9.64 2.01 -161.79
C GLU UA 91 -9.75 2.22 -160.28
N ASN UA 92 -8.74 2.85 -159.68
CA ASN UA 92 -8.74 3.04 -158.23
C ASN UA 92 -9.90 3.91 -157.75
N GLY UA 93 -10.40 4.81 -158.60
CA GLY UA 93 -11.51 5.66 -158.21
C GLY UA 93 -11.23 6.61 -157.09
N ARG UA 94 -9.96 6.77 -156.71
CA ARG UA 94 -9.56 7.67 -155.64
C ARG UA 94 -9.05 9.00 -156.17
N LEU UA 95 -9.43 9.37 -157.39
CA LEU UA 95 -8.99 10.65 -157.95
C LEU UA 95 -9.39 11.82 -157.07
N THR UA 96 -10.44 11.66 -156.27
CA THR UA 96 -10.75 12.65 -155.25
C THR UA 96 -9.59 12.83 -154.27
N ASN UA 97 -8.73 11.82 -154.17
CA ASN UA 97 -7.57 11.86 -153.28
C ASN UA 97 -6.27 11.86 -154.07
N THR UA 98 -6.31 12.38 -155.30
CA THR UA 98 -5.14 12.32 -156.17
C THR UA 98 -4.12 13.41 -155.90
N PRO UA 99 -4.51 14.67 -155.64
CA PRO UA 99 -3.53 15.78 -155.72
C PRO UA 99 -2.33 15.61 -154.82
N ALA UA 100 -2.51 15.07 -153.62
CA ALA UA 100 -1.36 14.80 -152.77
C ALA UA 100 -0.42 13.82 -153.44
N VAL UA 101 -0.96 12.74 -154.01
CA VAL UA 101 -0.13 11.82 -154.80
C VAL UA 101 0.49 12.57 -155.96
N ILE UA 102 -0.30 13.42 -156.61
CA ILE UA 102 0.26 14.30 -157.62
C ILE UA 102 1.34 15.17 -156.99
N SER UA 103 1.05 15.72 -155.82
CA SER UA 103 2.07 16.49 -155.10
C SER UA 103 3.22 15.60 -154.67
N ALA UA 104 2.93 14.31 -154.44
CA ALA UA 104 3.94 13.41 -153.87
C ALA UA 104 5.10 13.19 -154.83
N PHE UA 105 4.79 12.85 -156.08
CA PHE UA 105 5.85 12.52 -157.04
C PHE UA 105 6.79 13.69 -157.24
N SER UA 106 6.23 14.90 -157.32
CA SER UA 106 7.06 16.09 -157.39
C SER UA 106 7.90 16.27 -156.14
N THR UA 107 7.30 16.01 -154.97
CA THR UA 107 8.05 16.09 -153.73
C THR UA 107 9.26 15.17 -153.77
N MET UA 108 9.09 13.97 -154.33
CA MET UA 108 10.23 13.13 -154.62
C MET UA 108 11.21 13.81 -155.55
N MET UA 109 10.74 14.38 -156.65
CA MET UA 109 11.59 15.16 -157.52
C MET UA 109 12.16 16.38 -156.79
N SER UA 110 11.35 17.04 -155.97
CA SER UA 110 11.86 18.13 -155.13
C SER UA 110 12.94 17.61 -154.20
N VAL UA 111 12.72 16.44 -153.60
CA VAL UA 111 13.77 15.76 -152.88
C VAL UA 111 14.90 15.39 -153.84
N HIS UA 112 14.56 14.86 -155.00
CA HIS UA 112 15.58 14.57 -156.01
C HIS UA 112 16.30 15.84 -156.42
N ARG UA 113 15.62 16.98 -156.36
CA ARG UA 113 16.25 18.25 -156.61
C ARG UA 113 17.23 18.65 -155.53
N GLY UA 114 17.21 17.98 -154.38
CA GLY UA 114 18.09 18.32 -153.29
C GLY UA 114 17.96 19.74 -152.78
N GLU UA 115 16.80 20.36 -152.93
CA GLU UA 115 16.60 21.76 -152.55
C GLU UA 115 16.55 21.90 -151.02
N VAL UA 116 17.71 22.28 -150.46
CA VAL UA 116 17.83 22.51 -149.03
C VAL UA 116 16.88 23.64 -148.63
N PRO UA 117 15.80 23.34 -147.92
CA PRO UA 117 14.76 24.35 -147.71
C PRO UA 117 15.05 25.23 -146.51
N CYS UA 118 14.11 26.13 -146.25
CA CYS UA 118 14.18 27.02 -145.10
C CYS UA 118 12.77 27.20 -144.54
N THR UA 119 12.71 27.65 -143.29
CA THR UA 119 11.49 28.18 -142.71
C THR UA 119 11.92 29.16 -141.64
N VAL UA 120 12.01 30.44 -142.02
CA VAL UA 120 12.63 31.47 -141.20
C VAL UA 120 11.56 32.42 -140.70
N THR UA 121 11.07 32.17 -139.50
CA THR UA 121 9.94 32.90 -138.94
C THR UA 121 10.42 33.83 -137.84
N THR UA 122 10.32 35.14 -138.08
CA THR UA 122 10.74 36.14 -137.11
C THR UA 122 9.63 37.16 -136.92
N ALA UA 123 9.70 37.84 -135.78
CA ALA UA 123 8.82 38.98 -135.52
C ALA UA 123 9.18 40.19 -136.36
N SER UA 124 10.42 40.27 -136.85
CA SER UA 124 10.88 41.44 -137.58
C SER UA 124 11.66 40.98 -138.79
N ALA UA 125 12.07 41.94 -139.61
CA ALA UA 125 12.64 41.63 -140.92
C ALA UA 125 14.16 41.69 -140.94
N LEU UA 126 14.76 40.87 -141.81
CA LEU UA 126 16.13 41.02 -142.24
C LEU UA 126 16.10 41.08 -143.76
N ASP UA 127 16.89 41.98 -144.33
CA ASP UA 127 16.77 42.30 -145.75
C ASP UA 127 16.90 41.06 -146.61
N GLU UA 128 16.32 41.11 -147.81
CA GLU UA 128 16.51 40.02 -148.75
C GLU UA 128 17.99 39.83 -149.07
N ALA UA 129 18.74 40.92 -149.18
CA ALA UA 129 20.18 40.82 -149.24
C ALA UA 129 20.74 40.22 -147.95
N THR UA 130 20.23 40.67 -146.80
CA THR UA 130 20.56 40.00 -145.55
C THR UA 130 20.06 38.57 -145.57
N LEU UA 131 18.87 38.35 -146.13
CA LEU UA 131 18.43 36.99 -146.42
C LEU UA 131 19.38 36.32 -147.41
N THR UA 132 19.80 37.05 -148.44
CA THR UA 132 20.85 36.53 -149.31
C THR UA 132 22.14 36.34 -148.52
N GLU UA 133 22.45 37.28 -147.63
CA GLU UA 133 23.56 37.06 -146.71
C GLU UA 133 23.28 35.86 -145.81
N LEU UA 134 22.04 35.76 -145.29
CA LEU UA 134 21.65 34.54 -144.60
C LEU UA 134 21.66 33.35 -145.55
N LYS UA 135 21.30 33.59 -146.82
CA LYS UA 135 21.40 32.53 -147.83
C LYS UA 135 22.85 32.09 -147.99
N THR UA 136 23.79 33.03 -147.98
CA THR UA 136 25.19 32.65 -147.92
C THR UA 136 25.50 31.88 -146.64
N VAL UA 137 24.94 32.34 -145.51
CA VAL UA 137 25.02 31.55 -144.28
C VAL UA 137 24.26 30.24 -144.46
N LEU UA 138 23.13 30.28 -145.16
CA LEU UA 138 22.47 29.04 -145.55
C LEU UA 138 23.35 28.26 -146.53
N LYS UA 139 23.99 28.97 -147.46
CA LYS UA 139 25.03 28.32 -148.25
C LYS UA 139 26.14 27.82 -147.35
N SER UA 140 26.50 28.59 -146.32
CA SER UA 140 27.39 28.06 -145.30
C SER UA 140 26.78 26.87 -144.59
N PHE UA 141 25.46 26.85 -144.40
CA PHE UA 141 24.80 25.66 -143.90
C PHE UA 141 24.66 24.62 -144.99
N LEU UA 142 24.70 25.03 -146.26
CA LEU UA 142 24.55 24.10 -147.37
C LEU UA 142 25.78 23.20 -147.43
N SER UA 143 25.55 21.93 -147.69
CA SER UA 143 26.57 20.89 -147.78
C SER UA 143 26.09 19.84 -148.76
N LYS UA 144 26.63 18.64 -148.63
CA LYS UA 144 26.24 17.54 -149.50
C LYS UA 144 24.73 17.31 -149.42
N GLY UA 145 24.09 17.21 -150.58
CA GLY UA 145 22.66 17.08 -150.65
C GLY UA 145 21.93 18.40 -150.56
N GLN UA 146 22.58 19.38 -149.93
CA GLN UA 146 21.93 20.65 -149.65
C GLN UA 146 22.12 21.63 -150.80
N VAL UA 147 21.00 22.01 -151.41
CA VAL UA 147 20.94 23.12 -152.35
C VAL UA 147 19.90 24.08 -151.81
N LEU UA 148 20.36 25.25 -151.35
CA LEU UA 148 19.50 26.11 -150.54
C LEU UA 148 18.20 26.43 -151.26
N LYS UA 149 17.10 26.40 -150.50
CA LYS UA 149 15.75 26.71 -150.98
C LYS UA 149 15.15 27.66 -149.96
N LEU UA 150 15.31 28.96 -150.20
CA LEU UA 150 14.94 29.96 -149.23
C LEU UA 150 13.44 29.98 -148.99
N GLU UA 151 13.07 30.07 -147.72
CA GLU UA 151 11.69 30.31 -147.32
C GLU UA 151 11.70 31.00 -145.96
N VAL UA 152 11.63 32.33 -145.96
CA VAL UA 152 11.51 33.08 -144.72
C VAL UA 152 10.04 33.11 -144.31
N LYS UA 153 9.79 33.54 -143.07
CA LYS UA 153 8.42 33.66 -142.59
C LYS UA 153 8.32 34.90 -141.71
N ILE UA 154 7.19 35.60 -141.83
CA ILE UA 154 6.99 36.88 -141.18
C ILE UA 154 5.76 36.79 -140.29
N ASP UA 155 5.98 36.94 -138.98
CA ASP UA 155 4.91 37.04 -138.00
C ASP UA 155 5.49 37.52 -136.69
N PRO UA 156 4.91 38.56 -136.09
CA PRO UA 156 5.37 39.02 -134.78
C PRO UA 156 4.80 38.21 -133.62
N SER UA 157 4.17 37.07 -133.90
CA SER UA 157 3.62 36.24 -132.83
C SER UA 157 4.72 35.80 -131.88
N ILE UA 158 5.84 35.32 -132.42
CA ILE UA 158 7.05 35.20 -131.60
C ILE UA 158 7.64 36.58 -131.49
N MET UA 159 7.18 37.33 -130.47
CA MET UA 159 7.37 38.77 -130.41
C MET UA 159 8.84 39.15 -130.49
N GLY UA 160 9.73 38.23 -130.09
CA GLY UA 160 11.15 38.44 -130.19
C GLY UA 160 11.82 37.43 -131.09
N GLY UA 161 13.07 37.73 -131.42
CA GLY UA 161 13.94 36.81 -132.13
C GLY UA 161 13.36 36.32 -133.44
N MET UA 162 13.54 35.04 -133.69
CA MET UA 162 13.19 34.44 -134.97
C MET UA 162 12.98 32.95 -134.77
N ILE UA 163 12.63 32.28 -135.87
CA ILE UA 163 12.62 30.83 -135.91
C ILE UA 163 13.22 30.42 -137.25
N VAL UA 164 14.46 29.93 -137.21
CA VAL UA 164 15.18 29.58 -138.43
C VAL UA 164 15.12 28.07 -138.60
N ARG UA 165 14.15 27.61 -139.38
CA ARG UA 165 14.00 26.19 -139.66
C ARG UA 165 14.38 25.93 -141.10
N ILE UA 166 15.67 25.78 -141.36
CA ILE UA 166 16.18 25.60 -142.71
C ILE UA 166 15.98 24.12 -143.03
N GLY UA 167 14.78 23.78 -143.48
CA GLY UA 167 14.44 22.40 -143.64
C GLY UA 167 14.66 21.63 -142.35
N GLU UA 168 15.66 20.75 -142.35
CA GLU UA 168 16.02 19.95 -141.18
C GLU UA 168 16.31 20.83 -139.97
N LYS UA 169 16.96 21.98 -140.19
CA LYS UA 169 17.21 22.91 -139.12
C LYS UA 169 15.89 23.36 -138.49
N TYR UA 170 15.96 23.70 -137.21
CA TYR UA 170 14.86 24.42 -136.56
C TYR UA 170 15.49 25.28 -135.48
N VAL UA 171 15.79 26.53 -135.81
CA VAL UA 171 16.49 27.42 -134.91
C VAL UA 171 15.51 28.46 -134.40
N ASP UA 172 14.94 28.21 -133.23
CA ASP UA 172 13.98 29.12 -132.61
C ASP UA 172 14.76 30.25 -131.99
N MET UA 173 15.23 31.17 -132.83
CA MET UA 173 15.89 32.37 -132.38
C MET UA 173 14.94 33.26 -131.58
N SER UA 174 13.66 32.89 -131.52
CA SER UA 174 12.63 33.74 -130.94
C SER UA 174 12.99 34.16 -129.52
N ALA UA 175 13.24 35.45 -129.36
CA ALA UA 175 13.44 36.02 -128.04
C ALA UA 175 12.17 35.99 -127.23
N LYS UA 176 11.01 35.99 -127.91
CA LYS UA 176 9.76 35.75 -127.21
C LYS UA 176 9.84 34.44 -126.44
N THR UA 177 10.36 33.39 -127.08
CA THR UA 177 10.66 32.16 -126.35
C THR UA 177 11.72 32.42 -125.29
N LYS UA 178 12.78 33.15 -125.65
CA LYS UA 178 13.83 33.45 -124.68
C LYS UA 178 13.27 34.26 -123.52
N ILE UA 179 12.44 35.26 -123.82
CA ILE UA 179 11.78 36.01 -122.76
C ILE UA 179 10.95 35.06 -121.91
N GLN UA 180 10.18 34.18 -122.55
CA GLN UA 180 9.46 33.16 -121.80
C GLN UA 180 10.44 32.26 -121.06
N LYS UA 181 11.53 31.88 -121.72
CA LYS UA 181 12.60 31.18 -121.01
C LYS UA 181 13.15 32.07 -119.90
N LEU UA 182 13.39 33.34 -120.20
CA LEU UA 182 13.73 34.28 -119.15
C LEU UA 182 12.60 34.36 -118.12
N SER UA 183 11.35 34.33 -118.58
CA SER UA 183 10.23 34.29 -117.65
C SER UA 183 10.28 33.05 -116.79
N ARG UA 184 10.53 31.89 -117.42
CA ARG UA 184 10.80 30.69 -116.64
C ARG UA 184 12.03 30.90 -115.76
N ALA UA 185 13.06 31.54 -116.32
CA ALA UA 185 14.20 31.93 -115.49
C ALA UA 185 13.77 32.94 -114.44
N MET UA 186 12.96 33.93 -114.81
CA MET UA 186 12.40 34.84 -113.83
C MET UA 186 11.57 34.07 -112.82
N ARG UA 187 10.83 33.06 -113.27
CA ARG UA 187 10.21 32.13 -112.35
C ARG UA 187 11.29 31.38 -111.56
N GLU UA 188 12.35 30.95 -112.25
CA GLU UA 188 13.41 30.17 -111.61
C GLU UA 188 14.13 30.98 -110.53
N MET VA 1 -46.83 -71.36 8.95
CA MET VA 1 -45.42 -71.69 9.16
C MET VA 1 -44.56 -70.45 8.92
N ASN VA 2 -45.14 -69.28 9.13
CA ASN VA 2 -44.46 -68.01 8.94
C ASN VA 2 -43.75 -67.55 10.19
N GLU VA 3 -43.82 -68.35 11.25
CA GLU VA 3 -43.18 -68.01 12.53
C GLU VA 3 -41.68 -67.83 12.38
N ASN VA 4 -41.01 -68.74 11.69
CA ASN VA 4 -39.57 -68.61 11.44
C ASN VA 4 -39.24 -67.45 10.53
N LEU VA 5 -40.24 -66.80 9.95
CA LEU VA 5 -40.00 -65.74 8.98
C LEU VA 5 -40.04 -64.38 9.65
N PHE VA 6 -41.17 -64.03 10.26
CA PHE VA 6 -41.26 -62.79 11.02
C PHE VA 6 -40.16 -62.69 12.05
N THR VA 7 -39.78 -63.81 12.66
CA THR VA 7 -38.55 -63.85 13.43
C THR VA 7 -37.35 -63.52 12.56
N SER VA 8 -37.08 -64.33 11.54
CA SER VA 8 -36.01 -64.03 10.62
C SER VA 8 -36.19 -62.67 9.95
N PHE VA 9 -37.43 -62.19 9.82
CA PHE VA 9 -37.67 -60.83 9.38
C PHE VA 9 -36.99 -59.81 10.29
N ILE VA 10 -36.70 -60.20 11.53
CA ILE VA 10 -35.85 -59.38 12.37
C ILE VA 10 -34.42 -59.89 12.27
N THR VA 11 -33.46 -58.98 12.42
CA THR VA 11 -32.06 -59.37 12.34
C THR VA 11 -31.56 -59.82 13.71
N PRO VA 12 -30.62 -60.76 13.76
CA PRO VA 12 -30.09 -61.19 15.06
C PRO VA 12 -29.33 -60.09 15.76
N VAL VA 13 -29.27 -60.15 17.09
CA VAL VA 13 -28.69 -59.07 17.87
C VAL VA 13 -28.00 -59.59 19.11
N ILE VA 14 -27.21 -58.74 19.77
CA ILE VA 14 -26.43 -59.17 20.93
C ILE VA 14 -26.97 -58.55 22.22
N LEU VA 15 -26.99 -57.22 22.29
CA LEU VA 15 -27.30 -56.53 23.53
C LEU VA 15 -28.26 -55.39 23.23
N GLY VA 16 -28.48 -54.53 24.23
CA GLY VA 16 -29.41 -53.44 24.09
C GLY VA 16 -28.88 -52.38 23.16
N LEU VA 17 -28.59 -52.78 21.92
CA LEU VA 17 -27.99 -51.93 20.92
C LEU VA 17 -28.88 -51.94 19.69
N PRO VA 18 -28.88 -50.88 18.89
CA PRO VA 18 -29.83 -50.77 17.76
C PRO VA 18 -29.43 -51.58 16.53
N LEU VA 19 -29.76 -52.87 16.56
CA LEU VA 19 -29.51 -53.73 15.41
C LEU VA 19 -30.27 -53.23 14.18
N VAL VA 20 -31.42 -52.58 14.39
CA VAL VA 20 -32.15 -51.99 13.28
C VAL VA 20 -31.38 -50.84 12.67
N THR VA 21 -30.86 -49.94 13.50
CA THR VA 21 -30.13 -48.79 12.97
C THR VA 21 -28.75 -49.18 12.47
N LEU VA 22 -28.22 -50.31 12.96
CA LEU VA 22 -26.81 -50.63 12.78
C LEU VA 22 -26.42 -50.73 11.31
N ILE VA 23 -27.04 -51.66 10.58
CA ILE VA 23 -26.56 -52.00 9.23
C ILE VA 23 -26.73 -50.83 8.29
N VAL VA 24 -27.47 -49.81 8.71
CA VAL VA 24 -27.87 -48.73 7.80
C VAL VA 24 -26.69 -48.00 7.18
N LEU VA 25 -25.47 -48.24 7.67
CA LEU VA 25 -24.29 -47.73 7.01
C LEU VA 25 -23.50 -48.80 6.28
N PHE VA 26 -23.80 -50.08 6.52
CA PHE VA 26 -23.16 -51.15 5.76
C PHE VA 26 -23.26 -50.96 4.26
N PRO VA 27 -24.40 -50.55 3.72
CA PRO VA 27 -24.46 -50.23 2.29
C PRO VA 27 -23.49 -49.14 1.90
N SER VA 28 -23.28 -48.20 2.82
CA SER VA 28 -22.41 -47.07 2.54
C SER VA 28 -20.95 -47.51 2.40
N LEU VA 29 -20.66 -48.75 2.80
CA LEU VA 29 -19.29 -49.24 2.78
C LEU VA 29 -18.68 -49.23 1.39
N LEU VA 30 -19.50 -49.20 0.34
CA LEU VA 30 -19.00 -49.18 -1.03
C LEU VA 30 -18.90 -47.77 -1.60
N PHE VA 31 -18.78 -46.75 -0.77
CA PHE VA 31 -18.82 -45.35 -1.21
C PHE VA 31 -17.41 -44.77 -1.18
N PRO VA 32 -16.63 -45.00 -2.24
CA PRO VA 32 -15.31 -44.37 -2.33
C PRO VA 32 -15.38 -42.90 -2.69
N THR VA 33 -14.35 -42.14 -2.34
CA THR VA 33 -14.24 -40.74 -2.72
C THR VA 33 -12.77 -40.34 -2.77
N SER VA 34 -12.47 -39.29 -3.53
CA SER VA 34 -11.11 -38.77 -3.68
C SER VA 34 -11.06 -37.38 -4.31
N ASN VA 35 -9.88 -36.75 -4.25
CA ASN VA 35 -9.68 -35.43 -4.84
C ASN VA 35 -8.44 -35.45 -5.71
N ARG VA 36 -7.93 -36.64 -5.99
CA ARG VA 36 -6.82 -36.84 -6.91
C ARG VA 36 -7.36 -36.83 -8.33
N LEU VA 37 -6.46 -36.71 -9.31
CA LEU VA 37 -6.93 -36.64 -10.70
C LEU VA 37 -7.42 -37.98 -11.20
N VAL VA 38 -6.75 -39.08 -10.86
CA VAL VA 38 -7.24 -40.39 -11.26
C VAL VA 38 -6.89 -41.42 -10.20
N SER VA 39 -7.88 -41.82 -9.41
CA SER VA 39 -7.67 -42.80 -8.37
C SER VA 39 -7.68 -44.19 -8.99
N ASN VA 40 -7.71 -45.20 -8.12
CA ASN VA 40 -8.01 -46.56 -8.57
C ASN VA 40 -9.32 -46.54 -9.36
N ARG VA 41 -9.48 -47.54 -10.22
CA ARG VA 41 -10.56 -47.47 -11.21
C ARG VA 41 -11.93 -47.56 -10.55
N PHE VA 42 -12.01 -48.19 -9.37
CA PHE VA 42 -13.29 -48.57 -8.79
C PHE VA 42 -14.26 -47.40 -8.73
N VAL VA 43 -13.89 -46.35 -8.00
CA VAL VA 43 -14.76 -45.18 -7.91
C VAL VA 43 -14.93 -44.56 -9.28
N THR VA 44 -13.85 -44.47 -10.06
CA THR VA 44 -13.96 -43.97 -11.42
C THR VA 44 -14.90 -44.86 -12.24
N LEU VA 45 -14.70 -46.18 -12.14
CA LEU VA 45 -15.66 -47.09 -12.75
C LEU VA 45 -17.03 -46.90 -12.13
N GLN VA 46 -17.08 -46.76 -10.81
CA GLN VA 46 -18.32 -46.35 -10.18
C GLN VA 46 -18.79 -45.03 -10.77
N GLN VA 47 -17.88 -44.06 -10.88
CA GLN VA 47 -18.23 -42.82 -11.57
C GLN VA 47 -18.65 -43.10 -13.00
N TRP VA 48 -17.90 -43.97 -13.68
CA TRP VA 48 -18.34 -44.43 -15.00
C TRP VA 48 -19.71 -45.06 -14.91
N MET VA 49 -19.91 -45.92 -13.91
CA MET VA 49 -21.25 -46.40 -13.62
C MET VA 49 -22.15 -45.25 -13.21
N LEU VA 50 -21.65 -44.36 -12.35
CA LEU VA 50 -22.49 -43.29 -11.81
C LEU VA 50 -22.98 -42.37 -12.92
N GLN VA 51 -22.06 -41.68 -13.58
CA GLN VA 51 -22.45 -40.63 -14.52
C GLN VA 51 -23.40 -41.16 -15.57
N LEU VA 52 -23.26 -42.45 -15.90
CA LEU VA 52 -24.09 -43.05 -16.95
C LEU VA 52 -25.58 -42.90 -16.61
N VAL VA 53 -26.03 -43.63 -15.59
CA VAL VA 53 -27.42 -43.48 -15.19
C VAL VA 53 -27.66 -42.09 -14.65
N SER VA 54 -26.63 -41.51 -14.03
CA SER VA 54 -26.75 -40.13 -13.58
C SER VA 54 -27.15 -39.23 -14.73
N LYS VA 55 -26.41 -39.30 -15.83
CA LYS VA 55 -26.81 -38.57 -17.02
C LYS VA 55 -28.23 -38.93 -17.40
N GLN VA 56 -28.54 -40.23 -17.41
CA GLN VA 56 -29.92 -40.65 -17.61
C GLN VA 56 -30.83 -40.02 -16.56
N MET VA 57 -30.44 -40.14 -15.29
CA MET VA 57 -31.17 -39.45 -14.24
C MET VA 57 -31.17 -37.95 -14.50
N MET VA 58 -30.02 -37.41 -14.86
CA MET VA 58 -29.95 -36.01 -15.27
C MET VA 58 -30.83 -35.75 -16.47
N SER VA 59 -30.78 -36.62 -17.48
CA SER VA 59 -31.74 -36.55 -18.56
C SER VA 59 -33.15 -36.66 -17.99
N ILE VA 60 -33.37 -37.62 -17.10
CA ILE VA 60 -34.63 -37.68 -16.39
C ILE VA 60 -34.87 -36.40 -15.63
N HIS VA 61 -33.82 -35.81 -15.06
CA HIS VA 61 -33.99 -34.63 -14.25
C HIS VA 61 -34.48 -33.46 -15.10
N ASN VA 62 -35.43 -32.73 -14.55
CA ASN VA 62 -35.75 -31.39 -15.01
C ASN VA 62 -34.81 -30.42 -14.32
N SER VA 63 -34.86 -29.14 -14.71
CA SER VA 63 -33.94 -28.17 -14.15
C SER VA 63 -34.14 -27.98 -12.66
N LYS VA 64 -35.40 -27.85 -12.22
CA LYS VA 64 -35.67 -27.53 -10.83
C LYS VA 64 -35.30 -28.67 -9.89
N GLY VA 65 -35.77 -29.88 -10.21
CA GLY VA 65 -35.61 -30.97 -9.26
C GLY VA 65 -34.19 -31.51 -9.21
N GLN VA 66 -33.34 -31.00 -10.09
CA GLN VA 66 -31.98 -31.54 -10.21
C GLN VA 66 -31.26 -31.50 -8.87
N THR VA 67 -31.61 -30.54 -8.02
CA THR VA 67 -31.01 -30.48 -6.69
C THR VA 67 -31.22 -31.79 -5.95
N TRP VA 68 -32.48 -32.11 -5.64
CA TRP VA 68 -32.76 -33.36 -4.96
C TRP VA 68 -32.31 -34.57 -5.77
N THR VA 69 -32.19 -34.42 -7.09
CA THR VA 69 -31.84 -35.53 -7.95
C THR VA 69 -30.54 -36.17 -7.51
N LEU VA 70 -29.51 -35.36 -7.29
CA LEU VA 70 -28.25 -35.90 -6.80
C LEU VA 70 -28.49 -36.73 -5.54
N MET VA 71 -29.23 -36.17 -4.59
CA MET VA 71 -29.62 -36.95 -3.42
C MET VA 71 -30.46 -38.15 -3.83
N LEU VA 72 -31.43 -37.94 -4.72
CA LEU VA 72 -32.19 -39.07 -5.23
C LEU VA 72 -31.26 -40.09 -5.86
N MET VA 73 -30.36 -39.61 -6.71
CA MET VA 73 -29.30 -40.49 -7.20
C MET VA 73 -28.57 -41.13 -6.04
N SER VA 74 -28.17 -40.31 -5.07
CA SER VA 74 -27.57 -40.88 -3.85
C SER VA 74 -28.54 -41.82 -3.18
N LEU VA 75 -29.80 -41.43 -3.08
CA LEU VA 75 -30.81 -42.32 -2.53
C LEU VA 75 -30.84 -43.63 -3.32
N ILE VA 76 -30.72 -43.53 -4.64
CA ILE VA 76 -30.72 -44.73 -5.46
C ILE VA 76 -29.56 -45.63 -5.07
N LEU VA 77 -28.38 -45.03 -4.88
CA LEU VA 77 -27.21 -45.83 -4.54
C LEU VA 77 -27.42 -46.56 -3.22
N PHE VA 78 -27.95 -45.87 -2.22
CA PHE VA 78 -28.14 -46.49 -0.91
C PHE VA 78 -29.06 -47.70 -1.03
N ILE VA 79 -30.23 -47.50 -1.63
CA ILE VA 79 -31.18 -48.60 -1.76
C ILE VA 79 -30.58 -49.73 -2.58
N GLY VA 80 -29.96 -49.40 -3.71
CA GLY VA 80 -29.29 -50.42 -4.48
C GLY VA 80 -28.23 -51.14 -3.66
N SER VA 81 -27.44 -50.38 -2.92
CA SER VA 81 -26.48 -50.99 -2.01
C SER VA 81 -27.20 -51.89 -1.02
N THR VA 82 -28.33 -51.42 -0.49
CA THR VA 82 -29.17 -52.30 0.32
C THR VA 82 -29.72 -53.44 -0.54
N ASN VA 83 -30.12 -53.14 -1.77
CA ASN VA 83 -30.68 -54.16 -2.64
C ASN VA 83 -29.73 -55.32 -2.84
N LEU VA 84 -28.46 -55.06 -3.13
CA LEU VA 84 -27.47 -56.11 -3.17
C LEU VA 84 -27.30 -56.73 -1.79
N LEU VA 85 -27.33 -55.89 -0.74
CA LEU VA 85 -27.26 -56.41 0.61
C LEU VA 85 -28.39 -57.41 0.86
N GLY VA 86 -29.48 -57.29 0.10
CA GLY VA 86 -30.52 -58.29 0.16
C GLY VA 86 -30.01 -59.68 -0.16
N LEU VA 87 -28.88 -59.77 -0.88
CA LEU VA 87 -28.29 -61.08 -1.13
C LEU VA 87 -27.80 -61.75 0.13
N LEU VA 88 -27.61 -61.01 1.22
CA LEU VA 88 -27.09 -61.61 2.43
C LEU VA 88 -28.16 -62.50 3.08
N PRO VA 89 -27.91 -63.80 3.16
CA PRO VA 89 -28.90 -64.71 3.76
C PRO VA 89 -29.10 -64.52 5.25
N HIS VA 90 -28.01 -64.58 6.02
CA HIS VA 90 -28.07 -64.48 7.46
C HIS VA 90 -28.45 -63.08 7.92
N SER VA 91 -28.20 -62.07 7.09
CA SER VA 91 -28.59 -60.71 7.44
C SER VA 91 -30.03 -60.46 7.05
N PHE VA 92 -30.75 -59.74 7.90
CA PHE VA 92 -32.12 -59.32 7.62
C PHE VA 92 -32.06 -57.85 7.20
N THR VA 93 -32.40 -57.58 5.94
CA THR VA 93 -32.29 -56.23 5.42
C THR VA 93 -33.24 -55.30 6.16
N PRO VA 94 -32.71 -54.25 6.79
CA PRO VA 94 -33.59 -53.32 7.52
C PRO VA 94 -34.64 -52.68 6.63
N THR VA 95 -34.29 -52.35 5.38
CA THR VA 95 -35.27 -51.77 4.48
C THR VA 95 -36.43 -52.72 4.21
N THR VA 96 -36.19 -54.02 4.21
CA THR VA 96 -37.30 -54.97 4.15
C THR VA 96 -38.30 -54.68 5.25
N GLN VA 97 -37.82 -54.23 6.41
CA GLN VA 97 -38.71 -53.62 7.38
C GLN VA 97 -39.05 -52.21 6.92
N LEU VA 98 -40.35 -51.91 6.87
CA LEU VA 98 -40.76 -50.57 6.51
C LEU VA 98 -40.19 -49.53 7.46
N SER VA 99 -39.84 -49.94 8.68
CA SER VA 99 -39.33 -49.02 9.68
C SER VA 99 -38.08 -48.30 9.18
N MET VA 100 -37.34 -48.93 8.27
CA MET VA 100 -36.08 -48.34 7.84
C MET VA 100 -36.28 -47.16 6.91
N ASN VA 101 -37.26 -47.21 6.02
CA ASN VA 101 -37.26 -46.31 4.87
C ASN VA 101 -38.53 -45.48 4.78
N LEU VA 102 -39.66 -46.05 5.21
CA LEU VA 102 -40.97 -45.60 4.75
C LEU VA 102 -41.14 -44.09 4.89
N GLY VA 103 -40.60 -43.51 5.96
CA GLY VA 103 -40.69 -42.08 6.12
C GLY VA 103 -40.09 -41.32 4.96
N MET VA 104 -38.98 -41.82 4.40
CA MET VA 104 -38.37 -41.22 3.23
C MET VA 104 -39.32 -41.17 2.05
N ALA VA 105 -40.13 -42.22 1.85
CA ALA VA 105 -41.15 -42.19 0.82
C ALA VA 105 -42.04 -40.97 0.97
N ILE VA 106 -42.48 -40.71 2.19
CA ILE VA 106 -43.19 -39.47 2.48
C ILE VA 106 -42.25 -38.33 2.13
N PRO VA 107 -41.05 -38.33 2.69
CA PRO VA 107 -40.12 -37.22 2.44
C PRO VA 107 -39.90 -37.02 0.96
N LEU VA 108 -39.85 -38.13 0.23
CA LEU VA 108 -39.95 -38.04 -1.21
C LEU VA 108 -41.27 -37.42 -1.60
N TRP VA 109 -42.38 -38.09 -1.30
CA TRP VA 109 -43.68 -37.63 -1.78
C TRP VA 109 -44.01 -36.25 -1.24
N ALA VA 110 -43.78 -36.04 0.05
CA ALA VA 110 -44.04 -34.73 0.63
C ALA VA 110 -43.10 -33.69 0.05
N GLY VA 111 -41.85 -34.08 -0.21
CA GLY VA 111 -40.81 -33.09 -0.48
C GLY VA 111 -41.21 -32.08 -1.51
N ALA VA 112 -41.89 -32.52 -2.57
CA ALA VA 112 -42.42 -31.59 -3.55
C ALA VA 112 -43.86 -31.22 -3.25
N VAL VA 113 -44.56 -32.08 -2.51
CA VAL VA 113 -46.01 -31.99 -2.41
C VAL VA 113 -46.45 -30.56 -2.12
N ILE VA 114 -45.97 -29.99 -1.02
CA ILE VA 114 -46.18 -28.56 -0.81
C ILE VA 114 -45.32 -27.77 -1.77
N THR VA 115 -44.06 -28.17 -1.93
CA THR VA 115 -43.12 -27.38 -2.74
C THR VA 115 -43.62 -27.24 -4.16
N GLY VA 116 -44.17 -28.31 -4.72
CA GLY VA 116 -44.78 -28.21 -6.04
C GLY VA 116 -45.94 -27.25 -6.06
N PHE VA 117 -46.81 -27.31 -5.05
CA PHE VA 117 -47.77 -26.24 -4.86
C PHE VA 117 -47.06 -24.93 -4.58
N ARG VA 118 -46.08 -24.96 -3.69
CA ARG VA 118 -45.25 -23.78 -3.47
C ARG VA 118 -44.53 -23.36 -4.75
N ASN VA 119 -44.31 -24.30 -5.67
CA ASN VA 119 -43.84 -23.96 -7.01
C ASN VA 119 -45.01 -23.59 -7.90
N LYS VA 120 -45.99 -24.47 -8.00
CA LYS VA 120 -47.16 -24.28 -8.86
C LYS VA 120 -48.39 -24.63 -8.04
N THR VA 121 -48.92 -23.64 -7.31
CA THR VA 121 -50.11 -23.88 -6.50
C THR VA 121 -51.36 -23.98 -7.35
N LYS VA 122 -51.70 -22.92 -8.08
CA LYS VA 122 -52.90 -22.92 -8.92
C LYS VA 122 -52.81 -24.06 -9.92
N ALA VA 123 -51.60 -24.37 -10.37
CA ALA VA 123 -51.40 -25.55 -11.18
C ALA VA 123 -51.64 -26.82 -10.37
N SER VA 124 -51.02 -26.92 -9.20
CA SER VA 124 -51.36 -28.03 -8.31
C SER VA 124 -52.86 -28.03 -8.04
N LEU VA 125 -53.45 -26.85 -7.92
CA LEU VA 125 -54.90 -26.76 -7.87
C LEU VA 125 -55.54 -27.30 -9.15
N ALA VA 126 -55.06 -26.82 -10.30
CA ALA VA 126 -55.59 -27.32 -11.57
C ALA VA 126 -55.14 -28.74 -11.85
N HIS VA 127 -54.20 -29.28 -11.07
CA HIS VA 127 -53.55 -30.54 -11.40
C HIS VA 127 -54.51 -31.73 -11.37
N PHE VA 128 -55.71 -31.58 -10.81
CA PHE VA 128 -56.61 -32.70 -10.64
C PHE VA 128 -56.86 -33.49 -11.90
N LEU VA 129 -57.01 -32.83 -13.04
CA LEU VA 129 -57.26 -33.47 -14.31
C LEU VA 129 -57.26 -32.43 -15.41
N PRO VA 130 -57.36 -32.82 -16.68
CA PRO VA 130 -57.41 -31.83 -17.75
C PRO VA 130 -58.60 -30.89 -17.58
N GLN VA 131 -58.30 -29.60 -17.65
CA GLN VA 131 -59.36 -28.61 -17.52
C GLN VA 131 -60.32 -28.76 -18.68
N GLY VA 132 -61.60 -28.83 -18.36
CA GLY VA 132 -62.57 -29.17 -19.37
C GLY VA 132 -62.68 -30.64 -19.65
N THR VA 133 -62.36 -31.48 -18.69
CA THR VA 133 -62.81 -32.86 -18.77
C THR VA 133 -64.32 -32.89 -18.55
N PRO VA 134 -65.03 -33.88 -19.09
CA PRO VA 134 -66.49 -33.84 -19.04
C PRO VA 134 -67.04 -33.84 -17.62
N THR VA 135 -68.01 -32.96 -17.38
CA THR VA 135 -68.62 -32.85 -16.06
C THR VA 135 -69.30 -34.14 -15.64
N PRO VA 136 -69.61 -35.09 -16.53
CA PRO VA 136 -70.52 -36.19 -16.17
C PRO VA 136 -70.08 -36.98 -14.95
N LEU VA 137 -68.79 -37.15 -14.73
CA LEU VA 137 -68.29 -37.81 -13.53
C LEU VA 137 -67.22 -36.97 -12.84
N ILE VA 138 -67.37 -35.65 -12.86
CA ILE VA 138 -66.29 -34.72 -12.54
C ILE VA 138 -65.76 -34.95 -11.12
N PRO VA 139 -66.50 -34.57 -10.08
CA PRO VA 139 -65.92 -34.69 -8.73
C PRO VA 139 -65.62 -36.12 -8.34
N MET VA 140 -66.28 -37.07 -8.99
CA MET VA 140 -66.01 -38.49 -8.73
C MET VA 140 -64.56 -38.85 -8.93
N LEU VA 141 -64.00 -38.52 -10.09
CA LEU VA 141 -62.57 -38.71 -10.32
C LEU VA 141 -61.72 -37.90 -9.37
N VAL VA 142 -62.16 -36.67 -9.05
CA VAL VA 142 -61.44 -35.87 -8.08
C VAL VA 142 -61.27 -36.65 -6.79
N ILE VA 143 -62.32 -37.33 -6.36
CA ILE VA 143 -62.17 -38.29 -5.26
C ILE VA 143 -61.19 -39.38 -5.66
N ILE VA 144 -61.39 -39.98 -6.82
CA ILE VA 144 -60.52 -41.07 -7.26
C ILE VA 144 -59.09 -40.57 -7.39
N GLU VA 145 -58.91 -39.43 -8.04
CA GLU VA 145 -57.57 -38.93 -8.32
C GLU VA 145 -56.81 -38.62 -7.03
N THR VA 146 -57.50 -38.04 -6.05
CA THR VA 146 -56.82 -37.59 -4.83
C THR VA 146 -56.08 -38.74 -4.18
N ILE VA 147 -56.57 -39.97 -4.37
CA ILE VA 147 -55.90 -41.14 -3.81
C ILE VA 147 -54.46 -41.21 -4.30
N SER VA 148 -54.22 -40.82 -5.55
CA SER VA 148 -52.93 -41.07 -6.17
C SER VA 148 -51.79 -40.52 -5.33
N LEU VA 149 -51.86 -39.23 -4.98
CA LEU VA 149 -50.73 -38.60 -4.30
C LEU VA 149 -50.42 -39.28 -2.98
N PHE VA 150 -51.44 -39.47 -2.15
CA PHE VA 150 -51.23 -40.19 -0.91
C PHE VA 150 -50.80 -41.63 -1.15
N ILE VA 151 -51.53 -42.35 -2.00
CA ILE VA 151 -51.17 -43.73 -2.29
C ILE VA 151 -49.79 -43.83 -2.94
N GLN VA 152 -49.31 -42.75 -3.55
CA GLN VA 152 -48.09 -42.79 -4.34
C GLN VA 152 -46.95 -43.37 -3.52
N PRO VA 153 -46.45 -42.65 -2.52
CA PRO VA 153 -45.49 -43.28 -1.61
C PRO VA 153 -46.09 -44.46 -0.89
N MET VA 154 -47.38 -44.36 -0.55
CA MET VA 154 -48.04 -45.45 0.19
C MET VA 154 -47.90 -46.76 -0.55
N ALA VA 155 -48.29 -46.78 -1.82
CA ALA VA 155 -48.07 -47.96 -2.63
C ALA VA 155 -46.57 -48.21 -2.74
N LEU VA 156 -45.82 -47.15 -3.06
CA LEU VA 156 -44.39 -47.28 -3.29
C LEU VA 156 -43.71 -47.91 -2.10
N ALA VA 157 -43.93 -47.35 -0.92
CA ALA VA 157 -43.33 -47.91 0.28
C ALA VA 157 -43.81 -49.33 0.51
N VAL VA 158 -45.10 -49.56 0.34
CA VAL VA 158 -45.68 -50.84 0.71
C VAL VA 158 -45.07 -51.96 -0.12
N ARG VA 159 -45.06 -51.81 -1.44
CA ARG VA 159 -44.63 -52.88 -2.32
C ARG VA 159 -43.17 -53.23 -2.07
N LEU VA 160 -42.33 -52.21 -1.91
CA LEU VA 160 -40.89 -52.42 -1.89
C LEU VA 160 -40.47 -53.33 -0.75
N THR VA 161 -40.68 -52.88 0.49
CA THR VA 161 -40.30 -53.69 1.64
C THR VA 161 -40.96 -55.05 1.58
N ALA VA 162 -42.22 -55.07 1.13
CA ALA VA 162 -42.88 -56.35 0.88
C ALA VA 162 -42.12 -57.15 -0.15
N ASN VA 163 -41.85 -56.55 -1.31
CA ASN VA 163 -41.04 -57.22 -2.32
C ASN VA 163 -39.68 -57.57 -1.74
N ILE VA 164 -39.21 -56.76 -0.79
CA ILE VA 164 -37.87 -56.98 -0.23
C ILE VA 164 -37.81 -58.32 0.46
N THR VA 165 -38.77 -58.62 1.33
CA THR VA 165 -38.75 -59.90 2.03
C THR VA 165 -39.36 -61.00 1.18
N ALA VA 166 -40.00 -60.64 0.07
CA ALA VA 166 -40.82 -61.60 -0.67
C ALA VA 166 -40.00 -62.79 -1.15
N GLY VA 167 -39.06 -62.56 -2.05
CA GLY VA 167 -38.19 -63.66 -2.47
C GLY VA 167 -37.41 -64.22 -1.30
N HIS VA 168 -36.98 -63.33 -0.40
CA HIS VA 168 -36.39 -63.79 0.84
C HIS VA 168 -37.32 -64.75 1.56
N LEU VA 169 -38.60 -64.42 1.64
CA LEU VA 169 -39.56 -65.38 2.16
C LEU VA 169 -39.52 -66.67 1.33
N LEU VA 170 -39.54 -66.53 0.02
CA LEU VA 170 -39.37 -67.71 -0.83
C LEU VA 170 -38.00 -68.33 -0.61
N ILE VA 171 -37.01 -67.53 -0.21
CA ILE VA 171 -35.63 -68.00 -0.18
C ILE VA 171 -35.46 -69.09 0.87
N HIS VA 172 -35.60 -68.73 2.14
CA HIS VA 172 -35.49 -69.74 3.19
C HIS VA 172 -36.51 -70.84 2.97
N LEU VA 173 -37.65 -70.50 2.38
CA LEU VA 173 -38.62 -71.51 1.99
C LEU VA 173 -38.02 -72.46 0.97
N ILE VA 174 -37.28 -71.92 0.01
CA ILE VA 174 -36.74 -72.76 -1.07
C ILE VA 174 -35.81 -73.82 -0.50
N GLY VA 175 -34.94 -73.42 0.43
CA GLY VA 175 -33.97 -74.37 0.96
C GLY VA 175 -34.62 -75.53 1.68
N GLY VA 176 -35.71 -75.27 2.40
CA GLY VA 176 -36.30 -76.29 3.24
C GLY VA 176 -36.82 -77.47 2.44
N ALA VA 177 -37.55 -77.17 1.35
CA ALA VA 177 -37.98 -78.24 0.45
C ALA VA 177 -36.77 -78.98 -0.10
N THR VA 178 -35.75 -78.23 -0.53
CA THR VA 178 -34.50 -78.87 -0.89
C THR VA 178 -33.89 -79.57 0.32
N LEU VA 179 -33.95 -78.92 1.49
CA LEU VA 179 -33.48 -79.59 2.70
C LEU VA 179 -34.32 -80.82 2.99
N ALA VA 180 -35.63 -80.74 2.77
CA ALA VA 180 -36.49 -81.90 3.00
C ALA VA 180 -36.25 -82.96 1.93
N LEU VA 181 -35.62 -82.58 0.81
CA LEU VA 181 -35.50 -83.49 -0.32
C LEU VA 181 -34.44 -84.58 -0.10
N MET VA 182 -33.52 -84.38 0.84
CA MET VA 182 -32.48 -85.38 1.07
C MET VA 182 -33.08 -86.70 1.56
N SER VA 183 -34.15 -86.63 2.34
CA SER VA 183 -34.80 -87.83 2.87
C SER VA 183 -35.36 -88.72 1.78
N ILE VA 184 -35.52 -88.21 0.57
CA ILE VA 184 -35.96 -89.01 -0.56
C ILE VA 184 -34.76 -89.15 -1.48
N SER VA 185 -34.96 -89.81 -2.62
CA SER VA 185 -33.90 -89.95 -3.60
C SER VA 185 -33.31 -88.59 -3.96
N THR VA 186 -31.98 -88.53 -4.02
CA THR VA 186 -31.33 -87.30 -4.42
C THR VA 186 -31.76 -86.86 -5.81
N THR VA 187 -32.19 -87.80 -6.64
CA THR VA 187 -32.78 -87.44 -7.93
C THR VA 187 -33.93 -86.46 -7.76
N THR VA 188 -34.72 -86.67 -6.71
CA THR VA 188 -35.72 -85.67 -6.35
C THR VA 188 -35.06 -84.38 -5.88
N ALA VA 189 -33.99 -84.49 -5.09
CA ALA VA 189 -33.35 -83.30 -4.54
C ALA VA 189 -32.72 -82.45 -5.64
N LEU VA 190 -32.45 -83.06 -6.80
CA LEU VA 190 -31.70 -82.37 -7.84
C LEU VA 190 -32.41 -81.12 -8.31
N ILE VA 191 -33.68 -81.26 -8.69
CA ILE VA 191 -34.44 -80.09 -9.15
C ILE VA 191 -34.55 -79.07 -8.04
N THR VA 192 -34.85 -79.54 -6.82
CA THR VA 192 -34.92 -78.64 -5.68
C THR VA 192 -33.60 -77.91 -5.47
N PHE VA 193 -32.49 -78.64 -5.52
CA PHE VA 193 -31.19 -77.97 -5.54
C PHE VA 193 -31.06 -77.09 -6.77
N THR VA 194 -31.50 -77.58 -7.92
CA THR VA 194 -31.48 -76.77 -9.13
C THR VA 194 -32.38 -75.55 -8.99
N ILE VA 195 -33.58 -75.74 -8.43
CA ILE VA 195 -34.54 -74.64 -8.34
C ILE VA 195 -33.96 -73.49 -7.55
N LEU VA 196 -33.23 -73.80 -6.47
CA LEU VA 196 -32.63 -72.74 -5.66
C LEU VA 196 -31.78 -71.82 -6.52
N ILE VA 197 -30.85 -72.40 -7.29
CA ILE VA 197 -30.05 -71.59 -8.20
C ILE VA 197 -30.94 -70.87 -9.19
N LEU VA 198 -31.94 -71.57 -9.72
CA LEU VA 198 -32.92 -70.92 -10.57
C LEU VA 198 -33.65 -69.82 -9.82
N LEU VA 199 -34.08 -70.11 -8.60
CA LEU VA 199 -34.60 -69.06 -7.74
C LEU VA 199 -33.55 -67.99 -7.52
N THR VA 200 -32.32 -68.41 -7.26
CA THR VA 200 -31.22 -67.46 -7.16
C THR VA 200 -31.02 -66.73 -8.48
N ILE VA 201 -31.20 -67.44 -9.59
CA ILE VA 201 -31.11 -66.78 -10.89
C ILE VA 201 -32.16 -65.68 -10.99
N LEU VA 202 -33.38 -65.98 -10.53
CA LEU VA 202 -34.46 -65.00 -10.65
C LEU VA 202 -34.31 -63.87 -9.63
N GLU VA 203 -33.84 -64.18 -8.42
CA GLU VA 203 -34.06 -63.29 -7.29
C GLU VA 203 -33.37 -61.94 -7.45
N PHE VA 204 -32.07 -61.94 -7.74
CA PHE VA 204 -31.27 -60.74 -7.58
C PHE VA 204 -31.75 -59.61 -8.46
N ALA VA 205 -32.45 -59.94 -9.56
CA ALA VA 205 -32.77 -58.95 -10.58
C ALA VA 205 -33.62 -57.82 -10.01
N VAL VA 206 -34.73 -58.16 -9.37
CA VAL VA 206 -35.66 -57.14 -8.91
C VAL VA 206 -35.01 -56.21 -7.90
N ALA VA 207 -33.99 -56.70 -7.18
CA ALA VA 207 -33.36 -55.91 -6.13
C ALA VA 207 -32.88 -54.58 -6.66
N MET VA 208 -31.93 -54.61 -7.59
CA MET VA 208 -31.48 -53.37 -8.21
C MET VA 208 -32.62 -52.71 -8.98
N ILE VA 209 -33.45 -53.53 -9.63
CA ILE VA 209 -34.54 -53.00 -10.44
C ILE VA 209 -35.43 -52.11 -9.59
N GLN VA 210 -35.88 -52.64 -8.44
CA GLN VA 210 -36.77 -51.88 -7.58
C GLN VA 210 -36.16 -50.53 -7.23
N ALA VA 211 -34.86 -50.49 -6.98
CA ALA VA 211 -34.20 -49.23 -6.72
C ALA VA 211 -34.43 -48.25 -7.87
N TYR VA 212 -33.89 -48.57 -9.05
CA TYR VA 212 -34.11 -47.71 -10.20
C TYR VA 212 -35.60 -47.52 -10.44
N VAL VA 213 -36.38 -48.58 -10.25
CA VAL VA 213 -37.83 -48.45 -10.35
C VAL VA 213 -38.32 -47.39 -9.38
N PHE VA 214 -38.12 -47.61 -8.09
CA PHE VA 214 -38.48 -46.60 -7.12
C PHE VA 214 -37.89 -45.27 -7.51
N THR VA 215 -36.62 -45.28 -7.92
CA THR VA 215 -36.03 -44.07 -8.45
C THR VA 215 -36.85 -43.54 -9.61
N LEU VA 216 -37.13 -44.39 -10.59
CA LEU VA 216 -38.05 -43.99 -11.63
C LEU VA 216 -39.38 -43.60 -11.04
N LEU VA 217 -39.91 -44.44 -10.14
CA LEU VA 217 -41.15 -44.09 -9.45
C LEU VA 217 -41.03 -42.74 -8.81
N VAL VA 218 -39.94 -42.52 -8.08
CA VAL VA 218 -39.63 -41.17 -7.63
C VAL VA 218 -39.55 -40.24 -8.82
N SER VA 219 -38.64 -40.54 -9.75
CA SER VA 219 -38.48 -39.70 -10.93
C SER VA 219 -39.83 -39.45 -11.59
N LEU VA 220 -40.64 -40.50 -11.69
CA LEU VA 220 -42.01 -40.33 -12.17
C LEU VA 220 -42.70 -39.22 -11.41
N TYR VA 221 -42.85 -39.40 -10.10
CA TYR VA 221 -43.42 -38.35 -9.28
C TYR VA 221 -42.58 -37.08 -9.38
N LEU VA 222 -41.25 -37.24 -9.35
CA LEU VA 222 -40.37 -36.09 -9.44
C LEU VA 222 -40.61 -35.31 -10.72
N HIS VA 223 -40.53 -36.01 -11.86
CA HIS VA 223 -40.88 -35.36 -13.11
C HIS VA 223 -42.34 -34.95 -13.12
N ASP VA 224 -43.19 -35.75 -12.46
CA ASP VA 224 -44.56 -35.29 -12.27
C ASP VA 224 -44.59 -34.03 -11.43
N ASN VA 225 -43.61 -33.85 -10.56
CA ASN VA 225 -43.53 -32.68 -9.70
C ASN VA 225 -42.78 -31.57 -10.42
N THR VA 226 -42.66 -31.69 -11.73
CA THR VA 226 -42.04 -30.63 -12.52
C THR VA 226 -43.11 -29.64 -12.95
N PRO WA 1 -0.03 -33.40 -8.97
CA PRO WA 1 0.07 -33.15 -7.53
C PRO WA 1 0.12 -34.43 -6.74
N VAL WA 2 -0.87 -35.28 -6.96
CA VAL WA 2 -0.90 -36.59 -6.33
C VAL WA 2 0.30 -37.38 -6.86
N PRO WA 3 0.75 -38.40 -6.14
CA PRO WA 3 1.78 -39.27 -6.70
C PRO WA 3 1.16 -40.36 -7.55
N PRO WA 4 1.94 -41.34 -7.97
CA PRO WA 4 1.35 -42.48 -8.68
C PRO WA 4 0.54 -43.36 -7.73
N LEU WA 5 -0.74 -43.49 -8.05
CA LEU WA 5 -1.62 -44.38 -7.29
C LEU WA 5 -1.24 -45.82 -7.58
N PRO WA 6 -1.21 -46.70 -6.58
CA PRO WA 6 -0.90 -48.11 -6.86
C PRO WA 6 -1.86 -48.69 -7.88
N GLU WA 7 -1.30 -49.37 -8.89
CA GLU WA 7 -2.09 -49.98 -9.94
C GLU WA 7 -1.84 -51.46 -10.09
N HIS WA 8 -0.77 -51.97 -9.50
CA HIS WA 8 -0.49 -53.41 -9.49
C HIS WA 8 -0.54 -53.91 -8.06
N GLY WA 9 -1.18 -55.05 -7.88
CA GLY WA 9 -1.43 -55.59 -6.55
C GLY WA 9 -0.96 -57.04 -6.42
N GLY WA 10 -0.63 -57.42 -5.20
CA GLY WA 10 -0.32 -58.80 -4.87
C GLY WA 10 -1.54 -59.68 -4.92
N LYS WA 11 -1.45 -60.79 -5.67
CA LYS WA 11 -2.57 -61.70 -5.81
C LYS WA 11 -2.98 -62.27 -4.45
N VAL WA 12 -4.20 -62.78 -4.40
CA VAL WA 12 -4.76 -63.35 -3.18
C VAL WA 12 -4.63 -64.86 -3.26
N ARG WA 13 -4.17 -65.47 -2.17
CA ARG WA 13 -3.98 -66.91 -2.10
C ARG WA 13 -5.32 -67.61 -2.24
N PHE WA 14 -5.46 -68.40 -3.30
CA PHE WA 14 -6.66 -69.17 -3.61
C PHE WA 14 -7.92 -68.31 -3.68
N GLY WA 15 -7.77 -67.00 -3.87
CA GLY WA 15 -8.93 -66.13 -4.00
C GLY WA 15 -9.54 -65.68 -2.70
N LEU WA 16 -8.76 -65.61 -1.64
CA LEU WA 16 -9.32 -65.13 -0.37
C LEU WA 16 -8.60 -63.90 0.18
N ILE WA 17 -7.27 -63.94 0.26
CA ILE WA 17 -6.49 -62.84 0.81
C ILE WA 17 -5.09 -62.94 0.23
N PRO WA 18 -4.29 -61.86 0.28
CA PRO WA 18 -3.01 -61.84 -0.44
C PRO WA 18 -2.19 -63.10 -0.23
N GLU WA 19 -1.47 -63.51 -1.28
CA GLU WA 19 -0.76 -64.79 -1.26
C GLU WA 19 0.38 -64.79 -0.27
N GLU WA 20 0.74 -63.62 0.28
CA GLU WA 20 1.71 -63.60 1.36
C GLU WA 20 1.18 -64.36 2.56
N PHE WA 21 -0.14 -64.59 2.59
CA PHE WA 21 -0.76 -65.45 3.59
C PHE WA 21 0.09 -66.66 3.92
N PHE WA 22 0.53 -67.38 2.89
CA PHE WA 22 1.31 -68.59 3.10
C PHE WA 22 2.55 -68.29 3.93
N GLN WA 23 3.10 -67.09 3.83
CA GLN WA 23 4.43 -66.82 4.36
C GLN WA 23 4.51 -67.14 5.85
N PHE WA 24 3.56 -66.62 6.64
CA PHE WA 24 3.55 -67.01 8.04
C PHE WA 24 3.27 -68.50 8.19
N LEU WA 25 2.35 -69.04 7.39
CA LEU WA 25 2.07 -70.47 7.39
C LEU WA 25 3.17 -71.29 6.74
N TYR WA 26 3.97 -70.67 5.88
CA TYR WA 26 5.09 -71.39 5.27
C TYR WA 26 6.12 -71.83 6.29
N PRO WA 27 6.30 -71.15 7.43
CA PRO WA 27 7.30 -71.62 8.40
C PRO WA 27 7.07 -73.05 8.82
N LYS WA 28 5.83 -73.51 8.85
CA LYS WA 28 5.54 -74.91 9.11
C LYS WA 28 5.75 -75.80 7.90
N THR WA 29 5.17 -75.46 6.74
CA THR WA 29 5.21 -76.38 5.60
C THR WA 29 5.36 -75.69 4.24
N GLY WA 30 5.88 -74.46 4.19
CA GLY WA 30 5.94 -73.81 2.90
C GLY WA 30 4.54 -73.40 2.47
N VAL WA 31 4.35 -73.22 1.17
CA VAL WA 31 3.02 -72.90 0.67
C VAL WA 31 2.02 -73.98 1.04
N THR WA 32 2.49 -75.23 1.20
CA THR WA 32 1.65 -76.24 1.79
C THR WA 32 1.22 -75.84 3.21
N GLY WA 33 2.01 -75.02 3.89
CA GLY WA 33 1.62 -74.48 5.17
C GLY WA 33 0.32 -73.72 5.04
N PRO WA 34 0.22 -72.87 4.01
CA PRO WA 34 -1.10 -72.30 3.70
C PRO WA 34 -2.11 -73.37 3.37
N TYR WA 35 -1.69 -74.44 2.69
CA TYR WA 35 -2.64 -75.48 2.28
C TYR WA 35 -3.01 -76.38 3.44
N VAL WA 36 -2.07 -76.61 4.37
CA VAL WA 36 -2.25 -77.69 5.35
C VAL WA 36 -3.38 -77.38 6.32
N LEU WA 37 -3.40 -76.17 6.88
CA LEU WA 37 -4.30 -75.90 8.00
C LEU WA 37 -5.72 -75.66 7.53
N GLY WA 38 -5.93 -75.58 6.21
CA GLY WA 38 -7.23 -75.15 5.70
C GLY WA 38 -8.36 -76.13 5.98
N THR WA 39 -8.10 -77.43 5.79
CA THR WA 39 -9.18 -78.40 5.66
C THR WA 39 -9.96 -78.60 6.96
N GLY WA 40 -9.26 -78.81 8.07
CA GLY WA 40 -9.87 -79.31 9.28
C GLY WA 40 -10.93 -78.46 9.97
N LEU WA 41 -10.76 -77.14 9.94
CA LEU WA 41 -11.57 -76.24 10.77
C LEU WA 41 -13.06 -76.39 10.49
N ILE WA 42 -13.41 -76.74 9.26
CA ILE WA 42 -14.81 -76.66 8.83
C ILE WA 42 -15.69 -77.57 9.68
N LEU WA 43 -15.24 -78.80 9.91
CA LEU WA 43 -16.08 -79.77 10.60
C LEU WA 43 -16.26 -79.40 12.08
N TYR WA 44 -15.32 -78.63 12.64
CA TYR WA 44 -15.27 -78.44 14.08
C TYR WA 44 -16.56 -77.82 14.61
N LEU WA 45 -17.00 -76.70 14.02
CA LEU WA 45 -18.22 -76.06 14.48
C LEU WA 45 -19.42 -76.96 14.27
N LEU WA 46 -19.44 -77.66 13.15
CA LEU WA 46 -20.46 -78.67 12.91
C LEU WA 46 -20.36 -79.79 13.92
N SER WA 47 -19.13 -80.22 14.24
CA SER WA 47 -18.93 -81.31 15.18
C SER WA 47 -19.54 -80.99 16.55
N LYS WA 48 -19.24 -79.80 17.07
CA LYS WA 48 -19.82 -79.40 18.35
C LYS WA 48 -21.27 -78.97 18.21
N GLU WA 49 -21.87 -79.15 17.03
CA GLU WA 49 -23.24 -78.72 16.74
C GLU WA 49 -23.37 -77.20 16.77
N ILE WA 50 -22.23 -76.50 16.75
CA ILE WA 50 -22.26 -75.05 16.75
C ILE WA 50 -22.87 -74.52 15.47
N TYR WA 51 -22.46 -75.07 14.33
CA TYR WA 51 -22.97 -74.63 13.04
C TYR WA 51 -23.85 -75.73 12.47
N VAL WA 52 -25.15 -75.53 12.52
CA VAL WA 52 -26.12 -76.40 11.87
C VAL WA 52 -26.57 -75.73 10.59
N ILE WA 53 -26.44 -76.43 9.46
CA ILE WA 53 -26.78 -75.84 8.18
C ILE WA 53 -28.27 -75.57 8.12
N THR WA 54 -28.68 -74.71 7.20
CA THR WA 54 -30.06 -74.29 7.17
C THR WA 54 -30.68 -74.49 5.80
N PRO WA 55 -31.98 -74.24 5.66
CA PRO WA 55 -32.59 -74.23 4.33
C PRO WA 55 -32.04 -73.13 3.46
N GLU WA 56 -32.16 -71.88 3.92
CA GLU WA 56 -31.61 -70.76 3.16
C GLU WA 56 -30.10 -70.86 3.06
N THR WA 57 -29.48 -71.72 3.87
CA THR WA 57 -28.04 -71.93 3.75
C THR WA 57 -27.68 -72.45 2.36
N PHE WA 58 -28.62 -73.08 1.67
CA PHE WA 58 -28.34 -73.64 0.35
C PHE WA 58 -28.06 -72.55 -0.68
N SER WA 59 -28.40 -71.30 -0.35
CA SER WA 59 -28.40 -70.24 -1.36
C SER WA 59 -27.03 -69.64 -1.56
N ALA WA 60 -26.28 -69.43 -0.47
CA ALA WA 60 -25.06 -68.65 -0.54
C ALA WA 60 -24.07 -69.23 -1.55
N ILE WA 61 -23.78 -70.52 -1.43
CA ILE WA 61 -22.92 -71.17 -2.42
C ILE WA 61 -23.59 -71.13 -3.78
N SER WA 62 -24.89 -71.42 -3.82
CA SER WA 62 -25.64 -71.26 -5.05
C SER WA 62 -25.53 -69.83 -5.56
N THR WA 63 -25.62 -68.86 -4.65
CA THR WA 63 -25.31 -67.49 -5.03
C THR WA 63 -23.83 -67.35 -5.40
N ILE WA 64 -22.96 -68.06 -4.68
CA ILE WA 64 -21.52 -67.91 -4.88
C ILE WA 64 -21.12 -68.32 -6.28
N GLY WA 65 -21.63 -69.46 -6.75
CA GLY WA 65 -21.22 -69.95 -8.05
C GLY WA 65 -21.60 -69.02 -9.19
N PHE WA 66 -22.81 -68.48 -9.12
CA PHE WA 66 -23.27 -67.57 -10.16
C PHE WA 66 -22.32 -66.38 -10.30
N LEU WA 67 -21.95 -65.78 -9.17
CA LEU WA 67 -20.94 -64.73 -9.20
C LEU WA 67 -19.64 -65.26 -9.81
N VAL WA 68 -19.21 -66.45 -9.37
CA VAL WA 68 -18.06 -67.09 -10.00
C VAL WA 68 -18.34 -67.32 -11.47
N TYR WA 69 -19.54 -67.83 -11.78
CA TYR WA 69 -19.91 -68.06 -13.18
C TYR WA 69 -19.86 -66.76 -13.96
N ILE WA 70 -20.44 -65.70 -13.41
CA ILE WA 70 -20.45 -64.42 -14.11
C ILE WA 70 -19.04 -63.86 -14.22
N VAL WA 71 -18.30 -63.81 -13.10
CA VAL WA 71 -16.95 -63.29 -13.12
C VAL WA 71 -16.09 -64.12 -14.07
N LYS WA 72 -16.40 -65.41 -14.20
CA LYS WA 72 -15.81 -66.20 -15.26
C LYS WA 72 -16.42 -65.85 -16.62
N LYS WA 73 -17.74 -65.74 -16.70
CA LYS WA 73 -18.38 -65.54 -17.99
C LYS WA 73 -18.01 -64.19 -18.61
N TYR WA 74 -18.00 -63.13 -17.81
CA TYR WA 74 -17.76 -61.79 -18.33
C TYR WA 74 -16.90 -60.93 -17.42
N GLY WA 75 -16.39 -61.47 -16.30
CA GLY WA 75 -15.66 -60.64 -15.37
C GLY WA 75 -14.37 -60.06 -15.95
N ALA WA 76 -13.70 -60.84 -16.80
CA ALA WA 76 -12.40 -60.41 -17.29
C ALA WA 76 -12.48 -59.13 -18.09
N SER WA 77 -13.42 -59.05 -19.04
CA SER WA 77 -13.37 -58.01 -20.05
C SER WA 77 -13.67 -56.63 -19.49
N VAL WA 78 -14.10 -56.57 -18.22
CA VAL WA 78 -14.63 -55.34 -17.68
C VAL WA 78 -13.56 -54.25 -17.65
N GLY WA 79 -12.33 -54.59 -17.28
CA GLY WA 79 -11.31 -53.57 -17.08
C GLY WA 79 -11.03 -52.75 -18.32
N GLU WA 80 -10.94 -53.42 -19.47
CA GLU WA 80 -10.60 -52.72 -20.71
C GLU WA 80 -11.57 -51.59 -20.99
N PHE WA 81 -12.86 -51.83 -20.75
CA PHE WA 81 -13.86 -50.78 -20.94
C PHE WA 81 -13.50 -49.56 -20.11
N ALA WA 82 -13.27 -49.74 -18.81
CA ALA WA 82 -12.78 -48.65 -18.00
C ALA WA 82 -11.43 -48.17 -18.50
N ASP WA 83 -10.55 -49.10 -18.87
CA ASP WA 83 -9.23 -48.74 -19.35
C ASP WA 83 -9.32 -47.80 -20.53
N LYS WA 84 -10.09 -48.20 -21.55
CA LYS WA 84 -10.28 -47.34 -22.71
C LYS WA 84 -10.94 -46.03 -22.28
N LEU WA 85 -11.94 -46.13 -21.40
CA LEU WA 85 -12.56 -44.93 -20.86
C LEU WA 85 -11.55 -44.09 -20.10
N ASN WA 86 -10.73 -44.74 -19.27
CA ASN WA 86 -9.64 -44.04 -18.63
C ASN WA 86 -8.69 -43.50 -19.69
N GLU WA 87 -8.37 -44.32 -20.69
CA GLU WA 87 -7.64 -43.83 -21.85
C GLU WA 87 -8.40 -42.68 -22.50
N GLN WA 88 -9.72 -42.83 -22.66
CA GLN WA 88 -10.52 -41.74 -23.19
C GLN WA 88 -10.36 -40.50 -22.33
N LYS WA 89 -10.44 -40.66 -21.01
CA LYS WA 89 -10.23 -39.53 -20.13
C LYS WA 89 -8.81 -39.00 -20.26
N ILE WA 90 -7.82 -39.90 -20.27
CA ILE WA 90 -6.43 -39.46 -20.24
C ILE WA 90 -6.08 -38.68 -21.49
N ALA WA 91 -6.44 -39.22 -22.66
CA ALA WA 91 -6.10 -38.54 -23.90
C ALA WA 91 -6.82 -37.21 -24.03
N GLN WA 92 -8.09 -37.16 -23.62
CA GLN WA 92 -8.85 -35.92 -23.74
C GLN WA 92 -8.13 -34.76 -23.06
N LEU WA 93 -7.65 -34.99 -21.85
CA LEU WA 93 -6.84 -33.98 -21.19
C LEU WA 93 -5.50 -33.83 -21.87
N GLU WA 94 -4.86 -34.96 -22.24
CA GLU WA 94 -3.59 -34.89 -22.94
C GLU WA 94 -3.73 -34.14 -24.25
N GLU WA 95 -4.77 -34.41 -25.03
CA GLU WA 95 -5.07 -33.60 -26.19
C GLU WA 95 -5.36 -32.17 -25.77
N VAL WA 96 -6.15 -31.99 -24.71
CA VAL WA 96 -6.39 -30.65 -24.18
C VAL WA 96 -5.06 -30.00 -23.85
N LYS WA 97 -4.18 -30.71 -23.18
CA LYS WA 97 -2.84 -30.21 -22.93
C LYS WA 97 -2.11 -29.95 -24.23
N GLN WA 98 -2.13 -30.93 -25.14
CA GLN WA 98 -1.40 -30.78 -26.38
C GLN WA 98 -1.92 -29.62 -27.20
N ALA WA 99 -3.25 -29.47 -27.27
CA ALA WA 99 -3.84 -28.48 -28.14
C ALA WA 99 -3.39 -27.07 -27.77
N SER WA 100 -3.56 -26.70 -26.50
CA SER WA 100 -3.18 -25.37 -26.08
C SER WA 100 -1.71 -25.11 -26.35
N ILE WA 101 -0.86 -26.12 -26.12
CA ILE WA 101 0.58 -25.93 -26.29
C ILE WA 101 0.89 -25.50 -27.71
N LYS WA 102 0.37 -26.23 -28.70
CA LYS WA 102 0.50 -25.77 -30.07
C LYS WA 102 -0.21 -24.43 -30.25
N GLN WA 103 -1.39 -24.31 -29.65
CA GLN WA 103 -2.12 -23.05 -29.72
C GLN WA 103 -1.35 -21.92 -29.06
N ILE WA 104 -0.74 -22.19 -27.91
CA ILE WA 104 0.00 -21.15 -27.21
C ILE WA 104 1.18 -20.67 -28.04
N GLN WA 105 1.95 -21.60 -28.60
CA GLN WA 105 3.02 -21.22 -29.50
C GLN WA 105 2.46 -20.47 -30.70
N ASP WA 106 1.34 -20.95 -31.24
CA ASP WA 106 0.66 -20.22 -32.30
C ASP WA 106 0.21 -18.84 -31.82
N ALA WA 107 -0.44 -18.79 -30.66
CA ALA WA 107 -0.87 -17.51 -30.12
C ALA WA 107 0.32 -16.60 -29.88
N ILE WA 108 1.45 -17.17 -29.49
CA ILE WA 108 2.67 -16.37 -29.30
C ILE WA 108 3.08 -15.72 -30.61
N ASP WA 109 3.03 -16.48 -31.70
CA ASP WA 109 3.53 -15.98 -32.97
C ASP WA 109 2.72 -14.77 -33.45
N MET WA 110 1.40 -14.83 -33.30
CA MET WA 110 0.54 -13.83 -33.94
C MET WA 110 0.89 -12.42 -33.49
N GLU WA 111 0.93 -12.19 -32.17
CA GLU WA 111 1.40 -10.92 -31.68
C GLU WA 111 2.86 -10.71 -32.05
N LYS WA 112 3.66 -11.77 -31.96
CA LYS WA 112 5.07 -11.68 -32.34
C LYS WA 112 5.22 -11.41 -33.83
N SER WA 113 4.22 -11.80 -34.62
CA SER WA 113 4.30 -11.63 -36.07
C SER WA 113 4.43 -10.16 -36.44
N GLN WA 114 3.70 -9.30 -35.75
CA GLN WA 114 3.67 -7.88 -36.12
C GLN WA 114 5.01 -7.20 -35.91
N GLN WA 115 5.94 -7.84 -35.21
CA GLN WA 115 7.20 -7.18 -34.87
C GLN WA 115 7.95 -6.76 -36.11
N ALA WA 116 8.38 -7.73 -36.93
CA ALA WA 116 9.05 -7.39 -38.17
C ALA WA 116 8.12 -6.64 -39.11
N LEU WA 117 6.81 -6.85 -38.95
CA LEU WA 117 5.85 -6.16 -39.79
C LEU WA 117 5.94 -4.65 -39.62
N VAL WA 118 6.22 -4.21 -38.40
CA VAL WA 118 6.32 -2.77 -38.15
C VAL WA 118 7.39 -2.14 -39.03
N GLN WA 119 8.41 -2.93 -39.40
CA GLN WA 119 9.47 -2.42 -40.25
C GLN WA 119 8.93 -1.95 -41.58
N LYS WA 120 7.76 -2.45 -41.97
CA LYS WA 120 7.10 -1.91 -43.15
C LYS WA 120 6.80 -0.43 -43.01
N ARG WA 121 6.56 0.06 -41.79
CA ARG WA 121 6.40 1.49 -41.59
C ARG WA 121 7.66 2.18 -42.04
N HIS WA 122 8.81 1.58 -41.73
CA HIS WA 122 10.07 2.08 -42.30
C HIS WA 122 10.07 2.02 -43.81
N TYR WA 123 9.63 0.90 -44.38
CA TYR WA 123 9.42 0.86 -45.82
C TYR WA 123 8.39 1.89 -46.24
N LEU WA 124 7.39 2.12 -45.38
CA LEU WA 124 6.35 3.10 -45.70
C LEU WA 124 6.90 4.52 -45.65
N PHE WA 125 8.02 4.72 -44.95
CA PHE WA 125 8.52 6.07 -44.71
C PHE WA 125 8.84 6.79 -46.02
N ASP WA 126 9.35 6.07 -47.02
CA ASP WA 126 9.79 6.73 -48.24
C ASP WA 126 8.70 6.69 -49.31
N VAL WA 127 7.47 6.34 -48.95
CA VAL WA 127 6.46 6.09 -49.96
C VAL WA 127 5.68 7.36 -50.30
N GLN WA 128 4.92 7.90 -49.33
CA GLN WA 128 3.89 8.87 -49.66
C GLN WA 128 4.49 10.21 -50.08
N ARG WA 129 5.48 10.68 -49.33
CA ARG WA 129 6.14 11.92 -49.71
C ARG WA 129 6.77 11.80 -51.09
N ASN WA 130 7.31 10.62 -51.40
CA ASN WA 130 7.90 10.40 -52.72
C ASN WA 130 6.88 10.67 -53.82
N ASN WA 131 5.62 10.36 -53.56
CA ASN WA 131 4.55 10.73 -54.48
C ASN WA 131 4.50 12.24 -54.65
N ILE WA 132 4.51 12.97 -53.53
CA ILE WA 132 4.51 14.43 -53.60
C ILE WA 132 5.84 14.93 -54.11
N ALA WA 133 6.93 14.24 -53.76
CA ALA WA 133 8.28 14.74 -54.03
C ALA WA 133 8.58 14.81 -55.52
N MET WA 134 8.19 13.77 -56.26
CA MET WA 134 8.60 13.67 -57.67
C MET WA 134 8.01 14.76 -58.54
N ALA WA 135 6.99 15.46 -58.06
CA ALA WA 135 6.23 16.37 -58.93
C ALA WA 135 7.08 17.52 -59.44
N LEU WA 136 7.72 18.25 -58.53
CA LEU WA 136 8.48 19.42 -58.93
C LEU WA 136 9.81 19.03 -59.57
N GLU WA 137 10.22 17.78 -59.40
CA GLU WA 137 11.44 17.30 -60.04
C GLU WA 137 11.36 17.52 -61.54
N VAL WA 138 10.23 17.21 -62.16
CA VAL WA 138 10.02 17.63 -63.53
C VAL WA 138 9.98 19.14 -63.65
N THR WA 139 9.16 19.80 -62.83
CA THR WA 139 9.02 21.26 -62.91
C THR WA 139 10.35 21.96 -62.65
N TYR WA 140 11.28 21.26 -62.01
CA TYR WA 140 12.63 21.80 -61.86
C TYR WA 140 13.19 22.21 -63.21
N ARG WA 141 12.89 21.42 -64.24
CA ARG WA 141 13.23 21.82 -65.60
C ARG WA 141 11.98 22.14 -66.41
N GLU WA 142 10.85 21.52 -66.07
CA GLU WA 142 9.67 21.54 -66.95
C GLU WA 142 9.10 22.95 -67.12
N ARG WA 143 9.27 23.82 -66.13
CA ARG WA 143 8.76 25.18 -66.27
C ARG WA 143 9.45 25.90 -67.43
N LEU WA 144 10.76 25.68 -67.59
CA LEU WA 144 11.45 26.23 -68.74
C LEU WA 144 10.84 25.73 -70.04
N HIS WA 145 10.66 24.41 -70.16
CA HIS WA 145 10.03 23.86 -71.35
C HIS WA 145 8.63 24.41 -71.54
N ARG WA 146 7.90 24.59 -70.44
CA ARG WA 146 6.62 25.30 -70.51
C ARG WA 146 6.80 26.68 -71.14
N VAL WA 147 7.92 27.33 -70.85
CA VAL WA 147 8.22 28.62 -71.48
C VAL WA 147 8.95 28.39 -72.80
N TYR WA 148 9.92 27.48 -72.81
CA TYR WA 148 10.80 27.32 -73.97
C TYR WA 148 10.00 26.97 -75.22
N ARG WA 149 9.06 26.04 -75.08
CA ARG WA 149 8.18 25.73 -76.21
C ARG WA 149 7.36 26.95 -76.59
N GLU WA 150 6.84 27.67 -75.59
CA GLU WA 150 6.10 28.89 -75.87
C GLU WA 150 7.00 29.91 -76.57
N VAL WA 151 8.26 29.99 -76.13
CA VAL WA 151 9.20 30.92 -76.74
C VAL WA 151 9.43 30.56 -78.20
N LYS WA 152 9.40 29.26 -78.51
CA LYS WA 152 9.59 28.83 -79.89
C LYS WA 152 8.56 29.47 -80.80
N ASN WA 153 7.29 29.51 -80.35
CA ASN WA 153 6.26 30.16 -81.16
C ASN WA 153 6.53 31.65 -81.30
N ARG WA 154 7.04 32.28 -80.25
CA ARG WA 154 7.28 33.71 -80.30
C ARG WA 154 8.31 34.07 -81.36
N LEU WA 155 9.39 33.28 -81.44
CA LEU WA 155 10.43 33.57 -82.42
C LEU WA 155 9.88 33.56 -83.84
N ASP WA 156 9.08 32.55 -84.18
CA ASP WA 156 8.44 32.52 -85.49
C ASP WA 156 7.52 33.72 -85.67
N TYR WA 157 6.77 34.08 -84.62
CA TYR WA 157 5.90 35.26 -84.67
C TYR WA 157 6.64 36.49 -85.11
N HIS WA 158 7.96 36.40 -85.00
CA HIS WA 158 8.87 37.28 -85.71
C HIS WA 158 9.52 36.58 -86.90
N ILE WA 159 10.05 35.37 -86.71
CA ILE WA 159 10.79 34.71 -87.78
C ILE WA 159 9.88 34.34 -88.93
N SER WA 160 8.72 33.75 -88.62
CA SER WA 160 7.84 33.27 -89.66
C SER WA 160 7.32 34.40 -90.52
N VAL WA 161 6.95 35.52 -89.89
CA VAL WA 161 6.40 36.66 -90.63
C VAL WA 161 7.41 37.13 -91.68
N GLN WA 162 8.70 37.09 -91.34
CA GLN WA 162 9.73 37.41 -92.31
C GLN WA 162 9.65 36.47 -93.50
N ASN WA 163 9.55 35.16 -93.24
CA ASN WA 163 9.50 34.19 -94.33
C ASN WA 163 8.33 34.46 -95.25
N MET WA 164 7.24 35.02 -94.69
CA MET WA 164 6.03 35.23 -95.47
C MET WA 164 6.30 36.11 -96.68
N MET WA 165 6.55 37.40 -96.46
CA MET WA 165 6.67 38.32 -97.58
C MET WA 165 8.03 38.19 -98.26
N ARG WA 166 8.94 37.42 -97.67
CA ARG WA 166 10.30 37.32 -98.18
C ARG WA 166 10.30 36.99 -99.66
N GLN WA 167 9.58 35.93 -100.05
CA GLN WA 167 9.41 35.65 -101.46
C GLN WA 167 8.13 36.28 -102.00
N LYS WA 168 7.14 36.48 -101.14
CA LYS WA 168 5.85 37.00 -101.58
C LYS WA 168 6.02 38.37 -102.25
N GLU WA 169 6.76 39.26 -101.60
CA GLU WA 169 7.11 40.51 -102.26
C GLU WA 169 7.92 40.25 -103.51
N GLN WA 170 8.89 39.33 -103.43
CA GLN WA 170 9.66 38.96 -104.62
C GLN WA 170 8.76 38.37 -105.69
N GLU WA 171 7.84 37.50 -105.29
CA GLU WA 171 6.84 37.02 -106.23
C GLU WA 171 6.00 38.17 -106.76
N HIS WA 172 5.61 39.10 -105.89
CA HIS WA 172 5.02 40.34 -106.36
C HIS WA 172 6.04 41.13 -107.15
N MET WA 173 7.30 41.12 -106.71
CA MET WA 173 8.35 41.84 -107.43
C MET WA 173 8.71 41.13 -108.73
N ILE WA 174 8.20 39.91 -108.93
CA ILE WA 174 8.57 39.12 -110.11
C ILE WA 174 8.16 39.83 -111.39
N ASN WA 175 7.40 40.92 -111.29
CA ASN WA 175 6.91 41.60 -112.49
C ASN WA 175 7.70 42.86 -112.81
N TRP WA 176 8.23 43.53 -111.77
CA TRP WA 176 8.86 44.84 -111.99
C TRP WA 176 9.98 44.76 -113.01
N VAL WA 177 10.92 43.84 -112.84
CA VAL WA 177 11.92 43.61 -113.86
C VAL WA 177 11.28 42.98 -115.09
N GLU WA 178 10.35 42.05 -114.87
CA GLU WA 178 9.72 41.34 -115.99
C GLU WA 178 8.96 42.29 -116.90
N LYS WA 179 8.18 43.21 -116.32
CA LYS WA 179 7.56 44.26 -117.13
C LYS WA 179 8.62 45.12 -117.80
N ARG WA 180 9.67 45.46 -117.04
CA ARG WA 180 10.83 46.11 -117.65
C ARG WA 180 11.49 45.17 -118.66
N VAL WA 181 11.57 43.88 -118.34
CA VAL WA 181 12.03 42.90 -119.31
C VAL WA 181 11.06 42.81 -120.48
N VAL WA 182 9.75 42.81 -120.18
CA VAL WA 182 8.76 42.89 -121.25
C VAL WA 182 8.97 44.18 -122.04
N GLN WA 183 9.29 45.28 -121.34
CA GLN WA 183 9.75 46.47 -122.04
C GLN WA 183 11.08 46.20 -122.73
N SER WA 184 12.03 45.57 -122.01
CA SER WA 184 13.28 45.18 -122.63
C SER WA 184 13.08 44.13 -123.72
N ILE WA 185 11.97 43.40 -123.68
CA ILE WA 185 11.62 42.55 -124.81
C ILE WA 185 11.37 43.41 -126.03
N SER WA 186 10.77 44.58 -125.85
CA SER WA 186 10.54 45.50 -126.96
C SER WA 186 11.82 46.17 -127.43
N ALA WA 187 12.95 45.95 -126.75
CA ALA WA 187 14.22 46.52 -127.20
C ALA WA 187 14.58 45.99 -128.58
N GLN WA 188 14.67 46.90 -129.55
CA GLN WA 188 14.99 46.55 -130.93
C GLN WA 188 16.47 46.24 -131.01
N GLN WA 189 16.84 45.04 -130.56
CA GLN WA 189 18.22 44.59 -130.56
C GLN WA 189 18.57 43.90 -131.88
N GLU WA 190 17.98 44.37 -132.98
CA GLU WA 190 18.14 43.71 -134.27
C GLU WA 190 19.61 43.44 -134.58
N LYS WA 191 20.48 44.40 -134.28
CA LYS WA 191 21.90 44.17 -134.45
C LYS WA 191 22.35 42.97 -133.61
N GLU WA 192 21.88 42.91 -132.37
CA GLU WA 192 22.20 41.76 -131.53
C GLU WA 192 21.59 40.48 -132.09
N THR WA 193 20.62 40.61 -133.00
CA THR WA 193 19.96 39.43 -133.52
C THR WA 193 20.13 39.27 -135.03
N ILE WA 194 19.70 40.28 -135.80
CA ILE WA 194 19.32 40.05 -137.20
C ILE WA 194 20.51 39.58 -138.02
N ALA WA 195 21.51 40.45 -138.18
CA ALA WA 195 22.75 40.00 -138.79
C ALA WA 195 23.44 38.98 -137.90
N LYS WA 196 23.30 39.15 -136.59
CA LYS WA 196 23.93 38.23 -135.64
C LYS WA 196 23.47 36.81 -135.85
N CYS WA 197 22.15 36.58 -135.88
CA CYS WA 197 21.64 35.27 -136.24
C CYS WA 197 22.02 34.92 -137.67
N ILE WA 198 21.97 35.89 -138.59
CA ILE WA 198 22.45 35.65 -139.94
C ILE WA 198 23.92 35.24 -139.90
N ALA WA 199 24.65 35.74 -138.91
CA ALA WA 199 26.02 35.26 -138.71
C ALA WA 199 26.06 34.03 -137.82
N ASP WA 200 25.26 34.01 -136.75
CA ASP WA 200 25.26 32.88 -135.83
C ASP WA 200 24.90 31.59 -136.56
N LEU WA 201 24.04 31.68 -137.57
CA LEU WA 201 23.76 30.53 -138.40
C LEU WA 201 25.02 30.02 -139.08
N LYS WA 202 25.81 30.92 -139.65
CA LYS WA 202 27.04 30.52 -140.32
C LYS WA 202 27.99 29.84 -139.34
N LEU WA 203 28.11 30.39 -138.13
CA LEU WA 203 28.88 29.72 -137.10
C LEU WA 203 28.31 28.33 -136.81
N LEU WA 204 27.00 28.25 -136.61
CA LEU WA 204 26.36 26.95 -136.46
C LEU WA 204 26.51 26.13 -137.75
N SER WA 205 26.44 26.81 -138.90
CA SER WA 205 26.56 26.13 -140.17
C SER WA 205 27.87 25.38 -140.28
N LYS WA 206 28.98 26.04 -139.93
CA LYS WA 206 30.26 25.36 -139.96
C LYS WA 206 30.28 24.17 -139.01
N LYS WA 207 29.76 24.35 -137.80
CA LYS WA 207 29.54 23.22 -136.92
C LYS WA 207 28.53 22.25 -137.52
N ALA WA 208 27.47 22.76 -138.14
CA ALA WA 208 26.59 21.88 -138.90
C ALA WA 208 27.37 21.21 -140.02
N GLN WA 209 28.23 21.96 -140.69
CA GLN WA 209 29.14 21.38 -141.65
C GLN WA 209 30.15 20.50 -140.93
N LEU XA 5 19.10 10.09 -59.28
CA LEU XA 5 18.17 9.37 -60.13
C LEU XA 5 17.57 8.17 -59.41
N ALA XA 6 17.70 8.16 -58.08
CA ALA XA 6 17.08 7.14 -57.25
C ALA XA 6 15.94 7.77 -56.47
N LEU XA 7 14.91 6.98 -56.18
CA LEU XA 7 13.66 7.52 -55.64
C LEU XA 7 13.39 6.98 -54.24
N LYS XA 8 12.73 7.81 -53.43
CA LYS XA 8 12.30 7.35 -52.12
C LYS XA 8 11.41 6.12 -52.26
N THR XA 9 11.94 5.00 -51.78
CA THR XA 9 11.42 3.68 -52.11
C THR XA 9 10.01 3.49 -51.58
N ILE XA 10 9.23 2.70 -52.31
CA ILE XA 10 7.90 2.29 -51.91
C ILE XA 10 7.69 0.84 -52.28
N ASP XA 11 7.31 0.03 -51.29
CA ASP XA 11 6.92 -1.36 -51.50
C ASP XA 11 5.44 -1.44 -51.16
N TRP XA 12 4.60 -1.07 -52.12
CA TRP XA 12 3.15 -1.13 -51.91
C TRP XA 12 2.72 -2.54 -51.54
N VAL XA 13 3.46 -3.54 -52.02
CA VAL XA 13 3.23 -4.90 -51.57
C VAL XA 13 3.44 -4.99 -50.06
N ALA XA 14 4.56 -4.48 -49.58
CA ALA XA 14 4.78 -4.42 -48.14
C ALA XA 14 3.77 -3.50 -47.48
N PHE XA 15 3.32 -2.48 -48.20
CA PHE XA 15 2.52 -1.43 -47.57
C PHE XA 15 1.06 -1.81 -47.47
N GLY XA 16 0.41 -2.09 -48.60
CA GLY XA 16 -1.03 -2.23 -48.60
C GLY XA 16 -1.52 -3.28 -47.64
N GLU XA 17 -0.80 -4.40 -47.56
CA GLU XA 17 -1.13 -5.42 -46.58
C GLU XA 17 -1.07 -4.88 -45.17
N ILE XA 18 0.03 -4.24 -44.81
CA ILE XA 18 0.13 -3.57 -43.52
C ILE XA 18 -0.85 -2.42 -43.41
N ILE XA 19 -1.31 -1.86 -44.52
CA ILE XA 19 -2.20 -0.72 -44.49
C ILE XA 19 -3.51 -1.12 -43.84
N PRO XA 20 -4.03 -0.35 -42.88
CA PRO XA 20 -5.38 -0.60 -42.37
C PRO XA 20 -6.42 -0.29 -43.43
N ARG XA 21 -7.60 -0.91 -43.27
CA ARG XA 21 -8.63 -0.78 -44.30
C ARG XA 21 -9.18 0.64 -44.41
N ASN XA 22 -8.96 1.47 -43.38
CA ASN XA 22 -9.43 2.85 -43.42
C ASN XA 22 -8.89 3.57 -44.64
N GLN XA 23 -7.63 3.33 -44.97
CA GLN XA 23 -7.01 3.81 -46.20
C GLN XA 23 -6.50 2.64 -47.03
N LYS XA 24 -7.32 1.59 -47.13
CA LYS XA 24 -6.91 0.38 -47.85
C LYS XA 24 -6.59 0.69 -49.31
N ALA XA 25 -7.60 1.12 -50.07
CA ALA XA 25 -7.39 1.39 -51.49
C ALA XA 25 -6.57 2.65 -51.69
N VAL XA 26 -6.24 3.35 -50.61
CA VAL XA 26 -5.41 4.54 -50.72
C VAL XA 26 -4.07 4.18 -51.35
N ALA XA 27 -3.53 3.01 -51.00
CA ALA XA 27 -2.33 2.52 -51.68
C ALA XA 27 -2.53 2.52 -53.19
N ASN XA 28 -3.72 2.12 -53.64
CA ASN XA 28 -4.08 2.32 -55.03
C ASN XA 28 -4.40 3.78 -55.31
N SER XA 29 -5.13 4.43 -54.41
CA SER XA 29 -5.58 5.79 -54.67
C SER XA 29 -4.41 6.76 -54.74
N LEU XA 30 -3.45 6.64 -53.83
CA LEU XA 30 -2.28 7.51 -53.87
C LEU XA 30 -1.45 7.25 -55.11
N LYS XA 31 -1.25 5.98 -55.45
CA LYS XA 31 -0.47 5.63 -56.62
C LYS XA 31 -1.12 6.16 -57.89
N SER XA 32 -2.43 6.44 -57.83
CA SER XA 32 -3.11 7.07 -58.96
C SER XA 32 -2.41 8.36 -59.34
N TRP XA 33 -1.96 9.12 -58.35
CA TRP XA 33 -0.95 10.13 -58.64
C TRP XA 33 0.39 9.46 -58.93
N ASN XA 34 0.84 8.58 -58.03
CA ASN XA 34 2.24 8.15 -57.99
C ASN XA 34 2.64 7.35 -59.23
N GLU XA 35 2.08 6.15 -59.39
CA GLU XA 35 2.53 5.28 -60.47
C GLU XA 35 2.27 5.93 -61.83
N THR XA 36 1.17 6.66 -61.94
CA THR XA 36 0.92 7.47 -63.13
C THR XA 36 2.02 8.50 -63.30
N LEU XA 37 2.37 9.20 -62.21
CA LEU XA 37 3.47 10.15 -62.27
C LEU XA 37 4.79 9.48 -62.61
N THR XA 38 5.06 8.31 -62.02
CA THR XA 38 6.20 7.51 -62.45
C THR XA 38 6.24 7.42 -63.96
N SER XA 39 5.07 7.45 -64.60
CA SER XA 39 5.00 7.67 -66.03
C SER XA 39 4.84 9.15 -66.37
N ARG XA 40 3.86 9.82 -65.75
CA ARG XA 40 3.55 11.19 -66.10
C ARG XA 40 4.74 12.12 -65.96
N LEU XA 41 5.54 11.95 -64.90
CA LEU XA 41 6.81 12.63 -64.84
C LEU XA 41 7.73 12.15 -65.95
N ALA XA 42 7.76 10.84 -66.18
CA ALA XA 42 8.63 10.30 -67.22
C ALA XA 42 8.15 10.72 -68.60
N THR XA 43 6.95 11.29 -68.69
CA THR XA 43 6.40 11.70 -69.97
C THR XA 43 7.28 12.75 -70.63
N LEU XA 44 7.77 13.70 -69.86
CA LEU XA 44 8.47 14.85 -70.45
C LEU XA 44 9.99 14.66 -70.38
N PRO XA 45 10.75 15.55 -71.00
CA PRO XA 45 12.22 15.48 -70.89
C PRO XA 45 12.73 16.33 -69.73
N GLU XA 46 13.87 15.91 -69.18
CA GLU XA 46 14.50 16.66 -68.11
C GLU XA 46 15.27 17.85 -68.66
N LYS XA 47 15.54 17.86 -69.97
CA LYS XA 47 16.23 18.97 -70.57
C LYS XA 47 15.16 19.78 -71.28
N PRO XA 48 14.81 20.96 -70.75
CA PRO XA 48 13.71 21.73 -71.34
C PRO XA 48 14.06 22.20 -72.75
N PRO XA 49 13.05 22.49 -73.58
CA PRO XA 49 13.31 22.83 -74.98
C PRO XA 49 13.97 24.19 -75.15
N ALA XA 50 14.10 24.65 -76.39
CA ALA XA 50 14.68 25.95 -76.67
C ALA XA 50 13.90 26.67 -77.77
N ILE XA 51 14.32 27.89 -78.10
CA ILE XA 51 13.84 28.64 -79.25
C ILE XA 51 15.06 29.17 -79.99
N ASP XA 52 14.87 29.57 -81.24
CA ASP XA 52 16.00 29.95 -82.07
C ASP XA 52 16.56 31.32 -81.70
N TRP XA 53 17.61 31.32 -80.88
CA TRP XA 53 18.35 32.55 -80.62
C TRP XA 53 19.05 33.05 -81.89
N ALA XA 54 19.61 32.13 -82.67
CA ALA XA 54 20.43 32.52 -83.81
C ALA XA 54 19.90 31.90 -85.10
N TYR XA 55 19.31 30.71 -85.03
CA TYR XA 55 18.90 30.01 -86.24
C TYR XA 55 17.84 30.78 -87.00
N TYR XA 56 16.76 31.17 -86.32
CA TYR XA 56 15.72 31.98 -86.94
C TYR XA 56 16.13 33.45 -86.97
N LYS XA 57 17.23 33.77 -86.28
CA LYS XA 57 17.58 35.17 -86.05
C LYS XA 57 17.73 35.94 -87.36
N ALA XA 58 18.74 35.62 -88.14
CA ALA XA 58 18.92 36.30 -89.42
C ALA XA 58 17.80 35.96 -90.38
N ASN XA 59 17.19 34.78 -90.22
CA ASN XA 59 15.98 34.46 -90.97
C ASN XA 59 14.88 35.47 -90.72
N VAL XA 60 14.91 36.15 -89.59
CA VAL XA 60 14.09 37.32 -89.34
C VAL XA 60 14.97 38.54 -89.51
N ALA XA 61 14.33 39.71 -89.62
CA ALA XA 61 15.10 40.94 -89.68
C ALA XA 61 15.86 41.18 -88.38
N LYS XA 62 15.16 41.09 -87.25
CA LYS XA 62 15.78 41.27 -85.94
C LYS XA 62 16.51 39.98 -85.55
N ALA XA 63 17.76 39.88 -86.02
CA ALA XA 63 18.55 38.68 -85.74
C ALA XA 63 18.94 38.59 -84.28
N GLY XA 64 19.69 39.58 -83.79
CA GLY XA 64 20.12 39.54 -82.40
C GLY XA 64 18.94 39.47 -81.45
N LEU XA 65 17.79 39.98 -81.86
CA LEU XA 65 16.60 39.92 -81.01
C LEU XA 65 16.21 38.49 -80.73
N VAL XA 66 16.28 37.62 -81.75
CA VAL XA 66 16.05 36.20 -81.51
C VAL XA 66 17.00 35.70 -80.42
N ASP XA 67 18.26 36.10 -80.51
CA ASP XA 67 19.17 35.89 -79.39
C ASP XA 67 18.78 36.74 -78.18
N ASP XA 68 18.40 38.00 -78.42
CA ASP XA 68 18.08 38.89 -77.31
C ASP XA 68 16.80 38.45 -76.61
N PHE XA 69 15.77 38.09 -77.38
CA PHE XA 69 14.59 37.49 -76.75
C PHE XA 69 14.99 36.22 -76.03
N GLU XA 70 15.89 35.44 -76.61
CA GLU XA 70 16.50 34.34 -75.88
C GLU XA 70 17.30 34.86 -74.69
N LYS XA 71 18.04 35.96 -74.89
CA LYS XA 71 18.65 36.63 -73.75
C LYS XA 71 17.59 37.14 -72.79
N LYS XA 72 16.52 37.71 -73.33
CA LYS XA 72 15.35 38.00 -72.52
C LYS XA 72 14.78 36.73 -71.92
N PHE XA 73 14.82 35.64 -72.68
CA PHE XA 73 14.47 34.34 -72.11
C PHE XA 73 15.51 33.87 -71.12
N ASN XA 74 16.78 34.17 -71.39
CA ASN XA 74 17.84 33.81 -70.46
C ASN XA 74 17.60 34.46 -69.10
N ALA XA 75 16.83 35.55 -69.07
CA ALA XA 75 16.41 36.11 -67.79
C ALA XA 75 15.56 35.11 -67.01
N LEU XA 76 14.65 34.43 -67.70
CA LEU XA 76 13.79 33.45 -67.05
C LEU XA 76 14.59 32.23 -66.65
N LYS XA 77 13.98 31.35 -65.84
CA LYS XA 77 14.60 30.15 -65.32
C LYS XA 77 13.61 29.00 -65.32
N VAL XA 78 14.12 27.77 -65.27
CA VAL XA 78 13.27 26.59 -65.16
C VAL XA 78 12.75 26.57 -63.73
N PRO XA 79 11.49 26.93 -63.51
CA PRO XA 79 11.04 27.22 -62.14
C PRO XA 79 10.71 25.96 -61.36
N ILE XA 80 11.60 25.60 -60.44
CA ILE XA 80 11.33 24.55 -59.48
C ILE XA 80 10.57 25.19 -58.32
N PRO XA 81 9.36 24.75 -58.02
CA PRO XA 81 8.62 25.34 -56.89
C PRO XA 81 9.16 24.84 -55.57
N GLU XA 82 8.49 25.25 -54.50
CA GLU XA 82 8.82 24.81 -53.15
C GLU XA 82 8.16 23.46 -52.90
N ASP XA 83 8.60 22.79 -51.83
CA ASP XA 83 8.17 21.43 -51.54
C ASP XA 83 7.19 21.39 -50.37
N LYS XA 84 6.28 20.41 -50.41
CA LYS XA 84 5.29 20.25 -49.35
C LYS XA 84 5.06 18.80 -48.95
N TYR XA 85 6.00 17.89 -49.22
CA TYR XA 85 5.86 16.48 -48.90
C TYR XA 85 6.23 16.24 -47.45
N THR XA 86 6.34 17.31 -46.66
CA THR XA 86 6.76 17.22 -45.27
C THR XA 86 5.68 16.63 -44.38
N ALA XA 87 4.40 16.85 -44.69
CA ALA XA 87 3.34 16.39 -43.80
C ALA XA 87 3.32 14.88 -43.65
N GLN XA 88 3.39 14.15 -44.77
CA GLN XA 88 3.37 12.70 -44.69
C GLN XA 88 4.56 12.15 -43.94
N VAL XA 89 5.76 12.68 -44.20
CA VAL XA 89 6.94 12.26 -43.45
C VAL XA 89 6.78 12.60 -41.98
N ASP XA 90 6.24 13.78 -41.68
CA ASP XA 90 5.90 14.09 -40.29
C ASP XA 90 4.86 13.10 -39.76
N ALA XA 91 3.86 12.79 -40.57
CA ALA XA 91 2.91 11.74 -40.19
C ALA XA 91 3.61 10.40 -40.06
N GLU XA 92 4.63 10.17 -40.88
CA GLU XA 92 5.32 8.88 -40.92
C GLU XA 92 6.08 8.58 -39.62
N GLU XA 93 6.73 9.60 -39.05
CA GLU XA 93 7.64 9.36 -37.94
C GLU XA 93 6.93 8.82 -36.70
N LYS XA 94 5.74 9.35 -36.40
CA LYS XA 94 5.08 9.04 -35.14
C LYS XA 94 4.73 7.56 -35.03
N GLU XA 95 4.19 6.98 -36.10
CA GLU XA 95 3.65 5.63 -36.02
C GLU XA 95 4.72 4.61 -35.66
N ASP XA 96 5.90 4.72 -36.25
CA ASP XA 96 6.96 3.75 -36.00
C ASP XA 96 7.26 3.65 -34.50
N VAL XA 97 7.50 4.80 -33.87
CA VAL XA 97 7.73 4.81 -32.43
C VAL XA 97 6.47 4.37 -31.69
N LYS XA 98 5.32 4.88 -32.11
CA LYS XA 98 4.05 4.53 -31.48
C LYS XA 98 3.82 3.03 -31.55
N SER XA 99 4.02 2.45 -32.74
CA SER XA 99 3.91 1.00 -32.89
C SER XA 99 4.96 0.30 -32.05
N CYS XA 100 6.19 0.82 -32.08
CA CYS XA 100 7.26 0.25 -31.28
C CYS XA 100 6.92 0.39 -29.80
N ALA XA 101 6.21 1.45 -29.46
CA ALA XA 101 5.79 1.68 -28.09
C ALA XA 101 4.86 0.58 -27.60
N GLU XA 102 3.70 0.43 -28.24
CA GLU XA 102 2.66 -0.43 -27.72
C GLU XA 102 2.89 -1.91 -28.01
N PHE XA 103 2.80 -2.29 -29.28
CA PHE XA 103 2.81 -3.71 -29.63
C PHE XA 103 4.18 -4.32 -29.39
N LEU XA 104 5.23 -3.66 -29.88
CA LEU XA 104 6.58 -4.20 -29.75
C LEU XA 104 6.96 -4.47 -28.31
N THR XA 105 6.36 -3.77 -27.37
CA THR XA 105 6.46 -4.14 -25.96
C THR XA 105 5.40 -5.15 -25.57
N GLN XA 106 4.11 -4.82 -25.74
CA GLN XA 106 3.05 -5.69 -25.25
C GLN XA 106 3.10 -7.07 -25.88
N SER XA 107 3.31 -7.14 -27.19
CA SER XA 107 3.45 -8.44 -27.85
C SER XA 107 4.66 -9.18 -27.31
N LYS XA 108 5.82 -8.52 -27.29
CA LYS XA 108 7.01 -9.13 -26.73
C LYS XA 108 6.81 -9.47 -25.25
N THR XA 109 6.17 -8.56 -24.51
CA THR XA 109 5.79 -8.86 -23.14
C THR XA 109 4.91 -10.10 -23.10
N ARG XA 110 3.87 -10.12 -23.92
CA ARG XA 110 3.06 -11.33 -24.05
C ARG XA 110 3.93 -12.49 -24.50
N ILE XA 111 4.83 -12.24 -25.47
CA ILE XA 111 5.77 -13.28 -25.88
C ILE XA 111 6.60 -13.73 -24.69
N GLN XA 112 7.12 -12.78 -23.92
CA GLN XA 112 7.76 -13.13 -22.65
C GLN XA 112 6.77 -13.81 -21.72
N GLU XA 113 5.56 -13.25 -21.62
CA GLU XA 113 4.53 -13.81 -20.77
C GLU XA 113 4.15 -15.20 -21.24
N TYR XA 114 4.11 -15.39 -22.56
CA TYR XA 114 3.77 -16.70 -23.10
C TYR XA 114 4.63 -17.79 -22.52
N GLU XA 115 5.95 -17.60 -22.53
CA GLU XA 115 6.85 -18.61 -22.02
C GLU XA 115 6.50 -19.01 -20.59
N LYS XA 116 6.17 -18.03 -19.76
CA LYS XA 116 5.77 -18.33 -18.39
C LYS XA 116 4.59 -19.27 -18.35
N GLU XA 117 3.51 -18.94 -19.06
CA GLU XA 117 2.43 -19.88 -19.22
C GLU XA 117 2.88 -21.09 -20.02
N LEU XA 118 3.69 -20.88 -21.06
CA LEU XA 118 4.20 -21.99 -21.86
C LEU XA 118 5.05 -22.93 -21.00
N GLU XA 119 5.90 -22.36 -20.15
CA GLU XA 119 6.58 -23.18 -19.16
C GLU XA 119 5.57 -23.85 -18.24
N LYS XA 120 4.60 -23.08 -17.75
CA LYS XA 120 3.50 -23.66 -16.99
C LYS XA 120 2.80 -24.73 -17.82
N MET XA 121 2.66 -24.48 -19.12
CA MET XA 121 2.19 -25.51 -20.03
C MET XA 121 3.25 -26.59 -20.25
N ARG XA 122 4.52 -26.21 -20.40
CA ARG XA 122 5.59 -27.18 -20.47
C ARG XA 122 5.88 -27.80 -19.10
N ASN XA 123 4.98 -27.58 -18.12
CA ASN XA 123 5.16 -28.07 -16.76
C ASN XA 123 4.13 -29.15 -16.42
N ILE XA 124 3.95 -30.11 -17.33
CA ILE XA 124 2.97 -31.16 -17.13
C ILE XA 124 3.54 -32.21 -16.18
N ILE XA 125 2.78 -32.49 -15.11
CA ILE XA 125 3.12 -33.66 -14.29
C ILE XA 125 2.56 -34.90 -14.97
N PRO XA 126 2.98 -36.10 -14.58
CA PRO XA 126 2.42 -37.30 -15.22
C PRO XA 126 0.92 -37.43 -14.94
N PHE XA 127 0.22 -38.04 -15.91
CA PHE XA 127 -1.19 -38.36 -15.68
C PHE XA 127 -1.35 -39.23 -14.45
N ASP XA 128 -0.40 -40.13 -14.22
CA ASP XA 128 -0.43 -40.95 -13.02
C ASP XA 128 -0.25 -40.13 -11.74
N GLN XA 129 0.10 -38.85 -11.87
CA GLN XA 129 0.51 -38.07 -10.70
C GLN XA 129 -0.13 -36.69 -10.65
N MET XA 130 -1.46 -36.58 -10.75
CA MET XA 130 -2.11 -35.30 -10.59
C MET XA 130 -3.25 -35.41 -9.59
N THR XA 131 -3.71 -34.26 -9.10
CA THR XA 131 -4.87 -34.19 -8.24
C THR XA 131 -6.09 -33.70 -9.02
N ILE XA 132 -7.27 -33.84 -8.41
CA ILE XA 132 -8.48 -33.38 -9.09
C ILE XA 132 -8.46 -31.88 -9.26
N GLU XA 133 -8.11 -31.15 -8.20
CA GLU XA 133 -7.98 -29.70 -8.34
C GLU XA 133 -6.84 -29.36 -9.29
N ASP XA 134 -5.88 -30.26 -9.46
CA ASP XA 134 -4.85 -30.04 -10.48
C ASP XA 134 -5.49 -29.91 -11.85
N LEU XA 135 -6.52 -30.71 -12.10
CA LEU XA 135 -7.36 -30.46 -13.28
C LEU XA 135 -8.02 -29.09 -13.19
N ASN XA 136 -8.68 -28.80 -12.06
CA ASN XA 136 -9.27 -27.49 -11.89
C ASN XA 136 -8.21 -26.40 -11.93
N GLU XA 137 -7.01 -26.70 -11.42
CA GLU XA 137 -5.91 -25.75 -11.52
C GLU XA 137 -5.56 -25.48 -12.97
N VAL XA 138 -5.17 -26.51 -13.72
CA VAL XA 138 -4.85 -26.34 -15.13
C VAL XA 138 -6.08 -25.88 -15.90
N PHE XA 139 -7.22 -26.52 -15.64
CA PHE XA 139 -8.44 -26.18 -16.34
C PHE XA 139 -9.59 -25.97 -15.35
N PRO XA 140 -9.93 -24.73 -15.04
CA PRO XA 140 -11.10 -24.48 -14.20
C PRO XA 140 -12.40 -24.98 -14.83
N GLU XA 141 -12.34 -25.38 -16.09
CA GLU XA 141 -13.49 -25.97 -16.77
C GLU XA 141 -14.01 -27.21 -16.06
N THR XA 142 -13.16 -27.89 -15.29
CA THR XA 142 -13.57 -29.05 -14.51
C THR XA 142 -14.09 -28.65 -13.13
N LYS XA 143 -14.14 -27.35 -12.82
CA LYS XA 143 -14.59 -26.92 -11.50
C LYS XA 143 -16.10 -26.99 -11.39
N LEU XA 144 -16.58 -27.13 -10.16
CA LEU XA 144 -18.01 -27.27 -9.89
C LEU XA 144 -18.81 -26.05 -10.33
N ASP XA 145 -18.28 -24.84 -10.11
CA ASP XA 145 -18.94 -23.60 -10.50
C ASP XA 145 -20.37 -23.53 -9.92
N LYS XA 146 -20.45 -23.83 -8.64
CA LYS XA 146 -21.73 -23.72 -7.96
C LYS XA 146 -22.23 -22.33 -7.94
N LYS XA 147 -21.33 -21.38 -8.10
CA LYS XA 147 -21.71 -20.00 -8.36
C LYS XA 147 -22.71 -19.90 -9.50
N LYS XA 148 -22.53 -20.72 -10.53
CA LYS XA 148 -23.57 -20.87 -11.53
C LYS XA 148 -24.70 -21.74 -11.01
N TYR XA 149 -24.41 -22.99 -10.65
CA TYR XA 149 -25.41 -23.95 -10.22
C TYR XA 149 -25.05 -24.44 -8.82
N PRO XA 150 -25.67 -23.86 -7.79
CA PRO XA 150 -25.28 -24.25 -6.43
C PRO XA 150 -25.43 -25.74 -6.16
N TYR XA 151 -26.46 -26.36 -6.70
CA TYR XA 151 -26.84 -27.70 -6.29
C TYR XA 151 -25.87 -28.75 -6.84
N TRP XA 152 -25.44 -29.65 -5.96
CA TRP XA 152 -24.50 -30.70 -6.33
C TRP XA 152 -25.06 -31.53 -7.49
N PRO XA 153 -24.21 -31.92 -8.45
CA PRO XA 153 -22.77 -31.67 -8.40
C PRO XA 153 -22.38 -30.33 -9.02
N HIS XA 154 -23.22 -29.33 -8.82
CA HIS XA 154 -22.92 -27.91 -8.92
C HIS XA 154 -22.72 -27.41 -10.35
N ARG XA 155 -22.73 -28.28 -11.36
CA ARG XA 155 -22.50 -27.86 -12.73
C ARG XA 155 -23.53 -28.49 -13.65
N PRO XA 156 -23.81 -27.89 -14.81
CA PRO XA 156 -24.83 -28.44 -15.71
C PRO XA 156 -24.46 -29.84 -16.19
N ILE XA 157 -25.42 -30.75 -16.07
CA ILE XA 157 -25.23 -32.09 -16.58
C ILE XA 157 -25.05 -32.08 -18.08
N GLU XA 158 -25.93 -31.38 -18.78
CA GLU XA 158 -25.72 -31.14 -20.19
C GLU XA 158 -24.61 -30.12 -20.33
N PRO YA 2 4.95 -80.62 -3.53
CA PRO YA 2 5.41 -79.90 -2.34
C PRO YA 2 5.37 -80.77 -1.08
N PRO YA 3 6.24 -81.76 -1.02
CA PRO YA 3 6.25 -82.66 0.14
C PRO YA 3 6.78 -81.99 1.39
N VAL YA 4 6.08 -82.19 2.51
CA VAL YA 4 6.57 -81.74 3.81
C VAL YA 4 6.13 -82.69 4.92
N GLN YA 5 7.05 -83.54 5.37
CA GLN YA 5 6.76 -84.54 6.41
C GLN YA 5 6.58 -83.82 7.74
N VAL YA 6 5.65 -84.31 8.56
CA VAL YA 6 5.37 -83.66 9.83
C VAL YA 6 6.51 -83.96 10.80
N SER YA 7 7.05 -82.89 11.38
CA SER YA 7 8.12 -83.02 12.37
C SER YA 7 7.54 -83.59 13.66
N PRO YA 8 8.37 -83.83 14.67
CA PRO YA 8 7.85 -84.46 15.90
C PRO YA 8 6.69 -83.71 16.53
N LEU YA 9 6.73 -82.38 16.56
CA LEU YA 9 5.66 -81.61 17.18
C LEU YA 9 4.37 -81.69 16.37
N ILE YA 10 4.47 -81.44 15.06
CA ILE YA 10 3.28 -81.36 14.23
C ILE YA 10 2.60 -82.73 14.13
N LYS YA 11 3.38 -83.79 14.09
CA LYS YA 11 2.83 -85.12 13.87
C LYS YA 11 2.06 -85.62 15.09
N LEU YA 12 2.15 -84.91 16.21
CA LEU YA 12 1.75 -85.50 17.49
C LEU YA 12 0.23 -85.60 17.62
N GLY YA 13 -0.46 -84.46 17.66
CA GLY YA 13 -1.83 -84.45 18.16
C GLY YA 13 -2.82 -85.17 17.28
N ARG YA 14 -2.53 -85.27 15.97
CA ARG YA 14 -3.54 -85.72 15.02
C ARG YA 14 -3.88 -87.19 15.23
N TYR YA 15 -2.87 -88.06 15.28
CA TYR YA 15 -3.13 -89.50 15.29
C TYR YA 15 -3.86 -89.93 16.56
N SER YA 16 -3.39 -89.49 17.73
CA SER YA 16 -4.06 -89.83 18.97
C SER YA 16 -5.47 -89.29 19.01
N ALA YA 17 -5.68 -88.11 18.43
CA ALA YA 17 -7.01 -87.53 18.40
C ALA YA 17 -7.93 -88.30 17.45
N LEU YA 18 -7.38 -88.82 16.36
CA LEU YA 18 -8.18 -89.58 15.39
C LEU YA 18 -8.71 -90.86 16.01
N PHE YA 19 -7.83 -91.67 16.58
CA PHE YA 19 -8.26 -92.94 17.14
C PHE YA 19 -9.08 -92.77 18.40
N LEU YA 20 -8.60 -91.95 19.35
CA LEU YA 20 -9.37 -91.72 20.57
C LEU YA 20 -10.69 -91.04 20.26
N GLY YA 21 -10.67 -90.05 19.37
CA GLY YA 21 -11.91 -89.42 18.96
C GLY YA 21 -12.85 -90.38 18.29
N MET YA 22 -12.31 -91.34 17.53
CA MET YA 22 -13.13 -92.40 16.96
C MET YA 22 -13.81 -93.19 18.07
N ALA YA 23 -13.09 -93.39 19.18
CA ALA YA 23 -13.67 -94.08 20.33
C ALA YA 23 -14.59 -93.16 21.12
N TYR YA 24 -14.31 -91.85 21.11
CA TYR YA 24 -15.06 -90.91 21.94
C TYR YA 24 -16.55 -90.99 21.63
N GLY YA 25 -16.91 -90.97 20.35
CA GLY YA 25 -18.29 -91.28 19.99
C GLY YA 25 -18.67 -92.69 20.41
N ALA YA 26 -17.82 -93.65 20.10
CA ALA YA 26 -18.08 -95.04 20.51
C ALA YA 26 -18.21 -95.15 22.02
N LYS YA 27 -17.49 -94.29 22.75
CA LYS YA 27 -17.62 -94.27 24.20
C LYS YA 27 -19.03 -93.87 24.61
N ARG YA 28 -19.52 -92.76 24.08
CA ARG YA 28 -20.88 -92.34 24.40
C ARG YA 28 -21.91 -93.15 23.62
N TYR YA 29 -21.44 -93.94 22.65
CA TYR YA 29 -22.36 -94.67 21.77
C TYR YA 29 -23.30 -95.56 22.57
N ASN YA 30 -22.73 -96.41 23.43
CA ASN YA 30 -23.57 -97.18 24.33
C ASN YA 30 -24.32 -96.26 25.29
N TYR YA 31 -23.64 -95.21 25.77
CA TYR YA 31 -24.26 -94.31 26.75
C TYR YA 31 -25.49 -93.61 26.17
N LEU YA 32 -25.39 -93.16 24.92
CA LEU YA 32 -26.46 -92.34 24.36
C LEU YA 32 -27.50 -93.17 23.61
N LYS YA 33 -27.06 -94.15 22.81
CA LYS YA 33 -27.99 -94.84 21.91
C LYS YA 33 -29.12 -95.54 22.65
N PRO YA 34 -28.87 -96.46 23.56
CA PRO YA 34 -29.98 -97.05 24.33
C PRO YA 34 -30.73 -95.97 25.08
N ARG YA 35 -29.99 -94.99 25.61
CA ARG YA 35 -30.62 -93.85 26.25
C ARG YA 35 -31.55 -93.15 25.27
N ALA YA 36 -31.07 -92.92 24.05
CA ALA YA 36 -31.95 -92.42 23.00
C ALA YA 36 -33.04 -93.43 22.68
N GLU YA 37 -32.67 -94.71 22.62
CA GLU YA 37 -33.63 -95.74 22.28
C GLU YA 37 -34.77 -95.80 23.29
N GLU YA 38 -34.44 -95.85 24.57
CA GLU YA 38 -35.48 -95.94 25.58
C GLU YA 38 -36.26 -94.64 25.71
N GLU YA 39 -35.54 -93.51 25.78
CA GLU YA 39 -36.20 -92.24 26.06
C GLU YA 39 -37.20 -91.89 24.98
N ARG YA 40 -36.83 -92.07 23.71
CA ARG YA 40 -37.79 -91.86 22.64
C ARG YA 40 -39.04 -92.70 22.87
N ARG YA 41 -38.84 -93.98 23.19
CA ARG YA 41 -39.96 -94.82 23.61
C ARG YA 41 -40.55 -94.29 24.91
N LEU YA 42 -39.70 -93.93 25.88
CA LEU YA 42 -40.20 -93.43 27.16
C LEU YA 42 -41.03 -92.18 26.97
N ALA YA 43 -40.53 -91.25 26.15
CA ALA YA 43 -41.32 -90.07 25.81
C ALA YA 43 -42.58 -90.47 25.07
N ALA YA 44 -42.47 -91.44 24.16
CA ALA YA 44 -43.62 -91.87 23.37
C ALA YA 44 -44.77 -92.29 24.27
N GLU YA 45 -44.46 -93.07 25.31
CA GLU YA 45 -45.51 -93.48 26.25
C GLU YA 45 -46.15 -92.26 26.88
N GLU YA 46 -45.35 -91.27 27.28
CA GLU YA 46 -45.92 -90.04 27.82
C GLU YA 46 -46.84 -89.36 26.83
N LYS YA 47 -46.40 -89.23 25.57
CA LYS YA 47 -47.29 -88.76 24.53
C LYS YA 47 -48.44 -89.73 24.34
N LYS YA 48 -48.14 -91.03 24.34
CA LYS YA 48 -49.20 -92.03 24.29
C LYS YA 48 -50.14 -91.86 25.48
N LYS YA 49 -49.59 -91.59 26.66
CA LYS YA 49 -50.43 -91.21 27.79
C LYS YA 49 -51.15 -89.89 27.51
N ARG YA 50 -50.44 -88.92 26.93
CA ARG YA 50 -51.04 -87.63 26.65
C ARG YA 50 -52.17 -87.75 25.62
N ASP YA 51 -51.99 -88.62 24.63
CA ASP YA 51 -52.95 -88.69 23.52
C ASP YA 51 -54.32 -89.17 23.99
N GLU YA 52 -54.35 -90.17 24.87
CA GLU YA 52 -55.63 -90.78 25.23
C GLU YA 52 -56.57 -89.77 25.89
N GLN YA 53 -56.05 -89.00 26.84
CA GLN YA 53 -56.85 -87.93 27.43
C GLN YA 53 -57.23 -86.91 26.38
N LYS YA 54 -56.29 -86.59 25.48
CA LYS YA 54 -56.61 -85.72 24.36
C LYS YA 54 -57.60 -86.38 23.42
N ARG YA 55 -57.49 -87.70 23.23
CA ARG YA 55 -58.49 -88.42 22.44
C ARG YA 55 -59.88 -88.20 23.00
N ILE YA 56 -60.00 -88.12 24.32
CA ILE YA 56 -61.24 -87.67 24.93
C ILE YA 56 -61.46 -86.19 24.67
N GLU YA 57 -60.41 -85.40 24.84
CA GLU YA 57 -60.50 -83.94 24.66
C GLU YA 57 -60.67 -83.60 23.19
N PRO ZA 5 11.89 -49.58 17.11
CA PRO ZA 5 12.12 -48.56 18.15
C PRO ZA 5 10.88 -47.72 18.42
N LEU ZA 6 9.80 -48.01 17.71
CA LEU ZA 6 8.56 -47.28 17.94
C LEU ZA 6 8.00 -47.63 19.31
N LYS ZA 7 7.87 -46.61 20.17
CA LYS ZA 7 7.27 -46.83 21.48
C LYS ZA 7 5.86 -47.37 21.37
N GLU ZA 8 5.06 -46.79 20.48
CA GLU ZA 8 3.81 -47.42 20.04
C GLU ZA 8 4.10 -48.32 18.84
N LYS ZA 9 4.69 -49.47 19.13
CA LYS ZA 9 5.15 -50.41 18.11
C LYS ZA 9 3.98 -51.04 17.37
N LYS ZA 10 4.23 -51.46 16.13
CA LYS ZA 10 3.16 -52.00 15.30
C LYS ZA 10 2.66 -53.33 15.84
N LEU ZA 11 1.34 -53.51 15.78
CA LEU ZA 11 0.68 -54.65 16.41
C LEU ZA 11 1.03 -55.98 15.76
N LEU ZA 12 1.42 -55.98 14.48
CA LEU ZA 12 1.60 -57.23 13.74
C LEU ZA 12 2.51 -58.22 14.45
N GLU ZA 13 3.59 -57.75 15.06
CA GLU ZA 13 4.54 -58.65 15.72
C GLU ZA 13 5.10 -58.11 17.02
N VAL ZA 14 4.55 -57.04 17.58
CA VAL ZA 14 5.14 -56.31 18.70
C VAL ZA 14 5.52 -57.24 19.84
N LYS ZA 15 6.58 -56.89 20.57
CA LYS ZA 15 7.08 -57.72 21.66
C LYS ZA 15 6.07 -57.77 22.80
N LEU ZA 16 6.26 -58.72 23.72
CA LEU ZA 16 5.30 -58.95 24.78
C LEU ZA 16 5.23 -57.79 25.76
N GLY ZA 17 6.38 -57.21 26.10
CA GLY ZA 17 6.44 -56.32 27.25
C GLY ZA 17 5.77 -54.98 27.02
N GLU ZA 18 6.28 -54.21 26.06
CA GLU ZA 18 5.91 -52.79 25.96
C GLU ZA 18 4.52 -52.57 25.36
N LEU ZA 19 3.76 -53.64 25.15
CA LEU ZA 19 2.37 -53.46 24.70
C LEU ZA 19 1.61 -52.52 25.63
N PRO ZA 20 1.70 -52.66 26.96
CA PRO ZA 20 1.03 -51.68 27.83
C PRO ZA 20 1.50 -50.26 27.60
N SER ZA 21 2.79 -50.06 27.34
CA SER ZA 21 3.26 -48.73 26.97
C SER ZA 21 2.64 -48.31 25.64
N TRP ZA 22 2.64 -49.21 24.67
CA TRP ZA 22 1.88 -48.97 23.45
C TRP ZA 22 0.40 -48.85 23.76
N ILE ZA 23 -0.09 -49.64 24.72
CA ILE ZA 23 -1.46 -49.45 25.21
C ILE ZA 23 -1.56 -48.09 25.91
N LEU ZA 24 -0.57 -47.75 26.72
CA LEU ZA 24 -0.49 -46.39 27.24
C LEU ZA 24 -0.45 -45.39 26.11
N MET ZA 25 0.19 -45.74 25.00
CA MET ZA 25 0.12 -44.91 23.81
C MET ZA 25 -1.29 -44.87 23.26
N ARG ZA 26 -2.00 -45.99 23.30
CA ARG ZA 26 -3.39 -46.02 22.84
C ARG ZA 26 -4.31 -45.37 23.86
N ASP ZA 27 -4.55 -44.07 23.71
CA ASP ZA 27 -5.36 -43.35 24.67
C ASP ZA 27 -6.83 -43.35 24.25
N PHE ZA 28 -7.64 -42.54 24.95
CA PHE ZA 28 -9.07 -42.46 24.72
C PHE ZA 28 -9.53 -41.04 24.43
N THR ZA 29 -8.83 -40.33 23.53
CA THR ZA 29 -9.20 -38.95 23.23
C THR ZA 29 -10.57 -38.90 22.57
N PRO ZA 30 -11.12 -37.69 22.38
CA PRO ZA 30 -12.48 -37.60 21.81
C PRO ZA 30 -12.65 -38.35 20.51
N SER ZA 31 -11.87 -38.02 19.49
CA SER ZA 31 -11.93 -38.78 18.24
C SER ZA 31 -11.16 -40.08 18.35
N GLY ZA 32 -10.74 -40.46 19.57
CA GLY ZA 32 -9.78 -41.53 19.74
C GLY ZA 32 -10.19 -42.83 19.06
N ILE ZA 33 -11.50 -43.05 18.91
CA ILE ZA 33 -11.98 -44.22 18.18
C ILE ZA 33 -11.67 -44.11 16.69
N ALA ZA 34 -11.73 -42.90 16.14
CA ALA ZA 34 -11.86 -42.74 14.68
C ALA ZA 34 -10.60 -43.11 13.93
N GLY ZA 35 -9.50 -42.41 14.19
CA GLY ZA 35 -8.42 -42.30 13.22
C GLY ZA 35 -7.70 -43.61 12.90
N ALA ZA 36 -7.33 -44.38 13.94
CA ALA ZA 36 -6.48 -45.54 13.72
C ALA ZA 36 -7.15 -46.55 12.79
N PHE ZA 37 -8.48 -46.49 12.68
CA PHE ZA 37 -9.20 -47.37 11.77
C PHE ZA 37 -8.86 -47.07 10.31
N GLN ZA 38 -8.92 -45.80 9.93
CA GLN ZA 38 -8.72 -45.44 8.52
C GLN ZA 38 -7.33 -45.83 8.06
N ARG ZA 39 -6.43 -46.11 9.01
CA ARG ZA 39 -5.10 -46.62 8.66
C ARG ZA 39 -5.21 -47.84 7.75
N GLY ZA 40 -5.98 -48.84 8.18
CA GLY ZA 40 -6.22 -49.97 7.29
C GLY ZA 40 -6.97 -49.54 6.04
N TYR ZA 41 -7.93 -48.62 6.19
CA TYR ZA 41 -8.72 -48.18 5.05
C TYR ZA 41 -7.83 -47.63 3.95
N TYR ZA 42 -6.97 -46.69 4.29
CA TYR ZA 42 -5.99 -46.23 3.32
C TYR ZA 42 -5.08 -47.36 2.90
N ARG ZA 43 -4.64 -48.17 3.87
CA ARG ZA 43 -3.83 -49.34 3.54
C ARG ZA 43 -4.55 -50.21 2.53
N TYR ZA 44 -5.76 -50.64 2.85
CA TYR ZA 44 -6.53 -51.46 1.92
C TYR ZA 44 -6.80 -50.67 0.64
N TYR ZA 45 -7.11 -49.38 0.78
CA TYR ZA 45 -7.25 -48.52 -0.39
C TYR ZA 45 -6.02 -48.64 -1.27
N ASN ZA 46 -4.84 -48.50 -0.67
CA ASN ZA 46 -3.63 -48.71 -1.44
C ASN ZA 46 -3.41 -50.17 -1.76
N LYS ZA 47 -3.57 -51.05 -0.78
CA LYS ZA 47 -3.19 -52.45 -0.99
C LYS ZA 47 -4.36 -53.27 -1.51
N TYR ZA 48 -5.40 -53.44 -0.70
CA TYR ZA 48 -6.52 -54.27 -1.09
C TYR ZA 48 -7.35 -53.66 -2.21
N VAL ZA 49 -7.10 -52.41 -2.58
CA VAL ZA 49 -7.90 -51.72 -3.57
C VAL ZA 49 -7.07 -51.19 -4.72
N ASN ZA 50 -6.03 -50.40 -4.45
CA ASN ZA 50 -5.34 -49.67 -5.51
C ASN ZA 50 -4.56 -50.63 -6.40
N VAL ZA 51 -5.31 -51.29 -7.28
CA VAL ZA 51 -4.75 -52.03 -8.40
C VAL ZA 51 -5.55 -51.68 -9.64
N LYS ZA 52 -5.00 -51.99 -10.80
CA LYS ZA 52 -5.68 -51.64 -12.03
C LYS ZA 52 -6.83 -52.59 -12.35
N LYS ZA 53 -6.58 -53.89 -12.40
CA LYS ZA 53 -7.53 -54.89 -12.89
C LYS ZA 53 -7.55 -56.11 -11.97
N GLY ZA 54 -7.63 -55.88 -10.67
CA GLY ZA 54 -7.60 -56.94 -9.68
C GLY ZA 54 -8.93 -57.61 -9.38
N SER ZA 55 -8.89 -58.66 -8.57
CA SER ZA 55 -10.10 -59.33 -8.12
C SER ZA 55 -10.70 -58.58 -6.94
N ILE ZA 56 -11.69 -59.20 -6.29
CA ILE ZA 56 -12.45 -58.55 -5.24
C ILE ZA 56 -12.26 -59.22 -3.89
N ALA ZA 57 -11.18 -59.97 -3.68
CA ALA ZA 57 -11.00 -60.62 -2.38
C ALA ZA 57 -10.97 -59.59 -1.25
N GLY ZA 58 -10.30 -58.46 -1.46
CA GLY ZA 58 -10.41 -57.36 -0.52
C GLY ZA 58 -11.84 -56.90 -0.35
N LEU ZA 59 -12.55 -56.71 -1.45
CA LEU ZA 59 -13.97 -56.38 -1.42
C LEU ZA 59 -14.80 -57.48 -0.78
N SER ZA 60 -14.37 -58.73 -0.93
CA SER ZA 60 -15.12 -59.85 -0.37
C SER ZA 60 -15.05 -59.87 1.15
N MET ZA 61 -14.18 -59.06 1.74
CA MET ZA 61 -13.82 -59.20 3.15
C MET ZA 61 -14.96 -59.05 4.16
N VAL ZA 62 -16.06 -58.40 3.79
CA VAL ZA 62 -16.98 -57.88 4.80
C VAL ZA 62 -18.07 -58.90 5.15
N LEU ZA 63 -18.90 -59.25 4.17
CA LEU ZA 63 -20.22 -59.82 4.48
C LEU ZA 63 -20.10 -61.12 5.26
N ALA ZA 64 -19.02 -61.86 5.06
CA ALA ZA 64 -18.83 -63.12 5.78
C ALA ZA 64 -18.85 -62.87 7.28
N ALA ZA 65 -18.13 -61.85 7.74
CA ALA ZA 65 -18.22 -61.44 9.13
C ALA ZA 65 -19.64 -61.01 9.45
N TYR ZA 66 -20.26 -60.24 8.55
CA TYR ZA 66 -21.66 -59.86 8.73
C TYR ZA 66 -22.54 -61.10 8.74
N VAL ZA 67 -22.28 -62.04 7.83
CA VAL ZA 67 -23.05 -63.27 7.79
C VAL ZA 67 -22.80 -64.10 9.04
N PHE ZA 68 -21.53 -64.30 9.39
CA PHE ZA 68 -21.20 -65.13 10.54
C PHE ZA 68 -21.75 -64.55 11.83
N LEU ZA 69 -21.64 -63.23 11.98
CA LEU ZA 69 -22.14 -62.58 13.19
C LEU ZA 69 -23.64 -62.78 13.33
N ASN ZA 70 -24.35 -62.76 12.21
CA ASN ZA 70 -25.80 -62.91 12.26
C ASN ZA 70 -26.19 -64.24 12.89
N TYR ZA 71 -25.64 -65.35 12.39
CA TYR ZA 71 -25.90 -66.63 13.04
C TYR ZA 71 -25.31 -66.65 14.43
N CYS ZA 72 -24.18 -65.97 14.61
CA CYS ZA 72 -23.61 -65.80 15.95
C CYS ZA 72 -24.51 -64.97 16.83
N ARG ZA 73 -24.97 -63.81 16.33
CA ARG ZA 73 -25.95 -63.03 17.07
C ARG ZA 73 -27.25 -63.80 17.22
N SER ZA 74 -27.47 -64.78 16.35
CA SER ZA 74 -28.52 -65.76 16.51
C SER ZA 74 -28.11 -66.93 17.38
N TYR ZA 75 -26.80 -67.18 17.54
CA TYR ZA 75 -26.32 -68.43 18.13
C TYR ZA 75 -27.14 -68.85 19.35
N LYS ZA 76 -27.50 -67.88 20.20
CA LYS ZA 76 -28.40 -68.17 21.30
C LYS ZA 76 -29.71 -68.77 20.79
N GLU ZA 77 -30.36 -68.07 19.85
CA GLU ZA 77 -31.52 -68.64 19.19
C GLU ZA 77 -31.11 -69.71 18.20
N LEU ZA 78 -30.04 -69.46 17.44
CA LEU ZA 78 -29.53 -70.44 16.49
C LEU ZA 78 -29.09 -71.72 17.18
N LYS ZA 79 -29.06 -71.74 18.51
CA LYS ZA 79 -28.96 -73.01 19.23
C LYS ZA 79 -30.11 -73.93 18.84
N HIS ZA 80 -31.24 -73.36 18.46
CA HIS ZA 80 -32.38 -74.18 18.02
C HIS ZA 80 -31.97 -75.10 16.88
N GLU ZA 81 -31.27 -74.57 15.88
CA GLU ZA 81 -30.76 -75.39 14.80
C GLU ZA 81 -29.52 -76.14 15.26
N ARG ZA 82 -29.63 -77.47 15.31
CA ARG ZA 82 -28.53 -78.35 15.67
C ARG ZA 82 -28.83 -79.69 15.00
N LEU ZA 83 -28.22 -80.75 15.50
CA LEU ZA 83 -28.54 -82.07 14.98
C LEU ZA 83 -28.89 -83.12 16.04
N ARG ZA 84 -28.15 -83.22 17.14
CA ARG ZA 84 -28.38 -84.28 18.11
C ARG ZA 84 -27.58 -84.06 19.38
N LYS ZA 85 -27.99 -84.71 20.46
CA LYS ZA 85 -27.09 -84.82 21.61
C LYS ZA 85 -25.81 -85.54 21.21
N TYR ZA 86 -25.90 -86.42 20.22
CA TYR ZA 86 -24.73 -87.02 19.60
C TYR ZA 86 -24.07 -86.05 18.63
N HIS ZA 87 -23.72 -84.88 19.15
CA HIS ZA 87 -23.09 -83.83 18.35
C HIS ZA 87 -22.38 -82.81 19.25
N THR AB 20 -7.87 -89.90 -15.15
CA THR AB 20 -7.63 -88.67 -15.91
C THR AB 20 -6.72 -87.76 -15.12
N TYR AB 21 -6.80 -86.46 -15.41
CA TYR AB 21 -5.99 -85.48 -14.71
C TYR AB 21 -6.26 -85.48 -13.21
N SER AB 22 -7.42 -85.96 -12.80
CA SER AB 22 -7.65 -86.21 -11.38
C SER AB 22 -6.67 -87.24 -10.83
N LYS AB 23 -6.57 -88.41 -11.49
CA LYS AB 23 -5.54 -89.37 -11.10
C LYS AB 23 -4.15 -88.77 -11.21
N PRO AB 24 -3.83 -87.99 -12.25
CA PRO AB 24 -2.46 -87.45 -12.34
C PRO AB 24 -2.11 -86.49 -11.22
N ARG AB 25 -2.92 -85.44 -11.01
CA ARG AB 25 -2.64 -84.49 -9.95
C ARG AB 25 -2.62 -85.19 -8.60
N LEU AB 26 -3.55 -86.13 -8.39
CA LEU AB 26 -3.51 -86.96 -7.20
C LEU AB 26 -2.19 -87.72 -7.10
N ALA AB 27 -1.78 -88.39 -8.17
CA ALA AB 27 -0.47 -89.01 -8.20
C ALA AB 27 0.62 -87.96 -8.07
N THR AB 28 0.43 -86.81 -8.75
CA THR AB 28 1.34 -85.69 -8.57
C THR AB 28 1.33 -85.22 -7.12
N PHE AB 29 0.16 -85.18 -6.50
CA PHE AB 29 0.09 -84.89 -5.08
C PHE AB 29 0.61 -86.06 -4.26
N TRP AB 30 0.38 -87.30 -4.72
CA TRP AB 30 0.66 -88.48 -3.92
C TRP AB 30 2.12 -88.54 -3.50
N TYR AB 31 3.05 -88.34 -4.45
CA TYR AB 31 4.47 -88.29 -4.10
C TYR AB 31 4.76 -87.08 -3.23
N TYR AB 32 4.19 -85.92 -3.58
CA TYR AB 32 4.27 -84.74 -2.74
C TYR AB 32 3.66 -85.07 -1.39
N ALA AB 33 2.43 -85.60 -1.39
CA ALA AB 33 1.82 -86.00 -0.13
C ALA AB 33 2.57 -87.16 0.52
N LYS AB 34 3.27 -87.98 -0.27
CA LYS AB 34 4.00 -89.10 0.33
C LYS AB 34 5.03 -88.62 1.34
N VAL AB 35 5.85 -87.63 0.98
CA VAL AB 35 6.84 -87.12 1.92
C VAL AB 35 6.25 -85.93 2.65
N GLU AB 36 4.97 -85.64 2.39
CA GLU AB 36 4.22 -84.72 3.23
C GLU AB 36 3.56 -85.48 4.39
N LEU AB 37 2.78 -86.51 4.04
CA LEU AB 37 2.16 -87.39 5.02
C LEU AB 37 3.14 -88.41 5.58
N VAL AB 38 4.43 -88.32 5.25
CA VAL AB 38 5.45 -89.18 5.82
C VAL AB 38 5.44 -89.00 7.33
N PRO AB 39 4.99 -89.99 8.09
CA PRO AB 39 4.91 -89.84 9.53
C PRO AB 39 6.27 -89.91 10.16
N PRO AB 40 6.34 -89.91 11.48
CA PRO AB 40 7.64 -90.03 12.14
C PRO AB 40 8.34 -91.35 11.85
N THR AB 41 9.55 -91.52 12.37
CA THR AB 41 10.34 -92.73 12.20
C THR AB 41 10.23 -93.58 13.44
N PRO AB 42 10.68 -94.84 13.37
CA PRO AB 42 10.55 -95.72 14.56
C PRO AB 42 11.22 -95.14 15.79
N ALA AB 43 12.38 -94.52 15.62
CA ALA AB 43 13.00 -93.84 16.76
C ALA AB 43 12.27 -92.55 17.08
N GLU AB 44 11.61 -91.95 16.10
CA GLU AB 44 11.03 -90.62 16.30
C GLU AB 44 9.96 -90.64 17.37
N ILE AB 45 9.16 -91.71 17.43
CA ILE AB 45 8.17 -91.85 18.50
C ILE AB 45 8.91 -91.68 19.82
N PRO AB 46 10.06 -92.34 20.00
CA PRO AB 46 10.89 -92.01 21.16
C PRO AB 46 11.64 -90.69 21.00
N THR AB 47 12.10 -90.37 19.79
CA THR AB 47 12.87 -89.15 19.60
C THR AB 47 12.00 -87.92 19.76
N ALA AB 48 10.72 -88.02 19.37
CA ALA AB 48 9.81 -86.91 19.64
C ALA AB 48 9.74 -86.62 21.13
N ILE AB 49 9.70 -87.66 21.96
CA ILE AB 49 9.79 -87.44 23.39
C ILE AB 49 11.06 -86.66 23.72
N GLN AB 50 12.19 -87.10 23.18
CA GLN AB 50 13.40 -86.29 23.28
C GLN AB 50 13.20 -84.93 22.61
N SER AB 51 12.56 -84.90 21.46
CA SER AB 51 12.30 -83.63 20.80
C SER AB 51 11.31 -82.79 21.61
N LEU AB 52 10.19 -83.39 22.01
CA LEU AB 52 9.15 -82.61 22.67
C LEU AB 52 9.56 -82.19 24.07
N LYS AB 53 10.16 -83.11 24.84
CA LYS AB 53 10.59 -82.76 26.18
C LYS AB 53 11.56 -81.60 26.16
N LYS AB 54 12.33 -81.47 25.07
CA LYS AB 54 13.18 -80.30 24.90
C LYS AB 54 12.33 -79.03 24.88
N ILE AB 55 11.22 -79.05 24.15
CA ILE AB 55 10.27 -77.95 24.23
C ILE AB 55 9.69 -77.87 25.64
N ILE AB 56 9.39 -79.02 26.23
CA ILE AB 56 9.02 -79.04 27.64
C ILE AB 56 10.17 -78.51 28.48
N ASN AB 57 11.40 -78.91 28.15
CA ASN AB 57 12.56 -78.27 28.76
C ASN AB 57 12.60 -76.79 28.40
N SER AB 58 12.30 -76.45 27.15
CA SER AB 58 12.12 -75.05 26.79
C SER AB 58 10.94 -74.46 27.55
N ALA AB 59 10.02 -75.32 28.01
CA ALA AB 59 8.88 -74.83 28.78
C ALA AB 59 9.18 -74.84 30.27
N LYS AB 60 9.82 -75.89 30.78
CA LYS AB 60 9.85 -76.15 32.21
C LYS AB 60 10.46 -74.98 32.99
N THR AB 61 11.64 -74.51 32.58
CA THR AB 61 12.25 -73.40 33.28
C THR AB 61 11.66 -72.06 32.85
N GLY AB 62 10.82 -72.06 31.81
CA GLY AB 62 10.24 -70.82 31.31
C GLY AB 62 10.87 -70.28 30.06
N SER AB 63 11.79 -71.02 29.43
CA SER AB 63 12.45 -70.53 28.23
C SER AB 63 11.49 -70.35 27.07
N PHE AB 64 10.42 -71.14 26.99
CA PHE AB 64 9.45 -70.99 25.92
C PHE AB 64 8.70 -69.66 26.01
N LYS AB 65 8.80 -68.97 27.14
CA LYS AB 65 8.10 -67.70 27.36
C LYS AB 65 8.73 -66.57 26.56
N GLN AB 66 9.57 -66.90 25.57
CA GLN AB 66 10.21 -65.90 24.74
C GLN AB 66 9.83 -66.07 23.28
N LEU AB 67 8.56 -66.30 23.00
CA LEU AB 67 8.09 -66.59 21.64
C LEU AB 67 7.49 -65.34 21.02
N THR AB 68 7.60 -65.26 19.69
CA THR AB 68 7.13 -64.11 18.94
C THR AB 68 5.81 -64.43 18.24
N VAL AB 69 5.23 -63.39 17.61
CA VAL AB 69 3.90 -63.51 17.03
C VAL AB 69 3.86 -64.55 15.93
N LYS AB 70 4.60 -64.32 14.83
CA LYS AB 70 4.58 -65.26 13.73
C LYS AB 70 5.07 -66.63 14.17
N GLU AB 71 6.04 -66.66 15.08
CA GLU AB 71 6.49 -67.93 15.64
C GLU AB 71 5.38 -68.60 16.43
N ALA AB 72 4.76 -67.87 17.36
CA ALA AB 72 3.60 -68.42 18.07
C ALA AB 72 2.51 -68.78 17.08
N LEU AB 73 2.36 -67.97 16.04
CA LEU AB 73 1.49 -68.38 14.93
C LEU AB 73 2.01 -69.66 14.29
N LEU AB 74 3.28 -69.67 13.89
CA LEU AB 74 3.83 -70.83 13.19
C LEU AB 74 3.84 -72.06 14.07
N ASN AB 75 4.32 -71.92 15.31
CA ASN AB 75 4.25 -73.03 16.25
C ASN AB 75 2.79 -73.39 16.53
N GLY AB 76 1.93 -72.38 16.69
CA GLY AB 76 0.50 -72.64 16.72
C GLY AB 76 0.02 -73.26 15.43
N LEU AB 77 0.60 -72.84 14.30
CA LEU AB 77 0.24 -73.41 13.01
C LEU AB 77 0.81 -74.81 12.84
N VAL AB 78 1.96 -75.08 13.47
CA VAL AB 78 2.69 -76.31 13.18
C VAL AB 78 1.84 -77.55 13.44
N ALA AB 79 1.22 -77.62 14.62
CA ALA AB 79 0.42 -78.80 14.96
C ALA AB 79 -1.07 -78.46 15.01
N THR AB 80 -1.46 -77.35 14.38
CA THR AB 80 -2.86 -76.92 14.42
C THR AB 80 -3.79 -78.03 13.93
N GLU AB 81 -3.46 -78.65 12.80
CA GLU AB 81 -4.24 -79.76 12.30
C GLU AB 81 -4.19 -80.94 13.27
N VAL AB 82 -3.04 -81.11 13.91
CA VAL AB 82 -2.91 -82.19 14.89
C VAL AB 82 -3.92 -82.02 16.01
N TRP AB 83 -4.01 -80.81 16.55
CA TRP AB 83 -4.99 -80.54 17.60
C TRP AB 83 -6.41 -80.64 17.07
N MET AB 84 -6.62 -80.18 15.84
CA MET AB 84 -7.94 -80.23 15.23
C MET AB 84 -8.49 -81.65 15.11
N TRP AB 85 -7.62 -82.66 15.00
CA TRP AB 85 -8.11 -84.02 14.83
C TRP AB 85 -8.96 -84.48 16.00
N PHE AB 86 -8.87 -83.80 17.15
CA PHE AB 86 -9.77 -84.10 18.25
C PHE AB 86 -11.22 -83.94 17.81
N TYR AB 87 -11.49 -82.88 17.06
CA TYR AB 87 -12.80 -82.75 16.43
C TYR AB 87 -13.02 -83.82 15.37
N VAL AB 88 -11.95 -84.19 14.65
CA VAL AB 88 -12.09 -85.15 13.56
C VAL AB 88 -12.63 -86.47 14.08
N GLY AB 89 -12.12 -86.92 15.23
CA GLY AB 89 -12.68 -88.11 15.84
C GLY AB 89 -14.12 -87.91 16.29
N GLU AB 90 -14.40 -86.76 16.90
CA GLU AB 90 -15.79 -86.43 17.21
C GLU AB 90 -16.60 -86.31 15.92
N ILE AB 91 -15.99 -85.78 14.86
CA ILE AB 91 -16.63 -85.80 13.55
C ILE AB 91 -16.96 -87.23 13.15
N ILE AB 92 -16.03 -88.14 13.42
CA ILE AB 92 -16.34 -89.56 13.28
C ILE AB 92 -17.32 -90.02 14.36
N GLY AB 93 -17.18 -89.52 15.58
CA GLY AB 93 -18.09 -89.90 16.65
C GLY AB 93 -19.50 -89.48 16.36
N LYS AB 94 -19.72 -88.17 16.28
CA LYS AB 94 -21.00 -87.65 15.80
C LYS AB 94 -21.09 -87.93 14.31
N ARG AB 95 -21.86 -88.96 13.95
CA ARG AB 95 -21.70 -89.71 12.71
C ARG AB 95 -21.35 -88.88 11.49
N GLY AB 96 -22.16 -87.88 11.18
CA GLY AB 96 -21.87 -87.01 10.06
C GLY AB 96 -20.84 -85.96 10.42
N ILE AB 97 -21.06 -84.76 9.87
CA ILE AB 97 -20.46 -83.58 10.45
C ILE AB 97 -20.98 -83.35 11.86
N ILE AB 98 -22.09 -83.97 12.23
CA ILE AB 98 -22.59 -83.94 13.59
C ILE AB 98 -23.40 -85.21 13.86
N ASP BB 5 29.62 35.95 -121.06
CA ASP BB 5 29.02 36.54 -119.88
C ASP BB 5 27.57 36.95 -120.13
N PRO BB 6 27.25 38.22 -119.88
CA PRO BB 6 25.90 38.72 -120.18
C PRO BB 6 25.68 39.05 -121.63
N VAL BB 7 26.51 38.52 -122.53
CA VAL BB 7 26.57 38.99 -123.91
C VAL BB 7 25.21 38.87 -124.59
N GLN BB 8 24.42 37.88 -124.19
CA GLN BB 8 23.11 37.67 -124.80
C GLN BB 8 22.25 38.92 -124.61
N LYS BB 9 21.43 39.26 -125.60
CA LYS BB 9 20.70 40.51 -125.58
C LYS BB 9 19.91 40.67 -124.29
N LEU BB 10 19.11 39.66 -123.94
CA LEU BB 10 18.42 39.69 -122.65
C LEU BB 10 19.42 39.62 -121.50
N PHE BB 11 20.45 38.79 -121.63
CA PHE BB 11 21.47 38.72 -120.59
C PHE BB 11 22.07 40.10 -120.36
N VAL BB 12 21.99 40.95 -121.37
CA VAL BB 12 22.06 42.38 -121.11
C VAL BB 12 20.69 42.93 -120.76
N ASP BB 13 19.73 42.85 -121.68
CA ASP BB 13 18.46 43.56 -121.52
C ASP BB 13 17.69 43.07 -120.31
N LYS BB 14 17.47 41.77 -120.21
CA LYS BB 14 16.74 41.23 -119.07
C LYS BB 14 17.48 41.53 -117.77
N ILE BB 15 18.79 41.33 -117.76
CA ILE BB 15 19.59 41.72 -116.62
C ILE BB 15 19.51 43.22 -116.41
N ARG BB 16 19.53 43.98 -117.51
CA ARG BB 16 19.35 45.43 -117.40
C ARG BB 16 18.01 45.75 -116.77
N GLU BB 17 16.94 45.14 -117.26
CA GLU BB 17 15.65 45.29 -116.59
C GLU BB 17 15.75 44.84 -115.15
N TYR BB 18 16.45 43.75 -114.90
CA TYR BB 18 16.68 43.31 -113.53
C TYR BB 18 17.59 44.27 -112.79
N ARG BB 19 18.69 44.69 -113.41
CA ARG BB 19 19.57 45.66 -112.77
C ARG BB 19 18.82 46.96 -112.53
N THR BB 20 18.01 47.39 -113.51
CA THR BB 20 17.12 48.52 -113.28
C THR BB 20 16.18 48.24 -112.12
N LYS BB 21 15.60 47.03 -112.09
CA LYS BB 21 14.84 46.63 -110.92
C LYS BB 21 15.74 46.55 -109.70
N ARG BB 22 16.95 46.00 -109.86
CA ARG BB 22 17.91 46.01 -108.77
C ARG BB 22 18.18 47.44 -108.30
N GLN BB 23 17.99 48.40 -109.20
CA GLN BB 23 17.89 49.79 -108.77
C GLN BB 23 16.45 50.14 -108.37
N THR BB 24 15.47 49.73 -109.17
CA THR BB 24 14.09 50.12 -108.91
C THR BB 24 13.52 49.47 -107.66
N SER BB 25 14.19 48.48 -107.11
CA SER BB 25 13.65 47.83 -105.92
C SER BB 25 14.38 48.19 -104.64
N GLY BB 26 15.10 49.31 -104.54
CA GLY BB 26 15.74 49.69 -103.29
C GLY BB 26 14.75 49.64 -102.15
N GLY BB 27 13.58 50.23 -102.38
CA GLY BB 27 12.38 49.79 -101.73
C GLY BB 27 11.75 48.81 -102.70
N PRO BB 28 11.43 47.61 -102.23
CA PRO BB 28 11.15 46.50 -103.16
C PRO BB 28 10.11 46.89 -104.20
N VAL BB 29 10.52 46.81 -105.46
CA VAL BB 29 9.69 47.23 -106.60
C VAL BB 29 8.63 46.16 -106.80
N ASP BB 30 7.43 46.59 -107.17
CA ASP BB 30 6.30 45.70 -107.40
C ASP BB 30 5.97 44.91 -106.12
N ALA BB 31 5.55 45.64 -105.10
CA ALA BB 31 5.03 45.01 -103.90
C ALA BB 31 3.64 44.47 -104.15
N GLY BB 32 2.87 45.17 -104.99
CA GLY BB 32 1.54 44.73 -105.36
C GLY BB 32 0.46 45.51 -104.64
N PRO BB 33 -0.53 46.02 -105.39
CA PRO BB 33 -1.62 46.75 -104.74
C PRO BB 33 -2.60 45.85 -104.00
N GLU BB 34 -2.99 44.73 -104.59
CA GLU BB 34 -3.87 43.78 -103.92
C GLU BB 34 -3.07 43.00 -102.88
N TYR BB 35 -1.76 42.88 -103.10
CA TYR BB 35 -0.90 42.20 -102.15
C TYR BB 35 -0.93 42.90 -100.79
N GLN BB 36 -1.21 44.21 -100.79
CA GLN BB 36 -1.42 44.91 -99.53
C GLN BB 36 -2.61 44.34 -98.78
N GLN BB 37 -3.69 44.04 -99.50
CA GLN BB 37 -4.79 43.30 -98.89
C GLN BB 37 -4.38 41.86 -98.60
N ASP BB 38 -3.22 41.44 -99.11
CA ASP BB 38 -2.83 40.04 -98.98
C ASP BB 38 -1.62 39.87 -98.05
N LEU BB 39 -0.51 40.56 -98.34
CA LEU BB 39 0.75 40.28 -97.64
C LEU BB 39 0.62 40.52 -96.15
N ASP BB 40 -0.01 41.64 -95.77
CA ASP BB 40 -0.32 41.87 -94.36
C ASP BB 40 -1.35 40.85 -93.88
N ARG BB 41 -2.35 40.57 -94.71
CA ARG BB 41 -3.37 39.59 -94.34
C ARG BB 41 -2.76 38.23 -94.06
N GLU BB 42 -1.70 37.88 -94.79
CA GLU BB 42 -0.94 36.68 -94.45
C GLU BB 42 -0.51 36.73 -92.99
N LEU BB 43 0.05 37.85 -92.56
CA LEU BB 43 0.32 38.04 -91.14
C LEU BB 43 -0.97 38.11 -90.33
N PHE BB 44 -1.99 38.78 -90.87
CA PHE BB 44 -3.27 38.85 -90.17
C PHE BB 44 -3.87 37.45 -90.03
N LYS BB 45 -3.80 36.66 -91.10
CA LYS BB 45 -4.07 35.25 -90.95
C LYS BB 45 -3.08 34.61 -89.99
N LEU BB 46 -1.79 34.94 -90.15
CA LEU BB 46 -0.78 34.39 -89.25
C LEU BB 46 -1.03 34.83 -87.82
N LYS BB 47 -1.61 36.02 -87.63
CA LYS BB 47 -2.07 36.40 -86.30
C LYS BB 47 -2.98 35.33 -85.74
N GLN BB 48 -3.90 34.82 -86.57
CA GLN BB 48 -4.59 33.59 -86.22
C GLN BB 48 -3.68 32.38 -86.44
N MET BB 49 -2.94 32.36 -87.56
CA MET BB 49 -2.26 31.13 -87.97
C MET BB 49 -0.93 30.95 -87.26
N TYR BB 50 0.04 31.84 -87.50
CA TYR BB 50 1.29 31.78 -86.77
C TYR BB 50 1.03 31.90 -85.28
N GLY BB 51 -0.06 32.58 -84.93
CA GLY BB 51 -0.55 32.53 -83.56
C GLY BB 51 -0.53 33.91 -82.94
N LYS BB 52 -0.94 33.93 -81.67
CA LYS BB 52 -0.86 35.13 -80.86
C LYS BB 52 0.49 35.27 -80.19
N ALA BB 53 1.47 34.45 -80.59
CA ALA BB 53 2.80 34.54 -80.02
C ALA BB 53 3.35 35.96 -80.19
N ASP BB 54 3.90 36.48 -79.10
CA ASP BB 54 4.47 37.83 -79.11
C ASP BB 54 5.69 37.88 -80.04
N MET BB 55 6.23 39.09 -80.19
CA MET BB 55 7.31 39.29 -81.17
C MET BB 55 8.68 39.33 -80.50
N ASN BB 56 8.89 40.26 -79.56
CA ASN BB 56 10.24 40.53 -79.08
C ASN BB 56 10.32 40.66 -77.56
N THR BB 57 9.66 39.77 -76.82
CA THR BB 57 9.76 39.74 -75.38
C THR BB 57 9.80 38.29 -74.92
N PHE BB 58 10.49 38.02 -73.81
CA PHE BB 58 10.40 36.69 -73.22
C PHE BB 58 9.98 36.79 -71.76
N PRO BB 59 8.70 36.68 -71.45
CA PRO BB 59 8.24 36.85 -70.06
C PRO BB 59 8.36 35.60 -69.21
N ASN BB 60 7.72 35.63 -68.03
CA ASN BB 60 7.63 34.48 -67.13
C ASN BB 60 6.17 34.03 -67.06
N PHE BB 61 5.94 32.90 -66.37
CA PHE BB 61 4.61 32.30 -66.33
C PHE BB 61 4.09 32.01 -64.93
N THR BB 62 4.98 31.61 -64.00
CA THR BB 62 4.59 31.22 -62.63
C THR BB 62 3.62 30.05 -62.64
N PHE BB 63 4.14 28.91 -63.12
CA PHE BB 63 3.36 27.67 -63.17
C PHE BB 63 3.63 26.82 -61.91
N GLU BB 64 3.14 25.58 -61.95
CA GLU BB 64 3.30 24.66 -60.83
C GLU BB 64 3.50 23.24 -61.37
N ASP BB 65 3.57 22.28 -60.45
CA ASP BB 65 3.68 20.87 -60.76
C ASP BB 65 2.70 20.09 -59.90
N PRO BB 66 2.31 18.89 -60.34
CA PRO BB 66 1.32 18.08 -59.61
C PRO BB 66 1.82 17.61 -58.24
N LEU CB 2 -15.04 -31.37 19.54
CA LEU CB 2 -16.32 -31.98 19.27
C LEU CB 2 -17.00 -31.32 18.08
N GLN CB 3 -17.35 -30.04 18.23
CA GLN CB 3 -18.06 -29.32 17.17
C GLN CB 3 -17.23 -29.18 15.91
N SER CB 4 -15.91 -29.35 16.00
CA SER CB 4 -15.05 -29.04 14.86
C SER CB 4 -15.30 -29.97 13.69
N LEU CB 5 -15.04 -31.27 13.88
CA LEU CB 5 -15.31 -32.23 12.81
C LEU CB 5 -16.77 -32.17 12.40
N ILE CB 6 -17.66 -31.93 13.36
CA ILE CB 6 -19.04 -31.67 13.02
C ILE CB 6 -19.14 -30.45 12.13
N LYS CB 7 -18.56 -29.33 12.58
CA LYS CB 7 -18.53 -28.15 11.72
C LYS CB 7 -17.81 -28.47 10.42
N LYS CB 8 -16.71 -29.21 10.49
CA LYS CB 8 -16.07 -29.72 9.29
C LYS CB 8 -17.05 -30.51 8.43
N VAL CB 9 -17.81 -31.41 9.05
CA VAL CB 9 -18.85 -32.14 8.33
C VAL CB 9 -19.95 -31.16 7.95
N TRP CB 10 -20.30 -30.27 8.88
CA TRP CB 10 -21.33 -29.28 8.59
C TRP CB 10 -20.96 -28.41 7.41
N ILE CB 11 -19.67 -28.17 7.21
CA ILE CB 11 -19.17 -27.24 6.21
C ILE CB 11 -19.83 -27.53 4.88
N PRO CB 12 -19.53 -28.65 4.24
CA PRO CB 12 -20.24 -28.98 3.00
C PRO CB 12 -21.73 -29.13 3.22
N MET CB 13 -22.12 -29.88 4.24
CA MET CB 13 -23.52 -30.21 4.47
C MET CB 13 -24.38 -28.98 4.72
N LYS CB 14 -23.79 -27.91 5.25
CA LYS CB 14 -24.53 -26.68 5.44
C LYS CB 14 -25.13 -26.27 4.10
N PRO CB 15 -24.31 -26.08 3.07
CA PRO CB 15 -24.90 -25.80 1.75
C PRO CB 15 -25.83 -26.89 1.28
N TYR CB 16 -25.47 -28.15 1.55
CA TYR CB 16 -26.38 -29.25 1.27
C TYR CB 16 -27.68 -29.07 2.03
N TYR CB 17 -27.64 -28.33 3.13
CA TYR CB 17 -28.83 -28.07 3.93
C TYR CB 17 -29.24 -26.61 3.93
N THR CB 18 -28.48 -25.71 3.30
CA THR CB 18 -28.78 -24.29 3.41
C THR CB 18 -30.09 -23.95 2.73
N GLN CB 19 -30.13 -24.01 1.41
CA GLN CB 19 -31.38 -24.02 0.69
C GLN CB 19 -31.63 -25.34 0.00
N ALA CB 20 -30.60 -26.17 -0.17
CA ALA CB 20 -30.76 -27.44 -0.84
C ALA CB 20 -31.70 -28.36 -0.07
N TYR CB 21 -31.45 -28.52 1.23
CA TYR CB 21 -32.35 -29.35 2.02
C TYR CB 21 -33.44 -28.49 2.63
N GLN CB 22 -33.45 -27.19 2.31
CA GLN CB 22 -34.43 -26.29 2.91
C GLN CB 22 -35.86 -26.76 2.66
N GLU CB 23 -36.23 -27.03 1.40
CA GLU CB 23 -37.52 -27.68 1.16
C GLU CB 23 -37.47 -29.13 1.61
N ILE CB 24 -36.30 -29.77 1.47
CA ILE CB 24 -36.18 -31.18 1.84
C ILE CB 24 -36.41 -31.36 3.33
N TRP CB 25 -35.72 -30.59 4.16
CA TRP CB 25 -36.03 -30.61 5.58
C TRP CB 25 -37.45 -30.14 5.83
N VAL CB 26 -37.92 -29.18 5.03
CA VAL CB 26 -39.31 -28.75 5.15
C VAL CB 26 -40.23 -29.92 4.88
N GLY CB 27 -40.01 -30.63 3.77
CA GLY CB 27 -40.75 -31.86 3.55
C GLY CB 27 -40.49 -32.86 4.67
N THR CB 28 -39.25 -32.93 5.14
CA THR CB 28 -38.95 -33.76 6.29
C THR CB 28 -39.77 -33.34 7.50
N GLY CB 29 -40.23 -32.09 7.54
CA GLY CB 29 -41.13 -31.69 8.59
C GLY CB 29 -42.42 -32.48 8.59
N LEU CB 30 -42.85 -32.93 7.42
CA LEU CB 30 -44.10 -33.67 7.33
C LEU CB 30 -43.89 -35.16 7.55
N MET CB 31 -42.66 -35.56 7.86
CA MET CB 31 -42.28 -36.97 7.75
C MET CB 31 -43.02 -37.87 8.75
N ALA CB 32 -42.84 -37.61 10.05
CA ALA CB 32 -43.23 -38.62 11.03
C ALA CB 32 -44.37 -38.16 11.93
N TYR CB 33 -45.00 -37.02 11.61
CA TYR CB 33 -46.02 -36.45 12.49
C TYR CB 33 -47.12 -37.44 12.80
N ILE CB 34 -47.67 -38.08 11.76
CA ILE CB 34 -48.57 -39.20 11.99
C ILE CB 34 -47.77 -40.41 12.48
N VAL CB 35 -46.58 -40.62 11.92
CA VAL CB 35 -45.80 -41.82 12.22
C VAL CB 35 -45.50 -41.91 13.71
N TYR CB 36 -45.15 -40.78 14.33
CA TYR CB 36 -45.05 -40.77 15.78
C TYR CB 36 -46.39 -41.08 16.42
N LYS CB 37 -47.45 -40.40 15.98
CA LYS CB 37 -48.79 -40.80 16.39
C LYS CB 37 -49.05 -42.25 16.00
N ILE CB 38 -48.53 -42.67 14.85
CA ILE CB 38 -48.61 -44.08 14.47
C ILE CB 38 -47.74 -44.92 15.37
N ARG CB 39 -46.55 -44.41 15.71
CA ARG CB 39 -45.77 -45.04 16.76
C ARG CB 39 -46.57 -45.05 18.05
N SER CB 40 -47.21 -43.92 18.34
CA SER CB 40 -48.18 -43.89 19.43
C SER CB 40 -49.35 -44.81 19.13
N ALA CB 41 -49.78 -44.87 17.88
CA ALA CB 41 -50.76 -45.87 17.49
C ALA CB 41 -50.16 -47.26 17.61
N ASP CB 42 -48.91 -47.43 17.17
CA ASP CB 42 -48.20 -48.66 17.50
C ASP CB 42 -48.16 -48.86 19.01
N LYS CB 43 -47.91 -47.78 19.74
CA LYS CB 43 -48.10 -47.82 21.18
C LYS CB 43 -49.57 -48.10 21.51
N ARG CB 44 -50.49 -47.42 20.83
CA ARG CB 44 -51.90 -47.73 21.01
C ARG CB 44 -52.19 -49.15 20.56
N SER CB 45 -51.53 -49.61 19.49
CA SER CB 45 -51.57 -51.02 19.14
C SER CB 45 -50.93 -51.86 20.24
N LYS CB 46 -49.80 -51.41 20.76
CA LYS CB 46 -49.23 -52.08 21.93
C LYS CB 46 -50.12 -51.88 23.15
N ALA CB 47 -50.88 -50.78 23.17
CA ALA CB 47 -51.92 -50.63 24.19
C ALA CB 47 -52.99 -51.70 24.03
N LEU CB 48 -53.17 -52.17 22.81
CA LEU CB 48 -53.95 -53.38 22.57
C LEU CB 48 -53.14 -54.64 22.80
N LYS CB 49 -51.85 -54.49 23.08
CA LYS CB 49 -51.00 -55.64 23.38
C LYS CB 49 -50.57 -55.62 24.84
N THR DB 12 -70.42 -16.88 -19.66
CA THR DB 12 -71.35 -17.38 -18.66
C THR DB 12 -70.88 -17.03 -17.26
N GLY DB 13 -71.62 -17.51 -16.26
CA GLY DB 13 -71.21 -17.30 -14.88
C GLY DB 13 -70.22 -18.38 -14.48
N ILE DB 14 -70.54 -19.15 -13.43
CA ILE DB 14 -69.68 -20.25 -13.03
C ILE DB 14 -69.54 -21.26 -14.17
N LYS DB 15 -70.55 -21.38 -15.02
CA LYS DB 15 -70.42 -22.19 -16.22
C LYS DB 15 -69.23 -21.74 -17.05
N LYS DB 16 -68.88 -20.45 -16.95
CA LYS DB 16 -67.62 -19.96 -17.49
C LYS DB 16 -66.63 -19.61 -16.38
N TYR DB 17 -67.08 -18.88 -15.36
CA TYR DB 17 -66.17 -18.43 -14.31
C TYR DB 17 -65.55 -19.62 -13.59
N PHE DB 18 -66.36 -20.64 -13.31
CA PHE DB 18 -65.85 -21.91 -12.81
C PHE DB 18 -65.85 -22.97 -13.90
N ASN DB 19 -65.76 -22.55 -15.15
CA ASN DB 19 -65.76 -23.51 -16.25
C ASN DB 19 -64.59 -24.47 -16.08
N SER DB 20 -64.92 -25.74 -15.95
CA SER DB 20 -63.87 -26.75 -16.02
C SER DB 20 -63.06 -26.58 -17.28
N TYR DB 21 -63.69 -26.16 -18.38
CA TYR DB 21 -62.95 -25.82 -19.58
C TYR DB 21 -61.88 -24.79 -19.27
N THR DB 22 -62.21 -23.78 -18.48
CA THR DB 22 -61.24 -22.75 -18.12
C THR DB 22 -60.24 -23.29 -17.11
N LEU DB 23 -58.96 -22.96 -17.31
CA LEU DB 23 -57.92 -23.42 -16.39
C LEU DB 23 -58.13 -22.84 -15.00
N THR DB 24 -58.22 -21.52 -14.90
CA THR DB 24 -58.60 -20.90 -13.63
C THR DB 24 -60.03 -21.28 -13.27
N GLY DB 25 -60.90 -21.38 -14.28
CA GLY DB 25 -62.27 -21.81 -14.02
C GLY DB 25 -62.33 -23.23 -13.48
N ARG DB 26 -61.57 -24.15 -14.08
CA ARG DB 26 -61.38 -25.45 -13.45
C ARG DB 26 -60.68 -25.29 -12.10
N MET DB 27 -59.68 -24.41 -12.03
CA MET DB 27 -59.04 -24.12 -10.75
C MET DB 27 -60.05 -23.52 -9.78
N ASN DB 28 -60.91 -22.62 -10.26
CA ASN DB 28 -62.04 -22.18 -9.45
C ASN DB 28 -63.00 -23.33 -9.18
N CYS DB 29 -63.29 -24.14 -10.21
CA CYS DB 29 -64.15 -25.30 -10.00
C CYS DB 29 -63.49 -26.32 -9.09
N VAL DB 30 -62.17 -26.49 -9.20
CA VAL DB 30 -61.47 -27.48 -8.40
C VAL DB 30 -61.58 -27.15 -6.92
N LEU DB 31 -61.50 -25.87 -6.58
CA LEU DB 31 -61.66 -25.46 -5.19
C LEU DB 31 -62.97 -25.99 -4.62
N ALA DB 32 -64.04 -25.90 -5.41
CA ALA DB 32 -65.28 -26.58 -5.05
C ALA DB 32 -65.07 -28.08 -4.95
N THR DB 33 -64.41 -28.66 -5.95
CA THR DB 33 -64.11 -30.09 -5.90
C THR DB 33 -63.20 -30.39 -4.71
N TYR DB 34 -62.33 -29.45 -4.35
CA TYR DB 34 -61.47 -29.64 -3.19
C TYR DB 34 -62.31 -29.82 -1.93
N GLY DB 35 -63.34 -29.00 -1.75
CA GLY DB 35 -64.23 -29.19 -0.62
C GLY DB 35 -65.25 -30.28 -0.87
N SER DB 36 -65.45 -30.66 -2.14
CA SER DB 36 -66.55 -31.55 -2.50
C SER DB 36 -66.46 -32.87 -1.76
N ILE DB 37 -65.26 -33.47 -1.72
CA ILE DB 37 -65.07 -34.70 -0.96
C ILE DB 37 -65.19 -34.43 0.53
N ALA DB 38 -64.70 -33.26 0.97
CA ALA DB 38 -64.54 -33.02 2.40
C ALA DB 38 -65.86 -32.58 3.05
N LEU DB 39 -66.89 -32.32 2.26
CA LEU DB 39 -68.09 -31.66 2.77
C LEU DB 39 -68.77 -32.48 3.86
N ILE DB 40 -69.02 -33.77 3.61
CA ILE DB 40 -69.81 -34.58 4.53
C ILE DB 40 -68.89 -35.35 5.49
N VAL DB 41 -67.59 -35.10 5.42
CA VAL DB 41 -66.62 -35.96 6.10
C VAL DB 41 -66.87 -35.99 7.60
N LEU DB 42 -67.12 -34.83 8.21
CA LEU DB 42 -67.31 -34.78 9.65
C LEU DB 42 -68.52 -35.59 10.10
N TYR DB 43 -69.63 -35.49 9.38
CA TYR DB 43 -70.84 -36.22 9.76
C TYR DB 43 -70.61 -37.72 9.67
N PHE DB 44 -69.94 -38.18 8.61
CA PHE DB 44 -69.77 -39.61 8.35
C PHE DB 44 -68.87 -40.29 9.37
N LYS DB 45 -67.86 -39.59 9.89
CA LYS DB 45 -66.97 -40.20 10.87
C LYS DB 45 -67.72 -40.59 12.13
N LEU DB 46 -68.85 -39.95 12.40
CA LEU DB 46 -69.64 -40.28 13.58
C LEU DB 46 -70.16 -41.70 13.55
N ARG DB 47 -70.10 -42.36 12.40
CA ARG DB 47 -70.45 -43.76 12.30
C ARG DB 47 -69.33 -44.64 12.86
N MET EB 1 -45.84 -56.48 12.71
CA MET EB 1 -45.71 -55.15 13.29
C MET EB 1 -44.66 -55.14 14.39
N PRO EB 2 -43.52 -55.77 14.13
CA PRO EB 2 -42.43 -55.70 15.10
C PRO EB 2 -42.00 -54.28 15.39
N GLN EB 3 -42.18 -53.38 14.44
CA GLN EB 3 -41.88 -51.97 14.67
C GLN EB 3 -42.82 -51.33 15.68
N LEU EB 4 -43.74 -52.10 16.27
CA LEU EB 4 -44.55 -51.62 17.38
C LEU EB 4 -43.67 -51.20 18.54
N ASP EB 5 -42.44 -51.69 18.59
CA ASP EB 5 -41.37 -51.03 19.34
C ASP EB 5 -41.01 -49.79 18.53
N THR EB 6 -41.71 -48.70 18.85
CA THR EB 6 -41.52 -47.44 18.13
C THR EB 6 -40.07 -47.01 18.13
N SER EB 7 -39.35 -47.20 19.23
CA SER EB 7 -37.93 -46.94 19.25
C SER EB 7 -37.22 -47.78 18.20
N THR EB 8 -37.52 -49.08 18.16
CA THR EB 8 -36.94 -49.95 17.15
C THR EB 8 -37.33 -49.53 15.74
N TRP EB 9 -38.57 -49.13 15.53
CA TRP EB 9 -38.94 -48.51 14.26
C TRP EB 9 -38.12 -47.26 14.03
N LEU EB 10 -38.06 -46.39 15.03
CA LEU EB 10 -37.31 -45.14 14.90
C LEU EB 10 -35.83 -45.42 14.72
N THR EB 11 -35.30 -46.43 15.41
CA THR EB 11 -33.93 -46.85 15.18
C THR EB 11 -33.72 -47.15 13.70
N MET EB 12 -34.60 -47.96 13.13
CA MET EB 12 -34.60 -48.17 11.69
C MET EB 12 -34.93 -46.87 10.97
N ILE EB 13 -35.83 -46.07 11.53
CA ILE EB 13 -36.20 -44.83 10.88
C ILE EB 13 -35.02 -43.87 10.88
N LEU EB 14 -34.45 -43.61 12.04
CA LEU EB 14 -33.30 -42.70 12.12
C LEU EB 14 -32.13 -43.26 11.33
N SER EB 15 -32.12 -44.57 11.13
CA SER EB 15 -31.01 -45.28 10.50
C SER EB 15 -30.67 -44.73 9.12
N MET EB 16 -31.66 -44.21 8.41
CA MET EB 16 -31.44 -43.83 7.01
C MET EB 16 -31.16 -42.33 6.87
N PHE EB 17 -32.01 -41.50 7.49
CA PHE EB 17 -31.95 -40.07 7.28
C PHE EB 17 -30.53 -39.54 7.46
N LEU EB 18 -29.87 -39.97 8.54
CA LEU EB 18 -28.46 -39.67 8.71
C LEU EB 18 -27.63 -40.36 7.63
N THR EB 19 -27.89 -41.65 7.41
CA THR EB 19 -27.04 -42.45 6.53
C THR EB 19 -27.02 -41.88 5.12
N LEU EB 20 -28.15 -41.34 4.67
CA LEU EB 20 -28.24 -40.91 3.29
C LEU EB 20 -27.99 -39.41 3.12
N PHE EB 21 -28.79 -38.58 3.78
CA PHE EB 21 -28.95 -37.18 3.41
C PHE EB 21 -27.63 -36.43 3.33
N ILE EB 22 -26.63 -36.82 4.11
CA ILE EB 22 -25.33 -36.15 4.09
C ILE EB 22 -24.24 -37.17 3.81
N ILE EB 23 -24.26 -38.26 4.57
CA ILE EB 23 -23.18 -39.25 4.47
C ILE EB 23 -23.04 -39.72 3.03
N PHE EB 24 -24.15 -40.10 2.42
CA PHE EB 24 -24.13 -40.36 0.99
C PHE EB 24 -23.81 -39.09 0.22
N GLN EB 25 -24.40 -37.97 0.62
CA GLN EB 25 -24.18 -36.72 -0.09
C GLN EB 25 -22.70 -36.36 -0.14
N LEU EB 26 -22.02 -36.52 1.00
CA LEU EB 26 -20.57 -36.40 0.99
C LEU EB 26 -19.96 -37.52 0.17
N LYS EB 27 -20.44 -38.75 0.37
CA LYS EB 27 -19.90 -39.89 -0.35
C LYS EB 27 -20.08 -39.76 -1.85
N VAL EB 28 -21.22 -39.23 -2.29
CA VAL EB 28 -21.47 -39.08 -3.71
C VAL EB 28 -20.71 -37.91 -4.30
N SER EB 29 -20.17 -37.02 -3.47
CA SER EB 29 -19.51 -35.83 -3.97
C SER EB 29 -18.21 -36.13 -4.72
N LYS EB 30 -17.89 -37.41 -4.92
CA LYS EB 30 -16.61 -37.81 -5.49
C LYS EB 30 -16.41 -37.36 -6.93
N HIS EB 31 -17.46 -36.92 -7.61
CA HIS EB 31 -17.36 -36.47 -8.99
C HIS EB 31 -17.66 -34.98 -9.08
N ASN EB 32 -16.95 -34.29 -9.98
CA ASN EB 32 -17.15 -32.87 -10.20
C ASN EB 32 -18.41 -32.60 -11.02
N PHE EB 33 -18.62 -33.38 -12.09
CA PHE EB 33 -19.76 -33.23 -12.99
C PHE EB 33 -19.74 -31.88 -13.70
N TYR EB 34 -18.53 -31.36 -13.90
CA TYR EB 34 -18.34 -30.16 -14.70
C TYR EB 34 -17.96 -30.56 -16.12
N HIS EB 35 -17.69 -29.54 -16.94
CA HIS EB 35 -17.17 -29.79 -18.28
C HIS EB 35 -15.80 -30.44 -18.20
N ASN EB 36 -15.58 -31.47 -19.01
CA ASN EB 36 -14.33 -32.21 -18.97
C ASN EB 36 -13.25 -31.47 -19.74
N PRO EB 37 -12.02 -32.00 -19.81
CA PRO EB 37 -10.98 -31.33 -20.59
C PRO EB 37 -11.41 -31.20 -22.04
N GLU EB 38 -11.51 -29.95 -22.48
CA GLU EB 38 -11.99 -29.64 -23.81
C GLU EB 38 -10.82 -29.73 -24.80
N LEU EB 39 -11.14 -29.88 -26.07
CA LEU EB 39 -10.14 -30.02 -27.12
C LEU EB 39 -10.18 -28.90 -28.14
N THR EB 40 -11.36 -28.38 -28.49
CA THR EB 40 -11.50 -27.29 -29.45
C THR EB 40 -10.82 -26.02 -28.93
N PRO EB 41 -10.42 -25.11 -29.81
CA PRO EB 41 -9.74 -23.84 -29.54
C PRO EB 41 -10.40 -23.02 -28.43
N MET FB 1 -51.21 -35.67 43.19
CA MET FB 1 -50.23 -36.53 42.53
C MET FB 1 -49.86 -35.94 41.17
N PRO FB 2 -50.09 -34.64 41.02
CA PRO FB 2 -49.79 -34.02 39.72
C PRO FB 2 -48.33 -34.13 39.32
N GLN FB 3 -47.43 -34.31 40.28
CA GLN FB 3 -46.01 -34.42 39.99
C GLN FB 3 -45.68 -35.57 39.04
N LEU FB 4 -46.57 -36.57 38.95
CA LEU FB 4 -46.38 -37.69 38.05
C LEU FB 4 -46.73 -37.35 36.60
N ASP FB 5 -46.90 -36.06 36.29
CA ASP FB 5 -47.27 -35.64 34.94
C ASP FB 5 -46.04 -35.79 34.06
N THR FB 6 -45.71 -37.05 33.76
CA THR FB 6 -44.57 -37.34 32.92
C THR FB 6 -44.64 -36.61 31.59
N SER FB 7 -45.84 -36.54 31.01
CA SER FB 7 -46.02 -35.75 29.80
C SER FB 7 -45.71 -34.28 30.05
N THR FB 8 -46.48 -33.66 30.93
CA THR FB 8 -46.28 -32.24 31.23
C THR FB 8 -44.90 -31.95 31.78
N TRP FB 9 -44.22 -32.97 32.31
CA TRP FB 9 -42.87 -32.77 32.81
C TRP FB 9 -41.95 -32.28 31.71
N LEU FB 10 -42.05 -32.89 30.53
CA LEU FB 10 -41.10 -32.61 29.47
C LEU FB 10 -41.23 -31.18 28.96
N THR FB 11 -42.46 -30.69 28.85
CA THR FB 11 -42.67 -29.32 28.38
C THR FB 11 -41.96 -28.34 29.29
N MET FB 12 -42.24 -28.45 30.60
CA MET FB 12 -41.57 -27.63 31.57
C MET FB 12 -40.06 -27.82 31.49
N ILE FB 13 -39.63 -29.06 31.24
CA ILE FB 13 -38.21 -29.35 31.18
C ILE FB 13 -37.55 -28.53 30.07
N LEU FB 14 -38.13 -28.58 28.88
CA LEU FB 14 -37.55 -27.86 27.75
C LEU FB 14 -37.59 -26.37 28.00
N SER FB 15 -38.71 -25.86 28.50
CA SER FB 15 -38.88 -24.43 28.69
C SER FB 15 -37.86 -23.92 29.69
N MET FB 16 -37.68 -24.65 30.79
CA MET FB 16 -36.71 -24.27 31.80
C MET FB 16 -35.31 -24.30 31.21
N PHE FB 17 -34.95 -25.41 30.57
CA PHE FB 17 -33.62 -25.53 30.00
C PHE FB 17 -33.30 -24.33 29.14
N LEU FB 18 -34.21 -23.99 28.23
CA LEU FB 18 -33.97 -22.87 27.34
C LEU FB 18 -33.82 -21.56 28.11
N THR FB 19 -34.91 -21.12 28.75
CA THR FB 19 -34.94 -19.78 29.34
C THR FB 19 -33.84 -19.64 30.38
N LEU FB 20 -33.78 -20.56 31.34
CA LEU FB 20 -32.77 -20.50 32.36
C LEU FB 20 -31.39 -20.85 31.82
N PHE FB 21 -31.30 -21.23 30.56
CA PHE FB 21 -30.01 -21.52 29.96
C PHE FB 21 -29.50 -20.39 29.09
N ILE FB 22 -30.17 -20.13 27.97
CA ILE FB 22 -29.62 -19.22 26.98
C ILE FB 22 -30.22 -17.85 27.23
N ILE FB 23 -31.55 -17.80 27.34
CA ILE FB 23 -32.21 -16.57 27.73
C ILE FB 23 -31.61 -16.06 29.03
N PHE FB 24 -31.19 -16.99 29.88
CA PHE FB 24 -30.38 -16.61 31.03
C PHE FB 24 -29.10 -15.93 30.57
N GLN FB 25 -28.34 -16.57 29.69
CA GLN FB 25 -27.12 -15.96 29.19
C GLN FB 25 -27.44 -14.66 28.45
N LEU FB 26 -28.64 -14.58 27.88
CA LEU FB 26 -29.06 -13.34 27.24
C LEU FB 26 -29.03 -12.20 28.26
N LYS FB 27 -29.66 -12.40 29.41
CA LYS FB 27 -29.52 -11.42 30.47
C LYS FB 27 -28.07 -11.27 30.88
N VAL FB 28 -27.32 -12.35 30.93
CA VAL FB 28 -25.88 -12.27 31.13
C VAL FB 28 -25.24 -11.49 30.00
N SER FB 29 -25.66 -11.74 28.77
CA SER FB 29 -25.30 -10.85 27.68
C SER FB 29 -25.91 -9.47 27.88
N LYS FB 30 -27.08 -9.38 28.51
CA LYS FB 30 -27.71 -8.10 28.77
C LYS FB 30 -27.08 -7.35 29.92
N HIS FB 31 -25.96 -7.84 30.46
CA HIS FB 31 -25.25 -7.15 31.52
C HIS FB 31 -23.74 -7.27 31.30
N ASN FB 32 -23.07 -6.12 31.29
CA ASN FB 32 -21.62 -6.07 31.11
C ASN FB 32 -20.94 -5.51 32.35
N PHE FB 33 -21.42 -4.37 32.85
CA PHE FB 33 -20.85 -3.72 34.03
C PHE FB 33 -19.34 -3.55 33.87
N TYR FB 34 -18.96 -2.89 32.77
CA TYR FB 34 -17.56 -2.71 32.45
C TYR FB 34 -16.85 -1.96 33.57
N HIS FB 35 -15.58 -2.29 33.76
CA HIS FB 35 -14.80 -1.68 34.83
C HIS FB 35 -14.86 -0.18 34.74
N ASN FB 36 -15.15 0.46 35.86
CA ASN FB 36 -15.15 1.90 35.92
C ASN FB 36 -13.77 2.40 35.53
N PRO FB 37 -13.65 3.28 34.55
CA PRO FB 37 -12.33 3.71 34.10
C PRO FB 37 -11.53 4.34 35.22
N GLU FB 38 -10.23 4.03 35.23
CA GLU FB 38 -9.31 4.63 36.17
C GLU FB 38 -8.74 5.92 35.56
N LEU FB 39 -7.71 6.47 36.18
CA LEU FB 39 -7.06 7.69 35.72
C LEU FB 39 -5.55 7.70 35.87
N THR FB 40 -4.94 6.56 36.24
CA THR FB 40 -3.50 6.51 36.49
C THR FB 40 -2.72 6.90 35.24
N PRO FB 41 -1.77 7.83 35.35
CA PRO FB 41 -1.00 8.27 34.18
C PRO FB 41 0.46 7.84 34.25
C1 CDL GB . -34.36 -6.71 23.63
O1 CDL GB . -34.51 -8.09 23.46
CA2 CDL GB . -35.05 -5.98 22.47
OA2 CDL GB . -34.97 -6.75 21.31
PA1 CDL GB . -36.26 -6.76 20.27
OA3 CDL GB . -37.11 -5.54 20.51
OA4 CDL GB . -35.76 -6.73 18.84
OA5 CDL GB . -37.08 -8.15 20.52
CA3 CDL GB . -36.92 -9.18 19.58
CA4 CDL GB . -36.24 -10.39 20.21
OA6 CDL GB . -37.14 -11.10 20.99
CA5 CDL GB . -37.57 -12.26 20.34
OA7 CDL GB . -36.86 -12.78 19.55
C11 CDL GB . -38.95 -12.85 20.64
C12 CDL GB . -39.67 -13.14 19.32
C13 CDL GB . -40.32 -14.52 19.40
C14 CDL GB . -41.52 -14.58 18.46
C15 CDL GB . -42.55 -15.60 18.96
C16 CDL GB . -42.87 -15.34 20.43
C17 CDL GB . -44.31 -15.71 20.77
C18 CDL GB . -44.68 -15.12 22.14
C19 CDL GB . -46.19 -15.16 22.34
C20 CDL GB . -46.65 -13.90 23.07
C21 CDL GB . -48.11 -13.62 22.73
C22 CDL GB . -48.30 -12.12 22.50
CA6 CDL GB . -35.04 -9.96 21.06
OA8 CDL GB . -34.60 -11.05 21.82
CA7 CDL GB . -33.58 -11.79 21.21
OA9 CDL GB . -32.47 -11.35 21.15
C31 CDL GB . -33.87 -13.17 20.62
C32 CDL GB . -32.62 -13.77 19.98
C33 CDL GB . -32.80 -15.29 19.92
C34 CDL GB . -31.50 -16.00 19.55
C35 CDL GB . -31.62 -17.51 19.81
C36 CDL GB . -31.54 -18.31 18.51
C37 CDL GB . -30.40 -19.34 18.52
C38 CDL GB . -30.55 -20.22 17.28
C39 CDL GB . -29.50 -21.35 17.23
C40 CDL GB . -28.14 -20.92 17.78
C41 CDL GB . -27.11 -22.02 17.57
C42 CDL GB . -26.32 -21.79 16.28
CB2 CDL GB . -34.98 -6.26 24.96
OB2 CDL GB . -34.92 -7.32 25.88
PB2 CDL GB . -36.17 -7.52 26.93
OB3 CDL GB . -36.26 -8.97 27.32
OB4 CDL GB . -35.91 -6.70 28.18
OB5 CDL GB . -37.57 -7.01 26.22
CB3 CDL GB . -38.32 -7.93 25.49
CB4 CDL GB . -37.44 -8.55 24.40
OB6 CDL GB . -37.45 -7.84 23.19
CB5 CDL GB . -38.22 -6.65 23.08
OB7 CDL GB . -37.92 -5.65 23.64
C51 CDL GB . -39.43 -6.67 22.14
C52 CDL GB . -39.87 -8.10 21.81
C53 CDL GB . -40.98 -8.43 22.82
C54 CDL GB . -42.32 -8.63 22.07
C55 CDL GB . -43.45 -9.03 23.04
C56 CDL GB . -44.82 -9.02 22.35
C57 CDL GB . -45.06 -7.71 21.59
C58 CDL GB . -46.45 -7.80 20.89
C59 CDL GB . -46.84 -6.48 20.18
C60 CDL GB . -48.37 -6.30 20.10
C61 CDL GB . -48.94 -6.21 21.53
C62 CDL GB . -48.77 -4.77 22.04
C63 CDL GB . -47.97 -4.82 23.36
C64 CDL GB . -48.73 -5.61 24.43
C65 CDL GB . -49.63 -4.64 25.18
C66 CDL GB . -49.94 -5.22 26.56
C67 CDL GB . -51.10 -4.44 27.15
CB6 CDL GB . -37.86 -10.00 24.13
OB8 CDL GB . -38.77 -10.38 25.12
CB7 CDL GB . -39.96 -10.92 24.59
OB9 CDL GB . -39.93 -11.41 23.52
C71 CDL GB . -41.26 -10.88 25.42
C72 CDL GB . -42.26 -11.94 24.94
C73 CDL GB . -43.37 -12.16 25.99
C74 CDL GB . -44.15 -13.44 25.62
C75 CDL GB . -45.34 -13.63 26.59
C76 CDL GB . -45.82 -15.09 26.57
C77 CDL GB . -44.98 -15.92 27.54
C78 CDL GB . -44.91 -15.20 28.88
C79 CDL GB . -46.13 -15.56 29.71
C80 CDL GB . -46.34 -14.48 30.77
C81 CDL GB . -46.51 -15.14 32.13
C1 CDL HB . -44.40 5.41 44.28
O1 CDL HB . -43.28 5.22 45.10
CA2 CDL HB . -43.99 5.23 42.81
OA2 CDL HB . -43.28 6.33 42.32
PA1 CDL HB . -41.72 6.65 42.77
OA3 CDL HB . -41.53 8.13 42.94
OA4 CDL HB . -41.41 6.00 44.09
OA5 CDL HB . -40.65 6.10 41.64
CA3 CDL HB . -39.33 5.88 42.07
CA4 CDL HB . -38.91 4.47 41.67
OA6 CDL HB . -39.22 4.29 40.32
CA5 CDL HB . -38.23 3.57 39.63
OA7 CDL HB . -37.12 3.96 39.65
C11 CDL HB . -38.57 2.29 38.88
C12 CDL HB . -38.13 1.09 39.72
C13 CDL HB . -37.10 0.23 38.98
C14 CDL HB . -37.73 -1.07 38.48
C15 CDL HB . -36.73 -2.21 38.66
C16 CDL HB . -36.65 -3.12 37.41
C17 CDL HB . -37.94 -3.89 37.17
C18 CDL HB . -38.49 -3.57 35.78
C19 CDL HB . -39.74 -4.43 35.57
C20 CDL HB . -41.02 -3.62 35.82
C21 CDL HB . -42.12 -4.60 36.25
C22 CDL HB . -43.05 -3.88 37.22
C23 CDL HB . -42.36 -3.67 38.57
C24 CDL HB . -42.56 -4.92 39.42
C25 CDL HB . -42.21 -4.62 40.87
CA6 CDL HB . -39.63 3.43 42.53
OA8 CDL HB . -40.99 3.73 42.67
CA7 CDL HB . -41.75 2.69 43.18
OA9 CDL HB . -42.53 2.87 44.05
C31 CDL HB . -41.55 1.29 42.63
C32 CDL HB . -41.41 0.32 43.80
C33 CDL HB . -40.79 -0.99 43.31
C34 CDL HB . -39.28 -1.01 43.53
C35 CDL HB . -38.79 -2.46 43.57
C36 CDL HB . -37.26 -2.50 43.73
C37 CDL HB . -36.85 -3.87 44.26
C38 CDL HB . -35.45 -4.24 43.78
C39 CDL HB . -35.04 -5.53 44.48
C40 CDL HB . -34.08 -5.20 45.62
C41 CDL HB . -32.77 -4.69 45.03
C42 CDL HB . -32.45 -3.31 45.58
C43 CDL HB . -31.36 -2.66 44.73
CB2 CDL HB . -45.43 4.34 44.64
OB2 CDL HB . -46.15 4.73 45.78
PB2 CDL HB . -47.63 4.03 46.04
OB3 CDL HB . -47.70 2.72 45.28
OB4 CDL HB . -47.79 3.76 47.51
OB5 CDL HB . -48.83 5.02 45.49
CB3 CDL HB . -49.43 4.77 44.24
CB4 CDL HB . -50.95 4.91 44.36
OB6 CDL HB . -51.55 3.65 44.49
CB5 CDL HB . -51.11 2.90 45.58
OB7 CDL HB . -50.96 3.38 46.64
C51 CDL HB . -50.83 1.39 45.38
C52 CDL HB . -52.17 0.64 45.31
C53 CDL HB . -52.07 -0.48 44.26
C54 CDL HB . -52.15 -1.84 44.96
C55 CDL HB . -51.19 -2.84 44.29
C56 CDL HB . -49.86 -2.85 45.05
C57 CDL HB . -48.76 -2.23 44.18
C58 CDL HB . -47.62 -1.71 45.07
C59 CDL HB . -46.26 -2.08 44.45
C60 CDL HB . -45.34 -2.61 45.55
C61 CDL HB . -43.90 -2.79 45.05
C62 CDL HB . -43.03 -3.31 46.20
C63 CDL HB . -42.13 -4.44 45.70
C64 CDL HB . -41.34 -5.01 46.88
C65 CDL HB . -40.51 -6.23 46.45
C66 CDL HB . -39.83 -6.80 47.70
C67 CDL HB . -39.21 -8.16 47.39
CB6 CDL HB . -51.56 5.59 43.12
OB8 CDL HB . -52.89 5.15 42.95
CB7 CDL HB . -53.88 6.07 43.36
OB9 CDL HB . -54.27 6.90 42.62
C71 CDL HB . -54.46 5.98 44.78
C72 CDL HB . -55.91 6.49 44.79
C73 CDL HB . -56.77 5.63 43.86
C74 CDL HB . -56.61 4.15 44.23
C75 CDL HB . -56.10 3.36 43.01
C76 CDL HB . -54.78 2.68 43.38
C1 CDL IB . -51.71 4.67 20.27
O1 CDL IB . -51.13 3.87 19.27
CA2 CDL IB . -50.74 5.79 20.63
OA2 CDL IB . -50.62 5.88 22.02
PA1 CDL IB . -49.80 4.67 22.76
OA3 CDL IB . -50.78 3.74 23.45
OA4 CDL IB . -48.99 3.89 21.76
OA5 CDL IB . -48.78 5.35 23.85
CA3 CDL IB . -49.26 5.56 25.14
CA4 CDL IB . -48.97 4.30 25.98
OA6 CDL IB . -49.57 4.37 27.24
CA5 CDL IB . -50.11 3.14 27.66
OA7 CDL IB . -50.68 2.48 26.88
C11 CDL IB . -49.96 2.64 29.09
C12 CDL IB . -50.37 1.16 29.17
C13 CDL IB . -51.24 0.85 30.40
C14 CDL IB . -51.89 -0.51 30.21
C15 CDL IB . -52.50 -1.02 31.51
C16 CDL IB . -53.66 -1.94 31.18
C17 CDL IB . -53.97 -2.79 32.40
C18 CDL IB . -55.29 -3.52 32.15
C19 CDL IB . -55.22 -4.87 32.84
C20 CDL IB . -56.48 -5.68 32.51
C21 CDL IB . -57.51 -5.36 33.59
C22 CDL IB . -57.85 -6.63 34.35
C23 CDL IB . -58.16 -6.23 35.79
C24 CDL IB . -56.79 -6.02 36.45
C25 CDL IB . -56.53 -7.10 37.50
C26 CDL IB . -55.06 -7.21 37.91
C27 CDL IB . -54.43 -5.83 38.03
CA6 CDL IB . -47.46 4.13 26.11
OA8 CDL IB . -46.96 3.67 24.88
CA7 CDL IB . -46.31 2.46 24.99
OA9 CDL IB . -45.40 2.36 25.72
C31 CDL IB . -46.85 1.31 24.13
C32 CDL IB . -48.02 0.62 24.83
C33 CDL IB . -47.89 0.64 26.37
C34 CDL IB . -47.27 -0.66 26.86
C35 CDL IB . -47.79 -1.12 28.23
C36 CDL IB . -48.03 -2.63 28.20
C37 CDL IB . -48.86 -3.09 29.41
C38 CDL IB . -48.56 -4.55 29.73
C39 CDL IB . -47.05 -4.67 29.94
C40 CDL IB . -46.56 -6.11 29.77
C41 CDL IB . -46.34 -6.38 28.28
C42 CDL IB . -45.68 -5.18 27.61
C43 CDL IB . -44.16 -5.19 27.83
C44 CDL IB . -43.65 -3.75 27.85
C45 CDL IB . -44.05 -3.05 29.16
C46 CDL IB . -44.33 -1.58 28.89
CB2 CDL IB . -53.00 5.30 19.75
OB2 CDL IB . -53.90 5.46 20.81
PB2 CDL IB . -54.02 6.94 21.51
OB3 CDL IB . -53.25 7.94 20.70
OB4 CDL IB . -55.47 7.35 21.58
OB5 CDL IB . -53.37 6.84 23.02
CB3 CDL IB . -53.28 5.57 23.57
CB4 CDL IB . -53.76 5.65 25.00
OB6 CDL IB . -54.75 6.62 25.11
CB5 CDL IB . -56.02 6.33 24.58
OB7 CDL IB . -56.61 7.17 24.00
C51 CDL IB . -56.63 4.95 24.81
C52 CDL IB . -56.53 4.12 23.52
C53 CDL IB . -56.27 2.66 23.91
C54 CDL IB . -56.79 2.39 25.33
C55 CDL IB . -57.66 1.13 25.35
C56 CDL IB . -59.09 1.52 25.74
CB6 CDL IB . -52.62 6.11 25.89
OB8 CDL IB . -52.74 5.52 27.17
CB7 CDL IB . -54.07 5.42 27.63
OB9 CDL IB . -54.66 6.41 27.87
C71 CDL IB . -54.70 4.03 27.81
C72 CDL IB . -53.62 3.02 27.40
C73 CDL IB . -54.15 1.59 27.31
C74 CDL IB . -55.22 1.33 28.36
C75 CDL IB . -55.56 -0.16 28.36
C76 CDL IB . -56.69 -0.42 29.37
C77 CDL IB . -58.05 -0.40 28.64
O1 LHG JB . -75.44 -14.93 28.53
C1 LHG JB . -76.75 -15.50 28.41
C2 LHG JB . -76.77 -16.82 29.14
O2 LHG JB . -76.08 -16.72 30.37
C3 LHG JB . -76.08 -17.93 28.38
O3 LHG JB . -75.00 -17.21 27.83
P LHG JB . -73.52 -17.34 28.44
O4 LHG JB . -73.41 -16.34 29.52
O5 LHG JB . -73.25 -18.80 28.37
O6 LHG JB . -72.76 -16.58 27.17
C4 LHG JB . -71.55 -17.08 26.67
C5 LHG JB . -70.63 -17.08 27.88
C6 LHG JB . -69.89 -18.40 28.03
O7 LHG JB . -69.67 -16.09 27.67
C7 LHG JB . -69.29 -15.48 28.83
O9 LHG JB . -68.36 -15.86 29.51
C8 LHG JB . -70.24 -14.42 29.18
C9 LHG JB . -69.62 -13.59 30.26
C10 LHG JB . -68.76 -12.50 29.67
O8 LHG JB . -69.47 -18.40 29.41
C23 LHG JB . -68.20 -18.84 29.69
O10 LHG JB . -67.43 -19.04 28.78
C24 LHG JB . -67.85 -19.28 31.10
C11 LHG JB . -68.80 -11.44 30.74
C12 LHG JB . -67.77 -10.40 30.44
C13 LHG JB . -67.68 -9.45 31.62
C14 LHG JB . -66.54 -8.47 31.44
C15 LHG JB . -66.48 -7.63 32.69
C16 LHG JB . -65.11 -7.04 32.82
C17 LHG JB . -64.94 -5.91 31.83
C18 LHG JB . -63.48 -6.01 31.44
C19 LHG JB . -62.84 -4.68 31.07
C20 LHG JB . -61.99 -4.40 32.28
C21 LHG JB . -60.97 -3.35 31.96
C22 LHG JB . -60.56 -2.69 33.26
C25 LHG JB . -67.82 -18.20 32.17
C26 LHG JB . -66.47 -17.93 32.84
C27 LHG JB . -66.54 -18.64 34.17
C28 LHG JB . -65.22 -18.86 34.86
C29 LHG JB . -64.75 -17.46 35.23
C30 LHG JB . -63.50 -16.94 34.57
C31 LHG JB . -63.20 -15.48 34.84
C32 LHG JB . -61.73 -15.07 34.71
C33 LHG JB . -61.32 -14.38 36.01
C34 LHG JB . -61.89 -14.92 37.30
C35 LHG JB . -61.72 -13.86 38.37
C36 LHG JB . -62.39 -14.37 39.62
C37 LHG JB . -62.20 -13.38 40.72
C38 LHG JB . -63.17 -12.23 40.62
O1 LHG KB . -48.25 -2.28 14.75
C1 LHG KB . -47.59 -1.07 14.42
C2 LHG KB . -46.65 -0.71 15.55
O2 LHG KB . -47.16 -1.14 16.79
C3 LHG KB . -46.44 0.78 15.70
O3 LHG KB . -47.77 1.17 15.97
P LHG KB . -48.13 2.02 17.29
O4 LHG KB . -47.60 1.27 18.46
O5 LHG KB . -48.02 3.43 16.87
O6 LHG KB . -49.72 1.60 17.27
C4 LHG KB . -50.11 0.40 16.70
C5 LHG KB . -50.54 -0.44 17.90
C6 LHG KB . -49.99 -1.85 17.81
O7 LHG KB . -49.94 0.15 19.03
C7 LHG KB . -50.82 0.79 19.82
O9 LHG KB . -51.57 1.67 19.41
C8 LHG KB . -50.61 0.43 21.24
C9 LHG KB . -50.78 -1.06 21.40
C10 LHG KB . -52.16 -1.46 20.93
O8 LHG KB . -49.94 -2.10 16.41
C23 LHG KB . -50.89 -2.93 15.92
O10 LHG KB . -51.10 -2.96 14.72
C24 LHG KB . -51.38 -4.07 16.80
C11 LHG KB . -51.95 -2.90 20.54
C12 LHG KB . -52.59 -3.79 21.56
C13 LHG KB . -54.07 -3.88 21.23
C14 LHG KB . -54.68 -5.17 21.74
C15 LHG KB . -55.28 -4.84 23.09
C16 LHG KB . -56.43 -5.78 23.35
C17 LHG KB . -56.21 -6.54 24.65
C18 LHG KB . -57.34 -7.54 24.65
C19 LHG KB . -57.18 -8.66 25.66
C20 LHG KB . -57.35 -7.94 26.98
C25 LHG KB . -52.62 -4.80 16.32
C26 LHG KB . -53.44 -5.48 17.40
C27 LHG KB . -54.85 -5.01 17.13
C28 LHG KB . -55.95 -5.76 17.84
C29 LHG KB . -57.24 -5.00 17.56
C30 LHG KB . -58.44 -5.84 17.16
C1 CDL LB . -13.41 -40.75 3.44
O1 CDL LB . -14.71 -41.08 3.05
CA2 CDL LB . -13.22 -41.08 4.93
OA2 CDL LB . -12.01 -41.75 5.12
PA1 CDL LB . -10.71 -40.98 5.79
OA3 CDL LB . -9.43 -41.57 5.23
OA4 CDL LB . -10.78 -39.52 5.44
OA5 CDL LB . -10.74 -41.18 7.43
CA3 CDL LB . -10.90 -40.05 8.25
CA4 CDL LB . -12.13 -40.22 9.13
OA6 CDL LB . -12.59 -41.53 9.08
CA5 CDL LB . -12.15 -42.36 10.10
OA7 CDL LB . -11.00 -42.39 10.41
C11 CDL LB . -13.14 -43.25 10.84
C12 CDL LB . -12.71 -44.70 10.71
C13 CDL LB . -13.74 -45.57 11.43
C14 CDL LB . -13.63 -45.35 12.93
C15 CDL LB . -15.00 -44.93 13.47
C16 CDL LB . -14.87 -44.53 14.94
C17 CDL LB . -16.04 -45.06 15.76
C18 CDL LB . -15.80 -46.51 16.18
C19 CDL LB . -14.31 -46.86 16.19
C20 CDL LB . -14.09 -48.12 15.35
C21 CDL LB . -12.64 -48.25 14.92
C22 CDL LB . -12.54 -49.46 13.99
CA6 CDL LB . -13.21 -39.29 8.63
OA8 CDL LB . -13.62 -38.40 9.63
CA7 CDL LB . -14.11 -37.20 9.13
OA9 CDL LB . -14.42 -37.12 7.99
C31 CDL LB . -14.25 -35.98 10.04
C32 CDL LB . -15.71 -35.56 10.15
C33 CDL LB . -16.36 -36.27 11.34
C34 CDL LB . -17.64 -35.55 11.75
C35 CDL LB . -17.83 -35.71 13.25
C36 CDL LB . -19.19 -35.20 13.71
C37 CDL LB . -20.21 -35.35 12.59
C38 CDL LB . -21.40 -34.44 12.86
C39 CDL LB . -22.02 -34.05 11.52
C40 CDL LB . -22.11 -32.53 11.40
C41 CDL LB . -22.60 -32.20 10.00
C42 CDL LB . -23.82 -31.28 10.02
CB2 CDL LB . -12.37 -41.50 2.61
OB2 CDL LB . -12.80 -41.53 1.27
PB2 CDL LB . -13.63 -42.85 0.78
OB3 CDL LB . -15.04 -42.45 0.42
OB4 CDL LB . -12.95 -43.44 -0.44
OB5 CDL LB . -13.63 -43.95 2.01
CB3 CDL LB . -14.86 -44.38 2.53
CB4 CDL LB . -14.79 -44.33 4.06
OB6 CDL LB . -13.98 -45.38 4.56
CB5 CDL LB . -12.63 -45.04 4.73
OB7 CDL LB . -11.87 -45.09 3.83
C51 CDL LB . -12.12 -44.63 6.12
C52 CDL LB . -13.00 -45.28 7.19
C53 CDL LB . -12.76 -46.80 7.19
C54 CDL LB . -11.94 -47.18 8.45
C55 CDL LB . -11.31 -48.57 8.26
C56 CDL LB . -11.54 -49.45 9.50
C57 CDL LB . -10.35 -50.41 9.67
C58 CDL LB . -10.29 -50.84 11.15
C59 CDL LB . -8.85 -51.06 11.61
C60 CDL LB . -8.81 -52.34 12.47
C61 CDL LB . -9.64 -52.13 13.74
C62 CDL LB . -10.26 -53.46 14.20
C63 CDL LB . -11.54 -53.72 13.39
C64 CDL LB . -12.39 -54.76 14.14
C65 CDL LB . -13.35 -55.43 13.16
C66 CDL LB . -14.19 -56.47 13.90
C67 CDL LB . -15.14 -57.16 12.91
CB6 CDL LB . -16.20 -44.44 4.64
OB8 CDL LB . -17.15 -44.69 3.62
CB7 CDL LB . -18.35 -45.27 4.08
OB9 CDL LB . -19.39 -44.80 3.76
C71 CDL LB . -18.30 -46.51 4.99
C72 CDL LB . -19.67 -46.86 5.56
C73 CDL LB . -19.61 -48.30 6.12
C74 CDL LB . -20.26 -48.41 7.51
C75 CDL LB . -20.63 -49.87 7.80
C76 CDL LB . -20.86 -50.05 9.30
C77 CDL LB . -22.36 -49.96 9.65
C78 CDL LB . -23.03 -51.31 9.38
C79 CDL LB . -23.20 -52.06 10.70
C80 CDL LB . -23.45 -53.54 10.42
C81 CDL LB . -24.53 -54.05 11.37
C1 CDL MB . -11.94 -61.12 -12.95
O1 CDL MB . -11.81 -61.24 -14.35
CA2 CDL MB . -11.91 -59.65 -12.51
OA2 CDL MB . -10.62 -59.10 -12.56
PA1 CDL MB . -10.10 -58.60 -14.04
OA3 CDL MB . -8.88 -59.39 -14.45
OA4 CDL MB . -11.24 -58.78 -15.00
OA5 CDL MB . -9.80 -57.00 -14.03
CA3 CDL MB . -10.71 -56.17 -14.69
CA4 CDL MB . -11.64 -55.66 -13.62
OA6 CDL MB . -11.16 -55.97 -12.35
CA5 CDL MB . -11.00 -54.85 -11.53
OA7 CDL MB . -10.24 -54.01 -11.83
C11 CDL MB . -11.85 -54.72 -10.27
C12 CDL MB . -12.89 -53.67 -10.63
C13 CDL MB . -12.97 -52.62 -9.53
C14 CDL MB . -14.43 -52.40 -9.19
C15 CDL MB . -15.01 -51.37 -10.17
C16 CDL MB . -16.21 -50.66 -9.55
C17 CDL MB . -16.14 -50.62 -8.03
C18 CDL MB . -17.38 -49.91 -7.49
C19 CDL MB . -18.12 -50.81 -6.49
C20 CDL MB . -18.26 -52.23 -7.05
C21 CDL MB . -19.18 -53.07 -6.17
C22 CDL MB . -18.66 -54.50 -6.08
C23 CDL MB . -19.01 -55.27 -7.36
C24 CDL MB . -20.53 -55.23 -7.57
C25 CDL MB . -20.95 -56.34 -8.52
CA6 CDL MB . -12.92 -56.45 -13.73
OA8 CDL MB . -13.33 -56.77 -12.44
CA7 CDL MB . -14.57 -57.41 -12.42
OA9 CDL MB . -14.86 -58.18 -13.27
C31 CDL MB . -15.56 -57.10 -11.28
C32 CDL MB . -15.96 -55.62 -11.22
C33 CDL MB . -17.33 -55.43 -10.56
C34 CDL MB . -17.82 -53.99 -10.68
C35 CDL MB . -19.34 -53.97 -10.73
C36 CDL MB . -19.88 -52.63 -10.27
C37 CDL MB . -21.40 -52.70 -10.13
C38 CDL MB . -21.92 -51.30 -9.81
C39 CDL MB . -23.40 -51.36 -9.44
C40 CDL MB . -24.26 -51.17 -10.69
C41 CDL MB . -23.93 -49.82 -11.32
C42 CDL MB . -25.02 -49.39 -12.30
C43 CDL MB . -24.49 -48.24 -13.14
CB2 CDL MB . -13.24 -61.78 -12.52
OB2 CDL MB . -13.08 -63.13 -12.84
PB2 CDL MB . -13.08 -64.22 -11.61
OB3 CDL MB . -13.52 -63.53 -10.35
OB4 CDL MB . -14.01 -65.34 -12.00
OB5 CDL MB . -11.55 -64.81 -11.41
CB3 CDL MB . -11.10 -65.09 -10.11
CB4 CDL MB . -11.22 -66.59 -9.87
OB6 CDL MB . -12.16 -66.86 -8.89
CB5 CDL MB . -13.50 -66.86 -9.35
OB7 CDL MB . -13.81 -67.53 -10.27
C51 CDL MB . -14.49 -65.97 -8.60
C52 CDL MB . -13.74 -65.36 -7.41
C53 CDL MB . -14.30 -63.96 -7.08
C54 CDL MB . -14.48 -63.82 -5.55
C55 CDL MB . -14.72 -62.33 -5.22
C56 CDL MB . -15.93 -62.17 -4.27
C57 CDL MB . -16.38 -60.69 -4.22
C58 CDL MB . -17.85 -60.59 -4.68
C59 CDL MB . -17.95 -60.26 -6.18
C60 CDL MB . -19.16 -60.98 -6.82
C61 CDL MB . -19.79 -60.03 -7.85
C62 CDL MB . -20.71 -60.79 -8.82
C63 CDL MB . -22.13 -60.88 -8.23
C64 CDL MB . -23.00 -61.79 -9.10
C65 CDL MB . -24.26 -62.21 -8.32
C66 CDL MB . -24.62 -63.66 -8.65
C67 CDL MB . -25.73 -64.15 -7.72
CB6 CDL MB . -9.88 -67.18 -9.43
OB8 CDL MB . -10.14 -68.15 -8.43
CB7 CDL MB . -9.41 -69.34 -8.57
OB9 CDL MB . -8.27 -69.36 -8.26
C71 CDL MB . -10.10 -70.59 -9.15
C72 CDL MB . -9.24 -71.83 -8.93
C73 CDL MB . -9.53 -72.44 -7.55
C74 CDL MB . -8.49 -71.91 -6.53
C75 CDL MB . -9.20 -71.51 -5.23
C76 CDL MB . -10.53 -70.80 -5.53
C1 CDL NB . -0.54 -57.76 6.62
O1 CDL NB . -1.54 -58.74 6.52
CA2 CDL NB . -1.19 -56.42 6.95
OA2 CDL NB . -1.02 -55.57 5.86
PA1 CDL NB . -2.41 -54.89 5.30
OA3 CDL NB . -3.55 -55.49 6.07
OA4 CDL NB . -2.36 -53.40 5.53
OA5 CDL NB . -2.59 -55.25 3.71
CA3 CDL NB . -2.97 -56.55 3.38
CA4 CDL NB . -4.30 -56.51 2.63
OA6 CDL NB . -4.16 -57.18 1.42
CA5 CDL NB . -4.69 -58.48 1.43
OA7 CDL NB . -4.34 -59.26 2.25
C11 CDL NB . -5.72 -58.87 0.38
C12 CDL NB . -7.08 -58.40 0.87
C13 CDL NB . -7.94 -59.61 1.19
C14 CDL NB . -9.06 -59.19 2.12
C15 CDL NB . -9.64 -60.40 2.85
C16 CDL NB . -9.71 -60.06 4.34
C17 CDL NB . -10.21 -61.26 5.11
C18 CDL NB . -11.65 -61.59 4.69
C19 CDL NB . -12.37 -62.29 5.85
C20 CDL NB . -13.47 -63.20 5.30
C21 CDL NB . -12.92 -64.61 5.04
C22 CDL NB . -13.85 -65.34 4.07
C23 CDL NB . -13.18 -66.59 3.51
C24 CDL NB . -13.63 -66.83 2.07
C25 CDL NB . -15.16 -66.92 2.00
C26 CDL NB . -15.71 -65.82 1.12
C27 CDL NB . -16.86 -65.09 1.85
CA6 CDL NB . -4.66 -55.06 2.30
OA8 CDL NB . -5.48 -54.56 3.32
CA7 CDL NB . -4.96 -53.44 3.96
OA9 CDL NB . -4.04 -52.88 3.47
C31 CDL NB . -5.56 -52.93 5.27
C32 CDL NB . -6.27 -54.08 5.98
C33 CDL NB . -7.68 -54.24 5.43
C34 CDL NB . -8.15 -55.68 5.64
C35 CDL NB . -7.86 -56.52 4.40
C36 CDL NB . -8.34 -55.77 3.15
C37 CDL NB . -9.85 -55.85 3.01
C38 CDL NB . -10.34 -54.77 2.05
C39 CDL NB . -11.74 -54.32 2.47
C40 CDL NB . -11.63 -53.21 3.52
C41 CDL NB . -12.92 -52.38 3.53
C42 CDL NB . -12.62 -51.00 4.08
C43 CDL NB . -13.91 -50.20 4.16
C44 CDL NB . -13.59 -48.71 4.09
C45 CDL NB . -14.46 -48.06 3.02
C46 CDL NB . -14.28 -48.78 1.68
CB2 CDL NB . 0.41 -58.09 7.75
OB2 CDL NB . 0.39 -59.47 7.98
PB2 CDL NB . 1.84 -60.17 8.33
OB3 CDL NB . 2.85 -59.10 8.63
OB4 CDL NB . 1.69 -61.07 9.52
OB5 CDL NB . 2.33 -61.03 7.01
CB3 CDL NB . 1.97 -60.60 5.72
CB4 CDL NB . 0.64 -61.22 5.32
OB6 CDL NB . 0.83 -62.55 4.88
CB5 CDL NB . 1.26 -63.47 5.85
OB7 CDL NB . 2.40 -63.70 6.00
C51 CDL NB . 0.23 -64.22 6.72
C52 CDL NB . 0.21 -63.62 8.13
C53 CDL NB . -0.81 -62.48 8.16
C54 CDL NB . -2.08 -62.91 8.89
C55 CDL NB . -3.00 -61.69 9.01
C56 CDL NB . -4.37 -62.12 9.55
CB6 CDL NB . 0.01 -60.38 4.21
OB8 CDL NB . -1.37 -60.62 4.22
CB7 CDL NB . -1.71 -61.81 3.54
OB9 CDL NB . -1.00 -62.22 2.70
C71 CDL NB . -2.99 -62.57 3.93
C72 CDL NB . -2.84 -63.10 5.36
C73 CDL NB . -3.72 -64.34 5.59
C74 CDL NB . -3.00 -65.35 6.51
C75 CDL NB . -3.39 -66.80 6.19
C76 CDL NB . -2.21 -67.73 6.50
C77 CDL NB . -2.19 -68.90 5.49
O1 LHG OB . -16.12 -78.57 23.62
C1 LHG OB . -17.15 -78.56 24.60
C2 LHG OB . -18.08 -77.41 24.31
O2 LHG OB . -19.42 -77.76 24.58
C3 LHG OB . -18.05 -76.97 22.86
O3 LHG OB . -19.40 -76.62 22.70
P LHG OB . -19.86 -75.50 21.63
O4 LHG OB . -18.90 -75.54 20.50
O5 LHG OB . -21.34 -75.52 21.70
O6 LHG OB . -19.30 -74.21 22.52
C4 LHG OB . -20.20 -73.25 23.02
C5 LHG OB . -20.36 -72.27 21.86
C6 LHG OB . -21.03 -70.97 22.30
O7 LHG OB . -19.06 -71.95 21.43
C7 LHG OB . -18.80 -72.39 20.18
O9 LHG OB . -19.68 -72.61 19.37
C8 LHG OB . -17.41 -72.85 20.08
C9 LHG OB . -17.10 -73.18 18.65
C10 LHG OB . -16.20 -72.11 18.06
O8 LHG OB . -21.76 -70.56 21.13
C23 LHG OB . -21.03 -70.01 20.11
O10 LHG OB . -19.95 -69.50 20.35
C24 LHG OB . -21.68 -69.76 18.75
C11 LHG OB . -15.02 -72.92 17.59
C12 LHG OB . -13.90 -72.00 17.24
C13 LHG OB . -12.85 -72.78 16.48
C14 LHG OB . -11.93 -71.86 15.71
C15 LHG OB . -11.16 -72.74 14.75
C16 LHG OB . -10.65 -71.89 13.62
C17 LHG OB . -9.53 -72.60 12.86
C18 LHG OB . -9.40 -71.79 11.58
C19 LHG OB . -8.49 -72.43 10.54
C20 LHG OB . -9.16 -72.02 9.25
C21 LHG OB . -8.80 -72.99 8.17
C22 LHG OB . -9.46 -72.51 6.89
C25 LHG OB . -22.21 -70.99 18.02
C26 LHG OB . -22.32 -70.89 16.49
C27 LHG OB . -23.80 -70.65 16.27
C28 LHG OB . -24.16 -69.89 15.02
C29 LHG OB . -23.89 -70.86 13.88
C30 LHG OB . -22.88 -70.41 12.85
C31 LHG OB . -22.28 -69.05 13.09
C32 LHG OB . -21.14 -68.65 12.17
C33 LHG OB . -21.49 -69.06 10.75
C34 LHG OB . -22.59 -68.24 10.13
C35 LHG OB . -22.29 -67.85 8.71
C36 LHG OB . -23.60 -67.30 8.19
C37 LHG OB . -23.60 -67.46 6.71
C38 LHG OB . -23.25 -68.86 6.24
O1 LHG PB . -4.11 -50.36 12.70
C1 LHG PB . -3.01 -50.95 13.40
C2 LHG PB . -1.82 -50.02 13.28
O2 LHG PB . -1.41 -49.88 11.93
C3 LHG PB . -0.59 -50.45 14.08
O3 LHG PB . -0.64 -51.85 13.88
P LHG PB . 0.26 -52.56 12.74
O4 LHG PB . 0.86 -51.48 11.93
O5 LHG PB . 0.83 -53.77 13.40
O6 LHG PB . -1.04 -53.03 11.82
C4 LHG PB . -0.89 -54.03 10.87
C5 LHG PB . -1.95 -55.06 11.24
C6 LHG PB . -3.31 -54.39 11.51
O7 LHG PB . -2.09 -55.90 10.11
C7 LHG PB . -1.65 -57.17 10.34
O9 LHG PB . -0.59 -57.42 10.87
C8 LHG PB . -2.57 -58.17 9.71
C9 LHG PB . -3.80 -57.48 9.19
C10 LHG PB . -4.91 -58.49 9.03
O8 LHG PB . -3.51 -54.54 12.93
C23 LHG PB . -4.79 -54.72 13.37
O10 LHG PB . -5.45 -53.75 13.72
C24 LHG PB . -5.27 -56.12 13.79
C11 LHG PB . -5.99 -57.91 9.90
C12 LHG PB . -6.84 -59.02 10.47
C13 LHG PB . -7.10 -58.71 11.92
C14 LHG PB . -7.95 -59.76 12.59
C15 LHG PB . -7.15 -61.03 12.49
C16 LHG PB . -7.59 -61.97 13.58
C17 LHG PB . -9.09 -62.11 13.59
C18 LHG PB . -9.36 -63.00 12.40
C19 LHG PB . -10.78 -62.94 11.90
C20 LHG PB . -10.87 -61.52 11.37
C25 LHG PB . -6.62 -56.24 14.50
C26 LHG PB . -6.86 -57.52 15.34
C27 LHG PB . -8.28 -57.39 15.83
C28 LHG PB . -8.72 -58.36 16.90
C29 LHG PB . -8.82 -59.72 16.23
C30 LHG PB . -8.16 -60.87 16.95
#